data_5T61
#
_entry.id   5T61
#
_cell.length_a   174.183
_cell.length_b   173.681
_cell.length_c   183.162
_cell.angle_alpha   89.980
_cell.angle_beta   95.420
_cell.angle_gamma   92.140
#
_symmetry.space_group_name_H-M   'P 1'
#
loop_
_entity.id
_entity.type
_entity.pdbx_description
1 polymer 'Tungsten formylmethanofuran dehydrogenase subunit fwdA'
2 polymer 'Tungsten formylmethanofuran dehydrogenase subunit B'
3 polymer 'Tungsten-containing formylmethanofuran dehydrogenase 2 subunit C'
4 polymer 'Tungsten formylmethanofuran dehydrogenase subunit fwdD'
5 polymer 'Tungsten formylmethanofuran dehydrogenase subunit fwdG'
6 polymer 'Tungsten formylmethanofuran dehydrogenase subunit fwdF'
7 non-polymer 'ZINC ION'
8 non-polymer N-[4,5,7-TRICARBOXYHEPTANOYL]-L-GAMMA-GLUTAMYL-N-{2-[4-({5-[(FORMYLAMINO)METHYL]-3-FURYL}METHOXY)PHENYL]ETHYL}-D-GLUTAMINE
9 non-polymer 'SODIUM ION'
10 non-polymer 'POTASSIUM ION'
11 non-polymer 'IRON/SULFUR CLUSTER'
12 non-polymer 'TUNGSTEN ION'
13 non-polymer '2-AMINO-5,6-DIMERCAPTO-7-METHYL-3,7,8A,9-TETRAHYDRO-8-OXA-1,3,9,10-TETRAAZA-ANTHRACEN-4-ONE GUANOSINE DINUCLEOTIDE'
14 non-polymer 'HYDROSULFURIC ACID'
15 non-polymer 'MAGNESIUM ION'
16 non-polymer 'CHLORIDE ION'
17 water water
#
loop_
_entity_poly.entity_id
_entity_poly.type
_entity_poly.pdbx_seq_one_letter_code
_entity_poly.pdbx_strand_id
1 'polypeptide(L)'
;MEYIIKNGFVYCPLNGVDGEKMDICVKDGKIVESVSDSAKVIDASGKIVMPGGVDPHSHIAGAKVNVGRMYRPEDSKRDA
EKFKGGRAGSGFSVPSTFMTGYRYAQMGYTTAMEAAMPPLLARHTHEEFHDTPIIDHAAYPLFGNNWFVMEYLKEGDVDA
CAAYASWLLRATKGYTI(KCX)IVNPAGTEAWGWGGNVHGIYDPAPYFDITPAEIIKGLAEVNEKLQLPHSIHLHCNDLG
HPGNYETTLASFDVPKNIKPNPATGSRDTVLYATHVQFHSYGGTTWRDFVSEAPKIADYVNKNDHIVIDVGQITLDETTT
MTADGPMEYDLHSLNGLKWANCDVELETGSGVVPFIYSARAPVPAVQWAIGMELFLLIDNPEKVCLTTDSPNAGPFTRYP
RVIAWLMSNKYRMNLIEGELHKWAQRKSTVATIDREYTFSEIAQITRATSAKVLGLSDTKGHLGVGADADIAVYDINPET
VDPSAEYMAIEEAFSRAACVLKDGEIVVKDGEVVASPHGRTYWVDTQVDESIYSEVLANVESKFKQYYSVNFANYPVQDD
YLPKSAPVKGVML
;
A,G,M,S,Y,e,k,q
2 'polypeptide(L)'
;MEYVKNVVCPFCGTLCDDIICKVEGNEIVGTINACRIGHSKFVHAEGAMRYKKPLIRKNGEFVEVSYDEAIDKAAKILAE
SKRPLMYGWSCTECEAQAVGVELAEEAGAVIDNTASVCHGPSVLALQDVGYPICTFGEVKNRADVVVYWGCNPMHAHPRH
MSRNVFARGFFRERGRSDRTLIVVDPRKTDSAKLADIHLQLDFDRDYELLDAMRACLLGHEILYDEVAGVPREQIEEAVE
VLKNAQFGILFFGMGITHSRGKHRNIDTAIMMVQDLNDYAKWTLIPMRGHYNVTGFNQVCTWESGYPYCVDFSGGEPRYN
PGETGANDLLQNREADAMMVIASDPGAHFPQRALERMAEIPVIAIEPHRTPTTEMADIIIPPAIVGMEAEGTAYRMEGVP
IRMKKVVDSDLLSDREILERLLEKVREYKASK
;
B,H,N,T,Z,f,l,r
3 'polypeptide(L)'
;MSEIILTPKEQPEVPLEAPNIKPDVFAGKSIEEIKNIQIMHGNEVVKLGDFFEVSGEPADAPEDIKIIIDGDVYNTKRIG
QEMTAGEIIVRGNVNMYVGAGMKGGKITVEGNAGSWAGQDMRGGEIEILGDAGDYVGSSYRGDWRGMSGGTITVHGNADN
EIGEYMNGGKIIIKGDVNIMPGIHMNNGLIIIEGNVVARAGGEMAGGTIVVKGMMQEFLAGFKYLGVEKDIEVDGEELPG
AFYKFEGDHAIKGAKGIVYAAVGCNGHIAP
;
C,I,O,U,a,g,m,s
4 'polypeptide(L)'
;MRVILNTGRTIWQGQAIESGKDLKMYVDAAAIIQMNPEMMKQLGIAEGDNVKVISEYGDVVVKAVEAKEPLPEGMVYIPM
GPWANRVIRPYTDSTATPSFKNIPVEIIPTDEEVLDMPTLMKVYGKVGQI
;
D,J,P,V,b,h,n,t
5 'polypeptide(L)'
;MAIGLKAYPELCHGCGNCVIACPVNALRSPEVAGGKGPTDDVEIIMIVEDGVVNIKNPDLCGKCGTCVESCPVDAIRLEE
LE
;
E,K,Q,W,c,i,o,u
6 'polypeptide(L)'
;METTEVIEGKNITVERTGEENRRLIFQDCLCAVCGLCGEICPVSAIEVNPTGAMVRTEQEKSKIAIDENKCVLCGMCSSI
CPFQALDLQIDGTSIKELAEYPKIIKSAEIDDETCIQCKACETACPQDAITITRELPERKDLVTGEIEIDKDTCIYCGMC
EEMCPVDAIEIDHQTPSSASPVVATDIRVDEDKCVHCGICKRICPVDAIMQVCRICPYGEYEIKTPEVTGTSYIDPELCV
NCGWCQEICPVDAATVTKPFEGELIIDQDTCQACETCVMVCPCNVLSFPKPEKPGEKTTKLHKDERFCIYCGACERSCPV
TAITVKRNRINTTPIRSKAWKNAFDSLLK
;
F,L,R,X,d,j,p,v
#
# COMPACT_ATOMS: atom_id res chain seq x y z
N MET A 1 -133.77 -23.86 -48.22
CA MET A 1 -134.09 -22.64 -47.50
C MET A 1 -134.46 -21.53 -48.48
N GLU A 2 -135.34 -20.63 -48.05
CA GLU A 2 -135.76 -19.48 -48.84
C GLU A 2 -135.35 -18.20 -48.11
N TYR A 3 -134.75 -17.26 -48.86
CA TYR A 3 -134.37 -15.98 -48.32
C TYR A 3 -134.77 -14.89 -49.30
N ILE A 4 -135.14 -13.73 -48.75
CA ILE A 4 -135.34 -12.52 -49.53
C ILE A 4 -134.42 -11.46 -48.94
N ILE A 5 -133.62 -10.83 -49.80
CA ILE A 5 -132.64 -9.84 -49.38
C ILE A 5 -133.17 -8.50 -49.84
N LYS A 6 -133.62 -7.69 -48.90
CA LYS A 6 -134.48 -6.55 -49.19
C LYS A 6 -133.75 -5.21 -49.11
N ASN A 7 -134.09 -4.34 -50.05
CA ASN A 7 -133.79 -2.91 -49.97
C ASN A 7 -132.30 -2.60 -49.97
N GLY A 8 -131.47 -3.46 -50.56
CA GLY A 8 -130.06 -3.20 -50.67
C GLY A 8 -129.68 -2.46 -51.95
N PHE A 9 -128.59 -1.70 -51.87
CA PHE A 9 -128.00 -1.09 -53.06
C PHE A 9 -127.16 -2.16 -53.76
N VAL A 10 -127.66 -2.69 -54.87
CA VAL A 10 -127.06 -3.84 -55.53
C VAL A 10 -126.00 -3.36 -56.50
N TYR A 11 -124.82 -3.99 -56.44
CA TYR A 11 -123.75 -3.76 -57.40
C TYR A 11 -123.42 -5.08 -58.08
N CYS A 12 -123.73 -5.17 -59.37
CA CYS A 12 -123.49 -6.39 -60.15
C CYS A 12 -123.06 -5.99 -61.56
N PRO A 13 -121.76 -5.87 -61.78
CA PRO A 13 -121.28 -5.37 -63.09
C PRO A 13 -121.64 -6.26 -64.26
N LEU A 14 -121.68 -7.59 -64.10
CA LEU A 14 -121.97 -8.44 -65.24
C LEU A 14 -123.38 -8.22 -65.78
N ASN A 15 -124.33 -7.88 -64.92
CA ASN A 15 -125.68 -7.56 -65.36
C ASN A 15 -125.93 -6.05 -65.41
N GLY A 16 -124.87 -5.23 -65.39
CA GLY A 16 -125.00 -3.80 -65.56
C GLY A 16 -125.78 -3.08 -64.48
N VAL A 17 -125.82 -3.60 -63.26
CA VAL A 17 -126.55 -2.98 -62.17
C VAL A 17 -125.54 -2.17 -61.35
N ASP A 18 -125.80 -0.87 -61.16
CA ASP A 18 -124.82 0.05 -60.58
C ASP A 18 -125.46 0.82 -59.43
N GLY A 19 -125.69 0.13 -58.32
CA GLY A 19 -126.20 0.77 -57.13
C GLY A 19 -127.70 0.87 -57.02
N GLU A 20 -128.45 0.21 -57.91
CA GLU A 20 -129.90 0.27 -57.79
C GLU A 20 -130.35 -0.45 -56.53
N LYS A 21 -131.33 0.13 -55.86
CA LYS A 21 -131.96 -0.56 -54.75
C LYS A 21 -132.92 -1.60 -55.31
N MET A 22 -132.87 -2.80 -54.76
CA MET A 22 -133.36 -3.98 -55.46
C MET A 22 -133.36 -5.16 -54.50
N ASP A 23 -134.34 -6.05 -54.67
CA ASP A 23 -134.43 -7.26 -53.87
C ASP A 23 -133.79 -8.43 -54.61
N ILE A 24 -133.10 -9.27 -53.85
CA ILE A 24 -132.49 -10.49 -54.36
C ILE A 24 -133.17 -11.67 -53.69
N CYS A 25 -133.65 -12.62 -54.48
CA CYS A 25 -134.40 -13.75 -53.99
C CYS A 25 -133.54 -15.01 -54.08
N VAL A 26 -133.65 -15.86 -53.07
CA VAL A 26 -132.79 -17.03 -52.93
C VAL A 26 -133.64 -18.22 -52.52
N LYS A 27 -133.41 -19.36 -53.15
CA LYS A 27 -134.11 -20.60 -52.85
C LYS A 27 -133.16 -21.76 -53.12
N ASP A 28 -132.95 -22.61 -52.12
CA ASP A 28 -132.16 -23.83 -52.26
C ASP A 28 -130.82 -23.58 -52.93
N GLY A 29 -130.06 -22.64 -52.36
CA GLY A 29 -128.71 -22.40 -52.85
C GLY A 29 -128.59 -21.73 -54.21
N LYS A 30 -129.70 -21.25 -54.78
CA LYS A 30 -129.68 -20.56 -56.06
C LYS A 30 -130.41 -19.23 -55.92
N ILE A 31 -130.05 -18.28 -56.78
CA ILE A 31 -130.77 -17.01 -56.87
C ILE A 31 -131.90 -17.17 -57.88
N VAL A 32 -133.12 -16.78 -57.49
CA VAL A 32 -134.31 -17.11 -58.27
C VAL A 32 -135.11 -15.85 -58.57
N GLU A 33 -136.14 -16.03 -59.39
CA GLU A 33 -136.99 -14.91 -59.78
C GLU A 33 -137.90 -14.47 -58.64
N SER A 34 -138.49 -15.42 -57.92
CA SER A 34 -139.44 -15.11 -56.88
C SER A 34 -139.37 -16.20 -55.82
N VAL A 35 -139.82 -15.84 -54.64
CA VAL A 35 -139.91 -16.77 -53.54
C VAL A 35 -141.29 -16.58 -52.92
N SER A 36 -141.70 -17.60 -52.18
CA SER A 36 -142.93 -17.53 -51.42
C SER A 36 -142.85 -16.44 -50.36
N ASP A 37 -144.01 -15.90 -49.97
CA ASP A 37 -144.04 -14.89 -48.91
C ASP A 37 -143.71 -15.47 -47.56
N SER A 38 -143.45 -16.76 -47.49
CA SER A 38 -142.92 -17.43 -46.31
C SER A 38 -141.40 -17.31 -46.20
N ALA A 39 -140.74 -16.67 -47.17
CA ALA A 39 -139.29 -16.51 -47.14
C ALA A 39 -138.85 -15.63 -45.98
N LYS A 40 -137.75 -16.02 -45.35
CA LYS A 40 -137.14 -15.25 -44.27
C LYS A 40 -136.41 -14.03 -44.83
N VAL A 41 -136.52 -12.90 -44.14
CA VAL A 41 -136.10 -11.61 -44.68
C VAL A 41 -134.73 -11.25 -44.12
N ILE A 42 -133.83 -10.82 -44.99
CA ILE A 42 -132.57 -10.20 -44.60
C ILE A 42 -132.63 -8.73 -44.99
N ASP A 43 -132.55 -7.85 -44.00
CA ASP A 43 -132.73 -6.42 -44.21
C ASP A 43 -131.42 -5.80 -44.64
N ALA A 44 -131.36 -5.32 -45.89
CA ALA A 44 -130.17 -4.68 -46.44
C ALA A 44 -130.35 -3.18 -46.67
N SER A 45 -131.31 -2.56 -45.98
CA SER A 45 -131.53 -1.12 -46.11
C SER A 45 -130.26 -0.35 -45.73
N GLY A 46 -129.88 0.61 -46.56
CA GLY A 46 -128.70 1.39 -46.28
C GLY A 46 -127.42 0.61 -46.35
N LYS A 47 -127.39 -0.47 -47.12
CA LYS A 47 -126.25 -1.37 -47.18
C LYS A 47 -126.00 -1.76 -48.62
N ILE A 48 -124.77 -2.18 -48.90
CA ILE A 48 -124.33 -2.60 -50.23
C ILE A 48 -124.47 -4.10 -50.35
N VAL A 49 -124.96 -4.56 -51.49
CA VAL A 49 -125.12 -5.98 -51.79
C VAL A 49 -124.35 -6.28 -53.06
N MET A 50 -123.46 -7.27 -52.99
CA MET A 50 -122.60 -7.65 -54.09
C MET A 50 -122.61 -9.16 -54.23
N PRO A 51 -122.18 -9.69 -55.37
CA PRO A 51 -121.91 -11.12 -55.45
C PRO A 51 -120.73 -11.45 -54.55
N GLY A 52 -120.71 -12.68 -54.05
CA GLY A 52 -119.59 -13.15 -53.26
C GLY A 52 -118.26 -12.97 -53.98
N GLY A 53 -117.22 -12.54 -53.26
CA GLY A 53 -115.95 -12.32 -53.89
C GLY A 53 -115.38 -13.58 -54.52
N VAL A 54 -114.52 -13.37 -55.52
CA VAL A 54 -113.94 -14.47 -56.29
C VAL A 54 -112.45 -14.19 -56.45
N ASP A 55 -111.63 -14.88 -55.66
CA ASP A 55 -110.18 -14.67 -55.68
C ASP A 55 -109.56 -15.61 -56.71
N PRO A 56 -108.99 -15.09 -57.80
CA PRO A 56 -108.41 -15.95 -58.84
C PRO A 56 -106.98 -16.39 -58.61
N HIS A 57 -106.30 -15.94 -57.56
CA HIS A 57 -104.87 -16.25 -57.40
C HIS A 57 -104.49 -16.07 -55.93
N SER A 58 -104.34 -17.20 -55.24
CA SER A 58 -103.92 -17.19 -53.84
C SER A 58 -103.22 -18.52 -53.55
N HIS A 59 -102.39 -18.51 -52.52
CA HIS A 59 -101.67 -19.69 -52.06
C HIS A 59 -102.20 -20.06 -50.67
N ILE A 60 -103.09 -21.05 -50.63
CA ILE A 60 -103.90 -21.31 -49.45
C ILE A 60 -103.90 -22.79 -49.09
N ALA A 61 -103.40 -23.64 -49.99
CA ALA A 61 -103.51 -25.08 -49.79
C ALA A 61 -102.42 -25.81 -50.55
N GLY A 62 -101.54 -26.49 -49.84
CA GLY A 62 -100.56 -27.34 -50.48
C GLY A 62 -99.25 -27.36 -49.73
N ALA A 63 -98.30 -28.09 -50.32
CA ALA A 63 -97.01 -28.32 -49.67
C ALA A 63 -96.26 -27.01 -49.47
N LYS A 64 -96.19 -26.20 -50.53
CA LYS A 64 -95.48 -24.92 -50.49
C LYS A 64 -96.04 -24.03 -49.37
N VAL A 65 -97.35 -24.04 -49.19
CA VAL A 65 -97.99 -23.25 -48.16
C VAL A 65 -97.70 -23.82 -46.77
N ASN A 66 -97.75 -25.14 -46.63
CA ASN A 66 -97.63 -25.75 -45.31
C ASN A 66 -96.20 -25.69 -44.78
N VAL A 67 -95.20 -25.67 -45.67
CA VAL A 67 -93.84 -25.35 -45.23
C VAL A 67 -93.79 -23.94 -44.68
N GLY A 68 -94.44 -22.99 -45.36
CA GLY A 68 -94.50 -21.64 -44.83
C GLY A 68 -95.12 -21.58 -43.46
N ARG A 69 -96.21 -22.34 -43.24
CA ARG A 69 -96.80 -22.41 -41.92
C ARG A 69 -95.86 -23.11 -40.92
N MET A 70 -95.28 -24.24 -41.32
CA MET A 70 -94.53 -25.05 -40.37
C MET A 70 -93.25 -24.35 -39.91
N TYR A 71 -92.54 -23.68 -40.82
CA TYR A 71 -91.25 -23.11 -40.46
C TYR A 71 -91.36 -21.65 -40.01
N ARG A 72 -92.57 -21.16 -39.77
CA ARG A 72 -92.80 -19.83 -39.20
C ARG A 72 -93.72 -19.90 -37.99
N PRO A 73 -93.26 -20.50 -36.88
CA PRO A 73 -94.07 -20.46 -35.66
C PRO A 73 -94.22 -19.07 -35.08
N GLU A 74 -93.22 -18.21 -35.27
CA GLU A 74 -93.34 -16.84 -34.76
C GLU A 74 -94.45 -16.07 -35.48
N ASP A 75 -94.73 -16.41 -36.74
CA ASP A 75 -95.85 -15.79 -37.44
C ASP A 75 -97.18 -16.25 -36.84
N SER A 76 -97.22 -17.49 -36.32
CA SER A 76 -98.43 -17.98 -35.67
C SER A 76 -98.62 -17.33 -34.30
N LYS A 77 -97.54 -17.20 -33.53
CA LYS A 77 -97.62 -16.57 -32.23
C LYS A 77 -98.10 -15.12 -32.35
N ARG A 78 -97.77 -14.48 -33.47
CA ARG A 78 -98.22 -13.13 -33.75
C ARG A 78 -99.73 -13.02 -33.87
N ASP A 79 -100.39 -14.10 -34.30
CA ASP A 79 -101.82 -14.03 -34.58
C ASP A 79 -102.41 -15.44 -34.36
N ALA A 80 -102.83 -15.70 -33.12
CA ALA A 80 -103.36 -16.99 -32.72
C ALA A 80 -104.79 -16.79 -32.22
N GLU A 81 -105.66 -17.69 -32.64
CA GLU A 81 -107.09 -17.47 -32.70
C GLU A 81 -107.88 -18.68 -32.22
N LYS A 82 -109.04 -18.42 -31.62
CA LYS A 82 -110.01 -19.45 -31.26
C LYS A 82 -111.33 -18.79 -30.95
N PHE A 83 -112.33 -18.97 -31.81
CA PHE A 83 -113.64 -18.36 -31.62
C PHE A 83 -114.68 -19.36 -31.14
N LYS A 84 -115.65 -18.83 -30.38
CA LYS A 84 -116.88 -19.47 -29.92
C LYS A 84 -117.12 -20.91 -30.37
N GLY A 85 -117.48 -21.08 -31.64
CA GLY A 85 -118.06 -22.31 -32.15
C GLY A 85 -117.14 -23.14 -33.01
N GLY A 86 -116.06 -22.53 -33.49
CA GLY A 86 -115.30 -23.09 -34.57
C GLY A 86 -113.93 -23.56 -34.14
N ARG A 87 -113.06 -23.73 -35.13
CA ARG A 87 -111.76 -24.38 -34.93
C ARG A 87 -110.67 -23.37 -34.63
N ALA A 88 -109.74 -23.78 -33.77
CA ALA A 88 -108.57 -22.95 -33.48
C ALA A 88 -107.69 -22.82 -34.72
N GLY A 89 -106.87 -21.78 -34.72
CA GLY A 89 -105.98 -21.52 -35.83
C GLY A 89 -104.98 -20.47 -35.44
N SER A 90 -104.00 -20.27 -36.32
CA SER A 90 -102.95 -19.29 -36.06
C SER A 90 -102.25 -18.97 -37.37
N GLY A 91 -101.68 -17.77 -37.44
CA GLY A 91 -100.87 -17.38 -38.57
C GLY A 91 -101.28 -16.07 -39.20
N PHE A 92 -100.55 -14.99 -38.90
CA PHE A 92 -100.85 -13.71 -39.51
C PHE A 92 -100.67 -13.77 -41.02
N SER A 93 -99.48 -14.17 -41.46
CA SER A 93 -99.14 -14.11 -42.89
C SER A 93 -99.57 -15.37 -43.64
N VAL A 94 -99.40 -16.54 -43.05
CA VAL A 94 -99.84 -17.78 -43.69
C VAL A 94 -100.76 -18.49 -42.70
N PRO A 95 -102.06 -18.19 -42.71
CA PRO A 95 -102.95 -18.76 -41.70
C PRO A 95 -103.21 -20.24 -41.94
N SER A 96 -103.50 -20.95 -40.84
CA SER A 96 -103.96 -22.33 -40.94
C SER A 96 -105.27 -22.40 -41.72
N THR A 97 -105.66 -23.64 -42.05
CA THR A 97 -106.73 -23.85 -43.03
C THR A 97 -108.08 -23.36 -42.52
N PHE A 98 -108.44 -23.72 -41.29
CA PHE A 98 -109.73 -23.28 -40.76
C PHE A 98 -109.77 -21.77 -40.65
N MET A 99 -108.69 -21.16 -40.13
CA MET A 99 -108.59 -19.71 -40.13
C MET A 99 -108.74 -19.14 -41.53
N THR A 100 -108.15 -19.80 -42.53
CA THR A 100 -108.17 -19.29 -43.90
C THR A 100 -109.59 -19.13 -44.41
N GLY A 101 -110.41 -20.18 -44.26
CA GLY A 101 -111.77 -20.13 -44.78
C GLY A 101 -112.63 -19.12 -44.04
N TYR A 102 -112.51 -19.07 -42.70
CA TYR A 102 -113.22 -18.07 -41.92
C TYR A 102 -112.94 -16.67 -42.44
N ARG A 103 -111.67 -16.36 -42.72
CA ARG A 103 -111.27 -15.01 -43.04
C ARG A 103 -111.62 -14.57 -44.44
N TYR A 104 -111.59 -15.48 -45.42
CA TYR A 104 -112.22 -15.19 -46.70
C TYR A 104 -113.70 -14.88 -46.51
N ALA A 105 -114.40 -15.71 -45.74
CA ALA A 105 -115.82 -15.50 -45.49
C ALA A 105 -116.10 -14.15 -44.85
N GLN A 106 -115.31 -13.79 -43.82
CA GLN A 106 -115.56 -12.53 -43.11
C GLN A 106 -115.50 -11.33 -44.05
N MET A 107 -114.64 -11.37 -45.06
CA MET A 107 -114.55 -10.28 -46.01
C MET A 107 -115.50 -10.43 -47.18
N GLY A 108 -116.43 -11.38 -47.11
CA GLY A 108 -117.41 -11.53 -48.16
C GLY A 108 -116.91 -12.27 -49.39
N TYR A 109 -115.83 -13.03 -49.26
CA TYR A 109 -115.36 -13.87 -50.36
C TYR A 109 -115.92 -15.28 -50.23
N THR A 110 -116.33 -15.85 -51.35
CA THR A 110 -116.95 -17.16 -51.37
C THR A 110 -116.29 -18.15 -52.32
N THR A 111 -115.35 -17.71 -53.16
CA THR A 111 -114.61 -18.60 -54.06
C THR A 111 -113.17 -18.14 -54.11
N ALA A 112 -112.23 -19.08 -53.95
CA ALA A 112 -110.81 -18.75 -53.98
C ALA A 112 -110.02 -19.89 -54.60
N MET A 113 -109.08 -19.53 -55.48
CA MET A 113 -108.33 -20.48 -56.29
C MET A 113 -106.90 -20.61 -55.78
N GLU A 114 -106.46 -21.86 -55.58
CA GLU A 114 -105.06 -22.15 -55.26
C GLU A 114 -104.25 -22.15 -56.56
N ALA A 115 -103.21 -21.32 -56.60
CA ALA A 115 -102.60 -20.93 -57.87
C ALA A 115 -101.39 -21.77 -58.28
N ALA A 116 -100.90 -22.68 -57.44
CA ALA A 116 -99.70 -23.43 -57.81
C ALA A 116 -99.69 -24.77 -57.07
N MET A 117 -100.09 -25.83 -57.76
CA MET A 117 -100.12 -27.17 -57.19
C MET A 117 -99.13 -28.07 -57.92
N PRO A 118 -98.13 -28.63 -57.25
CA PRO A 118 -97.28 -29.66 -57.88
C PRO A 118 -98.04 -30.95 -58.06
N PRO A 119 -98.13 -31.47 -59.29
CA PRO A 119 -99.01 -32.64 -59.55
C PRO A 119 -98.77 -33.83 -58.63
N LEU A 120 -97.52 -34.19 -58.32
CA LEU A 120 -97.27 -35.33 -57.45
C LEU A 120 -97.74 -35.10 -56.03
N LEU A 121 -97.85 -33.84 -55.62
CA LEU A 121 -98.27 -33.49 -54.27
C LEU A 121 -99.75 -33.10 -54.21
N ALA A 122 -100.52 -33.49 -55.23
CA ALA A 122 -101.90 -33.02 -55.34
C ALA A 122 -102.76 -33.51 -54.20
N ARG A 123 -102.49 -34.72 -53.68
CA ARG A 123 -103.21 -35.19 -52.50
C ARG A 123 -103.14 -34.20 -51.35
N HIS A 124 -101.97 -33.59 -51.15
CA HIS A 124 -101.82 -32.63 -50.07
C HIS A 124 -102.76 -31.44 -50.26
N THR A 125 -102.78 -30.86 -51.46
CA THR A 125 -103.63 -29.70 -51.71
C THR A 125 -105.09 -29.99 -51.39
N HIS A 126 -105.60 -31.13 -51.86
CA HIS A 126 -107.01 -31.44 -51.64
C HIS A 126 -107.30 -31.75 -50.18
N GLU A 127 -106.35 -32.33 -49.46
CA GLU A 127 -106.56 -32.59 -48.04
C GLU A 127 -106.66 -31.29 -47.26
N GLU A 128 -105.86 -30.29 -47.62
CA GLU A 128 -105.97 -28.99 -46.98
C GLU A 128 -107.25 -28.28 -47.36
N PHE A 129 -107.73 -28.49 -48.60
CA PHE A 129 -109.01 -27.91 -49.00
C PHE A 129 -110.16 -28.42 -48.14
N HIS A 130 -110.17 -29.73 -47.86
CA HIS A 130 -111.25 -30.30 -47.06
C HIS A 130 -111.34 -29.64 -45.69
N ASP A 131 -110.20 -29.22 -45.13
CA ASP A 131 -110.17 -28.52 -43.85
C ASP A 131 -110.21 -27.01 -44.02
N THR A 132 -110.66 -26.53 -45.18
CA THR A 132 -110.83 -25.10 -45.44
C THR A 132 -112.33 -24.80 -45.56
N PRO A 133 -112.94 -24.15 -44.59
CA PRO A 133 -114.40 -24.02 -44.59
C PRO A 133 -114.92 -23.06 -45.66
N ILE A 134 -116.19 -23.30 -46.02
CA ILE A 134 -117.06 -22.33 -46.69
C ILE A 134 -116.75 -22.16 -48.17
N ILE A 135 -115.54 -21.68 -48.49
CA ILE A 135 -115.28 -21.20 -49.84
C ILE A 135 -115.29 -22.36 -50.83
N ASP A 136 -115.89 -22.12 -51.99
CA ASP A 136 -115.63 -22.97 -53.15
C ASP A 136 -114.23 -22.69 -53.67
N HIS A 137 -113.62 -23.70 -54.30
CA HIS A 137 -112.20 -23.60 -54.59
C HIS A 137 -111.84 -24.46 -55.79
N ALA A 138 -110.61 -24.28 -56.25
CA ALA A 138 -110.00 -25.07 -57.31
C ALA A 138 -108.49 -24.91 -57.18
N ALA A 139 -107.77 -25.80 -57.85
CA ALA A 139 -106.30 -25.79 -57.81
C ALA A 139 -105.74 -25.76 -59.23
N TYR A 140 -104.65 -25.01 -59.40
CA TYR A 140 -103.97 -24.89 -60.69
C TYR A 140 -102.74 -25.78 -60.68
N PRO A 141 -102.72 -26.91 -61.38
CA PRO A 141 -101.48 -27.67 -61.52
C PRO A 141 -100.45 -26.92 -62.36
N LEU A 142 -99.18 -27.22 -62.11
CA LEU A 142 -98.09 -26.53 -62.79
C LEU A 142 -97.62 -27.29 -64.02
N PHE A 143 -97.33 -26.55 -65.08
CA PHE A 143 -96.93 -27.12 -66.37
C PHE A 143 -95.66 -26.53 -66.96
N GLY A 144 -95.24 -25.33 -66.56
CA GLY A 144 -94.22 -24.59 -67.26
C GLY A 144 -92.83 -25.19 -67.20
N ASN A 145 -92.59 -26.15 -66.31
CA ASN A 145 -91.30 -26.82 -66.17
C ASN A 145 -91.49 -28.33 -66.12
N ASN A 146 -92.56 -28.82 -66.71
CA ASN A 146 -92.91 -30.23 -66.67
C ASN A 146 -92.14 -30.99 -67.75
N TRP A 147 -91.57 -32.14 -67.37
CA TRP A 147 -90.70 -32.86 -68.31
C TRP A 147 -91.47 -33.34 -69.53
N PHE A 148 -92.66 -33.90 -69.33
CA PHE A 148 -93.47 -34.36 -70.46
C PHE A 148 -93.83 -33.20 -71.38
N VAL A 149 -94.23 -32.07 -70.80
CA VAL A 149 -94.59 -30.90 -71.59
C VAL A 149 -93.39 -30.42 -72.39
N MET A 150 -92.22 -30.37 -71.77
CA MET A 150 -91.02 -29.90 -72.46
C MET A 150 -90.61 -30.84 -73.59
N GLU A 151 -90.79 -32.16 -73.40
CA GLU A 151 -90.39 -33.10 -74.43
C GLU A 151 -91.38 -33.09 -75.60
N TYR A 152 -92.68 -33.00 -75.32
CA TYR A 152 -93.69 -33.01 -76.38
C TYR A 152 -93.63 -31.72 -77.20
N LEU A 153 -93.53 -30.57 -76.53
CA LEU A 153 -93.62 -29.30 -77.24
C LEU A 153 -92.38 -29.04 -78.07
N LYS A 154 -91.24 -29.59 -77.67
CA LYS A 154 -90.03 -29.45 -78.51
C LYS A 154 -90.15 -30.25 -79.79
N GLU A 155 -90.83 -31.39 -79.76
CA GLU A 155 -91.14 -32.12 -81.00
C GLU A 155 -92.26 -31.48 -81.79
N GLY A 156 -92.82 -30.36 -81.33
CA GLY A 156 -93.96 -29.79 -82.02
C GLY A 156 -95.22 -30.60 -81.91
N ASP A 157 -95.27 -31.59 -81.02
CA ASP A 157 -96.41 -32.50 -80.91
C ASP A 157 -97.41 -31.91 -79.91
N VAL A 158 -98.20 -30.96 -80.40
CA VAL A 158 -99.17 -30.29 -79.53
C VAL A 158 -100.31 -31.23 -79.19
N ASP A 159 -100.64 -32.18 -80.09
CA ASP A 159 -101.72 -33.12 -79.81
C ASP A 159 -101.37 -34.02 -78.63
N ALA A 160 -100.13 -34.51 -78.57
CA ALA A 160 -99.74 -35.36 -77.45
C ALA A 160 -99.67 -34.56 -76.16
N CYS A 161 -99.18 -33.33 -76.22
CA CYS A 161 -99.15 -32.48 -75.04
C CYS A 161 -100.56 -32.20 -74.52
N ALA A 162 -101.54 -32.06 -75.42
CA ALA A 162 -102.91 -31.84 -74.99
C ALA A 162 -103.49 -33.08 -74.31
N ALA A 163 -103.14 -34.27 -74.79
CA ALA A 163 -103.59 -35.50 -74.15
C ALA A 163 -102.93 -35.68 -72.79
N TYR A 164 -101.64 -35.37 -72.69
CA TYR A 164 -100.98 -35.39 -71.38
C TYR A 164 -101.66 -34.45 -70.41
N ALA A 165 -101.86 -33.20 -70.80
CA ALA A 165 -102.53 -32.24 -69.93
C ALA A 165 -103.93 -32.72 -69.55
N SER A 166 -104.68 -33.25 -70.52
CA SER A 166 -105.98 -33.83 -70.25
C SER A 166 -105.90 -34.87 -69.14
N TRP A 167 -104.95 -35.80 -69.25
CA TRP A 167 -104.76 -36.80 -68.21
C TRP A 167 -104.40 -36.14 -66.87
N LEU A 168 -103.48 -35.18 -66.90
CA LEU A 168 -102.98 -34.61 -65.66
C LEU A 168 -104.03 -33.78 -64.94
N LEU A 169 -104.84 -33.01 -65.69
CA LEU A 169 -105.90 -32.24 -65.05
C LEU A 169 -106.90 -33.18 -64.37
N ARG A 170 -107.17 -34.32 -64.98
CA ARG A 170 -108.07 -35.31 -64.37
C ARG A 170 -107.41 -36.01 -63.20
N ALA A 171 -106.12 -36.31 -63.31
CA ALA A 171 -105.45 -37.10 -62.27
C ALA A 171 -105.17 -36.27 -61.02
N THR A 172 -104.81 -35.00 -61.18
CA THR A 172 -104.59 -34.11 -60.05
C THR A 172 -105.84 -33.38 -59.61
N LYS A 173 -106.97 -33.60 -60.30
CA LYS A 173 -108.19 -32.84 -60.08
C LYS A 173 -107.90 -31.34 -60.04
N GLY A 174 -107.34 -30.87 -61.15
CA GLY A 174 -106.92 -29.49 -61.30
C GLY A 174 -107.80 -28.75 -62.30
N TYR A 175 -107.53 -27.45 -62.42
CA TYR A 175 -108.50 -26.59 -63.09
C TYR A 175 -107.90 -25.73 -64.20
N THR A 176 -106.64 -25.32 -64.09
CA THR A 176 -106.04 -24.47 -65.12
C THR A 176 -104.60 -24.89 -65.39
N ILE A 177 -104.14 -24.50 -66.58
CA ILE A 177 -102.74 -24.68 -66.95
C ILE A 177 -101.95 -23.48 -66.41
N ILE A 179 -98.42 -21.63 -65.34
CA ILE A 179 -97.06 -21.58 -65.84
C ILE A 179 -96.25 -20.60 -65.00
N VAL A 180 -95.19 -21.08 -64.35
CA VAL A 180 -94.34 -20.24 -63.51
C VAL A 180 -92.91 -20.36 -64.01
N ASN A 181 -92.31 -19.22 -64.36
CA ASN A 181 -90.92 -19.11 -64.79
C ASN A 181 -90.58 -20.26 -65.75
N PRO A 182 -91.24 -20.31 -66.92
CA PRO A 182 -91.14 -21.52 -67.77
C PRO A 182 -89.70 -21.82 -68.17
N ALA A 183 -89.31 -23.08 -67.98
CA ALA A 183 -87.97 -23.61 -68.25
C ALA A 183 -86.97 -23.21 -67.17
N GLY A 184 -87.20 -22.08 -66.51
CA GLY A 184 -86.22 -21.58 -65.55
C GLY A 184 -86.15 -22.41 -64.29
N THR A 185 -87.29 -22.92 -63.82
CA THR A 185 -87.28 -23.74 -62.62
C THR A 185 -86.62 -25.09 -62.86
N GLU A 186 -86.77 -25.64 -64.07
CA GLU A 186 -86.01 -26.83 -64.42
C GLU A 186 -84.51 -26.54 -64.42
N ALA A 187 -84.12 -25.37 -64.92
CA ALA A 187 -82.72 -24.96 -64.84
C ALA A 187 -82.28 -24.82 -63.39
N TRP A 188 -83.21 -24.48 -62.49
CA TRP A 188 -82.89 -24.39 -61.08
C TRP A 188 -82.66 -25.77 -60.45
N GLY A 189 -83.13 -26.84 -61.11
CA GLY A 189 -82.77 -28.19 -60.68
C GLY A 189 -81.28 -28.44 -60.64
N TRP A 190 -80.50 -27.69 -61.41
CA TRP A 190 -79.04 -27.73 -61.34
C TRP A 190 -78.47 -26.46 -60.71
N GLY A 191 -79.32 -25.62 -60.12
CA GLY A 191 -78.86 -24.40 -59.46
C GLY A 191 -78.77 -23.18 -60.35
N GLY A 192 -79.33 -23.22 -61.56
CA GLY A 192 -79.30 -22.11 -62.46
C GLY A 192 -80.67 -21.49 -62.70
N ASN A 193 -80.80 -20.81 -63.84
CA ASN A 193 -82.03 -20.14 -64.20
C ASN A 193 -81.98 -19.83 -65.69
N VAL A 194 -83.10 -19.34 -66.23
CA VAL A 194 -83.13 -18.81 -67.58
C VAL A 194 -83.29 -17.30 -67.50
N HIS A 195 -82.80 -16.60 -68.52
CA HIS A 195 -82.85 -15.15 -68.60
C HIS A 195 -83.45 -14.78 -69.94
N GLY A 196 -84.62 -14.14 -69.91
CA GLY A 196 -85.35 -13.85 -71.14
C GLY A 196 -86.11 -15.06 -71.65
N ILE A 197 -86.98 -14.80 -72.62
CA ILE A 197 -87.90 -15.83 -73.11
C ILE A 197 -87.30 -16.72 -74.19
N TYR A 198 -86.07 -16.44 -74.63
CA TYR A 198 -85.43 -17.25 -75.65
C TYR A 198 -84.26 -18.07 -75.10
N ASP A 199 -84.15 -18.17 -73.79
CA ASP A 199 -83.04 -18.86 -73.15
C ASP A 199 -83.48 -20.28 -72.75
N PRO A 200 -82.95 -21.32 -73.37
CA PRO A 200 -83.46 -22.68 -73.12
C PRO A 200 -82.93 -23.27 -71.83
N ALA A 201 -83.69 -24.25 -71.32
CA ALA A 201 -83.25 -25.01 -70.17
C ALA A 201 -82.17 -26.01 -70.57
N PRO A 202 -81.31 -26.42 -69.62
CA PRO A 202 -80.34 -27.47 -69.93
C PRO A 202 -81.02 -28.76 -70.36
N TYR A 203 -80.36 -29.45 -71.28
CA TYR A 203 -80.80 -30.71 -71.87
C TYR A 203 -82.07 -30.56 -72.72
N PHE A 204 -83.14 -30.00 -72.15
CA PHE A 204 -84.43 -30.05 -72.82
C PHE A 204 -84.49 -29.11 -74.00
N ASP A 205 -83.69 -28.04 -73.99
CA ASP A 205 -83.38 -27.25 -75.19
C ASP A 205 -84.61 -26.58 -75.79
N ILE A 206 -85.60 -26.22 -74.96
CA ILE A 206 -86.79 -25.54 -75.45
C ILE A 206 -86.89 -24.20 -74.74
N THR A 207 -87.35 -23.19 -75.46
CA THR A 207 -87.33 -21.86 -74.87
C THR A 207 -88.61 -21.61 -74.11
N PRO A 208 -88.58 -20.66 -73.17
CA PRO A 208 -89.83 -20.18 -72.55
C PRO A 208 -90.90 -19.81 -73.56
N ALA A 209 -90.54 -19.06 -74.61
CA ALA A 209 -91.52 -18.63 -75.61
C ALA A 209 -92.25 -19.82 -76.22
N GLU A 210 -91.51 -20.88 -76.59
CA GLU A 210 -92.17 -22.05 -77.17
C GLU A 210 -93.04 -22.78 -76.16
N ILE A 211 -92.65 -22.78 -74.88
CA ILE A 211 -93.49 -23.37 -73.85
C ILE A 211 -94.78 -22.58 -73.69
N ILE A 212 -94.68 -21.25 -73.65
CA ILE A 212 -95.86 -20.40 -73.46
C ILE A 212 -96.83 -20.56 -74.62
N LYS A 213 -96.34 -20.41 -75.85
CA LYS A 213 -97.20 -20.55 -77.01
C LYS A 213 -97.80 -21.95 -77.08
N GLY A 214 -96.95 -22.98 -76.98
CA GLY A 214 -97.43 -24.35 -77.08
C GLY A 214 -98.53 -24.67 -76.08
N LEU A 215 -98.39 -24.20 -74.84
CA LEU A 215 -99.42 -24.47 -73.85
C LEU A 215 -100.67 -23.63 -74.06
N ALA A 216 -100.54 -22.45 -74.64
CA ALA A 216 -101.71 -21.70 -75.05
C ALA A 216 -102.51 -22.46 -76.11
N GLU A 217 -101.80 -23.01 -77.11
CA GLU A 217 -102.46 -23.85 -78.11
C GLU A 217 -103.13 -25.05 -77.46
N VAL A 218 -102.44 -25.71 -76.53
CA VAL A 218 -103.05 -26.83 -75.81
C VAL A 218 -104.29 -26.38 -75.05
N ASN A 219 -104.20 -25.24 -74.38
CA ASN A 219 -105.31 -24.75 -73.57
C ASN A 219 -106.58 -24.61 -74.40
N GLU A 220 -106.47 -24.02 -75.59
CA GLU A 220 -107.66 -23.79 -76.40
C GLU A 220 -108.08 -25.04 -77.16
N LYS A 221 -107.12 -25.93 -77.46
CA LYS A 221 -107.44 -27.20 -78.10
C LYS A 221 -108.19 -28.11 -77.15
N LEU A 222 -107.97 -27.97 -75.86
CA LEU A 222 -108.77 -28.66 -74.84
C LEU A 222 -109.99 -27.86 -74.41
N GLN A 223 -110.18 -26.65 -74.94
CA GLN A 223 -111.35 -25.83 -74.67
C GLN A 223 -111.55 -25.62 -73.16
N LEU A 224 -110.47 -25.32 -72.45
CA LEU A 224 -110.55 -25.14 -71.01
C LEU A 224 -111.31 -23.85 -70.67
N PRO A 225 -112.00 -23.82 -69.52
CA PRO A 225 -112.74 -22.61 -69.16
C PRO A 225 -111.85 -21.39 -68.99
N HIS A 226 -110.69 -21.57 -68.37
CA HIS A 226 -109.75 -20.49 -68.10
C HIS A 226 -108.58 -20.57 -69.08
N SER A 227 -107.91 -19.44 -69.27
CA SER A 227 -106.77 -19.38 -70.18
C SER A 227 -105.52 -19.91 -69.49
N ILE A 228 -104.39 -19.92 -70.21
CA ILE A 228 -103.12 -20.13 -69.54
C ILE A 228 -102.92 -19.01 -68.54
N HIS A 229 -102.25 -19.34 -67.44
CA HIS A 229 -102.10 -18.45 -66.28
C HIS A 229 -100.61 -18.24 -66.10
N LEU A 230 -100.09 -17.09 -66.54
CA LEU A 230 -98.66 -16.96 -66.76
C LEU A 230 -98.00 -16.12 -65.68
N HIS A 231 -97.02 -16.73 -65.01
CA HIS A 231 -96.06 -16.08 -64.13
C HIS A 231 -94.76 -16.00 -64.92
N CYS A 232 -94.34 -14.77 -65.26
CA CYS A 232 -93.33 -14.59 -66.30
C CYS A 232 -91.93 -14.94 -65.80
N ASN A 233 -91.03 -15.08 -66.77
CA ASN A 233 -89.60 -15.15 -66.49
C ASN A 233 -89.10 -13.81 -65.97
N ASP A 234 -87.93 -13.84 -65.36
CA ASP A 234 -87.24 -12.64 -64.87
C ASP A 234 -88.05 -11.87 -63.84
N LEU A 235 -88.77 -12.59 -62.98
CA LEU A 235 -89.55 -11.92 -61.93
C LEU A 235 -88.66 -11.15 -60.98
N GLY A 236 -89.11 -9.94 -60.62
CA GLY A 236 -88.49 -9.20 -59.55
C GLY A 236 -87.10 -8.69 -59.83
N HIS A 237 -86.76 -8.50 -61.09
CA HIS A 237 -85.45 -8.01 -61.46
C HIS A 237 -85.59 -6.67 -62.13
N PRO A 238 -84.80 -5.67 -61.74
CA PRO A 238 -84.79 -4.39 -62.46
C PRO A 238 -84.60 -4.61 -63.96
N GLY A 239 -85.42 -3.91 -64.75
CA GLY A 239 -85.35 -3.99 -66.20
C GLY A 239 -86.19 -5.07 -66.84
N ASN A 240 -86.97 -5.82 -66.06
CA ASN A 240 -87.70 -6.97 -66.59
C ASN A 240 -88.95 -6.62 -67.37
N TYR A 241 -89.36 -5.35 -67.40
CA TYR A 241 -90.62 -5.00 -68.06
C TYR A 241 -90.67 -5.42 -69.51
N GLU A 242 -89.52 -5.40 -70.21
CA GLU A 242 -89.50 -5.83 -71.60
C GLU A 242 -89.69 -7.33 -71.73
N THR A 243 -89.08 -8.12 -70.84
CA THR A 243 -89.36 -9.54 -70.82
C THR A 243 -90.85 -9.78 -70.64
N THR A 244 -91.49 -8.94 -69.83
CA THR A 244 -92.93 -9.02 -69.62
C THR A 244 -93.68 -8.70 -70.91
N LEU A 245 -93.34 -7.58 -71.56
CA LEU A 245 -94.04 -7.18 -72.78
C LEU A 245 -93.83 -8.20 -73.89
N ALA A 246 -92.62 -8.71 -74.04
CA ALA A 246 -92.38 -9.77 -75.02
C ALA A 246 -93.19 -11.01 -74.69
N SER A 247 -93.27 -11.39 -73.41
CA SER A 247 -94.08 -12.53 -73.01
C SER A 247 -95.54 -12.34 -73.40
N PHE A 248 -96.08 -11.14 -73.17
CA PHE A 248 -97.49 -10.88 -73.45
C PHE A 248 -97.85 -11.13 -74.91
N ASP A 249 -96.92 -10.88 -75.84
CA ASP A 249 -97.21 -11.04 -77.26
C ASP A 249 -97.21 -12.48 -77.73
N VAL A 250 -96.59 -13.40 -76.98
CA VAL A 250 -96.33 -14.74 -77.51
C VAL A 250 -97.62 -15.46 -77.91
N PRO A 251 -98.71 -15.45 -77.09
CA PRO A 251 -99.93 -16.16 -77.51
C PRO A 251 -101.00 -15.27 -78.12
N LYS A 252 -100.61 -14.06 -78.55
CA LYS A 252 -101.57 -13.02 -78.88
C LYS A 252 -102.57 -13.46 -79.96
N ASN A 253 -102.08 -14.15 -80.99
CA ASN A 253 -102.92 -14.51 -82.13
C ASN A 253 -103.58 -15.89 -81.99
N ILE A 254 -103.53 -16.51 -80.82
CA ILE A 254 -104.24 -17.75 -80.57
C ILE A 254 -105.62 -17.42 -80.04
N LYS A 255 -106.60 -18.02 -80.59
CA LYS A 255 -107.94 -17.52 -80.40
C LYS A 255 -108.67 -18.30 -79.32
N PRO A 256 -109.25 -17.63 -78.33
CA PRO A 256 -109.85 -18.34 -77.18
C PRO A 256 -110.99 -19.25 -77.62
N ASN A 257 -111.15 -20.35 -76.89
CA ASN A 257 -112.17 -21.31 -77.27
C ASN A 257 -112.74 -22.09 -76.09
N PRO A 258 -113.24 -21.43 -75.05
CA PRO A 258 -113.82 -22.17 -73.92
C PRO A 258 -115.09 -22.89 -74.30
N ALA A 259 -115.24 -24.13 -73.81
CA ALA A 259 -116.49 -24.86 -73.96
C ALA A 259 -117.51 -24.44 -72.90
N THR A 260 -117.05 -24.06 -71.71
CA THR A 260 -117.88 -23.54 -70.64
C THR A 260 -117.49 -22.09 -70.36
N GLY A 261 -118.47 -21.26 -70.04
CA GLY A 261 -118.22 -19.88 -69.65
C GLY A 261 -118.04 -18.94 -70.83
N SER A 262 -117.70 -17.70 -70.49
CA SER A 262 -117.74 -16.59 -71.44
C SER A 262 -116.36 -15.97 -71.68
N ARG A 263 -115.29 -16.67 -71.31
CA ARG A 263 -113.95 -16.11 -71.43
C ARG A 263 -113.64 -15.76 -72.88
N ASP A 264 -113.15 -14.54 -73.11
CA ASP A 264 -112.82 -14.08 -74.44
C ASP A 264 -111.36 -13.59 -74.53
N THR A 265 -110.51 -14.05 -73.61
CA THR A 265 -109.10 -13.69 -73.57
C THR A 265 -108.27 -14.97 -73.50
N VAL A 266 -107.10 -14.94 -74.14
CA VAL A 266 -106.24 -16.11 -74.25
C VAL A 266 -105.09 -16.08 -73.23
N LEU A 267 -104.79 -14.93 -72.63
CA LEU A 267 -103.68 -14.82 -71.70
C LEU A 267 -104.17 -14.24 -70.39
N TYR A 268 -103.77 -14.86 -69.29
CA TYR A 268 -103.96 -14.32 -67.94
C TYR A 268 -102.59 -14.14 -67.32
N ALA A 269 -102.20 -12.90 -67.06
CA ALA A 269 -100.91 -12.59 -66.45
C ALA A 269 -101.14 -12.20 -64.99
N THR A 270 -100.44 -12.87 -64.08
CA THR A 270 -100.67 -12.70 -62.66
C THR A 270 -99.54 -11.91 -62.01
N HIS A 271 -99.87 -11.28 -60.88
CA HIS A 271 -99.02 -10.38 -60.11
C HIS A 271 -98.04 -9.61 -60.99
N VAL A 272 -98.57 -8.86 -61.96
CA VAL A 272 -97.73 -8.19 -62.94
C VAL A 272 -96.95 -7.03 -62.35
N GLN A 273 -97.30 -6.57 -61.14
CA GLN A 273 -96.47 -5.58 -60.46
C GLN A 273 -95.02 -6.05 -60.40
N PHE A 274 -94.81 -7.31 -60.04
CA PHE A 274 -93.46 -7.88 -59.98
C PHE A 274 -92.81 -8.00 -61.35
N HIS A 275 -93.55 -7.79 -62.43
CA HIS A 275 -93.01 -7.91 -63.78
C HIS A 275 -92.95 -6.55 -64.49
N SER A 276 -93.04 -5.46 -63.75
CA SER A 276 -93.15 -4.13 -64.32
C SER A 276 -91.97 -3.24 -63.95
N TYR A 277 -90.79 -3.82 -63.75
CA TYR A 277 -89.67 -3.08 -63.19
C TYR A 277 -88.79 -2.50 -64.28
N GLY A 278 -88.38 -1.24 -64.08
CA GLY A 278 -87.39 -0.61 -64.92
C GLY A 278 -86.04 -0.53 -64.25
N GLY A 279 -85.14 0.19 -64.90
CA GLY A 279 -83.77 0.26 -64.41
C GLY A 279 -82.97 -0.95 -64.85
N THR A 280 -81.83 -1.11 -64.18
CA THR A 280 -80.90 -2.23 -64.38
C THR A 280 -80.32 -2.77 -63.09
N THR A 281 -80.24 -1.96 -62.03
CA THR A 281 -79.85 -2.39 -60.70
C THR A 281 -80.92 -1.92 -59.72
N TRP A 282 -80.79 -2.34 -58.46
CA TRP A 282 -81.71 -1.82 -57.45
C TRP A 282 -81.50 -0.34 -57.17
N ARG A 283 -80.37 0.22 -57.58
CA ARG A 283 -80.06 1.60 -57.25
C ARG A 283 -80.60 2.60 -58.28
N ASP A 284 -80.69 2.21 -59.55
CA ASP A 284 -81.40 3.01 -60.55
C ASP A 284 -82.80 2.44 -60.84
N PHE A 285 -83.37 1.75 -59.86
CA PHE A 285 -84.65 1.07 -60.02
C PHE A 285 -85.80 2.07 -60.12
N VAL A 286 -86.63 1.91 -61.16
CA VAL A 286 -87.74 2.82 -61.45
C VAL A 286 -88.96 2.01 -61.85
N SER A 287 -90.14 2.64 -61.74
CA SER A 287 -91.39 2.03 -62.15
C SER A 287 -91.57 2.14 -63.66
N GLU A 288 -92.03 1.05 -64.28
CA GLU A 288 -92.41 1.04 -65.69
C GLU A 288 -93.86 0.59 -65.85
N ALA A 289 -94.68 0.81 -64.84
CA ALA A 289 -96.09 0.46 -64.93
C ALA A 289 -96.84 1.21 -66.03
N PRO A 290 -96.55 2.48 -66.34
CA PRO A 290 -97.24 3.11 -67.47
C PRO A 290 -97.16 2.35 -68.78
N LYS A 291 -95.97 1.90 -69.18
CA LYS A 291 -95.85 1.13 -70.42
C LYS A 291 -96.63 -0.17 -70.33
N ILE A 292 -96.61 -0.83 -69.17
CA ILE A 292 -97.36 -2.07 -69.00
C ILE A 292 -98.85 -1.80 -69.07
N ALA A 293 -99.33 -0.84 -68.30
CA ALA A 293 -100.74 -0.44 -68.36
C ALA A 293 -101.12 -0.02 -69.77
N ASP A 294 -100.20 0.63 -70.48
CA ASP A 294 -100.46 1.06 -71.85
C ASP A 294 -100.64 -0.13 -72.77
N TYR A 295 -99.79 -1.15 -72.62
CA TYR A 295 -99.98 -2.36 -73.40
C TYR A 295 -101.36 -2.97 -73.14
N VAL A 296 -101.74 -3.04 -71.87
CA VAL A 296 -103.01 -3.68 -71.51
C VAL A 296 -104.19 -2.90 -72.10
N ASN A 297 -104.16 -1.57 -71.98
CA ASN A 297 -105.23 -0.74 -72.52
C ASN A 297 -105.41 -0.99 -74.03
N LYS A 298 -104.31 -1.11 -74.75
CA LYS A 298 -104.34 -1.28 -76.20
C LYS A 298 -104.83 -2.66 -76.60
N ASN A 299 -104.60 -3.69 -75.78
CA ASN A 299 -104.74 -5.06 -76.23
C ASN A 299 -106.00 -5.74 -75.70
N ASP A 300 -106.52 -6.66 -76.52
CA ASP A 300 -107.81 -7.29 -76.32
C ASP A 300 -107.72 -8.75 -75.88
N HIS A 301 -106.51 -9.28 -75.72
CA HIS A 301 -106.32 -10.69 -75.42
C HIS A 301 -105.84 -10.99 -74.01
N ILE A 302 -105.67 -9.97 -73.16
CA ILE A 302 -104.97 -10.15 -71.90
C ILE A 302 -105.85 -9.70 -70.75
N VAL A 303 -105.88 -10.51 -69.69
CA VAL A 303 -106.37 -10.12 -68.39
C VAL A 303 -105.20 -10.21 -67.42
N ILE A 304 -105.16 -9.31 -66.44
CA ILE A 304 -104.09 -9.32 -65.47
C ILE A 304 -104.69 -9.26 -64.06
N ASP A 305 -103.86 -9.62 -63.10
CA ASP A 305 -104.04 -9.21 -61.71
C ASP A 305 -102.74 -8.56 -61.26
N VAL A 306 -102.84 -7.75 -60.21
CA VAL A 306 -101.77 -6.79 -59.92
C VAL A 306 -100.72 -7.37 -58.98
N GLY A 307 -101.13 -8.03 -57.91
CA GLY A 307 -100.18 -8.42 -56.89
C GLY A 307 -99.72 -7.23 -56.08
N GLN A 308 -100.67 -6.58 -55.41
CA GLN A 308 -100.42 -5.32 -54.72
C GLN A 308 -99.69 -5.54 -53.40
N ILE A 309 -98.59 -4.80 -53.20
CA ILE A 309 -97.89 -4.79 -51.92
C ILE A 309 -98.75 -4.12 -50.87
N THR A 310 -98.84 -4.74 -49.69
CA THR A 310 -99.60 -4.22 -48.58
C THR A 310 -98.71 -3.63 -47.48
N LEU A 311 -97.39 -3.63 -47.68
CA LEU A 311 -96.45 -3.00 -46.78
C LEU A 311 -96.43 -3.67 -45.40
N ASP A 312 -96.43 -5.00 -45.41
CA ASP A 312 -96.39 -5.82 -44.20
C ASP A 312 -95.11 -6.63 -44.15
N GLU A 313 -94.83 -7.18 -42.96
CA GLU A 313 -93.97 -8.35 -42.86
C GLU A 313 -94.81 -9.56 -43.26
N THR A 314 -94.44 -10.19 -44.37
CA THR A 314 -95.21 -11.33 -44.86
C THR A 314 -94.30 -12.49 -45.23
N THR A 315 -94.85 -13.45 -45.96
CA THR A 315 -94.15 -14.65 -46.39
C THR A 315 -94.26 -14.77 -47.90
N THR A 316 -93.14 -15.08 -48.53
CA THR A 316 -93.11 -15.36 -49.96
C THR A 316 -93.01 -16.86 -50.20
N MET A 317 -93.79 -17.35 -51.16
CA MET A 317 -93.84 -18.77 -51.48
C MET A 317 -94.26 -18.91 -52.94
N THR A 318 -93.40 -19.52 -53.75
CA THR A 318 -93.61 -19.55 -55.20
C THR A 318 -93.04 -20.86 -55.72
N ALA A 319 -93.50 -21.25 -56.90
CA ALA A 319 -92.85 -22.30 -57.67
C ALA A 319 -91.61 -21.81 -58.41
N ASP A 320 -91.25 -20.54 -58.22
CA ASP A 320 -90.07 -19.94 -58.83
C ASP A 320 -88.89 -20.10 -57.88
N GLY A 321 -88.41 -21.33 -57.79
CA GLY A 321 -87.29 -21.70 -56.96
C GLY A 321 -86.06 -20.81 -57.05
N PRO A 322 -85.55 -20.56 -58.27
CA PRO A 322 -84.33 -19.75 -58.38
C PRO A 322 -84.52 -18.32 -57.89
N MET A 323 -85.71 -17.76 -58.09
CA MET A 323 -85.96 -16.40 -57.62
C MET A 323 -85.94 -16.33 -56.09
N GLU A 324 -86.52 -17.33 -55.41
CA GLU A 324 -86.53 -17.30 -53.95
C GLU A 324 -85.13 -17.48 -53.38
N TYR A 325 -84.28 -18.25 -54.04
CA TYR A 325 -82.89 -18.33 -53.60
C TYR A 325 -82.20 -16.98 -53.73
N ASP A 326 -82.46 -16.26 -54.83
CA ASP A 326 -81.92 -14.91 -54.96
C ASP A 326 -82.43 -14.00 -53.86
N LEU A 327 -83.72 -14.12 -53.52
CA LEU A 327 -84.30 -13.29 -52.50
C LEU A 327 -83.67 -13.58 -51.13
N HIS A 328 -83.47 -14.86 -50.84
CA HIS A 328 -82.76 -15.25 -49.62
C HIS A 328 -81.36 -14.67 -49.57
N SER A 329 -80.66 -14.66 -50.71
CA SER A 329 -79.32 -14.08 -50.76
C SER A 329 -79.33 -12.59 -50.41
N LEU A 330 -80.42 -11.89 -50.75
CA LEU A 330 -80.49 -10.45 -50.53
C LEU A 330 -80.78 -10.13 -49.07
N ASN A 331 -81.85 -10.69 -48.51
CA ASN A 331 -82.26 -10.32 -47.15
C ASN A 331 -81.71 -11.25 -46.06
N GLY A 332 -81.10 -12.37 -46.44
CA GLY A 332 -80.43 -13.24 -45.48
C GLY A 332 -81.33 -14.03 -44.57
N LEU A 333 -82.65 -14.06 -44.81
CA LEU A 333 -83.58 -14.69 -43.91
C LEU A 333 -83.84 -16.13 -44.35
N LYS A 334 -84.45 -16.91 -43.46
CA LYS A 334 -84.59 -18.35 -43.63
C LYS A 334 -85.24 -18.72 -44.96
N TRP A 335 -84.74 -19.78 -45.58
CA TRP A 335 -85.08 -20.14 -46.96
C TRP A 335 -85.45 -21.60 -47.04
N ALA A 336 -86.63 -21.89 -47.59
CA ALA A 336 -87.07 -23.25 -47.85
C ALA A 336 -87.12 -23.50 -49.36
N ASN A 337 -86.93 -24.76 -49.74
CA ASN A 337 -86.87 -25.15 -51.14
C ASN A 337 -87.43 -26.56 -51.27
N CYS A 338 -88.08 -26.85 -52.40
CA CYS A 338 -88.48 -28.23 -52.69
C CYS A 338 -88.55 -28.43 -54.20
N ASP A 339 -87.59 -29.16 -54.75
CA ASP A 339 -87.67 -29.58 -56.14
C ASP A 339 -88.48 -30.87 -56.25
N VAL A 340 -89.49 -30.85 -57.10
CA VAL A 340 -90.40 -31.98 -57.26
C VAL A 340 -90.04 -32.67 -58.58
N GLU A 341 -89.71 -33.97 -58.47
CA GLU A 341 -89.23 -34.74 -59.60
C GLU A 341 -90.08 -34.57 -60.85
N LEU A 342 -89.41 -34.29 -61.97
CA LEU A 342 -90.00 -34.21 -63.31
C LEU A 342 -91.09 -33.16 -63.45
N GLU A 343 -91.40 -32.39 -62.40
CA GLU A 343 -92.62 -31.59 -62.40
C GLU A 343 -92.35 -30.11 -62.15
N THR A 344 -91.75 -29.73 -61.03
CA THR A 344 -91.64 -28.32 -60.69
C THR A 344 -90.60 -28.14 -59.59
N GLY A 345 -90.48 -26.91 -59.11
CA GLY A 345 -89.71 -26.58 -57.93
C GLY A 345 -90.52 -25.63 -57.06
N SER A 346 -89.91 -25.17 -55.97
CA SER A 346 -90.59 -24.21 -55.10
C SER A 346 -89.60 -23.63 -54.10
N GLY A 347 -89.95 -22.46 -53.57
CA GLY A 347 -89.14 -21.80 -52.55
C GLY A 347 -90.01 -20.94 -51.66
N VAL A 348 -89.53 -20.73 -50.43
CA VAL A 348 -90.27 -19.96 -49.43
C VAL A 348 -89.28 -19.10 -48.66
N VAL A 349 -89.54 -17.79 -48.60
CA VAL A 349 -88.68 -16.82 -47.92
C VAL A 349 -89.56 -15.76 -47.26
N PRO A 350 -89.33 -15.37 -46.00
CA PRO A 350 -90.04 -14.21 -45.47
C PRO A 350 -89.52 -12.92 -46.10
N PHE A 351 -90.39 -11.92 -46.16
CA PHE A 351 -89.95 -10.60 -46.61
C PHE A 351 -90.68 -9.50 -45.88
N ILE A 352 -89.95 -8.46 -45.49
CA ILE A 352 -90.50 -7.28 -44.82
C ILE A 352 -90.59 -6.18 -45.86
N TYR A 353 -91.81 -5.87 -46.31
CA TYR A 353 -92.02 -4.76 -47.24
C TYR A 353 -92.22 -3.48 -46.42
N SER A 354 -91.12 -2.93 -45.92
CA SER A 354 -91.21 -1.75 -45.06
C SER A 354 -91.52 -0.51 -45.88
N ALA A 355 -92.52 0.25 -45.45
CA ALA A 355 -92.90 1.48 -46.16
C ALA A 355 -91.74 2.46 -46.23
N ARG A 356 -90.95 2.56 -45.15
CA ARG A 356 -89.80 3.46 -45.12
C ARG A 356 -88.68 3.00 -46.03
N ALA A 357 -88.72 1.79 -46.54
CA ALA A 357 -87.64 1.35 -47.40
C ALA A 357 -87.91 1.77 -48.85
N PRO A 358 -86.87 2.14 -49.60
CA PRO A 358 -87.11 2.71 -50.93
C PRO A 358 -87.73 1.75 -51.92
N VAL A 359 -87.25 0.51 -51.98
CA VAL A 359 -87.70 -0.46 -52.97
C VAL A 359 -89.14 -0.88 -52.69
N PRO A 360 -89.51 -1.27 -51.46
CA PRO A 360 -90.94 -1.57 -51.23
C PRO A 360 -91.84 -0.39 -51.51
N ALA A 361 -91.35 0.83 -51.27
CA ALA A 361 -92.11 2.03 -51.62
C ALA A 361 -92.43 2.07 -53.10
N VAL A 362 -91.42 1.86 -53.94
CA VAL A 362 -91.64 1.86 -55.38
C VAL A 362 -92.54 0.69 -55.78
N GLN A 363 -92.34 -0.46 -55.14
CA GLN A 363 -93.18 -1.63 -55.45
C GLN A 363 -94.65 -1.36 -55.14
N TRP A 364 -94.93 -0.68 -54.01
CA TRP A 364 -96.29 -0.28 -53.72
C TRP A 364 -96.85 0.63 -54.81
N ALA A 365 -96.04 1.62 -55.24
CA ALA A 365 -96.51 2.57 -56.25
C ALA A 365 -96.82 1.88 -57.57
N ILE A 366 -95.99 0.92 -57.96
CA ILE A 366 -96.17 0.25 -59.26
C ILE A 366 -97.56 -0.38 -59.34
N GLY A 367 -97.97 -1.08 -58.28
CA GLY A 367 -99.28 -1.70 -58.27
C GLY A 367 -100.41 -0.68 -58.33
N MET A 368 -100.30 0.40 -57.56
CA MET A 368 -101.30 1.46 -57.62
C MET A 368 -101.40 2.04 -59.03
N GLU A 369 -100.25 2.30 -59.65
CA GLU A 369 -100.22 2.74 -61.05
C GLU A 369 -100.94 1.76 -61.97
N LEU A 370 -100.73 0.46 -61.77
CA LEU A 370 -101.36 -0.53 -62.65
C LEU A 370 -102.87 -0.53 -62.49
N PHE A 371 -103.35 -0.50 -61.24
CA PHE A 371 -104.78 -0.41 -60.99
C PHE A 371 -105.38 0.84 -61.65
N LEU A 372 -104.70 1.97 -61.49
CA LEU A 372 -105.30 3.26 -61.82
C LEU A 372 -105.07 3.69 -63.26
N LEU A 373 -103.97 3.27 -63.89
CA LEU A 373 -103.72 3.66 -65.28
C LEU A 373 -104.36 2.72 -66.29
N ILE A 374 -104.91 1.58 -65.87
CA ILE A 374 -105.64 0.71 -66.77
C ILE A 374 -107.09 1.20 -66.80
N ASP A 375 -107.58 1.50 -68.00
CA ASP A 375 -108.87 2.19 -68.10
C ASP A 375 -110.04 1.25 -67.78
N ASN A 376 -109.99 0.01 -68.30
CA ASN A 376 -111.15 -0.86 -68.23
C ASN A 376 -111.00 -1.82 -67.07
N PRO A 377 -111.83 -1.74 -66.03
CA PRO A 377 -111.73 -2.70 -64.92
C PRO A 377 -111.96 -4.15 -65.34
N GLU A 378 -112.60 -4.39 -66.47
CA GLU A 378 -112.83 -5.75 -66.95
C GLU A 378 -111.54 -6.47 -67.33
N LYS A 379 -110.40 -5.77 -67.37
CA LYS A 379 -109.11 -6.38 -67.69
C LYS A 379 -108.22 -6.63 -66.48
N VAL A 380 -108.69 -6.37 -65.25
CA VAL A 380 -107.83 -6.43 -64.08
C VAL A 380 -108.58 -7.06 -62.91
N CYS A 381 -107.83 -7.75 -62.05
CA CYS A 381 -108.34 -8.37 -60.83
C CYS A 381 -107.54 -7.87 -59.63
N LEU A 382 -108.19 -7.84 -58.47
CA LEU A 382 -107.55 -7.42 -57.23
C LEU A 382 -106.86 -8.62 -56.59
N THR A 383 -105.53 -8.54 -56.48
CA THR A 383 -104.76 -9.62 -55.87
C THR A 383 -103.60 -9.05 -55.08
N THR A 384 -103.13 -9.83 -54.12
CA THR A 384 -101.86 -9.58 -53.45
C THR A 384 -100.89 -10.72 -53.66
N ASP A 385 -101.13 -11.56 -54.67
CA ASP A 385 -100.48 -12.86 -54.82
C ASP A 385 -100.30 -13.52 -53.45
N SER A 386 -101.39 -13.49 -52.68
CA SER A 386 -101.36 -13.80 -51.26
C SER A 386 -100.67 -15.13 -50.97
N PRO A 387 -99.70 -15.11 -50.04
CA PRO A 387 -99.26 -13.95 -49.25
C PRO A 387 -98.04 -13.22 -49.81
N ASN A 388 -97.66 -13.45 -51.07
CA ASN A 388 -96.36 -12.97 -51.57
C ASN A 388 -96.23 -11.47 -51.46
N ALA A 389 -97.27 -10.73 -51.85
CA ALA A 389 -97.27 -9.29 -51.72
C ALA A 389 -97.95 -8.82 -50.43
N GLY A 390 -98.66 -9.70 -49.75
CA GLY A 390 -99.32 -9.39 -48.51
C GLY A 390 -100.45 -10.37 -48.29
N PRO A 391 -100.89 -10.53 -47.05
CA PRO A 391 -101.98 -11.48 -46.79
C PRO A 391 -103.29 -11.00 -47.40
N PHE A 392 -104.12 -11.95 -47.80
CA PHE A 392 -105.37 -11.59 -48.45
C PHE A 392 -106.33 -10.84 -47.55
N THR A 393 -106.10 -10.88 -46.22
CA THR A 393 -106.93 -10.11 -45.29
C THR A 393 -106.88 -8.61 -45.56
N ARG A 394 -105.93 -8.14 -46.37
CA ARG A 394 -105.76 -6.71 -46.63
C ARG A 394 -106.34 -6.27 -47.96
N TYR A 395 -107.10 -7.13 -48.65
CA TYR A 395 -107.84 -6.66 -49.81
C TYR A 395 -108.69 -5.44 -49.47
N PRO A 396 -109.35 -5.36 -48.30
CA PRO A 396 -110.06 -4.12 -47.96
C PRO A 396 -109.17 -2.88 -47.94
N ARG A 397 -107.92 -3.01 -47.46
CA ARG A 397 -107.03 -1.85 -47.48
C ARG A 397 -106.65 -1.49 -48.92
N VAL A 398 -106.52 -2.49 -49.79
CA VAL A 398 -106.27 -2.21 -51.20
C VAL A 398 -107.47 -1.51 -51.82
N ILE A 399 -108.68 -1.98 -51.52
CA ILE A 399 -109.89 -1.29 -51.96
C ILE A 399 -109.89 0.15 -51.46
N ALA A 400 -109.62 0.33 -50.17
CA ALA A 400 -109.59 1.68 -49.58
C ALA A 400 -108.60 2.58 -50.32
N TRP A 401 -107.40 2.06 -50.59
CA TRP A 401 -106.40 2.83 -51.35
C TRP A 401 -106.93 3.25 -52.71
N LEU A 402 -107.67 2.35 -53.39
CA LEU A 402 -108.12 2.65 -54.74
C LEU A 402 -109.27 3.65 -54.74
N MET A 403 -110.13 3.61 -53.74
CA MET A 403 -111.29 4.50 -53.73
C MET A 403 -111.00 5.89 -53.21
N SER A 404 -109.78 6.17 -52.74
CA SER A 404 -109.51 7.45 -52.08
C SER A 404 -108.07 7.88 -52.33
N ASN A 405 -107.88 8.90 -53.16
CA ASN A 405 -106.56 9.53 -53.30
C ASN A 405 -106.11 10.27 -52.04
N LYS A 406 -106.99 10.48 -51.05
CA LYS A 406 -106.52 11.02 -49.78
C LYS A 406 -105.73 9.97 -49.02
N TYR A 407 -106.29 8.77 -48.89
CA TYR A 407 -105.58 7.66 -48.27
C TYR A 407 -104.20 7.48 -48.89
N ARG A 408 -104.14 7.54 -50.23
CA ARG A 408 -102.87 7.36 -50.91
C ARG A 408 -101.90 8.48 -50.58
N MET A 409 -102.36 9.74 -50.71
CA MET A 409 -101.45 10.87 -50.47
C MET A 409 -101.01 10.96 -49.01
N ASN A 410 -101.88 10.61 -48.07
CA ASN A 410 -101.46 10.57 -46.68
C ASN A 410 -100.32 9.59 -46.47
N LEU A 411 -100.37 8.44 -47.14
CA LEU A 411 -99.29 7.49 -46.95
C LEU A 411 -98.06 7.91 -47.76
N ILE A 412 -98.27 8.47 -48.96
CA ILE A 412 -97.16 9.00 -49.75
C ILE A 412 -96.44 10.13 -49.01
N GLU A 413 -97.21 11.05 -48.43
CA GLU A 413 -96.65 12.20 -47.73
C GLU A 413 -96.17 11.85 -46.32
N GLY A 414 -96.30 10.61 -45.89
CA GLY A 414 -95.86 10.28 -44.55
C GLY A 414 -94.81 9.18 -44.54
N GLU A 415 -95.22 7.96 -44.17
CA GLU A 415 -94.24 6.90 -43.93
C GLU A 415 -93.60 6.37 -45.22
N LEU A 416 -94.25 6.50 -46.37
CA LEU A 416 -93.64 6.07 -47.63
C LEU A 416 -92.33 6.77 -47.90
N HIS A 417 -91.31 5.99 -48.25
CA HIS A 417 -90.05 6.55 -48.70
C HIS A 417 -90.29 7.49 -49.87
N LYS A 418 -89.40 8.48 -50.00
CA LYS A 418 -89.54 9.49 -51.05
C LYS A 418 -89.49 8.89 -52.45
N TRP A 419 -88.86 7.72 -52.61
CA TRP A 419 -88.76 7.07 -53.91
C TRP A 419 -90.12 6.78 -54.53
N ALA A 420 -91.17 6.66 -53.72
CA ALA A 420 -92.50 6.46 -54.28
C ALA A 420 -92.90 7.61 -55.18
N GLN A 421 -92.48 8.84 -54.86
CA GLN A 421 -92.75 9.99 -55.72
C GLN A 421 -91.69 10.11 -56.81
N ARG A 422 -90.42 10.05 -56.44
CA ARG A 422 -89.34 10.28 -57.38
C ARG A 422 -89.35 9.27 -58.52
N LYS A 423 -89.63 8.00 -58.20
CA LYS A 423 -89.40 6.93 -59.16
C LYS A 423 -90.70 6.34 -59.71
N SER A 424 -91.80 7.08 -59.60
CA SER A 424 -93.07 6.66 -60.19
C SER A 424 -93.95 7.90 -60.35
N THR A 425 -95.14 7.68 -60.91
CA THR A 425 -96.11 8.74 -61.14
C THR A 425 -97.36 8.66 -60.27
N VAL A 426 -97.37 7.82 -59.22
CA VAL A 426 -98.61 7.60 -58.47
C VAL A 426 -99.10 8.91 -57.87
N ALA A 427 -98.19 9.75 -57.37
CA ALA A 427 -98.60 10.98 -56.69
C ALA A 427 -99.37 11.90 -57.63
N THR A 428 -99.17 11.75 -58.93
CA THR A 428 -99.85 12.52 -59.96
C THR A 428 -101.19 11.91 -60.37
N ILE A 429 -101.60 10.80 -59.76
CA ILE A 429 -102.82 10.10 -60.13
C ILE A 429 -103.86 10.31 -59.04
N ASP A 430 -104.93 11.01 -59.36
CA ASP A 430 -106.00 11.24 -58.40
C ASP A 430 -107.26 10.43 -58.68
N ARG A 431 -107.22 9.54 -59.69
CA ARG A 431 -108.37 8.69 -60.00
C ARG A 431 -108.79 7.89 -58.77
N GLU A 432 -110.11 7.72 -58.60
CA GLU A 432 -110.66 6.93 -57.52
C GLU A 432 -111.65 5.92 -58.09
N TYR A 433 -111.49 4.65 -57.70
CA TYR A 433 -112.40 3.60 -58.12
C TYR A 433 -113.78 3.80 -57.50
N THR A 434 -114.82 3.53 -58.30
CA THR A 434 -116.20 3.52 -57.81
C THR A 434 -116.54 2.16 -57.20
N PHE A 435 -117.68 2.12 -56.52
CA PHE A 435 -118.16 0.85 -55.96
C PHE A 435 -118.45 -0.16 -57.06
N SER A 436 -118.78 0.32 -58.26
CA SER A 436 -119.02 -0.59 -59.38
C SER A 436 -117.71 -1.18 -59.89
N GLU A 437 -116.69 -0.34 -60.04
CA GLU A 437 -115.39 -0.83 -60.48
C GLU A 437 -114.74 -1.75 -59.44
N ILE A 438 -115.00 -1.53 -58.15
CA ILE A 438 -114.49 -2.43 -57.13
C ILE A 438 -115.10 -3.82 -57.26
N ALA A 439 -116.42 -3.89 -57.40
CA ALA A 439 -117.08 -5.17 -57.60
C ALA A 439 -116.61 -5.82 -58.90
N GLN A 440 -116.21 -5.02 -59.88
CA GLN A 440 -115.74 -5.57 -61.14
C GLN A 440 -114.40 -6.29 -60.97
N ILE A 441 -113.46 -5.68 -60.25
CA ILE A 441 -112.14 -6.30 -60.10
C ILE A 441 -112.08 -7.32 -58.98
N THR A 442 -113.11 -7.39 -58.13
CA THR A 442 -113.13 -8.37 -57.05
C THR A 442 -114.12 -9.51 -57.27
N ARG A 443 -114.92 -9.45 -58.33
CA ARG A 443 -115.93 -10.47 -58.61
C ARG A 443 -115.99 -10.78 -60.10
N ALA A 444 -116.31 -9.76 -60.89
CA ALA A 444 -116.79 -9.97 -62.25
C ALA A 444 -115.65 -10.41 -63.18
N THR A 445 -114.55 -9.65 -63.20
CA THR A 445 -113.43 -10.01 -64.07
C THR A 445 -112.94 -11.41 -63.78
N SER A 446 -112.76 -11.74 -62.50
CA SER A 446 -112.25 -13.05 -62.12
C SER A 446 -113.22 -14.16 -62.50
N ALA A 447 -114.50 -13.99 -62.14
CA ALA A 447 -115.49 -15.02 -62.45
C ALA A 447 -115.61 -15.26 -63.94
N LYS A 448 -115.62 -14.19 -64.74
CA LYS A 448 -115.72 -14.32 -66.19
C LYS A 448 -114.50 -15.02 -66.76
N VAL A 449 -113.30 -14.56 -66.39
CA VAL A 449 -112.08 -15.07 -67.01
C VAL A 449 -111.80 -16.51 -66.56
N LEU A 450 -112.29 -16.92 -65.39
CA LEU A 450 -112.16 -18.29 -64.94
C LEU A 450 -113.20 -19.22 -65.55
N GLY A 451 -114.13 -18.71 -66.36
CA GLY A 451 -115.16 -19.55 -66.94
C GLY A 451 -116.29 -19.91 -66.00
N LEU A 452 -116.52 -19.11 -64.95
CA LEU A 452 -117.55 -19.39 -63.96
C LEU A 452 -118.72 -18.42 -63.97
N SER A 453 -118.76 -17.48 -64.91
CA SER A 453 -119.75 -16.41 -64.85
C SER A 453 -121.19 -16.90 -65.06
N ASP A 454 -121.41 -18.15 -65.47
CA ASP A 454 -122.77 -18.68 -65.45
C ASP A 454 -123.32 -18.69 -64.03
N THR A 455 -122.50 -19.11 -63.07
CA THR A 455 -122.95 -19.34 -61.70
C THR A 455 -122.26 -18.47 -60.66
N LYS A 456 -121.19 -17.76 -61.01
CA LYS A 456 -120.41 -17.02 -60.03
C LYS A 456 -120.17 -15.60 -60.52
N GLY A 457 -119.90 -14.70 -59.57
CA GLY A 457 -119.55 -13.33 -59.88
C GLY A 457 -120.70 -12.41 -60.21
N HIS A 458 -121.95 -12.81 -60.00
CA HIS A 458 -123.08 -11.96 -60.32
C HIS A 458 -124.27 -12.30 -59.43
N LEU A 459 -125.23 -11.39 -59.40
CA LEU A 459 -126.42 -11.52 -58.57
C LEU A 459 -127.67 -11.80 -59.39
N GLY A 460 -127.54 -12.11 -60.67
CA GLY A 460 -128.69 -12.36 -61.51
C GLY A 460 -129.28 -13.74 -61.31
N VAL A 461 -130.46 -13.96 -61.90
CA VAL A 461 -131.15 -15.23 -61.79
C VAL A 461 -130.37 -16.31 -62.51
N GLY A 462 -130.25 -17.47 -61.85
CA GLY A 462 -129.39 -18.55 -62.29
C GLY A 462 -128.09 -18.64 -61.53
N ALA A 463 -127.67 -17.57 -60.88
CA ALA A 463 -126.43 -17.58 -60.13
C ALA A 463 -126.57 -18.42 -58.87
N ASP A 464 -125.42 -18.95 -58.41
CA ASP A 464 -125.38 -19.53 -57.08
C ASP A 464 -125.60 -18.43 -56.05
N ALA A 465 -126.20 -18.79 -54.93
CA ALA A 465 -126.51 -17.82 -53.88
C ALA A 465 -125.27 -17.54 -53.03
N ASP A 466 -124.25 -17.00 -53.68
CA ASP A 466 -123.03 -16.54 -53.01
C ASP A 466 -123.11 -15.02 -52.97
N ILE A 467 -123.46 -14.48 -51.81
CA ILE A 467 -123.86 -13.08 -51.70
C ILE A 467 -123.19 -12.46 -50.48
N ALA A 468 -122.73 -11.23 -50.64
CA ALA A 468 -122.08 -10.48 -49.57
C ALA A 468 -122.82 -9.17 -49.36
N VAL A 469 -123.10 -8.85 -48.10
CA VAL A 469 -123.68 -7.56 -47.72
C VAL A 469 -122.69 -6.83 -46.83
N TYR A 470 -122.32 -5.63 -47.25
CA TYR A 470 -121.36 -4.79 -46.54
C TYR A 470 -122.12 -3.62 -45.92
N ASP A 471 -121.82 -3.33 -44.66
CA ASP A 471 -122.44 -2.24 -43.93
C ASP A 471 -121.90 -0.89 -44.42
N ILE A 472 -122.17 -0.56 -45.68
CA ILE A 472 -121.80 0.73 -46.26
C ILE A 472 -123.03 1.32 -46.95
N ASN A 473 -123.26 2.61 -46.73
CA ASN A 473 -124.36 3.30 -47.39
C ASN A 473 -123.77 4.22 -48.46
N PRO A 474 -123.84 3.86 -49.75
CA PRO A 474 -123.17 4.68 -50.77
C PRO A 474 -123.83 6.04 -50.98
N GLU A 475 -125.09 6.20 -50.60
CA GLU A 475 -125.71 7.52 -50.66
C GLU A 475 -125.22 8.43 -49.54
N THR A 476 -124.78 7.85 -48.43
CA THR A 476 -124.49 8.60 -47.21
C THR A 476 -123.00 8.75 -46.92
N VAL A 477 -122.15 7.85 -47.44
CA VAL A 477 -120.73 7.81 -47.10
C VAL A 477 -119.90 8.34 -48.26
N ASP A 478 -118.83 9.07 -47.93
CA ASP A 478 -117.89 9.57 -48.92
C ASP A 478 -116.68 8.64 -48.91
N PRO A 479 -116.50 7.79 -49.92
CA PRO A 479 -115.37 6.85 -49.90
C PRO A 479 -114.02 7.53 -49.87
N SER A 480 -113.91 8.71 -50.48
CA SER A 480 -112.63 9.39 -50.55
C SER A 480 -112.20 9.88 -49.16
N ALA A 481 -113.12 10.51 -48.42
CA ALA A 481 -112.75 11.11 -47.15
C ALA A 481 -112.74 10.09 -46.00
N GLU A 482 -113.71 9.17 -45.99
CA GLU A 482 -113.85 8.22 -44.87
C GLU A 482 -113.20 6.87 -45.19
N TYR A 483 -111.97 6.90 -45.71
CA TYR A 483 -111.34 5.68 -46.23
C TYR A 483 -111.21 4.57 -45.20
N MET A 484 -111.03 4.90 -43.92
CA MET A 484 -110.94 3.81 -42.96
C MET A 484 -112.29 3.18 -42.66
N ALA A 485 -113.38 3.90 -42.90
CA ALA A 485 -114.70 3.27 -42.81
C ALA A 485 -114.92 2.32 -43.98
N ILE A 486 -114.35 2.64 -45.15
CA ILE A 486 -114.39 1.71 -46.28
C ILE A 486 -113.62 0.44 -45.94
N GLU A 487 -112.43 0.60 -45.35
CA GLU A 487 -111.58 -0.55 -45.03
C GLU A 487 -112.24 -1.46 -43.99
N GLU A 488 -112.70 -0.89 -42.88
CA GLU A 488 -113.32 -1.69 -41.83
C GLU A 488 -114.60 -2.38 -42.30
N ALA A 489 -115.36 -1.74 -43.19
CA ALA A 489 -116.63 -2.34 -43.60
C ALA A 489 -116.41 -3.51 -44.54
N PHE A 490 -115.47 -3.38 -45.48
CA PHE A 490 -115.14 -4.51 -46.36
C PHE A 490 -114.38 -5.61 -45.63
N SER A 491 -113.86 -5.34 -44.44
CA SER A 491 -113.16 -6.38 -43.68
C SER A 491 -114.12 -7.32 -42.96
N ARG A 492 -115.27 -6.81 -42.51
CA ARG A 492 -116.13 -7.57 -41.59
C ARG A 492 -117.58 -7.43 -42.09
N ALA A 493 -117.94 -8.28 -43.05
CA ALA A 493 -119.24 -8.19 -43.73
C ALA A 493 -120.40 -8.34 -42.74
N ALA A 494 -121.48 -7.60 -43.02
CA ALA A 494 -122.69 -7.69 -42.20
C ALA A 494 -123.36 -9.05 -42.33
N CYS A 495 -123.44 -9.57 -43.55
CA CYS A 495 -124.05 -10.86 -43.79
C CYS A 495 -123.38 -11.47 -45.02
N VAL A 496 -123.12 -12.77 -44.96
CA VAL A 496 -122.57 -13.51 -46.09
C VAL A 496 -123.41 -14.78 -46.25
N LEU A 497 -123.85 -15.03 -47.47
CA LEU A 497 -124.51 -16.28 -47.81
C LEU A 497 -123.63 -17.10 -48.74
N LYS A 498 -123.59 -18.41 -48.47
CA LYS A 498 -122.82 -19.37 -49.25
C LYS A 498 -123.76 -20.51 -49.61
N ASP A 499 -124.12 -20.60 -50.89
CA ASP A 499 -125.10 -21.57 -51.36
C ASP A 499 -126.43 -21.43 -50.61
N GLY A 500 -126.88 -20.18 -50.45
CA GLY A 500 -128.16 -19.91 -49.86
C GLY A 500 -128.24 -19.98 -48.34
N GLU A 501 -127.20 -20.46 -47.67
CA GLU A 501 -127.19 -20.51 -46.22
C GLU A 501 -126.34 -19.38 -45.66
N ILE A 502 -126.78 -18.82 -44.53
CA ILE A 502 -126.03 -17.77 -43.85
C ILE A 502 -124.80 -18.40 -43.20
N VAL A 503 -123.62 -17.91 -43.56
CA VAL A 503 -122.39 -18.37 -42.92
C VAL A 503 -121.67 -17.27 -42.14
N VAL A 504 -121.97 -16.00 -42.34
CA VAL A 504 -121.36 -14.93 -41.55
C VAL A 504 -122.44 -13.90 -41.20
N LYS A 505 -122.40 -13.41 -39.96
CA LYS A 505 -123.37 -12.42 -39.49
C LYS A 505 -122.63 -11.36 -38.68
N ASP A 506 -122.73 -10.11 -39.14
CA ASP A 506 -122.03 -8.96 -38.54
C ASP A 506 -120.56 -9.26 -38.25
N GLY A 507 -119.85 -9.79 -39.26
CA GLY A 507 -118.44 -10.09 -39.17
C GLY A 507 -118.07 -11.42 -38.53
N GLU A 508 -119.00 -12.08 -37.86
CA GLU A 508 -118.70 -13.33 -37.16
C GLU A 508 -119.11 -14.53 -38.01
N VAL A 509 -118.25 -15.53 -38.05
CA VAL A 509 -118.56 -16.80 -38.70
C VAL A 509 -119.59 -17.55 -37.86
N VAL A 510 -120.69 -17.97 -38.48
CA VAL A 510 -121.75 -18.68 -37.76
C VAL A 510 -122.06 -20.04 -38.38
N ALA A 511 -121.37 -20.44 -39.46
CA ALA A 511 -121.59 -21.75 -40.05
C ALA A 511 -120.35 -22.15 -40.84
N SER A 512 -120.13 -23.47 -40.92
CA SER A 512 -118.89 -24.02 -41.48
C SER A 512 -119.15 -25.15 -42.49
N PRO A 513 -119.87 -24.87 -43.58
CA PRO A 513 -120.04 -25.89 -44.63
C PRO A 513 -118.77 -26.09 -45.43
N HIS A 514 -118.64 -27.28 -46.02
CA HIS A 514 -117.55 -27.52 -46.96
C HIS A 514 -117.94 -27.04 -48.35
N GLY A 515 -117.01 -26.39 -49.03
CA GLY A 515 -117.25 -25.92 -50.38
C GLY A 515 -116.91 -26.97 -51.42
N ARG A 516 -117.26 -26.66 -52.67
CA ARG A 516 -117.00 -27.55 -53.79
C ARG A 516 -115.57 -27.40 -54.31
N THR A 517 -115.11 -28.45 -55.00
CA THR A 517 -113.81 -28.47 -55.64
C THR A 517 -114.03 -28.51 -57.16
N TYR A 518 -113.78 -27.39 -57.82
CA TYR A 518 -113.91 -27.33 -59.27
C TYR A 518 -112.66 -27.91 -59.95
N TRP A 519 -112.88 -28.84 -60.86
CA TRP A 519 -111.83 -29.38 -61.71
C TRP A 519 -112.42 -29.56 -63.09
N VAL A 520 -111.56 -29.76 -64.10
CA VAL A 520 -111.99 -29.69 -65.49
C VAL A 520 -111.90 -31.06 -66.14
N ASP A 521 -112.99 -31.45 -66.81
CA ASP A 521 -113.18 -32.76 -67.42
C ASP A 521 -113.03 -32.62 -68.93
N THR A 522 -111.99 -33.23 -69.50
CA THR A 522 -111.73 -33.15 -70.94
C THR A 522 -111.61 -34.55 -71.55
N GLN A 523 -112.00 -34.64 -72.82
CA GLN A 523 -111.96 -35.89 -73.58
C GLN A 523 -111.16 -35.67 -74.85
N VAL A 524 -110.25 -36.60 -75.13
CA VAL A 524 -109.30 -36.53 -76.23
C VAL A 524 -109.38 -37.83 -77.00
N ASP A 525 -109.09 -37.76 -78.30
CA ASP A 525 -109.02 -38.92 -79.18
C ASP A 525 -108.30 -40.06 -78.48
N GLU A 526 -109.00 -41.18 -78.30
CA GLU A 526 -108.47 -42.25 -77.47
C GLU A 526 -107.17 -42.83 -78.01
N SER A 527 -106.98 -42.80 -79.33
CA SER A 527 -105.75 -43.34 -79.90
C SER A 527 -104.53 -42.58 -79.39
N ILE A 528 -104.54 -41.25 -79.52
CA ILE A 528 -103.46 -40.45 -78.96
C ILE A 528 -103.39 -40.61 -77.45
N TYR A 529 -104.56 -40.66 -76.80
CA TYR A 529 -104.60 -40.73 -75.34
C TYR A 529 -103.91 -41.99 -74.84
N SER A 530 -104.24 -43.15 -75.41
CA SER A 530 -103.62 -44.40 -75.02
C SER A 530 -102.10 -44.35 -75.22
N GLU A 531 -101.66 -43.90 -76.39
CA GLU A 531 -100.24 -43.87 -76.69
C GLU A 531 -99.48 -42.99 -75.71
N VAL A 532 -100.03 -41.81 -75.38
CA VAL A 532 -99.40 -40.95 -74.39
C VAL A 532 -99.39 -41.61 -73.02
N LEU A 533 -100.51 -42.24 -72.63
CA LEU A 533 -100.52 -42.91 -71.33
C LEU A 533 -99.57 -44.10 -71.28
N ALA A 534 -99.31 -44.75 -72.43
CA ALA A 534 -98.27 -45.78 -72.43
C ALA A 534 -96.89 -45.16 -72.26
N ASN A 535 -96.65 -44.02 -72.91
CA ASN A 535 -95.37 -43.33 -72.72
C ASN A 535 -95.22 -42.84 -71.29
N VAL A 536 -96.29 -42.27 -70.73
CA VAL A 536 -96.24 -41.76 -69.35
C VAL A 536 -95.93 -42.89 -68.37
N GLU A 537 -96.64 -44.01 -68.51
CA GLU A 537 -96.38 -45.14 -67.60
C GLU A 537 -94.98 -45.68 -67.78
N SER A 538 -94.41 -45.55 -68.97
CA SER A 538 -93.02 -45.97 -69.13
C SER A 538 -92.09 -45.07 -68.35
N LYS A 539 -92.30 -43.76 -68.40
CA LYS A 539 -91.44 -42.85 -67.64
C LYS A 539 -91.58 -43.06 -66.14
N PHE A 540 -92.79 -43.34 -65.66
CA PHE A 540 -92.99 -43.63 -64.24
C PHE A 540 -92.19 -44.85 -63.81
N LYS A 541 -92.21 -45.91 -64.62
CA LYS A 541 -91.46 -47.10 -64.26
C LYS A 541 -89.96 -46.82 -64.20
N GLN A 542 -89.43 -46.01 -65.12
CA GLN A 542 -88.00 -45.73 -65.12
C GLN A 542 -87.62 -44.69 -64.09
N TYR A 543 -88.30 -43.54 -64.11
CA TYR A 543 -87.73 -42.31 -63.56
C TYR A 543 -88.49 -41.71 -62.38
N TYR A 544 -89.77 -42.01 -62.20
CA TYR A 544 -90.45 -41.53 -61.01
C TYR A 544 -90.05 -42.34 -59.78
N SER A 545 -90.33 -41.78 -58.61
CA SER A 545 -90.05 -42.44 -57.35
C SER A 545 -91.29 -43.08 -56.74
N VAL A 546 -92.43 -43.03 -57.43
CA VAL A 546 -93.64 -43.73 -57.03
C VAL A 546 -94.09 -44.59 -58.20
N ASN A 547 -95.10 -45.42 -57.94
CA ASN A 547 -95.65 -46.29 -58.97
C ASN A 547 -96.88 -45.65 -59.61
N PHE A 548 -96.98 -45.82 -60.94
CA PHE A 548 -98.03 -45.20 -61.74
C PHE A 548 -99.41 -45.42 -61.14
N ALA A 549 -99.68 -46.63 -60.64
CA ALA A 549 -101.00 -46.95 -60.13
C ALA A 549 -101.38 -46.10 -58.92
N ASN A 550 -100.38 -45.65 -58.15
CA ASN A 550 -100.60 -44.91 -56.91
C ASN A 550 -100.62 -43.40 -57.08
N TYR A 551 -100.36 -42.90 -58.28
CA TYR A 551 -100.13 -41.47 -58.50
C TYR A 551 -101.40 -40.63 -58.51
N PRO A 552 -102.41 -40.95 -59.34
CA PRO A 552 -103.56 -40.04 -59.44
C PRO A 552 -104.33 -39.93 -58.13
N VAL A 553 -104.99 -38.78 -57.96
CA VAL A 553 -105.74 -38.50 -56.75
C VAL A 553 -107.00 -39.34 -56.72
N GLN A 554 -107.19 -40.08 -55.63
CA GLN A 554 -108.39 -40.91 -55.51
C GLN A 554 -109.60 -40.03 -55.17
N ASP A 555 -110.79 -40.54 -55.48
CA ASP A 555 -112.00 -39.73 -55.33
C ASP A 555 -112.36 -39.45 -53.87
N ASP A 556 -111.83 -40.21 -52.91
CA ASP A 556 -112.13 -39.92 -51.51
C ASP A 556 -111.60 -38.55 -51.10
N TYR A 557 -110.70 -37.95 -51.89
CA TYR A 557 -110.13 -36.62 -51.57
C TYR A 557 -110.97 -35.50 -52.02
N LEU A 558 -112.01 -35.78 -52.76
CA LEU A 558 -112.95 -34.67 -53.24
C LEU A 558 -114.33 -34.92 -52.62
N PRO A 559 -114.52 -34.37 -51.38
CA PRO A 559 -115.73 -34.44 -50.74
C PRO A 559 -116.87 -33.96 -51.59
N LYS A 560 -116.74 -32.91 -52.38
CA LYS A 560 -117.75 -32.25 -53.18
C LYS A 560 -117.26 -32.04 -54.62
N SER A 561 -117.02 -33.13 -55.37
CA SER A 561 -116.46 -32.97 -56.72
C SER A 561 -117.43 -32.21 -57.62
N ALA A 562 -116.91 -31.21 -58.33
CA ALA A 562 -117.70 -30.34 -59.19
C ALA A 562 -117.03 -30.20 -60.55
N PRO A 563 -117.21 -31.18 -61.43
CA PRO A 563 -116.55 -31.12 -62.73
C PRO A 563 -117.08 -29.99 -63.60
N VAL A 564 -116.18 -29.40 -64.38
CA VAL A 564 -116.51 -28.42 -65.41
C VAL A 564 -116.01 -28.97 -66.73
N LYS A 565 -116.83 -28.91 -67.78
CA LYS A 565 -116.48 -29.60 -69.01
C LYS A 565 -115.63 -28.71 -69.89
N GLY A 566 -114.56 -29.28 -70.42
CA GLY A 566 -113.84 -28.73 -71.54
C GLY A 566 -114.30 -29.38 -72.83
N VAL A 567 -113.34 -29.67 -73.70
CA VAL A 567 -113.65 -30.35 -74.96
C VAL A 567 -114.24 -31.72 -74.68
N MET A 568 -115.26 -32.08 -75.47
CA MET A 568 -115.90 -33.38 -75.36
C MET A 568 -115.87 -34.09 -76.72
N LEU A 569 -116.04 -35.40 -76.66
CA LEU A 569 -116.00 -36.28 -77.82
C LEU A 569 -114.63 -36.22 -78.51
N MET B 1 -104.18 -68.80 -53.86
CA MET B 1 -103.35 -67.64 -53.51
C MET B 1 -103.59 -66.47 -54.42
N GLU B 2 -103.58 -65.26 -53.87
CA GLU B 2 -103.65 -64.07 -54.72
C GLU B 2 -102.66 -63.00 -54.31
N TYR B 3 -102.19 -62.28 -55.33
CA TYR B 3 -101.10 -61.32 -55.25
C TYR B 3 -101.69 -59.92 -55.43
N VAL B 4 -101.60 -59.08 -54.40
CA VAL B 4 -102.07 -57.70 -54.47
C VAL B 4 -100.85 -56.82 -54.67
N LYS B 5 -100.87 -56.05 -55.75
CA LYS B 5 -99.70 -55.27 -56.15
C LYS B 5 -99.85 -53.81 -55.75
N ASN B 6 -98.75 -53.07 -55.90
CA ASN B 6 -98.71 -51.63 -55.67
C ASN B 6 -99.08 -51.26 -54.23
N VAL B 7 -98.83 -52.16 -53.29
CA VAL B 7 -99.14 -51.91 -51.88
C VAL B 7 -98.09 -50.98 -51.29
N VAL B 8 -98.51 -50.13 -50.35
CA VAL B 8 -97.63 -49.16 -49.70
C VAL B 8 -97.24 -49.71 -48.33
N CYS B 9 -95.93 -49.69 -48.02
CA CYS B 9 -95.54 -50.39 -46.79
C CYS B 9 -95.64 -49.47 -45.58
N PRO B 10 -96.28 -49.92 -44.48
CA PRO B 10 -96.47 -49.09 -43.29
C PRO B 10 -95.40 -49.26 -42.21
N PHE B 11 -94.13 -49.10 -42.58
CA PHE B 11 -93.13 -49.07 -41.50
C PHE B 11 -92.35 -47.76 -41.47
N CYS B 12 -91.35 -47.61 -42.33
CA CYS B 12 -90.46 -46.46 -42.18
C CYS B 12 -90.76 -45.40 -43.22
N GLY B 13 -90.10 -44.25 -43.06
CA GLY B 13 -90.34 -43.09 -43.89
C GLY B 13 -89.94 -43.24 -45.34
N THR B 14 -89.30 -44.36 -45.71
CA THR B 14 -89.08 -44.65 -47.13
C THR B 14 -90.40 -44.81 -47.87
N LEU B 15 -91.42 -45.32 -47.19
CA LEU B 15 -92.78 -45.46 -47.71
C LEU B 15 -92.81 -46.05 -49.12
N CYS B 16 -92.11 -47.18 -49.28
CA CYS B 16 -92.16 -47.90 -50.54
C CYS B 16 -93.59 -48.26 -50.90
N ASP B 17 -93.95 -48.05 -52.17
CA ASP B 17 -95.29 -48.31 -52.66
C ASP B 17 -95.32 -49.34 -53.78
N ASP B 18 -94.31 -50.22 -53.85
CA ASP B 18 -94.27 -51.27 -54.86
C ASP B 18 -94.34 -52.65 -54.22
N ILE B 19 -94.85 -52.74 -52.99
CA ILE B 19 -94.93 -54.02 -52.29
C ILE B 19 -95.98 -54.90 -52.92
N ILE B 20 -95.65 -56.17 -53.10
CA ILE B 20 -96.62 -57.20 -53.44
C ILE B 20 -96.96 -57.96 -52.18
N CYS B 21 -98.25 -58.06 -51.88
CA CYS B 21 -98.73 -58.84 -50.74
C CYS B 21 -99.25 -60.18 -51.23
N LYS B 22 -98.84 -61.25 -50.55
CA LYS B 22 -99.40 -62.58 -50.79
C LYS B 22 -100.54 -62.78 -49.80
N VAL B 23 -101.74 -62.94 -50.33
CA VAL B 23 -102.95 -63.07 -49.53
C VAL B 23 -103.51 -64.45 -49.80
N GLU B 24 -103.83 -65.19 -48.74
CA GLU B 24 -104.29 -66.56 -48.90
C GLU B 24 -105.79 -66.62 -48.57
N GLY B 25 -106.14 -66.73 -47.30
CA GLY B 25 -107.53 -66.67 -46.92
C GLY B 25 -107.90 -65.20 -47.00
N ASN B 26 -108.27 -64.66 -45.84
CA ASN B 26 -108.20 -63.22 -45.64
C ASN B 26 -106.93 -62.90 -44.87
N GLU B 27 -105.82 -63.55 -45.18
CA GLU B 27 -104.73 -63.20 -44.29
C GLU B 27 -103.46 -63.08 -45.14
N ILE B 28 -102.60 -62.16 -44.72
CA ILE B 28 -101.37 -61.84 -45.43
C ILE B 28 -100.28 -62.80 -44.96
N VAL B 29 -99.84 -63.66 -45.88
CA VAL B 29 -98.95 -64.76 -45.55
C VAL B 29 -97.55 -64.56 -46.12
N GLY B 30 -97.33 -63.56 -46.97
CA GLY B 30 -96.02 -63.32 -47.53
C GLY B 30 -95.98 -62.01 -48.28
N THR B 31 -94.78 -61.65 -48.72
CA THR B 31 -94.54 -60.40 -49.43
C THR B 31 -93.51 -60.62 -50.52
N ILE B 32 -93.48 -59.68 -51.46
CA ILE B 32 -92.40 -59.55 -52.44
C ILE B 32 -91.94 -58.10 -52.43
N ASN B 33 -90.61 -57.90 -52.58
CA ASN B 33 -89.95 -56.60 -52.70
C ASN B 33 -89.78 -55.90 -51.36
N ALA B 34 -90.66 -56.14 -50.40
CA ALA B 34 -90.50 -55.57 -49.08
C ALA B 34 -89.23 -56.08 -48.41
N CYS B 35 -88.59 -55.22 -47.62
CA CYS B 35 -87.37 -55.63 -46.96
C CYS B 35 -87.72 -56.49 -45.74
N ARG B 36 -86.68 -56.88 -44.98
CA ARG B 36 -86.90 -57.77 -43.85
C ARG B 36 -87.85 -57.17 -42.82
N ILE B 37 -87.75 -55.85 -42.61
CA ILE B 37 -88.61 -55.23 -41.60
C ILE B 37 -90.04 -55.14 -42.11
N GLY B 38 -90.23 -54.52 -43.28
CA GLY B 38 -91.57 -54.39 -43.84
C GLY B 38 -92.29 -55.72 -43.92
N HIS B 39 -91.58 -56.78 -44.32
CA HIS B 39 -92.17 -58.11 -44.34
C HIS B 39 -92.67 -58.53 -42.96
N SER B 40 -91.88 -58.24 -41.92
CA SER B 40 -92.26 -58.64 -40.56
C SER B 40 -93.54 -57.96 -40.09
N LYS B 41 -93.81 -56.74 -40.57
CA LYS B 41 -95.08 -56.10 -40.21
C LYS B 41 -96.25 -56.75 -40.94
N PHE B 42 -96.10 -57.02 -42.24
CA PHE B 42 -97.20 -57.57 -43.01
C PHE B 42 -97.61 -58.96 -42.53
N VAL B 43 -96.66 -59.76 -42.07
CA VAL B 43 -96.91 -61.16 -41.72
C VAL B 43 -97.01 -61.27 -40.21
N HIS B 44 -97.92 -62.12 -39.74
CA HIS B 44 -98.05 -62.38 -38.31
C HIS B 44 -97.01 -63.40 -37.87
N ALA B 45 -96.28 -63.09 -36.80
CA ALA B 45 -95.36 -64.04 -36.18
C ALA B 45 -96.11 -64.84 -35.13
N GLU B 46 -96.05 -66.17 -35.23
CA GLU B 46 -96.88 -67.00 -34.38
C GLU B 46 -96.33 -67.08 -32.97
N GLY B 47 -97.23 -66.96 -31.99
CA GLY B 47 -96.89 -66.70 -30.62
C GLY B 47 -96.96 -65.24 -30.24
N ALA B 48 -97.34 -64.36 -31.17
CA ALA B 48 -97.38 -62.93 -30.91
C ALA B 48 -98.80 -62.49 -30.59
N MET B 49 -98.95 -61.71 -29.52
CA MET B 49 -100.26 -61.28 -29.05
C MET B 49 -100.82 -60.20 -29.93
N ARG B 50 -101.97 -60.48 -30.54
CA ARG B 50 -102.74 -59.50 -31.30
C ARG B 50 -104.07 -59.36 -30.57
N TYR B 51 -104.20 -58.29 -29.78
CA TYR B 51 -105.42 -58.04 -29.01
C TYR B 51 -106.66 -58.15 -29.88
N LYS B 52 -107.64 -58.91 -29.43
CA LYS B 52 -108.87 -59.09 -30.19
C LYS B 52 -110.02 -58.22 -29.70
N LYS B 53 -109.85 -57.52 -28.59
CA LYS B 53 -110.93 -56.81 -27.91
C LYS B 53 -110.31 -55.85 -26.92
N PRO B 54 -111.04 -54.81 -26.53
CA PRO B 54 -110.50 -53.86 -25.53
C PRO B 54 -110.28 -54.51 -24.18
N LEU B 55 -109.41 -53.89 -23.39
CA LEU B 55 -109.08 -54.38 -22.07
C LEU B 55 -109.03 -53.22 -21.08
N ILE B 56 -109.34 -53.53 -19.82
CA ILE B 56 -109.19 -52.59 -18.72
C ILE B 56 -108.60 -53.38 -17.55
N ARG B 57 -107.60 -52.81 -16.90
CA ARG B 57 -107.02 -53.51 -15.75
C ARG B 57 -107.66 -53.03 -14.46
N LYS B 58 -107.72 -53.94 -13.49
CA LYS B 58 -108.46 -53.75 -12.26
C LYS B 58 -107.43 -53.61 -11.14
N ASN B 59 -106.82 -52.43 -11.06
CA ASN B 59 -105.61 -52.11 -10.31
C ASN B 59 -104.43 -53.04 -10.63
N GLY B 60 -104.68 -54.31 -10.94
CA GLY B 60 -103.55 -55.20 -11.18
C GLY B 60 -103.68 -56.25 -12.27
N GLU B 61 -104.84 -56.39 -12.90
CA GLU B 61 -105.03 -57.47 -13.87
C GLU B 61 -106.09 -57.08 -14.87
N PHE B 62 -105.90 -57.49 -16.12
CA PHE B 62 -106.66 -57.00 -17.26
C PHE B 62 -107.90 -57.87 -17.48
N VAL B 63 -109.03 -57.22 -17.81
CA VAL B 63 -110.28 -57.90 -18.08
C VAL B 63 -110.81 -57.38 -19.41
N GLU B 64 -111.40 -58.28 -20.21
CA GLU B 64 -111.94 -57.88 -21.50
C GLU B 64 -113.24 -57.11 -21.32
N VAL B 65 -113.35 -55.96 -22.00
CA VAL B 65 -114.56 -55.16 -22.01
C VAL B 65 -114.99 -54.94 -23.45
N SER B 66 -116.10 -54.21 -23.62
CA SER B 66 -116.57 -53.85 -24.94
C SER B 66 -115.95 -52.53 -25.38
N TYR B 67 -116.10 -52.23 -26.67
CA TYR B 67 -115.60 -50.95 -27.19
C TYR B 67 -116.27 -49.78 -26.48
N ASP B 68 -117.58 -49.88 -26.21
CA ASP B 68 -118.30 -48.72 -25.67
C ASP B 68 -117.87 -48.41 -24.25
N GLU B 69 -117.61 -49.45 -23.42
CA GLU B 69 -117.16 -49.20 -22.07
C GLU B 69 -115.74 -48.65 -22.05
N ALA B 70 -114.86 -49.24 -22.86
CA ALA B 70 -113.47 -48.80 -22.90
C ALA B 70 -113.38 -47.35 -23.38
N ILE B 71 -114.07 -47.04 -24.47
CA ILE B 71 -114.07 -45.68 -24.99
C ILE B 71 -114.66 -44.72 -23.97
N ASP B 72 -115.70 -45.16 -23.26
CA ASP B 72 -116.39 -44.30 -22.30
C ASP B 72 -115.47 -43.90 -21.15
N LYS B 73 -114.83 -44.89 -20.52
CA LYS B 73 -113.92 -44.59 -19.42
C LYS B 73 -112.72 -43.78 -19.90
N ALA B 74 -112.25 -44.02 -21.12
CA ALA B 74 -111.18 -43.20 -21.67
C ALA B 74 -111.63 -41.76 -21.84
N ALA B 75 -112.85 -41.55 -22.32
CA ALA B 75 -113.38 -40.19 -22.48
C ALA B 75 -113.51 -39.50 -21.14
N LYS B 76 -113.89 -40.24 -20.10
CA LYS B 76 -114.04 -39.67 -18.77
C LYS B 76 -112.71 -39.20 -18.22
N ILE B 77 -111.66 -39.99 -18.42
CA ILE B 77 -110.32 -39.61 -17.96
C ILE B 77 -109.87 -38.32 -18.63
N LEU B 78 -110.04 -38.23 -19.96
CA LEU B 78 -109.58 -37.05 -20.67
C LEU B 78 -110.45 -35.83 -20.34
N ALA B 79 -111.75 -36.03 -20.18
CA ALA B 79 -112.64 -34.92 -19.86
C ALA B 79 -112.30 -34.32 -18.50
N GLU B 80 -112.09 -35.19 -17.49
CA GLU B 80 -111.75 -34.75 -16.15
C GLU B 80 -110.32 -34.24 -16.03
N SER B 81 -109.47 -34.53 -17.00
CA SER B 81 -108.06 -34.20 -16.91
C SER B 81 -107.82 -32.72 -17.18
N LYS B 82 -106.83 -32.17 -16.48
CA LYS B 82 -106.49 -30.75 -16.57
C LYS B 82 -105.26 -30.48 -17.43
N ARG B 83 -104.52 -31.51 -17.74
CA ARG B 83 -103.35 -31.37 -18.58
C ARG B 83 -103.09 -32.70 -19.29
N PRO B 84 -104.02 -33.18 -20.11
CA PRO B 84 -103.83 -34.50 -20.73
C PRO B 84 -102.82 -34.43 -21.87
N LEU B 85 -102.04 -35.50 -22.00
CA LEU B 85 -101.05 -35.65 -23.06
C LEU B 85 -101.55 -36.68 -24.07
N MET B 86 -101.63 -36.27 -25.33
CA MET B 86 -102.09 -37.12 -26.42
C MET B 86 -100.91 -37.34 -27.36
N TYR B 87 -100.26 -38.50 -27.24
CA TYR B 87 -98.96 -38.73 -27.85
C TYR B 87 -98.98 -39.94 -28.79
N GLY B 88 -98.17 -39.85 -29.85
CA GLY B 88 -97.95 -40.95 -30.77
C GLY B 88 -98.15 -40.58 -32.23
N TRP B 89 -99.20 -41.11 -32.85
CA TRP B 89 -99.74 -40.66 -34.14
C TRP B 89 -98.94 -41.11 -35.36
N SER B 90 -97.63 -41.34 -35.21
CA SER B 90 -96.76 -41.49 -36.38
C SER B 90 -97.03 -42.77 -37.16
N CYS B 91 -97.66 -43.78 -36.56
CA CYS B 91 -97.92 -45.04 -37.24
C CYS B 91 -99.40 -45.25 -37.57
N THR B 92 -100.18 -44.18 -37.68
CA THR B 92 -101.53 -44.26 -38.25
C THR B 92 -101.65 -43.25 -39.38
N GLU B 93 -102.85 -43.19 -39.97
CA GLU B 93 -103.04 -42.40 -41.18
C GLU B 93 -103.60 -41.01 -40.84
N CYS B 94 -103.57 -40.14 -41.85
CA CYS B 94 -103.78 -38.71 -41.61
C CYS B 94 -105.20 -38.40 -41.17
N GLU B 95 -106.20 -39.15 -41.63
CA GLU B 95 -107.57 -38.83 -41.27
C GLU B 95 -107.81 -39.07 -39.78
N ALA B 96 -107.15 -40.09 -39.21
CA ALA B 96 -107.19 -40.28 -37.77
C ALA B 96 -106.42 -39.17 -37.05
N GLN B 97 -105.29 -38.74 -37.61
CA GLN B 97 -104.52 -37.66 -36.99
C GLN B 97 -105.32 -36.37 -36.93
N ALA B 98 -106.13 -36.09 -37.97
CA ALA B 98 -106.97 -34.89 -37.97
C ALA B 98 -108.01 -34.94 -36.86
N VAL B 99 -108.63 -36.10 -36.65
CA VAL B 99 -109.58 -36.24 -35.55
C VAL B 99 -108.87 -36.02 -34.22
N GLY B 100 -107.66 -36.56 -34.08
CA GLY B 100 -106.90 -36.37 -32.86
C GLY B 100 -106.67 -34.91 -32.53
N VAL B 101 -106.40 -34.09 -33.55
CA VAL B 101 -106.21 -32.66 -33.32
C VAL B 101 -107.49 -32.03 -32.79
N GLU B 102 -108.63 -32.35 -33.41
CA GLU B 102 -109.91 -31.83 -32.94
C GLU B 102 -110.20 -32.30 -31.52
N LEU B 103 -109.88 -33.55 -31.22
CA LEU B 103 -110.14 -34.05 -29.88
C LEU B 103 -109.23 -33.39 -28.85
N ALA B 104 -107.96 -33.16 -29.20
CA ALA B 104 -107.04 -32.43 -28.32
C ALA B 104 -107.54 -31.01 -28.09
N GLU B 105 -108.08 -30.38 -29.13
CA GLU B 105 -108.72 -29.08 -28.98
C GLU B 105 -109.86 -29.14 -27.98
N GLU B 106 -110.70 -30.16 -28.12
CA GLU B 106 -111.88 -30.29 -27.27
C GLU B 106 -111.52 -30.57 -25.82
N ALA B 107 -110.47 -31.35 -25.59
CA ALA B 107 -110.06 -31.73 -24.24
C ALA B 107 -109.10 -30.73 -23.60
N GLY B 108 -108.73 -29.66 -24.30
CA GLY B 108 -107.71 -28.76 -23.77
C GLY B 108 -106.38 -29.45 -23.57
N ALA B 109 -106.03 -30.36 -24.46
CA ALA B 109 -104.87 -31.22 -24.31
C ALA B 109 -103.67 -30.63 -25.04
N VAL B 110 -102.50 -31.19 -24.74
CA VAL B 110 -101.32 -31.02 -25.57
C VAL B 110 -101.20 -32.24 -26.47
N ILE B 111 -101.13 -32.02 -27.77
CA ILE B 111 -100.97 -33.11 -28.73
C ILE B 111 -99.55 -33.04 -29.29
N ASP B 112 -98.94 -34.22 -29.44
CA ASP B 112 -97.54 -34.30 -29.80
C ASP B 112 -97.30 -35.68 -30.43
N ASN B 113 -96.41 -35.73 -31.41
CA ASN B 113 -96.08 -37.00 -32.06
C ASN B 113 -94.63 -37.36 -31.79
N THR B 114 -94.21 -38.51 -32.35
CA THR B 114 -92.87 -39.03 -32.10
C THR B 114 -91.77 -38.11 -32.59
N ALA B 115 -92.09 -37.07 -33.36
CA ALA B 115 -91.10 -36.06 -33.72
C ALA B 115 -90.36 -35.55 -32.49
N SER B 116 -91.05 -35.47 -31.34
CA SER B 116 -90.43 -34.92 -30.13
C SER B 116 -89.28 -35.76 -29.61
N VAL B 117 -89.23 -37.05 -29.97
CA VAL B 117 -88.07 -37.89 -29.66
C VAL B 117 -87.27 -38.22 -30.92
N CYS B 118 -87.52 -37.51 -32.02
CA CYS B 118 -86.98 -37.94 -33.30
C CYS B 118 -86.40 -36.78 -34.08
N HIS B 119 -87.09 -36.31 -35.12
CA HIS B 119 -86.62 -35.19 -35.92
C HIS B 119 -87.24 -33.86 -35.48
N GLY B 120 -87.91 -33.83 -34.33
CA GLY B 120 -88.22 -32.58 -33.66
C GLY B 120 -87.10 -31.57 -33.71
N PRO B 121 -85.87 -31.97 -33.33
CA PRO B 121 -84.74 -31.04 -33.45
C PRO B 121 -84.53 -30.50 -34.85
N SER B 122 -84.80 -31.31 -35.88
CA SER B 122 -84.75 -30.78 -37.24
C SER B 122 -85.88 -29.79 -37.48
N VAL B 123 -87.04 -30.01 -36.86
CA VAL B 123 -88.13 -29.06 -36.95
C VAL B 123 -87.71 -27.73 -36.34
N LEU B 124 -87.18 -27.75 -35.11
CA LEU B 124 -86.69 -26.52 -34.49
C LEU B 124 -85.65 -25.83 -35.37
N ALA B 125 -84.71 -26.61 -35.92
CA ALA B 125 -83.66 -26.02 -36.74
C ALA B 125 -84.21 -25.40 -38.01
N LEU B 126 -85.11 -26.10 -38.70
CA LEU B 126 -85.62 -25.59 -39.96
C LEU B 126 -86.49 -24.33 -39.76
N GLN B 127 -87.15 -24.23 -38.60
CA GLN B 127 -87.91 -23.01 -38.30
C GLN B 127 -86.99 -21.81 -38.12
N ASP B 128 -85.75 -22.03 -37.69
CA ASP B 128 -84.82 -20.94 -37.44
C ASP B 128 -84.02 -20.55 -38.68
N VAL B 129 -83.61 -21.51 -39.51
CA VAL B 129 -82.70 -21.21 -40.61
C VAL B 129 -83.23 -21.62 -41.98
N GLY B 130 -84.17 -22.56 -42.09
CA GLY B 130 -84.72 -22.90 -43.39
C GLY B 130 -84.73 -24.40 -43.63
N TYR B 131 -85.11 -24.79 -44.86
CA TYR B 131 -85.44 -26.18 -45.16
C TYR B 131 -85.26 -26.49 -46.65
N PRO B 132 -84.02 -26.60 -47.15
CA PRO B 132 -83.81 -26.80 -48.59
C PRO B 132 -83.86 -28.26 -49.02
N ILE B 133 -85.02 -28.72 -49.54
CA ILE B 133 -85.19 -30.13 -49.80
C ILE B 133 -85.54 -30.42 -51.26
N CYS B 134 -85.73 -31.71 -51.57
CA CYS B 134 -86.22 -32.17 -52.86
C CYS B 134 -86.93 -33.50 -52.64
N THR B 135 -87.50 -34.04 -53.72
CA THR B 135 -88.15 -35.35 -53.67
C THR B 135 -87.18 -36.43 -54.16
N PHE B 136 -87.50 -37.68 -53.79
CA PHE B 136 -86.63 -38.82 -54.10
C PHE B 136 -86.25 -38.86 -55.58
N GLY B 137 -87.17 -38.51 -56.46
CA GLY B 137 -86.91 -38.64 -57.89
C GLY B 137 -85.83 -37.71 -58.39
N GLU B 138 -85.69 -36.53 -57.76
CA GLU B 138 -84.59 -35.64 -58.12
C GLU B 138 -83.26 -36.22 -57.67
N VAL B 139 -83.25 -36.91 -56.53
CA VAL B 139 -82.05 -37.61 -56.09
C VAL B 139 -81.71 -38.71 -57.08
N LYS B 140 -82.69 -39.57 -57.39
CA LYS B 140 -82.42 -40.67 -58.32
C LYS B 140 -81.95 -40.18 -59.68
N ASN B 141 -82.57 -39.13 -60.22
CA ASN B 141 -82.29 -38.75 -61.60
C ASN B 141 -81.14 -37.77 -61.75
N ARG B 142 -80.77 -37.05 -60.70
CA ARG B 142 -79.76 -36.00 -60.79
C ARG B 142 -78.58 -36.16 -59.85
N ALA B 143 -78.74 -36.86 -58.72
CA ALA B 143 -77.77 -36.75 -57.64
C ALA B 143 -76.42 -37.27 -58.07
N ASP B 144 -75.41 -36.43 -57.92
CA ASP B 144 -74.02 -36.70 -58.24
C ASP B 144 -73.24 -37.09 -56.99
N VAL B 145 -73.64 -36.53 -55.84
CA VAL B 145 -73.03 -36.79 -54.55
C VAL B 145 -74.14 -37.07 -53.55
N VAL B 146 -74.03 -38.16 -52.81
CA VAL B 146 -75.05 -38.62 -51.86
C VAL B 146 -74.38 -38.78 -50.50
N VAL B 147 -74.87 -38.04 -49.50
CA VAL B 147 -74.33 -38.10 -48.15
C VAL B 147 -75.37 -38.71 -47.22
N TYR B 148 -74.95 -39.67 -46.41
CA TYR B 148 -75.73 -40.16 -45.27
C TYR B 148 -75.02 -39.72 -44.00
N TRP B 149 -75.59 -38.74 -43.31
CA TRP B 149 -74.94 -38.12 -42.16
C TRP B 149 -75.63 -38.59 -40.88
N GLY B 150 -74.91 -39.39 -40.08
CA GLY B 150 -75.46 -39.87 -38.83
C GLY B 150 -76.74 -40.67 -39.00
N CYS B 151 -76.85 -41.44 -40.07
CA CYS B 151 -77.97 -42.35 -40.27
C CYS B 151 -77.43 -43.64 -40.87
N ASN B 152 -78.15 -44.73 -40.62
CA ASN B 152 -77.71 -46.08 -40.99
C ASN B 152 -78.81 -46.77 -41.79
N PRO B 153 -79.01 -46.37 -43.05
CA PRO B 153 -80.20 -46.83 -43.79
C PRO B 153 -80.26 -48.34 -43.99
N MET B 154 -79.11 -49.03 -44.10
CA MET B 154 -79.12 -50.47 -44.31
C MET B 154 -79.83 -51.19 -43.17
N HIS B 155 -79.83 -50.60 -41.97
CA HIS B 155 -80.56 -51.15 -40.83
C HIS B 155 -81.86 -50.40 -40.53
N ALA B 156 -82.00 -49.15 -40.96
CA ALA B 156 -83.14 -48.33 -40.58
C ALA B 156 -84.03 -47.92 -41.74
N HIS B 157 -83.54 -47.92 -42.97
CA HIS B 157 -84.37 -47.71 -44.17
C HIS B 157 -83.84 -48.63 -45.26
N PRO B 158 -84.00 -49.93 -45.08
CA PRO B 158 -83.17 -50.90 -45.83
C PRO B 158 -83.19 -50.73 -47.34
N ARG B 159 -84.31 -50.31 -47.92
CA ARG B 159 -84.37 -50.14 -49.37
C ARG B 159 -84.04 -48.73 -49.81
N HIS B 160 -83.63 -47.85 -48.89
CA HIS B 160 -83.38 -46.45 -49.24
C HIS B 160 -82.24 -46.32 -50.25
N MET B 161 -81.15 -47.05 -50.04
CA MET B 161 -80.00 -46.96 -50.92
C MET B 161 -80.30 -47.55 -52.30
N SER B 162 -80.96 -48.71 -52.33
CA SER B 162 -81.27 -49.35 -53.61
C SER B 162 -82.17 -48.48 -54.46
N ARG B 163 -83.08 -47.73 -53.85
CA ARG B 163 -83.99 -46.91 -54.63
C ARG B 163 -83.40 -45.55 -55.02
N ASN B 164 -82.47 -45.01 -54.23
CA ASN B 164 -81.95 -43.67 -54.49
C ASN B 164 -80.49 -43.63 -54.94
N VAL B 165 -79.70 -44.66 -54.67
CA VAL B 165 -78.27 -44.67 -55.01
C VAL B 165 -77.96 -45.65 -56.13
N PHE B 166 -78.31 -46.93 -55.95
CA PHE B 166 -78.05 -47.92 -56.98
C PHE B 166 -78.99 -47.78 -58.19
N ALA B 167 -80.06 -47.00 -58.06
CA ALA B 167 -81.00 -46.84 -59.15
C ALA B 167 -80.38 -46.08 -60.32
N ARG B 168 -80.76 -46.47 -61.54
CA ARG B 168 -80.33 -45.78 -62.74
C ARG B 168 -81.34 -44.70 -63.06
N GLY B 169 -80.90 -43.44 -63.00
CA GLY B 169 -81.76 -42.30 -63.21
C GLY B 169 -81.52 -41.68 -64.57
N PHE B 170 -82.34 -40.66 -64.85
CA PHE B 170 -82.32 -40.02 -66.16
C PHE B 170 -80.94 -39.49 -66.50
N PHE B 171 -80.36 -38.69 -65.61
CA PHE B 171 -79.02 -38.12 -65.81
C PHE B 171 -77.92 -38.94 -65.13
N ARG B 172 -78.28 -40.03 -64.46
CA ARG B 172 -77.30 -40.88 -63.77
C ARG B 172 -77.56 -42.33 -64.17
N GLU B 173 -77.48 -42.59 -65.48
CA GLU B 173 -77.87 -43.89 -66.03
C GLU B 173 -76.97 -45.04 -65.58
N ARG B 174 -75.82 -44.76 -64.96
CA ARG B 174 -74.98 -45.83 -64.44
C ARG B 174 -75.20 -46.11 -62.96
N GLY B 175 -76.22 -45.51 -62.36
CA GLY B 175 -76.53 -45.74 -60.96
C GLY B 175 -75.38 -45.50 -60.02
N ARG B 176 -75.04 -46.52 -59.23
CA ARG B 176 -74.03 -46.38 -58.19
C ARG B 176 -72.71 -45.83 -58.73
N SER B 177 -72.35 -46.21 -59.96
CA SER B 177 -71.10 -45.76 -60.56
C SER B 177 -71.09 -44.25 -60.86
N ASP B 178 -72.26 -43.62 -60.94
CA ASP B 178 -72.34 -42.19 -61.25
C ASP B 178 -72.35 -41.30 -60.01
N ARG B 179 -72.19 -41.86 -58.81
CA ARG B 179 -72.36 -41.10 -57.58
C ARG B 179 -71.21 -41.35 -56.61
N THR B 180 -70.76 -40.27 -55.96
CA THR B 180 -69.83 -40.38 -54.84
C THR B 180 -70.65 -40.49 -53.56
N LEU B 181 -70.51 -41.61 -52.85
CA LEU B 181 -71.28 -41.90 -51.67
C LEU B 181 -70.47 -41.59 -50.42
N ILE B 182 -71.02 -40.75 -49.55
CA ILE B 182 -70.35 -40.31 -48.33
C ILE B 182 -71.21 -40.67 -47.14
N VAL B 183 -70.58 -41.17 -46.08
CA VAL B 183 -71.26 -41.51 -44.84
C VAL B 183 -70.49 -40.91 -43.68
N VAL B 184 -71.19 -40.29 -42.74
CA VAL B 184 -70.58 -39.63 -41.58
C VAL B 184 -71.14 -40.28 -40.33
N ASP B 185 -70.29 -41.01 -39.59
CA ASP B 185 -70.71 -41.80 -38.43
C ASP B 185 -69.50 -42.25 -37.65
N PRO B 186 -69.51 -42.13 -36.31
CA PRO B 186 -68.41 -42.67 -35.51
C PRO B 186 -68.29 -44.19 -35.58
N ARG B 187 -69.28 -44.92 -36.09
CA ARG B 187 -69.16 -46.36 -36.25
C ARG B 187 -68.94 -46.73 -37.73
N LYS B 188 -68.29 -47.88 -37.93
CA LYS B 188 -68.18 -48.47 -39.26
C LYS B 188 -69.44 -49.30 -39.51
N THR B 189 -70.52 -48.59 -39.82
CA THR B 189 -71.80 -49.26 -40.05
C THR B 189 -71.80 -49.94 -41.42
N ASP B 190 -72.79 -50.82 -41.61
CA ASP B 190 -72.93 -51.49 -42.90
C ASP B 190 -73.26 -50.49 -44.00
N SER B 191 -73.87 -49.37 -43.65
CA SER B 191 -74.02 -48.27 -44.61
C SER B 191 -72.67 -47.64 -44.91
N ALA B 192 -71.83 -47.46 -43.89
CA ALA B 192 -70.50 -46.92 -44.08
C ALA B 192 -69.62 -47.85 -44.92
N LYS B 193 -69.84 -49.16 -44.82
CA LYS B 193 -69.03 -50.12 -45.57
C LYS B 193 -69.20 -49.96 -47.08
N LEU B 194 -70.34 -49.43 -47.52
CA LEU B 194 -70.61 -49.22 -48.95
C LEU B 194 -70.12 -47.88 -49.46
N ALA B 195 -69.56 -47.02 -48.60
CA ALA B 195 -69.26 -45.64 -48.97
C ALA B 195 -67.93 -45.51 -49.72
N ASP B 196 -67.86 -44.48 -50.57
CA ASP B 196 -66.60 -44.05 -51.14
C ASP B 196 -65.77 -43.27 -50.12
N ILE B 197 -66.43 -42.47 -49.28
CA ILE B 197 -65.79 -41.71 -48.21
C ILE B 197 -66.55 -42.00 -46.92
N HIS B 198 -65.80 -42.38 -45.88
CA HIS B 198 -66.38 -42.55 -44.55
C HIS B 198 -65.65 -41.64 -43.57
N LEU B 199 -66.28 -40.53 -43.20
CA LEU B 199 -65.74 -39.69 -42.12
C LEU B 199 -66.12 -40.33 -40.81
N GLN B 200 -65.19 -41.07 -40.20
CA GLN B 200 -65.43 -41.71 -38.91
C GLN B 200 -65.04 -40.75 -37.79
N LEU B 201 -65.89 -39.74 -37.63
CA LEU B 201 -65.61 -38.62 -36.74
C LEU B 201 -65.83 -38.99 -35.28
N ASP B 202 -65.30 -38.16 -34.40
CA ASP B 202 -65.54 -38.30 -32.97
C ASP B 202 -67.00 -38.01 -32.65
N PHE B 203 -67.58 -38.82 -31.77
CA PHE B 203 -68.99 -38.64 -31.43
C PHE B 203 -69.22 -37.26 -30.79
N ASP B 204 -70.41 -36.74 -31.02
CA ASP B 204 -70.91 -35.48 -30.47
C ASP B 204 -70.04 -34.26 -30.80
N ARG B 205 -69.31 -34.32 -31.91
CA ARG B 205 -68.51 -33.19 -32.38
C ARG B 205 -68.88 -32.82 -33.82
N ASP B 206 -70.05 -33.25 -34.28
CA ASP B 206 -70.53 -32.87 -35.59
C ASP B 206 -70.60 -31.36 -35.73
N TYR B 207 -71.11 -30.68 -34.70
CA TYR B 207 -71.23 -29.22 -34.76
C TYR B 207 -69.87 -28.58 -34.97
N GLU B 208 -68.84 -29.12 -34.31
CA GLU B 208 -67.49 -28.58 -34.49
C GLU B 208 -66.98 -28.87 -35.90
N LEU B 209 -67.25 -30.07 -36.42
CA LEU B 209 -66.83 -30.40 -37.77
C LEU B 209 -67.53 -29.54 -38.81
N LEU B 210 -68.84 -29.35 -38.65
CA LEU B 210 -69.59 -28.53 -39.59
C LEU B 210 -69.20 -27.06 -39.53
N ASP B 211 -68.77 -26.57 -38.36
CA ASP B 211 -68.30 -25.19 -38.28
C ASP B 211 -67.02 -25.01 -39.07
N ALA B 212 -66.08 -25.95 -38.94
CA ALA B 212 -64.85 -25.90 -39.72
C ALA B 212 -65.14 -26.00 -41.21
N MET B 213 -66.00 -26.94 -41.60
CA MET B 213 -66.34 -27.11 -43.01
C MET B 213 -66.93 -25.82 -43.61
N ARG B 214 -67.80 -25.14 -42.86
CA ARG B 214 -68.44 -23.95 -43.40
C ARG B 214 -67.48 -22.76 -43.45
N ALA B 215 -66.62 -22.61 -42.44
CA ALA B 215 -65.60 -21.56 -42.49
C ALA B 215 -64.70 -21.77 -43.69
N CYS B 216 -64.24 -23.01 -43.90
CA CYS B 216 -63.49 -23.36 -45.10
C CYS B 216 -64.29 -23.00 -46.36
N LEU B 217 -65.56 -23.42 -46.41
CA LEU B 217 -66.41 -23.17 -47.58
C LEU B 217 -66.44 -21.68 -47.95
N LEU B 218 -66.51 -20.79 -46.96
CA LEU B 218 -66.57 -19.37 -47.24
C LEU B 218 -65.18 -18.72 -47.34
N GLY B 219 -64.13 -19.53 -47.51
CA GLY B 219 -62.81 -19.01 -47.81
C GLY B 219 -61.90 -18.77 -46.62
N HIS B 220 -62.32 -19.14 -45.42
CA HIS B 220 -61.55 -18.85 -44.22
C HIS B 220 -60.64 -20.01 -43.84
N GLU B 221 -59.67 -19.71 -42.99
CA GLU B 221 -58.69 -20.69 -42.58
C GLU B 221 -59.24 -21.46 -41.39
N ILE B 222 -58.95 -22.76 -41.34
CA ILE B 222 -59.46 -23.59 -40.25
C ILE B 222 -58.50 -23.46 -39.08
N LEU B 223 -59.03 -22.98 -37.94
CA LEU B 223 -58.20 -22.60 -36.80
C LEU B 223 -57.28 -23.75 -36.36
N TYR B 224 -57.88 -24.88 -36.01
CA TYR B 224 -57.12 -26.00 -35.47
C TYR B 224 -56.73 -26.97 -36.57
N ASP B 225 -55.64 -27.70 -36.36
CA ASP B 225 -55.18 -28.66 -37.36
C ASP B 225 -55.94 -29.99 -37.31
N GLU B 226 -56.85 -30.16 -36.36
CA GLU B 226 -57.72 -31.33 -36.37
C GLU B 226 -59.02 -30.96 -35.68
N VAL B 227 -60.13 -31.40 -36.27
CA VAL B 227 -61.47 -31.07 -35.78
C VAL B 227 -62.31 -32.34 -35.82
N ALA B 228 -62.98 -32.65 -34.70
CA ALA B 228 -63.82 -33.83 -34.57
C ALA B 228 -63.08 -35.11 -34.96
N GLY B 229 -61.77 -35.15 -34.70
CA GLY B 229 -60.96 -36.29 -35.06
C GLY B 229 -60.58 -36.39 -36.53
N VAL B 230 -60.90 -35.39 -37.34
CA VAL B 230 -60.58 -35.40 -38.77
C VAL B 230 -59.49 -34.36 -39.04
N PRO B 231 -58.42 -34.73 -39.73
CA PRO B 231 -57.34 -33.77 -40.01
C PRO B 231 -57.79 -32.64 -40.90
N ARG B 232 -57.29 -31.43 -40.60
CA ARG B 232 -57.58 -30.23 -41.39
C ARG B 232 -57.58 -30.48 -42.89
N GLU B 233 -56.52 -31.12 -43.38
CA GLU B 233 -56.36 -31.32 -44.82
C GLU B 233 -57.55 -32.04 -45.43
N GLN B 234 -58.12 -33.00 -44.70
CA GLN B 234 -59.27 -33.74 -45.22
C GLN B 234 -60.59 -33.01 -45.02
N ILE B 235 -60.67 -32.06 -44.08
CA ILE B 235 -61.82 -31.17 -44.03
C ILE B 235 -61.99 -30.46 -45.35
N GLU B 236 -60.90 -29.85 -45.84
CA GLU B 236 -60.95 -29.10 -47.08
C GLU B 236 -61.19 -30.00 -48.29
N GLU B 237 -60.56 -31.17 -48.31
CA GLU B 237 -60.80 -32.09 -49.41
C GLU B 237 -62.25 -32.53 -49.45
N ALA B 238 -62.89 -32.66 -48.28
CA ALA B 238 -64.30 -33.00 -48.25
C ALA B 238 -65.15 -31.83 -48.75
N VAL B 239 -64.78 -30.60 -48.38
CA VAL B 239 -65.52 -29.44 -48.87
C VAL B 239 -65.38 -29.30 -50.38
N GLU B 240 -64.23 -29.70 -50.94
CA GLU B 240 -64.06 -29.64 -52.39
C GLU B 240 -64.96 -30.64 -53.10
N VAL B 241 -65.11 -31.85 -52.55
CA VAL B 241 -66.01 -32.83 -53.14
C VAL B 241 -67.43 -32.29 -53.21
N LEU B 242 -67.89 -31.67 -52.12
CA LEU B 242 -69.24 -31.11 -52.10
C LEU B 242 -69.37 -29.93 -53.05
N LYS B 243 -68.35 -29.06 -53.08
CA LYS B 243 -68.38 -27.92 -53.98
C LYS B 243 -68.39 -28.35 -55.44
N ASN B 244 -67.77 -29.48 -55.77
CA ASN B 244 -67.69 -29.95 -57.16
C ASN B 244 -68.86 -30.84 -57.56
N ALA B 245 -69.85 -31.01 -56.69
CA ALA B 245 -71.04 -31.75 -57.10
C ALA B 245 -71.76 -31.02 -58.21
N GLN B 246 -72.43 -31.78 -59.07
CA GLN B 246 -73.43 -31.19 -59.94
C GLN B 246 -74.78 -31.14 -59.26
N PHE B 247 -75.05 -32.12 -58.39
CA PHE B 247 -76.28 -32.18 -57.62
C PHE B 247 -75.98 -33.03 -56.39
N GLY B 248 -76.08 -32.42 -55.21
CA GLY B 248 -75.77 -33.11 -53.96
C GLY B 248 -77.00 -33.21 -53.07
N ILE B 249 -77.09 -34.31 -52.34
CA ILE B 249 -78.17 -34.56 -51.40
C ILE B 249 -77.57 -34.98 -50.06
N LEU B 250 -78.02 -34.32 -48.99
CA LEU B 250 -77.59 -34.66 -47.62
C LEU B 250 -78.73 -35.33 -46.88
N PHE B 251 -78.62 -36.66 -46.71
CA PHE B 251 -79.52 -37.40 -45.85
C PHE B 251 -78.92 -37.47 -44.46
N PHE B 252 -79.70 -37.12 -43.44
CA PHE B 252 -79.21 -37.11 -42.08
C PHE B 252 -80.25 -37.73 -41.16
N GLY B 253 -79.80 -38.19 -40.00
CA GLY B 253 -80.65 -38.94 -39.09
C GLY B 253 -80.30 -38.76 -37.63
N MET B 254 -80.62 -39.78 -36.84
CA MET B 254 -80.66 -39.64 -35.39
C MET B 254 -79.29 -39.36 -34.78
N GLY B 255 -78.21 -39.72 -35.48
CA GLY B 255 -76.87 -39.45 -34.99
C GLY B 255 -76.57 -38.00 -34.73
N ILE B 256 -77.36 -37.08 -35.30
CA ILE B 256 -77.16 -35.66 -35.06
C ILE B 256 -78.37 -34.97 -34.43
N THR B 257 -79.55 -35.60 -34.41
CA THR B 257 -80.67 -35.06 -33.64
C THR B 257 -80.60 -35.45 -32.17
N HIS B 258 -80.11 -36.65 -31.88
CA HIS B 258 -79.96 -37.14 -30.51
C HIS B 258 -78.65 -36.72 -29.86
N SER B 259 -77.70 -36.22 -30.65
CA SER B 259 -76.38 -35.89 -30.16
C SER B 259 -76.38 -34.53 -29.44
N ARG B 260 -75.24 -34.23 -28.80
CA ARG B 260 -75.03 -32.93 -28.17
C ARG B 260 -75.20 -31.80 -29.17
N GLY B 261 -76.02 -30.83 -28.80
CA GLY B 261 -76.40 -29.75 -29.68
C GLY B 261 -77.76 -29.96 -30.28
N LYS B 262 -78.13 -31.22 -30.52
CA LYS B 262 -79.45 -31.61 -31.00
C LYS B 262 -79.88 -30.75 -32.18
N HIS B 263 -80.84 -29.85 -31.97
CA HIS B 263 -81.36 -29.08 -33.09
C HIS B 263 -80.29 -28.17 -33.70
N ARG B 264 -79.29 -27.76 -32.93
CA ARG B 264 -78.27 -26.90 -33.50
C ARG B 264 -77.28 -27.66 -34.36
N ASN B 265 -77.16 -28.98 -34.21
CA ASN B 265 -76.42 -29.75 -35.19
C ASN B 265 -77.12 -29.72 -36.54
N ILE B 266 -78.44 -29.83 -36.55
CA ILE B 266 -79.19 -29.75 -37.80
C ILE B 266 -79.10 -28.34 -38.36
N ASP B 267 -79.16 -27.35 -37.48
CA ASP B 267 -79.08 -25.94 -37.88
C ASP B 267 -77.85 -25.68 -38.74
N THR B 268 -76.67 -26.02 -38.22
CA THR B 268 -75.44 -25.75 -38.95
C THR B 268 -75.35 -26.56 -40.23
N ALA B 269 -75.86 -27.80 -40.21
CA ALA B 269 -75.89 -28.61 -41.43
C ALA B 269 -76.74 -27.96 -42.51
N ILE B 270 -77.93 -27.46 -42.13
CA ILE B 270 -78.81 -26.80 -43.09
C ILE B 270 -78.12 -25.60 -43.72
N MET B 271 -77.50 -24.76 -42.88
CA MET B 271 -76.91 -23.53 -43.39
C MET B 271 -75.73 -23.81 -44.31
N MET B 272 -75.02 -24.91 -44.10
CA MET B 272 -73.97 -25.29 -45.04
C MET B 272 -74.56 -25.68 -46.39
N VAL B 273 -75.60 -26.52 -46.38
CA VAL B 273 -76.27 -26.92 -47.62
C VAL B 273 -76.77 -25.70 -48.37
N GLN B 274 -77.35 -24.73 -47.65
CA GLN B 274 -77.79 -23.50 -48.28
C GLN B 274 -76.63 -22.77 -48.95
N ASP B 275 -75.55 -22.51 -48.20
CA ASP B 275 -74.44 -21.72 -48.72
C ASP B 275 -73.72 -22.43 -49.87
N LEU B 276 -73.72 -23.76 -49.86
CA LEU B 276 -73.10 -24.52 -50.94
C LEU B 276 -73.74 -24.22 -52.29
N ASN B 277 -74.97 -23.73 -52.31
CA ASN B 277 -75.66 -23.46 -53.56
C ASN B 277 -75.04 -22.32 -54.34
N ASP B 278 -74.08 -21.58 -53.76
CA ASP B 278 -73.29 -20.63 -54.53
C ASP B 278 -72.22 -21.30 -55.37
N TYR B 279 -71.88 -22.56 -55.07
CA TYR B 279 -70.90 -23.33 -55.82
C TYR B 279 -71.48 -24.55 -56.52
N ALA B 280 -72.55 -25.13 -55.98
CA ALA B 280 -73.10 -26.35 -56.54
C ALA B 280 -74.51 -26.52 -56.00
N LYS B 281 -75.38 -27.10 -56.82
CA LYS B 281 -76.74 -27.36 -56.38
C LYS B 281 -76.69 -28.32 -55.20
N TRP B 282 -77.35 -27.95 -54.10
CA TRP B 282 -77.33 -28.78 -52.91
C TRP B 282 -78.67 -28.72 -52.20
N THR B 283 -79.03 -29.83 -51.57
CA THR B 283 -80.35 -30.01 -51.01
C THR B 283 -80.23 -31.03 -49.89
N LEU B 284 -81.24 -31.12 -49.03
CA LEU B 284 -81.19 -32.06 -47.92
C LEU B 284 -82.56 -32.68 -47.68
N ILE B 285 -82.55 -33.87 -47.06
CA ILE B 285 -83.77 -34.58 -46.70
C ILE B 285 -83.60 -35.24 -45.34
N PRO B 286 -84.39 -34.88 -44.32
CA PRO B 286 -84.31 -35.62 -43.04
C PRO B 286 -84.88 -37.02 -43.21
N MET B 287 -84.16 -38.01 -42.67
CA MET B 287 -84.55 -39.41 -42.80
C MET B 287 -85.63 -39.73 -41.75
N ARG B 288 -86.83 -39.23 -42.02
CA ARG B 288 -87.91 -39.37 -41.04
C ARG B 288 -88.24 -40.83 -40.82
N GLY B 289 -88.51 -41.17 -39.56
CA GLY B 289 -88.52 -42.55 -39.14
C GLY B 289 -89.71 -43.38 -39.57
N HIS B 290 -90.85 -43.16 -38.93
CA HIS B 290 -92.03 -43.96 -39.22
C HIS B 290 -92.66 -43.53 -40.53
N TYR B 291 -93.46 -44.43 -41.10
CA TYR B 291 -94.05 -44.19 -42.42
C TYR B 291 -94.96 -42.97 -42.44
N ASN B 292 -95.47 -42.52 -41.29
CA ASN B 292 -96.36 -41.36 -41.31
C ASN B 292 -96.11 -40.40 -40.14
N VAL B 293 -94.89 -40.36 -39.60
CA VAL B 293 -94.54 -39.25 -38.72
C VAL B 293 -94.67 -37.92 -39.47
N THR B 294 -94.20 -37.89 -40.72
CA THR B 294 -94.27 -36.67 -41.51
C THR B 294 -95.71 -36.21 -41.69
N GLY B 295 -96.63 -37.17 -41.83
CA GLY B 295 -98.02 -36.82 -42.04
C GLY B 295 -98.65 -36.07 -40.86
N PHE B 296 -98.32 -36.49 -39.63
CA PHE B 296 -98.88 -35.80 -38.48
C PHE B 296 -98.42 -34.35 -38.44
N ASN B 297 -97.12 -34.12 -38.61
CA ASN B 297 -96.61 -32.76 -38.60
C ASN B 297 -97.23 -31.94 -39.73
N GLN B 298 -97.56 -32.59 -40.85
CA GLN B 298 -98.30 -31.91 -41.91
C GLN B 298 -99.71 -31.57 -41.45
N VAL B 299 -100.47 -32.57 -41.00
CA VAL B 299 -101.85 -32.37 -40.56
C VAL B 299 -101.91 -31.36 -39.42
N CYS B 300 -101.10 -31.57 -38.38
CA CYS B 300 -101.14 -30.69 -37.22
C CYS B 300 -100.77 -29.26 -37.62
N THR B 301 -99.83 -29.11 -38.55
CA THR B 301 -99.44 -27.77 -38.99
C THR B 301 -100.57 -27.06 -39.71
N TRP B 302 -101.22 -27.74 -40.67
CA TRP B 302 -102.18 -27.01 -41.49
C TRP B 302 -103.48 -26.72 -40.73
N GLU B 303 -103.83 -27.54 -39.74
CA GLU B 303 -105.03 -27.26 -38.97
C GLU B 303 -104.80 -26.20 -37.91
N SER B 304 -103.62 -26.19 -37.28
CA SER B 304 -103.38 -25.33 -36.14
C SER B 304 -102.31 -24.26 -36.36
N GLY B 305 -101.40 -24.45 -37.30
CA GLY B 305 -100.31 -23.53 -37.53
C GLY B 305 -98.97 -24.00 -37.00
N TYR B 306 -98.96 -25.02 -36.14
CA TYR B 306 -97.77 -25.56 -35.50
C TYR B 306 -97.67 -27.05 -35.75
N PRO B 307 -96.43 -27.59 -35.80
CA PRO B 307 -96.26 -28.99 -36.26
C PRO B 307 -96.33 -30.05 -35.16
N TYR B 308 -95.88 -29.72 -33.96
CA TYR B 308 -95.90 -30.68 -32.85
C TYR B 308 -95.77 -29.89 -31.56
N CYS B 309 -95.82 -30.60 -30.42
CA CYS B 309 -95.77 -29.98 -29.10
C CYS B 309 -96.84 -28.89 -28.98
N VAL B 310 -98.04 -29.19 -29.46
CA VAL B 310 -99.10 -28.19 -29.57
C VAL B 310 -99.99 -28.26 -28.34
N ASP B 311 -100.14 -27.12 -27.67
CA ASP B 311 -100.87 -27.02 -26.41
C ASP B 311 -102.14 -26.21 -26.64
N PHE B 312 -103.29 -26.85 -26.45
CA PHE B 312 -104.59 -26.20 -26.61
C PHE B 312 -105.22 -25.77 -25.29
N SER B 313 -104.51 -25.95 -24.17
CA SER B 313 -105.08 -25.65 -22.86
C SER B 313 -105.77 -24.29 -22.81
N GLY B 314 -105.17 -23.28 -23.43
CA GLY B 314 -105.73 -21.95 -23.42
C GLY B 314 -106.73 -21.64 -24.51
N GLY B 315 -107.12 -22.64 -25.31
CA GLY B 315 -108.02 -22.39 -26.43
C GLY B 315 -107.24 -22.13 -27.70
N GLU B 316 -106.49 -21.04 -27.72
CA GLU B 316 -105.57 -20.77 -28.82
C GLU B 316 -104.50 -21.86 -28.87
N PRO B 317 -103.95 -22.16 -30.05
CA PRO B 317 -102.83 -23.09 -30.11
C PRO B 317 -101.54 -22.37 -29.70
N ARG B 318 -100.76 -23.00 -28.84
CA ARG B 318 -99.48 -22.45 -28.41
C ARG B 318 -98.41 -23.52 -28.54
N TYR B 319 -97.16 -23.08 -28.64
CA TYR B 319 -96.10 -23.95 -29.14
C TYR B 319 -94.79 -23.55 -28.47
N ASN B 320 -94.27 -24.44 -27.63
CA ASN B 320 -92.94 -24.27 -27.04
C ASN B 320 -92.35 -25.65 -26.79
N PRO B 321 -91.66 -26.24 -27.77
CA PRO B 321 -90.90 -27.46 -27.51
C PRO B 321 -89.82 -27.17 -26.48
N GLY B 322 -89.69 -28.05 -25.51
CA GLY B 322 -88.96 -27.75 -24.30
C GLY B 322 -89.88 -27.47 -23.14
N GLU B 323 -91.09 -27.00 -23.44
CA GLU B 323 -92.22 -26.86 -22.52
C GLU B 323 -93.36 -27.84 -22.78
N THR B 324 -93.84 -27.93 -24.02
CA THR B 324 -95.08 -28.65 -24.32
C THR B 324 -94.82 -29.98 -25.01
N GLY B 325 -93.63 -30.54 -24.86
CA GLY B 325 -93.31 -31.81 -25.48
C GLY B 325 -93.58 -32.97 -24.53
N ALA B 326 -93.91 -34.12 -25.13
CA ALA B 326 -94.30 -35.30 -24.36
C ALA B 326 -93.35 -35.55 -23.20
N ASN B 327 -92.05 -35.58 -23.47
CA ASN B 327 -91.10 -35.87 -22.40
C ASN B 327 -91.03 -34.75 -21.38
N ASP B 328 -91.26 -33.51 -21.79
CA ASP B 328 -91.21 -32.42 -20.83
C ASP B 328 -92.34 -32.53 -19.81
N LEU B 329 -93.56 -32.74 -20.28
CA LEU B 329 -94.69 -32.83 -19.37
C LEU B 329 -94.57 -34.04 -18.45
N LEU B 330 -94.08 -35.17 -18.96
CA LEU B 330 -93.97 -36.35 -18.10
C LEU B 330 -92.86 -36.18 -17.07
N GLN B 331 -91.67 -35.77 -17.51
CA GLN B 331 -90.53 -35.67 -16.61
C GLN B 331 -90.68 -34.52 -15.61
N ASN B 332 -91.36 -33.44 -16.00
CA ASN B 332 -91.64 -32.35 -15.07
C ASN B 332 -92.92 -32.57 -14.28
N ARG B 333 -93.58 -33.72 -14.46
CA ARG B 333 -94.74 -34.14 -13.68
C ARG B 333 -95.93 -33.21 -13.90
N GLU B 334 -95.96 -32.56 -15.08
CA GLU B 334 -97.08 -31.68 -15.42
C GLU B 334 -98.27 -32.49 -15.93
N ALA B 335 -98.03 -33.51 -16.74
CA ALA B 335 -99.13 -34.29 -17.31
C ALA B 335 -99.81 -35.12 -16.22
N ASP B 336 -101.14 -35.05 -16.18
CA ASP B 336 -101.92 -35.82 -15.21
C ASP B 336 -102.70 -36.96 -15.85
N ALA B 337 -102.58 -37.16 -17.15
CA ALA B 337 -103.13 -38.30 -17.88
C ALA B 337 -102.50 -38.32 -19.25
N MET B 338 -102.46 -39.51 -19.86
CA MET B 338 -101.81 -39.64 -21.16
C MET B 338 -102.55 -40.65 -22.03
N MET B 339 -102.81 -40.26 -23.27
CA MET B 339 -103.36 -41.15 -24.29
C MET B 339 -102.30 -41.41 -25.34
N VAL B 340 -101.96 -42.68 -25.52
CA VAL B 340 -101.01 -43.13 -26.52
C VAL B 340 -101.77 -43.76 -27.67
N ILE B 341 -101.39 -43.40 -28.90
CA ILE B 341 -101.95 -44.03 -30.08
C ILE B 341 -100.82 -44.26 -31.09
N ALA B 342 -100.73 -45.50 -31.58
CA ALA B 342 -99.80 -45.89 -32.63
C ALA B 342 -98.35 -45.53 -32.27
N SER B 343 -97.96 -45.84 -31.05
CA SER B 343 -96.61 -45.57 -30.59
C SER B 343 -96.37 -46.35 -29.29
N ASP B 344 -95.09 -46.47 -28.93
CA ASP B 344 -94.67 -47.28 -27.79
C ASP B 344 -93.68 -46.52 -26.93
N PRO B 345 -94.13 -45.50 -26.20
CA PRO B 345 -93.20 -44.78 -25.29
C PRO B 345 -92.74 -45.59 -24.11
N GLY B 346 -93.49 -46.63 -23.73
CA GLY B 346 -93.01 -47.51 -22.69
C GLY B 346 -91.71 -48.17 -23.06
N ALA B 347 -91.59 -48.56 -24.33
CA ALA B 347 -90.33 -49.12 -24.82
C ALA B 347 -89.29 -48.05 -25.11
N HIS B 348 -89.73 -46.84 -25.47
CA HIS B 348 -88.84 -45.92 -26.16
C HIS B 348 -88.74 -44.53 -25.55
N PHE B 349 -89.28 -44.32 -24.35
CA PHE B 349 -88.96 -43.13 -23.58
C PHE B 349 -87.89 -43.45 -22.53
N PRO B 350 -87.16 -42.45 -22.05
CA PRO B 350 -86.18 -42.71 -20.99
C PRO B 350 -86.88 -42.99 -19.65
N GLN B 351 -86.12 -43.62 -18.75
CA GLN B 351 -86.61 -44.02 -17.44
C GLN B 351 -87.41 -42.90 -16.75
N ARG B 352 -86.90 -41.68 -16.79
CA ARG B 352 -87.50 -40.60 -16.00
C ARG B 352 -88.92 -40.30 -16.45
N ALA B 353 -89.21 -40.49 -17.74
CA ALA B 353 -90.58 -40.30 -18.22
C ALA B 353 -91.48 -41.45 -17.82
N LEU B 354 -90.96 -42.68 -17.86
CA LEU B 354 -91.74 -43.85 -17.48
C LEU B 354 -92.13 -43.80 -16.01
N GLU B 355 -91.27 -43.22 -15.16
CA GLU B 355 -91.61 -42.99 -13.76
C GLU B 355 -92.94 -42.27 -13.63
N ARG B 356 -93.20 -41.31 -14.52
CA ARG B 356 -94.45 -40.56 -14.44
C ARG B 356 -95.59 -41.33 -15.06
N MET B 357 -95.31 -42.12 -16.11
CA MET B 357 -96.32 -43.00 -16.68
C MET B 357 -96.83 -44.01 -15.66
N ALA B 358 -96.01 -44.36 -14.69
CA ALA B 358 -96.44 -45.28 -13.64
C ALA B 358 -97.49 -44.66 -12.73
N GLU B 359 -97.57 -43.34 -12.65
CA GLU B 359 -98.42 -42.69 -11.66
C GLU B 359 -99.74 -42.16 -12.22
N ILE B 360 -99.98 -42.29 -13.52
CA ILE B 360 -101.07 -41.55 -14.15
C ILE B 360 -101.89 -42.50 -15.01
N PRO B 361 -103.14 -42.12 -15.31
CA PRO B 361 -103.95 -42.94 -16.22
C PRO B 361 -103.37 -42.93 -17.64
N VAL B 362 -103.15 -44.12 -18.18
CA VAL B 362 -102.62 -44.30 -19.53
C VAL B 362 -103.64 -45.03 -20.38
N ILE B 363 -104.03 -44.41 -21.48
CA ILE B 363 -104.87 -45.01 -22.51
C ILE B 363 -103.98 -45.40 -23.68
N ALA B 364 -104.22 -46.58 -24.24
CA ALA B 364 -103.35 -47.09 -25.31
C ALA B 364 -104.20 -47.65 -26.43
N ILE B 365 -104.25 -46.94 -27.55
CA ILE B 365 -104.85 -47.44 -28.79
C ILE B 365 -103.74 -48.19 -29.51
N GLU B 366 -103.70 -49.51 -29.32
CA GLU B 366 -102.54 -50.27 -29.69
C GLU B 366 -102.98 -51.67 -30.09
N PRO B 367 -102.53 -52.21 -31.22
CA PRO B 367 -102.98 -53.56 -31.61
C PRO B 367 -102.20 -54.70 -30.97
N HIS B 368 -100.98 -54.48 -30.50
CA HIS B 368 -100.09 -55.56 -30.09
C HIS B 368 -99.68 -55.38 -28.63
N ARG B 369 -99.06 -56.41 -28.06
CA ARG B 369 -98.59 -56.37 -26.69
C ARG B 369 -97.23 -55.69 -26.63
N THR B 370 -97.12 -54.63 -25.84
CA THR B 370 -95.93 -53.80 -25.82
C THR B 370 -95.58 -53.36 -24.40
N PRO B 371 -94.40 -52.80 -24.19
CA PRO B 371 -94.11 -52.15 -22.90
C PRO B 371 -95.10 -51.07 -22.51
N THR B 372 -95.77 -50.44 -23.47
CA THR B 372 -96.75 -49.41 -23.12
C THR B 372 -98.03 -50.03 -22.58
N THR B 373 -98.52 -51.11 -23.23
CA THR B 373 -99.70 -51.81 -22.70
C THR B 373 -99.44 -52.38 -21.32
N GLU B 374 -98.18 -52.77 -21.04
CA GLU B 374 -97.83 -53.21 -19.70
C GLU B 374 -97.89 -52.07 -18.68
N MET B 375 -97.84 -50.83 -19.15
CA MET B 375 -98.03 -49.66 -18.31
C MET B 375 -99.40 -49.02 -18.54
N ALA B 376 -100.32 -49.71 -19.19
CA ALA B 376 -101.58 -49.12 -19.62
C ALA B 376 -102.72 -49.44 -18.65
N ASP B 377 -103.69 -48.54 -18.61
CA ASP B 377 -104.93 -48.74 -17.85
C ASP B 377 -106.08 -49.19 -18.73
N ILE B 378 -106.14 -48.67 -19.95
CA ILE B 378 -107.15 -49.03 -20.94
C ILE B 378 -106.41 -49.35 -22.24
N ILE B 379 -106.77 -50.47 -22.86
CA ILE B 379 -106.17 -50.89 -24.13
C ILE B 379 -107.30 -51.01 -25.14
N ILE B 380 -107.16 -50.33 -26.27
CA ILE B 380 -108.20 -50.35 -27.29
C ILE B 380 -107.59 -50.77 -28.63
N PRO B 381 -107.87 -51.96 -29.13
CA PRO B 381 -107.17 -52.46 -30.32
C PRO B 381 -107.82 -51.94 -31.60
N PRO B 382 -107.00 -51.50 -32.57
CA PRO B 382 -107.56 -51.01 -33.84
C PRO B 382 -107.19 -51.86 -35.05
N ALA B 383 -107.84 -51.61 -36.17
CA ALA B 383 -107.37 -52.13 -37.45
C ALA B 383 -106.09 -51.41 -37.85
N ILE B 384 -105.14 -52.15 -38.43
CA ILE B 384 -103.79 -51.64 -38.68
C ILE B 384 -103.75 -50.95 -40.02
N VAL B 385 -103.31 -49.70 -40.04
CA VAL B 385 -103.25 -48.93 -41.27
C VAL B 385 -102.23 -49.56 -42.21
N GLY B 386 -102.59 -49.67 -43.49
CA GLY B 386 -101.73 -50.22 -44.50
C GLY B 386 -101.94 -51.70 -44.77
N MET B 387 -102.60 -52.41 -43.86
CA MET B 387 -102.94 -53.82 -44.04
C MET B 387 -104.44 -54.03 -43.99
N GLU B 388 -105.12 -53.48 -43.00
CA GLU B 388 -106.55 -53.64 -42.81
C GLU B 388 -107.31 -52.33 -42.92
N ALA B 389 -106.62 -51.20 -43.11
CA ALA B 389 -107.24 -49.89 -43.13
C ALA B 389 -106.47 -48.97 -44.06
N GLU B 390 -107.19 -48.08 -44.75
CA GLU B 390 -106.58 -47.20 -45.74
C GLU B 390 -106.59 -45.75 -45.24
N GLY B 391 -105.81 -44.92 -45.92
CA GLY B 391 -105.67 -43.52 -45.57
C GLY B 391 -104.37 -42.97 -46.09
N THR B 392 -104.26 -41.65 -46.01
CA THR B 392 -103.09 -40.95 -46.52
C THR B 392 -101.91 -41.02 -45.54
N ALA B 393 -100.71 -41.27 -46.08
CA ALA B 393 -99.47 -41.11 -45.35
C ALA B 393 -98.52 -40.25 -46.18
N TYR B 394 -97.52 -39.68 -45.51
CA TYR B 394 -96.58 -38.74 -46.12
C TYR B 394 -95.17 -39.30 -45.98
N ARG B 395 -94.48 -39.46 -47.12
CA ARG B 395 -93.11 -39.94 -47.17
C ARG B 395 -92.18 -38.89 -46.55
N MET B 396 -90.92 -39.31 -46.28
CA MET B 396 -89.99 -38.48 -45.52
C MET B 396 -89.75 -37.11 -46.17
N GLU B 397 -89.95 -36.97 -47.48
CA GLU B 397 -89.80 -35.69 -48.16
C GLU B 397 -91.14 -35.08 -48.58
N GLY B 398 -92.23 -35.45 -47.91
CA GLY B 398 -93.50 -34.78 -48.08
C GLY B 398 -94.43 -35.34 -49.14
N VAL B 399 -94.02 -36.37 -49.86
CA VAL B 399 -94.83 -36.89 -50.96
C VAL B 399 -95.98 -37.71 -50.37
N PRO B 400 -97.24 -37.33 -50.63
CA PRO B 400 -98.38 -38.05 -50.05
C PRO B 400 -98.74 -39.27 -50.88
N ILE B 401 -98.89 -40.41 -50.22
CA ILE B 401 -99.29 -41.65 -50.85
C ILE B 401 -100.36 -42.32 -49.99
N ARG B 402 -101.39 -42.85 -50.64
CA ARG B 402 -102.53 -43.41 -49.92
C ARG B 402 -102.24 -44.84 -49.51
N MET B 403 -102.34 -45.13 -48.22
CA MET B 403 -102.20 -46.50 -47.74
C MET B 403 -103.40 -47.32 -48.18
N LYS B 404 -103.17 -48.57 -48.53
CA LYS B 404 -104.19 -49.46 -49.07
C LYS B 404 -104.72 -50.42 -48.00
N LYS B 405 -105.97 -50.83 -48.17
CA LYS B 405 -106.57 -51.89 -47.37
C LYS B 405 -106.46 -53.20 -48.15
N VAL B 406 -105.73 -54.17 -47.59
CA VAL B 406 -105.46 -55.43 -48.27
C VAL B 406 -106.38 -56.54 -47.79
N VAL B 407 -106.62 -56.64 -46.48
CA VAL B 407 -107.52 -57.64 -45.93
C VAL B 407 -108.47 -56.98 -44.94
N ASP B 408 -109.54 -57.70 -44.63
CA ASP B 408 -110.57 -57.22 -43.71
C ASP B 408 -110.20 -57.55 -42.27
N SER B 409 -110.70 -56.71 -41.38
CA SER B 409 -110.57 -56.86 -39.94
C SER B 409 -111.90 -56.45 -39.34
N ASP B 410 -112.34 -57.20 -38.31
CA ASP B 410 -113.56 -56.82 -37.63
C ASP B 410 -113.34 -55.72 -36.62
N LEU B 411 -112.08 -55.45 -36.25
CA LEU B 411 -111.80 -54.39 -35.30
C LEU B 411 -112.03 -53.02 -35.94
N LEU B 412 -112.23 -52.02 -35.09
CA LEU B 412 -112.47 -50.67 -35.54
C LEU B 412 -111.18 -50.01 -35.98
N SER B 413 -111.29 -49.05 -36.89
CA SER B 413 -110.12 -48.29 -37.27
C SER B 413 -109.81 -47.22 -36.22
N ASP B 414 -108.57 -46.72 -36.25
CA ASP B 414 -108.16 -45.64 -35.36
C ASP B 414 -109.13 -44.45 -35.45
N ARG B 415 -109.42 -44.03 -36.68
CA ARG B 415 -110.26 -42.86 -36.89
C ARG B 415 -111.65 -43.05 -36.27
N GLU B 416 -112.28 -44.22 -36.49
CA GLU B 416 -113.57 -44.48 -35.86
C GLU B 416 -113.46 -44.51 -34.34
N ILE B 417 -112.40 -45.12 -33.81
CA ILE B 417 -112.18 -45.09 -32.36
C ILE B 417 -112.06 -43.65 -31.88
N LEU B 418 -111.35 -42.82 -32.64
CA LEU B 418 -111.13 -41.44 -32.21
C LEU B 418 -112.40 -40.60 -32.36
N GLU B 419 -113.19 -40.85 -33.40
CA GLU B 419 -114.46 -40.13 -33.54
C GLU B 419 -115.45 -40.46 -32.43
N ARG B 420 -115.44 -41.71 -31.95
CA ARG B 420 -116.30 -42.04 -30.83
C ARG B 420 -115.78 -41.46 -29.53
N LEU B 421 -114.46 -41.46 -29.34
CA LEU B 421 -113.90 -40.87 -28.14
C LEU B 421 -114.17 -39.37 -28.10
N LEU B 422 -114.18 -38.74 -29.28
CA LEU B 422 -114.48 -37.32 -29.34
C LEU B 422 -115.94 -37.07 -29.03
N GLU B 423 -116.83 -37.96 -29.49
CA GLU B 423 -118.25 -37.83 -29.18
C GLU B 423 -118.49 -37.83 -27.68
N LYS B 424 -117.93 -38.81 -26.98
CA LYS B 424 -118.15 -38.95 -25.54
C LYS B 424 -117.47 -37.86 -24.73
N VAL B 425 -116.33 -37.35 -25.18
CA VAL B 425 -115.65 -36.29 -24.42
C VAL B 425 -116.51 -35.04 -24.38
N ARG B 426 -117.22 -34.76 -25.47
CA ARG B 426 -118.16 -33.65 -25.49
C ARG B 426 -119.35 -33.88 -24.59
N GLU B 427 -119.89 -35.10 -24.59
CA GLU B 427 -121.03 -35.40 -23.74
C GLU B 427 -120.72 -35.07 -22.29
N TYR B 428 -119.54 -35.47 -21.82
CA TYR B 428 -119.16 -35.23 -20.42
C TYR B 428 -118.99 -33.74 -20.16
N LYS B 429 -118.41 -33.02 -21.12
CA LYS B 429 -118.29 -31.57 -21.04
C LYS B 429 -119.46 -30.89 -21.71
N SER C 2 -97.96 0.36 -2.00
CA SER C 2 -96.55 0.10 -2.27
C SER C 2 -96.27 -1.39 -2.23
N GLU C 3 -96.34 -1.99 -1.04
CA GLU C 3 -96.02 -3.40 -0.88
C GLU C 3 -97.30 -4.24 -0.89
N ILE C 4 -97.37 -5.19 -1.81
CA ILE C 4 -98.46 -6.15 -1.90
C ILE C 4 -97.86 -7.54 -1.75
N ILE C 5 -98.34 -8.29 -0.77
CA ILE C 5 -97.76 -9.58 -0.41
C ILE C 5 -98.62 -10.67 -1.03
N LEU C 6 -97.99 -11.59 -1.75
CA LEU C 6 -98.65 -12.80 -2.22
C LEU C 6 -98.02 -13.97 -1.46
N THR C 7 -98.81 -14.63 -0.62
CA THR C 7 -98.28 -15.79 0.07
C THR C 7 -98.79 -17.02 -0.66
N PRO C 8 -97.94 -17.77 -1.33
CA PRO C 8 -98.43 -18.89 -2.11
C PRO C 8 -98.88 -20.02 -1.21
N LYS C 9 -100.02 -20.58 -1.58
CA LYS C 9 -100.50 -21.85 -1.09
C LYS C 9 -99.79 -22.96 -1.86
N GLU C 10 -99.75 -24.17 -1.25
CA GLU C 10 -99.07 -25.31 -1.86
C GLU C 10 -99.44 -25.45 -3.31
N GLN C 11 -98.45 -25.49 -4.11
CA GLN C 11 -98.40 -25.43 -5.54
C GLN C 11 -98.87 -26.74 -6.16
N PRO C 12 -99.61 -26.66 -7.25
CA PRO C 12 -100.17 -27.86 -7.86
C PRO C 12 -99.17 -28.55 -8.77
N GLU C 13 -99.39 -29.87 -8.94
CA GLU C 13 -98.55 -30.63 -9.86
C GLU C 13 -98.72 -30.15 -11.29
N VAL C 14 -99.94 -29.80 -11.68
CA VAL C 14 -100.21 -29.16 -12.95
C VAL C 14 -99.91 -27.67 -12.78
N PRO C 15 -98.98 -27.12 -13.54
CA PRO C 15 -98.47 -25.78 -13.23
C PRO C 15 -99.49 -24.68 -13.45
N LEU C 16 -99.17 -23.53 -12.87
CA LEU C 16 -99.90 -22.29 -13.08
C LEU C 16 -99.20 -21.46 -14.14
N GLU C 17 -99.99 -20.75 -14.94
CA GLU C 17 -99.48 -19.67 -15.78
C GLU C 17 -100.11 -18.39 -15.26
N ALA C 18 -99.29 -17.42 -14.87
CA ALA C 18 -99.77 -16.19 -14.24
C ALA C 18 -99.14 -14.96 -14.88
N PRO C 19 -99.36 -14.74 -16.18
CA PRO C 19 -98.90 -13.49 -16.79
C PRO C 19 -99.39 -12.23 -16.09
N ASN C 20 -100.58 -12.25 -15.51
CA ASN C 20 -101.14 -11.03 -14.92
C ASN C 20 -100.57 -10.71 -13.55
N ILE C 21 -99.71 -11.54 -12.98
CA ILE C 21 -99.03 -11.12 -11.76
C ILE C 21 -97.90 -10.18 -12.19
N LYS C 22 -98.24 -8.90 -12.32
CA LYS C 22 -97.25 -7.86 -12.62
C LYS C 22 -97.81 -6.54 -12.13
N PRO C 23 -96.94 -5.58 -11.79
CA PRO C 23 -97.42 -4.25 -11.36
C PRO C 23 -98.43 -3.62 -12.30
N ASP C 24 -98.29 -3.85 -13.61
CA ASP C 24 -99.21 -3.25 -14.58
C ASP C 24 -100.65 -3.60 -14.30
N VAL C 25 -100.91 -4.85 -13.91
CA VAL C 25 -102.27 -5.30 -13.69
C VAL C 25 -102.71 -4.98 -12.27
N PHE C 26 -101.80 -5.14 -11.30
CA PHE C 26 -102.11 -4.85 -9.91
C PHE C 26 -102.41 -3.37 -9.66
N ALA C 27 -101.94 -2.49 -10.54
CA ALA C 27 -102.12 -1.06 -10.32
C ALA C 27 -103.59 -0.66 -10.39
N GLY C 28 -104.01 0.18 -9.43
CA GLY C 28 -105.37 0.66 -9.42
C GLY C 28 -106.42 -0.33 -8.98
N LYS C 29 -106.04 -1.38 -8.26
CA LYS C 29 -106.97 -2.40 -7.79
C LYS C 29 -106.88 -2.58 -6.28
N SER C 30 -108.04 -2.79 -5.66
CA SER C 30 -108.09 -3.21 -4.27
C SER C 30 -107.59 -4.64 -4.14
N ILE C 31 -107.37 -5.06 -2.88
CA ILE C 31 -106.92 -6.42 -2.62
C ILE C 31 -107.94 -7.44 -3.13
N GLU C 32 -109.23 -7.14 -2.94
CA GLU C 32 -110.30 -8.06 -3.37
C GLU C 32 -110.29 -8.22 -4.89
N GLU C 33 -110.07 -7.15 -5.63
CA GLU C 33 -110.01 -7.28 -7.08
C GLU C 33 -108.76 -8.05 -7.49
N ILE C 34 -107.65 -7.87 -6.78
CA ILE C 34 -106.47 -8.70 -7.00
C ILE C 34 -106.76 -10.15 -6.68
N LYS C 35 -107.56 -10.39 -5.64
CA LYS C 35 -108.01 -11.76 -5.36
C LYS C 35 -108.73 -12.37 -6.56
N ASN C 36 -109.36 -11.55 -7.42
CA ASN C 36 -110.16 -12.06 -8.53
C ASN C 36 -109.44 -12.05 -9.88
N ILE C 37 -108.17 -11.65 -9.93
CA ILE C 37 -107.43 -11.68 -11.19
C ILE C 37 -107.38 -13.11 -11.72
N GLN C 38 -107.55 -13.24 -13.05
CA GLN C 38 -107.53 -14.55 -13.68
C GLN C 38 -106.11 -15.03 -13.92
N ILE C 39 -105.88 -16.32 -13.61
CA ILE C 39 -104.66 -17.03 -13.96
C ILE C 39 -105.07 -18.39 -14.52
N MET C 40 -104.12 -19.07 -15.14
CA MET C 40 -104.37 -20.38 -15.70
C MET C 40 -103.77 -21.46 -14.81
N HIS C 41 -104.46 -22.60 -14.74
CA HIS C 41 -104.00 -23.82 -14.06
C HIS C 41 -104.35 -24.99 -14.97
N GLY C 42 -103.44 -25.36 -15.86
CA GLY C 42 -103.76 -26.35 -16.88
C GLY C 42 -104.76 -25.80 -17.86
N ASN C 43 -105.81 -26.57 -18.16
CA ASN C 43 -106.85 -26.13 -19.08
C ASN C 43 -108.02 -25.46 -18.36
N GLU C 44 -107.83 -25.04 -17.12
CA GLU C 44 -108.85 -24.38 -16.32
C GLU C 44 -108.49 -22.91 -16.14
N VAL C 45 -109.48 -22.03 -16.27
CA VAL C 45 -109.33 -20.65 -15.85
C VAL C 45 -109.73 -20.56 -14.38
N VAL C 46 -108.87 -19.97 -13.56
CA VAL C 46 -109.10 -19.86 -12.13
C VAL C 46 -108.72 -18.46 -11.65
N LYS C 47 -108.83 -18.26 -10.35
CA LYS C 47 -108.54 -16.98 -9.72
C LYS C 47 -107.25 -17.05 -8.93
N LEU C 48 -106.50 -15.94 -8.93
CA LEU C 48 -105.25 -15.89 -8.19
C LEU C 48 -105.46 -16.20 -6.72
N GLY C 49 -106.59 -15.76 -6.15
CA GLY C 49 -106.87 -16.04 -4.75
C GLY C 49 -106.94 -17.51 -4.43
N ASP C 50 -107.31 -18.34 -5.41
CA ASP C 50 -107.41 -19.78 -5.19
C ASP C 50 -106.07 -20.42 -4.89
N PHE C 51 -104.96 -19.75 -5.21
CA PHE C 51 -103.63 -20.29 -4.96
C PHE C 51 -102.71 -19.34 -4.22
N PHE C 52 -103.18 -18.15 -3.85
CA PHE C 52 -102.38 -17.18 -3.12
C PHE C 52 -103.25 -16.42 -2.13
N GLU C 53 -102.75 -16.24 -0.91
CA GLU C 53 -103.33 -15.27 0.00
C GLU C 53 -102.74 -13.90 -0.31
N VAL C 54 -103.57 -12.86 -0.21
CA VAL C 54 -103.17 -11.54 -0.68
C VAL C 54 -103.40 -10.54 0.45
N SER C 55 -102.34 -9.81 0.81
CA SER C 55 -102.38 -8.73 1.79
C SER C 55 -101.62 -7.54 1.20
N GLY C 56 -101.60 -6.42 1.92
CA GLY C 56 -100.81 -5.28 1.51
C GLY C 56 -101.66 -4.06 1.15
N GLU C 57 -100.97 -3.05 0.62
CA GLU C 57 -101.52 -1.73 0.32
C GLU C 57 -101.68 -1.53 -1.19
N PRO C 58 -102.85 -1.08 -1.65
CA PRO C 58 -103.01 -0.78 -3.07
C PRO C 58 -102.20 0.44 -3.47
N ALA C 59 -102.12 0.64 -4.78
CA ALA C 59 -101.51 1.82 -5.38
C ALA C 59 -102.03 1.91 -6.80
N ASP C 60 -102.10 3.13 -7.33
CA ASP C 60 -102.70 3.26 -8.64
C ASP C 60 -101.68 3.25 -9.76
N ALA C 61 -100.41 3.54 -9.49
CA ALA C 61 -99.44 3.54 -10.57
C ALA C 61 -98.47 2.36 -10.43
N PRO C 62 -98.14 1.71 -11.53
CA PRO C 62 -97.24 0.55 -11.46
C PRO C 62 -95.84 0.90 -10.99
N GLU C 63 -95.43 2.16 -11.12
CA GLU C 63 -94.12 2.57 -10.63
C GLU C 63 -94.00 2.39 -9.13
N ASP C 64 -95.10 2.56 -8.40
CA ASP C 64 -95.07 2.56 -6.94
C ASP C 64 -95.40 1.21 -6.34
N ILE C 65 -95.63 0.18 -7.15
CA ILE C 65 -96.04 -1.11 -6.64
C ILE C 65 -94.86 -2.06 -6.66
N LYS C 66 -94.64 -2.75 -5.55
CA LYS C 66 -93.63 -3.81 -5.43
C LYS C 66 -94.34 -5.06 -4.94
N ILE C 67 -94.38 -6.08 -5.79
CA ILE C 67 -95.01 -7.34 -5.47
C ILE C 67 -93.99 -8.23 -4.78
N ILE C 68 -94.39 -8.83 -3.66
CA ILE C 68 -93.57 -9.79 -2.94
C ILE C 68 -94.30 -11.12 -2.90
N ILE C 69 -93.67 -12.16 -3.45
CA ILE C 69 -94.18 -13.52 -3.38
C ILE C 69 -93.35 -14.19 -2.29
N ASP C 70 -93.89 -14.24 -1.07
CA ASP C 70 -93.11 -14.72 0.08
C ASP C 70 -93.31 -16.22 0.25
N GLY C 71 -92.73 -16.96 -0.67
CA GLY C 71 -92.82 -18.41 -0.67
C GLY C 71 -92.45 -18.97 -2.01
N ASP C 72 -92.20 -20.28 -2.01
CA ASP C 72 -91.77 -20.97 -3.22
C ASP C 72 -92.91 -21.08 -4.22
N VAL C 73 -92.64 -20.71 -5.47
CA VAL C 73 -93.60 -20.82 -6.56
C VAL C 73 -92.94 -21.54 -7.73
N TYR C 74 -92.35 -22.71 -7.46
CA TYR C 74 -91.56 -23.40 -8.47
C TYR C 74 -92.40 -23.82 -9.67
N ASN C 75 -93.72 -23.92 -9.52
CA ASN C 75 -94.59 -24.41 -10.58
C ASN C 75 -95.52 -23.35 -11.14
N THR C 76 -95.14 -22.08 -11.07
CA THR C 76 -95.90 -21.00 -11.69
C THR C 76 -95.05 -20.37 -12.77
N LYS C 77 -95.61 -20.25 -13.98
CA LYS C 77 -94.87 -19.75 -15.13
C LYS C 77 -95.28 -18.30 -15.44
N ARG C 78 -94.40 -17.62 -16.18
CA ARG C 78 -94.72 -16.34 -16.81
C ARG C 78 -94.93 -15.21 -15.81
N ILE C 79 -94.32 -15.30 -14.63
CA ILE C 79 -94.41 -14.22 -13.66
C ILE C 79 -93.71 -12.98 -14.17
N GLY C 80 -94.38 -11.83 -14.06
CA GLY C 80 -93.82 -10.58 -14.51
C GLY C 80 -93.78 -10.39 -16.01
N GLN C 81 -94.38 -11.31 -16.76
CA GLN C 81 -94.35 -11.25 -18.22
C GLN C 81 -94.86 -9.91 -18.72
N GLU C 82 -94.05 -9.24 -19.53
CA GLU C 82 -94.42 -8.01 -20.22
C GLU C 82 -94.71 -6.85 -19.25
N MET C 83 -94.12 -6.88 -18.05
CA MET C 83 -94.26 -5.78 -17.12
C MET C 83 -93.48 -4.54 -17.59
N THR C 84 -94.05 -3.36 -17.33
CA THR C 84 -93.46 -2.10 -17.78
C THR C 84 -92.71 -1.34 -16.70
N ALA C 85 -93.01 -1.58 -15.43
CA ALA C 85 -92.50 -0.76 -14.35
C ALA C 85 -92.82 -1.47 -13.04
N GLY C 86 -92.23 -0.99 -11.97
CA GLY C 86 -92.46 -1.59 -10.68
C GLY C 86 -91.43 -2.64 -10.36
N GLU C 87 -91.75 -3.44 -9.35
CA GLU C 87 -90.79 -4.41 -8.85
C GLU C 87 -91.53 -5.67 -8.41
N ILE C 88 -90.88 -6.80 -8.62
CA ILE C 88 -91.35 -8.10 -8.14
C ILE C 88 -90.19 -8.77 -7.41
N ILE C 89 -90.47 -9.32 -6.23
CA ILE C 89 -89.50 -10.09 -5.48
C ILE C 89 -90.11 -11.45 -5.17
N VAL C 90 -89.40 -12.51 -5.52
CA VAL C 90 -89.86 -13.88 -5.30
C VAL C 90 -88.91 -14.52 -4.32
N ARG C 91 -89.41 -14.83 -3.13
CA ARG C 91 -88.62 -15.46 -2.07
C ARG C 91 -88.71 -16.98 -2.20
N GLY C 92 -88.09 -17.47 -3.26
CA GLY C 92 -88.14 -18.87 -3.62
C GLY C 92 -87.93 -19.04 -5.10
N ASN C 93 -88.26 -20.23 -5.59
CA ASN C 93 -88.01 -20.59 -6.98
C ASN C 93 -89.20 -20.21 -7.86
N VAL C 94 -88.93 -20.09 -9.16
CA VAL C 94 -89.97 -19.89 -10.16
C VAL C 94 -89.79 -20.92 -11.26
N ASN C 95 -90.83 -21.05 -12.09
CA ASN C 95 -90.80 -21.91 -13.27
C ASN C 95 -90.35 -21.10 -14.48
N MET C 96 -90.94 -21.38 -15.65
CA MET C 96 -90.45 -20.82 -16.90
C MET C 96 -90.99 -19.41 -17.14
N TYR C 97 -90.32 -18.72 -18.08
CA TYR C 97 -90.74 -17.44 -18.67
C TYR C 97 -90.78 -16.28 -17.69
N VAL C 98 -90.03 -16.32 -16.58
CA VAL C 98 -90.05 -15.18 -15.68
C VAL C 98 -89.54 -13.94 -16.42
N GLY C 99 -90.36 -12.89 -16.42
CA GLY C 99 -89.97 -11.66 -17.08
C GLY C 99 -89.95 -11.73 -18.59
N ALA C 100 -90.58 -12.74 -19.19
CA ALA C 100 -90.60 -12.83 -20.65
C ALA C 100 -91.26 -11.60 -21.25
N GLY C 101 -90.63 -11.03 -22.27
CA GLY C 101 -91.18 -9.84 -22.91
C GLY C 101 -91.08 -8.58 -22.09
N MET C 102 -90.28 -8.60 -21.04
CA MET C 102 -90.21 -7.49 -20.09
C MET C 102 -89.75 -6.19 -20.76
N LYS C 103 -90.40 -5.09 -20.37
CA LYS C 103 -90.15 -3.75 -20.91
C LYS C 103 -89.42 -2.84 -19.94
N GLY C 104 -89.70 -2.96 -18.65
CA GLY C 104 -89.09 -2.10 -17.65
C GLY C 104 -89.39 -2.64 -16.26
N GLY C 105 -88.81 -1.99 -15.27
CA GLY C 105 -88.96 -2.46 -13.90
C GLY C 105 -87.88 -3.45 -13.57
N LYS C 106 -88.10 -4.22 -12.50
CA LYS C 106 -87.14 -5.24 -12.11
C LYS C 106 -87.78 -6.38 -11.35
N ILE C 107 -87.30 -7.59 -11.62
CA ILE C 107 -87.71 -8.81 -10.92
C ILE C 107 -86.48 -9.36 -10.20
N THR C 108 -86.65 -9.77 -8.95
CA THR C 108 -85.63 -10.47 -8.18
C THR C 108 -86.17 -11.85 -7.82
N VAL C 109 -85.46 -12.88 -8.25
CA VAL C 109 -85.78 -14.25 -7.89
C VAL C 109 -84.72 -14.70 -6.90
N GLU C 110 -85.15 -15.06 -5.70
CA GLU C 110 -84.20 -15.39 -4.65
C GLU C 110 -83.73 -16.83 -4.71
N GLY C 111 -84.38 -17.67 -5.50
CA GLY C 111 -83.92 -19.01 -5.76
C GLY C 111 -83.67 -19.26 -7.23
N ASN C 112 -84.06 -20.44 -7.71
CA ASN C 112 -83.79 -20.82 -9.10
C ASN C 112 -84.91 -20.34 -10.02
N ALA C 113 -84.58 -20.21 -11.29
CA ALA C 113 -85.54 -19.93 -12.34
C ALA C 113 -85.41 -20.98 -13.43
N GLY C 114 -86.54 -21.28 -14.07
CA GLY C 114 -86.57 -22.24 -15.15
C GLY C 114 -86.11 -21.67 -16.48
N SER C 115 -86.46 -22.35 -17.55
CA SER C 115 -86.02 -21.96 -18.87
C SER C 115 -86.74 -20.69 -19.33
N TRP C 116 -86.11 -19.99 -20.27
CA TRP C 116 -86.67 -18.80 -20.92
C TRP C 116 -86.86 -17.65 -19.95
N ALA C 117 -86.01 -17.56 -18.93
CA ALA C 117 -85.99 -16.37 -18.09
C ALA C 117 -85.57 -15.16 -18.89
N GLY C 118 -86.45 -14.18 -18.99
CA GLY C 118 -86.14 -12.97 -19.74
C GLY C 118 -86.13 -13.14 -21.24
N GLN C 119 -86.77 -14.18 -21.76
CA GLN C 119 -86.93 -14.34 -23.21
C GLN C 119 -87.60 -13.11 -23.80
N ASP C 120 -87.05 -12.64 -24.94
CA ASP C 120 -87.57 -11.48 -25.67
C ASP C 120 -87.59 -10.23 -24.79
N MET C 121 -86.59 -10.09 -23.93
CA MET C 121 -86.50 -8.92 -23.05
C MET C 121 -86.27 -7.65 -23.87
N ARG C 122 -86.91 -6.56 -23.43
CA ARG C 122 -86.78 -5.27 -24.08
C ARG C 122 -86.18 -4.19 -23.20
N GLY C 123 -86.37 -4.28 -21.88
CA GLY C 123 -85.80 -3.32 -20.95
C GLY C 123 -86.04 -3.80 -19.53
N GLY C 124 -85.41 -3.11 -18.59
CA GLY C 124 -85.54 -3.45 -17.18
C GLY C 124 -84.42 -4.35 -16.68
N GLU C 125 -84.65 -4.96 -15.52
CA GLU C 125 -83.65 -5.82 -14.90
C GLU C 125 -84.29 -7.10 -14.39
N ILE C 126 -83.56 -8.21 -14.53
CA ILE C 126 -83.92 -9.48 -13.90
C ILE C 126 -82.71 -9.94 -13.10
N GLU C 127 -82.92 -10.28 -11.84
CA GLU C 127 -81.85 -10.81 -11.01
C GLU C 127 -82.27 -12.14 -10.43
N ILE C 128 -81.47 -13.17 -10.68
CA ILE C 128 -81.72 -14.53 -10.23
C ILE C 128 -80.55 -14.92 -9.34
N LEU C 129 -80.82 -15.08 -8.04
CA LEU C 129 -79.76 -15.37 -7.08
C LEU C 129 -79.28 -16.81 -7.13
N GLY C 130 -80.11 -17.72 -7.62
CA GLY C 130 -79.79 -19.14 -7.76
C GLY C 130 -79.42 -19.52 -9.17
N ASP C 131 -79.79 -20.75 -9.56
CA ASP C 131 -79.48 -21.23 -10.90
C ASP C 131 -80.60 -20.91 -11.86
N ALA C 132 -80.25 -20.87 -13.14
CA ALA C 132 -81.20 -20.64 -14.23
C ALA C 132 -81.19 -21.84 -15.17
N GLY C 133 -82.22 -21.93 -15.99
CA GLY C 133 -82.37 -23.00 -16.95
C GLY C 133 -81.77 -22.68 -18.29
N ASP C 134 -82.35 -23.28 -19.34
CA ASP C 134 -81.93 -23.00 -20.70
C ASP C 134 -82.54 -21.69 -21.18
N TYR C 135 -81.94 -21.14 -22.25
CA TYR C 135 -82.54 -20.04 -23.02
C TYR C 135 -82.75 -18.78 -22.18
N VAL C 136 -81.79 -18.47 -21.30
CA VAL C 136 -81.83 -17.18 -20.62
C VAL C 136 -81.69 -16.08 -21.67
N GLY C 137 -82.63 -15.15 -21.67
CA GLY C 137 -82.58 -14.06 -22.63
C GLY C 137 -82.58 -14.52 -24.08
N SER C 138 -83.37 -15.54 -24.38
CA SER C 138 -83.40 -16.12 -25.72
C SER C 138 -84.46 -15.43 -26.58
N SER C 139 -84.58 -15.90 -27.81
CA SER C 139 -85.67 -15.52 -28.70
C SER C 139 -86.76 -16.58 -28.63
N TYR C 140 -87.80 -16.40 -29.45
CA TYR C 140 -88.85 -17.39 -29.62
C TYR C 140 -88.59 -18.22 -30.87
N ARG C 141 -89.12 -19.45 -30.87
CA ARG C 141 -89.00 -20.37 -32.00
C ARG C 141 -89.20 -19.65 -33.33
N GLY C 142 -88.25 -19.84 -34.25
CA GLY C 142 -88.40 -19.35 -35.60
C GLY C 142 -88.04 -17.89 -35.77
N ASP C 143 -88.11 -17.09 -34.72
CA ASP C 143 -87.83 -15.67 -34.85
C ASP C 143 -86.33 -15.43 -34.83
N TRP C 144 -85.88 -14.55 -35.72
CA TRP C 144 -84.48 -14.17 -35.79
C TRP C 144 -84.20 -12.88 -35.04
N ARG C 145 -85.22 -12.29 -34.45
CA ARG C 145 -85.11 -11.09 -33.62
C ARG C 145 -85.43 -11.51 -32.19
N GLY C 146 -84.43 -11.45 -31.32
CA GLY C 146 -84.65 -11.85 -29.94
C GLY C 146 -84.61 -10.69 -28.96
N MET C 147 -84.00 -10.94 -27.80
CA MET C 147 -83.81 -9.90 -26.79
C MET C 147 -83.11 -8.69 -27.38
N SER C 148 -83.68 -7.51 -27.11
CA SER C 148 -83.16 -6.26 -27.66
C SER C 148 -82.66 -5.29 -26.60
N GLY C 149 -82.99 -5.51 -25.33
CA GLY C 149 -82.55 -4.60 -24.29
C GLY C 149 -82.77 -5.21 -22.92
N GLY C 150 -82.17 -4.56 -21.93
CA GLY C 150 -82.29 -4.99 -20.55
C GLY C 150 -81.03 -5.67 -20.04
N THR C 151 -81.11 -6.09 -18.78
CA THR C 151 -80.01 -6.76 -18.10
C THR C 151 -80.53 -7.95 -17.31
N ILE C 152 -79.89 -9.10 -17.51
CA ILE C 152 -80.17 -10.32 -16.76
C ILE C 152 -78.92 -10.71 -16.02
N THR C 153 -79.04 -10.97 -14.72
CA THR C 153 -77.92 -11.38 -13.89
C THR C 153 -78.29 -12.68 -13.19
N VAL C 154 -77.53 -13.73 -13.45
CA VAL C 154 -77.71 -15.03 -12.82
C VAL C 154 -76.50 -15.26 -11.92
N HIS C 155 -76.74 -15.34 -10.62
CA HIS C 155 -75.66 -15.52 -9.66
C HIS C 155 -75.18 -16.96 -9.62
N GLY C 156 -76.04 -17.91 -9.97
CA GLY C 156 -75.64 -19.31 -10.03
C GLY C 156 -75.23 -19.72 -11.43
N ASN C 157 -75.55 -20.95 -11.81
CA ASN C 157 -75.21 -21.46 -13.13
C ASN C 157 -76.44 -21.45 -14.04
N ALA C 158 -76.20 -21.33 -15.34
CA ALA C 158 -77.22 -21.51 -16.36
C ALA C 158 -76.79 -22.67 -17.25
N ASP C 159 -77.70 -23.09 -18.12
CA ASP C 159 -77.42 -24.24 -18.94
C ASP C 159 -77.22 -23.85 -20.40
N ASN C 160 -78.11 -24.27 -21.31
CA ASN C 160 -77.82 -24.14 -22.73
C ASN C 160 -78.43 -22.89 -23.36
N GLU C 161 -77.74 -22.40 -24.40
CA GLU C 161 -78.25 -21.42 -25.37
C GLU C 161 -78.74 -20.14 -24.71
N ILE C 162 -78.01 -19.67 -23.72
CA ILE C 162 -78.32 -18.38 -23.14
C ILE C 162 -77.95 -17.28 -24.15
N GLY C 163 -78.82 -16.27 -24.26
CA GLY C 163 -78.62 -15.22 -25.25
C GLY C 163 -78.82 -15.65 -26.69
N GLU C 164 -79.55 -16.74 -26.91
CA GLU C 164 -79.88 -17.18 -28.26
C GLU C 164 -80.48 -16.05 -29.09
N TYR C 165 -79.86 -15.77 -30.23
CA TYR C 165 -80.29 -14.70 -31.13
C TYR C 165 -80.36 -13.35 -30.42
N MET C 166 -79.47 -13.13 -29.45
CA MET C 166 -79.48 -11.85 -28.75
C MET C 166 -79.26 -10.71 -29.73
N ASN C 167 -79.91 -9.57 -29.46
CA ASN C 167 -79.87 -8.43 -30.35
C ASN C 167 -79.79 -7.13 -29.57
N GLY C 168 -79.10 -7.16 -28.43
CA GLY C 168 -79.04 -6.02 -27.54
C GLY C 168 -79.19 -6.46 -26.10
N GLY C 169 -78.88 -5.58 -25.16
CA GLY C 169 -79.00 -5.92 -23.76
C GLY C 169 -77.74 -6.57 -23.22
N LYS C 170 -77.89 -7.15 -22.04
CA LYS C 170 -76.74 -7.69 -21.32
C LYS C 170 -77.18 -8.86 -20.46
N ILE C 171 -76.45 -9.98 -20.56
CA ILE C 171 -76.64 -11.14 -19.69
C ILE C 171 -75.33 -11.36 -18.93
N ILE C 172 -75.44 -11.57 -17.62
CA ILE C 172 -74.29 -11.88 -16.79
C ILE C 172 -74.58 -13.16 -16.03
N ILE C 173 -73.78 -14.20 -16.27
CA ILE C 173 -73.82 -15.45 -15.51
C ILE C 173 -72.58 -15.47 -14.65
N LYS C 174 -72.76 -15.35 -13.34
CA LYS C 174 -71.61 -15.37 -12.45
C LYS C 174 -71.05 -16.78 -12.27
N GLY C 175 -71.86 -17.80 -12.52
CA GLY C 175 -71.44 -19.19 -12.43
C GLY C 175 -71.00 -19.76 -13.76
N ASP C 176 -71.24 -21.05 -13.94
CA ASP C 176 -70.89 -21.77 -15.16
C ASP C 176 -72.09 -21.87 -16.09
N VAL C 177 -71.81 -22.05 -17.38
CA VAL C 177 -72.81 -22.40 -18.37
C VAL C 177 -72.41 -23.72 -19.03
N ASN C 178 -73.36 -24.31 -19.75
CA ASN C 178 -73.12 -25.58 -20.42
C ASN C 178 -72.62 -25.33 -21.86
N ILE C 179 -73.47 -25.49 -22.87
CA ILE C 179 -73.02 -25.35 -24.25
C ILE C 179 -73.84 -24.30 -24.98
N MET C 180 -73.24 -23.79 -26.06
CA MET C 180 -73.79 -22.87 -27.03
C MET C 180 -74.25 -21.56 -26.40
N PRO C 181 -73.48 -20.95 -25.48
CA PRO C 181 -73.79 -19.57 -25.09
C PRO C 181 -73.62 -18.65 -26.27
N GLY C 182 -74.58 -17.75 -26.47
CA GLY C 182 -74.48 -16.80 -27.55
C GLY C 182 -74.76 -17.35 -28.92
N ILE C 183 -75.40 -18.52 -29.02
CA ILE C 183 -75.71 -19.10 -30.32
C ILE C 183 -76.53 -18.11 -31.14
N HIS C 184 -76.10 -17.88 -32.38
CA HIS C 184 -76.75 -16.94 -33.31
C HIS C 184 -76.79 -15.50 -32.78
N MET C 185 -75.86 -15.11 -31.92
CA MET C 185 -75.88 -13.74 -31.42
C MET C 185 -75.68 -12.74 -32.55
N ASN C 186 -76.43 -11.65 -32.49
CA ASN C 186 -76.30 -10.53 -33.41
C ASN C 186 -75.73 -9.28 -32.76
N ASN C 187 -76.09 -9.03 -31.51
CA ASN C 187 -75.64 -7.85 -30.80
C ASN C 187 -75.88 -8.07 -29.32
N GLY C 188 -75.31 -7.20 -28.51
CA GLY C 188 -75.44 -7.31 -27.07
C GLY C 188 -74.14 -7.71 -26.40
N LEU C 189 -74.27 -8.06 -25.12
CA LEU C 189 -73.11 -8.43 -24.29
C LEU C 189 -73.45 -9.61 -23.40
N ILE C 190 -72.64 -10.66 -23.46
CA ILE C 190 -72.71 -11.78 -22.53
C ILE C 190 -71.40 -11.85 -21.77
N ILE C 191 -71.49 -11.91 -20.45
CA ILE C 191 -70.34 -12.11 -19.58
C ILE C 191 -70.58 -13.38 -18.78
N ILE C 192 -69.73 -14.38 -18.98
CA ILE C 192 -69.76 -15.61 -18.20
C ILE C 192 -68.53 -15.58 -17.31
N GLU C 193 -68.74 -15.49 -15.99
CA GLU C 193 -67.63 -15.39 -15.06
C GLU C 193 -67.02 -16.75 -14.73
N GLY C 194 -67.77 -17.83 -14.92
CA GLY C 194 -67.26 -19.18 -14.73
C GLY C 194 -66.84 -19.82 -16.03
N ASN C 195 -67.12 -21.11 -16.16
CA ASN C 195 -66.63 -21.91 -17.27
C ASN C 195 -67.70 -22.10 -18.33
N VAL C 196 -67.26 -22.58 -19.49
CA VAL C 196 -68.12 -22.90 -20.62
C VAL C 196 -67.70 -24.27 -21.15
N VAL C 197 -68.66 -25.17 -21.35
CA VAL C 197 -68.31 -26.50 -21.81
C VAL C 197 -67.94 -26.48 -23.29
N ALA C 198 -68.76 -25.83 -24.11
CA ALA C 198 -68.48 -25.88 -25.55
C ALA C 198 -69.30 -24.84 -26.31
N ARG C 199 -68.78 -24.50 -27.49
CA ARG C 199 -69.51 -23.78 -28.54
C ARG C 199 -69.98 -22.40 -28.09
N ALA C 200 -69.17 -21.72 -27.31
CA ALA C 200 -69.41 -20.31 -27.04
C ALA C 200 -69.44 -19.54 -28.35
N GLY C 201 -70.54 -18.83 -28.59
CA GLY C 201 -70.64 -17.99 -29.77
C GLY C 201 -70.90 -18.70 -31.08
N GLY C 202 -71.37 -19.95 -31.03
CA GLY C 202 -71.71 -20.68 -32.23
C GLY C 202 -72.57 -19.90 -33.20
N GLU C 203 -72.05 -19.66 -34.41
CA GLU C 203 -72.81 -19.02 -35.48
C GLU C 203 -73.20 -17.58 -35.13
N MET C 204 -72.43 -16.92 -34.27
CA MET C 204 -72.72 -15.53 -33.98
C MET C 204 -72.33 -14.64 -35.15
N ALA C 205 -73.12 -13.59 -35.37
CA ALA C 205 -72.84 -12.61 -36.41
C ALA C 205 -72.29 -11.30 -35.87
N GLY C 206 -72.61 -10.98 -34.61
CA GLY C 206 -72.10 -9.80 -33.96
C GLY C 206 -72.23 -9.96 -32.46
N GLY C 207 -71.97 -8.86 -31.76
CA GLY C 207 -72.01 -8.90 -30.31
C GLY C 207 -70.68 -9.30 -29.69
N THR C 208 -70.71 -9.46 -28.36
CA THR C 208 -69.50 -9.70 -27.60
C THR C 208 -69.80 -10.70 -26.49
N ILE C 209 -68.97 -11.74 -26.39
CA ILE C 209 -69.05 -12.72 -25.31
C ILE C 209 -67.71 -12.72 -24.58
N VAL C 210 -67.77 -12.59 -23.25
CA VAL C 210 -66.59 -12.62 -22.41
C VAL C 210 -66.68 -13.84 -21.50
N VAL C 211 -65.61 -14.62 -21.44
CA VAL C 211 -65.52 -15.78 -20.57
C VAL C 211 -64.32 -15.60 -19.65
N LYS C 212 -64.59 -15.47 -18.35
CA LYS C 212 -63.53 -15.30 -17.37
C LYS C 212 -62.98 -16.62 -16.84
N GLY C 213 -63.72 -17.70 -16.99
CA GLY C 213 -63.26 -19.03 -16.63
C GLY C 213 -62.69 -19.76 -17.82
N MET C 214 -62.88 -21.07 -17.84
CA MET C 214 -62.27 -21.95 -18.83
C MET C 214 -63.32 -22.45 -19.81
N MET C 215 -63.04 -22.28 -21.11
CA MET C 215 -63.79 -22.94 -22.16
C MET C 215 -63.11 -24.28 -22.44
N GLN C 216 -63.82 -25.38 -22.18
CA GLN C 216 -63.20 -26.69 -22.43
C GLN C 216 -62.94 -26.89 -23.92
N GLU C 217 -63.86 -26.45 -24.77
CA GLU C 217 -63.70 -26.54 -26.21
C GLU C 217 -64.11 -25.23 -26.85
N PHE C 218 -63.67 -25.03 -28.09
CA PHE C 218 -64.04 -23.85 -28.85
C PHE C 218 -64.29 -24.27 -30.30
N LEU C 219 -64.26 -23.30 -31.22
CA LEU C 219 -64.79 -23.49 -32.55
C LEU C 219 -63.79 -23.03 -33.60
N ALA C 220 -63.64 -23.84 -34.65
CA ALA C 220 -62.62 -23.61 -35.67
C ALA C 220 -62.98 -22.50 -36.64
N GLY C 221 -64.21 -22.00 -36.62
CA GLY C 221 -64.58 -20.90 -37.48
C GLY C 221 -64.20 -19.53 -36.97
N PHE C 222 -63.52 -19.46 -35.83
CA PHE C 222 -63.08 -18.19 -35.26
C PHE C 222 -61.63 -17.92 -35.62
N LYS C 223 -61.33 -16.66 -35.95
CA LYS C 223 -59.96 -16.25 -36.21
C LYS C 223 -59.38 -15.61 -34.96
N TYR C 224 -58.16 -16.01 -34.61
CA TYR C 224 -57.48 -15.50 -33.43
C TYR C 224 -56.83 -14.16 -33.74
N LEU C 225 -57.13 -13.14 -32.93
CA LEU C 225 -56.61 -11.80 -33.15
C LEU C 225 -55.48 -11.42 -32.21
N GLY C 226 -55.22 -12.23 -31.17
CA GLY C 226 -54.19 -11.92 -30.21
C GLY C 226 -54.78 -11.77 -28.83
N VAL C 227 -54.16 -10.90 -28.04
CA VAL C 227 -54.60 -10.66 -26.67
C VAL C 227 -54.89 -9.17 -26.49
N GLU C 228 -55.94 -8.87 -25.75
CA GLU C 228 -56.25 -7.52 -25.34
C GLU C 228 -56.34 -7.50 -23.82
N LYS C 229 -55.77 -6.45 -23.25
CA LYS C 229 -55.76 -6.17 -21.82
C LYS C 229 -56.74 -5.03 -21.60
N ASP C 230 -57.24 -4.89 -20.37
CA ASP C 230 -58.00 -3.72 -19.93
C ASP C 230 -59.21 -3.38 -20.82
N ILE C 231 -60.02 -4.34 -21.08
CA ILE C 231 -61.05 -4.04 -22.06
C ILE C 231 -62.25 -3.38 -21.41
N GLU C 232 -62.99 -2.64 -22.24
CA GLU C 232 -64.18 -1.89 -21.84
C GLU C 232 -65.31 -2.31 -22.77
N VAL C 233 -66.36 -2.93 -22.21
CA VAL C 233 -67.46 -3.39 -23.05
C VAL C 233 -68.79 -3.04 -22.39
N ASP C 234 -69.61 -2.26 -23.12
CA ASP C 234 -70.97 -1.85 -22.72
C ASP C 234 -70.96 -1.29 -21.30
N GLY C 235 -70.01 -0.41 -21.00
CA GLY C 235 -70.04 0.17 -19.66
C GLY C 235 -69.56 -0.73 -18.55
N GLU C 236 -68.91 -1.84 -18.88
CA GLU C 236 -68.38 -2.76 -17.88
C GLU C 236 -66.86 -2.79 -17.97
N GLU C 237 -66.20 -2.60 -16.82
CA GLU C 237 -64.76 -2.56 -16.74
C GLU C 237 -64.22 -3.96 -16.48
N LEU C 238 -63.34 -4.43 -17.37
CA LEU C 238 -62.78 -5.76 -17.20
C LEU C 238 -61.28 -5.69 -16.99
N PRO C 239 -60.78 -6.22 -15.87
CA PRO C 239 -59.33 -6.28 -15.63
C PRO C 239 -58.75 -7.60 -16.13
N GLY C 240 -57.45 -7.62 -16.41
CA GLY C 240 -56.79 -8.81 -16.89
C GLY C 240 -56.69 -8.85 -18.40
N ALA C 241 -56.07 -9.92 -18.88
CA ALA C 241 -55.85 -10.11 -20.31
C ALA C 241 -56.80 -11.17 -20.85
N PHE C 242 -57.21 -11.00 -22.10
CA PHE C 242 -58.12 -11.93 -22.75
C PHE C 242 -57.59 -12.30 -24.12
N TYR C 243 -57.61 -13.59 -24.44
CA TYR C 243 -57.46 -14.00 -25.83
C TYR C 243 -58.66 -13.50 -26.63
N LYS C 244 -58.39 -12.96 -27.81
CA LYS C 244 -59.41 -12.32 -28.62
C LYS C 244 -59.65 -13.12 -29.90
N PHE C 245 -60.91 -13.45 -30.14
CA PHE C 245 -61.31 -14.21 -31.32
C PHE C 245 -62.44 -13.47 -32.04
N GLU C 246 -62.44 -13.53 -33.37
CA GLU C 246 -63.49 -12.95 -34.18
C GLU C 246 -64.16 -14.06 -34.99
N GLY C 247 -65.49 -14.08 -34.95
CA GLY C 247 -66.28 -15.05 -35.69
C GLY C 247 -67.76 -14.76 -35.53
N ASP C 248 -68.63 -15.74 -35.77
CA ASP C 248 -68.27 -17.07 -36.26
C ASP C 248 -68.26 -17.06 -37.78
N HIS C 249 -67.10 -17.30 -38.39
CA HIS C 249 -66.96 -17.13 -39.83
C HIS C 249 -67.61 -18.25 -40.64
N ALA C 250 -68.29 -19.20 -40.01
CA ALA C 250 -69.25 -20.00 -40.74
C ALA C 250 -70.43 -19.15 -41.22
N ILE C 251 -70.60 -17.96 -40.65
CA ILE C 251 -71.63 -17.01 -41.02
C ILE C 251 -70.99 -15.93 -41.90
N LYS C 252 -71.72 -15.50 -42.93
CA LYS C 252 -71.20 -14.47 -43.82
C LYS C 252 -71.18 -13.12 -43.11
N GLY C 253 -70.08 -12.38 -43.29
CA GLY C 253 -69.95 -11.06 -42.73
C GLY C 253 -69.88 -11.00 -41.22
N ALA C 254 -69.43 -12.07 -40.58
CA ALA C 254 -69.46 -12.17 -39.12
C ALA C 254 -68.49 -11.19 -38.48
N LYS C 255 -68.97 -10.46 -37.45
CA LYS C 255 -68.15 -9.52 -36.70
C LYS C 255 -68.22 -9.76 -35.20
N GLY C 256 -68.62 -10.95 -34.77
CA GLY C 256 -68.69 -11.23 -33.35
C GLY C 256 -67.31 -11.37 -32.72
N ILE C 257 -67.28 -11.21 -31.40
CA ILE C 257 -66.05 -11.23 -30.63
C ILE C 257 -66.23 -12.13 -29.42
N VAL C 258 -65.33 -13.11 -29.25
CA VAL C 258 -65.18 -13.85 -28.01
C VAL C 258 -63.90 -13.41 -27.33
N TYR C 259 -64.02 -12.99 -26.07
CA TYR C 259 -62.88 -12.76 -25.20
C TYR C 259 -62.79 -13.94 -24.23
N ALA C 260 -61.62 -14.55 -24.15
CA ALA C 260 -61.39 -15.67 -23.23
C ALA C 260 -60.18 -15.35 -22.37
N ALA C 261 -60.35 -15.48 -21.05
CA ALA C 261 -59.29 -15.11 -20.12
C ALA C 261 -58.05 -15.97 -20.34
N VAL C 262 -56.89 -15.32 -20.37
CA VAL C 262 -55.64 -16.00 -20.72
C VAL C 262 -55.30 -17.07 -19.68
N GLY C 263 -55.54 -16.77 -18.41
CA GLY C 263 -55.10 -17.66 -17.35
C GLY C 263 -55.57 -19.10 -17.48
N CYS C 264 -56.79 -19.31 -17.99
CA CYS C 264 -57.36 -20.65 -18.07
C CYS C 264 -57.68 -21.10 -19.49
N ASN C 265 -57.10 -20.46 -20.51
CA ASN C 265 -57.51 -20.79 -21.87
C ASN C 265 -56.31 -20.92 -22.82
N GLY C 266 -55.15 -21.27 -22.29
CA GLY C 266 -53.99 -21.47 -23.15
C GLY C 266 -54.19 -22.55 -24.18
N HIS C 267 -54.98 -23.58 -23.85
CA HIS C 267 -55.28 -24.65 -24.79
C HIS C 267 -56.21 -24.16 -25.91
N ILE C 268 -56.90 -23.04 -25.72
CA ILE C 268 -57.73 -22.46 -26.78
C ILE C 268 -56.80 -21.62 -27.66
N MET D 1 -65.55 -50.85 -16.10
CA MET D 1 -64.96 -50.14 -17.23
C MET D 1 -65.82 -48.95 -17.66
N ARG D 2 -65.19 -47.79 -17.78
CA ARG D 2 -65.85 -46.60 -18.31
C ARG D 2 -65.90 -46.66 -19.83
N VAL D 3 -67.10 -46.60 -20.40
CA VAL D 3 -67.26 -46.60 -21.85
C VAL D 3 -68.34 -45.58 -22.22
N ILE D 4 -68.42 -45.31 -23.52
CA ILE D 4 -69.42 -44.39 -24.08
C ILE D 4 -70.53 -45.22 -24.70
N LEU D 5 -71.76 -44.99 -24.25
CA LEU D 5 -72.91 -45.78 -24.69
C LEU D 5 -73.61 -45.10 -25.85
N ASN D 6 -73.70 -45.81 -26.98
CA ASN D 6 -74.40 -45.37 -28.17
C ASN D 6 -75.57 -46.32 -28.39
N THR D 7 -76.70 -45.79 -28.88
CA THR D 7 -77.91 -46.58 -29.05
C THR D 7 -78.59 -46.25 -30.37
N GLY D 8 -79.35 -47.20 -30.88
CA GLY D 8 -80.07 -46.98 -32.13
C GLY D 8 -80.58 -48.29 -32.73
N ARG D 9 -80.60 -48.30 -34.07
CA ARG D 9 -81.34 -49.32 -34.81
C ARG D 9 -80.50 -50.54 -35.15
N THR D 10 -81.21 -51.60 -35.54
CA THR D 10 -80.67 -52.87 -35.99
C THR D 10 -81.76 -53.55 -36.81
N ILE D 11 -81.38 -54.22 -37.90
CA ILE D 11 -82.39 -54.90 -38.72
C ILE D 11 -83.13 -55.94 -37.89
N TRP D 12 -82.41 -56.59 -36.98
CA TRP D 12 -82.99 -57.64 -36.14
C TRP D 12 -83.91 -57.04 -35.08
N GLN D 13 -83.57 -55.85 -34.58
CA GLN D 13 -84.45 -55.20 -33.61
C GLN D 13 -85.67 -54.62 -34.30
N GLY D 14 -85.55 -54.26 -35.58
CA GLY D 14 -86.71 -53.85 -36.35
C GLY D 14 -87.62 -55.02 -36.69
N GLN D 15 -87.03 -56.12 -37.18
CA GLN D 15 -87.79 -57.34 -37.37
C GLN D 15 -88.48 -57.77 -36.08
N ALA D 16 -87.80 -57.62 -34.94
CA ALA D 16 -88.36 -58.08 -33.68
C ALA D 16 -89.56 -57.24 -33.26
N ILE D 17 -89.47 -55.91 -33.40
CA ILE D 17 -90.59 -55.07 -32.95
C ILE D 17 -91.82 -55.29 -33.81
N GLU D 18 -91.63 -55.57 -35.10
CA GLU D 18 -92.74 -55.83 -35.99
C GLU D 18 -93.19 -57.28 -35.95
N SER D 19 -92.37 -58.18 -35.39
CA SER D 19 -92.86 -59.51 -35.06
C SER D 19 -93.66 -59.49 -33.76
N GLY D 20 -93.08 -58.92 -32.71
CA GLY D 20 -93.76 -58.76 -31.45
C GLY D 20 -92.82 -58.50 -30.28
N LYS D 21 -93.02 -57.39 -29.58
CA LYS D 21 -92.17 -57.08 -28.43
C LYS D 21 -92.48 -57.97 -27.23
N ASP D 22 -93.53 -58.76 -27.30
CA ASP D 22 -93.77 -59.76 -26.27
C ASP D 22 -92.98 -61.04 -26.51
N LEU D 23 -92.31 -61.17 -27.66
CA LEU D 23 -91.66 -62.43 -27.98
C LEU D 23 -90.23 -62.46 -27.46
N LYS D 24 -89.69 -63.67 -27.39
CA LYS D 24 -88.30 -63.87 -26.98
C LYS D 24 -87.33 -63.23 -27.99
N MET D 25 -87.68 -63.26 -29.28
CA MET D 25 -86.93 -62.59 -30.34
C MET D 25 -86.52 -61.18 -29.98
N TYR D 26 -87.43 -60.44 -29.34
CA TYR D 26 -87.17 -59.05 -29.00
C TYR D 26 -86.12 -58.93 -27.92
N VAL D 27 -86.17 -59.80 -26.91
CA VAL D 27 -85.11 -59.83 -25.90
C VAL D 27 -83.77 -60.14 -26.56
N ASP D 28 -83.75 -61.12 -27.47
CA ASP D 28 -82.51 -61.48 -28.14
C ASP D 28 -81.97 -60.34 -29.01
N ALA D 29 -82.85 -59.50 -29.55
CA ALA D 29 -82.40 -58.44 -30.45
C ALA D 29 -82.14 -57.12 -29.75
N ALA D 30 -82.85 -56.83 -28.64
CA ALA D 30 -82.76 -55.53 -27.99
C ALA D 30 -82.17 -55.55 -26.60
N ALA D 31 -82.12 -56.70 -25.93
CA ALA D 31 -81.52 -56.79 -24.60
C ALA D 31 -80.08 -57.24 -24.68
N ILE D 32 -79.30 -56.56 -25.53
CA ILE D 32 -77.93 -56.92 -25.83
C ILE D 32 -77.08 -55.66 -25.78
N ILE D 33 -75.76 -55.86 -25.65
CA ILE D 33 -74.80 -54.76 -25.77
C ILE D 33 -73.69 -55.18 -26.72
N GLN D 34 -73.50 -54.40 -27.78
CA GLN D 34 -72.49 -54.70 -28.79
C GLN D 34 -71.13 -54.13 -28.38
N MET D 35 -70.09 -54.96 -28.50
CA MET D 35 -68.75 -54.59 -28.11
C MET D 35 -67.75 -55.05 -29.16
N ASN D 36 -66.66 -54.29 -29.30
CA ASN D 36 -65.54 -54.77 -30.09
C ASN D 36 -64.93 -55.99 -29.41
N PRO D 37 -64.43 -56.97 -30.18
CA PRO D 37 -63.84 -58.16 -29.55
C PRO D 37 -62.67 -57.84 -28.62
N GLU D 38 -61.87 -56.81 -28.91
CA GLU D 38 -60.79 -56.44 -28.02
C GLU D 38 -61.31 -56.01 -26.66
N MET D 39 -62.47 -55.32 -26.64
CA MET D 39 -63.00 -54.87 -25.36
C MET D 39 -63.54 -56.02 -24.54
N MET D 40 -64.18 -57.00 -25.20
CA MET D 40 -64.65 -58.19 -24.49
C MET D 40 -63.49 -58.93 -23.83
N LYS D 41 -62.40 -59.11 -24.56
CA LYS D 41 -61.21 -59.76 -24.03
C LYS D 41 -60.71 -59.07 -22.76
N GLN D 42 -60.65 -57.72 -22.79
CA GLN D 42 -60.06 -56.99 -21.67
C GLN D 42 -60.92 -57.11 -20.43
N LEU D 43 -62.24 -57.08 -20.56
CA LEU D 43 -63.08 -57.36 -19.40
C LEU D 43 -63.27 -58.85 -19.13
N GLY D 44 -62.77 -59.72 -20.02
CA GLY D 44 -62.79 -61.14 -19.73
C GLY D 44 -64.10 -61.88 -19.94
N ILE D 45 -64.89 -61.48 -20.93
CA ILE D 45 -66.17 -62.10 -21.20
C ILE D 45 -66.25 -62.53 -22.65
N ALA D 46 -67.15 -63.46 -22.93
CA ALA D 46 -67.39 -64.04 -24.23
C ALA D 46 -68.82 -63.75 -24.67
N GLU D 47 -69.09 -64.00 -25.95
CA GLU D 47 -70.45 -63.84 -26.46
C GLU D 47 -71.41 -64.71 -25.66
N GLY D 48 -72.55 -64.12 -25.28
CA GLY D 48 -73.53 -64.78 -24.46
C GLY D 48 -73.43 -64.46 -22.98
N ASP D 49 -72.28 -64.00 -22.50
CA ASP D 49 -72.16 -63.60 -21.11
C ASP D 49 -72.90 -62.29 -20.88
N ASN D 50 -73.36 -62.08 -19.64
CA ASN D 50 -74.15 -60.91 -19.31
C ASN D 50 -73.29 -59.79 -18.73
N VAL D 51 -73.81 -58.58 -18.87
CA VAL D 51 -73.10 -57.36 -18.47
C VAL D 51 -74.08 -56.48 -17.68
N LYS D 52 -73.56 -55.87 -16.62
CA LYS D 52 -74.28 -54.88 -15.85
C LYS D 52 -73.86 -53.49 -16.30
N VAL D 53 -74.82 -52.70 -16.79
CA VAL D 53 -74.58 -51.34 -17.26
C VAL D 53 -75.14 -50.39 -16.23
N ILE D 54 -74.31 -49.50 -15.71
CA ILE D 54 -74.75 -48.51 -14.73
C ILE D 54 -74.39 -47.12 -15.23
N SER D 55 -75.33 -46.20 -15.10
CA SER D 55 -75.16 -44.81 -15.46
C SER D 55 -75.65 -43.94 -14.32
N GLU D 56 -75.45 -42.63 -14.45
CA GLU D 56 -76.02 -41.67 -13.52
C GLU D 56 -77.53 -41.79 -13.40
N TYR D 57 -78.19 -42.42 -14.38
CA TYR D 57 -79.64 -42.37 -14.51
C TYR D 57 -80.34 -43.71 -14.30
N GLY D 58 -79.64 -44.84 -14.35
CA GLY D 58 -80.27 -46.12 -14.11
C GLY D 58 -79.30 -47.27 -14.22
N ASP D 59 -79.84 -48.47 -14.38
CA ASP D 59 -79.02 -49.68 -14.52
C ASP D 59 -79.83 -50.73 -15.25
N VAL D 60 -79.12 -51.66 -15.87
CA VAL D 60 -79.72 -52.69 -16.71
C VAL D 60 -78.73 -53.83 -16.85
N VAL D 61 -79.23 -55.03 -17.09
CA VAL D 61 -78.38 -56.17 -17.39
C VAL D 61 -78.72 -56.65 -18.79
N VAL D 62 -77.71 -56.76 -19.65
CA VAL D 62 -77.88 -57.09 -21.06
C VAL D 62 -76.83 -58.12 -21.44
N LYS D 63 -77.09 -58.84 -22.53
CA LYS D 63 -76.21 -59.91 -22.97
C LYS D 63 -75.17 -59.38 -23.95
N ALA D 64 -73.91 -59.73 -23.71
CA ALA D 64 -72.82 -59.24 -24.53
C ALA D 64 -72.82 -59.89 -25.90
N VAL D 65 -72.56 -59.09 -26.92
CA VAL D 65 -72.59 -59.53 -28.31
C VAL D 65 -71.39 -58.91 -29.02
N GLU D 66 -70.77 -59.65 -29.92
CA GLU D 66 -69.63 -59.13 -30.67
C GLU D 66 -70.16 -58.28 -31.81
N ALA D 67 -69.74 -57.01 -31.83
CA ALA D 67 -70.21 -56.08 -32.85
C ALA D 67 -69.67 -56.47 -34.22
N LYS D 68 -70.58 -56.69 -35.17
CA LYS D 68 -70.14 -56.88 -36.55
C LYS D 68 -70.00 -55.56 -37.30
N GLU D 69 -70.55 -54.48 -36.75
CA GLU D 69 -70.29 -53.12 -37.23
C GLU D 69 -69.29 -52.51 -36.26
N PRO D 70 -68.01 -52.42 -36.60
CA PRO D 70 -66.99 -52.06 -35.61
C PRO D 70 -67.27 -50.70 -34.98
N LEU D 71 -66.95 -50.60 -33.73
CA LEU D 71 -67.14 -49.43 -32.90
C LEU D 71 -65.82 -48.69 -32.72
N PRO D 72 -65.88 -47.37 -32.49
CA PRO D 72 -64.68 -46.65 -32.06
C PRO D 72 -64.19 -47.20 -30.73
N GLU D 73 -62.90 -46.99 -30.47
CA GLU D 73 -62.33 -47.43 -29.21
C GLU D 73 -63.05 -46.77 -28.05
N GLY D 74 -63.55 -47.59 -27.13
CA GLY D 74 -64.22 -47.09 -25.94
C GLY D 74 -65.73 -46.98 -26.03
N MET D 75 -66.33 -47.40 -27.14
CA MET D 75 -67.77 -47.25 -27.35
C MET D 75 -68.44 -48.61 -27.39
N VAL D 76 -69.68 -48.64 -26.89
CA VAL D 76 -70.53 -49.83 -26.95
C VAL D 76 -71.88 -49.41 -27.52
N TYR D 77 -72.65 -50.41 -27.97
CA TYR D 77 -73.90 -50.14 -28.67
C TYR D 77 -75.00 -50.97 -28.04
N ILE D 78 -76.06 -50.30 -27.59
CA ILE D 78 -77.30 -50.92 -27.15
C ILE D 78 -78.40 -50.54 -28.11
N PRO D 79 -79.09 -51.49 -28.74
CA PRO D 79 -80.21 -51.13 -29.62
C PRO D 79 -81.29 -50.41 -28.83
N MET D 80 -82.00 -49.51 -29.53
CA MET D 80 -83.11 -48.80 -28.91
C MET D 80 -84.12 -49.78 -28.32
N GLY D 81 -84.66 -49.42 -27.16
CA GLY D 81 -85.59 -50.27 -26.46
C GLY D 81 -85.63 -49.94 -24.98
N PRO D 82 -86.46 -50.65 -24.22
CA PRO D 82 -86.59 -50.33 -22.79
C PRO D 82 -85.35 -50.65 -21.98
N TRP D 83 -84.53 -51.60 -22.43
CA TRP D 83 -83.26 -51.86 -21.75
C TRP D 83 -82.31 -50.67 -21.88
N ALA D 84 -82.06 -50.23 -23.13
CA ALA D 84 -81.24 -49.03 -23.34
C ALA D 84 -81.78 -47.83 -22.60
N ASN D 85 -83.10 -47.70 -22.55
CA ASN D 85 -83.72 -46.51 -21.98
C ASN D 85 -83.83 -46.55 -20.47
N ARG D 86 -83.37 -47.63 -19.84
CA ARG D 86 -83.17 -47.61 -18.40
C ARG D 86 -81.96 -46.77 -18.02
N VAL D 87 -80.99 -46.61 -18.92
CA VAL D 87 -79.69 -46.04 -18.55
C VAL D 87 -79.34 -44.77 -19.31
N ILE D 88 -79.94 -44.48 -20.46
CA ILE D 88 -79.50 -43.28 -21.20
C ILE D 88 -80.00 -42.02 -20.49
N ARG D 89 -79.55 -40.87 -20.95
CA ARG D 89 -79.78 -39.60 -20.26
C ARG D 89 -81.15 -39.04 -20.62
N PRO D 90 -82.04 -38.79 -19.64
CA PRO D 90 -83.41 -38.38 -19.97
C PRO D 90 -83.58 -36.92 -20.34
N TYR D 91 -82.72 -36.04 -19.82
CA TYR D 91 -82.94 -34.61 -19.98
C TYR D 91 -82.91 -34.19 -21.44
N THR D 92 -83.78 -33.25 -21.79
CA THR D 92 -83.95 -32.81 -23.17
C THR D 92 -83.31 -31.47 -23.46
N ASP D 93 -82.73 -30.83 -22.45
CA ASP D 93 -82.10 -29.50 -22.60
C ASP D 93 -83.09 -28.49 -23.17
N SER D 94 -84.35 -28.61 -22.75
CA SER D 94 -85.44 -27.74 -23.22
C SER D 94 -85.63 -27.82 -24.74
N THR D 95 -85.51 -29.03 -25.29
CA THR D 95 -85.87 -29.27 -26.68
C THR D 95 -86.99 -30.29 -26.87
N ALA D 96 -87.39 -31.01 -25.82
CA ALA D 96 -88.33 -32.12 -25.75
C ALA D 96 -87.69 -33.46 -26.13
N THR D 97 -86.48 -33.48 -26.68
CA THR D 97 -85.85 -34.71 -27.16
C THR D 97 -84.80 -35.19 -26.17
N PRO D 98 -84.92 -36.39 -25.61
CA PRO D 98 -83.90 -36.90 -24.68
C PRO D 98 -82.57 -37.12 -25.39
N SER D 99 -81.54 -37.35 -24.58
CA SER D 99 -80.19 -37.64 -25.09
C SER D 99 -80.02 -39.15 -25.15
N PHE D 100 -80.55 -39.74 -26.22
CA PHE D 100 -80.51 -41.19 -26.39
C PHE D 100 -79.12 -41.73 -26.74
N LYS D 101 -78.17 -40.88 -27.15
CA LYS D 101 -76.92 -41.36 -27.72
C LYS D 101 -75.70 -40.75 -27.05
N ASN D 102 -74.68 -41.59 -26.85
CA ASN D 102 -73.34 -41.21 -26.42
C ASN D 102 -73.32 -40.77 -24.96
N ILE D 103 -73.55 -41.71 -24.04
CA ILE D 103 -73.72 -41.42 -22.63
C ILE D 103 -72.63 -42.18 -21.88
N PRO D 104 -71.91 -41.55 -20.96
CA PRO D 104 -70.92 -42.29 -20.15
C PRO D 104 -71.59 -43.33 -19.27
N VAL D 105 -71.13 -44.56 -19.38
CA VAL D 105 -71.66 -45.67 -18.60
C VAL D 105 -70.51 -46.45 -17.97
N GLU D 106 -70.87 -47.24 -16.95
CA GLU D 106 -69.97 -48.17 -16.29
C GLU D 106 -70.45 -49.57 -16.63
N ILE D 107 -69.57 -50.39 -17.18
CA ILE D 107 -69.95 -51.76 -17.52
C ILE D 107 -69.11 -52.73 -16.71
N ILE D 108 -69.73 -53.83 -16.31
CA ILE D 108 -69.18 -54.76 -15.34
C ILE D 108 -69.70 -56.15 -15.73
N PRO D 109 -68.91 -57.22 -15.64
CA PRO D 109 -69.48 -58.56 -15.85
C PRO D 109 -70.41 -58.92 -14.71
N THR D 110 -71.41 -59.75 -15.00
CA THR D 110 -72.33 -60.14 -13.93
C THR D 110 -72.95 -61.49 -14.25
N ASP D 111 -73.27 -62.23 -13.21
CA ASP D 111 -74.01 -63.49 -13.34
C ASP D 111 -75.52 -63.30 -13.25
N GLU D 112 -75.99 -62.07 -13.01
CA GLU D 112 -77.42 -61.82 -13.02
C GLU D 112 -78.01 -62.15 -14.39
N GLU D 113 -79.32 -62.36 -14.39
CA GLU D 113 -80.05 -62.76 -15.59
C GLU D 113 -80.64 -61.54 -16.27
N VAL D 114 -80.77 -61.63 -17.59
CA VAL D 114 -81.47 -60.62 -18.35
C VAL D 114 -82.95 -60.68 -18.04
N LEU D 115 -83.52 -59.52 -17.69
CA LEU D 115 -84.94 -59.43 -17.42
C LEU D 115 -85.70 -59.43 -18.74
N ASP D 116 -86.71 -60.29 -18.84
CA ASP D 116 -87.55 -60.28 -20.04
C ASP D 116 -88.45 -59.04 -20.02
N MET D 117 -89.24 -58.89 -21.08
CA MET D 117 -89.92 -57.62 -21.33
C MET D 117 -90.90 -57.26 -20.21
N PRO D 118 -91.89 -58.10 -19.87
CA PRO D 118 -92.83 -57.68 -18.81
C PRO D 118 -92.18 -57.55 -17.43
N THR D 119 -91.17 -58.37 -17.13
CA THR D 119 -90.49 -58.25 -15.84
C THR D 119 -89.71 -56.93 -15.73
N LEU D 120 -89.08 -56.52 -16.84
CA LEU D 120 -88.31 -55.29 -16.82
C LEU D 120 -89.17 -54.08 -16.46
N MET D 121 -90.39 -54.01 -16.99
CA MET D 121 -91.22 -52.83 -16.76
C MET D 121 -91.70 -52.72 -15.32
N LYS D 122 -91.77 -53.83 -14.59
CA LYS D 122 -92.24 -53.79 -13.21
C LYS D 122 -91.33 -52.94 -12.33
N VAL D 123 -90.07 -52.74 -12.74
CA VAL D 123 -89.15 -51.86 -12.00
C VAL D 123 -89.73 -50.46 -11.88
N TYR D 124 -90.56 -50.03 -12.83
CA TYR D 124 -91.15 -48.71 -12.77
C TYR D 124 -92.39 -48.67 -11.88
N GLY D 125 -92.92 -49.81 -11.47
CA GLY D 125 -93.95 -49.89 -10.45
C GLY D 125 -95.30 -49.32 -10.82
N LYS D 126 -95.89 -49.83 -11.89
CA LYS D 126 -97.18 -49.32 -12.34
C LYS D 126 -98.26 -49.56 -11.30
N VAL D 127 -98.94 -48.49 -10.90
CA VAL D 127 -100.09 -48.56 -10.00
C VAL D 127 -101.36 -48.47 -10.84
N GLY D 128 -102.31 -49.36 -10.56
CA GLY D 128 -103.53 -49.39 -11.33
C GLY D 128 -104.42 -48.18 -11.05
N GLN D 129 -105.27 -47.86 -12.02
CA GLN D 129 -106.19 -46.74 -11.90
C GLN D 129 -107.31 -46.84 -12.92
N ALA E 2 -68.35 -75.79 -59.97
CA ALA E 2 -67.86 -74.50 -60.45
C ALA E 2 -68.42 -73.36 -59.58
N ILE E 3 -67.81 -72.18 -59.71
CA ILE E 3 -68.28 -71.01 -58.98
C ILE E 3 -69.64 -70.59 -59.51
N GLY E 4 -70.56 -70.27 -58.59
CA GLY E 4 -71.91 -69.89 -58.93
C GLY E 4 -72.47 -68.98 -57.85
N LEU E 5 -73.68 -68.49 -58.09
CA LEU E 5 -74.36 -67.62 -57.15
C LEU E 5 -74.95 -68.45 -56.01
N LYS E 6 -74.73 -68.00 -54.78
CA LYS E 6 -75.26 -68.65 -53.58
C LYS E 6 -75.77 -67.57 -52.63
N ALA E 7 -76.97 -67.77 -52.11
CA ALA E 7 -77.61 -66.82 -51.21
C ALA E 7 -77.52 -67.30 -49.77
N TYR E 8 -77.34 -66.36 -48.84
CA TYR E 8 -77.37 -66.61 -47.41
C TYR E 8 -78.53 -65.81 -46.82
N PRO E 9 -79.77 -66.29 -46.98
CA PRO E 9 -80.92 -65.48 -46.53
C PRO E 9 -80.92 -65.17 -45.05
N GLU E 10 -80.31 -66.02 -44.21
CA GLU E 10 -80.33 -65.78 -42.78
C GLU E 10 -79.54 -64.53 -42.40
N LEU E 11 -78.62 -64.08 -43.26
CA LEU E 11 -77.87 -62.86 -43.04
C LEU E 11 -78.46 -61.65 -43.77
N CYS E 12 -79.45 -61.88 -44.63
CA CYS E 12 -79.96 -60.88 -45.56
C CYS E 12 -80.88 -59.87 -44.87
N HIS E 13 -80.82 -58.62 -45.37
CA HIS E 13 -81.69 -57.53 -44.91
C HIS E 13 -82.90 -57.30 -45.78
N GLY E 14 -82.94 -57.88 -46.98
CA GLY E 14 -83.97 -57.52 -47.93
C GLY E 14 -83.79 -56.15 -48.55
N CYS E 15 -82.58 -55.58 -48.48
CA CYS E 15 -82.42 -54.17 -48.83
C CYS E 15 -82.56 -53.94 -50.34
N GLY E 16 -82.25 -54.95 -51.14
CA GLY E 16 -82.45 -54.87 -52.57
C GLY E 16 -81.31 -54.32 -53.40
N ASN E 17 -80.16 -54.01 -52.80
CA ASN E 17 -79.07 -53.43 -53.58
C ASN E 17 -78.60 -54.39 -54.67
N CYS E 18 -78.48 -55.68 -54.35
CA CYS E 18 -78.04 -56.64 -55.35
C CYS E 18 -79.03 -56.73 -56.49
N VAL E 19 -80.33 -56.76 -56.17
CA VAL E 19 -81.36 -56.85 -57.20
C VAL E 19 -81.24 -55.69 -58.18
N ILE E 20 -81.04 -54.49 -57.66
CA ILE E 20 -80.96 -53.31 -58.51
C ILE E 20 -79.63 -53.24 -59.25
N ALA E 21 -78.53 -53.62 -58.57
CA ALA E 21 -77.20 -53.44 -59.15
C ALA E 21 -76.95 -54.39 -60.32
N CYS E 22 -77.55 -55.58 -60.30
CA CYS E 22 -77.32 -56.61 -61.30
C CYS E 22 -77.68 -56.13 -62.70
N PRO E 23 -76.76 -56.19 -63.67
CA PRO E 23 -77.10 -55.69 -65.02
C PRO E 23 -78.11 -56.58 -65.73
N VAL E 24 -78.09 -57.88 -65.50
CA VAL E 24 -79.07 -58.77 -66.11
C VAL E 24 -80.48 -58.36 -65.69
N ASN E 25 -80.68 -58.16 -64.38
CA ASN E 25 -81.97 -57.68 -63.89
C ASN E 25 -82.32 -56.33 -64.50
N ALA E 26 -81.38 -55.39 -64.48
CA ALA E 26 -81.61 -54.06 -65.03
C ALA E 26 -82.06 -54.14 -66.48
N LEU E 27 -81.35 -54.93 -67.29
CA LEU E 27 -81.65 -55.04 -68.71
C LEU E 27 -83.06 -55.55 -68.95
N ARG E 28 -83.53 -56.47 -68.12
CA ARG E 28 -84.81 -57.14 -68.35
C ARG E 28 -85.99 -56.42 -67.72
N SER E 29 -85.77 -55.61 -66.69
CA SER E 29 -86.86 -54.92 -65.99
C SER E 29 -86.49 -53.47 -65.80
N PRO E 30 -87.11 -52.55 -66.55
CA PRO E 30 -86.83 -51.12 -66.35
C PRO E 30 -87.13 -50.64 -64.93
N GLU E 31 -88.11 -51.24 -64.27
CA GLU E 31 -88.41 -50.84 -62.89
C GLU E 31 -87.22 -51.16 -61.99
N VAL E 32 -86.62 -52.34 -62.20
CA VAL E 32 -85.42 -52.72 -61.46
C VAL E 32 -84.24 -51.83 -61.84
N ALA E 33 -84.10 -51.53 -63.13
CA ALA E 33 -83.06 -50.62 -63.58
C ALA E 33 -83.17 -49.29 -62.85
N GLY E 34 -84.39 -48.83 -62.61
CA GLY E 34 -84.64 -47.58 -61.92
C GLY E 34 -84.81 -47.71 -60.42
N GLY E 35 -84.40 -48.84 -59.85
CA GLY E 35 -84.33 -48.98 -58.40
C GLY E 35 -85.57 -49.50 -57.71
N LYS E 36 -86.63 -49.84 -58.45
CA LYS E 36 -87.84 -50.37 -57.84
C LYS E 36 -87.85 -51.89 -57.89
N GLY E 37 -88.57 -52.49 -56.96
CA GLY E 37 -88.89 -53.89 -57.05
C GLY E 37 -89.81 -54.10 -58.24
N PRO E 38 -89.72 -55.27 -58.87
CA PRO E 38 -90.58 -55.53 -60.04
C PRO E 38 -92.04 -55.65 -59.62
N THR E 39 -92.90 -54.98 -60.38
CA THR E 39 -94.35 -55.17 -60.31
C THR E 39 -94.88 -55.97 -61.49
N ASP E 40 -94.47 -55.60 -62.70
CA ASP E 40 -94.72 -56.44 -63.85
C ASP E 40 -94.08 -57.81 -63.64
N ASP E 41 -94.70 -58.83 -64.24
CA ASP E 41 -94.15 -60.17 -64.22
C ASP E 41 -92.89 -60.21 -65.09
N VAL E 42 -91.77 -60.65 -64.52
CA VAL E 42 -90.51 -60.75 -65.24
C VAL E 42 -89.73 -61.95 -64.74
N GLU E 43 -88.86 -62.48 -65.60
CA GLU E 43 -87.89 -63.51 -65.22
C GLU E 43 -86.54 -62.83 -65.02
N ILE E 44 -86.09 -62.77 -63.77
CA ILE E 44 -84.81 -62.19 -63.43
C ILE E 44 -84.08 -63.15 -62.50
N ILE E 45 -82.82 -62.83 -62.20
CA ILE E 45 -81.96 -63.78 -61.50
C ILE E 45 -82.43 -63.97 -60.05
N MET E 46 -82.61 -62.87 -59.32
CA MET E 46 -83.09 -62.98 -57.96
C MET E 46 -83.95 -61.76 -57.62
N ILE E 47 -84.80 -61.94 -56.62
CA ILE E 47 -85.64 -60.88 -56.08
C ILE E 47 -85.63 -61.00 -54.56
N VAL E 48 -86.11 -59.95 -53.91
CA VAL E 48 -86.40 -60.00 -52.47
C VAL E 48 -87.81 -60.55 -52.32
N GLU E 49 -87.92 -61.66 -51.59
CA GLU E 49 -89.21 -62.31 -51.40
C GLU E 49 -89.31 -62.73 -49.95
N ASP E 50 -90.45 -62.45 -49.34
CA ASP E 50 -90.64 -62.62 -47.89
C ASP E 50 -89.46 -62.07 -47.10
N GLY E 51 -89.00 -60.89 -47.48
CA GLY E 51 -88.04 -60.13 -46.72
C GLY E 51 -86.56 -60.42 -46.95
N VAL E 52 -86.23 -61.38 -47.84
CA VAL E 52 -84.84 -61.79 -48.05
C VAL E 52 -84.59 -62.09 -49.53
N VAL E 53 -83.31 -62.18 -49.88
CA VAL E 53 -82.90 -62.48 -51.25
C VAL E 53 -83.33 -63.89 -51.61
N ASN E 54 -83.75 -64.06 -52.86
CA ASN E 54 -84.30 -65.34 -53.29
C ASN E 54 -83.91 -65.54 -54.74
N ILE E 55 -83.09 -66.56 -55.00
CA ILE E 55 -82.57 -66.80 -56.35
C ILE E 55 -83.60 -67.56 -57.17
N LYS E 56 -83.99 -66.97 -58.31
CA LYS E 56 -85.03 -67.52 -59.17
C LYS E 56 -84.54 -68.10 -60.50
N ASN E 57 -83.48 -67.52 -61.08
CA ASN E 57 -82.99 -67.92 -62.40
C ASN E 57 -81.47 -67.94 -62.38
N PRO E 58 -80.88 -68.92 -61.69
CA PRO E 58 -79.40 -68.92 -61.58
C PRO E 58 -78.69 -69.14 -62.91
N ASP E 59 -79.35 -69.70 -63.91
CA ASP E 59 -78.70 -69.92 -65.21
C ASP E 59 -78.39 -68.62 -65.92
N LEU E 60 -79.09 -67.53 -65.59
CA LEU E 60 -78.86 -66.26 -66.26
C LEU E 60 -77.68 -65.50 -65.67
N CYS E 61 -77.15 -65.96 -64.55
CA CYS E 61 -76.06 -65.29 -63.86
C CYS E 61 -74.75 -65.48 -64.60
N GLY E 62 -74.10 -64.36 -64.92
CA GLY E 62 -72.80 -64.38 -65.57
C GLY E 62 -71.61 -64.30 -64.66
N LYS E 63 -71.81 -64.37 -63.34
CA LYS E 63 -70.73 -64.35 -62.35
C LYS E 63 -69.79 -63.16 -62.54
N CYS E 64 -70.38 -61.97 -62.69
CA CYS E 64 -69.55 -60.77 -62.87
C CYS E 64 -69.04 -60.22 -61.54
N GLY E 65 -69.82 -60.35 -60.47
CA GLY E 65 -69.39 -59.91 -59.15
C GLY E 65 -70.00 -58.62 -58.68
N THR E 66 -70.90 -58.02 -59.46
CA THR E 66 -71.44 -56.71 -59.12
C THR E 66 -72.30 -56.77 -57.85
N CYS E 67 -73.21 -57.74 -57.78
CA CYS E 67 -74.07 -57.86 -56.60
C CYS E 67 -73.25 -58.04 -55.34
N VAL E 68 -72.19 -58.86 -55.40
CA VAL E 68 -71.38 -59.13 -54.23
C VAL E 68 -70.80 -57.83 -53.67
N GLU E 69 -70.31 -56.96 -54.55
CA GLU E 69 -69.78 -55.68 -54.09
C GLU E 69 -70.87 -54.83 -53.45
N SER E 70 -72.10 -54.93 -53.93
CA SER E 70 -73.18 -54.08 -53.46
C SER E 70 -73.74 -54.50 -52.11
N CYS E 71 -73.47 -55.73 -51.67
CA CYS E 71 -73.96 -56.22 -50.38
C CYS E 71 -72.96 -55.95 -49.28
N PRO E 72 -73.31 -55.18 -48.24
CA PRO E 72 -72.34 -54.95 -47.15
C PRO E 72 -72.26 -56.08 -46.14
N VAL E 73 -73.22 -57.01 -46.10
CA VAL E 73 -73.27 -58.02 -45.06
C VAL E 73 -73.01 -59.42 -45.62
N ASP E 74 -72.42 -59.52 -46.80
CA ASP E 74 -72.00 -60.80 -47.40
C ASP E 74 -73.13 -61.83 -47.40
N ALA E 75 -74.34 -61.38 -47.76
CA ALA E 75 -75.49 -62.28 -47.83
C ALA E 75 -75.68 -62.91 -49.21
N ILE E 76 -74.99 -62.41 -50.24
CA ILE E 76 -74.99 -63.00 -51.57
C ILE E 76 -73.55 -63.09 -52.04
N ARG E 77 -73.18 -64.24 -52.61
CA ARG E 77 -71.77 -64.52 -52.87
C ARG E 77 -71.61 -65.32 -54.16
N LEU E 78 -70.36 -65.34 -54.63
CA LEU E 78 -69.92 -66.22 -55.71
C LEU E 78 -68.93 -67.22 -55.11
N GLU E 79 -69.32 -68.48 -55.06
CA GLU E 79 -68.45 -69.52 -54.54
C GLU E 79 -68.76 -70.80 -55.32
N GLU E 80 -67.95 -71.83 -55.06
CA GLU E 80 -68.16 -73.12 -55.71
C GLU E 80 -69.46 -73.74 -55.23
N LEU E 81 -70.26 -74.22 -56.17
CA LEU E 81 -71.59 -74.78 -55.89
C LEU E 81 -72.51 -73.75 -55.24
N THR F 3 -47.30 -87.63 -65.84
CA THR F 3 -47.27 -86.19 -65.73
C THR F 3 -47.78 -85.73 -64.36
N THR F 4 -46.96 -84.94 -63.68
CA THR F 4 -47.22 -84.47 -62.33
C THR F 4 -47.75 -83.04 -62.34
N GLU F 5 -48.43 -82.66 -61.25
CA GLU F 5 -48.87 -81.28 -61.06
C GLU F 5 -48.73 -80.91 -59.60
N VAL F 6 -47.94 -79.87 -59.33
CA VAL F 6 -47.77 -79.34 -57.98
C VAL F 6 -48.46 -77.99 -57.91
N ILE F 7 -49.19 -77.75 -56.82
CA ILE F 7 -49.90 -76.49 -56.61
C ILE F 7 -49.26 -75.79 -55.42
N GLU F 8 -48.66 -74.63 -55.68
CA GLU F 8 -48.00 -73.83 -54.66
C GLU F 8 -48.75 -72.50 -54.54
N GLY F 9 -49.63 -72.42 -53.55
CA GLY F 9 -50.51 -71.27 -53.44
C GLY F 9 -51.55 -71.29 -54.54
N LYS F 10 -51.63 -70.23 -55.33
CA LYS F 10 -52.52 -70.21 -56.48
C LYS F 10 -51.78 -70.51 -57.79
N ASN F 11 -50.48 -70.75 -57.74
CA ASN F 11 -49.75 -71.09 -58.95
C ASN F 11 -49.87 -72.59 -59.21
N ILE F 12 -49.70 -72.96 -60.49
CA ILE F 12 -49.83 -74.35 -60.93
C ILE F 12 -48.62 -74.71 -61.77
N THR F 13 -47.97 -75.82 -61.45
CA THR F 13 -46.87 -76.34 -62.25
C THR F 13 -47.21 -77.75 -62.69
N VAL F 14 -47.24 -77.97 -64.01
CA VAL F 14 -47.43 -79.29 -64.60
C VAL F 14 -46.11 -79.72 -65.21
N GLU F 15 -45.60 -80.87 -64.77
CA GLU F 15 -44.28 -81.35 -65.22
C GLU F 15 -44.32 -82.83 -65.53
N ARG F 16 -43.64 -83.23 -66.60
CA ARG F 16 -43.43 -84.64 -66.94
C ARG F 16 -41.93 -84.94 -66.88
N THR F 17 -41.57 -86.03 -66.21
CA THR F 17 -40.15 -86.37 -66.07
C THR F 17 -39.55 -86.74 -67.42
N GLY F 18 -40.27 -87.53 -68.21
CA GLY F 18 -39.79 -87.97 -69.52
C GLY F 18 -38.43 -88.65 -69.49
N ASN F 21 -37.49 -83.46 -70.51
CA ASN F 21 -38.23 -82.87 -69.40
C ASN F 21 -39.01 -81.63 -69.84
N ARG F 22 -40.33 -81.68 -69.63
CA ARG F 22 -41.23 -80.59 -69.94
C ARG F 22 -41.90 -80.10 -68.67
N ARG F 23 -42.07 -78.78 -68.56
CA ARG F 23 -42.64 -78.17 -67.36
C ARG F 23 -43.45 -76.95 -67.77
N LEU F 24 -44.72 -76.91 -67.38
CA LEU F 24 -45.62 -75.80 -67.66
C LEU F 24 -45.94 -75.10 -66.35
N ILE F 25 -45.53 -73.84 -66.23
CA ILE F 25 -45.75 -73.05 -65.02
C ILE F 25 -46.76 -71.95 -65.30
N PHE F 26 -47.77 -71.87 -64.44
CA PHE F 26 -48.79 -70.83 -64.46
C PHE F 26 -48.62 -69.93 -63.25
N GLN F 27 -48.55 -68.63 -63.49
CA GLN F 27 -48.42 -67.61 -62.45
C GLN F 27 -49.76 -66.89 -62.30
N ASP F 28 -50.50 -67.24 -61.24
CA ASP F 28 -51.83 -66.68 -61.01
C ASP F 28 -51.82 -65.15 -61.07
N CYS F 29 -50.82 -64.52 -60.44
CA CYS F 29 -50.80 -63.07 -60.31
C CYS F 29 -50.73 -62.35 -61.66
N LEU F 30 -50.20 -63.01 -62.69
CA LEU F 30 -50.09 -62.40 -64.01
C LEU F 30 -51.28 -62.68 -64.92
N CYS F 31 -52.19 -63.55 -64.50
CA CYS F 31 -53.30 -63.97 -65.35
C CYS F 31 -54.42 -62.92 -65.35
N ALA F 32 -54.80 -62.49 -66.54
CA ALA F 32 -55.89 -61.52 -66.72
C ALA F 32 -57.23 -62.19 -66.97
N VAL F 33 -57.29 -63.52 -66.96
CA VAL F 33 -58.52 -64.30 -67.11
C VAL F 33 -59.20 -63.95 -68.43
N CYS F 34 -58.41 -63.82 -69.50
CA CYS F 34 -59.02 -63.50 -70.78
C CYS F 34 -59.64 -64.73 -71.43
N GLY F 35 -59.18 -65.93 -71.08
CA GLY F 35 -59.76 -67.16 -71.56
C GLY F 35 -59.04 -67.78 -72.74
N LEU F 36 -58.06 -67.08 -73.33
CA LEU F 36 -57.48 -67.52 -74.60
C LEU F 36 -56.78 -68.87 -74.48
N CYS F 37 -56.14 -69.15 -73.34
CA CYS F 37 -55.45 -70.43 -73.21
C CYS F 37 -56.45 -71.58 -73.30
N GLY F 38 -57.60 -71.43 -72.65
CA GLY F 38 -58.60 -72.50 -72.65
C GLY F 38 -59.14 -72.79 -74.03
N GLU F 39 -59.31 -71.75 -74.86
CA GLU F 39 -59.87 -71.95 -76.18
C GLU F 39 -58.88 -72.65 -77.10
N ILE F 40 -57.60 -72.26 -77.02
CA ILE F 40 -56.60 -72.74 -77.96
C ILE F 40 -56.19 -74.17 -77.67
N CYS F 41 -56.37 -74.64 -76.45
CA CYS F 41 -55.89 -75.96 -76.05
C CYS F 41 -56.48 -77.06 -76.92
N PRO F 42 -55.66 -77.80 -77.67
CA PRO F 42 -56.22 -78.86 -78.52
C PRO F 42 -56.86 -79.98 -77.73
N VAL F 43 -56.41 -80.20 -76.49
CA VAL F 43 -56.90 -81.31 -75.68
C VAL F 43 -57.91 -80.85 -74.62
N SER F 44 -58.36 -79.59 -74.70
CA SER F 44 -59.32 -79.01 -73.74
C SER F 44 -58.94 -79.34 -72.31
N ALA F 45 -57.65 -79.15 -72.00
CA ALA F 45 -57.13 -79.44 -70.67
C ALA F 45 -57.28 -78.28 -69.70
N ILE F 46 -57.66 -77.10 -70.18
CA ILE F 46 -57.73 -75.90 -69.35
C ILE F 46 -59.19 -75.51 -69.18
N GLU F 47 -59.58 -75.20 -67.95
CA GLU F 47 -60.86 -74.57 -67.67
C GLU F 47 -60.61 -73.24 -66.97
N VAL F 48 -61.18 -72.17 -67.52
CA VAL F 48 -60.96 -70.81 -67.02
C VAL F 48 -62.20 -70.35 -66.26
N ASN F 49 -61.99 -69.91 -65.03
CA ASN F 49 -63.07 -69.44 -64.17
C ASN F 49 -63.66 -68.14 -64.69
N PRO F 50 -64.86 -67.75 -64.23
CA PRO F 50 -65.48 -66.52 -64.70
C PRO F 50 -64.61 -65.30 -64.47
N THR F 51 -64.43 -64.51 -65.52
CA THR F 51 -63.52 -63.36 -65.48
C THR F 51 -63.91 -62.36 -64.39
N GLY F 52 -65.17 -61.93 -64.39
CA GLY F 52 -65.62 -60.95 -63.42
C GLY F 52 -65.38 -61.38 -61.98
N ALA F 53 -65.82 -62.59 -61.64
CA ALA F 53 -65.68 -63.09 -60.27
C ALA F 53 -64.23 -63.10 -59.82
N MET F 54 -63.31 -63.54 -60.69
CA MET F 54 -61.92 -63.66 -60.31
C MET F 54 -61.23 -62.30 -60.15
N VAL F 55 -61.75 -61.26 -60.80
CA VAL F 55 -61.16 -59.93 -60.72
C VAL F 55 -61.82 -59.07 -59.65
N ARG F 56 -63.14 -59.21 -59.47
CA ARG F 56 -63.89 -58.34 -58.58
C ARG F 56 -64.13 -58.91 -57.19
N THR F 57 -63.98 -60.22 -57.00
CA THR F 57 -64.31 -60.84 -55.72
C THR F 57 -63.13 -61.67 -55.24
N GLU F 58 -63.12 -61.88 -53.94
CA GLU F 58 -62.11 -62.70 -53.30
C GLU F 58 -62.41 -64.17 -53.59
N GLN F 59 -61.41 -64.90 -54.05
CA GLN F 59 -61.57 -66.32 -54.36
C GLN F 59 -60.28 -67.03 -53.93
N GLU F 60 -60.44 -68.21 -53.34
CA GLU F 60 -59.29 -69.04 -53.05
C GLU F 60 -58.83 -69.84 -54.25
N LYS F 61 -59.75 -70.15 -55.16
CA LYS F 61 -59.42 -70.91 -56.36
C LYS F 61 -58.45 -70.12 -57.24
N SER F 62 -57.66 -70.85 -58.02
CA SER F 62 -56.87 -70.24 -59.07
C SER F 62 -57.77 -69.75 -60.20
N LYS F 63 -57.24 -68.84 -61.01
CA LYS F 63 -58.01 -68.31 -62.13
C LYS F 63 -58.26 -69.37 -63.19
N ILE F 64 -57.33 -70.33 -63.35
CA ILE F 64 -57.53 -71.44 -64.28
C ILE F 64 -57.28 -72.73 -63.54
N ALA F 65 -57.74 -73.83 -64.13
CA ALA F 65 -57.41 -75.19 -63.69
C ALA F 65 -56.88 -75.96 -64.90
N ILE F 66 -55.81 -76.71 -64.69
CA ILE F 66 -55.21 -77.52 -65.75
C ILE F 66 -55.28 -78.98 -65.36
N ASP F 67 -55.80 -79.81 -66.27
CA ASP F 67 -55.91 -81.25 -66.06
C ASP F 67 -54.62 -81.91 -66.55
N GLU F 68 -53.86 -82.48 -65.62
CA GLU F 68 -52.58 -83.08 -66.00
C GLU F 68 -52.78 -84.33 -66.85
N ASN F 69 -53.82 -85.12 -66.57
CA ASN F 69 -54.07 -86.33 -67.34
C ASN F 69 -54.39 -86.05 -68.79
N LYS F 70 -54.86 -84.85 -69.12
CA LYS F 70 -55.19 -84.49 -70.49
C LYS F 70 -54.09 -83.69 -71.18
N CYS F 71 -53.33 -82.92 -70.40
CA CYS F 71 -52.31 -82.04 -70.91
C CYS F 71 -51.18 -82.80 -71.60
N VAL F 72 -50.91 -82.46 -72.86
CA VAL F 72 -49.80 -83.08 -73.60
C VAL F 72 -48.58 -82.17 -73.64
N LEU F 73 -48.61 -81.05 -72.90
CA LEU F 73 -47.52 -80.09 -72.81
C LEU F 73 -46.94 -79.73 -74.19
N CYS F 74 -47.84 -79.30 -75.08
CA CYS F 74 -47.40 -78.85 -76.40
C CYS F 74 -46.99 -77.39 -76.38
N GLY F 75 -47.55 -76.59 -75.48
CA GLY F 75 -47.13 -75.21 -75.30
C GLY F 75 -47.83 -74.17 -76.12
N MET F 76 -48.99 -74.47 -76.69
CA MET F 76 -49.73 -73.45 -77.42
C MET F 76 -50.28 -72.40 -76.47
N CYS F 77 -50.80 -72.83 -75.31
CA CYS F 77 -51.31 -71.88 -74.33
C CYS F 77 -50.25 -70.89 -73.90
N SER F 78 -49.03 -71.37 -73.68
CA SER F 78 -47.94 -70.48 -73.31
C SER F 78 -47.64 -69.50 -74.43
N SER F 79 -47.70 -69.97 -75.68
CA SER F 79 -47.42 -69.11 -76.82
C SER F 79 -48.47 -68.02 -76.97
N ILE F 80 -49.75 -68.37 -76.85
CA ILE F 80 -50.82 -67.42 -77.16
C ILE F 80 -50.96 -66.36 -76.07
N CYS F 81 -50.66 -66.71 -74.81
CA CYS F 81 -50.92 -65.86 -73.65
C CYS F 81 -50.34 -64.47 -73.78
N PRO F 82 -51.21 -63.44 -73.89
CA PRO F 82 -50.70 -62.06 -73.97
C PRO F 82 -50.14 -61.52 -72.66
N PHE F 83 -50.33 -62.23 -71.55
CA PHE F 83 -49.98 -61.70 -70.24
C PHE F 83 -48.81 -62.43 -69.58
N GLN F 84 -48.12 -63.30 -70.33
CA GLN F 84 -46.93 -64.01 -69.84
C GLN F 84 -47.20 -64.81 -68.57
N ALA F 85 -48.45 -65.22 -68.36
CA ALA F 85 -48.83 -65.97 -67.18
C ALA F 85 -48.61 -67.47 -67.32
N LEU F 86 -48.34 -67.95 -68.54
CA LEU F 86 -48.10 -69.36 -68.81
C LEU F 86 -46.75 -69.51 -69.50
N ASP F 87 -45.89 -70.34 -68.93
CA ASP F 87 -44.54 -70.56 -69.44
C ASP F 87 -44.27 -72.05 -69.54
N LEU F 88 -44.00 -72.52 -70.75
CA LEU F 88 -43.55 -73.89 -70.92
C LEU F 88 -42.02 -73.91 -71.04
N GLN F 89 -41.40 -74.83 -70.31
CA GLN F 89 -39.94 -74.97 -70.26
C GLN F 89 -39.55 -76.37 -70.69
N ILE F 90 -38.46 -76.47 -71.46
CA ILE F 90 -37.96 -77.74 -71.97
C ILE F 90 -36.49 -77.89 -71.63
N ASP F 91 -36.15 -78.90 -70.84
CA ASP F 91 -34.76 -79.26 -70.48
C ASP F 91 -34.11 -78.02 -69.95
N GLY F 92 -34.69 -77.67 -68.83
CA GLY F 92 -35.18 -76.34 -68.48
C GLY F 92 -35.00 -75.02 -69.24
N THR F 93 -35.45 -74.91 -70.49
CA THR F 93 -35.38 -73.66 -71.25
C THR F 93 -36.79 -73.23 -71.61
N SER F 94 -37.10 -71.93 -71.47
CA SER F 94 -38.46 -71.48 -71.76
C SER F 94 -38.61 -71.35 -73.26
N ILE F 95 -39.81 -71.68 -73.77
CA ILE F 95 -39.97 -71.83 -75.21
C ILE F 95 -39.81 -70.51 -75.94
N LYS F 96 -39.82 -69.40 -75.21
CA LYS F 96 -39.69 -68.08 -75.82
C LYS F 96 -38.34 -67.93 -76.48
N GLU F 97 -37.34 -68.67 -76.00
CA GLU F 97 -35.99 -68.59 -76.54
C GLU F 97 -35.72 -69.68 -77.56
N LEU F 98 -36.66 -70.62 -77.76
CA LEU F 98 -36.48 -71.71 -78.69
C LEU F 98 -37.18 -71.35 -80.00
N ALA F 99 -36.41 -71.31 -81.09
CA ALA F 99 -36.96 -70.93 -82.39
C ALA F 99 -37.91 -71.98 -82.94
N GLU F 100 -37.81 -73.23 -82.47
CA GLU F 100 -38.75 -74.26 -82.90
C GLU F 100 -40.18 -73.88 -82.58
N TYR F 101 -40.40 -73.20 -81.46
CA TYR F 101 -41.77 -72.88 -81.03
C TYR F 101 -42.21 -71.55 -81.60
N PRO F 102 -43.36 -71.50 -82.28
CA PRO F 102 -43.89 -70.22 -82.76
C PRO F 102 -44.11 -69.26 -81.61
N LYS F 103 -43.80 -67.99 -81.85
CA LYS F 103 -43.87 -66.95 -80.83
C LYS F 103 -44.77 -65.81 -81.31
N ILE F 104 -45.53 -65.25 -80.37
CA ILE F 104 -46.32 -64.06 -80.64
C ILE F 104 -45.41 -62.86 -80.85
N ILE F 105 -45.72 -62.03 -81.84
CA ILE F 105 -44.87 -60.89 -82.19
C ILE F 105 -45.47 -59.63 -81.58
N LYS F 106 -44.68 -58.95 -80.75
CA LYS F 106 -45.10 -57.76 -80.02
C LYS F 106 -43.83 -57.06 -79.56
N SER F 107 -43.95 -55.78 -79.22
CA SER F 107 -42.78 -55.05 -78.75
C SER F 107 -43.20 -53.79 -78.03
N ALA F 108 -42.29 -53.31 -77.17
CA ALA F 108 -42.49 -52.08 -76.42
C ALA F 108 -41.11 -51.51 -76.12
N GLU F 109 -40.82 -50.32 -76.62
CA GLU F 109 -39.46 -49.78 -76.53
C GLU F 109 -39.49 -48.28 -76.31
N ILE F 110 -38.48 -47.79 -75.61
CA ILE F 110 -38.30 -46.37 -75.34
C ILE F 110 -36.92 -45.97 -75.83
N ASP F 111 -36.88 -44.95 -76.69
CA ASP F 111 -35.63 -44.36 -77.15
C ASP F 111 -35.09 -43.47 -76.03
N ASP F 112 -34.03 -43.94 -75.37
CA ASP F 112 -33.52 -43.27 -74.17
C ASP F 112 -32.87 -41.92 -74.48
N GLU F 113 -32.41 -41.71 -75.71
CA GLU F 113 -31.84 -40.41 -76.07
C GLU F 113 -32.94 -39.37 -76.25
N THR F 114 -34.08 -39.76 -76.80
CA THR F 114 -35.21 -38.86 -77.01
C THR F 114 -35.96 -38.60 -75.72
N CYS F 115 -36.07 -39.63 -74.87
CA CYS F 115 -36.74 -39.51 -73.59
C CYS F 115 -36.19 -38.35 -72.76
N ILE F 116 -37.10 -37.56 -72.19
CA ILE F 116 -36.74 -36.43 -71.34
C ILE F 116 -37.15 -36.66 -69.89
N GLN F 117 -37.54 -37.90 -69.55
CA GLN F 117 -37.77 -38.31 -68.17
C GLN F 117 -38.95 -37.59 -67.53
N CYS F 118 -40.02 -37.34 -68.30
CA CYS F 118 -41.17 -36.65 -67.73
C CYS F 118 -42.02 -37.56 -66.85
N LYS F 119 -41.91 -38.89 -67.04
CA LYS F 119 -42.58 -39.93 -66.26
C LYS F 119 -44.07 -40.08 -66.54
N ALA F 120 -44.59 -39.49 -67.62
CA ALA F 120 -46.01 -39.65 -67.93
C ALA F 120 -46.35 -41.12 -68.19
N CYS F 121 -45.47 -41.82 -68.91
CA CYS F 121 -45.76 -43.21 -69.27
C CYS F 121 -45.72 -44.11 -68.05
N GLU F 122 -44.80 -43.84 -67.12
CA GLU F 122 -44.78 -44.54 -65.84
C GLU F 122 -46.12 -44.43 -65.14
N THR F 123 -46.67 -43.23 -65.08
CA THR F 123 -48.00 -43.03 -64.48
C THR F 123 -49.10 -43.69 -65.32
N ALA F 124 -48.99 -43.60 -66.65
CA ALA F 124 -50.07 -44.05 -67.52
C ALA F 124 -50.14 -45.57 -67.64
N CYS F 125 -49.03 -46.27 -67.46
CA CYS F 125 -48.94 -47.71 -67.69
C CYS F 125 -49.94 -48.50 -66.86
N PRO F 126 -50.91 -49.16 -67.48
CA PRO F 126 -51.90 -49.91 -66.70
C PRO F 126 -51.33 -51.11 -65.96
N GLN F 127 -50.13 -51.56 -66.31
CA GLN F 127 -49.51 -52.71 -65.67
C GLN F 127 -48.32 -52.33 -64.80
N ASP F 128 -48.04 -51.03 -64.67
CA ASP F 128 -46.88 -50.54 -63.93
C ASP F 128 -45.60 -51.24 -64.37
N ALA F 129 -45.49 -51.46 -65.68
CA ALA F 129 -44.34 -52.17 -66.23
C ALA F 129 -43.13 -51.26 -66.41
N ILE F 130 -43.33 -49.94 -66.32
CA ILE F 130 -42.31 -48.96 -66.66
C ILE F 130 -41.68 -48.43 -65.37
N THR F 131 -40.35 -48.35 -65.37
CA THR F 131 -39.60 -47.58 -64.39
C THR F 131 -38.88 -46.43 -65.11
N ILE F 132 -39.11 -45.21 -64.64
CA ILE F 132 -38.39 -44.04 -65.14
C ILE F 132 -37.68 -43.41 -63.95
N THR F 133 -36.36 -43.29 -64.04
CA THR F 133 -35.58 -42.60 -63.02
C THR F 133 -35.15 -41.25 -63.56
N ARG F 134 -34.96 -40.29 -62.65
CA ARG F 134 -34.37 -39.02 -63.08
C ARG F 134 -33.62 -38.39 -61.93
N GLU F 135 -32.47 -37.79 -62.25
CA GLU F 135 -31.64 -37.06 -61.30
C GLU F 135 -31.87 -35.57 -61.55
N LEU F 136 -32.43 -34.89 -60.56
CA LEU F 136 -32.57 -33.46 -60.70
C LEU F 136 -31.34 -32.77 -60.12
N PRO F 137 -31.06 -31.53 -60.54
CA PRO F 137 -29.94 -30.81 -59.93
C PRO F 137 -30.24 -30.49 -58.47
N GLU F 138 -29.17 -30.28 -57.71
CA GLU F 138 -29.35 -29.80 -56.35
C GLU F 138 -29.80 -28.35 -56.33
N ARG F 139 -30.57 -28.03 -55.28
CA ARG F 139 -31.17 -26.71 -55.15
C ARG F 139 -30.09 -25.63 -55.10
N LYS F 140 -29.05 -25.86 -54.29
CA LYS F 140 -27.95 -24.90 -54.15
C LYS F 140 -27.40 -24.43 -55.49
N ASP F 141 -27.36 -25.32 -56.49
CA ASP F 141 -26.76 -24.99 -57.79
C ASP F 141 -27.70 -24.24 -58.73
N LEU F 142 -28.96 -24.01 -58.36
CA LEU F 142 -29.85 -23.21 -59.19
C LEU F 142 -30.07 -21.85 -58.56
N VAL F 143 -29.20 -21.46 -57.64
CA VAL F 143 -29.48 -20.26 -56.88
C VAL F 143 -28.12 -19.68 -56.44
N THR F 144 -28.04 -18.36 -56.24
CA THR F 144 -26.79 -17.75 -55.77
C THR F 144 -27.05 -16.57 -54.84
N GLY F 145 -26.21 -16.44 -53.83
CA GLY F 145 -26.31 -15.33 -52.89
C GLY F 145 -25.29 -15.49 -51.80
N GLU F 146 -25.20 -14.47 -50.96
CA GLU F 146 -24.40 -14.50 -49.75
C GLU F 146 -25.33 -14.29 -48.56
N ILE F 147 -25.03 -14.96 -47.46
CA ILE F 147 -25.81 -14.73 -46.24
C ILE F 147 -24.93 -15.00 -45.03
N GLU F 148 -24.94 -14.06 -44.09
CA GLU F 148 -24.21 -14.20 -42.84
C GLU F 148 -25.06 -13.61 -41.73
N ILE F 149 -25.01 -14.25 -40.56
CA ILE F 149 -25.73 -13.79 -39.39
C ILE F 149 -24.71 -13.42 -38.33
N ASP F 150 -24.76 -12.18 -37.87
CA ASP F 150 -23.92 -11.73 -36.77
C ASP F 150 -24.56 -12.16 -35.46
N LYS F 151 -23.98 -13.19 -34.83
CA LYS F 151 -24.59 -13.77 -33.64
C LYS F 151 -24.44 -12.88 -32.40
N ASP F 152 -23.50 -11.94 -32.39
CA ASP F 152 -23.40 -11.01 -31.27
C ASP F 152 -24.54 -9.99 -31.30
N THR F 153 -24.90 -9.51 -32.49
CA THR F 153 -26.04 -8.61 -32.62
C THR F 153 -27.35 -9.35 -32.37
N CYS F 154 -27.41 -10.61 -32.79
CA CYS F 154 -28.62 -11.41 -32.69
C CYS F 154 -29.12 -11.49 -31.25
N ILE F 155 -30.43 -11.26 -31.09
CA ILE F 155 -31.07 -11.35 -29.78
C ILE F 155 -31.96 -12.57 -29.66
N TYR F 156 -31.98 -13.44 -30.68
CA TYR F 156 -32.66 -14.74 -30.62
C TYR F 156 -34.17 -14.58 -30.44
N CYS F 157 -34.77 -13.67 -31.19
CA CYS F 157 -36.21 -13.51 -31.14
C CYS F 157 -36.95 -14.59 -31.93
N GLY F 158 -36.25 -15.36 -32.77
CA GLY F 158 -36.85 -16.44 -33.51
C GLY F 158 -37.62 -16.06 -34.75
N MET F 159 -37.78 -14.76 -35.04
CA MET F 159 -38.67 -14.35 -36.11
C MET F 159 -38.15 -14.79 -37.48
N CYS F 160 -36.83 -14.79 -37.68
CA CYS F 160 -36.31 -15.24 -38.96
C CYS F 160 -36.50 -16.74 -39.13
N GLU F 161 -36.28 -17.50 -38.06
CA GLU F 161 -36.52 -18.95 -38.12
C GLU F 161 -37.97 -19.23 -38.45
N GLU F 162 -38.91 -18.47 -37.87
CA GLU F 162 -40.33 -18.69 -38.16
C GLU F 162 -40.65 -18.33 -39.61
N MET F 163 -40.19 -17.17 -40.09
CA MET F 163 -40.59 -16.70 -41.40
C MET F 163 -39.90 -17.43 -42.55
N CYS F 164 -38.72 -18.02 -42.30
CA CYS F 164 -37.97 -18.67 -43.38
C CYS F 164 -38.81 -19.72 -44.07
N PRO F 165 -39.15 -19.53 -45.35
CA PRO F 165 -40.11 -20.42 -46.00
C PRO F 165 -39.55 -21.78 -46.38
N VAL F 166 -38.24 -21.97 -46.30
CA VAL F 166 -37.61 -23.25 -46.58
C VAL F 166 -36.93 -23.83 -45.35
N ASP F 167 -37.17 -23.24 -44.17
CA ASP F 167 -36.58 -23.67 -42.91
C ASP F 167 -35.07 -23.86 -43.03
N ALA F 168 -34.40 -22.87 -43.63
CA ALA F 168 -32.95 -22.91 -43.72
C ALA F 168 -32.26 -22.43 -42.44
N ILE F 169 -32.96 -21.67 -41.60
CA ILE F 169 -32.38 -21.12 -40.38
C ILE F 169 -32.73 -22.03 -39.21
N GLU F 170 -31.76 -22.23 -38.33
CA GLU F 170 -31.90 -23.10 -37.17
C GLU F 170 -31.34 -22.38 -35.95
N ILE F 171 -32.06 -22.48 -34.82
CA ILE F 171 -31.65 -21.86 -33.58
C ILE F 171 -31.61 -22.94 -32.49
N ASP F 172 -30.52 -22.96 -31.72
CA ASP F 172 -30.36 -23.92 -30.63
C ASP F 172 -31.02 -23.33 -29.38
N HIS F 173 -32.35 -23.45 -29.33
CA HIS F 173 -33.10 -22.97 -28.18
C HIS F 173 -32.73 -23.75 -26.92
N GLN F 174 -32.91 -23.10 -25.77
CA GLN F 174 -32.76 -23.76 -24.48
C GLN F 174 -33.55 -22.98 -23.44
N THR F 175 -33.84 -23.63 -22.32
CA THR F 175 -34.33 -22.93 -21.13
C THR F 175 -33.15 -22.37 -20.35
N PRO F 176 -33.20 -21.11 -19.93
CA PRO F 176 -32.06 -20.52 -19.22
C PRO F 176 -31.79 -21.19 -17.88
N SER F 177 -30.54 -21.12 -17.46
CA SER F 177 -30.08 -21.49 -16.14
C SER F 177 -29.17 -20.39 -15.63
N SER F 178 -28.88 -20.41 -14.33
CA SER F 178 -27.96 -19.40 -13.79
C SER F 178 -26.58 -19.54 -14.41
N ALA F 179 -26.20 -20.76 -14.82
CA ALA F 179 -24.91 -20.95 -15.48
C ALA F 179 -24.92 -20.44 -16.91
N SER F 180 -26.04 -20.60 -17.62
CA SER F 180 -26.17 -20.19 -19.02
C SER F 180 -27.42 -19.34 -19.18
N PRO F 181 -27.36 -18.03 -18.77
CA PRO F 181 -28.56 -17.18 -18.75
C PRO F 181 -28.92 -16.63 -20.13
N VAL F 182 -29.20 -17.54 -21.06
CA VAL F 182 -29.55 -17.18 -22.43
C VAL F 182 -30.65 -18.12 -22.89
N VAL F 183 -31.48 -17.63 -23.83
CA VAL F 183 -32.57 -18.45 -24.37
C VAL F 183 -32.15 -19.25 -25.58
N ALA F 184 -30.92 -19.10 -26.03
CA ALA F 184 -30.39 -19.86 -27.15
C ALA F 184 -28.88 -19.70 -27.16
N THR F 185 -28.19 -20.72 -27.68
CA THR F 185 -26.73 -20.73 -27.69
C THR F 185 -26.12 -20.56 -29.08
N ASP F 186 -26.90 -20.63 -30.15
CA ASP F 186 -26.33 -20.49 -31.49
C ASP F 186 -27.47 -20.32 -32.49
N ILE F 187 -27.12 -19.84 -33.68
CA ILE F 187 -28.03 -19.71 -34.81
C ILE F 187 -27.25 -19.98 -36.10
N ARG F 188 -27.89 -20.68 -37.05
CA ARG F 188 -27.21 -21.11 -38.25
C ARG F 188 -28.12 -20.98 -39.46
N VAL F 189 -27.51 -20.75 -40.62
CA VAL F 189 -28.17 -20.79 -41.92
C VAL F 189 -27.61 -21.95 -42.73
N ASP F 190 -28.49 -22.80 -43.24
CA ASP F 190 -28.11 -23.91 -44.11
C ASP F 190 -28.19 -23.40 -45.55
N GLU F 191 -27.03 -23.07 -46.13
CA GLU F 191 -27.00 -22.49 -47.46
C GLU F 191 -27.33 -23.48 -48.56
N ASP F 192 -27.31 -24.78 -48.27
CA ASP F 192 -27.82 -25.75 -49.21
C ASP F 192 -29.33 -25.66 -49.36
N LYS F 193 -30.02 -25.03 -48.41
CA LYS F 193 -31.46 -24.86 -48.46
C LYS F 193 -31.90 -23.45 -48.81
N CYS F 194 -31.14 -22.44 -48.39
CA CYS F 194 -31.47 -21.04 -48.65
C CYS F 194 -31.62 -20.76 -50.15
N VAL F 195 -32.71 -20.09 -50.51
CA VAL F 195 -32.92 -19.64 -51.89
C VAL F 195 -32.88 -18.12 -52.00
N HIS F 196 -32.41 -17.43 -50.95
CA HIS F 196 -32.11 -16.00 -50.99
C HIS F 196 -33.32 -15.15 -51.37
N CYS F 197 -34.44 -15.38 -50.69
CA CYS F 197 -35.62 -14.57 -50.94
C CYS F 197 -35.59 -13.23 -50.20
N GLY F 198 -34.78 -13.12 -49.14
CA GLY F 198 -34.61 -11.87 -48.43
C GLY F 198 -35.49 -11.67 -47.23
N ILE F 199 -36.39 -12.62 -46.94
CA ILE F 199 -37.40 -12.42 -45.89
C ILE F 199 -36.74 -12.24 -44.52
N CYS F 200 -35.77 -13.11 -44.19
CA CYS F 200 -35.15 -13.07 -42.87
C CYS F 200 -34.56 -11.69 -42.58
N LYS F 201 -33.80 -11.16 -43.53
CA LYS F 201 -33.13 -9.88 -43.32
C LYS F 201 -34.13 -8.75 -43.15
N ARG F 202 -35.28 -8.81 -43.84
CA ARG F 202 -36.27 -7.75 -43.66
C ARG F 202 -37.03 -7.88 -42.33
N ILE F 203 -37.23 -9.10 -41.81
CA ILE F 203 -37.99 -9.22 -40.57
C ILE F 203 -37.12 -9.02 -39.33
N CYS F 204 -35.81 -9.18 -39.43
CA CYS F 204 -34.91 -9.05 -38.30
C CYS F 204 -35.02 -7.67 -37.63
N PRO F 205 -35.41 -7.61 -36.35
CA PRO F 205 -35.57 -6.29 -35.69
C PRO F 205 -34.25 -5.60 -35.38
N VAL F 206 -33.12 -6.30 -35.45
CA VAL F 206 -31.83 -5.75 -35.07
C VAL F 206 -30.83 -5.74 -36.23
N ASP F 207 -31.32 -5.93 -37.47
CA ASP F 207 -30.48 -5.94 -38.67
C ASP F 207 -29.19 -6.73 -38.45
N ALA F 208 -29.35 -7.95 -37.94
CA ALA F 208 -28.22 -8.81 -37.67
C ALA F 208 -27.89 -9.73 -38.84
N ILE F 209 -28.72 -9.73 -39.88
CA ILE F 209 -28.56 -10.63 -41.00
C ILE F 209 -28.16 -9.83 -42.22
N MET F 210 -27.03 -10.19 -42.81
CA MET F 210 -26.61 -9.68 -44.11
C MET F 210 -26.94 -10.74 -45.14
N GLN F 211 -27.71 -10.35 -46.15
CA GLN F 211 -28.11 -11.30 -47.18
C GLN F 211 -28.20 -10.53 -48.49
N VAL F 212 -27.56 -11.06 -49.52
CA VAL F 212 -27.57 -10.45 -50.84
C VAL F 212 -27.80 -11.54 -51.86
N CYS F 213 -28.69 -11.28 -52.79
CA CYS F 213 -29.01 -12.22 -53.84
C CYS F 213 -28.18 -11.87 -55.07
N ARG F 214 -27.56 -12.86 -55.70
CA ARG F 214 -26.66 -12.61 -56.83
C ARG F 214 -27.25 -13.02 -58.17
N ILE F 215 -28.48 -13.53 -58.21
CA ILE F 215 -29.00 -14.12 -59.46
C ILE F 215 -28.91 -13.12 -60.61
N CYS F 216 -29.45 -11.92 -60.44
CA CYS F 216 -29.48 -10.99 -61.57
C CYS F 216 -28.10 -10.52 -62.00
N PRO F 217 -27.21 -10.06 -61.11
CA PRO F 217 -25.89 -9.64 -61.61
C PRO F 217 -25.00 -10.78 -62.05
N TYR F 218 -24.98 -11.91 -61.33
CA TYR F 218 -24.01 -12.95 -61.63
C TYR F 218 -24.62 -14.28 -62.06
N GLY F 219 -25.93 -14.35 -62.25
CA GLY F 219 -26.55 -15.62 -62.59
C GLY F 219 -26.05 -16.20 -63.91
N GLU F 220 -25.58 -15.34 -64.82
CA GLU F 220 -25.08 -15.82 -66.10
C GLU F 220 -23.91 -16.77 -65.92
N TYR F 221 -23.02 -16.47 -64.97
CA TYR F 221 -21.85 -17.31 -64.72
C TYR F 221 -22.04 -18.26 -63.55
N GLU F 222 -22.73 -17.81 -62.50
CA GLU F 222 -22.72 -18.55 -61.25
C GLU F 222 -23.66 -19.75 -61.28
N ILE F 223 -24.70 -19.73 -62.09
CA ILE F 223 -25.68 -20.82 -62.14
C ILE F 223 -25.54 -21.56 -63.46
N LYS F 224 -25.24 -22.84 -63.38
CA LYS F 224 -25.16 -23.68 -64.57
C LYS F 224 -26.56 -24.14 -64.99
N THR F 225 -26.80 -24.11 -66.30
CA THR F 225 -28.09 -24.52 -66.83
C THR F 225 -28.30 -26.01 -66.53
N PRO F 226 -29.48 -26.40 -66.03
CA PRO F 226 -29.64 -27.77 -65.52
C PRO F 226 -29.64 -28.82 -66.62
N GLU F 227 -28.86 -29.86 -66.39
CA GLU F 227 -28.94 -31.11 -67.14
C GLU F 227 -29.72 -32.11 -66.30
N VAL F 228 -30.74 -32.73 -66.89
CA VAL F 228 -31.54 -33.73 -66.19
C VAL F 228 -31.31 -35.07 -66.86
N THR F 229 -30.76 -36.01 -66.10
CA THR F 229 -30.46 -37.37 -66.54
C THR F 229 -31.42 -38.38 -65.94
N GLY F 230 -31.40 -39.57 -66.51
CA GLY F 230 -32.15 -40.69 -66.01
C GLY F 230 -32.23 -41.76 -67.07
N THR F 231 -32.92 -42.85 -66.74
CA THR F 231 -33.10 -43.94 -67.69
C THR F 231 -34.51 -44.51 -67.58
N SER F 232 -34.79 -45.50 -68.42
CA SER F 232 -36.09 -46.13 -68.52
C SER F 232 -35.95 -47.64 -68.51
N TYR F 233 -37.02 -48.32 -68.11
CA TYR F 233 -37.05 -49.77 -68.12
C TYR F 233 -38.49 -50.27 -68.29
N ILE F 234 -38.68 -51.13 -69.28
CA ILE F 234 -39.96 -51.79 -69.52
C ILE F 234 -39.83 -53.24 -69.11
N ASP F 235 -40.56 -53.63 -68.07
CA ASP F 235 -40.60 -55.01 -67.61
C ASP F 235 -41.29 -55.86 -68.66
N PRO F 236 -40.57 -56.75 -69.36
CA PRO F 236 -41.19 -57.43 -70.50
C PRO F 236 -42.23 -58.47 -70.05
N GLU F 237 -42.27 -58.84 -68.77
CA GLU F 237 -43.29 -59.77 -68.28
C GLU F 237 -44.57 -59.04 -67.88
N LEU F 238 -44.45 -57.88 -67.21
CA LEU F 238 -45.63 -57.10 -66.89
C LEU F 238 -46.16 -56.38 -68.12
N CYS F 239 -45.30 -56.08 -69.07
CA CYS F 239 -45.71 -55.32 -70.25
C CYS F 239 -46.70 -56.12 -71.08
N VAL F 240 -47.71 -55.42 -71.60
CA VAL F 240 -48.87 -56.03 -72.22
C VAL F 240 -49.16 -55.46 -73.60
N ASN F 241 -48.41 -54.44 -74.02
CA ASN F 241 -48.47 -53.86 -75.37
C ASN F 241 -49.80 -53.18 -75.64
N CYS F 242 -50.35 -52.50 -74.63
CA CYS F 242 -51.54 -51.72 -74.89
C CYS F 242 -51.21 -50.45 -75.67
N GLY F 243 -50.03 -49.88 -75.46
CA GLY F 243 -49.62 -48.71 -76.20
C GLY F 243 -49.85 -47.37 -75.53
N TRP F 244 -50.30 -47.35 -74.27
CA TRP F 244 -50.51 -46.09 -73.55
C TRP F 244 -49.27 -45.22 -73.54
N CYS F 245 -48.10 -45.82 -73.28
CA CYS F 245 -46.87 -45.04 -73.21
C CYS F 245 -46.59 -44.36 -74.54
N GLN F 246 -46.71 -45.12 -75.64
CA GLN F 246 -46.57 -44.55 -76.97
C GLN F 246 -47.47 -43.34 -77.17
N GLU F 247 -48.72 -43.43 -76.70
CA GLU F 247 -49.67 -42.34 -76.97
C GLU F 247 -49.52 -41.18 -76.00
N ILE F 248 -49.13 -41.46 -74.75
CA ILE F 248 -49.02 -40.40 -73.76
C ILE F 248 -47.72 -39.61 -73.89
N CYS F 249 -46.72 -40.17 -74.57
CA CYS F 249 -45.37 -39.59 -74.58
C CYS F 249 -45.34 -38.24 -75.28
N PRO F 250 -44.90 -37.17 -74.61
CA PRO F 250 -44.91 -35.85 -75.26
C PRO F 250 -43.86 -35.68 -76.34
N VAL F 251 -42.85 -36.55 -76.42
CA VAL F 251 -41.79 -36.42 -77.43
C VAL F 251 -41.69 -37.67 -78.30
N ASP F 252 -42.75 -38.49 -78.35
CA ASP F 252 -42.80 -39.69 -79.20
C ASP F 252 -41.55 -40.56 -79.04
N ALA F 253 -41.12 -40.75 -77.80
CA ALA F 253 -39.96 -41.59 -77.52
C ALA F 253 -40.30 -43.06 -77.34
N ALA F 254 -41.59 -43.41 -77.27
CA ALA F 254 -42.04 -44.78 -77.02
C ALA F 254 -42.72 -45.34 -78.26
N THR F 255 -42.41 -46.60 -78.57
CA THR F 255 -42.94 -47.31 -79.73
C THR F 255 -43.45 -48.68 -79.30
N VAL F 256 -44.66 -49.02 -79.75
CA VAL F 256 -45.32 -50.25 -79.36
C VAL F 256 -45.94 -50.89 -80.59
N THR F 257 -45.78 -52.20 -80.72
CA THR F 257 -46.50 -53.00 -81.70
C THR F 257 -47.26 -54.09 -80.97
N LYS F 258 -48.45 -54.42 -81.47
CA LYS F 258 -49.34 -55.34 -80.79
C LYS F 258 -49.42 -56.67 -81.54
N PRO F 259 -49.79 -57.74 -80.85
CA PRO F 259 -49.87 -59.06 -81.50
C PRO F 259 -51.13 -59.26 -82.31
N PHE F 260 -52.26 -58.75 -81.82
CA PHE F 260 -53.56 -59.04 -82.40
C PHE F 260 -54.13 -57.80 -83.08
N GLU F 261 -54.85 -58.04 -84.16
CA GLU F 261 -55.66 -57.03 -84.83
C GLU F 261 -57.12 -57.46 -84.73
N GLY F 262 -58.00 -56.49 -84.53
CA GLY F 262 -59.40 -56.82 -84.34
C GLY F 262 -60.28 -55.60 -84.22
N GLU F 263 -61.49 -55.82 -83.69
CA GLU F 263 -62.50 -54.79 -83.51
C GLU F 263 -63.15 -54.95 -82.13
N LEU F 264 -63.56 -53.82 -81.56
CA LEU F 264 -64.41 -53.79 -80.37
C LEU F 264 -65.78 -53.25 -80.78
N ILE F 265 -66.85 -53.90 -80.34
CA ILE F 265 -68.20 -53.48 -80.65
C ILE F 265 -69.02 -53.46 -79.36
N ILE F 266 -69.64 -52.32 -79.09
CA ILE F 266 -70.38 -52.08 -77.86
C ILE F 266 -71.81 -51.71 -78.23
N ASP F 267 -72.77 -52.33 -77.55
CA ASP F 267 -74.19 -51.99 -77.68
C ASP F 267 -74.55 -51.17 -76.44
N GLN F 268 -74.60 -49.84 -76.62
CA GLN F 268 -74.81 -48.93 -75.50
C GLN F 268 -76.10 -49.20 -74.74
N ASP F 269 -77.13 -49.69 -75.42
CA ASP F 269 -78.42 -49.86 -74.76
C ASP F 269 -78.50 -51.18 -74.00
N THR F 270 -77.83 -52.22 -74.48
CA THR F 270 -77.73 -53.46 -73.73
C THR F 270 -76.88 -53.27 -72.47
N CYS F 271 -75.84 -52.46 -72.57
CA CYS F 271 -74.98 -52.15 -71.43
C CYS F 271 -75.79 -51.51 -70.29
N GLN F 272 -75.62 -52.05 -69.08
CA GLN F 272 -76.28 -51.51 -67.89
C GLN F 272 -75.30 -50.92 -66.89
N ALA F 273 -74.03 -50.75 -67.30
CA ALA F 273 -73.04 -49.99 -66.56
C ALA F 273 -72.75 -50.58 -65.18
N CYS F 274 -72.66 -51.91 -65.09
CA CYS F 274 -72.27 -52.50 -63.83
C CYS F 274 -70.79 -52.30 -63.51
N GLU F 275 -69.99 -51.85 -64.49
CA GLU F 275 -68.58 -51.48 -64.43
C GLU F 275 -67.64 -52.70 -64.45
N THR F 276 -68.15 -53.91 -64.63
CA THR F 276 -67.29 -55.09 -64.60
C THR F 276 -66.19 -55.03 -65.66
N CYS F 277 -66.58 -54.82 -66.92
CA CYS F 277 -65.60 -54.80 -68.00
C CYS F 277 -64.57 -53.72 -67.80
N VAL F 278 -64.98 -52.57 -67.26
CA VAL F 278 -64.06 -51.47 -67.03
C VAL F 278 -62.96 -51.90 -66.06
N MET F 279 -63.34 -52.57 -64.98
CA MET F 279 -62.33 -53.02 -64.03
C MET F 279 -61.57 -54.23 -64.56
N VAL F 280 -62.21 -55.05 -65.40
CA VAL F 280 -61.54 -56.24 -65.92
C VAL F 280 -60.43 -55.85 -66.90
N CYS F 281 -60.68 -54.84 -67.74
CA CYS F 281 -59.77 -54.44 -68.80
C CYS F 281 -58.37 -54.17 -68.28
N PRO F 282 -57.39 -55.01 -68.63
CA PRO F 282 -56.01 -54.81 -68.18
C PRO F 282 -55.29 -53.69 -68.92
N CYS F 283 -55.86 -53.16 -70.00
CA CYS F 283 -55.24 -52.13 -70.80
C CYS F 283 -55.87 -50.75 -70.64
N ASN F 284 -56.84 -50.59 -69.74
CA ASN F 284 -57.52 -49.31 -69.52
C ASN F 284 -58.18 -48.80 -70.80
N VAL F 285 -58.86 -49.69 -71.50
CA VAL F 285 -59.52 -49.29 -72.74
C VAL F 285 -60.87 -48.63 -72.45
N LEU F 286 -61.56 -49.07 -71.41
CA LEU F 286 -62.95 -48.74 -71.16
C LEU F 286 -63.07 -47.78 -69.98
N SER F 287 -64.00 -46.84 -70.06
CA SER F 287 -64.17 -45.86 -69.00
C SER F 287 -65.61 -45.37 -68.97
N PHE F 288 -65.96 -44.72 -67.87
CA PHE F 288 -67.24 -44.04 -67.65
C PHE F 288 -66.99 -42.54 -67.63
N PRO F 289 -67.09 -41.85 -68.76
CA PRO F 289 -66.87 -40.40 -68.75
C PRO F 289 -67.84 -39.66 -67.83
N LYS F 290 -67.28 -38.77 -67.02
CA LYS F 290 -68.08 -37.87 -66.19
C LYS F 290 -68.57 -36.70 -67.03
N PRO F 291 -69.85 -36.32 -66.92
CA PRO F 291 -70.33 -35.15 -67.65
C PRO F 291 -69.65 -33.89 -67.15
N GLU F 292 -69.26 -33.02 -68.08
CA GLU F 292 -68.52 -31.82 -67.70
C GLU F 292 -69.43 -30.75 -67.12
N LYS F 293 -70.66 -30.65 -67.62
CA LYS F 293 -71.60 -29.64 -67.17
C LYS F 293 -72.90 -30.29 -66.68
N PRO F 294 -73.59 -29.67 -65.74
CA PRO F 294 -74.88 -30.21 -65.29
C PRO F 294 -75.89 -30.24 -66.43
N GLY F 295 -76.65 -31.33 -66.50
CA GLY F 295 -77.62 -31.52 -67.56
C GLY F 295 -77.08 -32.18 -68.80
N GLU F 296 -75.76 -32.24 -68.96
CA GLU F 296 -75.12 -32.83 -70.10
C GLU F 296 -75.12 -34.35 -69.99
N LYS F 297 -75.19 -35.03 -71.13
CA LYS F 297 -75.10 -36.49 -71.14
C LYS F 297 -73.86 -36.95 -71.90
N THR F 298 -73.41 -38.15 -71.54
CA THR F 298 -72.19 -38.75 -72.03
C THR F 298 -72.51 -40.16 -72.52
N THR F 299 -71.63 -40.71 -73.36
CA THR F 299 -71.80 -42.09 -73.76
C THR F 299 -71.60 -43.00 -72.56
N LYS F 300 -72.50 -43.97 -72.40
CA LYS F 300 -72.53 -44.80 -71.19
C LYS F 300 -71.20 -45.53 -71.00
N LEU F 301 -70.71 -46.20 -72.04
CA LEU F 301 -69.46 -46.96 -71.96
C LEU F 301 -68.56 -46.51 -73.10
N HIS F 302 -67.44 -45.88 -72.75
CA HIS F 302 -66.54 -45.30 -73.73
C HIS F 302 -65.31 -46.17 -73.92
N LYS F 303 -64.92 -46.35 -75.19
CA LYS F 303 -63.73 -47.10 -75.53
C LYS F 303 -62.74 -46.21 -76.28
N ASP F 304 -61.48 -46.64 -76.28
CA ASP F 304 -60.46 -46.08 -77.16
C ASP F 304 -59.61 -47.27 -77.59
N GLU F 305 -59.86 -47.78 -78.80
CA GLU F 305 -59.19 -48.98 -79.26
C GLU F 305 -57.70 -48.79 -79.51
N ARG F 306 -57.18 -47.56 -79.41
CA ARG F 306 -55.74 -47.36 -79.49
C ARG F 306 -55.01 -48.21 -78.45
N PHE F 307 -55.63 -48.43 -77.30
CA PHE F 307 -55.01 -49.15 -76.19
C PHE F 307 -55.45 -50.59 -76.11
N CYS F 308 -56.27 -51.04 -77.06
CA CYS F 308 -56.88 -52.36 -77.03
C CYS F 308 -55.95 -53.41 -77.64
N ILE F 309 -55.92 -54.60 -77.03
CA ILE F 309 -55.13 -55.72 -77.55
C ILE F 309 -55.98 -56.92 -77.93
N TYR F 310 -57.31 -56.82 -77.81
CA TYR F 310 -58.23 -57.84 -78.30
C TYR F 310 -58.01 -59.20 -77.62
N CYS F 311 -57.72 -59.16 -76.32
CA CYS F 311 -57.62 -60.41 -75.56
C CYS F 311 -58.99 -61.01 -75.29
N GLY F 312 -60.04 -60.21 -75.32
CA GLY F 312 -61.39 -60.74 -75.15
C GLY F 312 -61.88 -60.83 -73.72
N ALA F 313 -61.14 -60.27 -72.76
CA ALA F 313 -61.52 -60.43 -71.36
C ALA F 313 -62.79 -59.66 -71.02
N CYS F 314 -63.02 -58.51 -71.64
CA CYS F 314 -64.22 -57.74 -71.37
C CYS F 314 -65.47 -58.49 -71.82
N GLU F 315 -65.48 -58.91 -73.09
CA GLU F 315 -66.59 -59.70 -73.61
C GLU F 315 -66.89 -60.89 -72.71
N ARG F 316 -65.84 -61.59 -72.29
CA ARG F 316 -66.01 -62.76 -71.44
C ARG F 316 -66.65 -62.37 -70.11
N SER F 317 -66.38 -61.16 -69.62
CA SER F 317 -66.87 -60.72 -68.32
C SER F 317 -68.28 -60.17 -68.36
N CYS F 318 -68.77 -59.77 -69.53
CA CYS F 318 -70.04 -59.07 -69.58
C CYS F 318 -71.21 -60.04 -69.44
N PRO F 319 -72.05 -59.91 -68.41
CA PRO F 319 -73.15 -60.86 -68.22
C PRO F 319 -74.33 -60.65 -69.16
N VAL F 320 -74.37 -59.55 -69.92
CA VAL F 320 -75.42 -59.32 -70.91
C VAL F 320 -74.86 -59.32 -72.33
N THR F 321 -73.60 -59.74 -72.50
CA THR F 321 -72.88 -59.68 -73.78
C THR F 321 -73.19 -58.39 -74.53
N ALA F 322 -72.97 -57.27 -73.83
CA ALA F 322 -73.15 -55.95 -74.41
C ALA F 322 -71.91 -55.48 -75.16
N ILE F 323 -70.80 -56.21 -75.04
CA ILE F 323 -69.54 -55.85 -75.68
C ILE F 323 -68.95 -57.13 -76.28
N THR F 324 -68.59 -57.08 -77.56
CA THR F 324 -68.02 -58.23 -78.25
C THR F 324 -66.73 -57.84 -78.96
N VAL F 325 -65.84 -58.82 -79.09
CA VAL F 325 -64.49 -58.62 -79.59
C VAL F 325 -64.32 -59.42 -80.87
N LYS F 326 -63.82 -58.77 -81.91
CA LYS F 326 -63.48 -59.44 -83.16
C LYS F 326 -61.97 -59.48 -83.30
N ARG F 327 -61.47 -60.45 -84.05
CA ARG F 327 -60.03 -60.69 -84.13
C ARG F 327 -59.71 -61.19 -85.53
N ASN F 328 -59.13 -60.33 -86.37
CA ASN F 328 -58.86 -60.68 -87.76
C ASN F 328 -57.50 -61.34 -87.94
N ARG F 329 -56.49 -60.87 -87.21
CA ARG F 329 -55.12 -61.29 -87.46
C ARG F 329 -54.36 -61.45 -86.15
N ILE F 330 -53.55 -62.51 -86.10
CA ILE F 330 -52.66 -62.79 -84.97
C ILE F 330 -51.25 -62.92 -85.54
N ASN F 331 -50.37 -61.96 -85.21
CA ASN F 331 -49.03 -61.95 -85.76
C ASN F 331 -48.12 -62.90 -84.98
N THR F 332 -47.56 -63.88 -85.69
CA THR F 332 -46.64 -64.84 -85.10
C THR F 332 -45.42 -64.99 -85.99
N THR F 333 -44.36 -65.52 -85.39
CA THR F 333 -43.25 -66.05 -86.16
C THR F 333 -43.76 -67.22 -87.00
N PRO F 334 -43.04 -67.60 -88.07
CA PRO F 334 -43.57 -68.61 -88.98
C PRO F 334 -43.98 -69.90 -88.27
N ILE F 335 -45.15 -70.41 -88.67
CA ILE F 335 -45.71 -71.66 -88.16
C ILE F 335 -45.58 -72.71 -89.24
N ARG F 336 -45.04 -73.87 -88.90
CA ARG F 336 -44.96 -74.98 -89.83
C ARG F 336 -45.82 -76.17 -89.43
N SER F 337 -45.94 -76.45 -88.13
CA SER F 337 -46.88 -77.46 -87.67
C SER F 337 -48.29 -77.15 -88.17
N LYS F 338 -48.97 -78.18 -88.64
CA LYS F 338 -50.36 -78.00 -89.07
C LYS F 338 -51.31 -77.92 -87.89
N ALA F 339 -50.95 -78.56 -86.76
CA ALA F 339 -51.76 -78.45 -85.57
C ALA F 339 -51.74 -77.04 -84.99
N TRP F 340 -50.57 -76.40 -84.99
CA TRP F 340 -50.45 -75.06 -84.44
C TRP F 340 -51.24 -74.05 -85.27
N LYS F 341 -51.11 -74.12 -86.59
CA LYS F 341 -51.83 -73.18 -87.45
C LYS F 341 -53.33 -73.29 -87.26
N ASN F 342 -53.86 -74.51 -87.18
CA ASN F 342 -55.30 -74.68 -86.97
C ASN F 342 -55.74 -74.14 -85.61
N ALA F 343 -54.90 -74.31 -84.59
CA ALA F 343 -55.24 -73.77 -83.28
C ALA F 343 -55.26 -72.25 -83.30
N PHE F 344 -54.22 -71.64 -83.87
CA PHE F 344 -54.17 -70.18 -83.96
C PHE F 344 -55.26 -69.63 -84.87
N ASP F 345 -55.59 -70.33 -85.95
CA ASP F 345 -56.66 -69.87 -86.82
C ASP F 345 -58.03 -69.95 -86.17
N SER F 346 -58.20 -70.85 -85.19
CA SER F 346 -59.49 -71.00 -84.53
C SER F 346 -59.84 -69.84 -83.61
N LEU F 347 -58.86 -69.03 -83.21
CA LEU F 347 -59.10 -67.88 -82.35
C LEU F 347 -59.44 -66.61 -83.12
N LEU F 348 -59.44 -66.66 -84.45
CA LEU F 348 -59.78 -65.49 -85.25
C LEU F 348 -61.29 -65.37 -85.42
N LYS F 349 -61.78 -64.14 -85.38
CA LYS F 349 -63.22 -63.88 -85.42
C LYS F 349 -63.55 -62.70 -86.32
N GLU G 2 28.97 -79.00 -12.00
CA GLU G 2 30.25 -78.59 -12.57
C GLU G 2 30.31 -78.74 -14.09
N TYR G 3 30.74 -77.68 -14.76
CA TYR G 3 30.94 -77.66 -16.20
C TYR G 3 32.24 -76.95 -16.54
N ILE G 4 32.90 -77.45 -17.58
CA ILE G 4 34.05 -76.79 -18.20
C ILE G 4 33.77 -76.64 -19.68
N ILE G 5 33.90 -75.42 -20.19
CA ILE G 5 33.66 -75.10 -21.60
C ILE G 5 34.99 -74.69 -22.20
N LYS G 6 35.52 -75.50 -23.11
CA LYS G 6 36.93 -75.42 -23.46
C LYS G 6 37.20 -74.82 -24.82
N ASN G 7 38.27 -74.05 -24.88
CA ASN G 7 38.91 -73.67 -26.12
C ASN G 7 37.96 -72.94 -27.07
N GLY G 8 36.98 -72.24 -26.51
CA GLY G 8 36.12 -71.39 -27.30
C GLY G 8 36.76 -70.03 -27.46
N PHE G 9 36.42 -69.35 -28.56
CA PHE G 9 36.86 -67.98 -28.77
C PHE G 9 35.97 -67.06 -27.94
N VAL G 10 36.53 -66.53 -26.85
CA VAL G 10 35.75 -65.82 -25.84
C VAL G 10 35.63 -64.35 -26.22
N TYR G 11 34.39 -63.85 -26.18
CA TYR G 11 34.09 -62.44 -26.37
C TYR G 11 33.38 -61.94 -25.13
N CYS G 12 34.05 -61.10 -24.35
CA CYS G 12 33.48 -60.53 -23.14
C CYS G 12 33.98 -59.11 -23.00
N PRO G 13 33.24 -58.13 -23.54
CA PRO G 13 33.75 -56.75 -23.54
C PRO G 13 33.95 -56.13 -22.17
N LEU G 14 33.12 -56.47 -21.17
CA LEU G 14 33.30 -55.84 -19.87
C LEU G 14 34.64 -56.21 -19.24
N ASN G 15 35.13 -57.42 -19.49
CA ASN G 15 36.45 -57.83 -19.03
C ASN G 15 37.51 -57.72 -20.12
N GLY G 16 37.22 -56.96 -21.19
CA GLY G 16 38.21 -56.67 -22.21
C GLY G 16 38.76 -57.87 -22.95
N VAL G 17 38.01 -58.96 -23.03
CA VAL G 17 38.47 -60.16 -23.75
C VAL G 17 37.84 -60.13 -25.13
N ASP G 18 38.67 -60.22 -26.17
CA ASP G 18 38.24 -59.99 -27.56
C ASP G 18 38.67 -61.17 -28.43
N GLY G 19 38.00 -62.32 -28.25
CA GLY G 19 38.22 -63.46 -29.11
C GLY G 19 39.35 -64.39 -28.73
N GLU G 20 39.92 -64.22 -27.54
CA GLU G 20 41.01 -65.07 -27.10
C GLU G 20 40.49 -66.47 -26.81
N LYS G 21 41.29 -67.49 -27.16
CA LYS G 21 40.96 -68.85 -26.77
C LYS G 21 41.12 -69.02 -25.27
N MET G 22 40.14 -69.67 -24.64
CA MET G 22 40.02 -69.53 -23.20
C MET G 22 38.96 -70.48 -22.70
N ASP G 23 39.21 -71.07 -21.53
CA ASP G 23 38.24 -71.93 -20.87
C ASP G 23 37.47 -71.14 -19.84
N ILE G 24 36.18 -71.41 -19.73
CA ILE G 24 35.34 -70.84 -18.67
C ILE G 24 34.78 -71.97 -17.83
N CYS G 25 34.98 -71.86 -16.53
CA CYS G 25 34.66 -72.89 -15.56
C CYS G 25 33.40 -72.46 -14.81
N VAL G 26 32.53 -73.42 -14.54
CA VAL G 26 31.22 -73.15 -13.98
C VAL G 26 30.93 -74.14 -12.86
N LYS G 27 30.39 -73.63 -11.76
CA LYS G 27 30.03 -74.51 -10.67
C LYS G 27 28.83 -73.93 -9.94
N ASP G 28 27.78 -74.76 -9.81
CA ASP G 28 26.58 -74.42 -9.04
C ASP G 28 26.00 -73.06 -9.48
N GLY G 29 25.75 -72.94 -10.78
CA GLY G 29 25.10 -71.75 -11.30
C GLY G 29 25.95 -70.49 -11.31
N LYS G 30 27.25 -70.59 -11.03
CA LYS G 30 28.14 -69.45 -11.03
C LYS G 30 29.38 -69.76 -11.88
N ILE G 31 30.01 -68.72 -12.40
CA ILE G 31 31.29 -68.86 -13.08
C ILE G 31 32.40 -68.73 -12.04
N VAL G 32 33.33 -69.68 -12.04
CA VAL G 32 34.29 -69.88 -10.97
C VAL G 32 35.70 -69.89 -11.58
N GLU G 33 36.70 -69.72 -10.72
CA GLU G 33 38.09 -69.71 -11.16
C GLU G 33 38.53 -71.08 -11.68
N SER G 34 38.24 -72.15 -10.94
CA SER G 34 38.62 -73.49 -11.38
C SER G 34 37.62 -74.51 -10.86
N VAL G 35 37.60 -75.68 -11.51
CA VAL G 35 36.70 -76.77 -11.14
C VAL G 35 37.49 -78.06 -11.04
N SER G 36 36.89 -79.05 -10.38
CA SER G 36 37.51 -80.38 -10.23
C SER G 36 37.70 -81.05 -11.58
N ASP G 37 38.54 -82.10 -11.57
CA ASP G 37 39.00 -82.76 -12.80
C ASP G 37 37.89 -83.54 -13.51
N SER G 38 36.88 -84.01 -12.80
CA SER G 38 35.84 -84.81 -13.46
C SER G 38 34.67 -83.94 -13.85
N ALA G 39 34.83 -82.62 -13.85
CA ALA G 39 33.73 -81.74 -14.21
C ALA G 39 33.29 -82.00 -15.64
N LYS G 40 32.02 -81.74 -15.91
CA LYS G 40 31.48 -82.04 -17.22
C LYS G 40 32.09 -81.15 -18.29
N VAL G 41 32.04 -81.62 -19.55
CA VAL G 41 32.90 -81.15 -20.64
C VAL G 41 32.00 -80.68 -21.76
N ILE G 42 32.11 -79.41 -22.12
CA ILE G 42 31.44 -78.83 -23.27
C ILE G 42 32.52 -78.33 -24.23
N ASP G 43 32.58 -78.93 -25.40
CA ASP G 43 33.61 -78.65 -26.40
C ASP G 43 33.19 -77.44 -27.22
N ALA G 44 33.91 -76.33 -27.08
CA ALA G 44 33.63 -75.11 -27.84
C ALA G 44 34.70 -74.81 -28.88
N SER G 45 35.45 -75.83 -29.29
CA SER G 45 36.49 -75.67 -30.30
C SER G 45 35.89 -75.11 -31.59
N GLY G 46 36.54 -74.08 -32.14
CA GLY G 46 36.05 -73.47 -33.37
C GLY G 46 34.72 -72.76 -33.20
N LYS G 47 34.41 -72.31 -31.99
CA LYS G 47 33.11 -71.75 -31.69
C LYS G 47 33.28 -70.48 -30.87
N ILE G 48 32.27 -69.63 -30.92
CA ILE G 48 32.27 -68.36 -30.19
C ILE G 48 31.58 -68.59 -28.85
N VAL G 49 32.13 -67.99 -27.79
CA VAL G 49 31.56 -68.05 -26.46
C VAL G 49 31.29 -66.64 -26.00
N MET G 50 30.05 -66.37 -25.61
CA MET G 50 29.61 -65.05 -25.17
C MET G 50 28.79 -65.18 -23.90
N PRO G 51 28.62 -64.09 -23.15
CA PRO G 51 27.63 -64.10 -22.07
C PRO G 51 26.24 -64.23 -22.66
N GLY G 52 25.33 -64.80 -21.88
CA GLY G 52 23.94 -64.84 -22.28
C GLY G 52 23.45 -63.44 -22.61
N GLY G 53 22.68 -63.32 -23.70
CA GLY G 53 22.20 -62.02 -24.11
C GLY G 53 21.32 -61.37 -23.06
N VAL G 54 21.24 -60.05 -23.12
CA VAL G 54 20.50 -59.24 -22.16
C VAL G 54 19.68 -58.22 -22.95
N ASP G 55 18.38 -58.49 -23.10
CA ASP G 55 17.50 -57.62 -23.86
C ASP G 55 16.93 -56.56 -22.93
N PRO G 56 17.26 -55.27 -23.11
CA PRO G 56 16.79 -54.25 -22.17
C PRO G 56 15.41 -53.69 -22.47
N HIS G 57 14.77 -54.08 -23.58
CA HIS G 57 13.51 -53.43 -23.95
C HIS G 57 12.75 -54.35 -24.91
N SER G 58 11.71 -55.00 -24.40
CA SER G 58 10.86 -55.87 -25.19
C SER G 58 9.47 -55.89 -24.58
N HIS G 59 8.49 -56.24 -25.40
CA HIS G 59 7.10 -56.34 -24.96
C HIS G 59 6.69 -57.81 -25.05
N ILE G 60 6.70 -58.49 -23.90
CA ILE G 60 6.62 -59.94 -23.87
C ILE G 60 5.61 -60.44 -22.84
N ALA G 61 5.15 -59.56 -21.96
CA ALA G 61 4.32 -59.99 -20.84
C ALA G 61 3.43 -58.86 -20.36
N GLY G 62 2.13 -59.03 -20.47
CA GLY G 62 1.20 -58.07 -19.92
C GLY G 62 -0.05 -57.93 -20.75
N ALA G 63 -0.90 -57.00 -20.32
CA ALA G 63 -2.19 -56.78 -20.95
C ALA G 63 -2.04 -56.30 -22.39
N LYS G 64 -1.20 -55.30 -22.58
CA LYS G 64 -0.97 -54.73 -23.90
C LYS G 64 -0.51 -55.79 -24.89
N VAL G 65 0.36 -56.70 -24.44
CA VAL G 65 0.83 -57.79 -25.30
C VAL G 65 -0.27 -58.82 -25.52
N ASN G 66 -1.06 -59.13 -24.48
CA ASN G 66 -2.02 -60.22 -24.62
C ASN G 66 -3.22 -59.80 -25.48
N VAL G 67 -3.53 -58.51 -25.53
CA VAL G 67 -4.47 -58.02 -26.53
C VAL G 67 -3.93 -58.26 -27.94
N GLY G 68 -2.64 -57.97 -28.15
CA GLY G 68 -2.03 -58.25 -29.44
C GLY G 68 -2.11 -59.71 -29.82
N ARG G 69 -1.87 -60.60 -28.86
CA ARG G 69 -2.03 -62.03 -29.13
C ARG G 69 -3.48 -62.37 -29.44
N MET G 70 -4.41 -61.88 -28.61
CA MET G 70 -5.79 -62.33 -28.71
C MET G 70 -6.46 -61.83 -29.99
N TYR G 71 -6.19 -60.59 -30.39
CA TYR G 71 -6.89 -60.01 -31.53
C TYR G 71 -6.14 -60.20 -32.84
N ARG G 72 -5.10 -61.04 -32.86
CA ARG G 72 -4.41 -61.43 -34.09
C ARG G 72 -4.33 -62.96 -34.15
N PRO G 73 -5.47 -63.64 -34.34
CA PRO G 73 -5.39 -65.09 -34.59
C PRO G 73 -4.70 -65.42 -35.90
N GLU G 74 -4.78 -64.54 -36.89
CA GLU G 74 -4.09 -64.78 -38.16
C GLU G 74 -2.58 -64.77 -37.98
N ASP G 75 -2.07 -64.00 -37.02
CA ASP G 75 -0.65 -64.02 -36.71
C ASP G 75 -0.22 -65.35 -36.10
N SER G 76 -1.12 -66.01 -35.36
CA SER G 76 -0.82 -67.32 -34.80
C SER G 76 -0.88 -68.43 -35.84
N LYS G 77 -1.90 -68.41 -36.72
CA LYS G 77 -1.99 -69.44 -37.76
C LYS G 77 -0.79 -69.39 -38.68
N ARG G 78 -0.20 -68.21 -38.85
CA ARG G 78 1.00 -68.05 -39.65
C ARG G 78 2.18 -68.82 -39.06
N ASP G 79 2.20 -69.01 -37.73
CA ASP G 79 3.37 -69.57 -37.07
C ASP G 79 2.91 -70.31 -35.82
N ALA G 80 2.61 -71.60 -35.96
CA ALA G 80 2.14 -72.45 -34.88
C ALA G 80 3.06 -73.64 -34.74
N GLU G 81 3.50 -73.92 -33.51
CA GLU G 81 4.55 -74.90 -33.26
C GLU G 81 4.20 -75.77 -32.07
N LYS G 82 4.75 -76.98 -32.07
CA LYS G 82 4.66 -77.86 -30.92
C LYS G 82 5.92 -78.73 -30.89
N PHE G 83 6.79 -78.47 -29.91
CA PHE G 83 8.06 -79.18 -29.80
C PHE G 83 7.89 -80.52 -29.08
N LYS G 84 8.84 -81.41 -29.39
CA LYS G 84 9.00 -82.71 -28.71
C LYS G 84 8.42 -82.77 -27.30
N GLY G 85 8.90 -81.89 -26.41
CA GLY G 85 8.93 -82.17 -25.00
C GLY G 85 8.23 -81.10 -24.23
N GLY G 86 8.01 -79.99 -24.93
CA GLY G 86 7.63 -78.76 -24.32
C GLY G 86 6.21 -78.38 -24.65
N ARG G 87 5.91 -77.10 -24.46
CA ARG G 87 4.55 -76.59 -24.53
C ARG G 87 4.21 -76.05 -25.91
N ALA G 88 2.95 -76.22 -26.31
CA ALA G 88 2.46 -75.68 -27.57
C ALA G 88 2.48 -74.16 -27.53
N GLY G 89 2.48 -73.56 -28.72
CA GLY G 89 2.50 -72.11 -28.82
C GLY G 89 2.22 -71.66 -30.23
N SER G 90 2.06 -70.34 -30.38
CA SER G 90 1.78 -69.76 -31.69
C SER G 90 2.02 -68.26 -31.62
N GLY G 91 2.32 -67.68 -32.79
CA GLY G 91 2.44 -66.24 -32.93
C GLY G 91 3.75 -65.80 -33.56
N PHE G 92 3.71 -65.48 -34.86
CA PHE G 92 4.92 -64.98 -35.52
C PHE G 92 5.40 -63.68 -34.90
N SER G 93 4.53 -62.67 -34.86
CA SER G 93 4.91 -61.35 -34.40
C SER G 93 4.74 -61.18 -32.90
N VAL G 94 3.69 -61.74 -32.32
CA VAL G 94 3.49 -61.70 -30.87
C VAL G 94 3.35 -63.14 -30.39
N PRO G 95 4.45 -63.82 -30.08
CA PRO G 95 4.36 -65.23 -29.66
C PRO G 95 3.78 -65.39 -28.27
N SER G 96 3.14 -66.53 -28.04
CA SER G 96 2.70 -66.91 -26.71
C SER G 96 3.90 -67.04 -25.76
N THR G 97 3.59 -67.18 -24.47
CA THR G 97 4.62 -67.04 -23.43
C THR G 97 5.67 -68.14 -23.52
N PHE G 98 5.25 -69.41 -23.63
CA PHE G 98 6.22 -70.49 -23.70
C PHE G 98 7.06 -70.37 -24.97
N MET G 99 6.41 -70.12 -26.10
CA MET G 99 7.14 -69.85 -27.33
C MET G 99 8.10 -68.68 -27.16
N THR G 100 7.70 -67.67 -26.41
CA THR G 100 8.55 -66.50 -26.22
C THR G 100 9.87 -66.89 -25.56
N GLY G 101 9.80 -67.63 -24.45
CA GLY G 101 11.01 -68.00 -23.73
C GLY G 101 11.91 -68.96 -24.49
N TYR G 102 11.31 -69.98 -25.13
CA TYR G 102 12.09 -70.90 -25.97
C TYR G 102 12.91 -70.14 -27.01
N ARG G 103 12.31 -69.13 -27.64
CA ARG G 103 12.96 -68.48 -28.77
C ARG G 103 14.02 -67.47 -28.33
N TYR G 104 13.85 -66.82 -27.18
CA TYR G 104 14.99 -66.09 -26.60
C TYR G 104 16.15 -67.04 -26.32
N ALA G 105 15.85 -68.18 -25.69
CA ALA G 105 16.87 -69.17 -25.37
C ALA G 105 17.59 -69.67 -26.62
N GLN G 106 16.82 -69.99 -27.67
CA GLN G 106 17.41 -70.53 -28.89
C GLN G 106 18.45 -69.61 -29.51
N MET G 107 18.24 -68.29 -29.42
CA MET G 107 19.22 -67.34 -29.94
C MET G 107 20.25 -66.93 -28.90
N GLY G 108 20.33 -67.64 -27.78
CA GLY G 108 21.35 -67.35 -26.79
C GLY G 108 21.04 -66.18 -25.87
N TYR G 109 19.78 -65.80 -25.73
CA TYR G 109 19.40 -64.77 -24.77
C TYR G 109 18.94 -65.41 -23.47
N THR G 110 19.38 -64.82 -22.36
CA THR G 110 19.12 -65.33 -21.03
C THR G 110 18.44 -64.33 -20.11
N THR G 111 18.33 -63.06 -20.52
CA THR G 111 17.68 -62.04 -19.71
C THR G 111 16.91 -61.12 -20.64
N ALA G 112 15.66 -60.82 -20.29
CA ALA G 112 14.83 -59.93 -21.11
C ALA G 112 13.91 -59.13 -20.19
N MET G 113 13.80 -57.83 -20.47
CA MET G 113 13.05 -56.90 -19.63
C MET G 113 11.75 -56.52 -20.32
N GLU G 114 10.64 -56.61 -19.60
CA GLU G 114 9.36 -56.11 -20.09
C GLU G 114 9.31 -54.60 -19.89
N ALA G 115 9.05 -53.86 -20.97
CA ALA G 115 9.35 -52.44 -21.04
C ALA G 115 8.21 -51.52 -20.65
N ALA G 116 6.99 -52.01 -20.43
CA ALA G 116 5.88 -51.11 -20.10
C ALA G 116 4.78 -51.89 -19.35
N MET G 117 4.76 -51.73 -18.03
CA MET G 117 3.74 -52.39 -17.21
C MET G 117 2.81 -51.37 -16.58
N PRO G 118 1.51 -51.43 -16.83
CA PRO G 118 0.56 -50.60 -16.08
C PRO G 118 0.42 -51.12 -14.66
N PRO G 119 0.64 -50.27 -13.66
CA PRO G 119 0.65 -50.73 -12.25
C PRO G 119 -0.59 -51.50 -11.82
N LEU G 120 -1.78 -51.07 -12.22
CA LEU G 120 -3.00 -51.75 -11.82
C LEU G 120 -3.11 -53.15 -12.42
N LEU G 121 -2.43 -53.40 -13.55
CA LEU G 121 -2.47 -54.68 -14.23
C LEU G 121 -1.20 -55.51 -13.96
N ALA G 122 -0.45 -55.19 -12.90
CA ALA G 122 0.85 -55.80 -12.70
C ALA G 122 0.76 -57.31 -12.46
N ARG G 123 -0.30 -57.75 -11.77
CA ARG G 123 -0.51 -59.18 -11.55
C ARG G 123 -0.51 -59.92 -12.88
N HIS G 124 -1.11 -59.31 -13.91
CA HIS G 124 -1.16 -59.87 -15.25
C HIS G 124 0.25 -60.10 -15.79
N THR G 125 1.10 -59.08 -15.71
CA THR G 125 2.48 -59.20 -16.21
C THR G 125 3.21 -60.35 -15.54
N HIS G 126 3.13 -60.43 -14.21
CA HIS G 126 3.87 -61.46 -13.49
C HIS G 126 3.31 -62.85 -13.75
N GLU G 127 2.00 -62.96 -13.99
CA GLU G 127 1.42 -64.25 -14.34
C GLU G 127 1.92 -64.73 -15.69
N GLU G 128 2.07 -63.83 -16.67
CA GLU G 128 2.65 -64.23 -17.94
C GLU G 128 4.14 -64.56 -17.81
N PHE G 129 4.85 -63.86 -16.91
CA PHE G 129 6.25 -64.19 -16.66
C PHE G 129 6.39 -65.62 -16.14
N HIS G 130 5.50 -66.03 -15.24
CA HIS G 130 5.58 -67.37 -14.69
C HIS G 130 5.50 -68.44 -15.79
N ASP G 131 4.74 -68.17 -16.85
CA ASP G 131 4.63 -69.08 -17.99
C ASP G 131 5.62 -68.75 -19.10
N THR G 132 6.68 -68.01 -18.78
CA THR G 132 7.75 -67.72 -19.74
C THR G 132 9.00 -68.44 -19.30
N PRO G 133 9.42 -69.50 -20.00
CA PRO G 133 10.53 -70.32 -19.52
C PRO G 133 11.87 -69.64 -19.61
N ILE G 134 12.78 -70.11 -18.77
CA ILE G 134 14.23 -69.92 -18.90
C ILE G 134 14.68 -68.52 -18.50
N ILE G 135 14.22 -67.49 -19.22
CA ILE G 135 14.85 -66.18 -19.08
C ILE G 135 14.59 -65.58 -17.70
N ASP G 136 15.62 -64.97 -17.14
CA ASP G 136 15.42 -64.03 -16.05
C ASP G 136 14.83 -62.74 -16.62
N HIS G 137 14.08 -62.02 -15.78
CA HIS G 137 13.24 -60.96 -16.31
C HIS G 137 12.97 -59.90 -15.25
N ALA G 138 12.39 -58.79 -15.71
CA ALA G 138 11.92 -57.70 -14.85
C ALA G 138 10.90 -56.90 -15.65
N ALA G 139 10.14 -56.07 -14.95
CA ALA G 139 9.10 -55.24 -15.55
C ALA G 139 9.30 -53.78 -15.18
N TYR G 140 9.05 -52.89 -16.15
CA TYR G 140 9.17 -51.46 -15.93
C TYR G 140 7.80 -50.85 -15.70
N PRO G 141 7.43 -50.47 -14.49
CA PRO G 141 6.17 -49.73 -14.31
C PRO G 141 6.24 -48.36 -14.95
N LEU G 142 5.08 -47.85 -15.34
CA LEU G 142 4.99 -46.58 -16.05
C LEU G 142 4.70 -45.44 -15.08
N PHE G 143 5.36 -44.29 -15.31
CA PHE G 143 5.25 -43.13 -14.44
C PHE G 143 4.92 -41.84 -15.17
N GLY G 144 5.15 -41.75 -16.48
CA GLY G 144 5.10 -40.48 -17.19
C GLY G 144 3.72 -39.86 -17.32
N ASN G 145 2.66 -40.61 -17.04
CA ASN G 145 1.32 -40.04 -17.08
C ASN G 145 0.54 -40.42 -15.82
N ASN G 146 1.26 -40.64 -14.71
CA ASN G 146 0.65 -41.07 -13.46
C ASN G 146 0.13 -39.86 -12.68
N TRP G 147 -1.09 -39.99 -12.15
CA TRP G 147 -1.74 -38.84 -11.49
C TRP G 147 -0.98 -38.40 -10.25
N PHE G 148 -0.52 -39.34 -9.41
CA PHE G 148 0.25 -38.98 -8.23
C PHE G 148 1.55 -38.28 -8.62
N VAL G 149 2.22 -38.79 -9.65
CA VAL G 149 3.47 -38.19 -10.12
C VAL G 149 3.24 -36.77 -10.60
N MET G 150 2.19 -36.58 -11.40
CA MET G 150 1.90 -35.26 -11.93
C MET G 150 1.49 -34.27 -10.85
N GLU G 151 0.72 -34.74 -9.86
CA GLU G 151 0.31 -33.86 -8.76
C GLU G 151 1.51 -33.47 -7.90
N TYR G 152 2.35 -34.44 -7.55
CA TYR G 152 3.49 -34.18 -6.68
C TYR G 152 4.54 -33.31 -7.36
N LEU G 153 4.86 -33.59 -8.62
CA LEU G 153 5.93 -32.87 -9.28
C LEU G 153 5.53 -31.44 -9.62
N LYS G 154 4.24 -31.17 -9.82
CA LYS G 154 3.80 -29.80 -10.08
C LYS G 154 3.98 -28.91 -8.85
N GLU G 155 3.73 -29.44 -7.67
CA GLU G 155 4.05 -28.76 -6.42
C GLU G 155 5.54 -28.75 -6.10
N GLY G 156 6.38 -29.32 -6.96
CA GLY G 156 7.79 -29.37 -6.67
C GLY G 156 8.19 -30.31 -5.54
N ASP G 157 7.27 -31.17 -5.10
CA ASP G 157 7.52 -32.04 -3.95
C ASP G 157 8.18 -33.31 -4.45
N VAL G 158 9.50 -33.22 -4.67
CA VAL G 158 10.24 -34.34 -5.22
C VAL G 158 10.39 -35.46 -4.19
N ASP G 159 10.44 -35.14 -2.89
CA ASP G 159 10.53 -36.19 -1.89
C ASP G 159 9.27 -37.04 -1.86
N ALA G 160 8.10 -36.43 -1.98
CA ALA G 160 6.86 -37.19 -1.96
C ALA G 160 6.74 -38.10 -3.17
N CYS G 161 7.11 -37.60 -4.36
CA CYS G 161 7.09 -38.44 -5.55
C CYS G 161 8.03 -39.62 -5.40
N ALA G 162 9.17 -39.43 -4.72
CA ALA G 162 10.10 -40.53 -4.49
C ALA G 162 9.52 -41.55 -3.53
N ALA G 163 8.75 -41.09 -2.53
CA ALA G 163 8.08 -42.03 -1.63
C ALA G 163 6.98 -42.79 -2.36
N TYR G 164 6.20 -42.09 -3.18
CA TYR G 164 5.20 -42.77 -4.00
C TYR G 164 5.84 -43.81 -4.90
N ALA G 165 6.88 -43.43 -5.64
CA ALA G 165 7.58 -44.37 -6.52
C ALA G 165 8.12 -45.55 -5.74
N SER G 166 8.73 -45.31 -4.58
CA SER G 166 9.20 -46.40 -3.74
C SER G 166 8.08 -47.39 -3.45
N TRP G 167 6.93 -46.88 -3.00
CA TRP G 167 5.79 -47.75 -2.75
C TRP G 167 5.34 -48.47 -4.01
N LEU G 168 5.30 -47.76 -5.14
CA LEU G 168 4.75 -48.35 -6.36
C LEU G 168 5.66 -49.44 -6.92
N LEU G 169 6.97 -49.23 -6.91
CA LEU G 169 7.88 -50.27 -7.38
C LEU G 169 7.77 -51.52 -6.51
N ARG G 170 7.57 -51.32 -5.20
CA ARG G 170 7.42 -52.47 -4.30
C ARG G 170 6.07 -53.15 -4.53
N ALA G 171 5.01 -52.36 -4.77
CA ALA G 171 3.68 -52.93 -4.87
C ALA G 171 3.48 -53.65 -6.21
N THR G 172 4.05 -53.12 -7.29
CA THR G 172 3.98 -53.77 -8.58
C THR G 172 5.13 -54.73 -8.83
N LYS G 173 6.08 -54.81 -7.89
CA LYS G 173 7.32 -55.57 -8.07
C LYS G 173 7.96 -55.20 -9.41
N GLY G 174 8.29 -53.91 -9.53
CA GLY G 174 8.87 -53.37 -10.74
C GLY G 174 10.31 -52.97 -10.54
N TYR G 175 10.94 -52.55 -11.63
CA TYR G 175 12.39 -52.44 -11.63
C TYR G 175 12.91 -51.07 -12.07
N THR G 176 12.19 -50.37 -12.96
CA THR G 176 12.66 -49.07 -13.44
C THR G 176 11.51 -48.09 -13.57
N ILE G 177 11.85 -46.81 -13.56
CA ILE G 177 10.91 -45.74 -13.81
C ILE G 177 10.82 -45.52 -15.32
N ILE G 179 9.07 -43.92 -18.68
CA ILE G 179 8.33 -42.74 -19.06
C ILE G 179 7.99 -42.82 -20.53
N VAL G 180 6.71 -42.81 -20.86
CA VAL G 180 6.25 -42.89 -22.25
C VAL G 180 5.38 -41.67 -22.52
N ASN G 181 5.74 -40.91 -23.55
CA ASN G 181 4.98 -39.77 -24.05
C ASN G 181 4.45 -38.94 -22.85
N PRO G 182 5.37 -38.37 -22.05
CA PRO G 182 4.93 -37.77 -20.77
C PRO G 182 3.91 -36.66 -20.96
N ALA G 183 2.81 -36.74 -20.20
CA ALA G 183 1.66 -35.85 -20.22
C ALA G 183 0.75 -36.11 -21.41
N GLY G 184 1.30 -36.65 -22.50
CA GLY G 184 0.50 -36.81 -23.71
C GLY G 184 -0.54 -37.92 -23.61
N THR G 185 -0.20 -39.02 -22.94
CA THR G 185 -1.17 -40.10 -22.82
C THR G 185 -2.29 -39.73 -21.86
N GLU G 186 -2.00 -38.93 -20.84
CA GLU G 186 -3.06 -38.38 -20.01
C GLU G 186 -3.96 -37.48 -20.84
N ALA G 187 -3.38 -36.69 -21.73
CA ALA G 187 -4.18 -35.90 -22.67
C ALA G 187 -5.01 -36.81 -23.57
N TRP G 188 -4.51 -38.02 -23.85
CA TRP G 188 -5.27 -38.95 -24.67
C TRP G 188 -6.48 -39.49 -23.92
N GLY G 189 -6.49 -39.38 -22.59
CA GLY G 189 -7.68 -39.68 -21.82
C GLY G 189 -8.88 -38.86 -22.23
N TRP G 190 -8.65 -37.67 -22.80
CA TRP G 190 -9.71 -36.87 -23.41
C TRP G 190 -9.64 -36.87 -24.92
N GLY G 191 -8.84 -37.74 -25.51
CA GLY G 191 -8.75 -37.86 -26.96
C GLY G 191 -7.75 -36.94 -27.62
N GLY G 192 -6.89 -36.28 -26.85
CA GLY G 192 -5.89 -35.39 -27.38
C GLY G 192 -4.49 -35.90 -27.19
N ASN G 193 -3.54 -34.97 -27.21
CA ASN G 193 -2.13 -35.30 -27.06
C ASN G 193 -1.38 -34.02 -26.71
N VAL G 194 -0.11 -34.15 -26.38
CA VAL G 194 0.76 -33.00 -26.19
C VAL G 194 1.75 -32.97 -27.34
N HIS G 195 2.20 -31.76 -27.67
CA HIS G 195 3.13 -31.54 -28.77
C HIS G 195 4.31 -30.73 -28.28
N GLY G 196 5.50 -31.32 -28.32
CA GLY G 196 6.67 -30.70 -27.75
C GLY G 196 6.69 -30.87 -26.24
N ILE G 197 7.86 -30.58 -25.66
CA ILE G 197 8.09 -30.87 -24.24
C ILE G 197 7.61 -29.78 -23.31
N TYR G 198 7.08 -28.67 -23.84
CA TYR G 198 6.58 -27.58 -23.01
C TYR G 198 5.06 -27.47 -23.05
N ASP G 199 4.38 -28.48 -23.60
CA ASP G 199 2.93 -28.46 -23.76
C ASP G 199 2.27 -29.26 -22.64
N PRO G 200 1.54 -28.62 -21.73
CA PRO G 200 1.02 -29.34 -20.56
C PRO G 200 -0.23 -30.16 -20.89
N ALA G 201 -0.47 -31.16 -20.05
CA ALA G 201 -1.68 -31.97 -20.13
C ALA G 201 -2.87 -31.18 -19.60
N PRO G 202 -4.09 -31.53 -20.02
CA PRO G 202 -5.28 -30.89 -19.45
C PRO G 202 -5.35 -31.08 -17.94
N TYR G 203 -5.85 -30.03 -17.27
CA TYR G 203 -6.02 -29.96 -15.83
C TYR G 203 -4.71 -29.98 -15.06
N PHE G 204 -3.86 -30.98 -15.31
CA PHE G 204 -2.72 -31.20 -14.42
C PHE G 204 -1.64 -30.14 -14.58
N ASP G 205 -1.55 -29.51 -15.75
CA ASP G 205 -0.82 -28.24 -15.91
C ASP G 205 0.67 -28.41 -15.58
N ILE G 206 1.23 -29.55 -15.91
CA ILE G 206 2.66 -29.79 -15.77
C ILE G 206 3.20 -30.20 -17.13
N THR G 207 4.41 -29.77 -17.44
CA THR G 207 4.95 -30.03 -18.77
C THR G 207 5.68 -31.36 -18.81
N PRO G 208 5.81 -31.94 -20.01
CA PRO G 208 6.71 -33.09 -20.16
C PRO G 208 8.10 -32.84 -19.58
N ALA G 209 8.70 -31.70 -19.89
CA ALA G 209 10.04 -31.39 -19.37
C ALA G 209 10.08 -31.49 -17.85
N GLU G 210 9.09 -30.90 -17.17
CA GLU G 210 9.06 -30.98 -15.71
C GLU G 210 8.82 -32.41 -15.23
N ILE G 211 8.07 -33.20 -15.97
CA ILE G 211 7.88 -34.61 -15.60
C ILE G 211 9.20 -35.36 -15.75
N ILE G 212 9.89 -35.15 -16.87
CA ILE G 212 11.15 -35.85 -17.11
C ILE G 212 12.20 -35.46 -16.07
N LYS G 213 12.37 -34.15 -15.87
CA LYS G 213 13.35 -33.65 -14.91
C LYS G 213 13.07 -34.20 -13.51
N GLY G 214 11.81 -34.12 -13.06
CA GLY G 214 11.49 -34.56 -11.72
C GLY G 214 11.69 -36.05 -11.50
N LEU G 215 11.34 -36.86 -12.51
CA LEU G 215 11.50 -38.30 -12.35
C LEU G 215 12.96 -38.72 -12.43
N ALA G 216 13.78 -37.97 -13.16
CA ALA G 216 15.23 -38.21 -13.08
C ALA G 216 15.74 -37.93 -11.68
N GLU G 217 15.33 -36.80 -11.08
CA GLU G 217 15.72 -36.51 -9.70
C GLU G 217 15.26 -37.58 -8.73
N VAL G 218 14.01 -38.02 -8.82
CA VAL G 218 13.54 -39.10 -7.94
C VAL G 218 14.33 -40.37 -8.22
N ASN G 219 14.59 -40.67 -9.50
CA ASN G 219 15.31 -41.89 -9.86
C ASN G 219 16.65 -41.98 -9.13
N GLU G 220 17.40 -40.88 -9.12
CA GLU G 220 18.71 -40.89 -8.47
C GLU G 220 18.60 -40.68 -6.97
N LYS G 221 17.55 -40.01 -6.49
CA LYS G 221 17.37 -39.91 -5.04
C LYS G 221 17.02 -41.25 -4.42
N LEU G 222 16.35 -42.12 -5.15
CA LEU G 222 16.11 -43.48 -4.72
C LEU G 222 17.24 -44.43 -5.07
N GLN G 223 18.29 -43.94 -5.73
CA GLN G 223 19.50 -44.70 -6.02
C GLN G 223 19.18 -46.01 -6.75
N LEU G 224 18.28 -45.93 -7.73
CA LEU G 224 17.84 -47.10 -8.45
C LEU G 224 18.97 -47.61 -9.35
N PRO G 225 19.03 -48.93 -9.60
CA PRO G 225 20.11 -49.44 -10.45
C PRO G 225 20.08 -48.88 -11.87
N HIS G 226 18.89 -48.72 -12.44
CA HIS G 226 18.74 -48.26 -13.82
C HIS G 226 18.31 -46.79 -13.82
N SER G 227 18.57 -46.12 -14.94
CA SER G 227 18.20 -44.72 -15.07
C SER G 227 16.73 -44.62 -15.43
N ILE G 228 16.22 -43.38 -15.55
CA ILE G 228 14.93 -43.22 -16.19
C ILE G 228 15.03 -43.77 -17.61
N HIS G 229 13.94 -44.34 -18.08
CA HIS G 229 13.89 -45.06 -19.35
C HIS G 229 12.82 -44.36 -20.19
N LEU G 230 13.24 -43.47 -21.08
CA LEU G 230 12.33 -42.48 -21.64
C LEU G 230 12.01 -42.76 -23.12
N HIS G 231 10.72 -42.85 -23.39
CA HIS G 231 10.10 -42.85 -24.71
C HIS G 231 9.55 -41.45 -24.96
N CYS G 232 10.11 -40.75 -25.96
CA CYS G 232 9.93 -39.30 -26.07
C CYS G 232 8.53 -38.93 -26.57
N ASN G 233 8.21 -37.65 -26.42
CA ASN G 233 7.04 -37.05 -27.04
C ASN G 233 7.23 -36.99 -28.56
N ASP G 234 6.11 -36.78 -29.27
CA ASP G 234 6.09 -36.59 -30.71
C ASP G 234 6.69 -37.81 -31.43
N LEU G 235 6.39 -39.00 -30.93
CA LEU G 235 6.92 -40.20 -31.56
C LEU G 235 6.37 -40.34 -32.98
N GLY G 236 7.26 -40.74 -33.89
CA GLY G 236 6.85 -41.11 -35.23
C GLY G 236 6.36 -39.97 -36.09
N HIS G 237 6.70 -38.73 -35.77
CA HIS G 237 6.25 -37.62 -36.59
C HIS G 237 7.40 -37.01 -37.38
N PRO G 238 7.20 -36.67 -38.65
CA PRO G 238 8.21 -35.89 -39.37
C PRO G 238 8.56 -34.61 -38.61
N GLY G 239 9.85 -34.34 -38.52
CA GLY G 239 10.32 -33.15 -37.84
C GLY G 239 10.55 -33.30 -36.35
N ASN G 240 10.33 -34.50 -35.79
CA ASN G 240 10.38 -34.66 -34.34
C ASN G 240 11.79 -34.71 -33.78
N TYR G 241 12.82 -34.72 -34.63
CA TYR G 241 14.19 -34.85 -34.13
C TYR G 241 14.55 -33.75 -33.14
N GLU G 242 14.00 -32.53 -33.31
CA GLU G 242 14.29 -31.47 -32.37
C GLU G 242 13.63 -31.69 -31.01
N THR G 243 12.39 -32.19 -31.00
CA THR G 243 11.77 -32.57 -29.72
C THR G 243 12.63 -33.60 -29.00
N THR G 244 13.23 -34.52 -29.76
CA THR G 244 14.08 -35.54 -29.16
C THR G 244 15.34 -34.93 -28.54
N LEU G 245 16.04 -34.08 -29.29
CA LEU G 245 17.28 -33.49 -28.77
C LEU G 245 17.00 -32.62 -27.55
N ALA G 246 15.93 -31.84 -27.58
CA ALA G 246 15.55 -31.06 -26.40
C ALA G 246 15.26 -31.97 -25.21
N SER G 247 14.56 -33.08 -25.46
CA SER G 247 14.29 -34.04 -24.39
C SER G 247 15.59 -34.57 -23.79
N PHE G 248 16.58 -34.87 -24.63
CA PHE G 248 17.83 -35.42 -24.12
C PHE G 248 18.53 -34.49 -23.13
N ASP G 249 18.38 -33.17 -23.31
CA ASP G 249 19.08 -32.21 -22.45
C ASP G 249 18.42 -32.04 -21.08
N VAL G 250 17.14 -32.41 -20.95
CA VAL G 250 16.40 -32.06 -19.74
C VAL G 250 17.04 -32.61 -18.48
N PRO G 251 17.50 -33.89 -18.44
CA PRO G 251 18.10 -34.39 -17.18
C PRO G 251 19.62 -34.34 -17.17
N LYS G 252 20.21 -33.57 -18.08
CA LYS G 252 21.65 -33.66 -18.31
C LYS G 252 22.46 -33.39 -17.05
N ASN G 253 22.03 -32.41 -16.25
CA ASN G 253 22.78 -31.99 -15.08
C ASN G 253 22.42 -32.76 -13.80
N ILE G 254 21.68 -33.84 -13.91
CA ILE G 254 21.45 -34.70 -12.75
C ILE G 254 22.52 -35.79 -12.76
N LYS G 255 23.10 -36.02 -11.60
CA LYS G 255 24.26 -36.90 -11.44
C LYS G 255 23.81 -38.31 -11.08
N PRO G 256 24.24 -39.31 -11.84
CA PRO G 256 23.82 -40.69 -11.55
C PRO G 256 24.29 -41.14 -10.17
N ASN G 257 23.49 -41.99 -9.53
CA ASN G 257 23.81 -42.42 -8.17
C ASN G 257 23.28 -43.82 -7.85
N PRO G 258 23.56 -44.85 -8.66
CA PRO G 258 23.06 -46.18 -8.32
C PRO G 258 23.71 -46.73 -7.05
N ALA G 259 22.89 -47.35 -6.21
CA ALA G 259 23.42 -48.06 -5.04
C ALA G 259 23.94 -49.45 -5.40
N THR G 260 23.36 -50.07 -6.42
CA THR G 260 23.84 -51.34 -6.96
C THR G 260 24.30 -51.15 -8.40
N GLY G 261 25.37 -51.84 -8.77
CA GLY G 261 25.83 -51.82 -10.15
C GLY G 261 26.72 -50.64 -10.48
N SER G 262 27.03 -50.53 -11.78
CA SER G 262 28.06 -49.62 -12.27
C SER G 262 27.53 -48.56 -13.22
N ARG G 263 26.21 -48.33 -13.24
CA ARG G 263 25.65 -47.36 -14.18
C ARG G 263 26.21 -45.97 -13.94
N ASP G 264 26.66 -45.33 -15.03
CA ASP G 264 27.25 -44.01 -14.97
C ASP G 264 26.54 -43.02 -15.90
N THR G 265 25.30 -43.32 -16.27
CA THR G 265 24.49 -42.50 -17.15
C THR G 265 23.13 -42.25 -16.51
N VAL G 266 22.61 -41.04 -16.72
CA VAL G 266 21.35 -40.62 -16.10
C VAL G 266 20.16 -40.79 -17.04
N LEU G 267 20.39 -40.96 -18.35
CA LEU G 267 19.33 -41.06 -19.33
C LEU G 267 19.47 -42.33 -20.15
N TYR G 268 18.37 -43.07 -20.29
CA TYR G 268 18.26 -44.16 -21.24
C TYR G 268 17.11 -43.79 -22.17
N ALA G 269 17.43 -43.54 -23.44
CA ALA G 269 16.46 -43.20 -24.45
C ALA G 269 16.20 -44.42 -25.32
N THR G 270 14.93 -44.80 -25.48
CA THR G 270 14.57 -46.04 -26.12
C THR G 270 14.03 -45.82 -27.53
N HIS G 271 14.17 -46.87 -28.35
CA HIS G 271 13.82 -46.90 -29.78
C HIS G 271 13.97 -45.54 -30.44
N VAL G 272 15.19 -45.00 -30.43
CA VAL G 272 15.43 -43.65 -30.91
C VAL G 272 15.26 -43.52 -32.42
N GLN G 273 15.22 -44.64 -33.15
CA GLN G 273 14.89 -44.58 -34.57
C GLN G 273 13.59 -43.81 -34.79
N PHE G 274 12.56 -44.12 -34.00
CA PHE G 274 11.28 -43.45 -34.13
C PHE G 274 11.31 -41.98 -33.73
N HIS G 275 12.41 -41.51 -33.12
CA HIS G 275 12.51 -40.12 -32.70
C HIS G 275 13.55 -39.34 -33.49
N SER G 276 13.94 -39.84 -34.66
CA SER G 276 15.04 -39.27 -35.43
C SER G 276 14.56 -38.73 -36.78
N TYR G 277 13.32 -38.25 -36.85
CA TYR G 277 12.71 -37.91 -38.12
C TYR G 277 12.86 -36.43 -38.44
N GLY G 278 13.19 -36.15 -39.69
CA GLY G 278 13.18 -34.80 -40.23
C GLY G 278 11.99 -34.56 -41.13
N GLY G 279 12.05 -33.44 -41.85
CA GLY G 279 10.95 -33.04 -42.70
C GLY G 279 9.83 -32.29 -41.98
N THR G 280 8.69 -32.24 -42.65
CA THR G 280 7.49 -31.59 -42.11
C THR G 280 6.20 -32.37 -42.34
N THR G 281 6.12 -33.16 -43.42
CA THR G 281 5.05 -34.11 -43.69
C THR G 281 5.71 -35.42 -44.11
N TRP G 282 4.91 -36.45 -44.38
CA TRP G 282 5.47 -37.69 -44.88
C TRP G 282 6.06 -37.56 -46.28
N ARG G 283 5.73 -36.50 -47.01
CA ARG G 283 6.19 -36.41 -48.40
C ARG G 283 7.57 -35.79 -48.51
N ASP G 284 7.94 -34.86 -47.62
CA ASP G 284 9.30 -34.38 -47.54
C ASP G 284 10.07 -35.02 -46.38
N PHE G 285 9.66 -36.23 -46.00
CA PHE G 285 10.25 -36.94 -44.88
C PHE G 285 11.66 -37.45 -45.21
N VAL G 286 12.62 -37.11 -44.35
CA VAL G 286 14.02 -37.52 -44.51
C VAL G 286 14.60 -37.89 -43.15
N SER G 287 15.74 -38.57 -43.18
CA SER G 287 16.45 -39.00 -41.99
C SER G 287 17.25 -37.87 -41.35
N GLU G 288 17.21 -37.79 -40.02
CA GLU G 288 18.07 -36.91 -39.23
C GLU G 288 18.89 -37.69 -38.21
N ALA G 289 19.16 -38.96 -38.50
CA ALA G 289 19.96 -39.77 -37.57
C ALA G 289 21.38 -39.24 -37.35
N PRO G 290 22.08 -38.66 -38.34
CA PRO G 290 23.40 -38.08 -38.03
C PRO G 290 23.40 -37.05 -36.91
N LYS G 291 22.47 -36.07 -36.92
CA LYS G 291 22.44 -35.11 -35.81
C LYS G 291 22.17 -35.81 -34.50
N ILE G 292 21.30 -36.81 -34.50
CA ILE G 292 21.05 -37.58 -33.29
C ILE G 292 22.30 -38.34 -32.89
N ALA G 293 22.90 -39.06 -33.85
CA ALA G 293 24.11 -39.82 -33.56
C ALA G 293 25.24 -38.91 -33.03
N ASP G 294 25.38 -37.72 -33.61
CA ASP G 294 26.44 -36.84 -33.13
C ASP G 294 26.15 -36.28 -31.75
N TYR G 295 24.88 -36.01 -31.42
CA TYR G 295 24.57 -35.62 -30.05
C TYR G 295 25.05 -36.68 -29.05
N VAL G 296 24.73 -37.94 -29.31
CA VAL G 296 25.12 -39.00 -28.40
C VAL G 296 26.63 -39.11 -28.35
N ASN G 297 27.29 -39.00 -29.51
CA ASN G 297 28.75 -39.05 -29.54
C ASN G 297 29.35 -37.97 -28.63
N LYS G 298 28.80 -36.76 -28.68
CA LYS G 298 29.34 -35.65 -27.91
C LYS G 298 29.01 -35.75 -26.42
N ASN G 299 28.00 -36.52 -26.04
CA ASN G 299 27.46 -36.48 -24.68
C ASN G 299 27.70 -37.80 -23.95
N ASP G 300 27.94 -37.69 -22.64
CA ASP G 300 28.36 -38.81 -21.81
C ASP G 300 27.30 -39.23 -20.80
N HIS G 301 26.11 -38.64 -20.86
CA HIS G 301 25.05 -38.91 -19.89
C HIS G 301 23.94 -39.78 -20.44
N ILE G 302 24.04 -40.23 -21.69
CA ILE G 302 22.93 -40.86 -22.40
C ILE G 302 23.36 -42.23 -22.92
N VAL G 303 22.49 -43.22 -22.74
CA VAL G 303 22.56 -44.49 -23.45
C VAL G 303 21.28 -44.64 -24.24
N ILE G 304 21.37 -45.25 -25.42
CA ILE G 304 20.21 -45.44 -26.27
C ILE G 304 20.08 -46.89 -26.70
N ASP G 305 18.90 -47.22 -27.22
CA ASP G 305 18.69 -48.36 -28.10
C ASP G 305 17.99 -47.85 -29.35
N VAL G 306 18.09 -48.61 -30.43
CA VAL G 306 17.75 -48.09 -31.74
C VAL G 306 16.29 -48.32 -32.09
N GLY G 307 15.77 -49.53 -31.88
CA GLY G 307 14.47 -49.87 -32.40
C GLY G 307 14.51 -50.10 -33.89
N GLN G 308 15.30 -51.09 -34.31
CA GLN G 308 15.60 -51.29 -35.72
C GLN G 308 14.42 -51.90 -36.46
N ILE G 309 14.11 -51.33 -37.63
CA ILE G 309 13.10 -51.90 -38.51
C ILE G 309 13.62 -53.23 -39.07
N THR G 310 12.78 -54.25 -39.05
CA THR G 310 13.13 -55.55 -39.61
C THR G 310 12.43 -55.85 -40.92
N LEU G 311 11.60 -54.93 -41.41
CA LEU G 311 10.92 -55.06 -42.71
C LEU G 311 9.97 -56.25 -42.73
N ASP G 312 9.18 -56.41 -41.66
CA ASP G 312 8.20 -57.47 -41.55
C ASP G 312 6.80 -56.89 -41.45
N GLU G 313 5.81 -57.76 -41.65
CA GLU G 313 4.47 -57.52 -41.14
C GLU G 313 4.50 -57.82 -39.65
N THR G 314 4.33 -56.79 -38.82
CA THR G 314 4.39 -57.02 -37.39
C THR G 314 3.23 -56.35 -36.68
N THR G 315 3.32 -56.26 -35.35
CA THR G 315 2.28 -55.67 -34.52
C THR G 315 2.90 -54.61 -33.64
N THR G 316 2.24 -53.45 -33.56
CA THR G 316 2.69 -52.37 -32.70
C THR G 316 1.82 -52.32 -31.45
N MET G 317 2.46 -52.12 -30.30
CA MET G 317 1.76 -52.12 -29.01
C MET G 317 2.55 -51.21 -28.06
N THR G 318 1.88 -50.17 -27.57
CA THR G 318 2.58 -49.10 -26.89
C THR G 318 1.67 -48.51 -25.81
N ALA G 319 2.27 -47.83 -24.82
CA ALA G 319 1.55 -46.97 -23.87
C ALA G 319 1.26 -45.58 -24.42
N ASP G 320 1.68 -45.33 -25.66
CA ASP G 320 1.43 -44.08 -26.40
C ASP G 320 0.13 -44.23 -27.18
N GLY G 321 -0.97 -44.18 -26.43
CA GLY G 321 -2.31 -44.25 -26.95
C GLY G 321 -2.60 -43.34 -28.14
N PRO G 322 -2.30 -42.04 -28.00
CA PRO G 322 -2.63 -41.13 -29.10
C PRO G 322 -1.87 -41.44 -30.37
N MET G 323 -0.64 -41.92 -30.24
CA MET G 323 0.17 -42.26 -31.41
C MET G 323 -0.40 -43.43 -32.20
N GLU G 324 -0.85 -44.50 -31.52
CA GLU G 324 -1.36 -45.64 -32.25
C GLU G 324 -2.71 -45.36 -32.90
N TYR G 325 -3.52 -44.49 -32.27
CA TYR G 325 -4.75 -44.07 -32.95
C TYR G 325 -4.43 -43.32 -34.25
N ASP G 326 -3.39 -42.47 -34.22
CA ASP G 326 -2.96 -41.82 -35.45
C ASP G 326 -2.49 -42.83 -36.48
N LEU G 327 -1.78 -43.87 -36.03
CA LEU G 327 -1.29 -44.89 -36.96
C LEU G 327 -2.44 -45.66 -37.60
N HIS G 328 -3.40 -46.07 -36.77
CA HIS G 328 -4.62 -46.69 -37.27
C HIS G 328 -5.33 -45.77 -38.26
N SER G 329 -5.35 -44.48 -37.97
CA SER G 329 -5.93 -43.51 -38.90
C SER G 329 -5.20 -43.55 -40.24
N LEU G 330 -3.90 -43.82 -40.23
CA LEU G 330 -3.13 -43.85 -41.47
C LEU G 330 -3.37 -45.14 -42.25
N ASN G 331 -3.14 -46.29 -41.63
CA ASN G 331 -3.19 -47.55 -42.36
C ASN G 331 -4.56 -48.22 -42.33
N GLY G 332 -5.48 -47.72 -41.52
CA GLY G 332 -6.83 -48.24 -41.54
C GLY G 332 -6.99 -49.62 -40.94
N LEU G 333 -5.98 -50.14 -40.25
CA LEU G 333 -6.04 -51.50 -39.74
C LEU G 333 -6.56 -51.50 -38.31
N LYS G 334 -6.98 -52.68 -37.86
CA LYS G 334 -7.70 -52.82 -36.60
C LYS G 334 -6.93 -52.23 -35.43
N TRP G 335 -7.66 -51.58 -34.52
CA TRP G 335 -7.05 -50.76 -33.49
C TRP G 335 -7.61 -51.13 -32.12
N ALA G 336 -6.71 -51.44 -31.18
CA ALA G 336 -7.06 -51.69 -29.79
C ALA G 336 -6.53 -50.56 -28.92
N ASN G 337 -7.22 -50.33 -27.80
CA ASN G 337 -6.91 -49.23 -26.89
C ASN G 337 -7.27 -49.67 -25.48
N CYS G 338 -6.52 -49.18 -24.48
CA CYS G 338 -6.91 -49.39 -23.09
C CYS G 338 -6.38 -48.25 -22.23
N ASP G 339 -7.27 -47.37 -21.78
CA ASP G 339 -6.91 -46.38 -20.77
C ASP G 339 -7.03 -47.00 -19.38
N VAL G 340 -5.96 -46.89 -18.61
CA VAL G 340 -5.90 -47.45 -17.26
C VAL G 340 -6.02 -46.28 -16.30
N GLU G 341 -7.04 -46.33 -15.44
CA GLU G 341 -7.37 -45.23 -14.54
C GLU G 341 -6.16 -44.71 -13.77
N LEU G 342 -6.00 -43.39 -13.78
CA LEU G 342 -4.99 -42.67 -13.00
C LEU G 342 -3.56 -43.04 -13.34
N GLU G 343 -3.33 -43.93 -14.30
CA GLU G 343 -2.00 -44.50 -14.44
C GLU G 343 -1.42 -44.34 -15.84
N THR G 344 -2.10 -44.86 -16.86
CA THR G 344 -1.51 -44.87 -18.19
C THR G 344 -2.58 -45.13 -19.24
N GLY G 345 -2.14 -45.23 -20.49
CA GLY G 345 -2.97 -45.68 -21.59
C GLY G 345 -2.20 -46.67 -22.44
N SER G 346 -2.83 -47.11 -23.53
CA SER G 346 -2.16 -48.05 -24.42
C SER G 346 -2.97 -48.20 -25.71
N GLY G 347 -2.27 -48.64 -26.76
CA GLY G 347 -2.89 -48.90 -28.04
C GLY G 347 -2.14 -49.97 -28.80
N VAL G 348 -2.84 -50.65 -29.71
CA VAL G 348 -2.27 -51.76 -30.48
C VAL G 348 -2.79 -51.68 -31.92
N VAL G 349 -1.87 -51.67 -32.89
CA VAL G 349 -2.20 -51.62 -34.32
C VAL G 349 -1.21 -52.45 -35.12
N PRO G 350 -1.65 -53.28 -36.08
CA PRO G 350 -0.70 -53.94 -36.97
C PRO G 350 -0.05 -52.94 -37.92
N PHE G 351 1.18 -53.26 -38.34
CA PHE G 351 1.84 -52.45 -39.35
C PHE G 351 2.70 -53.33 -40.24
N ILE G 352 2.64 -53.08 -41.54
CA ILE G 352 3.43 -53.79 -42.53
C ILE G 352 4.59 -52.88 -42.92
N TYR G 353 5.79 -53.18 -42.43
CA TYR G 353 7.00 -52.44 -42.80
C TYR G 353 7.56 -53.04 -44.10
N SER G 354 6.88 -52.77 -45.20
CA SER G 354 7.29 -53.36 -46.47
C SER G 354 8.50 -52.62 -47.01
N ALA G 355 9.54 -53.37 -47.39
CA ALA G 355 10.76 -52.75 -47.91
C ALA G 355 10.50 -51.91 -49.15
N ARG G 356 9.56 -52.35 -49.99
CA ARG G 356 9.24 -51.64 -51.22
C ARG G 356 8.56 -50.30 -50.99
N ALA G 357 8.09 -50.02 -49.76
CA ALA G 357 7.43 -48.75 -49.51
C ALA G 357 8.44 -47.69 -49.08
N PRO G 358 8.26 -46.45 -49.50
CA PRO G 358 9.30 -45.43 -49.25
C PRO G 358 9.55 -45.13 -47.78
N VAL G 359 8.49 -44.97 -46.99
CA VAL G 359 8.66 -44.57 -45.59
C VAL G 359 9.34 -45.68 -44.78
N PRO G 360 8.88 -46.94 -44.85
CA PRO G 360 9.62 -48.00 -44.15
C PRO G 360 11.06 -48.13 -44.61
N ALA G 361 11.33 -47.87 -45.89
CA ALA G 361 12.69 -47.89 -46.39
C ALA G 361 13.57 -46.89 -45.66
N VAL G 362 13.08 -45.66 -45.51
CA VAL G 362 13.83 -44.65 -44.77
C VAL G 362 13.93 -45.02 -43.30
N GLN G 363 12.86 -45.57 -42.74
CA GLN G 363 12.89 -45.98 -41.32
C GLN G 363 13.95 -47.04 -41.07
N TRP G 364 14.09 -48.00 -41.98
CA TRP G 364 15.18 -48.97 -41.87
C TRP G 364 16.54 -48.27 -41.88
N ALA G 365 16.73 -47.32 -42.79
CA ALA G 365 18.02 -46.64 -42.92
C ALA G 365 18.37 -45.87 -41.66
N ILE G 366 17.40 -45.20 -41.05
CA ILE G 366 17.66 -44.37 -39.87
C ILE G 366 18.27 -45.22 -38.76
N GLY G 367 17.71 -46.41 -38.52
CA GLY G 367 18.25 -47.28 -37.49
C GLY G 367 19.66 -47.73 -37.79
N MET G 368 19.92 -48.13 -39.05
CA MET G 368 21.27 -48.51 -39.45
C MET G 368 22.24 -47.34 -39.26
N GLU G 369 21.82 -46.14 -39.68
CA GLU G 369 22.63 -44.95 -39.44
C GLU G 369 22.95 -44.77 -37.97
N LEU G 370 21.98 -45.02 -37.09
CA LEU G 370 22.21 -44.83 -35.66
C LEU G 370 23.23 -45.83 -35.14
N PHE G 371 23.09 -47.11 -35.52
CA PHE G 371 24.06 -48.12 -35.13
C PHE G 371 25.46 -47.73 -35.61
N LEU G 372 25.57 -47.29 -36.86
CA LEU G 372 26.87 -47.19 -37.50
C LEU G 372 27.54 -45.83 -37.33
N LEU G 373 26.79 -44.74 -37.14
CA LEU G 373 27.42 -43.44 -37.00
C LEU G 373 27.81 -43.07 -35.56
N ILE G 374 27.35 -43.79 -34.55
CA ILE G 374 27.83 -43.56 -33.19
C ILE G 374 29.04 -44.42 -32.92
N ASP G 375 30.11 -43.78 -32.48
CA ASP G 375 31.42 -44.40 -32.45
C ASP G 375 31.53 -45.45 -31.35
N ASN G 376 30.99 -45.18 -30.16
CA ASN G 376 31.24 -46.05 -29.03
C ASN G 376 30.08 -47.01 -28.83
N PRO G 377 30.27 -48.31 -29.05
CA PRO G 377 29.17 -49.27 -28.81
C PRO G 377 28.68 -49.30 -27.37
N GLU G 378 29.49 -48.82 -26.42
CA GLU G 378 29.06 -48.77 -25.02
C GLU G 378 27.89 -47.82 -24.78
N LYS G 379 27.51 -47.02 -25.77
CA LYS G 379 26.39 -46.10 -25.65
C LYS G 379 25.12 -46.58 -26.34
N VAL G 380 25.11 -47.79 -26.91
CA VAL G 380 23.99 -48.26 -27.72
C VAL G 380 23.68 -49.72 -27.43
N CYS G 381 22.40 -50.07 -27.53
CA CYS G 381 21.90 -51.42 -27.36
C CYS G 381 21.14 -51.85 -28.61
N LEU G 382 21.15 -53.14 -28.89
CA LEU G 382 20.44 -53.69 -30.04
C LEU G 382 19.00 -53.99 -29.64
N THR G 383 18.06 -53.30 -30.27
CA THR G 383 16.64 -53.51 -30.01
C THR G 383 15.84 -53.35 -31.29
N THR G 384 14.66 -53.96 -31.28
CA THR G 384 13.63 -53.74 -32.30
C THR G 384 12.34 -53.21 -31.68
N ASP G 385 12.43 -52.66 -30.47
CA ASP G 385 11.26 -52.37 -29.62
C ASP G 385 10.20 -53.46 -29.77
N SER G 386 10.67 -54.70 -29.72
CA SER G 386 9.91 -55.87 -30.14
C SER G 386 8.54 -55.93 -29.46
N PRO G 387 7.48 -56.11 -30.27
CA PRO G 387 7.46 -56.32 -31.72
C PRO G 387 7.23 -55.06 -32.58
N ASN G 388 7.33 -53.87 -31.99
CA ASN G 388 6.87 -52.65 -32.66
C ASN G 388 7.62 -52.41 -33.97
N ALA G 389 8.94 -52.53 -33.96
CA ALA G 389 9.69 -52.42 -35.20
C ALA G 389 9.94 -53.77 -35.85
N GLY G 390 9.69 -54.86 -35.11
CA GLY G 390 9.84 -56.21 -35.60
C GLY G 390 10.00 -57.15 -34.43
N PRO G 391 9.71 -58.43 -34.64
CA PRO G 391 9.85 -59.40 -33.55
C PRO G 391 11.29 -59.61 -33.17
N PHE G 392 11.52 -59.92 -31.89
CA PHE G 392 12.89 -60.08 -31.40
C PHE G 392 13.61 -61.25 -32.05
N THR G 393 12.88 -62.18 -32.67
CA THR G 393 13.52 -63.27 -33.41
C THR G 393 14.43 -62.77 -34.52
N ARG G 394 14.37 -61.47 -34.85
CA ARG G 394 15.16 -60.89 -35.93
C ARG G 394 16.39 -60.15 -35.47
N TYR G 395 16.75 -60.23 -34.19
CA TYR G 395 18.04 -59.72 -33.78
C TYR G 395 19.19 -60.32 -34.58
N PRO G 396 19.23 -61.63 -34.87
CA PRO G 396 20.32 -62.15 -35.71
C PRO G 396 20.42 -61.47 -37.07
N ARG G 397 19.29 -61.16 -37.70
CA ARG G 397 19.33 -60.46 -38.98
C ARG G 397 19.85 -59.03 -38.83
N VAL G 398 19.54 -58.39 -37.69
CA VAL G 398 20.09 -57.07 -37.43
C VAL G 398 21.60 -57.16 -37.24
N ILE G 399 22.05 -58.17 -36.50
CA ILE G 399 23.48 -58.43 -36.37
C ILE G 399 24.12 -58.60 -37.74
N ALA G 400 23.53 -59.45 -38.58
CA ALA G 400 24.05 -59.68 -39.93
C ALA G 400 24.17 -58.38 -40.71
N TRP G 401 23.12 -57.54 -40.67
CA TRP G 401 23.17 -56.25 -41.35
C TRP G 401 24.33 -55.40 -40.85
N LEU G 402 24.58 -55.41 -39.53
CA LEU G 402 25.64 -54.56 -38.99
C LEU G 402 27.04 -55.09 -39.32
N MET G 403 27.21 -56.40 -39.36
CA MET G 403 28.52 -56.99 -39.64
C MET G 403 28.85 -57.05 -41.12
N SER G 404 27.94 -56.64 -42.00
CA SER G 404 28.12 -56.86 -43.44
C SER G 404 27.54 -55.69 -44.21
N ASN G 405 28.40 -54.82 -44.74
CA ASN G 405 27.95 -53.84 -45.73
C ASN G 405 27.57 -54.49 -47.05
N LYS G 406 27.94 -55.76 -47.27
CA LYS G 406 27.42 -56.51 -48.41
C LYS G 406 25.93 -56.75 -48.26
N TYR G 407 25.53 -57.33 -47.12
CA TYR G 407 24.12 -57.56 -46.83
C TYR G 407 23.31 -56.29 -47.00
N ARG G 408 23.82 -55.17 -46.49
CA ARG G 408 23.07 -53.93 -46.57
C ARG G 408 22.87 -53.49 -48.01
N MET G 409 23.95 -53.47 -48.79
CA MET G 409 23.87 -52.98 -50.16
C MET G 409 23.00 -53.90 -51.05
N ASN G 410 23.02 -55.22 -50.79
CA ASN G 410 22.15 -56.13 -51.52
C ASN G 410 20.70 -55.74 -51.32
N LEU G 411 20.33 -55.36 -50.10
CA LEU G 411 18.96 -54.96 -49.83
C LEU G 411 18.69 -53.55 -50.33
N ILE G 412 19.66 -52.65 -50.16
CA ILE G 412 19.52 -51.29 -50.66
C ILE G 412 19.37 -51.30 -52.18
N GLU G 413 20.23 -52.05 -52.86
CA GLU G 413 20.21 -52.05 -54.32
C GLU G 413 19.13 -52.95 -54.91
N GLY G 414 18.43 -53.71 -54.10
CA GLY G 414 17.40 -54.59 -54.61
C GLY G 414 16.33 -54.93 -53.60
N GLU G 415 15.18 -54.26 -53.75
CA GLU G 415 13.92 -54.39 -53.00
C GLU G 415 13.65 -53.13 -52.20
N LEU G 416 14.64 -52.63 -51.47
CA LEU G 416 14.47 -51.38 -50.73
C LEU G 416 14.13 -50.24 -51.68
N HIS G 417 13.09 -49.49 -51.33
CA HIS G 417 12.71 -48.30 -52.08
C HIS G 417 13.89 -47.35 -52.21
N LYS G 418 13.92 -46.60 -53.31
CA LYS G 418 15.00 -45.65 -53.58
C LYS G 418 15.15 -44.61 -52.48
N TRP G 419 14.09 -44.35 -51.70
CA TRP G 419 14.16 -43.32 -50.67
C TRP G 419 15.19 -43.63 -49.61
N ALA G 420 15.53 -44.90 -49.40
CA ALA G 420 16.58 -45.24 -48.45
C ALA G 420 17.91 -44.60 -48.83
N GLN G 421 18.18 -44.46 -50.13
CA GLN G 421 19.38 -43.78 -50.59
C GLN G 421 19.18 -42.26 -50.63
N ARG G 422 18.09 -41.82 -51.26
CA ARG G 422 17.89 -40.39 -51.49
C ARG G 422 17.68 -39.62 -50.21
N LYS G 423 17.06 -40.24 -49.19
CA LYS G 423 16.67 -39.51 -48.01
C LYS G 423 17.44 -39.94 -46.77
N SER G 424 18.60 -40.56 -46.95
CA SER G 424 19.49 -40.90 -45.85
C SER G 424 20.89 -41.08 -46.42
N THR G 425 21.83 -41.39 -45.53
CA THR G 425 23.23 -41.61 -45.89
C THR G 425 23.67 -43.05 -45.76
N VAL G 426 22.74 -44.00 -45.62
CA VAL G 426 23.11 -45.38 -45.33
C VAL G 426 24.03 -45.94 -46.40
N ALA G 427 23.76 -45.62 -47.68
CA ALA G 427 24.50 -46.23 -48.78
C ALA G 427 25.99 -45.88 -48.74
N THR G 428 26.34 -44.72 -48.17
CA THR G 428 27.73 -44.26 -48.11
C THR G 428 28.47 -44.76 -46.88
N ILE G 429 27.84 -45.58 -46.04
CA ILE G 429 28.45 -46.04 -44.79
C ILE G 429 28.82 -47.51 -44.99
N ASP G 430 30.12 -47.79 -44.98
CA ASP G 430 30.62 -49.15 -45.15
C ASP G 430 31.16 -49.76 -43.86
N ARG G 431 31.03 -49.06 -42.73
CA ARG G 431 31.48 -49.60 -41.45
C ARG G 431 30.83 -50.95 -41.18
N GLU G 432 31.60 -51.87 -40.58
CA GLU G 432 31.10 -53.16 -40.17
C GLU G 432 31.44 -53.41 -38.71
N TYR G 433 30.44 -53.84 -37.95
CA TYR G 433 30.61 -54.18 -36.54
C TYR G 433 31.50 -55.41 -36.35
N THR G 434 32.31 -55.37 -35.29
CA THR G 434 33.13 -56.49 -34.87
C THR G 434 32.28 -57.48 -34.06
N PHE G 435 32.80 -58.70 -33.87
CA PHE G 435 32.15 -59.62 -32.96
C PHE G 435 32.16 -59.06 -31.54
N SER G 436 33.17 -58.23 -31.24
CA SER G 436 33.25 -57.61 -29.92
C SER G 436 32.20 -56.51 -29.77
N GLU G 437 32.04 -55.68 -30.80
CA GLU G 437 31.02 -54.64 -30.76
C GLU G 437 29.61 -55.22 -30.74
N ILE G 438 29.41 -56.38 -31.36
CA ILE G 438 28.11 -57.04 -31.29
C ILE G 438 27.81 -57.50 -29.87
N ALA G 439 28.79 -58.16 -29.22
CA ALA G 439 28.59 -58.57 -27.84
C ALA G 439 28.42 -57.38 -26.91
N GLN G 440 29.00 -56.23 -27.25
CA GLN G 440 28.86 -55.05 -26.39
C GLN G 440 27.43 -54.54 -26.42
N ILE G 441 26.82 -54.46 -27.61
CA ILE G 441 25.47 -53.91 -27.73
C ILE G 441 24.38 -54.93 -27.43
N THR G 442 24.71 -56.21 -27.34
CA THR G 442 23.73 -57.25 -27.03
C THR G 442 23.87 -57.82 -25.63
N ARG G 443 24.92 -57.45 -24.89
CA ARG G 443 25.17 -57.97 -23.56
C ARG G 443 25.62 -56.86 -22.61
N ALA G 444 26.74 -56.24 -22.95
CA ALA G 444 27.49 -55.44 -21.98
C ALA G 444 26.79 -54.12 -21.70
N THR G 445 26.48 -53.35 -22.74
CA THR G 445 25.83 -52.06 -22.55
C THR G 445 24.54 -52.22 -21.75
N SER G 446 23.72 -53.20 -22.13
CA SER G 446 22.46 -53.43 -21.44
C SER G 446 22.67 -53.84 -20.00
N ALA G 447 23.55 -54.82 -19.77
CA ALA G 447 23.80 -55.28 -18.40
C ALA G 447 24.33 -54.15 -17.54
N LYS G 448 25.24 -53.34 -18.08
CA LYS G 448 25.83 -52.24 -17.31
C LYS G 448 24.79 -51.18 -16.96
N VAL G 449 24.04 -50.72 -17.96
CA VAL G 449 23.14 -49.58 -17.73
C VAL G 449 21.95 -49.98 -16.87
N LEU G 450 21.56 -51.25 -16.88
CA LEU G 450 20.48 -51.73 -16.03
C LEU G 450 20.92 -52.00 -14.59
N GLY G 451 22.21 -51.85 -14.28
CA GLY G 451 22.70 -52.10 -12.94
C GLY G 451 22.90 -53.55 -12.57
N LEU G 452 23.10 -54.44 -13.55
CA LEU G 452 23.26 -55.87 -13.29
C LEU G 452 24.66 -56.39 -13.60
N SER G 453 25.62 -55.50 -13.88
CA SER G 453 26.94 -55.93 -14.36
C SER G 453 27.73 -56.75 -13.36
N ASP G 454 27.32 -56.77 -12.09
CA ASP G 454 27.95 -57.68 -11.14
C ASP G 454 27.69 -59.12 -11.56
N THR G 455 26.47 -59.40 -12.02
CA THR G 455 26.01 -60.76 -12.24
C THR G 455 25.68 -61.08 -13.68
N LYS G 456 25.55 -60.08 -14.56
CA LYS G 456 25.07 -60.34 -15.91
C LYS G 456 25.93 -59.61 -16.93
N GLY G 457 25.88 -60.09 -18.17
CA GLY G 457 26.54 -59.43 -19.27
C GLY G 457 28.02 -59.68 -19.40
N HIS G 458 28.58 -60.64 -18.64
CA HIS G 458 30.01 -60.90 -18.73
C HIS G 458 30.29 -62.34 -18.36
N LEU G 459 31.49 -62.79 -18.72
CA LEU G 459 31.93 -64.17 -18.50
C LEU G 459 32.99 -64.28 -17.42
N GLY G 460 33.22 -63.23 -16.63
CA GLY G 460 34.24 -63.31 -15.60
C GLY G 460 33.77 -64.03 -14.35
N VAL G 461 34.72 -64.34 -13.48
CA VAL G 461 34.40 -65.03 -12.24
C VAL G 461 33.58 -64.14 -11.33
N GLY G 462 32.53 -64.72 -10.75
CA GLY G 462 31.52 -64.00 -10.02
C GLY G 462 30.24 -63.82 -10.80
N ALA G 463 30.30 -63.91 -12.13
CA ALA G 463 29.11 -63.79 -12.96
C ALA G 463 28.22 -65.00 -12.81
N ASP G 464 26.93 -64.81 -13.06
CA ASP G 464 26.02 -65.94 -13.21
C ASP G 464 26.41 -66.73 -14.44
N ALA G 465 26.17 -68.04 -14.39
CA ALA G 465 26.54 -68.93 -15.48
C ALA G 465 25.48 -68.92 -16.58
N ASP G 466 25.30 -67.75 -17.17
CA ASP G 466 24.41 -67.56 -18.31
C ASP G 466 25.32 -67.37 -19.52
N ILE G 467 25.43 -68.42 -20.34
CA ILE G 467 26.48 -68.51 -21.34
C ILE G 467 25.86 -68.98 -22.65
N ALA G 468 26.33 -68.38 -23.75
CA ALA G 468 25.89 -68.75 -25.10
C ALA G 468 27.11 -69.12 -25.94
N VAL G 469 27.03 -70.24 -26.65
CA VAL G 469 28.07 -70.63 -27.60
C VAL G 469 27.43 -70.71 -28.98
N TYR G 470 27.97 -69.95 -29.92
CA TYR G 470 27.45 -69.87 -31.27
C TYR G 470 28.39 -70.60 -32.22
N ASP G 471 27.82 -71.43 -33.09
CA ASP G 471 28.58 -72.22 -34.05
C ASP G 471 29.15 -71.33 -35.14
N ILE G 472 29.98 -70.35 -34.76
CA ILE G 472 30.76 -69.53 -35.68
C ILE G 472 32.22 -69.59 -35.26
N ASN G 473 33.10 -69.74 -36.25
CA ASN G 473 34.54 -69.74 -36.03
C ASN G 473 35.11 -68.45 -36.60
N PRO G 474 35.50 -67.49 -35.75
CA PRO G 474 35.93 -66.18 -36.29
C PRO G 474 37.25 -66.20 -37.05
N GLU G 475 38.11 -67.20 -36.82
CA GLU G 475 39.32 -67.29 -37.65
C GLU G 475 39.03 -67.78 -39.05
N THR G 476 37.94 -68.52 -39.25
CA THR G 476 37.65 -69.16 -40.53
C THR G 476 36.53 -68.48 -41.29
N VAL G 477 35.69 -67.69 -40.63
CA VAL G 477 34.48 -67.14 -41.23
C VAL G 477 34.70 -65.67 -41.57
N ASP G 478 34.17 -65.27 -42.73
CA ASP G 478 34.19 -63.87 -43.13
C ASP G 478 32.80 -63.31 -42.88
N PRO G 479 32.62 -62.48 -41.86
CA PRO G 479 31.26 -61.96 -41.57
C PRO G 479 30.68 -61.13 -42.69
N SER G 480 31.52 -60.40 -43.43
CA SER G 480 31.00 -59.52 -44.47
C SER G 480 30.42 -60.31 -45.63
N ALA G 481 31.14 -61.34 -46.09
CA ALA G 481 30.71 -62.09 -47.26
C ALA G 481 29.69 -63.16 -46.91
N GLU G 482 29.85 -63.80 -45.75
CA GLU G 482 29.00 -64.92 -45.32
C GLU G 482 27.88 -64.46 -44.40
N TYR G 483 27.20 -63.36 -44.74
CA TYR G 483 26.22 -62.78 -43.82
C TYR G 483 25.09 -63.75 -43.50
N MET G 484 24.74 -64.66 -44.43
CA MET G 484 23.66 -65.59 -44.11
C MET G 484 24.11 -66.66 -43.12
N ALA G 485 25.42 -66.96 -43.08
CA ALA G 485 25.92 -67.86 -42.05
C ALA G 485 25.95 -67.18 -40.68
N ILE G 486 26.19 -65.87 -40.66
CA ILE G 486 26.14 -65.11 -39.41
C ILE G 486 24.73 -65.14 -38.83
N GLU G 487 23.72 -64.90 -39.67
CA GLU G 487 22.34 -64.84 -39.21
C GLU G 487 21.86 -66.18 -38.69
N GLU G 488 22.06 -67.24 -39.47
CA GLU G 488 21.60 -68.57 -39.09
C GLU G 488 22.24 -69.03 -37.79
N ALA G 489 23.50 -68.67 -37.59
CA ALA G 489 24.22 -69.16 -36.42
C ALA G 489 23.77 -68.45 -35.15
N PHE G 490 23.55 -67.14 -35.22
CA PHE G 490 23.00 -66.42 -34.07
C PHE G 490 21.54 -66.73 -33.82
N SER G 491 20.84 -67.37 -34.77
CA SER G 491 19.46 -67.73 -34.54
C SER G 491 19.33 -69.00 -33.70
N ARG G 492 20.27 -69.91 -33.84
CA ARG G 492 20.16 -71.27 -33.31
C ARG G 492 21.51 -71.65 -32.66
N ALA G 493 21.67 -71.21 -31.41
CA ALA G 493 22.93 -71.39 -30.71
C ALA G 493 23.26 -72.87 -30.55
N ALA G 494 24.56 -73.18 -30.63
CA ALA G 494 24.99 -74.57 -30.43
C ALA G 494 24.74 -75.02 -29.00
N CYS G 495 25.03 -74.17 -28.03
CA CYS G 495 24.83 -74.50 -26.62
C CYS G 495 24.53 -73.23 -25.84
N VAL G 496 23.58 -73.32 -24.91
CA VAL G 496 23.25 -72.22 -24.01
C VAL G 496 23.14 -72.76 -22.60
N LEU G 497 23.81 -72.12 -21.65
CA LEU G 497 23.65 -72.41 -20.23
C LEU G 497 22.89 -71.30 -19.53
N LYS G 498 22.01 -71.71 -18.62
CA LYS G 498 21.19 -70.80 -17.83
C LYS G 498 21.36 -71.20 -16.36
N ASP G 499 22.08 -70.37 -15.61
CA ASP G 499 22.41 -70.65 -14.21
C ASP G 499 23.09 -72.02 -14.06
N GLY G 500 24.08 -72.28 -14.92
CA GLY G 500 24.88 -73.48 -14.85
C GLY G 500 24.25 -74.72 -15.43
N GLU G 501 22.97 -74.67 -15.79
CA GLU G 501 22.27 -75.79 -16.41
C GLU G 501 22.23 -75.60 -17.92
N ILE G 502 22.34 -76.70 -18.66
CA ILE G 502 22.19 -76.67 -20.11
C ILE G 502 20.69 -76.55 -20.43
N VAL G 503 20.32 -75.50 -21.16
CA VAL G 503 18.94 -75.29 -21.58
C VAL G 503 18.75 -75.31 -23.09
N VAL G 504 19.81 -75.22 -23.90
CA VAL G 504 19.71 -75.29 -25.35
C VAL G 504 20.82 -76.16 -25.90
N LYS G 505 20.48 -76.99 -26.89
CA LYS G 505 21.38 -77.99 -27.48
C LYS G 505 21.20 -77.95 -28.98
N ASP G 506 22.22 -77.50 -29.72
CA ASP G 506 22.17 -77.46 -31.18
C ASP G 506 20.89 -76.80 -31.67
N GLY G 507 20.57 -75.66 -31.07
CA GLY G 507 19.38 -74.92 -31.44
C GLY G 507 18.10 -75.40 -30.81
N GLU G 508 18.09 -76.56 -30.17
CA GLU G 508 16.89 -77.13 -29.59
C GLU G 508 16.83 -76.87 -28.09
N VAL G 509 15.64 -76.54 -27.60
CA VAL G 509 15.43 -76.36 -26.17
C VAL G 509 15.47 -77.72 -25.49
N VAL G 510 16.24 -77.85 -24.42
CA VAL G 510 16.39 -79.12 -23.72
C VAL G 510 15.97 -79.05 -22.26
N ALA G 511 15.60 -77.88 -21.75
CA ALA G 511 15.16 -77.77 -20.37
C ALA G 511 14.34 -76.50 -20.22
N SER G 512 13.45 -76.51 -19.23
CA SER G 512 12.47 -75.43 -19.05
C SER G 512 12.46 -74.93 -17.60
N PRO G 513 13.59 -74.41 -17.11
CA PRO G 513 13.56 -73.81 -15.77
C PRO G 513 12.85 -72.47 -15.77
N HIS G 514 12.29 -72.11 -14.62
CA HIS G 514 11.75 -70.78 -14.44
C HIS G 514 12.85 -69.81 -14.04
N GLY G 515 12.81 -68.63 -14.62
CA GLY G 515 13.79 -67.64 -14.25
C GLY G 515 13.33 -66.75 -13.11
N ARG G 516 14.26 -65.93 -12.64
CA ARG G 516 14.00 -64.92 -11.62
C ARG G 516 13.39 -63.63 -12.12
N THR G 517 12.73 -62.95 -11.16
CA THR G 517 12.07 -61.67 -11.35
C THR G 517 12.82 -60.65 -10.51
N TYR G 518 13.58 -59.81 -11.19
CA TYR G 518 14.30 -58.73 -10.53
C TYR G 518 13.36 -57.56 -10.29
N TRP G 519 13.31 -57.08 -9.06
CA TRP G 519 12.58 -55.88 -8.70
C TRP G 519 13.43 -55.09 -7.72
N VAL G 520 13.03 -53.86 -7.45
CA VAL G 520 13.88 -52.89 -6.76
C VAL G 520 13.31 -52.63 -5.36
N ASP G 521 14.19 -52.75 -4.36
CA ASP G 521 13.87 -52.62 -2.95
C ASP G 521 14.45 -51.29 -2.48
N THR G 522 13.58 -50.33 -2.15
CA THR G 522 14.00 -49.01 -1.70
C THR G 522 13.36 -48.67 -0.36
N GLN G 523 14.08 -47.88 0.44
CA GLN G 523 13.58 -47.46 1.75
C GLN G 523 13.69 -45.95 1.87
N VAL G 524 12.62 -45.32 2.35
CA VAL G 524 12.51 -43.87 2.45
C VAL G 524 12.04 -43.51 3.85
N ASP G 525 12.40 -42.30 4.28
CA ASP G 525 12.05 -41.73 5.57
C ASP G 525 10.63 -42.07 5.98
N GLU G 526 10.49 -42.69 7.16
CA GLU G 526 9.20 -43.19 7.62
C GLU G 526 8.14 -42.11 7.68
N SER G 527 8.52 -40.85 7.93
CA SER G 527 7.52 -39.79 8.03
C SER G 527 6.94 -39.43 6.66
N ILE G 528 7.80 -39.16 5.67
CA ILE G 528 7.31 -38.87 4.32
C ILE G 528 6.52 -40.05 3.79
N TYR G 529 7.02 -41.27 4.05
CA TYR G 529 6.39 -42.48 3.52
C TYR G 529 4.97 -42.63 4.06
N SER G 530 4.81 -42.49 5.39
CA SER G 530 3.50 -42.62 6.00
C SER G 530 2.52 -41.59 5.45
N GLU G 531 2.96 -40.34 5.31
CA GLU G 531 2.07 -39.29 4.84
C GLU G 531 1.61 -39.55 3.41
N VAL G 532 2.53 -39.97 2.53
CA VAL G 532 2.16 -40.28 1.16
C VAL G 532 1.20 -41.48 1.12
N LEU G 533 1.48 -42.52 1.91
CA LEU G 533 0.59 -43.67 1.93
C LEU G 533 -0.78 -43.32 2.48
N ALA G 534 -0.86 -42.32 3.36
CA ALA G 534 -2.18 -41.85 3.76
C ALA G 534 -2.87 -41.13 2.60
N ASN G 535 -2.11 -40.33 1.84
CA ASN G 535 -2.70 -39.66 0.69
C ASN G 535 -3.10 -40.66 -0.40
N VAL G 536 -2.24 -41.66 -0.65
CA VAL G 536 -2.55 -42.64 -1.69
C VAL G 536 -3.82 -43.39 -1.33
N GLU G 537 -3.93 -43.85 -0.08
CA GLU G 537 -5.12 -44.59 0.32
C GLU G 537 -6.38 -43.72 0.26
N SER G 538 -6.23 -42.40 0.41
CA SER G 538 -7.40 -41.52 0.28
C SER G 538 -7.90 -41.48 -1.16
N LYS G 539 -6.99 -41.37 -2.13
CA LYS G 539 -7.44 -41.31 -3.52
C LYS G 539 -7.98 -42.65 -4.00
N PHE G 540 -7.49 -43.76 -3.46
CA PHE G 540 -8.06 -45.06 -3.80
C PHE G 540 -9.53 -45.13 -3.37
N LYS G 541 -9.84 -44.67 -2.16
CA LYS G 541 -11.21 -44.68 -1.69
C LYS G 541 -12.10 -43.80 -2.57
N GLN G 542 -11.59 -42.63 -2.97
CA GLN G 542 -12.36 -41.69 -3.78
C GLN G 542 -12.40 -42.11 -5.25
N TYR G 543 -11.23 -42.37 -5.86
CA TYR G 543 -11.11 -42.29 -7.30
C TYR G 543 -10.73 -43.60 -8.00
N TYR G 544 -10.11 -44.55 -7.31
CA TYR G 544 -9.84 -45.84 -7.94
C TYR G 544 -11.10 -46.69 -7.96
N SER G 545 -11.07 -47.72 -8.80
CA SER G 545 -12.19 -48.65 -8.93
C SER G 545 -11.93 -49.97 -8.20
N VAL G 546 -10.81 -50.08 -7.49
CA VAL G 546 -10.54 -51.22 -6.62
C VAL G 546 -10.24 -50.66 -5.23
N ASN G 547 -10.11 -51.58 -4.26
CA ASN G 547 -9.83 -51.20 -2.89
C ASN G 547 -8.33 -51.27 -2.62
N PHE G 548 -7.84 -50.29 -1.84
CA PHE G 548 -6.41 -50.17 -1.56
C PHE G 548 -5.79 -51.49 -1.12
N ALA G 549 -6.50 -52.26 -0.29
CA ALA G 549 -5.92 -53.49 0.25
C ALA G 549 -5.66 -54.53 -0.83
N ASN G 550 -6.42 -54.52 -1.92
CA ASN G 550 -6.31 -55.55 -2.95
C ASN G 550 -5.38 -55.18 -4.10
N TYR G 551 -4.78 -53.99 -4.09
CA TYR G 551 -4.00 -53.41 -5.18
C TYR G 551 -2.61 -54.04 -5.29
N PRO G 552 -1.82 -54.12 -4.20
CA PRO G 552 -0.42 -54.57 -4.37
C PRO G 552 -0.35 -56.03 -4.83
N VAL G 553 0.72 -56.33 -5.56
CA VAL G 553 0.94 -57.69 -6.03
C VAL G 553 1.35 -58.57 -4.86
N GLN G 554 0.62 -59.65 -4.65
CA GLN G 554 0.92 -60.57 -3.56
C GLN G 554 2.13 -61.43 -3.87
N ASP G 555 2.72 -62.01 -2.82
CA ASP G 555 3.97 -62.74 -2.98
C ASP G 555 3.80 -64.02 -3.80
N ASP G 556 2.58 -64.52 -3.96
CA ASP G 556 2.37 -65.74 -4.73
C ASP G 556 2.70 -65.55 -6.20
N TYR G 557 2.74 -64.30 -6.68
CA TYR G 557 3.00 -64.04 -8.09
C TYR G 557 4.48 -64.01 -8.43
N LEU G 558 5.37 -64.04 -7.43
CA LEU G 558 6.81 -64.06 -7.63
C LEU G 558 7.38 -65.31 -6.96
N PRO G 559 7.29 -66.48 -7.60
CA PRO G 559 7.90 -67.68 -7.01
C PRO G 559 9.40 -67.55 -6.76
N LYS G 560 10.12 -66.79 -7.60
CA LYS G 560 11.58 -66.58 -7.45
C LYS G 560 11.90 -65.08 -7.44
N SER G 561 11.44 -64.42 -6.38
CA SER G 561 11.71 -63.02 -6.18
C SER G 561 13.22 -62.78 -6.03
N ALA G 562 13.72 -61.77 -6.72
CA ALA G 562 15.14 -61.42 -6.69
C ALA G 562 15.26 -59.92 -6.44
N PRO G 563 15.14 -59.49 -5.18
CA PRO G 563 15.20 -58.06 -4.89
C PRO G 563 16.58 -57.48 -5.18
N VAL G 564 16.58 -56.26 -5.69
CA VAL G 564 17.78 -55.47 -5.90
C VAL G 564 17.65 -54.20 -5.08
N LYS G 565 18.69 -53.84 -4.35
CA LYS G 565 18.58 -52.75 -3.40
C LYS G 565 18.90 -51.42 -4.05
N GLY G 566 18.05 -50.43 -3.80
CA GLY G 566 18.35 -49.03 -4.04
C GLY G 566 18.83 -48.36 -2.78
N VAL G 567 18.38 -47.11 -2.57
CA VAL G 567 18.73 -46.43 -1.33
C VAL G 567 18.14 -47.18 -0.15
N MET G 568 18.92 -47.29 0.91
CA MET G 568 18.56 -47.95 2.15
C MET G 568 18.68 -46.93 3.27
N LEU G 569 18.10 -47.26 4.42
CA LEU G 569 18.01 -46.38 5.60
C LEU G 569 17.23 -45.11 5.25
N MET H 1 -18.97 -63.40 16.16
CA MET H 1 -19.10 -63.20 14.72
C MET H 1 -17.87 -62.45 14.20
N GLU H 2 -17.30 -62.92 13.10
CA GLU H 2 -16.14 -62.28 12.48
C GLU H 2 -16.55 -61.62 11.17
N TYR H 3 -15.97 -60.45 10.91
CA TYR H 3 -16.22 -59.68 9.70
C TYR H 3 -14.94 -59.66 8.87
N VAL H 4 -14.99 -60.26 7.68
CA VAL H 4 -13.83 -60.31 6.78
C VAL H 4 -14.07 -59.28 5.68
N LYS H 5 -13.14 -58.34 5.56
CA LYS H 5 -13.31 -57.20 4.66
C LYS H 5 -12.54 -57.38 3.36
N ASN H 6 -12.84 -56.47 2.41
CA ASN H 6 -12.18 -56.42 1.11
C ASN H 6 -12.35 -57.71 0.31
N VAL H 7 -13.45 -58.42 0.52
CA VAL H 7 -13.67 -59.67 -0.20
C VAL H 7 -14.05 -59.37 -1.65
N VAL H 8 -13.63 -60.25 -2.56
CA VAL H 8 -13.92 -60.15 -3.99
C VAL H 8 -15.06 -61.10 -4.31
N CYS H 9 -16.07 -60.63 -5.02
CA CYS H 9 -17.23 -61.51 -5.17
C CYS H 9 -17.08 -62.41 -6.39
N PRO H 10 -17.34 -63.72 -6.25
CA PRO H 10 -17.20 -64.66 -7.36
C PRO H 10 -18.50 -64.92 -8.13
N PHE H 11 -19.18 -63.85 -8.57
CA PHE H 11 -20.30 -64.10 -9.47
C PHE H 11 -20.11 -63.45 -10.83
N CYS H 12 -20.38 -62.15 -10.97
CA CYS H 12 -20.39 -61.60 -12.32
C CYS H 12 -19.13 -60.79 -12.57
N GLY H 13 -18.97 -60.37 -13.84
CA GLY H 13 -17.78 -59.69 -14.30
C GLY H 13 -17.55 -58.31 -13.72
N THR H 14 -18.51 -57.77 -12.95
CA THR H 14 -18.25 -56.54 -12.22
C THR H 14 -17.13 -56.74 -11.20
N LEU H 15 -17.01 -57.95 -10.67
CA LEU H 15 -15.92 -58.36 -9.78
C LEU H 15 -15.69 -57.34 -8.66
N CYS H 16 -16.77 -57.02 -7.96
CA CYS H 16 -16.69 -56.15 -6.80
C CYS H 16 -15.72 -56.71 -5.77
N ASP H 17 -14.85 -55.86 -5.24
CA ASP H 17 -13.83 -56.27 -4.28
C ASP H 17 -13.97 -55.55 -2.94
N ASP H 18 -15.17 -55.07 -2.62
CA ASP H 18 -15.42 -54.40 -1.35
C ASP H 18 -16.43 -55.17 -0.49
N ILE H 19 -16.59 -56.46 -0.75
CA ILE H 19 -17.56 -57.25 0.00
C ILE H 19 -17.06 -57.47 1.41
N ILE H 20 -17.95 -57.33 2.39
CA ILE H 20 -17.72 -57.80 3.75
C ILE H 20 -18.45 -59.12 3.94
N CYS H 21 -17.73 -60.13 4.39
CA CYS H 21 -18.30 -61.43 4.70
C CYS H 21 -18.50 -61.56 6.20
N LYS H 22 -19.69 -62.00 6.60
CA LYS H 22 -19.96 -62.33 7.99
C LYS H 22 -19.75 -63.84 8.13
N VAL H 23 -18.75 -64.24 8.91
CA VAL H 23 -18.43 -65.64 9.11
C VAL H 23 -18.57 -65.94 10.60
N GLU H 24 -19.29 -67.00 10.93
CA GLU H 24 -19.48 -67.31 12.33
C GLU H 24 -18.71 -68.57 12.75
N GLY H 25 -19.19 -69.73 12.34
CA GLY H 25 -18.45 -70.96 12.62
C GLY H 25 -17.26 -71.00 11.69
N ASN H 26 -17.18 -72.02 10.85
CA ASN H 26 -16.35 -71.97 9.66
C ASN H 26 -17.24 -71.81 8.44
N GLU H 27 -18.26 -70.96 8.58
CA GLU H 27 -19.33 -70.83 7.60
C GLU H 27 -19.67 -69.37 7.41
N ILE H 28 -19.94 -68.98 6.16
CA ILE H 28 -20.30 -67.61 5.82
C ILE H 28 -21.81 -67.49 5.94
N VAL H 29 -22.26 -66.67 6.88
CA VAL H 29 -23.68 -66.57 7.21
C VAL H 29 -24.32 -65.27 6.76
N GLY H 30 -23.56 -64.32 6.24
CA GLY H 30 -24.13 -63.06 5.77
C GLY H 30 -23.10 -62.24 5.03
N THR H 31 -23.57 -61.15 4.44
CA THR H 31 -22.73 -60.25 3.65
C THR H 31 -23.15 -58.81 3.88
N ILE H 32 -22.22 -57.91 3.56
CA ILE H 32 -22.49 -56.48 3.44
C ILE H 32 -21.97 -56.02 2.08
N ASN H 33 -22.71 -55.10 1.45
CA ASN H 33 -22.37 -54.47 0.17
C ASN H 33 -22.67 -55.35 -1.04
N ALA H 34 -22.55 -56.67 -0.89
CA ALA H 34 -22.87 -57.55 -2.00
C ALA H 34 -24.35 -57.43 -2.36
N CYS H 35 -24.66 -57.50 -3.65
CA CYS H 35 -26.04 -57.39 -4.09
C CYS H 35 -26.75 -58.72 -3.83
N ARG H 36 -28.01 -58.81 -4.28
CA ARG H 36 -28.81 -59.99 -4.00
C ARG H 36 -28.15 -61.26 -4.57
N ILE H 37 -27.53 -61.17 -5.74
CA ILE H 37 -26.94 -62.37 -6.34
C ILE H 37 -25.66 -62.77 -5.59
N GLY H 38 -24.71 -61.85 -5.47
CA GLY H 38 -23.47 -62.16 -4.76
C GLY H 38 -23.71 -62.74 -3.39
N HIS H 39 -24.65 -62.14 -2.64
CA HIS H 39 -25.02 -62.67 -1.34
C HIS H 39 -25.49 -64.11 -1.44
N SER H 40 -26.31 -64.40 -2.46
CA SER H 40 -26.84 -65.76 -2.62
C SER H 40 -25.74 -66.77 -2.89
N LYS H 41 -24.65 -66.36 -3.54
CA LYS H 41 -23.54 -67.29 -3.73
C LYS H 41 -22.79 -67.52 -2.42
N PHE H 42 -22.54 -66.46 -1.66
CA PHE H 42 -21.76 -66.58 -0.44
C PHE H 42 -22.47 -67.44 0.61
N VAL H 43 -23.79 -67.37 0.68
CA VAL H 43 -24.57 -68.00 1.74
C VAL H 43 -25.17 -69.30 1.23
N HIS H 44 -25.23 -70.31 2.09
CA HIS H 44 -25.87 -71.55 1.75
C HIS H 44 -27.38 -71.40 1.90
N ALA H 45 -28.12 -71.82 0.88
CA ALA H 45 -29.57 -71.89 0.95
C ALA H 45 -29.93 -73.27 1.46
N GLU H 46 -30.75 -73.33 2.50
CA GLU H 46 -31.00 -74.62 3.14
C GLU H 46 -31.95 -75.45 2.30
N GLY H 47 -31.66 -76.75 2.22
CA GLY H 47 -32.29 -77.65 1.28
C GLY H 47 -31.53 -77.81 -0.03
N ALA H 48 -30.39 -77.16 -0.19
CA ALA H 48 -29.63 -77.19 -1.44
C ALA H 48 -28.50 -78.20 -1.32
N MET H 49 -28.37 -79.06 -2.33
CA MET H 49 -27.37 -80.11 -2.30
C MET H 49 -25.99 -79.58 -2.62
N ARG H 50 -25.07 -79.78 -1.67
CA ARG H 50 -23.64 -79.50 -1.83
C ARG H 50 -22.92 -80.83 -1.71
N TYR H 51 -22.59 -81.44 -2.86
CA TYR H 51 -21.90 -82.73 -2.88
C TYR H 51 -20.68 -82.69 -1.98
N LYS H 52 -20.58 -83.69 -1.09
CA LYS H 52 -19.47 -83.78 -0.15
C LYS H 52 -18.39 -84.76 -0.60
N LYS H 53 -18.69 -85.62 -1.56
CA LYS H 53 -17.81 -86.69 -2.01
C LYS H 53 -18.04 -86.88 -3.50
N PRO H 54 -17.08 -87.47 -4.22
CA PRO H 54 -17.30 -87.76 -5.65
C PRO H 54 -18.35 -88.85 -5.85
N LEU H 55 -18.93 -88.86 -7.05
CA LEU H 55 -19.96 -89.84 -7.40
C LEU H 55 -19.73 -90.35 -8.81
N ILE H 56 -20.18 -91.58 -9.04
CA ILE H 56 -20.17 -92.20 -10.36
C ILE H 56 -21.50 -92.90 -10.59
N ARG H 57 -22.03 -92.78 -11.80
CA ARG H 57 -23.26 -93.46 -12.15
C ARG H 57 -22.92 -94.81 -12.78
N LYS H 58 -23.65 -95.85 -12.40
CA LYS H 58 -23.67 -97.03 -13.27
C LYS H 58 -25.12 -97.35 -13.62
N GLU H 61 -27.68 -94.95 -11.86
CA GLU H 61 -27.68 -94.75 -10.41
C GLU H 61 -26.33 -94.31 -9.89
N PHE H 62 -26.31 -93.38 -8.93
CA PHE H 62 -25.09 -92.75 -8.45
C PHE H 62 -24.64 -93.37 -7.13
N VAL H 63 -23.34 -93.64 -7.02
CA VAL H 63 -22.75 -94.19 -5.81
C VAL H 63 -21.51 -93.39 -5.48
N GLU H 64 -21.28 -93.16 -4.19
CA GLU H 64 -20.12 -92.42 -3.74
C GLU H 64 -18.85 -93.24 -3.89
N VAL H 65 -17.82 -92.64 -4.49
CA VAL H 65 -16.50 -93.22 -4.61
C VAL H 65 -15.49 -92.24 -4.04
N SER H 66 -14.22 -92.61 -4.06
CA SER H 66 -13.17 -91.74 -3.58
C SER H 66 -12.68 -90.82 -4.70
N TYR H 67 -11.88 -89.82 -4.31
CA TYR H 67 -11.29 -88.93 -5.31
C TYR H 67 -10.41 -89.70 -6.29
N ASP H 68 -9.65 -90.68 -5.79
CA ASP H 68 -8.70 -91.36 -6.67
C ASP H 68 -9.40 -92.23 -7.70
N GLU H 69 -10.51 -92.88 -7.31
CA GLU H 69 -11.24 -93.70 -8.28
C GLU H 69 -11.92 -92.81 -9.31
N ALA H 70 -12.57 -91.73 -8.86
CA ALA H 70 -13.25 -90.84 -9.79
C ALA H 70 -12.27 -90.20 -10.76
N ILE H 71 -11.16 -89.67 -10.24
CA ILE H 71 -10.16 -89.04 -11.09
C ILE H 71 -9.58 -90.05 -12.08
N ASP H 72 -9.37 -91.29 -11.62
CA ASP H 72 -8.81 -92.32 -12.50
C ASP H 72 -9.77 -92.65 -13.64
N LYS H 73 -11.03 -92.93 -13.32
CA LYS H 73 -12.01 -93.24 -14.36
C LYS H 73 -12.16 -92.08 -15.33
N ALA H 74 -12.09 -90.84 -14.81
CA ALA H 74 -12.18 -89.68 -15.68
C ALA H 74 -10.96 -89.55 -16.59
N ALA H 75 -9.77 -89.83 -16.04
CA ALA H 75 -8.55 -89.74 -16.84
C ALA H 75 -8.55 -90.73 -18.00
N LYS H 76 -9.02 -91.96 -17.74
CA LYS H 76 -9.04 -92.97 -18.79
C LYS H 76 -10.02 -92.60 -19.90
N ILE H 77 -11.16 -92.01 -19.53
CA ILE H 77 -12.12 -91.53 -20.54
C ILE H 77 -11.45 -90.51 -21.46
N LEU H 78 -10.74 -89.54 -20.88
CA LEU H 78 -10.10 -88.53 -21.72
C LEU H 78 -8.91 -89.11 -22.49
N ALA H 79 -8.15 -90.01 -21.86
CA ALA H 79 -7.01 -90.59 -22.55
C ALA H 79 -7.44 -91.42 -23.76
N GLU H 80 -8.51 -92.20 -23.61
CA GLU H 80 -8.97 -93.05 -24.70
C GLU H 80 -9.85 -92.31 -25.70
N SER H 81 -10.21 -91.05 -25.43
CA SER H 81 -11.12 -90.30 -26.29
C SER H 81 -10.38 -89.76 -27.51
N LYS H 82 -11.10 -89.71 -28.64
CA LYS H 82 -10.54 -89.19 -29.89
C LYS H 82 -10.97 -87.77 -30.21
N ARG H 83 -11.94 -87.22 -29.52
CA ARG H 83 -12.31 -85.84 -29.72
C ARG H 83 -12.91 -85.31 -28.42
N PRO H 84 -12.12 -85.25 -27.34
CA PRO H 84 -12.68 -84.82 -26.06
C PRO H 84 -12.90 -83.32 -26.02
N LEU H 85 -13.99 -82.92 -25.37
CA LEU H 85 -14.35 -81.52 -25.18
C LEU H 85 -14.19 -81.17 -23.71
N MET H 86 -13.41 -80.12 -23.43
CA MET H 86 -13.16 -79.65 -22.07
C MET H 86 -13.74 -78.24 -21.96
N TYR H 87 -14.91 -78.13 -21.34
CA TYR H 87 -15.72 -76.92 -21.43
C TYR H 87 -16.01 -76.36 -20.05
N GLY H 88 -16.13 -75.03 -19.98
CA GLY H 88 -16.52 -74.36 -18.77
C GLY H 88 -15.59 -73.24 -18.36
N TRP H 89 -14.87 -73.44 -17.25
CA TRP H 89 -13.71 -72.65 -16.85
C TRP H 89 -14.02 -71.28 -16.26
N SER H 90 -15.12 -70.66 -16.67
CA SER H 90 -15.33 -69.25 -16.35
C SER H 90 -15.57 -68.98 -14.87
N CYS H 91 -15.97 -69.99 -14.10
CA CYS H 91 -16.26 -69.81 -12.67
C CYS H 91 -15.21 -70.44 -11.77
N THR H 92 -13.98 -70.61 -12.26
CA THR H 92 -12.85 -70.98 -11.41
C THR H 92 -11.72 -69.98 -11.61
N GLU H 93 -10.61 -70.22 -10.93
CA GLU H 93 -9.50 -69.27 -10.88
C GLU H 93 -8.46 -69.57 -11.95
N CYS H 94 -7.55 -68.61 -12.15
CA CYS H 94 -6.67 -68.64 -13.32
C CYS H 94 -5.67 -69.78 -13.25
N GLU H 95 -5.21 -70.13 -12.05
CA GLU H 95 -4.21 -71.18 -11.96
C GLU H 95 -4.80 -72.54 -12.32
N ALA H 96 -6.08 -72.77 -12.00
CA ALA H 96 -6.75 -73.99 -12.45
C ALA H 96 -6.95 -73.99 -13.96
N GLN H 97 -7.28 -72.82 -14.55
CA GLN H 97 -7.45 -72.73 -15.99
C GLN H 97 -6.16 -73.05 -16.74
N ALA H 98 -5.02 -72.62 -16.18
CA ALA H 98 -3.74 -72.92 -16.82
C ALA H 98 -3.47 -74.42 -16.82
N VAL H 99 -3.81 -75.11 -15.72
CA VAL H 99 -3.68 -76.56 -15.69
C VAL H 99 -4.61 -77.19 -16.72
N GLY H 100 -5.81 -76.65 -16.86
CA GLY H 100 -6.73 -77.17 -17.87
C GLY H 100 -6.18 -77.08 -19.28
N VAL H 101 -5.50 -75.99 -19.61
CA VAL H 101 -4.92 -75.85 -20.94
C VAL H 101 -3.84 -76.91 -21.16
N GLU H 102 -2.96 -77.09 -20.16
CA GLU H 102 -1.93 -78.12 -20.27
C GLU H 102 -2.56 -79.50 -20.39
N LEU H 103 -3.67 -79.74 -19.68
CA LEU H 103 -4.33 -81.04 -19.78
C LEU H 103 -4.95 -81.22 -21.16
N ALA H 104 -5.58 -80.17 -21.69
CA ALA H 104 -6.14 -80.26 -23.04
C ALA H 104 -5.05 -80.55 -24.07
N GLU H 105 -3.87 -79.95 -23.88
CA GLU H 105 -2.74 -80.23 -24.77
C GLU H 105 -2.39 -81.71 -24.74
N GLU H 106 -2.26 -82.29 -23.53
CA GLU H 106 -1.85 -83.68 -23.39
C GLU H 106 -2.90 -84.63 -23.91
N ALA H 107 -4.17 -84.28 -23.75
CA ALA H 107 -5.23 -85.16 -24.19
C ALA H 107 -5.63 -84.96 -25.65
N GLY H 108 -4.97 -84.03 -26.35
CA GLY H 108 -5.37 -83.73 -27.70
C GLY H 108 -6.79 -83.25 -27.78
N ALA H 109 -7.22 -82.49 -26.78
CA ALA H 109 -8.62 -82.08 -26.64
C ALA H 109 -8.82 -80.70 -27.24
N VAL H 110 -10.09 -80.34 -27.42
CA VAL H 110 -10.49 -78.96 -27.67
C VAL H 110 -10.92 -78.37 -26.33
N ILE H 111 -10.32 -77.25 -25.96
CA ILE H 111 -10.66 -76.54 -24.74
C ILE H 111 -11.40 -75.26 -25.10
N ASP H 112 -12.45 -74.96 -24.34
CA ASP H 112 -13.32 -73.85 -24.64
C ASP H 112 -14.05 -73.42 -23.38
N ASN H 113 -14.29 -72.13 -23.25
CA ASN H 113 -15.01 -71.59 -22.11
C ASN H 113 -16.34 -71.00 -22.54
N THR H 114 -17.06 -70.44 -21.56
CA THR H 114 -18.40 -69.93 -21.78
C THR H 114 -18.45 -68.78 -22.77
N ALA H 115 -17.30 -68.24 -23.17
CA ALA H 115 -17.27 -67.24 -24.23
C ALA H 115 -18.04 -67.71 -25.46
N SER H 116 -17.97 -69.02 -25.76
CA SER H 116 -18.60 -69.53 -26.98
C SER H 116 -20.13 -69.42 -26.95
N VAL H 117 -20.75 -69.31 -25.77
CA VAL H 117 -22.17 -69.03 -25.68
C VAL H 117 -22.44 -67.61 -25.21
N CYS H 118 -21.42 -66.74 -25.19
CA CYS H 118 -21.57 -65.45 -24.54
C CYS H 118 -20.97 -64.32 -25.37
N HIS H 119 -19.80 -63.81 -24.97
CA HIS H 119 -19.13 -62.73 -25.68
C HIS H 119 -18.08 -63.22 -26.68
N GLY H 120 -18.05 -64.52 -26.96
CA GLY H 120 -17.36 -65.07 -28.11
C GLY H 120 -17.51 -64.24 -29.38
N PRO H 121 -18.75 -63.90 -29.75
CA PRO H 121 -18.93 -63.02 -30.93
C PRO H 121 -18.18 -61.71 -30.84
N SER H 122 -18.06 -61.14 -29.63
CA SER H 122 -17.24 -59.94 -29.46
C SER H 122 -15.77 -60.23 -29.69
N VAL H 123 -15.32 -61.44 -29.31
CA VAL H 123 -13.94 -61.83 -29.57
C VAL H 123 -13.69 -61.90 -31.08
N LEU H 124 -14.58 -62.60 -31.80
CA LEU H 124 -14.47 -62.64 -33.26
C LEU H 124 -14.48 -61.23 -33.83
N ALA H 125 -15.36 -60.39 -33.33
CA ALA H 125 -15.47 -59.02 -33.83
C ALA H 125 -14.21 -58.23 -33.55
N LEU H 126 -13.69 -58.31 -32.32
CA LEU H 126 -12.49 -57.54 -31.99
C LEU H 126 -11.26 -58.03 -32.72
N GLN H 127 -11.18 -59.33 -33.04
CA GLN H 127 -10.08 -59.82 -33.84
C GLN H 127 -10.08 -59.26 -35.25
N ASP H 128 -11.26 -58.91 -35.77
CA ASP H 128 -11.36 -58.40 -37.13
C ASP H 128 -11.23 -56.88 -37.21
N VAL H 129 -11.80 -56.14 -36.25
CA VAL H 129 -11.85 -54.68 -36.37
C VAL H 129 -11.17 -53.94 -35.22
N GLY H 130 -10.99 -54.55 -34.05
CA GLY H 130 -10.26 -53.89 -32.99
C GLY H 130 -11.01 -53.91 -31.67
N TYR H 131 -10.45 -53.22 -30.67
CA TYR H 131 -10.87 -53.38 -29.28
C TYR H 131 -10.53 -52.13 -28.46
N PRO H 132 -11.26 -51.01 -28.65
CA PRO H 132 -10.91 -49.78 -27.93
C PRO H 132 -11.58 -49.67 -26.57
N ILE H 133 -10.88 -50.00 -25.49
CA ILE H 133 -11.51 -50.07 -24.17
C ILE H 133 -10.85 -49.14 -23.15
N CYS H 134 -11.38 -49.15 -21.93
CA CYS H 134 -10.77 -48.49 -20.80
C CYS H 134 -11.17 -49.28 -19.55
N THR H 135 -10.62 -48.88 -18.40
CA THR H 135 -10.96 -49.49 -17.13
C THR H 135 -12.05 -48.69 -16.42
N PHE H 136 -12.69 -49.34 -15.44
CA PHE H 136 -13.83 -48.74 -14.74
C PHE H 136 -13.50 -47.34 -14.21
N GLY H 137 -12.27 -47.16 -13.73
CA GLY H 137 -11.92 -45.89 -13.09
C GLY H 137 -11.95 -44.71 -14.04
N GLU H 138 -11.65 -44.95 -15.31
CA GLU H 138 -11.77 -43.87 -16.30
C GLU H 138 -13.23 -43.52 -16.56
N VAL H 139 -14.11 -44.53 -16.54
CA VAL H 139 -15.54 -44.27 -16.67
C VAL H 139 -16.02 -43.46 -15.47
N LYS H 140 -15.70 -43.93 -14.27
CA LYS H 140 -16.11 -43.23 -13.05
C LYS H 140 -15.64 -41.77 -13.03
N ASN H 141 -14.38 -41.53 -13.43
CA ASN H 141 -13.80 -40.21 -13.25
C ASN H 141 -14.01 -39.28 -14.44
N ARG H 142 -14.31 -39.83 -15.63
CA ARG H 142 -14.39 -39.02 -16.83
C ARG H 142 -15.70 -39.10 -17.57
N ALA H 143 -16.44 -40.22 -17.45
CA ALA H 143 -17.49 -40.49 -18.43
C ALA H 143 -18.58 -39.44 -18.38
N ASP H 144 -18.81 -38.84 -19.54
CA ASP H 144 -19.78 -37.79 -19.82
C ASP H 144 -21.07 -38.38 -20.36
N VAL H 145 -20.94 -39.46 -21.13
CA VAL H 145 -22.03 -40.16 -21.76
C VAL H 145 -21.81 -41.64 -21.51
N VAL H 146 -22.84 -42.32 -21.00
CA VAL H 146 -22.74 -43.74 -20.64
C VAL H 146 -23.87 -44.47 -21.37
N VAL H 147 -23.51 -45.45 -22.20
CA VAL H 147 -24.47 -46.21 -22.97
C VAL H 147 -24.48 -47.65 -22.47
N TYR H 148 -25.68 -48.18 -22.24
CA TYR H 148 -25.89 -49.61 -22.02
C TYR H 148 -26.64 -50.14 -23.25
N TRP H 149 -25.93 -50.85 -24.11
CA TRP H 149 -26.47 -51.32 -25.39
C TRP H 149 -26.73 -52.81 -25.30
N GLY H 150 -28.00 -53.20 -25.30
CA GLY H 150 -28.35 -54.61 -25.22
C GLY H 150 -27.85 -55.32 -23.98
N CYS H 151 -27.84 -54.63 -22.84
CA CYS H 151 -27.53 -55.25 -21.56
C CYS H 151 -28.42 -54.64 -20.49
N ASN H 152 -28.70 -55.43 -19.45
CA ASN H 152 -29.65 -55.07 -18.41
C ASN H 152 -28.94 -55.17 -17.06
N PRO H 153 -28.07 -54.21 -16.75
CA PRO H 153 -27.24 -54.35 -15.54
C PRO H 153 -28.03 -54.44 -14.26
N MET H 154 -29.21 -53.84 -14.18
CA MET H 154 -29.99 -53.92 -12.94
C MET H 154 -30.32 -55.36 -12.57
N HIS H 155 -30.44 -56.25 -13.56
CA HIS H 155 -30.72 -57.66 -13.29
C HIS H 155 -29.50 -58.55 -13.44
N ALA H 156 -28.48 -58.15 -14.20
CA ALA H 156 -27.36 -59.03 -14.48
C ALA H 156 -26.01 -58.53 -13.98
N HIS H 157 -25.87 -57.23 -13.70
CA HIS H 157 -24.66 -56.68 -13.08
C HIS H 157 -25.11 -55.64 -12.07
N PRO H 158 -25.79 -56.06 -11.01
CA PRO H 158 -26.61 -55.12 -10.22
C PRO H 158 -25.87 -53.92 -9.67
N ARG H 159 -24.59 -54.05 -9.30
CA ARG H 159 -23.84 -52.93 -8.76
C ARG H 159 -23.08 -52.17 -9.81
N HIS H 160 -23.22 -52.53 -11.08
CA HIS H 160 -22.44 -51.90 -12.14
C HIS H 160 -22.77 -50.41 -12.27
N MET H 161 -24.06 -50.07 -12.24
CA MET H 161 -24.46 -48.67 -12.38
C MET H 161 -24.05 -47.83 -11.17
N SER H 162 -24.25 -48.36 -9.96
CA SER H 162 -23.91 -47.61 -8.75
C SER H 162 -22.42 -47.30 -8.71
N ARG H 163 -21.58 -48.20 -9.25
CA ARG H 163 -20.13 -48.05 -9.25
C ARG H 163 -19.64 -47.15 -10.36
N ASN H 164 -20.31 -47.13 -11.49
CA ASN H 164 -19.80 -46.42 -12.65
C ASN H 164 -20.61 -45.19 -13.05
N VAL H 165 -21.88 -45.10 -12.67
CA VAL H 165 -22.75 -44.01 -13.10
C VAL H 165 -23.10 -43.08 -11.94
N PHE H 166 -23.70 -43.62 -10.87
CA PHE H 166 -24.03 -42.78 -9.73
C PHE H 166 -22.82 -42.35 -8.93
N ALA H 167 -21.67 -43.01 -9.13
CA ALA H 167 -20.47 -42.66 -8.38
C ALA H 167 -19.97 -41.27 -8.77
N ARG H 168 -19.46 -40.55 -7.77
CA ARG H 168 -18.89 -39.22 -8.00
C ARG H 168 -17.40 -39.36 -8.28
N GLY H 169 -16.98 -38.98 -9.48
CA GLY H 169 -15.61 -39.11 -9.92
C GLY H 169 -14.86 -37.79 -9.92
N PHE H 170 -13.57 -37.90 -10.26
CA PHE H 170 -12.66 -36.76 -10.21
C PHE H 170 -13.16 -35.60 -11.06
N PHE H 171 -13.46 -35.86 -12.33
CA PHE H 171 -13.99 -34.84 -13.23
C PHE H 171 -15.51 -34.86 -13.33
N ARG H 172 -16.17 -35.78 -12.63
CA ARG H 172 -17.63 -35.88 -12.65
C ARG H 172 -18.14 -35.93 -11.21
N GLU H 173 -17.82 -34.88 -10.44
CA GLU H 173 -18.09 -34.85 -9.01
C GLU H 173 -19.58 -34.84 -8.67
N ARG H 174 -20.46 -34.63 -9.64
CA ARG H 174 -21.89 -34.65 -9.37
C ARG H 174 -22.52 -36.00 -9.68
N GLY H 175 -21.71 -37.02 -9.98
CA GLY H 175 -22.22 -38.35 -10.25
C GLY H 175 -23.26 -38.40 -11.34
N ARG H 176 -24.44 -38.93 -11.01
CA ARG H 176 -25.49 -39.16 -11.99
C ARG H 176 -25.85 -37.89 -12.74
N SER H 177 -25.81 -36.74 -12.07
CA SER H 177 -26.17 -35.47 -12.70
C SER H 177 -25.19 -35.04 -13.77
N ASP H 178 -23.96 -35.55 -13.76
CA ASP H 178 -22.94 -35.17 -14.73
C ASP H 178 -22.90 -36.08 -15.95
N ARG H 179 -23.84 -37.01 -16.07
CA ARG H 179 -23.80 -38.02 -17.13
C ARG H 179 -25.13 -38.15 -17.84
N THR H 180 -25.06 -38.27 -19.17
CA THR H 180 -26.20 -38.63 -19.99
C THR H 180 -26.24 -40.15 -20.12
N LEU H 181 -27.30 -40.77 -19.62
CA LEU H 181 -27.43 -42.21 -19.60
C LEU H 181 -28.35 -42.66 -20.73
N ILE H 182 -27.84 -43.57 -21.58
CA ILE H 182 -28.57 -44.08 -22.73
C ILE H 182 -28.65 -45.59 -22.60
N VAL H 183 -29.82 -46.15 -22.89
CA VAL H 183 -30.02 -47.59 -22.88
C VAL H 183 -30.69 -47.99 -24.19
N VAL H 184 -30.18 -49.03 -24.84
CA VAL H 184 -30.68 -49.49 -26.14
C VAL H 184 -31.14 -50.93 -25.97
N ASP H 185 -32.46 -51.15 -26.05
CA ASP H 185 -33.05 -52.46 -25.77
C ASP H 185 -34.51 -52.45 -26.21
N PRO H 186 -35.00 -53.50 -26.89
CA PRO H 186 -36.42 -53.54 -27.26
C PRO H 186 -37.37 -53.63 -26.07
N ARG H 187 -36.90 -53.93 -24.88
CA ARG H 187 -37.77 -53.97 -23.70
C ARG H 187 -37.56 -52.73 -22.83
N LYS H 188 -38.60 -52.37 -22.09
CA LYS H 188 -38.45 -51.34 -21.06
C LYS H 188 -37.98 -52.02 -19.79
N THR H 189 -36.69 -52.32 -19.76
CA THR H 189 -36.08 -52.98 -18.63
C THR H 189 -35.93 -51.99 -17.47
N ASP H 190 -35.64 -52.55 -16.29
CA ASP H 190 -35.38 -51.71 -15.14
C ASP H 190 -34.12 -50.86 -15.34
N SER H 191 -33.20 -51.32 -16.17
CA SER H 191 -32.05 -50.49 -16.55
C SER H 191 -32.48 -49.34 -17.45
N ALA H 192 -33.35 -49.61 -18.42
CA ALA H 192 -33.84 -48.55 -19.30
C ALA H 192 -34.67 -47.52 -18.54
N LYS H 193 -35.36 -47.94 -17.47
CA LYS H 193 -36.20 -47.01 -16.72
C LYS H 193 -35.39 -45.88 -16.08
N LEU H 194 -34.10 -46.09 -15.83
CA LEU H 194 -33.23 -45.07 -15.27
C LEU H 194 -32.59 -44.18 -16.33
N ALA H 195 -32.86 -44.42 -17.62
CA ALA H 195 -32.15 -43.75 -18.69
C ALA H 195 -32.70 -42.36 -18.98
N ASP H 196 -31.82 -41.47 -19.45
CA ASP H 196 -32.25 -40.20 -20.02
C ASP H 196 -32.81 -40.40 -21.42
N ILE H 197 -32.21 -41.32 -22.18
CA ILE H 197 -32.64 -41.67 -23.53
C ILE H 197 -32.80 -43.18 -23.58
N HIS H 198 -33.96 -43.65 -24.03
CA HIS H 198 -34.20 -45.08 -24.23
C HIS H 198 -34.57 -45.32 -25.69
N LEU H 199 -33.63 -45.85 -26.46
CA LEU H 199 -33.92 -46.30 -27.81
C LEU H 199 -34.57 -47.67 -27.74
N GLN H 200 -35.90 -47.71 -27.82
CA GLN H 200 -36.62 -48.99 -27.81
C GLN H 200 -36.79 -49.49 -29.24
N LEU H 201 -35.67 -49.96 -29.78
CA LEU H 201 -35.57 -50.34 -31.19
C LEU H 201 -36.22 -51.71 -31.43
N ASP H 202 -36.44 -52.00 -32.70
CA ASP H 202 -36.93 -53.30 -33.13
C ASP H 202 -35.86 -54.36 -32.89
N PHE H 203 -36.27 -55.52 -32.37
CA PHE H 203 -35.33 -56.60 -32.13
C PHE H 203 -34.69 -57.07 -33.44
N ASP H 204 -33.49 -57.64 -33.33
CA ASP H 204 -32.73 -58.17 -34.46
C ASP H 204 -32.39 -57.10 -35.49
N ARG H 205 -32.42 -55.82 -35.12
CA ARG H 205 -32.18 -54.76 -36.11
C ARG H 205 -31.09 -53.78 -35.66
N ASP H 206 -30.29 -54.12 -34.65
CA ASP H 206 -29.20 -53.25 -34.21
C ASP H 206 -28.22 -52.95 -35.34
N TYR H 207 -27.87 -53.98 -36.12
CA TYR H 207 -26.92 -53.77 -37.21
C TYR H 207 -27.42 -52.73 -38.19
N GLU H 208 -28.73 -52.73 -38.48
CA GLU H 208 -29.29 -51.71 -39.36
C GLU H 208 -29.23 -50.34 -38.70
N LEU H 209 -29.54 -50.26 -37.40
CA LEU H 209 -29.49 -48.98 -36.71
C LEU H 209 -28.07 -48.43 -36.68
N LEU H 210 -27.10 -49.29 -36.37
CA LEU H 210 -25.72 -48.87 -36.31
C LEU H 210 -25.17 -48.47 -37.68
N ASP H 211 -25.69 -49.08 -38.75
CA ASP H 211 -25.27 -48.65 -40.09
C ASP H 211 -25.73 -47.23 -40.38
N ALA H 212 -26.98 -46.91 -40.04
CA ALA H 212 -27.48 -45.55 -40.22
C ALA H 212 -26.72 -44.55 -39.37
N MET H 213 -26.49 -44.86 -38.09
CA MET H 213 -25.77 -43.95 -37.21
C MET H 213 -24.37 -43.65 -37.74
N ARG H 214 -23.68 -44.65 -38.26
CA ARG H 214 -22.31 -44.44 -38.72
C ARG H 214 -22.28 -43.67 -40.04
N ALA H 215 -23.21 -43.95 -40.94
CA ALA H 215 -23.31 -43.17 -42.17
C ALA H 215 -23.59 -41.71 -41.84
N CYS H 216 -24.52 -41.47 -40.93
CA CYS H 216 -24.76 -40.13 -40.42
C CYS H 216 -23.48 -39.52 -39.84
N LEU H 217 -22.78 -40.28 -39.00
CA LEU H 217 -21.57 -39.80 -38.35
C LEU H 217 -20.53 -39.31 -39.36
N LEU H 218 -20.36 -40.02 -40.47
CA LEU H 218 -19.37 -39.62 -41.47
C LEU H 218 -19.93 -38.64 -42.50
N GLY H 219 -21.08 -38.03 -42.22
CA GLY H 219 -21.59 -36.97 -43.05
C GLY H 219 -22.55 -37.39 -44.14
N HIS H 220 -22.96 -38.65 -44.16
CA HIS H 220 -23.83 -39.13 -45.23
C HIS H 220 -25.28 -39.04 -44.76
N GLU H 221 -26.20 -38.99 -45.73
CA GLU H 221 -27.61 -38.89 -45.38
C GLU H 221 -28.21 -40.29 -45.26
N ILE H 222 -29.17 -40.41 -44.34
CA ILE H 222 -29.76 -41.71 -44.04
C ILE H 222 -30.82 -42.04 -45.08
N LEU H 223 -30.64 -43.17 -45.77
CA LEU H 223 -31.49 -43.54 -46.90
C LEU H 223 -32.97 -43.57 -46.53
N TYR H 224 -33.32 -44.35 -45.52
CA TYR H 224 -34.72 -44.51 -45.17
C TYR H 224 -35.08 -43.54 -44.05
N ASP H 225 -36.37 -43.17 -43.99
CA ASP H 225 -36.81 -42.25 -42.96
C ASP H 225 -37.07 -42.94 -41.62
N GLU H 226 -36.93 -44.26 -41.55
CA GLU H 226 -37.03 -44.95 -40.28
C GLU H 226 -36.15 -46.19 -40.36
N VAL H 227 -35.37 -46.45 -39.32
CA VAL H 227 -34.44 -47.57 -39.26
C VAL H 227 -34.53 -48.22 -37.89
N ALA H 228 -34.68 -49.55 -37.88
CA ALA H 228 -34.82 -50.32 -36.63
C ALA H 228 -35.94 -49.75 -35.76
N GLY H 229 -36.98 -49.22 -36.41
CA GLY H 229 -38.09 -48.63 -35.70
C GLY H 229 -37.85 -47.25 -35.13
N VAL H 230 -36.71 -46.64 -35.42
CA VAL H 230 -36.36 -45.32 -34.88
C VAL H 230 -36.43 -44.31 -36.02
N PRO H 231 -37.14 -43.20 -35.85
CA PRO H 231 -37.25 -42.21 -36.93
C PRO H 231 -35.91 -41.57 -37.25
N ARG H 232 -35.69 -41.32 -38.54
CA ARG H 232 -34.47 -40.67 -39.02
C ARG H 232 -34.01 -39.54 -38.12
N GLU H 233 -34.91 -38.61 -37.81
CA GLU H 233 -34.54 -37.39 -37.09
C GLU H 233 -33.85 -37.69 -35.78
N GLN H 234 -34.26 -38.76 -35.09
CA GLN H 234 -33.65 -39.11 -33.81
C GLN H 234 -32.38 -39.94 -33.95
N ILE H 235 -32.20 -40.63 -35.08
CA ILE H 235 -30.87 -41.20 -35.35
C ILE H 235 -29.84 -40.08 -35.32
N GLU H 236 -30.12 -38.99 -36.03
CA GLU H 236 -29.20 -37.87 -36.08
C GLU H 236 -29.07 -37.19 -34.71
N GLU H 237 -30.19 -37.04 -33.99
CA GLU H 237 -30.12 -36.43 -32.66
C GLU H 237 -29.30 -37.28 -31.70
N ALA H 238 -29.37 -38.61 -31.85
CA ALA H 238 -28.56 -39.48 -31.00
C ALA H 238 -27.09 -39.42 -31.38
N VAL H 239 -26.79 -39.34 -32.68
CA VAL H 239 -25.40 -39.22 -33.10
C VAL H 239 -24.78 -37.92 -32.61
N GLU H 240 -25.59 -36.87 -32.49
CA GLU H 240 -25.08 -35.60 -31.98
C GLU H 240 -24.73 -35.70 -30.50
N VAL H 241 -25.53 -36.43 -29.73
CA VAL H 241 -25.21 -36.62 -28.31
C VAL H 241 -23.86 -37.32 -28.16
N LEU H 242 -23.63 -38.37 -28.94
CA LEU H 242 -22.37 -39.09 -28.86
C LEU H 242 -21.21 -38.23 -29.35
N LYS H 243 -21.42 -37.50 -30.44
CA LYS H 243 -20.36 -36.63 -30.95
C LYS H 243 -20.01 -35.52 -29.96
N ASN H 244 -20.97 -35.05 -29.17
CA ASN H 244 -20.75 -33.97 -28.24
C ASN H 244 -20.27 -34.44 -26.87
N ALA H 245 -20.00 -35.73 -26.71
CA ALA H 245 -19.43 -36.22 -25.46
C ALA H 245 -18.03 -35.65 -25.25
N GLN H 246 -17.65 -35.50 -23.98
CA GLN H 246 -16.25 -35.32 -23.63
C GLN H 246 -15.56 -36.65 -23.42
N PHE H 247 -16.30 -37.64 -22.92
CA PHE H 247 -15.79 -38.99 -22.71
C PHE H 247 -16.98 -39.92 -22.71
N GLY H 248 -17.04 -40.83 -23.68
CA GLY H 248 -18.16 -41.73 -23.81
C GLY H 248 -17.72 -43.17 -23.60
N ILE H 249 -18.61 -43.96 -23.00
CA ILE H 249 -18.37 -45.37 -22.75
C ILE H 249 -19.59 -46.14 -23.26
N LEU H 250 -19.35 -47.13 -24.10
CA LEU H 250 -20.42 -47.97 -24.63
C LEU H 250 -20.32 -49.33 -23.95
N PHE H 251 -21.23 -49.59 -23.01
CA PHE H 251 -21.38 -50.91 -22.43
C PHE H 251 -22.39 -51.70 -23.26
N PHE H 252 -22.03 -52.92 -23.64
CA PHE H 252 -22.92 -53.74 -24.45
C PHE H 252 -22.92 -55.18 -23.92
N GLY H 253 -23.97 -55.91 -24.26
CA GLY H 253 -24.17 -57.25 -23.72
C GLY H 253 -24.91 -58.16 -24.68
N MET H 254 -25.60 -59.15 -24.10
CA MET H 254 -26.09 -60.29 -24.87
C MET H 254 -27.13 -59.89 -25.90
N GLY H 255 -27.79 -58.75 -25.73
CA GLY H 255 -28.77 -58.30 -26.69
C GLY H 255 -28.23 -58.14 -28.10
N ILE H 256 -26.92 -58.04 -28.28
CA ILE H 256 -26.33 -57.95 -29.61
C ILE H 256 -25.35 -59.07 -29.91
N THR H 257 -24.90 -59.84 -28.92
CA THR H 257 -24.11 -61.03 -29.26
C THR H 257 -25.00 -62.21 -29.63
N HIS H 258 -26.16 -62.32 -28.98
CA HIS H 258 -27.11 -63.41 -29.23
C HIS H 258 -28.06 -63.11 -30.39
N SER H 259 -28.12 -61.84 -30.82
CA SER H 259 -29.09 -61.40 -31.82
C SER H 259 -28.66 -61.80 -33.22
N ARG H 260 -29.56 -61.54 -34.17
CA ARG H 260 -29.25 -61.76 -35.58
C ARG H 260 -28.02 -60.96 -36.00
N GLY H 261 -27.06 -61.65 -36.61
CA GLY H 261 -25.80 -61.08 -36.99
C GLY H 261 -24.68 -61.40 -36.02
N LYS H 262 -25.01 -61.56 -34.74
CA LYS H 262 -24.09 -61.95 -33.68
C LYS H 262 -22.80 -61.14 -33.69
N HIS H 263 -21.68 -61.75 -34.12
CA HIS H 263 -20.40 -61.08 -34.01
C HIS H 263 -20.34 -59.81 -34.84
N ARG H 264 -21.13 -59.73 -35.92
CA ARG H 264 -21.12 -58.54 -36.73
C ARG H 264 -21.91 -57.40 -36.09
N ASN H 265 -22.79 -57.69 -35.13
CA ASN H 265 -23.38 -56.62 -34.33
C ASN H 265 -22.31 -55.93 -33.50
N ILE H 266 -21.40 -56.70 -32.90
CA ILE H 266 -20.30 -56.12 -32.13
C ILE H 266 -19.34 -55.39 -33.06
N ASP H 267 -19.07 -55.98 -34.23
CA ASP H 267 -18.16 -55.42 -35.22
C ASP H 267 -18.55 -53.99 -35.55
N THR H 268 -19.78 -53.78 -36.01
CA THR H 268 -20.22 -52.45 -36.41
C THR H 268 -20.27 -51.49 -35.22
N ALA H 269 -20.61 -51.99 -34.02
CA ALA H 269 -20.57 -51.16 -32.84
C ALA H 269 -19.16 -50.68 -32.53
N ILE H 270 -18.18 -51.60 -32.62
CA ILE H 270 -16.79 -51.22 -32.37
C ILE H 270 -16.34 -50.14 -33.34
N MET H 271 -16.63 -50.32 -34.63
CA MET H 271 -16.12 -49.38 -35.62
C MET H 271 -16.73 -48.00 -35.47
N MET H 272 -17.97 -47.90 -34.99
CA MET H 272 -18.55 -46.59 -34.71
C MET H 272 -17.81 -45.93 -33.55
N VAL H 273 -17.58 -46.68 -32.48
CA VAL H 273 -16.83 -46.14 -31.35
C VAL H 273 -15.46 -45.65 -31.80
N GLN H 274 -14.78 -46.44 -32.65
CA GLN H 274 -13.49 -46.02 -33.18
C GLN H 274 -13.62 -44.69 -33.92
N ASP H 275 -14.55 -44.63 -34.88
CA ASP H 275 -14.70 -43.43 -35.70
C ASP H 275 -15.17 -42.22 -34.90
N LEU H 276 -15.92 -42.44 -33.82
CA LEU H 276 -16.35 -41.32 -32.98
C LEU H 276 -15.17 -40.56 -32.38
N ASN H 277 -13.99 -41.17 -32.29
CA ASN H 277 -12.86 -40.53 -31.64
C ASN H 277 -12.29 -39.34 -32.42
N ASP H 278 -12.67 -39.16 -33.68
CA ASP H 278 -12.32 -37.91 -34.36
C ASP H 278 -13.21 -36.75 -33.94
N TYR H 279 -14.31 -37.01 -33.25
CA TYR H 279 -15.16 -35.95 -32.71
C TYR H 279 -15.19 -35.91 -31.19
N ALA H 280 -15.00 -37.06 -30.54
CA ALA H 280 -15.11 -37.12 -29.10
C ALA H 280 -14.44 -38.38 -28.60
N LYS H 281 -13.86 -38.30 -27.41
CA LYS H 281 -13.22 -39.48 -26.82
C LYS H 281 -14.27 -40.55 -26.61
N TRP H 282 -14.02 -41.74 -27.14
CA TRP H 282 -14.99 -42.82 -27.05
C TRP H 282 -14.29 -44.15 -26.89
N THR H 283 -14.93 -45.04 -26.14
CA THR H 283 -14.37 -46.30 -25.70
C THR H 283 -15.54 -47.24 -25.43
N LEU H 284 -15.24 -48.53 -25.33
CA LEU H 284 -16.27 -49.52 -25.08
C LEU H 284 -15.77 -50.60 -24.12
N ILE H 285 -16.72 -51.24 -23.44
CA ILE H 285 -16.40 -52.33 -22.53
C ILE H 285 -17.46 -53.42 -22.67
N PRO H 286 -17.11 -54.64 -23.07
CA PRO H 286 -18.10 -55.72 -23.08
C PRO H 286 -18.45 -56.14 -21.65
N MET H 287 -19.75 -56.32 -21.41
CA MET H 287 -20.25 -56.66 -20.07
C MET H 287 -20.05 -58.15 -19.83
N ARG H 288 -18.80 -58.54 -19.59
CA ARG H 288 -18.48 -59.95 -19.47
C ARG H 288 -19.23 -60.54 -18.28
N GLY H 289 -19.73 -61.75 -18.46
CA GLY H 289 -20.70 -62.30 -17.54
C GLY H 289 -20.17 -62.77 -16.22
N HIS H 290 -19.52 -63.93 -16.20
CA HIS H 290 -19.04 -64.51 -14.96
C HIS H 290 -17.80 -63.76 -14.49
N TYR H 291 -17.50 -63.91 -13.20
CA TYR H 291 -16.40 -63.17 -12.59
C TYR H 291 -15.05 -63.50 -13.20
N ASN H 292 -14.91 -64.63 -13.89
CA ASN H 292 -13.60 -64.95 -14.46
C ASN H 292 -13.69 -65.59 -15.85
N VAL H 293 -14.76 -65.31 -16.61
CA VAL H 293 -14.72 -65.65 -18.03
C VAL H 293 -13.55 -64.93 -18.70
N THR H 294 -13.34 -63.66 -18.36
CA THR H 294 -12.22 -62.90 -18.91
C THR H 294 -10.89 -63.57 -18.60
N GLY H 295 -10.76 -64.12 -17.39
CA GLY H 295 -9.50 -64.73 -17.00
C GLY H 295 -9.12 -65.92 -17.85
N PHE H 296 -10.10 -66.75 -18.24
CA PHE H 296 -9.78 -67.90 -19.07
C PHE H 296 -9.22 -67.45 -20.42
N ASN H 297 -9.92 -66.54 -21.09
CA ASN H 297 -9.45 -66.08 -22.39
C ASN H 297 -8.10 -65.41 -22.28
N GLN H 298 -7.81 -64.77 -21.15
CA GLN H 298 -6.47 -64.24 -20.91
C GLN H 298 -5.45 -65.37 -20.82
N VAL H 299 -5.70 -66.32 -19.92
CA VAL H 299 -4.76 -67.43 -19.72
C VAL H 299 -4.60 -68.21 -21.02
N CYS H 300 -5.71 -68.62 -21.63
CA CYS H 300 -5.63 -69.42 -22.85
C CYS H 300 -4.94 -68.66 -23.98
N THR H 301 -5.17 -67.35 -24.07
CA THR H 301 -4.49 -66.56 -25.09
C THR H 301 -2.98 -66.54 -24.88
N TRP H 302 -2.54 -66.27 -23.64
CA TRP H 302 -1.10 -66.11 -23.46
C TRP H 302 -0.36 -67.44 -23.48
N GLU H 303 -1.02 -68.55 -23.12
CA GLU H 303 -0.34 -69.84 -23.18
C GLU H 303 -0.33 -70.41 -24.60
N SER H 304 -1.39 -70.22 -25.38
CA SER H 304 -1.52 -70.87 -26.67
C SER H 304 -1.52 -69.92 -27.87
N GLY H 305 -1.90 -68.66 -27.68
CA GLY H 305 -2.04 -67.70 -28.76
C GLY H 305 -3.47 -67.40 -29.15
N TYR H 306 -4.43 -68.22 -28.71
CA TYR H 306 -5.83 -68.09 -29.05
C TYR H 306 -6.66 -68.06 -27.77
N PRO H 307 -7.82 -67.37 -27.79
CA PRO H 307 -8.55 -67.15 -26.53
C PRO H 307 -9.56 -68.23 -26.15
N TYR H 308 -10.19 -68.87 -27.14
CA TYR H 308 -11.18 -69.90 -26.88
C TYR H 308 -11.31 -70.74 -28.14
N CYS H 309 -12.15 -71.77 -28.08
CA CYS H 309 -12.37 -72.68 -29.21
C CYS H 309 -11.04 -73.24 -29.73
N VAL H 310 -10.16 -73.62 -28.81
CA VAL H 310 -8.80 -74.00 -29.16
C VAL H 310 -8.71 -75.52 -29.28
N ASP H 311 -8.21 -75.99 -30.42
CA ASP H 311 -8.15 -77.40 -30.75
C ASP H 311 -6.69 -77.84 -30.75
N PHE H 312 -6.35 -78.74 -29.84
CA PHE H 312 -4.99 -79.28 -29.75
C PHE H 312 -4.85 -80.65 -30.40
N SER H 313 -5.91 -81.15 -31.06
CA SER H 313 -5.88 -82.49 -31.63
C SER H 313 -4.62 -82.75 -32.45
N GLY H 314 -4.18 -81.77 -33.22
CA GLY H 314 -3.01 -81.91 -34.04
C GLY H 314 -1.69 -81.59 -33.36
N GLY H 315 -1.71 -81.34 -32.06
CA GLY H 315 -0.50 -80.96 -31.35
C GLY H 315 -0.33 -79.45 -31.27
N GLU H 316 -0.07 -78.79 -32.40
CA GLU H 316 -0.05 -77.35 -32.40
C GLU H 316 -1.48 -76.82 -32.17
N PRO H 317 -1.62 -75.62 -31.62
CA PRO H 317 -2.96 -75.05 -31.41
C PRO H 317 -3.58 -74.50 -32.69
N ARG H 318 -4.86 -74.82 -32.87
CA ARG H 318 -5.63 -74.27 -33.98
C ARG H 318 -6.98 -73.77 -33.49
N TYR H 319 -7.58 -72.89 -34.29
CA TYR H 319 -8.63 -72.00 -33.82
C TYR H 319 -9.61 -71.72 -34.95
N ASN H 320 -10.83 -72.22 -34.83
CA ASN H 320 -11.90 -71.92 -35.78
C ASN H 320 -13.24 -71.94 -35.07
N PRO H 321 -13.62 -70.83 -34.44
CA PRO H 321 -14.98 -70.74 -33.87
C PRO H 321 -16.02 -70.93 -34.95
N GLY H 322 -17.01 -71.76 -34.66
CA GLY H 322 -17.93 -72.28 -35.66
C GLY H 322 -17.63 -73.71 -36.03
N GLU H 323 -16.39 -74.14 -35.87
CA GLU H 323 -15.97 -75.53 -35.97
C GLU H 323 -15.58 -76.11 -34.62
N THR H 324 -14.73 -75.40 -33.87
CA THR H 324 -14.08 -75.93 -32.68
C THR H 324 -14.73 -75.41 -31.40
N GLY H 325 -15.98 -74.96 -31.48
CA GLY H 325 -16.70 -74.47 -30.31
C GLY H 325 -17.53 -75.58 -29.70
N ALA H 326 -17.75 -75.48 -28.38
CA ALA H 326 -18.47 -76.51 -27.64
C ALA H 326 -19.75 -76.93 -28.35
N ASN H 327 -20.58 -75.97 -28.73
CA ASN H 327 -21.85 -76.29 -29.37
C ASN H 327 -21.66 -76.85 -30.77
N ASP H 328 -20.59 -76.46 -31.45
CA ASP H 328 -20.27 -77.04 -32.74
C ASP H 328 -19.93 -78.51 -32.60
N LEU H 329 -19.07 -78.86 -31.64
CA LEU H 329 -18.69 -80.25 -31.45
C LEU H 329 -19.89 -81.10 -31.04
N LEU H 330 -20.73 -80.58 -30.14
CA LEU H 330 -21.86 -81.35 -29.65
C LEU H 330 -22.94 -81.49 -30.72
N GLN H 331 -23.35 -80.38 -31.35
CA GLN H 331 -24.44 -80.45 -32.32
C GLN H 331 -24.04 -81.20 -33.58
N ASN H 332 -22.78 -81.13 -33.97
CA ASN H 332 -22.30 -81.91 -35.10
C ASN H 332 -21.85 -83.30 -34.71
N ARG H 333 -21.99 -83.67 -33.43
CA ARG H 333 -21.76 -85.03 -32.98
C ARG H 333 -20.29 -85.43 -33.16
N GLU H 334 -19.41 -84.41 -33.16
CA GLU H 334 -17.98 -84.66 -33.26
C GLU H 334 -17.39 -85.11 -31.94
N ALA H 335 -17.84 -84.50 -30.84
CA ALA H 335 -17.30 -84.82 -29.53
C ALA H 335 -17.70 -86.23 -29.11
N ASP H 336 -16.73 -87.01 -28.66
CA ASP H 336 -16.98 -88.36 -28.15
C ASP H 336 -16.84 -88.45 -26.64
N ALA H 337 -16.56 -87.32 -25.98
CA ALA H 337 -16.53 -87.21 -24.54
C ALA H 337 -16.50 -85.74 -24.19
N MET H 338 -16.95 -85.40 -22.98
CA MET H 338 -17.02 -84.02 -22.53
C MET H 338 -16.69 -83.92 -21.05
N MET H 339 -15.79 -83.01 -20.71
CA MET H 339 -15.48 -82.69 -19.33
C MET H 339 -15.93 -81.26 -19.06
N VAL H 340 -16.83 -81.10 -18.09
CA VAL H 340 -17.36 -79.80 -17.71
C VAL H 340 -16.70 -79.40 -16.40
N ILE H 341 -16.26 -78.14 -16.31
CA ILE H 341 -15.74 -77.63 -15.05
C ILE H 341 -16.26 -76.20 -14.84
N ALA H 342 -16.83 -75.95 -13.67
CA ALA H 342 -17.29 -74.63 -13.25
C ALA H 342 -18.24 -74.01 -14.28
N SER H 343 -19.19 -74.82 -14.74
CA SER H 343 -20.16 -74.35 -15.72
C SER H 343 -21.32 -75.35 -15.78
N ASP H 344 -22.42 -74.92 -16.38
CA ASP H 344 -23.66 -75.69 -16.41
C ASP H 344 -24.27 -75.70 -17.81
N PRO H 345 -23.65 -76.42 -18.76
CA PRO H 345 -24.25 -76.51 -20.10
C PRO H 345 -25.55 -77.32 -20.15
N GLY H 346 -25.80 -78.20 -19.18
CA GLY H 346 -27.09 -78.87 -19.13
C GLY H 346 -28.24 -77.90 -18.99
N ALA H 347 -28.07 -76.87 -18.16
CA ALA H 347 -29.10 -75.84 -18.03
C ALA H 347 -29.05 -74.84 -19.18
N HIS H 348 -27.88 -74.63 -19.77
CA HIS H 348 -27.66 -73.42 -20.56
C HIS H 348 -27.16 -73.69 -21.98
N PHE H 349 -27.15 -74.92 -22.43
CA PHE H 349 -27.02 -75.18 -23.85
C PHE H 349 -28.39 -75.46 -24.46
N PRO H 350 -28.53 -75.26 -25.77
CA PRO H 350 -29.83 -75.57 -26.41
C PRO H 350 -30.04 -77.08 -26.52
N GLN H 351 -31.31 -77.43 -26.78
CA GLN H 351 -31.73 -78.83 -26.89
C GLN H 351 -30.78 -79.69 -27.71
N ARG H 352 -30.40 -79.19 -28.88
CA ARG H 352 -29.67 -80.01 -29.84
C ARG H 352 -28.32 -80.44 -29.29
N ALA H 353 -27.69 -79.60 -28.48
CA ALA H 353 -26.43 -79.97 -27.85
C ALA H 353 -26.65 -80.96 -26.72
N LEU H 354 -27.74 -80.78 -25.96
CA LEU H 354 -28.06 -81.73 -24.89
C LEU H 354 -28.29 -83.13 -25.45
N GLU H 355 -28.89 -83.21 -26.64
CA GLU H 355 -29.09 -84.50 -27.28
C GLU H 355 -27.79 -85.29 -27.38
N ARG H 356 -26.67 -84.60 -27.58
CA ARG H 356 -25.40 -85.29 -27.72
C ARG H 356 -24.78 -85.61 -26.37
N MET H 357 -24.99 -84.73 -25.38
CA MET H 357 -24.52 -85.00 -24.02
C MET H 357 -25.14 -86.28 -23.47
N ALA H 358 -26.35 -86.63 -23.93
CA ALA H 358 -27.02 -87.85 -23.49
C ALA H 358 -26.31 -89.11 -23.97
N GLU H 359 -25.51 -89.02 -25.03
CA GLU H 359 -24.92 -90.18 -25.68
C GLU H 359 -23.47 -90.43 -25.33
N ILE H 360 -22.85 -89.55 -24.54
CA ILE H 360 -21.39 -89.57 -24.41
C ILE H 360 -21.02 -89.48 -22.94
N PRO H 361 -19.79 -89.90 -22.59
CA PRO H 361 -19.33 -89.74 -21.20
C PRO H 361 -19.18 -88.26 -20.84
N VAL H 362 -19.80 -87.88 -19.73
CA VAL H 362 -19.77 -86.50 -19.24
C VAL H 362 -19.11 -86.50 -17.86
N ILE H 363 -18.03 -85.75 -17.73
CA ILE H 363 -17.37 -85.52 -16.45
C ILE H 363 -17.76 -84.13 -15.97
N ALA H 364 -18.04 -84.01 -14.67
CA ALA H 364 -18.56 -82.76 -14.12
C ALA H 364 -17.80 -82.41 -12.85
N ILE H 365 -16.95 -81.39 -12.95
CA ILE H 365 -16.28 -80.80 -11.79
C ILE H 365 -17.22 -79.71 -11.27
N GLU H 366 -18.04 -80.07 -10.29
CA GLU H 366 -19.17 -79.24 -9.90
C GLU H 366 -19.49 -79.41 -8.42
N PRO H 367 -19.67 -78.32 -7.66
CA PRO H 367 -19.97 -78.48 -6.24
C PRO H 367 -21.44 -78.73 -5.94
N HIS H 368 -22.35 -78.35 -6.82
CA HIS H 368 -23.76 -78.32 -6.51
C HIS H 368 -24.55 -79.20 -7.48
N ARG H 369 -25.81 -79.43 -7.15
CA ARG H 369 -26.67 -80.24 -8.01
C ARG H 369 -27.25 -79.36 -9.11
N THR H 370 -27.04 -79.78 -10.37
CA THR H 370 -27.39 -78.98 -11.53
C THR H 370 -27.98 -79.87 -12.63
N PRO H 371 -28.60 -79.28 -13.66
CA PRO H 371 -28.98 -80.08 -14.83
C PRO H 371 -27.79 -80.80 -15.47
N THR H 372 -26.57 -80.29 -15.30
CA THR H 372 -25.42 -80.98 -15.87
C THR H 372 -25.07 -82.24 -15.09
N THR H 373 -25.07 -82.17 -13.76
CA THR H 373 -24.85 -83.38 -12.97
C THR H 373 -25.93 -84.41 -13.25
N GLU H 374 -27.15 -83.96 -13.58
CA GLU H 374 -28.20 -84.88 -13.98
C GLU H 374 -27.88 -85.55 -15.32
N MET H 375 -26.96 -84.98 -16.10
CA MET H 375 -26.47 -85.58 -17.32
C MET H 375 -25.05 -86.09 -17.18
N ALA H 376 -24.50 -86.15 -15.97
CA ALA H 376 -23.09 -86.48 -15.81
C ALA H 376 -22.90 -87.94 -15.43
N ASP H 377 -21.76 -88.49 -15.83
CA ASP H 377 -21.38 -89.85 -15.47
C ASP H 377 -20.45 -89.89 -14.26
N ILE H 378 -19.59 -88.89 -14.12
CA ILE H 378 -18.68 -88.74 -12.99
C ILE H 378 -18.85 -87.33 -12.43
N ILE H 379 -19.02 -87.23 -11.12
CA ILE H 379 -19.18 -85.94 -10.44
C ILE H 379 -18.04 -85.79 -9.44
N ILE H 380 -17.29 -84.69 -9.55
CA ILE H 380 -16.16 -84.45 -8.66
C ILE H 380 -16.32 -83.08 -8.00
N PRO H 381 -16.62 -83.03 -6.70
CA PRO H 381 -16.94 -81.74 -6.05
C PRO H 381 -15.67 -81.03 -5.61
N PRO H 382 -15.58 -79.71 -5.83
CA PRO H 382 -14.38 -78.97 -5.42
C PRO H 382 -14.64 -77.89 -4.36
N ALA H 383 -13.56 -77.35 -3.80
CA ALA H 383 -13.67 -76.12 -3.01
C ALA H 383 -13.98 -74.95 -3.92
N ILE H 384 -14.83 -74.04 -3.45
CA ILE H 384 -15.38 -72.98 -4.28
C ILE H 384 -14.47 -71.76 -4.25
N VAL H 385 -14.04 -71.33 -5.44
CA VAL H 385 -13.17 -70.16 -5.54
C VAL H 385 -13.90 -68.91 -5.08
N GLY H 386 -13.21 -68.10 -4.29
CA GLY H 386 -13.76 -66.87 -3.76
C GLY H 386 -14.33 -67.02 -2.37
N MET H 387 -14.62 -68.25 -1.96
CA MET H 387 -15.10 -68.55 -0.61
C MET H 387 -14.18 -69.51 0.12
N GLU H 388 -13.79 -70.61 -0.52
CA GLU H 388 -12.97 -71.64 0.12
C GLU H 388 -11.61 -71.80 -0.54
N ALA H 389 -11.33 -71.09 -1.63
CA ALA H 389 -10.08 -71.24 -2.37
C ALA H 389 -9.73 -69.91 -3.01
N GLU H 390 -8.44 -69.63 -3.10
CA GLU H 390 -7.98 -68.34 -3.63
C GLU H 390 -7.33 -68.52 -5.00
N GLY H 391 -7.15 -67.39 -5.68
CA GLY H 391 -6.60 -67.39 -7.01
C GLY H 391 -6.97 -66.13 -7.76
N THR H 392 -6.33 -65.96 -8.92
CA THR H 392 -6.53 -64.77 -9.73
C THR H 392 -7.83 -64.87 -10.55
N ALA H 393 -8.55 -63.76 -10.62
CA ALA H 393 -9.66 -63.58 -11.56
C ALA H 393 -9.47 -62.26 -12.30
N TYR H 394 -10.16 -62.14 -13.44
CA TYR H 394 -10.04 -60.97 -14.31
C TYR H 394 -11.40 -60.31 -14.49
N ARG H 395 -11.47 -59.02 -14.13
CA ARG H 395 -12.68 -58.23 -14.28
C ARG H 395 -12.98 -58.00 -15.77
N MET H 396 -14.19 -57.53 -16.06
CA MET H 396 -14.67 -57.47 -17.44
C MET H 396 -13.79 -56.62 -18.35
N GLU H 397 -13.04 -55.66 -17.81
CA GLU H 397 -12.14 -54.86 -18.63
C GLU H 397 -10.67 -55.23 -18.41
N GLY H 398 -10.41 -56.47 -17.95
CA GLY H 398 -9.06 -56.99 -17.90
C GLY H 398 -8.32 -56.80 -16.60
N VAL H 399 -8.93 -56.14 -15.61
CA VAL H 399 -8.23 -55.84 -14.36
C VAL H 399 -8.13 -57.09 -13.51
N PRO H 400 -6.92 -57.53 -13.16
CA PRO H 400 -6.78 -58.76 -12.34
C PRO H 400 -6.90 -58.43 -10.86
N ILE H 401 -7.72 -59.22 -10.16
CA ILE H 401 -7.87 -59.11 -8.72
C ILE H 401 -7.86 -60.52 -8.16
N ARG H 402 -7.15 -60.71 -7.04
CA ARG H 402 -6.99 -62.03 -6.46
C ARG H 402 -8.19 -62.39 -5.59
N MET H 403 -8.82 -63.51 -5.90
CA MET H 403 -9.93 -64.03 -5.10
C MET H 403 -9.40 -64.51 -3.76
N LYS H 404 -10.16 -64.28 -2.70
CA LYS H 404 -9.71 -64.60 -1.36
C LYS H 404 -10.35 -65.88 -0.82
N LYS H 405 -9.63 -66.54 0.07
CA LYS H 405 -10.14 -67.68 0.81
C LYS H 405 -10.66 -67.20 2.15
N VAL H 406 -11.97 -67.38 2.37
CA VAL H 406 -12.63 -66.86 3.56
C VAL H 406 -12.82 -67.94 4.62
N VAL H 407 -13.25 -69.14 4.21
CA VAL H 407 -13.43 -70.26 5.11
C VAL H 407 -12.77 -71.49 4.48
N ASP H 408 -12.42 -72.46 5.32
CA ASP H 408 -11.76 -73.66 4.83
C ASP H 408 -12.77 -74.74 4.49
N SER H 409 -12.35 -75.64 3.61
CA SER H 409 -13.15 -76.77 3.15
C SER H 409 -12.29 -78.02 3.09
N ASP H 410 -12.91 -79.15 3.42
CA ASP H 410 -12.22 -80.43 3.32
C ASP H 410 -12.06 -80.89 1.88
N LEU H 411 -12.82 -80.31 0.94
CA LEU H 411 -12.75 -80.70 -0.46
C LEU H 411 -11.49 -80.19 -1.14
N LEU H 412 -11.13 -80.85 -2.23
CA LEU H 412 -9.99 -80.41 -3.02
C LEU H 412 -10.38 -79.23 -3.90
N SER H 413 -9.39 -78.40 -4.22
CA SER H 413 -9.62 -77.28 -5.12
C SER H 413 -9.61 -77.76 -6.58
N ASP H 414 -10.16 -76.92 -7.47
CA ASP H 414 -10.17 -77.22 -8.91
C ASP H 414 -8.77 -77.55 -9.41
N ARG H 415 -7.81 -76.69 -9.10
CA ARG H 415 -6.43 -76.91 -9.55
C ARG H 415 -5.91 -78.25 -9.07
N GLU H 416 -6.14 -78.57 -7.79
CA GLU H 416 -5.67 -79.84 -7.23
C GLU H 416 -6.29 -81.02 -7.97
N ILE H 417 -7.59 -80.94 -8.26
CA ILE H 417 -8.24 -81.99 -9.03
C ILE H 417 -7.63 -82.09 -10.43
N LEU H 418 -7.38 -80.95 -11.07
CA LEU H 418 -6.92 -80.96 -12.46
C LEU H 418 -5.47 -81.44 -12.56
N GLU H 419 -4.62 -81.08 -11.59
CA GLU H 419 -3.25 -81.56 -11.61
C GLU H 419 -3.17 -83.07 -11.43
N ARG H 420 -4.07 -83.64 -10.62
CA ARG H 420 -4.11 -85.09 -10.51
C ARG H 420 -4.70 -85.69 -11.77
N LEU H 421 -5.68 -85.01 -12.34
CA LEU H 421 -6.29 -85.46 -13.58
C LEU H 421 -5.25 -85.46 -14.70
N LEU H 422 -4.36 -84.47 -14.69
CA LEU H 422 -3.30 -84.38 -15.70
C LEU H 422 -2.24 -85.46 -15.48
N GLU H 423 -1.86 -85.72 -14.22
CA GLU H 423 -0.87 -86.76 -13.95
C GLU H 423 -1.34 -88.13 -14.43
N LYS H 424 -2.60 -88.48 -14.16
CA LYS H 424 -3.10 -89.79 -14.55
C LYS H 424 -3.29 -89.89 -16.07
N VAL H 425 -3.62 -88.78 -16.74
CA VAL H 425 -3.74 -88.83 -18.20
C VAL H 425 -2.39 -89.14 -18.84
N ARG H 426 -1.31 -88.62 -18.26
CA ARG H 426 0.03 -88.98 -18.73
C ARG H 426 0.31 -90.46 -18.46
N GLU H 427 -0.13 -90.97 -17.30
CA GLU H 427 -0.04 -92.40 -17.04
C GLU H 427 -0.61 -93.23 -18.16
N TYR H 428 -1.84 -92.91 -18.55
CA TYR H 428 -2.51 -93.74 -19.54
C TYR H 428 -1.83 -93.62 -20.89
N LYS H 429 -1.34 -92.43 -21.22
CA LYS H 429 -0.63 -92.22 -22.47
C LYS H 429 0.87 -92.43 -22.27
N SER I 2 -4.48 -91.55 -64.55
CA SER I 2 -5.45 -90.48 -64.77
C SER I 2 -6.56 -90.49 -63.73
N GLU I 3 -7.31 -91.60 -63.65
CA GLU I 3 -8.42 -91.70 -62.71
C GLU I 3 -8.00 -92.55 -61.51
N ILE I 4 -8.13 -91.97 -60.32
CA ILE I 4 -7.88 -92.65 -59.06
C ILE I 4 -9.17 -92.57 -58.24
N ILE I 5 -9.76 -93.72 -57.90
CA ILE I 5 -11.05 -93.77 -57.24
C ILE I 5 -10.84 -94.03 -55.75
N LEU I 6 -11.49 -93.23 -54.92
CA LEU I 6 -11.54 -93.45 -53.49
C LEU I 6 -12.96 -93.87 -53.13
N THR I 7 -13.11 -95.10 -52.64
CA THR I 7 -14.42 -95.56 -52.19
C THR I 7 -14.47 -95.46 -50.68
N PRO I 8 -15.31 -94.58 -50.12
CA PRO I 8 -15.30 -94.40 -48.65
C PRO I 8 -15.92 -95.58 -47.93
N LYS I 9 -15.28 -95.97 -46.83
CA LYS I 9 -15.86 -96.92 -45.90
C LYS I 9 -16.86 -96.18 -45.01
N GLU I 10 -17.37 -96.86 -43.99
CA GLU I 10 -18.25 -96.21 -43.03
C GLU I 10 -17.56 -94.99 -42.41
N GLN I 11 -18.21 -93.85 -42.53
CA GLN I 11 -17.63 -92.60 -42.07
C GLN I 11 -17.76 -92.49 -40.55
N PRO I 12 -16.73 -92.01 -39.87
CA PRO I 12 -16.78 -91.98 -38.40
C PRO I 12 -17.50 -90.75 -37.87
N GLU I 13 -18.03 -90.90 -36.65
CA GLU I 13 -18.68 -89.78 -35.97
C GLU I 13 -17.67 -88.68 -35.67
N VAL I 14 -16.45 -89.07 -35.28
CA VAL I 14 -15.35 -88.13 -35.12
C VAL I 14 -14.81 -87.85 -36.52
N PRO I 15 -14.83 -86.59 -36.98
CA PRO I 15 -14.57 -86.32 -38.39
C PRO I 15 -13.11 -86.57 -38.76
N LEU I 16 -12.91 -86.71 -40.06
CA LEU I 16 -11.60 -86.83 -40.67
C LEU I 16 -11.15 -85.47 -41.19
N GLU I 17 -9.86 -85.20 -41.10
CA GLU I 17 -9.23 -84.10 -41.82
C GLU I 17 -8.27 -84.69 -42.84
N ALA I 18 -8.47 -84.35 -44.11
CA ALA I 18 -7.71 -84.95 -45.21
C ALA I 18 -7.21 -83.88 -46.19
N PRO I 19 -6.40 -82.92 -45.71
CA PRO I 19 -5.73 -82.01 -46.66
C PRO I 19 -4.93 -82.74 -47.72
N ASN I 20 -4.38 -83.91 -47.42
CA ASN I 20 -3.54 -84.62 -48.38
C ASN I 20 -4.34 -85.29 -49.50
N ILE I 21 -5.66 -85.27 -49.45
CA ILE I 21 -6.43 -85.72 -50.61
C ILE I 21 -6.46 -84.58 -51.61
N LYS I 22 -5.45 -84.52 -52.46
CA LYS I 22 -5.40 -83.58 -53.57
C LYS I 22 -4.45 -84.13 -54.63
N PRO I 23 -4.66 -83.79 -55.91
CA PRO I 23 -3.76 -84.28 -56.96
C PRO I 23 -2.28 -84.06 -56.69
N ASP I 24 -1.93 -82.93 -56.08
CA ASP I 24 -0.53 -82.59 -55.85
C ASP I 24 0.17 -83.67 -55.01
N VAL I 25 -0.53 -84.26 -54.06
CA VAL I 25 0.09 -85.28 -53.23
C VAL I 25 0.00 -86.63 -53.93
N PHE I 26 -1.13 -86.91 -54.57
CA PHE I 26 -1.34 -88.18 -55.26
C PHE I 26 -0.36 -88.38 -56.41
N ALA I 27 0.19 -87.31 -56.97
CA ALA I 27 1.06 -87.43 -58.13
C ALA I 27 2.33 -88.20 -57.79
N GLY I 28 2.73 -89.08 -58.70
CA GLY I 28 3.95 -89.84 -58.55
C GLY I 28 3.91 -90.96 -57.55
N LYS I 29 2.73 -91.41 -57.15
CA LYS I 29 2.58 -92.44 -56.12
C LYS I 29 1.82 -93.64 -56.65
N SER I 30 2.30 -94.83 -56.31
CA SER I 30 1.55 -96.05 -56.55
C SER I 30 0.28 -96.07 -55.70
N ILE I 31 -0.61 -97.02 -56.02
CA ILE I 31 -1.84 -97.18 -55.25
C ILE I 31 -1.50 -97.47 -53.79
N GLU I 32 -0.44 -98.25 -53.56
CA GLU I 32 -0.05 -98.61 -52.20
C GLU I 32 0.44 -97.40 -51.42
N GLU I 33 1.21 -96.52 -52.06
CA GLU I 33 1.68 -95.31 -51.37
C GLU I 33 0.51 -94.37 -51.05
N ILE I 34 -0.49 -94.32 -51.94
CA ILE I 34 -1.67 -93.52 -51.65
C ILE I 34 -2.44 -94.06 -50.46
N LYS I 35 -2.55 -95.39 -50.33
CA LYS I 35 -3.20 -95.94 -49.15
C LYS I 35 -2.52 -95.52 -47.86
N ASN I 36 -1.22 -95.24 -47.92
CA ASN I 36 -0.40 -94.94 -46.76
C ASN I 36 -0.26 -93.45 -46.50
N ILE I 37 -0.92 -92.61 -47.30
CA ILE I 37 -0.96 -91.18 -47.05
C ILE I 37 -1.57 -90.88 -45.70
N GLN I 38 -1.01 -89.90 -44.99
CA GLN I 38 -1.50 -89.52 -43.67
C GLN I 38 -2.73 -88.65 -43.74
N ILE I 39 -3.72 -88.97 -42.90
CA ILE I 39 -4.87 -88.12 -42.63
C ILE I 39 -5.10 -88.13 -41.12
N MET I 40 -5.93 -87.19 -40.66
CA MET I 40 -6.24 -87.10 -39.24
C MET I 40 -7.61 -87.69 -38.97
N HIS I 41 -7.75 -88.31 -37.81
CA HIS I 41 -9.04 -88.83 -37.35
C HIS I 41 -9.13 -88.41 -35.88
N GLY I 42 -9.68 -87.22 -35.66
CA GLY I 42 -9.64 -86.63 -34.32
C GLY I 42 -8.21 -86.30 -33.96
N ASN I 43 -7.81 -86.72 -32.76
CA ASN I 43 -6.44 -86.55 -32.28
C ASN I 43 -5.55 -87.73 -32.62
N GLU I 44 -5.94 -88.53 -33.60
CA GLU I 44 -5.22 -89.73 -34.00
C GLU I 44 -4.68 -89.54 -35.41
N VAL I 45 -3.41 -89.84 -35.61
CA VAL I 45 -2.85 -89.91 -36.95
C VAL I 45 -3.14 -91.29 -37.50
N VAL I 46 -3.72 -91.35 -38.69
CA VAL I 46 -4.09 -92.61 -39.33
C VAL I 46 -3.72 -92.56 -40.81
N LYS I 47 -4.06 -93.62 -41.51
CA LYS I 47 -3.74 -93.80 -42.92
C LYS I 47 -5.01 -93.68 -43.76
N LEU I 48 -4.86 -93.11 -44.97
CA LEU I 48 -5.99 -92.97 -45.87
C LEU I 48 -6.66 -94.31 -46.14
N GLY I 49 -5.86 -95.37 -46.25
CA GLY I 49 -6.41 -96.68 -46.50
C GLY I 49 -7.36 -97.14 -45.41
N ASP I 50 -7.17 -96.64 -44.18
CA ASP I 50 -8.01 -97.05 -43.06
C ASP I 50 -9.47 -96.62 -43.25
N PHE I 51 -9.75 -95.64 -44.12
CA PHE I 51 -11.11 -95.20 -44.32
C PHE I 51 -11.53 -95.16 -45.79
N PHE I 52 -10.67 -95.56 -46.71
CA PHE I 52 -11.01 -95.55 -48.13
C PHE I 52 -10.41 -96.76 -48.82
N GLU I 53 -11.18 -97.38 -49.70
CA GLU I 53 -10.64 -98.30 -50.68
C GLU I 53 -10.07 -97.49 -51.82
N VAL I 54 -8.93 -97.94 -52.35
CA VAL I 54 -8.20 -97.16 -53.34
C VAL I 54 -7.95 -98.03 -54.57
N SER I 55 -8.42 -97.59 -55.72
CA SER I 55 -8.13 -98.23 -57.00
C SER I 55 -7.79 -97.13 -58.01
N GLY I 56 -7.43 -97.54 -59.23
CA GLY I 56 -7.19 -96.62 -60.31
C GLY I 56 -5.74 -96.67 -60.78
N GLU I 57 -5.41 -95.77 -61.71
CA GLU I 57 -4.11 -95.75 -62.36
C GLU I 57 -3.30 -94.55 -61.89
N PRO I 58 -2.04 -94.77 -61.50
CA PRO I 58 -1.17 -93.65 -61.10
C PRO I 58 -0.82 -92.74 -62.26
N ALA I 59 -0.19 -91.63 -61.92
CA ALA I 59 0.33 -90.64 -62.84
C ALA I 59 1.37 -89.80 -62.11
N ASP I 60 2.33 -89.24 -62.85
CA ASP I 60 3.36 -88.45 -62.20
C ASP I 60 3.06 -86.96 -62.11
N ALA I 61 2.16 -86.43 -62.95
CA ALA I 61 1.92 -84.98 -62.84
C ALA I 61 0.51 -84.69 -62.31
N PRO I 62 0.36 -83.70 -61.43
CA PRO I 62 -0.97 -83.40 -60.87
C PRO I 62 -1.97 -82.92 -61.90
N GLU I 63 -1.50 -82.35 -63.02
CA GLU I 63 -2.41 -81.95 -64.09
C GLU I 63 -3.22 -83.12 -64.61
N ASP I 64 -2.63 -84.31 -64.65
CA ASP I 64 -3.23 -85.48 -65.28
C ASP I 64 -4.03 -86.34 -64.31
N ILE I 65 -4.18 -85.92 -63.06
CA ILE I 65 -4.80 -86.75 -62.05
C ILE I 65 -6.23 -86.29 -61.85
N LYS I 66 -7.16 -87.24 -61.81
CA LYS I 66 -8.56 -87.01 -61.53
C LYS I 66 -8.91 -87.89 -60.34
N ILE I 67 -9.18 -87.28 -59.20
CA ILE I 67 -9.57 -88.02 -58.00
C ILE I 67 -11.09 -88.12 -57.99
N ILE I 68 -11.59 -89.34 -57.85
CA ILE I 68 -13.02 -89.61 -57.73
C ILE I 68 -13.28 -90.25 -56.38
N ILE I 69 -14.08 -89.59 -55.56
CA ILE I 69 -14.55 -90.15 -54.31
C ILE I 69 -15.96 -90.65 -54.57
N ASP I 70 -16.08 -91.96 -54.76
CA ASP I 70 -17.31 -92.59 -55.21
C ASP I 70 -18.15 -92.96 -53.99
N GLY I 71 -18.65 -91.91 -53.34
CA GLY I 71 -19.43 -92.11 -52.15
C GLY I 71 -19.46 -90.87 -51.28
N ASP I 72 -20.40 -90.89 -50.33
CA ASP I 72 -20.61 -89.78 -49.42
C ASP I 72 -19.44 -89.66 -48.45
N VAL I 73 -18.91 -88.45 -48.29
CA VAL I 73 -17.85 -88.19 -47.31
C VAL I 73 -18.23 -86.98 -46.46
N TYR I 74 -19.43 -87.00 -45.90
CA TYR I 74 -19.97 -85.84 -45.21
C TYR I 74 -19.13 -85.42 -44.01
N ASN I 75 -18.33 -86.32 -43.45
CA ASN I 75 -17.59 -86.05 -42.23
C ASN I 75 -16.07 -86.00 -42.43
N THR I 76 -15.62 -85.68 -43.64
CA THR I 76 -14.19 -85.46 -43.90
C THR I 76 -13.99 -84.01 -44.32
N LYS I 77 -13.03 -83.35 -43.69
CA LYS I 77 -12.77 -81.93 -43.89
C LYS I 77 -11.55 -81.73 -44.78
N ARG I 78 -11.45 -80.52 -45.36
CA ARG I 78 -10.22 -80.02 -45.99
C ARG I 78 -9.82 -80.78 -47.24
N ILE I 79 -10.80 -81.38 -47.94
CA ILE I 79 -10.51 -82.06 -49.19
C ILE I 79 -10.06 -81.04 -50.23
N GLY I 80 -8.97 -81.36 -50.93
CA GLY I 80 -8.46 -80.47 -51.95
C GLY I 80 -7.78 -79.23 -51.43
N GLN I 81 -7.59 -79.13 -50.12
CA GLN I 81 -6.99 -77.93 -49.52
C GLN I 81 -5.65 -77.63 -50.17
N GLU I 82 -5.53 -76.42 -50.71
CA GLU I 82 -4.30 -75.88 -51.30
C GLU I 82 -3.83 -76.69 -52.50
N MET I 83 -4.75 -77.34 -53.21
CA MET I 83 -4.38 -77.99 -54.46
C MET I 83 -4.11 -76.95 -55.54
N THR I 84 -3.12 -77.23 -56.39
CA THR I 84 -2.70 -76.31 -57.45
C THR I 84 -3.18 -76.71 -58.84
N ALA I 85 -3.56 -77.96 -59.05
CA ALA I 85 -3.87 -78.44 -60.39
C ALA I 85 -4.60 -79.77 -60.26
N GLY I 86 -5.17 -80.21 -61.38
CA GLY I 86 -5.89 -81.46 -61.40
C GLY I 86 -7.37 -81.27 -61.12
N GLU I 87 -8.02 -82.37 -60.79
CA GLU I 87 -9.46 -82.38 -60.61
C GLU I 87 -9.85 -83.34 -59.50
N ILE I 88 -10.87 -82.96 -58.73
CA ILE I 88 -11.48 -83.82 -57.72
C ILE I 88 -12.97 -83.84 -57.97
N ILE I 89 -13.57 -85.03 -57.93
CA ILE I 89 -15.01 -85.19 -58.07
C ILE I 89 -15.49 -85.98 -56.86
N VAL I 90 -16.48 -85.43 -56.15
CA VAL I 90 -17.03 -86.07 -54.95
C VAL I 90 -18.49 -86.40 -55.23
N ARG I 91 -18.80 -87.70 -55.27
CA ARG I 91 -20.15 -88.19 -55.51
C ARG I 91 -20.89 -88.35 -54.19
N GLY I 92 -21.18 -87.20 -53.60
CA GLY I 92 -21.79 -87.14 -52.29
C GLY I 92 -21.44 -85.83 -51.62
N ASN I 93 -21.70 -85.77 -50.33
CA ASN I 93 -21.52 -84.55 -49.56
C ASN I 93 -20.10 -84.50 -49.00
N VAL I 94 -19.68 -83.27 -48.65
CA VAL I 94 -18.40 -83.04 -48.00
C VAL I 94 -18.65 -82.20 -46.75
N ASN I 95 -17.64 -82.17 -45.89
CA ASN I 95 -17.67 -81.34 -44.68
C ASN I 95 -17.04 -79.98 -44.97
N MET I 96 -16.34 -79.42 -43.99
CA MET I 96 -15.85 -78.06 -44.06
C MET I 96 -14.57 -77.94 -44.88
N TYR I 97 -14.26 -76.71 -45.28
CA TYR I 97 -12.98 -76.32 -45.87
C TYR I 97 -12.71 -76.95 -47.23
N VAL I 98 -13.74 -77.36 -47.97
CA VAL I 98 -13.47 -77.98 -49.27
C VAL I 98 -12.74 -76.97 -50.14
N GLY I 99 -11.56 -77.35 -50.63
CA GLY I 99 -10.79 -76.48 -51.49
C GLY I 99 -10.19 -75.25 -50.84
N ALA I 100 -10.11 -75.22 -49.51
CA ALA I 100 -9.55 -74.05 -48.83
C ALA I 100 -8.11 -73.80 -49.29
N GLY I 101 -7.80 -72.54 -49.60
CA GLY I 101 -6.46 -72.19 -50.05
C GLY I 101 -6.14 -72.63 -51.46
N MET I 102 -7.16 -73.00 -52.24
CA MET I 102 -6.96 -73.55 -53.57
C MET I 102 -6.26 -72.56 -54.49
N LYS I 103 -5.31 -73.07 -55.28
CA LYS I 103 -4.54 -72.27 -56.22
C LYS I 103 -4.92 -72.51 -57.67
N GLY I 104 -5.33 -73.72 -58.02
CA GLY I 104 -5.70 -74.04 -59.38
C GLY I 104 -6.35 -75.40 -59.41
N GLY I 105 -6.82 -75.79 -60.59
CA GLY I 105 -7.51 -77.05 -60.73
C GLY I 105 -9.01 -76.89 -60.58
N LYS I 106 -9.69 -77.99 -60.31
CA LYS I 106 -11.13 -77.92 -60.15
C LYS I 106 -11.60 -78.98 -59.16
N ILE I 107 -12.58 -78.60 -58.33
CA ILE I 107 -13.28 -79.52 -57.45
C ILE I 107 -14.76 -79.45 -57.80
N THR I 108 -15.40 -80.61 -57.94
CA THR I 108 -16.84 -80.70 -58.11
C THR I 108 -17.41 -81.52 -56.97
N VAL I 109 -18.31 -80.92 -56.21
CA VAL I 109 -19.04 -81.60 -55.14
C VAL I 109 -20.46 -81.83 -55.64
N GLU I 110 -20.87 -83.09 -55.70
CA GLU I 110 -22.16 -83.42 -56.29
C GLU I 110 -23.29 -83.29 -55.29
N GLY I 111 -22.98 -83.18 -54.01
CA GLY I 111 -23.98 -82.90 -53.01
C GLY I 111 -23.69 -81.60 -52.27
N ASN I 112 -23.90 -81.61 -50.96
CA ASN I 112 -23.75 -80.41 -50.16
C ASN I 112 -22.32 -80.25 -49.67
N ALA I 113 -21.97 -79.00 -49.37
CA ALA I 113 -20.71 -78.67 -48.74
C ALA I 113 -20.96 -77.91 -47.46
N GLY I 114 -20.08 -78.10 -46.49
CA GLY I 114 -20.17 -77.42 -45.21
C GLY I 114 -19.61 -76.02 -45.31
N SER I 115 -19.31 -75.45 -44.14
CA SER I 115 -18.84 -74.09 -44.06
C SER I 115 -17.40 -73.99 -44.56
N TRP I 116 -17.03 -72.78 -44.96
CA TRP I 116 -15.67 -72.43 -45.39
C TRP I 116 -15.24 -73.14 -46.66
N ALA I 117 -16.21 -73.45 -47.53
CA ALA I 117 -15.89 -73.92 -48.86
C ALA I 117 -15.15 -72.85 -49.64
N GLY I 118 -13.92 -73.15 -50.04
CA GLY I 118 -13.13 -72.19 -50.79
C GLY I 118 -12.57 -71.04 -49.98
N GLN I 119 -12.47 -71.21 -48.66
CA GLN I 119 -11.85 -70.17 -47.82
C GLN I 119 -10.46 -69.83 -48.34
N ASP I 120 -10.17 -68.53 -48.42
CA ASP I 120 -8.87 -68.02 -48.86
C ASP I 120 -8.49 -68.56 -50.24
N MET I 121 -9.49 -68.67 -51.12
CA MET I 121 -9.24 -69.16 -52.47
C MET I 121 -8.36 -68.18 -53.25
N ARG I 122 -7.42 -68.72 -54.04
CA ARG I 122 -6.55 -67.93 -54.91
C ARG I 122 -6.81 -68.12 -56.39
N GLY I 123 -7.21 -69.33 -56.79
CA GLY I 123 -7.41 -69.63 -58.19
C GLY I 123 -8.07 -70.97 -58.33
N GLY I 124 -8.47 -71.27 -59.57
CA GLY I 124 -9.13 -72.53 -59.86
C GLY I 124 -10.64 -72.41 -59.83
N GLU I 125 -11.30 -73.56 -59.77
CA GLU I 125 -12.76 -73.61 -59.75
C GLU I 125 -13.25 -74.58 -58.68
N ILE I 126 -14.33 -74.20 -58.03
CA ILE I 126 -15.09 -75.08 -57.14
C ILE I 126 -16.54 -75.06 -57.60
N GLU I 127 -17.13 -76.23 -57.80
CA GLU I 127 -18.54 -76.33 -58.16
C GLU I 127 -19.25 -77.24 -57.18
N ILE I 128 -20.30 -76.72 -56.54
CA ILE I 128 -21.09 -77.44 -55.55
C ILE I 128 -22.50 -77.54 -56.08
N LEU I 129 -22.94 -78.75 -56.41
CA LEU I 129 -24.25 -78.94 -57.02
C LEU I 129 -25.40 -78.82 -56.02
N GLY I 130 -25.14 -79.07 -54.74
CA GLY I 130 -26.14 -78.97 -53.68
C GLY I 130 -26.05 -77.66 -52.92
N ASP I 131 -26.35 -77.72 -51.62
CA ASP I 131 -26.27 -76.51 -50.82
C ASP I 131 -24.90 -76.37 -50.18
N ALA I 132 -24.57 -75.14 -49.83
CA ALA I 132 -23.35 -74.82 -49.11
C ALA I 132 -23.70 -74.15 -47.79
N GLY I 133 -22.74 -74.13 -46.89
CA GLY I 133 -22.91 -73.55 -45.57
C GLY I 133 -22.51 -72.09 -45.50
N ASP I 134 -22.07 -71.67 -44.32
CA ASP I 134 -21.60 -70.31 -44.14
C ASP I 134 -20.19 -70.16 -44.70
N TYR I 135 -19.81 -68.90 -44.93
CA TYR I 135 -18.43 -68.51 -45.21
C TYR I 135 -17.90 -69.14 -46.50
N VAL I 136 -18.75 -69.21 -47.52
CA VAL I 136 -18.28 -69.56 -48.86
C VAL I 136 -17.30 -68.50 -49.33
N GLY I 137 -16.09 -68.92 -49.70
CA GLY I 137 -15.09 -67.98 -50.18
C GLY I 137 -14.72 -66.90 -49.18
N SER I 138 -14.61 -67.25 -47.90
CA SER I 138 -14.37 -66.29 -46.84
C SER I 138 -12.87 -66.11 -46.58
N SER I 139 -12.56 -65.25 -45.62
CA SER I 139 -11.22 -65.11 -45.07
C SER I 139 -11.10 -65.95 -43.80
N TYR I 140 -9.96 -65.86 -43.14
CA TYR I 140 -9.74 -66.49 -41.85
C TYR I 140 -9.93 -65.46 -40.72
N ARG I 141 -10.30 -65.96 -39.55
CA ARG I 141 -10.47 -65.12 -38.35
C ARG I 141 -9.32 -64.14 -38.20
N GLY I 142 -9.67 -62.86 -38.00
CA GLY I 142 -8.71 -61.82 -37.73
C GLY I 142 -8.05 -61.19 -38.93
N ASP I 143 -7.97 -61.89 -40.06
CA ASP I 143 -7.35 -61.31 -41.25
C ASP I 143 -8.32 -60.43 -42.02
N TRP I 144 -7.78 -59.34 -42.55
CA TRP I 144 -8.50 -58.42 -43.39
C TRP I 144 -8.26 -58.69 -44.87
N ARG I 145 -7.45 -59.70 -45.20
CA ARG I 145 -7.16 -60.10 -46.58
C ARG I 145 -7.76 -61.48 -46.81
N GLY I 146 -8.78 -61.55 -47.65
CA GLY I 146 -9.44 -62.82 -47.90
C GLY I 146 -9.21 -63.41 -49.28
N MET I 147 -10.27 -64.03 -49.81
CA MET I 147 -10.22 -64.62 -51.14
C MET I 147 -9.74 -63.60 -52.17
N SER I 148 -8.77 -63.98 -52.98
CA SER I 148 -8.18 -63.07 -53.96
C SER I 148 -8.38 -63.51 -55.40
N GLY I 149 -8.78 -64.76 -55.66
CA GLY I 149 -8.98 -65.20 -57.03
C GLY I 149 -9.74 -66.51 -57.05
N GLY I 150 -10.18 -66.88 -58.25
CA GLY I 150 -10.91 -68.12 -58.48
C GLY I 150 -12.40 -67.90 -58.66
N THR I 151 -13.09 -69.03 -58.84
CA THR I 151 -14.53 -69.02 -59.07
C THR I 151 -15.17 -70.11 -58.22
N ILE I 152 -16.21 -69.72 -57.48
CA ILE I 152 -17.03 -70.66 -56.71
C ILE I 152 -18.45 -70.59 -57.26
N THR I 153 -19.02 -71.75 -57.55
CA THR I 153 -20.39 -71.84 -58.04
C THR I 153 -21.16 -72.79 -57.15
N VAL I 154 -22.20 -72.28 -56.49
CA VAL I 154 -23.08 -73.07 -55.65
C VAL I 154 -24.43 -73.12 -56.35
N HIS I 155 -24.85 -74.33 -56.75
CA HIS I 155 -26.09 -74.48 -57.49
C HIS I 155 -27.33 -74.44 -56.58
N GLY I 156 -27.18 -74.78 -55.32
CA GLY I 156 -28.27 -74.72 -54.35
C GLY I 156 -28.26 -73.43 -53.55
N ASN I 157 -28.58 -73.53 -52.26
CA ASN I 157 -28.60 -72.40 -51.36
C ASN I 157 -27.30 -72.32 -50.55
N ALA I 158 -26.96 -71.10 -50.14
CA ALA I 158 -25.89 -70.84 -49.19
C ALA I 158 -26.47 -70.10 -47.99
N ASP I 159 -25.65 -69.94 -46.95
CA ASP I 159 -26.10 -69.31 -45.71
C ASP I 159 -25.52 -67.91 -45.51
N ASN I 160 -24.70 -67.73 -44.49
CA ASN I 160 -24.26 -66.40 -44.06
C ASN I 160 -22.86 -66.03 -44.54
N GLU I 161 -22.65 -64.72 -44.72
CA GLU I 161 -21.33 -64.13 -44.86
C GLU I 161 -20.52 -64.74 -45.99
N ILE I 162 -21.17 -65.03 -47.12
CA ILE I 162 -20.41 -65.53 -48.26
C ILE I 162 -19.52 -64.42 -48.80
N GLY I 163 -18.29 -64.76 -49.15
CA GLY I 163 -17.36 -63.76 -49.63
C GLY I 163 -16.90 -62.79 -48.58
N GLU I 164 -16.98 -63.15 -47.30
CA GLU I 164 -16.46 -62.31 -46.22
C GLU I 164 -15.04 -61.86 -46.50
N TYR I 165 -14.84 -60.54 -46.50
CA TYR I 165 -13.54 -59.93 -46.81
C TYR I 165 -13.02 -60.37 -48.16
N MET I 166 -13.91 -60.59 -49.12
CA MET I 166 -13.47 -60.98 -50.46
C MET I 166 -12.58 -59.89 -51.05
N ASN I 167 -11.57 -60.30 -51.79
CA ASN I 167 -10.59 -59.37 -52.31
C ASN I 167 -10.18 -59.79 -53.72
N GLY I 168 -11.13 -60.30 -54.49
CA GLY I 168 -10.88 -60.83 -55.81
C GLY I 168 -11.65 -62.11 -56.07
N GLY I 169 -11.72 -62.53 -57.33
CA GLY I 169 -12.42 -63.76 -57.67
C GLY I 169 -13.89 -63.54 -57.92
N LYS I 170 -14.64 -64.65 -57.86
CA LYS I 170 -16.06 -64.63 -58.21
C LYS I 170 -16.80 -65.72 -57.45
N ILE I 171 -17.93 -65.37 -56.85
CA ILE I 171 -18.84 -66.35 -56.25
C ILE I 171 -20.20 -66.23 -56.91
N ILE I 172 -20.77 -67.37 -57.28
CA ILE I 172 -22.11 -67.43 -57.89
C ILE I 172 -22.97 -68.38 -57.06
N ILE I 173 -24.07 -67.86 -56.52
CA ILE I 173 -25.07 -68.65 -55.82
C ILE I 173 -26.32 -68.68 -56.69
N LYS I 174 -26.64 -69.85 -57.25
CA LYS I 174 -27.84 -69.95 -58.06
C LYS I 174 -29.11 -69.97 -57.22
N GLY I 175 -29.03 -70.34 -55.96
CA GLY I 175 -30.15 -70.34 -55.04
C GLY I 175 -30.21 -69.08 -54.21
N ASP I 176 -30.71 -69.23 -52.99
CA ASP I 176 -30.84 -68.13 -52.05
C ASP I 176 -29.68 -68.12 -51.06
N VAL I 177 -29.41 -66.96 -50.49
CA VAL I 177 -28.50 -66.82 -49.37
C VAL I 177 -29.28 -66.22 -48.20
N ASN I 178 -28.68 -66.30 -47.00
CA ASN I 178 -29.37 -65.77 -45.83
C ASN I 178 -28.95 -64.33 -45.59
N ILE I 179 -28.06 -64.06 -44.64
CA ILE I 179 -27.75 -62.68 -44.31
C ILE I 179 -26.25 -62.42 -44.48
N MET I 180 -25.94 -61.13 -44.68
CA MET I 180 -24.61 -60.54 -44.77
C MET I 180 -23.74 -61.08 -45.90
N PRO I 181 -24.28 -61.32 -47.11
CA PRO I 181 -23.39 -61.63 -48.23
C PRO I 181 -22.53 -60.42 -48.58
N GLY I 182 -21.25 -60.67 -48.81
CA GLY I 182 -20.33 -59.59 -49.14
C GLY I 182 -19.91 -58.73 -47.98
N ILE I 183 -20.10 -59.20 -46.74
CA ILE I 183 -19.68 -58.42 -45.57
C ILE I 183 -18.20 -58.12 -45.65
N HIS I 184 -17.84 -56.84 -45.45
CA HIS I 184 -16.46 -56.36 -45.51
C HIS I 184 -15.80 -56.63 -46.86
N MET I 185 -16.57 -56.71 -47.93
CA MET I 185 -15.95 -56.95 -49.23
C MET I 185 -15.06 -55.78 -49.63
N ASN I 186 -13.90 -56.11 -50.21
CA ASN I 186 -13.00 -55.11 -50.79
C ASN I 186 -12.95 -55.17 -52.29
N ASN I 187 -13.05 -56.36 -52.88
CA ASN I 187 -12.98 -56.52 -54.32
C ASN I 187 -13.55 -57.88 -54.69
N GLY I 188 -13.81 -58.06 -55.98
CA GLY I 188 -14.38 -59.29 -56.49
C GLY I 188 -15.80 -59.10 -56.97
N LEU I 189 -16.47 -60.22 -57.21
CA LEU I 189 -17.84 -60.23 -57.72
C LEU I 189 -18.64 -61.32 -57.04
N ILE I 190 -19.80 -60.96 -56.49
CA ILE I 190 -20.77 -61.92 -55.98
C ILE I 190 -22.05 -61.78 -56.79
N ILE I 191 -22.54 -62.89 -57.30
CA ILE I 191 -23.82 -62.93 -57.99
C ILE I 191 -24.72 -63.90 -57.24
N ILE I 192 -25.82 -63.37 -56.71
CA ILE I 192 -26.85 -64.17 -56.05
C ILE I 192 -28.06 -64.15 -56.97
N GLU I 193 -28.40 -65.33 -57.52
CA GLU I 193 -29.50 -65.40 -58.47
C GLU I 193 -30.85 -65.49 -57.79
N GLY I 194 -30.90 -65.95 -56.56
CA GLY I 194 -32.12 -66.00 -55.77
C GLY I 194 -32.24 -64.80 -54.84
N ASN I 195 -32.74 -65.06 -53.64
CA ASN I 195 -33.09 -64.01 -52.70
C ASN I 195 -32.01 -63.81 -51.64
N VAL I 196 -32.12 -62.70 -50.92
CA VAL I 196 -31.24 -62.36 -49.80
C VAL I 196 -32.13 -61.88 -48.66
N VAL I 197 -31.91 -62.40 -47.46
CA VAL I 197 -32.74 -62.00 -46.33
C VAL I 197 -32.39 -60.58 -45.88
N ALA I 198 -31.10 -60.28 -45.71
CA ALA I 198 -30.75 -58.96 -45.18
C ALA I 198 -29.25 -58.68 -45.33
N ARG I 199 -28.93 -57.38 -45.34
CA ARG I 199 -27.57 -56.86 -45.16
C ARG I 199 -26.61 -57.30 -46.26
N ALA I 200 -27.11 -57.37 -47.49
CA ALA I 200 -26.20 -57.53 -48.61
C ALA I 200 -25.20 -56.38 -48.62
N GLY I 201 -23.91 -56.72 -48.63
CA GLY I 201 -22.86 -55.72 -48.70
C GLY I 201 -22.55 -54.96 -47.43
N GLY I 202 -22.94 -55.48 -46.26
CA GLY I 202 -22.62 -54.86 -44.99
C GLY I 202 -21.17 -54.49 -44.82
N GLU I 203 -20.90 -53.19 -44.65
CA GLU I 203 -19.56 -52.66 -44.39
C GLU I 203 -18.59 -52.94 -45.53
N MET I 204 -19.09 -53.09 -46.76
CA MET I 204 -18.19 -53.29 -47.88
C MET I 204 -17.49 -51.99 -48.25
N ALA I 205 -16.24 -52.11 -48.69
CA ALA I 205 -15.44 -50.97 -49.15
C ALA I 205 -15.31 -50.93 -50.67
N GLY I 206 -15.39 -52.07 -51.33
CA GLY I 206 -15.33 -52.14 -52.77
C GLY I 206 -15.93 -53.45 -53.25
N GLY I 207 -15.76 -53.72 -54.54
CA GLY I 207 -16.34 -54.91 -55.13
C GLY I 207 -17.76 -54.69 -55.61
N THR I 208 -18.39 -55.79 -56.04
CA THR I 208 -19.72 -55.72 -56.66
C THR I 208 -20.55 -56.94 -56.27
N ILE I 209 -21.77 -56.68 -55.82
CA ILE I 209 -22.75 -57.73 -55.51
C ILE I 209 -23.96 -57.53 -56.40
N VAL I 210 -24.38 -58.60 -57.08
CA VAL I 210 -25.57 -58.58 -57.92
C VAL I 210 -26.62 -59.52 -57.30
N VAL I 211 -27.83 -59.02 -57.15
CA VAL I 211 -28.95 -59.79 -56.63
C VAL I 211 -30.04 -59.77 -57.69
N LYS I 212 -30.34 -60.94 -58.26
CA LYS I 212 -31.38 -61.04 -59.28
C LYS I 212 -32.74 -61.33 -58.70
N GLY I 213 -32.80 -61.82 -57.47
CA GLY I 213 -34.02 -62.04 -56.73
C GLY I 213 -34.33 -60.88 -55.81
N MET I 214 -34.91 -61.20 -54.66
CA MET I 214 -35.42 -60.19 -53.73
C MET I 214 -34.55 -60.08 -52.49
N MET I 215 -34.15 -58.85 -52.17
CA MET I 215 -33.58 -58.53 -50.86
C MET I 215 -34.72 -58.08 -49.95
N GLN I 216 -34.99 -58.86 -48.89
CA GLN I 216 -36.08 -58.52 -48.00
C GLN I 216 -35.78 -57.24 -47.23
N GLU I 217 -34.54 -57.07 -46.80
CA GLU I 217 -34.11 -55.85 -46.13
C GLU I 217 -32.81 -55.38 -46.74
N PHE I 218 -32.50 -54.11 -46.55
CA PHE I 218 -31.25 -53.55 -47.03
C PHE I 218 -30.74 -52.59 -45.96
N LEU I 219 -29.83 -51.69 -46.32
CA LEU I 219 -29.04 -50.95 -45.35
C LEU I 219 -29.02 -49.47 -45.69
N ALA I 220 -29.17 -48.64 -44.65
CA ALA I 220 -29.33 -47.20 -44.83
C ALA I 220 -28.02 -46.49 -45.15
N GLY I 221 -26.88 -47.16 -45.05
CA GLY I 221 -25.61 -46.56 -45.39
C GLY I 221 -25.27 -46.57 -46.86
N PHE I 222 -26.16 -47.05 -47.71
CA PHE I 222 -25.97 -47.04 -49.15
C PHE I 222 -26.70 -45.86 -49.77
N LYS I 223 -26.08 -45.26 -50.78
CA LYS I 223 -26.73 -44.22 -51.56
C LYS I 223 -27.25 -44.78 -52.87
N TYR I 224 -28.47 -44.39 -53.22
CA TYR I 224 -29.12 -44.83 -54.44
C TYR I 224 -28.63 -43.98 -55.61
N LEU I 225 -28.14 -44.62 -56.65
CA LEU I 225 -27.65 -43.90 -57.81
C LEU I 225 -28.59 -43.98 -59.00
N GLY I 226 -29.63 -44.81 -58.94
CA GLY I 226 -30.58 -44.94 -60.01
C GLY I 226 -30.61 -46.36 -60.55
N VAL I 227 -30.89 -46.48 -61.85
CA VAL I 227 -31.04 -47.77 -62.50
C VAL I 227 -30.02 -47.88 -63.63
N GLU I 228 -29.44 -49.09 -63.75
CA GLU I 228 -28.58 -49.45 -64.86
C GLU I 228 -29.16 -50.68 -65.56
N LYS I 229 -29.13 -50.64 -66.88
CA LYS I 229 -29.56 -51.71 -67.76
C LYS I 229 -28.34 -52.32 -68.42
N ASP I 230 -28.43 -53.59 -68.81
CA ASP I 230 -27.41 -54.24 -69.64
C ASP I 230 -26.01 -54.11 -69.01
N ILE I 231 -25.89 -54.69 -67.84
CA ILE I 231 -24.69 -54.63 -67.03
C ILE I 231 -23.70 -55.72 -67.44
N GLU I 232 -22.41 -55.35 -67.52
CA GLU I 232 -21.30 -56.29 -67.71
C GLU I 232 -20.34 -56.15 -66.54
N VAL I 233 -20.17 -57.21 -65.74
CA VAL I 233 -19.29 -57.17 -64.56
C VAL I 233 -18.37 -58.39 -64.56
N ASP I 234 -17.06 -58.14 -64.46
CA ASP I 234 -16.02 -59.19 -64.37
C ASP I 234 -16.20 -60.29 -65.42
N GLY I 235 -16.43 -59.88 -66.66
CA GLY I 235 -16.57 -60.85 -67.72
C GLY I 235 -17.91 -61.54 -67.76
N GLU I 236 -18.89 -61.05 -67.01
CA GLU I 236 -20.24 -61.58 -66.99
C GLU I 236 -21.19 -60.49 -67.46
N GLU I 237 -22.03 -60.80 -68.44
CA GLU I 237 -22.98 -59.84 -69.00
C GLU I 237 -24.37 -60.14 -68.47
N LEU I 238 -25.01 -59.14 -67.86
CA LEU I 238 -26.32 -59.38 -67.28
C LEU I 238 -27.39 -58.51 -67.93
N PRO I 239 -28.39 -59.11 -68.57
CA PRO I 239 -29.52 -58.35 -69.10
C PRO I 239 -30.60 -58.14 -68.04
N GLY I 240 -31.43 -57.14 -68.31
CA GLY I 240 -32.46 -56.68 -67.40
C GLY I 240 -31.99 -55.44 -66.68
N ALA I 241 -32.86 -54.89 -65.83
CA ALA I 241 -32.55 -53.65 -65.13
C ALA I 241 -32.25 -53.92 -63.66
N PHE I 242 -31.36 -53.11 -63.11
CA PHE I 242 -30.96 -53.22 -61.70
C PHE I 242 -30.99 -51.86 -61.05
N TYR I 243 -31.58 -51.79 -59.86
CA TYR I 243 -31.35 -50.64 -58.98
C TYR I 243 -29.89 -50.66 -58.55
N LYS I 244 -29.26 -49.49 -58.57
CA LYS I 244 -27.82 -49.37 -58.31
C LYS I 244 -27.60 -48.61 -57.01
N PHE I 245 -26.82 -49.20 -56.12
CA PHE I 245 -26.51 -48.60 -54.83
C PHE I 245 -24.99 -48.57 -54.64
N GLU I 246 -24.50 -47.51 -54.01
CA GLU I 246 -23.10 -47.37 -53.67
C GLU I 246 -22.96 -47.26 -52.16
N GLY I 247 -22.04 -48.05 -51.59
CA GLY I 247 -21.76 -48.03 -50.17
C GLY I 247 -20.61 -48.98 -49.90
N ASP I 248 -20.45 -49.43 -48.65
CA ASP I 248 -21.27 -49.05 -47.51
C ASP I 248 -20.68 -47.82 -46.83
N HIS I 249 -21.42 -46.70 -46.85
CA HIS I 249 -20.84 -45.45 -46.39
C HIS I 249 -20.74 -45.36 -44.87
N ALA I 250 -21.07 -46.42 -44.14
CA ALA I 250 -20.57 -46.56 -42.79
C ALA I 250 -19.05 -46.72 -42.77
N ILE I 251 -18.46 -47.07 -43.92
CA ILE I 251 -17.02 -47.23 -44.11
C ILE I 251 -16.47 -46.00 -44.81
N LYS I 252 -15.30 -45.53 -44.39
CA LYS I 252 -14.67 -44.39 -45.03
C LYS I 252 -14.15 -44.75 -46.42
N GLY I 253 -14.41 -43.88 -47.39
CA GLY I 253 -13.95 -44.07 -48.75
C GLY I 253 -14.56 -45.23 -49.49
N ALA I 254 -15.74 -45.68 -49.07
CA ALA I 254 -16.37 -46.86 -49.64
C ALA I 254 -16.85 -46.61 -51.05
N LYS I 255 -16.54 -47.53 -51.97
CA LYS I 255 -16.99 -47.46 -53.36
C LYS I 255 -17.62 -48.76 -53.85
N GLY I 256 -18.11 -49.60 -52.94
CA GLY I 256 -18.76 -50.82 -53.35
C GLY I 256 -20.10 -50.55 -54.02
N ILE I 257 -20.57 -51.54 -54.78
CA ILE I 257 -21.79 -51.43 -55.57
C ILE I 257 -22.68 -52.63 -55.32
N VAL I 258 -23.95 -52.38 -54.97
CA VAL I 258 -24.99 -53.40 -54.97
C VAL I 258 -25.91 -53.14 -56.15
N TYR I 259 -26.08 -54.15 -57.00
CA TYR I 259 -27.11 -54.13 -58.04
C TYR I 259 -28.25 -55.03 -57.60
N ALA I 260 -29.47 -54.50 -57.65
CA ALA I 260 -30.66 -55.24 -57.27
C ALA I 260 -31.68 -55.18 -58.39
N ALA I 261 -32.20 -56.34 -58.79
CA ALA I 261 -33.11 -56.40 -59.94
C ALA I 261 -34.37 -55.59 -59.67
N VAL I 262 -34.78 -54.81 -60.66
CA VAL I 262 -35.89 -53.88 -60.48
C VAL I 262 -37.18 -54.65 -60.20
N GLY I 263 -37.37 -55.79 -60.88
CA GLY I 263 -38.63 -56.52 -60.80
C GLY I 263 -39.05 -56.87 -59.39
N CYS I 264 -38.10 -57.19 -58.52
CA CYS I 264 -38.43 -57.67 -57.18
C CYS I 264 -37.90 -56.80 -56.06
N ASN I 265 -37.51 -55.56 -56.35
CA ASN I 265 -36.86 -54.77 -55.30
C ASN I 265 -37.36 -53.34 -55.25
N GLY I 266 -38.61 -53.09 -55.68
CA GLY I 266 -39.17 -51.76 -55.60
C GLY I 266 -39.25 -51.22 -54.19
N HIS I 267 -39.43 -52.11 -53.21
CA HIS I 267 -39.47 -51.71 -51.81
C HIS I 267 -38.11 -51.29 -51.29
N ILE I 268 -37.02 -51.65 -51.98
CA ILE I 268 -35.68 -51.24 -51.58
C ILE I 268 -35.36 -49.84 -52.07
N ALA I 269 -35.88 -49.45 -53.22
CA ALA I 269 -35.59 -48.15 -53.80
C ALA I 269 -36.23 -47.02 -53.02
N PRO I 270 -35.58 -45.83 -53.00
CA PRO I 270 -36.02 -44.53 -52.34
C PRO I 270 -37.09 -43.78 -53.09
N MET J 1 -51.18 -68.69 -30.64
CA MET J 1 -50.65 -67.36 -30.91
C MET J 1 -49.18 -67.44 -31.34
N ARG J 2 -48.81 -66.70 -32.37
CA ARG J 2 -47.43 -66.62 -32.80
C ARG J 2 -46.80 -65.37 -32.21
N VAL J 3 -45.69 -65.56 -31.49
CA VAL J 3 -45.03 -64.49 -30.75
C VAL J 3 -43.53 -64.62 -30.92
N ILE J 4 -42.81 -63.60 -30.46
CA ILE J 4 -41.36 -63.58 -30.50
C ILE J 4 -40.84 -63.88 -29.10
N LEU J 5 -40.03 -64.93 -28.98
CA LEU J 5 -39.51 -65.36 -27.68
C LEU J 5 -38.13 -64.74 -27.49
N ASN J 6 -37.99 -63.98 -26.41
CA ASN J 6 -36.72 -63.39 -26.01
C ASN J 6 -36.34 -64.00 -24.67
N THR J 7 -35.04 -64.17 -24.45
CA THR J 7 -34.57 -64.84 -23.24
C THR J 7 -33.38 -64.10 -22.64
N GLY J 8 -33.20 -64.28 -21.34
CA GLY J 8 -32.07 -63.69 -20.63
C GLY J 8 -32.26 -63.73 -19.12
N ARG J 9 -31.70 -62.73 -18.45
CA ARG J 9 -31.50 -62.77 -17.01
C ARG J 9 -32.63 -62.13 -16.22
N THR J 10 -32.62 -62.41 -14.92
CA THR J 10 -33.54 -61.86 -13.94
C THR J 10 -32.86 -61.96 -12.58
N ILE J 11 -33.04 -60.95 -11.73
CA ILE J 11 -32.43 -60.98 -10.40
C ILE J 11 -32.92 -62.21 -9.65
N TRP J 12 -34.17 -62.62 -9.89
CA TRP J 12 -34.73 -63.80 -9.24
C TRP J 12 -34.13 -65.08 -9.79
N GLN J 13 -33.83 -65.13 -11.09
CA GLN J 13 -33.22 -66.34 -11.65
C GLN J 13 -31.74 -66.40 -11.30
N GLY J 14 -31.11 -65.25 -11.08
CA GLY J 14 -29.74 -65.26 -10.57
C GLY J 14 -29.66 -65.66 -9.12
N GLN J 15 -30.52 -65.08 -8.28
CA GLN J 15 -30.63 -65.52 -6.90
C GLN J 15 -30.89 -67.02 -6.84
N ALA J 16 -31.76 -67.51 -7.72
CA ALA J 16 -32.14 -68.92 -7.69
C ALA J 16 -30.98 -69.83 -8.07
N ILE J 17 -30.21 -69.48 -9.11
CA ILE J 17 -29.13 -70.37 -9.53
C ILE J 17 -28.02 -70.43 -8.49
N GLU J 18 -27.76 -69.33 -7.78
CA GLU J 18 -26.75 -69.35 -6.74
C GLU J 18 -27.29 -69.87 -5.41
N SER J 19 -28.61 -69.98 -5.28
CA SER J 19 -29.16 -70.73 -4.16
C SER J 19 -29.09 -72.23 -4.42
N GLY J 20 -29.58 -72.66 -5.58
CA GLY J 20 -29.49 -74.05 -5.99
C GLY J 20 -30.48 -74.39 -7.10
N LYS J 21 -29.99 -74.95 -8.21
CA LYS J 21 -30.88 -75.34 -9.30
C LYS J 21 -31.70 -76.58 -9.00
N ASP J 22 -31.43 -77.26 -7.88
CA ASP J 22 -32.30 -78.34 -7.43
C ASP J 22 -33.49 -77.84 -6.64
N LEU J 23 -33.54 -76.55 -6.31
CA LEU J 23 -34.58 -76.01 -5.46
C LEU J 23 -35.81 -75.60 -6.25
N LYS J 24 -36.92 -75.49 -5.53
CA LYS J 24 -38.19 -75.04 -6.10
C LYS J 24 -38.09 -73.59 -6.58
N MET J 25 -37.33 -72.78 -5.85
CA MET J 25 -37.01 -71.39 -6.15
C MET J 25 -36.65 -71.21 -7.63
N TYR J 26 -35.87 -72.15 -8.17
CA TYR J 26 -35.40 -72.06 -9.56
C TYR J 26 -36.53 -72.32 -10.55
N VAL J 27 -37.38 -73.31 -10.25
CA VAL J 27 -38.56 -73.52 -11.09
C VAL J 27 -39.44 -72.28 -11.09
N ASP J 28 -39.61 -71.66 -9.92
CA ASP J 28 -40.41 -70.45 -9.81
C ASP J 28 -39.79 -69.27 -10.55
N ALA J 29 -38.47 -69.22 -10.66
CA ALA J 29 -37.81 -68.08 -11.30
C ALA J 29 -37.54 -68.29 -12.78
N ALA J 30 -37.33 -69.53 -13.22
CA ALA J 30 -36.92 -69.79 -14.60
C ALA J 30 -37.91 -70.57 -15.44
N ALA J 31 -38.84 -71.30 -14.83
CA ALA J 31 -39.83 -72.04 -15.61
C ALA J 31 -41.10 -71.22 -15.79
N ILE J 32 -40.90 -69.99 -16.26
CA ILE J 32 -41.96 -68.99 -16.37
C ILE J 32 -41.88 -68.36 -17.75
N ILE J 33 -42.97 -67.72 -18.16
CA ILE J 33 -42.99 -66.90 -19.37
C ILE J 33 -43.61 -65.57 -19.01
N GLN J 34 -42.87 -64.49 -19.26
CA GLN J 34 -43.36 -63.14 -18.98
C GLN J 34 -44.14 -62.62 -20.17
N MET J 35 -45.30 -62.05 -19.90
CA MET J 35 -46.17 -61.52 -20.96
C MET J 35 -46.71 -60.16 -20.53
N ASN J 36 -46.93 -59.30 -21.51
CA ASN J 36 -47.67 -58.09 -21.25
C ASN J 36 -49.11 -58.45 -20.85
N PRO J 37 -49.72 -57.67 -19.96
CA PRO J 37 -51.10 -58.00 -19.55
C PRO J 37 -52.10 -58.06 -20.70
N GLU J 38 -51.97 -57.17 -21.70
CA GLU J 38 -52.89 -57.19 -22.83
C GLU J 38 -52.79 -58.50 -23.61
N MET J 39 -51.59 -59.10 -23.67
CA MET J 39 -51.47 -60.38 -24.36
C MET J 39 -52.11 -61.50 -23.56
N MET J 40 -51.98 -61.47 -22.23
CA MET J 40 -52.61 -62.48 -21.40
C MET J 40 -54.12 -62.45 -21.56
N LYS J 41 -54.72 -61.26 -21.59
CA LYS J 41 -56.16 -61.15 -21.82
C LYS J 41 -56.53 -61.67 -23.20
N GLN J 42 -55.71 -61.36 -24.21
CA GLN J 42 -55.98 -61.86 -25.56
C GLN J 42 -55.94 -63.39 -25.60
N LEU J 43 -55.03 -64.00 -24.85
CA LEU J 43 -54.95 -65.45 -24.78
C LEU J 43 -55.92 -66.05 -23.78
N GLY J 44 -56.56 -65.22 -22.95
CA GLY J 44 -57.54 -65.73 -22.01
C GLY J 44 -56.95 -66.41 -20.80
N ILE J 45 -55.79 -65.95 -20.33
CA ILE J 45 -55.11 -66.60 -19.22
C ILE J 45 -54.80 -65.57 -18.13
N ALA J 46 -54.55 -66.09 -16.94
CA ALA J 46 -54.19 -65.28 -15.78
C ALA J 46 -52.82 -65.73 -15.29
N GLU J 47 -52.17 -64.88 -14.49
CA GLU J 47 -50.90 -65.27 -13.90
C GLU J 47 -51.09 -66.51 -13.04
N GLY J 48 -50.17 -67.46 -13.16
CA GLY J 48 -50.29 -68.76 -12.55
C GLY J 48 -50.79 -69.84 -13.48
N ASP J 49 -51.45 -69.47 -14.57
CA ASP J 49 -51.82 -70.44 -15.58
C ASP J 49 -50.60 -70.85 -16.39
N ASN J 50 -50.63 -72.06 -16.93
CA ASN J 50 -49.50 -72.62 -17.65
C ASN J 50 -49.65 -72.41 -19.14
N VAL J 51 -48.51 -72.40 -19.83
CA VAL J 51 -48.44 -72.15 -21.27
C VAL J 51 -47.55 -73.20 -21.88
N LYS J 52 -47.98 -73.74 -23.03
CA LYS J 52 -47.16 -74.64 -23.82
C LYS J 52 -46.54 -73.84 -24.96
N VAL J 53 -45.21 -73.83 -25.01
CA VAL J 53 -44.46 -73.08 -26.01
C VAL J 53 -43.96 -74.07 -27.04
N ILE J 54 -44.26 -73.83 -28.31
CA ILE J 54 -43.84 -74.72 -29.39
C ILE J 54 -43.00 -73.92 -30.37
N SER J 55 -41.88 -74.50 -30.78
CA SER J 55 -41.01 -73.92 -31.79
C SER J 55 -40.65 -75.01 -32.78
N GLU J 56 -39.95 -74.60 -33.84
CA GLU J 56 -39.39 -75.57 -34.79
C GLU J 56 -38.47 -76.55 -34.09
N TYR J 57 -37.92 -76.18 -32.92
CA TYR J 57 -36.82 -76.92 -32.34
C TYR J 57 -37.19 -77.69 -31.09
N GLY J 58 -38.32 -77.37 -30.46
CA GLY J 58 -38.73 -78.12 -29.29
C GLY J 58 -40.03 -77.59 -28.73
N ASP J 59 -40.31 -77.97 -27.50
CA ASP J 59 -41.53 -77.58 -26.82
C ASP J 59 -41.28 -77.63 -25.31
N VAL J 60 -42.05 -76.85 -24.56
CA VAL J 60 -41.86 -76.74 -23.13
C VAL J 60 -43.14 -76.21 -22.51
N VAL J 61 -43.34 -76.49 -21.22
CA VAL J 61 -44.47 -75.97 -20.45
C VAL J 61 -43.92 -75.04 -19.38
N VAL J 62 -44.43 -73.81 -19.33
CA VAL J 62 -43.98 -72.79 -18.39
C VAL J 62 -45.19 -72.08 -17.81
N LYS J 63 -44.98 -71.43 -16.66
CA LYS J 63 -46.04 -70.74 -15.95
C LYS J 63 -46.08 -69.28 -16.39
N ALA J 64 -47.27 -68.81 -16.74
CA ALA J 64 -47.42 -67.43 -17.22
C ALA J 64 -47.33 -66.43 -16.07
N VAL J 65 -46.62 -65.34 -16.30
CA VAL J 65 -46.41 -64.29 -15.29
C VAL J 65 -46.46 -62.94 -15.99
N GLU J 66 -47.02 -61.94 -15.32
CA GLU J 66 -47.16 -60.60 -15.88
C GLU J 66 -45.82 -59.88 -15.84
N ALA J 67 -45.36 -59.42 -17.00
CA ALA J 67 -44.07 -58.74 -17.11
C ALA J 67 -44.10 -57.39 -16.41
N LYS J 68 -43.19 -57.20 -15.46
CA LYS J 68 -43.00 -55.92 -14.81
C LYS J 68 -42.06 -55.01 -15.59
N GLU J 69 -41.27 -55.58 -16.50
CA GLU J 69 -40.49 -54.84 -17.46
C GLU J 69 -41.22 -54.95 -18.79
N PRO J 70 -41.92 -53.91 -19.23
CA PRO J 70 -42.83 -54.06 -20.37
C PRO J 70 -42.10 -54.53 -21.62
N LEU J 71 -42.77 -55.34 -22.38
CA LEU J 71 -42.27 -55.92 -23.61
C LEU J 71 -42.86 -55.20 -24.81
N PRO J 72 -42.14 -55.18 -25.93
CA PRO J 72 -42.77 -54.73 -27.18
C PRO J 72 -43.90 -55.68 -27.51
N GLU J 73 -44.94 -55.14 -28.14
CA GLU J 73 -46.10 -55.96 -28.47
C GLU J 73 -45.68 -57.14 -29.33
N GLY J 74 -46.18 -58.32 -29.00
CA GLY J 74 -45.84 -59.54 -29.72
C GLY J 74 -44.66 -60.30 -29.18
N MET J 75 -44.03 -59.83 -28.11
CA MET J 75 -42.84 -60.45 -27.56
C MET J 75 -43.14 -61.03 -26.19
N VAL J 76 -42.47 -62.15 -25.88
CA VAL J 76 -42.54 -62.78 -24.57
C VAL J 76 -41.11 -63.03 -24.10
N TYR J 77 -40.97 -63.25 -22.80
CA TYR J 77 -39.67 -63.38 -22.16
C TYR J 77 -39.68 -64.64 -21.30
N ILE J 78 -38.78 -65.56 -21.59
CA ILE J 78 -38.49 -66.70 -20.73
C ILE J 78 -37.06 -66.56 -20.23
N PRO J 79 -36.83 -66.57 -18.92
CA PRO J 79 -35.46 -66.46 -18.40
C PRO J 79 -34.57 -67.59 -18.90
N MET J 80 -33.29 -67.30 -19.02
CA MET J 80 -32.31 -68.32 -19.41
C MET J 80 -32.42 -69.52 -18.47
N GLY J 81 -32.32 -70.71 -19.05
CA GLY J 81 -32.45 -71.92 -18.30
C GLY J 81 -32.86 -73.07 -19.20
N PRO J 82 -33.01 -74.26 -18.61
CA PRO J 82 -33.30 -75.44 -19.44
C PRO J 82 -34.68 -75.42 -20.07
N TRP J 83 -35.64 -74.71 -19.47
CA TRP J 83 -36.95 -74.58 -20.09
C TRP J 83 -36.89 -73.72 -21.35
N ALA J 84 -36.33 -72.51 -21.24
CA ALA J 84 -36.13 -71.67 -22.42
C ALA J 84 -35.33 -72.40 -23.48
N ASN J 85 -34.32 -73.16 -23.06
CA ASN J 85 -33.45 -73.81 -24.01
C ASN J 85 -34.05 -75.10 -24.55
N ARG J 86 -35.28 -75.44 -24.15
CA ARG J 86 -36.05 -76.47 -24.85
C ARG J 86 -36.50 -76.00 -26.23
N VAL J 87 -36.64 -74.69 -26.43
CA VAL J 87 -37.35 -74.18 -27.60
C VAL J 87 -36.54 -73.20 -28.45
N ILE J 88 -35.48 -72.58 -27.95
CA ILE J 88 -34.78 -71.56 -28.73
C ILE J 88 -33.96 -72.19 -29.86
N ARG J 89 -33.39 -71.35 -30.72
CA ARG J 89 -32.75 -71.81 -31.95
C ARG J 89 -31.32 -72.26 -31.69
N PRO J 90 -30.96 -73.52 -31.96
CA PRO J 90 -29.63 -74.02 -31.59
C PRO J 90 -28.50 -73.61 -32.54
N TYR J 91 -28.82 -73.42 -33.82
CA TYR J 91 -27.78 -73.20 -34.81
C TYR J 91 -26.98 -71.94 -34.50
N THR J 92 -25.68 -72.00 -34.78
CA THR J 92 -24.75 -70.94 -34.40
C THR J 92 -24.31 -70.09 -35.58
N ASP J 93 -24.76 -70.41 -36.80
CA ASP J 93 -24.35 -69.71 -38.00
C ASP J 93 -22.82 -69.71 -38.14
N SER J 94 -22.22 -70.82 -37.73
CA SER J 94 -20.76 -71.02 -37.77
C SER J 94 -20.02 -69.97 -36.95
N THR J 95 -20.59 -69.58 -35.81
CA THR J 95 -19.91 -68.71 -34.87
C THR J 95 -19.63 -69.37 -33.53
N ALA J 96 -20.21 -70.55 -33.28
CA ALA J 96 -20.24 -71.34 -32.05
C ALA J 96 -21.32 -70.87 -31.08
N THR J 97 -21.94 -69.70 -31.30
CA THR J 97 -22.91 -69.15 -30.35
C THR J 97 -24.33 -69.38 -30.85
N PRO J 98 -25.16 -70.11 -30.11
CA PRO J 98 -26.56 -70.32 -30.54
C PRO J 98 -27.36 -69.03 -30.53
N SER J 99 -28.56 -69.10 -31.13
CA SER J 99 -29.48 -67.96 -31.19
C SER J 99 -30.45 -68.04 -30.00
N PHE J 100 -29.97 -67.59 -28.84
CA PHE J 100 -30.76 -67.64 -27.62
C PHE J 100 -31.90 -66.64 -27.58
N LYS J 101 -31.93 -65.65 -28.47
CA LYS J 101 -32.85 -64.53 -28.35
C LYS J 101 -33.63 -64.30 -29.64
N ASN J 102 -34.92 -63.99 -29.48
CA ASN J 102 -35.80 -63.51 -30.53
C ASN J 102 -36.15 -64.60 -31.53
N ILE J 103 -36.92 -65.59 -31.08
CA ILE J 103 -37.20 -66.81 -31.83
C ILE J 103 -38.71 -66.89 -32.03
N PRO J 104 -39.21 -67.11 -33.25
CA PRO J 104 -40.65 -67.29 -33.45
C PRO J 104 -41.14 -68.57 -32.80
N VAL J 105 -42.12 -68.44 -31.91
CA VAL J 105 -42.70 -69.58 -31.22
C VAL J 105 -44.22 -69.48 -31.26
N GLU J 106 -44.87 -70.61 -31.01
CA GLU J 106 -46.31 -70.68 -30.89
C GLU J 106 -46.67 -70.96 -29.43
N ILE J 107 -47.51 -70.12 -28.85
CA ILE J 107 -47.92 -70.28 -27.46
C ILE J 107 -49.42 -70.54 -27.41
N ILE J 108 -49.81 -71.37 -26.45
CA ILE J 108 -51.17 -71.88 -26.31
C ILE J 108 -51.39 -72.14 -24.83
N PRO J 109 -52.59 -71.88 -24.28
CA PRO J 109 -52.85 -72.28 -22.90
C PRO J 109 -52.86 -73.79 -22.75
N THR J 110 -52.52 -74.27 -21.55
CA THR J 110 -52.47 -75.70 -21.31
C THR J 110 -52.72 -75.99 -19.84
N ASP J 111 -53.36 -77.13 -19.59
CA ASP J 111 -53.52 -77.65 -18.24
C ASP J 111 -52.42 -78.63 -17.85
N GLU J 112 -51.51 -78.95 -18.75
CA GLU J 112 -50.35 -79.76 -18.38
C GLU J 112 -49.54 -79.07 -17.29
N GLU J 113 -48.72 -79.86 -16.62
CA GLU J 113 -47.94 -79.41 -15.48
C GLU J 113 -46.56 -78.94 -15.91
N VAL J 114 -46.02 -77.98 -15.16
CA VAL J 114 -44.63 -77.60 -15.31
C VAL J 114 -43.74 -78.72 -14.80
N LEU J 115 -42.80 -79.14 -15.63
CA LEU J 115 -41.85 -80.16 -15.23
C LEU J 115 -40.77 -79.53 -14.35
N ASP J 116 -40.49 -80.16 -13.20
CA ASP J 116 -39.39 -79.68 -12.38
C ASP J 116 -38.06 -80.03 -13.05
N MET J 117 -36.96 -79.62 -12.41
CA MET J 117 -35.66 -79.67 -13.07
C MET J 117 -35.23 -81.09 -13.43
N PRO J 118 -35.17 -82.05 -12.50
CA PRO J 118 -34.70 -83.38 -12.90
C PRO J 118 -35.64 -84.08 -13.87
N THR J 119 -36.95 -83.82 -13.77
CA THR J 119 -37.90 -84.43 -14.70
C THR J 119 -37.71 -83.87 -16.10
N LEU J 120 -37.48 -82.56 -16.22
CA LEU J 120 -37.27 -81.96 -17.53
C LEU J 120 -36.10 -82.59 -18.26
N MET J 121 -35.01 -82.87 -17.53
CA MET J 121 -33.79 -83.39 -18.17
C MET J 121 -33.98 -84.79 -18.74
N LYS J 122 -34.94 -85.57 -18.19
CA LYS J 122 -35.12 -86.95 -18.65
C LYS J 122 -35.60 -86.99 -20.09
N VAL J 123 -36.21 -85.91 -20.57
CA VAL J 123 -36.66 -85.85 -21.97
C VAL J 123 -35.49 -86.08 -22.91
N TYR J 124 -34.27 -85.74 -22.50
CA TYR J 124 -33.09 -85.96 -23.33
C TYR J 124 -32.57 -87.39 -23.23
N GLY J 125 -33.05 -88.18 -22.25
CA GLY J 125 -32.80 -89.61 -22.21
C GLY J 125 -31.36 -90.03 -21.99
N LYS J 126 -30.76 -89.56 -20.91
CA LYS J 126 -29.35 -89.86 -20.63
C LYS J 126 -29.14 -91.35 -20.43
N VAL J 127 -28.25 -91.93 -21.22
CA VAL J 127 -27.82 -93.32 -21.07
C VAL J 127 -26.46 -93.32 -20.39
N GLY J 128 -26.31 -94.16 -19.37
CA GLY J 128 -25.07 -94.20 -18.63
C GLY J 128 -23.92 -94.78 -19.41
N GLN J 129 -22.72 -94.39 -19.02
CA GLN J 129 -21.47 -94.89 -19.60
C GLN J 129 -20.27 -94.55 -18.72
N ALA K 2 -46.13 -38.88 9.66
CA ALA K 2 -45.28 -38.02 8.83
C ALA K 2 -44.73 -38.82 7.66
N ILE K 3 -44.25 -38.11 6.63
CA ILE K 3 -43.55 -38.74 5.52
C ILE K 3 -42.17 -39.17 5.99
N GLY K 4 -41.78 -40.41 5.64
CA GLY K 4 -40.49 -40.93 6.04
C GLY K 4 -40.02 -41.99 5.06
N LEU K 5 -38.78 -42.43 5.27
CA LEU K 5 -38.18 -43.46 4.44
C LEU K 5 -38.66 -44.84 4.88
N LYS K 6 -39.04 -45.67 3.88
CA LYS K 6 -39.59 -47.02 3.99
C LYS K 6 -38.84 -47.89 3.01
N ALA K 7 -38.32 -49.02 3.47
CA ALA K 7 -37.65 -49.96 2.59
C ALA K 7 -38.60 -51.13 2.31
N TYR K 8 -38.56 -51.62 1.06
CA TYR K 8 -39.28 -52.83 0.66
C TYR K 8 -38.24 -53.86 0.22
N PRO K 9 -37.56 -54.51 1.18
CA PRO K 9 -36.47 -55.43 0.79
C PRO K 9 -36.90 -56.59 -0.10
N GLU K 10 -38.17 -57.01 -0.04
CA GLU K 10 -38.58 -58.15 -0.86
C GLU K 10 -38.55 -57.82 -2.36
N LEU K 11 -38.60 -56.54 -2.72
CA LEU K 11 -38.48 -56.11 -4.10
C LEU K 11 -37.07 -55.69 -4.46
N CYS K 12 -36.18 -55.63 -3.47
CA CYS K 12 -34.87 -55.02 -3.62
C CYS K 12 -33.91 -55.90 -4.40
N HIS K 13 -33.05 -55.26 -5.21
CA HIS K 13 -32.01 -55.94 -5.96
C HIS K 13 -30.66 -55.91 -5.28
N GLY K 14 -30.50 -55.09 -4.24
CA GLY K 14 -29.19 -54.88 -3.64
C GLY K 14 -28.25 -54.08 -4.52
N CYS K 15 -28.78 -53.36 -5.51
CA CYS K 15 -27.90 -52.82 -6.55
C CYS K 15 -27.05 -51.68 -6.03
N GLY K 16 -27.51 -50.97 -5.00
CA GLY K 16 -26.72 -49.93 -4.37
C GLY K 16 -26.89 -48.53 -4.92
N ASN K 17 -27.80 -48.31 -5.86
CA ASN K 17 -27.94 -46.97 -6.43
C ASN K 17 -28.34 -45.95 -5.37
N CYS K 18 -29.31 -46.32 -4.51
CA CYS K 18 -29.78 -45.37 -3.50
C CYS K 18 -28.68 -45.02 -2.51
N VAL K 19 -27.93 -46.03 -2.05
CA VAL K 19 -26.86 -45.78 -1.09
C VAL K 19 -25.85 -44.79 -1.64
N ILE K 20 -25.48 -44.95 -2.92
CA ILE K 20 -24.48 -44.06 -3.50
C ILE K 20 -25.10 -42.68 -3.79
N ALA K 21 -26.35 -42.65 -4.25
CA ALA K 21 -26.96 -41.39 -4.65
C ALA K 21 -27.21 -40.46 -3.48
N CYS K 22 -27.49 -41.02 -2.31
CA CYS K 22 -27.82 -40.24 -1.12
C CYS K 22 -26.72 -39.26 -0.73
N PRO K 23 -27.02 -37.97 -0.63
CA PRO K 23 -25.97 -37.00 -0.26
C PRO K 23 -25.50 -37.14 1.18
N VAL K 24 -26.39 -37.50 2.10
CA VAL K 24 -25.96 -37.70 3.48
C VAL K 24 -24.92 -38.82 3.54
N ASN K 25 -25.21 -39.95 2.88
CA ASN K 25 -24.23 -41.03 2.81
C ASN K 25 -22.95 -40.57 2.15
N ALA K 26 -23.06 -39.87 1.02
CA ALA K 26 -21.87 -39.40 0.30
C ALA K 26 -21.00 -38.52 1.19
N LEU K 27 -21.61 -37.54 1.86
CA LEU K 27 -20.85 -36.64 2.72
C LEU K 27 -20.15 -37.41 3.84
N ARG K 28 -20.78 -38.49 4.30
CA ARG K 28 -20.26 -39.20 5.46
C ARG K 28 -19.22 -40.26 5.12
N SER K 29 -19.23 -40.79 3.91
CA SER K 29 -18.30 -41.85 3.52
C SER K 29 -17.73 -41.57 2.14
N PRO K 30 -16.45 -41.18 2.04
CA PRO K 30 -15.85 -40.99 0.69
C PRO K 30 -15.93 -42.22 -0.20
N GLU K 31 -15.89 -43.43 0.37
CA GLU K 31 -16.05 -44.63 -0.46
C GLU K 31 -17.45 -44.70 -1.07
N VAL K 32 -18.48 -44.34 -0.28
CA VAL K 32 -19.84 -44.31 -0.81
C VAL K 32 -19.99 -43.19 -1.82
N ALA K 33 -19.43 -42.01 -1.54
CA ALA K 33 -19.46 -40.92 -2.51
C ALA K 33 -18.85 -41.35 -3.84
N GLY K 34 -17.82 -42.19 -3.79
CA GLY K 34 -17.19 -42.68 -4.99
C GLY K 34 -17.78 -43.99 -5.48
N GLY K 35 -18.98 -44.34 -5.02
CA GLY K 35 -19.68 -45.47 -5.58
C GLY K 35 -19.38 -46.82 -4.97
N LYS K 36 -18.54 -46.90 -3.94
CA LYS K 36 -18.23 -48.17 -3.30
C LYS K 36 -19.11 -48.37 -2.08
N GLY K 37 -19.33 -49.64 -1.73
CA GLY K 37 -19.87 -49.97 -0.44
C GLY K 37 -18.87 -49.60 0.63
N PRO K 38 -19.35 -49.23 1.82
CA PRO K 38 -18.44 -48.84 2.89
C PRO K 38 -17.62 -50.04 3.39
N THR K 39 -16.31 -49.81 3.53
CA THR K 39 -15.42 -50.76 4.22
C THR K 39 -15.06 -50.27 5.61
N ASP K 40 -14.64 -49.02 5.71
CA ASP K 40 -14.52 -48.35 7.01
C ASP K 40 -15.86 -48.36 7.72
N ASP K 41 -15.84 -48.43 9.06
CA ASP K 41 -17.08 -48.32 9.80
C ASP K 41 -17.59 -46.90 9.75
N VAL K 42 -18.84 -46.73 9.35
CA VAL K 42 -19.47 -45.43 9.21
C VAL K 42 -20.91 -45.55 9.70
N GLU K 43 -21.47 -44.43 10.14
CA GLU K 43 -22.89 -44.37 10.41
C GLU K 43 -23.55 -43.61 9.26
N ILE K 44 -24.33 -44.32 8.46
CA ILE K 44 -25.03 -43.74 7.34
C ILE K 44 -26.49 -44.18 7.39
N ILE K 45 -27.28 -43.63 6.47
CA ILE K 45 -28.73 -43.80 6.55
C ILE K 45 -29.12 -45.25 6.23
N MET K 46 -28.62 -45.79 5.12
CA MET K 46 -28.94 -47.17 4.78
C MET K 46 -27.75 -47.81 4.08
N ILE K 47 -27.74 -49.15 4.11
CA ILE K 47 -26.72 -49.96 3.46
C ILE K 47 -27.41 -51.11 2.74
N VAL K 48 -26.67 -51.76 1.84
CA VAL K 48 -27.08 -53.06 1.35
C VAL K 48 -26.47 -54.10 2.28
N GLU K 49 -27.33 -54.89 2.91
CA GLU K 49 -26.88 -55.90 3.86
C GLU K 49 -27.70 -57.16 3.61
N ASP K 50 -27.02 -58.30 3.60
CA ASP K 50 -27.60 -59.56 3.16
C ASP K 50 -28.35 -59.40 1.84
N GLY K 51 -27.76 -58.64 0.92
CA GLY K 51 -28.26 -58.56 -0.44
C GLY K 51 -29.37 -57.58 -0.67
N VAL K 52 -29.84 -56.88 0.38
CA VAL K 52 -30.99 -55.99 0.27
C VAL K 52 -30.71 -54.72 1.05
N VAL K 53 -31.46 -53.67 0.70
CA VAL K 53 -31.30 -52.38 1.35
C VAL K 53 -31.76 -52.46 2.81
N ASN K 54 -31.03 -51.79 3.70
CA ASN K 54 -31.23 -51.93 5.13
C ASN K 54 -31.03 -50.56 5.77
N ILE K 55 -32.11 -50.01 6.33
CA ILE K 55 -32.08 -48.66 6.89
C ILE K 55 -31.50 -48.74 8.30
N LYS K 56 -30.41 -47.99 8.53
CA LYS K 56 -29.69 -48.02 9.80
C LYS K 56 -29.85 -46.77 10.64
N ASN K 57 -30.02 -45.60 10.03
CA ASN K 57 -30.11 -44.33 10.74
C ASN K 57 -31.16 -43.45 10.09
N PRO K 58 -32.45 -43.80 10.26
CA PRO K 58 -33.51 -43.02 9.60
C PRO K 58 -33.59 -41.57 10.07
N ASP K 59 -33.04 -41.24 11.23
CA ASP K 59 -33.11 -39.86 11.72
C ASP K 59 -32.28 -38.90 10.89
N LEU K 60 -31.24 -39.38 10.20
CA LEU K 60 -30.43 -38.47 9.38
C LEU K 60 -31.05 -38.23 8.01
N CYS K 61 -32.13 -38.93 7.67
CA CYS K 61 -32.79 -38.76 6.39
C CYS K 61 -33.52 -37.42 6.33
N GLY K 62 -33.20 -36.61 5.33
CA GLY K 62 -33.88 -35.35 5.11
C GLY K 62 -35.01 -35.40 4.11
N LYS K 63 -35.38 -36.59 3.66
CA LYS K 63 -36.49 -36.80 2.71
C LYS K 63 -36.38 -35.90 1.49
N CYS K 64 -35.20 -35.88 0.88
CA CYS K 64 -35.03 -35.04 -0.29
C CYS K 64 -35.59 -35.70 -1.55
N GLY K 65 -35.54 -37.03 -1.62
CA GLY K 65 -36.12 -37.78 -2.73
C GLY K 65 -35.14 -38.32 -3.74
N THR K 66 -33.83 -38.10 -3.54
CA THR K 66 -32.86 -38.52 -4.53
C THR K 66 -32.81 -40.03 -4.66
N CYS K 67 -32.78 -40.73 -3.52
CA CYS K 67 -32.78 -42.19 -3.54
C CYS K 67 -33.94 -42.74 -4.33
N VAL K 68 -35.13 -42.17 -4.14
CA VAL K 68 -36.33 -42.65 -4.82
C VAL K 68 -36.16 -42.54 -6.33
N GLU K 69 -35.68 -41.38 -6.80
CA GLU K 69 -35.50 -41.20 -8.23
C GLU K 69 -34.55 -42.23 -8.82
N SER K 70 -33.59 -42.72 -8.04
CA SER K 70 -32.54 -43.60 -8.52
C SER K 70 -32.93 -45.08 -8.48
N CYS K 71 -33.98 -45.45 -7.77
CA CYS K 71 -34.41 -46.84 -7.71
C CYS K 71 -35.42 -47.14 -8.81
N PRO K 72 -35.13 -48.08 -9.72
CA PRO K 72 -36.11 -48.38 -10.77
C PRO K 72 -37.24 -49.31 -10.34
N VAL K 73 -37.11 -50.02 -9.22
CA VAL K 73 -38.11 -51.02 -8.84
C VAL K 73 -38.88 -50.59 -7.60
N ASP K 74 -38.82 -49.31 -7.25
CA ASP K 74 -39.59 -48.73 -6.16
C ASP K 74 -39.46 -49.55 -4.87
N ALA K 75 -38.22 -49.97 -4.58
CA ALA K 75 -37.93 -50.73 -3.37
C ALA K 75 -37.59 -49.83 -2.18
N ILE K 76 -37.36 -48.54 -2.41
CA ILE K 76 -37.17 -47.57 -1.34
C ILE K 76 -38.03 -46.35 -1.68
N ARG K 77 -38.73 -45.82 -0.68
CA ARG K 77 -39.80 -44.86 -0.90
C ARG K 77 -39.85 -43.82 0.22
N LEU K 78 -40.54 -42.74 -0.08
CA LEU K 78 -40.95 -41.74 0.89
C LEU K 78 -42.47 -41.78 0.98
N GLU K 79 -42.99 -42.23 2.12
CA GLU K 79 -44.43 -42.34 2.32
C GLU K 79 -44.75 -42.13 3.79
N GLU K 80 -46.06 -42.20 4.10
CA GLU K 80 -46.53 -42.06 5.46
C GLU K 80 -45.93 -43.15 6.35
N LEU K 81 -45.37 -42.72 7.48
CA LEU K 81 -44.77 -43.62 8.46
C LEU K 81 -43.51 -44.23 7.85
N GLU L 2 -67.57 -22.30 14.93
CA GLU L 2 -68.23 -22.98 13.81
C GLU L 2 -67.37 -22.91 12.56
N THR L 3 -66.07 -23.16 12.71
CA THR L 3 -65.16 -23.18 11.58
C THR L 3 -65.33 -24.48 10.79
N THR L 4 -64.84 -24.46 9.55
CA THR L 4 -64.99 -25.58 8.64
C THR L 4 -63.71 -25.76 7.84
N GLU L 5 -63.47 -26.98 7.35
CA GLU L 5 -62.37 -27.23 6.43
C GLU L 5 -62.85 -28.17 5.32
N VAL L 6 -62.81 -27.66 4.09
CA VAL L 6 -63.18 -28.42 2.90
C VAL L 6 -61.91 -28.80 2.17
N ILE L 7 -61.76 -30.08 1.85
CA ILE L 7 -60.59 -30.55 1.09
C ILE L 7 -61.09 -31.01 -0.28
N GLU L 8 -60.66 -30.29 -1.32
CA GLU L 8 -61.01 -30.56 -2.70
C GLU L 8 -59.73 -30.96 -3.44
N GLY L 9 -59.57 -32.25 -3.70
CA GLY L 9 -58.34 -32.68 -4.33
C GLY L 9 -57.19 -32.50 -3.36
N LYS L 10 -56.19 -31.72 -3.77
CA LYS L 10 -55.10 -31.36 -2.89
C LYS L 10 -55.23 -29.95 -2.31
N ASN L 11 -56.29 -29.22 -2.67
CA ASN L 11 -56.50 -27.88 -2.14
C ASN L 11 -57.26 -27.93 -0.81
N ILE L 12 -57.06 -26.89 -0.01
CA ILE L 12 -57.61 -26.80 1.34
C ILE L 12 -58.30 -25.46 1.51
N THR L 13 -59.55 -25.49 1.96
CA THR L 13 -60.30 -24.28 2.29
C THR L 13 -60.74 -24.34 3.73
N VAL L 14 -60.31 -23.37 4.53
CA VAL L 14 -60.75 -23.21 5.91
C VAL L 14 -61.64 -21.97 5.96
N GLU L 15 -62.87 -22.15 6.43
CA GLU L 15 -63.88 -21.09 6.45
C GLU L 15 -64.55 -21.01 7.81
N ARG L 16 -64.82 -19.78 8.26
CA ARG L 16 -65.63 -19.51 9.43
C ARG L 16 -66.73 -18.53 9.05
N THR L 17 -67.96 -18.82 9.46
CA THR L 17 -69.11 -17.98 9.18
C THR L 17 -69.46 -17.09 10.38
N GLY L 18 -70.18 -16.02 10.09
CA GLY L 18 -70.53 -15.02 11.08
C GLY L 18 -70.79 -13.70 10.39
N GLU L 19 -71.01 -12.67 11.23
CA GLU L 19 -71.19 -11.33 10.70
C GLU L 19 -70.08 -10.98 9.73
N GLU L 20 -68.85 -11.39 10.05
CA GLU L 20 -67.72 -11.32 9.14
C GLU L 20 -67.40 -12.75 8.68
N ASN L 21 -67.55 -13.00 7.39
CA ASN L 21 -67.22 -14.30 6.81
C ASN L 21 -65.74 -14.32 6.43
N ARG L 22 -65.01 -15.29 6.95
CA ARG L 22 -63.59 -15.45 6.67
C ARG L 22 -63.35 -16.77 5.97
N ARG L 23 -62.43 -16.78 5.01
CA ARG L 23 -62.10 -18.02 4.35
C ARG L 23 -60.66 -18.02 3.85
N LEU L 24 -59.90 -19.03 4.22
CA LEU L 24 -58.50 -19.18 3.86
C LEU L 24 -58.40 -20.29 2.82
N ILE L 25 -57.94 -19.94 1.62
CA ILE L 25 -57.89 -20.88 0.50
C ILE L 25 -56.44 -21.21 0.20
N PHE L 26 -56.12 -22.50 0.15
CA PHE L 26 -54.79 -22.97 -0.22
C PHE L 26 -54.84 -23.71 -1.54
N GLN L 27 -54.01 -23.28 -2.49
CA GLN L 27 -53.93 -23.89 -3.82
C GLN L 27 -52.62 -24.67 -3.93
N ASP L 28 -52.73 -26.00 -3.81
CA ASP L 28 -51.56 -26.87 -3.83
C ASP L 28 -50.67 -26.62 -5.04
N CYS L 29 -51.26 -26.45 -6.23
CA CYS L 29 -50.47 -26.34 -7.46
C CYS L 29 -49.55 -25.11 -7.45
N LEU L 30 -49.88 -24.08 -6.68
CA LEU L 30 -49.06 -22.88 -6.61
C LEU L 30 -48.01 -22.93 -5.50
N CYS L 31 -48.06 -23.93 -4.63
CA CYS L 31 -47.18 -23.98 -3.47
C CYS L 31 -45.79 -24.49 -3.83
N ALA L 32 -44.76 -23.72 -3.46
CA ALA L 32 -43.37 -24.09 -3.68
C ALA L 32 -42.75 -24.78 -2.46
N VAL L 33 -43.53 -25.01 -1.41
CA VAL L 33 -43.11 -25.74 -0.21
C VAL L 33 -41.90 -25.07 0.43
N CYS L 34 -41.90 -23.73 0.48
CA CYS L 34 -40.77 -23.04 1.08
C CYS L 34 -40.83 -23.04 2.61
N GLY L 35 -42.02 -23.18 3.19
CA GLY L 35 -42.15 -23.31 4.64
C GLY L 35 -42.50 -22.02 5.37
N LEU L 36 -42.49 -20.88 4.68
CA LEU L 36 -42.64 -19.60 5.36
C LEU L 36 -43.97 -19.48 6.10
N CYS L 37 -45.05 -20.05 5.54
CA CYS L 37 -46.34 -19.97 6.22
C CYS L 37 -46.29 -20.65 7.57
N GLY L 38 -45.66 -21.82 7.64
CA GLY L 38 -45.58 -22.55 8.90
C GLY L 38 -44.81 -21.79 9.95
N GLU L 39 -43.76 -21.08 9.54
CA GLU L 39 -42.94 -20.33 10.49
C GLU L 39 -43.67 -19.11 11.05
N ILE L 40 -44.37 -18.38 10.19
CA ILE L 40 -45.00 -17.13 10.63
C ILE L 40 -46.26 -17.40 11.45
N CYS L 41 -46.86 -18.57 11.32
CA CYS L 41 -48.15 -18.83 11.93
C CYS L 41 -48.09 -18.63 13.45
N PRO L 42 -48.83 -17.67 13.99
CA PRO L 42 -48.75 -17.41 15.43
C PRO L 42 -49.23 -18.56 16.31
N VAL L 43 -50.17 -19.38 15.84
CA VAL L 43 -50.74 -20.47 16.63
C VAL L 43 -50.25 -21.84 16.17
N SER L 44 -49.19 -21.90 15.35
CA SER L 44 -48.65 -23.14 14.81
C SER L 44 -49.73 -24.06 14.24
N ALA L 45 -50.60 -23.47 13.42
CA ALA L 45 -51.69 -24.21 12.79
C ALA L 45 -51.28 -24.90 11.49
N ILE L 46 -50.10 -24.60 10.95
CA ILE L 46 -49.66 -25.11 9.66
C ILE L 46 -48.51 -26.10 9.87
N GLU L 47 -48.58 -27.22 9.17
CA GLU L 47 -47.50 -28.19 9.04
C GLU L 47 -47.12 -28.33 7.58
N VAL L 48 -45.84 -28.13 7.27
CA VAL L 48 -45.35 -28.16 5.89
C VAL L 48 -44.55 -29.44 5.71
N ASN L 49 -44.93 -30.22 4.70
CA ASN L 49 -44.25 -31.48 4.40
C ASN L 49 -42.86 -31.22 3.82
N PRO L 50 -41.98 -32.23 3.82
CA PRO L 50 -40.60 -32.01 3.34
C PRO L 50 -40.55 -31.49 1.92
N THR L 51 -39.77 -30.42 1.73
CA THR L 51 -39.72 -29.73 0.45
C THR L 51 -39.29 -30.67 -0.68
N GLY L 52 -38.13 -31.33 -0.51
CA GLY L 52 -37.64 -32.21 -1.56
C GLY L 52 -38.63 -33.29 -1.95
N ALA L 53 -39.17 -34.00 -0.96
CA ALA L 53 -40.10 -35.09 -1.23
C ALA L 53 -41.33 -34.61 -2.02
N MET L 54 -41.87 -33.44 -1.67
CA MET L 54 -43.07 -32.96 -2.34
C MET L 54 -42.79 -32.52 -3.77
N VAL L 55 -41.54 -32.18 -4.09
CA VAL L 55 -41.18 -31.72 -5.44
C VAL L 55 -40.67 -32.87 -6.31
N ARG L 56 -39.91 -33.81 -5.74
CA ARG L 56 -39.24 -34.83 -6.54
C ARG L 56 -39.99 -36.15 -6.63
N THR L 57 -40.97 -36.39 -5.76
CA THR L 57 -41.65 -37.67 -5.69
C THR L 57 -43.16 -37.51 -5.77
N GLU L 58 -43.82 -38.59 -6.17
CA GLU L 58 -45.27 -38.63 -6.18
C GLU L 58 -45.80 -38.82 -4.77
N GLN L 59 -46.75 -37.98 -4.39
CA GLN L 59 -47.36 -38.01 -3.07
C GLN L 59 -48.83 -37.67 -3.26
N GLU L 60 -49.70 -38.32 -2.48
CA GLU L 60 -51.11 -37.94 -2.49
C GLU L 60 -51.41 -36.83 -1.50
N LYS L 61 -50.54 -36.65 -0.50
CA LYS L 61 -50.78 -35.62 0.50
C LYS L 61 -50.61 -34.24 -0.10
N SER L 62 -51.31 -33.27 0.47
CA SER L 62 -51.05 -31.88 0.13
C SER L 62 -49.69 -31.46 0.68
N LYS L 63 -49.17 -30.38 0.12
CA LYS L 63 -47.86 -29.89 0.56
C LYS L 63 -47.90 -29.36 1.99
N ILE L 64 -49.03 -28.80 2.42
CA ILE L 64 -49.17 -28.33 3.79
C ILE L 64 -50.43 -28.95 4.39
N ALA L 65 -50.52 -28.87 5.72
CA ALA L 65 -51.74 -29.19 6.45
C ALA L 65 -52.07 -28.02 7.36
N ILE L 66 -53.35 -27.64 7.39
CA ILE L 66 -53.83 -26.55 8.25
C ILE L 66 -54.82 -27.12 9.25
N ASP L 67 -54.62 -26.79 10.52
CA ASP L 67 -55.49 -27.29 11.59
C ASP L 67 -56.65 -26.32 11.79
N GLU L 68 -57.87 -26.80 11.53
CA GLU L 68 -59.08 -25.99 11.76
C GLU L 68 -59.12 -25.46 13.18
N ASN L 69 -58.84 -26.33 14.16
CA ASN L 69 -59.16 -26.03 15.55
C ASN L 69 -58.21 -24.99 16.13
N LYS L 70 -57.02 -24.84 15.55
CA LYS L 70 -56.04 -23.86 16.02
C LYS L 70 -56.06 -22.57 15.21
N CYS L 71 -56.42 -22.65 13.94
CA CYS L 71 -56.38 -21.50 13.05
C CYS L 71 -57.31 -20.38 13.51
N VAL L 72 -56.74 -19.18 13.68
CA VAL L 72 -57.51 -18.00 14.08
C VAL L 72 -57.81 -17.10 12.88
N LEU L 73 -57.50 -17.56 11.68
CA LEU L 73 -57.76 -16.84 10.42
C LEU L 73 -57.32 -15.37 10.50
N CYS L 74 -56.06 -15.15 10.88
CA CYS L 74 -55.53 -13.80 10.88
C CYS L 74 -54.95 -13.40 9.53
N GLY L 75 -54.48 -14.36 8.74
CA GLY L 75 -54.01 -14.08 7.40
C GLY L 75 -52.54 -13.72 7.26
N MET L 76 -51.72 -13.99 8.28
CA MET L 76 -50.29 -13.72 8.14
C MET L 76 -49.65 -14.65 7.12
N CYS L 77 -50.03 -15.93 7.15
CA CYS L 77 -49.50 -16.87 6.17
C CYS L 77 -49.85 -16.43 4.76
N SER L 78 -51.08 -15.95 4.57
CA SER L 78 -51.49 -15.43 3.27
C SER L 78 -50.67 -14.21 2.87
N SER L 79 -50.38 -13.32 3.83
CA SER L 79 -49.63 -12.11 3.52
C SER L 79 -48.19 -12.44 3.12
N ILE L 80 -47.55 -13.35 3.84
CA ILE L 80 -46.14 -13.62 3.61
C ILE L 80 -45.89 -14.44 2.34
N CYS L 81 -46.84 -15.30 1.94
CA CYS L 81 -46.63 -16.28 0.88
C CYS L 81 -46.14 -15.63 -0.41
N PRO L 82 -44.89 -15.89 -0.80
CA PRO L 82 -44.37 -15.27 -2.04
C PRO L 82 -44.95 -15.87 -3.31
N PHE L 83 -45.67 -16.97 -3.23
CA PHE L 83 -46.13 -17.69 -4.41
C PHE L 83 -47.63 -17.63 -4.59
N GLN L 84 -48.33 -16.81 -3.79
CA GLN L 84 -49.77 -16.58 -3.89
C GLN L 84 -50.56 -17.87 -3.72
N ALA L 85 -50.01 -18.84 -3.01
CA ALA L 85 -50.69 -20.12 -2.81
C ALA L 85 -51.68 -20.10 -1.65
N LEU L 86 -51.65 -19.05 -0.82
CA LEU L 86 -52.56 -18.89 0.30
C LEU L 86 -53.26 -17.55 0.17
N ASP L 87 -54.59 -17.56 0.17
CA ASP L 87 -55.38 -16.35 0.03
C ASP L 87 -56.45 -16.35 1.12
N LEU L 88 -56.41 -15.33 1.97
CA LEU L 88 -57.48 -15.15 2.95
C LEU L 88 -58.48 -14.16 2.38
N GLN L 89 -59.76 -14.50 2.47
CA GLN L 89 -60.84 -13.67 1.95
C GLN L 89 -61.75 -13.29 3.10
N ILE L 90 -62.22 -12.04 3.11
CA ILE L 90 -63.08 -11.51 4.16
C ILE L 90 -64.30 -10.87 3.51
N ASP L 91 -65.49 -11.43 3.77
CA ASP L 91 -66.77 -10.90 3.23
C ASP L 91 -66.63 -10.80 1.74
N GLY L 92 -66.43 -12.00 1.23
CA GLY L 92 -65.39 -12.35 0.30
C GLY L 92 -64.47 -11.47 -0.54
N THR L 93 -63.68 -10.58 0.07
CA THR L 93 -62.71 -9.80 -0.69
C THR L 93 -61.34 -10.20 -0.20
N SER L 94 -60.40 -10.41 -1.13
CA SER L 94 -59.11 -10.95 -0.73
C SER L 94 -58.28 -9.86 -0.06
N ILE L 95 -57.47 -10.26 0.93
CA ILE L 95 -56.90 -9.25 1.80
C ILE L 95 -55.91 -8.38 1.05
N LYS L 96 -55.42 -8.84 -0.11
CA LYS L 96 -54.49 -8.02 -0.87
C LYS L 96 -55.15 -6.72 -1.32
N GLU L 97 -56.47 -6.67 -1.44
CA GLU L 97 -57.15 -5.40 -1.71
C GLU L 97 -57.58 -4.64 -0.46
N LEU L 98 -57.39 -5.18 0.74
CA LEU L 98 -57.78 -4.49 1.97
C LEU L 98 -56.57 -3.82 2.59
N ALA L 99 -56.65 -2.50 2.77
CA ALA L 99 -55.53 -1.75 3.33
C ALA L 99 -55.29 -2.05 4.79
N GLU L 100 -56.31 -2.55 5.51
CA GLU L 100 -56.12 -2.93 6.90
C GLU L 100 -55.05 -4.02 7.04
N TYR L 101 -54.88 -4.86 6.02
CA TYR L 101 -53.97 -5.99 6.10
C TYR L 101 -52.64 -5.65 5.46
N PRO L 102 -51.53 -5.81 6.18
CA PRO L 102 -50.21 -5.54 5.59
C PRO L 102 -49.96 -6.42 4.36
N LYS L 103 -49.35 -5.81 3.35
CA LYS L 103 -49.09 -6.48 2.08
C LYS L 103 -47.61 -6.43 1.76
N ILE L 104 -47.08 -7.54 1.25
CA ILE L 104 -45.70 -7.59 0.81
C ILE L 104 -45.55 -6.80 -0.48
N ILE L 105 -44.47 -6.03 -0.59
CA ILE L 105 -44.30 -5.10 -1.71
C ILE L 105 -43.41 -5.75 -2.75
N LYS L 106 -43.95 -5.85 -3.97
CA LYS L 106 -43.31 -6.51 -5.09
C LYS L 106 -44.01 -6.02 -6.35
N SER L 107 -43.33 -6.17 -7.49
CA SER L 107 -43.94 -5.76 -8.75
C SER L 107 -43.17 -6.38 -9.91
N ALA L 108 -43.86 -6.48 -11.05
CA ALA L 108 -43.28 -7.00 -12.29
C ALA L 108 -44.02 -6.33 -13.43
N GLU L 109 -43.32 -5.57 -14.26
CA GLU L 109 -43.96 -4.75 -15.27
C GLU L 109 -43.17 -4.79 -16.57
N ILE L 110 -43.89 -4.66 -17.68
CA ILE L 110 -43.31 -4.58 -19.02
C ILE L 110 -43.80 -3.30 -19.66
N ASP L 111 -42.86 -2.45 -20.11
CA ASP L 111 -43.21 -1.26 -20.87
C ASP L 111 -43.51 -1.70 -22.31
N ASP L 112 -44.79 -1.72 -22.67
CA ASP L 112 -45.20 -2.29 -23.94
C ASP L 112 -44.77 -1.42 -25.12
N GLU L 113 -44.54 -0.13 -24.91
CA GLU L 113 -44.01 0.71 -25.98
C GLU L 113 -42.55 0.41 -26.28
N THR L 114 -41.78 0.04 -25.25
CA THR L 114 -40.39 -0.31 -25.42
C THR L 114 -40.25 -1.73 -25.97
N CYS L 115 -41.12 -2.62 -25.50
CA CYS L 115 -41.14 -4.02 -25.91
C CYS L 115 -41.20 -4.19 -27.43
N ILE L 116 -40.35 -5.07 -27.95
CA ILE L 116 -40.31 -5.37 -29.38
C ILE L 116 -40.75 -6.80 -29.67
N GLN L 117 -41.32 -7.49 -28.67
CA GLN L 117 -41.95 -8.80 -28.87
C GLN L 117 -40.95 -9.88 -29.27
N CYS L 118 -39.75 -9.84 -28.69
CA CYS L 118 -38.76 -10.87 -29.03
C CYS L 118 -39.06 -12.20 -28.33
N LYS L 119 -39.83 -12.18 -27.24
CA LYS L 119 -40.31 -13.34 -26.49
C LYS L 119 -39.27 -14.04 -25.64
N ALA L 120 -38.10 -13.44 -25.42
CA ALA L 120 -37.10 -14.07 -24.56
C ALA L 120 -37.62 -14.26 -23.14
N CYS L 121 -38.36 -13.27 -22.63
CA CYS L 121 -38.86 -13.34 -21.25
C CYS L 121 -39.91 -14.43 -21.09
N GLU L 122 -40.78 -14.60 -22.09
CA GLU L 122 -41.71 -15.72 -22.09
C GLU L 122 -40.97 -17.04 -21.92
N THR L 123 -39.89 -17.21 -22.68
CA THR L 123 -39.07 -18.42 -22.56
C THR L 123 -38.37 -18.49 -21.22
N ALA L 124 -37.85 -17.36 -20.73
CA ALA L 124 -37.01 -17.37 -19.55
C ALA L 124 -37.80 -17.56 -18.25
N CYS L 125 -39.06 -17.15 -18.23
CA CYS L 125 -39.87 -17.14 -17.01
C CYS L 125 -39.97 -18.52 -16.37
N PRO L 126 -39.39 -18.72 -15.19
CA PRO L 126 -39.43 -20.06 -14.58
C PRO L 126 -40.82 -20.50 -14.16
N GLN L 127 -41.80 -19.59 -14.13
CA GLN L 127 -43.16 -19.90 -13.71
C GLN L 127 -44.16 -19.86 -14.86
N ASP L 128 -43.72 -19.63 -16.10
CA ASP L 128 -44.60 -19.45 -17.25
C ASP L 128 -45.67 -18.38 -16.98
N ALA L 129 -45.25 -17.30 -16.32
CA ALA L 129 -46.18 -16.23 -15.97
C ALA L 129 -46.43 -15.24 -17.10
N ILE L 130 -45.60 -15.22 -18.13
CA ILE L 130 -45.66 -14.21 -19.19
C ILE L 130 -46.31 -14.80 -20.43
N THR L 131 -47.22 -14.04 -21.05
CA THR L 131 -47.68 -14.30 -22.40
C THR L 131 -47.26 -13.13 -23.28
N ILE L 132 -46.55 -13.42 -24.36
CA ILE L 132 -46.14 -12.44 -25.35
C ILE L 132 -46.73 -12.84 -26.69
N THR L 133 -47.51 -11.96 -27.29
CA THR L 133 -48.05 -12.17 -28.62
C THR L 133 -47.32 -11.30 -29.64
N ARG L 134 -47.26 -11.78 -30.88
CA ARG L 134 -46.76 -10.97 -31.97
C ARG L 134 -47.39 -11.40 -33.28
N GLU L 135 -47.74 -10.43 -34.10
CA GLU L 135 -48.35 -10.66 -35.41
C GLU L 135 -47.32 -10.30 -36.49
N LEU L 136 -46.80 -11.32 -37.15
CA LEU L 136 -45.82 -11.10 -38.21
C LEU L 136 -46.53 -10.75 -39.51
N PRO L 137 -45.85 -10.10 -40.45
CA PRO L 137 -46.47 -9.86 -41.76
C PRO L 137 -46.65 -11.15 -42.51
N GLU L 138 -47.59 -11.13 -43.45
CA GLU L 138 -47.74 -12.26 -44.36
C GLU L 138 -46.56 -12.33 -45.32
N ARG L 139 -46.22 -13.57 -45.71
CA ARG L 139 -45.08 -13.82 -46.58
C ARG L 139 -45.21 -13.07 -47.90
N LYS L 140 -46.40 -13.14 -48.51
CA LYS L 140 -46.67 -12.45 -49.76
C LYS L 140 -46.25 -10.98 -49.71
N ASP L 141 -46.37 -10.33 -48.56
CA ASP L 141 -46.11 -8.90 -48.43
C ASP L 141 -44.62 -8.56 -48.27
N LEU L 142 -43.75 -9.55 -48.13
CA LEU L 142 -42.32 -9.30 -48.02
C LEU L 142 -41.60 -9.66 -49.30
N VAL L 143 -42.34 -9.81 -50.39
CA VAL L 143 -41.73 -10.39 -51.57
C VAL L 143 -42.50 -9.82 -52.78
N THR L 144 -41.85 -9.73 -53.94
CA THR L 144 -42.55 -9.22 -55.13
C THR L 144 -42.11 -9.94 -56.40
N GLY L 145 -43.07 -10.21 -57.29
CA GLY L 145 -42.75 -10.80 -58.58
C GLY L 145 -44.01 -11.12 -59.36
N GLU L 146 -43.79 -11.59 -60.59
CA GLU L 146 -44.85 -12.11 -61.44
C GLU L 146 -44.55 -13.58 -61.76
N ILE L 147 -45.57 -14.41 -61.81
CA ILE L 147 -45.39 -15.79 -62.21
C ILE L 147 -46.68 -16.33 -62.81
N GLU L 148 -46.57 -16.95 -63.98
CA GLU L 148 -47.69 -17.59 -64.63
C GLU L 148 -47.19 -18.79 -65.42
N ILE L 149 -47.99 -19.85 -65.44
CA ILE L 149 -47.63 -21.10 -66.12
C ILE L 149 -48.59 -21.31 -67.29
N ASP L 150 -48.03 -21.49 -68.48
CA ASP L 150 -48.80 -21.80 -69.68
C ASP L 150 -49.16 -23.27 -69.68
N LYS L 151 -50.42 -23.57 -69.38
CA LYS L 151 -50.85 -24.96 -69.20
C LYS L 151 -50.93 -25.73 -70.51
N ASP L 152 -51.06 -25.04 -71.64
CA ASP L 152 -51.04 -25.73 -72.93
C ASP L 152 -49.63 -26.19 -73.28
N THR L 153 -48.63 -25.36 -72.99
CA THR L 153 -47.24 -25.79 -73.19
C THR L 153 -46.83 -26.84 -72.18
N CYS L 154 -47.37 -26.75 -70.96
CA CYS L 154 -47.02 -27.67 -69.88
C CYS L 154 -47.28 -29.11 -70.26
N ILE L 155 -46.31 -29.98 -70.00
CA ILE L 155 -46.42 -31.41 -70.24
C ILE L 155 -46.58 -32.21 -68.96
N TYR L 156 -46.66 -31.53 -67.81
CA TYR L 156 -46.94 -32.17 -66.52
C TYR L 156 -45.86 -33.18 -66.14
N CYS L 157 -44.60 -32.80 -66.32
CA CYS L 157 -43.51 -33.68 -65.92
C CYS L 157 -43.26 -33.65 -64.43
N GLY L 158 -43.81 -32.69 -63.69
CA GLY L 158 -43.68 -32.65 -62.25
C GLY L 158 -42.39 -32.06 -61.72
N MET L 159 -41.44 -31.68 -62.59
CA MET L 159 -40.13 -31.25 -62.09
C MET L 159 -40.22 -29.95 -61.30
N CYS L 160 -41.08 -29.02 -61.71
CA CYS L 160 -41.21 -27.77 -60.95
C CYS L 160 -41.86 -28.01 -59.60
N GLU L 161 -42.90 -28.85 -59.58
CA GLU L 161 -43.57 -29.18 -58.32
C GLU L 161 -42.60 -29.79 -57.33
N GLU L 162 -41.72 -30.67 -57.81
CA GLU L 162 -40.72 -31.29 -56.94
C GLU L 162 -39.71 -30.26 -56.45
N MET L 163 -39.20 -29.42 -57.35
CA MET L 163 -38.11 -28.50 -57.01
C MET L 163 -38.58 -27.28 -56.21
N CYS L 164 -39.86 -26.90 -56.30
CA CYS L 164 -40.34 -25.71 -55.62
C CYS L 164 -40.05 -25.80 -54.13
N PRO L 165 -39.19 -24.93 -53.58
CA PRO L 165 -38.75 -25.11 -52.19
C PRO L 165 -39.81 -24.72 -51.17
N VAL L 166 -40.90 -24.09 -51.58
CA VAL L 166 -41.97 -23.73 -50.66
C VAL L 166 -43.29 -24.42 -51.01
N ASP L 167 -43.24 -25.45 -51.87
CA ASP L 167 -44.44 -26.18 -52.30
C ASP L 167 -45.55 -25.23 -52.77
N ALA L 168 -45.16 -24.23 -53.57
CA ALA L 168 -46.15 -23.29 -54.10
C ALA L 168 -46.86 -23.80 -55.34
N ILE L 169 -46.29 -24.75 -56.05
CA ILE L 169 -46.88 -25.26 -57.27
C ILE L 169 -47.67 -26.52 -56.94
N GLU L 170 -48.86 -26.63 -57.53
CA GLU L 170 -49.74 -27.77 -57.30
C GLU L 170 -50.17 -28.32 -58.64
N ILE L 171 -50.09 -29.63 -58.81
CA ILE L 171 -50.49 -30.30 -60.03
C ILE L 171 -51.63 -31.25 -59.69
N ASP L 172 -52.70 -31.21 -60.49
CA ASP L 172 -53.85 -32.10 -60.29
C ASP L 172 -53.58 -33.40 -61.04
N HIS L 173 -52.75 -34.24 -60.42
CA HIS L 173 -52.42 -35.55 -60.97
C HIS L 173 -53.67 -36.43 -61.03
N GLN L 174 -53.64 -37.39 -61.96
CA GLN L 174 -54.68 -38.40 -62.04
C GLN L 174 -54.13 -39.61 -62.78
N THR L 175 -54.82 -40.73 -62.62
CA THR L 175 -54.59 -41.87 -63.50
C THR L 175 -55.37 -41.66 -64.80
N PRO L 176 -54.75 -41.84 -65.96
CA PRO L 176 -55.49 -41.64 -67.20
C PRO L 176 -56.60 -42.67 -67.37
N SER L 177 -57.61 -42.27 -68.12
CA SER L 177 -58.67 -43.16 -68.58
C SER L 177 -58.88 -42.88 -70.06
N SER L 178 -59.59 -43.79 -70.74
CA SER L 178 -59.88 -43.56 -72.15
C SER L 178 -60.72 -42.32 -72.36
N ALA L 179 -61.54 -41.94 -71.37
CA ALA L 179 -62.30 -40.70 -71.46
C ALA L 179 -61.41 -39.48 -71.22
N SER L 180 -60.44 -39.59 -70.32
CA SER L 180 -59.54 -38.48 -69.97
C SER L 180 -58.10 -38.97 -70.04
N PRO L 181 -57.49 -39.08 -71.32
CA PRO L 181 -56.16 -39.67 -71.50
C PRO L 181 -55.02 -38.69 -71.21
N VAL L 182 -54.97 -38.19 -69.98
CA VAL L 182 -53.93 -37.26 -69.55
C VAL L 182 -53.51 -37.63 -68.14
N VAL L 183 -52.26 -37.30 -67.80
CA VAL L 183 -51.72 -37.61 -66.48
C VAL L 183 -51.96 -36.49 -65.48
N ALA L 184 -52.54 -35.37 -65.90
CA ALA L 184 -52.90 -34.28 -65.00
C ALA L 184 -53.87 -33.35 -65.72
N THR L 185 -54.73 -32.71 -64.94
CA THR L 185 -55.78 -31.86 -65.51
C THR L 185 -55.56 -30.38 -65.26
N ASP L 186 -54.62 -30.00 -64.40
CA ASP L 186 -54.41 -28.59 -64.09
C ASP L 186 -53.08 -28.43 -63.38
N ILE L 187 -52.57 -27.20 -63.39
CA ILE L 187 -51.37 -26.82 -62.65
C ILE L 187 -51.55 -25.38 -62.19
N ARG L 188 -51.13 -25.10 -60.96
CA ARG L 188 -51.36 -23.80 -60.35
C ARG L 188 -50.16 -23.38 -59.52
N VAL L 189 -49.96 -22.07 -59.40
CA VAL L 189 -48.98 -21.48 -58.49
C VAL L 189 -49.74 -20.74 -57.40
N ASP L 190 -49.42 -21.04 -56.14
CA ASP L 190 -50.00 -20.34 -55.01
C ASP L 190 -49.10 -19.17 -54.66
N GLU L 191 -49.48 -17.98 -55.11
CA GLU L 191 -48.65 -16.80 -54.92
C GLU L 191 -48.64 -16.32 -53.47
N ASP L 192 -49.54 -16.82 -52.63
CA ASP L 192 -49.38 -16.59 -51.19
C ASP L 192 -48.15 -17.29 -50.64
N LYS L 193 -47.64 -18.30 -51.33
CA LYS L 193 -46.47 -19.04 -50.89
C LYS L 193 -45.22 -18.73 -51.71
N CYS L 194 -45.38 -18.48 -53.01
CA CYS L 194 -44.26 -18.21 -53.90
C CYS L 194 -43.40 -17.06 -53.37
N VAL L 195 -42.08 -17.29 -53.33
CA VAL L 195 -41.11 -16.27 -52.95
C VAL L 195 -40.22 -15.88 -54.12
N HIS L 196 -40.58 -16.28 -55.34
CA HIS L 196 -39.94 -15.81 -56.57
C HIS L 196 -38.44 -16.10 -56.59
N CYS L 197 -38.07 -17.35 -56.30
CA CYS L 197 -36.66 -17.72 -56.34
C CYS L 197 -36.18 -18.07 -57.75
N GLY L 198 -37.09 -18.43 -58.66
CA GLY L 198 -36.73 -18.69 -60.04
C GLY L 198 -36.42 -20.14 -60.38
N ILE L 199 -36.46 -21.04 -59.40
CA ILE L 199 -36.04 -22.42 -59.64
C ILE L 199 -36.93 -23.09 -60.67
N CYS L 200 -38.25 -22.94 -60.53
CA CYS L 200 -39.19 -23.64 -61.41
C CYS L 200 -38.93 -23.30 -62.88
N LYS L 201 -38.77 -22.01 -63.17
CA LYS L 201 -38.57 -21.58 -64.56
C LYS L 201 -37.27 -22.11 -65.12
N ARG L 202 -36.22 -22.23 -64.30
CA ARG L 202 -34.95 -22.77 -64.80
C ARG L 202 -35.02 -24.27 -65.04
N ILE L 203 -35.83 -25.00 -64.27
CA ILE L 203 -35.90 -26.44 -64.43
C ILE L 203 -36.89 -26.87 -65.50
N CYS L 204 -37.83 -26.00 -65.88
CA CYS L 204 -38.89 -26.34 -66.81
C CYS L 204 -38.34 -26.83 -68.15
N PRO L 205 -38.64 -28.07 -68.56
CA PRO L 205 -38.05 -28.60 -69.80
C PRO L 205 -38.62 -27.99 -71.07
N VAL L 206 -39.77 -27.33 -71.01
CA VAL L 206 -40.39 -26.78 -72.21
C VAL L 206 -40.62 -25.27 -72.10
N ASP L 207 -39.97 -24.61 -71.13
CA ASP L 207 -40.08 -23.17 -70.93
C ASP L 207 -41.54 -22.72 -70.91
N ALA L 208 -42.34 -23.38 -70.07
CA ALA L 208 -43.76 -23.07 -69.93
C ALA L 208 -44.04 -22.09 -68.81
N ILE L 209 -43.03 -21.70 -68.04
CA ILE L 209 -43.20 -20.85 -66.86
C ILE L 209 -42.57 -19.50 -67.15
N MET L 210 -43.34 -18.43 -67.01
CA MET L 210 -42.82 -17.08 -67.05
C MET L 210 -42.70 -16.59 -65.61
N GLN L 211 -41.50 -16.14 -65.23
CA GLN L 211 -41.33 -15.72 -63.85
C GLN L 211 -40.33 -14.57 -63.82
N VAL L 212 -40.71 -13.50 -63.12
CA VAL L 212 -39.90 -12.30 -62.97
C VAL L 212 -39.87 -11.93 -61.50
N CYS L 213 -38.70 -11.66 -60.96
CA CYS L 213 -38.58 -11.20 -59.58
C CYS L 213 -38.35 -9.69 -59.59
N ARG L 214 -39.11 -8.98 -58.77
CA ARG L 214 -39.06 -7.53 -58.72
C ARG L 214 -38.42 -7.00 -57.44
N ILE L 215 -37.95 -7.88 -56.55
CA ILE L 215 -37.56 -7.47 -55.20
C ILE L 215 -36.55 -6.33 -55.24
N CYS L 216 -35.43 -6.54 -55.94
CA CYS L 216 -34.37 -5.52 -55.88
C CYS L 216 -34.77 -4.22 -56.57
N PRO L 217 -35.29 -4.21 -57.80
CA PRO L 217 -35.63 -2.90 -58.39
C PRO L 217 -36.84 -2.22 -57.76
N TYR L 218 -37.89 -2.96 -57.41
CA TYR L 218 -39.14 -2.34 -56.92
C TYR L 218 -39.40 -2.57 -55.44
N GLY L 219 -38.48 -3.19 -54.71
CA GLY L 219 -38.72 -3.50 -53.31
C GLY L 219 -38.97 -2.28 -52.46
N GLU L 220 -38.37 -1.15 -52.83
CA GLU L 220 -38.58 0.07 -52.05
C GLU L 220 -40.05 0.48 -52.02
N TYR L 221 -40.79 0.22 -53.10
CA TYR L 221 -42.14 0.70 -53.27
C TYR L 221 -43.20 -0.36 -53.04
N GLU L 222 -43.00 -1.57 -53.56
CA GLU L 222 -43.96 -2.67 -53.44
C GLU L 222 -43.86 -3.47 -52.15
N ILE L 223 -42.75 -3.46 -51.42
CA ILE L 223 -42.61 -4.21 -50.16
C ILE L 223 -42.64 -3.22 -49.00
N LYS L 224 -43.68 -3.31 -48.17
CA LYS L 224 -43.80 -2.40 -47.02
C LYS L 224 -42.84 -2.83 -45.92
N THR L 225 -42.22 -1.84 -45.30
CA THR L 225 -41.34 -2.07 -44.16
C THR L 225 -42.09 -2.87 -43.09
N PRO L 226 -41.50 -3.93 -42.54
CA PRO L 226 -42.21 -4.74 -41.55
C PRO L 226 -42.35 -3.96 -40.25
N GLU L 227 -43.56 -3.92 -39.72
CA GLU L 227 -43.81 -3.34 -38.39
C GLU L 227 -44.62 -4.32 -37.58
N VAL L 228 -43.96 -4.90 -36.58
CA VAL L 228 -44.41 -6.09 -35.88
C VAL L 228 -45.10 -5.65 -34.59
N THR L 229 -46.37 -6.00 -34.46
CA THR L 229 -47.16 -5.64 -33.30
C THR L 229 -47.39 -6.85 -32.40
N GLY L 230 -47.82 -6.54 -31.19
CA GLY L 230 -48.18 -7.54 -30.20
C GLY L 230 -48.24 -6.86 -28.85
N THR L 231 -48.52 -7.67 -27.83
CA THR L 231 -48.60 -7.14 -26.47
C THR L 231 -48.05 -8.15 -25.48
N SER L 232 -48.11 -7.79 -24.20
CA SER L 232 -47.57 -8.57 -23.12
C SER L 232 -48.59 -8.73 -22.00
N TYR L 233 -48.41 -9.78 -21.21
CA TYR L 233 -49.24 -10.03 -20.04
C TYR L 233 -48.45 -10.82 -19.01
N ILE L 234 -48.39 -10.30 -17.79
CA ILE L 234 -47.76 -10.97 -16.66
C ILE L 234 -48.86 -11.42 -15.71
N ASP L 235 -49.01 -12.73 -15.55
CA ASP L 235 -49.99 -13.30 -14.64
C ASP L 235 -49.60 -13.02 -13.19
N PRO L 236 -50.35 -12.19 -12.45
CA PRO L 236 -49.86 -11.78 -11.12
C PRO L 236 -49.84 -12.89 -10.09
N GLU L 237 -50.58 -13.99 -10.26
CA GLU L 237 -50.51 -15.03 -9.26
C GLU L 237 -49.42 -16.05 -9.58
N LEU L 238 -49.19 -16.33 -10.86
CA LEU L 238 -48.06 -17.20 -11.17
C LEU L 238 -46.73 -16.47 -10.98
N CYS L 239 -46.73 -15.16 -11.16
CA CYS L 239 -45.52 -14.37 -11.07
C CYS L 239 -44.98 -14.32 -9.64
N VAL L 240 -43.65 -14.39 -9.53
CA VAL L 240 -42.97 -14.54 -8.25
C VAL L 240 -41.84 -13.54 -8.05
N ASN L 241 -41.56 -12.71 -9.05
CA ASN L 241 -40.60 -11.60 -8.95
C ASN L 241 -39.14 -12.08 -8.82
N CYS L 242 -38.78 -13.12 -9.57
CA CYS L 242 -37.37 -13.50 -9.62
C CYS L 242 -36.55 -12.50 -10.42
N GLY L 243 -37.14 -11.89 -11.44
CA GLY L 243 -36.46 -10.89 -12.24
C GLY L 243 -35.80 -11.38 -13.50
N TRP L 244 -36.00 -12.66 -13.87
CA TRP L 244 -35.39 -13.20 -15.08
C TRP L 244 -35.73 -12.37 -16.30
N CYS L 245 -37.00 -11.94 -16.42
CA CYS L 245 -37.44 -11.15 -17.56
C CYS L 245 -36.67 -9.84 -17.62
N GLN L 246 -36.56 -9.15 -16.49
CA GLN L 246 -35.77 -7.93 -16.43
C GLN L 246 -34.35 -8.14 -16.95
N GLU L 247 -33.71 -9.24 -16.55
CA GLU L 247 -32.31 -9.43 -16.89
C GLU L 247 -32.12 -9.97 -18.30
N ILE L 248 -33.08 -10.74 -18.81
CA ILE L 248 -32.97 -11.30 -20.15
C ILE L 248 -33.37 -10.32 -21.24
N CYS L 249 -34.13 -9.28 -20.89
CA CYS L 249 -34.72 -8.40 -21.89
C CYS L 249 -33.66 -7.62 -22.64
N PRO L 250 -33.58 -7.75 -23.98
CA PRO L 250 -32.54 -7.02 -24.72
C PRO L 250 -32.77 -5.52 -24.79
N VAL L 251 -33.98 -5.02 -24.51
CA VAL L 251 -34.23 -3.59 -24.59
C VAL L 251 -34.67 -3.01 -23.24
N ASP L 252 -34.41 -3.73 -22.15
CA ASP L 252 -34.72 -3.28 -20.78
C ASP L 252 -36.14 -2.75 -20.65
N ALA L 253 -37.09 -3.48 -21.24
CA ALA L 253 -38.50 -3.08 -21.15
C ALA L 253 -39.19 -3.65 -19.93
N ALA L 254 -38.55 -4.58 -19.21
CA ALA L 254 -39.15 -5.24 -18.06
C ALA L 254 -38.46 -4.79 -16.77
N THR L 255 -39.26 -4.54 -15.74
CA THR L 255 -38.78 -4.07 -14.45
C THR L 255 -39.43 -4.87 -13.34
N VAL L 256 -38.62 -5.31 -12.38
CA VAL L 256 -39.08 -6.16 -11.29
C VAL L 256 -38.52 -5.63 -9.98
N THR L 257 -39.35 -5.60 -8.94
CA THR L 257 -38.91 -5.33 -7.58
C THR L 257 -39.32 -6.49 -6.69
N LYS L 258 -38.45 -6.83 -5.73
CA LYS L 258 -38.61 -8.03 -4.92
C LYS L 258 -39.03 -7.71 -3.50
N PRO L 259 -39.65 -8.68 -2.82
CA PRO L 259 -40.11 -8.44 -1.43
C PRO L 259 -39.01 -8.57 -0.39
N PHE L 260 -38.10 -9.51 -0.56
CA PHE L 260 -37.10 -9.80 0.47
C PHE L 260 -35.71 -9.43 -0.02
N GLU L 261 -34.89 -8.97 0.92
CA GLU L 261 -33.46 -8.77 0.72
C GLU L 261 -32.70 -9.73 1.64
N GLY L 262 -31.61 -10.30 1.12
CA GLY L 262 -30.87 -11.28 1.89
C GLY L 262 -29.62 -11.72 1.16
N GLU L 263 -29.10 -12.88 1.55
CA GLU L 263 -28.01 -13.54 0.83
C GLU L 263 -28.21 -15.05 0.77
N LEU L 264 -27.51 -15.63 -0.20
CA LEU L 264 -27.37 -17.07 -0.38
C LEU L 264 -25.94 -17.45 -0.01
N ILE L 265 -25.80 -18.53 0.76
CA ILE L 265 -24.49 -19.02 1.17
C ILE L 265 -24.44 -20.51 0.89
N ILE L 266 -23.43 -20.94 0.14
CA ILE L 266 -23.28 -22.31 -0.29
C ILE L 266 -21.92 -22.82 0.16
N ASP L 267 -21.89 -24.02 0.74
CA ASP L 267 -20.63 -24.69 1.09
C ASP L 267 -20.40 -25.78 0.05
N GLN L 268 -19.51 -25.50 -0.90
CA GLN L 268 -19.28 -26.40 -2.02
C GLN L 268 -18.79 -27.78 -1.57
N ASP L 269 -18.08 -27.87 -0.45
CA ASP L 269 -17.56 -29.17 -0.03
C ASP L 269 -18.60 -30.00 0.71
N THR L 270 -19.51 -29.36 1.44
CA THR L 270 -20.62 -30.09 2.06
C THR L 270 -21.58 -30.60 1.00
N CYS L 271 -21.81 -29.80 -0.03
CA CYS L 271 -22.67 -30.17 -1.15
C CYS L 271 -22.19 -31.45 -1.83
N GLN L 272 -23.11 -32.40 -2.03
CA GLN L 272 -22.84 -33.64 -2.74
C GLN L 272 -23.60 -33.73 -4.05
N ALA L 273 -24.18 -32.62 -4.51
CA ALA L 273 -24.73 -32.49 -5.85
C ALA L 273 -25.87 -33.48 -6.10
N CYS L 274 -26.75 -33.67 -5.12
CA CYS L 274 -27.89 -34.55 -5.34
C CYS L 274 -28.94 -33.92 -6.24
N GLU L 275 -28.83 -32.62 -6.53
CA GLU L 275 -29.64 -31.81 -7.45
C GLU L 275 -30.99 -31.40 -6.86
N THR L 276 -31.27 -31.71 -5.59
CA THR L 276 -32.58 -31.40 -5.01
C THR L 276 -32.87 -29.90 -5.06
N CYS L 277 -31.97 -29.09 -4.51
CA CYS L 277 -32.23 -27.65 -4.46
C CYS L 277 -32.37 -27.06 -5.85
N VAL L 278 -31.61 -27.58 -6.81
CA VAL L 278 -31.71 -27.10 -8.19
C VAL L 278 -33.12 -27.32 -8.72
N MET L 279 -33.67 -28.52 -8.47
CA MET L 279 -35.02 -28.84 -8.91
C MET L 279 -36.07 -28.09 -8.09
N VAL L 280 -35.77 -27.83 -6.81
CA VAL L 280 -36.71 -27.17 -5.92
C VAL L 280 -36.83 -25.68 -6.25
N CYS L 281 -35.72 -25.03 -6.60
CA CYS L 281 -35.67 -23.58 -6.79
C CYS L 281 -36.75 -23.12 -7.75
N PRO L 282 -37.75 -22.38 -7.26
CA PRO L 282 -38.81 -21.88 -8.15
C PRO L 282 -38.39 -20.70 -9.01
N CYS L 283 -37.22 -20.09 -8.76
CA CYS L 283 -36.74 -18.96 -9.54
C CYS L 283 -35.57 -19.31 -10.46
N ASN L 284 -35.18 -20.58 -10.51
CA ASN L 284 -34.08 -21.07 -11.36
C ASN L 284 -32.77 -20.35 -11.00
N VAL L 285 -32.51 -20.22 -9.71
CA VAL L 285 -31.30 -19.55 -9.24
C VAL L 285 -30.10 -20.49 -9.33
N LEU L 286 -30.32 -21.79 -9.16
CA LEU L 286 -29.26 -22.75 -8.92
C LEU L 286 -29.06 -23.62 -10.15
N SER L 287 -27.82 -23.94 -10.46
CA SER L 287 -27.54 -24.74 -11.65
C SER L 287 -26.26 -25.52 -11.49
N PHE L 288 -26.10 -26.53 -12.34
CA PHE L 288 -24.90 -27.34 -12.45
C PHE L 288 -24.23 -26.99 -13.77
N PRO L 289 -23.28 -26.04 -13.78
CA PRO L 289 -22.61 -25.70 -15.04
C PRO L 289 -21.90 -26.91 -15.64
N LYS L 290 -22.11 -27.13 -16.93
CA LYS L 290 -21.37 -28.16 -17.64
C LYS L 290 -20.01 -27.61 -18.07
N PRO L 291 -18.93 -28.37 -17.88
CA PRO L 291 -17.61 -27.88 -18.31
C PRO L 291 -17.56 -27.72 -19.81
N GLU L 292 -16.90 -26.65 -20.25
CA GLU L 292 -16.89 -26.33 -21.67
C GLU L 292 -15.89 -27.20 -22.45
N LYS L 293 -14.67 -27.37 -21.93
CA LYS L 293 -13.72 -28.24 -22.60
C LYS L 293 -13.32 -29.42 -21.69
N PRO L 294 -12.87 -30.53 -22.29
CA PRO L 294 -12.46 -31.69 -21.49
C PRO L 294 -11.31 -31.37 -20.56
N GLY L 295 -11.37 -31.94 -19.35
CA GLY L 295 -10.39 -31.71 -18.32
C GLY L 295 -10.69 -30.53 -17.43
N GLU L 296 -11.59 -29.66 -17.87
CA GLU L 296 -11.99 -28.51 -17.08
C GLU L 296 -12.91 -28.91 -15.94
N LYS L 297 -12.82 -28.15 -14.86
CA LYS L 297 -13.69 -28.35 -13.72
C LYS L 297 -14.50 -27.08 -13.49
N THR L 298 -15.66 -27.25 -12.87
CA THR L 298 -16.62 -26.17 -12.68
C THR L 298 -17.00 -26.13 -11.22
N THR L 299 -17.54 -25.01 -10.77
CA THR L 299 -18.02 -24.94 -9.39
C THR L 299 -19.21 -25.88 -9.24
N LYS L 300 -19.19 -26.65 -8.14
CA LYS L 300 -20.14 -27.75 -7.97
C LYS L 300 -21.59 -27.25 -8.04
N LEU L 301 -21.91 -26.19 -7.31
CA LEU L 301 -23.26 -25.63 -7.29
C LEU L 301 -23.16 -24.14 -7.55
N HIS L 302 -23.70 -23.69 -8.68
CA HIS L 302 -23.59 -22.30 -9.10
C HIS L 302 -24.90 -21.57 -8.80
N LYS L 303 -24.77 -20.37 -8.24
CA LYS L 303 -25.92 -19.52 -7.96
C LYS L 303 -25.78 -18.22 -8.72
N ASP L 304 -26.90 -17.54 -8.89
CA ASP L 304 -26.93 -16.15 -9.35
C ASP L 304 -28.03 -15.47 -8.55
N GLU L 305 -27.65 -14.75 -7.49
CA GLU L 305 -28.65 -14.21 -6.58
C GLU L 305 -29.50 -13.11 -7.21
N ARG L 306 -29.16 -12.66 -8.43
CA ARG L 306 -30.01 -11.68 -9.10
C ARG L 306 -31.43 -12.19 -9.25
N PHE L 307 -31.61 -13.51 -9.39
CA PHE L 307 -32.91 -14.12 -9.59
C PHE L 307 -33.49 -14.65 -8.29
N CYS L 308 -32.80 -14.43 -7.18
CA CYS L 308 -33.18 -15.00 -5.90
C CYS L 308 -34.21 -14.15 -5.17
N ILE L 309 -35.16 -14.81 -4.49
CA ILE L 309 -36.15 -14.13 -3.68
C ILE L 309 -36.08 -14.53 -2.21
N TYR L 310 -35.14 -15.40 -1.84
CA TYR L 310 -34.89 -15.74 -0.43
C TYR L 310 -36.13 -16.34 0.23
N CYS L 311 -36.85 -17.18 -0.50
CA CYS L 311 -37.98 -17.89 0.11
C CYS L 311 -37.51 -19.01 1.03
N GLY L 312 -36.29 -19.50 0.83
CA GLY L 312 -35.70 -20.49 1.72
C GLY L 312 -35.96 -21.94 1.37
N ALA L 313 -36.57 -22.22 0.22
CA ALA L 313 -36.97 -23.59 -0.12
C ALA L 313 -35.75 -24.48 -0.37
N CYS L 314 -34.68 -23.91 -0.94
CA CYS L 314 -33.47 -24.68 -1.18
C CYS L 314 -32.86 -25.16 0.13
N GLU L 315 -32.60 -24.22 1.05
CA GLU L 315 -32.11 -24.57 2.37
C GLU L 315 -33.00 -25.61 3.03
N ARG L 316 -34.31 -25.44 2.93
CA ARG L 316 -35.24 -26.39 3.54
C ARG L 316 -35.12 -27.78 2.91
N SER L 317 -34.81 -27.85 1.61
CA SER L 317 -34.77 -29.13 0.92
C SER L 317 -33.44 -29.87 1.09
N CYS L 318 -32.37 -29.18 1.45
CA CYS L 318 -31.05 -29.78 1.45
C CYS L 318 -30.85 -30.68 2.66
N PRO L 319 -30.61 -31.98 2.47
CA PRO L 319 -30.46 -32.89 3.61
C PRO L 319 -29.13 -32.77 4.33
N VAL L 320 -28.15 -32.03 3.81
CA VAL L 320 -26.88 -31.82 4.50
C VAL L 320 -26.66 -30.36 4.88
N THR L 321 -27.69 -29.53 4.78
CA THR L 321 -27.63 -28.09 5.02
C THR L 321 -26.32 -27.49 4.49
N ALA L 322 -26.07 -27.76 3.21
CA ALA L 322 -24.92 -27.20 2.52
C ALA L 322 -25.24 -25.83 1.95
N ILE L 323 -26.50 -25.42 2.04
CA ILE L 323 -27.00 -24.16 1.51
C ILE L 323 -27.87 -23.50 2.56
N THR L 324 -27.56 -22.25 2.90
CA THR L 324 -28.30 -21.51 3.91
C THR L 324 -28.71 -20.14 3.38
N VAL L 325 -29.83 -19.63 3.91
CA VAL L 325 -30.45 -18.40 3.46
C VAL L 325 -30.53 -17.42 4.61
N LYS L 326 -30.05 -16.19 4.39
CA LYS L 326 -30.25 -15.09 5.33
C LYS L 326 -31.23 -14.10 4.72
N ARG L 327 -31.89 -13.33 5.59
CA ARG L 327 -32.99 -12.47 5.16
C ARG L 327 -32.96 -11.22 6.03
N ASN L 328 -32.49 -10.11 5.47
CA ASN L 328 -32.31 -8.87 6.23
C ASN L 328 -33.53 -7.97 6.22
N ARG L 329 -34.27 -7.94 5.12
CA ARG L 329 -35.31 -6.95 4.95
C ARG L 329 -36.52 -7.61 4.31
N ILE L 330 -37.70 -7.32 4.85
CA ILE L 330 -38.97 -7.74 4.29
C ILE L 330 -39.79 -6.48 4.10
N ASN L 331 -39.97 -6.06 2.85
CA ASN L 331 -40.61 -4.80 2.53
C ASN L 331 -42.13 -4.99 2.54
N THR L 332 -42.81 -4.26 3.40
CA THR L 332 -44.26 -4.34 3.50
C THR L 332 -44.85 -2.95 3.50
N THR L 333 -46.15 -2.90 3.21
CA THR L 333 -46.96 -1.72 3.48
C THR L 333 -46.99 -1.48 5.00
N PRO L 334 -47.38 -0.28 5.43
CA PRO L 334 -47.30 0.05 6.86
C PRO L 334 -48.02 -0.98 7.72
N ILE L 335 -47.37 -1.37 8.82
CA ILE L 335 -47.93 -2.31 9.78
C ILE L 335 -48.26 -1.55 11.05
N ARG L 336 -49.50 -1.68 11.51
CA ARG L 336 -49.93 -1.02 12.74
C ARG L 336 -50.04 -1.99 13.91
N SER L 337 -50.60 -3.18 13.70
CA SER L 337 -50.61 -4.21 14.73
C SER L 337 -49.19 -4.57 15.13
N LYS L 338 -48.97 -4.68 16.44
CA LYS L 338 -47.67 -5.11 16.93
C LYS L 338 -47.49 -6.62 16.82
N ALA L 339 -48.59 -7.38 16.83
CA ALA L 339 -48.50 -8.80 16.55
C ALA L 339 -47.92 -9.05 15.17
N TRP L 340 -48.39 -8.28 14.19
CA TRP L 340 -47.89 -8.44 12.82
C TRP L 340 -46.42 -8.04 12.70
N LYS L 341 -45.99 -7.01 13.44
CA LYS L 341 -44.60 -6.60 13.33
C LYS L 341 -43.66 -7.62 13.96
N ASN L 342 -44.12 -8.35 14.98
CA ASN L 342 -43.27 -9.37 15.58
C ASN L 342 -43.16 -10.60 14.68
N ALA L 343 -44.25 -10.95 14.00
CA ALA L 343 -44.21 -12.11 13.10
C ALA L 343 -43.31 -11.85 11.91
N PHE L 344 -43.41 -10.66 11.30
CA PHE L 344 -42.55 -10.35 10.17
C PHE L 344 -41.09 -10.26 10.57
N ASP L 345 -40.80 -9.70 11.75
CA ASP L 345 -39.41 -9.64 12.19
C ASP L 345 -38.85 -11.00 12.59
N SER L 346 -39.71 -11.95 12.98
CA SER L 346 -39.22 -13.26 13.37
C SER L 346 -38.71 -14.07 12.17
N LEU L 347 -39.07 -13.67 10.95
CA LEU L 347 -38.59 -14.30 9.73
C LEU L 347 -37.28 -13.68 9.24
N LEU L 348 -36.75 -12.70 9.95
CA LEU L 348 -35.48 -12.10 9.57
C LEU L 348 -34.32 -12.88 10.18
N LYS L 349 -33.23 -12.95 9.45
CA LYS L 349 -32.03 -13.63 9.93
C LYS L 349 -30.80 -13.15 9.16
N GLU M 2 -90.26 58.67 -118.99
CA GLU M 2 -90.96 57.40 -119.02
C GLU M 2 -90.78 56.32 -120.15
N TYR M 3 -91.01 55.11 -119.64
CA TYR M 3 -90.93 53.84 -120.35
C TYR M 3 -92.18 53.03 -120.06
N ILE M 4 -92.58 52.26 -121.07
CA ILE M 4 -93.64 51.26 -120.97
C ILE M 4 -93.02 49.93 -121.40
N ILE M 5 -93.13 48.91 -120.55
CA ILE M 5 -92.57 47.60 -120.88
C ILE M 5 -93.73 46.63 -121.08
N LYS M 6 -93.95 46.22 -122.32
CA LYS M 6 -95.23 45.66 -122.75
C LYS M 6 -95.16 44.17 -123.00
N ASN M 7 -96.25 43.48 -122.61
CA ASN M 7 -96.52 42.09 -122.97
C ASN M 7 -95.52 41.10 -122.35
N GLY M 8 -94.94 41.44 -121.21
CA GLY M 8 -94.09 40.51 -120.50
C GLY M 8 -94.90 39.63 -119.55
N PHE M 9 -94.39 38.43 -119.31
CA PHE M 9 -94.97 37.55 -118.30
C PHE M 9 -94.47 38.01 -116.94
N VAL M 10 -95.32 38.68 -116.19
CA VAL M 10 -94.93 39.36 -114.96
C VAL M 10 -94.99 38.38 -113.80
N TYR M 11 -93.92 38.33 -113.02
CA TYR M 11 -93.86 37.55 -111.79
C TYR M 11 -93.56 38.51 -110.64
N CYS M 12 -94.54 38.72 -109.77
CA CYS M 12 -94.37 39.62 -108.65
C CYS M 12 -95.12 39.03 -107.46
N PRO M 13 -94.44 38.22 -106.66
CA PRO M 13 -95.14 37.48 -105.59
C PRO M 13 -95.80 38.35 -104.54
N LEU M 14 -95.23 39.51 -104.20
CA LEU M 14 -95.79 40.31 -103.11
C LEU M 14 -97.18 40.83 -103.46
N ASN M 15 -97.42 41.12 -104.73
CA ASN M 15 -98.73 41.52 -105.22
C ASN M 15 -99.46 40.35 -105.89
N GLY M 16 -99.01 39.12 -105.63
CA GLY M 16 -99.71 37.92 -106.09
C GLY M 16 -99.85 37.74 -107.58
N VAL M 17 -98.92 38.29 -108.38
CA VAL M 17 -98.98 38.14 -109.83
C VAL M 17 -98.05 36.99 -110.22
N ASP M 18 -98.59 36.00 -110.93
CA ASP M 18 -97.89 34.75 -111.19
C ASP M 18 -97.90 34.45 -112.70
N GLY M 19 -97.12 35.21 -113.46
CA GLY M 19 -96.94 34.91 -114.86
C GLY M 19 -97.95 35.53 -115.79
N GLU M 20 -98.78 36.45 -115.30
CA GLU M 20 -99.79 37.11 -116.11
C GLU M 20 -99.14 38.00 -117.16
N LYS M 21 -99.72 38.02 -118.36
CA LYS M 21 -99.29 39.01 -119.33
C LYS M 21 -99.82 40.38 -118.93
N MET M 22 -98.93 41.38 -118.97
CA MET M 22 -99.17 42.65 -118.29
C MET M 22 -98.05 43.63 -118.58
N ASP M 23 -98.41 44.90 -118.73
CA ASP M 23 -97.45 45.97 -118.97
C ASP M 23 -97.16 46.73 -117.69
N ILE M 24 -95.91 47.14 -117.53
CA ILE M 24 -95.45 47.89 -116.37
C ILE M 24 -95.06 49.28 -116.85
N CYS M 25 -95.59 50.31 -116.18
CA CYS M 25 -95.42 51.69 -116.57
C CYS M 25 -94.44 52.34 -115.61
N VAL M 26 -93.51 53.16 -116.12
CA VAL M 26 -92.47 53.75 -115.26
C VAL M 26 -92.29 55.22 -115.64
N LYS M 27 -92.15 56.07 -114.63
CA LYS M 27 -91.92 57.51 -114.82
C LYS M 27 -91.01 58.09 -113.75
N ASP M 28 -89.93 58.75 -114.17
CA ASP M 28 -89.04 59.43 -113.25
C ASP M 28 -88.63 58.51 -112.12
N GLY M 29 -88.10 57.35 -112.48
CA GLY M 29 -87.56 56.45 -111.49
C GLY M 29 -88.58 55.74 -110.63
N LYS M 30 -89.86 55.85 -110.93
CA LYS M 30 -90.90 55.18 -110.16
C LYS M 30 -91.79 54.38 -111.12
N ILE M 31 -92.42 53.35 -110.58
CA ILE M 31 -93.44 52.60 -111.31
C ILE M 31 -94.78 53.28 -111.08
N VAL M 32 -95.51 53.54 -112.17
CA VAL M 32 -96.67 54.41 -112.16
C VAL M 32 -97.84 53.61 -112.69
N GLU M 33 -99.04 54.17 -112.53
CA GLU M 33 -100.21 53.47 -113.05
C GLU M 33 -100.32 53.61 -114.56
N SER M 34 -100.04 54.80 -115.08
CA SER M 34 -100.12 54.99 -116.53
C SER M 34 -99.17 56.10 -116.95
N VAL M 35 -98.81 56.07 -118.23
CA VAL M 35 -97.85 57.01 -118.78
C VAL M 35 -98.40 57.55 -120.09
N SER M 36 -97.85 58.68 -120.54
CA SER M 36 -98.26 59.25 -121.83
C SER M 36 -97.94 58.30 -122.97
N ASP M 37 -98.71 58.41 -124.05
CA ASP M 37 -98.41 57.63 -125.26
C ASP M 37 -97.11 58.06 -125.91
N SER M 38 -96.44 59.10 -125.41
CA SER M 38 -95.11 59.46 -125.87
C SER M 38 -94.01 58.66 -125.18
N ALA M 39 -94.38 57.74 -124.28
CA ALA M 39 -93.40 56.92 -123.57
C ALA M 39 -92.66 55.98 -124.51
N LYS M 40 -91.41 55.71 -124.18
CA LYS M 40 -90.59 54.76 -124.94
C LYS M 40 -91.00 53.33 -124.59
N VAL M 41 -90.98 52.46 -125.60
CA VAL M 41 -91.52 51.11 -125.46
C VAL M 41 -90.36 50.13 -125.35
N ILE M 42 -90.41 49.26 -124.34
CA ILE M 42 -89.52 48.12 -124.22
C ILE M 42 -90.33 46.86 -124.44
N ASP M 43 -89.99 46.12 -125.48
CA ASP M 43 -90.78 44.95 -125.89
C ASP M 43 -90.36 43.75 -125.07
N ALA M 44 -91.26 43.25 -124.21
CA ALA M 44 -91.00 42.09 -123.38
C ALA M 44 -91.80 40.87 -123.84
N SER M 45 -92.24 40.85 -125.10
CA SER M 45 -92.98 39.72 -125.63
C SER M 45 -92.16 38.44 -125.52
N GLY M 46 -92.79 37.38 -125.00
CA GLY M 46 -92.10 36.12 -124.84
C GLY M 46 -90.98 36.12 -123.83
N LYS M 47 -91.03 37.04 -122.85
CA LYS M 47 -89.96 37.21 -121.89
C LYS M 47 -90.56 37.38 -120.50
N ILE M 48 -89.76 37.11 -119.50
CA ILE M 48 -90.19 37.18 -118.11
C ILE M 48 -89.82 38.55 -117.56
N VAL M 49 -90.73 39.14 -116.77
CA VAL M 49 -90.52 40.43 -116.13
C VAL M 49 -90.64 40.26 -114.62
N MET M 50 -89.62 40.68 -113.90
CA MET M 50 -89.54 40.55 -112.45
C MET M 50 -88.97 41.82 -111.84
N PRO M 51 -89.19 42.05 -110.55
CA PRO M 51 -88.53 43.19 -109.86
C PRO M 51 -87.02 43.05 -109.87
N GLY M 52 -86.33 44.17 -109.70
CA GLY M 52 -84.89 44.07 -109.54
C GLY M 52 -84.52 43.14 -108.39
N GLY M 53 -83.52 42.28 -108.58
CA GLY M 53 -83.14 41.36 -107.53
C GLY M 53 -82.69 42.07 -106.27
N VAL M 54 -82.80 41.37 -105.15
CA VAL M 54 -82.45 41.94 -103.84
C VAL M 54 -81.64 40.93 -103.05
N ASP M 55 -80.32 41.11 -103.01
CA ASP M 55 -79.43 40.19 -102.31
C ASP M 55 -79.29 40.64 -100.86
N PRO M 56 -79.75 39.86 -99.89
CA PRO M 56 -79.68 40.28 -98.48
C PRO M 56 -78.36 39.97 -97.77
N HIS M 57 -77.43 39.27 -98.41
CA HIS M 57 -76.22 38.85 -97.69
C HIS M 57 -75.12 38.55 -98.70
N SER M 58 -74.15 39.46 -98.80
CA SER M 58 -73.01 39.28 -99.69
C SER M 58 -71.83 40.06 -99.09
N HIS M 59 -70.63 39.65 -99.46
CA HIS M 59 -69.40 40.31 -99.00
C HIS M 59 -68.74 40.95 -100.21
N ILE M 60 -68.94 42.26 -100.38
CA ILE M 60 -68.64 42.96 -101.61
C ILE M 60 -67.87 44.26 -101.36
N ALA M 61 -67.82 44.70 -100.11
CA ALA M 61 -67.27 46.03 -99.82
C ALA M 61 -66.72 46.06 -98.40
N GLY M 62 -65.42 46.24 -98.25
CA GLY M 62 -64.84 46.42 -96.94
C GLY M 62 -63.44 45.83 -96.79
N ALA M 63 -62.91 45.91 -95.56
CA ALA M 63 -61.54 45.48 -95.31
C ALA M 63 -61.39 43.99 -95.54
N LYS M 64 -62.27 43.20 -94.95
CA LYS M 64 -62.24 41.75 -95.08
C LYS M 64 -62.30 41.33 -96.54
N VAL M 65 -63.09 42.05 -97.34
CA VAL M 65 -63.22 41.74 -98.76
C VAL M 65 -61.94 42.07 -99.53
N ASN M 66 -61.34 43.23 -99.25
CA ASN M 66 -60.20 43.65 -100.06
C ASN M 66 -58.92 42.90 -99.71
N VAL M 67 -58.81 42.40 -98.48
CA VAL M 67 -57.72 41.47 -98.16
C VAL M 67 -57.82 40.23 -99.04
N GLY M 68 -59.03 39.70 -99.20
CA GLY M 68 -59.23 38.58 -100.11
C GLY M 68 -58.82 38.92 -101.54
N ARG M 69 -59.17 40.13 -101.99
CA ARG M 69 -58.73 40.58 -103.31
C ARG M 69 -57.21 40.69 -103.36
N MET M 70 -56.62 41.35 -102.36
CA MET M 70 -55.20 41.69 -102.45
C MET M 70 -54.31 40.44 -102.37
N TYR M 71 -54.66 39.49 -101.51
CA TYR M 71 -53.79 38.34 -101.29
C TYR M 71 -54.11 37.17 -102.22
N ARG M 72 -54.97 37.38 -103.22
CA ARG M 72 -55.25 36.39 -104.25
C ARG M 72 -55.11 37.00 -105.64
N PRO M 73 -53.88 37.35 -106.06
CA PRO M 73 -53.69 37.75 -107.46
C PRO M 73 -53.95 36.62 -108.44
N GLU M 74 -53.73 35.36 -108.02
CA GLU M 74 -54.02 34.23 -108.89
C GLU M 74 -55.51 34.15 -109.20
N ASP M 75 -56.36 34.59 -108.27
CA ASP M 75 -57.79 34.63 -108.54
C ASP M 75 -58.13 35.70 -109.58
N SER M 76 -57.38 36.80 -109.60
CA SER M 76 -57.61 37.83 -110.61
C SER M 76 -57.09 37.39 -111.97
N LYS M 77 -55.94 36.72 -112.02
CA LYS M 77 -55.38 36.29 -113.28
C LYS M 77 -56.30 35.33 -114.03
N ARG M 78 -57.05 34.48 -113.30
CA ARG M 78 -58.00 33.58 -113.95
C ARG M 78 -59.18 34.32 -114.58
N ASP M 79 -59.54 35.51 -114.08
CA ASP M 79 -60.71 36.21 -114.60
C ASP M 79 -60.50 37.72 -114.49
N ALA M 80 -59.92 38.30 -115.55
CA ALA M 80 -59.64 39.72 -115.71
C ALA M 80 -60.33 40.23 -116.97
N GLU M 81 -61.01 41.36 -116.86
CA GLU M 81 -61.85 41.84 -117.96
C GLU M 81 -61.74 43.34 -118.13
N LYS M 82 -62.11 43.79 -119.33
CA LYS M 82 -62.23 45.23 -119.62
C LYS M 82 -63.31 45.42 -120.69
N PHE M 83 -64.51 45.84 -120.26
CA PHE M 83 -65.58 46.20 -121.19
C PHE M 83 -65.23 47.51 -121.88
N LYS M 84 -65.67 47.66 -123.14
CA LYS M 84 -65.26 48.82 -123.91
C LYS M 84 -65.65 50.13 -123.24
N GLY M 85 -66.91 50.25 -122.81
CA GLY M 85 -67.38 51.49 -122.23
C GLY M 85 -66.93 51.75 -120.82
N GLY M 86 -66.59 50.71 -120.06
CA GLY M 86 -66.46 50.86 -118.62
C GLY M 86 -65.08 50.64 -118.03
N ARG M 87 -65.03 50.37 -116.73
CA ARG M 87 -63.80 50.28 -115.96
C ARG M 87 -63.27 48.84 -115.94
N ALA M 88 -61.95 48.71 -115.99
CA ALA M 88 -61.32 47.40 -115.92
C ALA M 88 -61.54 46.77 -114.54
N GLY M 89 -61.39 45.45 -114.48
CA GLY M 89 -61.58 44.73 -113.23
C GLY M 89 -61.06 43.31 -113.34
N SER M 90 -61.04 42.63 -112.20
CA SER M 90 -60.55 41.27 -112.16
C SER M 90 -60.97 40.60 -110.86
N GLY M 91 -61.09 39.28 -110.91
CA GLY M 91 -61.36 38.48 -109.73
C GLY M 91 -62.54 37.54 -109.92
N PHE M 92 -62.26 36.26 -110.18
CA PHE M 92 -63.32 35.26 -110.30
C PHE M 92 -64.11 35.15 -109.01
N SER M 93 -63.40 34.88 -107.91
CA SER M 93 -64.04 34.59 -106.64
C SER M 93 -64.36 35.87 -105.86
N VAL M 94 -63.44 36.83 -105.88
CA VAL M 94 -63.64 38.11 -105.21
C VAL M 94 -63.39 39.22 -106.23
N PRO M 95 -64.40 39.63 -107.00
CA PRO M 95 -64.16 40.63 -108.04
C PRO M 95 -63.93 42.02 -107.45
N SER M 96 -63.18 42.82 -108.20
CA SER M 96 -63.03 44.22 -107.85
C SER M 96 -64.40 44.91 -107.91
N THR M 97 -64.45 46.15 -107.41
CA THR M 97 -65.72 46.79 -107.12
C THR M 97 -66.52 47.06 -108.40
N PHE M 98 -65.86 47.62 -109.43
CA PHE M 98 -66.58 47.92 -110.66
C PHE M 98 -67.11 46.65 -111.31
N MET M 99 -66.29 45.61 -111.37
CA MET M 99 -66.77 44.32 -111.83
C MET M 99 -67.93 43.83 -110.98
N THR M 100 -67.86 44.04 -109.66
CA THR M 100 -68.91 43.55 -108.76
C THR M 100 -70.27 44.13 -109.13
N GLY M 101 -70.33 45.46 -109.29
CA GLY M 101 -71.60 46.08 -109.62
C GLY M 101 -72.08 45.71 -111.02
N TYR M 102 -71.17 45.68 -111.99
CA TYR M 102 -71.54 45.25 -113.34
C TYR M 102 -72.21 43.87 -113.30
N ARG M 103 -71.62 42.93 -112.58
CA ARG M 103 -72.06 41.53 -112.67
C ARG M 103 -73.34 41.26 -111.89
N TYR M 104 -73.57 41.97 -110.79
CA TYR M 104 -74.91 41.97 -110.20
C TYR M 104 -75.92 42.46 -111.23
N ALA M 105 -75.60 43.57 -111.90
CA ALA M 105 -76.50 44.15 -112.90
C ALA M 105 -76.80 43.17 -114.02
N GLN M 106 -75.78 42.47 -114.53
CA GLN M 106 -76.00 41.58 -115.67
C GLN M 106 -77.03 40.49 -115.33
N MET M 107 -77.05 40.03 -114.09
CA MET M 107 -78.03 39.02 -113.70
C MET M 107 -79.32 39.63 -113.15
N GLY M 108 -79.54 40.92 -113.35
CA GLY M 108 -80.79 41.54 -112.96
C GLY M 108 -80.94 41.85 -111.50
N TYR M 109 -79.84 41.98 -110.76
CA TYR M 109 -79.89 42.40 -109.38
C TYR M 109 -79.66 43.90 -109.28
N THR M 110 -80.44 44.56 -108.42
CA THR M 110 -80.38 46.00 -108.27
C THR M 110 -80.13 46.46 -106.84
N THR M 111 -80.17 45.56 -105.85
CA THR M 111 -79.87 45.88 -104.46
C THR M 111 -79.10 44.73 -103.83
N ALA M 112 -78.00 45.06 -103.15
CA ALA M 112 -77.19 44.05 -102.50
C ALA M 112 -76.60 44.63 -101.22
N MET M 113 -76.65 43.84 -100.16
CA MET M 113 -76.26 44.29 -98.83
C MET M 113 -74.93 43.67 -98.44
N GLU M 114 -73.98 44.50 -98.00
CA GLU M 114 -72.71 44.01 -97.46
C GLU M 114 -72.96 43.58 -96.02
N ALA M 115 -72.65 42.33 -95.71
CA ALA M 115 -73.21 41.68 -94.51
C ALA M 115 -72.33 41.76 -93.26
N ALA M 116 -71.11 42.32 -93.33
CA ALA M 116 -70.26 42.35 -92.14
C ALA M 116 -69.26 43.50 -92.25
N MET M 117 -69.54 44.61 -91.56
CA MET M 117 -68.66 45.77 -91.55
C MET M 117 -68.13 46.05 -90.14
N PRO M 118 -66.82 46.02 -89.92
CA PRO M 118 -66.25 46.46 -88.64
C PRO M 118 -66.37 47.98 -88.49
N PRO M 119 -67.01 48.45 -87.42
CA PRO M 119 -67.29 49.90 -87.30
C PRO M 119 -66.09 50.80 -87.46
N LEU M 120 -64.93 50.42 -86.92
CA LEU M 120 -63.73 51.26 -87.02
C LEU M 120 -63.25 51.37 -88.46
N LEU M 121 -63.59 50.39 -89.30
CA LEU M 121 -63.19 50.35 -90.69
C LEU M 121 -64.31 50.76 -91.64
N ALA M 122 -65.33 51.47 -91.13
CA ALA M 122 -66.53 51.73 -91.91
C ALA M 122 -66.27 52.62 -93.13
N ARG M 123 -65.38 53.61 -92.99
CA ARG M 123 -65.03 54.44 -94.13
C ARG M 123 -64.57 53.60 -95.31
N HIS M 124 -63.84 52.53 -95.02
CA HIS M 124 -63.35 51.62 -96.06
C HIS M 124 -64.52 51.04 -96.86
N THR M 125 -65.52 50.50 -96.16
CA THR M 125 -66.68 49.93 -96.84
C THR M 125 -67.37 50.98 -97.72
N HIS M 126 -67.61 52.18 -97.17
CA HIS M 126 -68.33 53.20 -97.92
C HIS M 126 -67.52 53.72 -99.10
N GLU M 127 -66.19 53.72 -98.99
CA GLU M 127 -65.36 54.11 -100.12
C GLU M 127 -65.47 53.10 -101.26
N GLU M 128 -65.51 51.80 -100.93
CA GLU M 128 -65.65 50.79 -101.96
C GLU M 128 -67.05 50.81 -102.56
N PHE M 129 -68.05 51.16 -101.77
CA PHE M 129 -69.41 51.31 -102.29
C PHE M 129 -69.47 52.38 -103.36
N HIS M 130 -68.77 53.50 -103.15
CA HIS M 130 -68.76 54.58 -104.14
C HIS M 130 -68.26 54.10 -105.49
N ASP M 131 -67.32 53.15 -105.49
CA ASP M 131 -66.80 52.56 -106.72
C ASP M 131 -67.53 51.29 -107.13
N THR M 132 -68.73 51.05 -106.62
CA THR M 132 -69.49 49.88 -107.02
C THR M 132 -70.71 50.36 -107.81
N PRO M 133 -70.76 50.17 -109.13
CA PRO M 133 -71.80 50.80 -109.94
C PRO M 133 -73.19 50.21 -109.70
N ILE M 134 -74.19 51.05 -109.98
CA ILE M 134 -75.57 50.65 -110.23
C ILE M 134 -76.33 50.27 -108.96
N ILE M 135 -75.88 49.22 -108.26
CA ILE M 135 -76.72 48.63 -107.21
C ILE M 135 -76.92 49.61 -106.06
N ASP M 136 -78.15 49.66 -105.55
CA ASP M 136 -78.38 50.23 -104.24
C ASP M 136 -77.87 49.26 -103.18
N HIS M 137 -77.48 49.79 -102.03
CA HIS M 137 -76.72 48.97 -101.09
C HIS M 137 -76.90 49.48 -99.66
N ALA M 138 -76.43 48.67 -98.73
CA ALA M 138 -76.35 49.01 -97.31
C ALA M 138 -75.33 48.08 -96.67
N ALA M 139 -74.91 48.46 -95.46
CA ALA M 139 -73.90 47.69 -94.74
C ALA M 139 -74.40 47.37 -93.33
N TYR M 140 -74.07 46.17 -92.86
CA TYR M 140 -74.47 45.70 -91.54
C TYR M 140 -73.29 45.82 -90.59
N PRO M 141 -73.27 46.77 -89.66
CA PRO M 141 -72.21 46.77 -88.64
C PRO M 141 -72.35 45.58 -87.71
N LEU M 142 -71.21 45.17 -87.14
CA LEU M 142 -71.14 43.99 -86.29
C LEU M 142 -71.26 44.38 -84.82
N PHE M 143 -72.01 43.59 -84.07
CA PHE M 143 -72.29 43.88 -82.66
C PHE M 143 -72.02 42.72 -81.71
N GLY M 144 -71.99 41.48 -82.19
CA GLY M 144 -72.02 40.30 -81.34
C GLY M 144 -70.79 40.09 -80.49
N ASN M 145 -69.70 40.82 -80.77
CA ASN M 145 -68.47 40.73 -79.98
C ASN M 145 -67.99 42.13 -79.61
N ASN M 146 -68.92 43.07 -79.53
CA ASN M 146 -68.59 44.46 -79.26
C ASN M 146 -68.45 44.67 -77.76
N TRP M 147 -67.39 45.38 -77.36
CA TRP M 147 -67.10 45.54 -75.94
C TRP M 147 -68.20 46.28 -75.20
N PHE M 148 -68.71 47.37 -75.79
CA PHE M 148 -69.79 48.13 -75.18
C PHE M 148 -71.04 47.28 -75.03
N VAL M 149 -71.38 46.51 -76.06
CA VAL M 149 -72.57 45.66 -76.02
C VAL M 149 -72.45 44.63 -74.91
N MET M 150 -71.28 44.00 -74.81
CA MET M 150 -71.09 42.96 -73.81
C MET M 150 -71.14 43.53 -72.40
N GLU M 151 -70.59 44.72 -72.19
CA GLU M 151 -70.59 45.30 -70.85
C GLU M 151 -71.98 45.80 -70.47
N TYR M 152 -72.71 46.42 -71.41
CA TYR M 152 -74.04 46.92 -71.08
C TYR M 152 -75.02 45.79 -70.83
N LEU M 153 -75.02 44.75 -71.68
CA LEU M 153 -76.02 43.70 -71.53
C LEU M 153 -75.74 42.76 -70.37
N LYS M 154 -74.48 42.69 -69.90
CA LYS M 154 -74.21 41.91 -68.71
C LYS M 154 -74.83 42.56 -67.48
N GLU M 155 -74.79 43.89 -67.40
CA GLU M 155 -75.56 44.57 -66.36
C GLU M 155 -77.06 44.60 -66.62
N GLY M 156 -77.54 44.00 -67.71
CA GLY M 156 -78.96 44.05 -68.02
C GLY M 156 -79.49 45.39 -68.48
N ASP M 157 -78.62 46.33 -68.82
CA ASP M 157 -79.03 47.68 -69.19
C ASP M 157 -79.30 47.73 -70.70
N VAL M 158 -80.50 47.26 -71.07
CA VAL M 158 -80.86 47.19 -72.49
C VAL M 158 -81.10 48.59 -73.06
N ASP M 159 -81.53 49.54 -72.24
CA ASP M 159 -81.73 50.91 -72.71
C ASP M 159 -80.40 51.54 -73.14
N ALA M 160 -79.35 51.33 -72.34
CA ALA M 160 -78.04 51.91 -72.68
C ALA M 160 -77.46 51.27 -73.93
N CYS M 161 -77.58 49.95 -74.05
CA CYS M 161 -77.13 49.27 -75.28
C CYS M 161 -77.91 49.78 -76.48
N ALA M 162 -79.19 50.09 -76.30
CA ALA M 162 -79.99 50.63 -77.38
C ALA M 162 -79.52 52.01 -77.78
N ALA M 163 -79.08 52.82 -76.81
CA ALA M 163 -78.51 54.12 -77.13
C ALA M 163 -77.17 53.99 -77.82
N TYR M 164 -76.33 53.08 -77.36
CA TYR M 164 -75.06 52.83 -78.03
C TYR M 164 -75.28 52.41 -79.48
N ALA M 165 -76.15 51.42 -79.70
CA ALA M 165 -76.42 50.98 -81.07
C ALA M 165 -76.94 52.12 -81.93
N SER M 166 -77.85 52.93 -81.39
CA SER M 166 -78.34 54.10 -82.12
C SER M 166 -77.19 54.97 -82.60
N TRP M 167 -76.27 55.29 -81.69
CA TRP M 167 -75.10 56.08 -82.07
C TRP M 167 -74.26 55.39 -83.12
N LEU M 168 -74.04 54.07 -82.96
CA LEU M 168 -73.11 53.36 -83.83
C LEU M 168 -73.66 53.22 -85.25
N LEU M 169 -74.95 52.92 -85.39
CA LEU M 169 -75.55 52.82 -86.72
C LEU M 169 -75.50 54.16 -87.44
N ARG M 170 -75.69 55.26 -86.71
CA ARG M 170 -75.58 56.57 -87.33
C ARG M 170 -74.13 56.90 -87.66
N ALA M 171 -73.20 56.50 -86.78
CA ALA M 171 -71.79 56.90 -86.94
C ALA M 171 -71.11 56.12 -88.05
N THR M 172 -71.42 54.83 -88.18
CA THR M 172 -70.87 54.02 -89.26
C THR M 172 -71.75 54.05 -90.51
N LYS M 173 -72.88 54.75 -90.46
CA LYS M 173 -73.89 54.74 -91.51
C LYS M 173 -74.25 53.30 -91.90
N GLY M 174 -74.72 52.55 -90.91
CA GLY M 174 -75.08 51.17 -91.05
C GLY M 174 -76.58 50.94 -90.95
N TYR M 175 -76.98 49.69 -91.15
CA TYR M 175 -78.39 49.39 -91.39
C TYR M 175 -78.98 48.31 -90.47
N THR M 176 -78.19 47.32 -90.06
CA THR M 176 -78.72 46.23 -89.23
C THR M 176 -77.75 45.87 -88.13
N ILE M 177 -78.30 45.24 -87.10
CA ILE M 177 -77.52 44.67 -86.01
C ILE M 177 -77.05 43.27 -86.42
N ILE M 179 -74.69 39.90 -86.11
CA ILE M 179 -74.13 39.12 -85.02
C ILE M 179 -73.40 37.92 -85.62
N VAL M 180 -72.09 37.81 -85.39
CA VAL M 180 -71.29 36.71 -85.89
C VAL M 180 -70.58 36.04 -84.72
N ASN M 181 -70.82 34.73 -84.55
CA ASN M 181 -70.19 33.90 -83.54
C ASN M 181 -70.11 34.67 -82.21
N PRO M 182 -71.26 35.03 -81.63
CA PRO M 182 -71.25 35.97 -80.50
C PRO M 182 -70.43 35.45 -79.33
N ALA M 183 -69.56 36.33 -78.82
CA ALA M 183 -68.62 36.07 -77.73
C ALA M 183 -67.42 35.26 -78.19
N GLY M 184 -67.59 34.46 -79.23
CA GLY M 184 -66.51 33.57 -79.64
C GLY M 184 -65.36 34.30 -80.31
N THR M 185 -65.65 35.32 -81.11
CA THR M 185 -64.59 36.07 -81.77
C THR M 185 -63.80 36.89 -80.75
N GLU M 186 -64.47 37.38 -79.71
CA GLU M 186 -63.75 38.00 -78.61
C GLU M 186 -62.82 36.99 -77.92
N ALA M 187 -63.29 35.75 -77.75
CA ALA M 187 -62.41 34.71 -77.23
C ALA M 187 -61.26 34.45 -78.18
N TRP M 188 -61.46 34.65 -79.48
CA TRP M 188 -60.38 34.49 -80.44
C TRP M 188 -59.34 35.60 -80.31
N GLY M 189 -59.70 36.73 -79.69
CA GLY M 189 -58.70 37.72 -79.35
C GLY M 189 -57.57 37.19 -78.49
N TRP M 190 -57.83 36.11 -77.74
CA TRP M 190 -56.78 35.39 -77.02
C TRP M 190 -56.47 34.03 -77.64
N GLY M 191 -56.99 33.75 -78.84
CA GLY M 191 -56.69 32.51 -79.52
C GLY M 191 -57.63 31.36 -79.21
N GLY M 192 -58.77 31.62 -78.57
CA GLY M 192 -59.73 30.60 -78.24
C GLY M 192 -61.02 30.77 -79.00
N ASN M 193 -62.09 30.21 -78.44
CA ASN M 193 -63.41 30.25 -79.03
C ASN M 193 -64.42 29.91 -77.96
N VAL M 194 -65.70 30.06 -78.29
CA VAL M 194 -66.77 29.57 -77.43
C VAL M 194 -67.42 28.38 -78.11
N HIS M 195 -67.97 27.48 -77.30
CA HIS M 195 -68.61 26.28 -77.79
C HIS M 195 -69.99 26.18 -77.16
N GLY M 196 -71.03 26.23 -78.00
CA GLY M 196 -72.39 26.30 -77.52
C GLY M 196 -72.76 27.70 -77.07
N ILE M 197 -74.07 27.90 -76.86
CA ILE M 197 -74.60 29.23 -76.60
C ILE M 197 -74.52 29.64 -75.13
N TYR M 198 -74.07 28.74 -74.25
CA TYR M 198 -73.95 29.04 -72.83
C TYR M 198 -72.51 29.18 -72.39
N ASP M 199 -71.56 29.28 -73.33
CA ASP M 199 -70.15 29.34 -73.03
C ASP M 199 -69.68 30.79 -73.08
N PRO M 200 -69.30 31.40 -71.95
CA PRO M 200 -68.98 32.83 -71.95
C PRO M 200 -67.58 33.12 -72.50
N ALA M 201 -67.42 34.36 -72.95
CA ALA M 201 -66.12 34.85 -73.37
C ALA M 201 -65.24 35.13 -72.16
N PRO M 202 -63.92 35.13 -72.34
CA PRO M 202 -63.02 35.51 -71.24
C PRO M 202 -63.31 36.93 -70.77
N TYR M 203 -63.14 37.12 -69.46
CA TYR M 203 -63.33 38.40 -68.76
C TYR M 203 -64.77 38.91 -68.77
N PHE M 204 -65.37 39.03 -69.95
CA PHE M 204 -66.64 39.75 -70.04
C PHE M 204 -67.80 38.96 -69.44
N ASP M 205 -67.70 37.63 -69.43
CA ASP M 205 -68.56 36.78 -68.60
C ASP M 205 -70.03 36.89 -68.97
N ILE M 206 -70.30 37.02 -70.26
CA ILE M 206 -71.67 37.03 -70.77
C ILE M 206 -71.78 35.94 -71.83
N THR M 207 -72.92 35.25 -71.87
CA THR M 207 -73.04 34.12 -72.77
C THR M 207 -73.53 34.55 -74.14
N PRO M 208 -73.29 33.73 -75.17
CA PRO M 208 -73.93 33.97 -76.47
C PRO M 208 -75.43 34.18 -76.38
N ALA M 209 -76.14 33.30 -75.64
CA ALA M 209 -77.58 33.40 -75.52
C ALA M 209 -78.00 34.78 -75.01
N GLU M 210 -77.32 35.29 -74.00
CA GLU M 210 -77.63 36.63 -73.47
C GLU M 210 -77.31 37.73 -74.48
N ILE M 211 -76.27 37.56 -75.29
CA ILE M 211 -75.96 38.54 -76.32
C ILE M 211 -77.05 38.55 -77.38
N ILE M 212 -77.46 37.36 -77.84
CA ILE M 212 -78.47 37.27 -78.88
C ILE M 212 -79.80 37.86 -78.40
N LYS M 213 -80.25 37.42 -77.22
CA LYS M 213 -81.51 37.94 -76.68
C LYS M 213 -81.46 39.45 -76.53
N GLY M 214 -80.41 39.97 -75.89
CA GLY M 214 -80.35 41.39 -75.60
C GLY M 214 -80.37 42.25 -76.84
N LEU M 215 -79.69 41.82 -77.89
CA LEU M 215 -79.64 42.59 -79.13
C LEU M 215 -80.94 42.48 -79.94
N ALA M 216 -81.66 41.35 -79.84
CA ALA M 216 -82.98 41.25 -80.44
C ALA M 216 -83.91 42.27 -79.82
N GLU M 217 -83.81 42.37 -78.51
CA GLU M 217 -84.53 43.30 -77.66
C GLU M 217 -84.22 44.74 -78.08
N VAL M 218 -82.92 45.05 -78.23
CA VAL M 218 -82.47 46.34 -78.72
C VAL M 218 -82.98 46.59 -80.13
N ASN M 219 -82.92 45.57 -80.99
CA ASN M 219 -83.32 45.73 -82.39
C ASN M 219 -84.75 46.25 -82.50
N GLU M 220 -85.69 45.66 -81.75
CA GLU M 220 -87.09 46.07 -81.85
C GLU M 220 -87.37 47.30 -81.00
N LYS M 221 -86.59 47.51 -79.93
CA LYS M 221 -86.76 48.70 -79.12
C LYS M 221 -86.37 49.97 -79.88
N LEU M 222 -85.43 49.85 -80.81
CA LEU M 222 -85.19 50.96 -81.74
C LEU M 222 -86.02 50.85 -83.01
N GLN M 223 -86.88 49.83 -83.12
CA GLN M 223 -87.83 49.70 -84.23
C GLN M 223 -87.13 49.70 -85.58
N LEU M 224 -86.05 48.92 -85.68
CA LEU M 224 -85.28 48.86 -86.91
C LEU M 224 -86.07 48.17 -88.01
N PRO M 225 -85.85 48.55 -89.28
CA PRO M 225 -86.59 47.90 -90.37
C PRO M 225 -86.31 46.42 -90.47
N HIS M 226 -85.06 46.01 -90.24
CA HIS M 226 -84.63 44.63 -90.36
C HIS M 226 -84.45 44.03 -88.97
N SER M 227 -84.51 42.71 -88.89
CA SER M 227 -84.32 42.02 -87.63
C SER M 227 -82.83 41.89 -87.31
N ILE M 228 -82.51 41.33 -86.15
CA ILE M 228 -81.14 40.89 -85.93
C ILE M 228 -80.80 39.84 -86.99
N HIS M 229 -79.54 39.83 -87.39
CA HIS M 229 -79.06 39.03 -88.51
C HIS M 229 -77.99 38.09 -87.96
N LEU M 230 -78.34 36.82 -87.73
CA LEU M 230 -77.54 35.97 -86.86
C LEU M 230 -76.74 34.95 -87.66
N HIS M 231 -75.42 34.99 -87.45
CA HIS M 231 -74.46 33.98 -87.85
C HIS M 231 -74.10 33.21 -86.58
N CYS M 232 -74.47 31.93 -86.53
CA CYS M 232 -74.49 31.21 -85.27
C CYS M 232 -73.10 30.80 -84.81
N ASN M 233 -73.00 30.43 -83.53
CA ASN M 233 -71.83 29.81 -82.97
C ASN M 233 -71.64 28.40 -83.54
N ASP M 234 -70.43 27.87 -83.39
CA ASP M 234 -70.10 26.50 -83.81
C ASP M 234 -70.32 26.30 -85.30
N LEU M 235 -70.00 27.30 -86.10
CA LEU M 235 -70.16 27.18 -87.55
C LEU M 235 -69.26 26.08 -88.10
N GLY M 236 -69.81 25.31 -89.03
CA GLY M 236 -69.03 24.39 -89.82
C GLY M 236 -68.45 23.21 -89.09
N HIS M 237 -69.04 22.82 -87.95
CA HIS M 237 -68.50 21.67 -87.24
C HIS M 237 -69.54 20.57 -87.15
N PRO M 238 -69.12 19.32 -87.32
CA PRO M 238 -70.07 18.19 -87.19
C PRO M 238 -70.82 18.24 -85.86
N GLY M 239 -72.13 18.03 -85.93
CA GLY M 239 -72.96 18.00 -84.75
C GLY M 239 -73.53 19.33 -84.31
N ASN M 240 -73.27 20.42 -85.04
CA ASN M 240 -73.63 21.75 -84.58
C ASN M 240 -75.12 22.05 -84.73
N TYR M 241 -75.89 21.17 -85.38
CA TYR M 241 -77.31 21.44 -85.60
C TYR M 241 -78.04 21.72 -84.29
N GLU M 242 -77.61 21.11 -83.18
CA GLU M 242 -78.24 21.37 -81.89
C GLU M 242 -77.94 22.79 -81.40
N THR M 243 -76.70 23.27 -81.56
CA THR M 243 -76.41 24.66 -81.23
C THR M 243 -77.28 25.61 -82.06
N THR M 244 -77.53 25.24 -83.31
CA THR M 244 -78.36 26.08 -84.19
C THR M 244 -79.80 26.14 -83.68
N LEU M 245 -80.40 24.97 -83.41
CA LEU M 245 -81.80 24.93 -83.00
C LEU M 245 -81.99 25.65 -81.67
N ALA M 246 -81.05 25.48 -80.74
CA ALA M 246 -81.09 26.22 -79.49
C ALA M 246 -80.98 27.73 -79.75
N SER M 247 -80.10 28.12 -80.66
CA SER M 247 -79.98 29.53 -81.03
C SER M 247 -81.29 30.09 -81.57
N PHE M 248 -81.96 29.33 -82.43
CA PHE M 248 -83.21 29.80 -83.03
C PHE M 248 -84.28 30.14 -82.00
N ASP M 249 -84.29 29.42 -80.87
CA ASP M 249 -85.34 29.64 -79.87
C ASP M 249 -85.11 30.86 -79.00
N VAL M 250 -83.88 31.37 -78.90
CA VAL M 250 -83.57 32.39 -77.89
C VAL M 250 -84.39 33.67 -78.07
N PRO M 251 -84.54 34.24 -79.27
CA PRO M 251 -85.33 35.49 -79.38
C PRO M 251 -86.77 35.29 -79.80
N LYS M 252 -87.29 34.06 -79.79
CA LYS M 252 -88.63 33.83 -80.30
C LYS M 252 -89.67 34.61 -79.50
N ASN M 253 -89.45 34.82 -78.20
CA ASN M 253 -90.44 35.53 -77.39
C ASN M 253 -90.31 37.05 -77.52
N ILE M 254 -89.51 37.55 -78.44
CA ILE M 254 -89.45 38.98 -78.69
C ILE M 254 -90.39 39.34 -79.82
N LYS M 255 -91.12 40.46 -79.65
CA LYS M 255 -92.16 40.86 -80.58
C LYS M 255 -91.58 41.81 -81.63
N PRO M 256 -91.69 41.49 -82.93
CA PRO M 256 -91.16 42.40 -83.95
C PRO M 256 -91.88 43.74 -83.93
N ASN M 257 -91.14 44.80 -84.24
CA ASN M 257 -91.70 46.14 -84.17
C ASN M 257 -91.05 47.13 -85.14
N PRO M 258 -90.97 46.83 -86.44
CA PRO M 258 -90.39 47.81 -87.37
C PRO M 258 -91.28 49.03 -87.49
N ALA M 259 -90.65 50.21 -87.49
CA ALA M 259 -91.37 51.43 -87.80
C ALA M 259 -91.51 51.64 -89.30
N THR M 260 -90.57 51.14 -90.08
CA THR M 260 -90.62 51.20 -91.53
C THR M 260 -90.78 49.78 -92.06
N GLY M 261 -91.57 49.63 -93.12
CA GLY M 261 -91.69 48.35 -93.77
C GLY M 261 -92.66 47.39 -93.09
N SER M 262 -92.66 46.16 -93.59
CA SER M 262 -93.69 45.16 -93.27
C SER M 262 -93.11 43.92 -92.59
N ARG M 263 -91.90 44.00 -92.06
CA ARG M 263 -91.27 42.82 -91.45
C ARG M 263 -92.08 42.31 -90.26
N ASP M 264 -92.32 41.00 -90.25
CA ASP M 264 -93.10 40.34 -89.22
C ASP M 264 -92.33 39.21 -88.53
N THR M 265 -91.00 39.24 -88.62
CA THR M 265 -90.14 38.21 -88.03
C THR M 265 -89.06 38.85 -87.19
N VAL M 266 -88.68 38.20 -86.10
CA VAL M 266 -87.70 38.74 -85.17
C VAL M 266 -86.29 38.18 -85.40
N LEU M 267 -86.17 37.07 -86.11
CA LEU M 267 -84.87 36.44 -86.30
C LEU M 267 -84.62 36.21 -87.79
N TYR M 268 -83.43 36.60 -88.23
CA TYR M 268 -82.94 36.26 -89.57
C TYR M 268 -81.65 35.47 -89.39
N ALA M 269 -81.67 34.20 -89.78
CA ALA M 269 -80.52 33.33 -89.68
C ALA M 269 -79.89 33.17 -91.06
N THR M 270 -78.59 33.41 -91.14
CA THR M 270 -77.91 33.47 -92.42
C THR M 270 -77.06 32.22 -92.65
N HIS M 271 -76.84 31.93 -93.94
CA HIS M 271 -76.13 30.75 -94.44
C HIS M 271 -76.21 29.55 -93.51
N VAL M 272 -77.43 29.13 -93.19
CA VAL M 272 -77.61 28.08 -92.18
C VAL M 272 -77.21 26.70 -92.67
N GLN M 273 -76.97 26.53 -93.97
CA GLN M 273 -76.38 25.28 -94.45
C GLN M 273 -75.17 24.92 -93.61
N PHE M 274 -74.31 25.90 -93.35
CA PHE M 274 -73.14 25.68 -92.51
C PHE M 274 -73.49 25.38 -91.06
N HIS M 275 -74.76 25.54 -90.67
CA HIS M 275 -75.19 25.28 -89.30
C HIS M 275 -76.12 24.07 -89.20
N SER M 276 -76.12 23.20 -90.21
CA SER M 276 -77.04 22.09 -90.29
C SER M 276 -76.32 20.74 -90.27
N TYR M 277 -75.19 20.68 -89.57
CA TYR M 277 -74.32 19.51 -89.63
C TYR M 277 -74.62 18.53 -88.50
N GLY M 278 -74.69 17.25 -88.87
CA GLY M 278 -74.78 16.18 -87.91
C GLY M 278 -73.47 15.42 -87.77
N GLY M 279 -73.55 14.30 -87.06
CA GLY M 279 -72.36 13.54 -86.75
C GLY M 279 -71.62 14.13 -85.57
N THR M 280 -70.35 13.72 -85.44
CA THR M 280 -69.47 14.24 -84.39
C THR M 280 -68.06 14.55 -84.88
N THR M 281 -67.57 13.89 -85.92
CA THR M 281 -66.33 14.21 -86.61
C THR M 281 -66.61 14.26 -88.10
N TRP M 282 -65.59 14.59 -88.90
CA TRP M 282 -65.78 14.59 -90.34
C TRP M 282 -66.02 13.23 -90.96
N ARG M 283 -65.69 12.13 -90.30
CA ARG M 283 -65.89 10.86 -91.01
C ARG M 283 -67.27 10.26 -90.76
N ASP M 284 -67.89 10.52 -89.61
CA ASP M 284 -69.29 10.15 -89.44
C ASP M 284 -70.22 11.33 -89.74
N PHE M 285 -69.75 12.25 -90.58
CA PHE M 285 -70.48 13.48 -90.89
C PHE M 285 -71.71 13.19 -91.73
N VAL M 286 -72.86 13.70 -91.30
CA VAL M 286 -74.13 13.50 -91.99
C VAL M 286 -74.94 14.80 -92.01
N SER M 287 -75.91 14.84 -92.92
CA SER M 287 -76.80 15.98 -93.04
C SER M 287 -77.90 15.92 -91.98
N GLU M 288 -78.19 17.07 -91.37
CA GLU M 288 -79.32 17.23 -90.48
C GLU M 288 -80.24 18.36 -90.96
N ALA M 289 -80.24 18.63 -92.26
CA ALA M 289 -81.13 19.66 -92.80
C ALA M 289 -82.61 19.36 -92.59
N PRO M 290 -83.10 18.11 -92.64
CA PRO M 290 -84.52 17.88 -92.34
C PRO M 290 -84.98 18.44 -91.00
N LYS M 291 -84.22 18.21 -89.91
CA LYS M 291 -84.61 18.78 -88.62
C LYS M 291 -84.62 20.30 -88.68
N ILE M 292 -83.63 20.89 -89.35
CA ILE M 292 -83.58 22.35 -89.48
C ILE M 292 -84.76 22.86 -90.29
N ALA M 293 -84.98 22.27 -91.46
CA ALA M 293 -86.08 22.71 -92.33
C ALA M 293 -87.42 22.60 -91.62
N ASP M 294 -87.62 21.52 -90.85
CA ASP M 294 -88.90 21.32 -90.18
C ASP M 294 -89.09 22.30 -89.03
N TYR M 295 -88.01 22.65 -88.32
CA TYR M 295 -88.11 23.75 -87.35
C TYR M 295 -88.62 25.00 -88.03
N VAL M 296 -88.05 25.31 -89.20
CA VAL M 296 -88.44 26.52 -89.93
C VAL M 296 -89.91 26.44 -90.34
N ASN M 297 -90.34 25.28 -90.85
CA ASN M 297 -91.72 25.10 -91.27
C ASN M 297 -92.70 25.37 -90.12
N LYS M 298 -92.40 24.84 -88.93
CA LYS M 298 -93.31 24.95 -87.81
C LYS M 298 -93.31 26.33 -87.16
N ASN M 299 -92.25 27.11 -87.34
CA ASN M 299 -92.06 28.37 -86.62
C ASN M 299 -92.25 29.57 -87.56
N ASP M 300 -92.79 30.66 -87.01
CA ASP M 300 -93.18 31.85 -87.77
C ASP M 300 -92.29 33.04 -87.41
N HIS M 301 -91.30 32.86 -86.55
CA HIS M 301 -90.52 34.02 -86.14
C HIS M 301 -89.19 34.10 -86.87
N ILE M 302 -88.93 33.18 -87.81
CA ILE M 302 -87.60 33.03 -88.39
C ILE M 302 -87.68 33.10 -89.91
N VAL M 303 -86.75 33.86 -90.51
CA VAL M 303 -86.44 33.79 -91.92
C VAL M 303 -84.98 33.38 -92.04
N ILE M 304 -84.66 32.61 -93.07
CA ILE M 304 -83.30 32.13 -93.27
C ILE M 304 -82.85 32.44 -94.70
N ASP M 305 -81.54 32.36 -94.89
CA ASP M 305 -80.93 32.15 -96.19
C ASP M 305 -80.01 30.94 -96.05
N VAL M 306 -79.73 30.30 -97.17
CA VAL M 306 -79.13 28.97 -97.11
C VAL M 306 -77.61 29.00 -97.14
N GLY M 307 -77.01 29.81 -98.02
CA GLY M 307 -75.57 29.71 -98.20
C GLY M 307 -75.21 28.49 -99.01
N GLN M 308 -75.67 28.46 -100.25
CA GLN M 308 -75.60 27.28 -101.09
C GLN M 308 -74.19 27.05 -101.63
N ILE M 309 -73.70 25.81 -101.50
CA ILE M 309 -72.42 25.45 -102.10
C ILE M 309 -72.56 25.47 -103.61
N THR M 310 -71.59 26.08 -104.29
CA THR M 310 -71.58 26.12 -105.75
C THR M 310 -70.54 25.22 -106.38
N LEU M 311 -69.73 24.53 -105.56
CA LEU M 311 -68.75 23.55 -106.04
C LEU M 311 -67.68 24.20 -106.92
N ASP M 312 -67.17 25.34 -106.46
CA ASP M 312 -66.10 26.07 -107.13
C ASP M 312 -64.87 26.13 -106.23
N GLU M 313 -63.74 26.50 -106.82
CA GLU M 313 -62.63 27.05 -106.04
C GLU M 313 -62.98 28.49 -105.71
N THR M 314 -63.21 28.78 -104.44
CA THR M 314 -63.59 30.13 -104.03
C THR M 314 -62.80 30.60 -102.83
N THR M 315 -63.24 31.70 -102.21
CA THR M 315 -62.57 32.30 -101.07
C THR M 315 -63.57 32.49 -99.93
N THR M 316 -63.17 32.14 -98.72
CA THR M 316 -63.99 32.36 -97.55
C THR M 316 -63.46 33.56 -96.77
N MET M 317 -64.38 34.39 -96.28
CA MET M 317 -64.01 35.60 -95.54
C MET M 317 -65.14 35.94 -94.58
N THR M 318 -64.85 35.97 -93.28
CA THR M 318 -65.87 36.12 -92.26
C THR M 318 -65.30 36.88 -91.09
N ALA M 319 -66.21 37.40 -90.27
CA ALA M 319 -65.87 37.90 -88.93
C ALA M 319 -65.69 36.77 -87.92
N ASP M 320 -65.80 35.51 -88.36
CA ASP M 320 -65.60 34.34 -87.50
C ASP M 320 -64.12 33.92 -87.57
N GLY M 321 -63.29 34.73 -86.92
CA GLY M 321 -61.87 34.51 -86.82
C GLY M 321 -61.43 33.10 -86.39
N PRO M 322 -61.96 32.59 -85.27
CA PRO M 322 -61.50 31.27 -84.81
C PRO M 322 -61.83 30.16 -85.77
N MET M 323 -62.97 30.28 -86.47
CA MET M 323 -63.35 29.27 -87.45
C MET M 323 -62.39 29.27 -88.63
N GLU M 324 -62.00 30.45 -89.12
CA GLU M 324 -61.12 30.51 -90.28
C GLU M 324 -59.74 29.97 -89.98
N TYR M 325 -59.25 30.17 -88.76
CA TYR M 325 -57.99 29.55 -88.39
C TYR M 325 -58.12 28.03 -88.37
N ASP M 326 -59.26 27.51 -87.90
CA ASP M 326 -59.49 26.07 -87.96
C ASP M 326 -59.54 25.57 -89.40
N LEU M 327 -60.16 26.35 -90.30
CA LEU M 327 -60.22 25.93 -91.69
C LEU M 327 -58.83 25.91 -92.31
N HIS M 328 -58.03 26.94 -92.02
CA HIS M 328 -56.63 26.96 -92.45
C HIS M 328 -55.87 25.76 -91.90
N SER M 329 -56.13 25.40 -90.63
CA SER M 329 -55.51 24.20 -90.06
C SER M 329 -55.87 22.96 -90.86
N LEU M 330 -57.07 22.90 -91.43
CA LEU M 330 -57.50 21.70 -92.13
C LEU M 330 -56.87 21.61 -93.52
N ASN M 331 -57.04 22.65 -94.34
CA ASN M 331 -56.61 22.59 -95.74
C ASN M 331 -55.21 23.14 -95.98
N GLY M 332 -54.60 23.75 -94.98
CA GLY M 332 -53.21 24.17 -95.09
C GLY M 332 -52.95 25.36 -95.98
N LEU M 333 -53.99 26.07 -96.40
CA LEU M 333 -53.89 27.13 -97.39
C LEU M 333 -53.71 28.49 -96.70
N LYS M 334 -53.31 29.49 -97.50
CA LYS M 334 -52.94 30.80 -96.98
C LYS M 334 -54.05 31.43 -96.15
N TRP M 335 -53.68 32.05 -95.04
CA TRP M 335 -54.65 32.49 -94.04
C TRP M 335 -54.38 33.94 -93.62
N ALA M 336 -55.40 34.78 -93.75
CA ALA M 336 -55.34 36.16 -93.27
C ALA M 336 -56.29 36.35 -92.09
N ASN M 337 -55.94 37.30 -91.22
CA ASN M 337 -56.68 37.57 -89.99
C ASN M 337 -56.57 39.05 -89.67
N CYS M 338 -57.64 39.60 -89.08
CA CYS M 338 -57.59 40.98 -88.60
C CYS M 338 -58.54 41.15 -87.41
N ASP M 339 -57.98 41.27 -86.22
CA ASP M 339 -58.74 41.62 -85.03
C ASP M 339 -58.86 43.14 -84.90
N VAL M 340 -60.09 43.62 -84.77
CA VAL M 340 -60.38 45.04 -84.70
C VAL M 340 -60.68 45.39 -83.25
N GLU M 341 -59.89 46.31 -82.69
CA GLU M 341 -59.98 46.68 -81.29
C GLU M 341 -61.41 46.93 -80.84
N LEU M 342 -61.78 46.31 -79.71
CA LEU M 342 -63.06 46.54 -79.04
C LEU M 342 -64.28 46.18 -79.88
N GLU M 343 -64.09 45.68 -81.10
CA GLU M 343 -65.24 45.59 -82.00
C GLU M 343 -65.46 44.18 -82.53
N THR M 344 -64.47 43.61 -83.22
CA THR M 344 -64.67 42.32 -83.87
C THR M 344 -63.33 41.74 -84.31
N GLY M 345 -63.40 40.60 -85.00
CA GLY M 345 -62.27 40.00 -85.66
C GLY M 345 -62.68 39.55 -87.05
N SER M 346 -61.74 38.91 -87.75
CA SER M 346 -62.03 38.45 -89.10
C SER M 346 -60.93 37.51 -89.58
N GLY M 347 -61.27 36.68 -90.57
CA GLY M 347 -60.33 35.76 -91.17
C GLY M 347 -60.69 35.47 -92.60
N VAL M 348 -59.68 35.08 -93.39
CA VAL M 348 -59.83 34.82 -94.81
C VAL M 348 -58.98 33.61 -95.20
N VAL M 349 -59.61 32.62 -95.82
CA VAL M 349 -58.96 31.37 -96.27
C VAL M 349 -59.57 30.92 -97.59
N PRO M 350 -58.77 30.54 -98.59
CA PRO M 350 -59.36 29.91 -99.78
C PRO M 350 -59.88 28.52 -99.45
N PHE M 351 -60.89 28.09 -100.21
CA PHE M 351 -61.38 26.72 -100.08
C PHE M 351 -61.84 26.20 -101.42
N ILE M 352 -61.48 24.94 -101.71
CA ILE M 352 -61.86 24.25 -102.93
C ILE M 352 -63.00 23.31 -102.58
N TYR M 353 -64.22 23.68 -102.99
CA TYR M 353 -65.40 22.82 -102.81
C TYR M 353 -65.48 21.85 -103.99
N SER M 354 -64.62 20.83 -103.96
CA SER M 354 -64.60 19.88 -105.07
C SER M 354 -65.78 18.93 -105.01
N ALA M 355 -66.49 18.80 -106.14
CA ALA M 355 -67.65 17.91 -106.18
C ALA M 355 -67.26 16.47 -105.88
N ARG M 356 -66.04 16.08 -106.27
CA ARG M 356 -65.56 14.72 -106.06
C ARG M 356 -65.20 14.45 -104.60
N ALA M 357 -65.10 15.44 -103.80
CA ALA M 357 -64.73 15.20 -102.40
C ALA M 357 -65.99 14.95 -101.57
N PRO M 358 -65.90 14.08 -100.57
CA PRO M 358 -67.11 13.67 -99.84
C PRO M 358 -67.75 14.81 -99.06
N VAL M 359 -66.97 15.63 -98.36
CA VAL M 359 -67.51 16.67 -97.51
C VAL M 359 -68.19 17.76 -98.34
N PRO M 360 -67.56 18.35 -99.37
CA PRO M 360 -68.29 19.33 -100.19
C PRO M 360 -69.54 18.76 -100.84
N ALA M 361 -69.51 17.49 -101.22
CA ALA M 361 -70.69 16.84 -101.77
C ALA M 361 -71.86 16.89 -100.78
N VAL M 362 -71.60 16.54 -99.52
CA VAL M 362 -72.68 16.55 -98.53
C VAL M 362 -73.18 17.97 -98.27
N GLN M 363 -72.26 18.95 -98.21
CA GLN M 363 -72.66 20.34 -97.99
C GLN M 363 -73.51 20.88 -99.12
N TRP M 364 -73.17 20.51 -100.36
CA TRP M 364 -74.03 20.87 -101.48
C TRP M 364 -75.43 20.35 -101.27
N ALA M 365 -75.55 19.08 -100.86
CA ALA M 365 -76.86 18.48 -100.64
C ALA M 365 -77.61 19.17 -99.51
N ILE M 366 -76.92 19.53 -98.42
CA ILE M 366 -77.58 20.13 -97.26
C ILE M 366 -78.31 21.41 -97.67
N GLY M 367 -77.67 22.25 -98.49
CA GLY M 367 -78.31 23.47 -98.94
C GLY M 367 -79.51 23.19 -99.83
N MET M 368 -79.38 22.25 -100.76
CA MET M 368 -80.50 21.86 -101.61
C MET M 368 -81.66 21.35 -100.76
N GLU M 369 -81.35 20.49 -99.79
CA GLU M 369 -82.36 20.01 -98.85
C GLU M 369 -83.08 21.16 -98.17
N LEU M 370 -82.33 22.20 -97.78
CA LEU M 370 -82.95 23.34 -97.10
C LEU M 370 -83.90 24.09 -98.02
N PHE M 371 -83.48 24.36 -99.26
CA PHE M 371 -84.36 25.04 -100.21
C PHE M 371 -85.65 24.25 -100.40
N LEU M 372 -85.54 22.93 -100.54
CA LEU M 372 -86.65 22.12 -101.03
C LEU M 372 -87.55 21.59 -99.94
N LEU M 373 -87.01 21.33 -98.75
CA LEU M 373 -87.89 20.81 -97.71
C LEU M 373 -88.59 21.90 -96.94
N ILE M 374 -88.20 23.16 -97.16
CA ILE M 374 -88.93 24.28 -96.58
C ILE M 374 -90.07 24.57 -97.53
N ASP M 375 -91.29 24.49 -97.01
CA ASP M 375 -92.46 24.50 -97.85
C ASP M 375 -92.77 25.90 -98.37
N ASN M 376 -92.66 26.91 -97.50
CA ASN M 376 -93.05 28.28 -97.81
C ASN M 376 -91.84 29.08 -98.25
N PRO M 377 -91.77 29.49 -99.51
CA PRO M 377 -90.63 30.32 -99.95
C PRO M 377 -90.53 31.67 -99.23
N GLU M 378 -91.61 32.17 -98.63
CA GLU M 378 -91.54 33.45 -97.93
C GLU M 378 -90.62 33.41 -96.71
N LYS M 379 -90.14 32.25 -96.30
CA LYS M 379 -89.22 32.13 -95.17
C LYS M 379 -87.76 31.94 -95.58
N VAL M 380 -87.42 32.00 -96.86
CA VAL M 380 -86.07 31.67 -97.32
C VAL M 380 -85.62 32.63 -98.40
N CYS M 381 -84.30 32.88 -98.43
CA CYS M 381 -83.64 33.73 -99.41
C CYS M 381 -82.55 32.95 -100.13
N LEU M 382 -82.28 33.32 -101.37
CA LEU M 382 -81.25 32.68 -102.19
C LEU M 382 -79.91 33.34 -101.90
N THR M 383 -78.97 32.59 -101.32
CA THR M 383 -77.64 33.11 -101.03
C THR M 383 -76.59 32.02 -101.20
N THR M 384 -75.36 32.48 -101.44
CA THR M 384 -74.17 31.64 -101.39
C THR M 384 -73.18 32.15 -100.34
N ASP M 385 -73.66 32.97 -99.39
CA ASP M 385 -72.83 33.76 -98.50
C ASP M 385 -71.60 34.30 -99.25
N SER M 386 -71.87 34.85 -100.44
CA SER M 386 -70.85 35.15 -101.43
C SER M 386 -69.69 35.94 -100.83
N PRO M 387 -68.45 35.46 -101.03
CA PRO M 387 -68.04 34.28 -101.80
C PRO M 387 -67.83 32.99 -100.99
N ASN M 388 -68.31 32.95 -99.74
CA ASN M 388 -67.92 31.89 -98.81
C ASN M 388 -68.30 30.52 -99.33
N ALA M 389 -69.53 30.35 -99.79
CA ALA M 389 -69.96 29.11 -100.40
C ALA M 389 -69.84 29.12 -101.92
N GLY M 390 -69.59 30.29 -102.50
CA GLY M 390 -69.42 30.44 -103.93
C GLY M 390 -69.67 31.87 -104.33
N PRO M 391 -69.15 32.28 -105.50
CA PRO M 391 -69.37 33.66 -105.94
C PRO M 391 -70.82 33.88 -106.31
N PHE M 392 -71.29 35.13 -106.13
CA PHE M 392 -72.69 35.43 -106.41
C PHE M 392 -73.03 35.28 -107.88
N THR M 393 -72.03 35.24 -108.76
CA THR M 393 -72.27 34.95 -110.16
C THR M 393 -72.93 33.60 -110.39
N ARG M 394 -73.01 32.75 -109.37
CA ARG M 394 -73.59 31.42 -109.51
C ARG M 394 -75.03 31.32 -109.01
N TYR M 395 -75.66 32.44 -108.67
CA TYR M 395 -77.09 32.41 -108.38
C TYR M 395 -77.90 31.81 -109.52
N PRO M 396 -77.65 32.11 -110.80
CA PRO M 396 -78.42 31.43 -111.86
C PRO M 396 -78.29 29.92 -111.83
N ARG M 397 -77.10 29.39 -111.55
CA ARG M 397 -76.93 27.95 -111.44
C ARG M 397 -77.69 27.38 -110.24
N VAL M 398 -77.74 28.14 -109.15
CA VAL M 398 -78.54 27.72 -108.01
C VAL M 398 -80.02 27.69 -108.39
N ILE M 399 -80.47 28.72 -109.10
CA ILE M 399 -81.83 28.72 -109.63
C ILE M 399 -82.06 27.49 -110.49
N ALA M 400 -81.17 27.25 -111.47
CA ALA M 400 -81.32 26.11 -112.36
C ALA M 400 -81.43 24.80 -111.60
N TRP M 401 -80.56 24.61 -110.60
CA TRP M 401 -80.64 23.41 -109.77
C TRP M 401 -81.99 23.27 -109.10
N LEU M 402 -82.54 24.38 -108.63
CA LEU M 402 -83.81 24.33 -107.90
C LEU M 402 -84.97 24.03 -108.83
N MET M 403 -84.88 24.51 -110.06
CA MET M 403 -85.93 24.40 -111.06
C MET M 403 -85.91 23.08 -111.81
N SER M 404 -84.94 22.20 -111.54
CA SER M 404 -84.73 21.05 -112.41
C SER M 404 -84.34 19.83 -111.60
N ASN M 405 -85.26 18.85 -111.56
CA ASN M 405 -84.96 17.53 -111.05
C ASN M 405 -83.84 16.89 -111.84
N LYS M 406 -83.79 17.18 -113.13
CA LYS M 406 -82.83 16.53 -114.03
C LYS M 406 -81.42 17.03 -113.76
N TYR M 407 -81.26 18.36 -113.65
CA TYR M 407 -79.94 18.93 -113.39
C TYR M 407 -79.30 18.33 -112.14
N ARG M 408 -80.08 18.20 -111.08
CA ARG M 408 -79.54 17.69 -109.81
C ARG M 408 -79.12 16.23 -109.94
N MET M 409 -80.01 15.38 -110.47
CA MET M 409 -79.68 13.96 -110.55
C MET M 409 -78.51 13.72 -111.52
N ASN M 410 -78.40 14.54 -112.57
CA ASN M 410 -77.23 14.45 -113.43
C ASN M 410 -75.96 14.73 -112.64
N LEU M 411 -76.00 15.68 -111.72
CA LEU M 411 -74.84 15.99 -110.91
C LEU M 411 -74.65 14.96 -109.80
N ILE M 412 -75.74 14.53 -109.18
CA ILE M 412 -75.66 13.51 -108.14
C ILE M 412 -75.11 12.21 -108.70
N GLU M 413 -75.64 11.77 -109.83
CA GLU M 413 -75.25 10.49 -110.41
C GLU M 413 -73.96 10.55 -111.20
N GLY M 414 -73.31 11.71 -111.29
CA GLY M 414 -72.09 11.80 -112.06
C GLY M 414 -70.93 12.26 -111.21
N GLU M 415 -70.65 13.56 -111.19
CA GLU M 415 -69.43 14.01 -110.53
C GLU M 415 -69.53 13.99 -109.01
N LEU M 416 -70.72 14.22 -108.46
CA LEU M 416 -70.86 14.31 -107.01
C LEU M 416 -70.44 13.01 -106.34
N HIS M 417 -69.62 13.14 -105.31
CA HIS M 417 -69.27 11.99 -104.48
C HIS M 417 -70.54 11.32 -103.97
N LYS M 418 -70.51 9.99 -103.84
CA LYS M 418 -71.71 9.27 -103.45
C LYS M 418 -72.17 9.59 -102.03
N TRP M 419 -71.34 10.25 -101.22
CA TRP M 419 -71.79 10.69 -99.91
C TRP M 419 -73.00 11.60 -99.98
N ALA M 420 -73.18 12.30 -101.11
CA ALA M 420 -74.36 13.13 -101.28
C ALA M 420 -75.64 12.31 -101.20
N GLN M 421 -75.61 11.05 -101.66
CA GLN M 421 -76.76 10.17 -101.55
C GLN M 421 -76.79 9.46 -100.20
N ARG M 422 -75.66 8.89 -99.79
CA ARG M 422 -75.63 8.06 -98.59
C ARG M 422 -75.90 8.86 -97.33
N LYS M 423 -75.51 10.13 -97.32
CA LYS M 423 -75.50 10.90 -96.08
C LYS M 423 -76.48 12.07 -96.15
N SER M 424 -77.45 12.01 -97.05
CA SER M 424 -78.51 13.02 -97.15
C SER M 424 -79.71 12.42 -97.87
N THR M 425 -80.75 13.23 -98.01
CA THR M 425 -81.99 12.83 -98.66
C THR M 425 -82.20 13.51 -100.01
N VAL M 426 -81.17 14.18 -100.56
CA VAL M 426 -81.37 15.00 -101.75
C VAL M 426 -81.90 14.17 -102.91
N ALA M 427 -81.36 12.96 -103.10
CA ALA M 427 -81.71 12.16 -104.27
C ALA M 427 -83.17 11.77 -104.30
N THR M 428 -83.82 11.69 -103.14
CA THR M 428 -85.21 11.30 -103.04
C THR M 428 -86.17 12.47 -103.16
N ILE M 429 -85.67 13.68 -103.44
CA ILE M 429 -86.48 14.88 -103.46
C ILE M 429 -86.71 15.27 -104.90
N ASP M 430 -87.98 15.25 -105.32
CA ASP M 430 -88.32 15.55 -106.70
C ASP M 430 -88.92 16.94 -106.90
N ARG M 431 -89.05 17.73 -105.84
CA ARG M 431 -89.61 19.07 -105.96
C ARG M 431 -88.84 19.95 -106.92
N GLU M 432 -89.57 20.79 -107.66
CA GLU M 432 -88.98 21.80 -108.53
C GLU M 432 -89.62 23.15 -108.24
N TYR M 433 -88.78 24.17 -108.05
CA TYR M 433 -89.28 25.52 -107.83
C TYR M 433 -89.97 26.07 -109.08
N THR M 434 -91.05 26.81 -108.86
CA THR M 434 -91.69 27.53 -109.95
C THR M 434 -90.97 28.85 -110.17
N PHE M 435 -91.29 29.52 -111.29
CA PHE M 435 -90.72 30.84 -111.49
C PHE M 435 -91.19 31.81 -110.43
N SER M 436 -92.37 31.55 -109.86
CA SER M 436 -92.87 32.42 -108.80
C SER M 436 -92.10 32.22 -107.50
N GLU M 437 -91.82 30.97 -107.13
CA GLU M 437 -91.07 30.72 -105.89
C GLU M 437 -89.63 31.24 -105.98
N ILE M 438 -89.00 31.18 -107.16
CA ILE M 438 -87.67 31.75 -107.27
C ILE M 438 -87.72 33.28 -107.16
N ALA M 439 -88.71 33.91 -107.78
CA ALA M 439 -88.86 35.36 -107.61
C ALA M 439 -89.10 35.70 -106.15
N GLN M 440 -89.72 34.78 -105.40
CA GLN M 440 -89.94 35.01 -103.98
C GLN M 440 -88.64 34.97 -103.19
N ILE M 441 -87.78 33.99 -103.48
CA ILE M 441 -86.55 33.82 -102.70
C ILE M 441 -85.42 34.74 -103.17
N THR M 442 -85.57 35.36 -104.33
CA THR M 442 -84.57 36.29 -104.84
C THR M 442 -84.99 37.75 -104.75
N ARG M 443 -86.23 38.03 -104.35
CA ARG M 443 -86.74 39.40 -104.33
C ARG M 443 -87.58 39.68 -103.10
N ALA M 444 -88.67 38.94 -103.00
CA ALA M 444 -89.77 39.31 -102.13
C ALA M 444 -89.40 39.10 -100.66
N THR M 445 -88.97 37.89 -100.33
CA THR M 445 -88.57 37.59 -98.96
C THR M 445 -87.51 38.56 -98.49
N SER M 446 -86.49 38.78 -99.32
CA SER M 446 -85.39 39.69 -98.95
C SER M 446 -85.89 41.12 -98.79
N ALA M 447 -86.64 41.62 -99.78
CA ALA M 447 -87.15 42.98 -99.68
C ALA M 447 -88.05 43.17 -98.47
N LYS M 448 -88.93 42.19 -98.21
CA LYS M 448 -89.86 42.30 -97.09
C LYS M 448 -89.12 42.30 -95.75
N VAL M 449 -88.23 41.33 -95.55
CA VAL M 449 -87.59 41.16 -94.24
C VAL M 449 -86.59 42.27 -93.97
N LEU M 450 -86.04 42.88 -95.02
CA LEU M 450 -85.14 44.01 -94.84
C LEU M 450 -85.88 45.31 -94.59
N GLY M 451 -87.21 45.28 -94.61
CA GLY M 451 -88.00 46.48 -94.39
C GLY M 451 -88.07 47.43 -95.55
N LEU M 452 -87.83 46.95 -96.78
CA LEU M 452 -87.82 47.81 -97.95
C LEU M 452 -88.96 47.54 -98.91
N SER M 453 -89.91 46.68 -98.53
CA SER M 453 -90.94 46.24 -99.47
C SER M 453 -91.87 47.37 -99.92
N ASP M 454 -91.83 48.54 -99.28
CA ASP M 454 -92.57 49.68 -99.83
C ASP M 454 -92.05 50.05 -101.20
N THR M 455 -90.72 50.04 -101.37
CA THR M 455 -90.09 50.54 -102.59
C THR M 455 -89.31 49.50 -103.36
N LYS M 456 -89.05 48.32 -102.81
CA LYS M 456 -88.26 47.32 -103.51
C LYS M 456 -88.88 45.94 -103.42
N GLY M 457 -88.46 45.10 -104.36
CA GLY M 457 -88.83 43.71 -104.43
C GLY M 457 -90.18 43.46 -105.07
N HIS M 458 -90.81 44.47 -105.66
CA HIS M 458 -92.13 44.26 -106.25
C HIS M 458 -92.32 45.20 -107.44
N LEU M 459 -93.34 44.88 -108.25
CA LEU M 459 -93.63 45.62 -109.47
C LEU M 459 -94.88 46.47 -109.38
N GLY M 460 -95.42 46.68 -108.18
CA GLY M 460 -96.63 47.44 -108.02
C GLY M 460 -96.40 48.94 -108.12
N VAL M 461 -97.51 49.67 -108.16
CA VAL M 461 -97.46 51.12 -108.24
C VAL M 461 -96.88 51.66 -106.94
N GLY M 462 -95.96 52.61 -107.04
CA GLY M 462 -95.23 53.12 -105.90
C GLY M 462 -93.83 52.56 -105.74
N ALA M 463 -93.55 51.41 -106.36
CA ALA M 463 -92.22 50.82 -106.26
C ALA M 463 -91.21 51.65 -107.04
N ASP M 464 -89.95 51.55 -106.63
CA ASP M 464 -88.87 52.08 -107.46
C ASP M 464 -88.81 51.28 -108.76
N ALA M 465 -88.39 51.95 -109.83
CA ALA M 465 -88.35 51.32 -111.15
C ALA M 465 -87.08 50.47 -111.31
N ASP M 466 -86.96 49.46 -110.46
CA ASP M 466 -85.87 48.49 -110.54
C ASP M 466 -86.43 47.18 -111.05
N ILE M 467 -86.20 46.89 -112.33
CA ILE M 467 -86.89 45.81 -113.01
C ILE M 467 -85.90 45.05 -113.87
N ALA M 468 -86.06 43.73 -113.92
CA ALA M 468 -85.22 42.85 -114.72
C ALA M 468 -86.12 42.10 -115.70
N VAL M 469 -85.68 42.03 -116.95
CA VAL M 469 -86.34 41.25 -117.99
C VAL M 469 -85.40 40.15 -118.44
N TYR M 470 -85.84 38.91 -118.30
CA TYR M 470 -85.05 37.75 -118.64
C TYR M 470 -85.63 37.12 -119.90
N ASP M 471 -84.74 36.80 -120.85
CA ASP M 471 -85.13 36.21 -122.12
C ASP M 471 -85.55 34.75 -121.94
N ILE M 472 -86.64 34.52 -121.21
CA ILE M 472 -87.23 33.21 -121.05
C ILE M 472 -88.72 33.29 -121.35
N ASN M 473 -89.22 32.32 -122.10
CA ASN M 473 -90.66 32.22 -122.38
C ASN M 473 -91.24 31.09 -121.54
N PRO M 474 -91.95 31.39 -120.45
CA PRO M 474 -92.43 30.30 -119.58
C PRO M 474 -93.53 29.46 -120.21
N GLU M 475 -94.23 29.98 -121.23
CA GLU M 475 -95.24 29.17 -121.89
C GLU M 475 -94.63 28.10 -122.80
N THR M 476 -93.43 28.35 -123.33
CA THR M 476 -92.85 27.47 -124.34
C THR M 476 -91.63 26.68 -123.86
N VAL M 477 -90.94 27.15 -122.80
CA VAL M 477 -89.72 26.53 -122.28
C VAL M 477 -90.02 25.77 -121.03
N ASP M 478 -89.30 24.64 -120.87
CA ASP M 478 -89.57 23.74 -119.72
C ASP M 478 -88.39 23.86 -118.71
N PRO M 479 -88.68 24.34 -117.55
CA PRO M 479 -87.69 24.56 -116.46
C PRO M 479 -86.91 23.32 -116.26
N SER M 480 -87.57 22.14 -116.25
CA SER M 480 -86.93 20.91 -115.82
C SER M 480 -85.92 20.36 -116.84
N ALA M 481 -86.29 20.29 -118.12
CA ALA M 481 -85.42 19.63 -119.09
C ALA M 481 -84.33 20.55 -119.63
N GLU M 482 -84.64 21.82 -119.83
CA GLU M 482 -83.72 22.76 -120.47
C GLU M 482 -82.94 23.59 -119.47
N TYR M 483 -82.44 22.95 -118.40
CA TYR M 483 -81.85 23.67 -117.27
C TYR M 483 -80.71 24.59 -117.68
N MET M 484 -79.97 24.26 -118.74
CA MET M 484 -78.90 25.15 -119.16
C MET M 484 -79.41 26.43 -119.81
N ALA M 485 -80.62 26.40 -120.38
CA ALA M 485 -81.22 27.64 -120.87
C ALA M 485 -81.69 28.51 -119.73
N ILE M 486 -82.15 27.91 -118.63
CA ILE M 486 -82.52 28.68 -117.44
C ILE M 486 -81.30 29.36 -116.84
N GLU M 487 -80.19 28.62 -116.72
CA GLU M 487 -78.97 29.17 -116.14
C GLU M 487 -78.43 30.31 -116.99
N GLU M 488 -78.32 30.08 -118.30
CA GLU M 488 -77.77 31.08 -119.20
C GLU M 488 -78.61 32.35 -119.23
N ALA M 489 -79.93 32.21 -119.15
CA ALA M 489 -80.82 33.36 -119.28
C ALA M 489 -80.82 34.24 -118.04
N PHE M 490 -80.82 33.63 -116.85
CA PHE M 490 -80.72 34.41 -115.63
C PHE M 490 -79.33 35.00 -115.43
N SER M 491 -78.34 34.56 -116.20
CA SER M 491 -77.00 35.13 -116.12
C SER M 491 -76.88 36.45 -116.86
N ARG M 492 -77.59 36.63 -117.98
CA ARG M 492 -77.40 37.79 -118.83
C ARG M 492 -78.79 38.32 -119.20
N ALA M 493 -79.28 39.22 -118.36
CA ALA M 493 -80.62 39.74 -118.54
C ALA M 493 -80.76 40.48 -119.88
N ALA M 494 -81.94 40.32 -120.49
CA ALA M 494 -82.22 41.02 -121.73
C ALA M 494 -82.30 42.52 -121.51
N CYS M 495 -82.95 42.95 -120.43
CA CYS M 495 -83.05 44.38 -120.13
C CYS M 495 -83.18 44.55 -118.62
N VAL M 496 -82.47 45.54 -118.08
CA VAL M 496 -82.52 45.90 -116.67
C VAL M 496 -82.68 47.42 -116.56
N LEU M 497 -83.65 47.87 -115.78
CA LEU M 497 -83.80 49.27 -115.45
C LEU M 497 -83.43 49.49 -113.98
N LYS M 498 -82.74 50.58 -113.71
CA LYS M 498 -82.33 50.97 -112.37
C LYS M 498 -82.79 52.41 -112.15
N ASP M 499 -83.79 52.59 -111.29
CA ASP M 499 -84.42 53.90 -111.07
C ASP M 499 -84.89 54.52 -112.38
N GLY M 500 -85.56 53.70 -113.20
CA GLY M 500 -86.15 54.15 -114.44
C GLY M 500 -85.19 54.27 -115.61
N GLU M 501 -83.89 54.16 -115.39
CA GLU M 501 -82.89 54.30 -116.44
C GLU M 501 -82.39 52.92 -116.89
N ILE M 502 -82.17 52.79 -118.20
CA ILE M 502 -81.64 51.53 -118.70
C ILE M 502 -80.16 51.41 -118.36
N VAL M 503 -79.81 50.33 -117.64
CA VAL M 503 -78.41 50.08 -117.31
C VAL M 503 -77.86 48.81 -117.92
N VAL M 504 -78.69 47.88 -118.42
CA VAL M 504 -78.22 46.66 -119.06
C VAL M 504 -79.08 46.38 -120.28
N LYS M 505 -78.45 45.95 -121.37
CA LYS M 505 -79.17 45.64 -122.61
C LYS M 505 -78.51 44.45 -123.28
N ASP M 506 -79.26 43.36 -123.46
CA ASP M 506 -78.75 42.11 -124.02
C ASP M 506 -77.52 41.60 -123.26
N GLY M 507 -77.60 41.63 -121.93
CA GLY M 507 -76.52 41.14 -121.11
C GLY M 507 -75.38 42.11 -120.91
N GLU M 508 -75.33 43.19 -121.68
CA GLU M 508 -74.22 44.12 -121.62
C GLU M 508 -74.58 45.34 -120.76
N VAL M 509 -73.63 45.77 -119.94
CA VAL M 509 -73.81 46.98 -119.17
C VAL M 509 -73.70 48.18 -120.11
N VAL M 510 -74.68 49.07 -120.05
CA VAL M 510 -74.71 50.25 -120.92
C VAL M 510 -74.76 51.56 -120.15
N ALA M 511 -74.79 51.53 -118.82
CA ALA M 511 -74.77 52.75 -118.02
C ALA M 511 -74.25 52.42 -116.63
N SER M 512 -73.65 53.43 -115.99
CA SER M 512 -72.96 53.23 -114.71
C SER M 512 -73.37 54.27 -113.68
N PRO M 513 -74.65 54.33 -113.31
CA PRO M 513 -75.05 55.25 -112.23
C PRO M 513 -74.61 54.72 -110.87
N HIS M 514 -74.43 55.64 -109.93
CA HIS M 514 -74.14 55.28 -108.55
C HIS M 514 -75.44 55.02 -107.80
N GLY M 515 -75.45 53.97 -106.99
CA GLY M 515 -76.62 53.65 -106.21
C GLY M 515 -76.66 54.36 -104.87
N ARG M 516 -77.79 54.21 -104.20
CA ARG M 516 -78.02 54.80 -102.89
C ARG M 516 -77.43 53.94 -101.77
N THR M 517 -77.13 54.58 -100.64
CA THR M 517 -76.67 53.88 -99.43
C THR M 517 -77.75 54.04 -98.36
N TYR M 518 -78.47 52.96 -98.11
CA TYR M 518 -79.49 52.95 -97.06
C TYR M 518 -78.83 52.76 -95.71
N TRP M 519 -79.19 53.62 -94.76
CA TRP M 519 -78.74 53.51 -93.38
C TRP M 519 -79.92 53.87 -92.48
N VAL M 520 -79.79 53.61 -91.18
CA VAL M 520 -80.92 53.66 -90.27
C VAL M 520 -80.77 54.85 -89.34
N ASP M 521 -81.84 55.65 -89.25
CA ASP M 521 -81.90 56.87 -88.47
C ASP M 521 -82.77 56.59 -87.25
N THR M 522 -82.19 56.57 -86.06
CA THR M 522 -82.91 56.31 -84.82
C THR M 522 -82.68 57.44 -83.82
N GLN M 523 -83.68 57.69 -82.98
CA GLN M 523 -83.62 58.74 -81.96
C GLN M 523 -84.03 58.20 -80.62
N VAL M 524 -83.25 58.52 -79.60
CA VAL M 524 -83.39 57.98 -78.25
C VAL M 524 -83.39 59.16 -77.29
N ASP M 525 -84.03 58.96 -76.13
CA ASP M 525 -84.09 59.94 -75.04
C ASP M 525 -82.75 60.64 -74.83
N GLU M 526 -82.80 61.97 -74.78
CA GLU M 526 -81.60 62.79 -74.57
C GLU M 526 -80.73 62.26 -73.44
N SER M 527 -81.34 61.89 -72.32
CA SER M 527 -80.58 61.68 -71.09
C SER M 527 -79.77 60.39 -71.18
N ILE M 528 -80.43 59.33 -71.61
CA ILE M 528 -79.80 58.05 -71.91
C ILE M 528 -78.67 58.25 -72.92
N TYR M 529 -78.96 59.01 -73.98
CA TYR M 529 -78.00 59.21 -75.06
C TYR M 529 -76.77 59.97 -74.60
N SER M 530 -76.98 61.10 -73.91
CA SER M 530 -75.85 61.91 -73.43
C SER M 530 -74.94 61.10 -72.51
N GLU M 531 -75.54 60.35 -71.57
CA GLU M 531 -74.74 59.57 -70.63
C GLU M 531 -73.94 58.49 -71.32
N VAL M 532 -74.54 57.80 -72.28
CA VAL M 532 -73.83 56.75 -73.01
C VAL M 532 -72.69 57.36 -73.83
N LEU M 533 -72.95 58.49 -74.51
CA LEU M 533 -71.90 59.09 -75.30
C LEU M 533 -70.78 59.66 -74.44
N ALA M 534 -71.09 60.05 -73.20
CA ALA M 534 -70.03 60.44 -72.28
C ALA M 534 -69.18 59.22 -71.90
N ASN M 535 -69.82 58.08 -71.66
CA ASN M 535 -69.09 56.86 -71.37
C ASN M 535 -68.29 56.38 -72.59
N VAL M 536 -68.89 56.46 -73.78
CA VAL M 536 -68.18 56.03 -74.99
C VAL M 536 -66.93 56.88 -75.20
N GLU M 537 -67.06 58.19 -75.06
CA GLU M 537 -65.89 59.06 -75.24
C GLU M 537 -64.82 58.76 -74.20
N SER M 538 -65.22 58.27 -73.02
CA SER M 538 -64.23 57.93 -72.00
C SER M 538 -63.39 56.72 -72.40
N LYS M 539 -64.03 55.69 -72.97
CA LYS M 539 -63.27 54.52 -73.37
C LYS M 539 -62.42 54.78 -74.61
N PHE M 540 -62.88 55.68 -75.49
CA PHE M 540 -62.06 56.10 -76.63
C PHE M 540 -60.75 56.72 -76.15
N LYS M 541 -60.82 57.60 -75.16
CA LYS M 541 -59.61 58.23 -74.64
C LYS M 541 -58.65 57.21 -74.03
N GLN M 542 -59.20 56.24 -73.28
CA GLN M 542 -58.36 55.24 -72.63
C GLN M 542 -57.90 54.15 -73.59
N TYR M 543 -58.83 53.54 -74.31
CA TYR M 543 -58.61 52.20 -74.86
C TYR M 543 -58.62 52.13 -76.38
N TYR M 544 -59.23 53.07 -77.08
CA TYR M 544 -59.13 53.08 -78.53
C TYR M 544 -57.77 53.63 -78.97
N SER M 545 -57.41 53.35 -80.22
CA SER M 545 -56.17 53.84 -80.80
C SER M 545 -56.38 55.04 -81.70
N VAL M 546 -57.61 55.55 -81.79
CA VAL M 546 -57.92 56.79 -82.48
C VAL M 546 -58.64 57.72 -81.51
N ASN M 547 -58.86 58.94 -81.95
CA ASN M 547 -59.55 59.94 -81.14
C ASN M 547 -61.03 59.99 -81.50
N PHE M 548 -61.86 60.14 -80.47
CA PHE M 548 -63.32 60.10 -80.62
C PHE M 548 -63.81 61.00 -81.75
N ALA M 549 -63.21 62.18 -81.89
CA ALA M 549 -63.69 63.14 -82.90
C ALA M 549 -63.53 62.63 -84.32
N ASN M 550 -62.54 61.77 -84.57
CA ASN M 550 -62.22 61.34 -85.92
C ASN M 550 -62.90 60.03 -86.31
N TYR M 551 -63.67 59.42 -85.40
CA TYR M 551 -64.20 58.08 -85.58
C TYR M 551 -65.40 58.00 -86.52
N PRO M 552 -66.47 58.80 -86.32
CA PRO M 552 -67.67 58.61 -87.17
C PRO M 552 -67.40 58.89 -88.64
N VAL M 553 -68.18 58.23 -89.50
CA VAL M 553 -68.07 58.43 -90.93
C VAL M 553 -68.63 59.80 -91.29
N GLN M 554 -67.81 60.63 -91.94
CA GLN M 554 -68.21 61.96 -92.33
C GLN M 554 -69.14 61.90 -93.54
N ASP M 555 -69.90 63.00 -93.75
CA ASP M 555 -70.95 62.97 -94.77
C ASP M 555 -70.45 62.85 -96.19
N ASP M 556 -69.19 63.21 -96.47
CA ASP M 556 -68.73 63.14 -97.86
C ASP M 556 -68.59 61.71 -98.34
N TYR M 557 -68.61 60.73 -97.43
CA TYR M 557 -68.52 59.33 -97.84
C TYR M 557 -69.86 58.78 -98.31
N LEU M 558 -70.94 59.56 -98.17
CA LEU M 558 -72.27 59.18 -98.63
C LEU M 558 -72.78 60.25 -99.60
N PRO M 559 -72.34 60.22 -100.86
CA PRO M 559 -72.92 61.14 -101.86
C PRO M 559 -74.42 60.95 -102.05
N LYS M 560 -74.91 59.73 -101.85
CA LYS M 560 -76.32 59.40 -102.09
C LYS M 560 -76.93 58.85 -100.81
N SER M 561 -76.96 59.66 -99.76
CA SER M 561 -77.51 59.26 -98.47
C SER M 561 -79.01 58.99 -98.58
N ALA M 562 -79.44 57.83 -98.07
CA ALA M 562 -80.85 57.41 -98.10
C ALA M 562 -81.26 56.91 -96.73
N PRO M 563 -81.54 57.82 -95.79
CA PRO M 563 -81.91 57.38 -94.44
C PRO M 563 -83.26 56.66 -94.42
N VAL M 564 -83.34 55.66 -93.53
CA VAL M 564 -84.57 54.93 -93.24
C VAL M 564 -84.83 55.04 -91.74
N LYS M 565 -86.09 55.24 -91.37
CA LYS M 565 -86.47 55.55 -90.00
C LYS M 565 -86.70 54.30 -89.16
N GLY M 566 -86.11 54.31 -87.96
CA GLY M 566 -86.38 53.40 -86.85
C GLY M 566 -87.37 54.02 -85.87
N VAL M 567 -87.01 54.09 -84.58
CA VAL M 567 -87.83 54.75 -83.57
C VAL M 567 -87.44 56.23 -83.47
N MET M 568 -88.43 57.13 -83.44
CA MET M 568 -88.12 58.55 -83.23
C MET M 568 -88.86 59.17 -82.05
N LEU M 569 -88.28 60.28 -81.60
CA LEU M 569 -88.71 61.00 -80.39
C LEU M 569 -88.56 60.09 -79.18
N MET N 1 -53.69 83.64 -81.74
CA MET N 1 -53.32 82.34 -82.29
C MET N 1 -54.44 81.31 -82.13
N GLU N 2 -54.53 80.41 -83.10
CA GLU N 2 -55.57 79.38 -83.15
C GLU N 2 -54.97 78.01 -82.92
N TYR N 3 -55.66 77.19 -82.13
CA TYR N 3 -55.25 75.82 -81.84
C TYR N 3 -56.26 74.88 -82.48
N VAL N 4 -55.82 74.13 -83.48
CA VAL N 4 -56.68 73.17 -84.18
C VAL N 4 -56.31 71.78 -83.67
N LYS N 5 -57.29 71.08 -83.12
CA LYS N 5 -57.08 69.81 -82.45
C LYS N 5 -57.49 68.63 -83.34
N ASN N 6 -57.13 67.43 -82.86
CA ASN N 6 -57.50 66.16 -83.50
C ASN N 6 -56.99 66.07 -84.95
N VAL N 7 -55.88 66.75 -85.25
CA VAL N 7 -55.33 66.74 -86.60
C VAL N 7 -54.61 65.42 -86.85
N VAL N 8 -54.65 64.94 -88.09
CA VAL N 8 -54.00 63.70 -88.48
C VAL N 8 -52.67 64.01 -89.15
N CYS N 9 -51.61 63.33 -88.74
CA CYS N 9 -50.29 63.75 -89.21
C CYS N 9 -49.96 63.11 -90.56
N PRO N 10 -49.55 63.89 -91.52
CA PRO N 10 -49.23 63.36 -92.86
C PRO N 10 -47.77 62.98 -93.08
N PHE N 11 -47.19 62.15 -92.19
CA PHE N 11 -45.87 61.61 -92.51
C PHE N 11 -45.83 60.08 -92.57
N CYS N 12 -45.73 59.39 -91.42
CA CYS N 12 -45.49 57.95 -91.48
C CYS N 12 -46.75 57.16 -91.17
N GLY N 13 -46.64 55.84 -91.36
CA GLY N 13 -47.77 54.93 -91.23
C GLY N 13 -48.34 54.81 -89.84
N THR N 14 -47.73 55.41 -88.83
CA THR N 14 -48.36 55.50 -87.52
C THR N 14 -49.63 56.32 -87.59
N LEU N 15 -49.67 57.32 -88.48
CA LEU N 15 -50.87 58.12 -88.75
C LEU N 15 -51.51 58.63 -87.47
N CYS N 16 -50.70 59.26 -86.62
CA CYS N 16 -51.24 59.86 -85.42
C CYS N 16 -52.33 60.86 -85.75
N ASP N 17 -53.43 60.78 -85.00
CA ASP N 17 -54.60 61.63 -85.23
C ASP N 17 -54.92 62.50 -84.02
N ASP N 18 -53.94 62.74 -83.16
CA ASP N 18 -54.12 63.58 -81.98
C ASP N 18 -53.25 64.83 -82.03
N ILE N 19 -52.81 65.23 -83.22
CA ILE N 19 -51.93 66.39 -83.35
C ILE N 19 -52.72 67.66 -83.09
N ILE N 20 -52.11 68.58 -82.34
CA ILE N 20 -52.60 69.95 -82.23
C ILE N 20 -51.77 70.81 -83.16
N CYS N 21 -52.43 71.56 -84.04
CA CYS N 21 -51.74 72.50 -84.90
C CYS N 21 -51.91 73.91 -84.36
N LYS N 22 -50.81 74.66 -84.29
CA LYS N 22 -50.84 76.07 -83.92
C LYS N 22 -50.91 76.89 -85.19
N VAL N 23 -51.98 77.67 -85.36
CA VAL N 23 -52.22 78.42 -86.58
C VAL N 23 -52.21 79.91 -86.28
N GLU N 24 -51.31 80.64 -86.94
CA GLU N 24 -51.26 82.11 -86.92
C GLU N 24 -51.51 82.62 -88.32
N GLY N 25 -52.51 83.47 -88.46
CA GLY N 25 -52.85 84.00 -89.78
C GLY N 25 -53.55 82.94 -90.57
N ASN N 26 -53.03 82.64 -91.77
CA ASN N 26 -53.38 81.43 -92.50
C ASN N 26 -52.20 80.47 -92.57
N GLU N 27 -51.43 80.35 -91.50
CA GLU N 27 -50.18 79.62 -91.56
C GLU N 27 -49.99 78.78 -90.31
N ILE N 28 -49.43 77.58 -90.49
CA ILE N 28 -49.16 76.67 -89.38
C ILE N 28 -47.77 76.98 -88.85
N VAL N 29 -47.72 77.47 -87.62
CA VAL N 29 -46.47 77.95 -87.04
C VAL N 29 -45.93 77.05 -85.93
N GLY N 30 -46.68 76.03 -85.52
CA GLY N 30 -46.21 75.13 -84.47
C GLY N 30 -47.14 73.94 -84.32
N THR N 31 -46.72 73.01 -83.47
CA THR N 31 -47.47 71.79 -83.21
C THR N 31 -47.37 71.41 -81.74
N ILE N 32 -48.30 70.56 -81.32
CA ILE N 32 -48.24 69.84 -80.05
C ILE N 32 -48.47 68.37 -80.33
N ASN N 33 -47.74 67.51 -79.59
CA ASN N 33 -47.85 66.05 -79.62
C ASN N 33 -47.14 65.41 -80.82
N ALA N 34 -47.06 66.12 -81.94
CA ALA N 34 -46.34 65.58 -83.09
C ALA N 34 -44.85 65.41 -82.76
N CYS N 35 -44.24 64.37 -83.32
CA CYS N 35 -42.84 64.12 -83.05
C CYS N 35 -41.99 65.08 -83.86
N ARG N 36 -40.67 64.90 -83.79
CA ARG N 36 -39.75 65.81 -84.47
C ARG N 36 -39.98 65.80 -85.98
N ILE N 37 -40.29 64.63 -86.56
CA ILE N 37 -40.53 64.56 -88.00
C ILE N 37 -41.86 65.19 -88.36
N GLY N 38 -42.93 64.72 -87.72
CA GLY N 38 -44.25 65.28 -87.99
C GLY N 38 -44.29 66.79 -87.88
N HIS N 39 -43.63 67.33 -86.85
CA HIS N 39 -43.54 68.78 -86.71
C HIS N 39 -42.86 69.43 -87.91
N SER N 40 -41.77 68.83 -88.40
CA SER N 40 -41.04 69.43 -89.52
C SER N 40 -41.87 69.53 -90.79
N LYS N 41 -42.81 68.60 -91.00
CA LYS N 41 -43.69 68.72 -92.16
C LYS N 41 -44.69 69.85 -91.99
N PHE N 42 -45.29 69.96 -90.80
CA PHE N 42 -46.35 70.94 -90.59
C PHE N 42 -45.85 72.38 -90.75
N VAL N 43 -44.62 72.65 -90.30
CA VAL N 43 -44.08 74.00 -90.26
C VAL N 43 -43.10 74.20 -91.40
N HIS N 44 -43.07 75.42 -91.94
CA HIS N 44 -42.16 75.77 -93.02
C HIS N 44 -40.76 76.04 -92.47
N ALA N 45 -39.75 75.45 -93.09
CA ALA N 45 -38.36 75.73 -92.76
C ALA N 45 -37.87 76.88 -93.63
N GLU N 46 -37.20 77.85 -93.00
CA GLU N 46 -36.85 79.07 -93.71
C GLU N 46 -35.77 78.80 -94.76
N GLY N 47 -35.95 79.38 -95.94
CA GLY N 47 -35.06 79.15 -97.06
C GLY N 47 -35.41 77.95 -97.90
N ALA N 48 -36.51 77.26 -97.63
CA ALA N 48 -36.89 76.04 -98.32
C ALA N 48 -37.83 76.38 -99.46
N MET N 49 -37.56 75.81 -100.64
CA MET N 49 -38.28 76.16 -101.85
C MET N 49 -39.68 75.54 -101.82
N ARG N 50 -40.71 76.40 -101.85
CA ARG N 50 -42.09 75.95 -102.00
C ARG N 50 -42.57 76.52 -103.33
N TYR N 51 -42.54 75.67 -104.37
CA TYR N 51 -42.95 76.10 -105.70
C TYR N 51 -44.32 76.78 -105.67
N LYS N 52 -44.37 77.98 -106.25
CA LYS N 52 -45.59 78.77 -106.30
C LYS N 52 -46.40 78.55 -107.57
N LYS N 53 -45.78 78.07 -108.65
CA LYS N 53 -46.43 77.91 -109.94
C LYS N 53 -45.83 76.70 -110.65
N PRO N 54 -46.49 76.21 -111.70
CA PRO N 54 -45.87 75.17 -112.52
C PRO N 54 -44.60 75.66 -113.21
N LEU N 55 -43.75 74.70 -113.56
CA LEU N 55 -42.50 74.95 -114.25
C LEU N 55 -42.29 73.93 -115.34
N ILE N 56 -41.61 74.34 -116.40
CA ILE N 56 -41.24 73.43 -117.47
C ILE N 56 -39.81 73.73 -117.87
N ARG N 57 -39.06 72.68 -118.18
CA ARG N 57 -37.68 72.81 -118.61
C ARG N 57 -37.70 72.95 -120.14
N LYS N 58 -37.23 74.09 -120.63
CA LYS N 58 -37.09 74.31 -122.07
C LYS N 58 -35.63 74.11 -122.41
N ASN N 59 -35.32 72.91 -122.89
CA ASN N 59 -33.96 72.41 -123.03
C ASN N 59 -33.25 72.39 -121.67
N GLY N 60 -32.63 73.50 -121.28
CA GLY N 60 -31.82 73.46 -120.08
C GLY N 60 -32.18 74.43 -118.97
N GLU N 61 -33.30 75.15 -119.10
CA GLU N 61 -33.63 76.20 -118.14
C GLU N 61 -35.11 76.19 -117.80
N PHE N 62 -35.43 76.20 -116.51
CA PHE N 62 -36.81 76.16 -116.05
C PHE N 62 -37.50 77.50 -116.21
N VAL N 63 -38.73 77.47 -116.69
CA VAL N 63 -39.56 78.66 -116.88
C VAL N 63 -40.93 78.38 -116.29
N GLU N 64 -41.50 79.40 -115.63
CA GLU N 64 -42.83 79.29 -115.04
C GLU N 64 -43.89 79.38 -116.14
N VAL N 65 -44.84 78.45 -116.11
CA VAL N 65 -45.98 78.44 -117.02
C VAL N 65 -47.26 78.37 -116.18
N SER N 66 -48.39 78.35 -116.86
CA SER N 66 -49.67 78.24 -116.18
C SER N 66 -50.04 76.77 -115.97
N TYR N 67 -51.06 76.55 -115.14
CA TYR N 67 -51.56 75.20 -114.92
C TYR N 67 -52.02 74.55 -116.22
N ASP N 68 -52.70 75.31 -117.08
CA ASP N 68 -53.25 74.71 -118.29
C ASP N 68 -52.15 74.28 -119.26
N GLU N 69 -51.07 75.05 -119.36
CA GLU N 69 -49.98 74.65 -120.24
C GLU N 69 -49.22 73.45 -119.68
N ALA N 70 -48.88 73.47 -118.39
CA ALA N 70 -48.12 72.37 -117.82
C ALA N 70 -48.92 71.07 -117.92
N ILE N 71 -50.20 71.12 -117.53
CA ILE N 71 -51.06 69.95 -117.64
C ILE N 71 -51.20 69.50 -119.10
N ASP N 72 -51.26 70.48 -120.02
CA ASP N 72 -51.41 70.12 -121.43
C ASP N 72 -50.18 69.38 -121.93
N LYS N 73 -48.98 69.91 -121.63
CA LYS N 73 -47.75 69.26 -122.06
C LYS N 73 -47.61 67.88 -121.42
N ALA N 74 -48.04 67.74 -120.17
CA ALA N 74 -47.97 66.44 -119.50
C ALA N 74 -48.93 65.44 -120.13
N ALA N 75 -50.15 65.90 -120.46
CA ALA N 75 -51.15 65.01 -121.04
C ALA N 75 -50.69 64.44 -122.38
N LYS N 76 -50.04 65.28 -123.20
CA LYS N 76 -49.55 64.82 -124.50
C LYS N 76 -48.44 63.80 -124.34
N ILE N 77 -47.54 64.02 -123.36
CA ILE N 77 -46.46 63.06 -123.10
C ILE N 77 -47.04 61.68 -122.83
N LEU N 78 -48.04 61.61 -121.95
CA LEU N 78 -48.60 60.32 -121.57
C LEU N 78 -49.42 59.71 -122.69
N ALA N 79 -50.16 60.56 -123.42
CA ALA N 79 -50.99 60.06 -124.52
C ALA N 79 -50.14 59.41 -125.60
N GLU N 80 -49.05 60.05 -126.00
CA GLU N 80 -48.21 59.54 -127.07
C GLU N 80 -47.25 58.44 -126.60
N SER N 81 -47.15 58.19 -125.30
CA SER N 81 -46.22 57.21 -124.79
C SER N 81 -46.74 55.80 -124.98
N LYS N 82 -45.83 54.86 -125.25
CA LYS N 82 -46.20 53.46 -125.41
C LYS N 82 -45.86 52.59 -124.19
N ARG N 83 -45.17 53.13 -123.18
CA ARG N 83 -44.99 52.41 -121.92
C ARG N 83 -44.83 53.39 -120.76
N PRO N 84 -45.86 54.19 -120.46
CA PRO N 84 -45.70 55.20 -119.40
C PRO N 84 -45.76 54.58 -118.01
N LEU N 85 -44.93 55.12 -117.13
CA LEU N 85 -44.88 54.73 -115.72
C LEU N 85 -45.46 55.86 -114.87
N MET N 86 -46.46 55.53 -114.06
CA MET N 86 -47.12 56.47 -113.16
C MET N 86 -46.84 56.03 -111.73
N TYR N 87 -45.88 56.69 -111.07
CA TYR N 87 -45.31 56.19 -109.84
C TYR N 87 -45.45 57.21 -108.70
N GLY N 88 -45.58 56.67 -107.49
CA GLY N 88 -45.58 57.48 -106.28
C GLY N 88 -46.76 57.20 -105.37
N TRP N 89 -47.67 58.16 -105.26
CA TRP N 89 -49.01 57.99 -104.69
C TRP N 89 -49.06 57.94 -103.16
N SER N 90 -48.00 57.48 -102.50
CA SER N 90 -48.10 57.16 -101.09
C SER N 90 -48.27 58.39 -100.20
N CYS N 91 -47.92 59.58 -100.68
CA CYS N 91 -48.00 60.79 -99.86
C CYS N 91 -49.12 61.74 -100.31
N THR N 92 -50.14 61.23 -100.98
CA THR N 92 -51.37 61.96 -101.23
C THR N 92 -52.55 61.12 -100.75
N GLU N 93 -53.76 61.64 -100.93
CA GLU N 93 -54.95 61.02 -100.35
C GLU N 93 -55.63 60.10 -101.36
N CYS N 94 -56.59 59.31 -100.85
CA CYS N 94 -57.10 58.18 -101.60
C CYS N 94 -57.89 58.59 -102.84
N GLU N 95 -58.63 59.70 -102.79
CA GLU N 95 -59.43 60.03 -103.96
C GLU N 95 -58.53 60.44 -105.13
N ALA N 96 -57.39 61.07 -104.85
CA ALA N 96 -56.41 61.33 -105.90
C ALA N 96 -55.84 60.01 -106.42
N GLN N 97 -55.61 59.05 -105.53
CA GLN N 97 -55.12 57.74 -105.95
C GLN N 97 -56.13 57.05 -106.86
N ALA N 98 -57.42 57.22 -106.58
CA ALA N 98 -58.46 56.66 -107.43
C ALA N 98 -58.46 57.28 -108.82
N VAL N 99 -58.27 58.60 -108.90
CA VAL N 99 -58.18 59.24 -110.21
C VAL N 99 -56.97 58.70 -110.95
N GLY N 100 -55.86 58.50 -110.24
CA GLY N 100 -54.67 57.94 -110.86
C GLY N 100 -54.89 56.58 -111.49
N VAL N 101 -55.67 55.72 -110.83
CA VAL N 101 -55.96 54.40 -111.39
C VAL N 101 -56.72 54.55 -112.69
N GLU N 102 -57.74 55.42 -112.71
CA GLU N 102 -58.49 55.66 -113.93
C GLU N 102 -57.60 56.27 -115.01
N LEU N 103 -56.69 57.16 -114.63
CA LEU N 103 -55.81 57.78 -115.62
C LEU N 103 -54.83 56.77 -116.18
N ALA N 104 -54.27 55.89 -115.35
CA ALA N 104 -53.41 54.82 -115.84
C ALA N 104 -54.17 53.91 -116.80
N GLU N 105 -55.45 53.64 -116.48
CA GLU N 105 -56.31 52.88 -117.37
C GLU N 105 -56.43 53.55 -118.73
N GLU N 106 -56.69 54.87 -118.73
CA GLU N 106 -56.91 55.58 -119.97
C GLU N 106 -55.63 55.66 -120.81
N ALA N 107 -54.47 55.80 -120.16
CA ALA N 107 -53.21 55.94 -120.87
C ALA N 107 -52.54 54.62 -121.17
N GLY N 108 -53.13 53.50 -120.78
CA GLY N 108 -52.46 52.21 -120.95
C GLY N 108 -51.16 52.17 -120.17
N ALA N 109 -51.15 52.76 -118.99
CA ALA N 109 -49.93 52.96 -118.23
C ALA N 109 -49.73 51.82 -117.22
N VAL N 110 -48.51 51.77 -116.68
CA VAL N 110 -48.22 50.98 -115.49
C VAL N 110 -48.32 51.94 -114.30
N ILE N 111 -49.17 51.59 -113.34
CA ILE N 111 -49.31 52.37 -112.12
C ILE N 111 -48.69 51.58 -110.96
N ASP N 112 -47.94 52.28 -110.13
CA ASP N 112 -47.15 51.63 -109.09
C ASP N 112 -46.87 52.65 -107.99
N ASN N 113 -46.86 52.20 -106.75
CA ASN N 113 -46.58 53.07 -105.61
C ASN N 113 -45.28 52.62 -104.93
N THR N 114 -44.92 53.35 -103.86
CA THR N 114 -43.66 53.11 -103.18
C THR N 114 -43.58 51.72 -102.53
N ALA N 115 -44.69 50.98 -102.48
CA ALA N 115 -44.61 49.59 -102.04
C ALA N 115 -43.54 48.83 -102.81
N SER N 116 -43.33 49.16 -104.08
CA SER N 116 -42.35 48.44 -104.90
C SER N 116 -40.93 48.64 -104.41
N VAL N 117 -40.64 49.68 -103.64
CA VAL N 117 -39.34 49.82 -103.00
C VAL N 117 -39.42 49.62 -101.49
N CYS N 118 -40.52 49.09 -100.98
CA CYS N 118 -40.74 49.10 -99.54
C CYS N 118 -41.29 47.76 -99.02
N HIS N 119 -42.58 47.72 -98.71
CA HIS N 119 -43.22 46.51 -98.21
C HIS N 119 -43.90 45.72 -99.32
N GLY N 120 -43.67 46.07 -100.58
CA GLY N 120 -43.94 45.22 -101.70
C GLY N 120 -43.61 43.75 -101.48
N PRO N 121 -42.38 43.46 -101.03
CA PRO N 121 -42.05 42.07 -100.69
C PRO N 121 -42.98 41.45 -99.65
N SER N 122 -43.48 42.25 -98.70
CA SER N 122 -44.49 41.73 -97.78
C SER N 122 -45.79 41.44 -98.51
N VAL N 123 -46.13 42.25 -99.51
CA VAL N 123 -47.31 41.99 -100.33
C VAL N 123 -47.15 40.67 -101.05
N LEU N 124 -46.02 40.47 -101.73
CA LEU N 124 -45.74 39.21 -102.39
C LEU N 124 -45.84 38.04 -101.41
N ALA N 125 -45.27 38.20 -100.21
CA ALA N 125 -45.29 37.13 -99.21
C ALA N 125 -46.70 36.85 -98.72
N LEU N 126 -47.47 37.89 -98.40
CA LEU N 126 -48.81 37.68 -97.89
C LEU N 126 -49.73 37.10 -98.96
N GLN N 127 -49.49 37.41 -100.22
CA GLN N 127 -50.24 36.77 -101.29
C GLN N 127 -49.96 35.26 -101.36
N ASP N 128 -48.77 34.85 -100.91
CA ASP N 128 -48.40 33.44 -100.99
C ASP N 128 -48.78 32.65 -99.73
N VAL N 129 -48.60 33.23 -98.54
CA VAL N 129 -48.75 32.44 -97.32
C VAL N 129 -49.78 33.00 -96.34
N GLY N 130 -50.15 34.28 -96.42
CA GLY N 130 -51.20 34.81 -95.56
C GLY N 130 -50.79 36.08 -94.88
N TYR N 131 -51.67 36.57 -93.99
CA TYR N 131 -51.59 37.93 -93.46
C TYR N 131 -52.30 38.05 -92.12
N PRO N 132 -51.73 37.49 -91.04
CA PRO N 132 -52.44 37.52 -89.74
C PRO N 132 -52.16 38.79 -88.95
N ILE N 133 -53.08 39.76 -89.00
CA ILE N 133 -52.81 41.05 -88.39
C ILE N 133 -53.85 41.41 -87.34
N CYS N 134 -53.67 42.58 -86.72
CA CYS N 134 -54.65 43.17 -85.82
C CYS N 134 -54.47 44.68 -85.90
N THR N 135 -55.34 45.41 -85.20
CA THR N 135 -55.22 46.85 -85.14
C THR N 135 -54.44 47.29 -83.89
N PHE N 136 -53.99 48.55 -83.92
CA PHE N 136 -53.17 49.07 -82.81
C PHE N 136 -53.85 48.86 -81.47
N GLY N 137 -55.17 49.00 -81.42
CA GLY N 137 -55.88 48.92 -80.15
C GLY N 137 -55.81 47.55 -79.50
N GLU N 138 -55.76 46.49 -80.30
CA GLU N 138 -55.56 45.17 -79.72
C GLU N 138 -54.16 45.01 -79.15
N VAL N 139 -53.17 45.62 -79.79
CA VAL N 139 -51.81 45.59 -79.25
C VAL N 139 -51.77 46.33 -77.92
N LYS N 140 -52.24 47.57 -77.90
CA LYS N 140 -52.19 48.36 -76.68
C LYS N 140 -52.90 47.67 -75.52
N ASN N 141 -54.06 47.06 -75.78
CA ASN N 141 -54.84 46.55 -74.67
C ASN N 141 -54.55 45.08 -74.36
N ARG N 142 -53.91 44.34 -75.28
CA ARG N 142 -53.72 42.91 -75.06
C ARG N 142 -52.26 42.46 -75.10
N ALA N 143 -51.40 43.17 -75.81
CA ALA N 143 -50.11 42.61 -76.18
C ALA N 143 -49.26 42.32 -74.95
N ASP N 144 -48.83 41.07 -74.87
CA ASP N 144 -47.98 40.52 -73.81
C ASP N 144 -46.52 40.54 -74.22
N VAL N 145 -46.27 40.33 -75.51
CA VAL N 145 -44.94 40.30 -76.10
C VAL N 145 -44.98 41.16 -77.35
N VAL N 146 -44.02 42.07 -77.48
CA VAL N 146 -43.96 43.01 -78.59
C VAL N 146 -42.59 42.89 -79.24
N VAL N 147 -42.56 42.52 -80.52
CA VAL N 147 -41.32 42.34 -81.25
C VAL N 147 -41.21 43.41 -82.33
N TYR N 148 -40.06 44.07 -82.40
CA TYR N 148 -39.70 44.93 -83.52
C TYR N 148 -38.59 44.23 -84.29
N TRP N 149 -38.93 43.69 -85.46
CA TRP N 149 -38.01 42.87 -86.24
C TRP N 149 -37.55 43.69 -87.44
N GLY N 150 -36.27 44.02 -87.47
CA GLY N 150 -35.73 44.76 -88.60
C GLY N 150 -36.41 46.09 -88.84
N CYS N 151 -36.82 46.76 -87.77
CA CYS N 151 -37.37 48.10 -87.85
C CYS N 151 -36.84 48.92 -86.68
N ASN N 152 -36.76 50.22 -86.88
CA ASN N 152 -36.16 51.14 -85.91
C ASN N 152 -37.18 52.24 -85.61
N PRO N 153 -38.23 51.93 -84.85
CA PRO N 153 -39.32 52.91 -84.68
C PRO N 153 -38.90 54.21 -84.02
N MET N 154 -37.89 54.20 -83.14
CA MET N 154 -37.48 55.46 -82.51
C MET N 154 -37.01 56.49 -83.53
N HIS N 155 -36.48 56.05 -84.67
CA HIS N 155 -36.07 56.95 -85.74
C HIS N 155 -37.06 57.02 -86.90
N ALA N 156 -37.91 56.01 -87.10
CA ALA N 156 -38.76 55.96 -88.28
C ALA N 156 -40.25 56.00 -88.00
N HIS N 157 -40.69 55.66 -86.79
CA HIS N 157 -42.08 55.81 -86.35
C HIS N 157 -42.03 56.28 -84.90
N PRO N 158 -41.55 57.51 -84.69
CA PRO N 158 -41.08 57.91 -83.35
C PRO N 158 -42.08 57.72 -82.23
N ARG N 159 -43.38 57.91 -82.47
CA ARG N 159 -44.37 57.77 -81.43
C ARG N 159 -44.98 56.37 -81.37
N HIS N 160 -44.48 55.44 -82.19
CA HIS N 160 -45.08 54.10 -82.26
C HIS N 160 -44.96 53.37 -80.93
N MET N 161 -43.79 53.44 -80.30
CA MET N 161 -43.57 52.74 -79.04
C MET N 161 -44.38 53.35 -77.91
N SER N 162 -44.43 54.69 -77.86
CA SER N 162 -45.17 55.34 -76.78
C SER N 162 -46.65 55.01 -76.85
N ARG N 163 -47.20 54.87 -78.07
CA ARG N 163 -48.63 54.62 -78.17
C ARG N 163 -49.00 53.15 -78.02
N ASN N 164 -48.09 52.23 -78.38
CA ASN N 164 -48.44 50.81 -78.37
C ASN N 164 -47.75 50.01 -77.28
N VAL N 165 -46.64 50.49 -76.73
CA VAL N 165 -45.88 49.74 -75.71
C VAL N 165 -45.97 50.41 -74.35
N PHE N 166 -45.59 51.68 -74.24
CA PHE N 166 -45.68 52.37 -72.96
C PHE N 166 -47.11 52.70 -72.57
N ALA N 167 -48.04 52.64 -73.52
CA ALA N 167 -49.43 52.94 -73.23
C ALA N 167 -50.03 51.90 -72.29
N ARG N 168 -50.88 52.36 -71.38
CA ARG N 168 -51.58 51.49 -70.46
C ARG N 168 -52.90 51.04 -71.09
N GLY N 169 -53.04 49.74 -71.30
CA GLY N 169 -54.21 49.18 -71.94
C GLY N 169 -55.14 48.48 -70.96
N PHE N 170 -56.26 48.01 -71.52
CA PHE N 170 -57.33 47.41 -70.73
C PHE N 170 -56.82 46.20 -69.94
N PHE N 171 -56.19 45.25 -70.62
CA PHE N 171 -55.60 44.09 -69.96
C PHE N 171 -54.12 44.32 -69.65
N ARG N 172 -53.59 45.50 -69.98
CA ARG N 172 -52.19 45.83 -69.73
C ARG N 172 -52.08 47.18 -69.00
N GLU N 173 -52.71 47.31 -67.82
CA GLU N 173 -52.66 48.59 -67.12
C GLU N 173 -51.30 49.06 -66.73
N ARG N 174 -50.30 48.22 -66.73
CA ARG N 174 -49.03 48.71 -66.29
C ARG N 174 -48.16 49.15 -67.45
N GLY N 175 -48.71 49.21 -68.65
CA GLY N 175 -47.95 49.66 -69.80
C GLY N 175 -46.68 48.86 -69.98
N ARG N 176 -45.56 49.58 -70.02
CA ARG N 176 -44.27 48.97 -70.35
C ARG N 176 -43.94 47.79 -69.45
N SER N 177 -44.32 47.87 -68.16
CA SER N 177 -44.00 46.79 -67.23
C SER N 177 -44.75 45.50 -67.52
N ASP N 178 -45.86 45.54 -68.26
CA ASP N 178 -46.62 44.35 -68.56
C ASP N 178 -46.20 43.68 -69.86
N ARG N 179 -45.14 44.15 -70.50
CA ARG N 179 -44.76 43.67 -71.81
C ARG N 179 -43.28 43.33 -71.87
N THR N 180 -42.99 42.19 -72.50
CA THR N 180 -41.63 41.81 -72.86
C THR N 180 -41.34 42.35 -74.26
N LEU N 181 -40.36 43.24 -74.36
CA LEU N 181 -40.05 43.93 -75.60
C LEU N 181 -38.84 43.27 -76.26
N ILE N 182 -39.00 42.84 -77.52
CA ILE N 182 -37.94 42.16 -78.26
C ILE N 182 -37.66 42.96 -79.52
N VAL N 183 -36.37 43.12 -79.83
CA VAL N 183 -35.93 43.81 -81.03
C VAL N 183 -34.88 42.94 -81.71
N VAL N 184 -34.99 42.79 -83.02
CA VAL N 184 -34.09 41.95 -83.81
C VAL N 184 -33.44 42.86 -84.84
N ASP N 185 -32.12 43.07 -84.71
CA ASP N 185 -31.44 44.05 -85.55
C ASP N 185 -29.93 43.86 -85.42
N PRO N 186 -29.18 43.86 -86.52
CA PRO N 186 -27.71 43.73 -86.39
C PRO N 186 -27.05 44.92 -85.73
N ARG N 187 -27.75 46.06 -85.64
CA ARG N 187 -27.24 47.22 -84.93
C ARG N 187 -27.92 47.33 -83.58
N LYS N 188 -27.19 47.89 -82.60
CA LYS N 188 -27.81 48.33 -81.36
C LYS N 188 -28.41 49.70 -81.61
N THR N 189 -29.61 49.68 -82.19
CA THR N 189 -30.37 50.90 -82.44
C THR N 189 -30.92 51.46 -81.13
N ASP N 190 -31.39 52.71 -81.20
CA ASP N 190 -32.03 53.31 -80.04
C ASP N 190 -33.31 52.59 -79.67
N SER N 191 -33.95 51.92 -80.64
CA SER N 191 -35.08 51.07 -80.32
C SER N 191 -34.61 49.83 -79.57
N ALA N 192 -33.51 49.23 -80.01
CA ALA N 192 -32.96 48.06 -79.34
C ALA N 192 -32.48 48.39 -77.92
N LYS N 193 -32.03 49.63 -77.70
CA LYS N 193 -31.54 50.00 -76.37
C LYS N 193 -32.63 49.90 -75.31
N LEU N 194 -33.90 50.02 -75.69
CA LEU N 194 -35.00 49.91 -74.76
C LEU N 194 -35.53 48.49 -74.60
N ALA N 195 -34.99 47.52 -75.33
CA ALA N 195 -35.57 46.19 -75.38
C ALA N 195 -35.15 45.36 -74.17
N ASP N 196 -36.04 44.42 -73.79
CA ASP N 196 -35.66 43.39 -72.83
C ASP N 196 -34.78 42.34 -73.49
N ILE N 197 -35.04 42.06 -74.76
CA ILE N 197 -34.27 41.10 -75.55
C ILE N 197 -33.82 41.80 -76.82
N HIS N 198 -32.52 41.77 -77.09
CA HIS N 198 -31.98 42.28 -78.34
C HIS N 198 -31.20 41.13 -78.99
N LEU N 199 -31.81 40.52 -80.01
CA LEU N 199 -31.12 39.53 -80.82
C LEU N 199 -30.29 40.28 -81.84
N GLN N 200 -28.99 40.45 -81.58
CA GLN N 200 -28.11 41.15 -82.50
C GLN N 200 -27.52 40.15 -83.51
N LEU N 201 -28.39 39.71 -84.41
CA LEU N 201 -28.06 38.65 -85.34
C LEU N 201 -27.17 39.16 -86.47
N ASP N 202 -26.58 38.22 -87.20
CA ASP N 202 -25.82 38.54 -88.39
C ASP N 202 -26.73 39.07 -89.48
N PHE N 203 -26.30 40.12 -90.17
CA PHE N 203 -27.07 40.69 -91.26
C PHE N 203 -27.26 39.67 -92.37
N ASP N 204 -28.34 39.83 -93.13
CA ASP N 204 -28.69 38.97 -94.26
C ASP N 204 -28.91 37.52 -93.86
N ARG N 205 -29.16 37.25 -92.58
CA ARG N 205 -29.29 35.87 -92.14
C ARG N 205 -30.60 35.63 -91.38
N ASP N 206 -31.56 36.55 -91.49
CA ASP N 206 -32.86 36.38 -90.85
C ASP N 206 -33.56 35.11 -91.32
N TYR N 207 -33.52 34.84 -92.62
CA TYR N 207 -34.20 33.66 -93.15
C TYR N 207 -33.69 32.40 -92.47
N GLU N 208 -32.38 32.32 -92.23
CA GLU N 208 -31.82 31.16 -91.55
C GLU N 208 -32.28 31.09 -90.09
N LEU N 209 -32.29 32.24 -89.41
CA LEU N 209 -32.72 32.26 -88.02
C LEU N 209 -34.18 31.84 -87.89
N LEU N 210 -35.02 32.34 -88.78
CA LEU N 210 -36.44 32.00 -88.75
C LEU N 210 -36.68 30.53 -89.10
N ASP N 211 -35.81 29.93 -89.92
CA ASP N 211 -35.93 28.50 -90.19
C ASP N 211 -35.64 27.67 -88.95
N ALA N 212 -34.57 28.01 -88.23
CA ALA N 212 -34.27 27.32 -86.98
C ALA N 212 -35.38 27.52 -85.97
N MET N 213 -35.85 28.76 -85.82
CA MET N 213 -36.93 29.04 -84.87
C MET N 213 -38.18 28.20 -85.18
N ARG N 214 -38.52 28.06 -86.46
CA ARG N 214 -39.75 27.33 -86.79
C ARG N 214 -39.58 25.83 -86.62
N ALA N 215 -38.41 25.29 -87.00
CA ALA N 215 -38.16 23.87 -86.77
C ALA N 215 -38.24 23.53 -85.29
N CYS N 216 -37.58 24.35 -84.47
CA CYS N 216 -37.68 24.21 -83.01
C CYS N 216 -39.14 24.26 -82.56
N LEU N 217 -39.88 25.27 -83.02
CA LEU N 217 -41.26 25.45 -82.59
C LEU N 217 -42.10 24.19 -82.84
N LEU N 218 -41.89 23.53 -83.97
CA LEU N 218 -42.65 22.32 -84.30
C LEU N 218 -42.01 21.06 -83.75
N GLY N 219 -41.10 21.19 -82.79
CA GLY N 219 -40.58 20.05 -82.06
C GLY N 219 -39.32 19.43 -82.61
N HIS N 220 -38.71 20.03 -83.63
CA HIS N 220 -37.54 19.44 -84.25
C HIS N 220 -36.26 20.00 -83.64
N GLU N 221 -35.17 19.27 -83.84
CA GLU N 221 -33.88 19.69 -83.33
C GLU N 221 -33.16 20.58 -84.34
N ILE N 222 -32.44 21.55 -83.82
CA ILE N 222 -31.75 22.53 -84.64
C ILE N 222 -30.41 21.95 -85.09
N LEU N 223 -30.23 21.85 -86.41
CA LEU N 223 -29.10 21.14 -86.98
C LEU N 223 -27.77 21.67 -86.46
N TYR N 224 -27.53 22.96 -86.64
CA TYR N 224 -26.26 23.57 -86.30
C TYR N 224 -26.30 24.17 -84.90
N ASP N 225 -25.13 24.27 -84.27
CA ASP N 225 -25.10 24.81 -82.91
C ASP N 225 -25.12 26.34 -82.86
N GLU N 226 -25.09 27.01 -84.02
CA GLU N 226 -25.27 28.46 -84.07
C GLU N 226 -25.82 28.87 -85.43
N VAL N 227 -26.80 29.77 -85.41
CA VAL N 227 -27.52 30.22 -86.60
C VAL N 227 -27.64 31.74 -86.56
N ALA N 228 -27.29 32.39 -87.67
CA ALA N 228 -27.32 33.86 -87.79
C ALA N 228 -26.56 34.53 -86.67
N GLY N 229 -25.50 33.88 -86.20
CA GLY N 229 -24.73 34.38 -85.08
C GLY N 229 -25.36 34.18 -83.73
N VAL N 230 -26.49 33.48 -83.64
CA VAL N 230 -27.15 33.26 -82.37
C VAL N 230 -26.96 31.79 -82.01
N PRO N 231 -26.40 31.47 -80.85
CA PRO N 231 -26.21 30.07 -80.47
C PRO N 231 -27.53 29.33 -80.28
N ARG N 232 -27.51 28.05 -80.65
CA ARG N 232 -28.68 27.18 -80.53
C ARG N 232 -29.50 27.42 -79.28
N GLU N 233 -28.82 27.46 -78.12
CA GLU N 233 -29.52 27.50 -76.85
C GLU N 233 -30.48 28.68 -76.79
N GLN N 234 -30.06 29.87 -77.25
CA GLN N 234 -30.95 31.03 -77.18
C GLN N 234 -32.01 31.03 -78.28
N ILE N 235 -31.79 30.33 -79.41
CA ILE N 235 -32.88 30.16 -80.37
C ILE N 235 -34.08 29.56 -79.63
N GLU N 236 -33.81 28.48 -78.88
CA GLU N 236 -34.85 27.79 -78.13
C GLU N 236 -35.40 28.66 -77.03
N GLU N 237 -34.54 29.43 -76.35
CA GLU N 237 -35.04 30.31 -75.29
C GLU N 237 -35.97 31.37 -75.87
N ALA N 238 -35.68 31.84 -77.08
CA ALA N 238 -36.52 32.84 -77.72
C ALA N 238 -37.86 32.24 -78.15
N VAL N 239 -37.84 31.02 -78.69
CA VAL N 239 -39.10 30.38 -79.10
C VAL N 239 -40.00 30.16 -77.90
N GLU N 240 -39.42 29.88 -76.73
CA GLU N 240 -40.22 29.67 -75.54
C GLU N 240 -40.87 30.98 -75.09
N VAL N 241 -40.16 32.09 -75.21
CA VAL N 241 -40.74 33.40 -74.89
C VAL N 241 -41.98 33.65 -75.73
N LEU N 242 -41.88 33.35 -77.04
CA LEU N 242 -43.02 33.56 -77.93
C LEU N 242 -44.15 32.58 -77.63
N LYS N 243 -43.83 31.31 -77.39
CA LYS N 243 -44.86 30.30 -77.11
C LYS N 243 -45.64 30.62 -75.84
N ASN N 244 -44.99 31.23 -74.85
CA ASN N 244 -45.63 31.51 -73.58
C ASN N 244 -46.34 32.86 -73.54
N ALA N 245 -46.38 33.57 -74.66
CA ALA N 245 -47.13 34.82 -74.71
C ALA N 245 -48.62 34.55 -74.52
N GLN N 246 -49.31 35.53 -73.94
CA GLN N 246 -50.77 35.54 -73.99
C GLN N 246 -51.28 36.23 -75.26
N PHE N 247 -50.53 37.21 -75.75
CA PHE N 247 -50.86 37.93 -76.97
C PHE N 247 -49.56 38.52 -77.50
N GLY N 248 -49.13 38.10 -78.67
CA GLY N 248 -47.88 38.56 -79.25
C GLY N 248 -48.11 39.33 -80.52
N ILE N 249 -47.30 40.36 -80.75
CA ILE N 249 -47.37 41.18 -81.94
C ILE N 249 -45.97 41.29 -82.53
N LEU N 250 -45.84 40.98 -83.81
CA LEU N 250 -44.57 41.06 -84.52
C LEU N 250 -44.64 42.25 -85.46
N PHE N 251 -43.97 43.34 -85.09
CA PHE N 251 -43.78 44.47 -85.97
C PHE N 251 -42.48 44.26 -86.75
N PHE N 252 -42.56 44.39 -88.07
CA PHE N 252 -41.37 44.17 -88.89
C PHE N 252 -41.29 45.26 -89.94
N GLY N 253 -40.09 45.47 -90.44
CA GLY N 253 -39.81 46.58 -91.34
C GLY N 253 -38.71 46.29 -92.33
N MET N 254 -38.01 47.35 -92.72
CA MET N 254 -37.11 47.32 -93.87
C MET N 254 -35.95 46.35 -93.69
N GLY N 255 -35.60 45.99 -92.46
CA GLY N 255 -34.52 45.07 -92.22
C GLY N 255 -34.69 43.70 -92.85
N ILE N 256 -35.91 43.31 -93.21
CA ILE N 256 -36.15 42.04 -93.87
C ILE N 256 -36.81 42.18 -95.24
N THR N 257 -37.36 43.34 -95.59
CA THR N 257 -37.84 43.50 -96.97
C THR N 257 -36.71 43.85 -97.91
N HIS N 258 -35.74 44.64 -97.44
CA HIS N 258 -34.60 45.04 -98.24
C HIS N 258 -33.46 44.03 -98.17
N SER N 259 -33.50 43.09 -97.22
CA SER N 259 -32.41 42.16 -96.97
C SER N 259 -32.42 41.02 -97.99
N ARG N 260 -31.34 40.24 -97.94
CA ARG N 260 -31.23 39.06 -98.80
C ARG N 260 -32.41 38.12 -98.59
N GLY N 261 -33.08 37.76 -99.68
CA GLY N 261 -34.28 36.97 -99.65
C GLY N 261 -35.54 37.79 -99.82
N LYS N 262 -35.52 39.03 -99.35
CA LYS N 262 -36.62 39.99 -99.52
C LYS N 262 -37.97 39.39 -99.16
N HIS N 263 -38.82 39.12 -100.16
CA HIS N 263 -40.18 38.68 -99.87
C HIS N 263 -40.20 37.34 -99.13
N ARG N 264 -39.17 36.53 -99.31
CA ARG N 264 -39.14 35.25 -98.61
C ARG N 264 -38.74 35.41 -97.15
N ASN N 265 -38.11 36.52 -96.77
CA ASN N 265 -37.93 36.81 -95.34
C ASN N 265 -39.27 37.07 -94.66
N ILE N 266 -40.16 37.82 -95.31
CA ILE N 266 -41.48 38.08 -94.75
C ILE N 266 -42.27 36.79 -94.73
N ASP N 267 -42.13 35.98 -95.80
CA ASP N 267 -42.82 34.71 -95.93
C ASP N 267 -42.59 33.84 -94.70
N THR N 268 -41.34 33.55 -94.38
CA THR N 268 -41.04 32.66 -93.27
C THR N 268 -41.48 33.26 -91.92
N ALA N 269 -41.36 34.59 -91.78
CA ALA N 269 -41.84 35.26 -90.58
C ALA N 269 -43.35 35.10 -90.40
N ILE N 270 -44.13 35.29 -91.48
CA ILE N 270 -45.59 35.20 -91.38
C ILE N 270 -46.01 33.82 -90.90
N MET N 271 -45.44 32.79 -91.53
CA MET N 271 -45.83 31.42 -91.27
C MET N 271 -45.47 30.98 -89.86
N MET N 272 -44.40 31.54 -89.31
CA MET N 272 -44.10 31.30 -87.90
C MET N 272 -45.17 31.92 -87.01
N VAL N 273 -45.54 33.17 -87.30
CA VAL N 273 -46.63 33.81 -86.57
C VAL N 273 -47.89 32.96 -86.68
N GLN N 274 -48.18 32.43 -87.87
CA GLN N 274 -49.32 31.55 -88.04
C GLN N 274 -49.20 30.32 -87.14
N ASP N 275 -48.07 29.61 -87.22
CA ASP N 275 -47.90 28.37 -86.45
C ASP N 275 -47.84 28.62 -84.94
N LEU N 276 -47.36 29.79 -84.52
CA LEU N 276 -47.34 30.08 -83.09
C LEU N 276 -48.73 30.05 -82.46
N ASN N 277 -49.79 30.24 -83.25
CA ASN N 277 -51.14 30.31 -82.71
C ASN N 277 -51.67 28.98 -82.20
N ASP N 278 -50.98 27.87 -82.44
CA ASP N 278 -51.34 26.62 -81.79
C ASP N 278 -50.85 26.57 -80.34
N TYR N 279 -49.96 27.48 -79.96
CA TYR N 279 -49.47 27.62 -78.60
C TYR N 279 -49.86 28.95 -77.94
N ALA N 280 -50.01 30.01 -78.71
CA ALA N 280 -50.27 31.33 -78.14
C ALA N 280 -50.81 32.25 -79.22
N LYS N 281 -51.68 33.17 -78.82
CA LYS N 281 -52.23 34.11 -79.78
C LYS N 281 -51.11 34.95 -80.37
N TRP N 282 -51.04 35.00 -81.69
CA TRP N 282 -49.96 35.74 -82.32
C TRP N 282 -50.43 36.38 -83.61
N THR N 283 -49.86 37.54 -83.90
CA THR N 283 -50.30 38.38 -85.00
C THR N 283 -49.12 39.25 -85.38
N LEU N 284 -49.20 39.86 -86.55
CA LEU N 284 -48.13 40.74 -87.03
C LEU N 284 -48.70 41.94 -87.77
N ILE N 285 -47.88 43.00 -87.84
CA ILE N 285 -48.23 44.24 -88.53
C ILE N 285 -47.01 44.75 -89.27
N PRO N 286 -47.07 44.89 -90.60
CA PRO N 286 -45.95 45.52 -91.31
C PRO N 286 -45.90 47.00 -91.00
N MET N 287 -44.69 47.51 -90.73
CA MET N 287 -44.51 48.90 -90.35
C MET N 287 -44.50 49.77 -91.61
N ARG N 288 -45.69 49.96 -92.17
CA ARG N 288 -45.79 50.66 -93.44
C ARG N 288 -45.28 52.08 -93.28
N GLY N 289 -44.57 52.54 -94.31
CA GLY N 289 -43.77 53.74 -94.21
C GLY N 289 -44.52 55.04 -94.22
N HIS N 290 -45.01 55.43 -95.40
CA HIS N 290 -45.68 56.70 -95.55
C HIS N 290 -47.08 56.63 -94.97
N TYR N 291 -47.62 57.81 -94.64
CA TYR N 291 -48.91 57.86 -93.99
C TYR N 291 -50.03 57.28 -94.86
N ASN N 292 -49.82 57.18 -96.17
CA ASN N 292 -50.87 56.62 -97.01
C ASN N 292 -50.32 55.72 -98.11
N VAL N 293 -49.18 55.07 -97.89
CA VAL N 293 -48.82 53.98 -98.80
C VAL N 293 -49.90 52.91 -98.78
N THR N 294 -50.40 52.57 -97.58
CA THR N 294 -51.46 51.57 -97.46
C THR N 294 -52.71 51.98 -98.22
N GLY N 295 -53.03 53.28 -98.21
CA GLY N 295 -54.23 53.73 -98.87
C GLY N 295 -54.22 53.47 -100.36
N PHE N 296 -53.07 53.66 -101.01
CA PHE N 296 -53.00 53.37 -102.44
C PHE N 296 -53.23 51.89 -102.71
N ASN N 297 -52.53 51.02 -101.98
CA ASN N 297 -52.68 49.58 -102.21
C ASN N 297 -54.11 49.14 -101.98
N GLN N 298 -54.83 49.79 -101.07
CA GLN N 298 -56.25 49.51 -100.89
C GLN N 298 -57.05 49.94 -102.11
N VAL N 299 -56.93 51.21 -102.50
CA VAL N 299 -57.69 51.74 -103.62
C VAL N 299 -57.40 50.95 -104.89
N CYS N 300 -56.11 50.77 -105.20
CA CYS N 300 -55.74 50.07 -106.42
C CYS N 300 -56.25 48.63 -106.40
N THR N 301 -56.20 47.97 -105.24
CA THR N 301 -56.71 46.61 -105.15
C THR N 301 -58.21 46.57 -105.41
N TRP N 302 -58.97 47.46 -104.76
CA TRP N 302 -60.42 47.31 -104.88
C TRP N 302 -60.91 47.79 -106.24
N GLU N 303 -60.21 48.71 -106.89
CA GLU N 303 -60.63 49.13 -108.22
C GLU N 303 -60.19 48.14 -109.30
N SER N 304 -59.00 47.54 -109.15
CA SER N 304 -58.43 46.73 -110.20
C SER N 304 -58.28 45.25 -109.86
N GLY N 305 -58.19 44.90 -108.58
CA GLY N 305 -57.95 43.52 -108.18
C GLY N 305 -56.54 43.25 -107.74
N TYR N 306 -55.61 44.16 -108.01
CA TYR N 306 -54.19 44.04 -107.72
C TYR N 306 -53.72 45.25 -106.94
N PRO N 307 -52.70 45.09 -106.07
CA PRO N 307 -52.33 46.17 -105.14
C PRO N 307 -51.31 47.17 -105.65
N TYR N 308 -50.38 46.72 -106.47
CA TYR N 308 -49.34 47.57 -107.03
C TYR N 308 -48.74 46.85 -108.24
N CYS N 309 -47.79 47.50 -108.90
CA CYS N 309 -47.17 46.96 -110.10
C CYS N 309 -48.23 46.55 -111.13
N VAL N 310 -49.23 47.42 -111.31
CA VAL N 310 -50.41 47.11 -112.12
C VAL N 310 -50.20 47.67 -113.52
N ASP N 311 -50.33 46.79 -114.52
CA ASP N 311 -50.08 47.12 -115.92
C ASP N 311 -51.40 47.09 -116.68
N PHE N 312 -51.80 48.24 -117.21
CA PHE N 312 -53.02 48.38 -117.99
C PHE N 312 -52.79 48.37 -119.49
N SER N 313 -51.54 48.16 -119.94
CA SER N 313 -51.20 48.24 -121.37
C SER N 313 -52.18 47.46 -122.24
N GLY N 314 -52.59 46.27 -121.80
CA GLY N 314 -53.51 45.46 -122.56
C GLY N 314 -54.97 45.74 -122.31
N GLY N 315 -55.29 46.78 -121.54
CA GLY N 315 -56.67 47.08 -121.17
C GLY N 315 -57.02 46.42 -119.86
N GLU N 316 -56.93 45.10 -119.91
CA GLU N 316 -57.13 44.21 -118.78
C GLU N 316 -56.06 44.55 -117.73
N PRO N 317 -56.33 44.40 -116.43
CA PRO N 317 -55.24 44.59 -115.48
C PRO N 317 -54.39 43.34 -115.37
N ARG N 318 -53.07 43.52 -115.40
CA ARG N 318 -52.12 42.44 -115.18
C ARG N 318 -51.09 42.84 -114.15
N TYR N 319 -50.48 41.82 -113.53
CA TYR N 319 -49.74 42.02 -112.29
C TYR N 319 -48.62 40.99 -112.21
N ASN N 320 -47.37 41.45 -112.30
CA ASN N 320 -46.22 40.59 -112.03
C ASN N 320 -45.05 41.45 -111.57
N PRO N 321 -44.97 41.73 -110.27
CA PRO N 321 -43.78 42.40 -109.73
C PRO N 321 -42.49 41.66 -110.09
N GLY N 322 -41.48 42.43 -110.47
CA GLY N 322 -40.28 41.92 -111.10
C GLY N 322 -40.23 42.21 -112.59
N GLU N 323 -41.41 42.37 -113.21
CA GLU N 323 -41.57 42.87 -114.56
C GLU N 323 -42.21 44.25 -114.60
N THR N 324 -43.32 44.43 -113.89
CA THR N 324 -44.16 45.61 -114.01
C THR N 324 -43.99 46.59 -112.85
N GLY N 325 -42.87 46.51 -112.14
CA GLY N 325 -42.56 47.42 -111.05
C GLY N 325 -41.71 48.56 -111.51
N ALA N 326 -41.84 49.71 -110.82
CA ALA N 326 -41.13 50.93 -111.20
C ALA N 326 -39.67 50.68 -111.52
N ASN N 327 -38.95 50.03 -110.60
CA ASN N 327 -37.52 49.81 -110.84
C ASN N 327 -37.28 48.81 -111.95
N ASP N 328 -38.20 47.87 -112.19
CA ASP N 328 -38.02 46.92 -113.29
C ASP N 328 -38.06 47.63 -114.64
N LEU N 329 -39.10 48.45 -114.85
CA LEU N 329 -39.26 49.14 -116.12
C LEU N 329 -38.16 50.16 -116.35
N LEU N 330 -37.74 50.86 -115.30
CA LEU N 330 -36.66 51.83 -115.45
C LEU N 330 -35.32 51.14 -115.71
N GLN N 331 -34.95 50.17 -114.88
CA GLN N 331 -33.63 49.55 -115.03
C GLN N 331 -33.52 48.71 -116.30
N ASN N 332 -34.60 48.10 -116.75
CA ASN N 332 -34.58 47.40 -118.04
C ASN N 332 -34.94 48.30 -119.21
N ARG N 333 -35.15 49.60 -118.97
CA ARG N 333 -35.31 50.58 -120.03
C ARG N 333 -36.60 50.37 -120.83
N GLU N 334 -37.61 49.77 -120.20
CA GLU N 334 -38.89 49.56 -120.87
C GLU N 334 -39.73 50.83 -120.89
N ALA N 335 -39.74 51.57 -119.78
CA ALA N 335 -40.54 52.77 -119.67
C ALA N 335 -39.99 53.87 -120.58
N ASP N 336 -40.89 54.51 -121.33
CA ASP N 336 -40.51 55.61 -122.22
C ASP N 336 -40.99 56.96 -121.72
N ALA N 337 -41.62 57.02 -120.55
CA ALA N 337 -41.99 58.26 -119.88
C ALA N 337 -42.40 57.93 -118.46
N MET N 338 -42.30 58.91 -117.58
CA MET N 338 -42.58 58.67 -116.16
C MET N 338 -43.29 59.85 -115.54
N MET N 339 -44.38 59.60 -114.83
CA MET N 339 -45.07 60.62 -114.07
C MET N 339 -44.94 60.26 -112.60
N VAL N 340 -44.33 61.16 -111.82
CA VAL N 340 -44.13 60.98 -110.39
C VAL N 340 -45.13 61.85 -109.67
N ILE N 341 -45.79 61.31 -108.66
CA ILE N 341 -46.67 62.11 -107.81
C ILE N 341 -46.46 61.71 -106.36
N ALA N 342 -46.22 62.71 -105.51
CA ALA N 342 -46.10 62.53 -104.07
C ALA N 342 -45.05 61.48 -103.70
N SER N 343 -43.88 61.58 -104.36
CA SER N 343 -42.80 60.66 -104.08
C SER N 343 -41.52 61.22 -104.68
N ASP N 344 -40.39 60.67 -104.25
CA ASP N 344 -39.07 61.20 -104.60
C ASP N 344 -38.14 60.07 -105.06
N PRO N 345 -38.40 59.49 -106.23
CA PRO N 345 -37.49 58.46 -106.74
C PRO N 345 -36.12 59.00 -107.14
N GLY N 346 -35.99 60.30 -107.42
CA GLY N 346 -34.67 60.85 -107.65
C GLY N 346 -33.75 60.70 -106.45
N ALA N 347 -34.28 60.94 -105.25
CA ALA N 347 -33.50 60.75 -104.04
C ALA N 347 -33.41 59.29 -103.64
N HIS N 348 -34.40 58.48 -104.01
CA HIS N 348 -34.61 57.21 -103.32
C HIS N 348 -34.72 56.00 -104.24
N PHE N 349 -34.40 56.16 -105.52
CA PHE N 349 -34.15 55.00 -106.39
C PHE N 349 -32.64 54.78 -106.54
N PRO N 350 -32.22 53.57 -106.89
CA PRO N 350 -30.79 53.31 -107.10
C PRO N 350 -30.26 53.92 -108.38
N GLN N 351 -28.93 54.01 -108.44
CA GLN N 351 -28.21 54.60 -109.57
C GLN N 351 -28.76 54.17 -110.93
N ARG N 352 -28.97 52.86 -111.10
CA ARG N 352 -29.31 52.32 -112.40
C ARG N 352 -30.66 52.82 -112.89
N ALA N 353 -31.59 53.06 -111.96
CA ALA N 353 -32.90 53.60 -112.34
C ALA N 353 -32.80 55.08 -112.68
N LEU N 354 -31.98 55.83 -111.93
CA LEU N 354 -31.80 57.24 -112.23
C LEU N 354 -31.20 57.45 -113.62
N GLU N 355 -30.34 56.53 -114.06
CA GLU N 355 -29.74 56.64 -115.38
C GLU N 355 -30.80 56.66 -116.47
N ARG N 356 -31.93 55.99 -116.23
CA ARG N 356 -33.00 55.92 -117.20
C ARG N 356 -33.91 57.14 -117.11
N MET N 357 -34.11 57.66 -115.90
CA MET N 357 -34.87 58.89 -115.72
C MET N 357 -34.22 60.05 -116.46
N ALA N 358 -32.89 60.00 -116.61
CA ALA N 358 -32.17 61.03 -117.35
C ALA N 358 -32.52 61.03 -118.83
N GLU N 359 -33.05 59.92 -119.35
CA GLU N 359 -33.26 59.74 -120.79
C GLU N 359 -34.71 59.94 -121.22
N ILE N 360 -35.64 60.16 -120.30
CA ILE N 360 -37.06 60.07 -120.64
C ILE N 360 -37.80 61.28 -120.06
N PRO N 361 -38.99 61.56 -120.60
CA PRO N 361 -39.81 62.64 -120.00
C PRO N 361 -40.25 62.27 -118.60
N VAL N 362 -39.99 63.18 -117.66
CA VAL N 362 -40.36 63.00 -116.26
C VAL N 362 -41.31 64.12 -115.86
N ILE N 363 -42.51 63.75 -115.43
CA ILE N 363 -43.47 64.70 -114.87
C ILE N 363 -43.49 64.52 -113.36
N ALA N 364 -43.54 65.65 -112.64
CA ALA N 364 -43.44 65.63 -111.19
C ALA N 364 -44.51 66.55 -110.60
N ILE N 365 -45.53 65.94 -110.00
CA ILE N 365 -46.51 66.68 -109.19
C ILE N 365 -45.97 66.73 -107.76
N GLU N 366 -45.33 67.85 -107.44
CA GLU N 366 -44.52 67.98 -106.26
C GLU N 366 -44.51 69.42 -105.74
N PRO N 367 -44.73 69.62 -104.43
CA PRO N 367 -44.70 71.00 -103.90
C PRO N 367 -43.32 71.54 -103.57
N HIS N 368 -42.31 70.69 -103.37
CA HIS N 368 -41.02 71.11 -102.86
C HIS N 368 -39.91 70.78 -103.85
N ARG N 369 -38.73 71.37 -103.62
CA ARG N 369 -37.57 71.14 -104.47
C ARG N 369 -36.86 69.88 -103.98
N THR N 370 -36.67 68.92 -104.89
CA THR N 370 -36.14 67.59 -104.57
C THR N 370 -35.20 67.10 -105.66
N PRO N 371 -34.45 66.02 -105.41
CA PRO N 371 -33.70 65.39 -106.51
C PRO N 371 -34.55 64.98 -107.70
N THR N 372 -35.85 64.70 -107.49
CA THR N 372 -36.70 64.33 -108.63
C THR N 372 -37.01 65.55 -109.48
N THR N 373 -37.34 66.68 -108.87
CA THR N 373 -37.55 67.90 -109.63
C THR N 373 -36.30 68.31 -110.38
N GLU N 374 -35.12 68.01 -109.83
CA GLU N 374 -33.89 68.24 -110.57
C GLU N 374 -33.75 67.33 -111.78
N MET N 375 -34.49 66.23 -111.82
CA MET N 375 -34.54 65.34 -112.97
C MET N 375 -35.85 65.47 -113.75
N ALA N 376 -36.66 66.47 -113.46
CA ALA N 376 -37.99 66.56 -114.05
C ALA N 376 -38.02 67.50 -115.25
N ASP N 377 -38.96 67.24 -116.15
CA ASP N 377 -39.22 68.13 -117.28
C ASP N 377 -40.39 69.07 -117.02
N ILE N 378 -41.40 68.61 -116.30
CA ILE N 378 -42.56 69.42 -115.93
C ILE N 378 -42.76 69.30 -114.43
N ILE N 379 -42.94 70.44 -113.75
CA ILE N 379 -43.17 70.48 -112.32
C ILE N 379 -44.52 71.15 -112.06
N ILE N 380 -45.39 70.45 -111.35
CA ILE N 380 -46.75 70.93 -111.07
C ILE N 380 -47.01 70.93 -109.56
N PRO N 381 -47.06 72.10 -108.90
CA PRO N 381 -47.14 72.12 -107.43
C PRO N 381 -48.57 72.00 -106.94
N PRO N 382 -48.82 71.15 -105.93
CA PRO N 382 -50.17 70.98 -105.41
C PRO N 382 -50.37 71.45 -103.97
N ALA N 383 -51.63 71.54 -103.54
CA ALA N 383 -51.93 71.71 -102.13
C ALA N 383 -51.59 70.43 -101.37
N ILE N 384 -51.06 70.57 -100.16
CA ILE N 384 -50.49 69.45 -99.42
C ILE N 384 -51.59 68.78 -98.60
N VAL N 385 -51.75 67.47 -98.80
CA VAL N 385 -52.74 66.71 -98.05
C VAL N 385 -52.39 66.69 -96.57
N GLY N 386 -53.38 66.91 -95.72
CA GLY N 386 -53.21 66.91 -94.29
C GLY N 386 -52.98 68.29 -93.70
N MET N 387 -52.59 69.26 -94.52
CA MET N 387 -52.41 70.64 -94.11
C MET N 387 -53.32 71.58 -94.88
N GLU N 388 -53.35 71.47 -96.21
CA GLU N 388 -54.13 72.34 -97.06
C GLU N 388 -55.22 71.61 -97.84
N ALA N 389 -55.32 70.29 -97.69
CA ALA N 389 -56.27 69.49 -98.46
C ALA N 389 -56.67 68.28 -97.61
N GLU N 390 -57.91 67.85 -97.77
CA GLU N 390 -58.44 66.76 -96.98
C GLU N 390 -58.67 65.51 -97.84
N GLY N 391 -58.87 64.39 -97.18
CA GLY N 391 -59.04 63.13 -97.88
C GLY N 391 -58.71 61.94 -97.01
N THR N 392 -59.02 60.76 -97.52
CA THR N 392 -58.84 59.52 -96.80
C THR N 392 -57.38 59.09 -96.80
N ALA N 393 -56.90 58.63 -95.64
CA ALA N 393 -55.64 57.91 -95.55
C ALA N 393 -55.82 56.64 -94.74
N TYR N 394 -54.90 55.69 -94.95
CA TYR N 394 -54.98 54.37 -94.31
C TYR N 394 -53.73 54.11 -93.48
N ARG N 395 -53.94 53.86 -92.18
CA ARG N 395 -52.86 53.54 -91.28
C ARG N 395 -52.26 52.17 -91.64
N MET N 396 -51.09 51.89 -91.06
CA MET N 396 -50.29 50.72 -91.43
C MET N 396 -51.04 49.41 -91.26
N GLU N 397 -52.03 49.34 -90.37
CA GLU N 397 -52.82 48.12 -90.21
C GLU N 397 -54.23 48.26 -90.77
N GLY N 398 -54.43 49.18 -91.72
CA GLY N 398 -55.67 49.25 -92.47
C GLY N 398 -56.73 50.19 -91.94
N VAL N 399 -56.48 50.87 -90.81
CA VAL N 399 -57.50 51.70 -90.19
C VAL N 399 -57.64 53.00 -90.99
N PRO N 400 -58.84 53.30 -91.49
CA PRO N 400 -59.05 54.53 -92.27
C PRO N 400 -59.30 55.74 -91.38
N ILE N 401 -58.57 56.83 -91.65
CA ILE N 401 -58.74 58.11 -90.97
C ILE N 401 -58.67 59.21 -92.02
N ARG N 402 -59.55 60.20 -91.93
CA ARG N 402 -59.64 61.27 -92.92
C ARG N 402 -58.65 62.39 -92.59
N MET N 403 -57.81 62.72 -93.57
CA MET N 403 -56.89 63.85 -93.40
C MET N 403 -57.66 65.16 -93.39
N LYS N 404 -57.21 66.10 -92.56
CA LYS N 404 -57.91 67.37 -92.38
C LYS N 404 -57.24 68.52 -93.13
N LYS N 405 -58.06 69.49 -93.53
CA LYS N 405 -57.60 70.74 -94.11
C LYS N 405 -57.51 71.78 -92.98
N VAL N 406 -56.30 72.25 -92.71
CA VAL N 406 -56.06 73.18 -91.60
C VAL N 406 -55.96 74.61 -92.09
N VAL N 407 -55.25 74.86 -93.19
CA VAL N 407 -55.11 76.20 -93.75
C VAL N 407 -55.40 76.15 -95.24
N ASP N 408 -55.68 77.32 -95.80
CA ASP N 408 -55.99 77.46 -97.22
C ASP N 408 -54.73 77.64 -98.05
N SER N 409 -54.82 77.21 -99.31
CA SER N 409 -53.75 77.36 -100.29
C SER N 409 -54.37 77.70 -101.63
N ASP N 410 -53.71 78.59 -102.35
CA ASP N 410 -54.15 78.95 -103.69
C ASP N 410 -53.86 77.86 -104.71
N LEU N 411 -52.99 76.91 -104.39
CA LEU N 411 -52.64 75.86 -105.33
C LEU N 411 -53.76 74.83 -105.46
N LEU N 412 -53.76 74.12 -106.57
CA LEU N 412 -54.75 73.07 -106.77
C LEU N 412 -54.35 71.81 -106.00
N SER N 413 -55.35 71.02 -105.62
CA SER N 413 -55.07 69.76 -104.96
C SER N 413 -54.65 68.72 -105.98
N ASP N 414 -54.01 67.65 -105.49
CA ASP N 414 -53.62 66.53 -106.34
C ASP N 414 -54.81 66.05 -107.17
N ARG N 415 -55.96 65.88 -106.51
CA ARG N 415 -57.15 65.39 -107.19
C ARG N 415 -57.55 66.27 -108.36
N GLU N 416 -57.59 67.59 -108.16
CA GLU N 416 -57.96 68.48 -109.26
C GLU N 416 -56.95 68.41 -110.39
N ILE N 417 -55.66 68.35 -110.07
CA ILE N 417 -54.62 68.23 -111.09
C ILE N 417 -54.79 66.96 -111.90
N LEU N 418 -55.10 65.84 -111.24
CA LEU N 418 -55.20 64.56 -111.94
C LEU N 418 -56.46 64.50 -112.80
N GLU N 419 -57.56 65.06 -112.31
CA GLU N 419 -58.80 65.08 -113.09
C GLU N 419 -58.67 65.95 -114.33
N ARG N 420 -57.89 67.03 -114.26
CA ARG N 420 -57.64 67.82 -115.46
C ARG N 420 -56.68 67.10 -116.38
N LEU N 421 -55.69 66.40 -115.81
CA LEU N 421 -54.77 65.62 -116.61
C LEU N 421 -55.50 64.50 -117.33
N LEU N 422 -56.50 63.92 -116.66
CA LEU N 422 -57.26 62.83 -117.25
C LEU N 422 -58.17 63.31 -118.37
N GLU N 423 -58.82 64.46 -118.19
CA GLU N 423 -59.70 64.97 -119.23
C GLU N 423 -58.95 65.21 -120.53
N LYS N 424 -57.75 65.80 -120.45
CA LYS N 424 -57.07 66.14 -121.69
C LYS N 424 -56.27 64.99 -122.28
N VAL N 425 -55.93 63.97 -121.49
CA VAL N 425 -55.41 62.74 -122.08
C VAL N 425 -56.49 62.09 -122.96
N ARG N 426 -57.76 62.16 -122.52
CA ARG N 426 -58.85 61.67 -123.36
C ARG N 426 -58.97 62.50 -124.63
N GLU N 427 -58.83 63.81 -124.50
CA GLU N 427 -58.91 64.71 -125.65
C GLU N 427 -57.89 64.32 -126.71
N TYR N 428 -56.64 64.07 -126.31
CA TYR N 428 -55.61 63.71 -127.28
C TYR N 428 -55.88 62.35 -127.94
N LYS N 429 -56.31 61.36 -127.16
CA LYS N 429 -56.54 60.04 -127.73
C LYS N 429 -57.72 60.01 -128.68
N ALA N 430 -58.65 60.97 -128.56
CA ALA N 430 -59.77 61.06 -129.49
C ALA N 430 -59.38 61.85 -130.73
N SER O 2 -43.00 23.20 -143.11
CA SER O 2 -42.38 22.74 -141.87
C SER O 2 -41.57 23.85 -141.18
N GLU O 3 -40.58 24.40 -141.88
CA GLU O 3 -39.74 25.46 -141.32
C GLU O 3 -40.25 26.82 -141.74
N ILE O 4 -40.56 27.66 -140.75
CA ILE O 4 -41.00 29.04 -140.95
C ILE O 4 -39.97 29.92 -140.27
N ILE O 5 -39.38 30.84 -141.03
CA ILE O 5 -38.28 31.65 -140.56
C ILE O 5 -38.82 33.01 -140.14
N LEU O 6 -38.48 33.43 -138.93
CA LEU O 6 -38.75 34.80 -138.47
C LEU O 6 -37.42 35.50 -138.32
N THR O 7 -37.19 36.52 -139.14
CA THR O 7 -35.98 37.32 -139.04
C THR O 7 -36.32 38.63 -138.34
N PRO O 8 -35.81 38.89 -137.14
CA PRO O 8 -36.21 40.10 -136.42
C PRO O 8 -35.60 41.35 -137.04
N LYS O 9 -36.40 42.41 -137.08
CA LYS O 9 -35.90 43.74 -137.39
C LYS O 9 -35.30 44.34 -136.13
N GLU O 10 -34.95 45.62 -136.18
CA GLU O 10 -34.39 46.29 -135.00
C GLU O 10 -35.40 46.23 -133.85
N GLN O 11 -34.96 45.69 -132.72
CA GLN O 11 -35.83 45.45 -131.58
C GLN O 11 -36.10 46.76 -130.84
N PRO O 12 -37.33 46.98 -130.38
CA PRO O 12 -37.66 48.26 -129.74
C PRO O 12 -37.29 48.28 -128.27
N GLU O 13 -37.07 49.51 -127.77
CA GLU O 13 -36.78 49.68 -126.35
C GLU O 13 -37.98 49.30 -125.49
N VAL O 14 -39.19 49.64 -125.94
CA VAL O 14 -40.40 49.17 -125.29
C VAL O 14 -40.63 47.76 -125.78
N PRO O 15 -40.67 46.76 -124.90
CA PRO O 15 -40.64 45.37 -125.35
C PRO O 15 -41.90 44.95 -126.07
N LEU O 16 -41.78 43.85 -126.79
CA LEU O 16 -42.89 43.20 -127.47
C LEU O 16 -43.41 42.05 -126.61
N GLU O 17 -44.71 41.83 -126.64
CA GLU O 17 -45.31 40.60 -126.12
C GLU O 17 -45.89 39.84 -127.29
N ALA O 18 -45.44 38.59 -127.46
CA ALA O 18 -45.82 37.78 -128.62
C ALA O 18 -46.19 36.36 -128.17
N PRO O 19 -47.22 36.22 -127.33
CA PRO O 19 -47.74 34.86 -127.05
C PRO O 19 -48.12 34.11 -128.31
N ASN O 20 -48.54 34.81 -129.36
CA ASN O 20 -49.00 34.17 -130.58
C ASN O 20 -47.88 33.60 -131.44
N ILE O 21 -46.62 33.82 -131.09
CA ILE O 21 -45.54 33.13 -131.78
C ILE O 21 -45.42 31.72 -131.21
N LYS O 22 -46.20 30.79 -131.76
CA LYS O 22 -46.09 29.39 -131.40
C LYS O 22 -46.67 28.55 -132.53
N PRO O 23 -46.21 27.31 -132.68
CA PRO O 23 -46.78 26.43 -133.73
C PRO O 23 -48.29 26.35 -133.73
N ASP O 24 -48.93 26.38 -132.56
CA ASP O 24 -50.38 26.24 -132.50
C ASP O 24 -51.08 27.33 -133.30
N VAL O 25 -50.53 28.54 -133.30
CA VAL O 25 -51.17 29.64 -134.02
C VAL O 25 -50.73 29.65 -135.48
N PHE O 26 -49.44 29.37 -135.73
CA PHE O 26 -48.91 29.37 -137.09
C PHE O 26 -49.53 28.28 -137.97
N ALA O 27 -50.09 27.23 -137.36
CA ALA O 27 -50.62 26.12 -138.15
C ALA O 27 -51.82 26.57 -138.98
N GLY O 28 -51.86 26.10 -140.23
CA GLY O 28 -52.98 26.40 -141.10
C GLY O 28 -53.00 27.81 -141.63
N LYS O 29 -51.87 28.51 -141.63
CA LYS O 29 -51.81 29.89 -142.07
C LYS O 29 -50.76 30.07 -143.14
N SER O 30 -51.09 30.86 -144.16
CA SER O 30 -50.11 31.26 -145.15
C SER O 30 -49.12 32.24 -144.54
N ILE O 31 -48.04 32.51 -145.29
CA ILE O 31 -47.02 33.44 -144.81
C ILE O 31 -47.64 34.81 -144.54
N GLU O 32 -48.56 35.24 -145.39
CA GLU O 32 -49.14 36.58 -145.24
C GLU O 32 -50.03 36.65 -144.00
N GLU O 33 -50.79 35.60 -143.73
CA GLU O 33 -51.64 35.59 -142.54
C GLU O 33 -50.78 35.63 -141.28
N ILE O 34 -49.63 34.95 -141.31
CA ILE O 34 -48.69 35.00 -140.19
C ILE O 34 -48.13 36.40 -140.01
N LYS O 35 -47.84 37.11 -141.11
CA LYS O 35 -47.41 38.49 -140.97
C LYS O 35 -48.46 39.34 -140.27
N ASN O 36 -49.73 38.94 -140.36
CA ASN O 36 -50.84 39.71 -139.83
C ASN O 36 -51.26 39.23 -138.43
N ILE O 37 -50.56 38.24 -137.87
CA ILE O 37 -50.81 37.84 -136.50
C ILE O 37 -50.56 39.04 -135.58
N GLN O 38 -51.43 39.19 -134.59
CA GLN O 38 -51.32 40.30 -133.65
C GLN O 38 -50.30 40.01 -132.56
N ILE O 39 -49.48 41.01 -132.26
CA ILE O 39 -48.60 41.02 -131.09
C ILE O 39 -48.74 42.39 -130.43
N MET O 40 -48.20 42.51 -129.22
CA MET O 40 -48.27 43.76 -128.48
C MET O 40 -46.94 44.49 -128.54
N HIS O 41 -47.00 45.82 -128.59
CA HIS O 41 -45.83 46.69 -128.55
C HIS O 41 -46.16 47.81 -127.56
N GLY O 42 -45.85 47.56 -126.29
CA GLY O 42 -46.29 48.47 -125.25
C GLY O 42 -47.79 48.41 -125.12
N ASN O 43 -48.43 49.58 -125.09
CA ASN O 43 -49.87 49.68 -125.01
C ASN O 43 -50.54 49.78 -126.38
N GLU O 44 -49.83 49.40 -127.44
CA GLU O 44 -50.33 49.49 -128.80
C GLU O 44 -50.41 48.11 -129.43
N VAL O 45 -51.52 47.81 -130.08
CA VAL O 45 -51.71 46.56 -130.80
C VAL O 45 -51.09 46.72 -132.18
N VAL O 46 -50.23 45.78 -132.56
CA VAL O 46 -49.50 45.83 -133.83
C VAL O 46 -49.50 44.44 -134.47
N LYS O 47 -48.80 44.34 -135.60
CA LYS O 47 -48.73 43.12 -136.38
C LYS O 47 -47.33 42.52 -136.30
N LEU O 48 -47.26 41.19 -136.32
CA LEU O 48 -45.97 40.52 -136.30
C LEU O 48 -45.09 40.97 -137.45
N GLY O 49 -45.69 41.23 -138.62
CA GLY O 49 -44.91 41.68 -139.75
C GLY O 49 -44.18 42.99 -139.49
N ASP O 50 -44.71 43.81 -138.58
CA ASP O 50 -44.11 45.10 -138.28
C ASP O 50 -42.74 44.98 -137.64
N PHE O 51 -42.39 43.82 -137.06
CA PHE O 51 -41.10 43.65 -136.42
C PHE O 51 -40.35 42.41 -136.86
N PHE O 52 -40.88 41.62 -137.79
CA PHE O 52 -40.22 40.43 -138.27
C PHE O 52 -40.46 40.26 -139.77
N GLU O 53 -39.41 39.91 -140.50
CA GLU O 53 -39.57 39.34 -141.83
C GLU O 53 -40.00 37.90 -141.69
N VAL O 54 -40.84 37.42 -142.62
CA VAL O 54 -41.38 36.09 -142.52
C VAL O 54 -41.19 35.38 -143.85
N SER O 55 -40.52 34.23 -143.82
CA SER O 55 -40.36 33.34 -144.96
C SER O 55 -40.62 31.91 -144.50
N GLY O 56 -40.59 30.99 -145.45
CA GLY O 56 -40.70 29.57 -145.17
C GLY O 56 -41.97 28.98 -145.75
N GLU O 57 -42.20 27.71 -145.44
CA GLU O 57 -43.32 26.97 -146.00
C GLU O 57 -44.38 26.68 -144.95
N PRO O 58 -45.64 26.93 -145.25
CA PRO O 58 -46.72 26.65 -144.28
C PRO O 58 -46.89 25.16 -144.02
N ALA O 59 -47.75 24.87 -143.04
CA ALA O 59 -48.14 23.53 -142.67
C ALA O 59 -49.46 23.59 -141.92
N ASP O 60 -50.23 22.51 -141.97
CA ASP O 60 -51.56 22.50 -141.36
C ASP O 60 -51.57 22.03 -139.91
N ALA O 61 -50.60 21.22 -139.50
CA ALA O 61 -50.61 20.71 -138.14
C ALA O 61 -49.45 21.29 -137.34
N PRO O 62 -49.68 21.66 -136.07
CA PRO O 62 -48.60 22.28 -135.28
C PRO O 62 -47.40 21.37 -135.00
N GLU O 63 -47.56 20.04 -134.96
CA GLU O 63 -46.40 19.21 -134.67
C GLU O 63 -45.40 19.18 -135.82
N ASP O 64 -45.83 19.45 -137.05
CA ASP O 64 -44.93 19.51 -138.20
C ASP O 64 -44.35 20.90 -138.43
N ILE O 65 -44.60 21.85 -137.55
CA ILE O 65 -44.16 23.22 -137.74
C ILE O 65 -42.91 23.45 -136.90
N LYS O 66 -41.90 24.06 -137.50
CA LYS O 66 -40.66 24.44 -136.83
C LYS O 66 -40.47 25.94 -137.04
N ILE O 67 -40.60 26.72 -135.96
CA ILE O 67 -40.37 28.15 -136.02
C ILE O 67 -38.91 28.42 -135.69
N ILE O 68 -38.24 29.17 -136.57
CA ILE O 68 -36.87 29.60 -136.36
C ILE O 68 -36.84 31.12 -136.32
N ILE O 69 -36.37 31.66 -135.21
CA ILE O 69 -36.17 33.09 -135.06
C ILE O 69 -34.69 33.34 -135.30
N ASP O 70 -34.37 33.78 -136.52
CA ASP O 70 -32.99 33.86 -136.99
C ASP O 70 -32.43 35.24 -136.62
N GLY O 71 -32.25 35.41 -135.32
CA GLY O 71 -31.74 36.68 -134.81
C GLY O 71 -32.09 36.87 -133.36
N ASP O 72 -31.42 37.85 -132.76
CA ASP O 72 -31.62 38.17 -131.36
C ASP O 72 -32.99 38.81 -131.16
N VAL O 73 -33.73 38.33 -130.16
CA VAL O 73 -35.01 38.93 -129.80
C VAL O 73 -35.04 39.20 -128.30
N TYR O 74 -34.02 39.90 -127.80
CA TYR O 74 -33.84 40.05 -126.35
C TYR O 74 -35.01 40.78 -125.70
N ASN O 75 -35.80 41.53 -126.47
CA ASN O 75 -36.85 42.36 -125.89
C ASN O 75 -38.26 41.92 -126.29
N THR O 76 -38.47 40.65 -126.63
CA THR O 76 -39.81 40.13 -126.86
C THR O 76 -40.10 39.04 -125.84
N LYS O 77 -41.27 39.15 -125.20
CA LYS O 77 -41.66 38.28 -124.11
C LYS O 77 -42.66 37.23 -124.59
N ARG O 78 -42.79 36.17 -123.80
CA ARG O 78 -43.88 35.21 -123.93
C ARG O 78 -43.84 34.39 -125.21
N ILE O 79 -42.65 34.20 -125.78
CA ILE O 79 -42.50 33.34 -126.95
C ILE O 79 -42.81 31.89 -126.56
N GLY O 80 -43.64 31.23 -127.37
CA GLY O 80 -43.99 29.86 -127.10
C GLY O 80 -44.96 29.65 -125.96
N GLN O 81 -45.52 30.73 -125.40
CA GLN O 81 -46.44 30.63 -124.28
C GLN O 81 -47.61 29.71 -124.62
N GLU O 82 -47.79 28.67 -123.79
CA GLU O 82 -48.90 27.73 -123.92
C GLU O 82 -48.90 26.97 -125.24
N MET O 83 -47.74 26.79 -125.88
CA MET O 83 -47.70 25.95 -127.08
C MET O 83 -47.87 24.49 -126.69
N THR O 84 -48.59 23.74 -127.53
CA THR O 84 -48.89 22.35 -127.26
C THR O 84 -48.05 21.36 -128.05
N ALA O 85 -47.44 21.78 -129.16
CA ALA O 85 -46.74 20.88 -130.05
C ALA O 85 -45.87 21.70 -130.99
N GLY O 86 -44.95 21.03 -131.66
CA GLY O 86 -44.06 21.70 -132.59
C GLY O 86 -42.77 22.09 -131.91
N GLU O 87 -42.03 22.97 -132.57
CA GLU O 87 -40.71 23.34 -132.08
C GLU O 87 -40.44 24.82 -132.38
N ILE O 88 -39.72 25.47 -131.47
CA ILE O 88 -39.24 26.83 -131.65
C ILE O 88 -37.74 26.84 -131.39
N ILE O 89 -36.99 27.49 -132.27
CA ILE O 89 -35.56 27.66 -132.11
C ILE O 89 -35.24 29.14 -132.23
N VAL O 90 -34.57 29.70 -131.24
CA VAL O 90 -34.24 31.12 -131.21
C VAL O 90 -32.73 31.26 -131.27
N ARG O 91 -32.22 31.85 -132.35
CA ARG O 91 -30.79 32.06 -132.55
C ARG O 91 -30.39 33.41 -131.95
N GLY O 92 -30.44 33.45 -130.62
CA GLY O 92 -30.20 34.66 -129.88
C GLY O 92 -30.92 34.60 -128.54
N ASN O 93 -31.03 35.77 -127.92
CA ASN O 93 -31.59 35.87 -126.57
C ASN O 93 -33.10 36.07 -126.62
N VAL O 94 -33.75 35.76 -125.50
CA VAL O 94 -35.16 36.03 -125.33
C VAL O 94 -35.35 36.79 -124.03
N ASN O 95 -36.54 37.38 -123.89
CA ASN O 95 -36.92 38.09 -122.67
C ASN O 95 -37.66 37.13 -121.73
N MET O 96 -38.67 37.64 -121.03
CA MET O 96 -39.31 36.89 -119.98
C MET O 96 -40.34 35.92 -120.54
N TYR O 97 -40.72 34.95 -119.71
CA TYR O 97 -41.86 34.05 -119.94
C TYR O 97 -41.70 33.13 -121.14
N VAL O 98 -40.48 32.82 -121.57
CA VAL O 98 -40.34 31.91 -122.70
C VAL O 98 -40.95 30.56 -122.33
N GLY O 99 -41.91 30.11 -123.12
CA GLY O 99 -42.54 28.83 -122.85
C GLY O 99 -43.43 28.76 -121.64
N ALA O 100 -43.86 29.91 -121.09
CA ALA O 100 -44.74 29.88 -119.93
C ALA O 100 -46.03 29.14 -120.23
N GLY O 101 -46.42 28.24 -119.31
CA GLY O 101 -47.64 27.48 -119.48
C GLY O 101 -47.57 26.41 -120.55
N MET O 102 -46.38 26.10 -121.04
CA MET O 102 -46.23 25.17 -122.15
C MET O 102 -46.73 23.78 -121.78
N LYS O 103 -47.38 23.12 -122.74
CA LYS O 103 -47.93 21.78 -122.53
C LYS O 103 -47.23 20.69 -123.32
N GLY O 104 -46.59 21.04 -124.44
CA GLY O 104 -45.87 20.07 -125.23
C GLY O 104 -45.01 20.77 -126.26
N GLY O 105 -44.23 19.98 -126.98
CA GLY O 105 -43.32 20.52 -127.96
C GLY O 105 -41.95 20.80 -127.38
N LYS O 106 -41.17 21.62 -128.09
CA LYS O 106 -39.84 21.95 -127.61
C LYS O 106 -39.46 23.36 -128.02
N ILE O 107 -38.80 24.07 -127.11
CA ILE O 107 -38.21 25.37 -127.38
C ILE O 107 -36.71 25.28 -127.11
N THR O 108 -35.92 25.80 -128.03
CA THR O 108 -34.48 25.91 -127.85
C THR O 108 -34.10 27.38 -127.97
N VAL O 109 -33.50 27.92 -126.91
CA VAL O 109 -32.97 29.28 -126.90
C VAL O 109 -31.45 29.14 -126.93
N GLU O 110 -30.83 29.70 -127.97
CA GLU O 110 -29.41 29.50 -128.17
C GLU O 110 -28.57 30.49 -127.37
N GLY O 111 -29.19 31.53 -126.83
CA GLY O 111 -28.55 32.44 -125.91
C GLY O 111 -29.23 32.46 -124.57
N ASN O 112 -29.39 33.64 -123.99
CA ASN O 112 -29.93 33.80 -122.65
C ASN O 112 -31.45 33.89 -122.67
N ALA O 113 -32.04 33.57 -121.52
CA ALA O 113 -33.47 33.76 -121.28
C ALA O 113 -33.65 34.59 -120.02
N GLY O 114 -34.71 35.37 -119.99
CA GLY O 114 -35.04 36.19 -118.84
C GLY O 114 -35.76 35.38 -117.78
N SER O 115 -36.40 36.10 -116.86
CA SER O 115 -37.08 35.45 -115.75
C SER O 115 -38.36 34.78 -116.21
N TRP O 116 -38.81 33.80 -115.41
CA TRP O 116 -40.06 33.08 -115.61
C TRP O 116 -40.05 32.24 -116.89
N ALA O 117 -38.87 31.78 -117.29
CA ALA O 117 -38.77 30.78 -118.34
C ALA O 117 -39.43 29.48 -117.86
N GLY O 118 -40.47 29.06 -118.58
CA GLY O 118 -41.18 27.86 -118.19
C GLY O 118 -42.10 28.01 -116.99
N GLN O 119 -42.54 29.22 -116.68
CA GLN O 119 -43.50 29.44 -115.61
C GLN O 119 -44.74 28.59 -115.85
N ASP O 120 -45.20 27.89 -114.81
CA ASP O 120 -46.41 27.07 -114.86
C ASP O 120 -46.33 26.02 -115.98
N MET O 121 -45.14 25.47 -116.20
CA MET O 121 -44.95 24.47 -117.24
C MET O 121 -45.75 23.21 -116.94
N ARG O 122 -46.36 22.64 -117.98
CA ARG O 122 -47.15 21.44 -117.86
C ARG O 122 -46.56 20.24 -118.60
N GLY O 123 -45.83 20.47 -119.68
CA GLY O 123 -45.21 19.39 -120.43
C GLY O 123 -44.31 19.96 -121.51
N GLY O 124 -43.56 19.06 -122.14
CA GLY O 124 -42.64 19.47 -123.19
C GLY O 124 -41.24 19.69 -122.68
N GLU O 125 -40.44 20.36 -123.51
CA GLU O 125 -39.05 20.63 -123.17
C GLU O 125 -38.69 22.07 -123.51
N ILE O 126 -37.89 22.69 -122.66
CA ILE O 126 -37.23 23.96 -122.95
C ILE O 126 -35.74 23.77 -122.71
N GLU O 127 -34.94 24.15 -123.69
CA GLU O 127 -33.49 24.08 -123.58
C GLU O 127 -32.93 25.47 -123.81
N ILE O 128 -32.17 25.96 -122.83
CA ILE O 128 -31.59 27.28 -122.86
C ILE O 128 -30.08 27.10 -122.80
N LEU O 129 -29.41 27.45 -123.89
CA LEU O 129 -27.97 27.20 -124.00
C LEU O 129 -27.13 28.20 -123.21
N GLY O 130 -27.65 29.38 -122.94
CA GLY O 130 -26.98 30.40 -122.16
C GLY O 130 -27.47 30.43 -120.73
N ASP O 131 -27.51 31.63 -120.16
CA ASP O 131 -27.94 31.82 -118.79
C ASP O 131 -29.44 32.10 -118.73
N ALA O 132 -30.03 31.82 -117.57
CA ALA O 132 -31.44 32.08 -117.31
C ALA O 132 -31.55 33.03 -116.12
N GLY O 133 -32.73 33.61 -115.97
CA GLY O 133 -32.99 34.57 -114.91
C GLY O 133 -33.54 33.94 -113.66
N ASP O 134 -34.33 34.71 -112.91
CA ASP O 134 -34.99 34.19 -111.74
C ASP O 134 -36.22 33.39 -112.15
N TYR O 135 -36.71 32.57 -111.22
CA TYR O 135 -38.02 31.93 -111.34
C TYR O 135 -38.11 30.99 -112.53
N VAL O 136 -37.04 30.24 -112.79
CA VAL O 136 -37.10 29.17 -113.79
C VAL O 136 -38.14 28.14 -113.33
N GLY O 137 -39.10 27.85 -114.19
CA GLY O 137 -40.13 26.86 -113.87
C GLY O 137 -40.90 27.17 -112.62
N SER O 138 -41.23 28.45 -112.42
CA SER O 138 -41.86 28.89 -111.19
C SER O 138 -43.38 28.82 -111.30
N SER O 139 -44.04 29.22 -110.21
CA SER O 139 -45.48 29.41 -110.20
C SER O 139 -45.79 30.88 -110.48
N TYR O 140 -47.08 31.23 -110.41
CA TYR O 140 -47.50 32.62 -110.49
C TYR O 140 -47.78 33.16 -109.08
N ARG O 141 -47.62 34.47 -108.92
CA ARG O 141 -47.85 35.16 -107.65
C ARG O 141 -49.12 34.68 -106.97
N GLY O 142 -48.99 34.31 -105.70
CA GLY O 142 -50.14 33.92 -104.91
C GLY O 142 -50.57 32.49 -105.08
N ASP O 143 -50.28 31.86 -106.21
CA ASP O 143 -50.72 30.50 -106.45
C ASP O 143 -49.79 29.52 -105.76
N TRP O 144 -50.38 28.51 -105.12
CA TRP O 144 -49.64 27.48 -104.44
C TRP O 144 -49.45 26.23 -105.29
N ARG O 145 -50.00 26.23 -106.51
CA ARG O 145 -49.84 25.15 -107.47
C ARG O 145 -49.01 25.70 -108.63
N GLY O 146 -47.79 25.18 -108.79
CA GLY O 146 -46.91 25.67 -109.84
C GLY O 146 -46.69 24.71 -110.98
N MET O 147 -45.46 24.66 -111.48
CA MET O 147 -45.08 23.75 -112.55
C MET O 147 -45.45 22.31 -112.20
N SER O 148 -46.10 21.63 -113.13
CA SER O 148 -46.55 20.26 -112.89
C SER O 148 -45.92 19.23 -113.81
N GLY O 149 -45.26 19.64 -114.90
CA GLY O 149 -44.66 18.66 -115.80
C GLY O 149 -43.71 19.33 -116.78
N GLY O 150 -42.95 18.49 -117.47
CA GLY O 150 -42.01 18.97 -118.47
C GLY O 150 -40.58 18.93 -117.99
N THR O 151 -39.71 19.41 -118.88
CA THR O 151 -38.27 19.48 -118.63
C THR O 151 -37.71 20.83 -119.05
N ILE O 152 -36.97 21.45 -118.14
CA ILE O 152 -36.23 22.67 -118.40
C ILE O 152 -34.76 22.38 -118.16
N THR O 153 -33.92 22.73 -119.13
CA THR O 153 -32.49 22.52 -119.05
C THR O 153 -31.78 23.84 -119.33
N VAL O 154 -31.02 24.33 -118.36
CA VAL O 154 -30.23 25.55 -118.51
C VAL O 154 -28.76 25.16 -118.51
N HIS O 155 -28.08 25.43 -119.63
CA HIS O 155 -26.68 25.07 -119.76
C HIS O 155 -25.76 26.06 -119.06
N GLY O 156 -26.19 27.30 -118.89
CA GLY O 156 -25.44 28.31 -118.16
C GLY O 156 -25.89 28.43 -116.71
N ASN O 157 -25.89 29.66 -116.21
CA ASN O 157 -26.29 29.94 -114.84
C ASN O 157 -27.73 30.43 -114.77
N ALA O 158 -28.36 30.19 -113.63
CA ALA O 158 -29.66 30.73 -113.27
C ALA O 158 -29.51 31.54 -111.99
N ASP O 159 -30.58 32.25 -111.61
CA ASP O 159 -30.50 33.12 -110.44
C ASP O 159 -31.32 32.59 -109.26
N ASN O 160 -32.37 33.30 -108.87
CA ASN O 160 -33.10 33.00 -107.64
C ASN O 160 -34.37 32.21 -107.89
N GLU O 161 -34.73 31.41 -106.89
CA GLU O 161 -36.07 30.81 -106.77
C GLU O 161 -36.43 29.97 -107.98
N ILE O 162 -35.49 29.20 -108.52
CA ILE O 162 -35.85 28.28 -109.59
C ILE O 162 -36.71 27.18 -109.00
N GLY O 163 -37.74 26.79 -109.74
CA GLY O 163 -38.65 25.76 -109.24
C GLY O 163 -39.52 26.19 -108.09
N GLU O 164 -39.74 27.49 -107.91
CA GLU O 164 -40.65 27.99 -106.87
C GLU O 164 -42.00 27.28 -106.95
N TYR O 165 -42.39 26.66 -105.83
CA TYR O 165 -43.64 25.90 -105.74
C TYR O 165 -43.74 24.80 -106.80
N MET O 166 -42.61 24.20 -107.17
CA MET O 166 -42.66 23.14 -108.17
C MET O 166 -43.54 21.99 -107.70
N ASN O 167 -44.24 21.37 -108.65
CA ASN O 167 -45.21 20.33 -108.31
C ASN O 167 -45.15 19.19 -109.33
N GLY O 168 -43.96 18.90 -109.85
CA GLY O 168 -43.81 17.92 -110.91
C GLY O 168 -42.85 18.42 -111.95
N GLY O 169 -42.39 17.54 -112.84
CA GLY O 169 -41.46 17.95 -113.87
C GLY O 169 -40.02 17.86 -113.42
N LYS O 170 -39.15 18.56 -114.14
CA LYS O 170 -37.71 18.45 -113.88
C LYS O 170 -36.98 19.67 -114.41
N ILE O 171 -36.15 20.28 -113.57
CA ILE O 171 -35.26 21.37 -113.97
C ILE O 171 -33.83 20.93 -113.78
N ILE O 172 -33.00 21.20 -114.78
CA ILE O 172 -31.57 20.91 -114.72
C ILE O 172 -30.81 22.20 -115.02
N ILE O 173 -30.02 22.65 -114.06
CA ILE O 173 -29.10 23.77 -114.20
C ILE O 173 -27.70 23.20 -114.18
N LYS O 174 -27.02 23.22 -115.34
CA LYS O 174 -25.67 22.69 -115.39
C LYS O 174 -24.68 23.66 -114.77
N GLY O 175 -25.04 24.93 -114.69
CA GLY O 175 -24.20 25.96 -114.08
C GLY O 175 -24.52 26.17 -112.61
N ASP O 176 -24.32 27.41 -112.17
CA ASP O 176 -24.59 27.77 -110.78
C ASP O 176 -25.95 28.43 -110.64
N VAL O 177 -26.49 28.36 -109.42
CA VAL O 177 -27.66 29.14 -109.05
C VAL O 177 -27.30 30.04 -107.88
N ASN O 178 -28.18 31.00 -107.60
CA ASN O 178 -27.95 31.93 -106.51
C ASN O 178 -28.58 31.41 -105.23
N ILE O 179 -29.73 31.94 -104.83
CA ILE O 179 -30.32 31.53 -103.56
C ILE O 179 -31.74 31.03 -103.79
N MET O 180 -32.19 30.22 -102.83
CA MET O 180 -33.54 29.68 -102.72
C MET O 180 -33.97 28.82 -103.90
N PRO O 181 -33.11 27.95 -104.45
CA PRO O 181 -33.63 26.98 -105.44
C PRO O 181 -34.55 26.00 -104.73
N GLY O 182 -35.70 25.73 -105.36
CA GLY O 182 -36.66 24.82 -104.76
C GLY O 182 -37.46 25.39 -103.62
N ILE O 183 -37.51 26.72 -103.48
CA ILE O 183 -38.30 27.34 -102.42
C ILE O 183 -39.75 26.87 -102.54
N HIS O 184 -40.32 26.43 -101.42
CA HIS O 184 -41.70 25.93 -101.36
C HIS O 184 -41.95 24.74 -102.29
N MET O 185 -40.94 23.96 -102.62
CA MET O 185 -41.17 22.83 -103.52
C MET O 185 -42.14 21.82 -102.89
N ASN O 186 -43.03 21.28 -103.72
CA ASN O 186 -43.95 20.23 -103.33
C ASN O 186 -43.63 18.88 -103.97
N ASN O 187 -43.17 18.89 -105.21
CA ASN O 187 -42.85 17.66 -105.93
C ASN O 187 -41.97 18.03 -107.10
N GLY O 188 -41.37 17.01 -107.71
CA GLY O 188 -40.51 17.19 -108.84
C GLY O 188 -39.06 16.93 -108.51
N LEU O 189 -38.19 17.32 -109.45
CA LEU O 189 -36.76 17.10 -109.35
C LEU O 189 -36.01 18.32 -109.84
N ILE O 190 -35.08 18.82 -109.02
CA ILE O 190 -34.15 19.85 -109.43
C ILE O 190 -32.73 19.30 -109.31
N ILE O 191 -31.97 19.41 -110.39
CA ILE O 191 -30.56 19.03 -110.40
C ILE O 191 -29.75 20.28 -110.73
N ILE O 192 -28.92 20.71 -109.80
CA ILE O 192 -27.98 21.81 -110.01
C ILE O 192 -26.60 21.19 -110.06
N GLU O 193 -25.96 21.28 -111.23
CA GLU O 193 -24.66 20.65 -111.40
C GLU O 193 -23.52 21.50 -110.86
N GLY O 194 -23.73 22.80 -110.72
CA GLY O 194 -22.76 23.72 -110.15
C GLY O 194 -23.03 24.01 -108.69
N ASN O 195 -22.83 25.26 -108.31
CA ASN O 195 -22.87 25.68 -106.92
C ASN O 195 -24.21 26.33 -106.57
N VAL O 196 -24.43 26.47 -105.26
CA VAL O 196 -25.60 27.13 -104.69
C VAL O 196 -25.11 28.05 -103.58
N VAL O 197 -25.56 29.30 -103.59
CA VAL O 197 -25.11 30.23 -102.55
C VAL O 197 -25.80 29.96 -101.23
N ALA O 198 -27.13 29.81 -101.23
CA ALA O 198 -27.84 29.65 -99.96
C ALA O 198 -29.26 29.16 -100.17
N ARG O 199 -29.81 28.57 -99.10
CA ARG O 199 -31.24 28.29 -98.96
C ARG O 199 -31.81 27.34 -100.00
N ALA O 200 -31.02 26.36 -100.42
CA ALA O 200 -31.58 25.28 -101.22
C ALA O 200 -32.71 24.60 -100.45
N GLY O 201 -33.87 24.51 -101.08
CA GLY O 201 -34.99 23.82 -100.48
C GLY O 201 -35.71 24.55 -99.37
N GLY O 202 -35.52 25.86 -99.26
CA GLY O 202 -36.23 26.64 -98.28
C GLY O 202 -37.73 26.39 -98.27
N GLU O 203 -38.23 25.87 -97.14
CA GLU O 203 -39.66 25.67 -96.93
C GLU O 203 -40.26 24.68 -97.91
N MET O 204 -39.45 23.76 -98.43
CA MET O 204 -39.99 22.73 -99.31
C MET O 204 -40.79 21.72 -98.50
N ALA O 205 -41.84 21.19 -99.12
CA ALA O 205 -42.65 20.15 -98.50
C ALA O 205 -42.38 18.77 -99.06
N GLY O 206 -41.96 18.70 -100.32
CA GLY O 206 -41.63 17.45 -100.96
C GLY O 206 -40.74 17.70 -102.16
N GLY O 207 -40.52 16.65 -102.94
CA GLY O 207 -39.64 16.75 -104.09
C GLY O 207 -38.20 16.45 -103.73
N THR O 208 -37.34 16.64 -104.72
CA THR O 208 -35.94 16.26 -104.59
C THR O 208 -35.06 17.28 -105.28
N ILE O 209 -34.04 17.75 -104.55
CA ILE O 209 -33.05 18.68 -105.07
C ILE O 209 -31.69 18.01 -104.98
N VAL O 210 -30.97 18.01 -106.10
CA VAL O 210 -29.63 17.46 -106.17
C VAL O 210 -28.65 18.59 -106.46
N VAL O 211 -27.59 18.68 -105.66
CA VAL O 211 -26.54 19.66 -105.86
C VAL O 211 -25.23 18.90 -105.99
N LYS O 212 -24.62 18.95 -107.17
CA LYS O 212 -23.35 18.26 -107.41
C LYS O 212 -22.14 19.11 -107.06
N GLY O 213 -22.30 20.42 -107.00
CA GLY O 213 -21.26 21.34 -106.57
C GLY O 213 -21.37 21.67 -105.10
N MET O 214 -21.06 22.92 -104.76
CA MET O 214 -20.94 23.34 -103.37
C MET O 214 -22.12 24.24 -102.99
N MET O 215 -22.77 23.89 -101.88
CA MET O 215 -23.68 24.80 -101.21
C MET O 215 -22.89 25.60 -100.19
N GLN O 216 -22.80 26.91 -100.38
CA GLN O 216 -22.03 27.73 -99.44
C GLN O 216 -22.69 27.74 -98.06
N GLU O 217 -24.02 27.82 -98.03
CA GLU O 217 -24.80 27.79 -96.78
C GLU O 217 -25.97 26.84 -96.96
N PHE O 218 -26.53 26.41 -95.84
CA PHE O 218 -27.71 25.55 -95.86
C PHE O 218 -28.63 25.99 -94.73
N LEU O 219 -29.56 25.14 -94.32
CA LEU O 219 -30.67 25.53 -93.47
C LEU O 219 -30.82 24.56 -92.31
N ALA O 220 -31.04 25.11 -91.12
CA ALA O 220 -31.05 24.33 -89.89
C ALA O 220 -32.30 23.50 -89.70
N GLY O 221 -33.32 23.70 -90.53
CA GLY O 221 -34.54 22.91 -90.43
C GLY O 221 -34.49 21.56 -91.10
N PHE O 222 -33.35 21.17 -91.66
CA PHE O 222 -33.18 19.88 -92.30
C PHE O 222 -32.54 18.89 -91.34
N LYS O 223 -33.02 17.66 -91.35
CA LYS O 223 -32.38 16.60 -90.58
C LYS O 223 -31.41 15.84 -91.48
N TYR O 224 -30.20 15.64 -90.97
CA TYR O 224 -29.17 14.87 -91.67
C TYR O 224 -29.46 13.39 -91.52
N LEU O 225 -29.58 12.67 -92.65
CA LEU O 225 -29.87 11.25 -92.61
C LEU O 225 -28.67 10.39 -92.97
N GLY O 226 -27.57 10.97 -93.44
CA GLY O 226 -26.38 10.23 -93.78
C GLY O 226 -26.01 10.38 -95.24
N VAL O 227 -25.41 9.34 -95.80
CA VAL O 227 -24.92 9.36 -97.17
C VAL O 227 -25.59 8.24 -97.96
N GLU O 228 -25.95 8.55 -99.21
CA GLU O 228 -26.44 7.61 -100.18
C GLU O 228 -25.53 7.64 -101.40
N LYS O 229 -25.23 6.46 -101.95
CA LYS O 229 -24.40 6.31 -103.13
C LYS O 229 -25.27 5.88 -104.30
N ASP O 230 -24.87 6.31 -105.49
CA ASP O 230 -25.48 5.83 -106.73
C ASP O 230 -26.98 5.84 -106.61
N ILE O 231 -27.51 7.03 -106.30
CA ILE O 231 -28.94 7.30 -106.24
C ILE O 231 -29.45 7.44 -107.67
N GLU O 232 -30.70 7.06 -107.89
CA GLU O 232 -31.38 7.33 -109.17
C GLU O 232 -32.72 8.02 -108.97
N VAL O 233 -32.89 9.20 -109.57
CA VAL O 233 -34.06 10.04 -109.33
C VAL O 233 -34.77 10.34 -110.65
N ASP O 234 -36.06 10.02 -110.69
CA ASP O 234 -36.94 10.34 -111.82
C ASP O 234 -36.34 9.93 -113.17
N GLY O 235 -35.79 8.72 -113.22
CA GLY O 235 -35.20 8.24 -114.46
C GLY O 235 -33.82 8.79 -114.75
N GLU O 236 -33.15 9.44 -113.78
CA GLU O 236 -31.84 10.03 -113.98
C GLU O 236 -30.81 9.35 -113.09
N GLU O 237 -29.66 9.03 -113.66
CA GLU O 237 -28.63 8.26 -112.94
C GLU O 237 -27.55 9.18 -112.40
N LEU O 238 -27.30 9.08 -111.10
CA LEU O 238 -26.29 9.90 -110.41
C LEU O 238 -25.16 9.08 -109.82
N PRO O 239 -23.93 9.36 -110.23
CA PRO O 239 -22.74 8.69 -109.69
C PRO O 239 -22.18 9.45 -108.49
N GLY O 240 -21.48 8.70 -107.65
CA GLY O 240 -20.89 9.31 -106.49
C GLY O 240 -21.78 9.23 -105.27
N ALA O 241 -21.28 9.81 -104.19
CA ALA O 241 -21.95 9.83 -102.91
C ALA O 241 -22.54 11.21 -102.64
N PHE O 242 -23.65 11.23 -101.92
CA PHE O 242 -24.33 12.47 -101.58
C PHE O 242 -24.70 12.47 -100.10
N TYR O 243 -24.43 13.59 -99.43
CA TYR O 243 -25.05 13.81 -98.13
C TYR O 243 -26.55 13.95 -98.32
N LYS O 244 -27.31 13.31 -97.44
CA LYS O 244 -28.76 13.24 -97.57
C LYS O 244 -29.42 14.00 -96.42
N PHE O 245 -30.31 14.92 -96.77
CA PHE O 245 -31.04 15.74 -95.80
C PHE O 245 -32.53 15.64 -96.08
N GLU O 246 -33.32 15.66 -95.01
CA GLU O 246 -34.77 15.67 -95.10
C GLU O 246 -35.30 16.94 -94.43
N GLY O 247 -36.18 17.65 -95.14
CA GLY O 247 -36.81 18.85 -94.62
C GLY O 247 -37.79 19.35 -95.66
N ASP O 248 -38.19 20.62 -95.59
CA ASP O 248 -37.76 21.55 -94.55
C ASP O 248 -38.72 21.48 -93.35
N HIS O 249 -38.21 21.06 -92.20
CA HIS O 249 -39.09 20.80 -91.07
C HIS O 249 -39.61 22.07 -90.40
N ALA O 250 -39.33 23.25 -90.94
CA ALA O 250 -40.13 24.42 -90.64
C ALA O 250 -41.55 24.28 -91.18
N ILE O 251 -41.76 23.36 -92.11
CA ILE O 251 -43.06 23.07 -92.70
C ILE O 251 -43.58 21.78 -92.06
N LYS O 252 -44.89 21.74 -91.79
CA LYS O 252 -45.48 20.56 -91.19
C LYS O 252 -45.54 19.40 -92.19
N GLY O 253 -45.15 18.21 -91.72
CA GLY O 253 -45.18 17.04 -92.57
C GLY O 253 -44.22 17.07 -93.73
N ALA O 254 -43.14 17.85 -93.64
CA ALA O 254 -42.25 18.03 -94.77
C ALA O 254 -41.48 16.75 -95.04
N LYS O 255 -41.46 16.31 -96.31
CA LYS O 255 -40.78 15.10 -96.70
C LYS O 255 -39.80 15.34 -97.85
N GLY O 256 -39.37 16.58 -98.07
CA GLY O 256 -38.45 16.85 -99.14
C GLY O 256 -37.06 16.31 -98.87
N ILE O 257 -36.28 16.18 -99.94
CA ILE O 257 -34.94 15.61 -99.86
C ILE O 257 -33.97 16.53 -100.60
N VAL O 258 -32.90 16.94 -99.92
CA VAL O 258 -31.74 17.57 -100.54
C VAL O 258 -30.60 16.57 -100.53
N TYR O 259 -30.05 16.30 -101.71
CA TYR O 259 -28.80 15.55 -101.84
C TYR O 259 -27.69 16.54 -102.15
N ALA O 260 -26.61 16.50 -101.37
CA ALA O 260 -25.46 17.37 -101.60
C ALA O 260 -24.22 16.52 -101.72
N ALA O 261 -23.47 16.73 -102.81
CA ALA O 261 -22.32 15.89 -103.10
C ALA O 261 -21.28 16.01 -101.99
N VAL O 262 -20.78 14.86 -101.54
CA VAL O 262 -19.90 14.82 -100.37
C VAL O 262 -18.59 15.54 -100.65
N GLY O 263 -18.07 15.44 -101.87
CA GLY O 263 -16.77 16.00 -102.19
C GLY O 263 -16.62 17.48 -101.86
N CYS O 264 -17.70 18.26 -102.00
CA CYS O 264 -17.62 19.70 -101.78
C CYS O 264 -18.55 20.19 -100.68
N ASN O 265 -19.05 19.30 -99.82
CA ASN O 265 -20.08 19.74 -98.86
C ASN O 265 -19.83 19.20 -97.45
N GLY O 266 -18.58 18.94 -97.09
CA GLY O 266 -18.29 18.47 -95.74
C GLY O 266 -18.69 19.46 -94.67
N HIS O 267 -18.60 20.76 -94.97
CA HIS O 267 -19.01 21.80 -94.04
C HIS O 267 -20.52 21.86 -93.84
N ILE O 268 -21.30 21.24 -94.73
CA ILE O 268 -22.75 21.24 -94.58
C ILE O 268 -23.19 20.16 -93.60
N ALA O 269 -22.41 19.10 -93.46
CA ALA O 269 -22.75 17.99 -92.58
C ALA O 269 -22.30 18.25 -91.14
N MET P 1 -10.44 49.82 -97.22
CA MET P 1 -11.02 48.80 -96.35
C MET P 1 -12.38 48.31 -96.86
N ARG P 2 -12.56 46.99 -96.90
CA ARG P 2 -13.84 46.44 -97.33
C ARG P 2 -14.78 46.33 -96.14
N VAL P 3 -15.97 46.90 -96.29
CA VAL P 3 -16.97 46.94 -95.24
C VAL P 3 -18.33 46.59 -95.85
N ILE P 4 -19.29 46.34 -94.97
CA ILE P 4 -20.67 46.05 -95.37
C ILE P 4 -21.49 47.32 -95.17
N LEU P 5 -22.13 47.79 -96.23
CA LEU P 5 -22.87 49.04 -96.20
C LEU P 5 -24.34 48.76 -95.90
N ASN P 6 -24.82 49.35 -94.81
CA ASN P 6 -26.21 49.27 -94.40
C ASN P 6 -26.80 50.67 -94.47
N THR P 7 -28.07 50.77 -94.87
CA THR P 7 -28.72 52.06 -95.11
C THR P 7 -30.13 52.05 -94.54
N GLY P 8 -30.62 53.25 -94.22
CA GLY P 8 -31.98 53.35 -93.70
C GLY P 8 -32.21 54.71 -93.05
N ARG P 9 -33.03 54.71 -92.02
CA ARG P 9 -33.58 55.94 -91.49
C ARG P 9 -32.73 56.55 -90.39
N THR P 10 -33.03 57.81 -90.10
CA THR P 10 -32.44 58.62 -89.05
C THR P 10 -33.45 59.71 -88.73
N ILE P 11 -33.62 60.03 -87.43
CA ILE P 11 -34.57 61.08 -87.09
C ILE P 11 -34.14 62.39 -87.74
N TRP P 12 -32.83 62.60 -87.87
CA TRP P 12 -32.31 63.83 -88.48
C TRP P 12 -32.54 63.85 -89.98
N GLN P 13 -32.45 62.69 -90.64
CA GLN P 13 -32.68 62.67 -92.07
C GLN P 13 -34.17 62.79 -92.37
N GLY P 14 -35.03 62.39 -91.43
CA GLY P 14 -36.45 62.64 -91.57
C GLY P 14 -36.80 64.09 -91.36
N GLN P 15 -36.27 64.70 -90.29
CA GLN P 15 -36.42 66.14 -90.10
C GLN P 15 -35.96 66.90 -91.33
N ALA P 16 -34.84 66.47 -91.92
CA ALA P 16 -34.27 67.19 -93.05
C ALA P 16 -35.15 67.10 -94.29
N ILE P 17 -35.69 65.91 -94.59
CA ILE P 17 -36.48 65.77 -95.81
C ILE P 17 -37.78 66.55 -95.73
N GLU P 18 -38.36 66.65 -94.52
CA GLU P 18 -39.58 67.43 -94.35
C GLU P 18 -39.29 68.91 -94.14
N SER P 19 -38.06 69.27 -93.82
CA SER P 19 -37.66 70.67 -93.86
C SER P 19 -37.39 71.11 -95.29
N GLY P 20 -36.57 70.35 -96.02
CA GLY P 20 -36.31 70.61 -97.42
C GLY P 20 -35.07 69.91 -97.92
N LYS P 21 -35.22 69.12 -98.98
CA LYS P 21 -34.07 68.43 -99.57
C LYS P 21 -33.17 69.38 -100.35
N ASP P 22 -33.58 70.63 -100.55
CA ASP P 22 -32.70 71.65 -101.09
C ASP P 22 -31.83 72.31 -100.02
N LEU P 23 -32.07 72.01 -98.74
CA LEU P 23 -31.38 72.70 -97.67
C LEU P 23 -30.04 72.04 -97.32
N LYS P 24 -29.19 72.84 -96.66
CA LYS P 24 -27.92 72.35 -96.15
C LYS P 24 -28.12 71.25 -95.12
N MET P 25 -29.17 71.39 -94.31
CA MET P 25 -29.64 70.43 -93.32
C MET P 25 -29.63 69.02 -93.90
N TYR P 26 -30.05 68.88 -95.16
CA TYR P 26 -30.17 67.56 -95.77
C TYR P 26 -28.81 66.95 -96.09
N VAL P 27 -27.87 67.75 -96.60
CA VAL P 27 -26.51 67.25 -96.81
C VAL P 27 -25.89 66.82 -95.48
N ASP P 28 -26.07 67.62 -94.44
CA ASP P 28 -25.52 67.27 -93.13
C ASP P 28 -26.13 65.99 -92.57
N ALA P 29 -27.39 65.71 -92.91
CA ALA P 29 -28.05 64.55 -92.32
C ALA P 29 -27.93 63.29 -93.17
N ALA P 30 -27.83 63.42 -94.49
CA ALA P 30 -27.86 62.26 -95.38
C ALA P 30 -26.58 62.03 -96.16
N ALA P 31 -25.71 63.03 -96.30
CA ALA P 31 -24.45 62.84 -97.01
C ALA P 31 -23.33 62.49 -96.03
N ILE P 32 -23.59 61.48 -95.20
CA ILE P 32 -22.69 61.09 -94.12
C ILE P 32 -22.52 59.58 -94.14
N ILE P 33 -21.47 59.11 -93.46
CA ILE P 33 -21.27 57.70 -93.20
C ILE P 33 -21.00 57.52 -91.71
N GLN P 34 -21.82 56.70 -91.06
CA GLN P 34 -21.67 56.43 -89.64
C GLN P 34 -20.72 55.25 -89.44
N MET P 35 -19.76 55.41 -88.53
CA MET P 35 -18.76 54.38 -88.28
C MET P 35 -18.54 54.22 -86.79
N ASN P 36 -18.17 53.00 -86.39
CA ASN P 36 -17.68 52.79 -85.04
C ASN P 36 -16.39 53.56 -84.82
N PRO P 37 -16.15 54.06 -83.60
CA PRO P 37 -14.90 54.79 -83.34
C PRO P 37 -13.64 53.96 -83.61
N GLU P 38 -13.65 52.65 -83.35
CA GLU P 38 -12.46 51.85 -83.61
C GLU P 38 -12.17 51.78 -85.12
N MET P 39 -13.21 51.74 -85.93
CA MET P 39 -13.00 51.68 -87.37
C MET P 39 -12.45 53.01 -87.90
N MET P 40 -12.94 54.13 -87.38
CA MET P 40 -12.40 55.42 -87.80
C MET P 40 -10.92 55.53 -87.46
N LYS P 41 -10.51 55.04 -86.29
CA LYS P 41 -9.10 55.03 -85.93
C LYS P 41 -8.31 54.03 -86.77
N GLN P 42 -8.92 52.90 -87.12
CA GLN P 42 -8.28 51.96 -88.03
C GLN P 42 -8.04 52.59 -89.40
N LEU P 43 -8.94 53.46 -89.84
CA LEU P 43 -8.80 54.15 -91.11
C LEU P 43 -8.02 55.46 -90.99
N GLY P 44 -7.77 55.92 -89.77
CA GLY P 44 -6.99 57.13 -89.57
C GLY P 44 -7.74 58.41 -89.84
N ILE P 45 -9.04 58.44 -89.55
CA ILE P 45 -9.88 59.59 -89.83
C ILE P 45 -10.60 60.01 -88.55
N ALA P 46 -11.06 61.26 -88.55
CA ALA P 46 -11.79 61.85 -87.44
C ALA P 46 -13.15 62.32 -87.95
N GLU P 47 -14.05 62.62 -87.00
CA GLU P 47 -15.35 63.14 -87.38
C GLU P 47 -15.18 64.41 -88.20
N GLY P 48 -15.94 64.51 -89.29
CA GLY P 48 -15.83 65.61 -90.22
C GLY P 48 -14.96 65.32 -91.42
N ASP P 49 -14.08 64.34 -91.35
CA ASP P 49 -13.29 63.97 -92.51
C ASP P 49 -14.16 63.25 -93.53
N ASN P 50 -13.79 63.35 -94.79
CA ASN P 50 -14.59 62.79 -95.88
C ASN P 50 -14.04 61.43 -96.30
N VAL P 51 -14.94 60.61 -96.86
CA VAL P 51 -14.64 59.23 -97.21
C VAL P 51 -15.16 59.00 -98.63
N LYS P 52 -14.39 58.27 -99.43
CA LYS P 52 -14.83 57.87 -100.75
C LYS P 52 -15.34 56.44 -100.66
N VAL P 53 -16.61 56.25 -100.98
CA VAL P 53 -17.25 54.93 -100.94
C VAL P 53 -17.40 54.46 -102.38
N ILE P 54 -16.83 53.31 -102.72
CA ILE P 54 -16.96 52.75 -104.06
C ILE P 54 -17.47 51.32 -103.93
N SER P 55 -18.40 50.97 -104.83
CA SER P 55 -18.98 49.64 -104.89
C SER P 55 -18.95 49.18 -106.35
N GLU P 56 -19.40 47.95 -106.57
CA GLU P 56 -19.60 47.46 -107.94
C GLU P 56 -20.48 48.37 -108.77
N TYR P 57 -21.28 49.22 -108.13
CA TYR P 57 -22.37 49.90 -108.81
C TYR P 57 -22.22 51.41 -108.87
N GLY P 58 -21.33 51.99 -108.07
CA GLY P 58 -21.12 53.42 -108.13
C GLY P 58 -20.06 53.87 -107.14
N ASP P 59 -20.06 55.17 -106.89
CA ASP P 59 -19.11 55.78 -105.96
C ASP P 59 -19.72 57.07 -105.45
N VAL P 60 -19.29 57.50 -104.26
CA VAL P 60 -19.85 58.69 -103.63
C VAL P 60 -18.88 59.19 -102.57
N VAL P 61 -18.96 60.49 -102.27
CA VAL P 61 -18.19 61.12 -101.21
C VAL P 61 -19.15 61.55 -100.11
N VAL P 62 -18.86 61.11 -98.89
CA VAL P 62 -19.72 61.36 -97.74
C VAL P 62 -18.83 61.76 -96.56
N LYS P 63 -19.45 62.42 -95.59
CA LYS P 63 -18.73 62.89 -94.40
C LYS P 63 -18.79 61.85 -93.30
N ALA P 64 -17.63 61.53 -92.72
CA ALA P 64 -17.58 60.50 -91.68
C ALA P 64 -18.14 61.02 -90.36
N VAL P 65 -18.91 60.17 -89.70
CA VAL P 65 -19.61 60.50 -88.46
C VAL P 65 -19.48 59.30 -87.52
N GLU P 66 -19.28 59.55 -86.23
CA GLU P 66 -19.18 58.48 -85.26
C GLU P 66 -20.58 58.00 -84.89
N ALA P 67 -20.81 56.70 -85.04
CA ALA P 67 -22.13 56.12 -84.79
C ALA P 67 -22.52 56.17 -83.30
N LYS P 68 -23.66 56.79 -83.02
CA LYS P 68 -24.25 56.74 -81.69
C LYS P 68 -25.11 55.50 -81.49
N GLU P 69 -25.51 54.84 -82.57
CA GLU P 69 -26.14 53.53 -82.55
C GLU P 69 -25.10 52.52 -82.97
N PRO P 70 -24.51 51.76 -82.04
CA PRO P 70 -23.33 50.96 -82.38
C PRO P 70 -23.63 49.97 -83.51
N LEU P 71 -22.63 49.77 -84.36
CA LEU P 71 -22.71 48.89 -85.50
C LEU P 71 -21.95 47.59 -85.20
N PRO P 72 -22.33 46.48 -85.81
CA PRO P 72 -21.48 45.28 -85.72
C PRO P 72 -20.14 45.57 -86.37
N GLU P 73 -19.13 44.83 -85.93
CA GLU P 73 -17.80 44.95 -86.50
C GLU P 73 -17.86 44.77 -88.01
N GLY P 74 -17.28 45.72 -88.74
CA GLY P 74 -17.21 45.63 -90.19
C GLY P 74 -18.35 46.28 -90.96
N MET P 75 -19.31 46.90 -90.27
CA MET P 75 -20.47 47.49 -90.92
C MET P 75 -20.44 49.01 -90.80
N VAL P 76 -20.96 49.68 -91.83
CA VAL P 76 -21.12 51.13 -91.82
C VAL P 76 -22.55 51.46 -92.23
N TYR P 77 -22.96 52.69 -91.92
CA TYR P 77 -24.34 53.13 -92.11
C TYR P 77 -24.35 54.46 -92.86
N ILE P 78 -24.99 54.49 -94.01
CA ILE P 78 -25.30 55.72 -94.73
C ILE P 78 -26.82 55.86 -94.77
N PRO P 79 -27.38 56.98 -94.29
CA PRO P 79 -28.83 57.15 -94.32
C PRO P 79 -29.38 57.08 -95.75
N MET P 80 -30.64 56.64 -95.86
CA MET P 80 -31.30 56.62 -97.16
C MET P 80 -31.23 58.00 -97.80
N GLY P 81 -30.99 58.02 -99.10
CA GLY P 81 -30.84 59.26 -99.82
C GLY P 81 -30.04 59.05 -101.09
N PRO P 82 -29.85 60.13 -101.84
CA PRO P 82 -29.16 59.99 -103.14
C PRO P 82 -27.69 59.65 -103.02
N TRP P 83 -27.02 60.02 -101.92
CA TRP P 83 -25.64 59.62 -101.74
C TRP P 83 -25.51 58.11 -101.55
N ALA P 84 -26.27 57.55 -100.58
CA ALA P 84 -26.28 56.11 -100.41
C ALA P 84 -26.69 55.40 -101.69
N ASN P 85 -27.64 55.98 -102.43
CA ASN P 85 -28.16 55.31 -103.62
C ASN P 85 -27.25 55.50 -104.82
N ARG P 86 -26.13 56.19 -104.66
CA ARG P 86 -25.09 56.12 -105.68
C ARG P 86 -24.41 54.75 -105.68
N VAL P 87 -24.42 54.05 -104.55
CA VAL P 87 -23.52 52.91 -104.36
C VAL P 87 -24.22 51.60 -104.01
N ILE P 88 -25.47 51.60 -103.53
CA ILE P 88 -26.09 50.33 -103.13
C ILE P 88 -26.49 49.53 -104.37
N ARG P 89 -26.96 48.30 -104.16
CA ARG P 89 -27.17 47.34 -105.24
C ARG P 89 -28.53 47.57 -105.91
N PRO P 90 -28.58 47.80 -107.23
CA PRO P 90 -29.85 48.15 -107.89
C PRO P 90 -30.77 46.98 -108.16
N TYR P 91 -30.19 45.81 -108.41
CA TYR P 91 -30.97 44.67 -108.89
C TYR P 91 -32.02 44.23 -107.88
N THR P 92 -33.18 43.84 -108.40
CA THR P 92 -34.33 43.49 -107.59
C THR P 92 -34.58 41.99 -107.50
N ASP P 93 -33.80 41.17 -108.22
CA ASP P 93 -33.99 39.72 -108.26
C ASP P 93 -35.43 39.37 -108.65
N SER P 94 -35.98 40.15 -109.58
CA SER P 94 -37.35 39.96 -110.07
C SER P 94 -38.39 40.10 -108.95
N THR P 95 -38.17 41.06 -108.04
CA THR P 95 -39.19 41.39 -107.05
C THR P 95 -39.70 42.82 -107.16
N ALA P 96 -39.05 43.68 -107.94
CA ALA P 96 -39.22 45.12 -108.11
C ALA P 96 -38.50 45.92 -107.02
N THR P 97 -38.03 45.29 -105.94
CA THR P 97 -37.43 46.02 -104.83
C THR P 97 -35.92 45.90 -104.86
N PRO P 98 -35.18 47.00 -104.97
CA PRO P 98 -33.71 46.93 -104.99
C PRO P 98 -33.15 46.46 -103.66
N SER P 99 -31.84 46.14 -103.68
CA SER P 99 -31.11 45.73 -102.49
C SER P 99 -30.44 46.95 -101.86
N PHE P 100 -31.25 47.70 -101.10
CA PHE P 100 -30.78 48.93 -100.46
C PHE P 100 -29.85 48.67 -99.28
N LYS P 101 -29.80 47.43 -98.75
CA LYS P 101 -29.14 47.16 -97.49
C LYS P 101 -28.12 46.04 -97.58
N ASN P 102 -26.99 46.23 -96.89
CA ASN P 102 -25.97 45.21 -96.65
C ASN P 102 -25.21 44.89 -97.93
N ILE P 103 -24.43 45.86 -98.41
CA ILE P 103 -23.75 45.78 -99.69
C ILE P 103 -22.26 45.88 -99.45
N PRO P 104 -21.45 44.97 -100.01
CA PRO P 104 -19.98 45.10 -99.88
C PRO P 104 -19.49 46.35 -100.61
N VAL P 105 -18.76 47.20 -99.89
CA VAL P 105 -18.20 48.42 -100.46
C VAL P 105 -16.75 48.54 -100.01
N GLU P 106 -16.02 49.39 -100.70
CA GLU P 106 -14.66 49.77 -100.34
C GLU P 106 -14.65 51.23 -99.89
N ILE P 107 -14.13 51.49 -98.70
CA ILE P 107 -14.05 52.86 -98.19
C ILE P 107 -12.58 53.22 -97.98
N ILE P 108 -12.26 54.48 -98.26
CA ILE P 108 -10.91 55.04 -98.20
C ILE P 108 -11.07 56.52 -97.87
N PRO P 109 -10.20 57.11 -97.08
CA PRO P 109 -10.27 58.56 -96.85
C PRO P 109 -9.99 59.34 -98.13
N THR P 110 -10.52 60.55 -98.17
CA THR P 110 -10.37 61.41 -99.34
C THR P 110 -10.45 62.87 -98.93
N ASP P 111 -9.73 63.71 -99.66
CA ASP P 111 -9.83 65.15 -99.52
C ASP P 111 -10.83 65.76 -100.47
N GLU P 112 -11.42 64.98 -101.37
CA GLU P 112 -12.48 65.51 -102.23
C GLU P 112 -13.65 66.00 -101.38
N GLU P 113 -14.48 66.83 -102.00
CA GLU P 113 -15.57 67.49 -101.32
C GLU P 113 -16.86 66.68 -101.46
N VAL P 114 -17.73 66.82 -100.46
CA VAL P 114 -19.08 66.27 -100.57
C VAL P 114 -19.89 67.09 -101.57
N LEU P 115 -20.51 66.40 -102.52
CA LEU P 115 -21.38 67.04 -103.49
C LEU P 115 -22.71 67.39 -102.85
N ASP P 116 -23.13 68.64 -103.01
CA ASP P 116 -24.45 69.04 -102.53
C ASP P 116 -25.53 68.46 -103.43
N MET P 117 -26.79 68.70 -103.07
CA MET P 117 -27.88 67.95 -103.70
C MET P 117 -27.97 68.18 -105.20
N PRO P 118 -28.10 69.41 -105.70
CA PRO P 118 -28.22 69.58 -107.16
C PRO P 118 -26.96 69.20 -107.91
N THR P 119 -25.78 69.40 -107.32
CA THR P 119 -24.55 69.01 -107.99
C THR P 119 -24.43 67.49 -108.11
N LEU P 120 -24.85 66.77 -107.06
CA LEU P 120 -24.81 65.31 -107.10
C LEU P 120 -25.66 64.77 -108.25
N MET P 121 -26.84 65.36 -108.47
CA MET P 121 -27.75 64.85 -109.49
C MET P 121 -27.23 65.02 -110.90
N LYS P 122 -26.35 66.01 -111.15
CA LYS P 122 -25.82 66.22 -112.49
C LYS P 122 -24.97 65.04 -112.95
N VAL P 123 -24.49 64.21 -112.03
CA VAL P 123 -23.75 63.01 -112.39
C VAL P 123 -24.55 62.12 -113.32
N TYR P 124 -25.88 62.15 -113.22
CA TYR P 124 -26.72 61.32 -114.08
C TYR P 124 -27.02 61.96 -115.42
N GLY P 125 -26.71 63.25 -115.60
CA GLY P 125 -26.72 63.87 -116.91
C GLY P 125 -28.08 64.02 -117.56
N LYS P 126 -29.00 64.68 -116.86
CA LYS P 126 -30.36 64.83 -117.39
C LYS P 126 -30.37 65.61 -118.70
N VAL P 127 -30.96 65.00 -119.72
CA VAL P 127 -31.18 65.65 -121.01
C VAL P 127 -32.65 66.07 -121.08
N GLY P 128 -32.89 67.32 -121.45
CA GLY P 128 -34.25 67.82 -121.51
C GLY P 128 -35.05 67.20 -122.65
N GLN P 129 -36.37 67.26 -122.48
CA GLN P 129 -37.32 66.78 -123.50
C GLN P 129 -38.75 67.18 -123.16
N ALA Q 2 -30.31 71.31 -56.06
CA ALA Q 2 -31.01 70.05 -55.85
C ALA Q 2 -31.16 69.25 -57.14
N ILE Q 3 -31.44 67.95 -57.02
CA ILE Q 3 -31.72 67.13 -58.19
C ILE Q 3 -33.07 67.53 -58.75
N GLY Q 4 -33.14 67.67 -60.08
CA GLY Q 4 -34.38 68.05 -60.72
C GLY Q 4 -34.44 67.54 -62.15
N LEU Q 5 -35.61 67.73 -62.76
CA LEU Q 5 -35.82 67.32 -64.14
C LEU Q 5 -35.22 68.37 -65.07
N LYS Q 6 -34.48 67.92 -66.07
CA LYS Q 6 -33.85 68.80 -67.04
C LYS Q 6 -33.99 68.20 -68.44
N ALA Q 7 -34.40 69.01 -69.40
CA ALA Q 7 -34.62 68.58 -70.77
C ALA Q 7 -33.47 69.00 -71.68
N TYR Q 8 -33.12 68.13 -72.62
CA TYR Q 8 -32.14 68.41 -73.67
C TYR Q 8 -32.86 68.31 -75.01
N PRO Q 9 -33.65 69.33 -75.37
CA PRO Q 9 -34.52 69.22 -76.56
C PRO Q 9 -33.80 68.97 -77.89
N GLU Q 10 -32.58 69.49 -78.05
CA GLU Q 10 -31.82 69.34 -79.29
C GLU Q 10 -31.40 67.89 -79.54
N LEU Q 11 -31.43 67.03 -78.52
CA LEU Q 11 -31.20 65.61 -78.70
C LEU Q 11 -32.50 64.82 -78.82
N CYS Q 12 -33.63 65.48 -78.60
CA CYS Q 12 -34.93 64.83 -78.45
C CYS Q 12 -35.50 64.37 -79.78
N HIS Q 13 -36.24 63.25 -79.74
CA HIS Q 13 -36.94 62.74 -80.91
C HIS Q 13 -38.41 63.13 -80.95
N GLY Q 14 -38.96 63.65 -79.86
CA GLY Q 14 -40.38 63.88 -79.80
C GLY Q 14 -41.19 62.61 -79.69
N CYS Q 15 -40.56 61.49 -79.30
CA CYS Q 15 -41.22 60.19 -79.42
C CYS Q 15 -42.36 60.03 -78.43
N GLY Q 16 -42.29 60.71 -77.29
CA GLY Q 16 -43.36 60.68 -76.32
C GLY Q 16 -43.27 59.61 -75.25
N ASN Q 17 -42.20 58.82 -75.20
CA ASN Q 17 -42.14 57.75 -74.20
C ASN Q 17 -42.19 58.30 -72.78
N CYS Q 18 -41.42 59.37 -72.51
CA CYS Q 18 -41.40 59.93 -71.17
C CYS Q 18 -42.76 60.48 -70.77
N VAL Q 19 -43.42 61.18 -71.70
CA VAL Q 19 -44.72 61.77 -71.42
C VAL Q 19 -45.70 60.68 -71.00
N ILE Q 20 -45.69 59.55 -71.69
CA ILE Q 20 -46.59 58.45 -71.36
C ILE Q 20 -46.12 57.70 -70.12
N ALA Q 21 -44.80 57.54 -69.97
CA ALA Q 21 -44.28 56.71 -68.88
C ALA Q 21 -44.50 57.36 -67.51
N CYS Q 22 -44.48 58.68 -67.45
CA CYS Q 22 -44.61 59.40 -66.18
C CYS Q 22 -45.94 59.09 -65.50
N PRO Q 23 -45.91 58.65 -64.23
CA PRO Q 23 -47.19 58.37 -63.55
C PRO Q 23 -47.96 59.63 -63.21
N VAL Q 24 -47.29 60.75 -62.92
CA VAL Q 24 -48.00 61.99 -62.65
C VAL Q 24 -48.83 62.41 -63.86
N ASN Q 25 -48.22 62.38 -65.05
CA ASN Q 25 -48.95 62.68 -66.27
C ASN Q 25 -50.08 61.67 -66.47
N ALA Q 26 -49.80 60.38 -66.28
CA ALA Q 26 -50.83 59.35 -66.43
C ALA Q 26 -52.00 59.62 -65.48
N LEU Q 27 -51.70 59.95 -64.23
CA LEU Q 27 -52.74 60.14 -63.23
C LEU Q 27 -53.73 61.24 -63.62
N ARG Q 28 -53.23 62.31 -64.23
CA ARG Q 28 -54.03 63.50 -64.50
C ARG Q 28 -54.73 63.46 -65.85
N SER Q 29 -54.20 62.68 -66.78
CA SER Q 29 -54.70 62.67 -68.16
C SER Q 29 -54.92 61.22 -68.59
N PRO Q 30 -56.18 60.76 -68.67
CA PRO Q 30 -56.43 59.39 -69.13
C PRO Q 30 -55.88 59.10 -70.52
N GLU Q 31 -55.87 60.10 -71.41
CA GLU Q 31 -55.34 59.88 -72.75
C GLU Q 31 -53.83 59.64 -72.71
N VAL Q 32 -53.12 60.39 -71.88
CA VAL Q 32 -51.68 60.18 -71.72
C VAL Q 32 -51.44 58.82 -71.10
N ALA Q 33 -52.25 58.44 -70.11
CA ALA Q 33 -52.15 57.11 -69.54
C ALA Q 33 -52.30 56.05 -70.63
N GLY Q 34 -53.15 56.31 -71.62
CA GLY Q 34 -53.36 55.39 -72.72
C GLY Q 34 -52.46 55.61 -73.93
N GLY Q 35 -51.37 56.36 -73.76
CA GLY Q 35 -50.39 56.50 -74.81
C GLY Q 35 -50.64 57.63 -75.79
N LYS Q 36 -51.67 58.42 -75.59
CA LYS Q 36 -51.93 59.53 -76.48
C LYS Q 36 -51.37 60.83 -75.93
N GLY Q 37 -51.04 61.75 -76.84
CA GLY Q 37 -50.79 63.12 -76.47
C GLY Q 37 -52.09 63.69 -75.97
N PRO Q 38 -52.02 64.63 -75.03
CA PRO Q 38 -53.27 65.22 -74.50
C PRO Q 38 -53.93 66.08 -75.56
N THR Q 39 -55.25 65.92 -75.69
CA THR Q 39 -56.03 66.87 -76.46
C THR Q 39 -56.85 67.75 -75.53
N ASP Q 40 -57.41 67.16 -74.45
CA ASP Q 40 -57.96 67.96 -73.35
C ASP Q 40 -56.91 68.93 -72.83
N ASP Q 41 -57.37 70.07 -72.32
CA ASP Q 41 -56.49 70.93 -71.55
C ASP Q 41 -56.21 70.28 -70.21
N VAL Q 42 -54.92 70.08 -69.91
CA VAL Q 42 -54.50 69.48 -68.65
C VAL Q 42 -53.20 70.13 -68.23
N GLU Q 43 -52.94 70.12 -66.94
CA GLU Q 43 -51.65 70.52 -66.39
C GLU Q 43 -50.87 69.27 -66.03
N ILE Q 44 -49.81 69.01 -66.79
CA ILE Q 44 -48.95 67.86 -66.59
C ILE Q 44 -47.50 68.34 -66.61
N ILE Q 45 -46.57 67.41 -66.32
CA ILE Q 45 -45.18 67.80 -66.08
C ILE Q 45 -44.50 68.24 -67.38
N MET Q 46 -44.57 67.43 -68.43
CA MET Q 46 -43.93 67.81 -69.68
C MET Q 46 -44.77 67.31 -70.84
N ILE Q 47 -44.58 67.96 -71.99
CA ILE Q 47 -45.28 67.60 -73.23
C ILE Q 47 -44.28 67.66 -74.37
N VAL Q 48 -44.64 67.02 -75.48
CA VAL Q 48 -43.93 67.20 -76.73
C VAL Q 48 -44.56 68.39 -77.45
N GLU Q 49 -43.76 69.43 -77.68
CA GLU Q 49 -44.26 70.64 -78.29
C GLU Q 49 -43.23 71.13 -79.30
N ASP Q 50 -43.71 71.53 -80.47
CA ASP Q 50 -42.87 71.81 -81.63
C ASP Q 50 -41.85 70.68 -81.83
N GLY Q 51 -42.31 69.45 -81.67
CA GLY Q 51 -41.54 68.26 -82.01
C GLY Q 51 -40.60 67.75 -80.94
N VAL Q 52 -40.52 68.42 -79.78
CA VAL Q 52 -39.54 68.06 -78.76
C VAL Q 52 -40.16 68.19 -77.37
N VAL Q 53 -39.53 67.50 -76.41
CA VAL Q 53 -40.02 67.49 -75.03
C VAL Q 53 -39.90 68.87 -74.42
N ASN Q 54 -40.92 69.26 -73.64
CA ASN Q 54 -41.07 70.63 -73.17
C ASN Q 54 -41.65 70.59 -71.77
N ILE Q 55 -40.87 71.03 -70.78
CA ILE Q 55 -41.28 70.95 -69.37
C ILE Q 55 -42.20 72.11 -69.03
N LYS Q 56 -43.40 71.80 -68.55
CA LYS Q 56 -44.41 72.82 -68.25
C LYS Q 56 -44.68 73.01 -66.77
N ASN Q 57 -44.55 71.96 -65.95
CA ASN Q 57 -44.84 72.03 -64.50
C ASN Q 57 -43.79 71.23 -63.75
N PRO Q 58 -42.57 71.75 -63.64
CA PRO Q 58 -41.50 71.00 -62.95
C PRO Q 58 -41.77 70.79 -61.47
N ASP Q 59 -42.64 71.60 -60.86
CA ASP Q 59 -42.92 71.44 -59.44
C ASP Q 59 -43.66 70.15 -59.12
N LEU Q 60 -44.36 69.56 -60.10
CA LEU Q 60 -45.08 68.32 -59.88
C LEU Q 60 -44.19 67.09 -60.00
N CYS Q 61 -42.95 67.26 -60.44
CA CYS Q 61 -42.02 66.16 -60.64
C CYS Q 61 -41.53 65.62 -59.31
N GLY Q 62 -41.74 64.33 -59.07
CA GLY Q 62 -41.29 63.68 -57.85
C GLY Q 62 -39.94 63.00 -57.95
N LYS Q 63 -39.21 63.20 -59.04
CA LYS Q 63 -37.86 62.65 -59.23
C LYS Q 63 -37.82 61.13 -58.98
N CYS Q 64 -38.77 60.41 -59.58
CA CYS Q 64 -38.77 58.96 -59.41
C CYS Q 64 -37.80 58.28 -60.38
N GLY Q 65 -37.66 58.83 -61.59
CA GLY Q 65 -36.71 58.31 -62.56
C GLY Q 65 -37.31 57.49 -63.70
N THR Q 66 -38.63 57.34 -63.75
CA THR Q 66 -39.24 56.47 -64.75
C THR Q 66 -39.03 57.01 -66.17
N CYS Q 67 -39.24 58.32 -66.35
CA CYS Q 67 -39.04 58.93 -67.66
C CYS Q 67 -37.63 58.68 -68.18
N VAL Q 68 -36.63 58.80 -67.29
CA VAL Q 68 -35.24 58.62 -67.69
C VAL Q 68 -35.02 57.22 -68.23
N GLU Q 69 -35.57 56.22 -67.53
CA GLU Q 69 -35.50 54.83 -68.00
C GLU Q 69 -36.11 54.67 -69.39
N SER Q 70 -37.13 55.46 -69.71
CA SER Q 70 -37.87 55.33 -70.96
C SER Q 70 -37.22 56.06 -72.14
N CYS Q 71 -36.27 56.96 -71.89
CA CYS Q 71 -35.61 57.68 -72.97
C CYS Q 71 -34.36 56.95 -73.43
N PRO Q 72 -34.28 56.53 -74.70
CA PRO Q 72 -33.06 55.86 -75.17
C PRO Q 72 -31.93 56.81 -75.54
N VAL Q 73 -32.20 58.10 -75.73
CA VAL Q 73 -31.20 59.04 -76.23
C VAL Q 73 -30.81 60.06 -75.15
N ASP Q 74 -31.12 59.79 -73.90
CA ASP Q 74 -30.72 60.63 -72.76
C ASP Q 74 -31.08 62.10 -72.99
N ALA Q 75 -32.28 62.33 -73.51
CA ALA Q 75 -32.74 63.70 -73.73
C ALA Q 75 -33.50 64.27 -72.54
N ILE Q 76 -33.88 63.44 -71.57
CA ILE Q 76 -34.48 63.91 -70.33
C ILE Q 76 -33.82 63.18 -69.17
N ARG Q 77 -33.46 63.93 -68.13
CA ARG Q 77 -32.57 63.44 -67.09
C ARG Q 77 -32.96 64.04 -65.76
N LEU Q 78 -32.42 63.44 -64.71
CA LEU Q 78 -32.49 63.96 -63.35
C LEU Q 78 -31.06 64.33 -62.93
N GLU Q 79 -30.80 65.63 -62.78
CA GLU Q 79 -29.47 66.09 -62.39
C GLU Q 79 -29.60 67.35 -61.53
N GLU Q 80 -28.45 67.84 -61.06
CA GLU Q 80 -28.46 69.05 -60.25
C GLU Q 80 -28.95 70.26 -61.04
N LEU Q 81 -29.89 70.99 -60.43
CA LEU Q 81 -30.53 72.17 -61.01
C LEU Q 81 -31.44 71.77 -62.18
N VAL R 6 -14.86 64.54 -43.68
CA VAL R 6 -14.04 64.01 -44.76
C VAL R 6 -14.96 63.17 -45.67
N ILE R 7 -14.94 63.48 -46.96
CA ILE R 7 -15.75 62.78 -47.96
C ILE R 7 -14.81 62.11 -48.93
N GLU R 8 -14.86 60.79 -49.00
CA GLU R 8 -14.10 60.00 -49.94
C GLU R 8 -15.07 59.16 -50.77
N GLY R 9 -14.99 59.28 -52.08
CA GLY R 9 -16.01 58.69 -52.94
C GLY R 9 -17.38 59.24 -52.58
N LYS R 10 -18.32 58.35 -52.31
CA LYS R 10 -19.65 58.74 -51.87
C LYS R 10 -19.86 58.58 -50.37
N ASN R 11 -18.85 58.13 -49.62
CA ASN R 11 -19.00 58.02 -48.18
C ASN R 11 -18.69 59.34 -47.49
N ILE R 12 -19.28 59.51 -46.30
CA ILE R 12 -19.18 60.73 -45.50
C ILE R 12 -18.81 60.36 -44.08
N THR R 13 -17.75 60.97 -43.55
CA THR R 13 -17.41 60.84 -42.13
C THR R 13 -17.29 62.23 -41.52
N VAL R 14 -18.01 62.46 -40.43
CA VAL R 14 -17.99 63.71 -39.68
C VAL R 14 -17.21 63.47 -38.39
N GLU R 15 -16.20 64.30 -38.14
CA GLU R 15 -15.32 64.13 -36.98
C GLU R 15 -15.36 65.37 -36.10
N ARG R 16 -15.37 65.12 -34.79
CA ARG R 16 -15.10 66.14 -33.78
C ARG R 16 -14.13 65.56 -32.77
N THR R 17 -13.10 66.33 -32.41
CA THR R 17 -12.23 65.98 -31.31
C THR R 17 -12.13 67.14 -30.34
N ASN R 21 -13.68 61.81 -28.38
CA ASN R 21 -13.65 61.76 -29.84
C ASN R 21 -14.90 61.06 -30.39
N ARG R 22 -15.67 61.77 -31.21
CA ARG R 22 -16.88 61.24 -31.85
C ARG R 22 -16.74 61.28 -33.36
N ARG R 23 -17.27 60.24 -34.03
CA ARG R 23 -17.13 60.03 -35.47
C ARG R 23 -18.40 59.43 -36.04
N LEU R 24 -19.05 60.15 -36.95
CA LEU R 24 -20.24 59.64 -37.64
C LEU R 24 -19.86 59.22 -39.04
N ILE R 25 -20.03 57.94 -39.35
CA ILE R 25 -19.64 57.36 -40.63
C ILE R 25 -20.89 56.99 -41.41
N PHE R 26 -20.97 57.47 -42.65
CA PHE R 26 -22.06 57.13 -43.55
C PHE R 26 -21.51 56.28 -44.69
N GLN R 27 -22.13 55.12 -44.90
CA GLN R 27 -21.74 54.17 -45.93
C GLN R 27 -22.78 54.21 -47.04
N ASP R 28 -22.45 54.90 -48.15
CA ASP R 28 -23.40 55.06 -49.25
C ASP R 28 -23.96 53.73 -49.74
N CYS R 29 -23.10 52.72 -49.90
CA CYS R 29 -23.55 51.47 -50.50
C CYS R 29 -24.63 50.79 -49.67
N LEU R 30 -24.71 51.06 -48.37
CA LEU R 30 -25.71 50.44 -47.52
C LEU R 30 -26.98 51.27 -47.41
N CYS R 31 -27.00 52.48 -47.93
CA CYS R 31 -28.12 53.37 -47.73
C CYS R 31 -29.26 53.01 -48.69
N ALA R 32 -30.44 52.77 -48.12
CA ALA R 32 -31.64 52.48 -48.91
C ALA R 32 -32.47 53.72 -49.21
N VAL R 33 -32.01 54.89 -48.77
CA VAL R 33 -32.63 56.19 -49.04
C VAL R 33 -34.06 56.20 -48.50
N CYS R 34 -34.26 55.68 -47.29
CA CYS R 34 -35.61 55.69 -46.74
C CYS R 34 -35.96 57.05 -46.13
N GLY R 35 -34.97 57.83 -45.71
CA GLY R 35 -35.19 59.18 -45.25
C GLY R 35 -35.30 59.34 -43.75
N LEU R 36 -35.38 58.24 -43.00
CA LEU R 36 -35.68 58.32 -41.58
C LEU R 36 -34.63 59.08 -40.79
N CYS R 37 -33.36 58.98 -41.19
CA CYS R 37 -32.32 59.73 -40.49
C CYS R 37 -32.58 61.21 -40.58
N GLY R 38 -33.01 61.68 -41.75
CA GLY R 38 -33.28 63.09 -41.94
C GLY R 38 -34.43 63.57 -41.06
N GLU R 39 -35.45 62.72 -40.87
CA GLU R 39 -36.60 63.13 -40.07
C GLU R 39 -36.25 63.20 -38.58
N ILE R 40 -35.53 62.19 -38.08
CA ILE R 40 -35.30 62.06 -36.66
C ILE R 40 -34.27 63.06 -36.13
N CYS R 41 -33.36 63.53 -36.98
CA CYS R 41 -32.30 64.44 -36.53
C CYS R 41 -32.81 65.70 -35.86
N PRO R 42 -32.48 65.93 -34.59
CA PRO R 42 -32.97 67.13 -33.90
C PRO R 42 -32.49 68.44 -34.50
N VAL R 43 -31.36 68.45 -35.20
CA VAL R 43 -30.77 69.70 -35.68
C VAL R 43 -31.00 69.90 -37.18
N SER R 44 -31.83 69.05 -37.80
CA SER R 44 -32.08 69.09 -39.23
C SER R 44 -30.78 69.21 -40.02
N ALA R 45 -29.79 68.40 -39.62
CA ALA R 45 -28.50 68.41 -40.28
C ALA R 45 -28.45 67.52 -41.51
N ILE R 46 -29.47 66.70 -41.72
CA ILE R 46 -29.47 65.73 -42.80
C ILE R 46 -30.49 66.16 -43.84
N GLU R 47 -30.06 66.17 -45.10
CA GLU R 47 -30.95 66.29 -46.25
C GLU R 47 -30.75 65.07 -47.14
N VAL R 48 -31.85 64.38 -47.44
CA VAL R 48 -31.87 63.12 -48.16
C VAL R 48 -32.35 63.34 -49.59
N ASN R 49 -31.55 62.88 -50.56
CA ASN R 49 -31.89 63.04 -51.97
C ASN R 49 -33.11 62.18 -52.33
N PRO R 50 -33.76 62.46 -53.47
CA PRO R 50 -34.95 61.68 -53.85
C PRO R 50 -34.67 60.19 -53.96
N THR R 51 -35.53 59.40 -53.31
CA THR R 51 -35.32 57.95 -53.27
C THR R 51 -35.29 57.34 -54.66
N GLY R 52 -36.32 57.62 -55.47
CA GLY R 52 -36.37 57.05 -56.80
C GLY R 52 -35.16 57.38 -57.64
N ALA R 53 -34.79 58.66 -57.69
CA ALA R 53 -33.64 59.08 -58.49
C ALA R 53 -32.36 58.36 -58.07
N MET R 54 -32.15 58.21 -56.76
CA MET R 54 -30.91 57.62 -56.28
C MET R 54 -30.86 56.11 -56.51
N VAL R 55 -32.01 55.46 -56.66
CA VAL R 55 -32.05 54.02 -56.89
C VAL R 55 -32.10 53.69 -58.39
N ARG R 56 -32.83 54.49 -59.17
CA ARG R 56 -33.09 54.18 -60.56
C ARG R 56 -32.17 54.89 -61.55
N THR R 57 -31.46 55.92 -61.13
CA THR R 57 -30.68 56.72 -62.06
C THR R 57 -29.24 56.81 -61.58
N GLU R 58 -28.34 57.07 -62.53
CA GLU R 58 -26.95 57.28 -62.17
C GLU R 58 -26.78 58.68 -61.60
N GLN R 59 -26.13 58.75 -60.45
CA GLN R 59 -25.89 60.00 -59.76
C GLN R 59 -24.50 59.93 -59.16
N GLU R 60 -23.77 61.04 -59.20
CA GLU R 60 -22.48 61.09 -58.53
C GLU R 60 -22.58 61.60 -57.10
N LYS R 61 -23.62 62.39 -56.76
CA LYS R 61 -23.86 62.67 -55.35
C LYS R 61 -24.12 61.44 -54.50
N SER R 62 -23.78 61.62 -53.23
CA SER R 62 -24.14 60.71 -52.17
C SER R 62 -25.66 60.76 -51.96
N LYS R 63 -26.17 59.70 -51.38
CA LYS R 63 -27.59 59.63 -51.11
C LYS R 63 -28.02 60.64 -50.05
N ILE R 64 -27.10 60.98 -49.15
CA ILE R 64 -27.33 61.90 -48.05
C ILE R 64 -26.33 63.04 -48.16
N ALA R 65 -26.70 64.18 -47.56
CA ALA R 65 -25.75 65.24 -47.26
C ALA R 65 -25.96 65.62 -45.80
N ILE R 66 -24.89 65.74 -45.04
CA ILE R 66 -24.99 66.17 -43.65
C ILE R 66 -24.14 67.41 -43.46
N ASP R 67 -24.73 68.41 -42.84
CA ASP R 67 -24.08 69.69 -42.55
C ASP R 67 -23.33 69.51 -41.24
N GLU R 68 -21.99 69.59 -41.27
CA GLU R 68 -21.24 69.38 -40.03
C GLU R 68 -21.38 70.59 -39.11
N ASN R 69 -21.66 71.77 -39.68
CA ASN R 69 -21.77 72.96 -38.85
C ASN R 69 -22.96 72.91 -37.89
N LYS R 70 -24.02 72.17 -38.21
CA LYS R 70 -25.10 71.98 -37.26
C LYS R 70 -25.05 70.63 -36.54
N CYS R 71 -24.41 69.63 -37.13
CA CYS R 71 -24.38 68.29 -36.54
C CYS R 71 -23.75 68.36 -35.15
N VAL R 72 -24.49 67.90 -34.13
CA VAL R 72 -24.01 67.86 -32.76
C VAL R 72 -23.56 66.46 -32.35
N LEU R 73 -23.54 65.55 -33.30
CA LEU R 73 -23.07 64.19 -33.17
C LEU R 73 -23.72 63.48 -31.98
N CYS R 74 -25.06 63.51 -31.94
CA CYS R 74 -25.74 62.81 -30.85
C CYS R 74 -25.97 61.34 -31.15
N GLY R 75 -26.05 60.97 -32.43
CA GLY R 75 -26.14 59.59 -32.82
C GLY R 75 -27.54 59.02 -32.91
N MET R 76 -28.58 59.86 -32.98
CA MET R 76 -29.91 59.30 -33.14
C MET R 76 -30.12 58.75 -34.55
N CYS R 77 -29.59 59.43 -35.57
CA CYS R 77 -29.69 58.88 -36.92
C CYS R 77 -29.01 57.52 -37.03
N SER R 78 -27.83 57.39 -36.42
CA SER R 78 -27.13 56.11 -36.44
C SER R 78 -27.96 55.05 -35.74
N SER R 79 -28.65 55.43 -34.67
CA SER R 79 -29.48 54.45 -33.99
C SER R 79 -30.61 54.00 -34.92
N ILE R 80 -31.34 54.95 -35.49
CA ILE R 80 -32.61 54.64 -36.14
C ILE R 80 -32.41 53.87 -37.44
N CYS R 81 -31.28 54.06 -38.14
CA CYS R 81 -31.03 53.50 -39.47
C CYS R 81 -31.28 51.99 -39.51
N PRO R 82 -32.31 51.53 -40.23
CA PRO R 82 -32.56 50.09 -40.32
C PRO R 82 -31.56 49.34 -41.19
N PHE R 83 -30.73 50.04 -41.94
CA PHE R 83 -29.87 49.42 -42.95
C PHE R 83 -28.39 49.50 -42.59
N GLN R 84 -28.07 49.88 -41.36
CA GLN R 84 -26.70 49.91 -40.86
C GLN R 84 -25.79 50.83 -41.68
N ALA R 85 -26.38 51.85 -42.31
CA ALA R 85 -25.63 52.79 -43.15
C ALA R 85 -25.03 53.96 -42.39
N LEU R 86 -25.43 54.20 -41.15
CA LEU R 86 -24.89 55.29 -40.34
C LEU R 86 -24.39 54.71 -39.03
N ASP R 87 -23.11 54.93 -38.74
CA ASP R 87 -22.50 54.42 -37.52
C ASP R 87 -21.66 55.54 -36.89
N LEU R 88 -22.04 55.97 -35.69
CA LEU R 88 -21.24 56.89 -34.87
C LEU R 88 -20.43 56.11 -33.85
N GLN R 89 -19.16 56.48 -33.72
CA GLN R 89 -18.20 55.82 -32.86
C GLN R 89 -17.71 56.81 -31.81
N ILE R 90 -17.53 56.34 -30.58
CA ILE R 90 -17.06 57.19 -29.49
C ILE R 90 -15.81 56.54 -28.89
N ASP R 91 -14.67 57.20 -29.09
CA ASP R 91 -13.39 56.82 -28.49
C ASP R 91 -12.87 55.39 -28.59
N GLY R 92 -12.71 54.82 -29.79
CA GLY R 92 -13.51 55.10 -30.95
C GLY R 92 -14.27 53.82 -31.20
N THR R 93 -15.23 53.51 -30.34
CA THR R 93 -16.00 52.29 -30.48
C THR R 93 -17.47 52.60 -30.78
N SER R 94 -18.08 51.74 -31.56
CA SER R 94 -19.42 51.97 -32.08
C SER R 94 -20.41 51.91 -30.95
N ILE R 95 -21.41 52.80 -31.00
CA ILE R 95 -22.35 52.92 -29.90
C ILE R 95 -23.27 51.71 -29.87
N LYS R 96 -23.35 50.98 -31.00
CA LYS R 96 -23.99 49.67 -31.04
C LYS R 96 -23.55 48.77 -29.90
N GLU R 97 -22.33 48.97 -29.38
CA GLU R 97 -21.93 48.29 -28.15
C GLU R 97 -22.05 49.09 -26.86
N LEU R 98 -22.47 50.35 -26.87
CA LEU R 98 -22.57 51.14 -25.64
C LEU R 98 -24.01 51.10 -25.13
N ALA R 99 -24.19 50.64 -23.90
CA ALA R 99 -25.53 50.47 -23.34
C ALA R 99 -26.22 51.81 -23.05
N GLU R 100 -25.47 52.88 -22.81
CA GLU R 100 -26.12 54.16 -22.55
C GLU R 100 -26.91 54.65 -23.75
N TYR R 101 -26.51 54.27 -24.96
CA TYR R 101 -27.17 54.70 -26.18
C TYR R 101 -28.31 53.76 -26.52
N PRO R 102 -29.53 54.28 -26.71
CA PRO R 102 -30.65 53.41 -27.11
C PRO R 102 -30.36 52.67 -28.40
N LYS R 103 -30.87 51.45 -28.48
CA LYS R 103 -30.67 50.56 -29.61
C LYS R 103 -32.02 50.03 -30.07
N ILE R 104 -32.20 49.84 -31.38
CA ILE R 104 -33.43 49.25 -31.87
C ILE R 104 -33.25 47.74 -31.88
N ILE R 105 -34.31 47.05 -31.51
CA ILE R 105 -34.28 45.62 -31.25
C ILE R 105 -34.75 44.90 -32.49
N LYS R 106 -33.90 44.00 -32.98
CA LYS R 106 -34.12 43.24 -34.19
C LYS R 106 -33.19 42.03 -34.12
N SER R 107 -33.53 40.99 -34.87
CA SER R 107 -32.68 39.81 -34.87
C SER R 107 -33.01 38.94 -36.07
N ALA R 108 -32.04 38.11 -36.45
CA ALA R 108 -32.19 37.16 -37.55
C ALA R 108 -31.24 36.01 -37.28
N GLU R 109 -31.77 34.79 -37.20
CA GLU R 109 -30.96 33.65 -36.80
C GLU R 109 -31.43 32.39 -37.49
N ILE R 110 -30.49 31.46 -37.69
CA ILE R 110 -30.75 30.16 -38.30
C ILE R 110 -30.27 29.08 -37.34
N ASP R 111 -31.15 28.14 -37.02
CA ASP R 111 -30.79 26.99 -36.21
C ASP R 111 -30.03 25.98 -37.08
N ASP R 112 -28.72 25.89 -36.86
CA ASP R 112 -27.88 25.10 -37.75
C ASP R 112 -28.14 23.60 -37.63
N GLU R 113 -28.65 23.13 -36.49
CA GLU R 113 -28.99 21.73 -36.38
C GLU R 113 -30.29 21.41 -37.11
N THR R 114 -31.20 22.36 -37.22
CA THR R 114 -32.45 22.16 -37.95
C THR R 114 -32.24 22.36 -39.45
N CYS R 115 -31.39 23.32 -39.82
CA CYS R 115 -31.10 23.62 -41.22
C CYS R 115 -30.65 22.38 -41.99
N ILE R 116 -31.22 22.19 -43.18
CA ILE R 116 -30.87 21.06 -44.03
C ILE R 116 -30.16 21.51 -45.31
N GLN R 117 -29.74 22.78 -45.37
CA GLN R 117 -28.86 23.28 -46.45
C GLN R 117 -29.54 23.25 -47.81
N CYS R 118 -30.84 23.57 -47.87
CA CYS R 118 -31.52 23.59 -49.16
C CYS R 118 -31.23 24.84 -49.98
N LYS R 119 -30.75 25.92 -49.35
CA LYS R 119 -30.34 27.18 -49.95
C LYS R 119 -31.50 28.06 -50.42
N ALA R 120 -32.73 27.78 -50.00
CA ALA R 120 -33.85 28.64 -50.40
C ALA R 120 -33.69 30.05 -49.87
N CYS R 121 -33.23 30.21 -48.63
CA CYS R 121 -33.12 31.54 -48.04
C CYS R 121 -31.99 32.34 -48.68
N GLU R 122 -30.88 31.67 -49.01
CA GLU R 122 -29.80 32.32 -49.73
C GLU R 122 -30.34 32.97 -51.00
N THR R 123 -31.16 32.23 -51.74
CA THR R 123 -31.78 32.77 -52.96
C THR R 123 -32.79 33.87 -52.64
N ALA R 124 -33.60 33.68 -51.60
CA ALA R 124 -34.70 34.60 -51.33
C ALA R 124 -34.26 35.92 -50.73
N CYS R 125 -33.13 35.94 -50.04
CA CYS R 125 -32.65 37.11 -49.31
C CYS R 125 -32.49 38.33 -50.21
N PRO R 126 -33.33 39.35 -50.03
CA PRO R 126 -33.24 40.53 -50.91
C PRO R 126 -31.95 41.31 -50.77
N GLN R 127 -31.17 41.04 -49.72
CA GLN R 127 -29.93 41.77 -49.48
C GLN R 127 -28.69 40.90 -49.68
N ASP R 128 -28.86 39.64 -50.09
CA ASP R 128 -27.75 38.68 -50.21
C ASP R 128 -26.92 38.63 -48.94
N ALA R 129 -27.60 38.69 -47.79
CA ALA R 129 -26.93 38.66 -46.50
C ALA R 129 -26.59 37.25 -46.03
N ILE R 130 -27.18 36.23 -46.66
CA ILE R 130 -27.06 34.86 -46.21
C ILE R 130 -26.03 34.12 -47.06
N THR R 131 -25.18 33.34 -46.41
CA THR R 131 -24.34 32.35 -47.06
C THR R 131 -24.72 30.97 -46.56
N ILE R 132 -25.04 30.05 -47.48
CA ILE R 132 -25.29 28.65 -47.16
C ILE R 132 -24.30 27.80 -47.94
N THR R 133 -23.52 26.98 -47.22
CA THR R 133 -22.64 26.00 -47.81
C THR R 133 -23.22 24.61 -47.64
N ARG R 134 -22.90 23.72 -48.58
CA ARG R 134 -23.22 22.31 -48.43
C ARG R 134 -22.23 21.48 -49.23
N GLU R 135 -21.81 20.37 -48.65
CA GLU R 135 -20.89 19.45 -49.30
C GLU R 135 -21.65 18.18 -49.68
N LEU R 136 -21.77 17.93 -50.97
CA LEU R 136 -22.48 16.76 -51.45
C LEU R 136 -21.55 15.56 -51.49
N PRO R 137 -22.08 14.34 -51.46
CA PRO R 137 -21.21 13.16 -51.60
C PRO R 137 -20.64 13.09 -53.00
N GLU R 138 -19.50 12.41 -53.12
CA GLU R 138 -18.96 12.15 -54.45
C GLU R 138 -19.82 11.13 -55.18
N ARG R 139 -19.83 11.27 -56.51
CA ARG R 139 -20.70 10.44 -57.36
C ARG R 139 -20.42 8.95 -57.20
N LYS R 140 -19.14 8.55 -57.28
CA LYS R 140 -18.79 7.13 -57.12
C LYS R 140 -19.39 6.52 -55.87
N ASP R 141 -19.55 7.30 -54.79
CA ASP R 141 -19.98 6.74 -53.51
C ASP R 141 -21.48 6.50 -53.43
N LEU R 142 -22.26 6.90 -54.44
CA LEU R 142 -23.68 6.62 -54.47
C LEU R 142 -24.01 5.57 -55.52
N VAL R 143 -23.02 4.79 -55.92
CA VAL R 143 -23.19 3.92 -57.07
C VAL R 143 -22.25 2.71 -56.87
N THR R 144 -22.61 1.54 -57.43
CA THR R 144 -21.71 0.38 -57.32
C THR R 144 -21.76 -0.53 -58.55
N GLY R 145 -20.60 -1.03 -58.96
CA GLY R 145 -20.52 -1.92 -60.09
C GLY R 145 -19.08 -2.26 -60.39
N GLU R 146 -18.91 -3.17 -61.35
CA GLU R 146 -17.60 -3.50 -61.88
C GLU R 146 -17.58 -3.18 -63.37
N ILE R 147 -16.44 -2.69 -63.86
CA ILE R 147 -16.31 -2.44 -65.28
C ILE R 147 -14.83 -2.56 -65.66
N GLU R 148 -14.56 -3.34 -66.70
CA GLU R 148 -13.23 -3.53 -67.25
C GLU R 148 -13.34 -3.67 -68.77
N ILE R 149 -12.37 -3.10 -69.48
CA ILE R 149 -12.33 -3.18 -70.94
C ILE R 149 -11.09 -3.97 -71.37
N ASP R 150 -11.33 -5.04 -72.13
CA ASP R 150 -10.27 -5.87 -72.70
C ASP R 150 -9.72 -5.15 -73.93
N LYS R 151 -8.55 -4.54 -73.77
CA LYS R 151 -8.03 -3.63 -74.81
C LYS R 151 -7.52 -4.33 -76.05
N ASP R 152 -7.12 -5.61 -75.96
CA ASP R 152 -6.70 -6.32 -77.16
C ASP R 152 -7.89 -6.73 -78.01
N THR R 153 -9.01 -7.10 -77.38
CA THR R 153 -10.23 -7.35 -78.15
C THR R 153 -10.76 -6.05 -78.75
N CYS R 154 -10.58 -4.94 -78.03
CA CYS R 154 -11.05 -3.64 -78.47
C CYS R 154 -10.45 -3.28 -79.83
N ILE R 155 -11.30 -2.85 -80.75
CA ILE R 155 -10.88 -2.42 -82.08
C ILE R 155 -10.96 -0.90 -82.24
N TYR R 156 -11.27 -0.19 -81.16
CA TYR R 156 -11.21 1.28 -81.10
C TYR R 156 -12.18 1.92 -82.10
N CYS R 157 -13.40 1.41 -82.16
CA CYS R 157 -14.39 2.00 -83.05
C CYS R 157 -14.99 3.30 -82.51
N GLY R 158 -14.75 3.63 -81.24
CA GLY R 158 -15.20 4.87 -80.66
C GLY R 158 -16.65 4.90 -80.21
N MET R 159 -17.44 3.85 -80.47
CA MET R 159 -18.88 3.92 -80.21
C MET R 159 -19.20 4.01 -78.72
N CYS R 160 -18.43 3.32 -77.88
CA CYS R 160 -18.70 3.40 -76.44
C CYS R 160 -18.36 4.79 -75.89
N GLU R 161 -17.25 5.36 -76.36
CA GLU R 161 -16.88 6.70 -75.94
C GLU R 161 -17.97 7.71 -76.30
N GLU R 162 -18.54 7.58 -77.50
CA GLU R 162 -19.62 8.46 -77.91
C GLU R 162 -20.89 8.24 -77.08
N MET R 163 -21.27 6.98 -76.87
CA MET R 163 -22.54 6.70 -76.21
C MET R 163 -22.51 6.94 -74.71
N CYS R 164 -21.34 6.89 -74.08
CA CYS R 164 -21.23 7.07 -72.64
C CYS R 164 -21.85 8.40 -72.22
N PRO R 165 -22.94 8.39 -71.44
CA PRO R 165 -23.63 9.64 -71.14
C PRO R 165 -22.92 10.53 -70.12
N VAL R 166 -21.88 10.04 -69.44
CA VAL R 166 -21.13 10.84 -68.50
C VAL R 166 -19.68 11.03 -68.93
N ASP R 167 -19.33 10.68 -70.17
CA ASP R 167 -17.96 10.79 -70.68
C ASP R 167 -16.96 10.15 -69.72
N ALA R 168 -17.28 8.95 -69.24
CA ALA R 168 -16.36 8.21 -68.38
C ALA R 168 -15.30 7.45 -69.16
N ILE R 169 -15.56 7.18 -70.44
CA ILE R 169 -14.65 6.40 -71.28
C ILE R 169 -13.76 7.35 -72.08
N GLU R 170 -12.46 7.09 -72.07
CA GLU R 170 -11.48 7.90 -72.78
C GLU R 170 -10.66 7.00 -73.70
N ILE R 171 -10.46 7.46 -74.93
CA ILE R 171 -9.64 6.76 -75.92
C ILE R 171 -8.51 7.69 -76.34
N ASP R 172 -7.28 7.16 -76.36
CA ASP R 172 -6.11 7.91 -76.81
C ASP R 172 -5.98 7.79 -78.32
N HIS R 173 -6.77 8.60 -79.02
CA HIS R 173 -6.74 8.62 -80.48
C HIS R 173 -5.39 9.12 -81.00
N GLN R 174 -5.06 8.70 -82.21
CA GLN R 174 -3.88 9.23 -82.89
C GLN R 174 -4.06 9.02 -84.39
N THR R 175 -3.27 9.75 -85.16
CA THR R 175 -3.11 9.42 -86.57
C THR R 175 -2.07 8.32 -86.69
N PRO R 176 -2.35 7.25 -87.45
CA PRO R 176 -1.37 6.18 -87.55
C PRO R 176 -0.11 6.64 -88.27
N SER R 177 0.98 5.98 -87.96
CA SER R 177 2.23 6.11 -88.70
C SER R 177 2.75 4.70 -88.96
N SER R 178 3.73 4.58 -89.86
CA SER R 178 4.28 3.26 -90.13
C SER R 178 4.93 2.68 -88.88
N ALA R 179 5.43 3.53 -87.98
CA ALA R 179 5.98 3.05 -86.73
C ALA R 179 4.89 2.58 -85.78
N SER R 180 3.75 3.27 -85.77
CA SER R 180 2.62 2.96 -84.89
C SER R 180 1.36 2.86 -85.73
N PRO R 181 1.15 1.70 -86.45
CA PRO R 181 0.03 1.58 -87.40
C PRO R 181 -1.28 1.24 -86.71
N VAL R 182 -1.72 2.13 -85.82
CA VAL R 182 -2.96 1.96 -85.06
C VAL R 182 -3.63 3.33 -84.95
N VAL R 183 -4.96 3.32 -84.83
CA VAL R 183 -5.72 4.57 -84.68
C VAL R 183 -5.92 4.96 -83.23
N ALA R 184 -5.43 4.14 -82.29
CA ALA R 184 -5.51 4.48 -80.87
C ALA R 184 -4.53 3.59 -80.12
N THR R 185 -4.01 4.11 -79.02
CA THR R 185 -3.01 3.39 -78.23
C THR R 185 -3.52 2.91 -76.89
N ASP R 186 -4.71 3.34 -76.46
CA ASP R 186 -5.22 2.95 -75.15
C ASP R 186 -6.69 3.32 -75.06
N ILE R 187 -7.36 2.69 -74.09
CA ILE R 187 -8.74 3.04 -73.74
C ILE R 187 -8.90 2.80 -72.24
N ARG R 188 -9.64 3.70 -71.57
CA ARG R 188 -9.75 3.69 -70.11
C ARG R 188 -11.17 4.05 -69.68
N VAL R 189 -11.57 3.53 -68.53
CA VAL R 189 -12.82 3.92 -67.87
C VAL R 189 -12.46 4.63 -66.58
N ASP R 190 -13.00 5.83 -66.39
CA ASP R 190 -12.82 6.61 -65.17
C ASP R 190 -13.95 6.25 -64.22
N GLU R 191 -13.65 5.39 -63.24
CA GLU R 191 -14.67 4.89 -62.34
C GLU R 191 -15.17 5.95 -61.37
N ASP R 192 -14.49 7.10 -61.25
CA ASP R 192 -15.07 8.23 -60.55
C ASP R 192 -16.29 8.80 -61.26
N LYS R 193 -16.42 8.56 -62.56
CA LYS R 193 -17.51 9.09 -63.36
C LYS R 193 -18.56 8.06 -63.75
N CYS R 194 -18.14 6.81 -63.96
CA CYS R 194 -19.05 5.75 -64.37
C CYS R 194 -20.22 5.60 -63.39
N VAL R 195 -21.43 5.55 -63.91
CA VAL R 195 -22.62 5.30 -63.10
C VAL R 195 -23.25 3.95 -63.41
N HIS R 196 -22.55 3.10 -64.17
CA HIS R 196 -22.94 1.70 -64.42
C HIS R 196 -24.33 1.60 -65.04
N CYS R 197 -24.56 2.37 -66.11
CA CYS R 197 -25.84 2.25 -66.80
C CYS R 197 -25.85 1.10 -67.80
N GLY R 198 -24.68 0.64 -68.24
CA GLY R 198 -24.59 -0.51 -69.13
C GLY R 198 -24.56 -0.22 -70.60
N ILE R 199 -24.63 1.05 -71.02
CA ILE R 199 -24.78 1.39 -72.43
C ILE R 199 -23.57 0.90 -73.23
N CYS R 200 -22.37 1.17 -72.73
CA CYS R 200 -21.15 0.83 -73.49
C CYS R 200 -21.09 -0.65 -73.84
N LYS R 201 -21.34 -1.51 -72.84
CA LYS R 201 -21.22 -2.95 -73.05
C LYS R 201 -22.21 -3.45 -74.09
N ARG R 202 -23.38 -2.81 -74.16
CA ARG R 202 -24.43 -3.20 -75.10
C ARG R 202 -24.12 -2.74 -76.52
N ILE R 203 -23.47 -1.59 -76.68
CA ILE R 203 -23.18 -1.07 -78.02
C ILE R 203 -21.88 -1.63 -78.61
N CYS R 204 -20.98 -2.14 -77.76
CA CYS R 204 -19.69 -2.66 -78.21
C CYS R 204 -19.88 -3.76 -79.24
N PRO R 205 -19.39 -3.59 -80.47
CA PRO R 205 -19.63 -4.62 -81.50
C PRO R 205 -18.81 -5.89 -81.32
N VAL R 206 -17.79 -5.89 -80.45
CA VAL R 206 -16.94 -7.06 -80.31
C VAL R 206 -16.92 -7.61 -78.89
N ASP R 207 -17.90 -7.23 -78.06
CA ASP R 207 -18.04 -7.72 -76.68
C ASP R 207 -16.71 -7.64 -75.93
N ALA R 208 -16.08 -6.47 -75.97
CA ALA R 208 -14.82 -6.25 -75.29
C ALA R 208 -14.99 -5.67 -73.90
N ILE R 209 -16.21 -5.34 -73.50
CA ILE R 209 -16.48 -4.65 -72.25
C ILE R 209 -17.19 -5.59 -71.30
N MET R 210 -16.61 -5.75 -70.12
CA MET R 210 -17.22 -6.45 -69.00
C MET R 210 -17.76 -5.40 -68.04
N GLN R 211 -19.07 -5.45 -67.76
CA GLN R 211 -19.66 -4.49 -66.86
C GLN R 211 -20.84 -5.15 -66.14
N VAL R 212 -20.83 -5.06 -64.82
CA VAL R 212 -21.85 -5.62 -63.96
C VAL R 212 -22.31 -4.55 -63.00
N CYS R 213 -23.60 -4.41 -62.87
CA CYS R 213 -24.18 -3.36 -62.06
C CYS R 213 -24.63 -4.01 -60.75
N ARG R 214 -24.24 -3.43 -59.62
CA ARG R 214 -24.53 -4.01 -58.31
C ARG R 214 -25.52 -3.19 -57.49
N ILE R 215 -26.06 -2.08 -58.02
CA ILE R 215 -26.82 -1.16 -57.17
C ILE R 215 -27.93 -1.88 -56.42
N CYS R 216 -28.80 -2.59 -57.15
CA CYS R 216 -29.98 -3.15 -56.49
C CYS R 216 -29.64 -4.30 -55.54
N PRO R 217 -28.84 -5.31 -55.91
CA PRO R 217 -28.58 -6.38 -54.93
C PRO R 217 -27.69 -5.93 -53.77
N TYR R 218 -26.68 -5.09 -54.01
CA TYR R 218 -25.71 -4.72 -52.98
C TYR R 218 -25.81 -3.26 -52.54
N GLY R 219 -26.84 -2.53 -52.98
CA GLY R 219 -26.93 -1.11 -52.65
C GLY R 219 -27.02 -0.81 -51.17
N GLU R 220 -27.71 -1.67 -50.41
CA GLU R 220 -27.94 -1.37 -49.00
C GLU R 220 -26.62 -1.31 -48.23
N TYR R 221 -25.68 -2.19 -48.56
CA TYR R 221 -24.39 -2.24 -47.89
C TYR R 221 -23.30 -1.48 -48.62
N GLU R 222 -23.24 -1.59 -49.95
CA GLU R 222 -22.12 -1.02 -50.68
C GLU R 222 -22.23 0.48 -50.84
N ILE R 223 -23.44 1.02 -50.82
CA ILE R 223 -23.65 2.45 -50.99
C ILE R 223 -24.06 3.01 -49.64
N LYS R 224 -23.31 3.99 -49.17
CA LYS R 224 -23.64 4.61 -47.91
C LYS R 224 -24.71 5.67 -48.10
N THR R 225 -25.66 5.70 -47.17
CA THR R 225 -26.68 6.72 -47.19
C THR R 225 -26.06 8.10 -47.04
N PRO R 226 -26.41 9.06 -47.89
CA PRO R 226 -25.69 10.35 -47.90
C PRO R 226 -26.01 11.21 -46.69
N GLU R 227 -24.96 11.65 -46.01
CA GLU R 227 -25.04 12.70 -45.00
C GLU R 227 -24.58 14.01 -45.64
N VAL R 228 -25.48 14.99 -45.72
CA VAL R 228 -25.16 16.28 -46.31
C VAL R 228 -24.91 17.29 -45.20
N THR R 229 -23.70 17.82 -45.17
CA THR R 229 -23.24 18.80 -44.18
C THR R 229 -23.14 20.19 -44.78
N GLY R 230 -23.01 21.17 -43.90
CA GLY R 230 -22.80 22.55 -44.29
C GLY R 230 -23.04 23.46 -43.11
N THR R 231 -22.92 24.76 -43.38
CA THR R 231 -23.14 25.78 -42.35
C THR R 231 -23.91 26.94 -42.96
N SER R 232 -24.24 27.91 -42.11
CA SER R 232 -25.01 29.09 -42.51
C SER R 232 -24.35 30.33 -41.92
N TYR R 233 -24.59 31.47 -42.56
CA TYR R 233 -24.08 32.73 -42.04
C TYR R 233 -24.97 33.88 -42.49
N ILE R 234 -25.41 34.68 -41.53
CA ILE R 234 -26.18 35.89 -41.79
C ILE R 234 -25.27 37.08 -41.51
N ASP R 235 -24.96 37.85 -42.54
CA ASP R 235 -24.17 39.06 -42.41
C ASP R 235 -24.96 40.12 -41.65
N PRO R 236 -24.59 40.47 -40.43
CA PRO R 236 -25.45 41.36 -39.63
C PRO R 236 -25.56 42.78 -40.16
N GLU R 237 -24.65 43.24 -41.02
CA GLU R 237 -24.76 44.59 -41.53
C GLU R 237 -25.58 44.63 -42.81
N LEU R 238 -25.48 43.59 -43.65
CA LEU R 238 -26.32 43.48 -44.83
C LEU R 238 -27.74 43.10 -44.46
N CYS R 239 -27.92 42.35 -43.38
CA CYS R 239 -29.23 41.89 -42.96
C CYS R 239 -30.10 43.04 -42.47
N VAL R 240 -31.38 43.01 -42.84
CA VAL R 240 -32.32 44.08 -42.59
C VAL R 240 -33.60 43.60 -41.94
N ASN R 241 -33.74 42.28 -41.76
CA ASN R 241 -34.82 41.63 -41.02
C ASN R 241 -36.17 41.72 -41.73
N CYS R 242 -36.18 41.52 -43.05
CA CYS R 242 -37.47 41.48 -43.73
C CYS R 242 -38.25 40.21 -43.37
N GLY R 243 -37.56 39.10 -43.11
CA GLY R 243 -38.20 37.87 -42.74
C GLY R 243 -38.42 36.87 -43.87
N TRP R 244 -37.91 37.16 -45.06
CA TRP R 244 -38.04 36.23 -46.18
C TRP R 244 -37.50 34.85 -45.84
N CYS R 245 -36.35 34.79 -45.17
CA CYS R 245 -35.75 33.51 -44.82
C CYS R 245 -36.68 32.72 -43.90
N GLN R 246 -37.20 33.38 -42.87
CA GLN R 246 -38.16 32.76 -41.97
C GLN R 246 -39.34 32.17 -42.73
N GLU R 247 -39.86 32.89 -43.72
CA GLU R 247 -41.05 32.44 -44.42
C GLU R 247 -40.73 31.43 -45.51
N ILE R 248 -39.54 31.52 -46.12
CA ILE R 248 -39.17 30.61 -47.21
C ILE R 248 -38.72 29.24 -46.72
N CYS R 249 -38.30 29.13 -45.46
CA CYS R 249 -37.64 27.92 -44.97
C CYS R 249 -38.59 26.73 -44.90
N PRO R 250 -38.29 25.61 -45.57
CA PRO R 250 -39.18 24.45 -45.50
C PRO R 250 -39.17 23.73 -44.15
N VAL R 251 -38.18 23.99 -43.29
CA VAL R 251 -38.09 23.32 -42.00
C VAL R 251 -38.14 24.30 -40.83
N ASP R 252 -38.62 25.53 -41.06
CA ASP R 252 -38.77 26.55 -40.00
C ASP R 252 -37.51 26.68 -39.13
N ALA R 253 -36.35 26.66 -39.76
CA ALA R 253 -35.09 26.81 -39.05
C ALA R 253 -34.68 28.27 -38.89
N ALA R 254 -35.36 29.20 -39.57
CA ALA R 254 -34.99 30.60 -39.58
C ALA R 254 -35.99 31.41 -38.77
N THR R 255 -35.48 32.32 -37.96
CA THR R 255 -36.28 33.15 -37.06
C THR R 255 -35.84 34.60 -37.18
N VAL R 256 -36.81 35.50 -37.34
CA VAL R 256 -36.55 36.92 -37.55
C VAL R 256 -37.53 37.72 -36.71
N THR R 257 -37.02 38.75 -36.02
CA THR R 257 -37.84 39.75 -35.35
C THR R 257 -37.47 41.12 -35.91
N LYS R 258 -38.47 41.98 -36.05
CA LYS R 258 -38.35 43.25 -36.73
C LYS R 258 -38.37 44.43 -35.77
N PRO R 259 -37.83 45.57 -36.20
CA PRO R 259 -37.78 46.74 -35.30
C PRO R 259 -39.10 47.50 -35.21
N PHE R 260 -39.81 47.64 -36.32
CA PHE R 260 -40.98 48.50 -36.41
C PHE R 260 -42.24 47.69 -36.64
N GLU R 261 -43.36 48.17 -36.10
CA GLU R 261 -44.68 47.71 -36.51
C GLU R 261 -45.43 48.85 -37.19
N GLY R 262 -46.25 48.49 -38.16
CA GLY R 262 -46.98 49.49 -38.90
C GLY R 262 -47.96 48.87 -39.86
N GLU R 263 -48.39 49.68 -40.82
CA GLU R 263 -49.33 49.28 -41.85
C GLU R 263 -48.84 49.76 -43.21
N LEU R 264 -49.19 49.01 -44.24
CA LEU R 264 -49.02 49.44 -45.62
C LEU R 264 -50.41 49.71 -46.20
N ILE R 265 -50.55 50.84 -46.88
CA ILE R 265 -51.82 51.23 -47.48
C ILE R 265 -51.54 51.66 -48.91
N ILE R 266 -52.23 51.04 -49.87
CA ILE R 266 -52.02 51.28 -51.28
C ILE R 266 -53.34 51.72 -51.91
N ASP R 267 -53.28 52.77 -52.74
CA ASP R 267 -54.42 53.22 -53.53
C ASP R 267 -54.22 52.74 -54.97
N GLN R 268 -54.90 51.66 -55.32
CA GLN R 268 -54.72 51.04 -56.63
C GLN R 268 -55.06 51.98 -57.78
N ASP R 269 -55.99 52.92 -57.57
CA ASP R 269 -56.40 53.79 -58.66
C ASP R 269 -55.45 54.97 -58.85
N THR R 270 -54.84 55.47 -57.78
CA THR R 270 -53.80 56.49 -57.93
C THR R 270 -52.55 55.89 -58.57
N CYS R 271 -52.23 54.64 -58.22
CA CYS R 271 -51.08 53.97 -58.78
C CYS R 271 -51.18 53.88 -60.30
N GLN R 272 -50.11 54.29 -60.98
CA GLN R 272 -50.02 54.21 -62.44
C GLN R 272 -48.92 53.24 -62.89
N ALA R 273 -48.40 52.44 -61.95
CA ALA R 273 -47.51 51.31 -62.24
C ALA R 273 -46.19 51.74 -62.89
N CYS R 274 -45.58 52.81 -62.37
CA CYS R 274 -44.27 53.20 -62.88
C CYS R 274 -43.15 52.27 -62.42
N GLU R 275 -43.40 51.42 -61.42
CA GLU R 275 -42.50 50.38 -60.88
C GLU R 275 -41.43 50.95 -59.95
N THR R 276 -41.47 52.24 -59.62
CA THR R 276 -40.44 52.82 -58.76
C THR R 276 -40.41 52.15 -57.40
N CYS R 277 -41.56 52.09 -56.72
CA CYS R 277 -41.60 51.52 -55.38
C CYS R 277 -41.14 50.07 -55.39
N VAL R 278 -41.49 49.35 -56.45
CA VAL R 278 -41.07 47.95 -56.57
C VAL R 278 -39.54 47.87 -56.59
N MET R 279 -38.90 48.73 -57.37
CA MET R 279 -37.43 48.70 -57.40
C MET R 279 -36.83 49.31 -56.14
N VAL R 280 -37.54 50.25 -55.50
CA VAL R 280 -37.01 50.90 -54.31
C VAL R 280 -36.99 49.95 -53.12
N CYS R 281 -38.05 49.15 -52.97
CA CYS R 281 -38.25 48.28 -51.81
C CYS R 281 -37.03 47.40 -51.54
N PRO R 282 -36.31 47.64 -50.44
CA PRO R 282 -35.15 46.79 -50.12
C PRO R 282 -35.53 45.43 -49.54
N CYS R 283 -36.80 45.21 -49.23
CA CYS R 283 -37.25 43.94 -48.64
C CYS R 283 -38.07 43.08 -49.58
N ASN R 284 -38.22 43.47 -50.86
CA ASN R 284 -39.00 42.68 -51.83
C ASN R 284 -40.45 42.50 -51.39
N VAL R 285 -41.06 43.59 -50.90
CA VAL R 285 -42.45 43.52 -50.45
C VAL R 285 -43.42 43.65 -51.62
N LEU R 286 -43.08 44.46 -52.62
CA LEU R 286 -44.01 44.89 -53.64
C LEU R 286 -43.71 44.20 -54.97
N SER R 287 -44.77 43.87 -55.72
CA SER R 287 -44.59 43.16 -56.99
C SER R 287 -45.75 43.49 -57.93
N PHE R 288 -45.52 43.16 -59.21
CA PHE R 288 -46.51 43.23 -60.28
C PHE R 288 -46.87 41.80 -60.67
N PRO R 289 -47.91 41.21 -60.08
CA PRO R 289 -48.29 39.84 -60.45
C PRO R 289 -48.60 39.71 -61.94
N LYS R 290 -48.06 38.66 -62.57
CA LYS R 290 -48.38 38.34 -63.94
C LYS R 290 -49.72 37.59 -64.03
N PRO R 291 -50.59 37.96 -64.95
CA PRO R 291 -51.85 37.21 -65.11
C PRO R 291 -51.59 35.78 -65.53
N GLU R 292 -52.32 34.85 -64.91
CA GLU R 292 -52.03 33.43 -65.10
C GLU R 292 -52.59 32.90 -66.41
N LYS R 293 -53.73 33.41 -66.85
CA LYS R 293 -54.37 33.01 -68.09
C LYS R 293 -54.76 34.25 -68.88
N PRO R 294 -54.86 34.12 -70.20
CA PRO R 294 -55.25 35.28 -71.02
C PRO R 294 -56.65 35.78 -70.65
N GLY R 295 -56.79 37.10 -70.60
CA GLY R 295 -58.04 37.73 -70.23
C GLY R 295 -58.21 37.98 -68.75
N GLU R 296 -57.41 37.32 -67.92
CA GLU R 296 -57.44 37.50 -66.48
C GLU R 296 -56.73 38.79 -66.11
N LYS R 297 -57.21 39.43 -65.06
CA LYS R 297 -56.65 40.68 -64.58
C LYS R 297 -56.11 40.51 -63.17
N THR R 298 -55.19 41.39 -62.80
CA THR R 298 -54.38 41.23 -61.61
C THR R 298 -54.53 42.45 -60.72
N THR R 299 -54.13 42.30 -59.46
CA THR R 299 -54.01 43.47 -58.62
C THR R 299 -52.88 44.31 -59.17
N LYS R 300 -53.12 45.62 -59.32
CA LYS R 300 -52.13 46.46 -59.99
C LYS R 300 -50.80 46.41 -59.26
N LEU R 301 -50.83 46.62 -57.96
CA LEU R 301 -49.63 46.63 -57.13
C LEU R 301 -49.90 45.73 -55.93
N HIS R 302 -49.16 44.63 -55.84
CA HIS R 302 -49.36 43.62 -54.82
C HIS R 302 -48.31 43.75 -53.73
N LYS R 303 -48.75 43.66 -52.47
CA LYS R 303 -47.88 43.72 -51.32
C LYS R 303 -47.99 42.42 -50.52
N ASP R 304 -46.98 42.16 -49.69
CA ASP R 304 -47.05 41.14 -48.65
C ASP R 304 -46.31 41.71 -47.45
N GLU R 305 -47.08 42.23 -46.48
CA GLU R 305 -46.47 42.93 -45.35
C GLU R 305 -45.68 41.99 -44.43
N ARG R 306 -45.75 40.67 -44.64
CA ARG R 306 -44.92 39.77 -43.85
C ARG R 306 -43.45 40.13 -43.98
N PHE R 307 -43.04 40.66 -45.14
CA PHE R 307 -41.65 40.98 -45.43
C PHE R 307 -41.35 42.45 -45.19
N CYS R 308 -42.33 43.22 -44.72
CA CYS R 308 -42.23 44.65 -44.60
C CYS R 308 -41.58 45.07 -43.27
N ILE R 309 -40.75 46.12 -43.33
CA ILE R 309 -40.13 46.68 -42.14
C ILE R 309 -40.53 48.13 -41.90
N TYR R 310 -41.40 48.70 -42.74
CA TYR R 310 -41.96 50.03 -42.54
C TYR R 310 -40.88 51.11 -42.47
N CYS R 311 -39.86 50.97 -43.32
CA CYS R 311 -38.83 52.02 -43.39
C CYS R 311 -39.33 53.26 -44.14
N GLY R 312 -40.36 53.12 -44.97
CA GLY R 312 -40.98 54.25 -45.63
C GLY R 312 -40.38 54.65 -46.96
N ALA R 313 -39.47 53.84 -47.52
CA ALA R 313 -38.80 54.26 -48.75
C ALA R 313 -39.74 54.27 -49.95
N CYS R 314 -40.71 53.36 -50.00
CA CYS R 314 -41.64 53.34 -51.12
C CYS R 314 -42.51 54.60 -51.12
N GLU R 315 -43.14 54.90 -49.98
CA GLU R 315 -43.94 56.12 -49.84
C GLU R 315 -43.15 57.34 -50.31
N ARG R 316 -41.90 57.43 -49.87
CA ARG R 316 -41.05 58.55 -50.25
C ARG R 316 -40.77 58.56 -51.75
N SER R 317 -40.70 57.39 -52.39
CA SER R 317 -40.33 57.31 -53.80
C SER R 317 -41.50 57.53 -54.74
N CYS R 318 -42.72 57.39 -54.26
CA CYS R 318 -43.89 57.45 -55.13
C CYS R 318 -44.23 58.90 -55.48
N PRO R 319 -44.20 59.29 -56.76
CA PRO R 319 -44.48 60.68 -57.11
C PRO R 319 -45.95 61.07 -57.07
N VAL R 320 -46.86 60.11 -56.91
CA VAL R 320 -48.29 60.41 -56.78
C VAL R 320 -48.82 60.04 -55.41
N THR R 321 -47.94 59.75 -54.44
CA THR R 321 -48.28 59.30 -53.09
C THR R 321 -49.48 58.33 -53.12
N ALA R 322 -49.35 57.31 -53.96
CA ALA R 322 -50.33 56.24 -54.04
C ALA R 322 -50.07 55.17 -52.99
N ILE R 323 -48.98 55.32 -52.25
CA ILE R 323 -48.53 54.33 -51.30
C ILE R 323 -48.22 55.08 -50.01
N THR R 324 -48.81 54.64 -48.91
CA THR R 324 -48.54 55.29 -47.63
C THR R 324 -48.22 54.28 -46.54
N VAL R 325 -47.35 54.71 -45.62
CA VAL R 325 -46.79 53.87 -44.57
C VAL R 325 -47.15 54.46 -43.22
N LYS R 326 -47.71 53.64 -42.35
CA LYS R 326 -47.98 53.99 -40.96
C LYS R 326 -47.05 53.19 -40.07
N ARG R 327 -46.80 53.71 -38.88
CA ARG R 327 -45.78 53.14 -37.98
C ARG R 327 -46.28 53.31 -36.56
N ASN R 328 -46.73 52.19 -35.95
CA ASN R 328 -47.35 52.26 -34.63
C ASN R 328 -46.36 52.17 -33.48
N ARG R 329 -45.23 51.50 -33.65
CA ARG R 329 -44.35 51.27 -32.52
C ARG R 329 -42.94 50.97 -32.99
N ILE R 330 -41.95 51.49 -32.27
CA ILE R 330 -40.54 51.30 -32.56
C ILE R 330 -39.92 50.63 -31.34
N ASN R 331 -39.51 49.37 -31.49
CA ASN R 331 -39.01 48.58 -30.36
C ASN R 331 -37.56 48.93 -30.08
N THR R 332 -37.28 49.44 -28.88
CA THR R 332 -35.92 49.84 -28.55
C THR R 332 -35.52 49.43 -27.13
N THR R 333 -34.21 49.53 -26.89
CA THR R 333 -33.61 49.47 -25.57
C THR R 333 -34.26 50.57 -24.70
N PRO R 334 -34.25 50.46 -23.36
CA PRO R 334 -34.90 51.52 -22.56
C PRO R 334 -34.30 52.87 -22.90
N ILE R 335 -35.17 53.88 -23.06
CA ILE R 335 -34.75 55.24 -23.34
C ILE R 335 -34.93 56.05 -22.08
N ARG R 336 -33.86 56.69 -21.61
CA ARG R 336 -33.91 57.58 -20.47
C ARG R 336 -33.82 59.05 -20.84
N SER R 337 -33.00 59.41 -21.82
CA SER R 337 -33.02 60.77 -22.36
C SER R 337 -34.42 61.10 -22.85
N LYS R 338 -34.90 62.31 -22.55
CA LYS R 338 -36.21 62.68 -23.05
C LYS R 338 -36.13 63.34 -24.41
N ALA R 339 -34.97 63.88 -24.78
CA ALA R 339 -34.74 64.29 -26.17
C ALA R 339 -34.87 63.09 -27.10
N TRP R 340 -34.28 61.95 -26.71
CA TRP R 340 -34.36 60.74 -27.53
C TRP R 340 -35.79 60.21 -27.62
N LYS R 341 -36.50 60.19 -26.49
CA LYS R 341 -37.85 59.62 -26.47
C LYS R 341 -38.77 60.34 -27.45
N ASN R 342 -38.71 61.67 -27.47
CA ASN R 342 -39.60 62.44 -28.32
C ASN R 342 -39.22 62.36 -29.79
N ALA R 343 -37.93 62.27 -30.13
CA ALA R 343 -37.56 62.09 -31.52
C ALA R 343 -37.99 60.73 -32.03
N PHE R 344 -37.80 59.67 -31.21
CA PHE R 344 -38.33 58.36 -31.62
C PHE R 344 -39.84 58.39 -31.73
N ASP R 345 -40.49 59.14 -30.84
CA ASP R 345 -41.95 59.26 -30.90
C ASP R 345 -42.38 60.07 -32.12
N SER R 346 -41.53 60.95 -32.62
CA SER R 346 -41.92 61.78 -33.76
C SER R 346 -41.99 60.98 -35.06
N LEU R 347 -41.41 59.80 -35.11
CA LEU R 347 -41.48 58.99 -36.32
C LEU R 347 -42.70 58.07 -36.34
N LEU R 348 -43.50 58.06 -35.29
CA LEU R 348 -44.70 57.24 -35.29
C LEU R 348 -45.87 57.96 -35.94
N LYS R 349 -46.66 57.18 -36.66
CA LYS R 349 -47.85 57.66 -37.36
C LYS R 349 -48.88 56.53 -37.42
N MET S 1 65.84 27.00 -44.65
CA MET S 1 66.08 27.30 -43.25
C MET S 1 66.40 26.01 -42.48
N GLU S 2 66.98 26.18 -41.29
CA GLU S 2 67.38 25.07 -40.44
C GLU S 2 66.52 25.03 -39.19
N TYR S 3 66.01 23.86 -38.85
CA TYR S 3 65.24 23.67 -37.61
C TYR S 3 65.67 22.37 -36.95
N ILE S 4 65.68 22.40 -35.63
CA ILE S 4 65.88 21.21 -34.79
C ILE S 4 64.68 21.12 -33.85
N ILE S 5 64.03 19.97 -33.82
CA ILE S 5 62.85 19.76 -33.01
C ILE S 5 63.26 18.82 -31.88
N LYS S 6 63.37 19.35 -30.66
CA LYS S 6 64.09 18.67 -29.59
C LYS S 6 63.17 18.09 -28.54
N ASN S 7 63.52 16.90 -28.06
CA ASN S 7 62.95 16.30 -26.84
C ASN S 7 61.46 15.99 -26.96
N GLY S 8 60.96 15.76 -28.17
CA GLY S 8 59.59 15.36 -28.35
C GLY S 8 59.42 13.85 -28.30
N PHE S 9 58.24 13.40 -27.88
CA PHE S 9 57.88 11.99 -27.95
C PHE S 9 57.44 11.69 -29.38
N VAL S 10 58.31 11.03 -30.13
CA VAL S 10 58.10 10.84 -31.56
C VAL S 10 57.27 9.58 -31.79
N TYR S 11 56.23 9.71 -32.61
CA TYR S 11 55.43 8.59 -33.08
C TYR S 11 55.54 8.54 -34.58
N CYS S 12 56.19 7.51 -35.11
CA CYS S 12 56.38 7.34 -36.54
C CYS S 12 56.24 5.86 -36.86
N PRO S 13 55.02 5.41 -37.17
CA PRO S 13 54.80 3.97 -37.39
C PRO S 13 55.58 3.39 -38.55
N LEU S 14 55.80 4.13 -39.63
CA LEU S 14 56.51 3.55 -40.77
C LEU S 14 57.96 3.21 -40.41
N ASN S 15 58.58 3.98 -39.54
CA ASN S 15 59.93 3.66 -39.06
C ASN S 15 59.93 2.98 -37.70
N GLY S 16 58.78 2.46 -37.26
CA GLY S 16 58.71 1.68 -36.04
C GLY S 16 59.07 2.41 -34.77
N VAL S 17 58.90 3.73 -34.73
CA VAL S 17 59.22 4.53 -33.55
C VAL S 17 57.91 4.74 -32.78
N ASP S 18 57.90 4.38 -31.49
CA ASP S 18 56.67 4.34 -30.70
C ASP S 18 56.86 5.12 -29.40
N GLY S 19 56.90 6.45 -29.50
CA GLY S 19 56.96 7.27 -28.32
C GLY S 19 58.34 7.54 -27.79
N GLU S 20 59.38 7.17 -28.53
CA GLU S 20 60.74 7.43 -28.11
C GLU S 20 60.99 8.92 -28.12
N LYS S 21 61.64 9.45 -27.09
CA LYS S 21 62.09 10.83 -27.12
C LYS S 21 63.30 10.93 -28.03
N MET S 22 63.30 11.95 -28.89
CA MET S 22 64.14 11.93 -30.07
C MET S 22 64.07 13.29 -30.76
N ASP S 23 65.19 13.73 -31.32
CA ASP S 23 65.23 14.99 -32.04
C ASP S 23 65.01 14.74 -33.53
N ILE S 24 64.31 15.66 -34.17
CA ILE S 24 64.08 15.64 -35.61
C ILE S 24 64.78 16.85 -36.20
N CYS S 25 65.60 16.62 -37.23
CA CYS S 25 66.39 17.67 -37.84
C CYS S 25 65.79 18.00 -39.21
N VAL S 26 65.80 19.29 -39.56
CA VAL S 26 65.15 19.84 -40.74
C VAL S 26 66.09 20.82 -41.42
N LYS S 27 66.16 20.73 -42.76
CA LYS S 27 67.04 21.52 -43.61
C LYS S 27 66.35 21.70 -44.96
N ASP S 28 66.05 22.95 -45.34
CA ASP S 28 65.53 23.25 -46.69
C ASP S 28 64.37 22.34 -47.07
N GLY S 29 63.35 22.31 -46.22
CA GLY S 29 62.15 21.56 -46.52
C GLY S 29 62.28 20.06 -46.46
N LYS S 30 63.39 19.52 -45.97
CA LYS S 30 63.57 18.08 -45.87
C LYS S 30 64.00 17.72 -44.46
N ILE S 31 63.72 16.48 -44.08
CA ILE S 31 64.23 15.93 -42.83
C ILE S 31 65.58 15.29 -43.11
N VAL S 32 66.58 15.68 -42.32
CA VAL S 32 67.97 15.31 -42.57
C VAL S 32 68.53 14.70 -41.29
N GLU S 33 69.73 14.12 -41.40
CA GLU S 33 70.30 13.44 -40.24
C GLU S 33 70.82 14.43 -39.21
N SER S 34 71.43 15.53 -39.65
CA SER S 34 71.97 16.52 -38.73
C SER S 34 71.94 17.90 -39.35
N VAL S 35 71.99 18.92 -38.49
CA VAL S 35 71.97 20.31 -38.90
C VAL S 35 73.08 21.04 -38.15
N SER S 36 73.44 22.23 -38.65
CA SER S 36 74.44 23.06 -38.01
C SER S 36 74.01 23.48 -36.61
N ASP S 37 75.00 23.86 -35.80
CA ASP S 37 74.74 24.36 -34.46
C ASP S 37 73.99 25.69 -34.46
N SER S 38 73.86 26.34 -35.62
CA SER S 38 73.11 27.59 -35.72
C SER S 38 71.63 27.36 -36.01
N ALA S 39 71.21 26.10 -36.12
CA ALA S 39 69.81 25.81 -36.40
C ALA S 39 68.92 26.29 -35.27
N LYS S 40 67.80 26.90 -35.62
CA LYS S 40 66.84 27.40 -34.65
C LYS S 40 66.05 26.26 -34.04
N VAL S 41 65.74 26.37 -32.75
CA VAL S 41 65.24 25.25 -31.97
C VAL S 41 63.73 25.40 -31.75
N ILE S 42 63.01 24.29 -31.88
CA ILE S 42 61.60 24.20 -31.50
C ILE S 42 61.53 23.21 -30.34
N ASP S 43 61.08 23.69 -29.18
CA ASP S 43 61.07 22.88 -27.96
C ASP S 43 59.81 22.02 -27.93
N ALA S 44 59.98 20.71 -28.04
CA ALA S 44 58.86 19.76 -27.98
C ALA S 44 58.84 18.96 -26.69
N SER S 45 59.47 19.50 -25.63
CA SER S 45 59.48 18.83 -24.33
C SER S 45 58.07 18.59 -23.83
N GLY S 46 57.80 17.35 -23.41
CA GLY S 46 56.47 17.03 -22.94
C GLY S 46 55.41 17.07 -24.02
N LYS S 47 55.80 16.88 -25.27
CA LYS S 47 54.87 17.03 -26.39
C LYS S 47 55.08 15.88 -27.37
N ILE S 48 54.03 15.64 -28.15
CA ILE S 48 54.03 14.56 -29.14
C ILE S 48 54.45 15.13 -30.49
N VAL S 49 55.27 14.38 -31.21
CA VAL S 49 55.73 14.76 -32.54
C VAL S 49 55.31 13.67 -33.51
N MET S 50 54.60 14.04 -34.57
CA MET S 50 54.10 13.12 -35.57
C MET S 50 54.39 13.69 -36.95
N PRO S 51 54.35 12.85 -37.98
CA PRO S 51 54.36 13.40 -39.34
C PRO S 51 53.08 14.18 -39.59
N GLY S 52 53.17 15.17 -40.48
CA GLY S 52 51.98 15.90 -40.86
C GLY S 52 50.88 14.97 -41.32
N GLY S 53 49.65 15.22 -40.89
CA GLY S 53 48.55 14.34 -41.24
C GLY S 53 48.33 14.27 -42.73
N VAL S 54 47.75 13.17 -43.18
CA VAL S 54 47.52 12.94 -44.60
C VAL S 54 46.10 12.40 -44.79
N ASP S 55 45.19 13.27 -45.27
CA ASP S 55 43.79 12.90 -45.44
C ASP S 55 43.60 12.28 -46.82
N PRO S 56 43.24 11.00 -46.91
CA PRO S 56 43.11 10.35 -48.22
C PRO S 56 41.76 10.54 -48.89
N HIS S 57 40.79 11.19 -48.24
CA HIS S 57 39.45 11.26 -48.81
C HIS S 57 38.70 12.43 -48.18
N SER S 58 38.55 13.52 -48.92
CA SER S 58 37.81 14.68 -48.45
C SER S 58 37.25 15.41 -49.66
N HIS S 59 36.19 16.17 -49.43
CA HIS S 59 35.55 16.97 -50.49
C HIS S 59 35.77 18.43 -50.15
N ILE S 60 36.75 19.04 -50.81
CA ILE S 60 37.27 20.34 -50.40
C ILE S 60 37.40 21.30 -51.57
N ALA S 61 37.31 20.80 -52.80
CA ALA S 61 37.61 21.61 -53.97
C ALA S 61 36.88 21.05 -55.19
N GLY S 62 35.99 21.84 -55.77
CA GLY S 62 35.31 21.43 -56.99
C GLY S 62 33.90 21.96 -57.05
N ALA S 63 33.19 21.53 -58.11
CA ALA S 63 31.86 22.04 -58.39
C ALA S 63 30.85 21.64 -57.32
N LYS S 64 30.75 20.34 -57.04
CA LYS S 64 29.79 19.85 -56.05
C LYS S 64 30.05 20.46 -54.67
N VAL S 65 31.31 20.70 -54.32
CA VAL S 65 31.63 21.36 -53.05
C VAL S 65 31.12 22.80 -53.06
N ASN S 66 31.30 23.50 -54.18
CA ASN S 66 30.96 24.92 -54.23
C ASN S 66 29.45 25.13 -54.31
N VAL S 67 28.72 24.17 -54.88
CA VAL S 67 27.26 24.19 -54.78
C VAL S 67 26.82 24.08 -53.33
N GLY S 68 27.45 23.17 -52.58
CA GLY S 68 27.16 23.07 -51.16
C GLY S 68 27.43 24.38 -50.44
N ARG S 69 28.52 25.06 -50.79
CA ARG S 69 28.79 26.37 -50.22
C ARG S 69 27.75 27.39 -50.66
N MET S 70 27.46 27.46 -51.97
CA MET S 70 26.64 28.55 -52.48
C MET S 70 25.20 28.45 -51.99
N TYR S 71 24.65 27.23 -51.94
CA TYR S 71 23.25 27.07 -51.60
C TYR S 71 23.01 26.85 -50.10
N ARG S 72 24.06 27.01 -49.28
CA ARG S 72 23.92 26.99 -47.83
C ARG S 72 24.55 28.24 -47.22
N PRO S 73 23.95 29.43 -47.46
CA PRO S 73 24.42 30.61 -46.72
C PRO S 73 24.15 30.52 -45.23
N GLU S 74 23.11 29.77 -44.82
CA GLU S 74 22.85 29.59 -43.40
C GLU S 74 23.99 28.84 -42.73
N ASP S 75 24.67 27.97 -43.47
CA ASP S 75 25.84 27.27 -42.93
C ASP S 75 27.00 28.22 -42.70
N SER S 76 27.14 29.26 -43.54
CA SER S 76 28.20 30.24 -43.34
C SER S 76 27.89 31.18 -42.18
N LYS S 77 26.63 31.62 -42.06
CA LYS S 77 26.25 32.50 -40.96
C LYS S 77 26.50 31.82 -39.63
N ARG S 78 26.40 30.50 -39.61
CA ARG S 78 26.67 29.72 -38.40
C ARG S 78 28.13 29.82 -37.98
N ASP S 79 29.06 30.01 -38.93
CA ASP S 79 30.48 29.97 -38.58
C ASP S 79 31.24 30.81 -39.61
N ALA S 80 31.42 32.09 -39.31
CA ALA S 80 32.10 33.04 -40.17
C ALA S 80 33.30 33.58 -39.41
N GLU S 81 34.44 33.72 -40.10
CA GLU S 81 35.66 34.13 -39.43
C GLU S 81 36.48 35.11 -40.25
N LYS S 82 37.27 35.89 -39.52
CA LYS S 82 38.31 36.72 -40.10
C LYS S 82 39.40 36.84 -39.03
N PHE S 83 40.43 36.01 -39.18
CA PHE S 83 41.69 36.15 -38.46
C PHE S 83 42.49 37.23 -39.19
N LYS S 84 42.95 38.25 -38.46
CA LYS S 84 43.33 39.49 -39.14
C LYS S 84 44.59 39.33 -39.97
N GLY S 85 45.43 38.35 -39.64
CA GLY S 85 46.59 38.14 -40.49
C GLY S 85 46.21 37.63 -41.86
N GLY S 86 45.08 36.92 -41.96
CA GLY S 86 44.74 36.15 -43.15
C GLY S 86 43.46 36.54 -43.86
N ARG S 87 42.93 35.61 -44.65
CA ARG S 87 41.77 35.85 -45.51
C ARG S 87 40.48 35.48 -44.78
N ALA S 88 39.42 36.25 -45.04
CA ALA S 88 38.12 35.97 -44.47
C ALA S 88 37.55 34.67 -45.03
N GLY S 89 36.62 34.09 -44.29
CA GLY S 89 36.01 32.84 -44.70
C GLY S 89 34.80 32.54 -43.85
N SER S 90 34.06 31.51 -44.27
CA SER S 90 32.86 31.13 -43.55
C SER S 90 32.42 29.74 -44.01
N GLY S 91 31.71 29.05 -43.11
CA GLY S 91 31.14 27.75 -43.43
C GLY S 91 31.48 26.69 -42.42
N PHE S 92 30.54 26.37 -41.53
CA PHE S 92 30.77 25.32 -40.53
C PHE S 92 31.05 23.98 -41.20
N SER S 93 30.10 23.48 -42.00
CA SER S 93 30.20 22.16 -42.59
C SER S 93 30.91 22.17 -43.93
N VAL S 94 30.71 23.19 -44.76
CA VAL S 94 31.45 23.29 -46.02
C VAL S 94 32.21 24.61 -46.04
N PRO S 95 33.42 24.65 -45.49
CA PRO S 95 34.14 25.92 -45.39
C PRO S 95 34.67 26.39 -46.73
N SER S 96 34.81 27.71 -46.85
CA SER S 96 35.47 28.31 -48.00
C SER S 96 36.93 27.84 -48.08
N THR S 97 37.58 28.16 -49.20
CA THR S 97 38.87 27.53 -49.50
C THR S 97 39.95 27.97 -48.52
N PHE S 98 40.06 29.28 -48.26
CA PHE S 98 41.09 29.75 -47.35
C PHE S 98 40.86 29.19 -45.94
N MET S 99 39.62 29.25 -45.47
CA MET S 99 39.28 28.62 -44.19
C MET S 99 39.65 27.13 -44.20
N THR S 100 39.44 26.46 -45.33
CA THR S 100 39.71 25.02 -45.39
C THR S 100 41.18 24.70 -45.11
N GLY S 101 42.09 25.39 -45.79
CA GLY S 101 43.50 25.11 -45.59
C GLY S 101 43.99 25.48 -44.21
N TYR S 102 43.53 26.62 -43.69
CA TYR S 102 43.90 27.04 -42.33
C TYR S 102 43.63 25.95 -41.30
N ARG S 103 42.46 25.31 -41.39
CA ARG S 103 41.97 24.40 -40.38
C ARG S 103 42.55 23.01 -40.47
N TYR S 104 42.81 22.52 -41.66
CA TYR S 104 43.66 21.34 -41.78
C TYR S 104 44.99 21.60 -41.09
N ALA S 105 45.59 22.76 -41.39
CA ALA S 105 46.86 23.14 -40.78
C ALA S 105 46.73 23.22 -39.26
N GLN S 106 45.66 23.85 -38.76
CA GLN S 106 45.53 24.01 -37.31
C GLN S 106 45.54 22.66 -36.60
N MET S 107 44.94 21.64 -37.21
CA MET S 107 44.93 20.31 -36.61
C MET S 107 46.12 19.46 -37.05
N GLY S 108 47.14 20.08 -37.66
CA GLY S 108 48.35 19.36 -37.98
C GLY S 108 48.30 18.50 -39.21
N TYR S 109 47.36 18.75 -40.11
CA TYR S 109 47.31 18.06 -41.39
C TYR S 109 48.03 18.87 -42.46
N THR S 110 48.81 18.18 -43.29
CA THR S 110 49.60 18.85 -44.32
C THR S 110 49.35 18.32 -45.72
N THR S 111 48.58 17.24 -45.86
CA THR S 111 48.21 16.71 -47.17
C THR S 111 46.77 16.25 -47.10
N ALA S 112 45.96 16.68 -48.08
CA ALA S 112 44.55 16.31 -48.14
C ALA S 112 44.14 16.17 -49.60
N MET S 113 43.41 15.09 -49.89
CA MET S 113 43.03 14.71 -51.25
C MET S 113 41.58 15.00 -51.55
N GLU S 114 41.33 15.65 -52.68
CA GLU S 114 39.97 15.82 -53.18
C GLU S 114 39.55 14.54 -53.89
N ALA S 115 38.44 13.95 -53.46
CA ALA S 115 38.13 12.56 -53.78
C ALA S 115 37.21 12.38 -54.99
N ALA S 116 36.67 13.44 -55.57
CA ALA S 116 35.72 13.27 -56.67
C ALA S 116 35.74 14.52 -57.56
N MET S 117 36.43 14.42 -58.69
CA MET S 117 36.52 15.52 -59.66
C MET S 117 35.85 15.11 -60.97
N PRO S 118 34.81 15.81 -61.42
CA PRO S 118 34.30 15.56 -62.77
C PRO S 118 35.27 16.09 -63.81
N PRO S 119 35.74 15.22 -64.73
CA PRO S 119 36.81 15.63 -65.65
C PRO S 119 36.54 16.91 -66.41
N LEU S 120 35.31 17.11 -66.88
CA LEU S 120 34.99 18.33 -67.64
C LEU S 120 35.07 19.57 -66.76
N LEU S 121 34.94 19.42 -65.44
CA LEU S 121 35.00 20.53 -64.49
C LEU S 121 36.35 20.62 -63.77
N ALA S 122 37.39 20.01 -64.33
CA ALA S 122 38.66 19.89 -63.61
C ALA S 122 39.30 21.26 -63.35
N ARG S 123 39.17 22.20 -64.29
CA ARG S 123 39.70 23.54 -64.06
C ARG S 123 39.17 24.13 -62.75
N HIS S 124 37.89 23.89 -62.45
CA HIS S 124 37.30 24.39 -61.22
C HIS S 124 38.01 23.85 -59.99
N THR S 125 38.23 22.53 -59.94
CA THR S 125 38.92 21.93 -58.79
C THR S 125 40.29 22.57 -58.60
N HIS S 126 41.06 22.68 -59.68
CA HIS S 126 42.41 23.24 -59.58
C HIS S 126 42.39 24.72 -59.23
N GLU S 127 41.35 25.45 -59.65
CA GLU S 127 41.25 26.84 -59.25
C GLU S 127 41.00 26.96 -57.75
N GLU S 128 40.16 26.08 -57.20
CA GLU S 128 39.91 26.11 -55.76
C GLU S 128 41.13 25.65 -54.97
N PHE S 129 41.95 24.74 -55.53
CA PHE S 129 43.18 24.35 -54.86
C PHE S 129 44.12 25.53 -54.69
N HIS S 130 44.25 26.37 -55.73
CA HIS S 130 45.15 27.51 -55.68
C HIS S 130 44.80 28.45 -54.53
N ASP S 131 43.51 28.55 -54.19
CA ASP S 131 43.06 29.36 -53.08
C ASP S 131 42.93 28.56 -51.79
N THR S 132 43.55 27.39 -51.71
CA THR S 132 43.56 26.58 -50.50
C THR S 132 44.96 26.57 -49.91
N PRO S 133 45.20 27.26 -48.80
CA PRO S 133 46.56 27.43 -48.31
C PRO S 133 47.17 26.14 -47.75
N ILE S 134 48.50 26.12 -47.76
CA ILE S 134 49.34 25.23 -46.97
C ILE S 134 49.39 23.81 -47.50
N ILE S 135 48.23 23.14 -47.55
CA ILE S 135 48.25 21.69 -47.76
C ILE S 135 48.73 21.35 -49.16
N ASP S 136 49.52 20.29 -49.26
CA ASP S 136 49.70 19.61 -50.53
C ASP S 136 48.45 18.80 -50.82
N HIS S 137 48.17 18.58 -52.11
CA HIS S 137 46.85 18.07 -52.48
C HIS S 137 46.92 17.31 -53.79
N ALA S 138 45.81 16.64 -54.09
CA ALA S 138 45.60 15.94 -55.35
C ALA S 138 44.10 15.74 -55.53
N ALA S 139 43.70 15.43 -56.76
CA ALA S 139 42.30 15.24 -57.09
C ALA S 139 42.09 13.89 -57.76
N TYR S 140 40.97 13.24 -57.42
CA TYR S 140 40.62 11.95 -58.00
C TYR S 140 39.58 12.16 -59.09
N PRO S 141 39.93 12.04 -60.37
CA PRO S 141 38.90 12.05 -61.42
C PRO S 141 38.03 10.81 -61.33
N LEU S 142 36.79 10.94 -61.79
CA LEU S 142 35.80 9.87 -61.69
C LEU S 142 35.77 9.04 -62.98
N PHE S 143 35.62 7.72 -62.82
CA PHE S 143 35.66 6.80 -63.94
C PHE S 143 34.49 5.82 -64.02
N GLY S 144 33.78 5.56 -62.91
CA GLY S 144 32.85 4.45 -62.83
C GLY S 144 31.61 4.56 -63.69
N ASN S 145 31.34 5.74 -64.25
CA ASN S 145 30.18 5.94 -65.12
C ASN S 145 30.59 6.67 -66.40
N ASN S 146 31.84 6.51 -66.79
CA ASN S 146 32.39 7.23 -67.94
C ASN S 146 32.05 6.48 -69.22
N TRP S 147 31.60 7.22 -70.25
CA TRP S 147 31.12 6.59 -71.47
C TRP S 147 32.25 5.84 -72.18
N PHE S 148 33.43 6.44 -72.24
CA PHE S 148 34.57 5.76 -72.87
C PHE S 148 34.93 4.48 -72.11
N VAL S 149 34.94 4.57 -70.78
CA VAL S 149 35.28 3.40 -69.96
C VAL S 149 34.27 2.28 -70.17
N MET S 150 32.98 2.63 -70.16
CA MET S 150 31.95 1.61 -70.31
C MET S 150 32.00 0.99 -71.71
N GLU S 151 32.31 1.80 -72.72
CA GLU S 151 32.36 1.27 -74.09
C GLU S 151 33.60 0.40 -74.28
N TYR S 152 34.76 0.85 -73.80
CA TYR S 152 35.98 0.05 -73.96
C TYR S 152 35.91 -1.22 -73.12
N LEU S 153 35.44 -1.13 -71.88
CA LEU S 153 35.49 -2.29 -71.00
C LEU S 153 34.48 -3.36 -71.39
N LYS S 154 33.36 -2.98 -71.98
CA LYS S 154 32.44 -4.01 -72.47
C LYS S 154 33.05 -4.81 -73.59
N GLU S 155 33.80 -4.16 -74.49
CA GLU S 155 34.43 -4.89 -75.58
C GLU S 155 35.64 -5.69 -75.10
N GLY S 156 35.93 -5.67 -73.81
CA GLY S 156 37.10 -6.33 -73.26
C GLY S 156 38.42 -5.69 -73.61
N ASP S 157 38.42 -4.48 -74.15
CA ASP S 157 39.62 -3.79 -74.60
C ASP S 157 40.21 -3.00 -73.44
N VAL S 158 40.92 -3.70 -72.56
CA VAL S 158 41.43 -3.04 -71.36
C VAL S 158 42.61 -2.11 -71.67
N ASP S 159 43.41 -2.44 -72.68
CA ASP S 159 44.54 -1.57 -73.05
C ASP S 159 44.05 -0.23 -73.58
N ALA S 160 42.99 -0.23 -74.38
CA ALA S 160 42.45 1.03 -74.88
C ALA S 160 41.89 1.86 -73.73
N CYS S 161 41.23 1.20 -72.78
CA CYS S 161 40.77 1.90 -71.58
C CYS S 161 41.96 2.46 -70.79
N ALA S 162 43.07 1.72 -70.74
CA ALA S 162 44.25 2.22 -70.06
C ALA S 162 44.85 3.41 -70.80
N ALA S 163 44.78 3.41 -72.12
CA ALA S 163 45.24 4.57 -72.88
C ALA S 163 44.33 5.76 -72.64
N TYR S 164 43.01 5.54 -72.61
CA TYR S 164 42.08 6.60 -72.27
C TYR S 164 42.38 7.16 -70.88
N ALA S 165 42.50 6.27 -69.88
CA ALA S 165 42.78 6.71 -68.53
C ALA S 165 44.08 7.49 -68.46
N SER S 166 45.13 6.99 -69.12
CA SER S 166 46.40 7.72 -69.18
C SER S 166 46.18 9.14 -69.68
N TRP S 167 45.44 9.29 -70.79
CA TRP S 167 45.12 10.61 -71.30
C TRP S 167 44.33 11.44 -70.29
N LEU S 168 43.34 10.82 -69.64
CA LEU S 168 42.44 11.59 -68.78
C LEU S 168 43.15 12.08 -67.52
N LEU S 169 44.01 11.25 -66.92
CA LEU S 169 44.76 11.69 -65.76
C LEU S 169 45.69 12.84 -66.09
N ARG S 170 46.30 12.81 -67.28
CA ARG S 170 47.16 13.91 -67.70
C ARG S 170 46.33 15.15 -68.04
N ALA S 171 45.16 14.95 -68.66
CA ALA S 171 44.36 16.09 -69.12
C ALA S 171 43.68 16.79 -67.96
N THR S 172 43.19 16.04 -66.97
CA THR S 172 42.59 16.64 -65.79
C THR S 172 43.60 16.91 -64.69
N LYS S 173 44.86 16.55 -64.90
CA LYS S 173 45.87 16.57 -63.85
C LYS S 173 45.34 15.88 -62.59
N GLY S 174 45.03 14.59 -62.77
CA GLY S 174 44.45 13.78 -61.72
C GLY S 174 45.42 12.73 -61.21
N TYR S 175 44.98 12.02 -60.17
CA TYR S 175 45.91 11.19 -59.41
C TYR S 175 45.46 9.74 -59.22
N THR S 176 44.15 9.47 -59.15
CA THR S 176 43.67 8.11 -58.93
C THR S 176 42.42 7.83 -59.76
N ILE S 177 42.18 6.55 -59.97
CA ILE S 177 40.97 6.07 -60.61
C ILE S 177 39.87 5.93 -59.55
N ILE S 179 36.01 5.40 -58.43
CA ILE S 179 34.80 4.73 -58.90
C ILE S 179 33.65 4.98 -57.90
N VAL S 180 32.57 5.61 -58.35
CA VAL S 180 31.42 5.90 -57.48
C VAL S 180 30.18 5.30 -58.12
N ASN S 181 29.49 4.44 -57.38
CA ASN S 181 28.25 3.79 -57.79
C ASN S 181 28.36 3.39 -59.27
N PRO S 182 29.28 2.49 -59.60
CA PRO S 182 29.57 2.22 -61.02
C PRO S 182 28.32 1.73 -61.76
N ALA S 183 28.06 2.36 -62.91
CA ALA S 183 26.91 2.14 -63.78
C ALA S 183 25.65 2.81 -63.25
N GLY S 184 25.55 2.98 -61.93
CA GLY S 184 24.32 3.50 -61.36
C GLY S 184 24.10 4.98 -61.64
N THR S 185 25.18 5.76 -61.63
CA THR S 185 25.03 7.19 -61.88
C THR S 185 24.67 7.46 -63.34
N GLU S 186 25.18 6.66 -64.28
CA GLU S 186 24.72 6.75 -65.65
C GLU S 186 23.25 6.37 -65.75
N ALA S 187 22.82 5.35 -65.00
CA ALA S 187 21.41 5.00 -64.95
C ALA S 187 20.59 6.16 -64.38
N TRP S 188 21.18 6.97 -63.50
CA TRP S 188 20.49 8.13 -62.97
C TRP S 188 20.33 9.24 -64.00
N GLY S 189 21.12 9.21 -65.08
CA GLY S 189 20.91 10.14 -66.19
C GLY S 189 19.52 10.06 -66.77
N TRP S 190 18.85 8.91 -66.63
CA TRP S 190 17.45 8.77 -67.00
C TRP S 190 16.54 8.69 -65.78
N GLY S 191 17.05 8.97 -64.59
CA GLY S 191 16.25 8.93 -63.39
C GLY S 191 16.21 7.59 -62.68
N GLY S 192 17.09 6.64 -63.03
CA GLY S 192 17.13 5.34 -62.42
C GLY S 192 18.39 5.10 -61.61
N ASN S 193 18.69 3.81 -61.40
CA ASN S 193 19.85 3.39 -60.63
C ASN S 193 20.10 1.92 -60.94
N VAL S 194 21.22 1.41 -60.44
CA VAL S 194 21.51 -0.02 -60.51
C VAL S 194 21.41 -0.59 -59.10
N HIS S 195 21.07 -1.88 -59.03
CA HIS S 195 20.91 -2.57 -57.76
C HIS S 195 21.75 -3.84 -57.77
N GLY S 196 22.75 -3.90 -56.89
CA GLY S 196 23.69 -4.99 -56.90
C GLY S 196 24.73 -4.82 -58.01
N ILE S 197 25.78 -5.63 -57.94
CA ILE S 197 26.93 -5.45 -58.83
C ILE S 197 26.74 -6.14 -60.17
N TYR S 198 25.64 -6.86 -60.39
CA TYR S 198 25.39 -7.53 -61.66
C TYR S 198 24.27 -6.87 -62.46
N ASP S 199 23.85 -5.66 -62.07
CA ASP S 199 22.75 -4.97 -62.72
C ASP S 199 23.30 -3.93 -63.70
N PRO S 200 23.10 -4.08 -65.00
CA PRO S 200 23.74 -3.19 -65.98
C PRO S 200 23.04 -1.84 -66.11
N ALA S 201 23.82 -0.87 -66.60
CA ALA S 201 23.29 0.44 -66.93
C ALA S 201 22.47 0.38 -68.23
N PRO S 202 21.54 1.31 -68.42
CA PRO S 202 20.82 1.36 -69.70
C PRO S 202 21.78 1.57 -70.86
N TYR S 203 21.44 0.93 -71.99
CA TYR S 203 22.21 1.00 -73.23
C TYR S 203 23.59 0.37 -73.12
N PHE S 204 24.40 0.80 -72.15
CA PHE S 204 25.81 0.42 -72.17
C PHE S 204 26.01 -1.02 -71.79
N ASP S 205 25.08 -1.60 -71.02
CA ASP S 205 24.94 -3.05 -70.91
C ASP S 205 26.18 -3.69 -70.29
N ILE S 206 26.86 -2.99 -69.39
CA ILE S 206 28.02 -3.51 -68.68
C ILE S 206 27.72 -3.45 -67.18
N THR S 207 28.21 -4.45 -66.45
CA THR S 207 27.85 -4.52 -65.05
C THR S 207 28.84 -3.73 -64.19
N PRO S 208 28.40 -3.33 -63.00
CA PRO S 208 29.36 -2.83 -61.99
C PRO S 208 30.56 -3.74 -61.80
N ALA S 209 30.32 -5.05 -61.64
CA ALA S 209 31.42 -5.99 -61.45
C ALA S 209 32.44 -5.89 -62.57
N GLU S 210 31.97 -5.84 -63.83
CA GLU S 210 32.90 -5.71 -64.96
C GLU S 210 33.59 -4.34 -64.97
N ILE S 211 32.92 -3.29 -64.51
CA ILE S 211 33.56 -1.99 -64.41
C ILE S 211 34.65 -2.01 -63.34
N ILE S 212 34.35 -2.59 -62.18
CA ILE S 212 35.33 -2.65 -61.10
C ILE S 212 36.53 -3.50 -61.52
N LYS S 213 36.27 -4.66 -62.12
CA LYS S 213 37.36 -5.56 -62.51
C LYS S 213 38.23 -4.92 -63.58
N GLY S 214 37.61 -4.32 -64.60
CA GLY S 214 38.38 -3.74 -65.68
C GLY S 214 39.23 -2.57 -65.25
N LEU S 215 38.70 -1.71 -64.38
CA LEU S 215 39.47 -0.55 -63.94
C LEU S 215 40.59 -0.93 -62.97
N ALA S 216 40.40 -1.98 -62.18
CA ALA S 216 41.50 -2.50 -61.39
C ALA S 216 42.62 -3.02 -62.28
N GLU S 217 42.25 -3.78 -63.33
CA GLU S 217 43.24 -4.21 -64.32
C GLU S 217 43.94 -3.01 -64.95
N VAL S 218 43.17 -1.98 -65.32
CA VAL S 218 43.76 -0.75 -65.87
C VAL S 218 44.69 -0.11 -64.85
N ASN S 219 44.27 -0.04 -63.59
CA ASN S 219 45.06 0.63 -62.57
C ASN S 219 46.46 0.04 -62.47
N GLU S 220 46.57 -1.29 -62.44
CA GLU S 220 47.88 -1.93 -62.26
C GLU S 220 48.67 -2.00 -63.57
N LYS S 221 47.95 -2.02 -64.71
CA LYS S 221 48.57 -1.86 -66.04
C LYS S 221 49.19 -0.51 -66.24
N LEU S 222 48.63 0.54 -65.63
CA LEU S 222 49.26 1.84 -65.66
C LEU S 222 50.21 2.06 -64.49
N GLN S 223 50.35 1.07 -63.61
CA GLN S 223 51.28 1.13 -62.48
C GLN S 223 51.09 2.40 -61.65
N LEU S 224 49.83 2.74 -61.39
CA LEU S 224 49.53 3.96 -60.66
C LEU S 224 49.95 3.82 -59.19
N PRO S 225 50.33 4.93 -58.54
CA PRO S 225 50.76 4.85 -57.14
C PRO S 225 49.67 4.33 -56.20
N HIS S 226 48.43 4.76 -56.43
CA HIS S 226 47.29 4.38 -55.60
C HIS S 226 46.46 3.34 -56.34
N SER S 227 45.68 2.58 -55.57
CA SER S 227 44.81 1.57 -56.15
C SER S 227 43.52 2.21 -56.67
N ILE S 228 42.64 1.40 -57.24
CA ILE S 228 41.29 1.88 -57.49
C ILE S 228 40.67 2.29 -56.16
N HIS S 229 39.81 3.30 -56.21
CA HIS S 229 39.27 3.94 -55.01
C HIS S 229 37.75 3.79 -55.11
N LEU S 230 37.18 2.83 -54.39
CA LEU S 230 35.84 2.34 -54.70
C LEU S 230 34.80 2.81 -53.68
N HIS S 231 33.78 3.49 -54.21
CA HIS S 231 32.54 3.81 -53.52
C HIS S 231 31.47 2.85 -54.08
N CYS S 232 30.96 1.96 -53.22
CA CYS S 232 30.21 0.82 -53.74
C CYS S 232 28.82 1.23 -54.20
N ASN S 233 28.19 0.32 -54.93
CA ASN S 233 26.77 0.39 -55.24
C ASN S 233 25.95 0.17 -53.97
N ASP S 234 24.67 0.54 -54.05
CA ASP S 234 23.72 0.33 -52.96
C ASP S 234 24.15 1.04 -51.67
N LEU S 235 24.70 2.23 -51.82
CA LEU S 235 25.10 3.00 -50.64
C LEU S 235 23.89 3.38 -49.79
N GLY S 236 24.07 3.28 -48.48
CA GLY S 236 23.12 3.79 -47.52
C GLY S 236 21.81 3.05 -47.44
N HIS S 237 21.76 1.79 -47.87
CA HIS S 237 20.52 1.02 -47.85
C HIS S 237 20.60 -0.11 -46.85
N PRO S 238 19.54 -0.35 -46.08
CA PRO S 238 19.49 -1.55 -45.24
C PRO S 238 19.70 -2.81 -46.08
N GLY S 239 20.56 -3.70 -45.58
CA GLY S 239 20.85 -4.95 -46.25
C GLY S 239 21.98 -4.90 -47.26
N ASN S 240 22.63 -3.75 -47.44
CA ASN S 240 23.61 -3.60 -48.50
C ASN S 240 24.95 -4.25 -48.17
N TYR S 241 25.13 -4.76 -46.95
CA TYR S 241 26.42 -5.35 -46.58
C TYR S 241 26.83 -6.47 -47.53
N GLU S 242 25.85 -7.20 -48.10
CA GLU S 242 26.19 -8.26 -49.05
C GLU S 242 26.71 -7.69 -50.37
N THR S 243 26.11 -6.62 -50.87
CA THR S 243 26.66 -5.98 -52.08
C THR S 243 28.10 -5.52 -51.83
N THR S 244 28.38 -5.04 -50.61
CA THR S 244 29.72 -4.58 -50.26
C THR S 244 30.74 -5.72 -50.29
N LEU S 245 30.45 -6.82 -49.58
CA LEU S 245 31.39 -7.93 -49.53
C LEU S 245 31.60 -8.54 -50.91
N ALA S 246 30.53 -8.64 -51.70
CA ALA S 246 30.67 -9.11 -53.07
C ALA S 246 31.56 -8.16 -53.88
N SER S 247 31.38 -6.85 -53.71
CA SER S 247 32.25 -5.89 -54.39
C SER S 247 33.71 -6.09 -53.99
N PHE S 248 33.96 -6.30 -52.69
CA PHE S 248 35.33 -6.44 -52.20
C PHE S 248 36.07 -7.58 -52.88
N ASP S 249 35.37 -8.65 -53.25
CA ASP S 249 36.03 -9.80 -53.85
C ASP S 249 36.39 -9.59 -55.32
N VAL S 250 35.74 -8.65 -56.00
CA VAL S 250 35.85 -8.57 -57.45
C VAL S 250 37.29 -8.40 -57.93
N PRO S 251 38.12 -7.53 -57.35
CA PRO S 251 39.49 -7.37 -57.84
C PRO S 251 40.55 -8.14 -57.04
N LYS S 252 40.14 -9.09 -56.18
CA LYS S 252 41.08 -9.65 -55.21
C LYS S 252 42.29 -10.31 -55.88
N ASN S 253 42.08 -11.01 -56.99
CA ASN S 253 43.18 -11.74 -57.63
C ASN S 253 43.95 -10.88 -58.63
N ILE S 254 43.72 -9.57 -58.66
CA ILE S 254 44.56 -8.66 -59.43
C ILE S 254 45.70 -8.21 -58.53
N LYS S 255 46.89 -8.30 -59.04
CA LYS S 255 48.06 -8.14 -58.22
C LYS S 255 48.60 -6.73 -58.34
N PRO S 256 48.86 -6.06 -57.22
CA PRO S 256 49.27 -4.65 -57.26
C PRO S 256 50.61 -4.47 -57.96
N ASN S 257 50.76 -3.31 -58.61
CA ASN S 257 52.00 -3.06 -59.36
C ASN S 257 52.37 -1.58 -59.43
N PRO S 258 52.46 -0.86 -58.31
CA PRO S 258 52.86 0.54 -58.36
C PRO S 258 54.31 0.72 -58.82
N ALA S 259 54.53 1.73 -59.67
CA ALA S 259 55.90 2.11 -60.03
C ALA S 259 56.53 3.03 -59.00
N THR S 260 55.72 3.85 -58.33
CA THR S 260 56.17 4.71 -57.25
C THR S 260 55.50 4.30 -55.95
N GLY S 261 56.24 4.37 -54.84
CA GLY S 261 55.70 4.08 -53.53
C GLY S 261 55.67 2.60 -53.20
N SER S 262 55.07 2.30 -52.05
CA SER S 262 55.17 0.99 -51.43
C SER S 262 53.81 0.28 -51.31
N ARG S 263 52.80 0.76 -52.04
CA ARG S 263 51.46 0.19 -51.92
C ARG S 263 51.45 -1.29 -52.29
N ASP S 264 50.83 -2.09 -51.42
CA ASP S 264 50.73 -3.53 -51.58
C ASP S 264 49.29 -4.03 -51.55
N THR S 265 48.34 -3.14 -51.83
CA THR S 265 46.92 -3.48 -51.83
C THR S 265 46.29 -3.02 -53.14
N VAL S 266 45.33 -3.81 -53.64
CA VAL S 266 44.70 -3.53 -54.92
C VAL S 266 43.36 -2.83 -54.78
N LEU S 267 42.76 -2.83 -53.59
CA LEU S 267 41.44 -2.24 -53.40
C LEU S 267 41.49 -1.24 -52.25
N TYR S 268 40.93 -0.06 -52.49
CA TYR S 268 40.71 0.93 -51.44
C TYR S 268 39.21 1.21 -51.39
N ALA S 269 38.57 0.82 -50.30
CA ALA S 269 37.13 1.01 -50.12
C ALA S 269 36.91 2.19 -49.20
N THR S 270 36.11 3.15 -49.66
CA THR S 270 35.98 4.42 -48.95
C THR S 270 34.66 4.48 -48.19
N HIS S 271 34.66 5.27 -47.12
CA HIS S 271 33.55 5.42 -46.17
C HIS S 271 32.71 4.15 -46.04
N VAL S 272 33.34 3.06 -45.58
CA VAL S 272 32.68 1.76 -45.53
C VAL S 272 31.57 1.73 -44.48
N GLN S 273 31.53 2.71 -43.57
CA GLN S 273 30.42 2.81 -42.63
C GLN S 273 29.09 2.75 -43.36
N PHE S 274 28.95 3.53 -44.42
CA PHE S 274 27.73 3.60 -45.21
C PHE S 274 27.44 2.33 -45.99
N HIS S 275 28.38 1.38 -46.05
CA HIS S 275 28.19 0.14 -46.80
C HIS S 275 28.12 -1.08 -45.90
N SER S 276 27.87 -0.90 -44.61
CA SER S 276 27.91 -1.99 -43.63
C SER S 276 26.55 -2.20 -42.97
N TYR S 277 25.47 -1.97 -43.70
CA TYR S 277 24.14 -1.95 -43.12
C TYR S 277 23.46 -3.31 -43.29
N GLY S 278 22.80 -3.75 -42.23
CA GLY S 278 21.96 -4.93 -42.27
C GLY S 278 20.48 -4.58 -42.26
N GLY S 279 19.67 -5.62 -42.09
CA GLY S 279 18.22 -5.45 -42.15
C GLY S 279 17.69 -5.46 -43.58
N THR S 280 16.46 -4.97 -43.72
CA THR S 280 15.80 -4.84 -45.01
C THR S 280 15.06 -3.52 -45.20
N THR S 281 14.57 -2.89 -44.13
CA THR S 281 14.03 -1.54 -44.13
C THR S 281 14.69 -0.78 -42.98
N TRP S 282 14.38 0.52 -42.88
CA TRP S 282 14.91 1.31 -41.77
C TRP S 282 14.33 0.88 -40.42
N ARG S 283 13.22 0.13 -40.41
CA ARG S 283 12.63 -0.23 -39.13
C ARG S 283 13.30 -1.44 -38.49
N ASP S 284 13.79 -2.41 -39.29
CA ASP S 284 14.59 -3.51 -38.78
C ASP S 284 16.08 -3.31 -39.06
N PHE S 285 16.50 -2.04 -39.16
CA PHE S 285 17.86 -1.66 -39.53
C PHE S 285 18.84 -1.96 -38.42
N VAL S 286 19.94 -2.60 -38.80
CA VAL S 286 20.78 -3.28 -37.85
C VAL S 286 22.24 -3.12 -38.33
N SER S 287 23.23 -3.16 -37.41
CA SER S 287 24.64 -3.05 -37.82
C SER S 287 25.18 -4.39 -38.30
N GLU S 288 25.95 -4.37 -39.40
CA GLU S 288 26.68 -5.54 -39.86
C GLU S 288 28.17 -5.28 -39.96
N ALA S 289 28.67 -4.33 -39.16
CA ALA S 289 30.09 -4.05 -39.14
C ALA S 289 30.94 -5.24 -38.71
N PRO S 290 30.51 -6.12 -37.79
CA PRO S 290 31.33 -7.31 -37.50
C PRO S 290 31.68 -8.15 -38.72
N LYS S 291 30.71 -8.48 -39.57
CA LYS S 291 31.04 -9.26 -40.77
C LYS S 291 31.98 -8.48 -41.68
N ILE S 292 31.77 -7.16 -41.81
CA ILE S 292 32.65 -6.34 -42.64
C ILE S 292 34.05 -6.32 -42.07
N ALA S 293 34.17 -6.01 -40.78
CA ALA S 293 35.48 -6.00 -40.13
C ALA S 293 36.16 -7.36 -40.24
N ASP S 294 35.39 -8.44 -40.15
CA ASP S 294 35.98 -9.77 -40.21
C ASP S 294 36.54 -10.07 -41.60
N TYR S 295 35.85 -9.63 -42.65
CA TYR S 295 36.39 -9.74 -44.01
C TYR S 295 37.72 -9.02 -44.13
N VAL S 296 37.80 -7.78 -43.62
CA VAL S 296 39.03 -7.01 -43.75
C VAL S 296 40.17 -7.69 -43.01
N ASN S 297 39.89 -8.17 -41.78
CA ASN S 297 40.92 -8.86 -41.01
C ASN S 297 41.48 -10.05 -41.76
N LYS S 298 40.62 -10.85 -42.37
CA LYS S 298 41.09 -12.08 -43.02
C LYS S 298 41.69 -11.85 -44.41
N ASN S 299 41.51 -10.68 -45.01
CA ASN S 299 41.98 -10.42 -46.36
C ASN S 299 43.12 -9.41 -46.38
N ASP S 300 44.05 -9.59 -47.31
CA ASP S 300 45.30 -8.83 -47.35
C ASP S 300 45.38 -7.91 -48.55
N HIS S 301 44.31 -7.80 -49.35
CA HIS S 301 44.31 -7.01 -50.56
C HIS S 301 43.55 -5.69 -50.43
N ILE S 302 43.02 -5.37 -49.26
CA ILE S 302 42.07 -4.29 -49.11
C ILE S 302 42.53 -3.31 -48.03
N VAL S 303 42.41 -2.03 -48.33
CA VAL S 303 42.48 -0.95 -47.34
C VAL S 303 41.14 -0.23 -47.35
N ILE S 304 40.71 0.23 -46.18
CA ILE S 304 39.44 0.95 -46.07
C ILE S 304 39.66 2.26 -45.33
N ASP S 305 38.68 3.15 -45.46
CA ASP S 305 38.44 4.22 -44.51
C ASP S 305 36.98 4.15 -44.07
N VAL S 306 36.69 4.71 -42.91
CA VAL S 306 35.45 4.37 -42.22
C VAL S 306 34.30 5.29 -42.64
N GLY S 307 34.53 6.60 -42.70
CA GLY S 307 33.42 7.52 -42.87
C GLY S 307 32.61 7.67 -41.59
N GLN S 308 33.28 8.16 -40.55
CA GLN S 308 32.70 8.17 -39.20
C GLN S 308 31.65 9.26 -39.06
N ILE S 309 30.50 8.90 -38.51
CA ILE S 309 29.48 9.88 -38.16
C ILE S 309 29.99 10.72 -37.00
N THR S 310 29.85 12.04 -37.11
CA THR S 310 30.25 12.96 -36.06
C THR S 310 29.06 13.56 -35.31
N LEU S 311 27.84 13.15 -35.68
CA LEU S 311 26.62 13.56 -34.97
C LEU S 311 26.40 15.06 -35.05
N ASP S 312 26.63 15.64 -36.23
CA ASP S 312 26.43 17.05 -36.47
C ASP S 312 25.35 17.25 -37.53
N GLU S 313 24.85 18.49 -37.60
CA GLU S 313 24.15 18.96 -38.79
C GLU S 313 25.22 19.24 -39.84
N THR S 314 25.22 18.48 -40.92
CA THR S 314 26.24 18.68 -41.94
C THR S 314 25.65 18.73 -43.34
N THR S 315 26.50 18.62 -44.35
CA THR S 315 26.10 18.65 -45.74
C THR S 315 26.64 17.41 -46.43
N THR S 316 25.80 16.73 -47.20
CA THR S 316 26.23 15.58 -47.98
C THR S 316 26.37 15.99 -49.45
N MET S 317 27.45 15.51 -50.08
CA MET S 317 27.75 15.85 -51.46
C MET S 317 28.54 14.70 -52.07
N THR S 318 28.00 14.12 -53.14
CA THR S 318 28.56 12.90 -53.69
C THR S 318 28.36 12.90 -55.20
N ALA S 319 29.17 12.10 -55.89
CA ALA S 319 28.92 11.77 -57.28
C ALA S 319 27.84 10.70 -57.44
N ASP S 320 27.25 10.26 -56.34
CA ASP S 320 26.17 9.27 -56.34
C ASP S 320 24.82 10.00 -56.41
N GLY S 321 24.55 10.52 -57.60
CA GLY S 321 23.32 11.23 -57.91
C GLY S 321 22.03 10.57 -57.46
N PRO S 322 21.79 9.31 -57.84
CA PRO S 322 20.51 8.68 -57.47
C PRO S 322 20.34 8.53 -55.96
N MET S 323 21.44 8.30 -55.24
CA MET S 323 21.34 8.15 -53.79
C MET S 323 20.93 9.45 -53.12
N GLU S 324 21.46 10.58 -53.58
CA GLU S 324 21.10 11.87 -52.97
C GLU S 324 19.66 12.24 -53.23
N TYR S 325 19.12 11.89 -54.41
CA TYR S 325 17.70 12.12 -54.64
C TYR S 325 16.86 11.31 -53.67
N ASP S 326 17.25 10.06 -53.41
CA ASP S 326 16.55 9.25 -52.41
C ASP S 326 16.64 9.90 -51.03
N LEU S 327 17.81 10.47 -50.70
CA LEU S 327 17.98 11.11 -49.41
C LEU S 327 17.10 12.34 -49.29
N HIS S 328 17.04 13.16 -50.33
CA HIS S 328 16.13 14.30 -50.36
C HIS S 328 14.68 13.85 -50.21
N SER S 329 14.32 12.72 -50.83
CA SER S 329 12.98 12.19 -50.67
C SER S 329 12.65 11.85 -49.22
N LEU S 330 13.64 11.39 -48.44
CA LEU S 330 13.36 11.01 -47.06
C LEU S 330 13.23 12.22 -46.15
N ASN S 331 14.24 13.09 -46.13
CA ASN S 331 14.24 14.19 -45.17
C ASN S 331 13.63 15.47 -45.72
N GLY S 332 13.32 15.54 -47.01
CA GLY S 332 12.62 16.69 -47.55
C GLY S 332 13.43 17.96 -47.68
N LEU S 333 14.75 17.89 -47.56
CA LEU S 333 15.57 19.09 -47.52
C LEU S 333 16.07 19.45 -48.92
N LYS S 334 16.58 20.69 -49.04
CA LYS S 334 16.96 21.23 -50.35
C LYS S 334 17.96 20.32 -51.06
N TRP S 335 17.77 20.16 -52.36
CA TRP S 335 18.48 19.15 -53.15
C TRP S 335 19.07 19.77 -54.39
N ALA S 336 20.38 19.58 -54.58
CA ALA S 336 21.10 19.99 -55.78
C ALA S 336 21.53 18.77 -56.57
N ASN S 337 21.68 18.95 -57.88
CA ASN S 337 22.03 17.86 -58.78
C ASN S 337 22.86 18.43 -59.92
N CYS S 338 23.80 17.63 -60.43
CA CYS S 338 24.51 18.03 -61.65
C CYS S 338 24.96 16.79 -62.40
N ASP S 339 24.29 16.48 -63.50
CA ASP S 339 24.75 15.47 -64.43
C ASP S 339 25.76 16.08 -65.39
N VAL S 340 26.95 15.49 -65.48
CA VAL S 340 28.03 15.99 -66.32
C VAL S 340 28.11 15.08 -67.54
N GLU S 341 27.95 15.69 -68.73
CA GLU S 341 27.85 14.95 -69.98
C GLU S 341 28.94 13.89 -70.12
N LEU S 342 28.52 12.67 -70.46
CA LEU S 342 29.40 11.55 -70.77
C LEU S 342 30.30 11.12 -69.62
N GLU S 343 30.19 11.76 -68.45
CA GLU S 343 31.23 11.53 -67.45
C GLU S 343 30.70 11.11 -66.08
N THR S 344 29.83 11.89 -65.46
CA THR S 344 29.43 11.58 -64.09
C THR S 344 28.16 12.33 -63.74
N GLY S 345 27.74 12.17 -62.48
CA GLY S 345 26.66 12.93 -61.90
C GLY S 345 27.04 13.38 -60.51
N SER S 346 26.11 14.05 -59.84
CA SER S 346 26.37 14.51 -58.48
C SER S 346 25.07 14.98 -57.85
N GLY S 347 25.08 15.02 -56.52
CA GLY S 347 23.94 15.50 -55.76
C GLY S 347 24.42 16.09 -54.44
N VAL S 348 23.62 17.01 -53.91
CA VAL S 348 23.96 17.72 -52.68
C VAL S 348 22.70 17.87 -51.84
N VAL S 349 22.75 17.39 -50.59
CA VAL S 349 21.62 17.47 -49.65
C VAL S 349 22.16 17.68 -48.24
N PRO S 350 21.58 18.60 -47.45
CA PRO S 350 21.95 18.67 -46.03
C PRO S 350 21.43 17.45 -45.29
N PHE S 351 22.13 17.07 -44.22
CA PHE S 351 21.59 16.04 -43.35
C PHE S 351 21.95 16.30 -41.90
N ILE S 352 20.98 16.08 -41.03
CA ILE S 352 21.11 16.25 -39.59
C ILE S 352 21.27 14.87 -38.96
N TYR S 353 22.49 14.53 -38.54
CA TYR S 353 22.76 13.27 -37.84
C TYR S 353 22.55 13.48 -36.34
N SER S 354 21.28 13.52 -35.94
CA SER S 354 20.99 13.78 -34.54
C SER S 354 21.29 12.56 -33.68
N ALA S 355 22.04 12.76 -32.60
CA ALA S 355 22.39 11.66 -31.70
C ALA S 355 21.14 11.01 -31.12
N ARG S 356 20.05 11.78 -31.00
CA ARG S 356 18.77 11.27 -30.53
C ARG S 356 18.07 10.37 -31.52
N ALA S 357 18.37 10.48 -32.65
CA ALA S 357 17.60 9.72 -33.62
C ALA S 357 18.18 8.33 -33.72
N PRO S 358 17.30 7.34 -33.93
CA PRO S 358 17.77 5.94 -33.90
C PRO S 358 18.73 5.60 -35.04
N VAL S 359 18.44 6.02 -36.25
CA VAL S 359 19.25 5.62 -37.41
C VAL S 359 20.65 6.23 -37.34
N PRO S 360 20.80 7.55 -37.12
CA PRO S 360 22.17 8.08 -36.94
C PRO S 360 22.89 7.47 -35.75
N ALA S 361 22.15 7.12 -34.68
CA ALA S 361 22.77 6.43 -33.55
C ALA S 361 23.44 5.13 -33.98
N VAL S 362 22.73 4.31 -34.76
CA VAL S 362 23.32 3.08 -35.26
C VAL S 362 24.46 3.38 -36.22
N GLN S 363 24.30 4.43 -37.04
CA GLN S 363 25.38 4.78 -37.97
C GLN S 363 26.66 5.17 -37.25
N TRP S 364 26.54 5.94 -36.16
CA TRP S 364 27.71 6.23 -35.34
C TRP S 364 28.35 4.95 -34.82
N ALA S 365 27.51 4.01 -34.34
CA ALA S 365 28.02 2.77 -33.78
C ALA S 365 28.76 1.95 -34.83
N ILE S 366 28.24 1.89 -36.05
CA ILE S 366 28.85 1.07 -37.10
C ILE S 366 30.29 1.48 -37.35
N GLY S 367 30.52 2.79 -37.45
CA GLY S 367 31.88 3.27 -37.69
C GLY S 367 32.82 2.94 -36.55
N MET S 368 32.37 3.13 -35.31
CA MET S 368 33.16 2.75 -34.16
C MET S 368 33.49 1.26 -34.19
N GLU S 369 32.48 0.43 -34.50
CA GLU S 369 32.71 -1.00 -34.68
C GLU S 369 33.78 -1.27 -35.74
N LEU S 370 33.78 -0.51 -36.84
CA LEU S 370 34.77 -0.75 -37.87
C LEU S 370 36.17 -0.38 -37.37
N PHE S 371 36.31 0.78 -36.74
CA PHE S 371 37.60 1.17 -36.19
C PHE S 371 38.13 0.13 -35.20
N LEU S 372 37.27 -0.34 -34.31
CA LEU S 372 37.71 -1.12 -33.16
C LEU S 372 37.76 -2.61 -33.41
N LEU S 373 36.95 -3.14 -34.32
CA LEU S 373 36.98 -4.57 -34.61
C LEU S 373 37.99 -4.97 -35.67
N ILE S 374 38.62 -4.01 -36.35
CA ILE S 374 39.68 -4.30 -37.32
C ILE S 374 40.98 -4.40 -36.55
N ASP S 375 41.68 -5.52 -36.65
CA ASP S 375 42.83 -5.74 -35.77
C ASP S 375 44.02 -4.88 -36.16
N ASN S 376 44.32 -4.80 -37.46
CA ASN S 376 45.57 -4.18 -37.91
C ASN S 376 45.29 -2.76 -38.37
N PRO S 377 45.79 -1.74 -37.67
CA PRO S 377 45.55 -0.34 -38.13
C PRO S 377 46.12 -0.06 -39.51
N GLU S 378 47.08 -0.85 -39.98
CA GLU S 378 47.63 -0.63 -41.31
C GLU S 378 46.61 -0.84 -42.41
N LYS S 379 45.41 -1.32 -42.08
CA LYS S 379 44.34 -1.53 -43.04
C LYS S 379 43.24 -0.46 -42.98
N VAL S 380 43.38 0.58 -42.16
CA VAL S 380 42.28 1.53 -41.99
C VAL S 380 42.82 2.97 -41.91
N CYS S 381 42.01 3.91 -42.41
CA CYS S 381 42.30 5.33 -42.38
C CYS S 381 41.16 6.07 -41.70
N LEU S 382 41.48 7.17 -41.02
CA LEU S 382 40.50 7.98 -40.31
C LEU S 382 39.86 8.97 -41.27
N THR S 383 38.56 8.84 -41.51
CA THR S 383 37.83 9.72 -42.39
C THR S 383 36.43 9.96 -41.86
N THR S 384 35.84 11.09 -42.30
CA THR S 384 34.42 11.37 -42.12
C THR S 384 33.72 11.51 -43.47
N ASP S 385 34.33 11.02 -44.55
CA ASP S 385 33.94 11.36 -45.90
C ASP S 385 33.58 12.84 -45.99
N SER S 386 34.46 13.67 -45.42
CA SER S 386 34.16 15.06 -45.15
C SER S 386 33.62 15.73 -46.40
N PRO S 387 32.45 16.38 -46.29
CA PRO S 387 31.61 16.58 -45.10
C PRO S 387 30.48 15.57 -44.91
N ASN S 388 30.46 14.49 -45.70
CA ASN S 388 29.26 13.67 -45.81
C ASN S 388 28.84 13.09 -44.46
N ALA S 389 29.78 12.54 -43.71
CA ALA S 389 29.47 12.06 -42.36
C ALA S 389 29.77 13.08 -41.29
N GLY S 390 30.47 14.16 -41.64
CA GLY S 390 30.79 15.23 -40.71
C GLY S 390 31.98 16.03 -41.21
N PRO S 391 32.14 17.26 -40.73
CA PRO S 391 33.26 18.08 -41.20
C PRO S 391 34.58 17.53 -40.68
N PHE S 392 35.64 17.74 -41.47
CA PHE S 392 36.95 17.20 -41.07
C PHE S 392 37.47 17.87 -39.80
N THR S 393 36.90 19.01 -39.41
CA THR S 393 37.26 19.62 -38.13
C THR S 393 36.99 18.69 -36.95
N ARG S 394 36.28 17.59 -37.17
CA ARG S 394 35.93 16.66 -36.11
C ARG S 394 36.81 15.42 -36.05
N TYR S 395 37.89 15.36 -36.83
CA TYR S 395 38.83 14.26 -36.65
C TYR S 395 39.33 14.15 -35.22
N PRO S 396 39.69 15.23 -34.52
CA PRO S 396 40.09 15.08 -33.11
C PRO S 396 39.04 14.43 -32.24
N ARG S 397 37.76 14.76 -32.43
CA ARG S 397 36.70 14.10 -31.66
C ARG S 397 36.61 12.62 -32.00
N VAL S 398 36.88 12.26 -33.25
CA VAL S 398 36.93 10.85 -33.62
C VAL S 398 38.10 10.18 -32.93
N ILE S 399 39.27 10.84 -32.94
CA ILE S 399 40.43 10.35 -32.21
C ILE S 399 40.08 10.16 -30.74
N ALA S 400 39.49 11.20 -30.13
CA ALA S 400 39.10 11.13 -28.72
C ALA S 400 38.19 9.93 -28.46
N TRP S 401 37.19 9.72 -29.34
CA TRP S 401 36.31 8.57 -29.19
C TRP S 401 37.09 7.26 -29.21
N LEU S 402 38.08 7.15 -30.10
CA LEU S 402 38.81 5.89 -30.23
C LEU S 402 39.75 5.64 -29.05
N MET S 403 40.32 6.71 -28.48
CA MET S 403 41.26 6.57 -27.38
C MET S 403 40.58 6.41 -26.01
N SER S 404 39.26 6.50 -25.92
CA SER S 404 38.61 6.54 -24.61
C SER S 404 37.25 5.83 -24.68
N ASN S 405 37.18 4.62 -24.12
CA ASN S 405 35.88 3.98 -23.91
C ASN S 405 35.05 4.69 -22.85
N LYS S 406 35.65 5.59 -22.06
CA LYS S 406 34.86 6.47 -21.19
C LYS S 406 34.05 7.45 -22.02
N TYR S 407 34.72 8.17 -22.92
CA TYR S 407 34.04 9.10 -23.82
C TYR S 407 32.90 8.42 -24.56
N ARG S 408 33.13 7.22 -25.08
CA ARG S 408 32.09 6.54 -25.85
C ARG S 408 30.90 6.18 -24.96
N MET S 409 31.16 5.55 -23.82
CA MET S 409 30.06 5.12 -22.95
C MET S 409 29.30 6.31 -22.38
N ASN S 410 29.99 7.43 -22.15
CA ASN S 410 29.29 8.66 -21.76
C ASN S 410 28.28 9.07 -22.82
N LEU S 411 28.63 8.93 -24.09
CA LEU S 411 27.71 9.28 -25.17
C LEU S 411 26.67 8.19 -25.38
N ILE S 412 27.07 6.93 -25.28
CA ILE S 412 26.13 5.82 -25.42
C ILE S 412 25.07 5.86 -24.33
N GLU S 413 25.47 6.04 -23.07
CA GLU S 413 24.52 5.98 -21.98
C GLU S 413 23.70 7.25 -21.77
N GLY S 414 23.94 8.29 -22.55
CA GLY S 414 23.14 9.49 -22.40
C GLY S 414 23.32 10.36 -23.61
N GLU S 415 22.24 10.64 -24.34
CA GLU S 415 22.12 11.42 -25.58
C GLU S 415 21.94 10.50 -26.80
N LEU S 416 22.84 9.53 -26.97
CA LEU S 416 22.69 8.56 -28.05
C LEU S 416 21.43 7.74 -27.85
N HIS S 417 20.64 7.60 -28.92
CA HIS S 417 19.46 6.74 -28.87
C HIS S 417 19.84 5.33 -28.44
N LYS S 418 18.87 4.63 -27.82
CA LYS S 418 19.12 3.28 -27.32
C LYS S 418 19.55 2.33 -28.45
N TRP S 419 19.12 2.59 -29.68
CA TRP S 419 19.41 1.69 -30.79
C TRP S 419 20.90 1.45 -30.97
N ALA S 420 21.75 2.39 -30.53
CA ALA S 420 23.20 2.17 -30.59
C ALA S 420 23.60 0.94 -29.80
N GLN S 421 22.93 0.67 -28.67
CA GLN S 421 23.21 -0.55 -27.92
C GLN S 421 22.45 -1.74 -28.49
N ARG S 422 21.16 -1.56 -28.79
CA ARG S 422 20.32 -2.69 -29.20
C ARG S 422 20.76 -3.27 -30.54
N LYS S 423 21.16 -2.41 -31.48
CA LYS S 423 21.32 -2.84 -32.86
C LYS S 423 22.79 -2.87 -33.29
N SER S 424 23.72 -2.91 -32.33
CA SER S 424 25.14 -3.08 -32.59
C SER S 424 25.81 -3.57 -31.32
N THR S 425 27.12 -3.77 -31.38
CA THR S 425 27.92 -4.26 -30.26
C THR S 425 28.88 -3.22 -29.69
N VAL S 426 28.71 -1.93 -30.00
CA VAL S 426 29.71 -0.94 -29.60
C VAL S 426 29.89 -0.95 -28.08
N ALA S 427 28.80 -1.11 -27.33
CA ALA S 427 28.87 -1.00 -25.86
C ALA S 427 29.75 -2.07 -25.24
N THR S 428 29.87 -3.23 -25.89
CA THR S 428 30.66 -4.33 -25.35
C THR S 428 32.13 -4.25 -25.77
N ILE S 429 32.53 -3.21 -26.49
CA ILE S 429 33.89 -3.08 -27.00
C ILE S 429 34.58 -2.01 -26.16
N ASP S 430 35.58 -2.41 -25.37
CA ASP S 430 36.30 -1.47 -24.52
C ASP S 430 37.70 -1.17 -25.06
N ARG S 431 38.02 -1.67 -26.25
CA ARG S 431 39.32 -1.40 -26.87
C ARG S 431 39.56 0.10 -26.95
N GLU S 432 40.81 0.50 -26.75
CA GLU S 432 41.22 1.89 -26.88
C GLU S 432 42.44 1.99 -27.78
N TYR S 433 42.38 2.89 -28.75
CA TYR S 433 43.54 3.15 -29.61
C TYR S 433 44.67 3.80 -28.82
N THR S 434 45.89 3.36 -29.10
CA THR S 434 47.08 4.01 -28.58
C THR S 434 47.47 5.16 -29.51
N PHE S 435 48.41 5.99 -29.03
CA PHE S 435 48.90 7.10 -29.86
C PHE S 435 49.60 6.60 -31.11
N SER S 436 50.15 5.39 -31.07
CA SER S 436 50.81 4.83 -32.24
C SER S 436 49.80 4.43 -33.30
N GLU S 437 48.71 3.78 -32.90
CA GLU S 437 47.66 3.40 -33.82
C GLU S 437 46.94 4.62 -34.41
N ILE S 438 46.85 5.71 -33.65
CA ILE S 438 46.25 6.94 -34.17
C ILE S 438 47.10 7.52 -35.29
N ALA S 439 48.41 7.61 -35.06
CA ALA S 439 49.29 8.10 -36.12
C ALA S 439 49.27 7.16 -37.33
N GLN S 440 49.01 5.87 -37.11
CA GLN S 440 48.95 4.94 -38.23
C GLN S 440 47.75 5.21 -39.11
N ILE S 441 46.59 5.45 -38.51
CA ILE S 441 45.37 5.66 -39.31
C ILE S 441 45.19 7.09 -39.79
N THR S 442 45.98 8.04 -39.26
CA THR S 442 45.90 9.43 -39.71
C THR S 442 47.10 9.87 -40.53
N ARG S 443 48.12 9.02 -40.67
CA ARG S 443 49.34 9.36 -41.41
C ARG S 443 49.80 8.20 -42.27
N ALA S 444 50.15 7.10 -41.62
CA ALA S 444 50.96 6.07 -42.27
C ALA S 444 50.17 5.28 -43.30
N THR S 445 49.03 4.72 -42.89
CA THR S 445 48.21 3.92 -43.81
C THR S 445 47.85 4.72 -45.06
N SER S 446 47.40 5.97 -44.87
CA SER S 446 47.04 6.78 -46.02
C SER S 446 48.25 7.07 -46.89
N ALA S 447 49.36 7.51 -46.26
CA ALA S 447 50.56 7.82 -47.02
C ALA S 447 51.05 6.61 -47.81
N LYS S 448 51.06 5.43 -47.19
CA LYS S 448 51.54 4.23 -47.86
C LYS S 448 50.65 3.86 -49.04
N VAL S 449 49.34 3.82 -48.81
CA VAL S 449 48.42 3.33 -49.84
C VAL S 449 48.28 4.33 -50.99
N LEU S 450 48.52 5.61 -50.75
CA LEU S 450 48.50 6.61 -51.81
C LEU S 450 49.78 6.62 -52.63
N GLY S 451 50.78 5.81 -52.25
CA GLY S 451 52.05 5.80 -52.94
C GLY S 451 52.97 6.94 -52.61
N LEU S 452 52.80 7.59 -51.46
CA LEU S 452 53.61 8.75 -51.08
C LEU S 452 54.53 8.48 -49.90
N SER S 453 54.62 7.24 -49.42
CA SER S 453 55.37 6.98 -48.20
C SER S 453 56.88 7.22 -48.35
N ASP S 454 57.38 7.43 -49.56
CA ASP S 454 58.76 7.86 -49.71
C ASP S 454 58.99 9.22 -49.04
N THR S 455 58.06 10.15 -49.23
CA THR S 455 58.24 11.52 -48.79
C THR S 455 57.21 11.98 -47.76
N LYS S 456 56.15 11.22 -47.53
CA LYS S 456 55.05 11.67 -46.70
C LYS S 456 54.70 10.59 -45.68
N GLY S 457 54.07 11.01 -44.59
CA GLY S 457 53.58 10.06 -43.62
C GLY S 457 54.60 9.49 -42.66
N HIS S 458 55.81 10.04 -42.63
CA HIS S 458 56.83 9.55 -41.71
C HIS S 458 57.78 10.70 -41.38
N LEU S 459 58.55 10.50 -40.31
CA LEU S 459 59.49 11.50 -39.80
C LEU S 459 60.94 11.11 -40.04
N GLY S 460 61.21 10.12 -40.88
CA GLY S 460 62.56 9.68 -41.13
C GLY S 460 63.32 10.55 -42.10
N VAL S 461 64.62 10.27 -42.21
CA VAL S 461 65.50 11.01 -43.12
C VAL S 461 65.09 10.72 -44.56
N GLY S 462 65.02 11.77 -45.37
CA GLY S 462 64.51 11.71 -46.71
C GLY S 462 63.08 12.20 -46.85
N ALA S 463 62.32 12.22 -45.77
CA ALA S 463 60.94 12.68 -45.81
C ALA S 463 60.88 14.20 -46.01
N ASP S 464 59.76 14.65 -46.57
CA ASP S 464 59.47 16.08 -46.55
C ASP S 464 59.29 16.54 -45.12
N ALA S 465 59.62 17.80 -44.86
CA ALA S 465 59.52 18.36 -43.51
C ALA S 465 58.08 18.81 -43.21
N ASP S 466 57.17 17.83 -43.23
CA ASP S 466 55.77 18.02 -42.87
C ASP S 466 55.58 17.42 -41.48
N ILE S 467 55.51 18.27 -40.45
CA ILE S 467 55.64 17.84 -39.08
C ILE S 467 54.56 18.50 -38.22
N ALA S 468 54.00 17.73 -37.30
CA ALA S 468 52.99 18.21 -36.36
C ALA S 468 53.45 17.96 -34.93
N VAL S 469 53.36 18.98 -34.09
CA VAL S 469 53.64 18.88 -32.66
C VAL S 469 52.34 19.16 -31.92
N TYR S 470 51.90 18.19 -31.13
CA TYR S 470 50.66 18.33 -30.35
C TYR S 470 51.02 18.49 -28.88
N ASP S 471 50.45 19.51 -28.25
CA ASP S 471 50.74 19.81 -26.85
C ASP S 471 50.08 18.82 -25.91
N ILE S 472 50.49 17.56 -25.94
CA ILE S 472 50.00 16.56 -25.00
C ILE S 472 51.15 15.62 -24.64
N ASN S 473 51.19 15.24 -23.37
CA ASN S 473 52.30 14.50 -22.79
C ASN S 473 51.84 13.07 -22.50
N PRO S 474 52.24 12.08 -23.32
CA PRO S 474 51.72 10.72 -23.13
C PRO S 474 52.22 10.05 -21.87
N GLU S 475 53.36 10.49 -21.32
CA GLU S 475 53.80 9.93 -20.04
C GLU S 475 52.94 10.45 -18.89
N THR S 476 52.35 11.65 -19.02
CA THR S 476 51.73 12.30 -17.88
C THR S 476 50.21 12.36 -17.96
N VAL S 477 49.59 12.28 -19.14
CA VAL S 477 48.13 12.40 -19.28
C VAL S 477 47.53 11.06 -19.66
N ASP S 478 46.33 10.79 -19.13
CA ASP S 478 45.59 9.57 -19.39
C ASP S 478 44.58 9.83 -20.48
N PRO S 479 44.77 9.31 -21.69
CA PRO S 479 43.82 9.58 -22.78
C PRO S 479 42.42 9.08 -22.49
N SER S 480 42.29 8.00 -21.73
CA SER S 480 40.97 7.43 -21.48
C SER S 480 40.13 8.35 -20.61
N ALA S 481 40.70 8.88 -19.53
CA ALA S 481 39.92 9.70 -18.61
C ALA S 481 39.84 11.16 -19.08
N GLU S 482 40.92 11.69 -19.62
CA GLU S 482 40.99 13.10 -20.02
C GLU S 482 40.69 13.30 -21.50
N TYR S 483 39.64 12.64 -21.99
CA TYR S 483 39.35 12.63 -23.42
C TYR S 483 39.16 14.03 -23.99
N MET S 484 38.70 15.00 -23.17
CA MET S 484 38.57 16.36 -23.68
C MET S 484 39.92 17.03 -23.86
N ALA S 485 40.94 16.59 -23.13
CA ALA S 485 42.29 17.09 -23.41
C ALA S 485 42.86 16.50 -24.68
N ILE S 486 42.51 15.26 -25.01
CA ILE S 486 42.92 14.66 -26.27
C ILE S 486 42.30 15.41 -27.44
N GLU S 487 40.99 15.68 -27.35
CA GLU S 487 40.27 16.33 -28.43
C GLU S 487 40.78 17.75 -28.65
N GLU S 488 40.90 18.53 -27.58
CA GLU S 488 41.39 19.90 -27.68
C GLU S 488 42.83 19.95 -28.18
N ALA S 489 43.66 18.96 -27.82
CA ALA S 489 45.07 19.01 -28.19
C ALA S 489 45.26 18.72 -29.68
N PHE S 490 44.54 17.74 -30.22
CA PHE S 490 44.61 17.44 -31.64
C PHE S 490 43.91 18.49 -32.51
N SER S 491 43.11 19.37 -31.91
CA SER S 491 42.45 20.42 -32.69
C SER S 491 43.38 21.60 -32.98
N ARG S 492 44.31 21.91 -32.07
CA ARG S 492 45.08 23.15 -32.11
C ARG S 492 46.54 22.79 -31.83
N ALA S 493 47.25 22.36 -32.89
CA ALA S 493 48.62 21.91 -32.74
C ALA S 493 49.51 23.03 -32.21
N ALA S 494 50.47 22.66 -31.36
CA ALA S 494 51.41 23.64 -30.83
C ALA S 494 52.31 24.18 -31.93
N CYS S 495 52.77 23.33 -32.84
CA CYS S 495 53.63 23.74 -33.93
C CYS S 495 53.38 22.84 -35.13
N VAL S 496 53.31 23.46 -36.31
CA VAL S 496 53.18 22.75 -37.58
C VAL S 496 54.18 23.34 -38.56
N LEU S 497 54.97 22.47 -39.19
CA LEU S 497 55.85 22.87 -40.27
C LEU S 497 55.38 22.24 -41.57
N LYS S 498 55.43 23.04 -42.64
CA LYS S 498 55.03 22.62 -43.97
C LYS S 498 56.19 22.92 -44.90
N ASP S 499 56.85 21.87 -45.39
CA ASP S 499 58.06 21.99 -46.19
C ASP S 499 59.13 22.81 -45.45
N GLY S 500 59.33 22.50 -44.17
CA GLY S 500 60.37 23.11 -43.38
C GLY S 500 60.07 24.49 -42.83
N GLU S 501 58.99 25.13 -43.26
CA GLU S 501 58.63 26.45 -42.76
C GLU S 501 57.49 26.35 -41.75
N ILE S 502 57.60 27.13 -40.69
CA ILE S 502 56.57 27.16 -39.65
C ILE S 502 55.31 27.80 -40.22
N VAL S 503 54.20 27.05 -40.21
CA VAL S 503 52.93 27.59 -40.67
C VAL S 503 51.87 27.69 -39.59
N VAL S 504 52.01 26.98 -38.47
CA VAL S 504 51.08 27.10 -37.35
C VAL S 504 51.85 27.11 -36.05
N LYS S 505 51.43 27.94 -35.12
CA LYS S 505 52.08 27.98 -33.82
C LYS S 505 51.01 28.31 -32.77
N ASP S 506 50.90 27.42 -31.78
CA ASP S 506 49.86 27.45 -30.72
C ASP S 506 48.45 27.57 -31.32
N GLY S 507 48.14 26.74 -32.34
CA GLY S 507 46.81 26.80 -32.92
C GLY S 507 46.59 27.93 -33.89
N GLU S 508 47.52 28.87 -33.99
CA GLU S 508 47.35 30.03 -34.86
C GLU S 508 48.08 29.79 -36.18
N VAL S 509 47.41 30.10 -37.29
CA VAL S 509 48.07 30.07 -38.58
C VAL S 509 48.98 31.30 -38.68
N VAL S 510 50.24 31.10 -39.04
CA VAL S 510 51.18 32.20 -39.12
C VAL S 510 51.82 32.36 -40.49
N ALA S 511 51.48 31.50 -41.45
CA ALA S 511 52.01 31.64 -42.80
C ALA S 511 51.09 30.91 -43.77
N SER S 512 51.06 31.38 -45.02
CA SER S 512 50.11 30.91 -46.03
C SER S 512 50.81 30.53 -47.35
N PRO S 513 51.72 29.56 -47.34
CA PRO S 513 52.30 29.11 -48.61
C PRO S 513 51.31 28.28 -49.41
N HIS S 514 51.54 28.26 -50.73
CA HIS S 514 50.79 27.37 -51.62
C HIS S 514 51.41 25.99 -51.63
N GLY S 515 50.55 24.95 -51.59
CA GLY S 515 51.02 23.59 -51.64
C GLY S 515 51.16 23.05 -53.06
N ARG S 516 51.72 21.85 -53.15
CA ARG S 516 51.93 21.20 -54.44
C ARG S 516 50.66 20.45 -54.87
N THR S 517 50.56 20.23 -56.17
CA THR S 517 49.46 19.46 -56.75
C THR S 517 50.04 18.17 -57.33
N TYR S 518 49.79 17.05 -56.64
CA TYR S 518 50.25 15.76 -57.12
C TYR S 518 49.33 15.23 -58.20
N TRP S 519 49.91 14.85 -59.34
CA TRP S 519 49.18 14.22 -60.42
C TRP S 519 50.06 13.12 -61.01
N VAL S 520 49.47 12.30 -61.87
CA VAL S 520 50.07 11.05 -62.30
C VAL S 520 50.50 11.16 -63.77
N ASP S 521 51.75 10.80 -64.03
CA ASP S 521 52.36 10.85 -65.36
C ASP S 521 52.54 9.42 -65.86
N THR S 522 51.79 9.03 -66.89
CA THR S 522 51.88 7.70 -67.46
C THR S 522 52.12 7.75 -68.96
N GLN S 523 52.80 6.72 -69.45
CA GLN S 523 53.16 6.60 -70.87
C GLN S 523 52.70 5.25 -71.39
N VAL S 524 52.07 5.26 -72.55
CA VAL S 524 51.42 4.10 -73.15
C VAL S 524 51.90 3.99 -74.60
N ASP S 525 51.87 2.77 -75.13
CA ASP S 525 52.20 2.49 -76.52
C ASP S 525 51.63 3.56 -77.43
N GLU S 526 52.51 4.22 -78.19
CA GLU S 526 52.09 5.38 -78.98
C GLU S 526 51.00 5.02 -79.98
N SER S 527 50.99 3.78 -80.48
CA SER S 527 50.03 3.41 -81.50
C SER S 527 48.61 3.30 -80.93
N ILE S 528 48.45 2.54 -79.84
CA ILE S 528 47.13 2.46 -79.20
C ILE S 528 46.71 3.84 -78.74
N TYR S 529 47.67 4.63 -78.23
CA TYR S 529 47.36 5.96 -77.72
C TYR S 529 46.78 6.86 -78.80
N SER S 530 47.42 6.90 -79.98
CA SER S 530 46.91 7.71 -81.08
C SER S 530 45.51 7.27 -81.49
N GLU S 531 45.31 5.96 -81.65
CA GLU S 531 43.99 5.46 -82.04
C GLU S 531 42.92 5.91 -81.06
N VAL S 532 43.19 5.75 -79.76
CA VAL S 532 42.23 6.18 -78.75
C VAL S 532 42.00 7.68 -78.82
N LEU S 533 43.06 8.46 -78.99
CA LEU S 533 42.89 9.92 -79.09
C LEU S 533 42.14 10.32 -80.35
N ALA S 534 42.23 9.53 -81.43
CA ALA S 534 41.40 9.80 -82.59
C ALA S 534 39.94 9.50 -82.29
N ASN S 535 39.67 8.40 -81.58
CA ASN S 535 38.31 8.08 -81.17
C ASN S 535 37.77 9.11 -80.19
N VAL S 536 38.58 9.55 -79.24
CA VAL S 536 38.13 10.53 -78.26
C VAL S 536 37.72 11.82 -78.96
N GLU S 537 38.58 12.31 -79.86
CA GLU S 537 38.28 13.55 -80.57
C GLU S 537 37.04 13.44 -81.46
N SER S 538 36.73 12.25 -81.98
CA SER S 538 35.54 12.13 -82.82
C SER S 538 34.26 12.32 -82.02
N LYS S 539 34.21 11.78 -80.80
CA LYS S 539 33.00 11.95 -79.98
C LYS S 539 32.88 13.37 -79.47
N PHE S 540 34.00 14.03 -79.16
CA PHE S 540 33.95 15.43 -78.79
C PHE S 540 33.26 16.24 -79.87
N LYS S 541 33.61 15.99 -81.13
CA LYS S 541 32.98 16.68 -82.24
C LYS S 541 31.49 16.38 -82.30
N GLN S 542 31.11 15.12 -82.08
CA GLN S 542 29.71 14.73 -82.15
C GLN S 542 28.94 15.08 -80.87
N TYR S 543 29.46 14.68 -79.71
CA TYR S 543 28.63 14.49 -78.54
C TYR S 543 28.97 15.38 -77.34
N TYR S 544 30.19 15.90 -77.25
CA TYR S 544 30.48 16.85 -76.18
C TYR S 544 29.93 18.23 -76.53
N SER S 545 29.82 19.08 -75.51
CA SER S 545 29.33 20.45 -75.68
C SER S 545 30.45 21.46 -75.70
N VAL S 546 31.70 21.01 -75.65
CA VAL S 546 32.87 21.87 -75.80
C VAL S 546 33.72 21.28 -76.91
N ASN S 547 34.77 22.01 -77.29
CA ASN S 547 35.69 21.56 -78.32
C ASN S 547 36.90 20.89 -77.70
N PHE S 548 37.35 19.82 -78.34
CA PHE S 548 38.45 19.00 -77.82
C PHE S 548 39.66 19.85 -77.43
N ALA S 549 39.97 20.87 -78.23
CA ALA S 549 41.17 21.67 -77.97
C ALA S 549 41.07 22.41 -76.64
N ASN S 550 39.86 22.73 -76.19
CA ASN S 550 39.66 23.53 -75.00
C ASN S 550 39.50 22.70 -73.73
N TYR S 551 39.49 21.38 -73.84
CA TYR S 551 39.10 20.50 -72.74
C TYR S 551 40.19 20.33 -71.67
N PRO S 552 41.41 19.91 -72.02
CA PRO S 552 42.41 19.64 -70.97
C PRO S 552 42.77 20.89 -70.18
N VAL S 553 43.20 20.66 -68.94
CA VAL S 553 43.60 21.73 -68.04
C VAL S 553 44.94 22.32 -68.46
N GLN S 554 44.98 23.64 -68.65
CA GLN S 554 46.20 24.32 -69.05
C GLN S 554 47.17 24.43 -67.88
N ASP S 555 48.44 24.67 -68.21
CA ASP S 555 49.48 24.69 -67.18
C ASP S 555 49.32 25.87 -66.23
N ASP S 556 48.55 26.90 -66.60
CA ASP S 556 48.36 28.03 -65.71
C ASP S 556 47.60 27.64 -64.44
N TYR S 557 46.88 26.51 -64.47
CA TYR S 557 46.11 26.10 -63.30
C TYR S 557 46.92 25.32 -62.28
N LEU S 558 48.18 24.97 -62.60
CA LEU S 558 49.06 24.25 -61.68
C LEU S 558 50.33 25.07 -61.48
N PRO S 559 50.29 26.08 -60.61
CA PRO S 559 51.54 26.81 -60.27
C PRO S 559 52.61 25.91 -59.68
N LYS S 560 52.21 24.86 -58.96
CA LYS S 560 53.14 23.97 -58.27
C LYS S 560 52.94 22.54 -58.72
N SER S 561 53.14 22.28 -60.01
CA SER S 561 52.96 20.95 -60.56
C SER S 561 53.96 19.98 -59.95
N ALA S 562 53.46 18.83 -59.48
CA ALA S 562 54.29 17.81 -58.84
C ALA S 562 53.94 16.45 -59.43
N PRO S 563 54.44 16.15 -60.63
CA PRO S 563 54.11 14.87 -61.26
C PRO S 563 54.68 13.67 -60.52
N VAL S 564 53.92 12.59 -60.54
CA VAL S 564 54.32 11.28 -60.04
C VAL S 564 54.20 10.31 -61.18
N LYS S 565 55.25 9.51 -61.40
CA LYS S 565 55.32 8.64 -62.57
C LYS S 565 54.72 7.27 -62.27
N GLY S 566 53.84 6.82 -63.17
CA GLY S 566 53.39 5.45 -63.19
C GLY S 566 54.22 4.68 -64.21
N VAL S 567 53.58 3.82 -65.01
CA VAL S 567 54.30 3.10 -66.05
C VAL S 567 54.96 4.08 -67.03
N MET S 568 56.20 3.76 -67.43
CA MET S 568 56.96 4.56 -68.39
C MET S 568 57.40 3.71 -69.57
N LEU S 569 57.67 4.41 -70.69
CA LEU S 569 57.94 3.80 -72.02
C LEU S 569 56.93 2.73 -72.36
N MET T 1 46.16 37.23 -94.03
CA MET T 1 45.19 37.04 -92.94
C MET T 1 45.35 35.67 -92.28
N GLU T 2 45.28 35.64 -90.95
CA GLU T 2 45.40 34.40 -90.20
C GLU T 2 44.09 34.10 -89.49
N TYR T 3 43.77 32.81 -89.38
CA TYR T 3 42.54 32.33 -88.78
C TYR T 3 42.88 31.66 -87.45
N VAL T 4 42.36 32.22 -86.36
CA VAL T 4 42.57 31.66 -85.03
C VAL T 4 41.32 30.90 -84.64
N LYS T 5 41.47 29.60 -84.36
CA LYS T 5 40.34 28.73 -84.14
C LYS T 5 40.15 28.46 -82.65
N ASN T 6 39.02 27.83 -82.33
CA ASN T 6 38.68 27.41 -80.97
C ASN T 6 38.64 28.58 -79.99
N VAL T 7 38.29 29.77 -80.47
CA VAL T 7 38.18 30.95 -79.62
C VAL T 7 36.89 30.87 -78.81
N VAL T 8 36.92 31.39 -77.58
CA VAL T 8 35.77 31.41 -76.70
C VAL T 8 35.14 32.80 -76.75
N CYS T 9 33.83 32.85 -76.93
CA CYS T 9 33.24 34.17 -77.17
C CYS T 9 32.91 34.86 -75.85
N PRO T 10 33.30 36.13 -75.67
CA PRO T 10 33.07 36.85 -74.41
C PRO T 10 31.79 37.68 -74.39
N PHE T 11 30.66 37.08 -74.73
CA PHE T 11 29.43 37.85 -74.53
C PHE T 11 28.46 37.17 -73.57
N CYS T 12 27.68 36.19 -74.03
CA CYS T 12 26.63 35.69 -73.16
C CYS T 12 26.98 34.32 -72.59
N GLY T 13 26.15 33.87 -71.65
CA GLY T 13 26.36 32.66 -70.87
C GLY T 13 26.34 31.38 -71.66
N THR T 14 26.02 31.43 -72.96
CA THR T 14 26.20 30.26 -73.81
C THR T 14 27.67 29.90 -73.91
N LEU T 15 28.55 30.89 -73.85
CA LEU T 15 30.01 30.72 -73.83
C LEU T 15 30.48 29.75 -74.91
N CYS T 16 30.04 30.01 -76.14
CA CYS T 16 30.51 29.22 -77.27
C CYS T 16 32.03 29.31 -77.38
N ASP T 17 32.65 28.15 -77.60
CA ASP T 17 34.11 28.05 -77.67
C ASP T 17 34.58 27.49 -79.00
N ASP T 18 33.78 27.66 -80.06
CA ASP T 18 34.15 27.22 -81.40
C ASP T 18 34.28 28.40 -82.36
N ILE T 19 34.50 29.61 -81.83
CA ILE T 19 34.60 30.79 -82.67
C ILE T 19 35.92 30.77 -83.42
N ILE T 20 35.87 31.12 -84.70
CA ILE T 20 37.06 31.41 -85.49
C ILE T 20 37.19 32.92 -85.59
N CYS T 21 38.35 33.45 -85.24
CA CYS T 21 38.63 34.87 -85.39
C CYS T 21 39.51 35.10 -86.61
N LYS T 22 39.14 36.09 -87.42
CA LYS T 22 39.96 36.52 -88.54
C LYS T 22 40.83 37.68 -88.07
N VAL T 23 42.14 37.52 -88.10
CA VAL T 23 43.03 38.55 -87.57
C VAL T 23 43.88 39.11 -88.71
N GLU T 24 43.82 40.44 -88.87
CA GLU T 24 44.62 41.19 -89.82
C GLU T 24 45.54 42.10 -89.04
N GLY T 25 46.85 41.91 -89.19
CA GLY T 25 47.79 42.75 -88.46
C GLY T 25 47.80 42.32 -87.01
N ASN T 26 47.55 43.25 -86.10
CA ASN T 26 47.21 42.91 -84.73
C ASN T 26 45.76 43.28 -84.41
N GLU T 27 44.84 43.02 -85.34
CA GLU T 27 43.47 43.47 -85.18
C GLU T 27 42.53 42.37 -85.67
N ILE T 28 41.43 42.19 -84.94
CA ILE T 28 40.43 41.18 -85.30
C ILE T 28 39.42 41.87 -86.21
N VAL T 29 39.35 41.42 -87.46
CA VAL T 29 38.55 42.09 -88.48
C VAL T 29 37.31 41.30 -88.86
N GLY T 30 37.17 40.07 -88.40
CA GLY T 30 35.99 39.27 -88.73
C GLY T 30 35.96 38.02 -87.89
N THR T 31 34.85 37.29 -88.02
CA THR T 31 34.60 36.08 -87.26
C THR T 31 33.89 35.05 -88.12
N ILE T 32 33.96 33.79 -87.69
CA ILE T 32 33.14 32.71 -88.21
C ILE T 32 32.48 32.02 -87.04
N ASN T 33 31.22 31.59 -87.23
CA ASN T 33 30.41 30.83 -86.29
C ASN T 33 29.80 31.70 -85.19
N ALA T 34 30.45 32.80 -84.81
CA ALA T 34 29.87 33.70 -83.84
C ALA T 34 28.58 34.33 -84.38
N CYS T 35 27.62 34.54 -83.49
CA CYS T 35 26.35 35.13 -83.91
C CYS T 35 26.52 36.64 -84.09
N ARG T 36 25.39 37.30 -84.37
CA ARG T 36 25.42 38.74 -84.62
C ARG T 36 25.96 39.51 -83.44
N ILE T 37 25.64 39.11 -82.22
CA ILE T 37 26.13 39.83 -81.04
C ILE T 37 27.61 39.54 -80.84
N GLY T 38 27.96 38.25 -80.73
CA GLY T 38 29.35 37.88 -80.54
C GLY T 38 30.28 38.50 -81.56
N HIS T 39 29.87 38.51 -82.83
CA HIS T 39 30.65 39.17 -83.86
C HIS T 39 30.84 40.64 -83.53
N SER T 40 29.77 41.32 -83.06
CA SER T 40 29.85 42.75 -82.78
C SER T 40 30.85 43.06 -81.69
N LYS T 41 31.05 42.16 -80.72
CA LYS T 41 32.07 42.41 -79.70
C LYS T 41 33.48 42.26 -80.26
N PHE T 42 33.70 41.20 -81.04
CA PHE T 42 35.05 40.92 -81.52
C PHE T 42 35.57 42.02 -82.45
N VAL T 43 34.70 42.61 -83.25
CA VAL T 43 35.12 43.56 -84.28
C VAL T 43 34.85 44.98 -83.81
N HIS T 44 35.72 45.89 -84.22
CA HIS T 44 35.55 47.31 -83.93
C HIS T 44 34.53 47.94 -84.87
N ALA T 45 33.57 48.66 -84.29
CA ALA T 45 32.62 49.45 -85.05
C ALA T 45 33.15 50.86 -85.24
N GLU T 46 33.06 51.36 -86.46
CA GLU T 46 33.69 52.63 -86.81
C GLU T 46 33.00 53.79 -86.11
N GLY T 47 33.79 54.70 -85.54
CA GLY T 47 33.24 55.82 -84.82
C GLY T 47 32.99 55.56 -83.36
N ALA T 48 33.34 54.39 -82.84
CA ALA T 48 33.07 54.01 -81.46
C ALA T 48 34.29 54.29 -80.60
N MET T 49 34.07 54.93 -79.45
CA MET T 49 35.15 55.39 -78.58
C MET T 49 35.75 54.21 -77.82
N ARG T 50 37.04 53.97 -78.02
CA ARG T 50 37.81 53.00 -77.23
C ARG T 50 38.88 53.79 -76.50
N TYR T 51 38.61 54.14 -75.23
CA TYR T 51 39.56 54.90 -74.43
C TYR T 51 40.94 54.26 -74.46
N LYS T 52 41.96 55.05 -74.79
CA LYS T 52 43.33 54.54 -74.80
C LYS T 52 44.14 54.96 -73.60
N LYS T 53 43.65 55.86 -72.76
CA LYS T 53 44.38 56.31 -71.59
C LYS T 53 43.39 56.58 -70.47
N PRO T 54 43.84 56.54 -69.22
CA PRO T 54 42.95 56.87 -68.10
C PRO T 54 42.53 58.33 -68.14
N LEU T 55 41.38 58.61 -67.51
CA LEU T 55 40.83 59.95 -67.49
C LEU T 55 40.28 60.29 -66.11
N ILE T 56 40.29 61.57 -65.78
CA ILE T 56 39.73 62.08 -64.53
C ILE T 56 38.92 63.34 -64.83
N ARG T 57 37.79 63.48 -64.13
CA ARG T 57 36.89 64.61 -64.30
C ARG T 57 37.34 65.73 -63.36
N LYS T 58 37.60 66.91 -63.93
CA LYS T 58 38.05 68.07 -63.15
C LYS T 58 36.93 69.06 -62.94
N ASN T 59 35.77 68.58 -62.45
CA ASN T 59 34.46 69.15 -62.75
C ASN T 59 34.31 69.24 -64.27
N GLY T 60 33.10 69.50 -64.76
CA GLY T 60 32.89 69.71 -66.18
C GLY T 60 33.61 68.78 -67.15
N GLU T 61 34.94 68.84 -67.21
CA GLU T 61 35.71 68.26 -68.31
C GLU T 61 36.63 67.14 -67.85
N PHE T 62 36.73 66.11 -68.70
CA PHE T 62 37.65 64.99 -68.50
C PHE T 62 39.04 65.33 -68.99
N VAL T 63 40.05 64.89 -68.25
CA VAL T 63 41.45 65.13 -68.60
C VAL T 63 42.20 63.81 -68.56
N GLU T 64 43.08 63.59 -69.54
CA GLU T 64 43.87 62.37 -69.56
C GLU T 64 44.95 62.41 -68.49
N VAL T 65 45.08 61.31 -67.76
CA VAL T 65 46.09 61.13 -66.73
C VAL T 65 46.87 59.86 -67.04
N SER T 66 47.83 59.57 -66.16
CA SER T 66 48.59 58.33 -66.25
C SER T 66 47.88 57.23 -65.46
N TYR T 67 48.30 55.99 -65.68
CA TYR T 67 47.75 54.89 -64.89
C TYR T 67 48.01 55.09 -63.42
N ASP T 68 49.23 55.55 -63.07
CA ASP T 68 49.55 55.66 -61.65
C ASP T 68 48.73 56.74 -60.98
N GLU T 69 48.47 57.84 -61.69
CA GLU T 69 47.68 58.91 -61.11
C GLU T 69 46.22 58.47 -60.92
N ALA T 70 45.64 57.82 -61.92
CA ALA T 70 44.25 57.39 -61.82
C ALA T 70 44.05 56.35 -60.72
N ILE T 71 44.87 55.29 -60.72
CA ILE T 71 44.77 54.26 -59.70
C ILE T 71 45.05 54.88 -58.35
N ASP T 72 45.91 55.90 -58.37
CA ASP T 72 46.28 56.56 -57.12
C ASP T 72 45.05 57.13 -56.47
N LYS T 73 44.37 58.07 -57.15
CA LYS T 73 43.16 58.70 -56.62
C LYS T 73 42.06 57.67 -56.36
N ALA T 74 41.96 56.64 -57.20
CA ALA T 74 40.95 55.60 -56.97
C ALA T 74 41.17 54.92 -55.62
N ALA T 75 42.43 54.65 -55.28
CA ALA T 75 42.76 54.03 -54.00
C ALA T 75 42.42 54.95 -52.83
N LYS T 76 42.74 56.26 -52.94
CA LYS T 76 42.32 57.24 -51.92
C LYS T 76 40.84 57.12 -51.61
N ILE T 77 40.03 57.10 -52.66
CA ILE T 77 38.58 57.15 -52.50
C ILE T 77 38.09 55.93 -51.74
N LEU T 78 38.57 54.74 -52.14
CA LEU T 78 38.11 53.53 -51.45
C LEU T 78 38.67 53.44 -50.03
N ALA T 79 39.90 53.88 -49.82
CA ALA T 79 40.47 53.83 -48.49
C ALA T 79 39.71 54.73 -47.52
N GLU T 80 39.36 55.94 -47.98
CA GLU T 80 38.62 56.89 -47.16
C GLU T 80 37.15 56.55 -47.02
N SER T 81 36.62 55.64 -47.84
CA SER T 81 35.20 55.39 -47.86
C SER T 81 34.78 54.54 -46.66
N LYS T 82 33.60 54.84 -46.12
CA LYS T 82 33.05 54.06 -45.01
C LYS T 82 31.96 53.09 -45.45
N ARG T 83 31.53 53.15 -46.70
CA ARG T 83 30.61 52.15 -47.25
C ARG T 83 30.80 52.03 -48.76
N PRO T 84 31.97 51.61 -49.23
CA PRO T 84 32.20 51.52 -50.68
C PRO T 84 31.52 50.30 -51.31
N LEU T 85 31.02 50.51 -52.53
CA LEU T 85 30.38 49.48 -53.33
C LEU T 85 31.29 49.12 -54.51
N MET T 86 31.62 47.85 -54.64
CA MET T 86 32.47 47.36 -55.73
C MET T 86 31.61 46.45 -56.60
N TYR T 87 31.14 46.99 -57.72
CA TYR T 87 30.06 46.38 -58.48
C TYR T 87 30.48 46.08 -59.90
N GLY T 88 29.94 44.98 -60.44
CA GLY T 88 30.14 44.60 -61.83
C GLY T 88 30.62 43.18 -62.04
N TRP T 89 31.88 43.03 -62.48
CA TRP T 89 32.62 41.78 -62.46
C TRP T 89 32.25 40.78 -63.56
N SER T 90 31.01 40.83 -64.04
CA SER T 90 30.49 39.73 -64.85
C SER T 90 31.16 39.63 -66.22
N CYS T 91 31.76 40.69 -66.72
CA CYS T 91 32.40 40.67 -68.04
C CYS T 91 33.93 40.74 -67.96
N THR T 92 34.51 40.30 -66.86
CA THR T 92 35.94 40.06 -66.79
C THR T 92 36.18 38.63 -66.32
N GLU T 93 37.44 38.25 -66.18
CA GLU T 93 37.81 36.86 -65.94
C GLU T 93 38.00 36.59 -64.45
N CYS T 94 38.10 35.29 -64.12
CA CYS T 94 38.01 34.85 -62.73
C CYS T 94 39.19 35.32 -61.89
N GLU T 95 40.38 35.42 -62.47
CA GLU T 95 41.53 35.81 -61.67
C GLU T 95 41.41 37.27 -61.21
N ALA T 96 40.83 38.12 -62.06
CA ALA T 96 40.52 39.49 -61.66
C ALA T 96 39.43 39.52 -60.61
N GLN T 97 38.42 38.66 -60.74
CA GLN T 97 37.36 38.59 -59.73
C GLN T 97 37.92 38.19 -58.37
N ALA T 98 38.91 37.29 -58.37
CA ALA T 98 39.54 36.89 -57.11
C ALA T 98 40.28 38.06 -56.46
N VAL T 99 40.98 38.87 -57.26
CA VAL T 99 41.64 40.05 -56.71
C VAL T 99 40.61 41.01 -56.13
N GLY T 100 39.49 41.19 -56.84
CA GLY T 100 38.44 42.05 -56.34
C GLY T 100 37.90 41.61 -54.99
N VAL T 101 37.80 40.29 -54.78
CA VAL T 101 37.34 39.80 -53.49
C VAL T 101 38.31 40.21 -52.39
N GLU T 102 39.61 40.02 -52.63
CA GLU T 102 40.62 40.42 -51.65
C GLU T 102 40.60 41.93 -51.43
N LEU T 103 40.38 42.71 -52.50
CA LEU T 103 40.36 44.16 -52.36
C LEU T 103 39.14 44.62 -51.57
N ALA T 104 37.98 44.01 -51.83
CA ALA T 104 36.79 44.32 -51.03
C ALA T 104 37.02 43.99 -49.56
N GLU T 105 37.74 42.89 -49.30
CA GLU T 105 38.13 42.55 -47.95
C GLU T 105 38.99 43.66 -47.35
N GLU T 106 39.97 44.14 -48.11
CA GLU T 106 40.91 45.12 -47.59
C GLU T 106 40.24 46.46 -47.32
N ALA T 107 39.29 46.85 -48.16
CA ALA T 107 38.62 48.15 -48.04
C ALA T 107 37.37 48.10 -47.17
N GLY T 108 37.01 46.94 -46.62
CA GLY T 108 35.76 46.83 -45.87
C GLY T 108 34.55 47.13 -46.72
N ALA T 109 34.56 46.70 -47.97
CA ALA T 109 33.56 47.05 -48.96
C ALA T 109 32.47 45.99 -49.06
N VAL T 110 31.40 46.36 -49.75
CA VAL T 110 30.43 45.40 -50.26
C VAL T 110 30.81 45.08 -51.71
N ILE T 111 30.99 43.80 -52.01
CA ILE T 111 31.27 43.38 -53.38
C ILE T 111 30.04 42.65 -53.91
N ASP T 112 29.69 42.96 -55.17
CA ASP T 112 28.43 42.50 -55.76
C ASP T 112 28.59 42.50 -57.27
N ASN T 113 27.98 41.50 -57.92
CA ASN T 113 28.03 41.40 -59.37
C ASN T 113 26.62 41.59 -59.94
N THR T 114 26.53 41.49 -61.27
CA THR T 114 25.26 41.73 -61.96
C THR T 114 24.18 40.71 -61.59
N ALA T 115 24.52 39.63 -60.88
CA ALA T 115 23.49 38.73 -60.37
C ALA T 115 22.41 39.48 -59.62
N SER T 116 22.77 40.55 -58.91
CA SER T 116 21.80 41.30 -58.12
C SER T 116 20.74 41.97 -58.99
N VAL T 117 21.00 42.18 -60.28
CA VAL T 117 19.98 42.67 -61.20
C VAL T 117 19.55 41.59 -62.18
N CYS T 118 19.91 40.32 -61.95
CA CYS T 118 19.74 39.30 -62.98
C CYS T 118 19.18 38.00 -62.42
N HIS T 119 20.03 36.99 -62.29
CA HIS T 119 19.61 35.70 -61.76
C HIS T 119 19.84 35.59 -60.26
N GLY T 120 20.13 36.70 -59.58
CA GLY T 120 20.06 36.77 -58.13
C GLY T 120 18.87 36.08 -57.52
N PRO T 121 17.65 36.41 -57.95
CA PRO T 121 16.48 35.70 -57.42
C PRO T 121 16.59 34.19 -57.60
N SER T 122 17.26 33.70 -58.65
CA SER T 122 17.52 32.28 -58.74
C SER T 122 18.50 31.82 -57.66
N VAL T 123 19.48 32.66 -57.32
CA VAL T 123 20.41 32.33 -56.24
C VAL T 123 19.67 32.20 -54.91
N LEU T 124 18.87 33.22 -54.57
CA LEU T 124 18.05 33.15 -53.37
C LEU T 124 17.17 31.90 -53.38
N ALA T 125 16.55 31.62 -54.52
CA ALA T 125 15.65 30.49 -54.62
C ALA T 125 16.39 29.17 -54.44
N LEU T 126 17.55 29.02 -55.10
CA LEU T 126 18.27 27.76 -55.00
C LEU T 126 18.84 27.57 -53.59
N GLN T 127 19.14 28.66 -52.89
CA GLN T 127 19.56 28.55 -51.50
C GLN T 127 18.44 28.00 -50.61
N ASP T 128 17.18 28.23 -50.98
CA ASP T 128 16.07 27.78 -50.15
C ASP T 128 15.57 26.38 -50.50
N VAL T 129 15.49 26.01 -51.78
CA VAL T 129 14.85 24.76 -52.15
C VAL T 129 15.75 23.82 -52.94
N GLY T 130 16.80 24.29 -53.59
CA GLY T 130 17.71 23.39 -54.26
C GLY T 130 17.99 23.82 -55.68
N TYR T 131 18.73 22.97 -56.41
CA TYR T 131 19.36 23.35 -57.66
C TYR T 131 19.63 22.13 -58.53
N PRO T 132 18.61 21.52 -59.13
CA PRO T 132 18.83 20.31 -59.94
C PRO T 132 19.19 20.61 -61.39
N ILE T 133 20.48 20.57 -61.74
CA ILE T 133 20.91 20.99 -63.07
C ILE T 133 21.64 19.85 -63.79
N CYS T 134 22.06 20.14 -65.03
CA CYS T 134 22.93 19.28 -65.81
C CYS T 134 23.74 20.17 -66.74
N THR T 135 24.66 19.57 -67.49
CA THR T 135 25.45 20.31 -68.45
C THR T 135 24.83 20.23 -69.85
N PHE T 136 25.26 21.15 -70.72
CA PHE T 136 24.70 21.24 -72.07
C PHE T 136 24.70 19.91 -72.80
N GLY T 137 25.75 19.11 -72.61
CA GLY T 137 25.87 17.87 -73.36
C GLY T 137 24.82 16.83 -73.01
N GLU T 138 24.36 16.80 -71.75
CA GLU T 138 23.27 15.90 -71.41
C GLU T 138 21.97 16.34 -72.07
N VAL T 139 21.76 17.64 -72.22
CA VAL T 139 20.61 18.13 -72.97
C VAL T 139 20.70 17.70 -74.43
N LYS T 140 21.84 18.01 -75.07
CA LYS T 140 21.99 17.67 -76.48
C LYS T 140 21.83 16.17 -76.73
N ASN T 141 22.38 15.33 -75.87
CA ASN T 141 22.37 13.90 -76.14
C ASN T 141 21.17 13.16 -75.56
N ARG T 142 20.45 13.75 -74.61
CA ARG T 142 19.34 13.05 -73.97
C ARG T 142 18.00 13.76 -74.05
N ALA T 143 17.97 15.08 -74.19
CA ALA T 143 16.75 15.83 -73.90
C ALA T 143 15.62 15.47 -74.86
N ASP T 144 14.50 15.09 -74.26
CA ASP T 144 13.25 14.70 -74.91
C ASP T 144 12.28 15.87 -74.98
N VAL T 145 12.30 16.72 -73.96
CA VAL T 145 11.44 17.88 -73.83
C VAL T 145 12.30 19.06 -73.42
N VAL T 146 12.19 20.16 -74.15
CA VAL T 146 13.00 21.36 -73.91
C VAL T 146 12.05 22.52 -73.71
N VAL T 147 12.12 23.16 -72.54
CA VAL T 147 11.26 24.28 -72.20
C VAL T 147 12.12 25.53 -72.07
N TYR T 148 11.70 26.61 -72.71
CA TYR T 148 12.27 27.93 -72.49
C TYR T 148 11.22 28.76 -71.78
N TRP T 149 11.43 29.00 -70.49
CA TRP T 149 10.45 29.66 -69.63
C TRP T 149 10.93 31.07 -69.35
N GLY T 150 10.20 32.05 -69.88
CA GLY T 150 10.54 33.45 -69.66
C GLY T 150 11.93 33.83 -70.14
N CYS T 151 12.38 33.24 -71.24
CA CYS T 151 13.62 33.63 -71.88
C CYS T 151 13.44 33.58 -73.39
N ASN T 152 14.22 34.41 -74.09
CA ASN T 152 14.08 34.61 -75.53
C ASN T 152 15.43 34.38 -76.19
N PRO T 153 15.88 33.11 -76.28
CA PRO T 153 17.25 32.86 -76.74
C PRO T 153 17.53 33.35 -78.16
N MET T 154 16.52 33.42 -79.03
CA MET T 154 16.77 33.91 -80.38
C MET T 154 17.37 35.31 -80.38
N HIS T 155 17.04 36.12 -79.38
CA HIS T 155 17.58 37.46 -79.26
C HIS T 155 18.67 37.59 -78.19
N ALA T 156 18.71 36.69 -77.20
CA ALA T 156 19.60 36.86 -76.07
C ALA T 156 20.66 35.76 -75.91
N HIS T 157 20.44 34.59 -76.48
CA HIS T 157 21.45 33.53 -76.54
C HIS T 157 21.35 32.90 -77.92
N PRO T 158 21.72 33.65 -78.96
CA PRO T 158 21.27 33.30 -80.32
C PRO T 158 21.63 31.89 -80.76
N ARG T 159 22.79 31.37 -80.34
CA ARG T 159 23.16 30.03 -80.77
C ARG T 159 22.72 28.96 -79.78
N HIS T 160 21.99 29.34 -78.74
CA HIS T 160 21.61 28.38 -77.70
C HIS T 160 20.74 27.26 -78.25
N MET T 161 19.75 27.60 -79.08
CA MET T 161 18.87 26.56 -79.60
C MET T 161 19.59 25.67 -80.61
N SER T 162 20.38 26.26 -81.51
CA SER T 162 21.06 25.46 -82.51
C SER T 162 22.02 24.47 -81.87
N ARG T 163 22.62 24.83 -80.73
CA ARG T 163 23.57 23.92 -80.11
C ARG T 163 22.90 22.87 -79.22
N ASN T 164 21.73 23.18 -78.64
CA ASN T 164 21.11 22.27 -77.68
C ASN T 164 19.84 21.59 -78.16
N VAL T 165 19.16 22.15 -79.16
CA VAL T 165 17.88 21.59 -79.64
C VAL T 165 18.01 21.02 -81.05
N PHE T 166 18.45 21.83 -82.01
CA PHE T 166 18.62 21.35 -83.38
C PHE T 166 19.79 20.38 -83.51
N ALA T 167 20.66 20.34 -82.51
CA ALA T 167 21.80 19.43 -82.57
C ALA T 167 21.35 17.98 -82.53
N ARG T 168 22.03 17.13 -83.27
CA ARG T 168 21.75 15.70 -83.25
C ARG T 168 22.64 15.07 -82.19
N GLY T 169 22.02 14.52 -81.14
CA GLY T 169 22.74 13.98 -80.02
C GLY T 169 22.76 12.46 -80.03
N PHE T 170 23.48 11.91 -79.05
CA PHE T 170 23.70 10.47 -78.97
C PHE T 170 22.38 9.70 -78.96
N PHE T 171 21.49 10.05 -78.04
CA PHE T 171 20.18 9.41 -77.95
C PHE T 171 19.09 10.19 -78.68
N ARG T 172 19.44 11.33 -79.28
CA ARG T 172 18.48 12.15 -80.02
C ARG T 172 19.07 12.45 -81.41
N GLU T 173 19.37 11.39 -82.16
CA GLU T 173 20.07 11.54 -83.41
C GLU T 173 19.27 12.30 -84.47
N ARG T 174 17.97 12.54 -84.25
CA ARG T 174 17.18 13.32 -85.19
C ARG T 174 17.06 14.78 -84.79
N GLY T 175 17.80 15.21 -83.77
CA GLY T 175 17.80 16.61 -83.37
C GLY T 175 16.41 17.16 -83.09
N ARG T 176 16.09 18.25 -83.78
CA ARG T 176 14.85 18.99 -83.53
C ARG T 176 13.62 18.08 -83.61
N SER T 177 13.63 17.11 -84.51
CA SER T 177 12.48 16.21 -84.63
C SER T 177 12.33 15.28 -83.42
N ASP T 178 13.38 15.08 -82.63
CA ASP T 178 13.32 14.18 -81.48
C ASP T 178 12.91 14.88 -80.19
N ARG T 179 12.56 16.17 -80.26
CA ARG T 179 12.30 16.95 -79.05
C ARG T 179 10.99 17.71 -79.15
N THR T 180 10.25 17.74 -78.05
CA THR T 180 9.10 18.61 -77.91
C THR T 180 9.58 19.93 -77.30
N LEU T 181 9.41 21.01 -78.05
CA LEU T 181 9.91 22.33 -77.65
C LEU T 181 8.76 23.15 -77.07
N ILE T 182 8.95 23.65 -75.85
CA ILE T 182 7.93 24.42 -75.17
C ILE T 182 8.51 25.79 -74.83
N VAL T 183 7.73 26.84 -75.05
CA VAL T 183 8.11 28.20 -74.71
C VAL T 183 6.98 28.84 -73.94
N VAL T 184 7.32 29.50 -72.83
CA VAL T 184 6.35 30.13 -71.94
C VAL T 184 6.71 31.61 -71.86
N ASP T 185 5.85 32.46 -72.43
CA ASP T 185 6.16 33.88 -72.55
C ASP T 185 4.89 34.63 -72.92
N PRO T 186 4.62 35.78 -72.28
CA PRO T 186 3.41 36.54 -72.66
C PRO T 186 3.48 37.13 -74.06
N ARG T 187 4.64 37.18 -74.69
CA ARG T 187 4.78 37.65 -76.06
C ARG T 187 4.94 36.47 -77.01
N LYS T 188 4.61 36.71 -78.28
CA LYS T 188 4.97 35.79 -79.35
C LYS T 188 6.37 36.16 -79.83
N THR T 189 7.37 35.69 -79.07
CA THR T 189 8.75 35.97 -79.43
C THR T 189 9.20 35.08 -80.58
N ASP T 190 10.32 35.45 -81.19
CA ASP T 190 10.87 34.61 -82.26
C ASP T 190 11.27 33.23 -81.73
N SER T 191 11.58 33.14 -80.44
CA SER T 191 11.77 31.83 -79.83
C SER T 191 10.45 31.08 -79.75
N ALA T 192 9.39 31.78 -79.36
CA ALA T 192 8.07 31.16 -79.29
C ALA T 192 7.59 30.69 -80.66
N LYS T 193 7.98 31.40 -81.73
CA LYS T 193 7.54 31.03 -83.08
C LYS T 193 8.06 29.66 -83.50
N LEU T 194 9.19 29.22 -82.92
CA LEU T 194 9.75 27.91 -83.24
C LEU T 194 9.18 26.78 -82.37
N ALA T 195 8.31 27.11 -81.41
CA ALA T 195 7.87 26.14 -80.42
C ALA T 195 6.76 25.23 -80.95
N ASP T 196 6.74 24.00 -80.42
CA ASP T 196 5.60 23.11 -80.61
C ASP T 196 4.42 23.51 -79.73
N ILE T 197 4.72 23.99 -78.52
CA ILE T 197 3.71 24.50 -77.58
C ILE T 197 4.16 25.88 -77.12
N HIS T 198 3.28 26.86 -77.21
CA HIS T 198 3.56 28.20 -76.69
C HIS T 198 2.53 28.53 -75.62
N LEU T 199 2.92 28.52 -74.34
CA LEU T 199 1.99 29.05 -73.35
C LEU T 199 2.13 30.56 -73.34
N GLN T 200 1.18 31.25 -73.97
CA GLN T 200 1.16 32.70 -73.95
C GLN T 200 0.35 33.17 -72.75
N LEU T 201 0.94 33.02 -71.57
CA LEU T 201 0.28 33.26 -70.30
C LEU T 201 0.20 34.75 -70.00
N ASP T 202 -0.66 35.09 -69.04
CA ASP T 202 -0.74 36.45 -68.53
C ASP T 202 0.54 36.82 -67.80
N PHE T 203 1.04 38.04 -68.05
CA PHE T 203 2.23 38.51 -67.35
C PHE T 203 1.99 38.56 -65.85
N ASP T 204 3.07 38.43 -65.09
CA ASP T 204 3.08 38.45 -63.62
C ASP T 204 2.26 37.32 -62.98
N ARG T 205 1.95 36.23 -63.69
CA ARG T 205 1.14 35.19 -63.08
C ARG T 205 1.77 33.80 -63.20
N ASP T 206 3.07 33.72 -63.49
CA ASP T 206 3.75 32.43 -63.54
C ASP T 206 3.63 31.68 -62.22
N TYR T 207 3.80 32.39 -61.09
CA TYR T 207 3.72 31.72 -59.80
C TYR T 207 2.36 31.03 -59.63
N GLU T 208 1.30 31.69 -60.09
CA GLU T 208 -0.02 31.07 -60.02
C GLU T 208 -0.12 29.87 -60.95
N LEU T 209 0.40 29.99 -62.18
CA LEU T 209 0.34 28.88 -63.11
C LEU T 209 1.16 27.71 -62.59
N LEU T 210 2.35 27.99 -62.06
CA LEU T 210 3.17 26.91 -61.53
C LEU T 210 2.52 26.29 -60.29
N ASP T 211 1.76 27.05 -59.51
CA ASP T 211 1.08 26.45 -58.37
C ASP T 211 0.04 25.44 -58.84
N ALA T 212 -0.72 25.79 -59.88
CA ALA T 212 -1.70 24.85 -60.44
C ALA T 212 -1.01 23.62 -61.01
N MET T 213 0.07 23.80 -61.77
CA MET T 213 0.76 22.68 -62.40
C MET T 213 1.24 21.66 -61.37
N ARG T 214 1.78 22.13 -60.25
CA ARG T 214 2.34 21.20 -59.27
C ARG T 214 1.24 20.50 -58.47
N ALA T 215 0.19 21.23 -58.13
CA ALA T 215 -0.94 20.60 -57.47
C ALA T 215 -1.51 19.49 -58.35
N CYS T 216 -1.70 19.80 -59.64
CA CYS T 216 -2.08 18.77 -60.62
C CYS T 216 -1.08 17.62 -60.60
N LEU T 217 0.21 17.94 -60.69
CA LEU T 217 1.26 16.92 -60.73
C LEU T 217 1.15 15.94 -59.58
N LEU T 218 0.86 16.45 -58.39
CA LEU T 218 0.74 15.60 -57.21
C LEU T 218 -0.66 15.04 -57.02
N GLY T 219 -1.50 15.10 -58.06
CA GLY T 219 -2.77 14.42 -58.05
C GLY T 219 -3.96 15.23 -57.58
N HIS T 220 -3.78 16.53 -57.33
CA HIS T 220 -4.85 17.34 -56.77
C HIS T 220 -5.63 18.04 -57.86
N GLU T 221 -6.82 18.52 -57.47
CA GLU T 221 -7.71 19.18 -58.41
C GLU T 221 -7.33 20.65 -58.48
N ILE T 222 -7.42 21.21 -59.69
CA ILE T 222 -7.07 22.61 -59.87
C ILE T 222 -8.30 23.45 -59.54
N LEU T 223 -8.17 24.34 -58.55
CA LEU T 223 -9.32 25.04 -58.00
C LEU T 223 -10.11 25.77 -59.08
N TYR T 224 -9.46 26.67 -59.81
CA TYR T 224 -10.16 27.50 -60.78
C TYR T 224 -10.05 26.89 -62.18
N ASP T 225 -11.03 27.20 -63.02
CA ASP T 225 -11.06 26.68 -64.39
C ASP T 225 -10.16 27.45 -65.34
N GLU T 226 -9.49 28.50 -64.88
CA GLU T 226 -8.49 29.18 -65.69
C GLU T 226 -7.46 29.78 -64.75
N VAL T 227 -6.18 29.62 -65.09
CA VAL T 227 -5.08 30.12 -64.27
C VAL T 227 -4.05 30.77 -65.18
N ALA T 228 -3.64 31.98 -64.83
CA ALA T 228 -2.67 32.75 -65.62
C ALA T 228 -3.11 32.86 -67.08
N GLY T 229 -4.42 32.91 -67.30
CA GLY T 229 -4.98 32.97 -68.63
C GLY T 229 -4.97 31.65 -69.39
N VAL T 230 -4.61 30.55 -68.75
CA VAL T 230 -4.48 29.25 -69.39
C VAL T 230 -5.63 28.37 -68.93
N PRO T 231 -6.37 27.73 -69.84
CA PRO T 231 -7.51 26.89 -69.41
C PRO T 231 -7.05 25.69 -68.60
N ARG T 232 -7.83 25.38 -67.55
CA ARG T 232 -7.55 24.23 -66.67
C ARG T 232 -7.09 22.99 -67.43
N GLU T 233 -7.78 22.63 -68.50
CA GLU T 233 -7.53 21.35 -69.16
C GLU T 233 -6.16 21.32 -69.81
N GLN T 234 -5.65 22.47 -70.28
CA GLN T 234 -4.31 22.42 -70.84
C GLN T 234 -3.25 22.35 -69.74
N ILE T 235 -3.43 23.07 -68.62
CA ILE T 235 -2.53 22.83 -67.48
C ILE T 235 -2.30 21.34 -67.31
N GLU T 236 -3.39 20.57 -67.29
CA GLU T 236 -3.26 19.12 -67.14
C GLU T 236 -2.56 18.49 -68.34
N GLU T 237 -2.89 18.94 -69.56
CA GLU T 237 -2.23 18.37 -70.74
C GLU T 237 -0.74 18.72 -70.75
N ALA T 238 -0.39 19.93 -70.30
CA ALA T 238 1.03 20.29 -70.24
C ALA T 238 1.75 19.50 -69.16
N VAL T 239 1.09 19.26 -68.03
CA VAL T 239 1.68 18.44 -66.98
C VAL T 239 1.90 17.03 -67.49
N GLU T 240 1.03 16.55 -68.37
CA GLU T 240 1.21 15.23 -68.96
C GLU T 240 2.41 15.19 -69.92
N VAL T 241 2.63 16.26 -70.68
CA VAL T 241 3.80 16.32 -71.55
C VAL T 241 5.08 16.19 -70.73
N LEU T 242 5.16 16.93 -69.63
CA LEU T 242 6.36 16.88 -68.79
C LEU T 242 6.51 15.52 -68.11
N LYS T 243 5.41 14.95 -67.60
CA LYS T 243 5.50 13.66 -66.94
C LYS T 243 5.95 12.55 -67.88
N ASN T 244 5.60 12.63 -69.17
CA ASN T 244 5.94 11.58 -70.11
C ASN T 244 7.32 11.78 -70.74
N ALA T 245 8.07 12.80 -70.31
CA ALA T 245 9.43 12.97 -70.81
C ALA T 245 10.31 11.80 -70.39
N GLN T 246 11.28 11.48 -71.24
CA GLN T 246 12.40 10.65 -70.84
C GLN T 246 13.50 11.46 -70.21
N PHE T 247 13.65 12.71 -70.66
CA PHE T 247 14.63 13.64 -70.12
C PHE T 247 14.15 15.03 -70.45
N GLY T 248 13.85 15.82 -69.43
CA GLY T 248 13.35 17.17 -69.62
C GLY T 248 14.31 18.20 -69.07
N ILE T 249 14.39 19.34 -69.75
CA ILE T 249 15.25 20.46 -69.34
C ILE T 249 14.41 21.72 -69.33
N LEU T 250 14.46 22.45 -68.22
CA LEU T 250 13.77 23.73 -68.06
C LEU T 250 14.79 24.85 -68.09
N PHE T 251 14.88 25.55 -69.22
CA PHE T 251 15.65 26.77 -69.33
C PHE T 251 14.75 27.96 -68.99
N PHE T 252 15.22 28.82 -68.09
CA PHE T 252 14.41 29.95 -67.67
C PHE T 252 15.29 31.19 -67.60
N GLY T 253 14.65 32.35 -67.69
CA GLY T 253 15.35 33.62 -67.78
C GLY T 253 14.62 34.79 -67.16
N MET T 254 14.90 36.00 -67.67
CA MET T 254 14.56 37.23 -66.98
C MET T 254 13.06 37.46 -66.84
N GLY T 255 12.25 36.89 -67.74
CA GLY T 255 10.82 36.99 -67.60
C GLY T 255 10.29 36.45 -66.31
N ILE T 256 11.11 35.68 -65.59
CA ILE T 256 10.68 35.06 -64.35
C ILE T 256 11.46 35.53 -63.13
N THR T 257 12.65 36.13 -63.29
CA THR T 257 13.36 36.74 -62.18
C THR T 257 12.95 38.19 -61.94
N HIS T 258 12.62 38.91 -63.01
CA HIS T 258 12.23 40.31 -62.94
C HIS T 258 10.73 40.49 -62.67
N SER T 259 9.94 39.42 -62.82
CA SER T 259 8.49 39.51 -62.71
C SER T 259 8.07 39.53 -61.24
N ARG T 260 6.78 39.76 -61.04
CA ARG T 260 6.21 39.76 -59.69
C ARG T 260 6.49 38.43 -58.99
N GLY T 261 7.04 38.52 -57.78
CA GLY T 261 7.46 37.39 -57.01
C GLY T 261 8.96 37.15 -57.05
N LYS T 262 9.59 37.50 -58.17
CA LYS T 262 11.05 37.42 -58.34
C LYS T 262 11.60 36.08 -57.87
N HIS T 263 12.29 36.03 -56.74
CA HIS T 263 12.94 34.78 -56.35
C HIS T 263 11.94 33.66 -56.09
N ARG T 264 10.71 34.00 -55.72
CA ARG T 264 9.72 32.95 -55.47
C ARG T 264 9.16 32.37 -56.76
N ASN T 265 9.26 33.08 -57.89
CA ASN T 265 8.95 32.44 -59.16
C ASN T 265 9.95 31.31 -59.46
N ILE T 266 11.23 31.54 -59.19
CA ILE T 266 12.24 30.50 -59.39
C ILE T 266 12.01 29.37 -58.41
N ASP T 267 11.66 29.73 -57.17
CA ASP T 267 11.44 28.77 -56.10
C ASP T 267 10.45 27.70 -56.53
N THR T 268 9.24 28.12 -56.93
CA THR T 268 8.22 27.17 -57.32
C THR T 268 8.61 26.40 -58.58
N ALA T 269 9.31 27.06 -59.50
CA ALA T 269 9.80 26.37 -60.69
C ALA T 269 10.77 25.24 -60.32
N ILE T 270 11.69 25.52 -59.41
CA ILE T 270 12.66 24.52 -58.98
C ILE T 270 11.95 23.32 -58.35
N MET T 271 11.01 23.58 -57.44
CA MET T 271 10.36 22.49 -56.72
C MET T 271 9.48 21.64 -57.63
N MET T 272 8.91 22.22 -58.69
CA MET T 272 8.18 21.41 -59.65
C MET T 272 9.12 20.47 -60.40
N VAL T 273 10.24 21.00 -60.89
CA VAL T 273 11.23 20.17 -61.56
C VAL T 273 11.70 19.04 -60.65
N GLN T 274 11.92 19.34 -59.38
CA GLN T 274 12.31 18.31 -58.42
C GLN T 274 11.26 17.20 -58.34
N ASP T 275 10.00 17.57 -58.09
CA ASP T 275 8.96 16.58 -57.89
C ASP T 275 8.67 15.79 -59.16
N LEU T 276 8.88 16.38 -60.34
CA LEU T 276 8.69 15.65 -61.60
C LEU T 276 9.58 14.43 -61.70
N ASN T 277 10.69 14.39 -60.96
CA ASN T 277 11.62 13.27 -61.05
C ASN T 277 11.06 11.98 -60.48
N ASP T 278 9.91 12.01 -59.83
CA ASP T 278 9.24 10.75 -59.49
C ASP T 278 8.54 10.14 -60.69
N TYR T 279 8.32 10.92 -61.75
CA TYR T 279 7.72 10.43 -62.98
C TYR T 279 8.65 10.46 -64.18
N ALA T 280 9.62 11.37 -64.19
CA ALA T 280 10.47 11.52 -65.35
C ALA T 280 11.72 12.28 -64.95
N LYS T 281 12.82 11.94 -65.58
CA LYS T 281 14.06 12.65 -65.32
C LYS T 281 13.89 14.10 -65.73
N TRP T 282 14.17 15.01 -64.79
CA TRP T 282 13.98 16.43 -65.05
C TRP T 282 15.07 17.23 -64.36
N THR T 283 15.41 18.35 -65.01
CA THR T 283 16.55 19.15 -64.61
C THR T 283 16.29 20.56 -65.11
N LEU T 284 17.05 21.53 -64.60
CA LEU T 284 16.87 22.91 -65.00
C LEU T 284 18.22 23.61 -65.13
N ILE T 285 18.25 24.66 -65.94
CA ILE T 285 19.45 25.46 -66.15
C ILE T 285 19.05 26.93 -66.24
N PRO T 286 19.53 27.79 -65.34
CA PRO T 286 19.27 29.23 -65.50
C PRO T 286 20.05 29.81 -66.68
N MET T 287 19.37 30.60 -67.50
CA MET T 287 20.00 31.20 -68.68
C MET T 287 20.78 32.45 -68.27
N ARG T 288 21.89 32.21 -67.56
CA ARG T 288 22.69 33.30 -67.04
C ARG T 288 23.27 34.15 -68.16
N GLY T 289 23.27 35.46 -67.96
CA GLY T 289 23.46 36.39 -69.04
C GLY T 289 24.87 36.57 -69.58
N HIS T 290 25.73 37.23 -68.82
CA HIS T 290 27.05 37.52 -69.33
C HIS T 290 27.92 36.26 -69.32
N TYR T 291 28.96 36.28 -70.14
CA TYR T 291 29.80 35.10 -70.33
C TYR T 291 30.50 34.67 -69.04
N ASN T 292 30.62 35.56 -68.05
CA ASN T 292 31.28 35.16 -66.80
C ASN T 292 30.58 35.74 -65.57
N VAL T 293 29.28 36.00 -65.65
CA VAL T 293 28.54 36.24 -64.42
C VAL T 293 28.63 35.02 -63.51
N THR T 294 28.49 33.82 -64.09
CA THR T 294 28.58 32.59 -63.31
C THR T 294 29.93 32.46 -62.61
N GLY T 295 30.99 32.89 -63.30
CA GLY T 295 32.32 32.77 -62.73
C GLY T 295 32.50 33.58 -61.45
N PHE T 296 31.96 34.79 -61.42
CA PHE T 296 32.08 35.60 -60.20
C PHE T 296 31.40 34.91 -59.03
N ASN T 297 30.16 34.46 -59.23
CA ASN T 297 29.45 33.80 -58.14
C ASN T 297 30.19 32.56 -57.67
N GLN T 298 30.91 31.90 -58.58
CA GLN T 298 31.77 30.77 -58.20
C GLN T 298 32.95 31.24 -57.35
N VAL T 299 33.72 32.19 -57.87
CA VAL T 299 34.92 32.67 -57.18
C VAL T 299 34.56 33.25 -55.82
N CYS T 300 33.57 34.14 -55.79
CA CYS T 300 33.19 34.79 -54.54
C CYS T 300 32.67 33.77 -53.53
N THR T 301 31.96 32.74 -54.00
CA THR T 301 31.46 31.71 -53.09
C THR T 301 32.60 30.94 -52.45
N TRP T 302 33.57 30.48 -53.26
CA TRP T 302 34.56 29.57 -52.71
C TRP T 302 35.57 30.32 -51.84
N GLU T 303 35.80 31.60 -52.11
CA GLU T 303 36.72 32.38 -51.27
C GLU T 303 36.06 32.85 -49.98
N SER T 304 34.78 33.20 -50.01
CA SER T 304 34.11 33.80 -48.88
C SER T 304 32.98 32.97 -48.27
N GLY T 305 32.36 32.07 -49.03
CA GLY T 305 31.23 31.30 -48.55
C GLY T 305 29.90 31.77 -49.09
N TYR T 306 29.84 32.97 -49.66
CA TYR T 306 28.62 33.59 -50.16
C TYR T 306 28.82 34.00 -51.60
N PRO T 307 27.75 34.01 -52.43
CA PRO T 307 27.92 34.18 -53.89
C PRO T 307 27.92 35.62 -54.39
N TYR T 308 27.14 36.48 -53.77
CA TYR T 308 27.06 37.89 -54.16
C TYR T 308 26.50 38.65 -52.97
N CYS T 309 26.39 39.97 -53.12
CA CYS T 309 25.92 40.81 -52.03
C CYS T 309 26.74 40.55 -50.77
N VAL T 310 28.05 40.45 -50.93
CA VAL T 310 28.93 40.08 -49.81
C VAL T 310 29.52 41.36 -49.25
N ASP T 311 29.31 41.60 -47.95
CA ASP T 311 29.75 42.80 -47.25
C ASP T 311 30.82 42.44 -46.24
N PHE T 312 32.01 43.00 -46.42
CA PHE T 312 33.15 42.79 -45.54
C PHE T 312 33.30 43.88 -44.48
N SER T 313 32.31 44.79 -44.34
CA SER T 313 32.44 45.92 -43.42
C SER T 313 32.94 45.49 -42.04
N GLY T 314 32.42 44.39 -41.53
CA GLY T 314 32.77 43.89 -40.22
C GLY T 314 33.97 42.98 -40.18
N GLY T 315 34.69 42.82 -41.29
CA GLY T 315 35.80 41.90 -41.35
C GLY T 315 35.39 40.53 -41.85
N GLU T 316 34.60 39.82 -41.06
CA GLU T 316 34.02 38.58 -41.55
C GLU T 316 33.01 38.87 -42.65
N PRO T 317 32.76 37.91 -43.55
CA PRO T 317 31.75 38.11 -44.59
C PRO T 317 30.34 37.94 -44.05
N ARG T 318 29.45 38.83 -44.48
CA ARG T 318 28.03 38.76 -44.18
C ARG T 318 27.24 38.93 -45.47
N TYR T 319 26.00 38.45 -45.46
CA TYR T 319 25.27 38.22 -46.71
C TYR T 319 23.78 38.45 -46.48
N ASN T 320 23.26 39.56 -47.00
CA ASN T 320 21.83 39.85 -46.96
C ASN T 320 21.41 40.58 -48.23
N PRO T 321 21.06 39.84 -49.29
CA PRO T 321 20.46 40.52 -50.46
C PRO T 321 19.13 41.15 -50.07
N GLY T 322 18.93 42.40 -50.50
CA GLY T 322 17.88 43.26 -50.01
C GLY T 322 18.39 44.34 -49.06
N GLU T 323 19.51 44.08 -48.40
CA GLU T 323 20.28 45.05 -47.64
C GLU T 323 21.61 45.35 -48.31
N THR T 324 22.34 44.30 -48.71
CA THR T 324 23.73 44.36 -49.16
C THR T 324 23.84 44.29 -50.69
N GLY T 325 22.75 44.55 -51.41
CA GLY T 325 22.78 44.53 -52.85
C GLY T 325 23.05 45.91 -53.43
N ALA T 326 23.71 45.93 -54.59
CA ALA T 326 24.11 47.18 -55.24
C ALA T 326 22.96 48.18 -55.24
N ASN T 327 21.78 47.75 -55.71
CA ASN T 327 20.65 48.66 -55.78
C ASN T 327 20.13 49.03 -54.39
N ASP T 328 20.28 48.15 -53.40
CA ASP T 328 19.89 48.49 -52.03
C ASP T 328 20.77 49.62 -51.49
N LEU T 329 22.08 49.48 -51.64
CA LEU T 329 22.99 50.49 -51.12
C LEU T 329 22.79 51.83 -51.81
N LEU T 330 22.56 51.81 -53.12
CA LEU T 330 22.37 53.06 -53.86
C LEU T 330 21.02 53.69 -53.55
N GLN T 331 19.93 52.93 -53.66
CA GLN T 331 18.61 53.52 -53.47
C GLN T 331 18.36 53.94 -52.03
N ASN T 332 18.95 53.24 -51.06
CA ASN T 332 18.84 53.65 -49.67
C ASN T 332 19.91 54.66 -49.29
N ARG T 333 20.76 55.07 -50.24
CA ARG T 333 21.74 56.11 -50.01
C ARG T 333 22.79 55.71 -48.99
N GLU T 334 23.02 54.40 -48.85
CA GLU T 334 24.02 53.89 -47.92
C GLU T 334 25.42 54.01 -48.50
N ALA T 335 25.58 53.71 -49.79
CA ALA T 335 26.90 53.74 -50.40
C ALA T 335 27.41 55.17 -50.48
N ASP T 336 28.64 55.38 -50.04
CA ASP T 336 29.29 56.69 -50.13
C ASP T 336 30.38 56.70 -51.19
N ALA T 337 30.57 55.60 -51.91
CA ALA T 337 31.47 55.51 -53.04
C ALA T 337 31.15 54.23 -53.78
N MET T 338 31.46 54.21 -55.08
CA MET T 338 31.16 53.04 -55.88
C MET T 338 32.23 52.86 -56.94
N MET T 339 32.75 51.63 -57.07
CA MET T 339 33.70 51.29 -58.11
C MET T 339 33.01 50.32 -59.07
N VAL T 340 32.96 50.69 -60.34
CA VAL T 340 32.37 49.87 -61.39
C VAL T 340 33.48 49.19 -62.18
N ILE T 341 33.32 47.90 -62.46
CA ILE T 341 34.24 47.19 -63.33
C ILE T 341 33.45 46.23 -64.21
N ALA T 342 33.69 46.30 -65.52
CA ALA T 342 33.12 45.37 -66.50
C ALA T 342 31.60 45.29 -66.38
N SER T 343 30.95 46.44 -66.27
CA SER T 343 29.50 46.51 -66.15
C SER T 343 29.08 47.95 -66.40
N ASP T 344 27.80 48.13 -66.68
CA ASP T 344 27.27 49.44 -67.07
C ASP T 344 25.97 49.72 -66.32
N PRO T 345 26.06 49.97 -65.00
CA PRO T 345 24.85 50.29 -64.24
C PRO T 345 24.24 51.63 -64.60
N GLY T 346 25.03 52.56 -65.17
CA GLY T 346 24.44 53.79 -65.68
C GLY T 346 23.39 53.52 -66.74
N ALA T 347 23.67 52.56 -67.63
CA ALA T 347 22.69 52.18 -68.64
C ALA T 347 21.60 51.29 -68.07
N HIS T 348 21.90 50.50 -67.05
CA HIS T 348 21.08 49.34 -66.72
C HIS T 348 20.64 49.27 -65.27
N PHE T 349 20.84 50.32 -64.48
CA PHE T 349 20.17 50.46 -63.20
C PHE T 349 18.95 51.37 -63.35
N PRO T 350 17.96 51.26 -62.48
CA PRO T 350 16.80 52.15 -62.56
C PRO T 350 17.16 53.56 -62.11
N GLN T 351 16.28 54.50 -62.49
CA GLN T 351 16.44 55.92 -62.19
C GLN T 351 16.86 56.16 -60.74
N ARG T 352 16.22 55.47 -59.80
CA ARG T 352 16.42 55.77 -58.38
C ARG T 352 17.86 55.51 -57.94
N ALA T 353 18.50 54.49 -58.54
CA ALA T 353 19.90 54.21 -58.24
C ALA T 353 20.82 55.23 -58.90
N LEU T 354 20.49 55.65 -60.13
CA LEU T 354 21.32 56.64 -60.83
C LEU T 354 21.40 57.96 -60.07
N GLU T 355 20.29 58.40 -59.47
CA GLU T 355 20.31 59.65 -58.71
C GLU T 355 21.35 59.61 -57.60
N ARG T 356 21.58 58.42 -57.02
CA ARG T 356 22.61 58.31 -55.98
C ARG T 356 24.01 58.28 -56.60
N MET T 357 24.14 57.68 -57.79
CA MET T 357 25.42 57.70 -58.50
C MET T 357 25.84 59.12 -58.82
N ALA T 358 24.88 60.03 -58.98
CA ALA T 358 25.19 61.43 -59.25
C ALA T 358 25.84 62.13 -58.06
N GLU T 359 25.67 61.59 -56.85
CA GLU T 359 26.10 62.26 -55.63
C GLU T 359 27.41 61.73 -55.05
N ILE T 360 27.99 60.69 -55.64
CA ILE T 360 29.09 59.99 -54.97
C ILE T 360 30.23 59.79 -55.95
N PRO T 361 31.45 59.58 -55.45
CA PRO T 361 32.57 59.27 -56.36
C PRO T 361 32.37 57.92 -57.03
N VAL T 362 32.44 57.90 -58.35
CA VAL T 362 32.27 56.67 -59.13
C VAL T 362 33.55 56.43 -59.92
N ILE T 363 34.16 55.27 -59.71
CA ILE T 363 35.31 54.82 -60.50
C ILE T 363 34.82 53.78 -61.49
N ALA T 364 35.37 53.82 -62.70
CA ALA T 364 34.93 52.98 -63.80
C ALA T 364 36.13 52.37 -64.48
N ILE T 365 36.31 51.06 -64.28
CA ILE T 365 37.30 50.29 -65.04
C ILE T 365 36.58 49.80 -66.29
N GLU T 366 36.75 50.55 -67.38
CA GLU T 366 35.91 50.39 -68.54
C GLU T 366 36.63 50.76 -69.84
N PRO T 367 36.54 49.90 -70.87
CA PRO T 367 37.23 50.23 -72.14
C PRO T 367 36.48 51.16 -73.07
N HIS T 368 35.15 51.24 -72.98
CA HIS T 368 34.35 51.93 -73.99
C HIS T 368 33.55 53.05 -73.35
N ARG T 369 32.98 53.90 -74.20
CA ARG T 369 32.21 55.03 -73.73
C ARG T 369 30.78 54.56 -73.46
N THR T 370 30.31 54.80 -72.23
CA THR T 370 29.05 54.25 -71.76
C THR T 370 28.30 55.27 -70.92
N PRO T 371 27.02 55.02 -70.62
CA PRO T 371 26.32 55.85 -69.61
C PRO T 371 27.02 55.84 -68.25
N THR T 372 27.78 54.80 -67.92
CA THR T 372 28.50 54.79 -66.65
C THR T 372 29.68 55.75 -66.67
N THR T 373 30.45 55.74 -67.76
CA THR T 373 31.54 56.70 -67.89
C THR T 373 31.02 58.14 -67.90
N GLU T 374 29.82 58.35 -68.41
CA GLU T 374 29.20 59.68 -68.34
C GLU T 374 28.84 60.06 -66.91
N MET T 375 28.74 59.08 -66.01
CA MET T 375 28.51 59.32 -64.59
C MET T 375 29.76 59.07 -63.77
N ALA T 376 30.92 58.93 -64.40
CA ALA T 376 32.14 58.52 -63.72
C ALA T 376 33.01 59.72 -63.37
N ASP T 377 33.79 59.56 -62.29
CA ASP T 377 34.83 60.50 -61.90
C ASP T 377 36.21 60.08 -62.36
N ILE T 378 36.49 58.77 -62.35
CA ILE T 378 37.75 58.22 -62.81
C ILE T 378 37.46 57.11 -63.80
N ILE T 379 38.15 57.12 -64.94
CA ILE T 379 38.01 56.10 -65.98
C ILE T 379 39.36 55.44 -66.18
N ILE T 380 39.39 54.12 -66.07
CA ILE T 380 40.61 53.34 -66.22
C ILE T 380 40.40 52.26 -67.28
N PRO T 381 41.01 52.39 -68.46
CA PRO T 381 40.72 51.46 -69.57
C PRO T 381 41.56 50.20 -69.47
N PRO T 382 40.95 49.03 -69.71
CA PRO T 382 41.72 47.79 -69.64
C PRO T 382 41.79 47.02 -70.96
N ALA T 383 42.66 46.01 -71.01
CA ALA T 383 42.61 45.03 -72.07
C ALA T 383 41.37 44.15 -71.90
N ILE T 384 40.74 43.82 -73.02
CA ILE T 384 39.42 43.20 -73.00
C ILE T 384 39.57 41.67 -72.95
N VAL T 385 38.96 41.06 -71.94
CA VAL T 385 39.04 39.60 -71.76
C VAL T 385 38.38 38.90 -72.93
N GLY T 386 39.05 37.87 -73.44
CA GLY T 386 38.57 37.08 -74.55
C GLY T 386 39.11 37.50 -75.90
N MET T 387 39.63 38.73 -76.00
CA MET T 387 40.25 39.25 -77.20
C MET T 387 41.71 39.62 -76.98
N GLU T 388 41.99 40.39 -75.93
CA GLU T 388 43.33 40.87 -75.64
C GLU T 388 43.90 40.31 -74.33
N ALA T 389 43.11 39.53 -73.59
CA ALA T 389 43.53 39.02 -72.29
C ALA T 389 42.85 37.68 -72.04
N GLU T 390 43.56 36.79 -71.35
CA GLU T 390 43.07 35.44 -71.13
C GLU T 390 42.71 35.23 -69.66
N GLY T 391 42.00 34.14 -69.39
CA GLY T 391 41.53 33.82 -68.06
C GLY T 391 40.33 32.91 -68.11
N THR T 392 39.97 32.39 -66.93
CA THR T 392 38.87 31.45 -66.82
C THR T 392 37.52 32.18 -66.84
N ALA T 393 36.57 31.59 -67.56
CA ALA T 393 35.17 31.99 -67.47
C ALA T 393 34.33 30.73 -67.24
N TYR T 394 33.10 30.94 -66.74
CA TYR T 394 32.21 29.84 -66.38
C TYR T 394 30.92 29.96 -67.18
N ARG T 395 30.59 28.92 -67.95
CA ARG T 395 29.38 28.86 -68.73
C ARG T 395 28.16 28.78 -67.80
N MET T 396 26.97 28.97 -68.38
CA MET T 396 25.76 29.14 -67.57
C MET T 396 25.49 27.96 -66.65
N GLU T 397 25.95 26.75 -67.00
CA GLU T 397 25.74 25.60 -66.13
C GLU T 397 27.01 25.14 -65.42
N GLY T 398 27.96 26.05 -65.22
CA GLY T 398 29.11 25.81 -64.37
C GLY T 398 30.35 25.29 -65.06
N VAL T 399 30.33 25.05 -66.37
CA VAL T 399 31.46 24.47 -67.07
C VAL T 399 32.55 25.52 -67.26
N PRO T 400 33.77 25.29 -66.73
CA PRO T 400 34.84 26.28 -66.86
C PRO T 400 35.58 26.12 -68.18
N ILE T 401 35.76 27.23 -68.89
CA ILE T 401 36.53 27.28 -70.13
C ILE T 401 37.42 28.51 -70.11
N ARG T 402 38.67 28.35 -70.53
CA ARG T 402 39.64 29.44 -70.45
C ARG T 402 39.53 30.36 -71.65
N MET T 403 39.33 31.65 -71.36
CA MET T 403 39.27 32.67 -72.40
C MET T 403 40.65 32.85 -73.04
N LYS T 404 40.66 33.09 -74.35
CA LYS T 404 41.92 33.16 -75.08
C LYS T 404 42.32 34.60 -75.39
N LYS T 405 43.63 34.82 -75.48
CA LYS T 405 44.20 36.08 -75.93
C LYS T 405 44.50 35.96 -77.42
N VAL T 406 43.81 36.76 -78.22
CA VAL T 406 43.90 36.67 -79.68
C VAL T 406 44.84 37.72 -80.26
N VAL T 407 44.77 38.95 -79.77
CA VAL T 407 45.63 40.03 -80.21
C VAL T 407 46.19 40.76 -78.99
N ASP T 408 47.28 41.49 -79.21
CA ASP T 408 47.98 42.24 -78.17
C ASP T 408 47.39 43.62 -77.96
N SER T 409 47.56 44.13 -76.74
CA SER T 409 47.11 45.46 -76.36
C SER T 409 48.15 46.09 -75.46
N ASP T 410 48.35 47.40 -75.62
CA ASP T 410 49.25 48.15 -74.75
C ASP T 410 48.61 48.44 -73.40
N LEU T 411 47.28 48.34 -73.30
CA LEU T 411 46.60 48.64 -72.04
C LEU T 411 46.80 47.51 -71.04
N LEU T 412 46.62 47.85 -69.77
CA LEU T 412 46.74 46.87 -68.70
C LEU T 412 45.48 46.01 -68.62
N SER T 413 45.65 44.79 -68.14
CA SER T 413 44.50 43.93 -67.90
C SER T 413 43.83 44.35 -66.58
N ASP T 414 42.57 43.95 -66.46
CA ASP T 414 41.81 44.18 -65.24
C ASP T 414 42.56 43.67 -64.03
N ARG T 415 43.10 42.46 -64.14
CA ARG T 415 43.81 41.84 -63.03
C ARG T 415 44.95 42.72 -62.54
N GLU T 416 45.78 43.22 -63.48
CA GLU T 416 46.88 44.10 -63.12
C GLU T 416 46.38 45.42 -62.54
N ILE T 417 45.33 45.98 -63.14
CA ILE T 417 44.78 47.21 -62.57
C ILE T 417 44.34 46.98 -61.13
N LEU T 418 43.70 45.84 -60.88
CA LEU T 418 43.19 45.56 -59.53
C LEU T 418 44.32 45.24 -58.56
N GLU T 419 45.38 44.56 -59.02
CA GLU T 419 46.51 44.30 -58.15
C GLU T 419 47.23 45.58 -57.74
N ARG T 420 47.31 46.56 -58.64
CA ARG T 420 47.89 47.85 -58.27
C ARG T 420 46.94 48.63 -57.38
N LEU T 421 45.65 48.53 -57.64
CA LEU T 421 44.67 49.21 -56.80
C LEU T 421 44.71 48.68 -55.38
N LEU T 422 44.95 47.36 -55.24
CA LEU T 422 45.02 46.75 -53.92
C LEU T 422 46.31 47.13 -53.20
N GLU T 423 47.43 47.15 -53.91
CA GLU T 423 48.70 47.55 -53.29
C GLU T 423 48.61 48.95 -52.71
N LYS T 424 48.06 49.90 -53.47
CA LYS T 424 47.98 51.25 -52.96
C LYS T 424 46.96 51.36 -51.83
N VAL T 425 45.81 50.71 -51.95
CA VAL T 425 44.82 50.76 -50.87
C VAL T 425 45.44 50.37 -49.53
N ARG T 426 46.35 49.39 -49.53
CA ARG T 426 47.05 49.03 -48.29
C ARG T 426 47.99 50.13 -47.82
N GLU T 427 48.69 50.78 -48.74
CA GLU T 427 49.56 51.89 -48.38
C GLU T 427 48.76 52.91 -47.58
N TYR T 428 47.52 53.13 -47.99
CA TYR T 428 46.68 54.12 -47.33
C TYR T 428 46.34 53.68 -45.94
N LYS T 429 46.01 52.42 -45.79
CA LYS T 429 45.60 51.93 -44.51
C LYS T 429 46.81 51.37 -43.79
N SER U 2 16.48 51.90 -13.97
CA SER U 2 15.23 51.55 -14.63
C SER U 2 15.17 52.17 -16.02
N GLU U 3 15.01 53.49 -16.10
CA GLU U 3 14.89 54.18 -17.38
C GLU U 3 16.24 54.75 -17.79
N ILE U 4 16.70 54.37 -18.98
CA ILE U 4 17.93 54.88 -19.58
C ILE U 4 17.56 55.55 -20.88
N ILE U 5 17.91 56.83 -21.02
CA ILE U 5 17.48 57.64 -22.15
C ILE U 5 18.64 57.73 -23.14
N LEU U 6 18.38 57.37 -24.39
CA LEU U 6 19.30 57.66 -25.50
C LEU U 6 18.65 58.68 -26.41
N THR U 7 19.27 59.85 -26.50
CA THR U 7 18.80 60.90 -27.40
C THR U 7 19.69 60.89 -28.63
N PRO U 8 19.14 60.60 -29.81
CA PRO U 8 19.99 60.49 -31.00
C PRO U 8 20.51 61.84 -31.44
N LYS U 9 21.76 61.85 -31.89
CA LYS U 9 22.29 62.98 -32.63
C LYS U 9 21.90 62.82 -34.10
N GLU U 10 22.38 63.74 -34.94
CA GLU U 10 22.06 63.70 -36.36
C GLU U 10 22.50 62.36 -36.94
N GLN U 11 21.56 61.64 -37.55
CA GLN U 11 21.81 60.28 -38.02
C GLN U 11 22.62 60.32 -39.31
N PRO U 12 23.59 59.41 -39.48
CA PRO U 12 24.45 59.47 -40.65
C PRO U 12 23.84 58.82 -41.88
N GLU U 13 24.29 59.28 -43.05
CA GLU U 13 23.85 58.68 -44.31
C GLU U 13 24.31 57.23 -44.42
N VAL U 14 25.53 56.94 -43.98
CA VAL U 14 26.00 55.57 -43.87
C VAL U 14 25.41 55.02 -42.57
N PRO U 15 24.60 53.96 -42.63
CA PRO U 15 23.82 53.57 -41.45
C PRO U 15 24.68 53.00 -40.34
N LEU U 16 24.09 52.98 -39.15
CA LEU U 16 24.68 52.37 -37.97
C LEU U 16 24.14 50.96 -37.78
N GLU U 17 24.99 50.07 -37.28
CA GLU U 17 24.56 48.77 -36.76
C GLU U 17 24.83 48.76 -35.26
N ALA U 18 23.79 48.53 -34.48
CA ALA U 18 23.86 48.62 -33.02
C ALA U 18 23.17 47.44 -32.35
N PRO U 19 23.62 46.21 -32.63
CA PRO U 19 23.12 45.06 -31.84
C PRO U 19 23.28 45.24 -30.34
N ASN U 20 24.32 45.96 -29.90
CA ASN U 20 24.58 46.10 -28.47
C ASN U 20 23.61 47.05 -27.78
N ILE U 21 22.70 47.70 -28.50
CA ILE U 21 21.62 48.44 -27.86
C ILE U 21 20.53 47.44 -27.46
N LYS U 22 20.69 46.84 -26.29
CA LYS U 22 19.66 45.98 -25.72
C LYS U 22 19.88 45.92 -24.21
N PRO U 23 18.82 45.68 -23.43
CA PRO U 23 18.98 45.58 -21.97
C PRO U 23 20.08 44.63 -21.49
N ASP U 24 20.28 43.50 -22.18
CA ASP U 24 21.29 42.54 -21.72
C ASP U 24 22.67 43.17 -21.66
N VAL U 25 23.00 44.06 -22.58
CA VAL U 25 24.33 44.67 -22.58
C VAL U 25 24.36 45.87 -21.63
N PHE U 26 23.28 46.67 -21.61
CA PHE U 26 23.19 47.82 -20.74
C PHE U 26 23.20 47.46 -19.26
N ALA U 27 22.83 46.22 -18.92
CA ALA U 27 22.75 45.83 -17.52
C ALA U 27 24.11 45.88 -16.86
N GLY U 28 24.13 46.39 -15.63
CA GLY U 28 25.36 46.43 -14.86
C GLY U 28 26.37 47.46 -15.31
N LYS U 29 25.94 48.47 -16.06
CA LYS U 29 26.86 49.47 -16.61
C LYS U 29 26.48 50.86 -16.14
N SER U 30 27.49 51.65 -15.82
CA SER U 30 27.28 53.07 -15.56
C SER U 30 26.95 53.80 -16.86
N ILE U 31 26.49 55.05 -16.72
CA ILE U 31 26.18 55.86 -17.90
C ILE U 31 27.43 56.03 -18.75
N GLU U 32 28.59 56.21 -18.11
CA GLU U 32 29.84 56.41 -18.86
C GLU U 32 30.23 55.16 -19.63
N GLU U 33 30.05 53.97 -19.04
CA GLU U 33 30.36 52.74 -19.76
C GLU U 33 29.39 52.52 -20.92
N ILE U 34 28.13 52.93 -20.77
CA ILE U 34 27.18 52.81 -21.86
C ILE U 34 27.57 53.70 -23.04
N LYS U 35 28.08 54.91 -22.76
CA LYS U 35 28.55 55.76 -23.84
C LYS U 35 29.69 55.09 -24.63
N ASN U 36 30.44 54.20 -24.00
CA ASN U 36 31.61 53.59 -24.60
C ASN U 36 31.33 52.24 -25.24
N ILE U 37 30.06 51.81 -25.24
CA ILE U 37 29.68 50.60 -25.94
C ILE U 37 30.00 50.75 -27.42
N GLN U 38 30.51 49.67 -28.01
CA GLN U 38 30.83 49.67 -29.43
C GLN U 38 29.60 49.46 -30.29
N ILE U 39 29.51 50.27 -31.33
CA ILE U 39 28.56 50.08 -32.43
C ILE U 39 29.35 50.30 -33.71
N MET U 40 28.76 49.90 -34.82
CA MET U 40 29.42 50.05 -36.11
C MET U 40 28.82 51.22 -36.89
N HIS U 41 29.69 51.88 -37.66
CA HIS U 41 29.32 52.99 -38.54
C HIS U 41 29.99 52.69 -39.88
N GLY U 42 29.28 51.95 -40.73
CA GLY U 42 29.90 51.47 -41.96
C GLY U 42 30.97 50.46 -41.61
N ASN U 43 32.16 50.63 -42.20
CA ASN U 43 33.28 49.76 -41.92
C ASN U 43 34.16 50.28 -40.80
N GLU U 44 33.65 51.20 -39.99
CA GLU U 44 34.39 51.73 -38.85
C GLU U 44 33.70 51.33 -37.55
N VAL U 45 34.49 50.94 -36.57
CA VAL U 45 34.01 50.69 -35.22
C VAL U 45 34.02 52.01 -34.47
N VAL U 46 32.90 52.34 -33.83
CA VAL U 46 32.77 53.60 -33.11
C VAL U 46 32.07 53.33 -31.77
N LYS U 47 31.82 54.41 -31.04
CA LYS U 47 31.23 54.35 -29.72
C LYS U 47 29.80 54.87 -29.79
N LEU U 48 28.91 54.26 -29.00
CA LEU U 48 27.52 54.70 -29.00
C LEU U 48 27.44 56.18 -28.63
N GLY U 49 28.34 56.63 -27.75
CA GLY U 49 28.34 58.03 -27.35
C GLY U 49 28.53 58.97 -28.52
N ASP U 50 29.22 58.52 -29.58
CA ASP U 50 29.47 59.37 -30.74
C ASP U 50 28.19 59.75 -31.47
N PHE U 51 27.10 59.01 -31.28
CA PHE U 51 25.85 59.31 -31.98
C PHE U 51 24.64 59.43 -31.06
N PHE U 52 24.82 59.29 -29.75
CA PHE U 52 23.70 59.37 -28.82
C PHE U 52 24.13 60.06 -27.53
N GLU U 53 23.30 61.01 -27.07
CA GLU U 53 23.39 61.46 -25.69
C GLU U 53 22.79 60.40 -24.78
N VAL U 54 23.36 60.23 -23.59
CA VAL U 54 22.94 59.15 -22.71
C VAL U 54 22.68 59.73 -21.33
N SER U 55 21.47 59.53 -20.81
CA SER U 55 21.13 59.88 -19.44
C SER U 55 20.32 58.74 -18.84
N GLY U 56 19.99 58.86 -17.55
CA GLY U 56 19.13 57.92 -16.85
C GLY U 56 19.88 57.18 -15.75
N GLU U 57 19.15 56.21 -15.13
CA GLU U 57 19.75 55.51 -13.99
C GLU U 57 20.11 54.08 -14.35
N PRO U 58 21.30 53.63 -13.96
CA PRO U 58 21.70 52.24 -14.23
C PRO U 58 20.84 51.23 -13.47
N ALA U 59 21.06 49.96 -13.79
CA ALA U 59 20.45 48.82 -13.13
C ALA U 59 21.30 47.59 -13.42
N ASP U 60 21.25 46.61 -12.52
CA ASP U 60 22.12 45.43 -12.65
C ASP U 60 21.48 44.31 -13.45
N ALA U 61 20.17 44.24 -13.50
CA ALA U 61 19.53 43.14 -14.18
C ALA U 61 18.80 43.63 -15.42
N PRO U 62 18.86 42.88 -16.53
CA PRO U 62 18.17 43.35 -17.75
C PRO U 62 16.66 43.42 -17.62
N GLU U 63 16.05 42.67 -16.71
CA GLU U 63 14.60 42.73 -16.51
C GLU U 63 14.16 44.13 -16.09
N ASP U 64 14.98 44.83 -15.32
CA ASP U 64 14.63 46.13 -14.78
C ASP U 64 15.04 47.29 -15.66
N ILE U 65 15.55 47.03 -16.86
CA ILE U 65 16.08 48.09 -17.70
C ILE U 65 15.05 48.40 -18.78
N LYS U 66 14.77 49.68 -18.96
CA LYS U 66 13.88 50.18 -19.99
C LYS U 66 14.69 51.18 -20.81
N ILE U 67 15.01 50.83 -22.04
CA ILE U 67 15.71 51.74 -22.94
C ILE U 67 14.67 52.48 -23.75
N ILE U 68 14.72 53.80 -23.75
CA ILE U 68 13.87 54.58 -24.63
C ILE U 68 14.76 55.48 -25.49
N ILE U 69 14.59 55.36 -26.80
CA ILE U 69 15.33 56.15 -27.77
C ILE U 69 14.45 57.35 -28.13
N ASP U 70 14.78 58.50 -27.55
CA ASP U 70 13.92 59.69 -27.61
C ASP U 70 14.27 60.50 -28.86
N GLY U 71 13.94 59.92 -30.00
CA GLY U 71 14.22 60.55 -31.28
C GLY U 71 14.24 59.54 -32.39
N ASP U 72 14.19 60.07 -33.61
CA ASP U 72 14.17 59.24 -34.81
C ASP U 72 15.54 58.58 -35.02
N VAL U 73 15.53 57.27 -35.28
CA VAL U 73 16.74 56.52 -35.59
C VAL U 73 16.53 55.70 -36.86
N TYR U 74 16.06 56.36 -37.91
CA TYR U 74 15.67 55.66 -39.14
C TYR U 74 16.82 54.90 -39.79
N ASN U 75 18.08 55.27 -39.48
CA ASN U 75 19.24 54.70 -40.14
C ASN U 75 20.09 53.85 -39.19
N THR U 76 19.49 53.31 -38.13
CA THR U 76 20.18 52.41 -37.23
C THR U 76 19.55 51.02 -37.30
N LYS U 77 20.37 50.00 -37.53
CA LYS U 77 19.91 48.63 -37.72
C LYS U 77 20.15 47.81 -36.45
N ARG U 78 19.41 46.71 -36.34
CA ARG U 78 19.71 45.64 -35.39
C ARG U 78 19.52 46.05 -33.93
N ILE U 79 18.66 47.04 -33.68
CA ILE U 79 18.39 47.47 -32.31
C ILE U 79 17.63 46.36 -31.60
N GLY U 80 18.04 46.04 -30.38
CA GLY U 80 17.37 44.99 -29.61
C GLY U 80 17.66 43.59 -30.09
N GLN U 81 18.58 43.44 -31.04
CA GLN U 81 18.91 42.13 -31.59
C GLN U 81 19.33 41.17 -30.50
N GLU U 82 18.64 40.03 -30.44
CA GLU U 82 18.95 38.94 -29.53
C GLU U 82 18.80 39.34 -28.06
N MET U 83 17.94 40.31 -27.76
CA MET U 83 17.66 40.65 -26.37
C MET U 83 16.79 39.57 -25.73
N THR U 84 17.07 39.28 -24.45
CA THR U 84 16.38 38.25 -23.70
C THR U 84 15.35 38.78 -22.71
N ALA U 85 15.44 40.05 -22.32
CA ALA U 85 14.60 40.59 -21.26
C ALA U 85 14.67 42.11 -21.31
N GLY U 86 13.75 42.75 -20.60
CA GLY U 86 13.70 44.19 -20.54
C GLY U 86 12.77 44.76 -21.60
N GLU U 87 12.90 46.06 -21.82
CA GLU U 87 12.02 46.77 -22.74
C GLU U 87 12.79 47.84 -23.49
N ILE U 88 12.42 48.03 -24.75
CA ILE U 88 12.95 49.09 -25.58
C ILE U 88 11.78 49.85 -26.18
N ILE U 89 11.84 51.17 -26.12
CA ILE U 89 10.86 52.05 -26.72
C ILE U 89 11.57 53.02 -27.66
N VAL U 90 11.11 53.10 -28.90
CA VAL U 90 11.70 53.97 -29.89
C VAL U 90 10.65 54.99 -30.31
N ARG U 91 10.89 56.25 -29.98
CA ARG U 91 9.99 57.35 -30.33
C ARG U 91 10.37 57.93 -31.69
N GLY U 92 10.12 57.10 -32.70
CA GLY U 92 10.50 57.40 -34.06
C GLY U 92 10.67 56.12 -34.83
N ASN U 93 11.30 56.25 -36.01
CA ASN U 93 11.45 55.14 -36.92
C ASN U 93 12.76 54.38 -36.66
N VAL U 94 12.80 53.14 -37.14
CA VAL U 94 14.01 52.32 -37.09
C VAL U 94 14.30 51.79 -38.48
N ASN U 95 15.52 51.26 -38.64
CA ASN U 95 15.92 50.62 -39.89
C ASN U 95 15.65 49.12 -39.80
N MET U 96 16.54 48.30 -40.37
CA MET U 96 16.28 46.88 -40.51
C MET U 96 16.61 46.10 -39.24
N TYR U 97 16.09 44.88 -39.17
CA TYR U 97 16.45 43.86 -38.18
C TYR U 97 16.10 44.23 -36.74
N VAL U 98 15.16 45.14 -36.49
CA VAL U 98 14.85 45.44 -35.08
C VAL U 98 14.30 44.18 -34.41
N GLY U 99 14.92 43.79 -33.31
CA GLY U 99 14.50 42.61 -32.57
C GLY U 99 14.82 41.29 -33.24
N ALA U 100 15.72 41.28 -34.22
CA ALA U 100 16.11 40.03 -34.87
C ALA U 100 16.70 39.07 -33.85
N GLY U 101 16.27 37.81 -33.90
CA GLY U 101 16.78 36.82 -32.97
C GLY U 101 16.28 36.99 -31.55
N MET U 102 15.24 37.80 -31.35
CA MET U 102 14.76 38.14 -30.02
C MET U 102 14.29 36.91 -29.27
N LYS U 103 14.65 36.84 -27.98
CA LYS U 103 14.27 35.74 -27.12
C LYS U 103 13.25 36.11 -26.06
N GLY U 104 13.27 37.36 -25.57
CA GLY U 104 12.32 37.79 -24.57
C GLY U 104 12.33 39.30 -24.48
N GLY U 105 11.43 39.82 -23.65
CA GLY U 105 11.31 41.26 -23.49
C GLY U 105 10.29 41.86 -24.42
N LYS U 106 10.39 43.18 -24.60
CA LYS U 106 9.45 43.85 -25.48
C LYS U 106 10.12 45.04 -26.15
N ILE U 107 9.82 45.22 -27.44
CA ILE U 107 10.24 46.40 -28.19
C ILE U 107 8.99 47.08 -28.72
N THR U 108 8.91 48.39 -28.55
CA THR U 108 7.85 49.20 -29.12
C THR U 108 8.47 50.25 -30.03
N VAL U 109 8.11 50.23 -31.30
CA VAL U 109 8.55 51.23 -32.26
C VAL U 109 7.34 52.11 -32.55
N GLU U 110 7.47 53.40 -32.25
CA GLU U 110 6.35 54.31 -32.39
C GLU U 110 6.20 54.87 -33.80
N GLY U 111 7.19 54.62 -34.67
CA GLY U 111 7.06 54.93 -36.07
C GLY U 111 7.18 53.70 -36.94
N ASN U 112 7.87 53.81 -38.07
CA ASN U 112 8.01 52.73 -39.03
C ASN U 112 9.20 51.83 -38.70
N ALA U 113 9.15 50.61 -39.22
CA ALA U 113 10.26 49.67 -39.14
C ALA U 113 10.64 49.18 -40.53
N GLY U 114 11.92 48.90 -40.72
CA GLY U 114 12.41 48.40 -41.98
C GLY U 114 12.20 46.90 -42.11
N SER U 115 12.91 46.30 -43.06
CA SER U 115 12.72 44.89 -43.35
C SER U 115 13.35 44.04 -42.25
N TRP U 116 12.87 42.79 -42.15
CA TRP U 116 13.40 41.79 -41.24
C TRP U 116 13.20 42.16 -39.78
N ALA U 117 12.14 42.92 -39.50
CA ALA U 117 11.74 43.15 -38.11
C ALA U 117 11.33 41.83 -37.47
N GLY U 118 12.04 41.43 -36.42
CA GLY U 118 11.74 40.18 -35.75
C GLY U 118 12.16 38.94 -36.49
N GLN U 119 13.12 39.05 -37.41
CA GLN U 119 13.67 37.90 -38.11
C GLN U 119 14.18 36.88 -37.10
N ASP U 120 13.82 35.61 -37.31
CA ASP U 120 14.27 34.52 -36.43
C ASP U 120 13.85 34.74 -34.98
N MET U 121 12.66 35.30 -34.78
CA MET U 121 12.17 35.55 -33.43
C MET U 121 11.94 34.23 -32.69
N ARG U 122 12.35 34.21 -31.41
CA ARG U 122 12.18 33.06 -30.53
C ARG U 122 11.16 33.27 -29.43
N GLY U 123 11.08 34.48 -28.91
CA GLY U 123 10.17 34.79 -27.83
C GLY U 123 10.15 36.28 -27.61
N GLY U 124 9.24 36.71 -26.77
CA GLY U 124 9.08 38.12 -26.49
C GLY U 124 8.02 38.76 -27.36
N GLU U 125 8.03 40.09 -27.39
CA GLU U 125 6.97 40.77 -28.10
C GLU U 125 7.59 41.93 -28.88
N ILE U 126 7.12 42.17 -30.11
CA ILE U 126 7.49 43.36 -30.86
C ILE U 126 6.21 44.06 -31.29
N GLU U 127 6.12 45.37 -31.03
CA GLU U 127 4.96 46.11 -31.50
C GLU U 127 5.41 47.34 -32.28
N ILE U 128 4.92 47.47 -33.52
CA ILE U 128 5.29 48.54 -34.42
C ILE U 128 4.03 49.34 -34.73
N LEU U 129 3.99 50.60 -34.27
CA LEU U 129 2.80 51.43 -34.42
C LEU U 129 2.62 51.98 -35.83
N GLY U 130 3.69 52.08 -36.61
CA GLY U 130 3.64 52.54 -37.99
C GLY U 130 3.68 51.40 -38.98
N ASP U 131 4.31 51.63 -40.13
CA ASP U 131 4.40 50.61 -41.15
C ASP U 131 5.68 49.80 -40.99
N ALA U 132 5.67 48.59 -41.55
CA ALA U 132 6.80 47.70 -41.57
C ALA U 132 7.18 47.39 -43.02
N GLY U 133 8.38 46.86 -43.20
CA GLY U 133 8.89 46.53 -44.52
C GLY U 133 8.60 45.09 -44.90
N ASP U 134 9.47 44.54 -45.74
CA ASP U 134 9.35 43.13 -46.12
C ASP U 134 9.88 42.24 -45.00
N TYR U 135 9.49 40.97 -45.06
CA TYR U 135 10.10 39.91 -44.24
C TYR U 135 9.90 40.12 -42.73
N VAL U 136 8.71 40.58 -42.33
CA VAL U 136 8.39 40.59 -40.91
C VAL U 136 8.37 39.17 -40.38
N GLY U 137 9.13 38.92 -39.32
CA GLY U 137 9.18 37.60 -38.72
C GLY U 137 9.62 36.51 -39.68
N SER U 138 10.60 36.80 -40.53
CA SER U 138 11.03 35.88 -41.56
C SER U 138 12.16 34.98 -41.05
N SER U 139 12.64 34.12 -41.94
CA SER U 139 13.83 33.33 -41.68
C SER U 139 15.05 34.02 -42.27
N TYR U 140 16.19 33.35 -42.19
CA TYR U 140 17.39 33.79 -42.87
C TYR U 140 17.56 33.02 -44.18
N ARG U 141 18.23 33.67 -45.13
CA ARG U 141 18.55 33.09 -46.44
C ARG U 141 19.00 31.65 -46.33
N GLY U 142 18.36 30.78 -47.09
CA GLY U 142 18.77 29.40 -47.17
C GLY U 142 18.23 28.50 -46.08
N ASP U 143 17.92 29.04 -44.90
CA ASP U 143 17.43 28.21 -43.81
C ASP U 143 15.95 27.93 -43.95
N TRP U 144 15.57 26.70 -43.66
CA TRP U 144 14.20 26.24 -43.70
C TRP U 144 13.53 26.31 -42.33
N ARG U 145 14.27 26.72 -41.30
CA ARG U 145 13.75 26.89 -39.95
C ARG U 145 13.79 28.37 -39.63
N GLY U 146 12.61 28.99 -39.49
CA GLY U 146 12.53 30.41 -39.21
C GLY U 146 12.06 30.77 -37.82
N MET U 147 11.24 31.82 -37.74
CA MET U 147 10.65 32.25 -36.48
C MET U 147 9.92 31.10 -35.80
N SER U 148 10.22 30.89 -34.51
CA SER U 148 9.63 29.81 -33.74
C SER U 148 8.79 30.25 -32.55
N GLY U 149 8.88 31.52 -32.15
CA GLY U 149 8.09 31.98 -31.01
C GLY U 149 8.06 33.49 -30.94
N GLY U 150 7.15 33.99 -30.10
CA GLY U 150 6.97 35.42 -29.90
C GLY U 150 5.74 35.95 -30.60
N THR U 151 5.55 37.26 -30.47
CA THR U 151 4.43 37.96 -31.08
C THR U 151 4.91 39.27 -31.69
N ILE U 152 4.52 39.50 -32.95
CA ILE U 152 4.79 40.74 -33.65
C ILE U 152 3.46 41.38 -34.01
N THR U 153 3.30 42.65 -33.71
CA THR U 153 2.09 43.40 -34.03
C THR U 153 2.48 44.65 -34.80
N VAL U 154 2.02 44.75 -36.04
CA VAL U 154 2.23 45.91 -36.89
C VAL U 154 0.87 46.60 -37.06
N HIS U 155 0.76 47.83 -36.56
CA HIS U 155 -0.51 48.54 -36.64
C HIS U 155 -0.78 49.12 -38.02
N GLY U 156 0.27 49.41 -38.78
CA GLY U 156 0.12 49.91 -40.13
C GLY U 156 0.18 48.83 -41.18
N ASN U 157 0.81 49.11 -42.31
CA ASN U 157 0.95 48.14 -43.39
C ASN U 157 2.31 47.46 -43.35
N ALA U 158 2.34 46.25 -43.89
CA ALA U 158 3.57 45.53 -44.17
C ALA U 158 3.65 45.25 -45.66
N ASP U 159 4.80 44.75 -46.11
CA ASP U 159 4.99 44.53 -47.54
C ASP U 159 4.99 43.04 -47.90
N ASN U 160 6.12 42.51 -48.37
CA ASN U 160 6.16 41.16 -48.92
C ASN U 160 6.70 40.14 -47.93
N GLU U 161 6.24 38.90 -48.10
CA GLU U 161 6.82 37.71 -47.46
C GLU U 161 6.83 37.81 -45.94
N ILE U 162 5.71 38.25 -45.37
CA ILE U 162 5.57 38.25 -43.92
C ILE U 162 5.51 36.80 -43.43
N GLY U 163 6.24 36.51 -42.36
CA GLY U 163 6.22 35.15 -41.85
C GLY U 163 6.88 34.12 -42.74
N GLU U 164 7.77 34.52 -43.64
CA GLU U 164 8.49 33.57 -44.48
C GLU U 164 9.09 32.45 -43.64
N TYR U 165 8.73 31.22 -43.99
CA TYR U 165 9.18 30.02 -43.29
C TYR U 165 8.87 30.07 -41.79
N MET U 166 7.73 30.67 -41.43
CA MET U 166 7.36 30.71 -40.02
C MET U 166 7.19 29.31 -39.46
N ASN U 167 7.57 29.13 -38.20
CA ASN U 167 7.56 27.81 -37.56
C ASN U 167 7.11 27.95 -36.11
N GLY U 168 6.20 28.88 -35.85
CA GLY U 168 5.78 29.17 -34.49
C GLY U 168 5.61 30.66 -34.27
N GLY U 169 4.99 31.03 -33.15
CA GLY U 169 4.77 32.43 -32.84
C GLY U 169 3.49 32.95 -33.43
N LYS U 170 3.40 34.28 -33.53
CA LYS U 170 2.20 34.93 -34.02
C LYS U 170 2.57 36.29 -34.61
N ILE U 171 2.07 36.57 -35.81
CA ILE U 171 2.20 37.90 -36.43
C ILE U 171 0.80 38.45 -36.67
N ILE U 172 0.61 39.72 -36.32
CA ILE U 172 -0.65 40.41 -36.56
C ILE U 172 -0.35 41.69 -37.34
N ILE U 173 -0.92 41.80 -38.53
CA ILE U 173 -0.86 43.02 -39.34
C ILE U 173 -2.24 43.63 -39.32
N LYS U 174 -2.37 44.77 -38.64
CA LYS U 174 -3.66 45.46 -38.57
C LYS U 174 -4.02 46.15 -39.88
N GLY U 175 -3.03 46.47 -40.71
CA GLY U 175 -3.23 47.06 -42.01
C GLY U 175 -3.24 46.06 -43.15
N ASP U 176 -2.78 46.51 -44.31
CA ASP U 176 -2.71 45.69 -45.52
C ASP U 176 -1.30 45.14 -45.72
N VAL U 177 -1.22 44.03 -46.46
CA VAL U 177 0.05 43.49 -46.92
C VAL U 177 0.05 43.45 -48.44
N ASN U 178 1.23 43.20 -49.00
CA ASN U 178 1.38 43.15 -50.45
C ASN U 178 1.20 41.71 -50.92
N ILE U 179 2.29 41.00 -51.23
CA ILE U 179 2.15 39.65 -51.77
C ILE U 179 2.92 38.65 -50.93
N MET U 180 2.49 37.39 -51.03
CA MET U 180 3.11 36.19 -50.47
C MET U 180 3.23 36.19 -48.94
N PRO U 181 2.21 36.62 -48.18
CA PRO U 181 2.28 36.42 -46.73
C PRO U 181 2.21 34.94 -46.39
N GLY U 182 3.08 34.51 -45.47
CA GLY U 182 3.10 33.12 -45.09
C GLY U 182 3.76 32.20 -46.09
N ILE U 183 4.57 32.72 -47.01
CA ILE U 183 5.28 31.89 -47.96
C ILE U 183 6.11 30.85 -47.20
N HIS U 184 5.98 29.58 -47.61
CA HIS U 184 6.70 28.46 -46.99
C HIS U 184 6.41 28.30 -45.50
N MET U 185 5.24 28.74 -45.04
CA MET U 185 4.94 28.60 -43.61
C MET U 185 4.86 27.12 -43.23
N ASN U 186 5.39 26.80 -42.05
CA ASN U 186 5.30 25.47 -41.47
C ASN U 186 4.38 25.41 -40.26
N ASN U 187 4.37 26.46 -39.45
CA ASN U 187 3.57 26.49 -38.23
C ASN U 187 3.45 27.94 -37.78
N GLY U 188 2.54 28.18 -36.86
CA GLY U 188 2.29 29.51 -36.35
C GLY U 188 0.95 30.07 -36.81
N LEU U 189 0.78 31.37 -36.58
CA LEU U 189 -0.45 32.08 -36.91
C LEU U 189 -0.14 33.45 -37.49
N ILE U 190 -0.74 33.74 -38.63
CA ILE U 190 -0.71 35.08 -39.22
C ILE U 190 -2.15 35.59 -39.31
N ILE U 191 -2.37 36.79 -38.79
CA ILE U 191 -3.66 37.47 -38.91
C ILE U 191 -3.43 38.77 -39.65
N ILE U 192 -4.03 38.91 -40.83
CA ILE U 192 -4.02 40.14 -41.59
C ILE U 192 -5.43 40.71 -41.51
N GLU U 193 -5.57 41.86 -40.85
CA GLU U 193 -6.89 42.44 -40.66
C GLU U 193 -7.33 43.26 -41.87
N GLY U 194 -6.39 43.72 -42.68
CA GLY U 194 -6.69 44.44 -43.91
C GLY U 194 -6.66 43.53 -45.12
N ASN U 195 -6.12 44.04 -46.22
CA ASN U 195 -6.19 43.36 -47.51
C ASN U 195 -4.86 42.66 -47.85
N VAL U 196 -4.93 41.80 -48.85
CA VAL U 196 -3.78 41.06 -49.37
C VAL U 196 -3.83 41.10 -50.89
N VAL U 197 -2.71 41.42 -51.53
CA VAL U 197 -2.69 41.53 -52.99
C VAL U 197 -2.72 40.14 -53.63
N ALA U 198 -1.86 39.23 -53.20
CA ALA U 198 -1.79 37.94 -53.88
C ALA U 198 -0.99 36.93 -53.07
N ARG U 199 -1.24 35.66 -53.37
CA ARG U 199 -0.40 34.52 -52.99
C ARG U 199 -0.29 34.35 -51.49
N ALA U 200 -1.36 34.63 -50.76
CA ALA U 200 -1.41 34.27 -49.35
C ALA U 200 -1.20 32.77 -49.19
N GLY U 201 -0.21 32.41 -48.38
CA GLY U 201 0.05 31.01 -48.10
C GLY U 201 0.76 30.25 -49.20
N GLY U 202 1.38 30.95 -50.15
CA GLY U 202 2.16 30.29 -51.18
C GLY U 202 3.15 29.27 -50.62
N GLU U 203 2.95 28.01 -51.00
CA GLU U 203 3.85 26.91 -50.64
C GLU U 203 3.91 26.66 -49.14
N MET U 204 2.86 27.00 -48.41
CA MET U 204 2.80 26.67 -46.99
C MET U 204 2.56 25.18 -46.79
N ALA U 205 3.16 24.63 -45.73
CA ALA U 205 2.98 23.24 -45.34
C ALA U 205 2.09 23.06 -44.12
N GLY U 206 2.05 24.06 -43.24
CA GLY U 206 1.22 24.03 -42.06
C GLY U 206 1.01 25.44 -41.55
N GLY U 207 0.44 25.54 -40.36
CA GLY U 207 0.15 26.84 -39.80
C GLY U 207 -1.20 27.36 -40.24
N THR U 208 -1.47 28.62 -39.89
CA THR U 208 -2.78 29.21 -40.12
C THR U 208 -2.63 30.68 -40.51
N ILE U 209 -3.30 31.08 -41.59
CA ILE U 209 -3.36 32.47 -42.02
C ILE U 209 -4.83 32.90 -42.04
N VAL U 210 -5.12 34.00 -41.37
CA VAL U 210 -6.47 34.60 -41.37
C VAL U 210 -6.39 35.97 -42.04
N VAL U 211 -7.28 36.19 -43.00
CA VAL U 211 -7.40 37.45 -43.72
C VAL U 211 -8.81 37.97 -43.50
N LYS U 212 -8.93 39.10 -42.81
CA LYS U 212 -10.21 39.72 -42.53
C LYS U 212 -10.67 40.67 -43.62
N GLY U 213 -9.75 41.15 -44.44
CA GLY U 213 -10.08 41.98 -45.58
C GLY U 213 -10.22 41.17 -46.83
N MET U 214 -9.81 41.76 -47.96
CA MET U 214 -10.03 41.18 -49.27
C MET U 214 -8.72 40.66 -49.84
N MET U 215 -8.72 39.41 -50.28
CA MET U 215 -7.62 38.92 -51.12
C MET U 215 -7.99 39.12 -52.58
N GLN U 216 -7.22 39.97 -53.26
CA GLN U 216 -7.52 40.24 -54.66
C GLN U 216 -7.31 38.98 -55.51
N GLU U 217 -6.27 38.21 -55.21
CA GLU U 217 -6.01 36.95 -55.88
C GLU U 217 -5.69 35.89 -54.86
N PHE U 218 -5.86 34.63 -55.28
CA PHE U 218 -5.51 33.49 -54.44
C PHE U 218 -4.88 32.44 -55.36
N LEU U 219 -4.84 31.19 -54.90
CA LEU U 219 -4.00 30.18 -55.52
C LEU U 219 -4.76 28.88 -55.73
N ALA U 220 -4.55 28.28 -56.90
CA ALA U 220 -5.30 27.10 -57.33
C ALA U 220 -4.88 25.82 -56.63
N GLY U 221 -3.78 25.84 -55.87
CA GLY U 221 -3.35 24.65 -55.14
C GLY U 221 -4.03 24.43 -53.82
N PHE U 222 -5.00 25.28 -53.45
CA PHE U 222 -5.76 25.14 -52.22
C PHE U 222 -7.08 24.45 -52.49
N LYS U 223 -7.47 23.53 -51.61
CA LYS U 223 -8.80 22.94 -51.67
C LYS U 223 -9.73 23.68 -50.74
N TYR U 224 -10.86 24.10 -51.28
CA TYR U 224 -11.89 24.79 -50.53
C TYR U 224 -12.66 23.81 -49.67
N LEU U 225 -12.76 24.07 -48.37
CA LEU U 225 -13.45 23.18 -47.45
C LEU U 225 -14.81 23.70 -47.00
N GLY U 226 -15.16 24.94 -47.33
CA GLY U 226 -16.44 25.50 -46.96
C GLY U 226 -16.29 26.73 -46.09
N VAL U 227 -17.25 26.91 -45.19
CA VAL U 227 -17.27 28.06 -44.30
C VAL U 227 -17.24 27.57 -42.87
N GLU U 228 -16.44 28.25 -42.04
CA GLU U 228 -16.41 28.06 -40.61
C GLU U 228 -16.75 29.35 -39.91
N LYS U 229 -17.53 29.23 -38.85
CA LYS U 229 -17.95 30.31 -37.99
C LYS U 229 -17.21 30.17 -36.66
N ASP U 230 -17.09 31.29 -35.94
CA ASP U 230 -16.68 31.26 -34.54
C ASP U 230 -15.34 30.52 -34.36
N ILE U 231 -14.30 31.03 -35.01
CA ILE U 231 -13.02 30.33 -35.02
C ILE U 231 -12.15 30.70 -33.81
N GLU U 232 -11.63 29.65 -33.16
CA GLU U 232 -10.63 29.72 -32.09
C GLU U 232 -9.30 29.24 -32.69
N VAL U 233 -8.30 30.11 -32.73
CA VAL U 233 -6.96 29.72 -33.18
C VAL U 233 -5.88 30.42 -32.37
N ASP U 234 -4.98 29.60 -31.80
CA ASP U 234 -3.82 30.03 -31.01
C ASP U 234 -4.21 31.03 -29.92
N GLY U 235 -5.30 30.73 -29.22
CA GLY U 235 -5.72 31.58 -28.13
C GLY U 235 -6.42 32.86 -28.52
N GLU U 236 -6.79 33.05 -29.79
CA GLU U 236 -7.50 34.24 -30.23
C GLU U 236 -8.85 33.84 -30.80
N GLU U 237 -9.90 34.52 -30.36
CA GLU U 237 -11.26 34.28 -30.81
C GLU U 237 -11.63 35.31 -31.87
N LEU U 238 -12.08 34.83 -33.02
CA LEU U 238 -12.43 35.73 -34.09
C LEU U 238 -13.90 35.58 -34.47
N PRO U 239 -14.67 36.66 -34.45
CA PRO U 239 -16.09 36.61 -34.81
C PRO U 239 -16.31 36.71 -36.31
N GLY U 240 -17.46 36.21 -36.74
CA GLY U 240 -17.83 36.23 -38.14
C GLY U 240 -17.51 34.92 -38.83
N ALA U 241 -17.81 34.90 -40.12
CA ALA U 241 -17.63 33.71 -40.94
C ALA U 241 -16.42 33.87 -41.83
N PHE U 242 -15.74 32.75 -42.09
CA PHE U 242 -14.56 32.72 -42.94
C PHE U 242 -14.66 31.58 -43.92
N TYR U 243 -14.35 31.85 -45.19
CA TYR U 243 -14.10 30.78 -46.14
C TYR U 243 -12.84 30.04 -45.71
N LYS U 244 -12.88 28.71 -45.78
CA LYS U 244 -11.81 27.87 -45.28
C LYS U 244 -11.13 27.14 -46.43
N PHE U 245 -9.82 27.26 -46.51
CA PHE U 245 -9.02 26.62 -47.54
C PHE U 245 -7.90 25.82 -46.90
N GLU U 246 -7.57 24.68 -47.51
CA GLU U 246 -6.45 23.86 -47.07
C GLU U 246 -5.45 23.75 -48.21
N GLY U 247 -4.18 23.99 -47.90
CA GLY U 247 -3.09 23.88 -48.86
C GLY U 247 -1.77 24.15 -48.17
N ASP U 248 -0.73 24.49 -48.92
CA ASP U 248 -0.74 24.55 -50.38
C ASP U 248 -0.36 23.20 -50.99
N HIS U 249 -1.30 22.60 -51.73
CA HIS U 249 -1.08 21.23 -52.20
C HIS U 249 -0.07 21.13 -53.34
N ALA U 250 0.57 22.23 -53.73
CA ALA U 250 1.81 22.12 -54.47
C ALA U 250 2.92 21.51 -53.62
N ILE U 251 2.74 21.50 -52.30
CA ILE U 251 3.68 20.91 -51.36
C ILE U 251 3.14 19.56 -50.93
N LYS U 252 4.02 18.58 -50.78
CA LYS U 252 3.58 17.25 -50.36
C LYS U 252 3.17 17.28 -48.88
N GLY U 253 2.04 16.64 -48.59
CA GLY U 253 1.55 16.53 -47.22
C GLY U 253 1.11 17.83 -46.59
N ALA U 254 0.70 18.81 -47.38
CA ALA U 254 0.39 20.14 -46.87
C ALA U 254 -0.89 20.11 -46.03
N LYS U 255 -0.84 20.74 -44.84
CA LYS U 255 -1.99 20.86 -43.96
C LYS U 255 -2.24 22.30 -43.53
N GLY U 256 -1.75 23.28 -44.27
CA GLY U 256 -1.97 24.65 -43.91
C GLY U 256 -3.41 25.08 -44.12
N ILE U 257 -3.78 26.18 -43.46
CA ILE U 257 -5.14 26.69 -43.49
C ILE U 257 -5.12 28.19 -43.77
N VAL U 258 -5.85 28.62 -44.80
CA VAL U 258 -6.16 30.03 -45.03
C VAL U 258 -7.64 30.23 -44.69
N TYR U 259 -7.91 31.16 -43.78
CA TYR U 259 -9.27 31.61 -43.53
C TYR U 259 -9.43 32.98 -44.18
N ALA U 260 -10.48 33.14 -44.98
CA ALA U 260 -10.76 34.41 -45.65
C ALA U 260 -12.19 34.84 -45.34
N ALA U 261 -12.35 36.07 -44.87
CA ALA U 261 -13.64 36.57 -44.44
C ALA U 261 -14.65 36.56 -45.59
N VAL U 262 -15.87 36.10 -45.29
CA VAL U 262 -16.88 35.90 -46.33
C VAL U 262 -17.29 37.22 -46.96
N GLY U 263 -17.39 38.28 -46.16
CA GLY U 263 -17.91 39.54 -46.64
C GLY U 263 -17.20 40.10 -47.85
N CYS U 264 -15.87 39.90 -47.93
CA CYS U 264 -15.09 40.52 -49.00
C CYS U 264 -14.35 39.51 -49.88
N ASN U 265 -14.74 38.23 -49.86
CA ASN U 265 -13.96 37.24 -50.59
C ASN U 265 -14.83 36.25 -51.36
N GLY U 266 -16.02 36.66 -51.78
CA GLY U 266 -16.86 35.77 -52.56
C GLY U 266 -16.24 35.35 -53.87
N HIS U 267 -15.42 36.23 -54.47
CA HIS U 267 -14.72 35.91 -55.72
C HIS U 267 -13.63 34.87 -55.53
N ILE U 268 -13.20 34.63 -54.28
CA ILE U 268 -12.17 33.62 -54.02
C ILE U 268 -12.78 32.23 -53.97
N ALA U 269 -14.06 32.12 -53.64
CA ALA U 269 -14.74 30.82 -53.57
C ALA U 269 -15.30 30.43 -54.95
N MET V 1 -2.80 56.91 -72.90
CA MET V 1 -3.28 55.54 -72.77
C MET V 1 -2.51 54.76 -71.71
N ARG V 2 -3.26 54.04 -70.87
CA ARG V 2 -2.66 53.18 -69.87
C ARG V 2 -2.27 51.85 -70.50
N VAL V 3 -1.01 51.46 -70.34
CA VAL V 3 -0.48 50.25 -70.96
C VAL V 3 0.46 49.56 -69.97
N ILE V 4 0.84 48.34 -70.32
CA ILE V 4 1.77 47.55 -69.53
C ILE V 4 3.13 47.60 -70.22
N LEU V 5 4.15 48.07 -69.51
CA LEU V 5 5.49 48.21 -70.09
C LEU V 5 6.32 46.98 -69.75
N ASN V 6 6.80 46.30 -70.77
CA ASN V 6 7.68 45.15 -70.65
C ASN V 6 9.03 45.53 -71.28
N THR V 7 10.11 45.01 -70.71
CA THR V 7 11.46 45.36 -71.16
C THR V 7 12.36 44.14 -71.22
N GLY V 8 13.38 44.23 -72.06
CA GLY V 8 14.34 43.14 -72.20
C GLY V 8 15.16 43.32 -73.47
N ARG V 9 15.52 42.18 -74.06
CA ARG V 9 16.53 42.10 -75.11
C ARG V 9 15.94 42.15 -76.53
N THR V 10 16.83 42.42 -77.48
CA THR V 10 16.68 42.39 -78.93
C THR V 10 18.09 42.25 -79.49
N ILE V 11 18.26 41.46 -80.56
CA ILE V 11 19.60 41.36 -81.13
C ILE V 11 20.11 42.72 -81.60
N TRP V 12 19.20 43.59 -82.05
CA TRP V 12 19.64 44.90 -82.53
C TRP V 12 20.20 45.74 -81.40
N GLN V 13 19.62 45.62 -80.21
CA GLN V 13 20.19 46.30 -79.05
C GLN V 13 21.43 45.57 -78.52
N GLY V 14 21.52 44.26 -78.76
CA GLY V 14 22.74 43.55 -78.41
C GLY V 14 23.89 43.91 -79.33
N GLN V 15 23.62 43.90 -80.64
CA GLN V 15 24.60 44.41 -81.60
C GLN V 15 25.03 45.83 -81.25
N ALA V 16 24.09 46.66 -80.84
CA ALA V 16 24.39 48.08 -80.59
C ALA V 16 25.31 48.26 -79.39
N ILE V 17 25.06 47.53 -78.30
CA ILE V 17 25.87 47.74 -77.09
C ILE V 17 27.30 47.25 -77.32
N GLU V 18 27.49 46.21 -78.12
CA GLU V 18 28.85 45.78 -78.41
C GLU V 18 29.48 46.53 -79.55
N SER V 19 28.69 47.28 -80.33
CA SER V 19 29.27 48.25 -81.26
C SER V 19 29.70 49.51 -80.53
N GLY V 20 28.81 50.07 -79.73
CA GLY V 20 29.13 51.22 -78.90
C GLY V 20 27.88 51.94 -78.43
N LYS V 21 27.75 52.10 -77.11
CA LYS V 21 26.60 52.82 -76.59
C LYS V 21 26.70 54.32 -76.82
N ASP V 22 27.86 54.80 -77.29
CA ASP V 22 28.03 56.19 -77.73
C ASP V 22 27.55 56.41 -79.16
N LEU V 23 27.17 55.34 -79.87
CA LEU V 23 26.83 55.39 -81.27
C LEU V 23 25.35 55.71 -81.48
N LYS V 24 25.06 56.19 -82.70
CA LYS V 24 23.69 56.48 -83.11
C LYS V 24 22.86 55.20 -83.14
N MET V 25 23.49 54.10 -83.57
CA MET V 25 22.97 52.74 -83.58
C MET V 25 22.25 52.38 -82.28
N TYR V 26 22.82 52.80 -81.15
CA TYR V 26 22.27 52.44 -79.84
C TYR V 26 20.97 53.18 -79.56
N VAL V 27 20.89 54.47 -79.93
CA VAL V 27 19.62 55.18 -79.79
C VAL V 27 18.55 54.52 -80.65
N ASP V 28 18.90 54.16 -81.89
CA ASP V 28 17.93 53.53 -82.78
C ASP V 28 17.46 52.18 -82.26
N ALA V 29 18.31 51.46 -81.55
CA ALA V 29 17.95 50.11 -81.12
C ALA V 29 17.32 50.08 -79.74
N ALA V 30 17.66 51.03 -78.87
CA ALA V 30 17.20 51.00 -77.48
C ALA V 30 16.30 52.16 -77.10
N ALA V 31 16.29 53.25 -77.85
CA ALA V 31 15.41 54.39 -77.54
C ALA V 31 14.10 54.29 -78.32
N ILE V 32 13.47 53.12 -78.25
CA ILE V 32 12.28 52.82 -79.03
C ILE V 32 11.24 52.18 -78.11
N ILE V 33 9.99 52.19 -78.57
CA ILE V 33 8.89 51.48 -77.91
C ILE V 33 8.18 50.65 -78.97
N GLN V 34 8.10 49.34 -78.74
CA GLN V 34 7.44 48.42 -79.65
C GLN V 34 5.96 48.34 -79.32
N MET V 35 5.11 48.44 -80.35
CA MET V 35 3.66 48.41 -80.18
C MET V 35 3.03 47.54 -81.24
N ASN V 36 1.90 46.92 -80.89
CA ASN V 36 1.09 46.27 -81.90
C ASN V 36 0.54 47.32 -82.86
N PRO V 37 0.42 46.99 -84.15
CA PRO V 37 -0.09 48.00 -85.11
C PRO V 37 -1.47 48.51 -84.75
N GLU V 38 -2.31 47.66 -84.15
CA GLU V 38 -3.64 48.09 -83.73
C GLU V 38 -3.56 49.16 -82.64
N MET V 39 -2.54 49.07 -81.77
CA MET V 39 -2.41 50.08 -80.71
C MET V 39 -1.92 51.41 -81.28
N MET V 40 -1.02 51.36 -82.27
CA MET V 40 -0.55 52.57 -82.93
C MET V 40 -1.71 53.31 -83.59
N LYS V 41 -2.60 52.56 -84.26
CA LYS V 41 -3.78 53.15 -84.89
C LYS V 41 -4.68 53.84 -83.86
N GLN V 42 -4.96 53.15 -82.76
CA GLN V 42 -5.80 53.72 -81.71
C GLN V 42 -5.17 54.99 -81.14
N LEU V 43 -3.85 55.05 -81.08
CA LEU V 43 -3.17 56.25 -80.61
C LEU V 43 -2.95 57.29 -81.70
N GLY V 44 -3.16 56.93 -82.97
CA GLY V 44 -3.03 57.88 -84.05
C GLY V 44 -1.60 58.18 -84.45
N ILE V 45 -0.70 57.20 -84.34
CA ILE V 45 0.72 57.41 -84.63
C ILE V 45 1.19 56.37 -85.63
N ALA V 46 2.31 56.68 -86.27
CA ALA V 46 2.97 55.83 -87.26
C ALA V 46 4.39 55.53 -86.81
N GLU V 47 5.00 54.54 -87.46
CA GLU V 47 6.41 54.23 -87.18
C GLU V 47 7.27 55.46 -87.41
N GLY V 48 8.18 55.72 -86.49
CA GLY V 48 9.00 56.90 -86.52
C GLY V 48 8.49 58.04 -85.67
N ASP V 49 7.21 58.05 -85.33
CA ASP V 49 6.69 59.08 -84.44
C ASP V 49 7.17 58.82 -83.01
N ASN V 50 7.27 59.90 -82.24
CA ASN V 50 7.81 59.81 -80.89
C ASN V 50 6.67 59.69 -79.89
N VAL V 51 6.99 59.07 -78.75
CA VAL V 51 6.02 58.78 -77.69
C VAL V 51 6.62 59.23 -76.37
N LYS V 52 5.79 59.86 -75.54
CA LYS V 52 6.19 60.23 -74.18
C LYS V 52 5.64 59.16 -73.25
N VAL V 53 6.54 58.51 -72.51
CA VAL V 53 6.15 57.46 -71.56
C VAL V 53 6.28 58.03 -70.16
N ILE V 54 5.20 57.95 -69.38
CA ILE V 54 5.21 58.46 -68.01
C ILE V 54 4.78 57.35 -67.07
N SER V 55 5.50 57.21 -65.97
CA SER V 55 5.21 56.24 -64.92
C SER V 55 5.28 56.94 -63.56
N GLU V 56 4.94 56.21 -62.51
CA GLU V 56 5.10 56.71 -61.15
C GLU V 56 6.53 57.16 -60.85
N TYR V 57 7.51 56.67 -61.61
CA TYR V 57 8.91 56.78 -61.23
C TYR V 57 9.73 57.67 -62.15
N GLY V 58 9.22 58.00 -63.34
CA GLY V 58 9.98 58.87 -64.23
C GLY V 58 9.23 59.10 -65.52
N ASP V 59 9.97 59.56 -66.53
CA ASP V 59 9.41 59.85 -67.85
C ASP V 59 10.54 59.80 -68.87
N VAL V 60 10.17 59.55 -70.13
CA VAL V 60 11.16 59.40 -71.20
C VAL V 60 10.44 59.58 -72.54
N VAL V 61 11.20 59.96 -73.56
CA VAL V 61 10.71 60.07 -74.93
C VAL V 61 11.41 59.02 -75.78
N VAL V 62 10.63 58.21 -76.50
CA VAL V 62 11.14 57.10 -77.30
C VAL V 62 10.42 57.09 -78.64
N LYS V 63 11.04 56.42 -79.62
CA LYS V 63 10.52 56.35 -80.98
C LYS V 63 9.59 55.14 -81.10
N ALA V 64 8.39 55.36 -81.65
CA ALA V 64 7.44 54.28 -81.79
C ALA V 64 7.87 53.35 -82.92
N VAL V 65 7.73 52.05 -82.68
CA VAL V 65 8.17 51.01 -83.60
C VAL V 65 7.10 49.92 -83.65
N GLU V 66 6.91 49.36 -84.84
CA GLU V 66 5.94 48.27 -85.00
C GLU V 66 6.58 46.99 -84.49
N ALA V 67 5.93 46.36 -83.52
CA ALA V 67 6.44 45.10 -82.99
C ALA V 67 6.28 44.00 -84.03
N LYS V 68 7.40 43.37 -84.40
CA LYS V 68 7.37 42.16 -85.20
C LYS V 68 7.24 40.91 -84.35
N GLU V 69 7.49 41.01 -83.04
CA GLU V 69 7.16 39.96 -82.10
C GLU V 69 5.86 40.38 -81.43
N PRO V 70 4.72 39.79 -81.81
CA PRO V 70 3.42 40.31 -81.36
C PRO V 70 3.32 40.33 -79.85
N LEU V 71 2.67 41.35 -79.34
CA LEU V 71 2.48 41.56 -77.92
C LEU V 71 1.05 41.21 -77.51
N PRO V 72 0.84 40.85 -76.25
CA PRO V 72 -0.53 40.75 -75.75
C PRO V 72 -1.20 42.11 -75.83
N GLU V 73 -2.53 42.08 -75.93
CA GLU V 73 -3.30 43.32 -75.95
C GLU V 73 -2.99 44.14 -74.71
N GLY V 74 -2.62 45.41 -74.92
CA GLY V 74 -2.37 46.34 -73.85
C GLY V 74 -0.92 46.46 -73.39
N MET V 75 0.00 45.74 -74.02
CA MET V 75 1.40 45.69 -73.60
C MET V 75 2.30 46.34 -74.65
N VAL V 76 3.38 46.96 -74.18
CA VAL V 76 4.42 47.53 -75.02
C VAL V 76 5.79 47.05 -74.54
N TYR V 77 6.79 47.19 -75.40
CA TYR V 77 8.14 46.69 -75.16
C TYR V 77 9.15 47.80 -75.42
N ILE V 78 9.93 48.15 -74.41
CA ILE V 78 11.09 49.02 -74.57
C ILE V 78 12.33 48.19 -74.25
N PRO V 79 13.30 48.08 -75.16
CA PRO V 79 14.50 47.30 -74.86
C PRO V 79 15.25 47.85 -73.66
N MET V 80 15.94 46.95 -72.94
CA MET V 80 16.74 47.34 -71.79
C MET V 80 17.73 48.44 -72.18
N GLY V 81 17.89 49.40 -71.29
CA GLY V 81 18.74 50.54 -71.53
C GLY V 81 18.34 51.69 -70.65
N PRO V 82 19.03 52.82 -70.78
CA PRO V 82 18.75 53.95 -69.89
C PRO V 82 17.41 54.62 -70.16
N TRP V 83 16.89 54.54 -71.39
CA TRP V 83 15.56 55.08 -71.66
C TRP V 83 14.49 54.28 -70.94
N ALA V 84 14.49 52.96 -71.12
CA ALA V 84 13.58 52.09 -70.39
C ALA V 84 13.72 52.29 -68.88
N ASN V 85 14.94 52.49 -68.40
CA ASN V 85 15.18 52.58 -66.98
C ASN V 85 14.88 53.97 -66.42
N ARG V 86 14.45 54.90 -67.25
CA ARG V 86 13.88 56.14 -66.72
C ARG V 86 12.53 55.89 -66.04
N VAL V 87 11.82 54.83 -66.44
CA VAL V 87 10.42 54.70 -66.10
C VAL V 87 10.07 53.42 -65.34
N ILE V 88 10.90 52.37 -65.37
CA ILE V 88 10.49 51.13 -64.70
C ILE V 88 10.59 51.26 -63.18
N ARG V 89 10.11 50.25 -62.47
CA ARG V 89 9.95 50.32 -61.02
C ARG V 89 11.27 49.99 -60.34
N PRO V 90 11.81 50.91 -59.53
CA PRO V 90 13.15 50.68 -58.96
C PRO V 90 13.16 49.74 -57.75
N TYR V 91 12.07 49.71 -56.98
CA TYR V 91 12.08 48.97 -55.72
C TYR V 91 12.36 47.49 -55.95
N THR V 92 13.12 46.91 -55.03
CA THR V 92 13.57 45.53 -55.15
C THR V 92 12.80 44.57 -54.26
N ASP V 93 11.89 45.08 -53.42
CA ASP V 93 11.13 44.26 -52.48
C ASP V 93 12.06 43.44 -51.59
N SER V 94 13.18 44.05 -51.20
CA SER V 94 14.21 43.42 -50.35
C SER V 94 14.77 42.16 -50.99
N THR V 95 14.96 42.20 -52.32
CA THR V 95 15.66 41.16 -53.04
C THR V 95 16.95 41.62 -53.70
N ALA V 96 17.18 42.93 -53.80
CA ALA V 96 18.26 43.63 -54.51
C ALA V 96 17.93 43.76 -56.00
N THR V 97 16.94 43.04 -56.52
CA THR V 97 16.63 43.05 -57.95
C THR V 97 15.42 43.93 -58.22
N PRO V 98 15.57 44.99 -59.00
CA PRO V 98 14.42 45.85 -59.32
C PRO V 98 13.40 45.12 -60.17
N SER V 99 12.23 45.75 -60.30
CA SER V 99 11.13 45.23 -61.11
C SER V 99 11.23 45.85 -62.51
N PHE V 100 12.11 45.28 -63.33
CA PHE V 100 12.35 45.80 -64.67
C PHE V 100 11.21 45.53 -65.64
N LYS V 101 10.27 44.64 -65.32
CA LYS V 101 9.30 44.16 -66.28
C LYS V 101 7.88 44.30 -65.75
N ASN V 102 6.98 44.70 -66.67
CA ASN V 102 5.53 44.70 -66.48
C ASN V 102 5.11 45.81 -65.51
N ILE V 103 5.25 47.04 -65.95
CA ILE V 103 5.05 48.22 -65.11
C ILE V 103 3.94 49.05 -65.74
N PRO V 104 2.93 49.48 -64.98
CA PRO V 104 1.91 50.37 -65.56
C PRO V 104 2.49 51.74 -65.92
N VAL V 105 2.32 52.14 -67.18
CA VAL V 105 2.78 53.44 -67.65
C VAL V 105 1.67 54.10 -68.46
N GLU V 106 1.81 55.41 -68.65
CA GLU V 106 0.94 56.19 -69.52
C GLU V 106 1.75 56.63 -70.74
N ILE V 107 1.21 56.35 -71.93
CA ILE V 107 1.86 56.77 -73.17
C ILE V 107 0.94 57.73 -73.91
N ILE V 108 1.55 58.71 -74.56
CA ILE V 108 0.83 59.78 -75.24
C ILE V 108 1.75 60.24 -76.38
N PRO V 109 1.23 60.59 -77.54
CA PRO V 109 2.10 61.10 -78.61
C PRO V 109 2.76 62.41 -78.20
N THR V 110 3.93 62.65 -78.77
CA THR V 110 4.68 63.86 -78.48
C THR V 110 5.52 64.21 -79.69
N ASP V 111 5.71 65.50 -79.91
CA ASP V 111 6.61 65.97 -80.93
C ASP V 111 8.00 66.26 -80.39
N GLU V 112 8.20 66.13 -79.08
CA GLU V 112 9.52 66.28 -78.49
C GLU V 112 10.50 65.30 -79.11
N GLU V 113 11.78 65.60 -78.94
CA GLU V 113 12.85 64.82 -79.54
C GLU V 113 13.35 63.75 -78.59
N VAL V 114 13.81 62.64 -79.17
CA VAL V 114 14.49 61.61 -78.41
C VAL V 114 15.84 62.11 -77.96
N LEU V 115 16.12 61.97 -76.67
CA LEU V 115 17.40 62.37 -76.10
C LEU V 115 18.47 61.36 -76.48
N ASP V 116 19.60 61.83 -77.00
CA ASP V 116 20.71 60.93 -77.26
C ASP V 116 21.35 60.52 -75.93
N MET V 117 22.37 59.67 -76.03
CA MET V 117 22.85 58.96 -74.84
C MET V 117 23.44 59.92 -73.82
N PRO V 118 24.45 60.76 -74.14
CA PRO V 118 24.99 61.64 -73.10
C PRO V 118 24.00 62.70 -72.62
N THR V 119 23.11 63.18 -73.49
CA THR V 119 22.11 64.16 -73.07
C THR V 119 21.12 63.56 -72.07
N LEU V 120 20.72 62.30 -72.29
CA LEU V 120 19.79 61.64 -71.37
C LEU V 120 20.34 61.59 -69.96
N MET V 121 21.63 61.29 -69.81
CA MET V 121 22.23 61.17 -68.49
C MET V 121 22.29 62.49 -67.75
N LYS V 122 22.24 63.62 -68.45
CA LYS V 122 22.37 64.92 -67.77
C LYS V 122 21.22 65.20 -66.82
N VAL V 123 20.03 64.63 -67.06
CA VAL V 123 18.91 64.84 -66.15
C VAL V 123 19.24 64.34 -64.75
N TYR V 124 20.13 63.35 -64.61
CA TYR V 124 20.46 62.91 -63.27
C TYR V 124 21.46 63.84 -62.61
N GLY V 125 22.07 64.76 -63.37
CA GLY V 125 22.82 65.86 -62.81
C GLY V 125 24.09 65.50 -62.07
N LYS V 126 25.01 64.79 -62.74
CA LYS V 126 26.22 64.33 -62.09
C LYS V 126 27.06 65.51 -61.59
N VAL V 127 27.39 65.47 -60.30
CA VAL V 127 28.28 66.44 -59.67
C VAL V 127 29.65 65.81 -59.55
N GLY V 128 30.67 66.55 -59.98
CA GLY V 128 32.03 66.04 -59.93
C GLY V 128 32.56 65.94 -58.53
N GLN V 129 33.53 65.03 -58.36
CA GLN V 129 34.22 64.86 -57.08
C GLN V 129 35.46 63.97 -57.22
N ALA W 2 14.67 29.66 -111.59
CA ALA W 2 14.31 28.49 -110.80
C ALA W 2 14.23 28.83 -109.32
N ILE W 3 13.57 27.96 -108.55
CA ILE W 3 13.54 28.13 -107.11
C ILE W 3 14.93 27.82 -106.57
N GLY W 4 15.42 28.67 -105.68
CA GLY W 4 16.76 28.51 -105.15
C GLY W 4 16.92 29.10 -103.77
N LEU W 5 18.10 28.90 -103.21
CA LEU W 5 18.43 29.41 -101.88
C LEU W 5 18.78 30.90 -101.97
N LYS W 6 18.19 31.70 -101.08
CA LYS W 6 18.47 33.13 -101.04
C LYS W 6 18.55 33.59 -99.58
N ALA W 7 19.60 34.34 -99.27
CA ALA W 7 19.87 34.82 -97.93
C ALA W 7 19.47 36.28 -97.80
N TYR W 8 18.91 36.63 -96.63
CA TYR W 8 18.63 38.02 -96.27
C TYR W 8 19.46 38.33 -95.03
N PRO W 9 20.77 38.56 -95.20
CA PRO W 9 21.63 38.74 -94.02
C PRO W 9 21.24 39.92 -93.14
N GLU W 10 20.58 40.95 -93.70
CA GLU W 10 20.23 42.11 -92.90
C GLU W 10 19.17 41.77 -91.85
N LEU W 11 18.43 40.67 -92.03
CA LEU W 11 17.46 40.20 -91.06
C LEU W 11 18.00 39.12 -90.13
N CYS W 12 19.18 38.59 -90.44
CA CYS W 12 19.74 37.42 -89.81
C CYS W 12 20.26 37.69 -88.40
N HIS W 13 20.13 36.68 -87.52
CA HIS W 13 20.64 36.76 -86.16
C HIS W 13 21.98 36.07 -85.98
N GLY W 14 22.44 35.30 -86.95
CA GLY W 14 23.61 34.48 -86.75
C GLY W 14 23.37 33.29 -85.84
N CYS W 15 22.10 32.94 -85.60
CA CYS W 15 21.80 31.98 -84.55
C CYS W 15 22.24 30.57 -84.93
N GLY W 16 22.31 30.27 -86.23
CA GLY W 16 22.84 29.01 -86.69
C GLY W 16 21.85 27.88 -86.85
N ASN W 17 20.55 28.11 -86.62
CA ASN W 17 19.60 27.00 -86.69
C ASN W 17 19.59 26.36 -88.07
N CYS W 18 19.62 27.19 -89.12
CA CYS W 18 19.58 26.66 -90.48
C CYS W 18 20.81 25.81 -90.78
N VAL W 19 21.98 26.30 -90.37
CA VAL W 19 23.23 25.59 -90.63
C VAL W 19 23.21 24.21 -90.00
N ILE W 20 22.70 24.11 -88.77
CA ILE W 20 22.66 22.83 -88.08
C ILE W 20 21.55 21.95 -88.63
N ALA W 21 20.41 22.55 -88.96
CA ALA W 21 19.26 21.76 -89.40
C ALA W 21 19.51 21.11 -90.76
N CYS W 22 20.31 21.75 -91.61
CA CYS W 22 20.52 21.30 -92.98
C CYS W 22 21.13 19.90 -93.04
N PRO W 23 20.49 18.94 -93.73
CA PRO W 23 21.05 17.59 -93.79
C PRO W 23 22.32 17.51 -94.63
N VAL W 24 22.44 18.32 -95.69
CA VAL W 24 23.68 18.34 -96.45
C VAL W 24 24.83 18.78 -95.55
N ASN W 25 24.61 19.86 -94.78
CA ASN W 25 25.61 20.27 -93.81
C ASN W 25 25.89 19.17 -92.79
N ALA W 26 24.83 18.55 -92.25
CA ALA W 26 25.00 17.51 -91.24
C ALA W 26 25.82 16.34 -91.76
N LEU W 27 25.49 15.83 -92.95
CA LEU W 27 26.19 14.67 -93.50
C LEU W 27 27.68 14.95 -93.68
N ARG W 28 28.02 16.19 -94.05
CA ARG W 28 29.37 16.56 -94.42
C ARG W 28 30.27 16.96 -93.24
N SER W 29 29.70 17.44 -92.15
CA SER W 29 30.49 17.91 -91.00
C SER W 29 29.88 17.37 -89.72
N PRO W 30 30.50 16.38 -89.08
CA PRO W 30 29.96 15.86 -87.80
C PRO W 30 29.79 16.94 -86.73
N GLU W 31 30.64 17.97 -86.74
CA GLU W 31 30.50 19.05 -85.77
C GLU W 31 29.19 19.80 -85.98
N VAL W 32 28.81 20.04 -87.24
CA VAL W 32 27.56 20.70 -87.55
C VAL W 32 26.38 19.82 -87.19
N ALA W 33 26.49 18.51 -87.47
CA ALA W 33 25.45 17.57 -87.09
C ALA W 33 25.19 17.61 -85.58
N GLY W 34 26.25 17.82 -84.79
CA GLY W 34 26.12 17.89 -83.35
C GLY W 34 25.90 19.29 -82.81
N GLY W 35 25.52 20.23 -83.68
CA GLY W 35 25.12 21.55 -83.26
C GLY W 35 26.22 22.59 -83.17
N LYS W 36 27.46 22.25 -83.53
CA LYS W 36 28.55 23.21 -83.50
C LYS W 36 28.76 23.85 -84.88
N GLY W 37 29.30 25.05 -84.87
CA GLY W 37 29.85 25.62 -86.08
C GLY W 37 31.06 24.82 -86.49
N PRO W 38 31.33 24.73 -87.80
CA PRO W 38 32.49 23.94 -88.25
C PRO W 38 33.78 24.60 -87.82
N THR W 39 34.69 23.80 -87.28
CA THR W 39 36.04 24.28 -87.00
C THR W 39 37.04 23.73 -88.01
N ASP W 40 37.03 22.43 -88.25
CA ASP W 40 37.74 21.87 -89.39
C ASP W 40 37.21 22.46 -90.69
N ASP W 41 38.10 22.53 -91.68
CA ASP W 41 37.75 23.03 -93.01
C ASP W 41 36.78 22.06 -93.68
N VAL W 42 35.63 22.59 -94.12
CA VAL W 42 34.59 21.81 -94.80
C VAL W 42 33.98 22.68 -95.88
N GLU W 43 33.48 22.05 -96.94
CA GLU W 43 32.65 22.71 -97.95
C GLU W 43 31.20 22.32 -97.68
N ILE W 44 30.42 23.27 -97.20
CA ILE W 44 29.01 23.07 -96.92
C ILE W 44 28.23 24.21 -97.57
N ILE W 45 26.90 24.14 -97.49
CA ILE W 45 26.08 25.06 -98.25
C ILE W 45 26.19 26.47 -97.70
N MET W 46 25.99 26.62 -96.39
CA MET W 46 26.09 27.94 -95.78
C MET W 46 26.67 27.82 -94.37
N ILE W 47 27.25 28.93 -93.92
CA ILE W 47 27.82 29.07 -92.58
C ILE W 47 27.41 30.43 -92.05
N VAL W 48 27.56 30.60 -90.75
CA VAL W 48 27.46 31.92 -90.13
C VAL W 48 28.84 32.56 -90.18
N GLU W 49 28.96 33.71 -90.85
CA GLU W 49 30.22 34.41 -91.03
C GLU W 49 30.00 35.91 -90.87
N ASP W 50 30.89 36.56 -90.13
CA ASP W 50 30.71 37.95 -89.70
C ASP W 50 29.30 38.17 -89.15
N GLY W 51 28.83 37.20 -88.37
CA GLY W 51 27.62 37.34 -87.60
C GLY W 51 26.34 37.02 -88.33
N VAL W 52 26.40 36.66 -89.61
CA VAL W 52 25.21 36.44 -90.42
C VAL W 52 25.39 35.24 -91.33
N VAL W 53 24.27 34.72 -91.82
CA VAL W 53 24.28 33.56 -92.71
C VAL W 53 24.93 33.92 -94.05
N ASN W 54 25.70 32.98 -94.60
CA ASN W 54 26.50 33.25 -95.79
C ASN W 54 26.56 31.99 -96.64
N ILE W 55 26.00 32.06 -97.85
CA ILE W 55 25.88 30.92 -98.74
C ILE W 55 27.18 30.72 -99.50
N LYS W 56 27.78 29.54 -99.34
CA LYS W 56 29.08 29.21 -99.92
C LYS W 56 29.01 28.22 -101.07
N ASN W 57 28.07 27.29 -101.06
CA ASN W 57 27.96 26.25 -102.09
C ASN W 57 26.48 26.04 -102.42
N PRO W 58 25.88 27.00 -103.13
CA PRO W 58 24.44 26.88 -103.45
C PRO W 58 24.12 25.71 -104.37
N ASP W 59 25.10 25.17 -105.11
CA ASP W 59 24.83 24.03 -105.98
C ASP W 59 24.49 22.77 -105.21
N LEU W 60 24.92 22.67 -103.94
CA LEU W 60 24.67 21.47 -103.16
C LEU W 60 23.28 21.46 -102.54
N CYS W 61 22.57 22.58 -102.61
CA CYS W 61 21.25 22.71 -102.01
C CYS W 61 20.21 21.93 -102.81
N GLY W 62 19.50 21.02 -102.15
CA GLY W 62 18.45 20.24 -102.74
C GLY W 62 17.05 20.78 -102.59
N LYS W 63 16.90 22.02 -102.09
CA LYS W 63 15.61 22.69 -101.95
C LYS W 63 14.58 21.83 -101.20
N CYS W 64 15.01 21.26 -100.07
CA CYS W 64 14.07 20.46 -99.29
C CYS W 64 13.21 21.34 -98.37
N GLY W 65 13.75 22.46 -97.89
CA GLY W 65 12.97 23.40 -97.10
C GLY W 65 13.21 23.37 -95.60
N THR W 66 14.13 22.54 -95.12
CA THR W 66 14.31 22.37 -93.69
C THR W 66 14.84 23.64 -93.02
N CYS W 67 15.88 24.25 -93.61
CA CYS W 67 16.43 25.47 -93.03
C CYS W 67 15.35 26.53 -92.88
N VAL W 68 14.49 26.67 -93.90
CA VAL W 68 13.45 27.70 -93.87
C VAL W 68 12.51 27.47 -92.68
N GLU W 69 12.11 26.22 -92.45
CA GLU W 69 11.28 25.89 -91.30
C GLU W 69 11.94 26.32 -90.00
N SER W 70 13.26 26.23 -89.91
CA SER W 70 14.02 26.49 -88.70
C SER W 70 14.33 27.96 -88.47
N CYS W 71 14.19 28.81 -89.49
CA CYS W 71 14.47 30.23 -89.33
C CYS W 71 13.22 30.95 -88.86
N PRO W 72 13.21 31.56 -87.68
CA PRO W 72 12.01 32.27 -87.22
C PRO W 72 11.83 33.65 -87.82
N VAL W 73 12.86 34.23 -88.42
CA VAL W 73 12.82 35.62 -88.87
C VAL W 73 12.86 35.72 -90.40
N ASP W 74 12.58 34.63 -91.10
CA ASP W 74 12.52 34.61 -92.56
C ASP W 74 13.78 35.22 -93.19
N ALA W 75 14.93 34.88 -92.62
CA ALA W 75 16.22 35.36 -93.12
C ALA W 75 16.85 34.45 -94.16
N ILE W 76 16.37 33.21 -94.31
CA ILE W 76 16.83 32.32 -95.36
C ILE W 76 15.60 31.71 -96.02
N ARG W 77 15.60 31.65 -97.36
CA ARG W 77 14.38 31.38 -98.09
C ARG W 77 14.63 30.53 -99.33
N LEU W 78 13.54 29.95 -99.83
CA LEU W 78 13.50 29.33 -101.15
C LEU W 78 12.55 30.14 -102.02
N GLU W 79 13.10 30.82 -103.02
CA GLU W 79 12.31 31.64 -103.93
C GLU W 79 12.96 31.65 -105.31
N GLU W 80 12.34 32.37 -106.24
CA GLU W 80 12.86 32.47 -107.60
C GLU W 80 14.23 33.11 -107.63
N LEU W 81 15.17 32.45 -108.30
CA LEU W 81 16.55 32.89 -108.42
C LEU W 81 17.22 32.98 -107.06
N THR X 4 -3.49 27.45 -126.60
CA THR X 4 -3.90 28.29 -125.48
C THR X 4 -3.49 27.65 -124.17
N GLU X 5 -3.04 28.50 -123.24
CA GLU X 5 -2.72 28.10 -121.88
C GLU X 5 -3.32 29.13 -120.94
N VAL X 6 -4.33 28.72 -120.20
CA VAL X 6 -4.96 29.56 -119.20
C VAL X 6 -4.41 29.19 -117.84
N ILE X 7 -4.18 30.20 -117.00
CA ILE X 7 -3.73 30.01 -115.65
C ILE X 7 -4.74 30.69 -114.73
N GLU X 8 -5.42 29.87 -113.91
CA GLU X 8 -6.44 30.35 -112.97
C GLU X 8 -5.98 29.93 -111.57
N GLY X 9 -5.46 30.89 -110.83
CA GLY X 9 -4.83 30.57 -109.56
C GLY X 9 -3.52 29.84 -109.81
N LYS X 10 -3.39 28.67 -109.19
CA LYS X 10 -2.24 27.81 -109.38
C LYS X 10 -2.55 26.65 -110.33
N ASN X 11 -3.76 26.58 -110.87
CA ASN X 11 -4.10 25.55 -111.83
C ASN X 11 -3.68 25.98 -113.23
N ILE X 12 -3.48 24.98 -114.08
CA ILE X 12 -3.02 25.18 -115.45
C ILE X 12 -3.91 24.38 -116.38
N THR X 13 -4.45 25.04 -117.40
CA THR X 13 -5.21 24.38 -118.45
C THR X 13 -4.56 24.68 -119.79
N VAL X 14 -4.18 23.63 -120.52
CA VAL X 14 -3.62 23.75 -121.86
C VAL X 14 -4.67 23.22 -122.85
N GLU X 15 -5.03 24.04 -123.83
CA GLU X 15 -6.10 23.67 -124.75
C GLU X 15 -5.62 23.91 -126.19
N ARG X 16 -6.25 23.22 -127.14
CA ARG X 16 -6.03 23.45 -128.56
C ARG X 16 -7.31 23.12 -129.28
N THR X 17 -7.68 23.98 -130.24
CA THR X 17 -8.90 23.81 -131.01
C THR X 17 -8.59 23.49 -132.47
N GLU X 20 -10.93 17.99 -133.63
CA GLU X 20 -10.85 17.41 -132.30
C GLU X 20 -10.33 18.43 -131.28
N ASN X 21 -11.15 18.76 -130.29
CA ASN X 21 -10.79 19.67 -129.22
C ASN X 21 -10.13 18.91 -128.08
N ARG X 22 -8.91 19.30 -127.74
CA ARG X 22 -8.17 18.68 -126.65
C ARG X 22 -7.82 19.71 -125.59
N ARG X 23 -7.85 19.28 -124.34
CA ARG X 23 -7.56 20.20 -123.25
C ARG X 23 -7.02 19.43 -122.06
N LEU X 24 -5.84 19.85 -121.60
CA LEU X 24 -5.12 19.24 -120.49
C LEU X 24 -5.23 20.14 -119.28
N ILE X 25 -5.86 19.66 -118.21
CA ILE X 25 -6.06 20.43 -116.99
C ILE X 25 -5.21 19.85 -115.87
N PHE X 26 -4.47 20.73 -115.20
CA PHE X 26 -3.65 20.41 -114.04
C PHE X 26 -4.26 21.04 -112.80
N GLN X 27 -4.50 20.23 -111.77
CA GLN X 27 -5.04 20.70 -110.50
C GLN X 27 -3.92 20.72 -109.47
N ASP X 28 -3.41 21.92 -109.17
CA ASP X 28 -2.31 22.08 -108.24
C ASP X 28 -2.58 21.38 -106.91
N CYS X 29 -3.81 21.51 -106.39
CA CYS X 29 -4.12 21.01 -105.05
C CYS X 29 -3.96 19.49 -104.93
N LEU X 30 -4.08 18.75 -106.04
CA LEU X 30 -3.96 17.31 -105.98
C LEU X 30 -2.55 16.81 -106.26
N CYS X 31 -1.65 17.69 -106.67
CA CYS X 31 -0.32 17.29 -107.10
C CYS X 31 0.58 16.99 -105.90
N ALA X 32 1.19 15.80 -105.91
CA ALA X 32 2.12 15.40 -104.87
C ALA X 32 3.57 15.69 -105.23
N VAL X 33 3.81 16.30 -106.39
CA VAL X 33 5.14 16.71 -106.83
C VAL X 33 6.06 15.49 -106.88
N CYS X 34 5.56 14.37 -107.39
CA CYS X 34 6.41 13.19 -107.47
C CYS X 34 7.35 13.24 -108.67
N GLY X 35 7.00 14.00 -109.71
CA GLY X 35 7.86 14.21 -110.84
C GLY X 35 7.60 13.32 -112.04
N LEU X 36 6.72 12.32 -111.89
CA LEU X 36 6.56 11.30 -112.93
C LEU X 36 6.09 11.91 -114.26
N CYS X 37 5.24 12.94 -114.21
CA CYS X 37 4.76 13.53 -115.47
C CYS X 37 5.92 14.11 -116.26
N GLY X 38 6.83 14.79 -115.57
CA GLY X 38 7.97 15.40 -116.25
C GLY X 38 8.86 14.36 -116.91
N GLU X 39 9.04 13.21 -116.27
CA GLU X 39 9.89 12.19 -116.86
C GLU X 39 9.25 11.57 -118.09
N ILE X 40 7.94 11.29 -118.01
CA ILE X 40 7.28 10.55 -119.08
C ILE X 40 7.04 11.42 -120.33
N CYS X 41 7.01 12.74 -120.18
CA CYS X 41 6.68 13.62 -121.30
C CYS X 41 7.66 13.40 -122.46
N PRO X 42 7.18 12.95 -123.63
CA PRO X 42 8.11 12.71 -124.73
C PRO X 42 8.77 13.97 -125.25
N VAL X 43 8.13 15.13 -125.07
CA VAL X 43 8.60 16.38 -125.63
C VAL X 43 9.25 17.26 -124.54
N SER X 44 9.45 16.72 -123.34
CA SER X 44 10.01 17.46 -122.20
C SER X 44 9.28 18.79 -122.03
N ALA X 45 7.95 18.71 -122.07
CA ALA X 45 7.13 19.91 -121.95
C ALA X 45 6.85 20.31 -120.52
N ILE X 46 7.17 19.45 -119.55
CA ILE X 46 6.85 19.71 -118.15
C ILE X 46 8.14 19.94 -117.37
N GLU X 47 8.14 20.97 -116.53
CA GLU X 47 9.16 21.16 -115.50
C GLU X 47 8.47 21.11 -114.14
N VAL X 48 8.99 20.26 -113.26
CA VAL X 48 8.42 20.04 -111.94
C VAL X 48 9.33 20.70 -110.91
N ASN X 49 8.76 21.54 -110.06
CA ASN X 49 9.50 22.25 -109.05
C ASN X 49 9.99 21.29 -107.96
N PRO X 50 10.95 21.72 -107.14
CA PRO X 50 11.49 20.84 -106.09
C PRO X 50 10.40 20.37 -105.12
N THR X 51 10.36 19.06 -104.90
CA THR X 51 9.31 18.45 -104.08
C THR X 51 9.28 19.03 -102.67
N GLY X 52 10.41 19.01 -101.98
CA GLY X 52 10.44 19.49 -100.60
C GLY X 52 9.94 20.92 -100.46
N ALA X 53 10.48 21.83 -101.27
CA ALA X 53 10.07 23.23 -101.19
C ALA X 53 8.58 23.39 -101.43
N MET X 54 8.03 22.66 -102.40
CA MET X 54 6.62 22.84 -102.73
C MET X 54 5.69 22.31 -101.65
N VAL X 55 6.16 21.36 -100.84
CA VAL X 55 5.33 20.79 -99.78
C VAL X 55 5.55 21.47 -98.43
N ARG X 56 6.79 21.84 -98.13
CA ARG X 56 7.13 22.34 -96.80
C ARG X 56 7.15 23.85 -96.71
N THR X 57 7.24 24.52 -97.83
CA THR X 57 7.29 25.96 -97.79
C THR X 57 6.23 26.52 -98.70
N GLU X 58 5.92 27.71 -98.32
CA GLU X 58 4.89 28.51 -98.90
C GLU X 58 5.46 29.18 -100.18
N GLN X 59 4.81 28.88 -101.32
CA GLN X 59 5.25 29.30 -102.65
C GLN X 59 4.00 29.64 -103.46
N GLU X 60 4.10 30.65 -104.33
CA GLU X 60 2.93 30.94 -105.14
C GLU X 60 3.09 30.47 -106.59
N LYS X 61 4.28 30.01 -106.98
CA LYS X 61 4.36 29.21 -108.19
C LYS X 61 3.52 27.96 -108.05
N SER X 62 3.04 27.48 -109.18
CA SER X 62 2.44 26.15 -109.24
C SER X 62 3.53 25.10 -109.09
N LYS X 63 3.11 23.89 -108.73
CA LYS X 63 4.07 22.81 -108.53
C LYS X 63 4.74 22.40 -109.83
N ILE X 64 4.06 22.50 -110.97
CA ILE X 64 4.68 22.19 -112.25
C ILE X 64 4.47 23.36 -113.19
N ALA X 65 5.26 23.36 -114.25
CA ALA X 65 5.07 24.28 -115.37
C ALA X 65 4.96 23.46 -116.65
N ILE X 66 3.99 23.82 -117.50
CA ILE X 66 3.79 23.15 -118.78
C ILE X 66 4.03 24.15 -119.89
N ASP X 67 4.88 23.79 -120.84
CA ASP X 67 5.20 24.63 -121.98
C ASP X 67 4.22 24.29 -123.10
N GLU X 68 3.43 25.28 -123.51
CA GLU X 68 2.43 25.03 -124.54
C GLU X 68 3.07 24.81 -125.89
N ASN X 69 4.12 25.58 -126.21
CA ASN X 69 4.74 25.53 -127.53
C ASN X 69 5.33 24.16 -127.84
N LYS X 70 5.67 23.39 -126.81
CA LYS X 70 6.15 22.02 -126.97
C LYS X 70 5.08 20.96 -126.75
N CYS X 71 4.09 21.24 -125.91
CA CYS X 71 3.07 20.25 -125.55
C CYS X 71 2.30 19.74 -126.76
N VAL X 72 2.27 18.42 -126.92
CA VAL X 72 1.57 17.77 -128.03
C VAL X 72 0.21 17.22 -127.62
N LEU X 73 -0.20 17.46 -126.37
CA LEU X 73 -1.49 17.00 -125.86
C LEU X 73 -1.73 15.53 -126.21
N CYS X 74 -0.74 14.69 -125.91
CA CYS X 74 -0.88 13.26 -126.13
C CYS X 74 -1.48 12.55 -124.93
N GLY X 75 -1.29 13.10 -123.72
CA GLY X 75 -1.96 12.60 -122.53
C GLY X 75 -1.25 11.52 -121.75
N MET X 76 0.03 11.31 -121.99
CA MET X 76 0.76 10.30 -121.22
C MET X 76 0.92 10.74 -119.77
N CYS X 77 1.21 12.02 -119.56
CA CYS X 77 1.31 12.56 -118.20
C CYS X 77 0.01 12.37 -117.45
N SER X 78 -1.11 12.62 -118.12
CA SER X 78 -2.41 12.40 -117.51
C SER X 78 -2.61 10.94 -117.17
N SER X 79 -2.14 10.04 -118.04
CA SER X 79 -2.29 8.61 -117.79
C SER X 79 -1.45 8.17 -116.60
N ILE X 80 -0.19 8.62 -116.54
CA ILE X 80 0.73 8.08 -115.53
C ILE X 80 0.44 8.61 -114.13
N CYS X 81 -0.08 9.83 -114.02
CA CYS X 81 -0.24 10.53 -112.74
C CYS X 81 -0.98 9.68 -111.72
N PRO X 82 -0.32 9.25 -110.65
CA PRO X 82 -1.00 8.44 -109.63
C PRO X 82 -1.97 9.24 -108.77
N PHE X 83 -1.98 10.56 -108.86
CA PHE X 83 -2.76 11.40 -107.96
C PHE X 83 -3.88 12.13 -108.66
N GLN X 84 -4.17 11.78 -109.93
CA GLN X 84 -5.29 12.35 -110.68
C GLN X 84 -5.21 13.86 -110.79
N ALA X 85 -4.00 14.41 -110.73
CA ALA X 85 -3.80 15.85 -110.83
C ALA X 85 -3.71 16.34 -112.27
N LEU X 86 -3.60 15.42 -113.24
CA LEU X 86 -3.55 15.77 -114.65
C LEU X 86 -4.64 15.00 -115.38
N ASP X 87 -5.50 15.74 -116.09
CA ASP X 87 -6.61 15.17 -116.83
C ASP X 87 -6.60 15.72 -118.25
N LEU X 88 -6.47 14.85 -119.23
CA LEU X 88 -6.62 15.26 -120.62
C LEU X 88 -8.05 14.94 -121.04
N GLN X 89 -8.67 15.90 -121.73
CA GLN X 89 -10.03 15.76 -122.23
C GLN X 89 -10.00 15.91 -123.75
N ILE X 90 -10.79 15.10 -124.42
CA ILE X 90 -10.91 15.12 -125.88
C ILE X 90 -12.38 15.37 -126.19
N ASP X 91 -12.64 16.50 -126.83
CA ASP X 91 -14.00 16.96 -127.12
C ASP X 91 -14.67 17.01 -125.76
N GLY X 92 -15.69 16.22 -125.48
CA GLY X 92 -16.35 16.38 -124.20
C GLY X 92 -15.66 15.64 -123.09
N THR X 93 -14.93 14.58 -123.42
CA THR X 93 -14.68 13.48 -122.50
C THR X 93 -13.22 13.31 -122.10
N SER X 94 -13.03 12.94 -120.83
CA SER X 94 -11.73 12.69 -120.22
C SER X 94 -11.21 11.32 -120.64
N ILE X 95 -9.89 11.19 -120.77
CA ILE X 95 -9.34 10.01 -121.43
C ILE X 95 -9.51 8.74 -120.62
N LYS X 96 -9.73 8.83 -119.31
CA LYS X 96 -9.95 7.63 -118.52
C LYS X 96 -11.22 6.91 -118.96
N GLU X 97 -12.12 7.59 -119.67
CA GLU X 97 -13.33 6.97 -120.19
C GLU X 97 -13.13 6.40 -121.59
N LEU X 98 -11.99 6.69 -122.22
CA LEU X 98 -11.72 6.28 -123.58
C LEU X 98 -10.82 5.05 -123.58
N ALA X 99 -11.28 3.97 -124.20
CA ALA X 99 -10.51 2.75 -124.23
C ALA X 99 -9.28 2.85 -125.12
N GLU X 100 -9.29 3.77 -126.09
CA GLU X 100 -8.09 3.98 -126.91
C GLU X 100 -6.90 4.36 -126.07
N TYR X 101 -7.11 5.09 -124.98
CA TYR X 101 -5.99 5.58 -124.19
C TYR X 101 -5.63 4.59 -123.10
N PRO X 102 -4.37 4.17 -123.01
CA PRO X 102 -3.95 3.28 -121.92
C PRO X 102 -4.22 3.92 -120.56
N LYS X 103 -4.63 3.08 -119.62
CA LYS X 103 -5.01 3.51 -118.28
C LYS X 103 -4.30 2.64 -117.26
N ILE X 104 -3.83 3.28 -116.20
CA ILE X 104 -3.14 2.56 -115.12
C ILE X 104 -4.17 1.84 -114.27
N ILE X 105 -3.83 0.62 -113.85
CA ILE X 105 -4.78 -0.27 -113.20
C ILE X 105 -4.59 -0.19 -111.69
N LYS X 106 -5.66 0.17 -111.00
CA LYS X 106 -5.67 0.38 -109.56
C LYS X 106 -7.12 0.31 -109.10
N SER X 107 -7.31 0.05 -107.81
CA SER X 107 -8.66 -0.01 -107.28
C SER X 107 -8.62 0.10 -105.76
N ALA X 108 -9.75 0.51 -105.20
CA ALA X 108 -9.93 0.63 -103.76
C ALA X 108 -11.40 0.45 -103.48
N GLU X 109 -11.75 -0.58 -102.72
CA GLU X 109 -13.15 -0.91 -102.52
C GLU X 109 -13.42 -1.34 -101.09
N ILE X 110 -14.65 -1.12 -100.66
CA ILE X 110 -15.13 -1.51 -99.33
C ILE X 110 -16.40 -2.33 -99.52
N ASP X 111 -16.40 -3.54 -98.95
CA ASP X 111 -17.56 -4.41 -98.93
C ASP X 111 -18.52 -3.88 -97.86
N ASP X 112 -19.63 -3.28 -98.31
CA ASP X 112 -20.47 -2.51 -97.39
C ASP X 112 -21.21 -3.33 -96.34
N GLU X 113 -21.48 -4.60 -96.57
CA GLU X 113 -22.11 -5.32 -95.47
C GLU X 113 -21.11 -6.11 -94.62
N THR X 114 -19.89 -6.31 -95.09
CA THR X 114 -18.86 -6.78 -94.16
C THR X 114 -18.47 -5.66 -93.20
N CYS X 115 -18.38 -4.45 -93.73
CA CYS X 115 -18.07 -3.25 -92.94
C CYS X 115 -19.00 -3.10 -91.75
N ILE X 116 -18.41 -2.82 -90.58
CA ILE X 116 -19.19 -2.61 -89.36
C ILE X 116 -19.12 -1.17 -88.88
N GLN X 117 -18.60 -0.26 -89.71
CA GLN X 117 -18.66 1.18 -89.46
C GLN X 117 -17.83 1.61 -88.26
N CYS X 118 -16.65 1.00 -88.07
CA CYS X 118 -15.81 1.39 -86.94
C CYS X 118 -15.07 2.69 -87.17
N LYS X 119 -14.91 3.11 -88.44
CA LYS X 119 -14.27 4.35 -88.88
C LYS X 119 -12.76 4.36 -88.76
N ALA X 120 -12.12 3.20 -88.57
CA ALA X 120 -10.66 3.19 -88.49
C ALA X 120 -10.03 3.68 -89.80
N CYS X 121 -10.58 3.26 -90.94
CA CYS X 121 -9.98 3.62 -92.22
C CYS X 121 -10.16 5.11 -92.51
N GLU X 122 -11.32 5.67 -92.16
CA GLU X 122 -11.54 7.10 -92.29
C GLU X 122 -10.44 7.88 -91.59
N THR X 123 -10.11 7.46 -90.37
CA THR X 123 -9.01 8.08 -89.62
C THR X 123 -7.67 7.80 -90.30
N ALA X 124 -7.47 6.58 -90.79
CA ALA X 124 -6.16 6.17 -91.28
C ALA X 124 -5.81 6.75 -92.66
N CYS X 125 -6.82 7.04 -93.49
CA CYS X 125 -6.60 7.46 -94.87
C CYS X 125 -5.73 8.70 -94.98
N PRO X 126 -4.53 8.60 -95.54
CA PRO X 126 -3.64 9.77 -95.61
C PRO X 126 -4.16 10.87 -96.52
N GLN X 127 -5.16 10.59 -97.35
CA GLN X 127 -5.69 11.56 -98.30
C GLN X 127 -7.08 12.05 -97.94
N ASP X 128 -7.62 11.63 -96.79
CA ASP X 128 -9.01 11.94 -96.39
C ASP X 128 -9.98 11.59 -97.52
N ALA X 129 -9.72 10.47 -98.19
CA ALA X 129 -10.57 10.06 -99.31
C ALA X 129 -11.81 9.33 -98.86
N ILE X 130 -11.84 8.87 -97.61
CA ILE X 130 -12.89 7.99 -97.11
C ILE X 130 -13.90 8.78 -96.29
N THR X 131 -15.17 8.52 -96.54
CA THR X 131 -16.26 8.91 -95.65
C THR X 131 -16.92 7.65 -95.11
N ILE X 132 -17.02 7.55 -93.79
CA ILE X 132 -17.75 6.49 -93.12
C ILE X 132 -18.83 7.14 -92.26
N THR X 133 -20.08 6.80 -92.53
CA THR X 133 -21.21 7.24 -91.72
C THR X 133 -21.70 6.09 -90.85
N ARG X 134 -22.28 6.43 -89.70
CA ARG X 134 -22.95 5.42 -88.89
C ARG X 134 -24.04 6.08 -88.06
N GLU X 135 -25.21 5.46 -88.05
CA GLU X 135 -26.32 5.88 -87.20
C GLU X 135 -26.35 4.96 -85.99
N LEU X 136 -26.16 5.53 -84.81
CA LEU X 136 -26.21 4.78 -83.56
C LEU X 136 -27.60 4.85 -82.97
N PRO X 137 -27.97 3.90 -82.11
CA PRO X 137 -29.28 3.98 -81.46
C PRO X 137 -29.38 5.16 -80.52
N GLU X 138 -30.62 5.57 -80.28
CA GLU X 138 -30.86 6.61 -79.29
C GLU X 138 -30.65 6.09 -77.87
N ARG X 139 -30.22 6.99 -77.00
CA ARG X 139 -29.89 6.62 -75.61
C ARG X 139 -31.09 6.00 -74.90
N LYS X 140 -32.27 6.64 -75.03
CA LYS X 140 -33.50 6.13 -74.43
C LYS X 140 -33.75 4.66 -74.73
N ASP X 141 -33.34 4.20 -75.92
CA ASP X 141 -33.65 2.84 -76.33
C ASP X 141 -32.69 1.79 -75.78
N LEU X 142 -31.62 2.16 -75.09
CA LEU X 142 -30.72 1.17 -74.52
C LEU X 142 -30.87 1.10 -73.01
N VAL X 143 -31.98 1.63 -72.50
CA VAL X 143 -32.07 1.84 -71.08
C VAL X 143 -33.57 1.74 -70.75
N THR X 144 -33.93 1.27 -69.53
CA THR X 144 -35.36 1.23 -69.19
C THR X 144 -35.58 1.44 -67.70
N GLY X 145 -36.63 2.21 -67.37
CA GLY X 145 -36.95 2.49 -65.98
C GLY X 145 -38.11 3.45 -65.89
N GLU X 146 -38.55 3.69 -64.66
CA GLU X 146 -39.58 4.67 -64.35
C GLU X 146 -39.01 5.75 -63.45
N ILE X 147 -39.45 6.98 -63.64
CA ILE X 147 -39.06 8.07 -62.77
C ILE X 147 -40.17 9.11 -62.74
N GLU X 148 -40.50 9.55 -61.52
CA GLU X 148 -41.53 10.53 -61.24
C GLU X 148 -41.07 11.43 -60.12
N ILE X 149 -41.35 12.72 -60.24
CA ILE X 149 -41.04 13.68 -59.18
C ILE X 149 -42.35 14.26 -58.68
N ASP X 150 -42.60 14.09 -57.39
CA ASP X 150 -43.75 14.70 -56.73
C ASP X 150 -43.39 16.15 -56.43
N LYS X 151 -43.91 17.07 -57.22
CA LYS X 151 -43.51 18.48 -57.11
C LYS X 151 -44.08 19.14 -55.86
N ASP X 152 -45.16 18.59 -55.29
CA ASP X 152 -45.68 19.13 -54.03
C ASP X 152 -44.76 18.81 -52.87
N THR X 153 -44.21 17.60 -52.85
CA THR X 153 -43.22 17.25 -51.82
C THR X 153 -41.92 18.01 -52.02
N CYS X 154 -41.57 18.23 -53.28
CA CYS X 154 -40.33 18.90 -53.65
C CYS X 154 -40.23 20.29 -53.04
N ILE X 155 -39.09 20.57 -52.39
CA ILE X 155 -38.80 21.87 -51.79
C ILE X 155 -37.73 22.63 -52.56
N TYR X 156 -37.31 22.10 -53.71
CA TYR X 156 -36.42 22.80 -54.66
C TYR X 156 -35.05 23.12 -54.06
N CYS X 157 -34.46 22.12 -53.40
CA CYS X 157 -33.12 22.33 -52.88
C CYS X 157 -32.04 22.25 -53.96
N GLY X 158 -32.38 21.75 -55.15
CA GLY X 158 -31.46 21.72 -56.26
C GLY X 158 -30.46 20.57 -56.25
N MET X 159 -30.43 19.74 -55.21
CA MET X 159 -29.37 18.75 -55.09
C MET X 159 -29.45 17.68 -56.18
N CYS X 160 -30.67 17.31 -56.59
CA CYS X 160 -30.78 16.32 -57.66
C CYS X 160 -30.30 16.89 -58.99
N GLU X 161 -30.62 18.16 -59.25
CA GLU X 161 -30.15 18.80 -60.48
C GLU X 161 -28.63 18.83 -60.55
N GLU X 162 -27.99 19.11 -59.42
CA GLU X 162 -26.53 19.16 -59.37
C GLU X 162 -25.93 17.77 -59.57
N MET X 163 -26.45 16.76 -58.86
CA MET X 163 -25.86 15.44 -58.86
C MET X 163 -26.17 14.64 -60.11
N CYS X 164 -27.25 14.96 -60.83
CA CYS X 164 -27.61 14.18 -62.01
C CYS X 164 -26.47 14.20 -63.01
N PRO X 165 -25.82 13.06 -63.26
CA PRO X 165 -24.60 13.06 -64.07
C PRO X 165 -24.84 13.23 -65.57
N VAL X 166 -26.08 13.18 -66.02
CA VAL X 166 -26.42 13.38 -67.42
C VAL X 166 -27.27 14.62 -67.64
N ASP X 167 -27.40 15.47 -66.62
CA ASP X 167 -28.19 16.71 -66.69
C ASP X 167 -29.60 16.47 -67.24
N ALA X 168 -30.26 15.41 -66.75
CA ALA X 168 -31.64 15.15 -67.18
C ALA X 168 -32.67 15.94 -66.37
N ILE X 169 -32.32 16.38 -65.18
CA ILE X 169 -33.28 17.09 -64.34
C ILE X 169 -33.09 18.59 -64.53
N GLU X 170 -34.21 19.30 -64.66
CA GLU X 170 -34.23 20.73 -64.89
C GLU X 170 -35.17 21.40 -63.91
N ILE X 171 -34.73 22.51 -63.32
CA ILE X 171 -35.52 23.26 -62.36
C ILE X 171 -35.67 24.69 -62.85
N ASP X 172 -36.89 25.21 -62.84
CA ASP X 172 -37.18 26.58 -63.25
C ASP X 172 -36.94 27.52 -62.08
N HIS X 173 -35.66 27.84 -61.86
CA HIS X 173 -35.27 28.76 -60.80
C HIS X 173 -35.84 30.15 -61.06
N GLN X 174 -36.01 30.90 -59.98
CA GLN X 174 -36.41 32.30 -60.07
C GLN X 174 -36.04 33.01 -58.77
N THR X 175 -36.02 34.33 -58.83
CA THR X 175 -36.02 35.14 -57.63
C THR X 175 -37.44 35.29 -57.13
N PRO X 176 -37.72 35.08 -55.84
CA PRO X 176 -39.09 35.22 -55.36
C PRO X 176 -39.57 36.66 -55.43
N SER X 177 -40.89 36.80 -55.54
CA SER X 177 -41.56 38.07 -55.40
C SER X 177 -42.76 37.86 -54.48
N SER X 178 -43.34 38.96 -53.99
CA SER X 178 -44.48 38.81 -53.10
C SER X 178 -45.66 38.14 -53.78
N ALA X 179 -45.78 38.29 -55.11
CA ALA X 179 -46.83 37.59 -55.83
C ALA X 179 -46.49 36.11 -55.98
N SER X 180 -45.21 35.78 -56.15
CA SER X 180 -44.76 34.41 -56.36
C SER X 180 -43.64 34.11 -55.36
N PRO X 181 -44.01 33.83 -54.05
CA PRO X 181 -43.01 33.65 -52.98
C PRO X 181 -42.39 32.25 -52.96
N VAL X 182 -41.74 31.89 -54.06
CA VAL X 182 -41.07 30.60 -54.20
C VAL X 182 -39.76 30.80 -54.95
N VAL X 183 -38.81 29.90 -54.71
CA VAL X 183 -37.50 29.97 -55.36
C VAL X 183 -37.47 29.20 -56.67
N ALA X 184 -38.56 28.54 -57.04
CA ALA X 184 -38.65 27.82 -58.31
C ALA X 184 -40.11 27.53 -58.57
N THR X 185 -40.46 27.43 -59.86
CA THR X 185 -41.85 27.23 -60.26
C THR X 185 -42.13 25.86 -60.84
N ASP X 186 -41.11 25.06 -61.14
CA ASP X 186 -41.33 23.75 -61.74
C ASP X 186 -40.03 22.95 -61.67
N ILE X 187 -40.16 21.64 -61.83
CA ILE X 187 -39.04 20.73 -61.94
C ILE X 187 -39.44 19.60 -62.88
N ARG X 188 -38.51 19.16 -63.73
CA ARG X 188 -38.81 18.18 -64.76
C ARG X 188 -37.65 17.22 -64.94
N VAL X 189 -37.99 15.98 -65.33
CA VAL X 189 -37.01 14.98 -65.73
C VAL X 189 -37.18 14.68 -67.21
N ASP X 190 -36.09 14.78 -67.96
CA ASP X 190 -36.07 14.47 -69.39
C ASP X 190 -35.70 13.00 -69.56
N GLU X 191 -36.71 12.16 -69.85
CA GLU X 191 -36.48 10.73 -70.00
C GLU X 191 -35.72 10.37 -71.28
N ASP X 192 -35.57 11.30 -72.22
CA ASP X 192 -34.64 11.04 -73.33
C ASP X 192 -33.20 10.97 -72.86
N LYS X 193 -32.88 11.57 -71.71
CA LYS X 193 -31.54 11.60 -71.17
C LYS X 193 -31.31 10.69 -69.98
N CYS X 194 -32.33 10.52 -69.14
CA CYS X 194 -32.20 9.71 -67.94
C CYS X 194 -31.72 8.30 -68.26
N VAL X 195 -30.69 7.85 -67.53
CA VAL X 195 -30.17 6.49 -67.65
C VAL X 195 -30.42 5.68 -66.38
N HIS X 196 -31.22 6.22 -65.46
CA HIS X 196 -31.70 5.47 -64.29
C HIS X 196 -30.57 4.94 -63.41
N CYS X 197 -29.64 5.84 -63.06
CA CYS X 197 -28.57 5.46 -62.16
C CYS X 197 -29.01 5.51 -60.69
N GLY X 198 -30.05 6.27 -60.37
CA GLY X 198 -30.62 6.30 -59.04
C GLY X 198 -30.08 7.37 -58.10
N ILE X 199 -29.12 8.17 -58.55
CA ILE X 199 -28.43 9.10 -57.66
C ILE X 199 -29.41 10.13 -57.08
N CYS X 200 -30.25 10.71 -57.93
CA CYS X 200 -31.16 11.77 -57.49
C CYS X 200 -32.06 11.27 -56.36
N LYS X 201 -32.64 10.08 -56.53
CA LYS X 201 -33.55 9.57 -55.52
C LYS X 201 -32.85 9.34 -54.19
N ARG X 202 -31.57 8.91 -54.24
CA ARG X 202 -30.84 8.72 -52.99
C ARG X 202 -30.44 10.04 -52.33
N ILE X 203 -30.21 11.10 -53.12
CA ILE X 203 -29.78 12.36 -52.52
C ILE X 203 -30.94 13.24 -52.06
N CYS X 204 -32.15 13.02 -52.59
CA CYS X 204 -33.31 13.83 -52.26
C CYS X 204 -33.58 13.84 -50.76
N PRO X 205 -33.51 15.00 -50.09
CA PRO X 205 -33.70 15.02 -48.63
C PRO X 205 -35.13 14.78 -48.17
N VAL X 206 -36.11 14.88 -49.06
CA VAL X 206 -37.52 14.74 -48.68
C VAL X 206 -38.19 13.61 -49.44
N ASP X 207 -37.41 12.75 -50.08
CA ASP X 207 -37.88 11.57 -50.81
C ASP X 207 -39.05 11.91 -51.75
N ALA X 208 -38.84 12.93 -52.57
CA ALA X 208 -39.86 13.36 -53.52
C ALA X 208 -39.73 12.69 -54.88
N ILE X 209 -38.69 11.90 -55.11
CA ILE X 209 -38.42 11.29 -56.40
C ILE X 209 -38.65 9.79 -56.27
N MET X 210 -39.52 9.26 -57.11
CA MET X 210 -39.69 7.82 -57.23
C MET X 210 -38.93 7.40 -58.47
N GLN X 211 -38.00 6.46 -58.32
CA GLN X 211 -37.19 6.02 -59.45
C GLN X 211 -36.84 4.56 -59.28
N VAL X 212 -37.01 3.79 -60.36
CA VAL X 212 -36.69 2.37 -60.37
C VAL X 212 -36.15 2.02 -61.75
N CYS X 213 -35.02 1.34 -61.79
CA CYS X 213 -34.49 0.81 -63.05
C CYS X 213 -35.08 -0.57 -63.32
N ARG X 214 -35.42 -0.80 -64.58
CA ARG X 214 -36.03 -2.05 -65.01
C ARG X 214 -35.10 -2.94 -65.83
N ILE X 215 -33.82 -2.56 -66.00
CA ILE X 215 -32.93 -3.28 -66.90
C ILE X 215 -32.86 -4.77 -66.53
N CYS X 216 -32.55 -5.09 -65.27
CA CYS X 216 -32.36 -6.50 -64.95
C CYS X 216 -33.63 -7.32 -65.05
N PRO X 217 -34.77 -6.92 -64.50
CA PRO X 217 -35.96 -7.78 -64.66
C PRO X 217 -36.55 -7.77 -66.06
N TYR X 218 -36.60 -6.62 -66.74
CA TYR X 218 -37.32 -6.51 -68.00
C TYR X 218 -36.42 -6.18 -69.19
N GLY X 219 -35.10 -6.20 -69.04
CA GLY X 219 -34.20 -5.74 -70.10
C GLY X 219 -34.30 -6.51 -71.40
N GLU X 220 -34.49 -7.83 -71.35
CA GLU X 220 -34.61 -8.60 -72.58
C GLU X 220 -35.75 -8.08 -73.44
N TYR X 221 -36.88 -7.70 -72.82
CA TYR X 221 -38.06 -7.35 -73.59
C TYR X 221 -38.11 -5.87 -73.94
N GLU X 222 -37.79 -5.01 -73.00
CA GLU X 222 -37.90 -3.58 -73.22
C GLU X 222 -36.69 -2.95 -73.92
N ILE X 223 -35.51 -3.55 -73.92
CA ILE X 223 -34.37 -2.95 -74.62
C ILE X 223 -34.06 -3.78 -75.86
N LYS X 224 -34.23 -3.18 -77.04
CA LYS X 224 -33.90 -3.88 -78.28
C LYS X 224 -32.40 -3.93 -78.50
N THR X 225 -31.90 -5.08 -78.96
CA THR X 225 -30.50 -5.21 -79.29
C THR X 225 -30.14 -4.22 -80.40
N PRO X 226 -29.05 -3.47 -80.26
CA PRO X 226 -28.76 -2.37 -81.21
C PRO X 226 -28.29 -2.86 -82.57
N GLU X 227 -28.99 -2.43 -83.62
CA GLU X 227 -28.51 -2.52 -84.99
C GLU X 227 -27.77 -1.25 -85.35
N VAL X 228 -26.51 -1.37 -85.80
CA VAL X 228 -25.72 -0.20 -86.16
C VAL X 228 -25.63 -0.17 -87.68
N THR X 229 -26.12 0.91 -88.28
CA THR X 229 -26.21 1.11 -89.71
C THR X 229 -25.14 2.10 -90.19
N GLY X 230 -24.94 2.14 -91.50
CA GLY X 230 -24.07 3.16 -92.06
C GLY X 230 -23.67 2.83 -93.49
N THR X 231 -22.83 3.72 -94.04
CA THR X 231 -22.36 3.59 -95.40
C THR X 231 -20.89 3.97 -95.47
N SER X 232 -20.28 3.74 -96.64
CA SER X 232 -18.88 4.05 -96.91
C SER X 232 -18.78 4.72 -98.28
N TYR X 233 -17.73 5.50 -98.46
CA TYR X 233 -17.48 6.14 -99.75
C TYR X 233 -16.01 6.43 -99.92
N ILE X 234 -15.44 5.99 -101.03
CA ILE X 234 -14.06 6.28 -101.37
C ILE X 234 -14.06 7.27 -102.53
N ASP X 235 -13.56 8.48 -102.29
CA ASP X 235 -13.44 9.48 -103.33
C ASP X 235 -12.38 9.04 -104.33
N PRO X 236 -12.75 8.69 -105.56
CA PRO X 236 -11.76 8.12 -106.49
C PRO X 236 -10.71 9.13 -106.91
N GLU X 237 -10.96 10.42 -106.71
CA GLU X 237 -10.00 11.44 -107.10
C GLU X 237 -8.99 11.67 -105.98
N LEU X 238 -9.44 11.64 -104.73
CA LEU X 238 -8.55 11.74 -103.58
C LEU X 238 -7.78 10.45 -103.33
N CYS X 239 -8.36 9.32 -103.69
CA CYS X 239 -7.78 8.02 -103.37
C CYS X 239 -6.46 7.80 -104.11
N VAL X 240 -5.53 7.17 -103.40
CA VAL X 240 -4.15 7.07 -103.85
C VAL X 240 -3.67 5.62 -103.82
N ASN X 241 -4.48 4.70 -103.30
CA ASN X 241 -4.24 3.26 -103.33
C ASN X 241 -3.00 2.89 -102.52
N CYS X 242 -2.80 3.59 -101.39
CA CYS X 242 -1.71 3.20 -100.50
C CYS X 242 -2.04 1.91 -99.77
N GLY X 243 -3.31 1.67 -99.48
CA GLY X 243 -3.72 0.43 -98.84
C GLY X 243 -3.87 0.49 -97.33
N TRP X 244 -3.74 1.67 -96.73
CA TRP X 244 -3.91 1.80 -95.28
C TRP X 244 -5.25 1.25 -94.81
N CYS X 245 -6.32 1.53 -95.56
CA CYS X 245 -7.64 1.04 -95.17
C CYS X 245 -7.68 -0.48 -95.17
N GLN X 246 -7.16 -1.10 -96.24
CA GLN X 246 -7.07 -2.55 -96.31
C GLN X 246 -6.38 -3.13 -95.08
N GLU X 247 -5.27 -2.52 -94.65
CA GLU X 247 -4.49 -3.10 -93.57
C GLU X 247 -5.04 -2.72 -92.20
N ILE X 248 -5.68 -1.55 -92.07
CA ILE X 248 -6.19 -1.12 -90.78
C ILE X 248 -7.53 -1.77 -90.44
N CYS X 249 -8.25 -2.29 -91.43
CA CYS X 249 -9.61 -2.77 -91.24
C CYS X 249 -9.65 -4.01 -90.36
N PRO X 250 -10.36 -3.99 -89.23
CA PRO X 250 -10.39 -5.16 -88.35
C PRO X 250 -11.19 -6.34 -88.90
N VAL X 251 -11.99 -6.15 -89.93
CA VAL X 251 -12.80 -7.22 -90.50
C VAL X 251 -12.47 -7.49 -91.97
N ASP X 252 -11.30 -7.03 -92.43
CA ASP X 252 -10.86 -7.24 -93.83
C ASP X 252 -11.95 -6.88 -94.84
N ALA X 253 -12.64 -5.77 -94.61
CA ALA X 253 -13.68 -5.35 -95.53
C ALA X 253 -13.17 -4.48 -96.66
N ALA X 254 -11.93 -4.02 -96.60
CA ALA X 254 -11.36 -3.12 -97.59
C ALA X 254 -10.29 -3.84 -98.41
N THR X 255 -10.32 -3.65 -99.73
CA THR X 255 -9.41 -4.30 -100.66
C THR X 255 -8.83 -3.26 -101.62
N VAL X 256 -7.51 -3.29 -101.79
CA VAL X 256 -6.77 -2.31 -102.59
C VAL X 256 -5.77 -3.05 -103.48
N THR X 257 -5.66 -2.61 -104.73
CA THR X 257 -4.62 -3.02 -105.66
C THR X 257 -3.88 -1.78 -106.14
N LYS X 258 -2.58 -1.94 -106.37
CA LYS X 258 -1.70 -0.83 -106.71
C LYS X 258 -1.27 -0.84 -108.16
N PRO X 259 -0.91 0.34 -108.70
CA PRO X 259 -0.49 0.42 -110.10
C PRO X 259 0.96 -0.01 -110.32
N PHE X 260 1.83 0.33 -109.38
CA PHE X 260 3.26 0.11 -109.54
C PHE X 260 3.74 -0.97 -108.58
N GLU X 261 4.73 -1.72 -109.02
CA GLU X 261 5.47 -2.64 -108.17
C GLU X 261 6.91 -2.13 -108.08
N GLY X 262 7.50 -2.25 -106.90
CA GLY X 262 8.83 -1.69 -106.71
C GLY X 262 9.43 -2.04 -105.37
N GLU X 263 10.49 -1.32 -105.02
CA GLU X 263 11.20 -1.50 -103.77
C GLU X 263 11.64 -0.14 -103.23
N LEU X 264 11.73 -0.05 -101.91
CA LEU X 264 12.27 1.12 -101.21
C LEU X 264 13.62 0.76 -100.60
N ILE X 265 14.60 1.63 -100.76
CA ILE X 265 15.94 1.44 -100.20
C ILE X 265 16.38 2.70 -99.48
N ILE X 266 16.73 2.56 -98.19
CA ILE X 266 17.09 3.66 -97.32
C ILE X 266 18.47 3.39 -96.75
N ASP X 267 19.35 4.40 -96.78
CA ASP X 267 20.66 4.32 -96.15
C ASP X 267 20.59 5.13 -94.85
N GLN X 268 20.47 4.41 -93.73
CA GLN X 268 20.26 5.04 -92.43
C GLN X 268 21.40 5.98 -92.05
N ASP X 269 22.63 5.71 -92.50
CA ASP X 269 23.74 6.57 -92.10
C ASP X 269 23.83 7.83 -92.95
N THR X 270 23.43 7.77 -94.22
CA THR X 270 23.36 8.98 -95.02
C THR X 270 22.22 9.88 -94.54
N CYS X 271 21.11 9.27 -94.15
CA CYS X 271 19.96 10.00 -93.64
C CYS X 271 20.35 10.84 -92.43
N GLN X 272 19.99 12.13 -92.46
CA GLN X 272 20.24 13.05 -91.36
C GLN X 272 18.96 13.51 -90.70
N ALA X 273 17.83 12.87 -91.02
CA ALA X 273 16.57 13.04 -90.29
C ALA X 273 16.03 14.46 -90.36
N CYS X 274 16.11 15.09 -91.54
CA CYS X 274 15.54 16.43 -91.68
C CYS X 274 14.01 16.41 -91.74
N GLU X 275 13.39 15.25 -91.93
CA GLU X 275 11.95 14.97 -91.94
C GLU X 275 11.28 15.36 -93.27
N THR X 276 12.04 15.77 -94.30
CA THR X 276 11.42 16.18 -95.55
C THR X 276 10.61 15.04 -96.17
N CYS X 277 11.24 13.88 -96.37
CA CYS X 277 10.55 12.77 -97.02
C CYS X 277 9.34 12.34 -96.22
N VAL X 278 9.42 12.38 -94.89
CA VAL X 278 8.31 11.99 -94.04
C VAL X 278 7.09 12.85 -94.33
N MET X 279 7.31 14.16 -94.42
CA MET X 279 6.24 15.10 -94.70
C MET X 279 5.78 15.03 -96.15
N VAL X 280 6.70 14.68 -97.05
CA VAL X 280 6.38 14.62 -98.48
C VAL X 280 5.49 13.42 -98.79
N CYS X 281 5.74 12.28 -98.16
CA CYS X 281 5.07 11.02 -98.46
C CYS X 281 3.55 11.16 -98.41
N PRO X 282 2.88 11.06 -99.56
CA PRO X 282 1.41 11.15 -99.57
C PRO X 282 0.73 9.89 -99.07
N CYS X 283 1.47 8.80 -98.88
CA CYS X 283 0.92 7.53 -98.44
C CYS X 283 1.26 7.18 -97.00
N ASN X 284 1.96 8.06 -96.28
CA ASN X 284 2.32 7.83 -94.88
C ASN X 284 3.16 6.57 -94.72
N VAL X 285 4.14 6.40 -95.60
CA VAL X 285 5.00 5.21 -95.52
C VAL X 285 6.11 5.40 -94.49
N LEU X 286 6.58 6.63 -94.31
CA LEU X 286 7.81 6.91 -93.57
C LEU X 286 7.49 7.58 -92.23
N SER X 287 8.25 7.22 -91.20
CA SER X 287 8.01 7.77 -89.87
C SER X 287 9.30 7.76 -89.06
N PHE X 288 9.27 8.53 -87.97
CA PHE X 288 10.33 8.60 -86.95
C PHE X 288 9.82 7.90 -85.71
N PRO X 289 10.10 6.60 -85.53
CA PRO X 289 9.63 5.92 -84.31
C PRO X 289 10.17 6.59 -83.05
N LYS X 290 9.28 6.79 -82.11
CA LYS X 290 9.64 7.30 -80.79
C LYS X 290 10.17 6.14 -79.95
N PRO X 291 11.31 6.31 -79.25
CA PRO X 291 11.77 5.22 -78.39
C PRO X 291 10.82 5.00 -77.23
N GLU X 292 10.54 3.74 -76.91
CA GLU X 292 9.60 3.47 -75.84
C GLU X 292 10.23 3.69 -74.47
N LYS X 293 11.49 3.30 -74.30
CA LYS X 293 12.15 3.38 -73.00
C LYS X 293 13.35 4.31 -73.07
N PRO X 294 13.66 5.01 -71.97
CA PRO X 294 14.88 5.82 -71.95
C PRO X 294 16.12 4.96 -72.14
N GLY X 295 17.05 5.48 -72.96
CA GLY X 295 18.25 4.75 -73.29
C GLY X 295 18.10 3.85 -74.50
N GLU X 296 16.87 3.57 -74.92
CA GLU X 296 16.62 2.72 -76.07
C GLU X 296 16.86 3.48 -77.36
N LYS X 297 17.30 2.76 -78.38
CA LYS X 297 17.46 3.36 -79.70
C LYS X 297 16.54 2.71 -80.71
N THR X 298 16.28 3.49 -81.77
CA THR X 298 15.31 3.19 -82.80
C THR X 298 15.97 3.32 -84.17
N THR X 299 15.31 2.76 -85.16
CA THR X 299 15.71 2.99 -86.53
C THR X 299 15.46 4.46 -86.87
N LYS X 300 16.46 5.10 -87.49
CA LYS X 300 16.37 6.54 -87.72
C LYS X 300 15.15 6.87 -88.56
N LEU X 301 14.99 6.18 -89.70
CA LEU X 301 13.89 6.42 -90.62
C LEU X 301 13.23 5.08 -90.92
N HIS X 302 11.98 4.94 -90.49
CA HIS X 302 11.26 3.67 -90.59
C HIS X 302 10.29 3.71 -91.78
N LYS X 303 10.26 2.62 -92.54
CA LYS X 303 9.36 2.45 -93.66
C LYS X 303 8.48 1.23 -93.43
N ASP X 304 7.35 1.20 -94.13
CA ASP X 304 6.52 0.00 -94.26
C ASP X 304 5.99 0.00 -95.69
N GLU X 305 6.62 -0.80 -96.56
CA GLU X 305 6.29 -0.73 -97.98
C GLU X 305 4.89 -1.23 -98.29
N ARG X 306 4.16 -1.81 -97.34
CA ARG X 306 2.77 -2.17 -97.60
C ARG X 306 1.95 -0.96 -98.06
N PHE X 307 2.30 0.23 -97.59
CA PHE X 307 1.56 1.44 -97.90
C PHE X 307 2.18 2.24 -99.03
N CYS X 308 3.26 1.74 -99.61
CA CYS X 308 4.04 2.44 -100.61
C CYS X 308 3.47 2.22 -102.01
N ILE X 309 3.52 3.27 -102.85
CA ILE X 309 3.08 3.15 -104.24
C ILE X 309 4.20 3.47 -105.22
N TYR X 310 5.42 3.74 -104.75
CA TYR X 310 6.60 3.91 -105.59
C TYR X 310 6.43 5.06 -106.58
N CYS X 311 5.81 6.15 -106.14
CA CYS X 311 5.70 7.33 -106.98
C CYS X 311 7.02 8.09 -107.06
N GLY X 312 7.92 7.90 -106.09
CA GLY X 312 9.25 8.49 -106.15
C GLY X 312 9.40 9.86 -105.51
N ALA X 313 8.38 10.37 -104.82
CA ALA X 313 8.45 11.74 -104.31
C ALA X 313 9.46 11.88 -103.17
N CYS X 314 9.60 10.85 -102.33
CA CYS X 314 10.55 10.93 -101.22
C CYS X 314 11.98 11.02 -101.75
N GLU X 315 12.34 10.10 -102.64
CA GLU X 315 13.63 10.15 -103.32
C GLU X 315 13.89 11.52 -103.91
N ARG X 316 12.89 12.06 -104.59
CA ARG X 316 13.05 13.37 -105.23
C ARG X 316 13.28 14.47 -104.21
N SER X 317 12.70 14.35 -103.01
CA SER X 317 12.81 15.41 -102.02
C SER X 317 14.09 15.33 -101.18
N CYS X 318 14.75 14.18 -101.15
CA CYS X 318 15.88 14.00 -100.27
C CYS X 318 17.13 14.66 -100.83
N PRO X 319 17.69 15.66 -100.15
CA PRO X 319 18.87 16.36 -100.70
C PRO X 319 20.18 15.61 -100.55
N VAL X 320 20.22 14.49 -99.82
CA VAL X 320 21.45 13.70 -99.69
C VAL X 320 21.33 12.32 -100.32
N THR X 321 20.30 12.09 -101.14
CA THR X 321 20.03 10.80 -101.75
C THR X 321 20.21 9.65 -100.75
N ALA X 322 19.51 9.79 -99.61
CA ALA X 322 19.53 8.72 -98.62
C ALA X 322 18.44 7.67 -98.85
N ILE X 323 17.49 7.95 -99.73
CA ILE X 323 16.39 7.04 -100.01
C ILE X 323 16.18 6.99 -101.52
N THR X 324 16.13 5.78 -102.07
CA THR X 324 15.94 5.56 -103.51
C THR X 324 14.80 4.59 -103.76
N VAL X 325 14.18 4.75 -104.92
CA VAL X 325 12.94 4.06 -105.31
C VAL X 325 13.21 3.22 -106.55
N LYS X 326 12.77 1.99 -106.48
CA LYS X 326 12.84 0.89 -107.43
C LYS X 326 11.46 0.75 -108.09
N ARG X 327 11.39 0.41 -109.39
CA ARG X 327 10.07 0.27 -110.02
C ARG X 327 10.18 -0.82 -111.09
N ASN X 328 9.70 -2.03 -110.79
CA ASN X 328 9.85 -3.15 -111.71
C ASN X 328 8.67 -3.29 -112.67
N ARG X 329 7.46 -2.99 -112.22
CA ARG X 329 6.27 -3.27 -113.01
C ARG X 329 5.34 -2.07 -112.93
N ILE X 330 4.75 -1.70 -114.06
CA ILE X 330 3.71 -0.68 -114.12
C ILE X 330 2.50 -1.32 -114.80
N ASN X 331 1.45 -1.56 -114.03
CA ASN X 331 0.29 -2.26 -114.53
C ASN X 331 -0.64 -1.30 -115.27
N THR X 332 -0.87 -1.57 -116.54
CA THR X 332 -1.74 -0.78 -117.39
C THR X 332 -2.65 -1.70 -118.20
N THR X 333 -3.72 -1.11 -118.72
CA THR X 333 -4.48 -1.73 -119.78
C THR X 333 -3.58 -1.90 -121.00
N PRO X 334 -3.95 -2.78 -121.94
CA PRO X 334 -3.06 -3.04 -123.08
C PRO X 334 -2.64 -1.78 -123.81
N ILE X 335 -1.36 -1.73 -124.17
CA ILE X 335 -0.77 -0.61 -124.90
C ILE X 335 -0.48 -1.05 -126.33
N ARG X 336 -0.94 -0.24 -127.28
CA ARG X 336 -0.70 -0.47 -128.71
C ARG X 336 0.40 0.40 -129.26
N SER X 337 0.27 1.71 -129.07
CA SER X 337 1.26 2.67 -129.53
C SER X 337 2.65 2.26 -129.05
N LYS X 338 3.61 2.33 -129.97
CA LYS X 338 5.00 2.07 -129.61
C LYS X 338 5.60 3.29 -128.94
N ALA X 339 5.06 4.48 -129.21
CA ALA X 339 5.47 5.64 -128.43
C ALA X 339 5.09 5.48 -126.98
N TRP X 340 3.87 4.99 -126.71
CA TRP X 340 3.43 4.80 -125.33
C TRP X 340 4.20 3.70 -124.63
N LYS X 341 4.58 2.63 -125.34
CA LYS X 341 5.31 1.56 -124.66
C LYS X 341 6.66 2.05 -124.17
N ASN X 342 7.35 2.88 -124.96
CA ASN X 342 8.69 3.28 -124.56
C ASN X 342 8.72 4.24 -123.38
N ALA X 343 7.80 5.17 -123.32
CA ALA X 343 7.82 6.09 -122.20
C ALA X 343 7.47 5.37 -120.91
N PHE X 344 6.46 4.49 -120.95
CA PHE X 344 6.12 3.74 -119.74
C PHE X 344 7.29 2.87 -119.31
N ASP X 345 8.02 2.31 -120.27
CA ASP X 345 9.19 1.49 -119.92
C ASP X 345 10.33 2.34 -119.39
N SER X 346 10.42 3.62 -119.80
CA SER X 346 11.51 4.46 -119.32
C SER X 346 11.37 4.83 -117.86
N LEU X 347 10.19 4.64 -117.27
CA LEU X 347 9.98 4.85 -115.85
C LEU X 347 10.31 3.62 -115.01
N LEU X 348 10.75 2.53 -115.64
CA LEU X 348 11.15 1.34 -114.89
C LEU X 348 12.61 1.45 -114.46
N LYS X 349 12.88 0.92 -113.27
CA LYS X 349 14.24 0.85 -112.74
C LYS X 349 14.31 -0.15 -111.59
N GLU Y 2 -55.87 -46.02 85.31
CA GLU Y 2 -56.85 -44.98 84.97
C GLU Y 2 -56.67 -43.75 85.85
N TYR Y 3 -56.62 -42.58 85.21
CA TYR Y 3 -56.53 -41.30 85.90
C TYR Y 3 -57.43 -40.28 85.19
N ILE Y 4 -58.01 -39.39 85.98
CA ILE Y 4 -58.75 -38.25 85.47
C ILE Y 4 -58.14 -37.00 86.10
N ILE Y 5 -57.75 -36.04 85.26
CA ILE Y 5 -57.12 -34.80 85.68
C ILE Y 5 -58.14 -33.69 85.44
N LYS Y 6 -58.72 -33.19 86.53
CA LYS Y 6 -59.96 -32.40 86.44
C LYS Y 6 -59.84 -30.92 86.86
N ASN Y 7 -60.55 -30.07 86.12
CA ASN Y 7 -60.72 -28.60 86.36
C ASN Y 7 -59.40 -27.84 86.26
N GLY Y 8 -58.48 -28.32 85.44
CA GLY Y 8 -57.27 -27.57 85.17
C GLY Y 8 -57.44 -26.64 83.99
N PHE Y 9 -56.70 -25.53 84.03
CA PHE Y 9 -56.64 -24.61 82.89
C PHE Y 9 -55.65 -25.20 81.91
N VAL Y 10 -56.16 -25.82 80.86
CA VAL Y 10 -55.34 -26.60 79.94
C VAL Y 10 -54.78 -25.70 78.84
N TYR Y 11 -53.48 -25.81 78.60
CA TYR Y 11 -52.79 -25.12 77.52
C TYR Y 11 -52.17 -26.16 76.60
N CYS Y 12 -52.71 -26.29 75.39
CA CYS Y 12 -52.21 -27.22 74.40
C CYS Y 12 -52.29 -26.55 73.04
N PRO Y 13 -51.22 -25.88 72.62
CA PRO Y 13 -51.27 -25.08 71.39
C PRO Y 13 -51.52 -25.90 70.12
N LEU Y 14 -51.03 -27.13 70.03
CA LEU Y 14 -51.25 -27.90 68.81
C LEU Y 14 -52.73 -28.19 68.57
N ASN Y 15 -53.52 -28.37 69.63
CA ASN Y 15 -54.96 -28.55 69.51
C ASN Y 15 -55.71 -27.26 69.76
N GLY Y 16 -55.00 -26.13 69.71
CA GLY Y 16 -55.65 -24.82 69.77
C GLY Y 16 -56.41 -24.54 71.04
N VAL Y 17 -56.08 -25.18 72.15
CA VAL Y 17 -56.73 -24.93 73.45
C VAL Y 17 -55.84 -24.02 74.28
N ASP Y 18 -56.39 -22.89 74.69
CA ASP Y 18 -55.67 -21.75 75.26
C ASP Y 18 -56.30 -21.37 76.60
N GLY Y 19 -56.06 -22.16 77.65
CA GLY Y 19 -56.54 -21.80 78.96
C GLY Y 19 -57.92 -22.30 79.31
N GLU Y 20 -58.49 -23.20 78.52
CA GLU Y 20 -59.81 -23.75 78.79
C GLU Y 20 -59.82 -24.58 80.06
N LYS Y 21 -60.90 -24.45 80.84
CA LYS Y 21 -61.14 -25.41 81.90
C LYS Y 21 -61.62 -26.70 81.25
N MET Y 22 -61.05 -27.81 81.67
CA MET Y 22 -61.14 -29.01 80.84
C MET Y 22 -60.51 -30.18 81.57
N ASP Y 23 -61.07 -31.36 81.35
CA ASP Y 23 -60.54 -32.57 81.96
C ASP Y 23 -59.69 -33.32 80.96
N ILE Y 24 -58.64 -33.94 81.47
CA ILE Y 24 -57.82 -34.82 80.68
C ILE Y 24 -57.96 -36.23 81.24
N CYS Y 25 -58.28 -37.19 80.38
CA CYS Y 25 -58.51 -38.56 80.78
C CYS Y 25 -57.32 -39.42 80.33
N VAL Y 26 -56.95 -40.36 81.18
CA VAL Y 26 -55.73 -41.16 81.00
C VAL Y 26 -56.06 -42.62 81.27
N LYS Y 27 -55.59 -43.50 80.39
CA LYS Y 27 -55.76 -44.93 80.56
C LYS Y 27 -54.59 -45.66 79.92
N ASP Y 28 -53.92 -46.48 80.72
CA ASP Y 28 -52.82 -47.35 80.29
C ASP Y 28 -51.78 -46.57 79.49
N GLY Y 29 -51.27 -45.50 80.10
CA GLY Y 29 -50.19 -44.74 79.50
C GLY Y 29 -50.58 -43.92 78.28
N LYS Y 30 -51.87 -43.81 77.97
CA LYS Y 30 -52.34 -43.03 76.84
C LYS Y 30 -53.41 -42.07 77.31
N ILE Y 31 -53.57 -40.97 76.59
CA ILE Y 31 -54.66 -40.03 76.83
C ILE Y 31 -55.84 -40.45 75.97
N VAL Y 32 -57.01 -40.60 76.59
CA VAL Y 32 -58.17 -41.22 75.96
C VAL Y 32 -59.34 -40.26 76.10
N GLU Y 33 -60.44 -40.58 75.41
CA GLU Y 33 -61.57 -39.65 75.48
C GLU Y 33 -62.34 -39.79 76.78
N SER Y 34 -62.58 -41.01 77.27
CA SER Y 34 -63.28 -41.15 78.53
C SER Y 34 -62.72 -42.33 79.31
N VAL Y 35 -62.95 -42.30 80.62
CA VAL Y 35 -62.51 -43.35 81.52
C VAL Y 35 -63.68 -43.73 82.42
N SER Y 36 -63.58 -44.92 83.00
CA SER Y 36 -64.57 -45.35 83.99
C SER Y 36 -64.51 -44.41 85.18
N ASP Y 37 -65.66 -44.22 85.83
CA ASP Y 37 -65.69 -43.37 87.01
C ASP Y 37 -65.05 -44.04 88.22
N SER Y 38 -64.51 -45.24 88.05
CA SER Y 38 -63.58 -45.83 89.00
C SER Y 38 -62.19 -45.25 88.88
N ALA Y 39 -61.98 -44.33 87.93
CA ALA Y 39 -60.67 -43.71 87.76
C ALA Y 39 -60.31 -42.85 88.97
N LYS Y 40 -59.03 -42.88 89.34
CA LYS Y 40 -58.53 -42.02 90.40
C LYS Y 40 -58.41 -40.58 89.90
N VAL Y 41 -58.80 -39.61 90.76
CA VAL Y 41 -58.91 -38.19 90.41
C VAL Y 41 -57.64 -37.46 90.83
N ILE Y 42 -57.10 -36.64 89.94
CA ILE Y 42 -56.06 -35.67 90.25
C ILE Y 42 -56.69 -34.29 90.13
N ASP Y 43 -56.71 -33.55 91.24
CA ASP Y 43 -57.41 -32.26 91.31
C ASP Y 43 -56.49 -31.16 90.78
N ALA Y 44 -56.82 -30.59 89.63
CA ALA Y 44 -56.04 -29.51 89.02
C ALA Y 44 -56.78 -28.17 89.05
N SER Y 45 -57.79 -28.03 89.91
CA SER Y 45 -58.49 -26.76 90.03
C SER Y 45 -57.54 -25.64 90.44
N GLY Y 46 -57.64 -24.51 89.77
CA GLY Y 46 -56.76 -23.39 90.04
C GLY Y 46 -55.33 -23.63 89.64
N LYS Y 47 -55.09 -24.54 88.71
CA LYS Y 47 -53.74 -24.90 88.30
C LYS Y 47 -53.68 -25.06 86.79
N ILE Y 48 -52.49 -24.93 86.26
CA ILE Y 48 -52.23 -25.01 84.82
C ILE Y 48 -51.90 -26.45 84.48
N VAL Y 49 -52.41 -26.94 83.35
CA VAL Y 49 -52.13 -28.28 82.88
C VAL Y 49 -51.55 -28.15 81.47
N MET Y 50 -50.39 -28.73 81.26
CA MET Y 50 -49.67 -28.66 79.99
C MET Y 50 -49.19 -30.03 79.59
N PRO Y 51 -48.82 -30.22 78.32
CA PRO Y 51 -48.11 -31.44 77.95
C PRO Y 51 -46.75 -31.46 78.61
N GLY Y 52 -46.24 -32.67 78.87
CA GLY Y 52 -44.90 -32.83 79.38
C GLY Y 52 -43.90 -32.12 78.49
N GLY Y 53 -42.93 -31.43 79.09
CA GLY Y 53 -41.97 -30.68 78.31
C GLY Y 53 -41.17 -31.55 77.38
N VAL Y 54 -40.66 -30.92 76.32
CA VAL Y 54 -39.90 -31.61 75.29
C VAL Y 54 -38.67 -30.77 74.96
N ASP Y 55 -37.51 -31.15 75.50
CA ASP Y 55 -36.28 -30.40 75.30
C ASP Y 55 -35.59 -30.91 74.04
N PRO Y 56 -35.48 -30.09 72.99
CA PRO Y 56 -34.90 -30.58 71.73
C PRO Y 56 -33.38 -30.54 71.67
N HIS Y 57 -32.71 -29.98 72.67
CA HIS Y 57 -31.26 -29.79 72.56
C HIS Y 57 -30.68 -29.61 73.97
N SER Y 58 -30.02 -30.66 74.45
CA SER Y 58 -29.37 -30.62 75.75
C SER Y 58 -28.21 -31.60 75.73
N HIS Y 59 -27.23 -31.37 76.60
CA HIS Y 59 -26.04 -32.23 76.71
C HIS Y 59 -26.11 -32.92 78.06
N ILE Y 60 -26.56 -34.18 78.05
CA ILE Y 60 -26.96 -34.88 79.25
C ILE Y 60 -26.38 -36.28 79.34
N ALA Y 61 -25.83 -36.78 78.23
CA ALA Y 61 -25.40 -38.19 78.20
C ALA Y 61 -24.32 -38.38 77.15
N GLY Y 62 -23.14 -38.77 77.58
CA GLY Y 62 -22.08 -39.10 76.65
C GLY Y 62 -20.72 -38.75 77.19
N ALA Y 63 -19.71 -38.97 76.33
CA ALA Y 63 -18.32 -38.82 76.75
C ALA Y 63 -17.98 -37.37 77.10
N LYS Y 64 -18.30 -36.43 76.19
CA LYS Y 64 -17.99 -35.03 76.47
C LYS Y 64 -18.66 -34.55 77.76
N VAL Y 65 -19.87 -35.03 78.04
CA VAL Y 65 -20.56 -34.63 79.25
C VAL Y 65 -19.84 -35.16 80.48
N ASN Y 66 -19.38 -36.42 80.43
CA ASN Y 66 -18.79 -37.02 81.63
C ASN Y 66 -17.40 -36.47 81.91
N VAL Y 67 -16.67 -36.05 80.87
CA VAL Y 67 -15.43 -35.31 81.12
C VAL Y 67 -15.73 -34.02 81.86
N GLY Y 68 -16.81 -33.32 81.45
CA GLY Y 68 -17.24 -32.15 82.19
C GLY Y 68 -17.57 -32.45 83.63
N ARG Y 69 -18.25 -33.57 83.88
CA ARG Y 69 -18.49 -33.97 85.27
C ARG Y 69 -17.19 -34.34 85.97
N MET Y 70 -16.36 -35.15 85.32
CA MET Y 70 -15.22 -35.72 86.01
C MET Y 70 -14.21 -34.65 86.40
N TYR Y 71 -13.96 -33.68 85.51
CA TYR Y 71 -12.92 -32.70 85.77
C TYR Y 71 -13.45 -31.44 86.47
N ARG Y 72 -14.69 -31.48 86.97
CA ARG Y 72 -15.23 -30.40 87.79
C ARG Y 72 -15.78 -30.95 89.11
N PRO Y 73 -14.89 -31.44 89.99
CA PRO Y 73 -15.37 -31.81 91.34
C PRO Y 73 -15.87 -30.63 92.14
N GLU Y 74 -15.33 -29.42 91.89
CA GLU Y 74 -15.83 -28.23 92.59
C GLU Y 74 -17.27 -27.94 92.21
N ASP Y 75 -17.67 -28.30 90.98
CA ASP Y 75 -19.05 -28.13 90.55
C ASP Y 75 -19.98 -29.09 91.29
N SER Y 76 -19.50 -30.28 91.66
CA SER Y 76 -20.32 -31.22 92.43
C SER Y 76 -20.43 -30.83 93.90
N LYS Y 77 -19.31 -30.42 94.52
CA LYS Y 77 -19.34 -30.03 95.91
C LYS Y 77 -20.27 -28.83 96.13
N ARG Y 78 -20.43 -28.01 95.10
CA ARG Y 78 -21.33 -26.89 95.17
C ARG Y 78 -22.80 -27.31 95.29
N ASP Y 79 -23.15 -28.49 94.77
CA ASP Y 79 -24.55 -28.95 94.71
C ASP Y 79 -24.54 -30.48 94.72
N ALA Y 80 -24.57 -31.06 95.92
CA ALA Y 80 -24.57 -32.51 96.11
C ALA Y 80 -25.80 -32.89 96.92
N GLU Y 81 -26.58 -33.88 96.44
CA GLU Y 81 -27.84 -34.09 97.13
C GLU Y 81 -28.13 -35.58 97.18
N LYS Y 82 -28.95 -35.99 98.15
CA LYS Y 82 -29.41 -37.36 98.25
C LYS Y 82 -30.82 -37.33 98.83
N PHE Y 83 -31.84 -37.62 98.01
CA PHE Y 83 -33.20 -37.60 98.53
C PHE Y 83 -33.58 -38.94 99.12
N LYS Y 84 -34.50 -38.87 100.09
CA LYS Y 84 -35.00 -40.00 100.86
C LYS Y 84 -35.17 -41.28 100.05
N GLY Y 85 -35.89 -41.21 98.92
CA GLY Y 85 -36.23 -42.41 98.20
C GLY Y 85 -35.25 -42.86 97.13
N GLY Y 86 -34.44 -41.94 96.62
CA GLY Y 86 -33.73 -42.19 95.38
C GLY Y 86 -32.22 -42.26 95.44
N ARG Y 87 -31.58 -42.04 94.30
CA ARG Y 87 -30.14 -42.20 94.15
C ARG Y 87 -29.41 -40.89 94.42
N ALA Y 88 -28.21 -41.01 95.01
CA ALA Y 88 -27.37 -39.84 95.24
C ALA Y 88 -26.91 -39.24 93.92
N GLY Y 89 -26.52 -37.96 93.98
CA GLY Y 89 -26.06 -37.27 92.79
C GLY Y 89 -25.42 -35.95 93.16
N SER Y 90 -24.81 -35.34 92.16
CA SER Y 90 -24.12 -34.05 92.37
C SER Y 90 -23.83 -33.42 91.02
N GLY Y 91 -23.71 -32.09 91.02
CA GLY Y 91 -23.32 -31.33 89.85
C GLY Y 91 -24.26 -30.18 89.54
N PHE Y 92 -23.87 -28.96 89.92
CA PHE Y 92 -24.71 -27.80 89.63
C PHE Y 92 -24.90 -27.59 88.13
N SER Y 93 -23.79 -27.43 87.41
CA SER Y 93 -23.89 -27.14 85.99
C SER Y 93 -23.94 -28.42 85.16
N VAL Y 94 -23.22 -29.45 85.57
CA VAL Y 94 -23.27 -30.73 84.87
C VAL Y 94 -23.68 -31.80 85.87
N PRO Y 95 -24.98 -32.03 86.05
CA PRO Y 95 -25.43 -32.98 87.07
C PRO Y 95 -25.16 -34.42 86.65
N SER Y 96 -25.00 -35.27 87.65
CA SER Y 96 -24.93 -36.70 87.39
C SER Y 96 -26.26 -37.19 86.80
N THR Y 97 -26.25 -38.42 86.30
CA THR Y 97 -27.35 -38.90 85.47
C THR Y 97 -28.65 -39.03 86.26
N PHE Y 98 -28.60 -39.62 87.45
CA PHE Y 98 -29.83 -39.75 88.25
C PHE Y 98 -30.38 -38.39 88.62
N MET Y 99 -29.50 -37.51 89.10
CA MET Y 99 -29.90 -36.13 89.35
C MET Y 99 -30.46 -35.48 88.09
N THR Y 100 -29.87 -35.77 86.93
CA THR Y 100 -30.30 -35.15 85.69
C THR Y 100 -31.77 -35.46 85.40
N GLY Y 101 -32.15 -36.73 85.46
CA GLY Y 101 -33.53 -37.10 85.16
C GLY Y 101 -34.50 -36.57 86.19
N TYR Y 102 -34.13 -36.66 87.48
CA TYR Y 102 -34.97 -36.08 88.53
C TYR Y 102 -35.28 -34.61 88.24
N ARG Y 103 -34.28 -33.84 87.79
CA ARG Y 103 -34.45 -32.40 87.69
C ARG Y 103 -35.31 -32.02 86.49
N TYR Y 104 -35.18 -32.75 85.38
CA TYR Y 104 -36.13 -32.59 84.28
C TYR Y 104 -37.56 -32.87 84.74
N ALA Y 105 -37.75 -33.99 85.44
CA ALA Y 105 -39.09 -34.38 85.88
C ALA Y 105 -39.73 -33.31 86.76
N GLN Y 106 -38.97 -32.77 87.72
CA GLN Y 106 -39.52 -31.80 88.67
C GLN Y 106 -40.05 -30.55 87.98
N MET Y 107 -39.43 -30.13 86.88
CA MET Y 107 -39.94 -28.99 86.15
C MET Y 107 -40.92 -29.40 85.06
N GLY Y 108 -41.42 -30.62 85.11
CA GLY Y 108 -42.47 -31.05 84.21
C GLY Y 108 -42.00 -31.42 82.82
N TYR Y 109 -40.73 -31.74 82.65
CA TYR Y 109 -40.21 -32.20 81.37
C TYR Y 109 -40.20 -33.73 81.32
N THR Y 110 -40.61 -34.28 80.20
CA THR Y 110 -40.72 -35.73 80.05
C THR Y 110 -39.96 -36.28 78.85
N THR Y 111 -39.42 -35.44 77.98
CA THR Y 111 -38.63 -35.87 76.83
C THR Y 111 -37.47 -34.90 76.67
N ALA Y 112 -36.25 -35.44 76.51
CA ALA Y 112 -35.06 -34.63 76.36
C ALA Y 112 -34.11 -35.32 75.40
N MET Y 113 -33.54 -34.55 74.48
CA MET Y 113 -32.71 -35.11 73.41
C MET Y 113 -31.25 -34.74 73.66
N GLU Y 114 -30.37 -35.75 73.59
CA GLU Y 114 -28.93 -35.51 73.63
C GLU Y 114 -28.45 -35.04 72.26
N ALA Y 115 -27.78 -33.90 72.24
CA ALA Y 115 -27.64 -33.15 70.99
C ALA Y 115 -26.36 -33.44 70.22
N ALA Y 116 -25.42 -34.21 70.77
CA ALA Y 116 -24.16 -34.45 70.05
C ALA Y 116 -23.53 -35.74 70.58
N MET Y 117 -23.69 -36.84 69.84
CA MET Y 117 -23.11 -38.12 70.19
C MET Y 117 -22.05 -38.51 69.17
N PRO Y 118 -20.80 -38.70 69.58
CA PRO Y 118 -19.79 -39.25 68.67
C PRO Y 118 -20.06 -40.72 68.40
N PRO Y 119 -20.19 -41.11 67.13
CA PRO Y 119 -20.61 -42.49 66.81
C PRO Y 119 -19.77 -43.58 67.47
N LEU Y 120 -18.44 -43.40 67.52
CA LEU Y 120 -17.59 -44.43 68.10
C LEU Y 120 -17.80 -44.57 69.60
N LEU Y 121 -18.30 -43.52 70.26
CA LEU Y 121 -18.54 -43.52 71.70
C LEU Y 121 -20.01 -43.71 72.04
N ALA Y 122 -20.80 -44.23 71.09
CA ALA Y 122 -22.25 -44.27 71.26
C ALA Y 122 -22.65 -45.18 72.42
N ARG Y 123 -21.91 -46.26 72.64
CA ARG Y 123 -22.19 -47.13 73.79
C ARG Y 123 -22.22 -46.33 75.08
N HIS Y 124 -21.30 -45.37 75.23
CA HIS Y 124 -21.26 -44.54 76.43
C HIS Y 124 -22.57 -43.78 76.61
N THR Y 125 -23.03 -43.10 75.56
CA THR Y 125 -24.26 -42.32 75.64
C THR Y 125 -25.43 -43.18 76.12
N HIS Y 126 -25.60 -44.35 75.50
CA HIS Y 126 -26.74 -45.19 75.85
C HIS Y 126 -26.61 -45.75 77.26
N GLU Y 127 -25.39 -45.97 77.74
CA GLU Y 127 -25.19 -46.40 79.11
C GLU Y 127 -25.58 -45.30 80.11
N GLU Y 128 -25.25 -44.05 79.80
CA GLU Y 128 -25.68 -42.95 80.68
C GLU Y 128 -27.19 -42.75 80.60
N PHE Y 129 -27.80 -43.00 79.44
CA PHE Y 129 -29.25 -42.94 79.34
C PHE Y 129 -29.92 -43.95 80.27
N HIS Y 130 -29.36 -45.17 80.34
CA HIS Y 130 -29.94 -46.20 81.19
C HIS Y 130 -30.02 -45.76 82.64
N ASP Y 131 -29.07 -44.94 83.09
CA ASP Y 131 -29.07 -44.41 84.43
C ASP Y 131 -29.71 -43.03 84.53
N THR Y 132 -30.50 -42.63 83.53
CA THR Y 132 -31.19 -41.35 83.56
C THR Y 132 -32.68 -41.60 83.73
N PRO Y 133 -33.26 -41.32 84.89
CA PRO Y 133 -34.63 -41.72 85.15
C PRO Y 133 -35.66 -40.94 84.35
N ILE Y 134 -36.82 -41.58 84.15
CA ILE Y 134 -38.08 -40.95 83.79
C ILE Y 134 -38.14 -40.51 82.34
N ILE Y 135 -37.27 -39.59 81.94
CA ILE Y 135 -37.45 -38.91 80.65
C ILE Y 135 -37.25 -39.90 79.50
N ASP Y 136 -38.11 -39.77 78.48
CA ASP Y 136 -37.82 -40.36 77.19
C ASP Y 136 -36.74 -39.53 76.50
N HIS Y 137 -35.98 -40.16 75.61
CA HIS Y 137 -34.77 -39.54 75.11
C HIS Y 137 -34.42 -40.07 73.73
N ALA Y 138 -33.45 -39.40 73.11
CA ALA Y 138 -32.82 -39.82 71.88
C ALA Y 138 -31.48 -39.12 71.78
N ALA Y 139 -30.63 -39.61 70.88
CA ALA Y 139 -29.30 -39.04 70.70
C ALA Y 139 -29.10 -38.67 69.23
N TYR Y 140 -28.40 -37.55 69.01
CA TYR Y 140 -28.11 -37.08 67.67
C TYR Y 140 -26.69 -37.45 67.32
N PRO Y 141 -26.44 -38.43 66.45
CA PRO Y 141 -25.07 -38.64 65.98
C PRO Y 141 -24.59 -37.47 65.14
N LEU Y 142 -23.27 -37.28 65.14
CA LEU Y 142 -22.65 -36.16 64.46
C LEU Y 142 -22.18 -36.58 63.08
N PHE Y 143 -22.36 -35.70 62.09
CA PHE Y 143 -22.04 -35.97 60.70
C PHE Y 143 -21.20 -34.90 60.03
N GLY Y 144 -21.16 -33.67 60.55
CA GLY Y 144 -20.63 -32.54 59.82
C GLY Y 144 -19.13 -32.57 59.56
N ASN Y 145 -18.40 -33.46 60.23
CA ASN Y 145 -16.97 -33.60 60.04
C ASN Y 145 -16.59 -35.07 59.85
N ASN Y 146 -17.54 -35.86 59.36
CA ASN Y 146 -17.36 -37.30 59.21
C ASN Y 146 -16.63 -37.61 57.92
N TRP Y 147 -15.63 -38.50 57.98
CA TRP Y 147 -14.78 -38.77 56.83
C TRP Y 147 -15.57 -39.37 55.67
N PHE Y 148 -16.44 -40.34 55.96
CA PHE Y 148 -17.26 -40.94 54.91
C PHE Y 148 -18.18 -39.92 54.27
N VAL Y 149 -18.80 -39.07 55.08
CA VAL Y 149 -19.70 -38.04 54.57
C VAL Y 149 -18.94 -37.08 53.66
N MET Y 150 -17.75 -36.66 54.10
CA MET Y 150 -16.95 -35.72 53.33
C MET Y 150 -16.46 -36.33 52.03
N GLU Y 151 -16.10 -37.61 52.04
CA GLU Y 151 -15.63 -38.26 50.82
C GLU Y 151 -16.77 -38.48 49.83
N TYR Y 152 -17.92 -38.95 50.31
CA TYR Y 152 -19.04 -39.24 49.41
C TYR Y 152 -19.61 -37.96 48.81
N LEU Y 153 -19.81 -36.91 49.63
CA LEU Y 153 -20.46 -35.72 49.14
C LEU Y 153 -19.56 -34.89 48.24
N LYS Y 154 -18.23 -35.00 48.39
CA LYS Y 154 -17.33 -34.34 47.46
C LYS Y 154 -17.48 -34.90 46.05
N GLU Y 155 -17.66 -36.22 45.95
CA GLU Y 155 -17.84 -36.87 44.66
C GLU Y 155 -19.27 -36.69 44.14
N GLY Y 156 -20.12 -35.96 44.86
CA GLY Y 156 -21.51 -35.77 44.51
C GLY Y 156 -22.39 -36.98 44.68
N ASP Y 157 -21.93 -38.01 45.38
CA ASP Y 157 -22.67 -39.27 45.49
C ASP Y 157 -23.58 -39.20 46.72
N VAL Y 158 -24.72 -38.53 46.54
CA VAL Y 158 -25.65 -38.37 47.66
C VAL Y 158 -26.32 -39.70 47.97
N ASP Y 159 -26.45 -40.57 46.98
CA ASP Y 159 -27.04 -41.89 47.25
C ASP Y 159 -26.19 -42.71 48.20
N ALA Y 160 -24.86 -42.72 48.01
CA ALA Y 160 -23.99 -43.48 48.89
C ALA Y 160 -23.94 -42.87 50.29
N CYS Y 161 -23.89 -41.53 50.38
CA CYS Y 161 -23.95 -40.88 51.68
C CYS Y 161 -25.24 -41.20 52.41
N ALA Y 162 -26.34 -41.34 51.68
CA ALA Y 162 -27.59 -41.70 52.32
C ALA Y 162 -27.59 -43.14 52.82
N ALA Y 163 -26.90 -44.04 52.10
CA ALA Y 163 -26.77 -45.40 52.59
C ALA Y 163 -25.87 -45.47 53.82
N TYR Y 164 -24.76 -44.72 53.82
CA TYR Y 164 -23.92 -44.64 55.00
C TYR Y 164 -24.70 -44.12 56.21
N ALA Y 165 -25.40 -43.01 56.05
CA ALA Y 165 -26.18 -42.45 57.15
C ALA Y 165 -27.19 -43.45 57.67
N SER Y 166 -27.91 -44.13 56.77
CA SER Y 166 -28.84 -45.17 57.18
C SER Y 166 -28.15 -46.19 58.08
N TRP Y 167 -26.98 -46.67 57.65
CA TRP Y 167 -26.22 -47.62 58.46
C TRP Y 167 -25.83 -47.01 59.81
N LEU Y 168 -25.35 -45.76 59.79
CA LEU Y 168 -24.79 -45.17 61.00
C LEU Y 168 -25.88 -44.89 62.04
N LEU Y 169 -27.04 -44.39 61.61
CA LEU Y 169 -28.13 -44.14 62.56
C LEU Y 169 -28.59 -45.44 63.22
N ARG Y 170 -28.62 -46.53 62.45
CA ARG Y 170 -29.00 -47.81 63.01
C ARG Y 170 -27.91 -48.35 63.95
N ALA Y 171 -26.64 -48.15 63.59
CA ALA Y 171 -25.55 -48.72 64.35
C ALA Y 171 -25.33 -47.99 65.67
N THR Y 172 -25.48 -46.67 65.67
CA THR Y 172 -25.35 -45.88 66.89
C THR Y 172 -26.68 -45.72 67.63
N LYS Y 173 -27.76 -46.25 67.07
CA LYS Y 173 -29.12 -46.04 67.58
C LYS Y 173 -29.37 -44.54 67.84
N GLY Y 174 -29.24 -43.77 66.77
CA GLY Y 174 -29.39 -42.34 66.81
C GLY Y 174 -30.65 -41.89 66.07
N TYR Y 175 -30.89 -40.58 66.15
CA TYR Y 175 -32.21 -40.08 65.76
C TYR Y 175 -32.18 -38.97 64.71
N THR Y 176 -31.14 -38.13 64.70
CA THR Y 176 -31.09 -37.03 63.75
C THR Y 176 -29.68 -36.85 63.20
N ILE Y 177 -29.62 -36.19 62.05
CA ILE Y 177 -28.36 -35.80 61.43
C ILE Y 177 -27.88 -34.49 62.04
N ILE Y 179 -25.04 -31.58 62.83
CA ILE Y 179 -23.91 -30.94 62.13
C ILE Y 179 -23.35 -29.83 63.02
N VAL Y 180 -22.08 -29.94 63.40
CA VAL Y 180 -21.43 -28.94 64.25
C VAL Y 180 -20.18 -28.45 63.53
N ASN Y 181 -20.09 -27.13 63.31
CA ASN Y 181 -18.94 -26.48 62.69
C ASN Y 181 -18.46 -27.32 61.51
N PRO Y 182 -19.26 -27.50 60.48
CA PRO Y 182 -18.95 -28.50 59.44
C PRO Y 182 -17.62 -28.20 58.77
N ALA Y 183 -16.79 -29.25 58.67
CA ALA Y 183 -15.43 -29.22 58.12
C ALA Y 183 -14.44 -28.59 59.08
N GLY Y 184 -14.90 -27.69 59.94
CA GLY Y 184 -13.97 -26.95 60.79
C GLY Y 184 -13.35 -27.79 61.89
N THR Y 185 -14.13 -28.70 62.48
CA THR Y 185 -13.57 -29.57 63.51
C THR Y 185 -12.58 -30.57 62.92
N GLU Y 186 -12.80 -30.99 61.67
CA GLU Y 186 -11.78 -31.79 60.99
C GLU Y 186 -10.50 -30.98 60.84
N ALA Y 187 -10.61 -29.69 60.50
CA ALA Y 187 -9.44 -28.82 60.46
C ALA Y 187 -8.79 -28.70 61.83
N TRP Y 188 -9.59 -28.80 62.90
CA TRP Y 188 -9.03 -28.76 64.24
C TRP Y 188 -8.23 -30.02 64.56
N GLY Y 189 -8.44 -31.10 63.79
CA GLY Y 189 -7.58 -32.26 63.91
C GLY Y 189 -6.11 -31.97 63.68
N TRP Y 190 -5.80 -30.91 62.95
CA TRP Y 190 -4.43 -30.42 62.79
C TRP Y 190 -4.20 -29.12 63.55
N GLY Y 191 -5.14 -28.72 64.42
CA GLY Y 191 -5.02 -27.49 65.17
C GLY Y 191 -5.56 -26.25 64.50
N GLY Y 192 -6.32 -26.40 63.42
CA GLY Y 192 -6.86 -25.28 62.68
C GLY Y 192 -8.37 -25.16 62.77
N ASN Y 193 -8.94 -24.48 61.78
CA ASN Y 193 -10.37 -24.23 61.72
C ASN Y 193 -10.72 -23.80 60.30
N VAL Y 194 -12.03 -23.69 60.04
CA VAL Y 194 -12.50 -23.07 58.80
C VAL Y 194 -13.17 -21.76 59.19
N HIS Y 195 -13.17 -20.81 58.25
CA HIS Y 195 -13.75 -19.50 58.46
C HIS Y 195 -14.71 -19.22 57.32
N GLY Y 196 -15.99 -19.08 57.63
CA GLY Y 196 -17.01 -18.93 56.62
C GLY Y 196 -17.37 -20.26 55.98
N ILE Y 197 -18.47 -20.24 55.22
CA ILE Y 197 -19.04 -21.48 54.71
C ILE Y 197 -18.40 -21.95 53.41
N TYR Y 198 -17.48 -21.19 52.84
CA TYR Y 198 -16.81 -21.58 51.60
C TYR Y 198 -15.35 -21.97 51.81
N ASP Y 199 -14.93 -22.15 53.07
CA ASP Y 199 -13.55 -22.44 53.41
C ASP Y 199 -13.38 -23.94 53.62
N PRO Y 200 -12.64 -24.66 52.77
CA PRO Y 200 -12.59 -26.11 52.87
C PRO Y 200 -11.67 -26.61 53.97
N ALA Y 201 -11.93 -27.85 54.39
CA ALA Y 201 -11.06 -28.54 55.33
C ALA Y 201 -9.80 -29.03 54.64
N PRO Y 202 -8.72 -29.24 55.39
CA PRO Y 202 -7.50 -29.82 54.79
C PRO Y 202 -7.79 -31.18 54.17
N TYR Y 203 -7.13 -31.44 53.04
CA TYR Y 203 -7.23 -32.69 52.29
C TYR Y 203 -8.60 -32.96 51.70
N PHE Y 204 -9.64 -32.92 52.54
CA PHE Y 204 -10.95 -33.45 52.15
C PHE Y 204 -11.63 -32.61 51.09
N ASP Y 205 -11.22 -31.35 50.93
CA ASP Y 205 -11.45 -30.62 49.70
C ASP Y 205 -12.94 -30.28 49.48
N ILE Y 206 -13.72 -30.22 50.56
CA ILE Y 206 -15.15 -29.88 50.49
C ILE Y 206 -15.48 -28.73 51.44
N THR Y 207 -16.42 -27.85 51.02
CA THR Y 207 -16.74 -26.69 51.83
C THR Y 207 -17.86 -26.99 52.81
N PRO Y 208 -17.97 -26.21 53.89
CA PRO Y 208 -19.16 -26.29 54.75
C PRO Y 208 -20.48 -26.22 53.99
N ALA Y 209 -20.62 -25.26 53.07
CA ALA Y 209 -21.86 -25.11 52.32
C ALA Y 209 -22.26 -26.41 51.64
N GLU Y 210 -21.31 -27.11 51.01
CA GLU Y 210 -21.61 -28.36 50.35
C GLU Y 210 -21.98 -29.45 51.34
N ILE Y 211 -21.37 -29.44 52.53
CA ILE Y 211 -21.72 -30.42 53.56
C ILE Y 211 -23.15 -30.21 54.05
N ILE Y 212 -23.50 -28.96 54.36
CA ILE Y 212 -24.87 -28.66 54.79
C ILE Y 212 -25.83 -28.99 53.66
N LYS Y 213 -25.45 -28.62 52.44
CA LYS Y 213 -26.17 -28.99 51.24
C LYS Y 213 -26.48 -30.48 51.18
N GLY Y 214 -25.43 -31.30 51.15
CA GLY Y 214 -25.61 -32.72 50.92
C GLY Y 214 -26.36 -33.44 52.03
N LEU Y 215 -26.11 -33.06 53.28
CA LEU Y 215 -26.78 -33.74 54.39
C LEU Y 215 -28.25 -33.35 54.48
N ALA Y 216 -28.61 -32.14 54.06
CA ALA Y 216 -30.03 -31.81 53.91
C ALA Y 216 -30.68 -32.70 52.87
N GLU Y 217 -30.02 -32.87 51.72
CA GLU Y 217 -30.52 -33.79 50.69
C GLU Y 217 -30.61 -35.21 51.24
N VAL Y 218 -29.58 -35.66 51.96
CA VAL Y 218 -29.60 -36.98 52.58
C VAL Y 218 -30.76 -37.08 53.58
N ASN Y 219 -30.93 -36.04 54.40
CA ASN Y 219 -31.97 -36.08 55.43
C ASN Y 219 -33.34 -36.33 54.82
N GLU Y 220 -33.65 -35.63 53.73
CA GLU Y 220 -34.95 -35.78 53.08
C GLU Y 220 -34.97 -37.01 52.17
N LYS Y 221 -33.79 -37.50 51.70
CA LYS Y 221 -33.80 -38.79 51.01
C LYS Y 221 -34.18 -39.90 51.94
N LEU Y 222 -33.83 -39.76 53.18
CA LEU Y 222 -34.12 -40.77 54.17
C LEU Y 222 -35.44 -40.54 54.86
N GLN Y 223 -36.12 -39.44 54.52
CA GLN Y 223 -37.44 -39.16 55.09
C GLN Y 223 -37.39 -39.20 56.61
N LEU Y 224 -36.36 -38.58 57.18
CA LEU Y 224 -36.21 -38.62 58.62
C LEU Y 224 -37.30 -37.78 59.29
N PRO Y 225 -37.69 -38.14 60.51
CA PRO Y 225 -38.71 -37.35 61.21
C PRO Y 225 -38.27 -35.93 61.44
N HIS Y 226 -37.01 -35.73 61.80
CA HIS Y 226 -36.44 -34.42 62.11
C HIS Y 226 -35.56 -33.95 60.96
N SER Y 227 -35.36 -32.64 60.90
CA SER Y 227 -34.52 -32.05 59.86
C SER Y 227 -33.05 -32.17 60.24
N ILE Y 228 -32.17 -31.68 59.36
CA ILE Y 228 -30.78 -31.48 59.78
C ILE Y 228 -30.80 -30.47 60.94
N HIS Y 229 -29.83 -30.64 61.84
CA HIS Y 229 -29.77 -29.88 63.08
C HIS Y 229 -28.42 -29.17 63.09
N LEU Y 230 -28.42 -27.87 62.77
CA LEU Y 230 -27.18 -27.19 62.36
C LEU Y 230 -26.67 -26.27 63.47
N HIS Y 231 -25.43 -26.51 63.87
CA HIS Y 231 -24.61 -25.63 64.69
C HIS Y 231 -23.59 -25.00 63.74
N CYS Y 232 -23.71 -23.70 63.51
CA CYS Y 232 -23.07 -23.05 62.37
C CYS Y 232 -21.57 -22.89 62.59
N ASN Y 233 -20.88 -22.59 61.49
CA ASN Y 233 -19.48 -22.17 61.53
C ASN Y 233 -19.34 -20.80 62.19
N ASP Y 234 -18.10 -20.51 62.62
CA ASP Y 234 -17.73 -19.22 63.20
C ASP Y 234 -18.58 -18.86 64.42
N LEU Y 235 -18.85 -19.86 65.25
CA LEU Y 235 -19.62 -19.63 66.47
C LEU Y 235 -18.85 -18.71 67.42
N GLY Y 236 -19.60 -17.81 68.07
CA GLY Y 236 -19.05 -17.00 69.13
C GLY Y 236 -18.05 -15.95 68.71
N HIS Y 237 -18.05 -15.56 67.43
CA HIS Y 237 -17.10 -14.60 66.89
C HIS Y 237 -17.82 -13.30 66.57
N PRO Y 238 -17.25 -12.15 66.93
CA PRO Y 238 -17.82 -10.88 66.48
C PRO Y 238 -17.92 -10.84 64.95
N GLY Y 239 -19.09 -10.40 64.46
CA GLY Y 239 -19.31 -10.29 63.04
C GLY Y 239 -19.86 -11.53 62.36
N ASN Y 240 -20.14 -12.60 63.11
CA ASN Y 240 -20.50 -13.87 62.48
C ASN Y 240 -21.94 -13.93 61.97
N TYR Y 241 -22.75 -12.91 62.24
CA TYR Y 241 -24.15 -12.95 61.81
C TYR Y 241 -24.27 -13.15 60.31
N GLU Y 242 -23.32 -12.65 59.52
CA GLU Y 242 -23.37 -12.87 58.07
C GLU Y 242 -23.13 -14.33 57.71
N THR Y 243 -22.15 -14.98 58.36
CA THR Y 243 -21.98 -16.42 58.15
C THR Y 243 -23.24 -17.18 58.54
N THR Y 244 -23.95 -16.72 59.58
CA THR Y 244 -25.16 -17.37 60.01
C THR Y 244 -26.25 -17.28 58.94
N LEU Y 245 -26.52 -16.07 58.46
CA LEU Y 245 -27.57 -15.88 57.47
C LEU Y 245 -27.27 -16.60 56.16
N ALA Y 246 -26.00 -16.57 55.74
CA ALA Y 246 -25.60 -17.34 54.56
C ALA Y 246 -25.83 -18.83 54.78
N SER Y 247 -25.51 -19.32 55.98
CA SER Y 247 -25.77 -20.71 56.30
C SER Y 247 -27.26 -21.04 56.19
N PHE Y 248 -28.12 -20.14 56.69
CA PHE Y 248 -29.56 -20.41 56.66
C PHE Y 248 -30.09 -20.60 55.25
N ASP Y 249 -29.49 -19.94 54.26
CA ASP Y 249 -30.00 -20.02 52.90
C ASP Y 249 -29.63 -21.30 52.17
N VAL Y 250 -28.58 -22.01 52.60
CA VAL Y 250 -28.03 -23.11 51.79
C VAL Y 250 -29.06 -24.22 51.53
N PRO Y 251 -29.84 -24.69 52.53
CA PRO Y 251 -30.78 -25.77 52.23
C PRO Y 251 -32.20 -25.30 51.95
N LYS Y 252 -32.37 -24.00 51.66
CA LYS Y 252 -33.71 -23.43 51.61
C LYS Y 252 -34.59 -24.13 50.59
N ASN Y 253 -34.03 -24.44 49.42
CA ASN Y 253 -34.79 -25.00 48.32
C ASN Y 253 -34.86 -26.52 48.34
N ILE Y 254 -34.49 -27.14 49.45
CA ILE Y 254 -34.72 -28.57 49.63
C ILE Y 254 -36.07 -28.75 50.30
N LYS Y 255 -36.85 -29.71 49.80
CA LYS Y 255 -38.24 -29.91 50.20
C LYS Y 255 -38.32 -30.91 51.34
N PRO Y 256 -38.95 -30.57 52.46
CA PRO Y 256 -39.06 -31.52 53.57
C PRO Y 256 -39.89 -32.74 53.18
N ASN Y 257 -39.55 -33.88 53.76
CA ASN Y 257 -40.23 -35.11 53.42
C ASN Y 257 -40.27 -36.13 54.54
N PRO Y 258 -40.70 -35.79 55.77
CA PRO Y 258 -40.76 -36.81 56.81
C PRO Y 258 -41.80 -37.88 56.51
N ALA Y 259 -41.41 -39.14 56.75
CA ALA Y 259 -42.35 -40.25 56.64
C ALA Y 259 -43.22 -40.37 57.89
N THR Y 260 -42.68 -39.99 59.05
CA THR Y 260 -43.42 -39.95 60.30
C THR Y 260 -43.52 -38.50 60.76
N GLY Y 261 -44.66 -38.15 61.36
CA GLY Y 261 -44.82 -36.83 61.93
C GLY Y 261 -45.20 -35.76 60.94
N SER Y 262 -45.21 -34.52 61.45
CA SER Y 262 -45.81 -33.38 60.76
C SER Y 262 -44.80 -32.28 60.42
N ARG Y 263 -43.50 -32.58 60.45
CA ARG Y 263 -42.48 -31.55 60.22
C ARG Y 263 -42.62 -30.94 58.83
N ASP Y 264 -42.62 -29.60 58.78
CA ASP Y 264 -42.73 -28.87 57.52
C ASP Y 264 -41.58 -27.89 57.30
N THR Y 265 -40.44 -28.12 57.96
CA THR Y 265 -39.25 -27.30 57.86
C THR Y 265 -38.04 -28.16 57.56
N VAL Y 266 -37.12 -27.64 56.75
CA VAL Y 266 -35.95 -28.38 56.32
C VAL Y 266 -34.70 -28.07 57.15
N LEU Y 267 -34.70 -26.96 57.89
CA LEU Y 267 -33.56 -26.50 58.65
C LEU Y 267 -33.95 -26.27 60.11
N TYR Y 268 -33.15 -26.81 61.02
CA TYR Y 268 -33.24 -26.50 62.45
C TYR Y 268 -31.89 -25.93 62.87
N ALA Y 269 -31.88 -24.67 63.26
CA ALA Y 269 -30.66 -23.99 63.70
C ALA Y 269 -30.66 -23.87 65.21
N THR Y 270 -29.58 -24.32 65.84
CA THR Y 270 -29.54 -24.42 67.29
C THR Y 270 -28.71 -23.29 67.90
N HIS Y 271 -29.02 -22.99 69.17
CA HIS Y 271 -28.44 -21.89 69.96
C HIS Y 271 -28.01 -20.71 69.10
N VAL Y 272 -28.98 -20.08 68.42
CA VAL Y 272 -28.69 -19.04 67.45
C VAL Y 272 -28.18 -17.76 68.12
N GLN Y 273 -28.38 -17.61 69.43
CA GLN Y 273 -27.78 -16.48 70.16
C GLN Y 273 -26.29 -16.37 69.87
N PHE Y 274 -25.58 -17.49 69.95
CA PHE Y 274 -24.14 -17.52 69.70
C PHE Y 274 -23.78 -17.26 68.24
N HIS Y 275 -24.77 -17.20 67.34
CA HIS Y 275 -24.56 -16.98 65.92
C HIS Y 275 -25.12 -15.63 65.47
N SER Y 276 -25.39 -14.72 66.40
CA SER Y 276 -26.06 -13.47 66.10
C SER Y 276 -25.21 -12.25 66.42
N TYR Y 277 -23.89 -12.38 66.30
CA TYR Y 277 -22.96 -11.36 66.78
C TYR Y 277 -22.58 -10.38 65.67
N GLY Y 278 -22.57 -9.10 66.01
CA GLY Y 278 -22.05 -8.06 65.16
C GLY Y 278 -20.70 -7.54 65.63
N GLY Y 279 -20.27 -6.46 64.99
CA GLY Y 279 -18.96 -5.92 65.26
C GLY Y 279 -17.89 -6.66 64.47
N THR Y 280 -16.66 -6.48 64.92
CA THR Y 280 -15.47 -7.15 64.39
C THR Y 280 -14.50 -7.60 65.46
N THR Y 281 -14.49 -6.95 66.62
CA THR Y 281 -13.70 -7.30 67.79
C THR Y 281 -14.63 -7.44 68.99
N TRP Y 282 -14.07 -7.83 70.12
CA TRP Y 282 -14.86 -7.83 71.34
C TRP Y 282 -15.13 -6.42 71.84
N ARG Y 283 -14.37 -5.42 71.39
CA ARG Y 283 -14.58 -4.09 71.93
C ARG Y 283 -15.63 -3.29 71.18
N ASP Y 284 -15.78 -3.50 69.87
CA ASP Y 284 -16.90 -2.93 69.13
C ASP Y 284 -18.02 -3.94 68.94
N PHE Y 285 -18.08 -4.91 69.87
CA PHE Y 285 -19.03 -6.03 69.81
C PHE Y 285 -20.44 -5.54 70.11
N VAL Y 286 -21.38 -5.95 69.26
CA VAL Y 286 -22.69 -5.33 69.32
C VAL Y 286 -23.71 -6.39 68.85
N SER Y 287 -24.99 -6.25 69.25
CA SER Y 287 -26.02 -7.25 68.90
C SER Y 287 -26.51 -7.09 67.46
N GLU Y 288 -26.68 -8.23 66.76
CA GLU Y 288 -27.32 -8.27 65.44
C GLU Y 288 -28.53 -9.20 65.44
N ALA Y 289 -29.14 -9.40 66.60
CA ALA Y 289 -30.33 -10.24 66.65
C ALA Y 289 -31.51 -9.72 65.83
N PRO Y 290 -31.74 -8.40 65.69
CA PRO Y 290 -32.82 -7.94 64.81
C PRO Y 290 -32.74 -8.49 63.39
N LYS Y 291 -31.56 -8.44 62.75
CA LYS Y 291 -31.44 -8.99 61.41
C LYS Y 291 -31.72 -10.50 61.42
N ILE Y 292 -31.26 -11.20 62.45
CA ILE Y 292 -31.52 -12.63 62.54
C ILE Y 292 -33.01 -12.91 62.70
N ALA Y 293 -33.65 -12.24 63.66
CA ALA Y 293 -35.08 -12.41 63.86
C ALA Y 293 -35.85 -12.03 62.59
N ASP Y 294 -35.41 -11.00 61.87
CA ASP Y 294 -36.10 -10.60 60.65
C ASP Y 294 -35.98 -11.67 59.57
N TYR Y 295 -34.82 -12.31 59.46
CA TYR Y 295 -34.71 -13.44 58.55
C TYR Y 295 -35.71 -14.54 58.90
N VAL Y 296 -35.80 -14.88 60.19
CA VAL Y 296 -36.68 -15.96 60.62
C VAL Y 296 -38.14 -15.62 60.35
N ASN Y 297 -38.55 -14.39 60.68
CA ASN Y 297 -39.93 -13.97 60.44
C ASN Y 297 -40.30 -14.09 58.97
N LYS Y 298 -39.38 -13.73 58.07
CA LYS Y 298 -39.64 -13.74 56.64
C LYS Y 298 -39.64 -15.14 56.04
N ASN Y 299 -39.00 -16.11 56.68
CA ASN Y 299 -38.72 -17.41 56.07
C ASN Y 299 -39.53 -18.53 56.73
N ASP Y 300 -39.88 -19.54 55.90
CA ASP Y 300 -40.78 -20.64 56.25
C ASP Y 300 -40.04 -21.97 56.37
N HIS Y 301 -38.73 -22.01 56.11
CA HIS Y 301 -38.05 -23.29 56.11
C HIS Y 301 -37.23 -23.54 57.37
N ILE Y 302 -37.26 -22.63 58.34
CA ILE Y 302 -36.32 -22.63 59.45
C ILE Y 302 -37.06 -22.65 60.79
N VAL Y 303 -36.60 -23.50 61.69
CA VAL Y 303 -36.91 -23.46 63.11
C VAL Y 303 -35.61 -23.23 63.85
N ILE Y 304 -35.67 -22.50 64.95
CA ILE Y 304 -34.46 -22.21 65.74
C ILE Y 304 -34.72 -22.55 67.20
N ASP Y 305 -33.62 -22.65 67.94
CA ASP Y 305 -33.63 -22.49 69.39
C ASP Y 305 -32.59 -21.44 69.74
N VAL Y 306 -32.75 -20.84 70.91
CA VAL Y 306 -32.05 -19.60 71.22
C VAL Y 306 -30.70 -19.84 71.86
N GLY Y 307 -30.63 -20.73 72.85
CA GLY Y 307 -29.43 -20.84 73.65
C GLY Y 307 -29.29 -19.64 74.57
N GLN Y 308 -30.26 -19.47 75.46
CA GLN Y 308 -30.35 -18.26 76.28
C GLN Y 308 -29.32 -18.28 77.41
N ILE Y 309 -28.62 -17.16 77.55
CA ILE Y 309 -27.69 -16.97 78.66
C ILE Y 309 -28.47 -16.89 79.96
N THR Y 310 -28.01 -17.62 80.97
CA THR Y 310 -28.65 -17.59 82.29
C THR Y 310 -27.84 -16.85 83.34
N LEU Y 311 -26.66 -16.33 82.98
CA LEU Y 311 -25.84 -15.51 83.87
C LEU Y 311 -25.34 -16.32 85.08
N ASP Y 312 -24.88 -17.54 84.83
CA ASP Y 312 -24.34 -18.42 85.86
C ASP Y 312 -22.87 -18.71 85.59
N GLU Y 313 -22.20 -19.22 86.61
CA GLU Y 313 -20.97 -19.99 86.39
C GLU Y 313 -21.40 -21.36 85.91
N THR Y 314 -21.10 -21.68 84.64
CA THR Y 314 -21.51 -22.97 84.09
C THR Y 314 -20.35 -23.62 83.34
N THR Y 315 -20.64 -24.67 82.58
CA THR Y 315 -19.62 -25.42 81.87
C THR Y 315 -20.01 -25.49 80.40
N THR Y 316 -19.06 -25.24 79.52
CA THR Y 316 -19.29 -25.34 78.08
C THR Y 316 -18.69 -26.64 77.56
N MET Y 317 -19.44 -27.32 76.68
CA MET Y 317 -19.00 -28.59 76.14
C MET Y 317 -19.62 -28.79 74.76
N THR Y 318 -18.80 -28.90 73.73
CA THR Y 318 -19.29 -28.94 72.36
C THR Y 318 -18.40 -29.80 71.49
N ALA Y 319 -18.96 -30.22 70.36
CA ALA Y 319 -18.17 -30.82 69.29
C ALA Y 319 -17.40 -29.77 68.49
N ASP Y 320 -17.47 -28.50 68.91
CA ASP Y 320 -16.72 -27.42 68.25
C ASP Y 320 -15.37 -27.27 68.96
N GLY Y 321 -14.49 -28.24 68.69
CA GLY Y 321 -13.15 -28.26 69.23
C GLY Y 321 -12.34 -26.99 69.11
N PRO Y 322 -12.22 -26.42 67.90
CA PRO Y 322 -11.38 -25.21 67.76
C PRO Y 322 -11.92 -24.03 68.53
N MET Y 323 -13.25 -23.91 68.61
CA MET Y 323 -13.85 -22.79 69.34
C MET Y 323 -13.55 -22.87 70.83
N GLU Y 324 -13.58 -24.09 71.39
CA GLU Y 324 -13.36 -24.24 72.82
C GLU Y 324 -11.90 -23.95 73.19
N TYR Y 325 -10.96 -24.30 72.30
CA TYR Y 325 -9.57 -23.91 72.53
C TYR Y 325 -9.40 -22.41 72.51
N ASP Y 326 -10.09 -21.72 71.60
CA ASP Y 326 -10.05 -20.25 71.60
C ASP Y 326 -10.62 -19.68 72.89
N LEU Y 327 -11.71 -20.27 73.40
CA LEU Y 327 -12.30 -19.77 74.64
C LEU Y 327 -11.35 -19.98 75.81
N HIS Y 328 -10.71 -21.15 75.88
CA HIS Y 328 -9.67 -21.38 76.88
C HIS Y 328 -8.55 -20.35 76.76
N SER Y 329 -8.17 -20.01 75.53
CA SER Y 329 -7.18 -18.96 75.34
C SER Y 329 -7.65 -17.63 75.93
N LEU Y 330 -8.95 -17.38 75.92
CA LEU Y 330 -9.45 -16.08 76.39
C LEU Y 330 -9.49 -16.04 77.93
N ASN Y 331 -10.19 -16.99 78.55
CA ASN Y 331 -10.40 -16.92 79.99
C ASN Y 331 -9.37 -17.69 80.80
N GLY Y 332 -8.50 -18.46 80.15
CA GLY Y 332 -7.40 -19.12 80.84
C GLY Y 332 -7.76 -20.30 81.72
N LEU Y 333 -8.98 -20.83 81.62
CA LEU Y 333 -9.44 -21.88 82.52
C LEU Y 333 -9.21 -23.26 81.91
N LYS Y 334 -9.35 -24.28 82.77
CA LYS Y 334 -9.01 -25.65 82.41
C LYS Y 334 -9.77 -26.10 81.17
N TRP Y 335 -9.07 -26.81 80.30
CA TRP Y 335 -9.55 -27.12 78.96
C TRP Y 335 -9.41 -28.60 78.67
N ALA Y 336 -10.51 -29.24 78.28
CA ALA Y 336 -10.50 -30.63 77.84
C ALA Y 336 -10.81 -30.70 76.36
N ASN Y 337 -10.27 -31.73 75.71
CA ASN Y 337 -10.37 -31.93 74.27
C ASN Y 337 -10.37 -33.43 74.00
N CYS Y 338 -11.12 -33.85 72.97
CA CYS Y 338 -11.07 -35.24 72.51
C CYS Y 338 -11.43 -35.30 71.04
N ASP Y 339 -10.43 -35.56 70.20
CA ASP Y 339 -10.67 -35.84 68.79
C ASP Y 339 -10.97 -37.32 68.59
N VAL Y 340 -12.09 -37.61 67.94
CA VAL Y 340 -12.54 -38.97 67.70
C VAL Y 340 -12.23 -39.32 66.27
N GLU Y 341 -11.45 -40.38 66.07
CA GLU Y 341 -10.95 -40.78 64.76
C GLU Y 341 -12.06 -40.83 63.71
N LEU Y 342 -11.79 -40.20 62.56
CA LEU Y 342 -12.64 -40.22 61.37
C LEU Y 342 -14.02 -39.62 61.58
N GLU Y 343 -14.32 -39.14 62.79
CA GLU Y 343 -15.70 -38.86 63.14
C GLU Y 343 -15.95 -37.44 63.62
N THR Y 344 -15.30 -37.02 64.70
CA THR Y 344 -15.62 -35.73 65.29
C THR Y 344 -14.49 -35.31 66.22
N GLY Y 345 -14.73 -34.16 66.86
CA GLY Y 345 -13.89 -33.68 67.94
C GLY Y 345 -14.79 -33.15 69.05
N SER Y 346 -14.17 -32.60 70.09
CA SER Y 346 -14.94 -32.05 71.21
C SER Y 346 -14.02 -31.25 72.12
N GLY Y 347 -14.64 -30.36 72.88
CA GLY Y 347 -13.91 -29.56 73.85
C GLY Y 347 -14.80 -29.16 75.01
N VAL Y 348 -14.19 -28.92 76.16
CA VAL Y 348 -14.90 -28.57 77.38
C VAL Y 348 -14.11 -27.50 78.13
N VAL Y 349 -14.75 -26.38 78.43
CA VAL Y 349 -14.14 -25.26 79.15
C VAL Y 349 -15.18 -24.63 80.07
N PRO Y 350 -14.85 -24.35 81.33
CA PRO Y 350 -15.78 -23.57 82.18
C PRO Y 350 -15.84 -22.13 81.72
N PHE Y 351 -17.00 -21.51 81.94
CA PHE Y 351 -17.17 -20.09 81.66
C PHE Y 351 -18.11 -19.44 82.66
N ILE Y 352 -17.73 -18.25 83.11
CA ILE Y 352 -18.51 -17.46 84.06
C ILE Y 352 -19.22 -16.37 83.26
N TYR Y 353 -20.53 -16.52 83.07
CA TYR Y 353 -21.33 -15.48 82.41
C TYR Y 353 -21.71 -14.47 83.48
N SER Y 354 -20.73 -13.68 83.91
CA SER Y 354 -20.99 -12.69 84.94
C SER Y 354 -21.81 -11.59 84.29
N ALA Y 355 -22.94 -11.24 84.88
CA ALA Y 355 -23.80 -10.26 84.20
C ALA Y 355 -23.35 -8.84 84.41
N ARG Y 356 -22.48 -8.58 85.38
CA ARG Y 356 -21.76 -7.30 85.41
C ARG Y 356 -20.68 -7.19 84.35
N ALA Y 357 -20.33 -8.25 83.69
CA ALA Y 357 -19.37 -8.14 82.62
C ALA Y 357 -20.07 -7.72 81.33
N PRO Y 358 -19.39 -6.90 80.51
CA PRO Y 358 -20.09 -6.34 79.32
C PRO Y 358 -20.49 -7.37 78.29
N VAL Y 359 -19.63 -8.32 77.96
CA VAL Y 359 -19.92 -9.27 76.88
C VAL Y 359 -21.04 -10.23 77.29
N PRO Y 360 -20.99 -10.87 78.45
CA PRO Y 360 -22.15 -11.71 78.84
C PRO Y 360 -23.45 -10.93 78.93
N ALA Y 361 -23.38 -9.66 79.33
CA ALA Y 361 -24.57 -8.81 79.35
C ALA Y 361 -25.19 -8.73 77.96
N VAL Y 362 -24.38 -8.42 76.96
CA VAL Y 362 -24.88 -8.35 75.59
C VAL Y 362 -25.38 -9.71 75.12
N GLN Y 363 -24.68 -10.77 75.53
CA GLN Y 363 -25.11 -12.12 75.17
C GLN Y 363 -26.49 -12.44 75.73
N TRP Y 364 -26.75 -12.05 76.97
CA TRP Y 364 -28.10 -12.21 77.53
C TRP Y 364 -29.13 -11.45 76.70
N ALA Y 365 -28.82 -10.21 76.33
CA ALA Y 365 -29.76 -9.39 75.58
C ALA Y 365 -30.08 -10.00 74.22
N ILE Y 366 -29.06 -10.53 73.53
CA ILE Y 366 -29.26 -11.08 72.19
C ILE Y 366 -30.30 -12.19 72.22
N GLY Y 367 -30.21 -13.08 73.20
CA GLY Y 367 -31.18 -14.16 73.30
C GLY Y 367 -32.59 -13.65 73.59
N MET Y 368 -32.72 -12.69 74.50
CA MET Y 368 -34.03 -12.09 74.77
C MET Y 368 -34.60 -11.46 73.50
N GLU Y 369 -33.77 -10.71 72.76
CA GLU Y 369 -34.22 -10.14 71.50
C GLU Y 369 -34.73 -11.21 70.55
N LEU Y 370 -34.04 -12.36 70.48
CA LEU Y 370 -34.47 -13.41 69.57
C LEU Y 370 -35.83 -13.96 69.97
N PHE Y 371 -36.01 -14.24 71.27
CA PHE Y 371 -37.32 -14.69 71.73
C PHE Y 371 -38.40 -13.67 71.41
N LEU Y 372 -38.13 -12.39 71.64
CA LEU Y 372 -39.17 -11.37 71.63
C LEU Y 372 -39.41 -10.73 70.27
N LEU Y 373 -38.40 -10.65 69.41
CA LEU Y 373 -38.62 -10.06 68.09
C LEU Y 373 -39.06 -11.06 67.03
N ILE Y 374 -39.06 -12.35 67.31
CA ILE Y 374 -39.59 -13.33 66.37
C ILE Y 374 -41.09 -13.44 66.64
N ASP Y 375 -41.91 -13.22 65.60
CA ASP Y 375 -43.35 -13.06 65.83
C ASP Y 375 -44.02 -14.38 66.17
N ASN Y 376 -43.69 -15.45 65.45
CA ASN Y 376 -44.44 -16.69 65.56
C ASN Y 376 -43.73 -17.65 66.49
N PRO Y 377 -44.30 -17.99 67.65
CA PRO Y 377 -43.65 -18.95 68.55
C PRO Y 377 -43.45 -20.33 67.94
N GLU Y 378 -44.21 -20.69 66.90
CA GLU Y 378 -44.04 -22.01 66.28
C GLU Y 378 -42.70 -22.18 65.60
N LYS Y 379 -41.91 -21.10 65.48
CA LYS Y 379 -40.60 -21.15 64.85
C LYS Y 379 -39.44 -21.15 65.86
N VAL Y 380 -39.71 -21.23 67.16
CA VAL Y 380 -38.65 -21.10 68.16
C VAL Y 380 -38.88 -22.08 69.31
N CYS Y 381 -37.77 -22.54 69.90
CA CYS Y 381 -37.75 -23.43 71.05
C CYS Y 381 -36.94 -22.79 72.17
N LEU Y 382 -37.30 -23.11 73.41
CA LEU Y 382 -36.61 -22.59 74.58
C LEU Y 382 -35.43 -23.51 74.90
N THR Y 383 -34.21 -22.98 74.83
CA THR Y 383 -33.03 -23.75 75.15
C THR Y 383 -31.99 -22.85 75.83
N THR Y 384 -31.09 -23.49 76.58
CA THR Y 384 -29.89 -22.84 77.07
C THR Y 384 -28.66 -23.52 76.52
N ASP Y 385 -28.83 -24.30 75.45
CA ASP Y 385 -27.82 -25.26 75.00
C ASP Y 385 -27.14 -25.93 76.20
N SER Y 386 -27.97 -26.37 77.14
CA SER Y 386 -27.53 -26.80 78.46
C SER Y 386 -26.39 -27.79 78.41
N PRO Y 387 -25.30 -27.52 79.16
CA PRO Y 387 -25.06 -26.39 80.07
C PRO Y 387 -24.31 -25.19 79.47
N ASN Y 388 -24.20 -25.14 78.14
CA ASN Y 388 -23.27 -24.20 77.50
C ASN Y 388 -23.62 -22.74 77.80
N ALA Y 389 -24.90 -22.38 77.67
CA ALA Y 389 -25.36 -21.06 78.05
C ALA Y 389 -25.95 -21.04 79.46
N GLY Y 390 -26.17 -22.20 80.06
CA GLY Y 390 -26.66 -22.31 81.40
C GLY Y 390 -27.28 -23.68 81.60
N PRO Y 391 -27.39 -24.11 82.86
CA PRO Y 391 -28.00 -25.43 83.12
C PRO Y 391 -29.49 -25.39 82.80
N PHE Y 392 -30.02 -26.55 82.39
CA PHE Y 392 -31.43 -26.60 82.04
C PHE Y 392 -32.34 -26.34 83.23
N THR Y 393 -31.81 -26.42 84.45
CA THR Y 393 -32.59 -26.06 85.64
C THR Y 393 -33.06 -24.62 85.59
N ARG Y 394 -32.54 -23.80 84.68
CA ARG Y 394 -32.88 -22.39 84.61
C ARG Y 394 -33.91 -22.08 83.54
N TYR Y 395 -34.50 -23.08 82.89
CA TYR Y 395 -35.61 -22.81 82.00
C TYR Y 395 -36.73 -22.03 82.68
N PRO Y 396 -37.13 -22.31 83.92
CA PRO Y 396 -38.14 -21.47 84.57
C PRO Y 396 -37.76 -20.01 84.66
N ARG Y 397 -36.49 -19.71 84.95
CA ARG Y 397 -36.05 -18.32 84.98
C ARG Y 397 -36.12 -17.68 83.60
N VAL Y 398 -35.85 -18.47 82.56
CA VAL Y 398 -36.00 -17.98 81.20
C VAL Y 398 -37.47 -17.68 80.90
N ILE Y 399 -38.35 -18.60 81.29
CA ILE Y 399 -39.80 -18.36 81.16
C ILE Y 399 -40.20 -17.08 81.87
N ALA Y 400 -39.78 -16.93 83.13
CA ALA Y 400 -40.10 -15.74 83.91
C ALA Y 400 -39.65 -14.47 83.20
N TRP Y 401 -38.42 -14.47 82.68
CA TRP Y 401 -37.91 -13.29 81.96
C TRP Y 401 -38.80 -12.93 80.78
N LEU Y 402 -39.28 -13.95 80.06
CA LEU Y 402 -40.05 -13.73 78.86
C LEU Y 402 -41.45 -13.23 79.16
N MET Y 403 -42.03 -13.70 80.27
CA MET Y 403 -43.39 -13.34 80.66
C MET Y 403 -43.47 -12.01 81.40
N SER Y 404 -42.34 -11.37 81.67
CA SER Y 404 -42.33 -10.18 82.53
C SER Y 404 -41.27 -9.20 82.05
N ASN Y 405 -41.69 -8.11 81.42
CA ASN Y 405 -40.77 -7.00 81.18
C ASN Y 405 -40.38 -6.29 82.47
N LYS Y 406 -41.10 -6.52 83.56
CA LYS Y 406 -40.68 -6.02 84.85
C LYS Y 406 -39.40 -6.73 85.31
N TYR Y 407 -39.42 -8.06 85.30
CA TYR Y 407 -38.24 -8.85 85.62
C TYR Y 407 -37.04 -8.43 84.77
N ARG Y 408 -37.26 -8.20 83.47
CA ARG Y 408 -36.14 -7.84 82.60
C ARG Y 408 -35.55 -6.50 83.00
N MET Y 409 -36.39 -5.47 83.14
CA MET Y 409 -35.88 -4.14 83.43
C MET Y 409 -35.24 -4.04 84.81
N ASN Y 410 -35.74 -4.78 85.80
CA ASN Y 410 -35.08 -4.81 87.10
C ASN Y 410 -33.65 -5.27 86.96
N LEU Y 411 -33.42 -6.27 86.10
CA LEU Y 411 -32.09 -6.81 85.93
C LEU Y 411 -31.26 -5.92 85.01
N ILE Y 412 -31.90 -5.35 83.98
CA ILE Y 412 -31.23 -4.41 83.08
C ILE Y 412 -30.78 -3.17 83.84
N GLU Y 413 -31.67 -2.62 84.66
CA GLU Y 413 -31.37 -1.41 85.43
C GLU Y 413 -30.55 -1.67 86.69
N GLY Y 414 -30.19 -2.91 86.96
CA GLY Y 414 -29.41 -3.15 88.16
C GLY Y 414 -28.11 -3.86 87.89
N GLU Y 415 -28.15 -5.16 88.00
CA GLU Y 415 -26.90 -5.88 87.98
C GLU Y 415 -26.28 -5.88 86.57
N LEU Y 416 -27.09 -5.94 85.51
CA LEU Y 416 -26.56 -6.03 84.14
C LEU Y 416 -25.68 -4.83 83.76
N HIS Y 417 -24.52 -5.13 83.18
CA HIS Y 417 -23.68 -4.12 82.59
C HIS Y 417 -24.50 -3.31 81.59
N LYS Y 418 -24.27 -1.99 81.56
CA LYS Y 418 -25.11 -1.16 80.71
C LYS Y 418 -24.90 -1.42 79.22
N TRP Y 419 -23.88 -2.21 78.85
CA TRP Y 419 -23.72 -2.59 77.45
C TRP Y 419 -24.94 -3.33 76.93
N ALA Y 420 -25.73 -3.95 77.83
CA ALA Y 420 -26.99 -4.56 77.42
C ALA Y 420 -27.94 -3.54 76.82
N GLN Y 421 -27.91 -2.30 77.33
CA GLN Y 421 -28.74 -1.23 76.76
C GLN Y 421 -28.06 -0.58 75.56
N ARG Y 422 -26.77 -0.23 75.69
CA ARG Y 422 -26.10 0.55 74.66
C ARG Y 422 -25.93 -0.23 73.36
N LYS Y 423 -25.74 -1.56 73.44
CA LYS Y 423 -25.39 -2.36 72.27
C LYS Y 423 -26.47 -3.37 71.88
N SER Y 424 -27.71 -3.13 72.30
CA SER Y 424 -28.83 -3.95 71.88
C SER Y 424 -30.10 -3.14 72.05
N THR Y 425 -31.23 -3.75 71.70
CA THR Y 425 -32.53 -3.11 71.80
C THR Y 425 -33.39 -3.68 72.92
N VAL Y 426 -32.79 -4.45 73.84
CA VAL Y 426 -33.57 -5.20 74.81
C VAL Y 426 -34.45 -4.27 75.63
N ALA Y 427 -33.92 -3.12 76.05
CA ALA Y 427 -34.64 -2.23 76.97
C ALA Y 427 -35.91 -1.66 76.34
N THR Y 428 -35.95 -1.54 75.01
CA THR Y 428 -37.11 -0.95 74.33
C THR Y 428 -38.18 -1.96 73.99
N ILE Y 429 -38.02 -3.22 74.38
CA ILE Y 429 -38.97 -4.28 74.04
C ILE Y 429 -39.76 -4.63 75.29
N ASP Y 430 -41.06 -4.34 75.28
CA ASP Y 430 -41.93 -4.62 76.41
C ASP Y 430 -42.88 -5.80 76.18
N ARG Y 431 -42.75 -6.51 75.05
CA ARG Y 431 -43.57 -7.69 74.80
C ARG Y 431 -43.40 -8.69 75.94
N GLU Y 432 -44.50 -9.37 76.28
CA GLU Y 432 -44.45 -10.43 77.28
C GLU Y 432 -45.14 -11.67 76.72
N TYR Y 433 -44.47 -12.82 76.83
CA TYR Y 433 -45.04 -14.08 76.40
C TYR Y 433 -46.22 -14.45 77.30
N THR Y 434 -47.31 -14.91 76.69
CA THR Y 434 -48.38 -15.48 77.49
C THR Y 434 -48.16 -16.99 77.68
N PHE Y 435 -48.96 -17.58 78.56
CA PHE Y 435 -48.83 -18.99 78.91
C PHE Y 435 -48.98 -19.91 77.70
N SER Y 436 -49.70 -19.48 76.67
CA SER Y 436 -49.84 -20.29 75.48
C SER Y 436 -48.56 -20.30 74.64
N GLU Y 437 -47.94 -19.13 74.46
CA GLU Y 437 -46.69 -19.06 73.72
C GLU Y 437 -45.56 -19.79 74.45
N ILE Y 438 -45.60 -19.79 75.79
CA ILE Y 438 -44.62 -20.55 76.57
C ILE Y 438 -44.78 -22.04 76.31
N ALA Y 439 -46.03 -22.53 76.35
CA ALA Y 439 -46.27 -23.94 76.07
C ALA Y 439 -45.86 -24.33 74.65
N GLN Y 440 -45.96 -23.40 73.70
CA GLN Y 440 -45.56 -23.69 72.33
C GLN Y 440 -44.05 -23.83 72.21
N ILE Y 441 -43.29 -22.96 72.88
CA ILE Y 441 -41.83 -22.99 72.75
C ILE Y 441 -41.17 -24.04 73.63
N THR Y 442 -41.89 -24.60 74.60
CA THR Y 442 -41.34 -25.64 75.47
C THR Y 442 -41.92 -27.02 75.19
N ARG Y 443 -42.93 -27.13 74.32
CA ARG Y 443 -43.59 -28.39 74.04
C ARG Y 443 -43.83 -28.57 72.55
N ALA Y 444 -44.61 -27.65 71.98
CA ALA Y 444 -45.23 -27.88 70.68
C ALA Y 444 -44.22 -27.77 69.54
N THR Y 445 -43.48 -26.67 69.47
CA THR Y 445 -42.49 -26.49 68.40
C THR Y 445 -41.49 -27.65 68.39
N SER Y 446 -40.99 -28.01 69.56
CA SER Y 446 -40.00 -29.08 69.65
C SER Y 446 -40.59 -30.42 69.23
N ALA Y 447 -41.74 -30.79 69.79
CA ALA Y 447 -42.36 -32.06 69.44
C ALA Y 447 -42.64 -32.12 67.94
N LYS Y 448 -43.14 -31.03 67.37
CA LYS Y 448 -43.49 -31.01 65.95
C LYS Y 448 -42.26 -31.16 65.06
N VAL Y 449 -41.21 -30.36 65.31
CA VAL Y 449 -40.06 -30.38 64.42
C VAL Y 449 -39.26 -31.66 64.57
N LEU Y 450 -39.35 -32.31 65.74
CA LEU Y 450 -38.69 -33.59 65.96
C LEU Y 450 -39.47 -34.77 65.36
N GLY Y 451 -40.65 -34.52 64.80
CA GLY Y 451 -41.44 -35.57 64.19
C GLY Y 451 -42.17 -36.47 65.15
N LEU Y 452 -42.41 -36.01 66.38
CA LEU Y 452 -43.05 -36.80 67.43
C LEU Y 452 -44.43 -36.28 67.80
N SER Y 453 -44.96 -35.31 67.06
CA SER Y 453 -46.20 -34.64 67.45
C SER Y 453 -47.41 -35.57 67.43
N ASP Y 454 -47.31 -36.76 66.86
CA ASP Y 454 -48.39 -37.74 67.00
C ASP Y 454 -48.60 -38.12 68.45
N THR Y 455 -47.50 -38.31 69.18
CA THR Y 455 -47.54 -38.86 70.53
C THR Y 455 -47.03 -37.93 71.62
N LYS Y 456 -46.38 -36.82 71.28
CA LYS Y 456 -45.75 -35.97 72.27
C LYS Y 456 -46.11 -34.52 72.02
N GLY Y 457 -45.97 -33.69 73.05
CA GLY Y 457 -46.14 -32.25 72.91
C GLY Y 457 -47.56 -31.75 72.87
N HIS Y 458 -48.55 -32.60 73.17
CA HIS Y 458 -49.94 -32.18 73.15
C HIS Y 458 -50.73 -33.04 74.13
N LEU Y 459 -51.92 -32.55 74.47
CA LEU Y 459 -52.79 -33.22 75.43
C LEU Y 459 -54.02 -33.86 74.79
N GLY Y 460 -54.05 -33.98 73.47
CA GLY Y 460 -55.20 -34.55 72.80
C GLY Y 460 -55.24 -36.07 72.87
N VAL Y 461 -56.37 -36.62 72.43
CA VAL Y 461 -56.55 -38.06 72.42
C VAL Y 461 -55.60 -38.70 71.43
N GLY Y 462 -54.96 -39.79 71.87
CA GLY Y 462 -53.91 -40.43 71.12
C GLY Y 462 -52.51 -40.12 71.63
N ALA Y 463 -52.34 -39.02 72.34
CA ALA Y 463 -51.04 -38.67 72.89
C ALA Y 463 -50.68 -39.62 74.03
N ASP Y 464 -49.38 -39.79 74.22
CA ASP Y 464 -48.89 -40.46 75.43
C ASP Y 464 -49.23 -39.61 76.65
N ALA Y 465 -49.47 -40.28 77.77
CA ALA Y 465 -49.88 -39.57 78.98
C ALA Y 465 -48.68 -38.96 79.70
N ASP Y 466 -48.02 -38.01 79.01
CA ASP Y 466 -46.93 -37.21 79.57
C ASP Y 466 -47.53 -35.85 79.88
N ILE Y 467 -47.79 -35.58 81.15
CA ILE Y 467 -48.60 -34.44 81.55
C ILE Y 467 -47.91 -33.74 82.72
N ALA Y 468 -47.92 -32.41 82.68
CA ALA Y 468 -47.38 -31.57 83.74
C ALA Y 468 -48.49 -30.64 84.21
N VAL Y 469 -48.67 -30.55 85.53
CA VAL Y 469 -49.59 -29.59 86.13
C VAL Y 469 -48.76 -28.68 87.04
N TYR Y 470 -48.83 -27.38 86.79
CA TYR Y 470 -48.07 -26.38 87.53
C TYR Y 470 -48.99 -25.60 88.45
N ASP Y 471 -48.57 -25.43 89.69
CA ASP Y 471 -49.36 -24.70 90.68
C ASP Y 471 -49.38 -23.21 90.38
N ILE Y 472 -50.02 -22.84 89.28
CA ILE Y 472 -50.26 -21.44 88.91
C ILE Y 472 -51.71 -21.31 88.51
N ASN Y 473 -52.36 -20.25 88.96
CA ASN Y 473 -53.73 -19.96 88.58
C ASN Y 473 -53.74 -18.74 87.67
N PRO Y 474 -53.91 -18.94 86.35
CA PRO Y 474 -53.80 -17.80 85.41
C PRO Y 474 -54.91 -16.77 85.54
N GLU Y 475 -56.06 -17.14 86.12
CA GLU Y 475 -57.12 -16.17 86.36
C GLU Y 475 -56.77 -15.23 87.51
N THR Y 476 -55.94 -15.68 88.45
CA THR Y 476 -55.64 -14.95 89.68
C THR Y 476 -54.23 -14.36 89.73
N VAL Y 477 -53.30 -14.85 88.92
CA VAL Y 477 -51.89 -14.47 89.01
C VAL Y 477 -51.54 -13.49 87.90
N ASP Y 478 -50.72 -12.51 88.21
CA ASP Y 478 -50.19 -11.60 87.21
C ASP Y 478 -48.77 -12.04 86.89
N PRO Y 479 -48.52 -12.65 85.73
CA PRO Y 479 -47.15 -13.13 85.43
C PRO Y 479 -46.12 -12.02 85.39
N SER Y 480 -46.49 -10.81 84.95
CA SER Y 480 -45.51 -9.74 84.83
C SER Y 480 -45.03 -9.25 86.19
N ALA Y 481 -45.95 -9.02 87.12
CA ALA Y 481 -45.57 -8.40 88.37
C ALA Y 481 -44.94 -9.39 89.35
N GLU Y 482 -45.49 -10.61 89.44
CA GLU Y 482 -45.03 -11.61 90.40
C GLU Y 482 -44.12 -12.63 89.73
N TYR Y 483 -43.14 -12.17 88.95
CA TYR Y 483 -42.32 -13.06 88.14
C TYR Y 483 -41.63 -14.15 88.98
N MET Y 484 -41.35 -13.87 90.25
CA MET Y 484 -40.71 -14.89 91.09
C MET Y 484 -41.64 -16.03 91.44
N ALA Y 485 -42.97 -15.81 91.43
CA ALA Y 485 -43.89 -16.92 91.57
C ALA Y 485 -43.96 -17.74 90.29
N ILE Y 486 -43.80 -17.09 89.13
CA ILE Y 486 -43.75 -17.82 87.86
C ILE Y 486 -42.54 -18.74 87.84
N GLU Y 487 -41.38 -18.21 88.22
CA GLU Y 487 -40.15 -18.99 88.19
C GLU Y 487 -40.20 -20.18 89.14
N GLU Y 488 -40.59 -19.94 90.40
CA GLU Y 488 -40.65 -21.03 91.37
C GLU Y 488 -41.67 -22.09 90.98
N ALA Y 489 -42.78 -21.68 90.37
CA ALA Y 489 -43.83 -22.65 90.08
C ALA Y 489 -43.44 -23.57 88.93
N PHE Y 490 -42.82 -23.03 87.89
CA PHE Y 490 -42.32 -23.87 86.81
C PHE Y 490 -41.10 -24.68 87.23
N SER Y 491 -40.48 -24.34 88.35
CA SER Y 491 -39.38 -25.13 88.90
C SER Y 491 -39.90 -26.33 89.68
N ARG Y 492 -41.11 -26.24 90.23
CA ARG Y 492 -41.65 -27.16 91.24
C ARG Y 492 -43.05 -27.61 90.84
N ALA Y 493 -43.11 -28.58 89.92
CA ALA Y 493 -44.39 -29.04 89.41
C ALA Y 493 -45.22 -29.66 90.53
N ALA Y 494 -46.53 -29.35 90.52
CA ALA Y 494 -47.42 -29.95 91.50
C ALA Y 494 -47.61 -31.44 91.26
N CYS Y 495 -47.78 -31.84 90.00
CA CYS Y 495 -47.93 -33.23 89.62
C CYS Y 495 -47.41 -33.41 88.20
N VAL Y 496 -46.69 -34.51 87.97
CA VAL Y 496 -46.21 -34.87 86.65
C VAL Y 496 -46.51 -36.35 86.43
N LEU Y 497 -47.11 -36.67 85.28
CA LEU Y 497 -47.32 -38.05 84.87
C LEU Y 497 -46.40 -38.39 83.71
N LYS Y 498 -45.86 -39.60 83.75
CA LYS Y 498 -44.97 -40.12 82.73
C LYS Y 498 -45.51 -41.48 82.31
N ASP Y 499 -46.04 -41.56 81.09
CA ASP Y 499 -46.72 -42.75 80.59
C ASP Y 499 -47.83 -43.20 81.53
N GLY Y 500 -48.65 -42.23 81.95
CA GLY Y 500 -49.83 -42.50 82.74
C GLY Y 500 -49.63 -42.72 84.23
N GLU Y 501 -48.39 -42.90 84.69
CA GLU Y 501 -48.14 -43.12 86.11
C GLU Y 501 -47.50 -41.87 86.72
N ILE Y 502 -47.80 -41.63 87.99
CA ILE Y 502 -47.35 -40.42 88.69
C ILE Y 502 -45.87 -40.58 89.04
N VAL Y 503 -45.05 -39.63 88.58
CA VAL Y 503 -43.63 -39.65 88.90
C VAL Y 503 -43.19 -38.46 89.74
N VAL Y 504 -43.99 -37.39 89.82
CA VAL Y 504 -43.67 -36.24 90.65
C VAL Y 504 -44.93 -35.76 91.35
N LYS Y 505 -44.80 -35.42 92.64
CA LYS Y 505 -45.91 -34.92 93.44
C LYS Y 505 -45.39 -33.82 94.35
N ASP Y 506 -45.93 -32.61 94.17
CA ASP Y 506 -45.57 -31.43 94.95
C ASP Y 506 -44.06 -31.15 94.89
N GLY Y 507 -43.51 -31.22 93.68
CA GLY Y 507 -42.10 -30.96 93.47
C GLY Y 507 -41.17 -32.11 93.78
N GLU Y 508 -41.63 -33.15 94.47
CA GLU Y 508 -40.78 -34.28 94.83
C GLU Y 508 -40.97 -35.44 93.87
N VAL Y 509 -39.86 -36.06 93.49
CA VAL Y 509 -39.89 -37.27 92.69
C VAL Y 509 -40.38 -38.43 93.55
N VAL Y 510 -41.37 -39.17 93.04
CA VAL Y 510 -41.96 -40.28 93.77
C VAL Y 510 -41.88 -41.61 93.02
N ALA Y 511 -41.29 -41.62 91.82
CA ALA Y 511 -41.12 -42.87 91.08
C ALA Y 511 -40.01 -42.70 90.06
N SER Y 512 -39.35 -43.81 89.71
CA SER Y 512 -38.15 -43.80 88.87
C SER Y 512 -38.23 -44.83 87.74
N PRO Y 513 -39.20 -44.71 86.84
CA PRO Y 513 -39.21 -45.60 85.67
C PRO Y 513 -38.13 -45.24 84.66
N HIS Y 514 -37.72 -46.23 83.87
CA HIS Y 514 -36.82 -46.01 82.74
C HIS Y 514 -37.62 -45.55 81.52
N GLY Y 515 -37.09 -44.54 80.82
CA GLY Y 515 -37.72 -44.07 79.61
C GLY Y 515 -37.28 -44.82 78.36
N ARG Y 516 -37.96 -44.52 77.25
CA ARG Y 516 -37.70 -45.13 75.96
C ARG Y 516 -36.56 -44.41 75.24
N THR Y 517 -35.93 -45.12 74.32
CA THR Y 517 -34.87 -44.57 73.48
C THR Y 517 -35.36 -44.53 72.03
N TYR Y 518 -35.67 -43.33 71.54
CA TYR Y 518 -36.10 -43.16 70.16
C TYR Y 518 -34.89 -43.13 69.23
N TRP Y 519 -34.93 -43.97 68.19
CA TRP Y 519 -33.93 -44.00 67.14
C TRP Y 519 -34.67 -44.22 65.82
N VAL Y 520 -33.98 -44.00 64.70
CA VAL Y 520 -34.66 -43.95 63.40
C VAL Y 520 -34.28 -45.16 62.55
N ASP Y 521 -35.29 -45.80 62.00
CA ASP Y 521 -35.20 -47.02 61.19
C ASP Y 521 -35.42 -46.63 59.73
N THR Y 522 -34.37 -46.77 58.92
CA THR Y 522 -34.44 -46.46 57.50
C THR Y 522 -33.96 -47.65 56.68
N GLN Y 523 -34.53 -47.78 55.46
CA GLN Y 523 -34.14 -48.82 54.50
C GLN Y 523 -33.81 -48.23 53.16
N VAL Y 524 -32.75 -48.74 52.57
CA VAL Y 524 -32.15 -48.23 51.36
C VAL Y 524 -31.99 -49.41 50.41
N ASP Y 525 -32.02 -49.12 49.11
CA ASP Y 525 -31.75 -50.08 48.06
C ASP Y 525 -30.58 -50.97 48.46
N GLU Y 526 -30.84 -52.26 48.63
CA GLU Y 526 -29.77 -53.15 49.10
C GLU Y 526 -28.59 -53.22 48.15
N SER Y 527 -28.74 -52.72 46.92
CA SER Y 527 -27.61 -52.66 46.00
C SER Y 527 -26.56 -51.67 46.46
N ILE Y 528 -26.96 -50.41 46.63
CA ILE Y 528 -26.05 -49.38 47.12
C ILE Y 528 -25.61 -49.70 48.56
N TYR Y 529 -26.53 -50.22 49.36
CA TYR Y 529 -26.23 -50.51 50.77
C TYR Y 529 -25.09 -51.51 50.90
N SER Y 530 -25.15 -52.61 50.14
CA SER Y 530 -24.09 -53.61 50.17
C SER Y 530 -22.75 -53.01 49.80
N GLU Y 531 -22.73 -52.18 48.75
CA GLU Y 531 -21.48 -51.59 48.28
C GLU Y 531 -20.87 -50.66 49.33
N VAL Y 532 -21.69 -49.76 49.87
CA VAL Y 532 -21.22 -48.84 50.91
C VAL Y 532 -20.71 -49.62 52.11
N LEU Y 533 -21.44 -50.67 52.50
CA LEU Y 533 -21.08 -51.47 53.66
C LEU Y 533 -19.76 -52.21 53.44
N ALA Y 534 -19.46 -52.58 52.20
CA ALA Y 534 -18.16 -53.15 51.88
C ALA Y 534 -17.07 -52.10 51.96
N ASN Y 535 -17.35 -50.89 51.47
CA ASN Y 535 -16.38 -49.81 51.54
C ASN Y 535 -16.13 -49.40 52.99
N VAL Y 536 -17.20 -49.33 53.80
CA VAL Y 536 -17.03 -48.97 55.20
C VAL Y 536 -16.16 -49.98 55.92
N GLU Y 537 -16.42 -51.28 55.72
CA GLU Y 537 -15.63 -52.31 56.38
C GLU Y 537 -14.16 -52.26 55.95
N SER Y 538 -13.91 -51.80 54.73
CA SER Y 538 -12.53 -51.66 54.25
C SER Y 538 -11.80 -50.57 55.01
N LYS Y 539 -12.45 -49.41 55.17
CA LYS Y 539 -11.84 -48.32 55.91
C LYS Y 539 -11.62 -48.69 57.38
N PHE Y 540 -12.53 -49.49 57.95
CA PHE Y 540 -12.33 -49.95 59.32
C PHE Y 540 -11.08 -50.81 59.45
N LYS Y 541 -10.87 -51.73 58.49
CA LYS Y 541 -9.68 -52.57 58.54
C LYS Y 541 -8.40 -51.75 58.44
N GLN Y 542 -8.39 -50.74 57.57
CA GLN Y 542 -7.21 -49.92 57.38
C GLN Y 542 -7.04 -48.89 58.49
N TYR Y 543 -8.08 -48.09 58.76
CA TYR Y 543 -7.89 -46.80 59.39
C TYR Y 543 -8.52 -46.64 60.76
N TYR Y 544 -9.53 -47.43 61.11
CA TYR Y 544 -10.05 -47.38 62.46
C TYR Y 544 -9.14 -48.13 63.43
N SER Y 545 -9.32 -47.87 64.72
CA SER Y 545 -8.55 -48.53 65.77
C SER Y 545 -9.34 -49.64 66.45
N VAL Y 546 -10.54 -49.94 65.95
CA VAL Y 546 -11.34 -51.06 66.41
C VAL Y 546 -11.69 -51.91 65.20
N ASN Y 547 -12.30 -53.07 65.46
CA ASN Y 547 -12.74 -53.95 64.40
C ASN Y 547 -14.22 -53.75 64.09
N PHE Y 548 -14.54 -53.82 62.79
CA PHE Y 548 -15.89 -53.55 62.29
C PHE Y 548 -16.96 -54.30 63.07
N ALA Y 549 -16.69 -55.56 63.41
CA ALA Y 549 -17.71 -56.39 64.06
C ALA Y 549 -18.12 -55.85 65.44
N ASN Y 550 -17.20 -55.18 66.13
CA ASN Y 550 -17.44 -54.69 67.48
C ASN Y 550 -17.95 -53.24 67.52
N TYR Y 551 -18.11 -52.60 66.38
CA TYR Y 551 -18.42 -51.17 66.31
C TYR Y 551 -19.89 -50.89 66.63
N PRO Y 552 -20.87 -51.55 66.00
CA PRO Y 552 -22.28 -51.16 66.23
C PRO Y 552 -22.71 -51.38 67.68
N VAL Y 553 -23.71 -50.59 68.08
CA VAL Y 553 -24.27 -50.71 69.43
C VAL Y 553 -25.10 -51.98 69.52
N GLN Y 554 -24.78 -52.82 70.51
CA GLN Y 554 -25.50 -54.06 70.70
C GLN Y 554 -26.87 -53.79 71.32
N ASP Y 555 -27.78 -54.76 71.16
CA ASP Y 555 -29.16 -54.57 71.60
C ASP Y 555 -29.29 -54.48 73.11
N ASP Y 556 -28.28 -54.95 73.86
CA ASP Y 556 -28.35 -54.90 75.32
C ASP Y 556 -28.33 -53.47 75.86
N TYR Y 557 -27.87 -52.51 75.06
CA TYR Y 557 -27.80 -51.13 75.53
C TYR Y 557 -29.10 -50.37 75.38
N LEU Y 558 -30.12 -50.97 74.74
CA LEU Y 558 -31.43 -50.36 74.58
C LEU Y 558 -32.48 -51.28 75.19
N PRO Y 559 -32.63 -51.28 76.52
CA PRO Y 559 -33.71 -52.06 77.14
C PRO Y 559 -35.09 -51.62 76.66
N LYS Y 560 -35.22 -50.35 76.28
CA LYS Y 560 -36.50 -49.77 75.90
C LYS Y 560 -36.42 -49.21 74.49
N SER Y 561 -36.13 -50.07 73.51
CA SER Y 561 -36.01 -49.63 72.13
C SER Y 561 -37.34 -49.11 71.59
N ALA Y 562 -37.30 -47.94 70.97
CA ALA Y 562 -38.48 -47.28 70.40
C ALA Y 562 -38.16 -46.81 68.98
N PRO Y 563 -38.20 -47.71 68.00
CA PRO Y 563 -37.87 -47.30 66.63
C PRO Y 563 -38.90 -46.33 66.05
N VAL Y 564 -38.41 -45.39 65.26
CA VAL Y 564 -39.24 -44.50 64.46
C VAL Y 564 -38.80 -44.67 63.01
N LYS Y 565 -39.76 -44.88 62.11
CA LYS Y 565 -39.41 -45.25 60.74
C LYS Y 565 -39.31 -44.01 59.84
N GLY Y 566 -38.23 -43.96 59.06
CA GLY Y 566 -38.06 -43.04 57.96
C GLY Y 566 -38.46 -43.67 56.64
N VAL Y 567 -37.62 -43.48 55.62
CA VAL Y 567 -37.86 -44.08 54.32
C VAL Y 567 -38.05 -45.57 54.49
N MET Y 568 -39.03 -46.11 53.76
CA MET Y 568 -39.30 -47.53 53.78
C MET Y 568 -39.23 -48.05 52.35
N LEU Y 569 -39.06 -49.37 52.24
CA LEU Y 569 -38.91 -50.06 50.96
C LEU Y 569 -37.68 -49.55 50.20
N MET Z 1 -11.37 -77.91 67.08
CA MET Z 1 -10.84 -76.66 67.59
C MET Z 1 -11.59 -75.45 67.02
N GLU Z 2 -12.52 -74.94 67.81
CA GLU Z 2 -13.29 -73.77 67.42
C GLU Z 2 -12.43 -72.53 67.46
N TYR Z 3 -12.66 -71.63 66.50
CA TYR Z 3 -11.96 -70.36 66.42
C TYR Z 3 -12.96 -69.23 66.58
N VAL Z 4 -12.84 -68.50 67.68
CA VAL Z 4 -13.69 -67.36 67.99
C VAL Z 4 -12.88 -66.09 67.74
N LYS Z 5 -13.38 -65.24 66.86
CA LYS Z 5 -12.69 -64.04 66.40
C LYS Z 5 -13.27 -62.78 67.03
N ASN Z 6 -12.55 -61.67 66.83
CA ASN Z 6 -12.97 -60.34 67.28
C ASN Z 6 -13.17 -60.28 68.78
N VAL Z 7 -12.44 -61.12 69.52
CA VAL Z 7 -12.53 -61.13 70.97
C VAL Z 7 -11.75 -59.94 71.52
N VAL Z 8 -12.24 -59.39 72.64
CA VAL Z 8 -11.61 -58.25 73.28
C VAL Z 8 -10.79 -58.75 74.46
N CYS Z 9 -9.53 -58.29 74.57
CA CYS Z 9 -8.68 -58.91 75.59
C CYS Z 9 -8.85 -58.22 76.94
N PRO Z 10 -9.05 -58.98 78.03
CA PRO Z 10 -9.28 -58.41 79.36
C PRO Z 10 -8.02 -58.24 80.20
N PHE Z 11 -7.00 -57.58 79.67
CA PHE Z 11 -5.89 -57.26 80.55
C PHE Z 11 -5.63 -55.76 80.66
N CYS Z 12 -4.94 -55.16 79.70
CA CYS Z 12 -4.52 -53.79 79.91
C CYS Z 12 -5.37 -52.82 79.11
N GLY Z 13 -5.14 -51.53 79.37
CA GLY Z 13 -5.92 -50.44 78.81
C GLY Z 13 -5.79 -50.27 77.31
N THR Z 14 -4.88 -51.02 76.66
CA THR Z 14 -4.88 -51.04 75.20
C THR Z 14 -6.16 -51.66 74.66
N LEU Z 15 -6.74 -52.61 75.41
CA LEU Z 15 -8.04 -53.21 75.10
C LEU Z 15 -8.14 -53.65 73.64
N CYS Z 16 -7.16 -54.42 73.20
CA CYS Z 16 -7.20 -54.99 71.86
C CYS Z 16 -8.48 -55.81 71.67
N ASP Z 17 -9.12 -55.61 70.52
CA ASP Z 17 -10.38 -56.26 70.19
C ASP Z 17 -10.28 -57.12 68.94
N ASP Z 18 -9.06 -57.55 68.58
CA ASP Z 18 -8.87 -58.41 67.42
C ASP Z 18 -8.32 -59.78 67.81
N ILE Z 19 -8.51 -60.18 69.07
CA ILE Z 19 -8.00 -61.47 69.54
C ILE Z 19 -8.82 -62.60 68.93
N ILE Z 20 -8.13 -63.64 68.48
CA ILE Z 20 -8.75 -64.92 68.17
C ILE Z 20 -8.48 -65.86 69.33
N CYS Z 21 -9.55 -66.47 69.85
CA CYS Z 21 -9.46 -67.47 70.90
C CYS Z 21 -9.58 -68.85 70.27
N LYS Z 22 -8.70 -69.76 70.69
CA LYS Z 22 -8.81 -71.17 70.31
C LYS Z 22 -9.59 -71.89 71.40
N VAL Z 23 -10.74 -72.44 71.04
CA VAL Z 23 -11.66 -73.06 72.00
C VAL Z 23 -11.70 -74.54 71.65
N GLU Z 24 -11.52 -75.39 72.64
CA GLU Z 24 -11.48 -76.78 72.23
C GLU Z 24 -12.72 -77.47 72.80
N GLY Z 25 -12.71 -77.82 74.09
CA GLY Z 25 -13.87 -78.37 74.76
C GLY Z 25 -14.83 -77.25 75.07
N ASN Z 26 -15.10 -76.97 76.34
CA ASN Z 26 -15.62 -75.67 76.77
C ASN Z 26 -14.51 -74.87 77.43
N GLU Z 27 -13.32 -74.95 76.83
CA GLU Z 27 -12.12 -74.44 77.45
C GLU Z 27 -11.27 -73.73 76.41
N ILE Z 28 -10.66 -72.61 76.80
CA ILE Z 28 -9.83 -71.82 75.91
C ILE Z 28 -8.40 -72.31 76.04
N VAL Z 29 -7.85 -72.87 74.96
CA VAL Z 29 -6.56 -73.54 74.99
C VAL Z 29 -5.47 -72.77 74.26
N GLY Z 30 -5.80 -71.70 73.55
CA GLY Z 30 -4.79 -70.94 72.84
C GLY Z 30 -5.37 -69.65 72.31
N THR Z 31 -4.49 -68.82 71.75
CA THR Z 31 -4.87 -67.52 71.24
C THR Z 31 -4.08 -67.23 69.97
N ILE Z 32 -4.60 -66.26 69.20
CA ILE Z 32 -3.87 -65.65 68.10
C ILE Z 32 -3.92 -64.14 68.29
N ASN Z 33 -2.82 -63.47 67.98
CA ASN Z 33 -2.66 -62.01 68.01
C ASN Z 33 -2.45 -61.45 69.41
N ALA Z 34 -3.01 -62.11 70.44
CA ALA Z 34 -2.76 -61.65 71.80
C ALA Z 34 -1.28 -61.78 72.13
N CYS Z 35 -0.78 -60.81 72.90
CA CYS Z 35 0.63 -60.79 73.28
C CYS Z 35 0.87 -61.79 74.40
N ARG Z 36 2.08 -61.80 74.94
CA ARG Z 36 2.44 -62.77 75.97
C ARG Z 36 1.54 -62.65 77.20
N ILE Z 37 1.16 -61.42 77.57
CA ILE Z 37 0.34 -61.25 78.77
C ILE Z 37 -1.10 -61.66 78.50
N GLY Z 38 -1.71 -61.08 77.45
CA GLY Z 38 -3.09 -61.41 77.13
C GLY Z 38 -3.31 -62.90 76.97
N HIS Z 39 -2.38 -63.58 76.30
CA HIS Z 39 -2.48 -65.02 76.15
C HIS Z 39 -2.48 -65.73 77.51
N SER Z 40 -1.61 -65.29 78.42
CA SER Z 40 -1.53 -65.94 79.74
C SER Z 40 -2.83 -65.81 80.52
N LYS Z 41 -3.60 -64.74 80.33
CA LYS Z 41 -4.89 -64.64 80.99
C LYS Z 41 -5.91 -65.61 80.37
N PHE Z 42 -5.95 -65.69 79.05
CA PHE Z 42 -6.96 -66.52 78.40
C PHE Z 42 -6.78 -68.00 78.72
N VAL Z 43 -5.53 -68.45 78.87
CA VAL Z 43 -5.22 -69.87 79.00
C VAL Z 43 -4.96 -70.19 80.46
N HIS Z 44 -5.38 -71.38 80.89
CA HIS Z 44 -5.11 -71.85 82.24
C HIS Z 44 -3.68 -72.38 82.34
N ALA Z 45 -2.97 -71.93 83.37
CA ALA Z 45 -1.64 -72.46 83.66
C ALA Z 45 -1.77 -73.64 84.63
N GLU Z 46 -1.13 -74.76 84.29
CA GLU Z 46 -1.32 -75.97 85.07
C GLU Z 46 -0.71 -75.84 86.45
N GLY Z 47 -1.44 -76.30 87.46
CA GLY Z 47 -1.04 -76.13 88.84
C GLY Z 47 -1.51 -74.85 89.49
N ALA Z 48 -2.31 -74.04 88.80
CA ALA Z 48 -2.77 -72.75 89.31
C ALA Z 48 -4.16 -72.92 89.89
N MET Z 49 -4.36 -72.38 91.08
CA MET Z 49 -5.62 -72.56 91.81
C MET Z 49 -6.71 -71.68 91.23
N ARG Z 50 -7.79 -72.30 90.76
CA ARG Z 50 -8.98 -71.58 90.32
C ARG Z 50 -10.12 -71.98 91.25
N TYR Z 51 -10.38 -71.13 92.26
CA TYR Z 51 -11.46 -71.38 93.20
C TYR Z 51 -12.77 -71.62 92.45
N LYS Z 52 -13.42 -72.74 92.73
CA LYS Z 52 -14.71 -72.98 92.12
C LYS Z 52 -15.87 -72.79 93.09
N LYS Z 53 -15.63 -72.76 94.39
CA LYS Z 53 -16.69 -72.58 95.35
C LYS Z 53 -16.27 -71.55 96.40
N PRO Z 54 -17.24 -70.87 97.02
CA PRO Z 54 -16.88 -69.89 98.05
C PRO Z 54 -16.28 -70.56 99.28
N LEU Z 55 -15.46 -69.79 99.99
CA LEU Z 55 -14.79 -70.28 101.20
C LEU Z 55 -14.75 -69.18 102.25
N ILE Z 56 -14.72 -69.61 103.51
CA ILE Z 56 -14.62 -68.74 104.67
C ILE Z 56 -13.55 -69.29 105.60
N ARG Z 57 -12.81 -68.38 106.23
CA ARG Z 57 -11.71 -68.78 107.08
C ARG Z 57 -12.18 -69.06 108.49
N LYS Z 58 -11.73 -70.17 109.05
CA LYS Z 58 -12.09 -70.54 110.42
C LYS Z 58 -11.22 -69.88 111.47
N GLU Z 61 -7.90 -71.16 108.67
CA GLU Z 61 -8.31 -72.39 107.99
C GLU Z 61 -9.56 -72.15 107.12
N PHE Z 62 -9.42 -72.33 105.81
CA PHE Z 62 -10.50 -72.09 104.87
C PHE Z 62 -11.35 -73.35 104.70
N VAL Z 63 -12.67 -73.16 104.68
CA VAL Z 63 -13.63 -74.24 104.49
C VAL Z 63 -14.64 -73.81 103.43
N GLU Z 64 -15.04 -74.75 102.58
CA GLU Z 64 -15.98 -74.45 101.50
C GLU Z 64 -17.40 -74.25 102.03
N VAL Z 65 -18.04 -73.16 101.59
CA VAL Z 65 -19.43 -72.89 101.92
C VAL Z 65 -20.19 -72.66 100.62
N SER Z 66 -21.49 -72.38 100.76
CA SER Z 66 -22.33 -72.09 99.62
C SER Z 66 -22.30 -70.59 99.31
N TYR Z 67 -22.79 -70.23 98.12
CA TYR Z 67 -22.88 -68.82 97.75
C TYR Z 67 -23.76 -68.05 98.73
N ASP Z 68 -24.87 -68.66 99.17
CA ASP Z 68 -25.81 -67.94 100.02
C ASP Z 68 -25.20 -67.66 101.39
N GLU Z 69 -24.42 -68.60 101.93
CA GLU Z 69 -23.80 -68.36 103.23
C GLU Z 69 -22.70 -67.31 103.11
N ALA Z 70 -21.79 -67.50 102.14
CA ALA Z 70 -20.67 -66.57 101.98
C ALA Z 70 -21.20 -65.18 101.68
N ILE Z 71 -22.16 -65.05 100.77
CA ILE Z 71 -22.73 -63.73 100.54
C ILE Z 71 -23.41 -63.26 101.81
N ASP Z 72 -24.14 -64.14 102.53
CA ASP Z 72 -24.79 -63.64 103.72
C ASP Z 72 -23.82 -63.07 104.76
N LYS Z 73 -22.77 -63.80 105.08
CA LYS Z 73 -21.81 -63.34 106.05
C LYS Z 73 -21.14 -62.05 105.58
N ALA Z 74 -20.98 -61.89 104.27
CA ALA Z 74 -20.32 -60.69 103.76
C ALA Z 74 -21.18 -59.41 103.92
N ALA Z 75 -22.47 -59.43 103.60
CA ALA Z 75 -23.25 -58.20 103.84
C ALA Z 75 -23.53 -57.96 105.31
N LYS Z 76 -23.45 -59.00 106.13
CA LYS Z 76 -23.54 -58.69 107.55
C LYS Z 76 -22.37 -57.81 107.95
N ILE Z 77 -21.19 -58.14 107.43
CA ILE Z 77 -20.00 -57.34 107.71
C ILE Z 77 -20.18 -55.91 107.22
N LEU Z 78 -20.65 -55.74 105.98
CA LEU Z 78 -20.81 -54.38 105.45
C LEU Z 78 -21.95 -53.64 106.14
N ALA Z 79 -23.03 -54.36 106.48
CA ALA Z 79 -24.15 -53.70 107.14
C ALA Z 79 -23.75 -53.12 108.49
N GLU Z 80 -22.97 -53.88 109.27
CA GLU Z 80 -22.57 -53.40 110.59
C GLU Z 80 -21.43 -52.39 110.56
N SER Z 81 -20.68 -52.30 109.47
CA SER Z 81 -19.45 -51.52 109.48
C SER Z 81 -19.77 -50.03 109.47
N LYS Z 82 -18.93 -49.26 110.16
CA LYS Z 82 -19.09 -47.82 110.27
C LYS Z 82 -18.18 -47.06 109.32
N ARG Z 83 -17.24 -47.74 108.67
CA ARG Z 83 -16.42 -47.13 107.64
C ARG Z 83 -15.93 -48.20 106.65
N PRO Z 84 -16.82 -48.87 105.94
CA PRO Z 84 -16.38 -49.94 105.04
C PRO Z 84 -15.75 -49.39 103.76
N LEU Z 85 -14.71 -50.08 103.30
CA LEU Z 85 -13.99 -49.75 102.08
C LEU Z 85 -14.31 -50.77 101.00
N MET Z 86 -14.77 -50.30 99.85
CA MET Z 86 -15.10 -51.14 98.70
C MET Z 86 -14.14 -50.79 97.58
N TYR Z 87 -13.12 -51.64 97.38
CA TYR Z 87 -11.97 -51.30 96.55
C TYR Z 87 -11.77 -52.31 95.43
N GLY Z 88 -11.25 -51.82 94.31
CA GLY Z 88 -10.87 -52.68 93.20
C GLY Z 88 -11.46 -52.26 91.86
N TRP Z 89 -12.38 -53.08 91.35
CA TRP Z 89 -13.28 -52.73 90.26
C TRP Z 89 -12.66 -52.75 88.86
N SER Z 90 -11.36 -52.50 88.74
CA SER Z 90 -10.78 -52.22 87.44
C SER Z 90 -10.76 -53.43 86.51
N CYS Z 91 -10.85 -54.64 87.04
CA CYS Z 91 -10.78 -55.83 86.22
C CYS Z 91 -12.13 -56.54 86.09
N THR Z 92 -13.23 -55.84 86.28
CA THR Z 92 -14.54 -56.35 85.91
C THR Z 92 -15.20 -55.32 85.01
N GLU Z 93 -16.42 -55.61 84.56
CA GLU Z 93 -17.08 -54.79 83.57
C GLU Z 93 -18.04 -53.79 84.22
N CYS Z 94 -18.55 -52.87 83.39
CA CYS Z 94 -19.19 -51.66 83.89
C CYS Z 94 -20.50 -51.93 84.61
N GLU Z 95 -21.26 -52.94 84.19
CA GLU Z 95 -22.55 -53.16 84.84
C GLU Z 95 -22.39 -53.65 86.27
N ALA Z 96 -21.33 -54.42 86.55
CA ALA Z 96 -21.00 -54.77 87.93
C ALA Z 96 -20.55 -53.54 88.71
N GLN Z 97 -19.76 -52.66 88.08
CA GLN Z 97 -19.30 -51.45 88.75
C GLN Z 97 -20.48 -50.55 89.14
N ALA Z 98 -21.51 -50.51 88.29
CA ALA Z 98 -22.69 -49.71 88.61
C ALA Z 98 -23.40 -50.26 89.83
N VAL Z 99 -23.53 -51.59 89.94
CA VAL Z 99 -24.10 -52.18 91.15
C VAL Z 99 -23.24 -51.85 92.36
N GLY Z 100 -21.92 -51.88 92.18
CA GLY Z 100 -21.02 -51.52 93.27
C GLY Z 100 -21.27 -50.13 93.80
N VAL Z 101 -21.55 -49.17 92.90
CA VAL Z 101 -21.84 -47.82 93.34
C VAL Z 101 -23.12 -47.78 94.17
N GLU Z 102 -24.17 -48.46 93.69
CA GLU Z 102 -25.43 -48.48 94.41
C GLU Z 102 -25.29 -49.12 95.79
N LEU Z 103 -24.51 -50.21 95.90
CA LEU Z 103 -24.32 -50.85 97.19
C LEU Z 103 -23.48 -49.99 98.11
N ALA Z 104 -22.45 -49.33 97.58
CA ALA Z 104 -21.67 -48.42 98.40
C ALA Z 104 -22.55 -47.32 98.97
N GLU Z 105 -23.53 -46.85 98.17
CA GLU Z 105 -24.51 -45.89 98.63
C GLU Z 105 -25.32 -46.43 99.80
N GLU Z 106 -25.84 -47.66 99.65
CA GLU Z 106 -26.69 -48.25 100.69
C GLU Z 106 -25.92 -48.53 101.98
N ALA Z 107 -24.66 -48.93 101.85
CA ALA Z 107 -23.85 -49.26 103.00
C ALA Z 107 -23.14 -48.05 103.61
N GLY Z 108 -23.32 -46.87 103.03
CA GLY Z 108 -22.59 -45.70 103.49
C GLY Z 108 -21.09 -45.87 103.37
N ALA Z 109 -20.65 -46.51 102.30
CA ALA Z 109 -19.26 -46.92 102.17
C ALA Z 109 -18.45 -45.89 101.39
N VAL Z 110 -17.13 -46.07 101.43
CA VAL Z 110 -16.22 -45.43 100.50
C VAL Z 110 -15.96 -46.42 99.37
N ILE Z 111 -16.21 -46.02 98.15
CA ILE Z 111 -15.93 -46.84 96.98
C ILE Z 111 -14.75 -46.21 96.24
N ASP Z 112 -13.83 -47.05 95.78
CA ASP Z 112 -12.59 -46.57 95.20
C ASP Z 112 -12.05 -47.66 94.29
N ASN Z 113 -11.42 -47.27 93.19
CA ASN Z 113 -10.83 -48.23 92.29
C ASN Z 113 -9.31 -48.04 92.27
N THR Z 114 -8.63 -48.88 91.48
CA THR Z 114 -7.16 -48.86 91.46
C THR Z 114 -6.59 -47.55 90.94
N ALA Z 115 -7.43 -46.65 90.42
CA ALA Z 115 -6.95 -45.31 90.07
C ALA Z 115 -6.20 -44.67 91.24
N SER Z 116 -6.63 -44.96 92.47
CA SER Z 116 -5.98 -44.36 93.64
C SER Z 116 -4.54 -44.81 93.82
N VAL Z 117 -4.15 -45.95 93.25
CA VAL Z 117 -2.74 -46.35 93.24
C VAL Z 117 -2.13 -46.22 91.86
N CYS Z 118 -2.80 -45.53 90.93
CA CYS Z 118 -2.38 -45.58 89.54
C CYS Z 118 -2.40 -44.21 88.89
N HIS Z 119 -3.40 -43.94 88.05
CA HIS Z 119 -3.54 -42.66 87.37
C HIS Z 119 -4.49 -41.70 88.08
N GLY Z 120 -4.87 -42.01 89.31
CA GLY Z 120 -5.47 -41.05 90.21
C GLY Z 120 -4.82 -39.69 90.18
N PRO Z 121 -3.49 -39.61 90.33
CA PRO Z 121 -2.82 -38.31 90.21
C PRO Z 121 -3.10 -37.61 88.89
N SER Z 122 -3.26 -38.36 87.79
CA SER Z 122 -3.68 -37.73 86.54
C SER Z 122 -5.12 -37.23 86.64
N VAL Z 123 -5.98 -37.94 87.38
CA VAL Z 123 -7.35 -37.46 87.59
C VAL Z 123 -7.31 -36.12 88.33
N LEU Z 124 -6.57 -36.08 89.45
CA LEU Z 124 -6.41 -34.83 90.20
C LEU Z 124 -5.87 -33.70 89.33
N ALA Z 125 -4.86 -34.01 88.50
CA ALA Z 125 -4.27 -32.98 87.66
C ALA Z 125 -5.25 -32.48 86.61
N LEU Z 126 -5.96 -33.40 85.95
CA LEU Z 126 -6.89 -32.98 84.92
C LEU Z 126 -8.08 -32.22 85.50
N GLN Z 127 -8.43 -32.51 86.75
CA GLN Z 127 -9.45 -31.70 87.43
C GLN Z 127 -8.98 -30.28 87.65
N ASP Z 128 -7.67 -30.06 87.78
CA ASP Z 128 -7.16 -28.72 88.02
C ASP Z 128 -6.85 -27.96 86.74
N VAL Z 129 -6.28 -28.62 85.74
CA VAL Z 129 -5.76 -27.90 84.57
C VAL Z 129 -6.38 -28.33 83.25
N GLY Z 130 -6.97 -29.52 83.12
CA GLY Z 130 -7.63 -29.89 81.89
C GLY Z 130 -7.18 -31.25 81.38
N TYR Z 131 -7.65 -31.60 80.18
CA TYR Z 131 -7.55 -32.98 79.70
C TYR Z 131 -7.60 -33.04 78.17
N PRO Z 132 -6.52 -32.63 77.47
CA PRO Z 132 -6.55 -32.62 76.01
C PRO Z 132 -6.14 -33.94 75.38
N ILE Z 133 -7.12 -34.76 74.97
CA ILE Z 133 -6.83 -36.11 74.51
C ILE Z 133 -7.33 -36.34 73.08
N CYS Z 134 -7.12 -37.55 72.57
CA CYS Z 134 -7.69 -38.02 71.32
C CYS Z 134 -7.83 -39.54 71.42
N THR Z 135 -8.42 -40.15 70.40
CA THR Z 135 -8.53 -41.60 70.35
C THR Z 135 -7.38 -42.20 69.53
N PHE Z 136 -7.17 -43.51 69.71
CA PHE Z 136 -6.04 -44.19 69.07
C PHE Z 136 -5.99 -43.94 67.57
N GLY Z 137 -7.16 -43.89 66.93
CA GLY Z 137 -7.20 -43.77 65.48
C GLY Z 137 -6.65 -42.46 64.95
N GLU Z 138 -6.81 -41.37 65.73
CA GLU Z 138 -6.18 -40.12 65.32
C GLU Z 138 -4.67 -40.20 65.44
N VAL Z 139 -4.18 -40.93 66.45
CA VAL Z 139 -2.75 -41.15 66.58
C VAL Z 139 -2.23 -41.92 65.38
N LYS Z 140 -2.85 -43.07 65.10
CA LYS Z 140 -2.42 -43.89 63.97
C LYS Z 140 -2.47 -43.13 62.66
N ASN Z 141 -3.52 -42.33 62.43
CA ASN Z 141 -3.70 -41.70 61.13
C ASN Z 141 -3.01 -40.34 60.99
N ARG Z 142 -2.68 -39.68 62.10
CA ARG Z 142 -2.15 -38.32 62.02
C ARG Z 142 -0.80 -38.13 62.72
N ALA Z 143 -0.46 -38.93 63.71
CA ALA Z 143 0.62 -38.56 64.62
C ALA Z 143 1.96 -38.50 63.90
N ASP Z 144 2.60 -37.35 64.02
CA ASP Z 144 3.92 -37.04 63.49
C ASP Z 144 5.01 -37.27 64.50
N VAL Z 145 4.70 -37.03 65.77
CA VAL Z 145 5.64 -37.18 66.87
C VAL Z 145 4.92 -37.95 67.96
N VAL Z 146 5.56 -39.01 68.47
CA VAL Z 146 4.96 -39.89 69.47
C VAL Z 146 5.91 -39.94 70.67
N VAL Z 147 5.42 -39.55 71.83
CA VAL Z 147 6.21 -39.54 73.06
C VAL Z 147 5.63 -40.57 74.03
N TYR Z 148 6.51 -41.39 74.60
CA TYR Z 148 6.18 -42.24 75.74
C TYR Z 148 6.93 -41.70 76.94
N TRP Z 149 6.20 -41.04 77.85
CA TRP Z 149 6.79 -40.33 78.97
C TRP Z 149 6.57 -41.13 80.25
N GLY Z 150 7.64 -41.67 80.82
CA GLY Z 150 7.51 -42.44 82.04
C GLY Z 150 6.60 -43.64 81.89
N CYS Z 151 6.61 -44.28 80.72
CA CYS Z 151 5.91 -45.53 80.52
C CYS Z 151 6.74 -46.44 79.64
N ASN Z 152 6.55 -47.74 79.82
CA ASN Z 152 7.36 -48.78 79.17
C ASN Z 152 6.41 -49.74 78.46
N PRO Z 153 5.84 -49.35 77.33
CA PRO Z 153 4.81 -50.17 76.70
C PRO Z 153 5.28 -51.56 76.30
N MET Z 154 6.56 -51.73 75.95
CA MET Z 154 7.04 -53.05 75.54
C MET Z 154 6.81 -54.10 76.62
N HIS Z 155 6.82 -53.70 77.89
CA HIS Z 155 6.56 -54.61 78.99
C HIS Z 155 5.17 -54.46 79.59
N ALA Z 156 4.50 -53.31 79.42
CA ALA Z 156 3.24 -53.05 80.09
C ALA Z 156 2.05 -52.85 79.17
N HIS Z 157 2.26 -52.51 77.89
CA HIS Z 157 1.20 -52.44 76.89
C HIS Z 157 1.77 -52.98 75.58
N PRO Z 158 2.05 -54.28 75.54
CA PRO Z 158 2.97 -54.81 74.51
C PRO Z 158 2.58 -54.52 73.07
N ARG Z 159 1.29 -54.48 72.75
CA ARG Z 159 0.89 -54.22 71.37
C ARG Z 159 0.62 -52.76 71.10
N HIS Z 160 0.86 -51.88 72.07
CA HIS Z 160 0.53 -50.46 71.92
C HIS Z 160 1.36 -49.83 70.81
N MET Z 161 2.66 -50.13 70.76
CA MET Z 161 3.52 -49.54 69.74
C MET Z 161 3.19 -50.07 68.35
N SER Z 162 2.96 -51.38 68.23
CA SER Z 162 2.65 -51.95 66.92
C SER Z 162 1.35 -51.38 66.36
N ARG Z 163 0.37 -51.11 67.21
CA ARG Z 163 -0.91 -50.61 66.73
C ARG Z 163 -0.93 -49.11 66.50
N ASN Z 164 -0.12 -48.33 67.22
CA ASN Z 164 -0.18 -46.88 67.11
C ASN Z 164 1.04 -46.25 66.45
N VAL Z 165 2.19 -46.93 66.42
CA VAL Z 165 3.43 -46.36 65.90
C VAL Z 165 3.84 -47.04 64.59
N PHE Z 166 4.00 -48.37 64.62
CA PHE Z 166 4.37 -49.11 63.42
C PHE Z 166 3.23 -49.20 62.43
N ALA Z 167 2.00 -48.89 62.85
CA ALA Z 167 0.85 -48.95 61.97
C ALA Z 167 0.92 -47.88 60.88
N ARG Z 168 0.46 -48.25 59.69
CA ARG Z 168 0.35 -47.31 58.58
C ARG Z 168 -1.03 -46.68 58.58
N GLY Z 169 -1.07 -45.36 58.76
CA GLY Z 169 -2.31 -44.62 58.84
C GLY Z 169 -2.59 -43.82 57.58
N PHE Z 170 -3.75 -43.16 57.60
CA PHE Z 170 -4.24 -42.42 56.44
C PHE Z 170 -3.23 -41.35 55.99
N PHE Z 171 -2.80 -40.50 56.92
CA PHE Z 171 -1.82 -39.47 56.61
C PHE Z 171 -0.37 -39.88 56.95
N ARG Z 172 -0.16 -41.09 57.47
CA ARG Z 172 1.17 -41.59 57.85
C ARG Z 172 1.37 -42.97 57.22
N GLU Z 173 1.39 -42.98 55.88
CA GLU Z 173 1.26 -44.16 55.05
C GLU Z 173 2.46 -45.08 55.24
N ARG Z 174 3.55 -44.54 55.76
CA ARG Z 174 4.81 -45.26 56.00
C ARG Z 174 5.02 -45.72 57.43
N GLY Z 175 4.02 -45.59 58.30
CA GLY Z 175 4.16 -46.05 59.66
C GLY Z 175 5.36 -45.53 60.42
N ARG Z 176 6.18 -46.45 60.93
CA ARG Z 176 7.29 -46.07 61.80
C ARG Z 176 8.19 -45.03 61.17
N SER Z 177 8.38 -45.10 59.84
CA SER Z 177 9.25 -44.15 59.17
C SER Z 177 8.69 -42.73 59.16
N ASP Z 178 7.39 -42.56 59.35
CA ASP Z 178 6.77 -41.23 59.30
C ASP Z 178 6.65 -40.56 60.65
N ARG Z 179 7.22 -41.16 61.69
CA ARG Z 179 7.05 -40.67 63.06
C ARG Z 179 8.39 -40.55 63.78
N THR Z 180 8.52 -39.46 64.53
CA THR Z 180 9.63 -39.27 65.46
C THR Z 180 9.19 -39.83 66.81
N LEU Z 181 9.91 -40.86 67.28
CA LEU Z 181 9.55 -41.55 68.51
C LEU Z 181 10.46 -41.07 69.64
N ILE Z 182 9.85 -40.58 70.71
CA ILE Z 182 10.58 -40.04 71.86
C ILE Z 182 10.14 -40.81 73.10
N VAL Z 183 11.10 -41.15 73.95
CA VAL Z 183 10.81 -41.82 75.21
C VAL Z 183 11.60 -41.11 76.30
N VAL Z 184 10.93 -40.84 77.42
CA VAL Z 184 11.54 -40.12 78.55
C VAL Z 184 11.49 -41.06 79.75
N ASP Z 185 12.65 -41.53 80.20
CA ASP Z 185 12.73 -42.55 81.23
C ASP Z 185 14.16 -42.63 81.76
N PRO Z 186 14.34 -42.70 83.08
CA PRO Z 186 15.71 -42.84 83.63
C PRO Z 186 16.36 -44.17 83.30
N ARG Z 187 15.61 -45.17 82.84
CA ARG Z 187 16.20 -46.44 82.41
C ARG Z 187 16.21 -46.51 80.89
N LYS Z 188 17.21 -47.22 80.36
CA LYS Z 188 17.18 -47.59 78.94
C LYS Z 188 16.32 -48.85 78.81
N THR Z 189 15.01 -48.63 78.81
CA THR Z 189 14.06 -49.70 78.69
C THR Z 189 14.00 -50.21 77.26
N ASP Z 190 13.37 -51.36 77.08
CA ASP Z 190 13.18 -51.89 75.73
C ASP Z 190 12.32 -50.97 74.88
N SER Z 191 11.47 -50.17 75.52
CA SER Z 191 10.76 -49.13 74.79
C SER Z 191 11.71 -48.04 74.34
N ALA Z 192 12.62 -47.63 75.23
CA ALA Z 192 13.60 -46.61 74.89
C ALA Z 192 14.56 -47.06 73.79
N LYS Z 193 14.84 -48.37 73.73
CA LYS Z 193 15.76 -48.86 72.71
C LYS Z 193 15.23 -48.63 71.31
N LEU Z 194 13.92 -48.52 71.14
CA LEU Z 194 13.32 -48.27 69.83
C LEU Z 194 13.19 -46.79 69.51
N ALA Z 195 13.54 -45.90 70.43
CA ALA Z 195 13.25 -44.48 70.26
C ALA Z 195 14.28 -43.80 69.37
N ASP Z 196 13.83 -42.76 68.66
CA ASP Z 196 14.76 -41.86 67.99
C ASP Z 196 15.43 -40.91 68.97
N ILE Z 197 14.70 -40.49 70.00
CA ILE Z 197 15.21 -39.62 71.05
C ILE Z 197 14.90 -40.27 72.39
N HIS Z 198 15.92 -40.46 73.22
CA HIS Z 198 15.75 -40.97 74.57
C HIS Z 198 16.29 -39.96 75.56
N LEU Z 199 15.40 -39.23 76.23
CA LEU Z 199 15.81 -38.38 77.35
C LEU Z 199 15.96 -39.25 78.58
N GLN Z 200 17.20 -39.63 78.87
CA GLN Z 200 17.50 -40.43 80.07
C GLN Z 200 17.76 -39.47 81.24
N LEU Z 201 16.67 -38.87 81.69
CA LEU Z 201 16.73 -37.81 82.69
C LEU Z 201 16.94 -38.39 84.09
N ASP Z 202 17.31 -37.52 85.01
CA ASP Z 202 17.44 -37.90 86.41
C ASP Z 202 16.06 -38.22 87.00
N PHE Z 203 16.00 -39.28 87.78
CA PHE Z 203 14.75 -39.68 88.42
C PHE Z 203 14.24 -38.59 89.37
N ASP Z 204 12.92 -38.57 89.56
CA ASP Z 204 12.24 -37.65 90.46
C ASP Z 204 12.43 -36.19 90.07
N ARG Z 205 12.83 -35.91 88.82
CA ARG Z 205 13.09 -34.53 88.43
C ARG Z 205 12.33 -34.11 87.17
N ASP Z 206 11.32 -34.89 86.74
CA ASP Z 206 10.53 -34.52 85.56
C ASP Z 206 9.90 -33.14 85.70
N TYR Z 207 9.37 -32.83 86.88
CA TYR Z 207 8.72 -31.54 87.08
C TYR Z 207 9.68 -30.41 86.79
N GLU Z 208 10.95 -30.56 87.17
CA GLU Z 208 11.95 -29.54 86.85
C GLU Z 208 12.19 -29.48 85.34
N LEU Z 209 12.25 -30.63 84.69
CA LEU Z 209 12.47 -30.66 83.24
C LEU Z 209 11.32 -30.01 82.49
N LEU Z 210 10.08 -30.32 82.88
CA LEU Z 210 8.91 -29.75 82.22
C LEU Z 210 8.79 -28.25 82.47
N ASP Z 211 9.29 -27.77 83.61
CA ASP Z 211 9.31 -26.32 83.87
C ASP Z 211 10.27 -25.61 82.93
N ALA Z 212 11.46 -26.18 82.75
CA ALA Z 212 12.40 -25.61 81.78
C ALA Z 212 11.83 -25.66 80.37
N MET Z 213 11.24 -26.81 80.01
CA MET Z 213 10.65 -26.95 78.68
C MET Z 213 9.55 -25.91 78.42
N ARG Z 214 8.70 -25.65 79.42
CA ARG Z 214 7.58 -24.72 79.20
C ARG Z 214 8.05 -23.27 79.17
N ALA Z 215 9.00 -22.91 80.04
CA ALA Z 215 9.55 -21.56 80.00
C ALA Z 215 10.22 -21.28 78.66
N CYS Z 216 11.04 -22.23 78.20
CA CYS Z 216 11.60 -22.14 76.86
C CYS Z 216 10.50 -22.00 75.82
N LEU Z 217 9.48 -22.85 75.91
CA LEU Z 217 8.37 -22.84 74.95
C LEU Z 217 7.75 -21.45 74.81
N LEU Z 218 7.56 -20.74 75.92
CA LEU Z 218 6.96 -19.41 75.88
C LEU Z 218 7.99 -18.31 75.68
N GLY Z 219 9.19 -18.64 75.24
CA GLY Z 219 10.16 -17.65 74.84
C GLY Z 219 11.13 -17.23 75.93
N HIS Z 220 11.11 -17.86 77.09
CA HIS Z 220 11.99 -17.44 78.16
C HIS Z 220 13.27 -18.27 78.13
N GLU Z 221 14.32 -17.73 78.75
CA GLU Z 221 15.60 -18.41 78.78
C GLU Z 221 15.66 -19.32 80.00
N ILE Z 222 16.36 -20.44 79.83
CA ILE Z 222 16.43 -21.46 80.88
C ILE Z 222 17.51 -21.06 81.89
N LEU Z 223 17.11 -20.91 83.15
CA LEU Z 223 17.97 -20.35 84.19
C LEU Z 223 19.27 -21.12 84.32
N TYR Z 224 19.19 -22.44 84.52
CA TYR Z 224 20.35 -23.27 84.81
C TYR Z 224 20.92 -23.92 83.55
N ASP Z 225 22.19 -24.31 83.66
CA ASP Z 225 22.89 -24.94 82.55
C ASP Z 225 22.57 -26.43 82.38
N GLU Z 226 21.87 -27.02 83.34
CA GLU Z 226 21.47 -28.41 83.21
C GLU Z 226 20.25 -28.60 84.09
N VAL Z 227 19.24 -29.31 83.58
CA VAL Z 227 18.00 -29.52 84.31
C VAL Z 227 17.63 -30.99 84.20
N ALA Z 228 17.38 -31.62 85.35
CA ALA Z 228 17.07 -33.05 85.42
C ALA Z 228 18.13 -33.89 84.71
N GLY Z 229 19.38 -33.42 84.73
CA GLY Z 229 20.45 -34.12 84.06
C GLY Z 229 20.52 -33.91 82.56
N VAL Z 230 19.71 -33.04 81.99
CA VAL Z 230 19.68 -32.80 80.55
C VAL Z 230 20.31 -31.43 80.29
N PRO Z 231 21.30 -31.33 79.39
CA PRO Z 231 21.92 -30.04 79.12
C PRO Z 231 20.93 -29.07 78.49
N ARG Z 232 21.02 -27.79 78.90
CA ARG Z 232 20.17 -26.74 78.37
C ARG Z 232 19.95 -26.86 76.86
N GLU Z 233 21.04 -27.04 76.11
CA GLU Z 233 20.95 -27.06 74.65
C GLU Z 233 19.99 -28.12 74.14
N GLN Z 234 19.91 -29.26 74.82
CA GLN Z 234 19.00 -30.31 74.39
C GLN Z 234 17.57 -30.08 74.86
N ILE Z 235 17.37 -29.31 75.94
CA ILE Z 235 16.03 -28.84 76.27
C ILE Z 235 15.45 -28.07 75.10
N GLU Z 236 16.24 -27.12 74.56
CA GLU Z 236 15.76 -26.29 73.45
C GLU Z 236 15.56 -27.13 72.20
N GLU Z 237 16.48 -28.05 71.90
CA GLU Z 237 16.32 -28.89 70.73
C GLU Z 237 15.10 -29.80 70.88
N ALA Z 238 14.79 -30.23 72.11
CA ALA Z 238 13.62 -31.07 72.34
C ALA Z 238 12.33 -30.27 72.16
N VAL Z 239 12.29 -29.02 72.64
CA VAL Z 239 11.09 -28.21 72.46
C VAL Z 239 10.83 -27.91 71.00
N GLU Z 240 11.89 -27.74 70.20
CA GLU Z 240 11.69 -27.46 68.77
C GLU Z 240 11.11 -28.66 68.05
N VAL Z 241 11.52 -29.87 68.41
CA VAL Z 241 10.95 -31.07 67.81
C VAL Z 241 9.44 -31.09 68.05
N LEU Z 242 9.02 -30.76 69.27
CA LEU Z 242 7.60 -30.75 69.60
C LEU Z 242 6.87 -29.62 68.87
N LYS Z 243 7.46 -28.43 68.84
CA LYS Z 243 6.82 -27.29 68.18
C LYS Z 243 6.66 -27.52 66.69
N ASN Z 244 7.56 -28.27 66.07
CA ASN Z 244 7.53 -28.51 64.63
C ASN Z 244 6.71 -29.74 64.24
N ALA Z 245 6.03 -30.36 65.19
CA ALA Z 245 5.12 -31.47 64.88
C ALA Z 245 3.96 -30.98 64.04
N GLN Z 246 3.43 -31.86 63.19
CA GLN Z 246 2.12 -31.63 62.61
C GLN Z 246 1.02 -32.18 63.51
N PHE Z 247 1.30 -33.26 64.23
CA PHE Z 247 0.37 -33.86 65.16
C PHE Z 247 1.19 -34.65 66.17
N GLY Z 248 1.13 -34.26 67.44
CA GLY Z 248 1.91 -34.89 68.48
C GLY Z 248 1.01 -35.54 69.51
N ILE Z 249 1.48 -36.67 70.05
CA ILE Z 249 0.78 -37.41 71.09
C ILE Z 249 1.76 -37.72 72.20
N LEU Z 250 1.42 -37.36 73.44
CA LEU Z 250 2.29 -37.69 74.57
C LEU Z 250 1.60 -38.74 75.44
N PHE Z 251 2.10 -39.98 75.36
CA PHE Z 251 1.67 -41.07 76.21
C PHE Z 251 2.52 -41.04 77.48
N PHE Z 252 1.86 -41.09 78.64
CA PHE Z 252 2.59 -41.04 79.90
C PHE Z 252 2.03 -42.08 80.86
N GLY Z 253 2.85 -42.46 81.83
CA GLY Z 253 2.52 -43.54 82.74
C GLY Z 253 3.10 -43.38 84.12
N MET Z 254 3.34 -44.51 84.79
CA MET Z 254 3.60 -44.54 86.22
C MET Z 254 4.89 -43.82 86.59
N GLY Z 255 5.80 -43.64 85.63
CA GLY Z 255 7.04 -42.95 85.90
C GLY Z 255 6.86 -41.52 86.39
N ILE Z 256 5.70 -40.90 86.15
CA ILE Z 256 5.44 -39.57 86.66
C ILE Z 256 4.22 -39.50 87.56
N THR Z 257 3.38 -40.53 87.62
CA THR Z 257 2.33 -40.55 88.63
C THR Z 257 2.88 -41.03 89.97
N HIS Z 258 3.81 -41.98 89.97
CA HIS Z 258 4.34 -42.50 91.21
C HIS Z 258 5.54 -41.71 91.73
N SER Z 259 6.16 -40.88 90.90
CA SER Z 259 7.38 -40.18 91.26
C SER Z 259 7.08 -38.96 92.13
N ARG Z 260 8.16 -38.33 92.61
CA ARG Z 260 8.06 -37.13 93.42
C ARG Z 260 7.25 -36.06 92.70
N GLY Z 261 6.23 -35.54 93.39
CA GLY Z 261 5.31 -34.58 92.83
C GLY Z 261 3.98 -35.16 92.41
N LYS Z 262 3.98 -36.42 91.95
CA LYS Z 262 2.78 -37.17 91.60
C LYS Z 262 1.84 -36.37 90.69
N HIS Z 263 0.71 -35.91 91.22
CA HIS Z 263 -0.28 -35.28 90.36
C HIS Z 263 0.22 -33.99 89.71
N ARG Z 264 1.15 -33.28 90.36
CA ARG Z 264 1.63 -32.03 89.76
C ARG Z 264 2.64 -32.27 88.63
N ASN Z 265 3.25 -33.45 88.57
CA ASN Z 265 4.00 -33.82 87.38
C ASN Z 265 3.09 -33.94 86.17
N ILE Z 266 1.91 -34.54 86.37
CA ILE Z 266 0.92 -34.63 85.30
C ILE Z 266 0.38 -33.24 84.98
N ASP Z 267 0.18 -32.43 86.02
CA ASP Z 267 -0.33 -31.08 85.88
C ASP Z 267 0.52 -30.27 84.90
N THR Z 268 1.84 -30.21 85.16
CA THR Z 268 2.73 -29.44 84.29
C THR Z 268 2.83 -30.07 82.90
N ALA Z 269 2.77 -31.39 82.80
CA ALA Z 269 2.78 -32.04 81.49
C ALA Z 269 1.54 -31.66 80.67
N ILE Z 270 0.36 -31.68 81.30
CA ILE Z 270 -0.86 -31.30 80.59
C ILE Z 270 -0.76 -29.86 80.10
N MET Z 271 -0.30 -28.96 80.96
CA MET Z 271 -0.27 -27.55 80.58
C MET Z 271 0.75 -27.29 79.47
N MET Z 272 1.82 -28.10 79.40
CA MET Z 272 2.72 -27.97 78.26
C MET Z 272 2.04 -28.40 76.97
N VAL Z 273 1.35 -29.54 76.98
CA VAL Z 273 0.63 -30.00 75.81
C VAL Z 273 -0.38 -28.95 75.35
N GLN Z 274 -1.11 -28.35 76.30
CA GLN Z 274 -2.07 -27.30 75.95
C GLN Z 274 -1.37 -26.14 75.25
N ASP Z 275 -0.30 -25.60 75.86
CA ASP Z 275 0.36 -24.43 75.29
C ASP Z 275 1.03 -24.73 73.96
N LEU Z 276 1.47 -25.98 73.74
CA LEU Z 276 2.07 -26.33 72.46
C LEU Z 276 1.11 -26.14 71.30
N ASN Z 277 -0.20 -26.13 71.57
CA ASN Z 277 -1.18 -26.03 70.48
C ASN Z 277 -1.18 -24.67 69.80
N ASP Z 278 -0.47 -23.67 70.34
CA ASP Z 278 -0.29 -22.42 69.60
C ASP Z 278 0.75 -22.55 68.49
N TYR Z 279 1.59 -23.60 68.55
CA TYR Z 279 2.59 -23.87 67.53
C TYR Z 279 2.33 -25.14 66.74
N ALA Z 280 1.67 -26.12 67.36
CA ALA Z 280 1.46 -27.41 66.71
C ALA Z 280 0.35 -28.15 67.43
N LYS Z 281 -0.43 -28.90 66.66
CA LYS Z 281 -1.50 -29.71 67.25
C LYS Z 281 -0.89 -30.73 68.19
N TRP Z 282 -1.37 -30.75 69.44
CA TRP Z 282 -0.81 -31.64 70.45
C TRP Z 282 -1.89 -32.14 71.38
N THR Z 283 -1.70 -33.36 71.85
CA THR Z 283 -2.72 -34.05 72.63
C THR Z 283 -1.99 -35.09 73.47
N LEU Z 284 -2.68 -35.63 74.48
CA LEU Z 284 -2.06 -36.62 75.34
C LEU Z 284 -3.06 -37.71 75.69
N ILE Z 285 -2.53 -38.86 76.08
CA ILE Z 285 -3.33 -40.00 76.51
C ILE Z 285 -2.67 -40.67 77.70
N PRO Z 286 -3.32 -40.72 78.87
CA PRO Z 286 -2.73 -41.49 79.98
C PRO Z 286 -2.82 -42.98 79.68
N MET Z 287 -1.71 -43.68 79.93
CA MET Z 287 -1.60 -45.12 79.63
C MET Z 287 -2.26 -45.90 80.77
N ARG Z 288 -3.58 -45.88 80.77
CA ARG Z 288 -4.34 -46.48 81.85
C ARG Z 288 -4.07 -47.97 81.92
N GLY Z 289 -3.96 -48.49 83.14
CA GLY Z 289 -3.42 -49.83 83.29
C GLY Z 289 -4.32 -50.98 82.94
N HIS Z 290 -5.28 -51.28 83.80
CA HIS Z 290 -6.14 -52.42 83.57
C HIS Z 290 -7.14 -52.12 82.46
N TYR Z 291 -7.68 -53.19 81.87
CA TYR Z 291 -8.57 -53.04 80.71
C TYR Z 291 -9.83 -52.27 81.03
N ASN Z 292 -10.23 -52.16 82.31
CA ASN Z 292 -11.44 -51.41 82.61
C ASN Z 292 -11.31 -50.57 83.88
N VAL Z 293 -10.09 -50.13 84.22
CA VAL Z 293 -9.97 -49.07 85.21
C VAL Z 293 -10.70 -47.83 84.73
N THR Z 294 -10.56 -47.49 83.44
CA THR Z 294 -11.23 -46.33 82.88
C THR Z 294 -12.74 -46.44 83.01
N GLY Z 295 -13.27 -47.66 82.83
CA GLY Z 295 -14.71 -47.85 82.90
C GLY Z 295 -15.28 -47.51 84.26
N PHE Z 296 -14.58 -47.87 85.33
CA PHE Z 296 -15.07 -47.51 86.66
C PHE Z 296 -15.14 -46.00 86.83
N ASN Z 297 -14.06 -45.31 86.46
CA ASN Z 297 -14.04 -43.86 86.61
C ASN Z 297 -15.15 -43.21 85.79
N GLN Z 298 -15.49 -43.79 84.64
CA GLN Z 298 -16.63 -43.32 83.87
C GLN Z 298 -17.94 -43.55 84.60
N VAL Z 299 -18.20 -44.81 84.97
CA VAL Z 299 -19.46 -45.17 85.61
C VAL Z 299 -19.66 -44.39 86.90
N CYS Z 300 -18.66 -44.41 87.78
CA CYS Z 300 -18.78 -43.74 89.07
C CYS Z 300 -18.97 -42.23 88.88
N THR Z 301 -18.31 -41.66 87.88
CA THR Z 301 -18.47 -40.23 87.61
C THR Z 301 -19.91 -39.91 87.20
N TRP Z 302 -20.46 -40.68 86.26
CA TRP Z 302 -21.77 -40.30 85.72
C TRP Z 302 -22.89 -40.59 86.72
N GLU Z 303 -22.72 -41.58 87.59
CA GLU Z 303 -23.75 -41.85 88.59
C GLU Z 303 -23.67 -40.92 89.80
N SER Z 304 -22.45 -40.54 90.21
CA SER Z 304 -22.26 -39.78 91.44
C SER Z 304 -21.68 -38.38 91.26
N GLY Z 305 -20.99 -38.12 90.16
CA GLY Z 305 -20.35 -36.83 89.94
C GLY Z 305 -18.86 -36.84 90.15
N TYR Z 306 -18.33 -37.87 90.80
CA TYR Z 306 -16.94 -38.00 91.16
C TYR Z 306 -16.40 -39.32 90.62
N PRO Z 307 -15.10 -39.37 90.28
CA PRO Z 307 -14.56 -40.53 89.58
C PRO Z 307 -14.04 -41.66 90.46
N TYR Z 308 -13.50 -41.31 91.62
CA TYR Z 308 -12.96 -42.29 92.56
C TYR Z 308 -12.88 -41.63 93.93
N CYS Z 309 -12.43 -42.39 94.93
CA CYS Z 309 -12.32 -41.90 96.30
C CYS Z 309 -13.66 -41.31 96.78
N VAL Z 310 -14.76 -42.00 96.46
CA VAL Z 310 -16.09 -41.48 96.69
C VAL Z 310 -16.61 -41.98 98.03
N ASP Z 311 -17.00 -41.05 98.89
CA ASP Z 311 -17.44 -41.34 100.25
C ASP Z 311 -18.93 -41.04 100.36
N PHE Z 312 -19.73 -42.08 100.61
CA PHE Z 312 -21.17 -41.96 100.76
C PHE Z 312 -21.62 -41.93 102.22
N SER Z 313 -20.68 -41.93 103.18
CA SER Z 313 -21.02 -42.03 104.59
C SER Z 313 -22.15 -41.07 104.98
N GLY Z 314 -22.12 -39.86 104.45
CA GLY Z 314 -23.14 -38.88 104.77
C GLY Z 314 -24.37 -38.92 103.89
N GLY Z 315 -24.51 -39.92 103.01
CA GLY Z 315 -25.63 -39.90 102.10
C GLY Z 315 -25.23 -39.20 100.83
N GLU Z 316 -24.90 -37.91 100.95
CA GLU Z 316 -24.36 -37.16 99.84
C GLU Z 316 -23.05 -37.80 99.38
N PRO Z 317 -22.71 -37.68 98.10
CA PRO Z 317 -21.38 -38.12 97.66
C PRO Z 317 -20.36 -37.03 97.98
N ARG Z 318 -19.22 -37.44 98.54
CA ARG Z 318 -18.12 -36.52 98.81
C ARG Z 318 -16.82 -37.14 98.32
N TYR Z 319 -15.84 -36.26 98.09
CA TYR Z 319 -14.68 -36.62 97.27
C TYR Z 319 -13.47 -35.82 97.74
N ASN Z 320 -12.50 -36.50 98.36
CA ASN Z 320 -11.25 -35.86 98.77
C ASN Z 320 -10.13 -36.90 98.76
N PRO Z 321 -9.54 -37.16 97.59
CA PRO Z 321 -8.37 -38.04 97.55
C PRO Z 321 -7.26 -37.51 98.45
N GLY Z 322 -6.66 -38.41 99.22
CA GLY Z 322 -5.81 -38.05 100.33
C GLY Z 322 -6.46 -38.24 101.67
N GLU Z 323 -7.79 -38.18 101.70
CA GLU Z 323 -8.61 -38.56 102.85
C GLU Z 323 -9.38 -39.84 102.60
N THR Z 324 -10.11 -39.90 101.48
CA THR Z 324 -11.07 -40.95 101.19
C THR Z 324 -10.54 -41.98 100.19
N GLY Z 325 -9.24 -42.09 100.04
CA GLY Z 325 -8.63 -43.06 99.15
C GLY Z 325 -8.29 -44.33 99.91
N ALA Z 326 -8.29 -45.46 99.19
CA ALA Z 326 -8.06 -46.76 99.79
C ALA Z 326 -6.89 -46.76 100.76
N ASN Z 327 -5.73 -46.28 100.31
CA ASN Z 327 -4.54 -46.33 101.16
C ASN Z 327 -4.63 -45.36 102.33
N ASP Z 328 -5.35 -44.25 102.16
CA ASP Z 328 -5.53 -43.31 103.26
C ASP Z 328 -6.34 -43.95 104.39
N LEU Z 329 -7.46 -44.58 104.02
CA LEU Z 329 -8.33 -45.22 104.99
C LEU Z 329 -7.61 -46.35 105.71
N LEU Z 330 -6.80 -47.12 104.97
CA LEU Z 330 -6.08 -48.23 105.57
C LEU Z 330 -4.91 -47.73 106.44
N GLN Z 331 -4.06 -46.85 105.89
CA GLN Z 331 -2.88 -46.41 106.63
C GLN Z 331 -3.22 -45.54 107.83
N ASN Z 332 -4.30 -44.77 107.76
CA ASN Z 332 -4.76 -44.04 108.93
C ASN Z 332 -5.69 -44.88 109.79
N ARG Z 333 -5.94 -46.13 109.37
CA ARG Z 333 -6.70 -47.12 110.14
C ARG Z 333 -8.15 -46.70 110.33
N GLU Z 334 -8.68 -45.94 109.36
CA GLU Z 334 -10.07 -45.48 109.40
C GLU Z 334 -11.04 -46.59 108.99
N ALA Z 335 -10.68 -47.38 107.98
CA ALA Z 335 -11.57 -48.44 107.52
C ALA Z 335 -11.67 -49.53 108.58
N ASP Z 336 -12.89 -49.95 108.87
CA ASP Z 336 -13.15 -51.02 109.82
C ASP Z 336 -13.61 -52.30 109.14
N ALA Z 337 -13.65 -52.32 107.81
CA ALA Z 337 -13.90 -53.51 107.00
C ALA Z 337 -13.52 -53.16 105.57
N MET Z 338 -13.21 -54.18 104.78
CA MET Z 338 -12.76 -53.97 103.41
C MET Z 338 -13.32 -55.07 102.51
N MET Z 339 -13.94 -54.66 101.41
CA MET Z 339 -14.41 -55.58 100.39
C MET Z 339 -13.59 -55.34 99.13
N VAL Z 340 -12.89 -56.36 98.66
CA VAL Z 340 -12.08 -56.26 97.45
C VAL Z 340 -12.81 -56.99 96.33
N ILE Z 341 -12.85 -56.38 95.14
CA ILE Z 341 -13.38 -57.06 93.96
C ILE Z 341 -12.49 -56.75 92.78
N ALA Z 342 -12.05 -57.80 92.08
CA ALA Z 342 -11.28 -57.70 90.84
C ALA Z 342 -10.03 -56.85 91.02
N SER Z 343 -9.29 -57.12 92.09
CA SER Z 343 -8.04 -56.41 92.38
C SER Z 343 -7.29 -57.17 93.46
N ASP Z 344 -6.01 -56.86 93.59
CA ASP Z 344 -5.10 -57.58 94.49
C ASP Z 344 -4.26 -56.59 95.31
N PRO Z 345 -4.89 -55.89 96.26
CA PRO Z 345 -4.11 -54.98 97.11
C PRO Z 345 -3.15 -55.70 98.04
N GLY Z 346 -3.40 -56.98 98.35
CA GLY Z 346 -2.43 -57.73 99.11
C GLY Z 346 -1.08 -57.80 98.42
N ALA Z 347 -1.08 -57.96 97.10
CA ALA Z 347 0.16 -57.94 96.35
C ALA Z 347 0.67 -56.52 96.11
N HIS Z 348 -0.24 -55.53 96.05
CA HIS Z 348 0.11 -54.29 95.38
C HIS Z 348 -0.15 -53.04 96.21
N PHE Z 349 -0.48 -53.17 97.49
CA PHE Z 349 -0.42 -52.03 98.38
C PHE Z 349 0.89 -52.06 99.18
N PRO Z 350 1.33 -50.92 99.72
CA PRO Z 350 2.54 -50.93 100.54
C PRO Z 350 2.32 -51.58 101.89
N GLN Z 351 3.43 -51.94 102.54
CA GLN Z 351 3.41 -52.64 103.83
C GLN Z 351 2.44 -52.00 104.81
N ARG Z 352 2.47 -50.66 104.92
CA ARG Z 352 1.72 -49.98 105.96
C ARG Z 352 0.21 -50.19 105.81
N ALA Z 353 -0.27 -50.32 104.57
CA ALA Z 353 -1.69 -50.61 104.35
C ALA Z 353 -2.04 -52.05 104.66
N LEU Z 354 -1.15 -52.98 104.30
CA LEU Z 354 -1.37 -54.40 104.57
C LEU Z 354 -1.44 -54.69 106.06
N GLU Z 355 -0.72 -53.91 106.88
CA GLU Z 355 -0.80 -54.05 108.32
C GLU Z 355 -2.23 -53.83 108.81
N ARG Z 356 -2.98 -52.96 108.15
CA ARG Z 356 -4.34 -52.71 108.58
C ARG Z 356 -5.29 -53.79 108.05
N MET Z 357 -5.02 -54.32 106.85
CA MET Z 357 -5.82 -55.41 106.33
C MET Z 357 -5.74 -56.64 107.23
N ALA Z 358 -4.62 -56.80 107.95
CA ALA Z 358 -4.47 -57.92 108.86
C ALA Z 358 -5.43 -57.82 110.04
N GLU Z 359 -5.94 -56.64 110.36
CA GLU Z 359 -6.74 -56.41 111.55
C GLU Z 359 -8.23 -56.33 111.31
N ILE Z 360 -8.69 -56.41 110.06
CA ILE Z 360 -10.09 -56.08 109.76
C ILE Z 360 -10.68 -57.17 108.89
N PRO Z 361 -12.01 -57.27 108.86
CA PRO Z 361 -12.64 -58.24 107.94
C PRO Z 361 -12.40 -57.85 106.49
N VAL Z 362 -11.89 -58.80 105.71
CA VAL Z 362 -11.58 -58.59 104.31
C VAL Z 362 -12.42 -59.55 103.49
N ILE Z 363 -13.22 -59.00 102.57
CA ILE Z 363 -13.99 -59.77 101.62
C ILE Z 363 -13.29 -59.71 100.28
N ALA Z 364 -13.25 -60.84 99.57
CA ALA Z 364 -12.50 -60.93 98.32
C ALA Z 364 -13.37 -61.61 97.27
N ILE Z 365 -13.86 -60.83 96.31
CA ILE Z 365 -14.52 -61.35 95.13
C ILE Z 365 -13.42 -61.61 94.12
N GLU Z 366 -12.94 -62.86 94.08
CA GLU Z 366 -11.68 -63.18 93.44
C GLU Z 366 -11.70 -64.58 92.83
N PRO Z 367 -11.34 -64.72 91.55
CA PRO Z 367 -11.34 -66.06 90.95
C PRO Z 367 -10.10 -66.89 91.24
N HIS Z 368 -8.96 -66.27 91.56
CA HIS Z 368 -7.69 -66.98 91.67
C HIS Z 368 -7.08 -66.82 93.06
N ARG Z 369 -6.06 -67.62 93.36
CA ARG Z 369 -5.37 -67.54 94.63
C ARG Z 369 -4.31 -66.44 94.57
N THR Z 370 -4.39 -65.48 95.50
CA THR Z 370 -3.55 -64.29 95.45
C THR Z 370 -3.07 -63.92 96.85
N PRO Z 371 -2.11 -63.01 96.98
CA PRO Z 371 -1.80 -62.48 98.32
C PRO Z 371 -3.00 -61.88 99.04
N THR Z 372 -4.02 -61.41 98.31
CA THR Z 372 -5.22 -60.86 98.95
C THR Z 372 -6.07 -61.98 99.56
N THR Z 373 -6.29 -63.06 98.81
CA THR Z 373 -7.03 -64.18 99.38
C THR Z 373 -6.32 -64.74 100.60
N GLU Z 374 -5.00 -64.64 100.65
CA GLU Z 374 -4.25 -65.04 101.84
C GLU Z 374 -4.50 -64.11 103.02
N MET Z 375 -4.98 -62.90 102.78
CA MET Z 375 -5.35 -61.98 103.85
C MET Z 375 -6.85 -61.84 103.98
N ALA Z 376 -7.63 -62.69 103.33
CA ALA Z 376 -9.07 -62.53 103.25
C ALA Z 376 -9.78 -63.41 104.28
N ASP Z 377 -10.97 -62.97 104.68
CA ASP Z 377 -11.85 -63.76 105.54
C ASP Z 377 -12.93 -64.50 104.76
N ILE Z 378 -13.43 -63.90 103.68
CA ILE Z 378 -14.43 -64.52 102.81
C ILE Z 378 -13.93 -64.45 101.38
N ILE Z 379 -14.00 -65.56 100.66
CA ILE Z 379 -13.61 -65.64 99.25
C ILE Z 379 -14.83 -66.04 98.44
N ILE Z 380 -15.15 -65.24 97.43
CA ILE Z 380 -16.32 -65.48 96.57
C ILE Z 380 -15.89 -65.54 95.12
N PRO Z 381 -15.93 -66.72 94.50
CA PRO Z 381 -15.38 -66.89 93.14
C PRO Z 381 -16.39 -66.45 92.08
N PRO Z 382 -15.93 -65.73 91.06
CA PRO Z 382 -16.85 -65.30 89.99
C PRO Z 382 -16.46 -65.79 88.60
N ALA Z 383 -17.40 -65.72 87.66
CA ALA Z 383 -17.06 -65.88 86.26
C ALA Z 383 -16.26 -64.68 85.78
N ILE Z 384 -15.27 -64.94 84.93
CA ILE Z 384 -14.26 -63.94 84.57
C ILE Z 384 -14.72 -63.14 83.36
N VAL Z 385 -14.74 -61.81 83.50
CA VAL Z 385 -15.14 -60.94 82.40
C VAL Z 385 -14.16 -61.05 81.24
N GLY Z 386 -14.70 -61.14 80.04
CA GLY Z 386 -13.91 -61.24 78.83
C GLY Z 386 -13.68 -62.67 78.35
N MET Z 387 -13.88 -63.65 79.21
CA MET Z 387 -13.77 -65.06 78.87
C MET Z 387 -15.07 -65.81 79.12
N GLU Z 388 -15.66 -65.66 80.31
CA GLU Z 388 -16.86 -66.38 80.70
C GLU Z 388 -18.05 -65.47 80.91
N ALA Z 389 -17.88 -64.16 80.81
CA ALA Z 389 -18.94 -63.19 81.08
C ALA Z 389 -18.71 -61.97 80.22
N GLU Z 390 -19.80 -61.34 79.80
CA GLU Z 390 -19.74 -60.20 78.90
C GLU Z 390 -20.13 -58.91 79.64
N GLY Z 391 -19.84 -57.79 79.00
CA GLY Z 391 -20.09 -56.49 79.59
C GLY Z 391 -19.21 -55.42 78.98
N THR Z 392 -19.53 -54.18 79.34
CA THR Z 392 -18.83 -53.03 78.79
C THR Z 392 -17.49 -52.80 79.48
N ALA Z 393 -16.46 -52.47 78.69
CA ALA Z 393 -15.21 -51.93 79.19
C ALA Z 393 -14.83 -50.68 78.40
N TYR Z 394 -13.96 -49.86 79.01
CA TYR Z 394 -13.53 -48.59 78.44
C TYR Z 394 -12.02 -48.59 78.24
N ARG Z 395 -11.59 -48.38 77.01
CA ARG Z 395 -10.17 -48.29 76.69
C ARG Z 395 -9.57 -47.03 77.29
N MET Z 396 -8.23 -46.96 77.26
CA MET Z 396 -7.50 -45.92 77.97
C MET Z 396 -7.89 -44.52 77.53
N GLU Z 397 -8.40 -44.34 76.31
CA GLU Z 397 -8.83 -43.02 75.86
C GLU Z 397 -10.36 -42.91 75.77
N GLY Z 398 -11.09 -43.73 76.54
CA GLY Z 398 -12.52 -43.56 76.68
C GLY Z 398 -13.38 -44.35 75.71
N VAL Z 399 -12.79 -45.08 74.78
CA VAL Z 399 -13.57 -45.78 73.76
C VAL Z 399 -14.20 -47.02 74.38
N PRO Z 400 -15.53 -47.14 74.37
CA PRO Z 400 -16.18 -48.30 74.96
C PRO Z 400 -16.24 -49.46 73.98
N ILE Z 401 -15.85 -50.64 74.44
CA ILE Z 401 -15.97 -51.87 73.66
C ILE Z 401 -16.52 -52.94 74.58
N ARG Z 402 -17.49 -53.71 74.10
CA ARG Z 402 -18.17 -54.70 74.93
C ARG Z 402 -17.35 -55.99 74.99
N MET Z 403 -17.04 -56.44 76.20
CA MET Z 403 -16.32 -57.69 76.41
C MET Z 403 -17.21 -58.88 76.03
N LYS Z 404 -16.61 -59.91 75.45
CA LYS Z 404 -17.35 -61.06 74.96
C LYS Z 404 -17.26 -62.26 75.91
N LYS Z 405 -18.32 -63.07 75.88
CA LYS Z 405 -18.35 -64.35 76.57
C LYS Z 405 -17.98 -65.44 75.57
N VAL Z 406 -16.87 -66.13 75.84
CA VAL Z 406 -16.34 -67.11 74.91
C VAL Z 406 -16.71 -68.53 75.32
N VAL Z 407 -16.64 -68.84 76.62
CA VAL Z 407 -17.02 -70.14 77.15
C VAL Z 407 -17.90 -69.98 78.38
N ASP Z 408 -18.58 -71.06 78.72
CA ASP Z 408 -19.51 -71.11 79.84
C ASP Z 408 -18.80 -71.46 81.15
N SER Z 409 -19.40 -71.02 82.26
CA SER Z 409 -18.90 -71.25 83.60
C SER Z 409 -20.06 -71.52 84.54
N ASP Z 410 -19.85 -72.42 85.51
CA ASP Z 410 -20.85 -72.65 86.54
C ASP Z 410 -20.89 -71.52 87.57
N LEU Z 411 -19.82 -70.71 87.65
CA LEU Z 411 -19.76 -69.68 88.65
C LEU Z 411 -20.68 -68.50 88.31
N LEU Z 412 -21.05 -67.77 89.34
CA LEU Z 412 -21.85 -66.57 89.15
C LEU Z 412 -20.97 -65.44 88.67
N SER Z 413 -21.57 -64.50 87.95
CA SER Z 413 -20.84 -63.32 87.49
C SER Z 413 -20.68 -62.33 88.64
N ASP Z 414 -19.72 -61.41 88.49
CA ASP Z 414 -19.52 -60.34 89.48
C ASP Z 414 -20.83 -59.62 89.76
N ARG Z 415 -21.53 -59.21 88.70
CA ARG Z 415 -22.79 -58.50 88.84
C ARG Z 415 -23.78 -59.28 89.68
N GLU Z 416 -23.94 -60.56 89.35
CA GLU Z 416 -24.88 -61.43 90.06
C GLU Z 416 -24.52 -61.51 91.53
N ILE Z 417 -23.24 -61.65 91.83
CA ILE Z 417 -22.79 -61.68 93.22
C ILE Z 417 -23.13 -60.36 93.91
N LEU Z 418 -22.88 -59.24 93.23
CA LEU Z 418 -23.07 -57.93 93.85
C LEU Z 418 -24.54 -57.60 94.03
N GLU Z 419 -25.38 -57.99 93.07
CA GLU Z 419 -26.82 -57.77 93.19
C GLU Z 419 -27.40 -58.58 94.35
N ARG Z 420 -26.86 -59.76 94.61
CA ARG Z 420 -27.28 -60.52 95.79
C ARG Z 420 -26.73 -59.90 97.06
N LEU Z 421 -25.48 -59.41 96.99
CA LEU Z 421 -24.90 -58.74 98.15
C LEU Z 421 -25.68 -57.49 98.50
N LEU Z 422 -26.19 -56.80 97.48
CA LEU Z 422 -26.97 -55.60 97.71
C LEU Z 422 -28.34 -55.93 98.30
N GLU Z 423 -28.98 -56.98 97.79
CA GLU Z 423 -30.29 -57.38 98.32
C GLU Z 423 -30.20 -57.69 99.80
N LYS Z 424 -29.14 -58.32 100.25
CA LYS Z 424 -29.23 -58.68 101.66
C LYS Z 424 -28.65 -57.61 102.57
N VAL Z 425 -27.79 -56.71 102.08
CA VAL Z 425 -27.38 -55.57 102.90
C VAL Z 425 -28.59 -54.76 103.32
N ARG Z 426 -29.56 -54.62 102.40
CA ARG Z 426 -30.79 -53.91 102.72
C ARG Z 426 -31.61 -54.68 103.74
N GLU Z 427 -31.67 -55.99 103.59
CA GLU Z 427 -32.39 -56.81 104.55
C GLU Z 427 -31.89 -56.54 105.97
N TYR Z 428 -30.57 -56.50 106.16
CA TYR Z 428 -30.01 -56.30 107.50
C TYR Z 428 -30.31 -54.91 108.04
N LYS Z 429 -30.18 -53.88 107.21
CA LYS Z 429 -30.39 -52.51 107.66
C LYS Z 429 -31.86 -52.21 107.96
N ALA Z 430 -32.78 -52.96 107.37
CA ALA Z 430 -34.19 -52.82 107.71
C ALA Z 430 -34.50 -53.56 109.00
N SER AA 2 -19.08 -17.83 128.59
CA SER AA 2 -17.92 -17.54 127.74
C SER AA 2 -17.06 -18.77 127.44
N GLU AA 3 -16.64 -19.49 128.49
CA GLU AA 3 -15.80 -20.68 128.33
C GLU AA 3 -16.65 -21.94 128.46
N ILE AA 4 -16.62 -22.76 127.42
CA ILE AA 4 -17.31 -24.05 127.37
C ILE AA 4 -16.24 -25.11 127.19
N ILE AA 5 -16.20 -26.07 128.10
CA ILE AA 5 -15.13 -27.06 128.15
C ILE AA 5 -15.64 -28.33 127.48
N LEU AA 6 -14.89 -28.83 126.50
CA LEU AA 6 -15.15 -30.13 125.90
C LEU AA 6 -14.00 -31.05 126.32
N THR AA 7 -14.31 -32.05 127.13
CA THR AA 7 -13.29 -33.03 127.51
C THR AA 7 -13.54 -34.30 126.72
N PRO AA 8 -12.62 -34.69 125.83
CA PRO AA 8 -12.89 -35.86 124.98
C PRO AA 8 -12.81 -37.16 125.76
N LYS AA 9 -13.76 -38.05 125.48
CA LYS AA 9 -13.63 -39.44 125.88
C LYS AA 9 -12.68 -40.13 124.92
N GLU AA 10 -12.46 -41.43 125.11
CA GLU AA 10 -11.58 -42.18 124.22
C GLU AA 10 -12.06 -42.07 122.78
N GLN AA 11 -11.16 -41.58 121.90
CA GLN AA 11 -11.49 -41.32 120.51
C GLN AA 11 -11.53 -42.61 119.72
N PRO AA 12 -12.46 -42.73 118.78
CA PRO AA 12 -12.63 -43.98 118.03
C PRO AA 12 -11.64 -44.11 116.89
N GLU AA 13 -11.40 -45.37 116.50
CA GLU AA 13 -10.56 -45.65 115.34
C GLU AA 13 -11.18 -45.14 114.06
N VAL AA 14 -12.50 -45.26 113.92
CA VAL AA 14 -13.21 -44.63 112.82
C VAL AA 14 -13.41 -43.17 113.21
N PRO AA 15 -12.89 -42.22 112.43
CA PRO AA 15 -12.83 -40.84 112.91
C PRO AA 15 -14.19 -40.19 113.04
N LEU AA 16 -14.20 -39.08 113.77
CA LEU AA 16 -15.36 -38.23 113.92
C LEU AA 16 -15.25 -37.07 112.95
N GLU AA 17 -16.39 -36.64 112.43
CA GLU AA 17 -16.49 -35.35 111.76
C GLU AA 17 -17.39 -34.45 112.59
N ALA AA 18 -16.89 -33.28 112.95
CA ALA AA 18 -17.57 -32.38 113.88
C ALA AA 18 -17.59 -30.95 113.32
N PRO AA 19 -18.22 -30.75 112.15
CA PRO AA 19 -18.39 -29.37 111.66
C PRO AA 19 -19.09 -28.46 112.66
N ASN AA 20 -20.00 -29.01 113.45
CA ASN AA 20 -20.81 -28.23 114.36
C ASN AA 20 -20.09 -27.79 115.63
N ILE AA 21 -18.85 -28.21 115.84
CA ILE AA 21 -18.07 -27.66 116.95
C ILE AA 21 -17.50 -26.32 116.51
N LYS AA 22 -18.27 -25.25 116.69
CA LYS AA 22 -17.80 -23.90 116.45
C LYS AA 22 -18.67 -22.95 117.24
N PRO AA 23 -18.14 -21.80 117.66
CA PRO AA 23 -18.96 -20.81 118.39
C PRO AA 23 -20.28 -20.48 117.72
N ASP AA 24 -20.33 -20.44 116.39
CA ASP AA 24 -21.58 -20.09 115.71
C ASP AA 24 -22.70 -21.03 116.09
N VAL AA 25 -22.40 -22.32 116.28
CA VAL AA 25 -23.45 -23.24 116.65
C VAL AA 25 -23.64 -23.24 118.16
N PHE AA 26 -22.56 -23.22 118.94
CA PHE AA 26 -22.67 -23.24 120.40
C PHE AA 26 -23.41 -22.04 120.96
N ALA AA 27 -23.49 -20.93 120.22
CA ALA AA 27 -24.13 -19.73 120.73
C ALA AA 27 -25.62 -19.95 120.97
N GLY AA 28 -26.09 -19.43 122.10
CA GLY AA 28 -27.51 -19.46 122.41
C GLY AA 28 -28.08 -20.79 122.85
N LYS AA 29 -27.24 -21.77 123.20
CA LYS AA 29 -27.75 -23.05 123.69
C LYS AA 29 -27.16 -23.42 125.05
N SER AA 30 -28.00 -24.02 125.89
CA SER AA 30 -27.60 -24.57 127.17
C SER AA 30 -26.60 -25.72 126.99
N ILE AA 31 -26.03 -26.14 128.11
CA ILE AA 31 -25.08 -27.26 128.10
C ILE AA 31 -25.74 -28.51 127.54
N GLU AA 32 -27.03 -28.71 127.88
CA GLU AA 32 -27.73 -29.90 127.44
C GLU AA 32 -27.97 -29.91 125.94
N GLU AA 33 -28.32 -28.75 125.37
CA GLU AA 33 -28.51 -28.68 123.92
C GLU AA 33 -27.18 -28.91 123.20
N ILE AA 34 -26.08 -28.44 123.78
CA ILE AA 34 -24.75 -28.70 123.20
C ILE AA 34 -24.43 -30.19 123.24
N LYS AA 35 -24.80 -30.88 124.31
CA LYS AA 35 -24.59 -32.33 124.35
C LYS AA 35 -25.32 -33.04 123.21
N ASN AA 36 -26.40 -32.44 122.71
CA ASN AA 36 -27.26 -33.06 121.70
C ASN AA 36 -26.93 -32.59 120.29
N ILE AA 37 -25.92 -31.74 120.11
CA ILE AA 37 -25.50 -31.33 118.77
C ILE AA 37 -25.08 -32.56 117.98
N GLN AA 38 -25.44 -32.58 116.69
CA GLN AA 38 -25.11 -33.72 115.83
C GLN AA 38 -23.67 -33.66 115.35
N ILE AA 39 -22.99 -34.79 115.42
CA ILE AA 39 -21.69 -35.00 114.79
C ILE AA 39 -21.74 -36.37 114.10
N MET AA 40 -20.76 -36.62 113.24
CA MET AA 40 -20.70 -37.87 112.50
C MET AA 40 -19.65 -38.80 113.09
N HIS AA 41 -19.93 -40.10 113.06
CA HIS AA 41 -19.01 -41.15 113.47
C HIS AA 41 -19.06 -42.21 112.37
N GLY AA 42 -18.20 -42.08 111.37
CA GLY AA 42 -18.31 -42.92 110.19
C GLY AA 42 -19.57 -42.59 109.42
N ASN AA 43 -20.32 -43.62 109.05
CA ASN AA 43 -21.60 -43.46 108.35
C ASN AA 43 -22.78 -43.40 109.30
N GLU AA 44 -22.53 -43.04 110.56
CA GLU AA 44 -23.52 -43.11 111.63
C GLU AA 44 -23.66 -41.74 112.25
N VAL AA 45 -24.90 -41.30 112.45
CA VAL AA 45 -25.18 -40.01 113.06
C VAL AA 45 -25.25 -40.21 114.57
N VAL AA 46 -24.51 -39.39 115.31
CA VAL AA 46 -24.45 -39.49 116.76
C VAL AA 46 -24.53 -38.11 117.39
N LYS AA 47 -24.38 -38.07 118.71
CA LYS AA 47 -24.48 -36.86 119.49
C LYS AA 47 -23.10 -36.50 120.01
N LEU AA 48 -22.81 -35.19 120.09
CA LEU AA 48 -21.52 -34.76 120.61
C LEU AA 48 -21.28 -35.31 122.02
N GLY AA 49 -22.34 -35.39 122.82
CA GLY AA 49 -22.21 -35.95 124.16
C GLY AA 49 -21.69 -37.37 124.18
N ASP AA 50 -21.94 -38.11 123.09
CA ASP AA 50 -21.47 -39.50 123.01
C ASP AA 50 -19.95 -39.60 123.03
N PHE AA 51 -19.23 -38.52 122.72
CA PHE AA 51 -17.77 -38.58 122.73
C PHE AA 51 -17.11 -37.47 123.53
N PHE AA 52 -17.86 -36.57 124.15
CA PHE AA 52 -17.28 -35.49 124.92
C PHE AA 52 -18.11 -35.23 126.17
N GLU AA 53 -17.45 -35.04 127.30
CA GLU AA 53 -18.09 -34.40 128.43
C GLU AA 53 -18.19 -32.90 128.14
N VAL AA 54 -19.24 -32.25 128.67
CA VAL AA 54 -19.46 -30.84 128.38
C VAL AA 54 -19.75 -30.12 129.69
N SER AA 55 -18.95 -29.10 129.99
CA SER AA 55 -19.18 -28.22 131.13
C SER AA 55 -18.99 -26.77 130.66
N GLY AA 56 -19.25 -25.82 131.55
CA GLY AA 56 -19.00 -24.42 131.28
C GLY AA 56 -20.29 -23.60 131.26
N GLU AA 57 -20.13 -22.33 130.87
CA GLU AA 57 -21.19 -21.32 130.87
C GLU AA 57 -21.63 -20.99 129.46
N PRO AA 58 -22.93 -21.01 129.18
CA PRO AA 58 -23.42 -20.63 127.85
C PRO AA 58 -23.18 -19.16 127.55
N ALA AA 59 -23.50 -18.78 126.32
CA ALA AA 59 -23.46 -17.39 125.89
C ALA AA 59 -24.33 -17.26 124.65
N ASP AA 60 -24.87 -16.06 124.43
CA ASP AA 60 -25.79 -15.88 123.31
C ASP AA 60 -25.10 -15.47 122.01
N ALA AA 61 -23.94 -14.84 122.09
CA ALA AA 61 -23.30 -14.42 120.86
C ALA AA 61 -21.99 -15.17 120.64
N PRO AA 62 -21.70 -15.59 119.40
CA PRO AA 62 -20.45 -16.33 119.16
C PRO AA 62 -19.21 -15.51 119.40
N GLU AA 63 -19.29 -14.18 119.38
CA GLU AA 63 -18.16 -13.34 119.74
C GLU AA 63 -17.58 -13.75 121.09
N ASP AA 64 -18.44 -14.00 122.06
CA ASP AA 64 -18.05 -14.13 123.45
C ASP AA 64 -17.85 -15.58 123.89
N ILE AA 65 -17.90 -16.53 122.96
CA ILE AA 65 -17.81 -17.94 123.31
C ILE AA 65 -16.38 -18.40 123.05
N LYS AA 66 -15.82 -19.11 124.02
CA LYS AA 66 -14.48 -19.69 123.93
C LYS AA 66 -14.65 -21.18 124.17
N ILE AA 67 -14.43 -21.98 123.12
CA ILE AA 67 -14.49 -23.42 123.26
C ILE AA 67 -13.10 -23.93 123.59
N ILE AA 68 -13.01 -24.73 124.65
CA ILE AA 68 -11.76 -25.39 125.03
C ILE AA 68 -11.98 -26.89 124.93
N ILE AA 69 -11.18 -27.54 124.11
CA ILE AA 69 -11.17 -28.99 124.01
C ILE AA 69 -9.98 -29.45 124.86
N ASP AA 70 -10.28 -29.90 126.07
CA ASP AA 70 -9.27 -30.18 127.08
C ASP AA 70 -8.82 -31.64 126.95
N GLY AA 71 -8.13 -31.90 125.84
CA GLY AA 71 -7.66 -33.25 125.57
C GLY AA 71 -7.37 -33.45 124.10
N ASP AA 72 -6.67 -34.54 123.83
CA ASP AA 72 -6.29 -34.87 122.46
C ASP AA 72 -7.51 -35.29 121.66
N VAL AA 73 -7.64 -34.75 120.45
CA VAL AA 73 -8.72 -35.14 119.55
C VAL AA 73 -8.14 -35.44 118.16
N TYR AA 74 -7.13 -36.31 118.12
CA TYR AA 74 -6.39 -36.55 116.88
C TYR AA 74 -7.26 -37.10 115.76
N ASN AA 75 -8.40 -37.71 116.08
CA ASN AA 75 -9.26 -38.37 115.10
C ASN AA 75 -10.60 -37.67 114.94
N THR AA 76 -10.65 -36.36 115.18
CA THR AA 76 -11.83 -35.55 114.92
C THR AA 76 -11.51 -34.56 113.80
N LYS AA 77 -12.36 -34.52 112.78
CA LYS AA 77 -12.13 -33.69 111.61
C LYS AA 77 -13.06 -32.48 111.64
N ARG AA 78 -12.66 -31.44 110.90
CA ARG AA 78 -13.52 -30.31 110.55
C ARG AA 78 -13.91 -29.46 111.77
N ILE AA 79 -13.08 -29.44 112.81
CA ILE AA 79 -13.36 -28.58 113.96
C ILE AA 79 -13.24 -27.13 113.55
N GLY AA 80 -14.22 -26.31 113.92
CA GLY AA 80 -14.19 -24.91 113.57
C GLY AA 80 -14.49 -24.60 112.13
N GLN AA 81 -14.90 -25.60 111.35
CA GLN AA 81 -15.19 -25.39 109.93
C GLN AA 81 -16.23 -24.28 109.76
N GLU AA 82 -15.89 -23.27 108.96
CA GLU AA 82 -16.79 -22.18 108.63
C GLU AA 82 -17.19 -21.35 109.85
N MET AA 83 -16.28 -21.25 110.83
CA MET AA 83 -16.47 -20.40 111.98
C MET AA 83 -16.45 -18.93 111.55
N THR AA 84 -17.34 -18.12 112.16
CA THR AA 84 -17.34 -16.70 111.86
C THR AA 84 -16.81 -15.81 112.98
N ALA AA 85 -16.78 -16.29 114.22
CA ALA AA 85 -16.41 -15.45 115.35
C ALA AA 85 -16.15 -16.37 116.54
N GLY AA 86 -15.52 -15.81 117.56
CA GLY AA 86 -15.22 -16.59 118.75
C GLY AA 86 -13.83 -17.20 118.68
N GLU AA 87 -13.62 -18.17 119.58
CA GLU AA 87 -12.31 -18.76 119.75
C GLU AA 87 -12.44 -20.24 120.07
N ILE AA 88 -11.50 -21.03 119.56
CA ILE AA 88 -11.38 -22.45 119.88
C ILE AA 88 -9.94 -22.71 120.30
N ILE AA 89 -9.76 -23.43 121.39
CA ILE AA 89 -8.44 -23.88 121.84
C ILE AA 89 -8.47 -25.39 121.99
N VAL AA 90 -7.53 -26.06 121.35
CA VAL AA 90 -7.43 -27.52 121.39
C VAL AA 90 -6.13 -27.87 122.07
N ARG AA 91 -6.22 -28.51 123.23
CA ARG AA 91 -5.05 -28.86 124.01
C ARG AA 91 -4.61 -30.27 123.62
N GLY AA 92 -4.13 -30.37 122.40
CA GLY AA 92 -3.78 -31.64 121.82
C GLY AA 92 -3.86 -31.56 120.32
N ASN AA 93 -3.87 -32.74 119.69
CA ASN AA 93 -3.84 -32.82 118.24
C ASN AA 93 -5.25 -32.83 117.65
N VAL AA 94 -5.33 -32.45 116.38
CA VAL AA 94 -6.57 -32.52 115.62
C VAL AA 94 -6.28 -33.27 114.33
N ASN AA 95 -7.36 -33.67 113.65
CA ASN AA 95 -7.24 -34.34 112.36
C ASN AA 95 -7.36 -33.32 111.22
N MET AA 96 -8.00 -33.71 110.13
CA MET AA 96 -8.00 -32.89 108.93
C MET AA 96 -9.03 -31.77 109.01
N TYR AA 97 -8.85 -30.76 108.16
CA TYR AA 97 -9.81 -29.69 107.88
C TYR AA 97 -10.08 -28.75 109.06
N VAL AA 98 -9.18 -28.63 110.04
CA VAL AA 98 -9.45 -27.68 111.12
C VAL AA 98 -9.51 -26.27 110.54
N GLY AA 99 -10.62 -25.58 110.80
CA GLY AA 99 -10.80 -24.24 110.31
C GLY AA 99 -11.04 -24.10 108.83
N ALA AA 100 -11.39 -25.18 108.13
CA ALA AA 100 -11.68 -25.07 106.71
C ALA AA 100 -12.86 -24.12 106.48
N GLY AA 101 -12.72 -23.22 105.51
CA GLY AA 101 -13.78 -22.28 105.21
C GLY AA 101 -13.95 -21.17 106.24
N MET AA 102 -12.99 -21.00 107.12
CA MET AA 102 -13.07 -20.05 108.22
C MET AA 102 -13.21 -18.61 107.72
N LYS AA 103 -14.07 -17.84 108.38
CA LYS AA 103 -14.32 -16.45 108.01
C LYS AA 103 -13.89 -15.45 109.08
N GLY AA 104 -13.94 -15.83 110.35
CA GLY AA 104 -13.48 -14.96 111.42
C GLY AA 104 -13.29 -15.76 112.68
N GLY AA 105 -12.75 -15.10 113.70
CA GLY AA 105 -12.45 -15.76 114.96
C GLY AA 105 -11.02 -16.28 114.99
N LYS AA 106 -10.77 -17.20 115.92
CA LYS AA 106 -9.42 -17.75 116.06
C LYS AA 106 -9.47 -19.20 116.55
N ILE AA 107 -8.58 -20.02 115.99
CA ILE AA 107 -8.34 -21.40 116.43
C ILE AA 107 -6.90 -21.51 116.88
N THR AA 108 -6.70 -22.13 118.04
CA THR AA 108 -5.36 -22.47 118.51
C THR AA 108 -5.30 -23.97 118.71
N VAL AA 109 -4.41 -24.64 117.98
CA VAL AA 109 -4.14 -26.06 118.15
C VAL AA 109 -2.78 -26.16 118.83
N GLU AA 110 -2.77 -26.74 120.02
CA GLU AA 110 -1.54 -26.77 120.80
C GLU AA 110 -0.65 -27.96 120.45
N GLY AA 111 -1.18 -28.91 119.67
CA GLY AA 111 -0.37 -29.98 119.13
C GLY AA 111 -0.35 -29.93 117.61
N ASN AA 112 -0.42 -31.09 116.97
CA ASN AA 112 -0.34 -31.19 115.52
C ASN AA 112 -1.71 -31.08 114.86
N ALA AA 113 -1.70 -30.72 113.58
CA ALA AA 113 -2.88 -30.73 112.74
C ALA AA 113 -2.63 -31.58 111.51
N GLY AA 114 -3.69 -32.21 111.02
CA GLY AA 114 -3.62 -33.00 109.81
C GLY AA 114 -3.71 -32.11 108.58
N SER AA 115 -4.01 -32.74 107.44
CA SER AA 115 -4.01 -32.00 106.18
C SER AA 115 -5.23 -31.09 106.07
N TRP AA 116 -5.10 -30.09 105.21
CA TRP AA 116 -6.16 -29.15 104.86
C TRP AA 116 -6.58 -28.26 106.03
N ALA AA 117 -5.64 -27.97 106.93
CA ALA AA 117 -5.85 -26.95 107.94
C ALA AA 117 -6.00 -25.59 107.25
N GLY AA 118 -7.15 -24.95 107.44
CA GLY AA 118 -7.38 -23.68 106.79
C GLY AA 118 -7.69 -23.75 105.32
N GLN AA 119 -8.16 -24.88 104.82
CA GLN AA 119 -8.60 -24.97 103.43
C GLN AA 119 -9.65 -23.91 103.15
N ASP AA 120 -9.49 -23.21 102.02
CA ASP AA 120 -10.46 -22.22 101.57
C ASP AA 120 -10.73 -21.16 102.65
N MET AA 121 -9.68 -20.79 103.39
CA MET AA 121 -9.81 -19.80 104.43
C MET AA 121 -10.17 -18.43 103.85
N ARG AA 122 -11.12 -17.74 104.50
CA ARG AA 122 -11.53 -16.40 104.09
C ARG AA 122 -11.18 -15.31 105.09
N GLY AA 123 -11.10 -15.65 106.37
CA GLY AA 123 -10.75 -14.66 107.38
C GLY AA 123 -10.48 -15.34 108.70
N GLY AA 124 -9.97 -14.55 109.64
CA GLY AA 124 -9.64 -15.04 110.95
C GLY AA 124 -8.18 -15.44 111.09
N GLU AA 125 -7.91 -16.22 112.14
CA GLU AA 125 -6.56 -16.68 112.44
C GLU AA 125 -6.58 -18.16 112.80
N ILE AA 126 -5.56 -18.88 112.36
CA ILE AA 126 -5.32 -20.25 112.81
C ILE AA 126 -3.88 -20.31 113.32
N GLU AA 127 -3.70 -20.80 114.53
CA GLU AA 127 -2.37 -20.99 115.09
C GLU AA 127 -2.21 -22.44 115.51
N ILE AA 128 -1.18 -23.09 114.97
CA ILE AA 128 -0.87 -24.48 115.21
C ILE AA 128 0.52 -24.52 115.82
N LEU AA 129 0.60 -24.93 117.09
CA LEU AA 129 1.87 -24.90 117.80
C LEU AA 129 2.79 -26.05 117.42
N GLY AA 130 2.24 -27.15 116.90
CA GLY AA 130 3.00 -28.31 116.48
C GLY AA 130 3.20 -28.36 114.98
N ASP AA 131 3.19 -29.57 114.42
CA ASP AA 131 3.37 -29.76 112.99
C ASP AA 131 2.03 -29.78 112.28
N ALA AA 132 2.08 -29.50 110.99
CA ALA AA 132 0.90 -29.55 110.12
C ALA AA 132 1.14 -30.55 108.99
N GLY AA 133 0.06 -30.94 108.33
CA GLY AA 133 0.12 -31.89 107.23
C GLY AA 133 0.28 -31.20 105.91
N ASP AA 134 -0.21 -31.84 104.86
CA ASP AA 134 -0.22 -31.24 103.53
C ASP AA 134 -1.37 -30.24 103.39
N TYR AA 135 -1.24 -29.37 102.39
CA TYR AA 135 -2.33 -28.52 101.93
C TYR AA 135 -2.77 -27.52 103.01
N VAL AA 136 -1.81 -26.96 103.74
CA VAL AA 136 -2.13 -25.84 104.62
C VAL AA 136 -2.64 -24.69 103.78
N GLY AA 137 -3.83 -24.19 104.12
CA GLY AA 137 -4.40 -23.07 103.39
C GLY AA 137 -4.58 -23.35 101.91
N SER AA 138 -5.01 -24.56 101.56
CA SER AA 138 -5.11 -24.96 100.17
C SER AA 138 -6.51 -24.64 99.63
N SER AA 139 -6.70 -24.97 98.35
CA SER AA 139 -8.00 -24.93 97.71
C SER AA 139 -8.62 -26.32 97.74
N TYR AA 140 -9.79 -26.46 97.11
CA TYR AA 140 -10.42 -27.76 96.94
C TYR AA 140 -10.14 -28.30 95.55
N ARG AA 141 -10.14 -29.63 95.43
CA ARG AA 141 -9.93 -30.32 94.17
C ARG AA 141 -10.70 -29.67 93.04
N GLY AA 142 -10.00 -29.36 91.95
CA GLY AA 142 -10.61 -28.83 90.76
C GLY AA 142 -10.84 -27.34 90.75
N ASP AA 143 -10.92 -26.71 91.92
CA ASP AA 143 -11.20 -25.28 91.97
C ASP AA 143 -9.91 -24.48 91.76
N TRP AA 144 -10.01 -23.42 90.97
CA TRP AA 144 -8.87 -22.54 90.72
C TRP AA 144 -8.86 -21.33 91.63
N ARG AA 145 -9.86 -21.19 92.49
CA ARG AA 145 -9.96 -20.12 93.46
C ARG AA 145 -9.83 -20.73 94.85
N GLY AA 146 -8.76 -20.40 95.55
CA GLY AA 146 -8.52 -20.97 96.86
C GLY AA 146 -8.68 -20.01 98.02
N MET AA 147 -7.79 -20.13 99.01
CA MET AA 147 -7.78 -19.24 100.17
C MET AA 147 -7.73 -17.79 99.74
N SER AA 148 -8.62 -16.97 100.31
CA SER AA 148 -8.69 -15.57 99.95
C SER AA 148 -8.38 -14.61 101.09
N GLY AA 149 -8.35 -15.08 102.33
CA GLY AA 149 -8.05 -14.19 103.44
C GLY AA 149 -7.74 -14.98 104.69
N GLY AA 150 -7.24 -14.27 105.69
CA GLY AA 150 -6.90 -14.85 106.98
C GLY AA 150 -5.40 -15.02 107.14
N THR AA 151 -5.03 -15.58 108.29
CA THR AA 151 -3.64 -15.85 108.65
C THR AA 151 -3.52 -17.22 109.28
N ILE AA 152 -2.59 -18.03 108.76
CA ILE AA 152 -2.29 -19.33 109.33
C ILE AA 152 -0.84 -19.32 109.78
N THR AA 153 -0.61 -19.75 111.01
CA THR AA 153 0.73 -19.77 111.60
C THR AA 153 1.00 -21.18 112.09
N VAL AA 154 2.02 -21.83 111.53
CA VAL AA 154 2.46 -23.15 111.96
C VAL AA 154 3.83 -23.00 112.59
N HIS AA 155 3.93 -23.30 113.89
CA HIS AA 155 5.19 -23.15 114.60
C HIS AA 155 6.15 -24.29 114.29
N GLY AA 156 5.65 -25.45 113.92
CA GLY AA 156 6.48 -26.59 113.56
C GLY AA 156 6.69 -26.69 112.07
N ASN AA 157 6.72 -27.92 111.57
CA ASN AA 157 6.92 -28.19 110.16
C ASN AA 157 5.59 -28.45 109.48
N ALA AA 158 5.54 -28.17 108.18
CA ALA AA 158 4.44 -28.55 107.30
C ALA AA 158 4.99 -29.43 106.18
N ASP AA 159 4.08 -29.99 105.38
CA ASP AA 159 4.50 -30.92 104.34
C ASP AA 159 4.39 -30.32 102.94
N ASN AA 160 3.51 -30.86 102.10
CA ASN AA 160 3.46 -30.49 100.69
C ASN AA 160 2.33 -29.51 100.38
N GLU AA 161 2.58 -28.70 99.34
CA GLU AA 161 1.55 -27.89 98.67
C GLU AA 161 0.79 -26.96 99.62
N ILE AA 162 1.50 -26.34 100.55
CA ILE AA 162 0.86 -25.33 101.37
C ILE AA 162 0.55 -24.12 100.50
N GLY AA 163 -0.62 -23.53 100.71
CA GLY AA 163 -1.04 -22.40 99.90
C GLY AA 163 -1.37 -22.73 98.46
N GLU AA 164 -1.69 -24.00 98.17
CA GLU AA 164 -2.11 -24.39 96.83
C GLU AA 164 -3.23 -23.50 96.33
N TYR AA 165 -3.01 -22.87 95.17
CA TYR AA 165 -3.97 -21.94 94.57
C TYR AA 165 -4.31 -20.79 95.52
N MET AA 166 -3.36 -20.35 96.35
CA MET AA 166 -3.65 -19.24 97.25
C MET AA 166 -4.06 -18.01 96.47
N ASN AA 167 -4.99 -17.25 97.03
CA ASN AA 167 -5.56 -16.08 96.38
C ASN AA 167 -5.79 -14.97 97.37
N GLY AA 168 -4.89 -14.84 98.36
CA GLY AA 168 -5.07 -13.87 99.41
C GLY AA 168 -4.73 -14.44 100.77
N GLY AA 169 -4.57 -13.57 101.76
CA GLY AA 169 -4.27 -14.04 103.10
C GLY AA 169 -2.78 -14.24 103.29
N LYS AA 170 -2.43 -14.97 104.34
CA LYS AA 170 -1.04 -15.12 104.72
C LYS AA 170 -0.81 -16.42 105.46
N ILE AA 171 0.23 -17.16 105.06
CA ILE AA 171 0.67 -18.39 105.72
C ILE AA 171 2.09 -18.17 106.23
N ILE AA 172 2.33 -18.56 107.49
CA ILE AA 172 3.66 -18.52 108.08
C ILE AA 172 3.98 -19.89 108.63
N ILE AA 173 5.06 -20.50 108.12
CA ILE AA 173 5.60 -21.75 108.64
C ILE AA 173 6.92 -21.41 109.32
N LYS AA 174 6.97 -21.54 110.64
CA LYS AA 174 8.22 -21.26 111.34
C LYS AA 174 9.24 -22.36 111.14
N GLY AA 175 8.81 -23.57 110.84
CA GLY AA 175 9.70 -24.70 110.59
C GLY AA 175 9.99 -24.91 109.13
N ASP AA 176 10.20 -26.17 108.77
CA ASP AA 176 10.51 -26.57 107.40
C ASP AA 176 9.25 -27.05 106.68
N VAL AA 177 9.29 -26.95 105.35
CA VAL AA 177 8.29 -27.56 104.49
C VAL AA 177 9.00 -28.54 103.56
N ASN AA 178 8.19 -29.36 102.88
CA ASN AA 178 8.72 -30.37 101.96
C ASN AA 178 8.79 -29.80 100.54
N ILE AA 179 7.85 -30.16 99.66
CA ILE AA 179 7.93 -29.73 98.27
C ILE AA 179 6.66 -28.99 97.88
N MET AA 180 6.80 -28.16 96.84
CA MET AA 180 5.74 -27.43 96.16
C MET AA 180 4.97 -26.45 97.06
N PRO AA 181 5.61 -25.69 97.95
CA PRO AA 181 4.88 -24.61 98.62
C PRO AA 181 4.52 -23.52 97.62
N GLY AA 182 3.29 -23.05 97.69
CA GLY AA 182 2.85 -22.02 96.78
C GLY AA 182 2.54 -22.49 95.38
N ILE AA 183 2.33 -23.79 95.18
CA ILE AA 183 1.99 -24.32 93.86
C ILE AA 183 0.72 -23.63 93.35
N HIS AA 184 0.77 -23.14 92.12
CA HIS AA 184 -0.35 -22.42 91.49
C HIS AA 184 -0.79 -21.19 92.27
N MET AA 185 0.11 -20.56 93.03
CA MET AA 185 -0.27 -19.37 93.78
C MET AA 185 -0.68 -18.25 92.82
N ASN AA 186 -1.73 -17.53 93.20
CA ASN AA 186 -2.20 -16.35 92.49
C ASN AA 186 -1.98 -15.06 93.25
N ASN AA 187 -2.14 -15.09 94.57
CA ASN AA 187 -2.00 -13.91 95.40
C ASN AA 187 -1.80 -14.35 96.84
N GLY AA 188 -1.39 -13.41 97.67
CA GLY AA 188 -1.14 -13.67 99.07
C GLY AA 188 0.34 -13.63 99.39
N LEU AA 189 0.66 -14.10 100.60
CA LEU AA 189 2.02 -14.10 101.11
C LEU AA 189 2.30 -15.40 101.85
N ILE AA 190 3.39 -16.07 101.47
CA ILE AA 190 3.88 -17.23 102.21
C ILE AA 190 5.27 -16.92 102.74
N ILE AA 191 5.46 -17.14 104.03
CA ILE AA 191 6.76 -17.01 104.68
C ILE AA 191 7.12 -18.34 105.28
N ILE AA 192 8.20 -18.94 104.78
CA ILE AA 192 8.76 -20.17 105.35
C ILE AA 192 10.06 -19.77 106.03
N GLU AA 193 10.10 -19.91 107.35
CA GLU AA 193 11.26 -19.49 108.11
C GLU AA 193 12.37 -20.52 108.08
N GLY AA 194 12.04 -21.78 107.83
CA GLY AA 194 13.00 -22.86 107.68
C GLY AA 194 13.33 -23.16 106.24
N ASN AA 195 13.46 -24.44 105.94
CA ASN AA 195 13.97 -24.88 104.64
C ASN AA 195 12.85 -25.35 103.72
N VAL AA 196 13.20 -25.49 102.45
CA VAL AA 196 12.33 -26.01 101.40
C VAL AA 196 13.12 -27.02 100.60
N VAL AA 197 12.53 -28.21 100.39
CA VAL AA 197 13.25 -29.25 99.66
C VAL AA 197 13.27 -28.93 98.17
N ALA AA 198 12.12 -28.56 97.60
CA ALA AA 198 12.06 -28.34 96.16
C ALA AA 198 10.77 -27.65 95.76
N ARG AA 199 10.82 -27.01 94.59
CA ARG AA 199 9.66 -26.55 93.83
C ARG AA 199 8.85 -25.47 94.55
N ALA AA 200 9.52 -24.60 95.30
CA ALA AA 200 8.86 -23.41 95.82
C ALA AA 200 8.32 -22.57 94.66
N GLY AA 201 7.03 -22.27 94.72
CA GLY AA 201 6.42 -21.43 93.70
C GLY AA 201 6.14 -22.09 92.37
N GLY AA 202 6.14 -23.41 92.33
CA GLY AA 202 5.81 -24.14 91.11
C GLY AA 202 4.53 -23.65 90.47
N GLU AA 203 4.64 -23.13 89.24
CA GLU AA 203 3.49 -22.71 88.45
C GLU AA 203 2.72 -21.57 89.10
N MET AA 204 3.38 -20.75 89.90
CA MET AA 204 2.69 -19.61 90.49
C MET AA 204 2.48 -18.53 89.42
N ALA AA 205 1.34 -17.83 89.53
CA ALA AA 205 1.05 -16.70 88.66
C ALA AA 205 1.22 -15.36 89.35
N GLY AA 206 1.05 -15.33 90.67
CA GLY AA 206 1.25 -14.12 91.43
C GLY AA 206 1.46 -14.46 92.88
N GLY AA 207 1.49 -13.43 93.72
CA GLY AA 207 1.77 -13.60 95.12
C GLY AA 207 3.26 -13.55 95.41
N THR AA 208 3.60 -13.82 96.67
CA THR AA 208 4.96 -13.66 97.16
C THR AA 208 5.29 -14.80 98.12
N ILE AA 209 6.42 -15.45 97.89
CA ILE AA 209 6.94 -16.50 98.77
C ILE AA 209 8.27 -16.05 99.31
N VAL AA 210 8.42 -16.11 100.64
CA VAL AA 210 9.66 -15.79 101.31
C VAL AA 210 10.20 -17.05 101.96
N VAL AA 211 11.47 -17.34 101.71
CA VAL AA 211 12.16 -18.46 102.34
C VAL AA 211 13.39 -17.91 103.05
N LYS AA 212 13.40 -18.01 104.37
CA LYS AA 212 14.55 -17.55 105.15
C LYS AA 212 15.62 -18.61 105.35
N GLY AA 213 15.28 -19.89 105.16
CA GLY AA 213 16.23 -20.97 105.22
C GLY AA 213 16.75 -21.32 103.84
N MET AA 214 16.99 -22.60 103.63
CA MET AA 214 17.65 -23.06 102.41
C MET AA 214 16.65 -23.82 101.53
N MET AA 215 16.58 -23.42 100.26
CA MET AA 215 15.94 -24.20 99.22
C MET AA 215 17.01 -25.10 98.62
N GLN AA 216 16.86 -26.41 98.79
CA GLN AA 216 17.86 -27.32 98.26
C GLN AA 216 17.82 -27.34 96.73
N GLU AA 217 16.62 -27.24 96.16
CA GLU AA 217 16.44 -27.15 94.73
C GLU AA 217 15.47 -26.02 94.42
N PHE AA 218 15.53 -25.54 93.18
CA PHE AA 218 14.62 -24.51 92.70
C PHE AA 218 14.23 -24.87 91.27
N LEU AA 219 13.75 -23.89 90.51
CA LEU AA 219 13.06 -24.12 89.25
C LEU AA 219 13.60 -23.21 88.18
N ALA AA 220 13.81 -23.77 86.98
CA ALA AA 220 14.47 -23.05 85.90
C ALA AA 220 13.58 -22.03 85.20
N GLY AA 221 12.27 -22.04 85.46
CA GLY AA 221 11.37 -21.08 84.86
C GLY AA 221 11.30 -19.73 85.52
N PHE AA 222 12.11 -19.50 86.56
CA PHE AA 222 12.17 -18.22 87.24
C PHE AA 222 13.35 -17.42 86.71
N LYS AA 223 13.15 -16.12 86.49
CA LYS AA 223 14.28 -15.27 86.18
C LYS AA 223 14.77 -14.57 87.44
N TYR AA 224 16.09 -14.53 87.57
CA TYR AA 224 16.76 -13.88 88.67
C TYR AA 224 16.80 -12.37 88.45
N LEU AA 225 16.33 -11.61 89.44
CA LEU AA 225 16.30 -10.15 89.35
C LEU AA 225 17.38 -9.47 90.17
N GLY AA 226 18.07 -10.21 91.04
CA GLY AA 226 19.11 -9.64 91.86
C GLY AA 226 18.81 -9.82 93.34
N VAL AA 227 19.24 -8.85 94.13
CA VAL AA 227 19.11 -8.91 95.57
C VAL AA 227 18.29 -7.72 96.03
N GLU AA 228 17.40 -7.96 96.98
CA GLU AA 228 16.70 -6.92 97.70
C GLU AA 228 16.98 -7.08 99.19
N LYS AA 229 17.20 -5.94 99.82
CA LYS AA 229 17.41 -5.78 101.24
C LYS AA 229 16.13 -5.15 101.77
N ASP AA 230 15.97 -5.16 103.09
CA ASP AA 230 14.98 -4.30 103.76
C ASP AA 230 13.55 -4.46 103.24
N ILE AA 231 13.12 -5.62 102.85
CA ILE AA 231 11.79 -5.65 102.25
C ILE AA 231 10.72 -5.75 103.32
N GLU AA 232 9.58 -5.12 103.04
CA GLU AA 232 8.38 -5.21 103.86
C GLU AA 232 7.25 -5.71 102.95
N VAL AA 233 6.60 -6.81 103.32
CA VAL AA 233 5.57 -7.38 102.47
C VAL AA 233 4.32 -7.66 103.29
N ASP AA 234 3.19 -7.09 102.83
CA ASP AA 234 1.87 -7.25 103.43
C ASP AA 234 1.86 -7.05 104.95
N GLY AA 235 2.48 -5.96 105.39
CA GLY AA 235 2.55 -5.59 106.79
C GLY AA 235 3.60 -6.32 107.60
N GLU AA 236 4.46 -7.10 106.96
CA GLU AA 236 5.53 -7.81 107.63
C GLU AA 236 6.86 -7.33 107.07
N GLU AA 237 7.76 -6.88 107.94
CA GLU AA 237 9.04 -6.31 107.53
C GLU AA 237 10.15 -7.33 107.76
N LEU AA 238 10.91 -7.63 106.70
CA LEU AA 238 11.89 -8.70 106.77
C LEU AA 238 13.29 -8.13 106.80
N PRO AA 239 14.09 -8.47 107.81
CA PRO AA 239 15.48 -8.01 107.83
C PRO AA 239 16.37 -8.95 107.02
N GLY AA 240 17.50 -8.39 106.56
CA GLY AA 240 18.46 -9.16 105.80
C GLY AA 240 18.27 -9.00 104.30
N ALA AA 241 19.12 -9.70 103.56
CA ALA AA 241 19.11 -9.66 102.11
C ALA AA 241 18.51 -10.93 101.53
N PHE AA 242 17.84 -10.78 100.40
CA PHE AA 242 17.19 -11.90 99.73
C PHE AA 242 17.50 -11.88 98.24
N TYR AA 243 17.85 -13.05 97.70
CA TYR AA 243 17.82 -13.22 96.26
C TYR AA 243 16.39 -13.11 95.77
N LYS AA 244 16.19 -12.38 94.67
CA LYS AA 244 14.86 -12.09 94.17
C LYS AA 244 14.65 -12.79 92.83
N PHE AA 245 13.55 -13.55 92.74
CA PHE AA 245 13.20 -14.27 91.53
C PHE AA 245 11.77 -13.94 91.12
N GLU AA 246 11.55 -13.88 89.81
CA GLU AA 246 10.22 -13.67 89.25
C GLU AA 246 9.86 -14.87 88.37
N GLY AA 247 8.65 -15.40 88.57
CA GLY AA 247 8.14 -16.51 87.78
C GLY AA 247 6.72 -16.79 88.23
N ASP AA 248 6.19 -17.98 87.96
CA ASP AA 248 6.86 -19.04 87.21
C ASP AA 248 6.56 -18.89 85.72
N HIS AA 249 7.59 -18.62 84.93
CA HIS AA 249 7.37 -18.28 83.52
C HIS AA 249 7.01 -19.47 82.65
N ALA AA 250 6.84 -20.66 83.23
CA ALA AA 250 6.08 -21.70 82.56
C ALA AA 250 4.61 -21.32 82.45
N ILE AA 251 4.17 -20.34 83.25
CA ILE AA 251 2.81 -19.82 83.22
C ILE AA 251 2.82 -18.51 82.45
N LYS AA 252 1.78 -18.27 81.66
CA LYS AA 252 1.70 -17.03 80.90
C LYS AA 252 1.42 -15.85 81.82
N GLY AA 253 2.14 -14.75 81.59
CA GLY AA 253 1.94 -13.53 82.35
C GLY AA 253 2.28 -13.61 83.81
N ALA AA 254 3.17 -14.52 84.20
CA ALA AA 254 3.43 -14.76 85.61
C ALA AA 254 4.16 -13.57 86.24
N LYS AA 255 3.67 -13.14 87.41
CA LYS AA 255 4.29 -12.05 88.14
C LYS AA 255 4.60 -12.44 89.58
N GLY AA 256 4.70 -13.73 89.87
CA GLY AA 256 5.01 -14.15 91.22
C GLY AA 256 6.45 -13.86 91.58
N ILE AA 257 6.71 -13.80 92.89
CA ILE AA 257 8.01 -13.45 93.42
C ILE AA 257 8.40 -14.46 94.49
N VAL AA 258 9.58 -15.05 94.35
CA VAL AA 258 10.23 -15.82 95.41
C VAL AA 258 11.40 -15.01 95.93
N TYR AA 259 11.42 -14.76 97.24
CA TYR AA 259 12.57 -14.21 97.92
C TYR AA 259 13.27 -15.34 98.68
N ALA AA 260 14.57 -15.50 98.45
CA ALA AA 260 15.37 -16.51 99.13
C ALA AA 260 16.56 -15.84 99.78
N ALA AA 261 16.75 -16.11 101.08
CA ALA AA 261 17.77 -15.44 101.88
C ALA AA 261 19.18 -15.69 101.35
N VAL AA 262 19.99 -14.63 101.29
CA VAL AA 262 21.28 -14.74 100.63
C VAL AA 262 22.19 -15.73 101.36
N GLY AA 263 22.15 -15.73 102.69
CA GLY AA 263 23.07 -16.55 103.48
C GLY AA 263 23.07 -18.03 103.16
N CYS AA 264 21.92 -18.60 102.80
CA CYS AA 264 21.80 -20.04 102.63
C CYS AA 264 21.40 -20.42 101.21
N ASN AA 265 21.51 -19.51 100.25
CA ASN AA 265 20.93 -19.78 98.95
C ASN AA 265 21.88 -19.40 97.80
N GLY AA 266 23.18 -19.40 98.04
CA GLY AA 266 24.14 -19.06 97.00
C GLY AA 266 24.10 -20.00 95.81
N HIS AA 267 23.82 -21.27 96.05
CA HIS AA 267 23.68 -22.27 94.99
C HIS AA 267 22.43 -22.09 94.15
N ILE AA 268 21.47 -21.30 94.62
CA ILE AA 268 20.25 -21.06 93.85
C ILE AA 268 20.48 -19.97 92.80
N ALA AA 269 21.37 -19.01 93.08
CA ALA AA 269 21.67 -17.93 92.14
C ALA AA 269 22.70 -18.37 91.10
N MET BA 1 25.25 -51.17 100.81
CA MET BA 1 25.34 -50.15 99.77
C MET BA 1 24.04 -49.41 99.58
N ARG BA 2 24.10 -48.08 99.68
CA ARG BA 2 22.93 -47.25 99.45
C ARG BA 2 22.63 -47.17 97.96
N VAL BA 3 21.37 -47.43 97.60
CA VAL BA 3 20.93 -47.38 96.21
C VAL BA 3 19.53 -46.79 96.15
N ILE BA 4 19.10 -46.47 94.93
CA ILE BA 4 17.77 -45.96 94.66
C ILE BA 4 16.94 -47.12 94.11
N LEU BA 5 15.82 -47.41 94.78
CA LEU BA 5 14.98 -48.54 94.40
C LEU BA 5 13.87 -48.05 93.48
N ASN BA 6 13.80 -48.62 92.28
CA ASN BA 6 12.75 -48.33 91.32
C ASN BA 6 11.95 -49.62 91.11
N THR BA 7 10.64 -49.48 90.91
CA THR BA 7 9.75 -50.62 90.78
C THR BA 7 8.79 -50.41 89.62
N GLY BA 8 8.28 -51.50 89.10
CA GLY BA 8 7.32 -51.39 88.01
C GLY BA 8 7.17 -52.72 87.28
N ARG BA 9 6.94 -52.61 85.98
CA ARG BA 9 6.49 -53.75 85.19
C ARG BA 9 7.64 -54.56 84.60
N THR BA 10 7.28 -55.75 84.17
CA THR BA 10 8.12 -56.72 83.48
C THR BA 10 7.16 -57.62 82.72
N ILE BA 11 7.49 -57.95 81.47
CA ILE BA 11 6.62 -58.85 80.70
C ILE BA 11 6.49 -60.18 81.43
N TRP BA 12 7.57 -60.60 82.09
CA TRP BA 12 7.57 -61.87 82.82
C TRP BA 12 6.71 -61.79 84.07
N GLN BA 13 6.68 -60.63 84.73
CA GLN BA 13 5.85 -60.49 85.91
C GLN BA 13 4.38 -60.34 85.52
N GLY BA 14 4.11 -59.84 84.32
CA GLY BA 14 2.74 -59.82 83.83
C GLY BA 14 2.26 -61.21 83.45
N GLN BA 15 3.10 -61.95 82.71
CA GLN BA 15 2.81 -63.36 82.44
C GLN BA 15 2.55 -64.13 83.73
N ALA BA 16 3.35 -63.86 84.76
CA ALA BA 16 3.25 -64.62 86.00
C ALA BA 16 1.94 -64.34 86.74
N ILE BA 17 1.53 -63.07 86.81
CA ILE BA 17 0.32 -62.76 87.57
C ILE BA 17 -0.92 -63.32 86.88
N GLU BA 18 -0.92 -63.39 85.55
CA GLU BA 18 -2.05 -63.97 84.83
C GLU BA 18 -1.95 -65.49 84.73
N SER BA 19 -0.76 -66.06 84.99
CA SER BA 19 -0.65 -67.50 85.14
C SER BA 19 -1.13 -67.94 86.51
N GLY BA 20 -0.60 -67.31 87.56
CA GLY BA 20 -1.03 -67.55 88.92
C GLY BA 20 -0.01 -67.07 89.95
N LYS BA 21 -0.45 -66.21 90.87
CA LYS BA 21 0.45 -65.71 91.91
C LYS BA 21 0.75 -66.77 92.96
N ASP BA 22 0.06 -67.90 92.94
CA ASP BA 22 0.40 -69.04 93.77
C ASP BA 22 1.52 -69.88 93.17
N LEU BA 23 1.95 -69.59 91.95
CA LEU BA 23 2.95 -70.39 91.26
C LEU BA 23 4.37 -69.94 91.59
N LYS BA 24 5.30 -70.87 91.36
CA LYS BA 24 6.72 -70.60 91.51
C LYS BA 24 7.18 -69.55 90.51
N MET BA 25 6.60 -69.58 89.31
CA MET BA 25 6.78 -68.62 88.23
C MET BA 25 6.76 -67.19 88.76
N TYR BA 26 5.83 -66.92 89.69
CA TYR BA 26 5.66 -65.57 90.20
C TYR BA 26 6.81 -65.16 91.11
N VAL BA 27 7.29 -66.09 91.95
CA VAL BA 27 8.47 -65.82 92.78
C VAL BA 27 9.66 -65.50 91.89
N ASP BA 28 9.85 -66.30 90.85
CA ASP BA 28 10.97 -66.12 89.93
C ASP BA 28 10.88 -64.80 89.17
N ALA BA 29 9.67 -64.32 88.91
CA ALA BA 29 9.50 -63.12 88.11
C ALA BA 29 9.43 -61.85 88.94
N ALA BA 30 8.96 -61.93 90.19
CA ALA BA 30 8.75 -60.75 91.01
C ALA BA 30 9.60 -60.67 92.26
N ALA BA 31 10.15 -61.78 92.75
CA ALA BA 31 10.99 -61.77 93.96
C ALA BA 31 12.46 -61.66 93.58
N ILE BA 32 12.75 -60.65 92.74
CA ILE BA 32 14.06 -60.45 92.17
C ILE BA 32 14.44 -58.98 92.29
N ILE BA 33 15.73 -58.71 92.17
CA ILE BA 33 16.24 -57.33 92.09
C ILE BA 33 17.16 -57.25 90.90
N GLN BA 34 16.84 -56.37 89.96
CA GLN BA 34 17.66 -56.18 88.77
C GLN BA 34 18.76 -55.19 89.07
N MET BA 35 19.99 -55.54 88.69
CA MET BA 35 21.14 -54.70 88.96
C MET BA 35 22.00 -54.65 87.70
N ASN BA 36 22.69 -53.52 87.54
CA ASN BA 36 23.72 -53.44 86.53
C ASN BA 36 24.85 -54.42 86.89
N PRO BA 37 25.49 -55.05 85.91
CA PRO BA 37 26.60 -55.97 86.24
C PRO BA 37 27.72 -55.30 87.03
N GLU BA 38 27.97 -54.02 86.75
CA GLU BA 38 29.01 -53.28 87.47
C GLU BA 38 28.72 -53.25 88.96
N MET BA 39 27.46 -53.07 89.34
CA MET BA 39 27.11 -52.99 90.75
C MET BA 39 27.19 -54.35 91.42
N MET BA 40 26.81 -55.41 90.71
CA MET BA 40 26.91 -56.76 91.26
C MET BA 40 28.36 -57.11 91.59
N LYS BA 41 29.30 -56.70 90.74
CA LYS BA 41 30.71 -56.92 91.03
C LYS BA 41 31.17 -56.07 92.21
N GLN BA 42 30.69 -54.83 92.29
CA GLN BA 42 31.01 -53.98 93.44
C GLN BA 42 30.50 -54.58 94.74
N LEU BA 43 29.37 -55.28 94.69
CA LEU BA 43 28.79 -55.93 95.85
C LEU BA 43 29.29 -57.35 96.05
N GLY BA 44 30.01 -57.91 95.08
CA GLY BA 44 30.59 -59.22 95.22
C GLY BA 44 29.61 -60.37 95.07
N ILE BA 45 28.60 -60.21 94.22
CA ILE BA 45 27.55 -61.22 94.07
C ILE BA 45 27.41 -61.59 92.59
N ALA BA 46 26.81 -62.75 92.36
CA ALA BA 46 26.55 -63.27 91.03
C ALA BA 46 25.04 -63.45 90.85
N GLU BA 47 24.61 -63.59 89.61
CA GLU BA 47 23.19 -63.80 89.38
C GLU BA 47 22.75 -65.10 90.05
N GLY BA 48 21.59 -65.04 90.71
CA GLY BA 48 21.10 -66.12 91.52
C GLY BA 48 21.37 -65.95 93.01
N ASP BA 49 22.34 -65.12 93.37
CA ASP BA 49 22.59 -64.83 94.78
C ASP BA 49 21.48 -63.95 95.34
N ASN BA 50 21.27 -64.08 96.65
CA ASN BA 50 20.18 -63.35 97.30
C ASN BA 50 20.69 -62.06 97.93
N VAL BA 51 19.78 -61.11 98.07
CA VAL BA 51 20.07 -59.77 98.57
C VAL BA 51 19.01 -59.43 99.61
N LYS BA 52 19.44 -58.86 100.73
CA LYS BA 52 18.49 -58.31 101.69
C LYS BA 52 18.41 -56.81 101.50
N VAL BA 53 17.21 -56.33 101.23
CA VAL BA 53 16.92 -54.93 100.99
C VAL BA 53 16.27 -54.35 102.23
N ILE BA 54 16.84 -53.28 102.79
CA ILE BA 54 16.25 -52.63 103.96
C ILE BA 54 16.05 -51.16 103.67
N SER BA 55 14.90 -50.64 104.07
CA SER BA 55 14.50 -49.25 103.93
C SER BA 55 13.98 -48.76 105.27
N GLU BA 56 13.64 -47.47 105.30
CA GLU BA 56 12.96 -46.89 106.45
C GLU BA 56 11.68 -47.64 106.80
N TYR BA 57 11.10 -48.37 105.86
CA TYR BA 57 9.73 -48.85 106.00
C TYR BA 57 9.58 -50.36 106.11
N GLY BA 58 10.60 -51.12 105.75
CA GLY BA 58 10.51 -52.56 105.85
C GLY BA 58 11.78 -53.23 105.38
N ASP BA 59 11.68 -54.53 105.10
CA ASP BA 59 12.82 -55.31 104.62
C ASP BA 59 12.30 -56.52 103.86
N VAL BA 60 13.14 -57.05 102.97
CA VAL BA 60 12.75 -58.16 102.12
C VAL BA 60 14.00 -58.83 101.59
N VAL BA 61 13.88 -60.11 101.24
CA VAL BA 61 14.96 -60.89 100.63
C VAL BA 61 14.56 -61.20 99.21
N VAL BA 62 15.44 -60.87 98.25
CA VAL BA 62 15.15 -61.01 96.84
C VAL BA 62 16.37 -61.60 96.14
N LYS BA 63 16.13 -62.20 94.97
CA LYS BA 63 17.19 -62.84 94.20
C LYS BA 63 17.80 -61.86 93.20
N ALA BA 64 19.12 -61.76 93.20
CA ALA BA 64 19.78 -60.82 92.31
C ALA BA 64 19.78 -61.32 90.87
N VAL BA 65 19.51 -60.40 89.95
CA VAL BA 65 19.41 -60.70 88.52
C VAL BA 65 20.07 -59.57 87.76
N GLU BA 66 20.75 -59.89 86.66
CA GLU BA 66 21.39 -58.88 85.84
C GLU BA 66 20.37 -58.17 84.97
N ALA BA 67 20.33 -56.86 85.07
CA ALA BA 67 19.37 -56.06 84.32
C ALA BA 67 19.69 -56.11 82.82
N LYS BA 68 18.72 -56.55 82.03
CA LYS BA 68 18.79 -56.46 80.59
C LYS BA 68 18.34 -55.10 80.07
N GLU BA 69 17.63 -54.33 80.90
CA GLU BA 69 17.32 -52.93 80.63
C GLU BA 69 18.22 -52.08 81.51
N PRO BA 70 19.28 -51.48 80.96
CA PRO BA 70 20.28 -50.84 81.82
C PRO BA 70 19.67 -49.76 82.70
N LEU BA 71 20.18 -49.66 83.88
CA LEU BA 71 19.74 -48.72 84.89
C LEU BA 71 20.73 -47.58 84.99
N PRO BA 72 20.29 -46.39 85.42
CA PRO BA 72 21.27 -45.35 85.77
C PRO BA 72 22.15 -45.83 86.91
N GLU BA 73 23.34 -45.25 86.99
CA GLU BA 73 24.26 -45.60 88.07
C GLU BA 73 23.60 -45.37 89.42
N GLY BA 74 23.67 -46.38 90.29
CA GLY BA 74 23.13 -46.27 91.63
C GLY BA 74 21.69 -46.71 91.80
N MET BA 75 21.04 -47.20 90.74
CA MET BA 75 19.64 -47.57 90.78
C MET BA 75 19.47 -49.08 90.64
N VAL BA 76 18.44 -49.61 91.31
CA VAL BA 76 18.06 -51.02 91.20
C VAL BA 76 16.57 -51.09 90.92
N TYR BA 77 16.13 -52.26 90.42
CA TYR BA 77 14.76 -52.46 89.97
C TYR BA 77 14.21 -53.73 90.58
N ILE BA 78 13.14 -53.62 91.34
CA ILE BA 78 12.34 -54.76 91.80
C ILE BA 78 10.96 -54.65 91.16
N PRO BA 79 10.50 -55.67 90.44
CA PRO BA 79 9.16 -55.58 89.83
C PRO BA 79 8.08 -55.40 90.89
N MET BA 80 6.98 -54.76 90.48
CA MET BA 80 5.85 -54.59 91.37
C MET BA 80 5.40 -55.93 91.93
N GLY BA 81 5.04 -55.94 93.20
CA GLY BA 81 4.64 -57.15 93.87
C GLY BA 81 4.82 -57.01 95.36
N PRO BA 82 4.49 -58.07 96.11
CA PRO BA 82 4.53 -57.97 97.57
C PRO BA 82 5.94 -57.89 98.12
N TRP BA 83 6.93 -58.40 97.40
CA TRP BA 83 8.32 -58.24 97.83
C TRP BA 83 8.74 -56.77 97.75
N ALA BA 84 8.56 -56.16 96.58
CA ALA BA 84 8.85 -54.73 96.44
C ALA BA 84 8.06 -53.90 97.45
N ASN BA 85 6.81 -54.28 97.72
CA ASN BA 85 5.98 -53.47 98.59
C ASN BA 85 6.25 -53.70 100.07
N ARG BA 86 7.21 -54.56 100.40
CA ARG BA 86 7.72 -54.61 101.76
C ARG BA 86 8.54 -53.37 102.11
N VAL BA 87 9.15 -52.72 101.11
CA VAL BA 87 10.19 -51.74 101.38
C VAL BA 87 9.91 -50.36 100.78
N ILE BA 88 9.02 -50.22 99.80
CA ILE BA 88 8.81 -48.91 99.20
C ILE BA 88 8.04 -47.99 100.14
N ARG BA 89 7.93 -46.71 99.77
CA ARG BA 89 7.42 -45.68 100.68
C ARG BA 89 5.90 -45.67 100.66
N PRO BA 90 5.23 -45.87 101.80
CA PRO BA 90 3.76 -45.97 101.79
C PRO BA 90 3.03 -44.64 101.71
N TYR BA 91 3.61 -43.59 102.27
CA TYR BA 91 2.89 -42.32 102.41
C TYR BA 91 2.50 -41.76 101.05
N THR BA 92 1.31 -41.18 100.99
CA THR BA 92 0.73 -40.70 99.74
C THR BA 92 0.78 -39.18 99.58
N ASP BA 93 1.28 -38.45 100.57
CA ASP BA 93 1.32 -36.99 100.55
C ASP BA 93 -0.06 -36.38 100.31
N SER BA 94 -1.08 -37.00 100.91
CA SER BA 94 -2.47 -36.56 100.77
C SER BA 94 -2.93 -36.58 99.31
N THR BA 95 -2.51 -37.60 98.56
CA THR BA 95 -3.04 -37.84 97.23
C THR BA 95 -3.74 -39.18 97.09
N ALA BA 96 -3.60 -40.07 98.08
CA ALA BA 96 -4.06 -41.47 98.10
C ALA BA 96 -3.09 -42.43 97.40
N THR BA 97 -2.12 -41.91 96.64
CA THR BA 97 -1.23 -42.77 95.86
C THR BA 97 0.12 -42.90 96.55
N PRO BA 98 0.53 -44.10 96.94
CA PRO BA 98 1.84 -44.27 97.59
C PRO BA 98 3.00 -43.97 96.65
N SER BA 99 4.19 -43.89 97.26
CA SER BA 99 5.44 -43.64 96.53
C SER BA 99 6.09 -44.97 96.21
N PHE BA 100 5.60 -45.60 95.13
CA PHE BA 100 6.11 -46.90 94.71
C PHE BA 100 7.49 -46.83 94.07
N LYS BA 101 7.97 -45.65 93.69
CA LYS BA 101 9.16 -45.54 92.85
C LYS BA 101 10.20 -44.60 93.44
N ASN BA 102 11.46 -45.01 93.30
CA ASN BA 102 12.64 -44.17 93.57
C ASN BA 102 12.81 -43.92 95.06
N ILE BA 103 13.14 -44.97 95.80
CA ILE BA 103 13.16 -44.95 97.26
C ILE BA 103 14.57 -45.31 97.70
N PRO BA 104 15.19 -44.53 98.60
CA PRO BA 104 16.51 -44.91 99.11
C PRO BA 104 16.42 -46.18 99.94
N VAL BA 105 17.20 -47.19 99.58
CA VAL BA 105 17.26 -48.44 100.33
C VAL BA 105 18.71 -48.82 100.53
N GLU BA 106 18.95 -49.71 101.48
CA GLU BA 106 20.26 -50.29 101.74
C GLU BA 106 20.22 -51.74 101.30
N ILE BA 107 21.18 -52.13 100.46
CA ILE BA 107 21.24 -53.51 99.99
C ILE BA 107 22.54 -54.15 100.48
N ILE BA 108 22.44 -55.44 100.78
CA ILE BA 108 23.54 -56.20 101.38
C ILE BA 108 23.37 -57.65 100.94
N PRO BA 109 24.45 -58.38 100.65
CA PRO BA 109 24.30 -59.81 100.34
C PRO BA 109 23.82 -60.58 101.55
N THR BA 110 23.14 -61.69 101.28
CA THR BA 110 22.59 -62.50 102.35
C THR BA 110 22.50 -63.95 101.90
N ASP BA 111 22.68 -64.85 102.86
CA ASP BA 111 22.46 -66.27 102.65
C ASP BA 111 21.05 -66.70 103.04
N GLU BA 112 20.24 -65.80 103.58
CA GLU BA 112 18.86 -66.14 103.84
C GLU BA 112 18.15 -66.45 102.52
N GLU BA 113 17.07 -67.19 102.61
CA GLU BA 113 16.34 -67.61 101.43
C GLU BA 113 15.15 -66.70 101.13
N VAL BA 114 14.77 -66.66 99.86
CA VAL BA 114 13.58 -65.94 99.43
C VAL BA 114 12.33 -66.61 99.98
N LEU BA 115 11.49 -65.80 100.60
CA LEU BA 115 10.20 -66.27 101.08
C LEU BA 115 9.26 -66.39 99.89
N ASP BA 116 8.60 -67.53 99.75
CA ASP BA 116 7.60 -67.66 98.71
C ASP BA 116 6.36 -66.84 99.09
N MET BA 117 5.36 -66.83 98.21
CA MET BA 117 4.28 -65.87 98.38
C MET BA 117 3.50 -66.08 99.68
N PRO BA 118 2.98 -67.27 99.98
CA PRO BA 118 2.20 -67.40 101.23
C PRO BA 118 3.02 -67.18 102.49
N THR BA 119 4.28 -67.58 102.50
CA THR BA 119 5.12 -67.34 103.67
C THR BA 119 5.38 -65.86 103.86
N LEU BA 120 5.57 -65.13 102.76
CA LEU BA 120 5.80 -63.69 102.86
C LEU BA 120 4.63 -62.97 103.52
N MET BA 121 3.40 -63.34 103.17
CA MET BA 121 2.23 -62.65 103.72
C MET BA 121 2.07 -62.87 105.21
N LYS BA 122 2.59 -63.99 105.75
CA LYS BA 122 2.44 -64.25 107.17
C LYS BA 122 3.16 -63.22 108.03
N VAL BA 123 4.16 -62.51 107.49
CA VAL BA 123 4.83 -61.46 108.25
C VAL BA 123 3.84 -60.40 108.71
N TYR BA 124 2.75 -60.21 107.98
CA TYR BA 124 1.74 -59.22 108.38
C TYR BA 124 0.77 -59.77 109.42
N GLY BA 125 0.77 -61.08 109.66
CA GLY BA 125 0.05 -61.65 110.79
C GLY BA 125 -1.46 -61.57 110.74
N LYS BA 126 -2.07 -62.14 109.71
CA LYS BA 126 -3.52 -62.05 109.54
C LYS BA 126 -4.25 -62.68 110.72
N VAL BA 127 -5.14 -61.89 111.32
CA VAL BA 127 -6.02 -62.34 112.40
C VAL BA 127 -7.39 -62.67 111.81
N GLY BA 128 -7.93 -63.82 112.20
CA GLY BA 128 -9.22 -64.23 111.70
C GLY BA 128 -10.35 -63.39 112.28
N GLN BA 129 -11.42 -63.25 111.50
CA GLN BA 129 -12.66 -62.60 111.97
C GLN BA 129 -13.80 -62.81 110.97
N ALA CA 2 22.30 -70.83 54.19
CA ALA CA 2 21.99 -69.47 53.76
C ALA CA 2 21.42 -68.66 54.92
N ILE CA 3 21.46 -67.34 54.77
CA ILE CA 3 20.83 -66.48 55.76
C ILE CA 3 19.31 -66.60 55.65
N GLY CA 4 18.63 -66.72 56.79
CA GLY CA 4 17.20 -66.84 56.80
C GLY CA 4 16.64 -66.31 58.10
N LEU CA 5 15.32 -66.22 58.16
CA LEU CA 5 14.65 -65.72 59.35
C LEU CA 5 14.55 -66.80 60.41
N LYS CA 6 14.84 -66.42 61.65
CA LYS CA 6 14.82 -67.31 62.79
C LYS CA 6 14.14 -66.65 63.98
N ALA CA 7 13.23 -67.38 64.62
CA ALA CA 7 12.46 -66.88 65.76
C ALA CA 7 13.04 -67.43 67.06
N TYR CA 8 13.06 -66.59 68.09
CA TYR CA 8 13.43 -66.98 69.46
C TYR CA 8 12.22 -66.74 70.35
N PRO CA 9 11.21 -67.63 70.30
CA PRO CA 9 9.97 -67.37 71.05
C PRO CA 9 10.17 -67.23 72.55
N GLU CA 10 11.20 -67.87 73.12
CA GLU CA 10 11.41 -67.79 74.55
C GLU CA 10 11.81 -66.38 75.02
N LEU CA 11 12.30 -65.54 74.11
CA LEU CA 11 12.60 -64.15 74.41
C LEU CA 11 11.47 -63.20 74.01
N CYS CA 12 10.47 -63.70 73.30
CA CYS CA 12 9.46 -62.88 72.65
C CYS CA 12 8.43 -62.33 73.63
N HIS CA 13 7.96 -61.11 73.34
CA HIS CA 13 6.90 -60.46 74.12
C HIS CA 13 5.52 -60.61 73.48
N GLY CA 14 5.45 -61.07 72.23
CA GLY CA 14 4.19 -61.04 71.52
C GLY CA 14 3.76 -59.66 71.10
N CYS CA 15 4.68 -58.68 71.05
CA CYS CA 15 4.26 -57.29 70.94
C CYS CA 15 3.70 -56.99 69.56
N GLY CA 16 4.15 -57.72 68.53
CA GLY CA 16 3.60 -57.57 67.20
C GLY CA 16 4.29 -56.57 66.30
N ASN CA 17 5.37 -55.92 66.75
CA ASN CA 17 6.00 -54.91 65.92
C ASN CA 17 6.53 -55.51 64.62
N CYS CA 18 7.13 -56.70 64.70
CA CYS CA 18 7.66 -57.34 63.50
C CYS CA 18 6.56 -57.68 62.51
N VAL CA 19 5.45 -58.22 63.01
CA VAL CA 19 4.33 -58.59 62.14
C VAL CA 19 3.83 -57.38 61.37
N ILE CA 20 3.71 -56.24 62.06
CA ILE CA 20 3.21 -55.03 61.41
C ILE CA 20 4.27 -54.41 60.51
N ALA CA 21 5.53 -54.40 60.94
CA ALA CA 21 6.58 -53.72 60.20
C ALA CA 21 6.91 -54.41 58.89
N CYS CA 22 6.77 -55.72 58.82
CA CYS CA 22 7.10 -56.48 57.62
C CYS CA 22 6.29 -56.01 56.42
N PRO CA 23 6.94 -55.64 55.32
CA PRO CA 23 6.20 -55.18 54.14
C PRO CA 23 5.43 -56.29 53.43
N VAL CA 24 5.96 -57.52 53.43
CA VAL CA 24 5.23 -58.63 52.83
C VAL CA 24 3.89 -58.83 53.53
N ASN CA 25 3.91 -58.87 54.86
CA ASN CA 25 2.67 -58.97 55.64
C ASN CA 25 1.75 -57.79 55.36
N ALA CA 26 2.30 -56.58 55.36
CA ALA CA 26 1.50 -55.39 55.10
C ALA CA 26 0.81 -55.47 53.74
N LEU CA 27 1.57 -55.87 52.71
CA LEU CA 27 1.02 -55.93 51.35
C LEU CA 27 -0.14 -56.93 51.27
N ARG CA 28 -0.04 -58.05 51.98
CA ARG CA 28 -1.01 -59.13 51.85
C ARG CA 28 -2.23 -58.96 52.75
N SER CA 29 -2.12 -58.21 53.83
CA SER CA 29 -3.21 -58.04 54.80
C SER CA 29 -3.39 -56.57 55.15
N PRO CA 30 -4.45 -55.91 54.66
CA PRO CA 30 -4.68 -54.51 55.06
C PRO CA 30 -4.80 -54.30 56.56
N GLU CA 31 -5.33 -55.29 57.30
CA GLU CA 31 -5.40 -55.13 58.76
C GLU CA 31 -4.01 -55.07 59.38
N VAL CA 32 -3.07 -55.91 58.90
CA VAL CA 32 -1.71 -55.84 59.42
C VAL CA 32 -1.04 -54.53 59.01
N ALA CA 33 -1.23 -54.10 57.77
CA ALA CA 33 -0.71 -52.80 57.34
C ALA CA 33 -1.17 -51.69 58.27
N GLY CA 34 -2.39 -51.79 58.78
CA GLY CA 34 -2.93 -50.81 59.70
C GLY CA 34 -2.70 -51.15 61.16
N GLY CA 35 -1.78 -52.08 61.46
CA GLY CA 35 -1.37 -52.34 62.82
C GLY CA 35 -2.17 -53.38 63.58
N LYS CA 36 -3.16 -54.00 62.96
CA LYS CA 36 -3.95 -55.02 63.63
C LYS CA 36 -3.44 -56.41 63.32
N GLY CA 37 -3.69 -57.34 64.25
CA GLY CA 37 -3.52 -58.74 63.96
C GLY CA 37 -4.54 -59.15 62.93
N PRO CA 38 -4.19 -60.12 62.09
CA PRO CA 38 -5.14 -60.57 61.06
C PRO CA 38 -6.32 -61.29 61.71
N THR CA 39 -7.53 -60.92 61.27
CA THR CA 39 -8.72 -61.69 61.55
C THR CA 39 -9.18 -62.43 60.29
N ASP CA 40 -9.12 -61.77 59.13
CA ASP CA 40 -9.29 -62.48 57.88
C ASP CA 40 -8.26 -63.60 57.78
N ASP CA 41 -8.64 -64.68 57.09
CA ASP CA 41 -7.68 -65.72 56.80
C ASP CA 41 -6.68 -65.21 55.77
N VAL CA 42 -5.39 -65.26 56.12
CA VAL CA 42 -4.35 -64.84 55.22
C VAL CA 42 -3.13 -65.70 55.47
N GLU CA 43 -2.32 -65.88 54.43
CA GLU CA 43 -1.00 -66.49 54.55
C GLU CA 43 0.05 -65.39 54.49
N ILE CA 44 0.72 -65.16 55.62
CA ILE CA 44 1.77 -64.18 55.76
C ILE CA 44 2.96 -64.87 56.41
N ILE CA 45 4.07 -64.14 56.53
CA ILE CA 45 5.32 -64.78 56.93
C ILE CA 45 5.25 -65.24 58.39
N MET CA 46 4.85 -64.36 59.30
CA MET CA 46 4.74 -64.75 60.70
C MET CA 46 3.57 -64.03 61.36
N ILE CA 47 3.09 -64.62 62.45
CA ILE CA 47 2.03 -64.06 63.28
C ILE CA 47 2.43 -64.22 64.73
N VAL CA 48 1.70 -63.54 65.61
CA VAL CA 48 1.76 -63.81 67.04
C VAL CA 48 0.71 -64.86 67.34
N GLU CA 49 1.15 -66.01 67.85
CA GLU CA 49 0.26 -67.12 68.15
C GLU CA 49 0.68 -67.71 69.48
N ASP CA 50 -0.30 -68.01 70.32
CA ASP CA 50 -0.08 -68.39 71.72
C ASP CA 50 0.92 -67.44 72.38
N GLY CA 51 0.78 -66.15 72.09
CA GLY CA 51 1.50 -65.10 72.78
C GLY CA 51 2.87 -64.77 72.26
N VAL CA 52 3.37 -65.47 71.23
CA VAL CA 52 4.74 -65.29 70.76
C VAL CA 52 4.77 -65.35 69.24
N VAL CA 53 5.85 -64.82 68.67
CA VAL CA 53 6.02 -64.79 67.21
C VAL CA 53 6.18 -66.20 66.68
N ASN CA 54 5.56 -66.48 65.54
CA ASN CA 54 5.43 -67.83 65.00
C ASN CA 54 5.53 -67.75 63.48
N ILE CA 55 6.58 -68.35 62.92
CA ILE CA 55 6.86 -68.26 61.49
C ILE CA 55 6.02 -69.29 60.73
N LYS CA 56 5.21 -68.80 59.78
CA LYS CA 56 4.28 -69.65 59.03
C LYS CA 56 4.68 -69.88 57.58
N ASN CA 57 5.31 -68.90 56.93
CA ASN CA 57 5.67 -69.00 55.51
C ASN CA 57 7.06 -68.39 55.31
N PRO CA 58 8.11 -69.08 55.76
CA PRO CA 58 9.45 -68.50 55.63
C PRO CA 58 9.90 -68.32 54.19
N ASP CA 59 9.26 -69.01 53.22
CA ASP CA 59 9.65 -68.85 51.83
C ASP CA 59 9.32 -67.45 51.29
N LEU CA 60 8.38 -66.74 51.90
CA LEU CA 60 8.02 -65.40 51.45
C LEU CA 60 8.95 -64.31 51.98
N CYS CA 61 9.82 -64.66 52.92
CA CYS CA 61 10.76 -63.72 53.53
C CYS CA 61 11.88 -63.36 52.56
N GLY CA 62 12.02 -62.07 52.27
CA GLY CA 62 13.03 -61.54 51.38
C GLY CA 62 14.30 -61.07 52.05
N LYS CA 63 14.46 -61.33 53.33
CA LYS CA 63 15.65 -60.98 54.12
C LYS CA 63 16.00 -59.50 53.98
N CYS CA 64 15.00 -58.64 54.13
CA CYS CA 64 15.30 -57.21 54.04
C CYS CA 64 15.83 -56.67 55.37
N GLY CA 65 15.36 -57.21 56.49
CA GLY CA 65 15.86 -56.83 57.79
C GLY CA 65 14.98 -55.90 58.60
N THR CA 66 13.79 -55.55 58.09
CA THR CA 66 12.95 -54.56 58.75
C THR CA 66 12.46 -55.06 60.11
N CYS CA 67 11.96 -56.30 60.17
CA CYS CA 67 11.50 -56.87 61.43
C CYS CA 67 12.58 -56.81 62.50
N VAL CA 68 13.83 -57.10 62.10
CA VAL CA 68 14.93 -57.11 63.05
C VAL CA 68 15.10 -55.74 63.69
N GLU CA 69 15.06 -54.68 62.87
CA GLU CA 69 15.13 -53.32 63.39
C GLU CA 69 14.02 -53.03 64.38
N SER CA 70 12.84 -53.64 64.20
CA SER CA 70 11.66 -53.34 64.99
C SER CA 70 11.58 -54.13 66.30
N CYS CA 71 12.36 -55.19 66.45
CA CYS CA 71 12.36 -55.96 67.69
C CYS CA 71 13.42 -55.42 68.65
N PRO CA 72 13.05 -54.94 69.82
CA PRO CA 72 14.07 -54.46 70.77
C PRO CA 72 14.75 -55.56 71.57
N VAL CA 73 14.19 -56.76 71.61
CA VAL CA 73 14.73 -57.81 72.47
C VAL CA 73 15.35 -58.95 71.66
N ASP CA 74 15.66 -58.69 70.39
CA ASP CA 74 16.36 -59.66 69.53
C ASP CA 74 15.68 -61.02 69.54
N ALA CA 75 14.34 -61.01 69.46
CA ALA CA 75 13.57 -62.24 69.42
C ALA CA 75 13.34 -62.75 68.00
N ILE CA 76 13.60 -61.93 66.99
CA ILE CA 76 13.52 -62.35 65.60
C ILE CA 76 14.75 -61.85 64.87
N ARG CA 77 15.37 -62.71 64.07
CA ARG CA 77 16.71 -62.45 63.56
C ARG CA 77 16.86 -63.00 62.15
N LEU CA 78 17.89 -62.51 61.48
CA LEU CA 78 18.39 -63.06 60.23
C LEU CA 78 19.74 -63.68 60.53
N GLU CA 79 19.82 -65.00 60.39
CA GLU CA 79 21.03 -65.74 60.71
C GLU CA 79 21.17 -66.87 59.70
N GLU CA 80 22.29 -67.58 59.76
CA GLU CA 80 22.48 -68.75 58.91
C GLU CA 80 21.50 -69.83 59.35
N LEU CA 81 20.78 -70.40 58.38
CA LEU CA 81 19.78 -71.45 58.62
C LEU CA 81 18.55 -70.90 59.35
N ILE DA 7 41.20 -66.02 53.53
CA ILE DA 7 40.16 -65.13 54.02
C ILE DA 7 40.68 -64.39 55.21
N GLU DA 8 40.76 -63.07 55.09
CA GLU DA 8 41.29 -62.23 56.16
C GLU DA 8 40.18 -61.28 56.58
N GLY DA 9 39.60 -61.54 57.73
CA GLY DA 9 38.42 -60.82 58.16
C GLY DA 9 37.23 -61.19 57.28
N LYS DA 10 36.60 -60.17 56.70
CA LYS DA 10 35.51 -60.37 55.74
C LYS DA 10 35.97 -60.22 54.30
N ASN DA 11 37.25 -59.97 54.07
CA ASN DA 11 37.78 -59.87 52.72
C ASN DA 11 38.12 -61.27 52.19
N ILE DA 12 38.13 -61.39 50.86
CA ILE DA 12 38.38 -62.66 50.18
C ILE DA 12 39.42 -62.45 49.11
N THR DA 13 40.45 -63.29 49.11
CA THR DA 13 41.48 -63.29 48.07
C THR DA 13 41.52 -64.67 47.43
N VAL DA 14 41.29 -64.73 46.12
CA VAL DA 14 41.42 -65.94 45.33
C VAL DA 14 42.65 -65.79 44.46
N GLU DA 15 43.60 -66.71 44.58
CA GLU DA 15 44.86 -66.62 43.87
C GLU DA 15 45.20 -67.96 43.20
N ARG DA 16 45.85 -67.87 42.04
CA ARG DA 16 46.36 -69.03 41.31
C ARG DA 16 47.77 -68.75 40.85
N THR DA 17 48.65 -69.74 41.03
CA THR DA 17 50.02 -69.64 40.56
C THR DA 17 50.29 -70.64 39.43
N ASN DA 21 50.03 -65.62 37.35
CA ASN DA 21 49.71 -65.39 38.76
C ASN DA 21 48.54 -64.42 38.92
N ARG DA 22 47.33 -64.93 38.76
CA ARG DA 22 46.14 -64.07 38.88
C ARG DA 22 45.58 -64.11 40.28
N ARG DA 23 45.29 -62.93 40.81
CA ARG DA 23 44.85 -62.77 42.19
C ARG DA 23 43.62 -61.88 42.17
N LEU DA 24 42.49 -62.44 42.57
CA LEU DA 24 41.23 -61.70 42.67
C LEU DA 24 40.93 -61.39 44.13
N ILE DA 25 40.93 -60.11 44.49
CA ILE DA 25 40.69 -59.71 45.88
C ILE DA 25 39.40 -58.93 45.97
N PHE DA 26 38.57 -59.29 46.94
CA PHE DA 26 37.30 -58.65 47.24
C PHE DA 26 37.40 -57.92 48.56
N GLN DA 27 37.04 -56.63 48.56
CA GLN DA 27 37.01 -55.83 49.79
C GLN DA 27 35.58 -55.58 50.21
N ASP DA 28 35.17 -56.28 51.28
CA ASP DA 28 33.81 -56.20 51.80
C ASP DA 28 33.36 -54.77 52.03
N CYS DA 29 34.22 -53.93 52.61
CA CYS DA 29 33.80 -52.59 53.03
C CYS DA 29 33.32 -51.75 51.85
N LEU DA 30 33.79 -52.05 50.64
CA LEU DA 30 33.40 -51.31 49.44
C LEU DA 30 32.20 -51.93 48.74
N CYS DA 31 31.77 -53.11 49.16
CA CYS DA 31 30.72 -53.85 48.46
C CYS DA 31 29.34 -53.28 48.83
N ALA DA 32 28.58 -52.89 47.81
CA ALA DA 32 27.22 -52.38 47.99
C ALA DA 32 26.16 -53.47 47.85
N VAL DA 33 26.57 -54.72 47.60
CA VAL DA 33 25.70 -55.88 47.53
C VAL DA 33 24.66 -55.69 46.42
N CYS DA 34 25.09 -55.17 45.26
CA CYS DA 34 24.15 -54.98 44.17
C CYS DA 34 23.86 -56.27 43.41
N GLY DA 35 24.75 -57.26 43.47
CA GLY DA 35 24.51 -58.56 42.88
C GLY DA 35 25.10 -58.77 41.50
N LEU DA 36 25.64 -57.72 40.88
CA LEU DA 36 26.08 -57.80 39.49
C LEU DA 36 27.17 -58.84 39.29
N CYS DA 37 28.03 -59.04 40.28
CA CYS DA 37 29.09 -60.03 40.16
C CYS DA 37 28.51 -61.43 39.96
N GLY DA 38 27.48 -61.79 40.74
CA GLY DA 38 26.91 -63.11 40.61
C GLY DA 38 26.26 -63.35 39.27
N GLU DA 39 25.62 -62.33 38.69
CA GLU DA 39 24.93 -62.53 37.42
C GLU DA 39 25.92 -62.71 36.27
N ILE DA 40 26.97 -61.89 36.24
CA ILE DA 40 27.87 -61.89 35.10
C ILE DA 40 28.79 -63.11 35.10
N CYS DA 41 28.97 -63.74 36.26
CA CYS DA 41 29.95 -64.82 36.44
C CYS DA 41 29.64 -65.98 35.48
N PRO DA 42 30.61 -66.25 34.56
CA PRO DA 42 30.37 -67.26 33.55
C PRO DA 42 30.25 -68.66 34.13
N VAL DA 43 30.89 -68.90 35.28
CA VAL DA 43 30.97 -70.19 35.96
C VAL DA 43 30.09 -70.23 37.20
N SER DA 44 29.25 -69.21 37.41
CA SER DA 44 28.39 -69.11 38.59
C SER DA 44 29.20 -69.40 39.87
N ALA DA 45 30.37 -68.79 39.94
CA ALA DA 45 31.28 -68.99 41.07
C ALA DA 45 30.97 -68.07 42.25
N ILE DA 46 30.11 -67.08 42.07
CA ILE DA 46 29.81 -66.10 43.11
C ILE DA 46 28.38 -66.29 43.56
N GLU DA 47 28.17 -66.31 44.88
CA GLU DA 47 26.84 -66.26 45.48
C GLU DA 47 26.80 -65.02 46.38
N VAL DA 48 25.79 -64.17 46.17
CA VAL DA 48 25.67 -62.89 46.87
C VAL DA 48 24.57 -62.98 47.91
N ASN DA 49 24.90 -62.62 49.15
CA ASN DA 49 23.96 -62.67 50.25
C ASN DA 49 22.87 -61.60 50.09
N PRO DA 50 21.76 -61.72 50.82
CA PRO DA 50 20.66 -60.76 50.67
C PRO DA 50 21.08 -59.33 50.96
N THR DA 51 20.72 -58.43 50.02
CA THR DA 51 21.17 -57.04 50.11
C THR DA 51 20.69 -56.37 51.40
N GLY DA 52 19.38 -56.42 51.66
CA GLY DA 52 18.84 -55.79 52.86
C GLY DA 52 19.51 -56.30 54.14
N ALA DA 53 19.60 -57.62 54.28
CA ALA DA 53 20.17 -58.20 55.49
C ALA DA 53 21.60 -57.72 55.72
N MET DA 54 22.41 -57.65 54.67
CA MET DA 54 23.80 -57.28 54.83
C MET DA 54 23.98 -55.79 55.12
N VAL DA 55 23.02 -54.96 54.75
CA VAL DA 55 23.12 -53.52 54.96
C VAL DA 55 22.46 -53.10 56.27
N ARG DA 56 21.34 -53.73 56.64
CA ARG DA 56 20.56 -53.29 57.78
C ARG DA 56 20.84 -54.07 59.06
N THR DA 57 21.46 -55.24 58.98
CA THR DA 57 21.67 -56.07 60.15
C THR DA 57 23.14 -56.45 60.26
N GLU DA 58 23.54 -56.77 61.49
CA GLU DA 58 24.89 -57.24 61.74
C GLU DA 58 25.03 -58.70 61.31
N GLN DA 59 26.08 -58.99 60.56
CA GLN DA 59 26.37 -60.32 60.05
C GLN DA 59 27.88 -60.51 60.10
N GLU DA 60 28.32 -61.72 60.40
CA GLU DA 60 29.75 -61.97 60.30
C GLU DA 60 30.16 -62.53 58.95
N LYS DA 61 29.22 -63.09 58.18
CA LYS DA 61 29.51 -63.50 56.82
C LYS DA 61 29.94 -62.30 56.00
N SER DA 62 30.76 -62.55 54.99
CA SER DA 62 30.99 -61.55 53.96
C SER DA 62 29.76 -61.41 53.09
N LYS DA 63 29.71 -60.28 52.37
CA LYS DA 63 28.57 -60.01 51.50
C LYS DA 63 28.49 -61.00 50.34
N ILE DA 64 29.64 -61.49 49.85
CA ILE DA 64 29.63 -62.47 48.78
C ILE DA 64 30.48 -63.66 49.21
N ALA DA 65 30.27 -64.78 48.54
CA ALA DA 65 31.15 -65.94 48.65
C ALA DA 65 31.59 -66.35 47.26
N ILE DA 66 32.88 -66.63 47.10
CA ILE DA 66 33.43 -67.11 45.84
C ILE DA 66 34.08 -68.47 46.06
N ASP DA 67 33.69 -69.45 45.24
CA ASP DA 67 34.26 -70.79 45.27
C ASP DA 67 35.44 -70.85 44.31
N GLU DA 68 36.63 -71.07 44.86
CA GLU DA 68 37.84 -71.12 44.04
C GLU DA 68 37.92 -72.35 43.14
N ASN DA 69 37.21 -73.44 43.47
CA ASN DA 69 37.25 -74.62 42.61
C ASN DA 69 36.59 -74.37 41.27
N LYS DA 70 35.69 -73.41 41.24
CA LYS DA 70 34.91 -73.12 40.06
C LYS DA 70 35.44 -71.90 39.32
N CYS DA 71 35.99 -70.97 40.08
CA CYS DA 71 36.54 -69.70 39.58
C CYS DA 71 37.71 -69.93 38.64
N VAL DA 72 37.60 -69.40 37.41
CA VAL DA 72 38.67 -69.48 36.42
C VAL DA 72 39.42 -68.16 36.28
N LEU DA 73 39.18 -67.20 37.19
CA LEU DA 73 39.87 -65.92 37.23
C LEU DA 73 39.92 -65.23 35.87
N CYS DA 74 38.74 -65.02 35.26
CA CYS DA 74 38.70 -64.29 34.01
C CYS DA 74 38.59 -62.78 34.23
N GLY DA 75 38.00 -62.35 35.35
CA GLY DA 75 37.97 -60.95 35.70
C GLY DA 75 36.77 -60.15 35.22
N MET DA 76 35.68 -60.82 34.81
CA MET DA 76 34.49 -60.09 34.41
C MET DA 76 33.83 -59.40 35.61
N CYS DA 77 33.76 -60.10 36.74
CA CYS DA 77 33.18 -59.51 37.94
C CYS DA 77 33.94 -58.25 38.35
N SER DA 78 35.27 -58.30 38.26
CA SER DA 78 36.08 -57.13 38.58
C SER DA 78 35.78 -55.99 37.62
N SER DA 79 35.59 -56.30 36.35
CA SER DA 79 35.31 -55.26 35.36
C SER DA 79 33.95 -54.61 35.61
N ILE DA 80 32.93 -55.43 35.90
CA ILE DA 80 31.57 -54.91 35.97
C ILE DA 80 31.31 -54.13 37.26
N CYS DA 81 31.99 -54.47 38.37
CA CYS DA 81 31.71 -53.90 39.69
C CYS DA 81 31.73 -52.38 39.69
N PRO DA 82 30.57 -51.74 39.90
CA PRO DA 82 30.54 -50.26 39.92
C PRO DA 82 31.16 -49.65 41.16
N PHE DA 83 31.46 -50.44 42.19
CA PHE DA 83 31.90 -49.92 43.48
C PHE DA 83 33.35 -50.24 43.78
N GLN DA 84 34.09 -50.75 42.81
CA GLN DA 84 35.53 -51.04 42.94
C GLN DA 84 35.81 -52.02 44.08
N ALA DA 85 34.84 -52.89 44.39
CA ALA DA 85 35.01 -53.86 45.47
C ALA DA 85 35.69 -55.14 45.03
N LEU DA 86 35.84 -55.37 43.73
CA LEU DA 86 36.51 -56.57 43.20
C LEU DA 86 37.63 -56.14 42.29
N ASP DA 87 38.85 -56.61 42.59
CA ASP DA 87 40.03 -56.26 41.81
C ASP DA 87 40.82 -57.53 41.53
N LEU DA 88 40.94 -57.91 40.25
CA LEU DA 88 41.85 -58.97 39.83
C LEU DA 88 43.13 -58.37 39.29
N GLN DA 89 44.26 -58.95 39.70
CA GLN DA 89 45.61 -58.50 39.38
C GLN DA 89 46.33 -59.63 38.66
N ILE DA 90 47.16 -59.29 37.67
CA ILE DA 90 47.89 -60.29 36.91
C ILE DA 90 49.38 -59.98 36.91
N ASP DA 91 50.18 -60.87 37.53
CA ASP DA 91 51.65 -60.77 37.58
C ASP DA 91 52.00 -59.40 38.08
N GLY DA 92 51.62 -59.31 39.33
CA GLY DA 92 50.79 -58.27 39.91
C GLY DA 92 50.38 -56.91 39.35
N THR DA 93 49.67 -56.81 38.21
CA THR DA 93 49.14 -55.52 37.75
C THR DA 93 47.63 -55.65 37.73
N SER DA 94 46.90 -54.65 38.24
CA SER DA 94 45.45 -54.80 38.24
C SER DA 94 44.90 -54.42 36.87
N ILE DA 95 43.81 -55.07 36.50
CA ILE DA 95 43.34 -55.10 35.13
C ILE DA 95 42.79 -53.78 34.59
N LYS DA 96 42.41 -52.85 35.46
CA LYS DA 96 42.05 -51.55 34.92
C LYS DA 96 43.24 -50.83 34.29
N GLU DA 97 44.47 -51.34 34.50
CA GLU DA 97 45.66 -50.80 33.90
C GLU DA 97 46.01 -51.47 32.58
N LEU DA 98 45.36 -52.60 32.27
CA LEU DA 98 45.66 -53.40 31.08
C LEU DA 98 44.61 -53.18 30.00
N ALA DA 99 45.04 -52.72 28.83
CA ALA DA 99 44.10 -52.52 27.74
C ALA DA 99 43.53 -53.84 27.24
N GLU DA 100 44.13 -54.96 27.66
CA GLU DA 100 43.63 -56.29 27.31
C GLU DA 100 42.18 -56.45 27.69
N TYR DA 101 41.80 -55.85 28.72
CA TYR DA 101 40.58 -56.21 29.37
C TYR DA 101 39.58 -55.08 29.26
N PRO DA 102 38.40 -55.42 28.85
CA PRO DA 102 37.26 -54.53 29.11
C PRO DA 102 37.37 -53.72 30.40
N LYS DA 103 37.02 -52.44 30.22
CA LYS DA 103 36.89 -51.40 31.24
C LYS DA 103 35.54 -50.73 31.05
N ILE DA 104 34.88 -50.52 32.15
CA ILE DA 104 33.64 -49.77 32.16
C ILE DA 104 33.97 -48.29 32.21
N ILE DA 105 33.26 -47.48 31.43
CA ILE DA 105 33.64 -46.08 31.21
C ILE DA 105 32.81 -45.19 32.13
N LYS DA 106 33.51 -44.39 32.95
CA LYS DA 106 32.93 -43.53 33.96
C LYS DA 106 33.98 -42.49 34.32
N SER DA 107 33.52 -41.37 34.88
CA SER DA 107 34.45 -40.34 35.32
C SER DA 107 33.76 -39.38 36.27
N ALA DA 108 34.57 -38.72 37.10
CA ALA DA 108 34.09 -37.72 38.05
C ALA DA 108 35.22 -36.74 38.29
N GLU DA 109 35.00 -35.46 37.96
CA GLU DA 109 36.07 -34.49 37.95
C GLU DA 109 35.57 -33.13 38.43
N ILE DA 110 36.48 -32.37 39.04
CA ILE DA 110 36.21 -31.02 39.53
C ILE DA 110 37.21 -30.06 38.90
N ASP DA 111 36.69 -29.00 38.27
CA ASP DA 111 37.54 -27.93 37.74
C ASP DA 111 37.97 -27.04 38.90
N ASP DA 112 39.24 -27.15 39.29
CA ASP DA 112 39.73 -26.50 40.50
C ASP DA 112 39.79 -24.98 40.40
N GLU DA 113 39.91 -24.42 39.21
CA GLU DA 113 39.89 -22.97 39.10
C GLU DA 113 38.49 -22.40 39.06
N THR DA 114 37.49 -23.19 38.66
CA THR DA 114 36.10 -22.76 38.77
C THR DA 114 35.59 -22.91 40.19
N CYS DA 115 36.01 -23.99 40.87
CA CYS DA 115 35.62 -24.27 42.25
C CYS DA 115 35.88 -23.09 43.18
N ILE DA 116 34.90 -22.77 44.01
CA ILE DA 116 34.99 -21.72 45.00
C ILE DA 116 35.00 -22.27 46.42
N GLN DA 117 35.08 -23.60 46.56
CA GLN DA 117 35.30 -24.27 47.83
C GLN DA 117 34.12 -24.08 48.81
N CYS DA 118 32.89 -24.14 48.29
CA CYS DA 118 31.74 -23.93 49.17
C CYS DA 118 31.43 -25.14 50.05
N LYS DA 119 31.97 -26.32 49.72
CA LYS DA 119 31.84 -27.58 50.45
C LYS DA 119 30.49 -28.25 50.31
N ALA DA 120 29.65 -27.83 49.37
CA ALA DA 120 28.36 -28.49 49.16
C ALA DA 120 28.54 -29.93 48.70
N CYS DA 121 29.46 -30.17 47.75
CA CYS DA 121 29.61 -31.52 47.20
C CYS DA 121 30.20 -32.47 48.22
N GLU DA 122 31.13 -31.99 49.04
CA GLU DA 122 31.64 -32.79 50.15
C GLU DA 122 30.50 -33.27 51.03
N THR DA 123 29.57 -32.37 51.37
CA THR DA 123 28.40 -32.73 52.17
C THR DA 123 27.49 -33.69 51.41
N ALA DA 124 27.28 -33.44 50.12
CA ALA DA 124 26.28 -34.20 49.37
C ALA DA 124 26.75 -35.61 49.01
N CYS DA 125 28.07 -35.81 48.88
CA CYS DA 125 28.61 -37.08 48.41
C CYS DA 125 28.15 -38.24 49.28
N PRO DA 126 27.32 -39.15 48.75
CA PRO DA 126 26.84 -40.28 49.56
C PRO DA 126 27.92 -41.27 49.95
N GLN DA 127 29.10 -41.19 49.33
CA GLN DA 127 30.18 -42.13 49.60
C GLN DA 127 31.34 -41.49 50.33
N ASP DA 128 31.21 -40.22 50.73
CA ASP DA 128 32.30 -39.46 51.35
C ASP DA 128 33.59 -39.55 50.52
N ALA DA 129 33.43 -39.49 49.21
CA ALA DA 129 34.59 -39.61 48.32
C ALA DA 129 35.33 -38.30 48.13
N ILE DA 130 34.71 -37.18 48.49
CA ILE DA 130 35.25 -35.86 48.18
C ILE DA 130 35.90 -35.25 49.42
N THR DA 131 37.08 -34.65 49.22
CA THR DA 131 37.69 -33.76 50.19
C THR DA 131 37.75 -32.36 49.59
N ILE DA 132 37.21 -31.38 50.30
CA ILE DA 132 37.31 -29.97 49.93
C ILE DA 132 37.99 -29.24 51.07
N THR DA 133 39.12 -28.59 50.79
CA THR DA 133 39.80 -27.76 51.76
C THR DA 133 39.60 -26.28 51.41
N ARG DA 134 39.63 -25.43 52.43
CA ARG DA 134 39.64 -23.99 52.19
C ARG DA 134 40.33 -23.31 53.36
N GLU DA 135 41.15 -22.31 53.04
CA GLU DA 135 41.78 -21.45 54.04
C GLU DA 135 41.11 -20.08 53.97
N LEU DA 136 40.47 -19.70 55.05
CA LEU DA 136 39.85 -18.39 55.22
C LEU DA 136 40.85 -17.40 55.80
N PRO DA 137 40.63 -16.10 55.60
CA PRO DA 137 41.53 -15.11 56.20
C PRO DA 137 41.39 -15.09 57.72
N GLU DA 138 42.45 -14.57 58.36
CA GLU DA 138 42.38 -14.34 59.79
C GLU DA 138 41.45 -13.18 60.12
N ARG DA 139 40.84 -13.27 61.31
CA ARG DA 139 39.85 -12.28 61.74
C ARG DA 139 40.44 -10.88 61.80
N LYS DA 140 41.63 -10.75 62.40
CA LYS DA 140 42.32 -9.47 62.51
C LYS DA 140 42.39 -8.74 61.17
N ASP DA 141 42.51 -9.47 60.07
CA ASP DA 141 42.70 -8.88 58.76
C ASP DA 141 41.40 -8.40 58.11
N LEU DA 142 40.24 -8.64 58.70
CA LEU DA 142 38.99 -8.19 58.13
C LEU DA 142 38.41 -7.02 58.90
N VAL DA 143 39.24 -6.37 59.72
CA VAL DA 143 38.67 -5.44 60.67
C VAL DA 143 39.78 -4.40 60.93
N THR DA 144 39.41 -3.16 61.29
CA THR DA 144 40.45 -2.16 61.61
C THR DA 144 40.02 -1.22 62.73
N GLY DA 145 40.97 -0.90 63.60
CA GLY DA 145 40.71 0.01 64.69
C GLY DA 145 41.92 0.12 65.59
N GLU DA 146 41.81 1.02 66.56
CA GLU DA 146 42.78 1.18 67.63
C GLU DA 146 42.10 0.91 68.96
N ILE DA 147 42.83 0.30 69.89
CA ILE DA 147 42.29 0.07 71.23
C ILE DA 147 43.44 0.02 72.22
N GLU DA 148 43.33 0.78 73.31
CA GLU DA 148 44.29 0.65 74.40
C GLU DA 148 43.58 0.98 75.71
N ILE DA 149 43.99 0.28 76.77
CA ILE DA 149 43.41 0.42 78.10
C ILE DA 149 44.44 1.04 79.03
N ASP DA 150 44.07 2.15 79.67
CA ASP DA 150 44.90 2.83 80.66
C ASP DA 150 44.80 2.07 81.98
N LYS DA 151 45.84 1.32 82.32
CA LYS DA 151 45.77 0.43 83.47
C LYS DA 151 45.82 1.18 84.80
N ASP DA 152 46.33 2.42 84.82
CA ASP DA 152 46.31 3.19 86.06
C ASP DA 152 44.91 3.68 86.38
N THR DA 153 44.17 4.10 85.35
CA THR DA 153 42.78 4.49 85.52
C THR DA 153 41.89 3.29 85.82
N CYS DA 154 42.20 2.14 85.23
CA CYS DA 154 41.39 0.94 85.40
C CYS DA 154 41.26 0.57 86.88
N ILE DA 155 40.03 0.31 87.31
CA ILE DA 155 39.75 -0.11 88.68
C ILE DA 155 39.38 -1.59 88.74
N TYR DA 156 39.49 -2.31 87.61
CA TYR DA 156 39.35 -3.76 87.56
C TYR DA 156 37.96 -4.23 88.00
N CYS DA 157 36.92 -3.54 87.52
CA CYS DA 157 35.56 -3.95 87.84
C CYS DA 157 35.07 -5.14 87.04
N GLY DA 158 35.79 -5.53 85.98
CA GLY DA 158 35.41 -6.70 85.22
C GLY DA 158 34.32 -6.52 84.19
N MET DA 159 33.70 -5.34 84.10
CA MET DA 159 32.54 -5.18 83.24
C MET DA 159 32.91 -5.29 81.76
N CYS DA 160 34.09 -4.79 81.37
CA CYS DA 160 34.49 -4.88 79.97
C CYS DA 160 34.77 -6.33 79.57
N GLU DA 161 35.43 -7.08 80.47
CA GLU DA 161 35.69 -8.48 80.22
C GLU DA 161 34.41 -9.27 80.06
N GLU DA 162 33.43 -9.00 80.91
CA GLU DA 162 32.15 -9.70 80.83
C GLU DA 162 31.42 -9.35 79.54
N MET DA 163 31.35 -8.06 79.21
CA MET DA 163 30.55 -7.63 78.08
C MET DA 163 31.20 -7.93 76.73
N CYS DA 164 32.52 -8.08 76.69
CA CYS DA 164 33.21 -8.30 75.42
C CYS DA 164 32.67 -9.54 74.71
N PRO DA 165 32.04 -9.39 73.54
CA PRO DA 165 31.36 -10.53 72.91
C PRO DA 165 32.29 -11.54 72.28
N VAL DA 166 33.59 -11.22 72.15
CA VAL DA 166 34.56 -12.13 71.56
C VAL DA 166 35.65 -12.52 72.56
N ASP DA 167 35.45 -12.24 73.84
CA ASP DA 167 36.44 -12.54 74.89
C ASP DA 167 37.83 -12.08 74.52
N ALA DA 168 37.93 -10.86 74.00
CA ALA DA 168 39.24 -10.30 73.66
C ALA DA 168 39.94 -9.68 74.87
N ILE DA 169 39.21 -9.30 75.90
CA ILE DA 169 39.80 -8.67 77.08
C ILE DA 169 40.05 -9.74 78.13
N GLU DA 170 41.24 -9.72 78.74
CA GLU DA 170 41.59 -10.65 79.79
C GLU DA 170 42.17 -9.87 80.97
N ILE DA 171 41.74 -10.25 82.17
CA ILE DA 171 42.17 -9.62 83.42
C ILE DA 171 42.85 -10.67 84.29
N ASP DA 172 44.01 -10.32 84.84
CA ASP DA 172 44.74 -11.22 85.73
C ASP DA 172 44.20 -11.04 87.15
N HIS DA 173 43.06 -11.68 87.40
CA HIS DA 173 42.45 -11.64 88.72
C HIS DA 173 43.33 -12.34 89.75
N GLN DA 174 43.16 -11.95 91.01
CA GLN DA 174 43.82 -12.64 92.12
C GLN DA 174 43.06 -12.35 93.39
N THR DA 175 43.35 -13.16 94.41
CA THR DA 175 42.96 -12.82 95.77
C THR DA 175 43.98 -11.86 96.37
N PRO DA 176 43.55 -10.76 96.97
CA PRO DA 176 44.54 -9.82 97.54
C PRO DA 176 45.28 -10.44 98.71
N SER DA 177 46.49 -9.93 98.93
CA SER DA 177 47.27 -10.21 100.12
C SER DA 177 47.79 -8.88 100.64
N SER DA 178 48.30 -8.87 101.88
CA SER DA 178 48.82 -7.64 102.43
C SER DA 178 50.01 -7.13 101.62
N ALA DA 179 50.75 -8.04 101.00
CA ALA DA 179 51.86 -7.63 100.13
C ALA DA 179 51.35 -7.08 98.81
N SER DA 180 50.26 -7.63 98.28
CA SER DA 180 49.70 -7.21 97.00
C SER DA 180 48.22 -6.95 97.19
N PRO DA 181 47.84 -5.73 97.82
CA PRO DA 181 46.44 -5.45 98.15
C PRO DA 181 45.64 -4.92 96.95
N VAL DA 182 45.54 -5.75 95.92
CA VAL DA 182 44.82 -5.42 94.69
C VAL DA 182 44.07 -6.66 94.24
N VAL DA 183 42.94 -6.46 93.54
CA VAL DA 183 42.13 -7.58 93.07
C VAL DA 183 42.55 -8.05 91.69
N ALA DA 184 43.52 -7.38 91.06
CA ALA DA 184 44.03 -7.80 89.76
C ALA DA 184 45.34 -7.07 89.52
N THR DA 185 46.22 -7.70 88.75
CA THR DA 185 47.54 -7.15 88.50
C THR DA 185 47.74 -6.64 87.07
N ASP DA 186 46.82 -6.93 86.16
CA ASP DA 186 46.99 -6.54 84.77
C ASP DA 186 45.68 -6.70 84.02
N ILE DA 187 45.59 -6.01 82.87
CA ILE DA 187 44.48 -6.16 81.94
C ILE DA 187 45.02 -5.97 80.54
N ARG DA 188 44.53 -6.77 79.60
CA ARG DA 188 45.08 -6.81 78.24
C ARG DA 188 43.96 -6.97 77.23
N VAL DA 189 44.19 -6.43 76.02
CA VAL DA 189 43.30 -6.64 74.89
C VAL DA 189 44.02 -7.48 73.85
N ASP DA 190 43.41 -8.57 73.42
CA ASP DA 190 43.95 -9.43 72.37
C ASP DA 190 43.43 -8.91 71.04
N GLU DA 191 44.27 -8.16 70.32
CA GLU DA 191 43.83 -7.53 69.08
C GLU DA 191 43.66 -8.53 67.94
N ASP DA 192 44.15 -9.77 68.10
CA ASP DA 192 43.78 -10.82 67.16
C ASP DA 192 42.30 -11.17 67.24
N LYS DA 193 41.65 -10.88 68.37
CA LYS DA 193 40.25 -11.22 68.58
C LYS DA 193 39.31 -10.03 68.50
N CYS DA 194 39.76 -8.85 68.93
CA CYS DA 194 38.94 -7.65 68.93
C CYS DA 194 38.39 -7.35 67.54
N VAL DA 195 37.08 -7.09 67.46
CA VAL DA 195 36.45 -6.68 66.22
C VAL DA 195 35.96 -5.24 66.27
N HIS DA 196 36.37 -4.49 67.30
CA HIS DA 196 36.11 -3.04 67.40
C HIS DA 196 34.62 -2.72 67.37
N CYS DA 197 33.84 -3.40 68.18
CA CYS DA 197 32.42 -3.06 68.25
C CYS DA 197 32.15 -1.88 69.17
N GLY DA 198 33.06 -1.58 70.11
CA GLY DA 198 32.93 -0.42 70.96
C GLY DA 198 32.26 -0.64 72.29
N ILE DA 199 31.84 -1.87 72.60
CA ILE DA 199 31.04 -2.13 73.81
C ILE DA 199 31.84 -1.79 75.06
N CYS DA 200 33.08 -2.28 75.15
CA CYS DA 200 33.87 -2.10 76.36
C CYS DA 200 34.00 -0.63 76.73
N LYS DA 201 34.32 0.19 75.75
CA LYS DA 201 34.51 1.62 76.02
C LYS DA 201 33.22 2.27 76.49
N ARG DA 202 32.06 1.81 76.01
CA ARG DA 202 30.80 2.38 76.48
C ARG DA 202 30.42 1.93 77.88
N ILE DA 203 30.80 0.71 78.28
CA ILE DA 203 30.41 0.22 79.60
C ILE DA 203 31.40 0.64 80.70
N CYS DA 204 32.63 0.98 80.34
CA CYS DA 204 33.67 1.34 81.30
C CYS DA 204 33.24 2.50 82.20
N PRO DA 205 33.14 2.29 83.52
CA PRO DA 205 32.63 3.37 84.39
C PRO DA 205 33.61 4.50 84.61
N VAL DA 206 34.90 4.31 84.31
CA VAL DA 206 35.90 5.33 84.59
C VAL DA 206 36.62 5.80 83.33
N ASP DA 207 36.05 5.51 82.15
CA ASP DA 207 36.58 5.94 80.86
C ASP DA 207 38.09 5.68 80.74
N ALA DA 208 38.49 4.44 81.02
CA ALA DA 208 39.88 4.04 80.95
C ALA DA 208 40.26 3.44 79.60
N ILE DA 209 39.31 3.25 78.69
CA ILE DA 209 39.54 2.57 77.43
C ILE DA 209 39.42 3.57 76.29
N MET DA 210 40.43 3.63 75.45
CA MET DA 210 40.38 4.35 74.18
C MET DA 210 40.13 3.33 73.09
N GLN DA 211 39.08 3.54 72.30
CA GLN DA 211 38.79 2.60 71.23
C GLN DA 211 38.22 3.38 70.06
N VAL DA 212 38.85 3.23 68.90
CA VAL DA 212 38.45 3.91 67.68
C VAL DA 212 38.28 2.87 66.59
N CYS DA 213 37.16 2.92 65.92
CA CYS DA 213 36.81 1.96 64.91
C CYS DA 213 37.07 2.66 63.58
N ARG DA 214 37.84 2.01 62.69
CA ARG DA 214 38.23 2.62 61.42
C ARG DA 214 37.59 1.98 60.20
N ILE DA 215 36.72 0.98 60.39
CA ILE DA 215 36.31 0.13 59.28
C ILE DA 215 35.73 0.96 58.13
N CYS DA 216 34.73 1.80 58.42
CA CYS DA 216 34.05 2.49 57.32
C CYS DA 216 34.93 3.53 56.63
N PRO DA 217 35.62 4.44 57.33
CA PRO DA 217 36.45 5.40 56.59
C PRO DA 217 37.68 4.79 55.94
N TYR DA 218 38.34 3.82 56.60
CA TYR DA 218 39.59 3.27 56.09
C TYR DA 218 39.50 1.83 55.59
N GLY DA 219 38.30 1.23 55.57
CA GLY DA 219 38.20 -0.17 55.17
C GLY DA 219 38.68 -0.44 53.76
N GLU DA 220 38.45 0.50 52.85
CA GLU DA 220 38.85 0.30 51.45
C GLU DA 220 40.34 0.02 51.34
N TYR DA 221 41.16 0.71 52.13
CA TYR DA 221 42.60 0.55 52.08
C TYR DA 221 43.13 -0.39 53.15
N GLU DA 222 42.58 -0.35 54.37
CA GLU DA 222 43.17 -1.10 55.46
C GLU DA 222 42.78 -2.57 55.43
N ILE DA 223 41.64 -2.92 54.86
CA ILE DA 223 41.16 -4.30 54.85
C ILE DA 223 41.30 -4.83 53.43
N LYS DA 224 42.11 -5.87 53.27
CA LYS DA 224 42.25 -6.50 51.96
C LYS DA 224 41.04 -7.40 51.70
N THR DA 225 40.49 -7.29 50.50
CA THR DA 225 39.36 -8.12 50.12
C THR DA 225 39.76 -9.58 50.16
N PRO DA 226 38.96 -10.45 50.78
CA PRO DA 226 39.42 -11.82 51.06
C PRO DA 226 39.54 -12.67 49.79
N GLU DA 227 40.74 -13.17 49.56
CA GLU DA 227 41.00 -14.23 48.60
C GLU DA 227 40.99 -15.54 49.39
N VAL DA 228 40.08 -16.45 49.03
CA VAL DA 228 39.94 -17.72 49.74
C VAL DA 228 40.37 -18.84 48.81
N THR DA 229 41.37 -19.58 49.24
CA THR DA 229 42.03 -20.65 48.49
C THR DA 229 41.62 -22.03 49.01
N GLY DA 230 41.98 -23.05 48.26
CA GLY DA 230 41.75 -24.42 48.66
C GLY DA 230 41.96 -25.39 47.52
N THR DA 231 41.67 -26.66 47.80
CA THR DA 231 41.81 -27.73 46.83
C THR DA 231 40.61 -28.66 46.93
N SER DA 232 40.56 -29.62 46.01
CA SER DA 232 39.52 -30.63 45.94
C SER DA 232 40.19 -31.97 45.70
N TYR DA 233 39.51 -33.05 46.11
CA TYR DA 233 40.02 -34.38 45.83
C TYR DA 233 38.86 -35.37 45.82
N ILE DA 234 38.76 -36.12 44.73
CA ILE DA 234 37.76 -37.17 44.59
C ILE DA 234 38.47 -38.51 44.64
N ASP DA 235 38.17 -39.29 45.68
CA ASP DA 235 38.75 -40.63 45.84
C ASP DA 235 38.20 -41.55 44.77
N PRO DA 236 39.01 -42.00 43.81
CA PRO DA 236 38.45 -42.79 42.70
C PRO DA 236 37.92 -44.15 43.11
N GLU DA 237 38.29 -44.65 44.28
CA GLU DA 237 37.81 -45.96 44.73
C GLU DA 237 36.48 -45.84 45.45
N LEU DA 238 36.34 -44.81 46.28
CA LEU DA 238 35.07 -44.56 46.97
C LEU DA 238 34.04 -43.98 46.02
N CYS DA 239 34.50 -43.27 44.99
CA CYS DA 239 33.60 -42.61 44.05
C CYS DA 239 32.78 -43.61 43.27
N VAL DA 240 31.51 -43.26 43.03
CA VAL DA 240 30.52 -44.17 42.49
C VAL DA 240 29.78 -43.58 41.29
N ASN DA 241 30.02 -42.30 40.98
CA ASN DA 241 29.49 -41.62 39.79
C ASN DA 241 27.97 -41.47 39.85
N CYS DA 242 27.44 -41.17 41.03
CA CYS DA 242 26.02 -40.84 41.11
C CYS DA 242 25.75 -39.47 40.51
N GLY DA 243 26.70 -38.54 40.62
CA GLY DA 243 26.54 -37.23 40.03
C GLY DA 243 25.99 -36.17 40.96
N TRP DA 244 25.82 -36.48 42.25
CA TRP DA 244 25.31 -35.49 43.21
C TRP DA 244 26.15 -34.22 43.20
N CYS DA 245 27.48 -34.35 43.13
CA CYS DA 245 28.33 -33.18 43.13
C CYS DA 245 28.06 -32.28 41.94
N GLN DA 246 27.97 -32.89 40.75
CA GLN DA 246 27.63 -32.15 39.54
C GLN DA 246 26.35 -31.35 39.72
N GLU DA 247 25.34 -31.97 40.34
CA GLU DA 247 24.03 -31.33 40.42
C GLU DA 247 23.95 -30.33 41.57
N ILE DA 248 24.70 -30.55 42.65
CA ILE DA 248 24.65 -29.64 43.79
C ILE DA 248 25.54 -28.42 43.59
N CYS DA 249 26.49 -28.49 42.68
CA CYS DA 249 27.51 -27.44 42.55
C CYS DA 249 26.91 -26.13 42.09
N PRO DA 250 27.04 -25.04 42.87
CA PRO DA 250 26.44 -23.76 42.45
C PRO DA 250 27.16 -23.10 41.28
N VAL DA 251 28.38 -23.51 40.96
CA VAL DA 251 29.12 -22.88 39.88
C VAL DA 251 29.47 -23.87 38.76
N ASP DA 252 28.76 -25.01 38.72
CA ASP DA 252 28.93 -26.03 37.67
C ASP DA 252 30.40 -26.38 37.45
N ALA DA 253 31.15 -26.52 38.54
CA ALA DA 253 32.55 -26.90 38.46
C ALA DA 253 32.78 -28.41 38.46
N ALA DA 254 31.75 -29.21 38.72
CA ALA DA 254 31.88 -30.65 38.83
C ALA DA 254 31.19 -31.33 37.65
N THR DA 255 31.85 -32.35 37.09
CA THR DA 255 31.38 -33.06 35.92
C THR DA 255 31.48 -34.56 36.15
N VAL DA 256 30.41 -35.29 35.84
CA VAL DA 256 30.31 -36.72 36.08
C VAL DA 256 29.71 -37.40 34.86
N THR DA 257 30.28 -38.53 34.46
CA THR DA 257 29.69 -39.41 33.47
C THR DA 257 29.51 -40.79 34.07
N LYS DA 258 28.42 -41.45 33.71
CA LYS DA 258 28.05 -42.71 34.32
C LYS DA 258 28.27 -43.89 33.38
N PRO DA 259 28.38 -45.08 33.94
CA PRO DA 259 28.61 -46.27 33.12
C PRO DA 259 27.36 -46.87 32.48
N PHE DA 260 26.25 -46.87 33.20
CA PHE DA 260 25.04 -47.54 32.74
C PHE DA 260 23.95 -46.53 32.41
N GLU DA 261 23.14 -46.89 31.42
CA GLU DA 261 21.89 -46.20 31.14
C GLU DA 261 20.73 -47.14 31.43
N GLY DA 262 19.65 -46.59 31.94
CA GLY DA 262 18.54 -47.44 32.30
C GLY DA 262 17.34 -46.63 32.74
N GLU DA 263 16.42 -47.31 33.40
CA GLU DA 263 15.23 -46.68 33.96
C GLU DA 263 14.94 -47.26 35.33
N LEU DA 264 14.24 -46.47 36.13
CA LEU DA 264 13.72 -46.87 37.43
C LEU DA 264 12.21 -46.91 37.34
N ILE DA 265 11.60 -47.98 37.83
CA ILE DA 265 10.14 -48.11 37.83
C ILE DA 265 9.70 -48.54 39.22
N ILE DA 266 8.77 -47.78 39.79
CA ILE DA 266 8.30 -47.99 41.15
C ILE DA 266 6.78 -48.17 41.10
N ASP DA 267 6.28 -49.19 41.81
CA ASP DA 267 4.84 -49.38 42.00
C ASP DA 267 4.53 -48.89 43.41
N GLN DA 268 3.99 -47.68 43.50
CA GLN DA 268 3.77 -47.04 44.81
C GLN DA 268 2.85 -47.84 45.71
N ASP DA 269 1.88 -48.55 45.13
CA ASP DA 269 0.91 -49.25 45.95
C ASP DA 269 1.43 -50.60 46.43
N THR DA 270 2.31 -51.23 45.65
CA THR DA 270 2.99 -52.44 46.15
C THR DA 270 3.93 -52.08 47.29
N CYS DA 271 4.60 -50.93 47.19
CA CYS DA 271 5.49 -50.44 48.22
C CYS DA 271 4.79 -50.32 49.56
N GLN DA 272 5.42 -50.87 50.61
CA GLN DA 272 4.90 -50.77 51.97
C GLN DA 272 5.81 -49.96 52.87
N ALA DA 273 6.79 -49.26 52.29
CA ALA DA 273 7.60 -48.25 52.98
C ALA DA 273 8.40 -48.84 54.14
N CYS DA 274 8.99 -50.02 53.92
CA CYS DA 274 9.84 -50.56 54.98
C CYS DA 274 11.18 -49.83 55.08
N GLU DA 275 11.53 -49.00 54.10
CA GLU DA 275 12.71 -48.13 54.02
C GLU DA 275 13.96 -48.91 53.61
N THR DA 276 13.86 -50.20 53.26
CA THR DA 276 15.06 -50.97 52.93
C THR DA 276 15.81 -50.38 51.74
N CYS DA 277 15.12 -50.18 50.61
CA CYS DA 277 15.80 -49.67 49.43
C CYS DA 277 16.39 -48.30 49.68
N VAL DA 278 15.71 -47.48 50.49
CA VAL DA 278 16.21 -46.14 50.81
C VAL DA 278 17.57 -46.23 51.48
N MET DA 279 17.69 -47.15 52.45
CA MET DA 279 18.95 -47.34 53.16
C MET DA 279 19.97 -48.07 52.29
N VAL DA 280 19.50 -48.93 51.40
CA VAL DA 280 20.40 -49.73 50.55
C VAL DA 280 21.04 -48.86 49.48
N CYS DA 281 20.28 -47.94 48.88
CA CYS DA 281 20.74 -47.14 47.75
C CYS DA 281 22.05 -46.43 48.08
N PRO DA 282 23.15 -46.83 47.43
CA PRO DA 282 24.44 -46.17 47.70
C PRO DA 282 24.57 -44.80 47.07
N CYS DA 283 23.65 -44.40 46.19
CA CYS DA 283 23.71 -43.12 45.52
C CYS DA 283 22.69 -42.12 46.04
N ASN DA 284 21.92 -42.49 47.07
CA ASN DA 284 20.95 -41.60 47.71
C ASN DA 284 19.90 -41.14 46.70
N VAL DA 285 19.41 -42.09 45.90
CA VAL DA 285 18.40 -41.78 44.88
C VAL DA 285 17.00 -41.72 45.48
N LEU DA 286 16.71 -42.53 46.49
CA LEU DA 286 15.36 -42.77 46.98
C LEU DA 286 15.17 -42.12 48.35
N SER DA 287 13.98 -41.57 48.59
CA SER DA 287 13.71 -40.88 49.84
C SER DA 287 12.22 -40.96 50.18
N PHE DA 288 11.92 -40.62 51.43
CA PHE DA 288 10.56 -40.48 51.95
C PHE DA 288 10.32 -39.00 52.19
N PRO DA 289 9.77 -38.26 51.22
CA PRO DA 289 9.48 -36.84 51.45
C PRO DA 289 8.52 -36.63 52.61
N LYS DA 290 8.88 -35.70 53.50
CA LYS DA 290 8.00 -35.28 54.59
C LYS DA 290 6.97 -34.27 54.08
N PRO DA 291 5.70 -34.42 54.44
CA PRO DA 291 4.70 -33.42 54.02
C PRO DA 291 4.99 -32.06 54.62
N GLU DA 292 4.89 -31.02 53.80
CA GLU DA 292 5.25 -29.70 54.27
C GLU DA 292 4.15 -29.06 55.11
N LYS DA 293 2.89 -29.39 54.84
CA LYS DA 293 1.79 -28.84 55.63
C LYS DA 293 0.95 -29.97 56.22
N PRO DA 294 0.27 -29.71 57.34
CA PRO DA 294 -0.64 -30.73 57.90
C PRO DA 294 -1.78 -31.02 56.93
N GLY DA 295 -2.12 -32.31 56.80
CA GLY DA 295 -3.14 -32.74 55.88
C GLY DA 295 -2.64 -33.05 54.49
N GLU DA 296 -1.42 -32.63 54.16
CA GLU DA 296 -0.87 -32.90 52.83
C GLU DA 296 -0.42 -34.34 52.72
N LYS DA 297 -0.50 -34.85 51.50
CA LYS DA 297 -0.01 -36.19 51.21
C LYS DA 297 1.13 -36.08 50.21
N THR DA 298 2.03 -37.07 50.27
CA THR DA 298 3.23 -37.07 49.48
C THR DA 298 3.30 -38.41 48.76
N THR DA 299 4.11 -38.47 47.71
CA THR DA 299 4.35 -39.75 47.06
C THR DA 299 5.12 -40.65 48.03
N LYS DA 300 4.68 -41.90 48.13
CA LYS DA 300 5.18 -42.80 49.16
C LYS DA 300 6.70 -42.97 49.07
N LEU DA 301 7.21 -43.25 47.87
CA LEU DA 301 8.64 -43.42 47.65
C LEU DA 301 9.07 -42.58 46.45
N HIS DA 302 9.90 -41.58 46.73
CA HIS DA 302 10.33 -40.61 45.73
C HIS DA 302 11.72 -40.95 45.23
N LYS DA 303 11.91 -40.86 43.92
CA LYS DA 303 13.18 -41.11 43.27
C LYS DA 303 13.64 -39.85 42.52
N ASP DA 304 14.93 -39.80 42.24
CA ASP DA 304 15.48 -38.82 41.30
C ASP DA 304 16.58 -39.55 40.53
N GLU DA 305 16.26 -39.98 39.31
CA GLU DA 305 17.19 -40.81 38.54
C GLU DA 305 18.44 -40.07 38.11
N ARG DA 306 18.51 -38.74 38.29
CA ARG DA 306 19.74 -38.03 37.98
C ARG DA 306 20.91 -38.59 38.77
N PHE DA 307 20.64 -39.12 39.97
CA PHE DA 307 21.69 -39.64 40.84
C PHE DA 307 21.82 -41.15 40.72
N CYS DA 308 21.06 -41.78 39.83
CA CYS DA 308 21.00 -43.22 39.70
C CYS DA 308 22.08 -43.78 38.79
N ILE DA 309 22.62 -44.95 39.15
CA ILE DA 309 23.61 -45.65 38.33
C ILE DA 309 23.12 -47.02 37.89
N TYR DA 310 21.90 -47.42 38.25
CA TYR DA 310 21.29 -48.65 37.77
C TYR DA 310 22.09 -49.90 38.14
N CYS DA 311 22.65 -49.91 39.36
CA CYS DA 311 23.33 -51.11 39.82
C CYS DA 311 22.34 -52.20 40.22
N GLY DA 312 21.09 -51.84 40.52
CA GLY DA 312 20.07 -52.82 40.81
C GLY DA 312 19.94 -53.23 42.25
N ALA DA 313 20.64 -52.57 43.18
CA ALA DA 313 20.64 -53.00 44.57
C ALA DA 313 19.29 -52.81 45.24
N CYS DA 314 18.55 -51.76 44.88
CA CYS DA 314 17.24 -51.54 45.47
C CYS DA 314 16.27 -52.66 45.09
N GLU DA 315 16.15 -52.92 43.79
CA GLU DA 315 15.33 -54.02 43.30
C GLU DA 315 15.63 -55.32 44.03
N ARG DA 316 16.91 -55.64 44.17
CA ARG DA 316 17.33 -56.86 44.84
C ARG DA 316 16.91 -56.85 46.30
N SER DA 317 16.87 -55.67 46.92
CA SER DA 317 16.60 -55.56 48.35
C SER DA 317 15.12 -55.59 48.69
N CYS DA 318 14.24 -55.28 47.73
CA CYS DA 318 12.83 -55.13 48.02
C CYS DA 318 12.15 -56.49 48.15
N PRO DA 319 11.58 -56.83 49.31
CA PRO DA 319 10.95 -58.15 49.45
C PRO DA 319 9.60 -58.27 48.76
N VAL DA 320 9.01 -57.20 48.25
CA VAL DA 320 7.76 -57.29 47.50
C VAL DA 320 7.96 -56.89 46.04
N THR DA 321 9.20 -56.80 45.57
CA THR DA 321 9.53 -56.37 44.22
C THR DA 321 8.63 -55.20 43.78
N ALA DA 322 8.59 -54.18 44.61
CA ALA DA 322 7.83 -52.98 44.29
C ALA DA 322 8.62 -52.02 43.42
N ILE DA 323 9.90 -52.28 43.23
CA ILE DA 323 10.79 -51.42 42.48
C ILE DA 323 11.63 -52.30 41.57
N THR DA 324 11.67 -51.97 40.28
CA THR DA 324 12.46 -52.73 39.33
C THR DA 324 13.37 -51.81 38.53
N VAL DA 325 14.53 -52.35 38.15
CA VAL DA 325 15.60 -51.61 37.48
C VAL DA 325 15.80 -52.24 36.11
N LYS DA 326 15.78 -51.40 35.08
CA LYS DA 326 16.10 -51.85 33.73
C LYS DA 326 17.32 -51.09 33.21
N ARG DA 327 18.04 -51.71 32.28
CA ARG DA 327 19.37 -51.27 31.90
C ARG DA 327 19.52 -51.44 30.39
N ASN DA 328 19.51 -50.33 29.65
CA ASN DA 328 19.61 -50.38 28.20
C ASN DA 328 21.05 -50.41 27.71
N ARG DA 329 21.96 -49.74 28.42
CA ARG DA 329 23.30 -49.54 27.91
C ARG DA 329 24.34 -49.71 29.01
N ILE DA 330 25.44 -50.38 28.66
CA ILE DA 330 26.61 -50.51 29.52
C ILE DA 330 27.79 -49.99 28.72
N ASN DA 331 28.35 -48.86 29.16
CA ASN DA 331 29.41 -48.19 28.39
C ASN DA 331 30.75 -48.84 28.69
N THR DA 332 31.41 -49.38 27.66
CA THR DA 332 32.74 -49.93 27.89
C THR DA 332 33.70 -49.65 26.73
N THR DA 333 35.00 -49.76 27.04
CA THR DA 333 36.12 -49.85 26.10
C THR DA 333 35.90 -51.06 25.18
N PRO DA 334 36.62 -51.15 24.05
CA PRO DA 334 36.37 -52.25 23.10
C PRO DA 334 36.35 -53.63 23.73
N ILE DA 335 35.37 -54.41 23.28
CA ILE DA 335 35.26 -55.83 23.61
C ILE DA 335 35.47 -56.59 22.32
N ARG DA 336 36.52 -57.40 22.24
CA ARG DA 336 36.52 -58.33 21.12
C ARG DA 336 36.17 -59.75 21.56
N SER DA 337 36.65 -60.19 22.73
CA SER DA 337 36.27 -61.50 23.25
C SER DA 337 34.76 -61.63 23.23
N LYS DA 338 34.28 -62.66 22.54
CA LYS DA 338 32.84 -62.84 22.41
C LYS DA 338 32.23 -63.42 23.67
N ALA DA 339 33.02 -64.11 24.49
CA ALA DA 339 32.55 -64.52 25.80
C ALA DA 339 32.21 -63.31 26.66
N TRP DA 340 33.07 -62.28 26.62
CA TRP DA 340 32.82 -61.08 27.41
C TRP DA 340 31.59 -60.33 26.91
N LYS DA 341 31.45 -60.17 25.59
CA LYS DA 341 30.31 -59.44 25.05
C LYS DA 341 28.99 -60.13 25.42
N ASN DA 342 28.97 -61.46 25.39
CA ASN DA 342 27.76 -62.16 25.80
C ASN DA 342 27.46 -61.97 27.28
N ALA DA 343 28.52 -61.90 28.10
CA ALA DA 343 28.32 -61.67 29.53
C ALA DA 343 27.76 -60.26 29.77
N PHE DA 344 28.37 -59.26 29.14
CA PHE DA 344 27.89 -57.90 29.31
C PHE DA 344 26.49 -57.71 28.72
N ASP DA 345 26.17 -58.40 27.63
CA ASP DA 345 24.83 -58.30 27.08
C ASP DA 345 23.80 -58.97 27.98
N SER DA 346 24.22 -59.96 28.77
CA SER DA 346 23.27 -60.64 29.64
C SER DA 346 22.78 -59.76 30.77
N LEU DA 347 23.48 -58.67 31.06
CA LEU DA 347 23.02 -57.73 32.09
C LEU DA 347 22.11 -56.63 31.54
N LEU DA 348 21.81 -56.64 30.24
CA LEU DA 348 20.89 -55.67 29.70
C LEU DA 348 19.47 -56.14 29.91
N LYS DA 349 18.63 -55.21 30.32
CA LYS DA 349 17.23 -55.47 30.44
C LYS DA 349 16.58 -54.23 29.83
N MET EA 1 119.34 -42.23 87.29
CA MET EA 1 120.54 -42.65 86.56
C MET EA 1 121.16 -41.48 85.79
N GLU EA 2 122.10 -41.78 84.89
CA GLU EA 2 122.97 -40.79 84.28
C GLU EA 2 122.72 -40.68 82.78
N TYR EA 3 122.61 -39.44 82.30
CA TYR EA 3 122.49 -39.18 80.87
C TYR EA 3 123.36 -38.00 80.48
N ILE EA 4 123.92 -38.08 79.28
CA ILE EA 4 124.62 -36.98 78.64
C ILE EA 4 123.95 -36.73 77.29
N ILE EA 5 123.58 -35.49 77.03
CA ILE EA 5 122.88 -35.13 75.81
C ILE EA 5 123.88 -34.36 74.97
N LYS EA 6 124.37 -34.98 73.90
CA LYS EA 6 125.58 -34.55 73.22
C LYS EA 6 125.26 -33.78 71.94
N ASN EA 7 126.03 -32.72 71.73
CA ASN EA 7 126.18 -32.08 70.44
C ASN EA 7 124.88 -31.49 69.89
N GLY EA 8 123.95 -31.11 70.77
CA GLY EA 8 122.73 -30.46 70.34
C GLY EA 8 122.84 -28.95 70.28
N PHE EA 9 122.03 -28.33 69.42
CA PHE EA 9 121.89 -26.88 69.38
C PHE EA 9 120.94 -26.46 70.49
N VAL EA 10 121.49 -25.88 71.56
CA VAL EA 10 120.71 -25.60 72.76
C VAL EA 10 120.04 -24.24 72.64
N TYR EA 11 118.74 -24.20 72.93
CA TYR EA 11 117.97 -22.96 73.02
C TYR EA 11 117.41 -22.87 74.43
N CYS EA 12 117.93 -21.92 75.21
CA CYS EA 12 117.50 -21.74 76.59
C CYS EA 12 117.47 -20.24 76.88
N PRO EA 13 116.33 -19.59 76.66
CA PRO EA 13 116.29 -18.13 76.80
C PRO EA 13 116.57 -17.62 78.20
N LEU EA 14 116.16 -18.36 79.24
CA LEU EA 14 116.37 -17.86 80.59
C LEU EA 14 117.86 -17.75 80.93
N ASN EA 15 118.68 -18.64 80.38
CA ASN EA 15 120.13 -18.55 80.52
C ASN EA 15 120.80 -17.94 79.31
N GLY EA 16 120.04 -17.29 78.42
CA GLY EA 16 120.62 -16.56 77.31
C GLY EA 16 121.41 -17.39 76.32
N VAL EA 17 121.11 -18.68 76.20
CA VAL EA 17 121.80 -19.55 75.25
C VAL EA 17 120.93 -19.63 74.00
N ASP EA 18 121.51 -19.27 72.84
CA ASP EA 18 120.75 -19.07 71.60
C ASP EA 18 121.36 -19.90 70.49
N GLY EA 19 121.15 -21.22 70.56
CA GLY EA 19 121.56 -22.09 69.48
C GLY EA 19 122.99 -22.56 69.57
N GLU EA 20 123.67 -22.30 70.68
CA GLU EA 20 125.04 -22.76 70.85
C GLU EA 20 125.02 -24.28 70.97
N LYS EA 21 125.95 -24.95 70.30
CA LYS EA 21 126.08 -26.38 70.49
C LYS EA 21 126.80 -26.66 71.81
N MET EA 22 126.28 -27.64 72.55
CA MET EA 22 126.54 -27.69 73.99
C MET EA 22 125.99 -29.00 74.53
N ASP EA 23 126.68 -29.58 75.52
CA ASP EA 23 126.21 -30.80 76.15
C ASP EA 23 125.40 -30.46 77.41
N ILE EA 24 124.35 -31.24 77.64
CA ILE EA 24 123.53 -31.10 78.83
C ILE EA 24 123.67 -32.39 79.63
N CYS EA 25 124.01 -32.25 80.91
CA CYS EA 25 124.27 -33.39 81.78
C CYS EA 25 123.13 -33.54 82.76
N VAL EA 26 122.76 -34.80 83.04
CA VAL EA 26 121.58 -35.14 83.81
C VAL EA 26 121.95 -36.23 84.81
N LYS EA 27 121.52 -36.06 86.06
CA LYS EA 27 121.78 -37.07 87.07
C LYS EA 27 120.63 -37.07 88.07
N ASP EA 28 120.00 -38.23 88.25
CA ASP EA 28 118.95 -38.43 89.24
C ASP EA 28 117.86 -37.36 89.15
N GLY EA 29 117.32 -37.20 87.94
CA GLY EA 29 116.23 -36.27 87.73
C GLY EA 29 116.58 -34.80 87.79
N LYS EA 30 117.87 -34.46 87.82
CA LYS EA 30 118.31 -33.06 87.84
C LYS EA 30 119.35 -32.84 86.76
N ILE EA 31 119.47 -31.59 86.32
CA ILE EA 31 120.55 -31.18 85.41
C ILE EA 31 121.74 -30.76 86.25
N VAL EA 32 122.92 -31.32 85.93
CA VAL EA 32 124.10 -31.18 86.77
C VAL EA 32 125.25 -30.68 85.91
N GLU EA 33 126.36 -30.31 86.56
CA GLU EA 33 127.49 -29.76 85.83
C GLU EA 33 128.25 -30.84 85.07
N SER EA 34 128.43 -32.02 85.67
CA SER EA 34 129.15 -33.10 85.01
C SER EA 34 128.64 -34.43 85.50
N VAL EA 35 128.90 -35.48 84.71
CA VAL EA 35 128.49 -36.84 85.04
C VAL EA 35 129.67 -37.76 84.79
N SER EA 36 129.59 -38.96 85.37
CA SER EA 36 130.61 -39.97 85.14
C SER EA 36 130.68 -40.35 83.66
N ASP EA 37 131.86 -40.77 83.20
CA ASP EA 37 131.99 -41.18 81.81
C ASP EA 37 131.27 -42.49 81.51
N SER EA 38 130.69 -43.13 82.51
CA SER EA 38 129.79 -44.26 82.30
C SER EA 38 128.36 -43.84 81.99
N ALA EA 39 128.09 -42.54 81.91
CA ALA EA 39 126.75 -42.06 81.61
C ALA EA 39 126.30 -42.47 80.22
N LYS EA 40 125.00 -42.69 80.09
CA LYS EA 40 124.40 -43.06 78.81
C LYS EA 40 124.31 -41.85 77.88
N VAL EA 41 124.54 -42.09 76.60
CA VAL EA 41 124.67 -41.02 75.62
C VAL EA 41 123.35 -40.92 74.86
N ILE EA 42 122.83 -39.70 74.72
CA ILE EA 42 121.76 -39.40 73.79
C ILE EA 42 122.33 -38.41 72.78
N ASP EA 43 122.41 -38.82 71.52
CA ASP EA 43 123.06 -38.05 70.48
C ASP EA 43 122.06 -37.06 69.87
N ALA EA 44 122.31 -35.76 70.06
CA ALA EA 44 121.47 -34.71 69.52
C ALA EA 44 122.13 -33.96 68.36
N SER EA 45 123.11 -34.58 67.70
CA SER EA 45 123.79 -33.94 66.57
C SER EA 45 122.78 -33.54 65.50
N GLY EA 46 122.89 -32.30 65.04
CA GLY EA 46 121.96 -31.78 64.04
C GLY EA 46 120.55 -31.62 64.55
N LYS EA 47 120.38 -31.46 65.87
CA LYS EA 47 119.07 -31.45 66.48
C LYS EA 47 119.00 -30.33 67.50
N ILE EA 48 117.78 -29.91 67.78
CA ILE EA 48 117.51 -28.82 68.72
C ILE EA 48 117.24 -29.39 70.09
N VAL EA 49 117.77 -28.72 71.12
CA VAL EA 49 117.59 -29.11 72.51
C VAL EA 49 116.92 -27.95 73.23
N MET EA 50 115.79 -28.22 73.86
CA MET EA 50 115.02 -27.21 74.57
C MET EA 50 114.59 -27.76 75.92
N PRO EA 51 114.23 -26.88 76.85
CA PRO EA 51 113.57 -27.36 78.07
C PRO EA 51 112.23 -27.97 77.72
N GLY EA 52 111.78 -28.91 78.53
CA GLY EA 52 110.44 -29.45 78.35
C GLY EA 52 109.44 -28.31 78.31
N GLY EA 53 108.48 -28.39 77.39
CA GLY EA 53 107.50 -27.33 77.26
C GLY EA 53 106.68 -27.14 78.51
N VAL EA 54 106.14 -25.93 78.67
CA VAL EA 54 105.37 -25.56 79.85
C VAL EA 54 104.09 -24.84 79.42
N ASP EA 55 102.96 -25.55 79.46
CA ASP EA 55 101.68 -25.00 79.02
C ASP EA 55 101.02 -24.28 80.19
N PRO EA 56 100.86 -22.96 80.13
CA PRO EA 56 100.28 -22.20 81.25
C PRO EA 56 98.76 -22.16 81.30
N HIS EA 57 98.06 -22.70 80.30
CA HIS EA 57 96.61 -22.55 80.25
C HIS EA 57 96.04 -23.63 79.32
N SER EA 58 95.44 -24.66 79.92
CA SER EA 58 94.80 -25.71 79.15
C SER EA 58 93.68 -26.31 79.98
N HIS EA 59 92.72 -26.93 79.29
CA HIS EA 59 91.58 -27.58 79.93
C HIS EA 59 91.70 -29.08 79.68
N ILE EA 60 92.18 -29.81 80.69
CA ILE EA 60 92.61 -31.18 80.49
C ILE EA 60 92.07 -32.12 81.57
N ALA EA 61 91.54 -31.55 82.65
CA ALA EA 61 91.18 -32.36 83.81
C ALA EA 61 90.09 -31.65 84.61
N GLY EA 62 88.93 -32.26 84.72
CA GLY EA 62 87.87 -31.72 85.55
C GLY EA 62 86.50 -32.03 84.99
N ALA EA 63 85.49 -31.48 85.68
CA ALA EA 63 84.11 -31.80 85.34
C ALA EA 63 83.72 -31.28 83.96
N LYS EA 64 83.95 -29.98 83.71
CA LYS EA 64 83.57 -29.40 82.43
C LYS EA 64 84.30 -30.08 81.27
N VAL EA 65 85.54 -30.51 81.48
CA VAL EA 65 86.25 -31.25 80.44
C VAL EA 65 85.58 -32.60 80.19
N ASN EA 66 85.17 -33.28 81.26
CA ASN EA 66 84.62 -34.62 81.08
C ASN EA 66 83.19 -34.58 80.54
N VAL EA 67 82.46 -33.49 80.78
CA VAL EA 67 81.20 -33.29 80.07
C VAL EA 67 81.47 -33.18 78.57
N GLY EA 68 82.51 -32.43 78.19
CA GLY EA 68 82.90 -32.36 76.80
C GLY EA 68 83.24 -33.72 76.21
N ARG EA 69 83.97 -34.54 76.96
CA ARG EA 69 84.27 -35.89 76.52
C ARG EA 69 83.00 -36.74 76.44
N MET EA 70 82.18 -36.71 77.49
CA MET EA 70 81.06 -37.64 77.56
C MET EA 70 80.01 -37.33 76.51
N TYR EA 71 79.75 -36.05 76.25
CA TYR EA 71 78.66 -35.67 75.36
C TYR EA 71 79.13 -35.49 73.91
N ARG EA 72 80.37 -35.86 73.59
CA ARG EA 72 80.87 -35.87 72.22
C ARG EA 72 81.48 -37.23 71.87
N PRO EA 73 80.66 -38.28 71.78
CA PRO EA 73 81.20 -39.55 71.27
C PRO EA 73 81.63 -39.46 69.81
N GLU EA 74 80.99 -38.60 69.01
CA GLU EA 74 81.44 -38.44 67.63
C GLU EA 74 82.85 -37.89 67.57
N ASP EA 75 83.25 -37.09 68.57
CA ASP EA 75 84.62 -36.60 68.63
C ASP EA 75 85.62 -37.72 68.92
N SER EA 76 85.21 -38.74 69.68
CA SER EA 76 86.08 -39.88 69.94
C SER EA 76 86.18 -40.80 68.74
N LYS EA 77 85.05 -41.06 68.07
CA LYS EA 77 85.06 -41.94 66.91
C LYS EA 77 85.98 -41.39 65.83
N ARG EA 78 86.11 -40.07 65.77
CA ARG EA 78 87.00 -39.41 64.83
C ARG EA 78 88.46 -39.75 65.06
N ASP EA 79 88.83 -40.04 66.32
CA ASP EA 79 90.24 -40.24 66.67
C ASP EA 79 90.30 -41.17 67.88
N ALA EA 80 90.36 -42.48 67.61
CA ALA EA 80 90.41 -43.50 68.65
C ALA EA 80 91.67 -44.31 68.47
N GLU EA 81 92.42 -44.50 69.55
CA GLU EA 81 93.76 -45.07 69.43
C GLU EA 81 94.07 -46.05 70.56
N LYS EA 82 94.92 -47.02 70.25
CA LYS EA 82 95.48 -47.95 71.24
C LYS EA 82 96.86 -48.33 70.74
N PHE EA 83 97.91 -47.81 71.34
CA PHE EA 83 99.25 -48.23 70.94
C PHE EA 83 99.76 -49.28 71.92
N LYS EA 84 100.60 -50.18 71.39
CA LYS EA 84 100.90 -51.46 71.99
C LYS EA 84 101.17 -51.43 73.49
N GLY EA 85 102.05 -50.53 73.94
CA GLY EA 85 102.47 -50.56 75.34
C GLY EA 85 101.50 -49.94 76.32
N GLY EA 86 100.64 -49.03 75.87
CA GLY EA 86 99.92 -48.18 76.79
C GLY EA 86 98.42 -48.34 76.85
N ARG EA 87 97.74 -47.29 77.33
CA ARG EA 87 96.32 -47.32 77.59
C ARG EA 87 95.51 -46.84 76.38
N ALA EA 88 94.35 -47.44 76.19
CA ALA EA 88 93.46 -46.99 75.12
C ALA EA 88 92.96 -45.58 75.40
N GLY EA 89 92.55 -44.90 74.34
CA GLY EA 89 92.06 -43.54 74.48
C GLY EA 89 91.40 -43.11 73.20
N SER EA 90 90.73 -41.96 73.28
CA SER EA 90 90.00 -41.41 72.15
C SER EA 90 89.64 -39.96 72.42
N GLY EA 91 89.46 -39.20 71.35
CA GLY EA 91 89.01 -37.82 71.44
C GLY EA 91 89.89 -36.86 70.70
N PHE EA 92 89.47 -36.44 69.49
CA PHE EA 92 90.26 -35.49 68.71
C PHE EA 92 90.42 -34.17 69.45
N SER EA 93 89.31 -33.51 69.78
CA SER EA 93 89.39 -32.18 70.37
C SER EA 93 89.52 -32.24 71.89
N VAL EA 94 88.86 -33.19 72.53
CA VAL EA 94 88.98 -33.38 73.97
C VAL EA 94 89.41 -34.82 74.24
N PRO EA 95 90.71 -35.10 74.26
CA PRO EA 95 91.17 -36.48 74.44
C PRO EA 95 90.99 -36.96 75.87
N SER EA 96 90.84 -38.26 76.02
CA SER EA 96 90.84 -38.88 77.33
C SER EA 96 92.19 -38.66 78.02
N THR EA 97 92.24 -39.00 79.31
CA THR EA 97 93.37 -38.57 80.16
C THR EA 97 94.68 -39.22 79.71
N PHE EA 98 94.68 -40.54 79.49
CA PHE EA 98 95.90 -41.21 79.09
C PHE EA 98 96.40 -40.69 77.76
N MET EA 99 95.50 -40.56 76.78
CA MET EA 99 95.86 -39.94 75.52
C MET EA 99 96.40 -38.53 75.72
N THR EA 100 95.81 -37.77 76.65
CA THR EA 100 96.22 -36.37 76.83
C THR EA 100 97.69 -36.29 77.21
N GLY EA 101 98.12 -37.05 78.21
CA GLY EA 101 99.50 -37.00 78.65
C GLY EA 101 100.46 -37.53 77.59
N TYR EA 102 100.08 -38.64 76.94
CA TYR EA 102 100.89 -39.15 75.84
C TYR EA 102 101.17 -38.07 74.80
N ARG EA 103 100.16 -37.26 74.45
CA ARG EA 103 100.32 -36.33 73.33
C ARG EA 103 101.08 -35.08 73.72
N TYR EA 104 100.93 -34.59 74.95
CA TYR EA 104 101.85 -33.57 75.44
C TYR EA 104 103.29 -34.06 75.38
N ALA EA 105 103.54 -35.26 75.90
CA ALA EA 105 104.89 -35.83 75.87
C ALA EA 105 105.40 -35.93 74.44
N GLN EA 106 104.57 -36.42 73.51
CA GLN EA 106 105.01 -36.57 72.12
C GLN EA 106 105.51 -35.25 71.54
N MET EA 107 104.89 -34.14 71.92
CA MET EA 107 105.33 -32.84 71.42
C MET EA 107 106.37 -32.19 72.33
N GLY EA 108 106.93 -32.93 73.27
CA GLY EA 108 108.00 -32.38 74.09
C GLY EA 108 107.54 -31.47 75.20
N TYR EA 109 106.27 -31.57 75.62
CA TYR EA 109 105.78 -30.82 76.77
C TYR EA 109 105.86 -31.66 78.03
N THR EA 110 106.29 -31.04 79.12
CA THR EA 110 106.48 -31.74 80.38
C THR EA 110 105.73 -31.13 81.55
N THR EA 111 105.11 -29.96 81.39
CA THR EA 111 104.30 -29.33 82.43
C THR EA 111 103.08 -28.68 81.79
N ALA EA 112 101.90 -28.92 82.34
CA ALA EA 112 100.66 -28.34 81.81
C ALA EA 112 99.71 -28.04 82.95
N MET EA 113 99.10 -26.85 82.92
CA MET EA 113 98.27 -26.37 84.01
C MET EA 113 96.80 -26.41 83.61
N GLU EA 114 95.96 -27.00 84.47
CA GLU EA 114 94.52 -26.95 84.30
C GLU EA 114 94.00 -25.60 84.78
N ALA EA 115 93.28 -24.90 83.91
CA ALA EA 115 93.07 -23.46 84.08
C ALA EA 115 91.77 -23.08 84.79
N ALA EA 116 90.87 -24.02 85.08
CA ALA EA 116 89.59 -23.63 85.69
C ALA EA 116 89.02 -24.81 86.48
N MET EA 117 89.19 -24.80 87.80
CA MET EA 117 88.70 -25.85 88.67
C MET EA 117 87.61 -25.31 89.58
N PRO EA 118 86.39 -25.84 89.52
CA PRO EA 118 85.39 -25.48 90.54
C PRO EA 118 85.74 -26.13 91.86
N PRO EA 119 85.89 -25.34 92.92
CA PRO EA 119 86.37 -25.89 94.21
C PRO EA 119 85.60 -27.10 94.71
N LEU EA 120 84.27 -27.11 94.56
CA LEU EA 120 83.46 -28.23 95.04
C LEU EA 120 83.74 -29.49 94.24
N LEU EA 121 84.22 -29.36 93.01
CA LEU EA 121 84.50 -30.50 92.15
C LEU EA 121 86.00 -30.83 92.09
N ALA EA 122 86.77 -30.36 93.09
CA ALA EA 122 88.22 -30.46 93.01
C ALA EA 122 88.70 -31.91 93.04
N ARG EA 123 88.01 -32.78 93.79
CA ARG EA 123 88.38 -34.19 93.78
C ARG EA 123 88.41 -34.76 92.37
N HIS EA 124 87.45 -34.35 91.54
CA HIS EA 124 87.39 -34.81 90.16
C HIS EA 124 88.65 -34.45 89.40
N THR EA 125 89.04 -33.17 89.46
CA THR EA 125 90.23 -32.72 88.74
C THR EA 125 91.45 -33.54 89.13
N HIS EA 126 91.66 -33.73 90.44
CA HIS EA 126 92.82 -34.47 90.90
C HIS EA 126 92.74 -35.96 90.55
N GLU EA 127 91.53 -36.52 90.48
CA GLU EA 127 91.40 -37.91 90.03
C GLU EA 127 91.77 -38.05 88.55
N GLU EA 128 91.35 -37.10 87.71
CA GLU EA 128 91.73 -37.15 86.31
C GLU EA 128 93.22 -36.89 86.13
N PHE EA 129 93.83 -36.08 86.99
CA PHE EA 129 95.27 -35.89 86.96
C PHE EA 129 96.00 -37.20 87.21
N HIS EA 130 95.52 -38.00 88.17
CA HIS EA 130 96.18 -39.26 88.50
C HIS EA 130 96.26 -40.18 87.30
N ASP EA 131 95.27 -40.13 86.41
CA ASP EA 131 95.25 -40.94 85.20
C ASP EA 131 95.79 -40.19 83.98
N THR EA 132 96.54 -39.11 84.19
CA THR EA 132 97.15 -38.37 83.08
C THR EA 132 98.66 -38.55 83.14
N PRO EA 133 99.25 -39.31 82.22
CA PRO EA 133 100.66 -39.69 82.37
C PRO EA 133 101.64 -38.54 82.19
N ILE EA 134 102.82 -38.73 82.80
CA ILE EA 134 104.06 -38.03 82.50
C ILE EA 134 104.11 -36.59 83.03
N ILE EA 135 103.21 -35.73 82.55
CA ILE EA 135 103.37 -34.29 82.76
C ILE EA 135 103.20 -33.94 84.24
N ASP EA 136 104.01 -33.00 84.70
CA ASP EA 136 103.72 -32.30 85.94
C ASP EA 136 102.57 -31.32 85.69
N HIS EA 137 101.83 -31.00 86.74
CA HIS EA 137 100.56 -30.29 86.55
C HIS EA 137 100.20 -29.49 87.79
N ALA EA 138 99.17 -28.65 87.61
CA ALA EA 138 98.56 -27.89 88.69
C ALA EA 138 97.17 -27.48 88.23
N ALA EA 139 96.35 -27.05 89.19
CA ALA EA 139 94.98 -26.64 88.91
C ALA EA 139 94.74 -25.23 89.45
N TYR EA 140 93.96 -24.45 88.68
CA TYR EA 140 93.61 -23.09 89.07
C TYR EA 140 92.20 -23.08 89.64
N PRO EA 141 92.01 -22.93 90.95
CA PRO EA 141 90.64 -22.75 91.46
C PRO EA 141 90.07 -21.41 91.00
N LEU EA 142 88.75 -21.34 90.89
CA LEU EA 142 88.08 -20.14 90.41
C LEU EA 142 87.62 -19.29 91.59
N PHE EA 143 87.78 -17.97 91.46
CA PHE EA 143 87.46 -17.01 92.50
C PHE EA 143 86.56 -15.87 92.07
N GLY EA 144 86.47 -15.55 90.77
CA GLY EA 144 85.85 -14.32 90.32
C GLY EA 144 84.35 -14.24 90.53
N ASN EA 145 83.70 -15.36 90.84
CA ASN EA 145 82.26 -15.38 91.08
C ASN EA 145 81.92 -16.14 92.36
N ASN EA 146 82.87 -16.17 93.29
CA ASN EA 146 82.73 -16.90 94.54
C ASN EA 146 82.00 -16.03 95.56
N TRP EA 147 81.04 -16.64 96.28
CA TRP EA 147 80.21 -15.88 97.20
C TRP EA 147 81.02 -15.28 98.35
N PHE EA 148 81.94 -16.06 98.92
CA PHE EA 148 82.78 -15.53 99.99
C PHE EA 148 83.65 -14.38 99.49
N VAL EA 149 84.20 -14.52 98.29
CA VAL EA 149 85.05 -13.46 97.72
C VAL EA 149 84.22 -12.18 97.52
N MET EA 150 83.03 -12.32 96.97
CA MET EA 150 82.18 -11.15 96.73
C MET EA 150 81.71 -10.51 98.04
N GLU EA 151 81.42 -11.33 99.05
CA GLU EA 151 80.98 -10.76 100.33
C GLU EA 151 82.11 -10.04 101.04
N TYR EA 152 83.31 -10.63 101.05
CA TYR EA 152 84.44 -10.03 101.77
C TYR EA 152 84.94 -8.77 101.07
N LEU EA 153 85.06 -8.80 99.74
CA LEU EA 153 85.66 -7.69 99.01
C LEU EA 153 84.72 -6.49 98.95
N LYS EA 154 83.42 -6.74 99.00
CA LYS EA 154 82.47 -5.64 99.06
C LYS EA 154 82.64 -4.82 100.33
N GLU EA 155 82.84 -5.49 101.47
CA GLU EA 155 83.14 -4.87 102.75
C GLU EA 155 84.55 -4.30 102.83
N GLY EA 156 85.35 -4.38 101.77
CA GLY EA 156 86.71 -3.91 101.84
C GLY EA 156 87.62 -4.72 102.73
N ASP EA 157 87.17 -5.88 103.20
CA ASP EA 157 87.93 -6.71 104.14
C ASP EA 157 88.82 -7.65 103.34
N VAL EA 158 89.92 -7.11 102.82
CA VAL EA 158 90.72 -7.99 101.99
C VAL EA 158 91.55 -8.97 102.83
N ASP EA 159 91.86 -8.65 104.10
CA ASP EA 159 92.58 -9.62 104.92
C ASP EA 159 91.77 -10.90 105.09
N ALA EA 160 90.44 -10.77 105.27
CA ALA EA 160 89.61 -11.96 105.40
C ALA EA 160 89.54 -12.73 104.09
N CYS EA 161 89.43 -12.03 102.96
CA CYS EA 161 89.44 -12.70 101.66
C CYS EA 161 90.76 -13.44 101.45
N ALA EA 162 91.87 -12.88 101.94
CA ALA EA 162 93.15 -13.58 101.82
C ALA EA 162 93.18 -14.83 102.68
N ALA EA 163 92.54 -14.78 103.86
CA ALA EA 163 92.44 -15.98 104.69
C ALA EA 163 91.53 -17.02 104.05
N TYR EA 164 90.39 -16.59 103.49
CA TYR EA 164 89.54 -17.50 102.75
C TYR EA 164 90.30 -18.16 101.60
N ALA EA 165 90.97 -17.34 100.78
CA ALA EA 165 91.75 -17.87 99.66
C ALA EA 165 92.82 -18.83 100.13
N SER EA 166 93.55 -18.46 101.19
CA SER EA 166 94.55 -19.36 101.75
C SER EA 166 93.95 -20.73 102.06
N TRP EA 167 92.80 -20.73 102.74
CA TRP EA 167 92.11 -21.98 103.03
C TRP EA 167 91.71 -22.69 101.75
N LEU EA 168 91.20 -21.94 100.76
CA LEU EA 168 90.65 -22.58 99.57
C LEU EA 168 91.75 -23.20 98.72
N LEU EA 169 92.89 -22.52 98.58
CA LEU EA 169 94.00 -23.11 97.82
C LEU EA 169 94.50 -24.39 98.48
N ARG EA 170 94.53 -24.42 99.81
CA ARG EA 170 94.94 -25.63 100.51
C ARG EA 170 93.88 -26.71 100.41
N ALA EA 171 92.60 -26.31 100.49
CA ALA EA 171 91.51 -27.29 100.53
C ALA EA 171 91.27 -27.92 99.17
N THR EA 172 91.41 -27.15 98.09
CA THR EA 172 91.30 -27.69 96.75
C THR EA 172 92.65 -28.13 96.19
N LYS EA 173 93.74 -27.95 96.94
CA LYS EA 173 95.10 -28.17 96.43
C LYS EA 173 95.27 -27.50 95.08
N GLY EA 174 95.10 -26.18 95.09
CA GLY EA 174 95.17 -25.36 93.90
C GLY EA 174 96.40 -24.48 93.89
N TYR EA 175 96.56 -23.75 92.78
CA TYR EA 175 97.84 -23.12 92.55
C TYR EA 175 97.75 -21.63 92.25
N THR EA 176 96.66 -21.16 91.64
CA THR EA 176 96.54 -19.75 91.31
C THR EA 176 95.11 -19.26 91.52
N ILE EA 177 94.99 -17.94 91.68
CA ILE EA 177 93.70 -17.27 91.76
C ILE EA 177 93.20 -17.01 90.33
N ILE EA 179 90.27 -15.99 87.61
CA ILE EA 179 89.11 -15.12 87.52
C ILE EA 179 88.50 -15.23 86.12
N VAL EA 180 87.26 -15.68 86.03
CA VAL EA 180 86.56 -15.82 84.75
C VAL EA 180 85.28 -15.02 84.81
N ASN EA 181 85.12 -14.08 83.88
CA ASN EA 181 83.93 -13.24 83.73
C ASN EA 181 83.45 -12.77 85.12
N PRO EA 182 84.28 -12.00 85.84
CA PRO EA 182 83.96 -11.71 87.26
C PRO EA 182 82.61 -11.04 87.41
N ALA EA 183 81.80 -11.59 88.32
CA ALA EA 183 80.42 -11.17 88.63
C ALA EA 183 79.44 -11.65 87.56
N GLY EA 184 79.91 -11.83 86.32
CA GLY EA 184 79.01 -12.16 85.24
C GLY EA 184 78.46 -13.58 85.33
N THR EA 185 79.29 -14.52 85.79
CA THR EA 185 78.82 -15.90 85.90
C THR EA 185 77.82 -16.06 87.04
N GLU EA 186 78.01 -15.30 88.13
CA GLU EA 186 76.99 -15.29 89.18
C GLU EA 186 75.68 -14.71 88.65
N ALA EA 187 75.76 -13.65 87.84
CA ALA EA 187 74.57 -13.11 87.20
C ALA EA 187 73.93 -14.14 86.28
N TRP EA 188 74.73 -15.05 85.73
CA TRP EA 188 74.19 -16.13 84.91
C TRP EA 188 73.44 -17.16 85.75
N GLY EA 189 73.67 -17.19 87.07
CA GLY EA 189 72.86 -18.00 87.95
C GLY EA 189 71.38 -17.67 87.90
N TRP EA 190 71.03 -16.45 87.48
CA TRP EA 190 69.65 -16.08 87.21
C TRP EA 190 69.37 -15.94 85.72
N GLY EA 191 70.27 -16.35 84.85
CA GLY EA 191 70.06 -16.26 83.42
C GLY EA 191 70.48 -14.97 82.76
N GLY EA 192 71.26 -14.13 83.46
CA GLY EA 192 71.73 -12.88 82.93
C GLY EA 192 73.24 -12.85 82.75
N ASN EA 193 73.79 -11.65 82.76
CA ASN EA 193 75.22 -11.44 82.60
C ASN EA 193 75.54 -10.02 83.07
N VAL EA 194 76.83 -9.70 83.13
CA VAL EA 194 77.28 -8.34 83.36
C VAL EA 194 77.89 -7.82 82.07
N HIS EA 195 77.81 -6.51 81.88
CA HIS EA 195 78.33 -5.86 80.68
C HIS EA 195 79.24 -4.70 81.11
N GLY EA 196 80.52 -4.79 80.74
CA GLY EA 196 81.51 -3.85 81.20
C GLY EA 196 81.93 -4.17 82.62
N ILE EA 197 83.03 -3.51 83.04
CA ILE EA 197 83.66 -3.83 84.31
C ILE EA 197 83.04 -3.10 85.49
N TYR EA 198 82.08 -2.21 85.25
CA TYR EA 198 81.41 -1.46 86.31
C TYR EA 198 79.97 -1.92 86.53
N ASP EA 199 79.58 -3.06 85.94
CA ASP EA 199 78.23 -3.56 86.03
C ASP EA 199 78.13 -4.61 87.12
N PRO EA 200 77.40 -4.36 88.21
CA PRO EA 200 77.41 -5.29 89.34
C PRO EA 200 76.52 -6.51 89.11
N ALA EA 201 76.85 -7.56 89.85
CA ALA EA 201 76.02 -8.75 89.86
C ALA EA 201 74.77 -8.51 90.70
N PRO EA 202 73.70 -9.27 90.45
CA PRO EA 202 72.51 -9.15 91.30
C PRO EA 202 72.83 -9.46 92.76
N TYR EA 203 72.14 -8.76 93.65
CA TYR EA 203 72.26 -8.90 95.10
C TYR EA 203 73.63 -8.52 95.64
N PHE EA 204 74.71 -9.10 95.10
CA PHE EA 204 76.01 -8.93 95.73
C PHE EA 204 76.57 -7.54 95.53
N ASP EA 205 76.19 -6.87 94.45
CA ASP EA 205 76.34 -5.41 94.30
C ASP EA 205 77.81 -4.96 94.27
N ILE EA 206 78.69 -5.80 93.76
CA ILE EA 206 80.10 -5.47 93.62
C ILE EA 206 80.46 -5.54 92.14
N THR EA 207 81.34 -4.64 91.69
CA THR EA 207 81.63 -4.58 90.27
C THR EA 207 82.78 -5.53 89.92
N PRO EA 208 82.86 -5.93 88.65
CA PRO EA 208 84.06 -6.65 88.18
C PRO EA 208 85.37 -5.99 88.57
N ALA EA 209 85.49 -4.67 88.34
CA ALA EA 209 86.71 -3.95 88.66
C ALA EA 209 87.11 -4.14 90.12
N GLU EA 210 86.15 -4.03 91.03
CA GLU EA 210 86.44 -4.21 92.45
C GLU EA 210 86.83 -5.65 92.76
N ILE EA 211 86.26 -6.62 92.03
CA ILE EA 211 86.67 -8.01 92.21
C ILE EA 211 88.10 -8.22 91.73
N ILE EA 212 88.42 -7.69 90.54
CA ILE EA 212 89.76 -7.86 89.99
C ILE EA 212 90.80 -7.20 90.89
N LYS EA 213 90.53 -5.95 91.27
CA LYS EA 213 91.49 -5.22 92.09
C LYS EA 213 91.72 -5.93 93.42
N GLY EA 214 90.63 -6.33 94.09
CA GLY EA 214 90.77 -6.96 95.39
C GLY EA 214 91.53 -8.27 95.36
N LEU EA 215 91.28 -9.09 94.33
CA LEU EA 215 91.98 -10.37 94.25
C LEU EA 215 93.43 -10.19 93.85
N ALA EA 216 93.76 -9.12 93.11
CA ALA EA 216 95.16 -8.81 92.87
C ALA EA 216 95.89 -8.49 94.17
N GLU EA 217 95.29 -7.65 95.01
CA GLU EA 217 95.87 -7.39 96.34
C GLU EA 217 95.95 -8.67 97.16
N VAL EA 218 94.89 -9.48 97.13
CA VAL EA 218 94.93 -10.76 97.84
C VAL EA 218 96.08 -11.60 97.31
N ASN EA 219 96.23 -11.65 95.98
CA ASN EA 219 97.28 -12.48 95.39
C ASN EA 219 98.66 -12.09 95.92
N GLU EA 220 98.95 -10.79 95.98
CA GLU EA 220 100.27 -10.34 96.40
C GLU EA 220 100.44 -10.34 97.93
N LYS EA 221 99.35 -10.20 98.69
CA LYS EA 221 99.47 -10.37 100.14
C LYS EA 221 99.72 -11.81 100.55
N LEU EA 222 99.23 -12.76 99.78
CA LEU EA 222 99.57 -14.15 100.03
C LEU EA 222 100.86 -14.53 99.36
N GLN EA 223 101.49 -13.59 98.64
CA GLN EA 223 102.80 -13.80 98.03
C GLN EA 223 102.80 -15.06 97.16
N LEU EA 224 101.75 -15.21 96.37
CA LEU EA 224 101.59 -16.40 95.54
C LEU EA 224 102.61 -16.41 94.40
N PRO EA 225 103.02 -17.60 93.94
CA PRO EA 225 104.03 -17.67 92.85
C PRO EA 225 103.58 -17.00 91.58
N HIS EA 226 102.32 -17.20 91.20
CA HIS EA 226 101.73 -16.72 89.97
C HIS EA 226 100.82 -15.53 90.28
N SER EA 227 100.57 -14.71 89.26
CA SER EA 227 99.70 -13.54 89.44
C SER EA 227 98.24 -13.97 89.36
N ILE EA 228 97.33 -13.01 89.53
CA ILE EA 228 95.95 -13.28 89.17
C ILE EA 228 95.91 -13.62 87.68
N HIS EA 229 94.99 -14.51 87.31
CA HIS EA 229 94.92 -15.10 85.97
C HIS EA 229 93.54 -14.73 85.43
N LEU EA 230 93.49 -13.71 84.56
CA LEU EA 230 92.24 -13.02 84.27
C LEU EA 230 91.69 -13.38 82.89
N HIS EA 231 90.47 -13.86 82.89
CA HIS EA 231 89.60 -14.04 81.73
C HIS EA 231 88.56 -12.92 81.78
N CYS EA 232 88.60 -12.01 80.81
CA CYS EA 232 87.90 -10.74 80.95
C CYS EA 232 86.40 -10.89 80.76
N ASN EA 233 85.68 -9.84 81.18
CA ASN EA 233 84.26 -9.69 80.85
C ASN EA 233 84.09 -9.42 79.35
N ASP EA 234 82.86 -9.58 78.89
CA ASP EA 234 82.48 -9.28 77.50
C ASP EA 234 83.31 -10.10 76.51
N LEU EA 235 83.57 -11.36 76.85
CA LEU EA 235 84.34 -12.20 75.95
C LEU EA 235 83.60 -12.44 74.64
N GLY EA 236 84.35 -12.41 73.54
CA GLY EA 236 83.86 -12.85 72.26
C GLY EA 236 82.81 -11.98 71.61
N HIS EA 237 82.70 -10.71 72.01
CA HIS EA 237 81.68 -9.90 71.39
C HIS EA 237 82.31 -8.70 70.69
N PRO EA 238 81.82 -8.35 69.50
CA PRO EA 238 82.34 -7.18 68.78
C PRO EA 238 82.37 -5.95 69.67
N GLY EA 239 83.48 -5.22 69.62
CA GLY EA 239 83.65 -4.00 70.38
C GLY EA 239 84.22 -4.16 71.77
N ASN EA 240 84.58 -5.38 72.18
CA ASN EA 240 84.97 -5.59 73.57
C ASN EA 240 86.39 -5.13 73.87
N TYR EA 241 87.17 -4.72 72.87
CA TYR EA 241 88.55 -4.34 73.12
C TYR EA 241 88.65 -3.23 74.17
N GLU EA 242 87.65 -2.36 74.26
CA GLU EA 242 87.68 -1.33 75.30
C GLU EA 242 87.49 -1.92 76.70
N THR EA 243 86.57 -2.86 76.86
CA THR EA 243 86.46 -3.55 78.14
C THR EA 243 87.77 -4.23 78.51
N THR EA 244 88.47 -4.78 77.51
CA THR EA 244 89.75 -5.44 77.76
C THR EA 244 90.81 -4.46 78.25
N LEU EA 245 90.98 -3.33 77.54
CA LEU EA 245 92.00 -2.36 77.93
C LEU EA 245 91.69 -1.78 79.31
N ALA EA 246 90.43 -1.49 79.60
CA ALA EA 246 90.06 -1.02 80.93
C ALA EA 246 90.38 -2.04 82.00
N SER EA 247 90.10 -3.31 81.74
CA SER EA 247 90.46 -4.37 82.68
C SER EA 247 91.96 -4.40 82.94
N PHE EA 248 92.77 -4.25 81.88
CA PHE EA 248 94.21 -4.33 82.02
C PHE EA 248 94.76 -3.29 82.99
N ASP EA 249 94.11 -2.12 83.09
CA ASP EA 249 94.59 -1.06 83.97
C ASP EA 249 94.23 -1.28 85.44
N VAL EA 250 93.23 -2.12 85.72
CA VAL EA 250 92.68 -2.19 87.07
C VAL EA 250 93.73 -2.55 88.12
N PRO EA 251 94.61 -3.55 87.91
CA PRO EA 251 95.60 -3.88 88.93
C PRO EA 251 96.97 -3.27 88.70
N LYS EA 252 97.04 -2.24 87.84
CA LYS EA 252 98.33 -1.76 87.32
C LYS EA 252 99.31 -1.37 88.42
N ASN EA 253 98.83 -0.65 89.44
CA ASN EA 253 99.69 -0.11 90.48
C ASN EA 253 99.88 -1.04 91.68
N ILE EA 254 99.46 -2.29 91.59
CA ILE EA 254 99.73 -3.26 92.65
C ILE EA 254 101.05 -3.94 92.34
N LYS EA 255 101.94 -3.96 93.31
CA LYS EA 255 103.34 -4.33 93.13
C LYS EA 255 103.52 -5.83 93.36
N PRO EA 256 104.10 -6.55 92.40
CA PRO EA 256 104.23 -8.01 92.54
C PRO EA 256 105.10 -8.39 93.73
N ASN EA 257 104.77 -9.52 94.35
CA ASN EA 257 105.47 -9.92 95.57
C ASN EA 257 105.51 -11.43 95.77
N PRO EA 258 105.97 -12.22 94.79
CA PRO EA 258 106.05 -13.67 94.99
C PRO EA 258 107.08 -14.04 96.05
N ALA EA 259 106.73 -15.01 96.89
CA ALA EA 259 107.70 -15.57 97.83
C ALA EA 259 108.60 -16.61 97.16
N THR EA 260 108.08 -17.33 96.16
CA THR EA 260 108.86 -18.27 95.36
C THR EA 260 108.90 -17.79 93.92
N GLY EA 261 110.05 -17.98 93.27
CA GLY EA 261 110.19 -17.66 91.87
C GLY EA 261 110.50 -16.20 91.59
N SER EA 262 110.51 -15.88 90.29
CA SER EA 262 111.04 -14.62 89.80
C SER EA 262 109.97 -13.76 89.11
N ARG EA 263 108.69 -14.04 89.34
CA ARG EA 263 107.62 -13.31 88.68
C ARG EA 263 107.72 -11.82 88.98
N ASP EA 264 107.66 -11.00 87.93
CA ASP EA 264 107.75 -9.55 88.06
C ASP EA 264 106.55 -8.83 87.45
N THR EA 265 105.44 -9.54 87.25
CA THR EA 265 104.22 -8.97 86.70
C THR EA 265 103.04 -9.31 87.59
N VAL EA 266 102.10 -8.37 87.66
CA VAL EA 266 100.93 -8.51 88.53
C VAL EA 266 99.70 -9.02 87.79
N LEU EA 267 99.67 -8.96 86.46
CA LEU EA 267 98.50 -9.37 85.71
C LEU EA 267 98.90 -10.38 84.65
N TYR EA 268 98.13 -11.48 84.58
CA TYR EA 268 98.23 -12.44 83.50
C TYR EA 268 96.86 -12.50 82.83
N ALA EA 269 96.79 -12.05 81.58
CA ALA EA 269 95.54 -12.05 80.80
C ALA EA 269 95.58 -13.18 79.80
N THR EA 270 94.55 -14.02 79.81
CA THR EA 270 94.56 -15.25 79.05
C THR EA 270 93.66 -15.15 77.81
N HIS EA 271 93.99 -16.00 76.82
CA HIS EA 271 93.37 -16.05 75.49
C HIS EA 271 92.88 -14.68 75.03
N VAL EA 272 93.81 -13.74 74.90
CA VAL EA 272 93.46 -12.34 74.64
C VAL EA 272 92.90 -12.12 73.23
N GLN EA 273 93.11 -13.07 72.31
CA GLN EA 273 92.47 -13.00 71.00
C GLN EA 273 90.97 -12.78 71.11
N PHE EA 274 90.31 -13.55 71.98
CA PHE EA 274 88.86 -13.41 72.16
C PHE EA 274 88.46 -12.07 72.77
N HIS EA 275 89.42 -11.29 73.28
CA HIS EA 275 89.12 -10.01 73.91
C HIS EA 275 89.63 -8.82 73.11
N SER EA 276 89.93 -9.03 71.82
CA SER EA 276 90.55 -8.01 70.98
C SER EA 276 89.66 -7.62 69.82
N TYR EA 277 88.35 -7.66 70.02
CA TYR EA 277 87.41 -7.49 68.91
C TYR EA 277 86.98 -6.04 68.79
N GLY EA 278 86.90 -5.58 67.54
CA GLY EA 278 86.33 -4.29 67.23
C GLY EA 278 84.95 -4.41 66.61
N GLY EA 279 84.46 -3.29 66.11
CA GLY EA 279 83.13 -3.23 65.56
C GLY EA 279 82.07 -3.07 66.63
N THR EA 280 80.85 -3.39 66.24
CA THR EA 280 79.67 -3.37 67.12
C THR EA 280 78.74 -4.56 66.91
N THR EA 281 78.67 -5.13 65.72
CA THR EA 281 77.97 -6.38 65.44
C THR EA 281 78.91 -7.27 64.64
N TRP EA 282 78.48 -8.50 64.36
CA TRP EA 282 79.29 -9.40 63.55
C TRP EA 282 79.40 -8.95 62.10
N ARG EA 283 78.55 -8.02 61.66
CA ARG EA 283 78.61 -7.58 60.27
C ARG EA 283 79.72 -6.55 60.05
N ASP EA 284 79.94 -5.66 61.00
CA ASP EA 284 81.02 -4.69 60.94
C ASP EA 284 82.20 -5.10 61.83
N PHE EA 285 82.35 -6.41 62.04
CA PHE EA 285 83.34 -6.98 62.95
C PHE EA 285 84.75 -6.85 62.40
N VAL EA 286 85.66 -6.38 63.25
CA VAL EA 286 86.93 -5.91 62.75
C VAL EA 286 87.99 -6.23 63.82
N SER EA 287 89.26 -6.37 63.41
CA SER EA 287 90.34 -6.70 64.37
C SER EA 287 90.79 -5.47 65.16
N GLU EA 288 91.02 -5.64 66.47
CA GLU EA 288 91.62 -4.58 67.27
C GLU EA 288 92.89 -5.04 67.96
N ALA EA 289 93.55 -6.03 67.37
CA ALA EA 289 94.81 -6.52 67.94
C ALA EA 289 95.91 -5.46 67.96
N PRO EA 290 96.06 -4.57 66.96
CA PRO EA 290 97.09 -3.53 67.08
C PRO EA 290 96.99 -2.69 68.35
N LYS EA 291 95.80 -2.19 68.69
CA LYS EA 291 95.68 -1.42 69.93
C LYS EA 291 96.01 -2.29 71.14
N ILE EA 292 95.58 -3.55 71.13
CA ILE EA 292 95.89 -4.44 72.25
C ILE EA 292 97.38 -4.71 72.32
N ALA EA 293 97.99 -5.11 71.20
CA ALA EA 293 99.42 -5.39 71.19
C ALA EA 293 100.24 -4.19 71.66
N ASP EA 294 99.84 -2.97 71.25
CA ASP EA 294 100.59 -1.79 71.66
C ASP EA 294 100.46 -1.52 73.14
N TYR EA 295 99.28 -1.74 73.72
CA TYR EA 295 99.16 -1.61 75.17
C TYR EA 295 100.17 -2.51 75.86
N VAL EA 296 100.28 -3.75 75.40
CA VAL EA 296 101.21 -4.69 76.02
C VAL EA 296 102.65 -4.20 75.86
N ASN EA 297 103.00 -3.74 74.65
CA ASN EA 297 104.36 -3.23 74.44
C ASN EA 297 104.69 -2.09 75.38
N LYS EA 298 103.74 -1.18 75.62
CA LYS EA 298 104.00 0.00 76.44
C LYS EA 298 104.01 -0.29 77.93
N ASN EA 299 103.39 -1.39 78.37
CA ASN EA 299 103.20 -1.69 79.78
C ASN EA 299 104.03 -2.89 80.20
N ASP EA 300 104.53 -2.83 81.44
CA ASP EA 300 105.42 -3.87 81.96
C ASP EA 300 104.84 -4.64 83.14
N HIS EA 301 103.54 -4.52 83.40
CA HIS EA 301 102.90 -5.22 84.49
C HIS EA 301 102.10 -6.43 84.02
N ILE EA 302 102.11 -6.73 82.71
CA ILE EA 302 101.17 -7.67 82.11
C ILE EA 302 101.92 -8.73 81.31
N VAL EA 303 101.48 -9.98 81.48
CA VAL EA 303 101.80 -11.09 80.59
C VAL EA 303 100.49 -11.60 80.00
N ILE EA 304 100.54 -12.04 78.73
CA ILE EA 304 99.36 -12.57 78.08
C ILE EA 304 99.67 -13.92 77.47
N ASP EA 305 98.61 -14.65 77.14
CA ASP EA 305 98.66 -15.72 76.15
C ASP EA 305 97.57 -15.43 75.12
N VAL EA 306 97.71 -16.01 73.94
CA VAL EA 306 96.96 -15.53 72.79
C VAL EA 306 95.62 -16.23 72.65
N GLY EA 307 95.60 -17.57 72.76
CA GLY EA 307 94.40 -18.30 72.41
C GLY EA 307 94.22 -18.37 70.90
N GLN EA 308 95.19 -18.97 70.22
CA GLN EA 308 95.26 -18.94 68.77
C GLN EA 308 94.22 -19.88 68.15
N ILE EA 309 93.46 -19.35 67.20
CA ILE EA 309 92.54 -20.18 66.43
C ILE EA 309 93.36 -21.14 65.57
N THR EA 310 92.97 -22.42 65.56
CA THR EA 310 93.62 -23.43 64.74
C THR EA 310 92.80 -23.84 63.53
N LEU EA 311 91.60 -23.26 63.36
CA LEU EA 311 90.76 -23.48 62.19
C LEU EA 311 90.30 -24.93 62.08
N ASP EA 312 89.90 -25.50 63.22
CA ASP EA 312 89.40 -26.87 63.30
C ASP EA 312 87.96 -26.89 63.78
N GLU EA 313 87.31 -28.05 63.60
CA GLU EA 313 86.14 -28.38 64.40
C GLU EA 313 86.63 -28.77 65.79
N THR EA 314 86.29 -27.97 66.79
CA THR EA 314 86.75 -28.24 68.15
C THR EA 314 85.61 -28.14 69.15
N THR EA 315 85.95 -28.10 70.43
CA THR EA 315 84.97 -28.00 71.50
C THR EA 315 85.34 -26.82 72.38
N THR EA 316 84.35 -26.00 72.75
CA THR EA 316 84.56 -24.90 73.67
C THR EA 316 84.00 -25.28 75.04
N MET EA 317 84.74 -24.94 76.10
CA MET EA 317 84.33 -25.27 77.46
C MET EA 317 84.93 -24.26 78.42
N THR EA 318 84.10 -23.54 79.17
CA THR EA 318 84.55 -22.44 80.01
C THR EA 318 83.69 -22.30 81.25
N ALA EA 319 84.26 -21.61 82.23
CA ALA EA 319 83.50 -21.11 83.38
C ALA EA 319 82.68 -19.87 83.03
N ASP EA 320 82.67 -19.45 81.76
CA ASP EA 320 81.86 -18.32 81.30
C ASP EA 320 80.52 -18.85 80.78
N GLY EA 321 79.69 -19.27 81.73
CA GLY EA 321 78.35 -19.78 81.46
C GLY EA 321 77.49 -18.97 80.50
N PRO EA 322 77.33 -17.66 80.76
CA PRO EA 322 76.43 -16.88 79.89
C PRO EA 322 76.92 -16.78 78.45
N MET EA 323 78.23 -16.71 78.24
CA MET EA 323 78.77 -16.61 76.89
C MET EA 323 78.53 -17.89 76.09
N GLU EA 324 78.67 -19.05 76.73
CA GLU EA 324 78.43 -20.30 76.00
C GLU EA 324 76.97 -20.45 75.60
N TYR EA 325 76.04 -19.95 76.43
CA TYR EA 325 74.64 -19.95 76.01
C TYR EA 325 74.43 -19.05 74.81
N ASP EA 326 75.09 -17.88 74.79
CA ASP EA 326 75.03 -17.03 73.60
C ASP EA 326 75.61 -17.76 72.39
N LEU EA 327 76.70 -18.51 72.60
CA LEU EA 327 77.33 -19.24 71.51
C LEU EA 327 76.41 -20.34 70.98
N HIS EA 328 75.78 -21.08 71.89
CA HIS EA 328 74.78 -22.08 71.48
C HIS EA 328 73.62 -21.44 70.72
N SER EA 329 73.17 -20.26 71.16
CA SER EA 329 72.10 -19.57 70.44
C SER EA 329 72.49 -19.24 68.99
N LEU EA 330 73.77 -18.98 68.76
CA LEU EA 330 74.23 -18.56 67.44
C LEU EA 330 74.33 -19.74 66.47
N ASN EA 331 75.07 -20.78 66.84
CA ASN EA 331 75.31 -21.91 65.95
C ASN EA 331 74.33 -23.07 66.16
N GLY EA 332 73.51 -23.02 67.20
CA GLY EA 332 72.47 -24.01 67.38
C GLY EA 332 72.93 -25.39 67.81
N LEU EA 333 74.19 -25.55 68.23
CA LEU EA 333 74.74 -26.85 68.53
C LEU EA 333 74.57 -27.20 70.01
N LYS EA 334 74.76 -28.48 70.32
CA LYS EA 334 74.45 -29.01 71.65
C LYS EA 334 75.16 -28.24 72.74
N TRP EA 335 74.45 -28.00 73.84
CA TRP EA 335 74.89 -27.07 74.89
C TRP EA 335 74.80 -27.74 76.25
N ALA EA 336 75.91 -27.72 76.98
CA ALA EA 336 75.96 -28.18 78.36
C ALA EA 336 76.19 -27.00 79.29
N ASN EA 337 75.72 -27.14 80.52
CA ASN EA 337 75.80 -26.11 81.53
C ASN EA 337 75.94 -26.77 82.89
N CYS EA 338 76.68 -26.13 83.79
CA CYS EA 338 76.71 -26.59 85.18
C CYS EA 338 77.02 -25.40 86.09
N ASP EA 339 76.00 -24.94 86.80
CA ASP EA 339 76.19 -23.95 87.85
C ASP EA 339 76.55 -24.65 89.15
N VAL EA 340 77.66 -24.22 89.76
CA VAL EA 340 78.16 -24.83 90.98
C VAL EA 340 77.85 -23.90 92.13
N GLU EA 341 77.11 -24.41 93.12
CA GLU EA 341 76.62 -23.62 94.24
C GLU EA 341 77.69 -22.74 94.86
N LEU EA 342 77.36 -21.46 95.01
CA LEU EA 342 78.19 -20.47 95.70
C LEU EA 342 79.56 -20.25 95.06
N GLU EA 343 79.86 -20.93 93.95
CA GLU EA 343 81.25 -20.94 93.50
C GLU EA 343 81.43 -20.48 92.06
N THR EA 344 80.78 -21.13 91.10
CA THR EA 344 81.07 -20.81 89.70
C THR EA 344 79.96 -21.37 88.81
N GLY EA 345 80.17 -21.21 87.51
CA GLY EA 345 79.34 -21.83 86.49
C GLY EA 345 80.22 -22.40 85.40
N SER EA 346 79.57 -22.92 84.36
CA SER EA 346 80.31 -23.47 83.24
C SER EA 346 79.37 -23.75 82.07
N GLY EA 347 79.95 -23.84 80.89
CA GLY EA 347 79.20 -24.19 79.68
C GLY EA 347 80.11 -24.89 78.70
N VAL EA 348 79.49 -25.70 77.84
CA VAL EA 348 80.21 -26.49 76.85
C VAL EA 348 79.40 -26.48 75.55
N VAL EA 349 80.04 -26.06 74.46
CA VAL EA 349 79.42 -26.01 73.12
C VAL EA 349 80.49 -26.34 72.08
N PRO EA 350 80.21 -27.20 71.10
CA PRO EA 350 81.13 -27.35 69.97
C PRO EA 350 81.13 -26.11 69.09
N PHE EA 351 82.26 -25.89 68.42
CA PHE EA 351 82.33 -24.81 67.43
C PHE EA 351 83.22 -25.20 66.26
N ILE EA 352 82.76 -24.89 65.06
CA ILE EA 352 83.51 -25.16 63.83
C ILE EA 352 84.13 -23.84 63.39
N TYR EA 353 85.44 -23.70 63.60
CA TYR EA 353 86.19 -22.52 63.12
C TYR EA 353 86.64 -22.76 61.69
N SER EA 354 85.69 -22.70 60.76
CA SER EA 354 85.98 -23.01 59.38
C SER EA 354 86.75 -21.86 58.73
N ALA EA 355 87.86 -22.20 58.05
CA ALA EA 355 88.70 -21.19 57.42
C ALA EA 355 87.92 -20.34 56.41
N ARG EA 356 87.05 -20.98 55.62
CA ARG EA 356 86.28 -20.27 54.62
C ARG EA 356 85.22 -19.35 55.21
N ALA EA 357 84.98 -19.38 56.58
CA ALA EA 357 83.98 -18.50 57.16
C ALA EA 357 84.62 -17.16 57.55
N PRO EA 358 83.90 -16.05 57.39
CA PRO EA 358 84.53 -14.73 57.59
C PRO EA 358 84.95 -14.46 59.03
N VAL EA 359 84.12 -14.78 60.01
CA VAL EA 359 84.42 -14.43 61.40
C VAL EA 359 85.60 -15.26 61.91
N PRO EA 360 85.63 -16.59 61.75
CA PRO EA 360 86.83 -17.33 62.17
C PRO EA 360 88.08 -16.89 61.43
N ALA EA 361 87.94 -16.50 60.16
CA ALA EA 361 89.08 -15.98 59.41
C ALA EA 361 89.69 -14.77 60.10
N VAL EA 362 88.85 -13.82 60.51
CA VAL EA 362 89.34 -12.68 61.26
C VAL EA 362 89.87 -13.12 62.61
N GLN EA 363 89.21 -14.09 63.24
CA GLN EA 363 89.68 -14.58 64.53
C GLN EA 363 91.07 -15.19 64.43
N TRP EA 364 91.33 -15.97 63.37
CA TRP EA 364 92.68 -16.47 63.14
C TRP EA 364 93.66 -15.31 63.00
N ALA EA 365 93.28 -14.28 62.25
CA ALA EA 365 94.18 -13.14 62.02
C ALA EA 365 94.52 -12.41 63.31
N ILE EA 366 93.53 -12.19 64.18
CA ILE EA 366 93.75 -11.41 65.39
C ILE EA 366 94.85 -12.03 66.24
N GLY EA 367 94.82 -13.36 66.41
CA GLY EA 367 95.85 -14.01 67.20
C GLY EA 367 97.24 -13.87 66.59
N MET EA 368 97.33 -14.02 65.27
CA MET EA 368 98.61 -13.82 64.58
C MET EA 368 99.13 -12.40 64.79
N GLU EA 369 98.25 -11.42 64.65
CA GLU EA 369 98.63 -10.03 64.93
C GLU EA 369 99.14 -9.87 66.36
N LEU EA 370 98.51 -10.54 67.33
CA LEU EA 370 98.96 -10.41 68.71
C LEU EA 370 100.35 -11.00 68.89
N PHE EA 371 100.57 -12.21 68.36
CA PHE EA 371 101.90 -12.82 68.42
C PHE EA 371 102.94 -11.92 67.78
N LEU EA 372 102.64 -11.37 66.60
CA LEU EA 372 103.65 -10.73 65.78
C LEU EA 372 103.84 -9.25 66.05
N LEU EA 373 102.81 -8.54 66.52
CA LEU EA 373 102.99 -7.13 66.81
C LEU EA 373 103.49 -6.85 68.22
N ILE EA 374 103.53 -7.83 69.11
CA ILE EA 374 104.12 -7.63 70.42
C ILE EA 374 105.62 -7.90 70.30
N ASP EA 375 106.42 -6.90 70.65
CA ASP EA 375 107.85 -6.96 70.33
C ASP EA 375 108.59 -7.93 71.22
N ASN EA 376 108.29 -7.95 72.52
CA ASN EA 376 109.08 -8.73 73.45
C ASN EA 376 108.39 -10.05 73.72
N PRO EA 377 108.97 -11.18 73.29
CA PRO EA 377 108.33 -12.49 73.56
C PRO EA 377 108.21 -12.81 75.05
N GLU EA 378 108.98 -12.15 75.91
CA GLU EA 378 108.89 -12.38 77.35
C GLU EA 378 107.54 -11.94 77.93
N LYS EA 379 106.69 -11.30 77.15
CA LYS EA 379 105.36 -10.89 77.58
C LYS EA 379 104.24 -11.77 77.05
N VAL EA 380 104.57 -12.86 76.34
CA VAL EA 380 103.53 -13.66 75.68
C VAL EA 380 103.83 -15.15 75.78
N CYS EA 381 102.76 -15.94 75.83
CA CYS EA 381 102.81 -17.40 75.86
C CYS EA 381 101.97 -17.95 74.70
N LEU EA 382 102.36 -19.13 74.21
CA LEU EA 382 101.66 -19.80 73.13
C LEU EA 382 100.53 -20.65 73.70
N THR EA 383 99.29 -20.31 73.35
CA THR EA 383 98.14 -21.07 73.81
C THR EA 383 97.08 -21.13 72.71
N THR EA 384 96.23 -22.14 72.82
CA THR EA 384 95.00 -22.23 72.04
C THR EA 384 93.78 -22.24 72.94
N ASP EA 385 93.94 -21.79 74.18
CA ASP EA 385 92.97 -22.01 75.24
C ASP EA 385 92.36 -23.40 75.13
N SER EA 386 93.24 -24.38 74.94
CA SER EA 386 92.84 -25.72 74.51
C SER EA 386 91.73 -26.25 75.38
N PRO EA 387 90.64 -26.73 74.76
CA PRO EA 387 90.41 -26.84 73.31
C PRO EA 387 89.64 -25.68 72.67
N ASN EA 388 89.45 -24.58 73.41
CA ASN EA 388 88.48 -23.56 73.02
C ASN EA 388 88.80 -22.97 71.65
N ALA EA 389 90.06 -22.63 71.40
CA ALA EA 389 90.45 -22.16 70.08
C ALA EA 389 91.01 -23.28 69.21
N GLY EA 390 91.29 -24.44 69.78
CA GLY EA 390 91.80 -25.58 69.07
C GLY EA 390 92.50 -26.53 70.02
N PRO EA 391 92.64 -27.80 69.64
CA PRO EA 391 93.33 -28.74 70.53
C PRO EA 391 94.81 -28.43 70.64
N PHE EA 392 95.39 -28.75 71.80
CA PHE EA 392 96.79 -28.43 72.00
C PHE EA 392 97.72 -29.20 71.07
N THR EA 393 97.23 -30.27 70.45
CA THR EA 393 98.01 -30.97 69.44
C THR EA 393 98.42 -30.06 68.27
N ARG EA 394 97.85 -28.86 68.19
CA ARG EA 394 98.11 -27.92 67.11
C ARG EA 394 99.11 -26.83 67.48
N TYR EA 395 99.75 -26.91 68.65
CA TYR EA 395 100.84 -25.98 68.92
C TYR EA 395 101.92 -26.02 67.84
N PRO EA 396 102.35 -27.19 67.34
CA PRO EA 396 103.33 -27.18 66.24
C PRO EA 396 102.88 -26.40 65.02
N ARG EA 397 101.59 -26.50 64.65
CA ARG EA 397 101.08 -25.73 63.51
C ARG EA 397 101.10 -24.24 63.81
N VAL EA 398 100.85 -23.86 65.06
CA VAL EA 398 100.95 -22.45 65.43
C VAL EA 398 102.38 -21.98 65.32
N ILE EA 399 103.33 -22.80 65.81
CA ILE EA 399 104.75 -22.50 65.67
C ILE EA 399 105.10 -22.32 64.19
N ALA EA 400 104.71 -23.29 63.36
CA ALA EA 400 104.99 -23.20 61.94
C ALA EA 400 104.46 -21.90 61.35
N TRP EA 401 103.21 -21.53 61.71
CA TRP EA 401 102.66 -20.27 61.24
C TRP EA 401 103.53 -19.08 61.66
N LEU EA 402 104.04 -19.10 62.90
CA LEU EA 402 104.82 -17.96 63.38
C LEU EA 402 106.20 -17.90 62.75
N MET EA 403 106.80 -19.05 62.47
CA MET EA 403 108.14 -19.08 61.89
C MET EA 403 108.13 -18.89 60.37
N SER EA 404 106.96 -18.76 59.74
CA SER EA 404 106.88 -18.79 58.28
C SER EA 404 105.78 -17.85 57.80
N ASN EA 405 106.16 -16.68 57.27
CA ASN EA 405 105.19 -15.87 56.53
C ASN EA 405 104.80 -16.49 55.19
N LYS EA 406 105.54 -17.48 54.70
CA LYS EA 406 105.10 -18.23 53.52
C LYS EA 406 103.90 -19.10 53.87
N TYR EA 407 103.99 -19.84 54.98
CA TYR EA 407 102.86 -20.63 55.45
C TYR EA 407 101.63 -19.75 55.62
N ARG EA 408 101.81 -18.56 56.20
CA ARG EA 408 100.67 -17.69 56.46
C ARG EA 408 100.02 -17.22 55.17
N MET EA 409 100.83 -16.70 54.23
CA MET EA 409 100.25 -16.16 53.01
C MET EA 409 99.64 -17.25 52.15
N ASN EA 410 100.17 -18.49 52.18
CA ASN EA 410 99.49 -19.59 51.49
C ASN EA 410 98.09 -19.78 52.05
N LEU EA 411 97.92 -19.63 53.35
CA LEU EA 411 96.61 -19.76 53.96
C LEU EA 411 95.75 -18.54 53.70
N ILE EA 412 96.36 -17.36 53.79
CA ILE EA 412 95.65 -16.12 53.52
C ILE EA 412 95.17 -16.07 52.07
N GLU EA 413 96.04 -16.42 51.13
CA GLU EA 413 95.67 -16.37 49.72
C GLU EA 413 94.86 -17.59 49.27
N GLY EA 414 94.56 -18.53 50.17
CA GLY EA 414 93.84 -19.71 49.75
C GLY EA 414 92.53 -19.91 50.49
N GLU EA 415 92.48 -20.87 51.41
CA GLU EA 415 91.21 -21.23 52.04
C GLU EA 415 90.65 -20.10 52.90
N LEU EA 416 91.51 -19.27 53.49
CA LEU EA 416 91.05 -18.22 54.40
C LEU EA 416 90.14 -17.24 53.67
N HIS EA 417 88.99 -16.95 54.28
CA HIS EA 417 88.08 -15.94 53.78
C HIS EA 417 88.80 -14.61 53.58
N LYS EA 418 88.31 -13.82 52.62
CA LYS EA 418 88.94 -12.53 52.33
C LYS EA 418 88.97 -11.61 53.55
N TRP EA 419 88.02 -11.79 54.48
CA TRP EA 419 87.92 -10.91 55.64
C TRP EA 419 89.21 -10.90 56.45
N ALA EA 420 90.00 -11.97 56.40
CA ALA EA 420 91.30 -11.98 57.08
C ALA EA 420 92.20 -10.86 56.58
N GLN EA 421 92.11 -10.53 55.29
CA GLN EA 421 92.88 -9.41 54.76
C GLN EA 421 92.14 -8.08 54.98
N ARG EA 422 90.85 -8.05 54.63
CA ARG EA 422 90.12 -6.79 54.65
C ARG EA 422 89.97 -6.23 56.06
N LYS EA 423 89.82 -7.09 57.07
CA LYS EA 423 89.43 -6.62 58.38
C LYS EA 423 90.53 -6.82 59.42
N SER EA 424 91.77 -6.97 58.96
CA SER EA 424 92.93 -7.02 59.84
C SER EA 424 94.15 -6.68 59.02
N THR EA 425 95.31 -6.68 59.67
CA THR EA 425 96.59 -6.38 59.05
C THR EA 425 97.52 -7.58 58.92
N VAL EA 426 96.99 -8.82 58.98
CA VAL EA 426 97.88 -9.98 59.07
C VAL EA 426 98.75 -10.03 57.82
N ALA EA 427 98.15 -9.71 56.67
CA ALA EA 427 98.83 -9.87 55.37
C ALA EA 427 100.04 -8.97 55.21
N THR EA 428 100.06 -7.83 55.90
CA THR EA 428 101.16 -6.88 55.75
C THR EA 428 102.29 -7.15 56.73
N ILE EA 429 102.20 -8.19 57.55
CA ILE EA 429 103.20 -8.48 58.58
C ILE EA 429 104.02 -9.66 58.11
N ASP EA 430 105.31 -9.44 57.85
CA ASP EA 430 106.19 -10.51 57.38
C ASP EA 430 107.16 -10.98 58.46
N ARG EA 431 107.04 -10.48 59.69
CA ARG EA 431 107.89 -10.93 60.78
C ARG EA 431 107.82 -12.44 60.94
N GLU EA 432 108.96 -13.05 61.27
CA GLU EA 432 109.03 -14.50 61.54
C GLU EA 432 109.74 -14.74 62.86
N TYR EA 433 109.13 -15.56 63.71
CA TYR EA 433 109.74 -15.93 64.97
C TYR EA 433 110.99 -16.79 64.73
N THR EA 434 112.02 -16.54 65.52
CA THR EA 434 113.20 -17.39 65.53
C THR EA 434 112.99 -18.57 66.48
N PHE EA 435 113.91 -19.54 66.40
CA PHE EA 435 113.86 -20.68 67.32
C PHE EA 435 114.00 -20.25 68.77
N SER EA 436 114.67 -19.12 69.02
CA SER EA 436 114.82 -18.61 70.37
C SER EA 436 113.51 -18.02 70.90
N GLU EA 437 112.82 -17.22 70.08
CA GLU EA 437 111.54 -16.65 70.49
C GLU EA 437 110.46 -17.72 70.69
N ILE EA 438 110.52 -18.81 69.93
CA ILE EA 438 109.58 -19.90 70.12
C ILE EA 438 109.79 -20.56 71.48
N ALA EA 439 111.04 -20.85 71.82
CA ALA EA 439 111.32 -21.43 73.14
C ALA EA 439 110.93 -20.48 74.27
N GLN EA 440 110.99 -19.17 74.02
CA GLN EA 440 110.58 -18.22 75.04
C GLN EA 440 109.08 -18.28 75.30
N ILE EA 441 108.26 -18.32 74.24
CA ILE EA 441 106.81 -18.30 74.43
C ILE EA 441 106.24 -19.67 74.74
N THR EA 442 107.02 -20.75 74.59
CA THR EA 442 106.54 -22.09 74.90
C THR EA 442 107.17 -22.68 76.16
N ARG EA 443 108.17 -22.01 76.75
CA ARG EA 443 108.87 -22.51 77.93
C ARG EA 443 109.09 -21.41 78.93
N ALA EA 444 109.86 -20.39 78.51
CA ALA EA 444 110.47 -19.48 79.46
C ALA EA 444 109.44 -18.55 80.08
N THR EA 445 108.66 -17.84 79.25
CA THR EA 445 107.66 -16.91 79.78
C THR EA 445 106.70 -17.60 80.73
N SER EA 446 106.18 -18.77 80.33
CA SER EA 446 105.21 -19.47 81.16
C SER EA 446 105.83 -19.90 82.49
N ALA EA 447 107.00 -20.55 82.42
CA ALA EA 447 107.66 -21.00 83.65
C ALA EA 447 107.96 -19.83 84.57
N LYS EA 448 108.48 -18.73 84.02
CA LYS EA 448 108.84 -17.58 84.85
C LYS EA 448 107.61 -16.98 85.52
N VAL EA 449 106.55 -16.73 84.75
CA VAL EA 449 105.37 -16.06 85.29
C VAL EA 449 104.59 -16.98 86.24
N LEU EA 450 104.71 -18.30 86.07
CA LEU EA 450 104.09 -19.25 86.99
C LEU EA 450 104.87 -19.43 88.28
N GLY EA 451 106.04 -18.80 88.39
CA GLY EA 451 106.85 -18.96 89.58
C GLY EA 451 107.62 -20.26 89.65
N LEU EA 452 107.88 -20.91 88.52
CA LEU EA 452 108.57 -22.20 88.49
C LEU EA 452 109.94 -22.13 87.85
N SER EA 453 110.42 -20.94 87.51
CA SER EA 453 111.67 -20.82 86.76
C SER EA 453 112.91 -21.27 87.53
N ASP EA 454 112.80 -21.52 88.84
CA ASP EA 454 113.92 -22.15 89.55
C ASP EA 454 114.21 -23.53 88.98
N THR EA 455 113.18 -24.31 88.71
CA THR EA 455 113.34 -25.70 88.33
C THR EA 455 112.83 -26.04 86.94
N LYS EA 456 112.05 -25.17 86.31
CA LYS EA 456 111.43 -25.49 85.04
C LYS EA 456 111.62 -24.34 84.05
N GLY EA 457 111.49 -24.67 82.77
CA GLY EA 457 111.57 -23.69 81.71
C GLY EA 457 112.97 -23.31 81.30
N HIS EA 458 113.98 -24.02 81.77
CA HIS EA 458 115.36 -23.72 81.41
C HIS EA 458 116.19 -25.00 81.48
N LEU EA 459 117.36 -24.95 80.86
CA LEU EA 459 118.27 -26.09 80.79
C LEU EA 459 119.51 -25.92 81.66
N GLY EA 460 119.52 -24.94 82.57
CA GLY EA 460 120.67 -24.68 83.40
C GLY EA 460 120.83 -25.66 84.56
N VAL EA 461 121.97 -25.54 85.24
CA VAL EA 461 122.27 -26.39 86.39
C VAL EA 461 121.32 -26.06 87.53
N GLY EA 462 120.77 -27.11 88.15
CA GLY EA 462 119.74 -26.97 89.15
C GLY EA 462 118.34 -27.24 88.64
N ALA EA 463 118.13 -27.16 87.33
CA ALA EA 463 116.81 -27.40 86.77
C ALA EA 463 116.44 -28.87 86.86
N ASP EA 464 115.14 -29.13 86.90
CA ASP EA 464 114.66 -30.50 86.71
C ASP EA 464 115.02 -30.95 85.30
N ALA EA 465 115.25 -32.25 85.16
CA ALA EA 465 115.64 -32.82 83.88
C ALA EA 465 114.41 -33.06 83.00
N ASP EA 466 113.74 -31.96 82.65
CA ASP EA 466 112.61 -31.98 81.72
C ASP EA 466 113.13 -31.41 80.41
N ILE EA 467 113.40 -32.29 79.44
CA ILE EA 467 114.17 -31.94 78.26
C ILE EA 467 113.50 -32.49 77.03
N ALA EA 468 113.48 -31.70 75.96
CA ALA EA 468 112.93 -32.09 74.67
C ALA EA 468 114.00 -31.93 73.60
N VAL EA 469 114.14 -32.96 72.75
CA VAL EA 469 115.02 -32.93 71.59
C VAL EA 469 114.16 -33.03 70.34
N TYR EA 470 114.24 -32.02 69.49
CA TYR EA 470 113.45 -31.98 68.26
C TYR EA 470 114.38 -32.22 67.08
N ASP EA 471 113.99 -33.15 66.21
CA ASP EA 471 114.78 -33.52 65.06
C ASP EA 471 114.72 -32.45 63.97
N ILE EA 472 115.27 -31.26 64.23
CA ILE EA 472 115.46 -30.27 63.18
C ILE EA 472 116.82 -29.60 63.37
N ASN EA 473 117.46 -29.28 62.24
CA ASN EA 473 118.80 -28.73 62.18
C ASN EA 473 118.72 -27.26 61.81
N PRO EA 474 118.88 -26.34 62.76
CA PRO EA 474 118.69 -24.91 62.43
C PRO EA 474 119.77 -24.33 61.53
N GLU EA 475 120.95 -24.93 61.48
CA GLU EA 475 121.97 -24.47 60.55
C GLU EA 475 121.63 -24.87 59.12
N THR EA 476 120.86 -25.95 58.97
CA THR EA 476 120.70 -26.65 57.71
C THR EA 476 119.32 -26.52 57.06
N VAL EA 477 118.25 -26.30 57.82
CA VAL EA 477 116.90 -26.22 57.27
C VAL EA 477 116.39 -24.79 57.39
N ASP EA 478 115.59 -24.36 56.40
CA ASP EA 478 115.00 -23.03 56.36
C ASP EA 478 113.60 -23.08 56.93
N PRO EA 479 113.35 -22.52 58.12
CA PRO EA 479 111.99 -22.56 58.70
C PRO EA 479 110.94 -21.89 57.85
N SER EA 480 111.30 -20.84 57.11
CA SER EA 480 110.31 -20.12 56.34
C SER EA 480 109.77 -20.96 55.19
N ALA EA 481 110.66 -21.59 54.43
CA ALA EA 481 110.23 -22.33 53.24
C ALA EA 481 109.74 -23.74 53.58
N GLU EA 482 110.39 -24.40 54.52
CA GLU EA 482 110.08 -25.78 54.88
C GLU EA 482 109.15 -25.87 56.10
N TYR EA 483 108.11 -25.03 56.11
CA TYR EA 483 107.24 -24.92 57.28
C TYR EA 483 106.63 -26.25 57.67
N MET EA 484 106.42 -27.16 56.71
CA MET EA 484 105.83 -28.44 57.08
C MET EA 484 106.83 -29.32 57.83
N ALA EA 485 108.13 -29.10 57.61
CA ALA EA 485 109.13 -29.81 58.40
C ALA EA 485 109.19 -29.27 59.83
N ILE EA 486 108.94 -27.97 60.00
CA ILE EA 486 108.87 -27.40 61.34
C ILE EA 486 107.69 -27.99 62.11
N GLU EA 487 106.52 -28.05 61.47
CA GLU EA 487 105.31 -28.54 62.12
C GLU EA 487 105.44 -30.02 62.50
N GLU EA 488 105.86 -30.86 61.55
CA GLU EA 488 106.04 -32.27 61.82
C GLU EA 488 107.11 -32.53 62.88
N ALA EA 489 108.15 -31.70 62.91
CA ALA EA 489 109.25 -31.94 63.84
C ALA EA 489 108.82 -31.60 65.27
N PHE EA 490 108.09 -30.51 65.44
CA PHE EA 490 107.58 -30.17 66.77
C PHE EA 490 106.42 -31.07 67.20
N SER EA 491 105.86 -31.88 66.28
CA SER EA 491 104.80 -32.80 66.66
C SER EA 491 105.32 -34.09 67.29
N ARG EA 492 106.49 -34.56 66.86
CA ARG EA 492 106.97 -35.91 67.19
C ARG EA 492 108.43 -35.81 67.63
N ALA EA 493 108.63 -35.46 68.90
CA ALA EA 493 109.97 -35.21 69.42
C ALA EA 493 110.85 -36.44 69.28
N ALA EA 494 112.13 -36.21 68.96
CA ALA EA 494 113.08 -37.31 68.85
C ALA EA 494 113.32 -37.95 70.20
N CYS EA 495 113.46 -37.14 71.24
CA CYS EA 495 113.68 -37.65 72.59
C CYS EA 495 113.10 -36.66 73.58
N VAL EA 496 112.44 -37.18 74.61
CA VAL EA 496 111.92 -36.37 75.71
C VAL EA 496 112.29 -37.06 77.01
N LEU EA 497 112.90 -36.31 77.92
CA LEU EA 497 113.17 -36.79 79.27
C LEU EA 497 112.24 -36.07 80.25
N LYS EA 498 111.75 -36.82 81.22
CA LYS EA 498 110.87 -36.32 82.26
C LYS EA 498 111.47 -36.75 83.59
N ASP EA 499 112.01 -35.78 84.32
CA ASP EA 499 112.73 -36.04 85.58
C ASP EA 499 113.86 -37.05 85.36
N GLY EA 500 114.62 -36.86 84.28
CA GLY EA 500 115.79 -37.67 84.00
C GLY EA 500 115.51 -39.02 83.38
N GLU EA 501 114.26 -39.45 83.27
CA GLU EA 501 113.93 -40.71 82.62
C GLU EA 501 113.38 -40.47 81.22
N ILE EA 502 113.81 -41.31 80.28
CA ILE EA 502 113.32 -41.20 78.91
C ILE EA 502 111.87 -41.64 78.88
N VAL EA 503 110.99 -40.75 78.42
CA VAL EA 503 109.58 -41.09 78.26
C VAL EA 503 109.12 -41.06 76.81
N VAL EA 504 109.88 -40.47 75.90
CA VAL EA 504 109.56 -40.48 74.48
C VAL EA 504 110.84 -40.68 73.67
N LYS EA 505 110.76 -41.54 72.66
CA LYS EA 505 111.88 -41.83 71.78
C LYS EA 505 111.34 -41.93 70.36
N ASP EA 506 111.70 -40.95 69.52
CA ASP EA 506 111.31 -40.95 68.10
C ASP EA 506 109.80 -40.86 67.94
N GLY EA 507 109.18 -39.96 68.70
CA GLY EA 507 107.76 -39.70 68.63
C GLY EA 507 106.84 -40.65 69.37
N GLU EA 508 107.33 -41.82 69.81
CA GLU EA 508 106.50 -42.81 70.48
C GLU EA 508 106.75 -42.75 71.99
N VAL EA 509 105.67 -42.83 72.78
CA VAL EA 509 105.81 -42.87 74.23
C VAL EA 509 106.36 -44.22 74.65
N VAL EA 510 107.39 -44.22 75.51
CA VAL EA 510 108.03 -45.45 75.95
C VAL EA 510 108.00 -45.63 77.46
N ALA EA 511 107.41 -44.71 78.22
CA ALA EA 511 107.29 -44.88 79.67
C ALA EA 511 106.16 -43.99 80.17
N SER EA 512 105.55 -44.40 81.27
CA SER EA 512 104.32 -43.76 81.78
C SER EA 512 104.43 -43.43 83.27
N PRO EA 513 105.38 -42.58 83.66
CA PRO EA 513 105.42 -42.14 85.05
C PRO EA 513 104.29 -41.17 85.36
N HIS EA 514 103.94 -41.12 86.64
CA HIS EA 514 103.02 -40.11 87.14
C HIS EA 514 103.79 -38.83 87.44
N GLY EA 515 103.19 -37.68 87.08
CA GLY EA 515 103.80 -36.41 87.40
C GLY EA 515 103.36 -35.88 88.76
N ARG EA 516 104.01 -34.80 89.18
CA ARG EA 516 103.71 -34.13 90.45
C ARG EA 516 102.54 -33.16 90.32
N THR EA 517 101.92 -32.88 91.45
CA THR EA 517 100.83 -31.92 91.53
C THR EA 517 101.30 -30.71 92.35
N TYR EA 518 101.56 -29.60 91.66
CA TYR EA 518 101.97 -28.38 92.34
C TYR EA 518 100.75 -27.65 92.91
N TRP EA 519 100.82 -27.32 94.20
CA TRP EA 519 99.80 -26.53 94.86
C TRP EA 519 100.48 -25.55 95.81
N VAL EA 520 99.70 -24.60 96.34
CA VAL EA 520 100.25 -23.44 97.03
C VAL EA 520 99.98 -23.53 98.53
N ASP EA 521 101.04 -23.38 99.31
CA ASP EA 521 101.01 -23.48 100.76
C ASP EA 521 101.19 -22.07 101.34
N THR EA 522 100.15 -21.53 101.97
CA THR EA 522 100.22 -20.20 102.57
C THR EA 522 99.79 -20.23 104.03
N GLN EA 523 100.37 -19.33 104.80
CA GLN EA 523 100.05 -19.19 106.22
C GLN EA 523 99.65 -17.76 106.51
N VAL EA 524 98.58 -17.62 107.27
CA VAL EA 524 97.97 -16.34 107.56
C VAL EA 524 97.80 -16.23 109.07
N ASP EA 525 97.79 -15.00 109.57
CA ASP EA 525 97.54 -14.74 110.99
C ASP EA 525 96.40 -15.60 111.52
N GLU EA 526 96.71 -16.37 112.55
CA GLU EA 526 95.81 -17.42 113.02
C GLU EA 526 94.46 -16.86 113.47
N SER EA 527 94.44 -15.61 113.96
CA SER EA 527 93.20 -15.05 114.46
C SER EA 527 92.21 -14.77 113.34
N ILE EA 528 92.67 -14.09 112.28
CA ILE EA 528 91.80 -13.83 111.13
C ILE EA 528 91.34 -15.15 110.52
N TYR EA 529 92.25 -16.12 110.45
CA TYR EA 529 91.96 -17.40 109.81
C TYR EA 529 90.86 -18.16 110.54
N SER EA 530 90.97 -18.28 111.86
CA SER EA 530 89.94 -19.00 112.63
C SER EA 530 88.57 -18.36 112.44
N GLU EA 531 88.51 -17.02 112.49
CA GLU EA 531 87.21 -16.36 112.40
C GLU EA 531 86.60 -16.52 111.02
N VAL EA 532 87.40 -16.37 109.96
CA VAL EA 532 86.92 -16.66 108.62
C VAL EA 532 86.48 -18.12 108.53
N LEU EA 533 87.26 -19.03 109.11
CA LEU EA 533 86.92 -20.44 109.07
C LEU EA 533 85.64 -20.75 109.84
N ALA EA 534 85.35 -19.97 110.88
CA ALA EA 534 84.06 -20.10 111.56
C ALA EA 534 82.92 -19.60 110.69
N ASN EA 535 83.14 -18.48 109.99
CA ASN EA 535 82.13 -17.97 109.07
C ASN EA 535 81.91 -18.92 107.91
N VAL EA 536 83.00 -19.50 107.38
CA VAL EA 536 82.88 -20.43 106.26
C VAL EA 536 82.05 -21.64 106.65
N GLU EA 537 82.35 -22.23 107.82
CA GLU EA 537 81.62 -23.42 108.25
C GLU EA 537 80.14 -23.13 108.51
N SER EA 538 79.79 -21.91 108.94
CA SER EA 538 78.38 -21.59 109.15
C SER EA 538 77.62 -21.49 107.84
N LYS EA 539 78.24 -20.92 106.81
CA LYS EA 539 77.57 -20.88 105.51
C LYS EA 539 77.45 -22.28 104.92
N PHE EA 540 78.40 -23.17 105.23
CA PHE EA 540 78.28 -24.56 104.81
C PHE EA 540 77.07 -25.23 105.46
N LYS EA 541 76.88 -25.01 106.77
CA LYS EA 541 75.74 -25.63 107.46
C LYS EA 541 74.42 -25.16 106.87
N GLN EA 542 74.32 -23.88 106.56
CA GLN EA 542 73.09 -23.29 106.03
C GLN EA 542 72.91 -23.57 104.54
N TYR EA 543 73.93 -23.28 103.74
CA TYR EA 543 73.71 -23.02 102.33
C TYR EA 543 74.39 -24.00 101.37
N TYR EA 544 75.44 -24.71 101.79
CA TYR EA 544 75.99 -25.74 100.93
C TYR EA 544 75.15 -27.01 100.98
N SER EA 545 75.34 -27.86 99.97
CA SER EA 545 74.65 -29.13 99.89
C SER EA 545 75.51 -30.31 100.33
N VAL EA 546 76.72 -30.03 100.82
CA VAL EA 546 77.57 -31.03 101.45
C VAL EA 546 77.95 -30.53 102.83
N ASN EA 547 78.59 -31.38 103.62
CA ASN EA 547 79.02 -31.01 104.95
C ASN EA 547 80.48 -30.57 104.93
N PHE EA 548 80.76 -29.53 105.72
CA PHE EA 548 82.08 -28.90 105.76
C PHE EA 548 83.20 -29.92 105.91
N ALA EA 549 82.97 -30.95 106.73
CA ALA EA 549 84.02 -31.93 106.98
C ALA EA 549 84.39 -32.72 105.72
N ASN EA 550 83.45 -32.88 104.80
CA ASN EA 550 83.66 -33.73 103.62
C ASN EA 550 84.18 -32.96 102.41
N TYR EA 551 84.33 -31.64 102.52
CA TYR EA 551 84.60 -30.77 101.38
C TYR EA 551 86.06 -30.78 100.91
N PRO EA 552 87.06 -30.56 101.78
CA PRO EA 552 88.43 -30.45 101.26
C PRO EA 552 88.91 -31.76 100.64
N VAL EA 553 89.81 -31.62 99.67
CA VAL EA 553 90.38 -32.78 99.00
C VAL EA 553 91.32 -33.50 99.96
N GLN EA 554 91.09 -34.80 100.16
CA GLN EA 554 91.92 -35.59 101.05
C GLN EA 554 93.27 -35.89 100.41
N ASP EA 555 94.23 -36.28 101.26
CA ASP EA 555 95.59 -36.51 100.79
C ASP EA 555 95.70 -37.71 99.86
N ASP EA 556 94.70 -38.62 99.87
CA ASP EA 556 94.78 -39.78 98.99
C ASP EA 556 94.70 -39.38 97.52
N TYR EA 557 94.22 -38.18 97.23
CA TYR EA 557 94.09 -37.71 95.86
C TYR EA 557 95.36 -37.09 95.30
N LEU EA 558 96.39 -36.89 96.12
CA LEU EA 558 97.67 -36.34 95.68
C LEU EA 558 98.78 -37.35 96.00
N PRO EA 559 98.94 -38.36 95.16
CA PRO EA 559 100.07 -39.30 95.35
C PRO EA 559 101.43 -38.62 95.31
N LYS EA 560 101.59 -37.53 94.55
CA LYS EA 560 102.88 -36.85 94.41
C LYS EA 560 102.73 -35.36 94.74
N SER EA 561 102.38 -35.08 96.00
CA SER EA 561 102.19 -33.71 96.44
C SER EA 561 103.48 -32.91 96.34
N ALA EA 562 103.38 -31.73 95.74
CA ALA EA 562 104.53 -30.84 95.55
C ALA EA 562 104.15 -29.43 95.99
N PRO EA 563 104.16 -29.16 97.29
CA PRO EA 563 103.78 -27.82 97.77
C PRO EA 563 104.79 -26.76 97.36
N VAL EA 564 104.29 -25.56 97.06
CA VAL EA 564 105.10 -24.38 96.80
C VAL EA 564 104.70 -23.34 97.81
N LYS EA 565 105.70 -22.66 98.40
CA LYS EA 565 105.43 -21.78 99.52
C LYS EA 565 105.03 -20.39 99.05
N GLY EA 566 103.95 -19.86 99.62
CA GLY EA 566 103.67 -18.45 99.51
C GLY EA 566 104.17 -17.73 100.74
N VAL EA 567 103.42 -16.74 101.23
CA VAL EA 567 103.79 -16.06 102.46
C VAL EA 567 103.75 -17.06 103.61
N MET EA 568 104.73 -16.95 104.50
CA MET EA 568 104.80 -17.82 105.67
C MET EA 568 104.82 -16.99 106.95
N LEU EA 569 104.46 -17.66 108.04
CA LEU EA 569 104.32 -17.07 109.38
C LEU EA 569 103.30 -15.95 109.38
N MET FA 1 79.35 -47.22 123.28
CA MET FA 1 78.99 -47.03 121.88
C MET FA 1 79.58 -45.77 121.29
N GLU FA 2 80.06 -45.88 120.05
CA GLU FA 2 80.70 -44.78 119.35
C GLU FA 2 79.81 -44.25 118.24
N TYR FA 3 79.88 -42.93 118.03
CA TYR FA 3 79.14 -42.24 116.99
C TYR FA 3 80.11 -41.71 115.95
N VAL FA 4 79.98 -42.19 114.72
CA VAL FA 4 80.77 -41.70 113.60
C VAL FA 4 79.88 -40.77 112.77
N LYS FA 5 80.34 -39.54 112.62
CA LYS FA 5 79.55 -38.50 111.97
C LYS FA 5 80.06 -38.27 110.55
N ASN FA 6 79.27 -37.49 109.80
CA ASN FA 6 79.61 -37.07 108.44
C ASN FA 6 79.78 -38.26 107.50
N VAL FA 7 79.11 -39.39 107.78
CA VAL FA 7 79.22 -40.58 106.94
C VAL FA 7 78.42 -40.35 105.66
N VAL FA 8 78.92 -40.91 104.56
CA VAL FA 8 78.29 -40.81 103.25
C VAL FA 8 77.50 -42.08 102.98
N CYS FA 9 76.26 -41.93 102.55
CA CYS FA 9 75.42 -43.12 102.45
C CYS FA 9 75.59 -43.80 101.09
N PRO FA 10 75.82 -45.13 101.08
CA PRO FA 10 76.05 -45.86 99.82
C PRO FA 10 74.79 -46.52 99.23
N PHE FA 11 73.73 -45.73 99.05
CA PHE FA 11 72.61 -46.30 98.32
C PHE FA 11 72.27 -45.55 97.05
N CYS FA 12 71.55 -44.44 97.14
CA CYS FA 12 71.04 -43.82 95.93
C CYS FA 12 71.83 -42.56 95.59
N GLY FA 13 71.55 -42.03 94.41
CA GLY FA 13 72.29 -40.90 93.85
C GLY FA 13 72.12 -39.60 94.61
N THR FA 14 71.26 -39.57 95.62
CA THR FA 14 71.20 -38.41 96.51
C THR FA 14 72.51 -38.24 97.28
N LEU FA 15 73.18 -39.36 97.59
CA LEU FA 15 74.51 -39.38 98.21
C LEU FA 15 74.58 -38.44 99.42
N CYS FA 16 73.65 -38.60 100.34
CA CYS FA 16 73.68 -37.83 101.57
C CYS FA 16 74.99 -38.07 102.31
N ASP FA 17 75.59 -36.98 102.81
CA ASP FA 17 76.88 -37.06 103.48
C ASP FA 17 76.80 -36.58 104.92
N ASP FA 18 75.62 -36.64 105.54
CA ASP FA 18 75.45 -36.23 106.93
C ASP FA 18 74.99 -37.40 107.81
N ILE FA 19 75.24 -38.64 107.40
CA ILE FA 19 74.79 -39.79 108.18
C ILE FA 19 75.63 -39.91 109.43
N ILE FA 20 74.97 -40.18 110.56
CA ILE FA 20 75.64 -40.60 111.78
C ILE FA 20 75.46 -42.11 111.90
N CYS FA 21 76.57 -42.83 112.05
CA CYS FA 21 76.54 -44.27 112.27
C CYS FA 21 76.76 -44.58 113.74
N LYS FA 22 75.95 -45.50 114.26
CA LYS FA 22 76.14 -45.98 115.63
C LYS FA 22 77.00 -47.23 115.56
N VAL FA 23 78.18 -47.16 116.17
CA VAL FA 23 79.16 -48.24 116.15
C VAL FA 23 79.37 -48.70 117.59
N GLU FA 24 79.21 -50.00 117.83
CA GLU FA 24 79.44 -50.57 119.15
C GLU FA 24 80.66 -51.49 119.12
N GLY FA 25 80.49 -52.72 118.64
CA GLY FA 25 81.61 -53.63 118.53
C GLY FA 25 82.51 -53.20 117.39
N ASN FA 26 82.71 -54.08 116.42
CA ASN FA 26 83.18 -53.67 115.11
C ASN FA 26 82.03 -53.74 114.11
N GLU FA 27 80.86 -53.31 114.55
CA GLU FA 27 79.65 -53.50 113.77
C GLU FA 27 78.78 -52.25 113.85
N ILE FA 28 78.12 -51.95 112.74
CA ILE FA 28 77.21 -50.82 112.66
C ILE FA 28 75.83 -51.30 113.10
N VAL FA 29 75.34 -50.77 114.22
CA VAL FA 29 74.09 -51.24 114.80
C VAL FA 29 72.95 -50.24 114.64
N GLY FA 30 73.22 -49.03 114.17
CA GLY FA 30 72.17 -48.04 114.01
C GLY FA 30 72.66 -46.83 113.25
N THR FA 31 71.72 -45.94 112.93
CA THR FA 31 72.00 -44.73 112.18
C THR FA 31 71.15 -43.58 112.69
N ILE FA 32 71.59 -42.36 112.37
CA ILE FA 32 70.80 -41.15 112.51
C ILE FA 32 70.82 -40.42 111.17
N ASN FA 33 69.68 -39.82 110.81
CA ASN FA 33 69.46 -39.00 109.61
C ASN FA 33 69.26 -39.82 108.33
N ALA FA 34 69.85 -41.00 108.25
CA ALA FA 34 69.63 -41.85 107.08
C ALA FA 34 68.16 -42.25 106.99
N CYS FA 35 67.66 -42.36 105.75
CA CYS FA 35 66.26 -42.71 105.57
C CYS FA 35 66.07 -44.20 105.80
N ARG FA 36 64.85 -44.68 105.56
CA ARG FA 36 64.55 -46.08 105.81
C ARG FA 36 65.41 -46.99 104.93
N ILE FA 37 65.69 -46.59 103.69
CA ILE FA 37 66.49 -47.43 102.82
C ILE FA 37 67.95 -47.41 103.25
N GLY FA 38 68.54 -46.22 103.35
CA GLY FA 38 69.92 -46.11 103.76
C GLY FA 38 70.21 -46.83 105.06
N HIS FA 39 69.31 -46.70 106.03
CA HIS FA 39 69.46 -47.42 107.29
C HIS FA 39 69.51 -48.93 107.07
N SER FA 40 68.67 -49.45 106.17
CA SER FA 40 68.66 -50.89 105.92
C SER FA 40 69.99 -51.39 105.36
N LYS FA 41 70.71 -50.56 104.61
CA LYS FA 41 72.01 -50.99 104.11
C LYS FA 41 73.05 -51.03 105.22
N PHE FA 42 73.08 -49.99 106.07
CA PHE FA 42 74.11 -49.89 107.09
C PHE FA 42 74.02 -51.00 108.12
N VAL FA 43 72.81 -51.44 108.46
CA VAL FA 43 72.59 -52.40 109.55
C VAL FA 43 72.33 -53.77 108.95
N HIS FA 44 72.82 -54.80 109.63
CA HIS FA 44 72.55 -56.17 109.20
C HIS FA 44 71.15 -56.59 109.63
N ALA FA 45 70.41 -57.14 108.68
CA ALA FA 45 69.13 -57.77 108.97
C ALA FA 45 69.39 -59.25 109.22
N GLU FA 46 69.05 -59.75 110.40
CA GLU FA 46 69.44 -61.10 110.75
C GLU FA 46 68.56 -62.12 110.05
N GLY FA 47 69.18 -63.24 109.67
CA GLY FA 47 68.65 -64.17 108.70
C GLY FA 47 69.10 -63.92 107.28
N ALA FA 48 69.86 -62.86 107.03
CA ALA FA 48 70.34 -62.53 105.70
C ALA FA 48 71.79 -62.99 105.56
N MET FA 49 72.07 -63.70 104.47
CA MET FA 49 73.36 -64.35 104.24
C MET FA 49 74.35 -63.31 103.74
N ARG FA 50 75.44 -63.11 104.49
CA ARG FA 50 76.56 -62.24 104.10
C ARG FA 50 77.75 -63.14 103.85
N TYR FA 51 77.99 -63.49 102.58
CA TYR FA 51 79.02 -64.49 102.27
C TYR FA 51 80.36 -64.22 102.96
N LYS FA 52 80.89 -65.26 103.58
CA LYS FA 52 82.11 -65.14 104.36
C LYS FA 52 83.36 -65.49 103.58
N LYS FA 53 83.26 -66.24 102.49
CA LYS FA 53 84.42 -66.61 101.69
C LYS FA 53 83.94 -67.05 100.31
N PRO FA 54 84.84 -67.10 99.32
CA PRO FA 54 84.41 -67.40 97.95
C PRO FA 54 83.79 -68.77 97.79
N LEU FA 55 83.02 -68.91 96.71
CA LEU FA 55 82.30 -70.14 96.38
C LEU FA 55 82.42 -70.45 94.90
N ILE FA 56 82.38 -71.74 94.57
CA ILE FA 56 82.37 -72.22 93.20
C ILE FA 56 81.32 -73.32 93.08
N ARG FA 57 80.62 -73.32 91.95
CA ARG FA 57 79.53 -74.25 91.69
C ARG FA 57 80.07 -75.50 91.02
N LYS FA 58 79.65 -76.67 91.51
CA LYS FA 58 80.12 -77.95 91.00
C LYS FA 58 79.31 -78.40 89.79
N GLU FA 61 76.10 -77.47 92.76
CA GLU FA 61 76.32 -77.41 94.20
C GLU FA 61 77.53 -76.54 94.52
N PHE FA 62 77.34 -75.59 95.44
CA PHE FA 62 78.36 -74.61 95.76
C PHE FA 62 79.34 -75.15 96.80
N VAL FA 63 80.62 -74.86 96.58
CA VAL FA 63 81.69 -75.28 97.47
C VAL FA 63 82.55 -74.07 97.80
N GLU FA 64 82.92 -73.93 99.08
CA GLU FA 64 83.79 -72.84 99.50
C GLU FA 64 85.23 -73.13 99.11
N VAL FA 65 85.87 -72.15 98.48
CA VAL FA 65 87.26 -72.22 98.08
C VAL FA 65 87.99 -71.00 98.62
N SER FA 66 89.28 -70.90 98.31
CA SER FA 66 90.07 -69.77 98.72
C SER FA 66 89.97 -68.63 97.70
N TYR FA 67 90.43 -67.45 98.11
CA TYR FA 67 90.46 -66.31 97.20
C TYR FA 67 91.31 -66.61 95.97
N ASP FA 68 92.45 -67.29 96.15
CA ASP FA 68 93.33 -67.52 95.03
C ASP FA 68 92.71 -68.48 94.04
N GLU FA 69 91.95 -69.47 94.53
CA GLU FA 69 91.28 -70.40 93.64
C GLU FA 69 90.16 -69.72 92.85
N ALA FA 70 89.31 -68.95 93.53
CA ALA FA 70 88.20 -68.29 92.86
C ALA FA 70 88.69 -67.29 91.82
N ILE FA 71 89.65 -66.45 92.21
CA ILE FA 71 90.21 -65.45 91.29
C ILE FA 71 90.90 -66.13 90.12
N ASP FA 72 91.61 -67.24 90.37
CA ASP FA 72 92.31 -67.92 89.29
C ASP FA 72 91.33 -68.47 88.25
N LYS FA 73 90.27 -69.13 88.72
CA LYS FA 73 89.28 -69.68 87.80
C LYS FA 73 88.56 -68.58 87.04
N ALA FA 74 88.26 -67.47 87.72
CA ALA FA 74 87.61 -66.35 87.05
C ALA FA 74 88.51 -65.74 85.98
N ALA FA 75 89.80 -65.59 86.29
CA ALA FA 75 90.74 -65.04 85.32
C ALA FA 75 90.85 -65.95 84.10
N LYS FA 76 90.75 -67.27 84.31
CA LYS FA 76 90.81 -68.20 83.20
C LYS FA 76 89.62 -68.02 82.26
N ILE FA 77 88.41 -67.85 82.83
CA ILE FA 77 87.20 -67.73 82.02
C ILE FA 77 87.29 -66.51 81.10
N LEU FA 78 87.67 -65.36 81.66
CA LEU FA 78 87.74 -64.13 80.87
C LEU FA 78 88.90 -64.14 79.90
N ALA FA 79 90.03 -64.71 80.29
CA ALA FA 79 91.18 -64.76 79.39
C ALA FA 79 90.87 -65.59 78.15
N GLU FA 80 90.19 -66.72 78.32
CA GLU FA 80 89.85 -67.59 77.19
C GLU FA 80 88.59 -67.12 76.45
N SER FA 81 87.87 -66.15 76.99
CA SER FA 81 86.63 -65.69 76.37
C SER FA 81 86.92 -64.74 75.21
N LYS FA 82 86.09 -64.84 74.17
CA LYS FA 82 86.24 -63.98 73.00
C LYS FA 82 85.21 -62.85 72.93
N ARG FA 83 84.21 -62.84 73.82
CA ARG FA 83 83.28 -61.73 73.92
C ARG FA 83 82.76 -61.60 75.35
N PRO FA 84 83.65 -61.33 76.32
CA PRO FA 84 83.22 -61.24 77.72
C PRO FA 84 82.52 -59.93 78.05
N LEU FA 85 81.51 -60.02 78.93
CA LEU FA 85 80.76 -58.87 79.43
C LEU FA 85 81.13 -58.61 80.88
N MET FA 86 81.57 -57.39 81.17
CA MET FA 86 81.94 -56.97 82.53
C MET FA 86 80.94 -55.88 82.94
N TYR FA 87 79.94 -56.26 83.72
CA TYR FA 87 78.78 -55.42 83.94
C TYR FA 87 78.52 -55.16 85.42
N GLY FA 88 78.02 -53.96 85.71
CA GLY FA 88 77.61 -53.59 87.04
C GLY FA 88 78.19 -52.26 87.50
N TRP FA 89 79.12 -52.31 88.46
CA TRP FA 89 80.00 -51.21 88.82
C TRP FA 89 79.36 -50.11 89.67
N SER FA 90 78.05 -49.90 89.53
CA SER FA 90 77.46 -48.68 90.07
C SER FA 90 77.46 -48.64 91.59
N CYS FA 91 77.58 -49.77 92.27
CA CYS FA 91 77.56 -49.78 93.73
C CYS FA 91 78.93 -50.08 94.34
N THR FA 92 80.00 -49.78 93.62
CA THR FA 92 81.34 -49.75 94.18
C THR FA 92 81.96 -48.38 93.92
N GLU FA 93 83.20 -48.20 94.36
CA GLU FA 93 83.85 -46.89 94.35
C GLU FA 93 84.71 -46.72 93.09
N CYS FA 94 85.18 -45.50 92.89
CA CYS FA 94 85.74 -45.12 91.60
C CYS FA 94 87.07 -45.83 91.31
N GLU FA 95 87.89 -46.06 92.34
CA GLU FA 95 89.18 -46.69 92.06
C GLU FA 95 89.01 -48.14 91.62
N ALA FA 96 88.00 -48.84 92.14
CA ALA FA 96 87.69 -50.17 91.62
C ALA FA 96 87.20 -50.08 90.18
N GLN FA 97 86.40 -49.06 89.87
CA GLN FA 97 85.93 -48.87 88.50
C GLN FA 97 87.09 -48.61 87.55
N ALA FA 98 88.11 -47.87 88.00
CA ALA FA 98 89.27 -47.60 87.16
C ALA FA 98 90.04 -48.89 86.83
N VAL FA 99 90.19 -49.77 87.82
CA VAL FA 99 90.82 -51.06 87.56
C VAL FA 99 89.99 -51.88 86.58
N GLY FA 100 88.66 -51.83 86.73
CA GLY FA 100 87.80 -52.56 85.81
C GLY FA 100 87.98 -52.16 84.36
N VAL FA 101 88.15 -50.85 84.11
CA VAL FA 101 88.39 -50.40 82.74
C VAL FA 101 89.69 -50.97 82.20
N GLU FA 102 90.76 -50.93 83.00
CA GLU FA 102 92.03 -51.50 82.56
C GLU FA 102 91.91 -53.00 82.32
N LEU FA 103 91.16 -53.70 83.18
CA LEU FA 103 91.02 -55.14 83.01
C LEU FA 103 90.18 -55.45 81.77
N ALA FA 104 89.12 -54.67 81.55
CA ALA FA 104 88.32 -54.83 80.34
C ALA FA 104 89.17 -54.57 79.10
N GLU FA 105 90.06 -53.58 79.19
CA GLU FA 105 91.04 -53.35 78.12
C GLU FA 105 91.88 -54.60 77.91
N GLU FA 106 92.38 -55.19 79.00
CA GLU FA 106 93.28 -56.33 78.91
C GLU FA 106 92.58 -57.56 78.35
N ALA FA 107 91.32 -57.76 78.69
CA ALA FA 107 90.58 -58.94 78.25
C ALA FA 107 89.88 -58.75 76.91
N GLY FA 108 90.01 -57.57 76.30
CA GLY FA 108 89.25 -57.29 75.09
C GLY FA 108 87.76 -57.35 75.30
N ALA FA 109 87.30 -56.88 76.46
CA ALA FA 109 85.93 -57.06 76.90
C ALA FA 109 85.05 -55.86 76.57
N VAL FA 110 83.75 -56.05 76.72
CA VAL FA 110 82.79 -54.96 76.78
C VAL FA 110 82.55 -54.65 78.24
N ILE FA 111 82.75 -53.40 78.63
CA ILE FA 111 82.48 -52.94 80.00
C ILE FA 111 81.26 -52.02 79.96
N ASP FA 112 80.38 -52.20 80.93
CA ASP FA 112 79.09 -51.53 80.94
C ASP FA 112 78.57 -51.46 82.37
N ASN FA 113 77.89 -50.37 82.70
CA ASN FA 113 77.30 -50.19 84.02
C ASN FA 113 75.78 -50.14 83.92
N THR FA 114 75.14 -49.95 85.08
CA THR FA 114 73.68 -49.96 85.16
C THR FA 114 73.03 -48.84 84.38
N ALA FA 115 73.80 -47.86 83.91
CA ALA FA 115 73.24 -46.85 83.01
C ALA FA 115 72.50 -47.47 81.84
N SER FA 116 72.96 -48.63 81.37
CA SER FA 116 72.32 -49.26 80.21
C SER FA 116 70.89 -49.71 80.50
N VAL FA 117 70.52 -49.91 81.76
CA VAL FA 117 69.14 -50.19 82.12
C VAL FA 117 68.52 -49.01 82.86
N CYS FA 118 69.14 -47.82 82.83
CA CYS FA 118 68.71 -46.74 83.69
C CYS FA 118 68.66 -45.40 82.97
N HIS FA 119 69.64 -44.53 83.22
CA HIS FA 119 69.70 -43.22 82.58
C HIS FA 119 70.62 -43.19 81.37
N GLY FA 120 71.06 -44.36 80.89
CA GLY FA 120 71.63 -44.51 79.57
C GLY FA 120 70.92 -43.71 78.50
N PRO FA 121 69.60 -43.85 78.40
CA PRO FA 121 68.85 -43.02 77.43
C PRO FA 121 69.08 -41.54 77.63
N SER FA 122 69.27 -41.08 78.86
CA SER FA 122 69.63 -39.69 79.09
C SER FA 122 71.03 -39.40 78.55
N VAL FA 123 71.93 -40.38 78.66
CA VAL FA 123 73.27 -40.23 78.10
C VAL FA 123 73.20 -40.06 76.58
N LEU FA 124 72.48 -40.96 75.90
CA LEU FA 124 72.29 -40.79 74.46
C LEU FA 124 71.67 -39.44 74.13
N ALA FA 125 70.67 -39.01 74.92
CA ALA FA 125 70.01 -37.75 74.64
C ALA FA 125 70.97 -36.58 74.81
N LEU FA 126 71.75 -36.58 75.90
CA LEU FA 126 72.65 -35.46 76.13
C LEU FA 126 73.79 -35.43 75.11
N GLN FA 127 74.19 -36.60 74.59
CA GLN FA 127 75.18 -36.62 73.53
C GLN FA 127 74.65 -35.96 72.26
N ASP FA 128 73.33 -36.00 72.04
CA ASP FA 128 72.76 -35.43 70.82
C ASP FA 128 72.40 -33.95 70.96
N VAL FA 129 71.84 -33.52 72.10
CA VAL FA 129 71.32 -32.17 72.21
C VAL FA 129 71.94 -31.35 73.34
N GLY FA 130 72.52 -31.96 74.38
CA GLY FA 130 73.17 -31.16 75.39
C GLY FA 130 72.74 -31.55 76.79
N TYR FA 131 73.21 -30.77 77.78
CA TYR FA 131 73.16 -31.18 79.18
C TYR FA 131 73.21 -29.98 80.12
N PRO FA 132 72.12 -29.19 80.23
CA PRO FA 132 72.17 -28.00 81.09
C PRO FA 132 71.78 -28.25 82.55
N ILE FA 133 72.76 -28.41 83.44
CA ILE FA 133 72.50 -28.81 84.82
C ILE FA 133 72.99 -27.78 85.82
N CYS FA 134 72.79 -28.07 87.11
CA CYS FA 134 73.37 -27.34 88.21
C CYS FA 134 73.55 -28.32 89.37
N THR FA 135 74.18 -27.84 90.44
CA THR FA 135 74.35 -28.68 91.62
C THR FA 135 73.23 -28.42 92.64
N PHE FA 136 73.07 -29.36 93.57
CA PHE FA 136 71.98 -29.32 94.53
C PHE FA 136 71.88 -27.96 95.22
N GLY FA 137 73.02 -27.34 95.52
CA GLY FA 137 73.02 -26.11 96.28
C GLY FA 137 72.39 -24.94 95.55
N GLU FA 138 72.51 -24.90 94.22
CA GLU FA 138 71.82 -23.86 93.48
C GLU FA 138 70.32 -24.07 93.51
N VAL FA 139 69.87 -25.32 93.50
CA VAL FA 139 68.45 -25.61 93.65
C VAL FA 139 67.95 -25.12 95.01
N LYS FA 140 68.63 -25.56 96.07
CA LYS FA 140 68.22 -25.17 97.42
C LYS FA 140 68.19 -23.65 97.60
N ASN FA 141 69.19 -22.95 97.07
CA ASN FA 141 69.33 -21.53 97.34
C ASN FA 141 68.59 -20.63 96.34
N ARG FA 142 68.26 -21.12 95.15
CA ARG FA 142 67.65 -20.27 94.12
C ARG FA 142 66.31 -20.77 93.59
N ALA FA 143 66.03 -22.06 93.64
CA ALA FA 143 64.97 -22.63 92.82
C ALA FA 143 63.60 -22.07 93.20
N ASP FA 144 62.91 -21.55 92.19
CA ASP FA 144 61.58 -20.96 92.23
C ASP FA 144 60.51 -21.96 91.86
N VAL FA 145 60.84 -22.85 90.93
CA VAL FA 145 59.96 -23.89 90.41
C VAL FA 145 60.75 -25.19 90.41
N VAL FA 146 60.17 -26.23 90.97
CA VAL FA 146 60.81 -27.54 91.09
C VAL FA 146 59.88 -28.57 90.48
N VAL FA 147 60.34 -29.26 89.43
CA VAL FA 147 59.55 -30.27 88.74
C VAL FA 147 60.19 -31.64 88.96
N TYR FA 148 59.37 -32.61 89.33
CA TYR FA 148 59.74 -34.02 89.34
C TYR FA 148 58.97 -34.69 88.21
N TRP FA 149 59.66 -35.03 87.14
CA TRP FA 149 59.04 -35.55 85.93
C TRP FA 149 59.32 -37.04 85.83
N GLY FA 150 58.29 -37.85 85.99
CA GLY FA 150 58.45 -39.30 85.90
C GLY FA 150 59.43 -39.89 86.87
N CYS FA 151 59.50 -39.34 88.08
CA CYS FA 151 60.29 -39.89 89.17
C CYS FA 151 59.50 -39.75 90.45
N ASN FA 152 59.76 -40.66 91.39
CA ASN FA 152 58.99 -40.77 92.63
C ASN FA 152 59.96 -40.72 93.80
N PRO FA 153 60.51 -39.55 94.11
CA PRO FA 153 61.58 -39.49 95.12
C PRO FA 153 61.13 -39.93 96.51
N MET FA 154 59.86 -39.78 96.88
CA MET FA 154 59.44 -40.23 98.20
C MET FA 154 59.73 -41.71 98.42
N HIS FA 155 59.73 -42.50 97.35
CA HIS FA 155 60.06 -43.91 97.46
C HIS FA 155 61.45 -44.25 96.94
N ALA FA 156 62.04 -43.42 96.07
CA ALA FA 156 63.29 -43.77 95.40
C ALA FA 156 64.46 -42.86 95.76
N HIS FA 157 64.21 -41.65 96.26
CA HIS FA 157 65.24 -40.77 96.79
C HIS FA 157 64.66 -40.10 98.03
N PRO FA 158 64.41 -40.87 99.09
CA PRO FA 158 63.51 -40.39 100.16
C PRO FA 158 63.89 -39.04 100.77
N ARG FA 159 65.17 -38.72 100.89
CA ARG FA 159 65.54 -37.45 101.48
C ARG FA 159 65.73 -36.34 100.45
N HIS FA 160 65.48 -36.62 99.17
CA HIS FA 160 65.74 -35.66 98.11
C HIS FA 160 64.88 -34.41 98.26
N MET FA 161 63.59 -34.57 98.58
CA MET FA 161 62.69 -33.43 98.70
C MET FA 161 63.05 -32.59 99.92
N SER FA 162 63.34 -33.23 101.06
CA SER FA 162 63.68 -32.50 102.27
C SER FA 162 64.94 -31.66 102.09
N ARG FA 163 65.90 -32.16 101.32
CA ARG FA 163 67.15 -31.43 101.14
C ARG FA 163 67.07 -30.35 100.06
N ASN FA 164 66.22 -30.52 99.05
CA ASN FA 164 66.18 -29.58 97.94
C ASN FA 164 64.92 -28.73 97.88
N VAL FA 165 63.81 -29.16 98.51
CA VAL FA 165 62.54 -28.44 98.42
C VAL FA 165 62.17 -27.82 99.77
N PHE FA 166 62.05 -28.64 100.81
CA PHE FA 166 61.69 -28.11 102.13
C PHE FA 166 62.83 -27.31 102.76
N ALA FA 167 64.03 -27.41 102.21
CA ALA FA 167 65.17 -26.68 102.76
C ALA FA 167 64.99 -25.19 102.57
N ARG FA 168 65.43 -24.41 103.55
CA ARG FA 168 65.43 -22.96 103.46
C ARG FA 168 66.77 -22.52 102.88
N GLY FA 169 66.75 -21.91 101.70
CA GLY FA 169 67.93 -21.51 101.00
C GLY FA 169 68.18 -20.00 101.07
N PHE FA 170 69.32 -19.61 100.50
CA PHE FA 170 69.77 -18.22 100.59
C PHE FA 170 68.72 -17.26 100.04
N PHE FA 171 68.26 -17.49 98.80
CA PHE FA 171 67.24 -16.66 98.20
C PHE FA 171 65.84 -17.24 98.35
N ARG FA 172 65.70 -18.39 99.00
CA ARG FA 172 64.41 -19.03 99.22
C ARG FA 172 64.28 -19.37 100.70
N GLU FA 173 64.38 -18.34 101.54
CA GLU FA 173 64.45 -18.53 102.98
C GLU FA 173 63.19 -19.14 103.59
N ARG FA 174 62.08 -19.19 102.85
CA ARG FA 174 60.86 -19.81 103.37
C ARG FA 174 60.71 -21.26 102.91
N GLY FA 175 61.74 -21.82 102.29
CA GLY FA 175 61.71 -23.21 101.85
C GLY FA 175 60.51 -23.54 100.97
N ARG FA 176 59.76 -24.57 101.38
CA ARG FA 176 58.66 -25.10 100.58
C ARG FA 176 57.68 -24.00 100.18
N SER FA 177 57.48 -23.01 101.06
CA SER FA 177 56.55 -21.93 100.77
C SER FA 177 57.02 -21.04 99.62
N ASP FA 178 58.31 -21.03 99.30
CA ASP FA 178 58.83 -20.19 98.23
C ASP FA 178 58.90 -20.90 96.87
N ARG FA 179 58.40 -22.14 96.77
CA ARG FA 179 58.59 -22.94 95.58
C ARG FA 179 57.27 -23.50 95.06
N THR FA 180 57.11 -23.46 93.74
CA THR FA 180 56.02 -24.14 93.05
C THR FA 180 56.50 -25.54 92.69
N LEU FA 181 55.88 -26.55 93.27
CA LEU FA 181 56.29 -27.95 93.10
C LEU FA 181 55.37 -28.62 92.10
N ILE FA 182 55.96 -29.19 91.05
CA ILE FA 182 55.22 -29.85 89.97
C ILE FA 182 55.69 -31.28 89.86
N VAL FA 183 54.75 -32.20 89.67
CA VAL FA 183 55.05 -33.61 89.51
C VAL FA 183 54.29 -34.11 88.28
N VAL FA 184 54.98 -34.86 87.42
CA VAL FA 184 54.42 -35.37 86.16
C VAL FA 184 54.49 -36.88 86.21
N ASP FA 185 53.33 -37.53 86.31
CA ASP FA 185 53.30 -38.96 86.54
C ASP FA 185 51.89 -39.49 86.29
N PRO FA 186 51.74 -40.60 85.56
CA PRO FA 186 50.40 -41.17 85.36
C PRO FA 186 49.77 -41.70 86.64
N ARG FA 187 50.53 -41.89 87.70
CA ARG FA 187 50.02 -42.31 89.00
C ARG FA 187 49.93 -41.13 89.96
N LYS FA 188 49.07 -41.27 90.96
CA LYS FA 188 49.06 -40.38 92.12
C LYS FA 188 50.04 -40.94 93.14
N THR FA 189 51.32 -40.69 92.91
CA THR FA 189 52.35 -41.16 93.82
C THR FA 189 52.37 -40.31 95.08
N ASP FA 190 53.06 -40.80 96.11
CA ASP FA 190 53.21 -40.01 97.33
C ASP FA 190 54.01 -38.73 97.08
N SER FA 191 54.86 -38.74 96.05
CA SER FA 191 55.51 -37.49 95.66
C SER FA 191 54.50 -36.54 95.03
N ALA FA 192 53.61 -37.05 94.18
CA ALA FA 192 52.58 -36.22 93.58
C ALA FA 192 51.65 -35.62 94.62
N LYS FA 193 51.39 -36.35 95.71
CA LYS FA 193 50.47 -35.86 96.73
C LYS FA 193 50.96 -34.57 97.36
N LEU FA 194 52.27 -34.33 97.34
CA LEU FA 194 52.86 -33.12 97.90
C LEU FA 194 52.91 -31.96 96.90
N ALA FA 195 52.48 -32.19 95.67
CA ALA FA 195 52.68 -31.20 94.61
C ALA FA 195 51.63 -30.10 94.63
N ASP FA 196 52.04 -28.91 94.18
CA ASP FA 196 51.10 -27.85 93.87
C ASP FA 196 50.39 -28.14 92.55
N ILE FA 197 51.10 -28.74 91.59
CA ILE FA 197 50.54 -29.14 90.31
C ILE FA 197 50.91 -30.60 90.05
N HIS FA 198 49.90 -31.40 89.73
CA HIS FA 198 50.12 -32.80 89.33
C HIS FA 198 49.53 -32.99 87.94
N LEU FA 199 50.41 -33.06 86.94
CA LEU FA 199 50.01 -33.43 85.58
C LEU FA 199 49.90 -34.96 85.56
N GLN FA 200 48.68 -35.48 85.68
CA GLN FA 200 48.45 -36.92 85.63
C GLN FA 200 48.20 -37.33 84.18
N LEU FA 201 49.30 -37.33 83.41
CA LEU FA 201 49.23 -37.54 81.98
C LEU FA 201 49.04 -39.01 81.63
N ASP FA 202 48.66 -39.25 80.37
CA ASP FA 202 48.57 -40.61 79.86
C ASP FA 202 49.97 -41.22 79.75
N PHE FA 203 50.09 -42.49 80.16
CA PHE FA 203 51.38 -43.16 80.04
C PHE FA 203 51.83 -43.23 78.59
N ASP FA 204 53.15 -43.30 78.40
CA ASP FA 204 53.79 -43.38 77.09
C ASP FA 204 53.50 -42.19 76.18
N ARG FA 205 53.09 -41.04 76.72
CA ARG FA 205 52.75 -39.94 75.83
C ARG FA 205 53.49 -38.65 76.20
N ASP FA 206 54.53 -38.73 77.03
CA ASP FA 206 55.31 -37.55 77.42
C ASP FA 206 55.89 -36.84 76.21
N TYR FA 207 56.43 -37.62 75.26
CA TYR FA 207 57.03 -37.00 74.08
C TYR FA 207 55.99 -36.15 73.35
N GLU FA 208 54.74 -36.63 73.29
CA GLU FA 208 53.68 -35.85 72.67
C GLU FA 208 53.39 -34.60 73.48
N LEU FA 209 53.34 -34.73 74.81
CA LEU FA 209 53.10 -33.56 75.66
C LEU FA 209 54.24 -32.55 75.56
N LEU FA 210 55.49 -33.02 75.60
CA LEU FA 210 56.62 -32.10 75.53
C LEU FA 210 56.70 -31.40 74.17
N ASP FA 211 56.23 -32.04 73.10
CA ASP FA 211 56.19 -31.37 71.82
C ASP FA 211 55.17 -30.22 71.82
N ALA FA 212 54.01 -30.45 72.42
CA ALA FA 212 53.03 -29.36 72.51
C ALA FA 212 53.57 -28.21 73.34
N MET FA 213 54.17 -28.52 74.49
CA MET FA 213 54.73 -27.48 75.35
C MET FA 213 55.79 -26.66 74.63
N ARG FA 214 56.64 -27.31 73.83
CA ARG FA 214 57.71 -26.55 73.18
C ARG FA 214 57.17 -25.70 72.04
N ALA FA 215 56.22 -26.24 71.27
CA ALA FA 215 55.57 -25.43 70.24
C ALA FA 215 54.88 -24.22 70.86
N CYS FA 216 54.10 -24.46 71.92
CA CYS FA 216 53.49 -23.36 72.68
C CYS FA 216 54.55 -22.38 73.14
N LEU FA 217 55.62 -22.88 73.75
CA LEU FA 217 56.70 -22.04 74.25
C LEU FA 217 57.23 -21.08 73.19
N LEU FA 218 57.39 -21.55 71.96
CA LEU FA 218 57.93 -20.73 70.89
C LEU FA 218 56.85 -19.94 70.15
N GLY FA 219 55.65 -19.85 70.72
CA GLY FA 219 54.63 -18.97 70.21
C GLY FA 219 53.64 -19.62 69.25
N HIS FA 220 53.71 -20.92 69.06
CA HIS FA 220 52.88 -21.60 68.08
C HIS FA 220 51.59 -22.13 68.70
N GLU FA 221 50.64 -22.42 67.84
CA GLU FA 221 49.33 -22.88 68.28
C GLU FA 221 49.39 -24.39 68.46
N ILE FA 222 48.70 -24.89 69.48
CA ILE FA 222 48.71 -26.32 69.75
C ILE FA 222 47.63 -26.97 68.88
N LEU FA 223 48.05 -27.90 68.02
CA LEU FA 223 47.17 -28.44 66.99
C LEU FA 223 45.89 -29.01 67.60
N TYR FA 224 46.02 -29.93 68.54
CA TYR FA 224 44.90 -30.68 69.08
C TYR FA 224 44.32 -30.08 70.35
N ASP FA 225 43.07 -30.47 70.61
CA ASP FA 225 42.27 -30.07 71.76
C ASP FA 225 42.69 -30.79 73.03
N GLU FA 226 43.48 -31.85 72.94
CA GLU FA 226 43.97 -32.51 74.13
C GLU FA 226 45.22 -33.26 73.74
N VAL FA 227 46.25 -33.22 74.59
CA VAL FA 227 47.50 -33.91 74.27
C VAL FA 227 47.96 -34.65 75.52
N ALA FA 228 48.27 -35.93 75.36
CA ALA FA 228 48.66 -36.80 76.48
C ALA FA 228 47.62 -36.78 77.60
N GLY FA 229 46.35 -36.62 77.23
CA GLY FA 229 45.28 -36.54 78.20
C GLY FA 229 45.16 -35.23 78.93
N VAL FA 230 45.91 -34.21 78.54
CA VAL FA 230 45.92 -32.92 79.21
C VAL FA 230 45.21 -31.91 78.31
N PRO FA 231 44.24 -31.15 78.81
CA PRO FA 231 43.56 -30.18 77.96
C PRO FA 231 44.50 -29.10 77.49
N ARG FA 232 44.34 -28.70 76.21
CA ARG FA 232 45.16 -27.68 75.58
C ARG FA 232 45.52 -26.51 76.49
N GLU FA 233 44.52 -25.94 77.14
CA GLU FA 233 44.76 -24.67 77.83
C GLU FA 233 45.59 -24.87 79.10
N GLN FA 234 45.50 -26.06 79.72
CA GLN FA 234 46.42 -26.36 80.82
C GLN FA 234 47.84 -26.60 80.34
N ILE FA 235 48.02 -27.04 79.10
CA ILE FA 235 49.35 -27.04 78.50
C ILE FA 235 49.94 -25.64 78.57
N GLU FA 236 49.17 -24.66 78.10
CA GLU FA 236 49.64 -23.28 78.06
C GLU FA 236 49.83 -22.71 79.45
N GLU FA 237 48.92 -23.01 80.37
CA GLU FA 237 49.06 -22.52 81.73
C GLU FA 237 50.30 -23.08 82.41
N ALA FA 238 50.64 -24.33 82.12
CA ALA FA 238 51.86 -24.91 82.67
C ALA FA 238 53.10 -24.27 82.05
N VAL FA 239 53.05 -23.98 80.75
CA VAL FA 239 54.16 -23.32 80.09
C VAL FA 239 54.37 -21.93 80.69
N GLU FA 240 53.29 -21.28 81.11
CA GLU FA 240 53.42 -19.96 81.72
C GLU FA 240 54.09 -20.03 83.09
N VAL FA 241 53.76 -21.06 83.88
CA VAL FA 241 54.42 -21.25 85.16
C VAL FA 241 55.91 -21.39 84.97
N LEU FA 242 56.33 -22.20 84.00
CA LEU FA 242 57.76 -22.37 83.76
C LEU FA 242 58.40 -21.09 83.23
N LYS FA 243 57.72 -20.41 82.30
CA LYS FA 243 58.28 -19.17 81.76
C LYS FA 243 58.43 -18.10 82.83
N ASN FA 244 57.56 -18.10 83.83
CA ASN FA 244 57.60 -17.10 84.89
C ASN FA 244 58.52 -17.50 86.05
N ALA FA 245 59.22 -18.62 85.93
CA ALA FA 245 60.18 -18.97 86.97
C ALA FA 245 61.30 -17.95 87.03
N GLN FA 246 61.84 -17.75 88.23
CA GLN FA 246 63.11 -17.08 88.38
C GLN FA 246 64.26 -18.07 88.26
N PHE FA 247 64.01 -19.30 88.70
CA PHE FA 247 64.98 -20.38 88.60
C PHE FA 247 64.19 -21.67 88.67
N GLY FA 248 64.23 -22.45 87.60
CA GLY FA 248 63.49 -23.70 87.52
C GLY FA 248 64.46 -24.85 87.38
N ILE FA 249 64.10 -25.98 87.99
CA ILE FA 249 64.90 -27.21 87.94
C ILE FA 249 63.97 -28.35 87.55
N LEU FA 250 64.39 -29.13 86.55
CA LEU FA 250 63.63 -30.30 86.09
C LEU FA 250 64.35 -31.57 86.55
N PHE FA 251 63.81 -32.20 87.59
CA PHE FA 251 64.26 -33.53 88.00
C PHE FA 251 63.43 -34.56 87.27
N PHE FA 252 64.09 -35.50 86.61
CA PHE FA 252 63.39 -36.52 85.83
C PHE FA 252 64.01 -37.88 86.11
N GLY FA 253 63.23 -38.92 85.86
CA GLY FA 253 63.62 -40.28 86.22
C GLY FA 253 63.07 -41.35 85.30
N MET FA 254 62.89 -42.56 85.86
CA MET FA 254 62.67 -43.75 85.04
C MET FA 254 61.37 -43.71 84.25
N GLY FA 255 60.38 -42.98 84.74
CA GLY FA 255 59.15 -42.86 83.99
C GLY FA 255 59.34 -42.30 82.60
N ILE FA 256 60.50 -41.71 82.35
CA ILE FA 256 60.78 -41.09 81.07
C ILE FA 256 61.95 -41.73 80.31
N THR FA 257 62.83 -42.50 80.97
CA THR FA 257 63.83 -43.28 80.27
C THR FA 257 63.32 -44.66 79.84
N HIS FA 258 62.46 -45.27 80.65
CA HIS FA 258 61.90 -46.59 80.38
C HIS FA 258 60.67 -46.54 79.48
N SER FA 259 60.05 -45.36 79.31
CA SER FA 259 58.80 -45.24 78.58
C SER FA 259 59.05 -45.27 77.07
N ARG FA 260 57.95 -45.32 76.33
CA ARG FA 260 58.00 -45.31 74.87
C ARG FA 260 58.73 -44.08 74.36
N GLY FA 261 59.73 -44.31 73.49
CA GLY FA 261 60.60 -43.30 72.97
C GLY FA 261 61.96 -43.26 73.65
N LYS FA 262 62.01 -43.63 74.93
CA LYS FA 262 63.23 -43.74 75.72
C LYS FA 262 64.14 -42.54 75.59
N HIS FA 263 65.29 -42.67 74.91
CA HIS FA 263 66.25 -41.57 74.89
C HIS FA 263 65.67 -40.32 74.25
N ARG FA 264 64.72 -40.47 73.35
CA ARG FA 264 64.11 -39.30 72.72
C ARG FA 264 63.12 -38.59 73.64
N ASN FA 265 62.61 -39.26 74.69
CA ASN FA 265 61.85 -38.53 75.70
C ASN FA 265 62.76 -37.55 76.45
N ILE FA 266 63.98 -37.97 76.79
CA ILE FA 266 64.92 -37.07 77.46
C ILE FA 266 65.33 -35.96 76.49
N ASP FA 267 65.53 -36.34 75.23
CA ASP FA 267 65.96 -35.42 74.18
C ASP FA 267 65.05 -34.20 74.14
N THR FA 268 63.75 -34.43 73.96
CA THR FA 268 62.83 -33.30 73.85
C THR FA 268 62.73 -32.54 75.16
N ALA FA 269 62.84 -33.23 76.30
CA ALA FA 269 62.84 -32.55 77.60
C ALA FA 269 64.04 -31.61 77.72
N ILE FA 270 65.22 -32.07 77.31
CA ILE FA 270 66.42 -31.24 77.38
C ILE FA 270 66.25 -29.96 76.55
N MET FA 271 65.75 -30.11 75.32
CA MET FA 271 65.66 -28.97 74.44
C MET FA 271 64.64 -27.93 74.91
N MET FA 272 63.60 -28.38 75.61
CA MET FA 272 62.67 -27.43 76.21
C MET FA 272 63.34 -26.63 77.31
N VAL FA 273 64.04 -27.33 78.22
CA VAL FA 273 64.77 -26.65 79.29
C VAL FA 273 65.73 -25.64 78.69
N GLN FA 274 66.43 -26.02 77.63
CA GLN FA 274 67.32 -25.09 76.95
C GLN FA 274 66.57 -23.85 76.45
N ASP FA 275 65.51 -24.06 75.66
CA ASP FA 275 64.80 -22.93 75.07
C ASP FA 275 64.09 -22.08 76.12
N LEU FA 276 63.68 -22.66 77.25
CA LEU FA 276 63.07 -21.86 78.30
C LEU FA 276 64.00 -20.77 78.81
N ASN FA 277 65.32 -20.92 78.62
CA ASN FA 277 66.27 -19.94 79.13
C ASN FA 277 66.20 -18.60 78.41
N ASP FA 278 65.46 -18.49 77.30
CA ASP FA 278 65.21 -17.17 76.75
C ASP FA 278 64.16 -16.39 77.54
N TYR FA 279 63.39 -17.08 78.38
CA TYR FA 279 62.39 -16.45 79.23
C TYR FA 279 62.69 -16.57 80.71
N ALA FA 280 63.40 -17.63 81.14
CA ALA FA 280 63.61 -17.87 82.54
C ALA FA 280 64.79 -18.81 82.72
N LYS FA 281 65.53 -18.61 83.80
CA LYS FA 281 66.67 -19.47 84.07
C LYS FA 281 66.15 -20.89 84.31
N TRP FA 282 66.68 -21.85 83.57
CA TRP FA 282 66.16 -23.20 83.68
C TRP FA 282 67.29 -24.21 83.51
N THR FA 283 67.16 -25.33 84.23
CA THR FA 283 68.23 -26.30 84.33
C THR FA 283 67.59 -27.65 84.66
N LEU FA 284 68.35 -28.74 84.49
CA LEU FA 284 67.82 -30.07 84.74
C LEU FA 284 68.85 -30.97 85.40
N ILE FA 285 68.37 -31.98 86.11
CA ILE FA 285 69.22 -32.96 86.80
C ILE FA 285 68.61 -34.35 86.68
N PRO FA 286 69.28 -35.31 86.04
CA PRO FA 286 68.74 -36.68 86.06
C PRO FA 286 68.88 -37.31 87.44
N MET FA 287 67.81 -37.97 87.87
CA MET FA 287 67.78 -38.59 89.21
C MET FA 287 68.50 -39.94 89.15
N ARG FA 288 69.82 -39.85 89.04
CA ARG FA 288 70.63 -41.05 88.87
C ARG FA 288 70.46 -41.97 90.05
N GLY FA 289 70.36 -43.26 89.79
CA GLY FA 289 69.88 -44.18 90.81
C GLY FA 289 70.84 -44.54 91.91
N HIS FA 290 71.84 -45.37 91.60
CA HIS FA 290 72.74 -45.84 92.64
C HIS FA 290 73.71 -44.73 93.04
N TYR FA 291 74.27 -44.88 94.23
CA TYR FA 291 75.13 -43.85 94.81
C TYR FA 291 76.37 -43.58 93.96
N ASN FA 292 76.77 -44.52 93.08
CA ASN FA 292 77.95 -44.26 92.26
C ASN FA 292 77.80 -44.77 90.82
N VAL FA 293 76.57 -44.85 90.31
CA VAL FA 293 76.41 -45.01 88.87
C VAL FA 293 77.06 -43.83 88.15
N THR FA 294 76.87 -42.62 88.67
CA THR FA 294 77.47 -41.43 88.07
C THR FA 294 78.98 -41.54 88.04
N GLY FA 295 79.57 -42.11 89.09
CA GLY FA 295 81.01 -42.22 89.15
C GLY FA 295 81.59 -43.10 88.06
N PHE FA 296 80.92 -44.21 87.74
CA PHE FA 296 81.44 -45.06 86.67
C PHE FA 296 81.48 -44.32 85.35
N ASN FA 297 80.37 -43.66 84.99
CA ASN FA 297 80.33 -42.95 83.73
C ASN FA 297 81.40 -41.86 83.68
N GLN FA 298 81.73 -41.28 84.83
CA GLN FA 298 82.85 -40.35 84.92
C GLN FA 298 84.18 -41.05 84.68
N VAL FA 299 84.46 -42.10 85.45
CA VAL FA 299 85.74 -42.81 85.35
C VAL FA 299 85.93 -43.36 83.94
N CYS FA 300 84.91 -44.06 83.43
CA CYS FA 300 85.01 -44.66 82.12
C CYS FA 300 85.16 -43.61 81.02
N THR FA 301 84.49 -42.47 81.15
CA THR FA 301 84.60 -41.43 80.14
C THR FA 301 86.00 -40.85 80.09
N TRP FA 302 86.58 -40.53 81.25
CA TRP FA 302 87.86 -39.83 81.22
C TRP FA 302 89.02 -40.78 80.87
N GLU FA 303 88.88 -42.08 81.13
CA GLU FA 303 89.93 -43.00 80.72
C GLU FA 303 89.84 -43.39 79.24
N SER FA 304 88.63 -43.56 78.71
CA SER FA 304 88.44 -44.08 77.37
C SER FA 304 87.82 -43.12 76.38
N GLY FA 305 87.07 -42.11 76.85
CA GLY FA 305 86.37 -41.19 75.98
C GLY FA 305 84.88 -41.42 75.88
N TYR FA 306 84.40 -42.58 76.32
CA TYR FA 306 83.01 -42.98 76.24
C TYR FA 306 82.49 -43.38 77.61
N PRO FA 307 81.18 -43.18 77.88
CA PRO FA 307 80.68 -43.32 79.26
C PRO FA 307 80.22 -44.72 79.65
N TYR FA 308 79.67 -45.49 78.73
CA TYR FA 308 79.24 -46.86 79.04
C TYR FA 308 79.15 -47.60 77.71
N CYS FA 309 78.79 -48.89 77.77
CA CYS FA 309 78.69 -49.70 76.57
C CYS FA 309 79.98 -49.62 75.76
N VAL FA 310 81.12 -49.73 76.44
CA VAL FA 310 82.42 -49.53 75.82
C VAL FA 310 83.00 -50.88 75.44
N ASP FA 311 83.34 -51.05 74.17
CA ASP FA 311 83.82 -52.32 73.64
C ASP FA 311 85.29 -52.16 73.26
N PHE FA 312 86.16 -52.92 73.95
CA PHE FA 312 87.60 -52.90 73.72
C PHE FA 312 88.07 -54.05 72.82
N SER FA 313 87.13 -54.84 72.30
CA SER FA 313 87.46 -56.01 71.51
C SER FA 313 88.51 -55.71 70.44
N GLY FA 314 88.42 -54.54 69.80
CA GLY FA 314 89.38 -54.14 68.78
C GLY FA 314 90.62 -53.43 69.27
N GLY FA 315 90.83 -53.33 70.58
CA GLY FA 315 91.96 -52.58 71.09
C GLY FA 315 91.58 -51.14 71.36
N GLU FA 316 91.23 -50.43 70.29
CA GLU FA 316 90.68 -49.09 70.43
C GLU FA 316 89.34 -49.17 71.17
N PRO FA 317 88.95 -48.11 71.88
CA PRO FA 317 87.62 -48.09 72.47
C PRO FA 317 86.58 -47.74 71.41
N ARG FA 318 85.48 -48.50 71.39
CA ARG FA 318 84.37 -48.19 70.48
C ARG FA 318 83.05 -48.25 71.25
N TYR FA 319 82.05 -47.57 70.69
CA TYR FA 319 80.86 -47.21 71.45
C TYR FA 319 79.67 -47.14 70.52
N ASN FA 320 78.71 -48.06 70.69
CA ASN FA 320 77.36 -47.85 70.17
C ASN FA 320 76.37 -48.62 71.03
N PRO FA 321 75.71 -47.95 71.97
CA PRO FA 321 74.59 -48.55 72.69
C PRO FA 321 73.50 -49.01 71.72
N GLY FA 322 72.96 -50.20 72.00
CA GLY FA 322 72.10 -50.91 71.07
C GLY FA 322 72.78 -52.10 70.43
N GLU FA 323 74.11 -52.06 70.36
CA GLU FA 323 74.96 -53.19 70.00
C GLU FA 323 75.78 -53.69 71.18
N THR FA 324 76.44 -52.78 71.88
CA THR FA 324 77.44 -53.08 72.89
C THR FA 324 76.89 -52.95 74.32
N GLY FA 325 75.57 -52.93 74.48
CA GLY FA 325 75.00 -52.83 75.81
C GLY FA 325 74.75 -54.20 76.41
N ALA FA 326 74.81 -54.24 77.74
CA ALA FA 326 74.69 -55.51 78.48
C ALA FA 326 73.52 -56.34 77.95
N ASN FA 327 72.35 -55.72 77.82
CA ASN FA 327 71.19 -56.47 77.36
C ASN FA 327 71.28 -56.83 75.87
N ASP FA 328 71.96 -56.02 75.06
CA ASP FA 328 72.13 -56.37 73.66
C ASP FA 328 72.98 -57.62 73.50
N LEU FA 329 74.12 -57.67 74.20
CA LEU FA 329 75.02 -58.82 74.11
C LEU FA 329 74.35 -60.09 74.62
N LEU FA 330 73.58 -59.97 75.71
CA LEU FA 330 72.90 -61.14 76.27
C LEU FA 330 71.73 -61.58 75.39
N GLN FA 331 70.85 -60.63 75.02
CA GLN FA 331 69.67 -61.00 74.25
C GLN FA 331 70.01 -61.43 72.82
N ASN FA 332 71.07 -60.90 72.24
CA ASN FA 332 71.52 -61.38 70.94
C ASN FA 332 72.47 -62.56 71.08
N ARG FA 333 72.75 -62.98 72.30
CA ARG FA 333 73.53 -64.17 72.60
C ARG FA 333 74.97 -64.03 72.11
N GLU FA 334 75.45 -62.78 72.05
CA GLU FA 334 76.82 -62.49 71.62
C GLU FA 334 77.82 -62.79 72.72
N ALA FA 335 77.49 -62.44 73.97
CA ALA FA 335 78.40 -62.64 75.09
C ALA FA 335 78.57 -64.12 75.36
N ASP FA 336 79.82 -64.56 75.54
CA ASP FA 336 80.12 -65.95 75.86
C ASP FA 336 80.60 -66.13 77.30
N ALA FA 337 80.65 -65.06 78.09
CA ALA FA 337 80.93 -65.12 79.52
C ALA FA 337 80.59 -63.78 80.12
N MET FA 338 80.29 -63.77 81.40
CA MET FA 338 79.90 -62.51 82.03
C MET FA 338 80.40 -62.45 83.46
N MET FA 339 81.02 -61.32 83.81
CA MET FA 339 81.42 -61.03 85.19
C MET FA 339 80.59 -59.86 85.69
N VAL FA 340 79.88 -60.09 86.79
CA VAL FA 340 79.04 -59.09 87.42
C VAL FA 340 79.76 -58.59 88.66
N ILE FA 341 79.73 -57.28 88.88
CA ILE FA 341 80.28 -56.68 90.10
C ILE FA 341 79.31 -55.61 90.59
N ALA FA 342 78.95 -55.69 91.87
CA ALA FA 342 78.18 -54.67 92.57
C ALA FA 342 76.88 -54.35 91.81
N SER FA 343 76.20 -55.40 91.38
CA SER FA 343 74.94 -55.25 90.67
C SER FA 343 74.25 -56.60 90.65
N ASP FA 344 72.96 -56.58 90.35
CA ASP FA 344 72.11 -57.76 90.43
C ASP FA 344 71.24 -57.86 89.18
N PRO FA 345 71.85 -58.16 88.02
CA PRO FA 345 71.04 -58.35 86.81
C PRO FA 345 70.17 -59.59 86.85
N GLY FA 346 70.51 -60.58 87.67
CA GLY FA 346 69.61 -61.70 87.86
C GLY FA 346 68.26 -61.26 88.38
N ALA FA 347 68.26 -60.29 89.29
CA ALA FA 347 67.02 -59.72 89.80
C ALA FA 347 66.40 -58.72 88.82
N HIS FA 348 67.21 -58.05 88.01
CA HIS FA 348 66.78 -56.80 87.39
C HIS FA 348 67.01 -56.73 85.88
N PHE FA 349 67.40 -57.82 85.24
CA PHE FA 349 67.33 -57.89 83.79
C PHE FA 349 66.05 -58.60 83.37
N PRO FA 350 65.57 -58.38 82.15
CA PRO FA 350 64.36 -59.07 81.70
C PRO FA 350 64.65 -60.55 81.41
N GLN FA 351 63.55 -61.31 81.36
CA GLN FA 351 63.63 -62.75 81.15
C GLN FA 351 64.56 -63.12 79.99
N ARG FA 352 64.46 -62.41 78.87
CA ARG FA 352 65.20 -62.80 77.67
C ARG FA 352 66.71 -62.73 77.90
N ALA FA 353 67.15 -61.80 78.76
CA ALA FA 353 68.57 -61.73 79.11
C ALA FA 353 68.97 -62.84 80.08
N LEU FA 354 68.09 -63.17 81.03
CA LEU FA 354 68.38 -64.24 81.99
C LEU FA 354 68.57 -65.58 81.29
N GLU FA 355 67.78 -65.84 80.24
CA GLU FA 355 67.93 -67.09 79.52
C GLU FA 355 69.35 -67.28 79.01
N ARG FA 356 70.03 -66.18 78.67
CA ARG FA 356 71.41 -66.29 78.20
C ARG FA 356 72.38 -66.43 79.37
N MET FA 357 72.07 -65.79 80.50
CA MET FA 357 72.89 -65.96 81.70
C MET FA 357 72.91 -67.42 82.14
N ALA FA 358 71.84 -68.16 81.85
CA ALA FA 358 71.79 -69.57 82.15
C ALA FA 358 72.77 -70.37 81.30
N GLU FA 359 73.21 -69.83 80.17
CA GLU FA 359 74.01 -70.59 79.21
C GLU FA 359 75.50 -70.33 79.31
N ILE FA 360 75.94 -69.40 80.15
CA ILE FA 360 77.32 -68.91 80.08
C ILE FA 360 77.92 -68.84 81.47
N PRO FA 361 79.25 -68.81 81.55
CA PRO FA 361 79.90 -68.65 82.87
C PRO FA 361 79.59 -67.27 83.44
N VAL FA 362 79.12 -67.26 84.69
CA VAL FA 362 78.77 -66.04 85.38
C VAL FA 362 79.69 -65.89 86.59
N ILE FA 363 80.44 -64.79 86.62
CA ILE FA 363 81.26 -64.42 87.76
C ILE FA 363 80.54 -63.32 88.52
N ALA FA 364 80.56 -63.40 89.86
CA ALA FA 364 79.79 -62.48 90.69
C ALA FA 364 80.64 -61.97 91.84
N ILE FA 365 81.02 -60.69 91.76
CA ILE FA 365 81.66 -60.00 92.87
C ILE FA 365 80.55 -59.42 93.72
N GLU FA 366 80.16 -60.15 94.77
CA GLU FA 366 78.93 -59.83 95.47
C GLU FA 366 78.99 -60.25 96.93
N PRO FA 367 78.63 -59.37 97.87
CA PRO FA 367 78.69 -59.75 99.29
C PRO FA 367 77.49 -60.53 99.79
N HIS FA 368 76.34 -60.42 99.13
CA HIS FA 368 75.08 -60.94 99.64
C HIS FA 368 74.48 -61.96 98.69
N ARG FA 369 73.47 -62.66 99.16
CA ARG FA 369 72.81 -63.65 98.33
C ARG FA 369 71.75 -62.99 97.46
N THR FA 370 71.85 -63.20 96.15
CA THR FA 370 71.00 -62.50 95.19
C THR FA 370 70.53 -63.44 94.08
N PRO FA 371 69.53 -63.04 93.29
CA PRO FA 371 69.21 -63.82 92.08
C PRO FA 371 70.39 -64.00 91.16
N THR FA 372 71.36 -63.08 91.21
CA THR FA 372 72.56 -63.24 90.40
C THR FA 372 73.45 -64.35 90.92
N THR FA 373 73.64 -64.43 92.24
CA THR FA 373 74.45 -65.52 92.82
C THR FA 373 73.85 -66.89 92.55
N GLU FA 374 72.51 -66.99 92.50
CA GLU FA 374 71.84 -68.23 92.16
C GLU FA 374 72.04 -68.60 90.70
N MET FA 375 72.40 -67.63 89.86
CA MET FA 375 72.78 -67.87 88.47
C MET FA 375 74.28 -67.82 88.28
N ALA FA 376 75.05 -67.84 89.36
CA ALA FA 376 76.48 -67.61 89.30
C ALA FA 376 77.24 -68.94 89.32
N ASP FA 377 78.41 -68.93 88.71
CA ASP FA 377 79.36 -70.02 88.75
C ASP FA 377 80.47 -69.78 89.76
N ILE FA 378 80.90 -68.53 89.92
CA ILE FA 378 81.91 -68.15 90.90
C ILE FA 378 81.37 -66.96 91.68
N ILE FA 379 81.48 -67.02 93.01
CA ILE FA 379 81.05 -65.95 93.90
C ILE FA 379 82.25 -65.48 94.70
N ILE FA 380 82.55 -64.20 94.64
CA ILE FA 380 83.70 -63.60 95.33
C ILE FA 380 83.22 -62.46 96.22
N PRO FA 381 83.20 -62.64 97.53
CA PRO FA 381 82.60 -61.63 98.42
C PRO FA 381 83.59 -60.52 98.75
N PRO FA 382 83.13 -59.26 98.74
CA PRO FA 382 84.04 -58.16 99.06
C PRO FA 382 83.64 -57.36 100.29
N ALA FA 383 84.56 -56.55 100.79
CA ALA FA 383 84.20 -55.52 101.77
C ALA FA 383 83.34 -54.46 101.08
N ILE FA 384 82.35 -53.96 101.81
CA ILE FA 384 81.31 -53.12 101.22
C ILE FA 384 81.72 -51.65 101.26
N VAL FA 385 81.71 -51.01 100.09
CA VAL FA 385 82.06 -49.59 100.01
C VAL FA 385 81.05 -48.76 100.80
N GLY FA 386 81.57 -47.81 101.58
CA GLY FA 386 80.77 -46.94 102.39
C GLY FA 386 80.60 -47.39 103.82
N MET FA 387 80.86 -48.66 104.10
CA MET FA 387 80.81 -49.21 105.45
C MET FA 387 82.15 -49.80 105.87
N GLU FA 388 82.75 -50.63 105.02
CA GLU FA 388 84.01 -51.31 105.31
C GLU FA 388 85.14 -50.91 104.38
N ALA FA 389 84.88 -50.05 103.39
CA ALA FA 389 85.88 -49.69 102.40
C ALA FA 389 85.61 -48.26 101.93
N GLU FA 390 86.68 -47.53 101.64
CA GLU FA 390 86.58 -46.13 101.28
C GLU FA 390 86.92 -45.91 99.81
N GLY FA 391 86.54 -44.73 99.32
CA GLY FA 391 86.76 -44.37 97.92
C GLY FA 391 85.80 -43.29 97.48
N THR FA 392 86.07 -42.75 96.30
CA THR FA 392 85.28 -41.65 95.76
C THR FA 392 83.97 -42.14 95.15
N ALA FA 393 82.91 -41.38 95.40
CA ALA FA 393 81.64 -41.56 94.72
C ALA FA 393 81.17 -40.24 94.14
N TYR FA 394 80.28 -40.31 93.15
CA TYR FA 394 79.78 -39.13 92.46
C TYR FA 394 78.26 -39.06 92.61
N ARG FA 395 77.78 -37.96 93.19
CA ARG FA 395 76.36 -37.74 93.32
C ARG FA 395 75.73 -37.48 91.95
N MET FA 396 74.39 -37.52 91.91
CA MET FA 396 73.66 -37.48 90.64
C MET FA 396 73.98 -36.25 89.79
N GLU FA 397 74.44 -35.14 90.36
CA GLU FA 397 74.78 -33.97 89.56
C GLU FA 397 76.29 -33.73 89.48
N GLY FA 398 77.09 -34.80 89.64
CA GLY FA 398 78.51 -34.72 89.35
C GLY FA 398 79.42 -34.39 90.52
N VAL FA 399 78.88 -34.13 91.70
CA VAL FA 399 79.67 -33.72 92.86
C VAL FA 399 80.40 -34.90 93.47
N PRO FA 400 81.74 -34.87 93.56
CA PRO FA 400 82.48 -36.00 94.16
C PRO FA 400 82.58 -35.93 95.67
N ILE FA 401 82.25 -37.03 96.34
CA ILE FA 401 82.40 -37.13 97.78
C ILE FA 401 83.02 -38.48 98.09
N ARG FA 402 83.97 -38.50 99.02
CA ARG FA 402 84.71 -39.72 99.32
C ARG FA 402 83.92 -40.57 100.33
N MET FA 403 83.66 -41.82 99.96
CA MET FA 403 83.01 -42.75 100.87
C MET FA 403 83.95 -43.09 102.00
N LYS FA 404 83.41 -43.23 103.20
CA LYS FA 404 84.20 -43.42 104.40
C LYS FA 404 84.22 -44.90 104.81
N LYS FA 405 85.31 -45.30 105.45
CA LYS FA 405 85.43 -46.62 106.05
C LYS FA 405 85.06 -46.51 107.53
N VAL FA 406 83.99 -47.19 107.94
CA VAL FA 406 83.47 -47.05 109.29
C VAL FA 406 83.89 -48.19 110.19
N VAL FA 407 83.84 -49.44 109.70
CA VAL FA 407 84.25 -50.60 110.46
C VAL FA 407 85.16 -51.47 109.60
N ASP FA 408 85.89 -52.37 110.26
CA ASP FA 408 86.83 -53.26 109.60
C ASP FA 408 86.15 -54.53 109.10
N SER FA 409 86.74 -55.11 108.06
CA SER FA 409 86.27 -56.36 107.49
C SER FA 409 87.46 -57.20 107.08
N ASP FA 410 87.36 -58.52 107.30
CA ASP FA 410 88.41 -59.44 106.88
C ASP FA 410 88.39 -59.70 105.38
N LEU FA 411 87.28 -59.43 104.70
CA LEU FA 411 87.21 -59.65 103.27
C LEU FA 411 88.00 -58.61 102.50
N LEU FA 412 88.34 -58.96 101.26
CA LEU FA 412 89.05 -58.05 100.37
C LEU FA 412 88.08 -57.04 99.77
N SER FA 413 88.61 -55.89 99.42
CA SER FA 413 87.83 -54.85 98.74
C SER FA 413 87.71 -55.19 97.25
N ASP FA 414 86.70 -54.57 96.61
CA ASP FA 414 86.52 -54.72 95.17
C ASP FA 414 87.82 -54.42 94.44
N ARG FA 415 88.46 -53.32 94.82
CA ARG FA 415 89.71 -52.90 94.22
C ARG FA 415 90.76 -53.99 94.30
N GLU FA 416 90.95 -54.56 95.48
CA GLU FA 416 91.94 -55.62 95.68
C GLU FA 416 91.60 -56.84 94.85
N ILE FA 417 90.33 -57.24 94.82
CA ILE FA 417 89.93 -58.39 94.02
C ILE FA 417 90.22 -58.15 92.54
N LEU FA 418 89.92 -56.94 92.06
CA LEU FA 418 90.08 -56.67 90.63
C LEU FA 418 91.55 -56.57 90.25
N GLU FA 419 92.39 -56.02 91.14
CA GLU FA 419 93.81 -55.93 90.85
C GLU FA 419 94.44 -57.31 90.73
N ARG FA 420 93.97 -58.26 91.54
CA ARG FA 420 94.44 -59.64 91.43
C ARG FA 420 93.87 -60.30 90.20
N LEU FA 421 92.61 -60.00 89.88
CA LEU FA 421 91.99 -60.55 88.69
C LEU FA 421 92.73 -60.08 87.45
N LEU FA 422 93.22 -58.84 87.48
CA LEU FA 422 93.95 -58.29 86.35
C LEU FA 422 95.34 -58.90 86.22
N GLU FA 423 96.03 -59.10 87.34
CA GLU FA 423 97.37 -59.70 87.29
C GLU FA 423 97.34 -61.10 86.68
N LYS FA 424 96.38 -61.93 87.09
CA LYS FA 424 96.32 -63.29 86.57
C LYS FA 424 95.74 -63.38 85.15
N VAL FA 425 94.93 -62.40 84.73
CA VAL FA 425 94.51 -62.37 83.33
C VAL FA 425 95.71 -62.10 82.41
N ARG FA 426 96.64 -61.27 82.86
CA ARG FA 426 97.88 -61.07 82.10
C ARG FA 426 98.70 -62.36 82.08
N GLU FA 427 98.73 -63.07 83.19
CA GLU FA 427 99.44 -64.34 83.29
C GLU FA 427 98.98 -65.32 82.23
N TYR FA 428 97.65 -65.49 82.09
CA TYR FA 428 97.14 -66.44 81.10
C TYR FA 428 97.46 -65.98 79.68
N LYS FA 429 97.44 -64.68 79.44
CA LYS FA 429 97.78 -64.12 78.13
C LYS FA 429 99.21 -63.59 78.11
N SER GA 2 85.16 -60.80 37.74
CA SER GA 2 83.83 -60.21 37.84
C SER GA 2 83.07 -60.67 39.09
N GLU GA 3 82.65 -61.95 39.13
CA GLU GA 3 81.87 -62.46 40.27
C GLU GA 3 82.73 -63.37 41.13
N ILE GA 4 82.83 -63.06 42.39
CA ILE GA 4 83.60 -63.80 43.39
C ILE GA 4 82.60 -64.29 44.42
N ILE GA 5 82.55 -65.59 44.65
CA ILE GA 5 81.53 -66.18 45.49
C ILE GA 5 82.11 -66.46 46.87
N LEU GA 6 81.41 -66.01 47.90
CA LEU GA 6 81.72 -66.33 49.29
C LEU GA 6 80.62 -67.24 49.81
N THR GA 7 80.96 -68.48 50.12
CA THR GA 7 80.00 -69.41 50.69
C THR GA 7 80.24 -69.50 52.19
N PRO GA 8 79.31 -69.04 53.02
CA PRO GA 8 79.57 -69.02 54.47
C PRO GA 8 79.57 -70.41 55.07
N LYS GA 9 80.47 -70.62 56.04
CA LYS GA 9 80.47 -71.81 56.87
C LYS GA 9 79.48 -71.59 58.01
N GLU GA 10 79.45 -72.49 58.98
CA GLU GA 10 78.51 -72.33 60.08
C GLU GA 10 78.86 -71.09 60.88
N GLN GA 11 77.90 -70.20 61.02
CA GLN GA 11 78.14 -68.88 61.59
C GLN GA 11 78.30 -68.99 63.10
N PRO GA 12 79.23 -68.24 63.68
CA PRO GA 12 79.49 -68.38 65.12
C PRO GA 12 78.52 -67.57 65.96
N GLU GA 13 78.35 -68.02 67.21
CA GLU GA 13 77.51 -67.31 68.16
C GLU GA 13 78.07 -65.93 68.48
N VAL GA 14 79.38 -65.84 68.62
CA VAL GA 14 80.06 -64.55 68.75
C VAL GA 14 80.21 -63.97 67.35
N PRO GA 15 79.65 -62.79 67.07
CA PRO GA 15 79.53 -62.33 65.68
C PRO GA 15 80.86 -61.98 65.05
N LEU GA 16 80.83 -61.89 63.72
CA LEU GA 16 81.95 -61.43 62.92
C LEU GA 16 81.75 -59.96 62.56
N GLU GA 17 82.84 -59.21 62.51
CA GLU GA 17 82.86 -57.90 61.86
C GLU GA 17 83.77 -57.98 60.64
N ALA GA 18 83.24 -57.65 59.48
CA ALA GA 18 83.95 -57.80 58.21
C ALA GA 18 83.82 -56.55 57.35
N PRO GA 19 84.29 -55.40 57.83
CA PRO GA 19 84.35 -54.22 56.95
C PRO GA 19 85.12 -54.49 55.66
N ASN GA 20 86.10 -55.40 55.69
CA ASN GA 20 86.92 -55.66 54.51
C ASN GA 20 86.20 -56.46 53.44
N ILE GA 21 84.98 -56.94 53.68
CA ILE GA 21 84.20 -57.53 52.60
C ILE GA 21 83.60 -56.38 51.81
N LYS GA 22 84.34 -55.88 50.82
CA LYS GA 22 83.83 -54.88 49.90
C LYS GA 22 84.66 -54.95 48.63
N PRO GA 23 84.09 -54.56 47.49
CA PRO GA 23 84.86 -54.55 46.24
C PRO GA 23 86.19 -53.81 46.35
N ASP GA 24 86.23 -52.72 47.12
CA ASP GA 24 87.45 -51.93 47.22
C ASP GA 24 88.63 -52.75 47.71
N VAL GA 25 88.38 -53.68 48.62
CA VAL GA 25 89.45 -54.50 49.17
C VAL GA 25 89.73 -55.70 48.29
N PHE GA 26 88.68 -56.32 47.75
CA PHE GA 26 88.83 -57.48 46.90
C PHE GA 26 89.55 -57.18 45.59
N ALA GA 27 89.56 -55.91 45.16
CA ALA GA 27 90.15 -55.56 43.88
C ALA GA 27 91.64 -55.80 43.87
N GLY GA 28 92.12 -56.35 42.75
CA GLY GA 28 93.54 -56.57 42.56
C GLY GA 28 94.14 -57.71 43.35
N LYS GA 29 93.33 -58.67 43.78
CA LYS GA 29 93.83 -59.74 44.63
C LYS GA 29 93.35 -61.10 44.12
N SER GA 30 94.23 -62.08 44.23
CA SER GA 30 93.91 -63.46 43.87
C SER GA 30 92.97 -64.08 44.91
N ILE GA 31 92.38 -65.22 44.55
CA ILE GA 31 91.43 -65.88 45.44
C ILE GA 31 92.08 -66.22 46.77
N GLU GA 32 93.36 -66.61 46.75
CA GLU GA 32 94.05 -66.99 47.98
C GLU GA 32 94.39 -65.77 48.83
N GLU GA 33 94.63 -64.61 48.21
CA GLU GA 33 94.83 -63.40 49.00
C GLU GA 33 93.53 -62.96 49.67
N ILE GA 34 92.38 -63.17 49.01
CA ILE GA 34 91.10 -62.85 49.65
C ILE GA 34 90.84 -63.76 50.85
N LYS GA 35 91.19 -65.06 50.73
CA LYS GA 35 91.02 -65.95 51.88
C LYS GA 35 91.80 -65.46 53.09
N ASN GA 36 92.88 -64.71 52.86
CA ASN GA 36 93.77 -64.26 53.92
C ASN GA 36 93.42 -62.85 54.40
N ILE GA 37 92.36 -62.26 53.86
CA ILE GA 37 91.88 -60.97 54.35
C ILE GA 37 91.50 -61.08 55.82
N GLN GA 38 91.84 -60.05 56.59
CA GLN GA 38 91.52 -60.04 58.01
C GLN GA 38 90.10 -59.59 58.27
N ILE GA 39 89.43 -60.33 59.16
CA ILE GA 39 88.17 -59.94 59.77
C ILE GA 39 88.32 -60.25 61.25
N MET GA 40 87.43 -59.70 62.06
CA MET GA 40 87.48 -59.97 63.50
C MET GA 40 86.36 -60.92 63.89
N HIS GA 41 86.65 -61.74 64.90
CA HIS GA 41 85.72 -62.72 65.48
C HIS GA 41 85.77 -62.49 66.98
N GLY GA 42 84.90 -61.62 67.47
CA GLY GA 42 85.00 -61.21 68.86
C GLY GA 42 86.26 -60.39 69.05
N ASN GA 43 87.01 -60.72 70.11
CA ASN GA 43 88.26 -60.00 70.38
C ASN GA 43 89.48 -60.66 69.75
N GLU GA 44 89.28 -61.53 68.76
CA GLU GA 44 90.38 -62.18 68.05
C GLU GA 44 90.37 -61.82 66.58
N VAL GA 45 91.55 -61.54 66.04
CA VAL GA 45 91.73 -61.29 64.62
C VAL GA 45 91.82 -62.63 63.90
N VAL GA 46 91.03 -62.78 62.84
CA VAL GA 46 91.04 -64.04 62.09
C VAL GA 46 91.04 -63.76 60.60
N LYS GA 47 90.94 -64.83 59.81
CA LYS GA 47 91.04 -64.78 58.36
C LYS GA 47 89.68 -65.00 57.75
N LEU GA 48 89.42 -64.32 56.61
CA LEU GA 48 88.15 -64.51 55.92
C LEU GA 48 87.94 -65.98 55.55
N GLY GA 49 89.01 -66.67 55.18
CA GLY GA 49 88.91 -68.08 54.83
C GLY GA 49 88.42 -68.95 55.97
N ASP GA 50 88.65 -68.54 57.22
CA ASP GA 50 88.24 -69.36 58.35
C ASP GA 50 86.73 -69.53 58.46
N PHE GA 51 85.95 -68.66 57.83
CA PHE GA 51 84.51 -68.74 57.91
C PHE GA 51 83.81 -68.70 56.55
N PHE GA 52 84.57 -68.65 55.44
CA PHE GA 52 83.99 -68.59 54.12
C PHE GA 52 84.81 -69.41 53.15
N GLU GA 53 84.15 -70.27 52.37
CA GLU GA 53 84.75 -70.76 51.15
C GLU GA 53 84.78 -69.64 50.13
N VAL GA 54 85.82 -69.63 49.29
CA VAL GA 54 86.01 -68.54 48.34
C VAL GA 54 86.18 -69.14 46.95
N SER GA 55 85.35 -68.71 46.01
CA SER GA 55 85.43 -69.10 44.61
C SER GA 55 85.30 -67.84 43.74
N GLY GA 56 85.48 -68.01 42.44
CA GLY GA 56 85.25 -66.96 41.46
C GLY GA 56 86.54 -66.49 40.79
N GLU GA 57 86.38 -65.43 39.94
CA GLU GA 57 87.51 -64.88 39.19
C GLU GA 57 87.87 -63.50 39.71
N PRO GA 58 89.15 -63.23 39.94
CA PRO GA 58 89.60 -61.89 40.33
C PRO GA 58 89.29 -60.82 39.31
N ALA GA 59 89.51 -59.58 39.73
CA ALA GA 59 89.43 -58.39 38.91
C ALA GA 59 90.24 -57.32 39.63
N ASP GA 60 90.80 -56.39 38.86
CA ASP GA 60 91.68 -55.38 39.44
C ASP GA 60 90.96 -54.10 39.83
N ALA GA 61 89.82 -53.84 39.26
CA ALA GA 61 89.11 -52.62 39.54
C ALA GA 61 87.82 -52.90 40.30
N PRO GA 62 87.48 -52.12 41.34
CA PRO GA 62 86.25 -52.40 42.11
C PRO GA 62 84.96 -52.21 41.33
N GLU GA 63 84.99 -51.41 40.25
CA GLU GA 63 83.84 -51.23 39.38
C GLU GA 63 83.34 -52.56 38.83
N ASP GA 64 84.27 -53.50 38.59
CA ASP GA 64 84.00 -54.72 37.88
C ASP GA 64 83.82 -55.91 38.79
N ILE GA 65 83.80 -55.71 40.10
CA ILE GA 65 83.76 -56.81 41.03
C ILE GA 65 82.34 -56.98 41.51
N LYS GA 66 81.89 -58.23 41.55
CA LYS GA 66 80.58 -58.56 42.05
C LYS GA 66 80.77 -59.61 43.12
N ILE GA 67 80.52 -59.23 44.38
CA ILE GA 67 80.62 -60.17 45.49
C ILE GA 67 79.25 -60.79 45.71
N ILE GA 68 79.21 -62.12 45.75
CA ILE GA 68 78.01 -62.89 46.07
C ILE GA 68 78.27 -63.69 47.32
N ILE GA 69 77.48 -63.46 48.35
CA ILE GA 69 77.52 -64.23 49.58
C ILE GA 69 76.39 -65.24 49.49
N ASP GA 70 76.73 -66.47 49.11
CA ASP GA 70 75.75 -67.50 48.76
C ASP GA 70 75.38 -68.29 50.02
N GLY GA 71 74.67 -67.60 50.91
CA GLY GA 71 74.27 -68.21 52.15
C GLY GA 71 73.96 -67.17 53.20
N ASP GA 72 73.30 -67.64 54.27
CA ASP GA 72 72.91 -66.77 55.37
C ASP GA 72 74.12 -66.33 56.18
N VAL GA 73 74.22 -65.02 56.44
CA VAL GA 73 75.30 -64.47 57.26
C VAL GA 73 74.71 -63.55 58.33
N TYR GA 74 73.73 -64.07 59.08
CA TYR GA 74 72.98 -63.26 60.02
C TYR GA 74 73.85 -62.66 61.13
N ASN GA 75 75.03 -63.24 61.39
CA ASN GA 75 75.86 -62.81 62.51
C ASN GA 75 77.18 -62.16 62.08
N THR GA 76 77.26 -61.58 60.88
CA THR GA 76 78.43 -60.83 60.48
C THR GA 76 78.05 -59.37 60.24
N LYS GA 77 78.85 -58.46 60.80
CA LYS GA 77 78.56 -57.04 60.79
C LYS GA 77 79.40 -56.30 59.76
N ARG GA 78 78.91 -55.13 59.38
CA ARG GA 78 79.65 -54.11 58.65
C ARG GA 78 79.99 -54.54 57.22
N ILE GA 79 79.22 -55.45 56.62
CA ILE GA 79 79.53 -55.86 55.25
C ILE GA 79 79.34 -54.69 54.31
N GLY GA 80 80.31 -54.49 53.42
CA GLY GA 80 80.25 -53.41 52.46
C GLY GA 80 80.49 -52.04 53.03
N GLN GA 81 80.89 -51.95 54.29
CA GLN GA 81 81.10 -50.67 54.96
C GLN GA 81 82.07 -49.79 54.18
N GLU GA 82 81.61 -48.60 53.83
CA GLU GA 82 82.44 -47.58 53.19
C GLU GA 82 82.94 -48.01 51.81
N MET GA 83 82.21 -48.90 51.13
CA MET GA 83 82.56 -49.28 49.77
C MET GA 83 82.29 -48.12 48.80
N THR GA 84 83.15 -48.00 47.79
CA THR GA 84 83.07 -46.90 46.82
C THR GA 84 82.43 -47.29 45.49
N ALA GA 85 82.43 -48.56 45.15
CA ALA GA 85 82.00 -49.00 43.82
C ALA GA 85 81.81 -50.50 43.83
N GLY GA 86 81.18 -51.01 42.79
CA GLY GA 86 80.93 -52.43 42.67
C GLY GA 86 79.59 -52.84 43.26
N GLU GA 87 79.45 -54.14 43.46
CA GLU GA 87 78.18 -54.71 43.92
C GLU GA 87 78.43 -55.86 44.88
N ILE GA 88 77.54 -55.96 45.87
CA ILE GA 88 77.49 -57.09 46.80
C ILE GA 88 76.06 -57.61 46.78
N ILE GA 89 75.91 -58.93 46.71
CA ILE GA 89 74.60 -59.56 46.83
C ILE GA 89 74.68 -60.60 47.94
N VAL GA 90 73.76 -60.51 48.89
CA VAL GA 90 73.71 -61.40 50.03
C VAL GA 90 72.42 -62.19 49.93
N ARG GA 91 72.55 -63.50 49.73
CA ARG GA 91 71.41 -64.41 49.59
C ARG GA 91 71.05 -64.97 50.97
N GLY GA 92 70.53 -64.09 51.79
CA GLY GA 92 70.22 -64.41 53.17
C GLY GA 92 70.26 -63.15 54.01
N ASN GA 93 70.32 -63.34 55.32
CA ASN GA 93 70.26 -62.24 56.27
C ASN GA 93 71.64 -61.70 56.58
N VAL GA 94 71.68 -60.45 57.05
CA VAL GA 94 72.90 -59.84 57.55
C VAL GA 94 72.61 -59.28 58.94
N ASN GA 95 73.68 -58.94 59.66
CA ASN GA 95 73.57 -58.30 60.96
C ASN GA 95 73.63 -56.79 60.77
N MET GA 96 74.29 -56.09 61.69
CA MET GA 96 74.24 -54.64 61.75
C MET GA 96 75.23 -54.01 60.77
N TYR GA 97 75.00 -52.71 60.51
CA TYR GA 97 75.91 -51.81 59.80
C TYR GA 97 76.13 -52.17 58.33
N VAL GA 98 75.19 -52.87 57.69
CA VAL GA 98 75.38 -53.18 56.27
C VAL GA 98 75.44 -51.87 55.50
N GLY GA 99 76.52 -51.67 54.74
CA GLY GA 99 76.66 -50.48 53.95
C GLY GA 99 76.89 -49.20 54.73
N ALA GA 100 77.26 -49.29 56.00
CA ALA GA 100 77.53 -48.08 56.78
C ALA GA 100 78.67 -47.30 56.15
N GLY GA 101 78.48 -45.98 56.00
CA GLY GA 101 79.49 -45.13 55.41
C GLY GA 101 79.65 -45.28 53.92
N MET GA 102 78.71 -45.96 53.26
CA MET GA 102 78.82 -46.27 51.84
C MET GA 102 78.86 -45.00 50.99
N LYS GA 103 79.74 -45.00 49.99
CA LYS GA 103 79.89 -43.85 49.09
C LYS GA 103 79.43 -44.11 47.67
N GLY GA 104 79.50 -45.36 47.20
CA GLY GA 104 79.04 -45.71 45.87
C GLY GA 104 78.85 -47.21 45.77
N GLY GA 105 78.35 -47.64 44.62
CA GLY GA 105 78.10 -49.06 44.41
C GLY GA 105 76.69 -49.47 44.78
N LYS GA 106 76.51 -50.78 44.96
CA LYS GA 106 75.20 -51.28 45.32
C LYS GA 106 75.33 -52.51 46.19
N ILE GA 107 74.47 -52.62 47.20
CA ILE GA 107 74.34 -53.81 48.03
C ILE GA 107 72.89 -54.28 47.94
N THR GA 108 72.70 -55.59 47.74
CA THR GA 108 71.39 -56.21 47.75
C THR GA 108 71.37 -57.27 48.84
N VAL GA 109 70.47 -57.12 49.80
CA VAL GA 109 70.26 -58.11 50.85
C VAL GA 109 68.94 -58.80 50.57
N GLU GA 110 68.99 -60.12 50.37
CA GLU GA 110 67.80 -60.86 49.98
C GLU GA 110 66.96 -61.30 51.18
N GLY GA 111 67.48 -61.17 52.39
CA GLY GA 111 66.69 -61.40 53.59
C GLY GA 111 66.62 -60.15 54.45
N ASN GA 112 66.71 -60.33 55.76
CA ASN GA 112 66.59 -59.23 56.70
C ASN GA 112 67.95 -58.58 56.94
N ALA GA 113 67.91 -57.32 57.37
CA ALA GA 113 69.09 -56.60 57.81
C ALA GA 113 68.89 -56.08 59.23
N GLY GA 114 69.98 -56.00 59.98
CA GLY GA 114 69.92 -55.51 61.34
C GLY GA 114 69.94 -54.00 61.41
N SER GA 115 70.23 -53.49 62.60
CA SER GA 115 70.19 -52.05 62.82
C SER GA 115 71.36 -51.37 62.14
N TRP GA 116 71.18 -50.06 61.87
CA TRP GA 116 72.21 -49.20 61.31
C TRP GA 116 72.59 -49.61 59.89
N ALA GA 117 71.64 -50.15 59.16
CA ALA GA 117 71.82 -50.36 57.73
C ALA GA 117 71.99 -49.03 57.03
N GLY GA 118 73.14 -48.82 56.40
CA GLY GA 118 73.38 -47.57 55.69
C GLY GA 118 73.61 -46.37 56.58
N GLN GA 119 74.05 -46.57 57.81
CA GLN GA 119 74.36 -45.47 58.71
C GLN GA 119 75.36 -44.52 58.04
N ASP GA 120 75.05 -43.21 58.08
CA ASP GA 120 75.92 -42.19 57.50
C ASP GA 120 76.24 -42.45 56.03
N MET GA 121 75.24 -42.91 55.29
CA MET GA 121 75.40 -43.17 53.87
C MET GA 121 75.72 -41.87 53.12
N ARG GA 122 76.62 -41.96 52.15
CA ARG GA 122 77.03 -40.83 51.34
C ARG GA 122 76.63 -40.94 49.88
N GLY GA 123 76.55 -42.16 49.35
CA GLY GA 123 76.15 -42.37 47.97
C GLY GA 123 75.98 -43.84 47.72
N GLY GA 124 75.47 -44.15 46.57
CA GLY GA 124 75.27 -45.52 46.28
C GLY GA 124 73.87 -45.97 46.60
N GLU GA 125 73.74 -47.28 46.66
CA GLU GA 125 72.40 -47.77 46.72
C GLU GA 125 72.36 -49.05 47.57
N ILE GA 126 71.38 -49.14 48.48
CA ILE GA 126 71.19 -50.32 49.35
C ILE GA 126 69.75 -50.78 49.17
N GLU GA 127 69.56 -52.05 48.86
CA GLU GA 127 68.22 -52.59 48.73
C GLU GA 127 68.10 -53.83 49.61
N ILE GA 128 67.10 -53.82 50.49
CA ILE GA 128 66.88 -54.89 51.44
C ILE GA 128 65.51 -55.48 51.15
N LEU GA 129 65.48 -56.72 50.67
CA LEU GA 129 64.24 -57.35 50.25
C LEU GA 129 63.40 -57.80 51.43
N GLY GA 130 64.00 -58.03 52.58
CA GLY GA 130 63.26 -58.39 53.76
C GLY GA 130 63.05 -57.18 54.65
N ASP GA 131 62.98 -57.42 55.95
CA ASP GA 131 62.77 -56.35 56.90
C ASP GA 131 64.10 -55.88 57.48
N ALA GA 132 64.10 -54.64 57.95
CA ALA GA 132 65.28 -54.04 58.56
C ALA GA 132 64.97 -53.64 60.01
N GLY GA 133 66.03 -53.35 60.74
CA GLY GA 133 65.93 -52.99 62.14
C GLY GA 133 65.77 -51.50 62.35
N ASP GA 134 66.27 -51.04 63.49
CA ASP GA 134 66.23 -49.61 63.79
C ASP GA 134 67.35 -48.88 63.07
N TYR GA 135 67.20 -47.56 62.99
CA TYR GA 135 68.26 -46.65 62.55
C TYR GA 135 68.70 -46.91 61.11
N VAL GA 136 67.74 -47.23 60.24
CA VAL GA 136 68.06 -47.28 58.82
C VAL GA 136 68.46 -45.88 58.37
N GLY GA 137 69.64 -45.78 57.76
CA GLY GA 137 70.11 -44.49 57.28
C GLY GA 137 70.22 -43.44 58.37
N SER GA 138 70.71 -43.83 59.54
CA SER GA 138 70.81 -42.94 60.68
C SER GA 138 72.16 -42.23 60.72
N SER GA 139 72.36 -41.41 61.73
CA SER GA 139 73.66 -40.83 62.04
C SER GA 139 74.33 -41.67 63.11
N TYR GA 140 75.48 -41.21 63.58
CA TYR GA 140 76.16 -41.82 64.70
C TYR GA 140 75.84 -41.05 65.98
N ARG GA 141 75.88 -41.75 67.10
CA ARG GA 141 75.63 -41.15 68.41
C ARG GA 141 76.35 -39.82 68.55
N GLY GA 142 75.60 -38.79 68.95
CA GLY GA 142 76.14 -37.49 69.26
C GLY GA 142 76.33 -36.55 68.09
N ASP GA 143 76.51 -37.07 66.88
CA ASP GA 143 76.69 -36.19 65.73
C ASP GA 143 75.35 -35.70 65.22
N TRP GA 144 75.33 -34.43 64.83
CA TRP GA 144 74.16 -33.78 64.27
C TRP GA 144 74.16 -33.81 62.75
N ARG GA 145 75.19 -34.39 62.14
CA ARG GA 145 75.28 -34.55 60.69
C ARG GA 145 75.21 -36.03 60.37
N GLY GA 146 74.14 -36.45 59.70
CA GLY GA 146 73.97 -37.86 59.40
C GLY GA 146 74.12 -38.21 57.93
N MET GA 147 73.29 -39.14 57.46
CA MET GA 147 73.30 -39.52 56.06
C MET GA 147 73.10 -38.32 55.15
N SER GA 148 73.96 -38.21 54.14
CA SER GA 148 73.93 -37.09 53.21
C SER GA 148 73.62 -37.46 51.77
N GLY GA 149 73.66 -38.74 51.41
CA GLY GA 149 73.38 -39.12 50.04
C GLY GA 149 73.15 -40.62 49.93
N GLY GA 150 72.64 -41.02 48.77
CA GLY GA 150 72.36 -42.41 48.47
C GLY GA 150 70.88 -42.73 48.55
N THR GA 151 70.58 -44.01 48.33
CA THR GA 151 69.21 -44.51 48.37
C THR GA 151 69.16 -45.84 49.09
N ILE GA 152 68.23 -45.94 50.04
CA ILE GA 152 67.97 -47.17 50.78
C ILE GA 152 66.53 -47.58 50.49
N THR GA 153 66.33 -48.84 50.12
CA THR GA 153 65.01 -49.38 49.85
C THR GA 153 64.80 -50.61 50.70
N VAL GA 154 63.81 -50.57 51.58
CA VAL GA 154 63.43 -51.70 52.42
C VAL GA 154 62.06 -52.17 51.95
N HIS GA 155 62.01 -53.39 51.42
CA HIS GA 155 60.78 -53.93 50.88
C HIS GA 155 59.83 -54.41 51.96
N GLY GA 156 60.35 -54.77 53.13
CA GLY GA 156 59.54 -55.16 54.27
C GLY GA 156 59.31 -54.01 55.23
N ASN GA 157 59.32 -54.33 56.52
CA ASN GA 157 59.12 -53.36 57.58
C ASN GA 157 60.45 -52.90 58.16
N ALA GA 158 60.46 -51.69 58.70
CA ALA GA 158 61.56 -51.20 59.52
C ALA GA 158 61.01 -50.86 60.90
N ASP GA 159 61.91 -50.56 61.83
CA ASP GA 159 61.47 -50.30 63.19
C ASP GA 159 61.62 -48.83 63.55
N ASN GA 160 62.51 -48.48 64.49
CA ASN GA 160 62.53 -47.12 65.04
C ASN GA 160 63.60 -46.24 64.39
N GLU GA 161 63.30 -44.95 64.35
CA GLU GA 161 64.27 -43.88 64.09
C GLU GA 161 64.98 -44.04 62.75
N ILE GA 162 64.22 -44.42 61.72
CA ILE GA 162 64.75 -44.44 60.38
C ILE GA 162 65.02 -43.01 59.92
N GLY GA 163 66.16 -42.80 59.26
CA GLY GA 163 66.51 -41.46 58.83
C GLY GA 163 66.84 -40.50 59.96
N GLU GA 164 67.22 -41.00 61.13
CA GLU GA 164 67.64 -40.15 62.23
C GLU GA 164 68.72 -39.18 61.77
N TYR GA 165 68.47 -37.89 61.98
CA TYR GA 165 69.38 -36.82 61.60
C TYR GA 165 69.75 -36.87 60.12
N MET GA 166 68.82 -37.31 59.27
CA MET GA 166 69.08 -37.36 57.84
C MET GA 166 69.42 -35.97 57.31
N ASN GA 167 70.31 -35.92 56.32
CA ASN GA 167 70.78 -34.66 55.77
C ASN GA 167 70.97 -34.78 54.26
N GLY GA 168 70.10 -35.55 53.61
CA GLY GA 168 70.24 -35.81 52.19
C GLY GA 168 69.97 -37.25 51.84
N GLY GA 169 69.81 -37.56 50.56
CA GLY GA 169 69.56 -38.92 50.15
C GLY GA 169 68.09 -39.26 50.20
N LYS GA 170 67.82 -40.56 50.36
CA LYS GA 170 66.49 -41.08 50.12
C LYS GA 170 66.33 -42.44 50.79
N ILE GA 171 65.31 -42.60 51.64
CA ILE GA 171 64.96 -43.88 52.24
C ILE GA 171 63.53 -44.24 51.84
N ILE GA 172 63.33 -45.48 51.40
CA ILE GA 172 62.02 -45.99 51.02
C ILE GA 172 61.73 -47.25 51.83
N ILE GA 173 60.66 -47.24 52.61
CA ILE GA 173 60.18 -48.40 53.33
C ILE GA 173 58.87 -48.83 52.68
N LYS GA 174 58.87 -49.98 52.01
CA LYS GA 174 57.63 -50.43 51.39
C LYS GA 174 56.62 -50.99 52.39
N GLY GA 175 57.08 -51.42 53.56
CA GLY GA 175 56.19 -51.91 54.61
C GLY GA 175 55.84 -50.85 55.63
N ASP GA 176 55.66 -51.28 56.87
CA ASP GA 176 55.33 -50.42 58.00
C ASP GA 176 56.59 -50.07 58.79
N VAL GA 177 56.52 -48.96 59.51
CA VAL GA 177 57.55 -48.59 60.47
C VAL GA 177 56.91 -48.44 61.85
N ASN GA 178 57.75 -48.36 62.87
CA ASN GA 178 57.27 -48.25 64.24
C ASN GA 178 57.13 -46.78 64.63
N ILE GA 179 58.06 -46.24 65.41
CA ILE GA 179 57.90 -44.86 65.88
C ILE GA 179 59.11 -44.03 65.51
N MET GA 180 58.88 -42.71 65.44
CA MET GA 180 59.87 -41.67 65.23
C MET GA 180 60.65 -41.79 63.92
N PRO GA 181 60.01 -42.08 62.79
CA PRO GA 181 60.73 -41.97 61.51
C PRO GA 181 61.06 -40.52 61.23
N GLY GA 182 62.30 -40.28 60.79
CA GLY GA 182 62.70 -38.92 60.48
C GLY GA 182 62.99 -38.05 61.68
N ILE GA 183 63.22 -38.64 62.85
CA ILE GA 183 63.56 -37.87 64.04
C ILE GA 183 64.77 -37.01 63.76
N HIS GA 184 64.67 -35.72 64.11
CA HIS GA 184 65.73 -34.73 63.91
C HIS GA 184 66.15 -34.59 62.45
N MET GA 185 65.28 -34.87 61.50
CA MET GA 185 65.66 -34.75 60.10
C MET GA 185 65.97 -33.30 59.75
N ASN GA 186 67.01 -33.11 58.94
CA ASN GA 186 67.39 -31.80 58.41
C ASN GA 186 67.11 -31.66 56.93
N ASN GA 187 67.30 -32.73 56.16
CA ASN GA 187 67.09 -32.70 54.73
C ASN GA 187 66.98 -34.14 54.24
N GLY GA 188 66.51 -34.29 53.01
CA GLY GA 188 66.34 -35.58 52.40
C GLY GA 188 64.86 -35.91 52.26
N LEU GA 189 64.59 -37.16 51.91
CA LEU GA 189 63.19 -37.53 51.71
C LEU GA 189 62.97 -38.94 52.21
N ILE GA 190 61.94 -39.12 53.03
CA ILE GA 190 61.52 -40.44 53.50
C ILE GA 190 60.12 -40.73 52.98
N ILE GA 191 59.95 -41.90 52.36
CA ILE GA 191 58.65 -42.39 51.92
C ILE GA 191 58.36 -43.69 52.66
N ILE GA 192 57.28 -43.70 53.43
CA ILE GA 192 56.79 -44.91 54.07
C ILE GA 192 55.51 -45.32 53.36
N GLU GA 193 55.55 -46.47 52.70
CA GLU GA 193 54.40 -46.92 51.92
C GLU GA 193 53.34 -47.59 52.81
N GLY GA 194 53.73 -48.09 53.96
CA GLY GA 194 52.80 -48.67 54.93
C GLY GA 194 52.42 -47.69 56.01
N ASN GA 195 52.31 -48.20 57.24
CA ASN GA 195 51.79 -47.43 58.36
C ASN GA 195 52.92 -46.91 59.24
N VAL GA 196 52.56 -45.98 60.13
CA VAL GA 196 53.48 -45.42 61.13
C VAL GA 196 52.74 -45.41 62.47
N VAL GA 197 53.39 -45.91 63.52
CA VAL GA 197 52.73 -45.98 64.82
C VAL GA 197 52.65 -44.60 65.46
N ALA GA 198 53.75 -43.84 65.45
CA ALA GA 198 53.73 -42.55 66.15
C ALA GA 198 54.93 -41.71 65.75
N ARG GA 199 54.76 -40.40 65.94
CA ARG GA 199 55.85 -39.41 65.98
C ARG GA 199 56.65 -39.34 64.69
N ALA GA 200 55.96 -39.48 63.56
CA ALA GA 200 56.60 -39.18 62.29
C ALA GA 200 57.12 -37.75 62.30
N GLY GA 201 58.41 -37.59 62.02
CA GLY GA 201 58.99 -36.27 61.94
C GLY GA 201 59.27 -35.57 63.25
N GLY GA 202 59.34 -36.31 64.36
CA GLY GA 202 59.68 -35.72 65.63
C GLY GA 202 60.92 -34.84 65.58
N GLU GA 203 60.73 -33.56 65.87
CA GLU GA 203 61.83 -32.58 65.99
C GLU GA 203 62.56 -32.38 64.67
N MET GA 204 61.90 -32.60 63.54
CA MET GA 204 62.53 -32.35 62.25
C MET GA 204 62.65 -30.85 61.99
N ALA GA 205 63.73 -30.46 61.33
CA ALA GA 205 63.98 -29.09 60.94
C ALA GA 205 63.76 -28.83 59.45
N GLY GA 206 63.95 -29.85 58.63
CA GLY GA 206 63.73 -29.76 57.21
C GLY GA 206 63.55 -31.15 56.65
N GLY GA 207 63.54 -31.25 55.33
CA GLY GA 207 63.32 -32.53 54.69
C GLY GA 207 61.84 -32.79 54.48
N THR GA 208 61.57 -34.02 54.00
CA THR GA 208 60.23 -34.40 53.60
C THR GA 208 59.96 -35.85 53.98
N ILE GA 209 58.82 -36.09 54.64
CA ILE GA 209 58.36 -37.43 54.96
C ILE GA 209 57.00 -37.65 54.32
N VAL GA 210 56.85 -38.73 53.57
CA VAL GA 210 55.60 -39.11 52.94
C VAL GA 210 55.12 -40.41 53.56
N VAL GA 211 53.86 -40.44 53.98
CA VAL GA 211 53.23 -41.64 54.52
C VAL GA 211 52.01 -41.95 53.69
N LYS GA 212 52.05 -43.08 52.99
CA LYS GA 212 50.93 -43.50 52.15
C LYS GA 212 49.90 -44.32 52.92
N GLY GA 213 50.27 -44.89 54.05
CA GLY GA 213 49.34 -45.59 54.90
C GLY GA 213 48.83 -44.68 55.99
N MET GA 214 48.59 -45.27 57.16
CA MET GA 214 47.95 -44.59 58.28
C MET GA 214 48.97 -44.31 59.37
N MET GA 215 49.02 -43.06 59.83
CA MET GA 215 49.71 -42.72 61.07
C MET GA 215 48.71 -42.82 62.22
N GLN GA 216 48.97 -43.75 63.15
CA GLN GA 216 48.05 -43.92 64.27
C GLN GA 216 48.05 -42.70 65.18
N GLU GA 217 49.21 -42.10 65.40
CA GLU GA 217 49.31 -40.87 66.18
C GLU GA 217 50.21 -39.90 65.44
N PHE GA 218 50.07 -38.62 65.77
CA PHE GA 218 50.91 -37.58 65.20
C PHE GA 218 51.21 -36.60 66.33
N LEU GA 219 51.66 -35.39 65.98
CA LEU GA 219 52.29 -34.50 66.92
C LEU GA 219 51.73 -33.09 66.82
N ALA GA 220 51.47 -32.48 67.98
CA ALA GA 220 50.79 -31.19 68.04
C ALA GA 220 51.67 -30.03 67.62
N GLY GA 221 52.97 -30.23 67.43
CA GLY GA 221 53.81 -29.15 66.98
C GLY GA 221 53.82 -28.90 65.48
N PHE GA 222 52.99 -29.62 64.72
CA PHE GA 222 52.89 -29.44 63.28
C PHE GA 222 51.69 -28.56 62.94
N LYS GA 223 51.88 -27.60 62.04
CA LYS GA 223 50.78 -26.79 61.55
C LYS GA 223 50.23 -27.42 60.28
N TYR GA 224 48.91 -27.55 60.23
CA TYR GA 224 48.22 -28.11 59.08
C TYR GA 224 48.09 -27.06 57.98
N LEU GA 225 48.56 -27.39 56.78
CA LEU GA 225 48.51 -26.45 55.66
C LEU GA 225 47.43 -26.76 54.64
N GLY GA 226 46.76 -27.92 54.73
CA GLY GA 226 45.71 -28.28 53.81
C GLY GA 226 46.06 -29.56 53.06
N VAL GA 227 45.58 -29.65 51.81
CA VAL GA 227 45.83 -30.83 50.98
C VAL GA 227 46.48 -30.41 49.67
N GLU GA 228 47.45 -31.21 49.24
CA GLU GA 228 48.12 -31.09 47.96
C GLU GA 228 47.92 -32.40 47.20
N LYS GA 229 47.66 -32.32 45.90
CA LYS GA 229 47.55 -33.50 45.08
C LYS GA 229 48.73 -33.60 44.11
N ASP GA 230 49.07 -34.84 43.78
CA ASP GA 230 50.00 -35.21 42.71
C ASP GA 230 51.28 -34.39 42.77
N ILE GA 231 51.95 -34.48 43.93
CA ILE GA 231 53.17 -33.73 44.16
C ILE GA 231 54.34 -34.51 43.59
N GLU GA 232 55.48 -33.83 43.46
CA GLU GA 232 56.72 -34.40 42.97
C GLU GA 232 57.81 -34.02 43.96
N VAL GA 233 58.48 -35.03 44.52
CA VAL GA 233 59.56 -34.83 45.46
C VAL GA 233 60.76 -35.69 45.07
N ASP GA 234 61.92 -35.02 44.92
CA ASP GA 234 63.22 -35.63 44.64
C ASP GA 234 63.14 -36.60 43.46
N GLY GA 235 62.52 -36.15 42.37
CA GLY GA 235 62.45 -36.98 41.19
C GLY GA 235 61.47 -38.12 41.26
N GLU GA 236 60.61 -38.14 42.28
CA GLU GA 236 59.59 -39.16 42.45
C GLU GA 236 58.24 -38.48 42.41
N GLU GA 237 57.32 -39.04 41.62
CA GLU GA 237 55.97 -38.51 41.49
C GLU GA 237 55.00 -39.37 42.27
N LEU GA 238 54.16 -38.73 43.07
CA LEU GA 238 53.21 -39.33 43.97
C LEU GA 238 51.79 -39.05 43.54
N PRO GA 239 51.01 -40.10 43.27
CA PRO GA 239 49.61 -39.94 42.90
C PRO GA 239 48.73 -39.92 44.14
N GLY GA 240 47.57 -39.29 44.01
CA GLY GA 240 46.64 -39.19 45.11
C GLY GA 240 46.81 -37.90 45.87
N ALA GA 241 46.01 -37.77 46.92
CA ALA GA 241 45.99 -36.58 47.75
C ALA GA 241 46.67 -36.87 49.09
N PHE GA 242 47.34 -35.85 49.63
CA PHE GA 242 48.02 -35.95 50.90
C PHE GA 242 47.67 -34.75 51.76
N TYR GA 243 47.35 -35.00 53.03
CA TYR GA 243 47.34 -33.93 54.00
C TYR GA 243 48.75 -33.43 54.19
N LYS GA 244 48.90 -32.10 54.26
CA LYS GA 244 50.21 -31.47 54.29
C LYS GA 244 50.41 -30.79 55.64
N PHE GA 245 51.52 -31.11 56.31
CA PHE GA 245 51.86 -30.53 57.59
C PHE GA 245 53.27 -29.95 57.54
N GLU GA 246 53.46 -28.84 58.25
CA GLU GA 246 54.76 -28.19 58.38
C GLU GA 246 55.16 -28.19 59.85
N GLY GA 247 56.41 -28.58 60.12
CA GLY GA 247 56.95 -28.61 61.47
C GLY GA 247 58.41 -29.00 61.41
N ASP GA 248 58.98 -29.49 62.52
CA ASP GA 248 58.31 -29.61 63.81
C ASP GA 248 58.56 -28.33 64.60
N HIS GA 249 57.51 -27.56 64.88
CA HIS GA 249 57.67 -26.22 65.44
C HIS GA 249 58.06 -26.22 66.91
N ALA GA 250 58.32 -27.38 67.52
CA ALA GA 250 59.12 -27.40 68.72
C ALA GA 250 60.56 -26.97 68.43
N ILE GA 251 60.97 -27.01 67.16
CA ILE GA 251 62.30 -26.63 66.71
C ILE GA 251 62.22 -25.21 66.14
N LYS GA 252 63.24 -24.40 66.41
CA LYS GA 252 63.26 -23.05 65.88
C LYS GA 252 63.51 -23.06 64.38
N GLY GA 253 62.73 -22.25 63.65
CA GLY GA 253 62.92 -22.13 62.22
C GLY GA 253 62.60 -23.39 61.42
N ALA GA 254 61.73 -24.25 61.93
CA ALA GA 254 61.48 -25.54 61.30
C ALA GA 254 60.77 -25.37 59.97
N LYS GA 255 61.26 -26.09 58.94
CA LYS GA 255 60.66 -26.07 57.60
C LYS GA 255 60.36 -27.46 57.08
N GLY GA 256 60.26 -28.46 57.95
CA GLY GA 256 59.98 -29.81 57.51
C GLY GA 256 58.55 -29.97 57.02
N ILE GA 257 58.33 -31.03 56.24
CA ILE GA 257 57.04 -31.33 55.63
C ILE GA 257 56.70 -32.80 55.88
N VAL GA 258 55.52 -33.05 56.46
CA VAL GA 258 54.93 -34.38 56.49
C VAL GA 258 53.75 -34.40 55.53
N TYR GA 259 53.77 -35.34 54.59
CA TYR GA 259 52.62 -35.64 53.74
C TYR GA 259 51.97 -36.93 54.23
N ALA GA 260 50.67 -36.89 54.48
CA ALA GA 260 49.92 -38.06 54.93
C ALA GA 260 48.72 -38.29 54.01
N ALA GA 261 48.60 -39.52 53.52
CA ALA GA 261 47.57 -39.84 52.53
C ALA GA 261 46.17 -39.62 53.11
N VAL GA 262 45.31 -38.98 52.32
CA VAL GA 262 43.99 -38.56 52.80
C VAL GA 262 43.13 -39.77 53.14
N GLY GA 263 43.21 -40.83 52.32
CA GLY GA 263 42.35 -41.98 52.52
C GLY GA 263 42.42 -42.59 53.90
N CYS GA 264 43.59 -42.55 54.54
CA CYS GA 264 43.78 -43.21 55.83
C CYS GA 264 44.19 -42.28 56.96
N ASN GA 265 44.02 -40.96 56.81
CA ASN GA 265 44.54 -40.07 57.85
C ASN GA 265 43.58 -38.95 58.22
N GLY GA 266 42.26 -39.17 58.05
CA GLY GA 266 41.31 -38.14 58.42
C GLY GA 266 41.35 -37.77 59.89
N HIS GA 267 41.68 -38.73 60.75
CA HIS GA 267 41.81 -38.48 62.19
C HIS GA 267 43.03 -37.64 62.53
N ILE GA 268 43.98 -37.51 61.62
CA ILE GA 268 45.15 -36.68 61.88
C ILE GA 268 44.84 -35.21 61.63
N ALA GA 269 43.90 -34.91 60.74
CA ALA GA 269 43.53 -33.54 60.45
C ALA GA 269 42.42 -33.06 61.38
N MET HA 1 41.31 -59.96 82.52
CA MET HA 1 41.16 -58.65 81.89
C MET HA 1 42.52 -58.15 81.41
N ARG HA 2 42.55 -57.39 80.33
CA ARG HA 2 43.82 -56.82 79.86
C ARG HA 2 44.05 -55.47 80.49
N VAL HA 3 45.24 -55.30 81.04
CA VAL HA 3 45.63 -54.11 81.78
C VAL HA 3 47.00 -53.69 81.31
N ILE HA 4 47.43 -52.51 81.72
CA ILE HA 4 48.76 -52.02 81.41
C ILE HA 4 49.63 -52.15 82.64
N LEU HA 5 50.76 -52.85 82.49
CA LEU HA 5 51.65 -53.13 83.61
C LEU HA 5 52.72 -52.06 83.70
N ASN HA 6 52.79 -51.41 84.86
CA ASN HA 6 53.79 -50.41 85.19
C ASN HA 6 54.65 -50.94 86.33
N THR HA 7 55.95 -50.62 86.31
CA THR HA 7 56.89 -51.15 87.28
C THR HA 7 57.85 -50.06 87.73
N GLY HA 8 58.41 -50.26 88.93
CA GLY HA 8 59.38 -49.32 89.47
C GLY HA 8 59.57 -49.56 90.95
N ARG HA 9 59.83 -48.46 91.66
CA ARG HA 9 60.29 -48.51 93.04
C ARG HA 9 59.15 -48.45 94.04
N THR HA 10 59.47 -48.82 95.28
CA THR HA 10 58.62 -48.75 96.47
C THR HA 10 59.57 -48.69 97.65
N ILE HA 11 59.16 -47.96 98.68
CA ILE HA 11 59.99 -47.81 99.87
C ILE HA 11 60.27 -49.17 100.50
N TRP HA 12 59.28 -50.07 100.47
CA TRP HA 12 59.42 -51.39 101.08
C TRP HA 12 60.32 -52.32 100.27
N GLN HA 13 60.29 -52.22 98.94
CA GLN HA 13 61.19 -53.03 98.14
C GLN HA 13 62.63 -52.53 98.24
N GLY HA 14 62.81 -51.25 98.52
CA GLY HA 14 64.16 -50.74 98.77
C GLY HA 14 64.70 -51.21 100.11
N GLN HA 15 63.90 -51.09 101.17
CA GLN HA 15 64.28 -51.68 102.45
C GLN HA 15 64.59 -53.16 102.31
N ALA HA 16 63.80 -53.88 101.51
CA ALA HA 16 63.97 -55.32 101.38
C ALA HA 16 65.27 -55.70 100.69
N ILE HA 17 65.62 -54.99 99.60
CA ILE HA 17 66.83 -55.37 98.86
C ILE HA 17 68.08 -55.09 99.68
N GLU HA 18 68.07 -54.04 100.52
CA GLU HA 18 69.22 -53.76 101.36
C GLU HA 18 69.19 -54.55 102.65
N SER HA 19 68.06 -55.17 103.00
CA SER HA 19 68.05 -56.18 104.05
C SER HA 19 68.56 -57.51 103.51
N GLY HA 20 68.00 -57.97 102.40
CA GLY HA 20 68.46 -59.19 101.77
C GLY HA 20 67.43 -59.76 100.80
N LYS HA 21 67.84 -60.01 99.56
CA LYS HA 21 66.93 -60.60 98.59
C LYS HA 21 66.67 -62.08 98.83
N ASP HA 22 67.41 -62.71 99.74
CA ASP HA 22 67.12 -64.08 100.15
C ASP HA 22 66.03 -64.16 101.21
N LEU HA 23 65.60 -63.03 101.76
CA LEU HA 23 64.65 -62.98 102.86
C LEU HA 23 63.21 -63.00 102.35
N LYS HA 24 62.31 -63.37 103.27
CA LYS HA 24 60.88 -63.33 102.99
C LYS HA 24 60.40 -61.92 102.70
N MET HA 25 60.94 -60.97 103.45
CA MET HA 25 60.70 -59.53 103.33
C MET HA 25 60.67 -59.12 101.87
N TYR HA 26 61.59 -59.68 101.09
CA TYR HA 26 61.70 -59.32 99.68
C TYR HA 26 60.54 -59.88 98.85
N VAL HA 27 60.10 -61.11 99.15
CA VAL HA 27 58.92 -61.64 98.46
C VAL HA 27 57.69 -60.79 98.78
N ASP HA 28 57.51 -60.44 100.05
CA ASP HA 28 56.37 -59.62 100.44
C ASP HA 28 56.41 -58.25 99.80
N ALA HA 29 57.60 -57.72 99.52
CA ALA HA 29 57.71 -56.37 98.99
C ALA HA 29 57.75 -56.31 97.47
N ALA HA 30 58.25 -57.36 96.80
CA ALA HA 30 58.44 -57.33 95.36
C ALA HA 30 57.62 -58.34 94.57
N ALA HA 31 57.12 -59.40 95.19
CA ALA HA 31 56.31 -60.38 94.48
C ALA HA 31 54.82 -60.07 94.62
N ILE HA 32 54.47 -58.82 94.32
CA ILE HA 32 53.13 -58.31 94.53
C ILE HA 32 52.67 -57.56 93.28
N ILE HA 33 51.35 -57.36 93.19
CA ILE HA 33 50.76 -56.53 92.14
C ILE HA 33 49.81 -55.53 92.81
N GLN HA 34 50.06 -54.25 92.59
CA GLN HA 34 49.22 -53.21 93.16
C GLN HA 34 48.05 -52.91 92.23
N MET HA 35 46.85 -52.83 92.78
CA MET HA 35 45.65 -52.59 92.00
C MET HA 35 44.77 -51.57 92.73
N ASN HA 36 44.02 -50.79 91.94
CA ASN HA 36 42.97 -49.97 92.50
C ASN HA 36 41.90 -50.88 93.11
N PRO HA 37 41.26 -50.47 94.21
CA PRO HA 37 40.22 -51.31 94.81
C PRO HA 37 39.08 -51.65 93.85
N GLU HA 38 38.70 -50.71 92.98
CA GLU HA 38 37.62 -50.98 92.04
C GLU HA 38 37.99 -52.12 91.08
N MET HA 39 39.27 -52.20 90.69
CA MET HA 39 39.67 -53.26 89.77
C MET HA 39 39.70 -54.61 90.47
N MET HA 40 40.10 -54.65 91.74
CA MET HA 40 40.09 -55.90 92.48
C MET HA 40 38.69 -56.48 92.55
N LYS HA 41 37.69 -55.64 92.86
CA LYS HA 41 36.32 -56.13 92.94
C LYS HA 41 35.76 -56.49 91.56
N GLN HA 42 36.21 -55.80 90.51
CA GLN HA 42 35.85 -56.21 89.15
C GLN HA 42 36.37 -57.61 88.84
N LEU HA 43 37.56 -57.93 89.35
CA LEU HA 43 38.18 -59.23 89.15
C LEU HA 43 37.74 -60.25 90.20
N GLY HA 44 37.07 -59.80 91.27
CA GLY HA 44 36.58 -60.71 92.27
C GLY HA 44 37.63 -61.21 93.25
N ILE HA 45 38.63 -60.40 93.57
CA ILE HA 45 39.72 -60.82 94.45
C ILE HA 45 39.88 -59.82 95.58
N ALA HA 46 40.52 -60.27 96.65
CA ALA HA 46 40.78 -59.49 97.85
C ALA HA 46 42.29 -59.43 98.08
N GLU HA 47 42.70 -58.52 98.97
CA GLU HA 47 44.11 -58.45 99.33
C GLU HA 47 44.58 -59.79 99.88
N GLY HA 48 45.75 -60.21 99.43
CA GLY HA 48 46.29 -61.51 99.79
C GLY HA 48 46.03 -62.60 98.76
N ASP HA 49 45.02 -62.43 97.91
CA ASP HA 49 44.79 -63.41 96.86
C ASP HA 49 45.86 -63.28 95.79
N ASN HA 50 46.14 -64.39 95.11
CA ASN HA 50 47.21 -64.41 94.11
C ASN HA 50 46.64 -64.18 92.71
N VAL HA 51 47.50 -63.67 91.84
CA VAL HA 51 47.14 -63.32 90.47
C VAL HA 51 48.22 -63.88 89.56
N LYS HA 52 47.81 -64.45 88.42
CA LYS HA 52 48.78 -64.88 87.42
C LYS HA 52 48.80 -63.86 86.28
N VAL HA 53 49.97 -63.30 86.03
CA VAL HA 53 50.17 -62.27 85.02
C VAL HA 53 50.82 -62.92 83.81
N ILE HA 54 50.21 -62.75 82.63
CA ILE HA 54 50.72 -63.33 81.40
C ILE HA 54 50.92 -62.22 80.38
N SER HA 55 52.07 -62.23 79.71
CA SER HA 55 52.37 -61.28 78.65
C SER HA 55 52.93 -62.06 77.46
N GLU HA 56 53.16 -61.35 76.35
CA GLU HA 56 53.86 -61.92 75.21
C GLU HA 56 55.19 -62.54 75.58
N TYR HA 57 55.78 -62.13 76.70
CA TYR HA 57 57.18 -62.43 76.99
C TYR HA 57 57.38 -63.38 78.16
N GLY HA 58 56.36 -63.59 78.99
CA GLY HA 58 56.50 -64.52 80.08
C GLY HA 58 55.25 -64.58 80.92
N ASP HA 59 55.39 -65.12 82.12
CA ASP HA 59 54.27 -65.25 83.03
C ASP HA 59 54.83 -65.31 84.45
N VAL HA 60 53.98 -64.94 85.41
CA VAL HA 60 54.40 -64.80 86.79
C VAL HA 60 53.15 -64.88 87.65
N VAL HA 61 53.32 -65.33 88.90
CA VAL HA 61 52.25 -65.29 89.89
C VAL HA 61 52.69 -64.39 91.04
N VAL HA 62 51.84 -63.43 91.37
CA VAL HA 62 52.14 -62.40 92.34
C VAL HA 62 50.94 -62.24 93.25
N LYS HA 63 51.16 -61.62 94.41
CA LYS HA 63 50.11 -61.42 95.39
C LYS HA 63 49.42 -60.08 95.15
N ALA HA 64 48.09 -60.09 95.14
CA ALA HA 64 47.34 -58.87 94.89
C ALA HA 64 47.39 -57.95 96.10
N VAL HA 65 47.55 -56.65 95.84
CA VAL HA 65 47.73 -55.64 96.88
C VAL HA 65 46.89 -54.43 96.53
N GLU HA 66 46.29 -53.79 97.53
CA GLU HA 66 45.53 -52.58 97.29
C GLU HA 66 46.49 -51.41 97.18
N ALA HA 67 46.44 -50.71 96.05
CA ALA HA 67 47.35 -49.60 95.81
C ALA HA 67 47.03 -48.44 96.76
N LYS HA 68 48.02 -48.03 97.55
CA LYS HA 68 47.92 -46.81 98.34
C LYS HA 68 48.30 -45.58 97.53
N GLU HA 69 49.00 -45.77 96.41
CA GLU HA 69 49.28 -44.74 95.43
C GLU HA 69 48.36 -44.95 94.24
N PRO HA 70 47.30 -44.16 94.09
CA PRO HA 70 46.28 -44.47 93.07
C PRO HA 70 46.87 -44.53 91.68
N LEU HA 71 46.37 -45.48 90.91
CA LEU HA 71 46.77 -45.74 89.54
C LEU HA 71 45.70 -45.25 88.58
N PRO HA 72 46.06 -44.91 87.34
CA PRO HA 72 45.02 -44.64 86.33
C PRO HA 72 44.17 -45.88 86.11
N GLU HA 73 42.94 -45.64 85.65
CA GLU HA 73 42.06 -46.73 85.31
C GLU HA 73 42.71 -47.63 84.26
N GLY HA 74 42.80 -48.92 84.55
CA GLY HA 74 43.36 -49.90 83.65
C GLY HA 74 44.82 -50.24 83.85
N MET HA 75 45.48 -49.65 84.86
CA MET HA 75 46.90 -49.85 85.10
C MET HA 75 47.14 -50.58 86.41
N VAL HA 76 48.19 -51.40 86.45
CA VAL HA 76 48.65 -52.07 87.66
C VAL HA 76 50.14 -51.85 87.82
N TYR HA 77 50.62 -52.06 89.05
CA TYR HA 77 52.00 -51.77 89.43
C TYR HA 77 52.61 -52.99 90.11
N ILE HA 78 53.69 -53.51 89.56
CA ILE HA 78 54.51 -54.52 90.19
C ILE HA 78 55.90 -53.93 90.43
N PRO HA 79 56.41 -53.94 91.65
CA PRO HA 79 57.74 -53.37 91.91
C PRO HA 79 58.83 -54.06 91.10
N MET HA 80 59.88 -53.31 90.80
CA MET HA 80 61.04 -53.86 90.10
C MET HA 80 61.56 -55.09 90.83
N GLY HA 81 61.94 -56.09 90.06
CA GLY HA 81 62.40 -57.34 90.62
C GLY HA 81 62.25 -58.47 89.62
N PRO HA 82 62.65 -59.68 90.03
CA PRO HA 82 62.63 -60.80 89.09
C PRO HA 82 61.23 -61.25 88.72
N TRP HA 83 60.24 -61.02 89.59
CA TRP HA 83 58.86 -61.32 89.24
C TRP HA 83 58.36 -60.38 88.15
N ALA HA 84 58.47 -59.07 88.37
CA ALA HA 84 58.10 -58.09 87.35
C ALA HA 84 58.83 -58.34 86.05
N ASN HA 85 60.10 -58.74 86.12
CA ASN HA 85 60.92 -58.91 84.94
C ASN HA 85 60.72 -60.27 84.28
N ARG HA 86 59.84 -61.12 84.82
CA ARG HA 86 59.39 -62.29 84.07
C ARG HA 86 58.53 -61.90 82.88
N VAL HA 87 57.87 -60.75 82.95
CA VAL HA 87 56.78 -60.44 82.03
C VAL HA 87 56.98 -59.16 81.22
N ILE HA 88 57.84 -58.24 81.64
CA ILE HA 88 57.96 -56.98 80.90
C ILE HA 88 58.69 -57.19 79.58
N ARG HA 89 58.71 -56.15 78.75
CA ARG HA 89 59.20 -56.26 77.37
C ARG HA 89 60.72 -56.18 77.34
N PRO HA 90 61.41 -57.18 76.82
CA PRO HA 90 62.88 -57.19 76.92
C PRO HA 90 63.59 -56.30 75.91
N TYR HA 91 63.01 -56.11 74.72
CA TYR HA 91 63.69 -55.44 73.63
C TYR HA 91 64.04 -54.01 73.97
N THR HA 92 65.19 -53.55 73.50
CA THR HA 92 65.73 -52.24 73.83
C THR HA 92 65.54 -51.22 72.73
N ASP HA 93 64.97 -51.61 71.59
CA ASP HA 93 64.81 -50.72 70.43
C ASP HA 93 66.15 -50.12 70.02
N SER HA 94 67.20 -50.94 70.11
CA SER HA 94 68.56 -50.55 69.77
C SER HA 94 69.02 -49.36 70.61
N THR HA 95 68.64 -49.35 71.88
CA THR HA 95 69.13 -48.37 72.84
C THR HA 95 69.90 -48.97 73.99
N ALA HA 96 69.86 -50.30 74.15
CA ALA HA 96 70.40 -51.13 75.23
C ALA HA 96 69.46 -51.14 76.44
N THR HA 97 68.47 -50.25 76.50
CA THR HA 97 67.59 -50.16 77.65
C THR HA 97 66.26 -50.84 77.35
N PRO HA 98 65.89 -51.90 78.06
CA PRO HA 98 64.60 -52.55 77.81
C PRO HA 98 63.43 -51.66 78.20
N SER HA 99 62.24 -52.10 77.81
CA SER HA 99 61.00 -51.40 78.11
C SER HA 99 60.40 -51.98 79.40
N PHE HA 100 60.92 -51.51 80.53
CA PHE HA 100 60.47 -51.99 81.84
C PHE HA 100 59.08 -51.51 82.22
N LYS HA 101 58.52 -50.51 81.56
CA LYS HA 101 57.30 -49.84 82.02
C LYS HA 101 56.25 -49.78 80.92
N ASN HA 102 54.99 -49.98 81.33
CA ASN HA 102 53.80 -49.75 80.52
C ASN HA 102 53.64 -50.82 79.44
N ILE HA 103 53.35 -52.04 79.87
CA ILE HA 103 53.33 -53.21 79.00
C ILE HA 103 51.95 -53.84 79.06
N PRO HA 104 51.31 -54.15 77.93
CA PRO HA 104 50.04 -54.86 77.98
C PRO HA 104 50.21 -56.28 78.51
N VAL HA 105 49.44 -56.61 79.55
CA VAL HA 105 49.46 -57.94 80.15
C VAL HA 105 48.03 -58.41 80.36
N GLU HA 106 47.89 -59.72 80.56
CA GLU HA 106 46.63 -60.35 80.92
C GLU HA 106 46.73 -60.83 82.36
N ILE HA 107 45.78 -60.42 83.20
CA ILE HA 107 45.77 -60.84 84.59
C ILE HA 107 44.51 -61.64 84.86
N ILE HA 108 44.65 -62.64 85.72
CA ILE HA 108 43.59 -63.61 85.99
C ILE HA 108 43.77 -64.15 87.40
N PRO HA 109 42.66 -64.41 88.09
CA PRO HA 109 42.75 -65.05 89.41
C PRO HA 109 43.50 -66.37 89.33
N THR HA 110 44.17 -66.70 90.43
CA THR HA 110 44.85 -67.99 90.49
C THR HA 110 45.02 -68.39 91.94
N ASP HA 111 44.91 -69.70 92.19
CA ASP HA 111 45.20 -70.28 93.49
C ASP HA 111 46.60 -70.86 93.57
N GLU HA 112 47.35 -70.83 92.47
CA GLU HA 112 48.75 -71.23 92.49
C GLU HA 112 49.53 -70.36 93.48
N GLU HA 113 50.69 -70.87 93.87
CA GLU HA 113 51.47 -70.21 94.91
C GLU HA 113 52.49 -69.25 94.30
N VAL HA 114 52.80 -68.20 95.05
CA VAL HA 114 53.89 -67.31 94.69
C VAL HA 114 55.22 -68.04 94.89
N LEU HA 115 56.05 -68.04 93.87
CA LEU HA 115 57.35 -68.68 93.97
C LEU HA 115 58.30 -67.79 94.75
N ASP HA 116 59.00 -68.36 95.72
CA ASP HA 116 60.02 -67.59 96.41
C ASP HA 116 61.20 -67.38 95.47
N MET HA 117 62.21 -66.66 95.96
CA MET HA 117 63.26 -66.15 95.08
C MET HA 117 64.08 -67.23 94.39
N PRO HA 118 64.74 -68.17 95.09
CA PRO HA 118 65.56 -69.15 94.35
C PRO HA 118 64.74 -70.09 93.50
N THR HA 119 63.53 -70.43 93.93
CA THR HA 119 62.67 -71.28 93.11
C THR HA 119 62.27 -70.56 91.84
N LEU HA 120 62.01 -69.25 91.94
CA LEU HA 120 61.71 -68.46 90.76
C LEU HA 120 62.87 -68.49 89.78
N MET HA 121 64.11 -68.46 90.27
CA MET HA 121 65.25 -68.45 89.37
C MET HA 121 65.41 -69.78 88.62
N LYS HA 122 64.90 -70.87 89.17
CA LYS HA 122 65.02 -72.17 88.51
C LYS HA 122 64.30 -72.19 87.17
N VAL HA 123 63.34 -71.28 86.97
CA VAL HA 123 62.61 -71.16 85.70
C VAL HA 123 63.56 -70.99 84.53
N TYR HA 124 64.71 -70.35 84.76
CA TYR HA 124 65.69 -70.12 83.71
C TYR HA 124 66.65 -71.28 83.51
N GLY HA 125 66.70 -72.23 84.43
CA GLY HA 125 67.40 -73.49 84.23
C GLY HA 125 68.92 -73.41 84.13
N LYS HA 126 69.56 -72.80 85.14
CA LYS HA 126 71.00 -72.63 85.12
C LYS HA 126 71.73 -73.97 85.12
N VAL HA 127 72.57 -74.19 84.11
CA VAL HA 127 73.45 -75.35 84.05
C VAL HA 127 74.86 -74.90 84.40
N GLY HA 128 75.53 -75.68 85.25
CA GLY HA 128 76.84 -75.27 85.74
C GLY HA 128 77.93 -75.27 84.69
N GLN HA 129 78.94 -74.44 84.95
CA GLN HA 129 80.09 -74.27 84.08
C GLN HA 129 81.33 -73.86 84.88
N ALA IA 2 44.51 -34.48 125.39
CA ALA IA 2 44.66 -33.29 124.57
C ALA IA 2 45.25 -33.66 123.22
N ILE IA 3 45.13 -32.75 122.25
CA ILE IA 3 45.73 -32.96 120.94
C ILE IA 3 47.24 -32.88 121.07
N GLY IA 4 47.94 -33.83 120.45
CA GLY IA 4 49.39 -33.85 120.52
C GLY IA 4 49.99 -34.54 119.31
N LEU IA 5 51.32 -34.47 119.24
CA LEU IA 5 52.06 -35.08 118.14
C LEU IA 5 52.18 -36.58 118.39
N LYS IA 6 51.88 -37.39 117.38
CA LYS IA 6 51.98 -38.83 117.54
C LYS IA 6 52.59 -39.41 116.27
N ALA IA 7 53.58 -40.28 116.43
CA ALA IA 7 54.33 -40.85 115.31
C ALA IA 7 53.85 -42.27 114.99
N TYR IA 8 53.82 -42.59 113.70
CA TYR IA 8 53.53 -43.92 113.20
C TYR IA 8 54.76 -44.42 112.43
N PRO IA 9 55.80 -44.85 113.16
CA PRO IA 9 57.06 -45.22 112.47
C PRO IA 9 56.90 -46.34 111.47
N GLU IA 10 55.93 -47.25 111.66
CA GLU IA 10 55.79 -48.36 110.73
C GLU IA 10 55.36 -47.90 109.34
N LEU IA 11 54.78 -46.71 109.23
CA LEU IA 11 54.40 -46.12 107.95
C LEU IA 11 55.44 -45.15 107.41
N CYS IA 12 56.44 -44.81 108.21
CA CYS IA 12 57.38 -43.74 107.93
C CYS IA 12 58.41 -44.17 106.88
N HIS IA 13 58.82 -43.20 106.04
CA HIS IA 13 59.85 -43.42 105.02
C HIS IA 13 61.24 -42.96 105.47
N GLY IA 14 61.34 -42.23 106.57
CA GLY IA 14 62.59 -41.60 106.95
C GLY IA 14 62.97 -40.43 106.07
N CYS IA 15 62.00 -39.89 105.32
CA CYS IA 15 62.36 -38.96 104.25
C CYS IA 15 62.81 -37.61 104.79
N GLY IA 16 62.36 -37.24 105.99
CA GLY IA 16 62.82 -36.02 106.64
C GLY IA 16 62.03 -34.76 106.36
N ASN IA 17 60.91 -34.83 105.63
CA ASN IA 17 60.17 -33.60 105.32
C ASN IA 17 59.68 -32.91 106.58
N CYS IA 18 59.15 -33.67 107.53
CA CYS IA 18 58.64 -33.07 108.76
C CYS IA 18 59.79 -32.44 109.55
N VAL IA 19 60.92 -33.15 109.62
CA VAL IA 19 62.07 -32.68 110.38
C VAL IA 19 62.51 -31.29 109.91
N ILE IA 20 62.57 -31.12 108.59
CA ILE IA 20 63.01 -29.86 108.01
C ILE IA 20 61.90 -28.80 108.06
N ALA IA 21 60.65 -29.22 107.84
CA ALA IA 21 59.57 -28.26 107.76
C ALA IA 21 59.27 -27.61 109.11
N CYS IA 22 59.49 -28.33 110.19
CA CYS IA 22 59.14 -27.87 111.53
C CYS IA 22 59.87 -26.57 111.89
N PRO IA 23 59.15 -25.51 112.26
CA PRO IA 23 59.83 -24.25 112.59
C PRO IA 23 60.62 -24.32 113.90
N VAL IA 24 60.15 -25.08 114.88
CA VAL IA 24 60.93 -25.22 116.12
C VAL IA 24 62.29 -25.85 115.83
N ASN IA 25 62.30 -26.92 115.04
CA ASN IA 25 63.56 -27.55 114.65
C ASN IA 25 64.44 -26.57 113.87
N ALA IA 26 63.86 -25.86 112.90
CA ALA IA 26 64.62 -24.93 112.08
C ALA IA 26 65.27 -23.84 112.94
N LEU IA 27 64.51 -23.24 113.84
CA LEU IA 27 65.03 -22.16 114.67
C LEU IA 27 66.22 -22.63 115.50
N ARG IA 28 66.20 -23.88 115.95
CA ARG IA 28 67.23 -24.35 116.86
C ARG IA 28 68.45 -24.94 116.16
N SER IA 29 68.31 -25.38 114.91
CA SER IA 29 69.40 -26.01 114.19
C SER IA 29 69.49 -25.40 112.80
N PRO IA 30 70.49 -24.56 112.53
CA PRO IA 30 70.66 -24.03 111.17
C PRO IA 30 70.83 -25.13 110.13
N GLU IA 31 71.42 -26.27 110.49
CA GLU IA 31 71.53 -27.36 109.52
C GLU IA 31 70.15 -27.89 109.14
N VAL IA 32 69.26 -28.02 110.13
CA VAL IA 32 67.90 -28.48 109.85
C VAL IA 32 67.15 -27.46 108.98
N ALA IA 33 67.32 -26.17 109.28
CA ALA IA 33 66.71 -25.13 108.46
C ALA IA 33 67.12 -25.25 106.99
N GLY IA 34 68.38 -25.62 106.74
CA GLY IA 34 68.86 -25.75 105.39
C GLY IA 34 68.67 -27.14 104.79
N GLY IA 35 67.81 -27.94 105.41
CA GLY IA 35 67.43 -29.21 104.84
C GLY IA 35 68.30 -30.38 105.21
N LYS IA 36 69.32 -30.19 106.06
CA LYS IA 36 70.19 -31.27 106.48
C LYS IA 36 69.70 -31.86 107.81
N GLY IA 37 70.02 -33.13 107.99
CA GLY IA 37 69.93 -33.74 109.29
C GLY IA 37 70.96 -33.13 110.21
N PRO IA 38 70.65 -33.05 111.50
CA PRO IA 38 71.61 -32.48 112.46
C PRO IA 38 72.83 -33.38 112.63
N THR IA 39 74.01 -32.75 112.60
CA THR IA 39 75.27 -33.39 112.96
C THR IA 39 75.76 -32.96 114.34
N ASP IA 40 75.81 -31.66 114.57
CA ASP IA 40 76.02 -31.13 115.90
C ASP IA 40 74.87 -31.55 116.80
N ASP IA 41 75.18 -31.79 118.07
CA ASP IA 41 74.16 -32.17 119.03
C ASP IA 41 73.21 -31.02 119.34
N VAL IA 42 71.90 -31.26 119.18
CA VAL IA 42 70.86 -30.27 119.42
C VAL IA 42 69.65 -30.96 120.01
N GLU IA 43 68.84 -30.19 120.73
CA GLU IA 43 67.55 -30.66 121.23
C GLU IA 43 66.45 -30.11 120.33
N ILE IA 44 65.83 -31.00 119.58
CA ILE IA 44 64.73 -30.67 118.68
C ILE IA 44 63.61 -31.66 118.92
N ILE IA 45 62.46 -31.40 118.33
CA ILE IA 45 61.25 -32.15 118.67
C ILE IA 45 61.34 -33.57 118.14
N MET IA 46 61.74 -33.72 116.87
CA MET IA 46 61.80 -35.03 116.26
C MET IA 46 63.03 -35.12 115.38
N ILE IA 47 63.49 -36.35 115.17
CA ILE IA 47 64.61 -36.64 114.29
C ILE IA 47 64.29 -37.94 113.56
N VAL IA 48 64.98 -38.19 112.45
CA VAL IA 48 64.96 -39.50 111.80
C VAL IA 48 66.09 -40.33 112.38
N GLU IA 49 65.75 -41.46 113.00
CA GLU IA 49 66.72 -42.32 113.64
C GLU IA 49 66.37 -43.77 113.38
N ASP IA 50 67.40 -44.56 113.03
CA ASP IA 50 67.21 -45.92 112.54
C ASP IA 50 66.13 -45.96 111.45
N GLY IA 51 66.17 -44.97 110.56
CA GLY IA 51 65.39 -44.96 109.34
C GLY IA 51 63.99 -44.41 109.45
N VAL IA 52 63.56 -43.98 110.64
CA VAL IA 52 62.18 -43.55 110.86
C VAL IA 52 62.13 -42.35 111.80
N VAL IA 53 61.00 -41.64 111.75
CA VAL IA 53 60.81 -40.46 112.60
C VAL IA 53 60.73 -40.89 114.06
N ASN IA 54 61.33 -40.07 114.93
CA ASN IA 54 61.50 -40.43 116.34
C ASN IA 54 61.33 -39.16 117.17
N ILE IA 55 60.29 -39.13 117.99
CA ILE IA 55 59.94 -37.94 118.76
C ILE IA 55 60.82 -37.86 120.00
N LYS IA 56 61.58 -36.76 120.13
CA LYS IA 56 62.55 -36.60 121.19
C LYS IA 56 62.16 -35.61 122.28
N ASN IA 57 61.44 -34.54 121.94
CA ASN IA 57 61.09 -33.50 122.90
C ASN IA 57 59.67 -33.03 122.61
N PRO IA 58 58.67 -33.87 122.92
CA PRO IA 58 57.28 -33.50 122.54
C PRO IA 58 56.76 -32.26 123.24
N ASP IA 59 57.39 -31.85 124.35
CA ASP IA 59 56.93 -30.64 125.05
C ASP IA 59 57.17 -29.37 124.25
N LEU IA 60 58.11 -29.38 123.30
CA LEU IA 60 58.39 -28.20 122.50
C LEU IA 60 57.44 -28.05 121.33
N CYS IA 61 56.60 -29.06 121.07
CA CYS IA 61 55.67 -29.03 119.96
C CYS IA 61 54.52 -28.08 120.22
N GLY IA 62 54.33 -27.12 119.32
CA GLY IA 62 53.25 -26.14 119.41
C GLY IA 62 52.00 -26.50 118.65
N LYS IA 63 51.90 -27.71 118.12
CA LYS IA 63 50.70 -28.19 117.41
C LYS IA 63 50.25 -27.20 116.33
N CYS IA 64 51.22 -26.73 115.52
CA CYS IA 64 50.84 -25.81 114.46
C CYS IA 64 50.35 -26.57 113.22
N GLY IA 65 50.88 -27.76 112.95
CA GLY IA 65 50.40 -28.58 111.86
C GLY IA 65 51.27 -28.63 110.63
N THR IA 66 52.44 -27.98 110.64
CA THR IA 66 53.26 -27.91 109.43
C THR IA 66 53.79 -29.28 109.04
N CYS IA 67 54.35 -30.02 110.00
CA CYS IA 67 54.86 -31.36 109.70
C CYS IA 67 53.80 -32.24 109.07
N VAL IA 68 52.57 -32.13 109.56
CA VAL IA 68 51.48 -32.97 109.07
C VAL IA 68 51.26 -32.75 107.58
N GLU IA 69 51.22 -31.47 107.16
CA GLU IA 69 51.07 -31.15 105.74
C GLU IA 69 52.21 -31.72 104.92
N SER IA 70 53.43 -31.77 105.48
CA SER IA 70 54.61 -32.16 104.72
C SER IA 70 54.74 -33.67 104.57
N CYS IA 71 54.03 -34.47 105.36
CA CYS IA 71 54.09 -35.91 105.26
C CYS IA 71 53.03 -36.41 104.30
N PRO IA 72 53.40 -37.08 103.20
CA PRO IA 72 52.37 -37.60 102.30
C PRO IA 72 51.75 -38.91 102.76
N VAL IA 73 52.38 -39.63 103.70
CA VAL IA 73 51.95 -40.97 104.06
C VAL IA 73 51.37 -41.02 105.48
N ASP IA 74 50.98 -39.89 106.03
CA ASP IA 74 50.31 -39.82 107.34
C ASP IA 74 51.07 -40.60 108.41
N ALA IA 75 52.39 -40.45 108.41
CA ALA IA 75 53.22 -41.13 109.40
C ALA IA 75 53.43 -40.31 110.67
N ILE IA 76 53.13 -39.01 110.63
CA ILE IA 76 53.17 -38.14 111.80
C ILE IA 76 51.89 -37.33 111.80
N ARG IA 77 51.27 -37.20 112.98
CA ARG IA 77 49.92 -36.68 113.06
C ARG IA 77 49.73 -35.85 114.32
N LEU IA 78 48.66 -35.06 114.31
CA LEU IA 78 48.17 -34.36 115.48
C LEU IA 78 46.82 -34.95 115.84
N GLU IA 79 46.74 -35.63 116.98
CA GLU IA 79 45.49 -36.25 117.39
C GLU IA 79 45.40 -36.23 118.91
N GLU IA 80 44.27 -36.73 119.41
CA GLU IA 80 44.09 -36.90 120.84
C GLU IA 80 45.20 -37.79 121.38
N LEU IA 81 45.74 -37.41 122.54
CA LEU IA 81 46.90 -38.01 123.22
C LEU IA 81 48.16 -38.10 122.34
N THR JA 3 22.17 -27.99 134.21
CA THR JA 3 22.79 -27.52 132.99
C THR JA 3 23.13 -28.70 132.08
N THR JA 4 22.54 -28.71 130.89
CA THR JA 4 22.69 -29.80 129.94
C THR JA 4 23.46 -29.32 128.71
N GLU JA 5 24.11 -30.26 128.03
CA GLU JA 5 24.86 -29.95 126.80
C GLU JA 5 24.55 -30.99 125.74
N VAL JA 6 24.06 -30.52 124.60
CA VAL JA 6 23.80 -31.38 123.45
C VAL JA 6 24.84 -31.08 122.38
N ILE JA 7 25.42 -32.15 121.84
CA ILE JA 7 26.42 -32.10 120.78
C ILE JA 7 25.75 -32.60 119.51
N GLU JA 8 25.63 -31.74 118.50
CA GLU JA 8 25.14 -32.16 117.19
C GLU JA 8 26.17 -31.76 116.14
N GLY JA 9 26.93 -32.74 115.68
CA GLY JA 9 28.06 -32.47 114.81
C GLY JA 9 29.23 -31.93 115.60
N LYS JA 10 29.78 -30.80 115.17
CA LYS JA 10 30.86 -30.12 115.87
C LYS JA 10 30.38 -28.93 116.67
N ASN JA 11 29.08 -28.64 116.62
CA ASN JA 11 28.48 -27.53 117.36
C ASN JA 11 28.14 -27.97 118.78
N ILE JA 12 28.06 -27.00 119.68
CA ILE JA 12 27.82 -27.23 121.09
C ILE JA 12 26.71 -26.32 121.59
N THR JA 13 25.73 -26.90 122.26
CA THR JA 13 24.66 -26.17 122.94
C THR JA 13 24.68 -26.52 124.41
N VAL JA 14 24.86 -25.50 125.25
CA VAL JA 14 24.74 -25.62 126.70
C VAL JA 14 23.47 -24.87 127.11
N GLU JA 15 22.56 -25.56 127.78
CA GLU JA 15 21.27 -24.99 128.12
C GLU JA 15 20.95 -25.24 129.59
N ARG JA 16 20.23 -24.29 130.17
CA ARG JA 16 19.78 -24.37 131.56
C ARG JA 16 18.31 -23.97 131.61
N THR JA 17 17.51 -24.79 132.27
CA THR JA 17 16.09 -24.47 132.46
C THR JA 17 15.80 -24.10 133.92
N ASN JA 21 15.28 -19.41 131.30
CA ASN JA 21 15.88 -20.31 130.32
C ASN JA 21 17.09 -19.68 129.65
N ARG JA 22 18.24 -20.35 129.76
CA ARG JA 22 19.47 -19.89 129.16
C ARG JA 22 20.00 -20.90 128.17
N ARG JA 23 20.61 -20.40 127.09
CA ARG JA 23 21.09 -21.26 126.01
C ARG JA 23 22.31 -20.60 125.37
N LEU JA 24 23.46 -21.26 125.46
CA LEU JA 24 24.68 -20.83 124.82
C LEU JA 24 24.99 -21.77 123.67
N ILE JA 25 24.99 -21.25 122.45
CA ILE JA 25 25.22 -22.05 121.24
C ILE JA 25 26.56 -21.66 120.63
N PHE JA 26 27.37 -22.67 120.35
CA PHE JA 26 28.67 -22.52 119.70
C PHE JA 26 28.58 -23.10 118.30
N GLN JA 27 28.95 -22.31 117.30
CA GLN JA 27 28.96 -22.70 115.89
C GLN JA 27 30.41 -22.91 115.46
N ASP JA 28 30.81 -24.18 115.36
CA ASP JA 28 32.19 -24.51 115.01
C ASP JA 28 32.64 -23.82 113.72
N CYS JA 29 31.77 -23.77 112.71
CA CYS JA 29 32.14 -23.25 111.40
C CYS JA 29 32.55 -21.78 111.45
N LEU JA 30 32.06 -21.02 112.42
CA LEU JA 30 32.38 -19.60 112.54
C LEU JA 30 33.58 -19.34 113.43
N CYS JA 31 34.07 -20.36 114.13
CA CYS JA 31 35.13 -20.19 115.11
C CYS JA 31 36.49 -20.08 114.42
N ALA JA 32 37.22 -19.00 114.70
CA ALA JA 32 38.57 -18.78 114.19
C ALA JA 32 39.65 -19.26 115.16
N VAL JA 33 39.25 -19.86 116.28
CA VAL JA 33 40.14 -20.47 117.26
C VAL JA 33 41.12 -19.42 117.78
N CYS JA 34 40.63 -18.22 118.06
CA CYS JA 34 41.54 -17.18 118.54
C CYS JA 34 41.84 -17.34 120.03
N GLY JA 35 40.96 -17.98 120.79
CA GLY JA 35 41.21 -18.24 122.19
C GLY JA 35 40.57 -17.26 123.16
N LEU JA 36 39.98 -16.17 122.67
CA LEU JA 36 39.53 -15.10 123.56
C LEU JA 36 38.49 -15.59 124.54
N CYS JA 37 37.59 -16.49 124.11
CA CYS JA 37 36.57 -16.98 125.02
C CYS JA 37 37.19 -17.71 126.19
N GLY JA 38 38.20 -18.54 125.92
CA GLY JA 38 38.84 -19.29 126.99
C GLY JA 38 39.50 -18.40 128.02
N GLU JA 39 40.11 -17.29 127.58
CA GLU JA 39 40.76 -16.39 128.53
C GLU JA 39 39.72 -15.63 129.36
N ILE JA 40 38.65 -15.15 128.74
CA ILE JA 40 37.71 -14.29 129.44
C ILE JA 40 36.82 -15.06 130.41
N CYS JA 41 36.63 -16.37 130.22
CA CYS JA 41 35.71 -17.14 131.03
C CYS JA 41 36.09 -17.07 132.52
N PRO JA 42 35.24 -16.51 133.37
CA PRO JA 42 35.62 -16.37 134.79
C PRO JA 42 35.78 -17.70 135.51
N VAL JA 43 35.08 -18.76 135.10
CA VAL JA 43 35.12 -20.04 135.77
C VAL JA 43 35.94 -21.08 135.00
N SER JA 44 36.73 -20.64 134.02
CA SER JA 44 37.57 -21.53 133.21
C SER JA 44 36.82 -22.74 132.69
N ALA JA 45 35.64 -22.49 132.12
CA ALA JA 45 34.79 -23.54 131.57
C ALA JA 45 35.13 -23.89 130.13
N ILE JA 46 35.94 -23.07 129.45
CA ILE JA 46 36.28 -23.29 128.05
C ILE JA 46 37.76 -23.64 127.95
N GLU JA 47 38.07 -24.68 127.18
CA GLU JA 47 39.44 -24.95 126.73
C GLU JA 47 39.45 -24.99 125.21
N VAL JA 48 40.37 -24.24 124.62
CA VAL JA 48 40.44 -24.07 123.17
C VAL JA 48 41.58 -24.93 122.63
N ASN JA 49 41.26 -25.71 121.60
CA ASN JA 49 42.23 -26.58 120.97
C ASN JA 49 43.29 -25.76 120.23
N PRO JA 50 44.42 -26.38 119.86
CA PRO JA 50 45.49 -25.62 119.19
C PRO JA 50 45.02 -24.96 117.90
N THR JA 51 45.31 -23.67 117.77
CA THR JA 51 44.84 -22.91 116.61
C THR JA 51 45.34 -23.52 115.31
N GLY JA 52 46.65 -23.73 115.20
CA GLY JA 52 47.21 -24.30 113.98
C GLY JA 52 46.59 -25.63 113.60
N ALA JA 53 46.55 -26.57 114.54
CA ALA JA 53 46.01 -27.89 114.25
C ALA JA 53 44.58 -27.80 113.76
N MET JA 54 43.76 -26.95 114.38
CA MET JA 54 42.35 -26.87 114.02
C MET JA 54 42.13 -26.22 112.65
N VAL JA 55 43.06 -25.41 112.20
CA VAL JA 55 42.92 -24.75 110.90
C VAL JA 55 43.60 -25.53 109.78
N ARG JA 56 44.75 -26.15 110.06
CA ARG JA 56 45.57 -26.76 109.02
C ARG JA 56 45.38 -28.27 108.85
N THR JA 57 44.79 -28.97 109.82
CA THR JA 57 44.68 -30.42 109.73
C THR JA 57 43.24 -30.84 109.98
N GLU JA 58 42.91 -32.04 109.51
CA GLU JA 58 41.61 -32.61 109.82
C GLU JA 58 41.59 -33.13 111.24
N GLN JA 59 40.56 -32.69 111.98
CA GLN JA 59 40.26 -33.05 113.34
C GLN JA 59 38.75 -33.03 113.40
N GLU JA 60 38.14 -34.05 113.99
CA GLU JA 60 36.70 -33.98 114.14
C GLU JA 60 36.27 -33.63 115.57
N LYS JA 61 37.23 -33.41 116.48
CA LYS JA 61 36.90 -32.62 117.66
C LYS JA 61 36.41 -31.24 117.25
N SER JA 62 35.58 -30.66 118.10
CA SER JA 62 35.25 -29.26 117.96
C SER JA 62 36.46 -28.40 118.30
N LYS JA 63 36.44 -27.15 117.83
CA LYS JA 63 37.54 -26.25 118.10
C LYS JA 63 37.64 -25.89 119.58
N ILE JA 64 36.51 -25.86 120.29
CA ILE JA 64 36.54 -25.60 121.72
C ILE JA 64 35.76 -26.71 122.42
N ALA JA 65 35.97 -26.81 123.73
CA ALA JA 65 35.18 -27.65 124.60
C ALA JA 65 34.65 -26.79 125.74
N ILE JA 66 33.37 -26.96 126.07
CA ILE JA 66 32.73 -26.23 127.16
C ILE JA 66 32.29 -27.23 128.21
N ASP JA 67 32.65 -26.96 129.46
CA ASP JA 67 32.29 -27.81 130.58
C ASP JA 67 30.95 -27.35 131.14
N GLU JA 68 29.94 -28.22 131.07
CA GLU JA 68 28.61 -27.86 131.57
C GLU JA 68 28.63 -27.61 133.07
N ASN JA 69 29.38 -28.43 133.81
CA ASN JA 69 29.29 -28.42 135.26
C ASN JA 69 29.85 -27.14 135.86
N LYS JA 70 30.76 -26.46 135.15
CA LYS JA 70 31.32 -25.20 135.61
C LYS JA 70 30.69 -23.99 134.95
N CYS JA 71 30.14 -24.13 133.74
CA CYS JA 71 29.55 -23.02 133.02
C CYS JA 71 28.38 -22.44 133.80
N VAL JA 72 28.44 -21.15 134.12
CA VAL JA 72 27.36 -20.45 134.80
C VAL JA 72 26.53 -19.59 133.85
N LEU JA 73 26.75 -19.74 132.54
CA LEU JA 73 25.98 -19.03 131.50
C LEU JA 73 25.85 -17.54 131.78
N CYS JA 74 26.99 -16.88 131.98
CA CYS JA 74 26.97 -15.43 132.14
C CYS JA 74 27.02 -14.69 130.82
N GLY JA 75 27.62 -15.28 129.79
CA GLY JA 75 27.61 -14.71 128.46
C GLY JA 75 28.75 -13.79 128.12
N MET JA 76 29.84 -13.81 128.88
CA MET JA 76 31.00 -12.99 128.53
C MET JA 76 31.67 -13.51 127.27
N CYS JA 77 31.81 -14.83 127.15
CA CYS JA 77 32.42 -15.40 125.95
C CYS JA 77 31.65 -15.01 124.71
N SER JA 78 30.31 -15.02 124.79
CA SER JA 78 29.48 -14.62 123.67
C SER JA 78 29.70 -13.15 123.33
N SER JA 79 29.83 -12.28 124.33
CA SER JA 79 30.05 -10.86 124.06
C SER JA 79 31.41 -10.61 123.42
N ILE JA 80 32.46 -11.28 123.90
CA ILE JA 80 33.80 -10.95 123.44
C ILE JA 80 34.07 -11.47 122.04
N CYS JA 81 33.46 -12.59 121.64
CA CYS JA 81 33.79 -13.30 120.40
C CYS JA 81 33.74 -12.40 119.17
N PRO JA 82 34.88 -12.12 118.54
CA PRO JA 82 34.87 -11.26 117.35
C PRO JA 82 34.28 -11.93 116.13
N PHE JA 83 34.01 -13.24 116.18
CA PHE JA 83 33.58 -13.99 115.02
C PHE JA 83 32.14 -14.48 115.11
N GLN JA 84 31.40 -14.02 116.12
CA GLN JA 84 29.99 -14.35 116.27
C GLN JA 84 29.76 -15.86 116.36
N ALA JA 85 30.76 -16.60 116.83
CA ALA JA 85 30.67 -18.05 116.94
C ALA JA 85 30.02 -18.51 118.24
N LEU JA 86 29.83 -17.61 119.20
CA LEU JA 86 29.22 -17.94 120.49
C LEU JA 86 28.04 -17.00 120.72
N ASP JA 87 26.86 -17.57 120.95
CA ASP JA 87 25.65 -16.79 121.17
C ASP JA 87 24.92 -17.27 122.40
N LEU JA 88 24.75 -16.37 123.38
CA LEU JA 88 23.92 -16.64 124.54
C LEU JA 88 22.53 -16.10 124.30
N GLN JA 89 21.53 -16.91 124.59
CA GLN JA 89 20.13 -16.55 124.40
C GLN JA 89 19.40 -16.63 125.74
N ILE JA 90 18.54 -15.66 125.99
CA ILE JA 90 17.76 -15.62 127.22
C ILE JA 90 16.29 -15.49 126.87
N ASP JA 91 15.53 -16.55 127.11
CA ASP JA 91 14.08 -16.55 126.96
C ASP JA 91 13.40 -16.06 125.66
N GLY JA 92 13.74 -16.59 124.48
CA GLY JA 92 15.03 -17.13 124.12
C GLY JA 92 15.57 -16.16 123.08
N THR JA 93 15.98 -14.98 123.53
CA THR JA 93 16.48 -13.93 122.66
C THR JA 93 17.97 -13.72 122.92
N SER JA 94 18.69 -13.42 121.85
CA SER JA 94 20.15 -13.32 121.92
C SER JA 94 20.57 -12.03 122.62
N ILE JA 95 21.69 -12.12 123.35
CA ILE JA 95 22.04 -11.04 124.28
C ILE JA 95 22.42 -9.77 123.54
N LYS JA 96 22.81 -9.88 122.28
CA LYS JA 96 23.11 -8.69 121.49
C LYS JA 96 21.89 -7.78 121.33
N GLU JA 97 20.67 -8.33 121.46
CA GLU JA 97 19.47 -7.50 121.49
C GLU JA 97 19.13 -6.97 122.87
N LEU JA 98 19.83 -7.40 123.93
CA LEU JA 98 19.54 -6.97 125.28
C LEU JA 98 20.54 -5.90 125.71
N ALA JA 99 20.03 -4.72 126.09
CA ALA JA 99 20.91 -3.62 126.46
C ALA JA 99 21.62 -3.85 127.78
N GLU JA 100 21.09 -4.72 128.65
CA GLU JA 100 21.76 -4.96 129.92
C GLU JA 100 23.06 -5.73 129.72
N TYR JA 101 23.19 -6.49 128.64
CA TYR JA 101 24.43 -7.19 128.38
C TYR JA 101 25.38 -6.30 127.59
N PRO JA 102 26.58 -6.04 128.10
CA PRO JA 102 27.54 -5.24 127.34
C PRO JA 102 27.87 -5.89 126.01
N LYS JA 103 28.02 -5.05 124.99
CA LYS JA 103 28.25 -5.52 123.64
C LYS JA 103 29.47 -4.82 123.06
N ILE JA 104 30.26 -5.58 122.31
CA ILE JA 104 31.43 -5.04 121.64
C ILE JA 104 30.99 -4.16 120.47
N ILE JA 105 31.67 -3.03 120.30
CA ILE JA 105 31.27 -2.00 119.33
C ILE JA 105 32.09 -2.16 118.06
N LYS JA 106 31.41 -2.35 116.93
CA LYS JA 106 32.02 -2.60 115.64
C LYS JA 106 30.97 -2.29 114.58
N SER JA 107 31.44 -2.06 113.35
CA SER JA 107 30.50 -1.77 112.28
C SER JA 107 31.17 -1.95 110.92
N ALA JA 108 30.33 -2.18 109.91
CA ALA JA 108 30.76 -2.31 108.53
C ALA JA 108 29.60 -1.90 107.65
N GLU JA 109 29.78 -0.86 106.83
CA GLU JA 109 28.67 -0.36 106.02
C GLU JA 109 29.16 0.05 104.64
N ILE JA 110 28.23 -0.03 103.69
CA ILE JA 110 28.46 0.41 102.32
C ILE JA 110 27.36 1.42 101.98
N ASP JA 111 27.77 2.60 101.55
CA ASP JA 111 26.85 3.61 101.03
C ASP JA 111 26.45 3.20 99.62
N ASP JA 112 25.20 2.73 99.47
CA ASP JA 112 24.78 2.09 98.24
C ASP JA 112 24.65 3.04 97.06
N GLU JA 113 24.46 4.35 97.30
CA GLU JA 113 24.40 5.25 96.16
C GLU JA 113 25.78 5.70 95.69
N THR JA 114 26.75 5.78 96.59
CA THR JA 114 28.13 6.03 96.16
C THR JA 114 28.71 4.83 95.46
N CYS JA 115 28.36 3.63 95.93
CA CYS JA 115 28.83 2.38 95.34
C CYS JA 115 28.53 2.32 93.84
N ILE JA 116 29.53 1.89 93.07
CA ILE JA 116 29.39 1.74 91.63
C ILE JA 116 29.43 0.28 91.19
N GLN JA 117 29.34 -0.65 92.15
CA GLN JA 117 29.16 -2.07 91.87
C GLN JA 117 30.35 -2.69 91.14
N CYS JA 118 31.58 -2.29 91.50
CA CYS JA 118 32.75 -2.85 90.84
C CYS JA 118 33.11 -4.25 91.34
N LYS JA 119 32.65 -4.62 92.54
CA LYS JA 119 32.83 -5.93 93.18
C LYS JA 119 34.24 -6.18 93.72
N ALA JA 120 35.09 -5.14 93.83
CA ALA JA 120 36.40 -5.35 94.42
C ALA JA 120 36.30 -5.85 95.85
N CYS JA 121 35.35 -5.29 96.62
CA CYS JA 121 35.21 -5.67 98.02
C CYS JA 121 34.68 -7.09 98.15
N GLU JA 122 33.76 -7.48 97.26
CA GLU JA 122 33.29 -8.86 97.24
C GLU JA 122 34.46 -9.83 97.09
N THR JA 123 35.37 -9.54 96.15
CA THR JA 123 36.56 -10.35 95.96
C THR JA 123 37.51 -10.24 97.15
N ALA JA 124 37.65 -9.04 97.72
CA ALA JA 124 38.66 -8.80 98.75
C ALA JA 124 38.28 -9.38 100.10
N CYS JA 125 36.98 -9.49 100.40
CA CYS JA 125 36.51 -9.89 101.72
C CYS JA 125 37.06 -11.26 102.12
N PRO JA 126 37.92 -11.33 103.15
CA PRO JA 126 38.49 -12.63 103.53
C PRO JA 126 37.48 -13.60 104.12
N GLN JA 127 36.29 -13.13 104.49
CA GLN JA 127 35.26 -13.98 105.07
C GLN JA 127 34.08 -14.23 104.14
N ASP JA 128 34.15 -13.76 102.89
CA ASP JA 128 33.05 -13.85 101.93
C ASP JA 128 31.74 -13.31 102.50
N ALA JA 129 31.84 -12.20 103.25
CA ALA JA 129 30.66 -11.63 103.87
C ALA JA 129 29.87 -10.73 102.94
N ILE JA 130 30.45 -10.31 101.82
CA ILE JA 130 29.86 -9.30 100.96
C ILE JA 130 29.23 -9.96 99.73
N THR JA 131 28.01 -9.52 99.41
CA THR JA 131 27.38 -9.79 98.13
C THR JA 131 27.22 -8.46 97.39
N ILE JA 132 27.72 -8.40 96.16
CA ILE JA 132 27.52 -7.27 95.26
C ILE JA 132 26.85 -7.79 94.00
N THR JA 133 25.67 -7.27 93.69
CA THR JA 133 24.96 -7.59 92.47
C THR JA 133 25.06 -6.42 91.50
N ARG JA 134 25.01 -6.72 90.21
CA ARG JA 134 24.92 -5.66 89.21
C ARG JA 134 24.23 -6.17 87.95
N GLU JA 135 23.31 -5.36 87.44
CA GLU JA 135 22.58 -5.66 86.20
C GLU JA 135 23.21 -4.85 85.07
N LEU JA 136 23.88 -5.53 84.16
CA LEU JA 136 24.47 -4.81 83.05
C LEU JA 136 23.48 -4.71 81.89
N PRO JA 137 23.67 -3.74 81.00
CA PRO JA 137 22.76 -3.64 79.85
C PRO JA 137 22.90 -4.84 78.94
N GLU JA 138 21.84 -5.08 78.17
CA GLU JA 138 21.94 -6.10 77.13
C GLU JA 138 22.84 -5.63 76.00
N ARG JA 139 23.50 -6.60 75.37
CA ARG JA 139 24.43 -6.33 74.30
C ARG JA 139 23.76 -5.55 73.18
N LYS JA 140 22.57 -6.01 72.78
CA LYS JA 140 21.81 -5.36 71.71
C LYS JA 140 21.69 -3.86 71.92
N ASP JA 141 21.58 -3.42 73.18
CA ASP JA 141 21.29 -2.02 73.46
C ASP JA 141 22.51 -1.13 73.38
N LEU JA 142 23.70 -1.69 73.17
CA LEU JA 142 24.90 -0.88 73.04
C LEU JA 142 25.47 -0.89 71.63
N VAL JA 143 24.69 -1.37 70.66
CA VAL JA 143 25.11 -1.42 69.26
C VAL JA 143 23.87 -1.17 68.39
N THR JA 144 24.11 -0.75 67.16
CA THR JA 144 23.02 -0.55 66.20
C THR JA 144 23.50 -0.86 64.79
N GLY JA 145 22.62 -1.45 64.00
CA GLY JA 145 22.91 -1.77 62.62
C GLY JA 145 21.72 -2.45 62.00
N GLU JA 146 21.82 -2.64 60.68
CA GLU JA 146 20.86 -3.43 59.93
C GLU JA 146 21.60 -4.60 59.31
N ILE JA 147 20.94 -5.75 59.25
CA ILE JA 147 21.51 -6.92 58.61
C ILE JA 147 20.39 -7.79 58.07
N GLU JA 148 20.53 -8.19 56.83
CA GLU JA 148 19.58 -9.07 56.15
C GLU JA 148 20.37 -10.03 55.27
N ILE JA 149 19.92 -11.27 55.20
CA ILE JA 149 20.57 -12.25 54.34
C ILE JA 149 19.57 -12.71 53.29
N ASP JA 150 19.90 -12.54 52.03
CA ASP JA 150 19.07 -13.03 50.93
C ASP JA 150 19.36 -14.51 50.77
N LYS JA 151 18.41 -15.34 51.23
CA LYS JA 151 18.63 -16.78 51.26
C LYS JA 151 18.54 -17.43 49.89
N ASP JA 152 17.87 -16.80 48.91
CA ASP JA 152 17.91 -17.38 47.59
C ASP JA 152 19.26 -17.14 46.93
N THR JA 153 19.88 -15.99 47.19
CA THR JA 153 21.25 -15.79 46.71
C THR JA 153 22.21 -16.72 47.46
N CYS JA 154 21.94 -16.94 48.74
CA CYS JA 154 22.80 -17.77 49.58
C CYS JA 154 22.97 -19.18 49.01
N ILE JA 155 24.23 -19.63 48.96
CA ILE JA 155 24.56 -20.98 48.51
C ILE JA 155 24.98 -21.87 49.67
N TYR JA 156 24.87 -21.37 50.91
CA TYR JA 156 25.09 -22.17 52.11
C TYR JA 156 26.51 -22.73 52.17
N CYS JA 157 27.50 -21.88 51.88
CA CYS JA 157 28.88 -22.34 51.97
C CYS JA 157 29.37 -22.39 53.41
N GLY JA 158 28.65 -21.78 54.35
CA GLY JA 158 28.97 -21.87 55.76
C GLY JA 158 30.05 -20.93 56.26
N MET JA 159 30.71 -20.17 55.37
CA MET JA 159 31.85 -19.38 55.78
C MET JA 159 31.45 -18.24 56.71
N CYS JA 160 30.28 -17.65 56.50
CA CYS JA 160 29.85 -16.59 57.41
C CYS JA 160 29.57 -17.16 58.79
N GLU JA 161 28.95 -18.34 58.85
CA GLU JA 161 28.71 -18.99 60.12
C GLU JA 161 30.01 -19.25 60.87
N GLU JA 162 31.03 -19.69 60.14
CA GLU JA 162 32.33 -19.96 60.75
C GLU JA 162 33.00 -18.66 61.22
N MET JA 163 33.01 -17.64 60.37
CA MET JA 163 33.78 -16.43 60.66
C MET JA 163 33.12 -15.54 61.70
N CYS JA 164 31.80 -15.63 61.89
CA CYS JA 164 31.11 -14.75 62.81
C CYS JA 164 31.71 -14.89 64.20
N PRO JA 165 32.34 -13.85 64.74
CA PRO JA 165 33.09 -14.00 65.99
C PRO JA 165 32.21 -14.11 67.22
N VAL JA 166 30.90 -13.87 67.10
CA VAL JA 166 29.97 -14.04 68.21
C VAL JA 166 28.94 -15.13 67.92
N ASP JA 167 29.15 -15.91 66.86
CA ASP JA 167 28.22 -16.99 66.47
C ASP JA 167 26.77 -16.49 66.41
N ALA JA 168 26.58 -15.34 65.76
CA ALA JA 168 25.22 -14.84 65.61
C ALA JA 168 24.48 -15.49 64.45
N ILE JA 169 25.19 -16.06 63.50
CA ILE JA 169 24.58 -16.67 62.34
C ILE JA 169 24.40 -18.15 62.58
N GLU JA 170 23.27 -18.69 62.11
CA GLU JA 170 22.93 -20.10 62.28
C GLU JA 170 22.40 -20.65 60.96
N ILE JA 171 22.88 -21.84 60.59
CA ILE JA 171 22.47 -22.50 59.36
C ILE JA 171 21.87 -23.86 59.71
N ASP JA 172 20.71 -24.15 59.12
CA ASP JA 172 20.05 -25.45 59.32
C ASP JA 172 20.60 -26.45 58.31
N HIS JA 173 21.78 -26.98 58.62
CA HIS JA 173 22.43 -27.99 57.79
C HIS JA 173 21.60 -29.27 57.73
N GLN JA 174 21.80 -30.03 56.66
CA GLN JA 174 21.20 -31.36 56.54
C GLN JA 174 21.99 -32.16 55.52
N THR JA 175 21.79 -33.47 55.55
CA THR JA 175 22.20 -34.32 54.45
C THR JA 175 21.13 -34.27 53.35
N PRO JA 176 21.51 -34.07 52.09
CA PRO JA 176 20.51 -34.01 51.02
C PRO JA 176 19.82 -35.35 50.82
N SER JA 177 18.61 -35.27 50.30
CA SER JA 177 17.85 -36.41 49.81
C SER JA 177 17.27 -36.03 48.46
N SER JA 178 16.78 -37.05 47.72
CA SER JA 178 16.18 -36.75 46.43
C SER JA 178 14.94 -35.86 46.59
N ALA JA 179 14.27 -35.95 47.72
CA ALA JA 179 13.13 -35.08 47.98
C ALA JA 179 13.59 -33.66 48.34
N SER JA 180 14.69 -33.53 49.05
CA SER JA 180 15.22 -32.24 49.49
C SER JA 180 16.69 -32.15 49.09
N PRO JA 181 16.98 -31.86 47.78
CA PRO JA 181 18.37 -31.91 47.28
C PRO JA 181 19.17 -30.65 47.58
N VAL JA 182 19.31 -30.32 48.87
CA VAL JA 182 20.05 -29.14 49.29
C VAL JA 182 20.82 -29.48 50.56
N VAL JA 183 21.92 -28.74 50.80
CA VAL JA 183 22.76 -28.98 51.97
C VAL JA 183 22.32 -28.19 53.20
N ALA JA 184 21.29 -27.36 53.07
CA ALA JA 184 20.75 -26.63 54.20
C ALA JA 184 19.39 -26.07 53.81
N THR JA 185 18.52 -25.90 54.81
CA THR JA 185 17.16 -25.44 54.55
C THR JA 185 16.89 -24.02 55.03
N ASP JA 186 17.80 -23.40 55.78
CA ASP JA 186 17.55 -22.06 56.29
C ASP JA 186 18.85 -21.47 56.80
N ILE JA 187 18.87 -20.14 56.92
CA ILE JA 187 19.98 -19.41 57.53
C ILE JA 187 19.40 -18.19 58.23
N ARG JA 188 19.95 -17.87 59.41
CA ARG JA 188 19.40 -16.82 60.26
C ARG JA 188 20.51 -16.03 60.94
N VAL JA 189 20.22 -14.76 61.22
CA VAL JA 189 21.06 -13.92 62.07
C VAL JA 189 20.29 -13.59 63.33
N ASP JA 190 20.92 -13.84 64.49
CA ASP JA 190 20.34 -13.51 65.79
C ASP JA 190 20.78 -12.09 66.12
N GLU JA 191 19.84 -11.14 66.02
CA GLU JA 191 20.19 -9.74 66.19
C GLU JA 191 20.54 -9.41 67.64
N ASP JA 192 20.09 -10.24 68.58
CA ASP JA 192 20.47 -10.08 69.98
C ASP JA 192 21.97 -10.28 70.19
N LYS JA 193 22.63 -10.98 69.28
CA LYS JA 193 24.05 -11.25 69.39
C LYS JA 193 24.90 -10.40 68.46
N CYS JA 194 24.39 -10.08 67.28
CA CYS JA 194 25.16 -9.33 66.29
C CYS JA 194 25.68 -8.02 66.86
N VAL JA 195 26.97 -7.76 66.66
CA VAL JA 195 27.59 -6.49 67.00
C VAL JA 195 28.03 -5.73 65.76
N HIS JA 196 27.60 -6.18 64.58
CA HIS JA 196 27.79 -5.47 63.31
C HIS JA 196 29.25 -5.14 63.03
N CYS JA 197 30.10 -6.17 63.09
CA CYS JA 197 31.49 -5.98 62.76
C CYS JA 197 31.74 -6.00 61.25
N GLY JA 198 30.82 -6.60 60.49
CA GLY JA 198 30.91 -6.58 59.04
C GLY JA 198 31.63 -7.75 58.42
N ILE JA 199 32.14 -8.68 59.22
CA ILE JA 199 33.00 -9.74 58.69
C ILE JA 199 32.22 -10.63 57.70
N CYS JA 200 31.01 -11.04 58.08
CA CYS JA 200 30.25 -11.97 57.27
C CYS JA 200 30.05 -11.44 55.85
N LYS JA 201 29.66 -10.16 55.76
CA LYS JA 201 29.39 -9.56 54.45
C LYS JA 201 30.65 -9.51 53.59
N ARG JA 202 31.82 -9.31 54.20
CA ARG JA 202 33.06 -9.27 53.43
C ARG JA 202 33.49 -10.67 52.97
N ILE JA 203 33.19 -11.70 53.75
CA ILE JA 203 33.64 -13.05 53.38
C ILE JA 203 32.65 -13.77 52.46
N CYS JA 204 31.40 -13.34 52.41
CA CYS JA 204 30.38 -13.97 51.59
C CYS JA 204 30.80 -13.99 50.12
N PRO JA 205 30.96 -15.17 49.51
CA PRO JA 205 31.45 -15.21 48.11
C PRO JA 205 30.43 -14.75 47.09
N VAL JA 206 29.15 -14.65 47.44
CA VAL JA 206 28.10 -14.30 46.48
C VAL JA 206 27.37 -13.02 46.88
N ASP JA 207 27.94 -12.25 47.82
CA ASP JA 207 27.35 -10.99 48.29
C ASP JA 207 25.86 -11.12 48.59
N ALA JA 208 25.53 -12.11 49.42
CA ALA JA 208 24.15 -12.36 49.82
C ALA JA 208 23.78 -11.65 51.12
N ILE JA 209 24.74 -11.02 51.80
CA ILE JA 209 24.49 -10.40 53.09
C ILE JA 209 24.58 -8.90 52.92
N MET JA 210 23.52 -8.19 53.30
CA MET JA 210 23.52 -6.74 53.40
C MET JA 210 23.67 -6.41 54.87
N GLN JA 211 24.69 -5.63 55.22
CA GLN JA 211 24.93 -5.27 56.61
C GLN JA 211 25.56 -3.89 56.72
N VAL JA 212 24.99 -3.03 57.59
CA VAL JA 212 25.42 -1.65 57.84
C VAL JA 212 25.55 -1.49 59.34
N CYS JA 213 26.68 -0.99 59.80
CA CYS JA 213 26.69 -0.48 61.17
C CYS JA 213 26.22 0.97 61.22
N ARG JA 214 25.42 1.31 62.24
CA ARG JA 214 24.88 2.64 62.38
C ARG JA 214 25.52 3.46 63.50
N ILE JA 215 26.52 2.90 64.20
CA ILE JA 215 27.05 3.52 65.42
C ILE JA 215 27.47 4.97 65.16
N CYS JA 216 28.33 5.20 64.17
CA CYS JA 216 28.83 6.56 63.98
C CYS JA 216 27.74 7.55 63.55
N PRO JA 217 26.89 7.27 62.56
CA PRO JA 217 25.87 8.28 62.23
C PRO JA 217 24.76 8.41 63.25
N TYR JA 218 24.26 7.32 63.81
CA TYR JA 218 23.08 7.38 64.66
C TYR JA 218 23.32 6.99 66.10
N GLY JA 219 24.58 6.78 66.51
CA GLY JA 219 24.86 6.29 67.86
C GLY JA 219 24.37 7.21 68.97
N GLU JA 220 24.34 8.52 68.71
CA GLU JA 220 23.83 9.44 69.72
C GLU JA 220 22.37 9.11 70.06
N TYR JA 221 21.58 8.69 69.08
CA TYR JA 221 20.15 8.56 69.33
C TYR JA 221 19.73 7.14 69.67
N GLU JA 222 20.26 6.18 68.92
CA GLU JA 222 19.87 4.78 69.04
C GLU JA 222 20.55 4.02 70.17
N ILE JA 223 21.72 4.46 70.66
CA ILE JA 223 22.42 3.76 71.75
C ILE JA 223 22.30 4.61 73.00
N LYS JA 224 21.51 4.17 73.97
CA LYS JA 224 21.40 4.88 75.23
C LYS JA 224 22.62 4.58 76.11
N THR JA 225 23.14 5.62 76.76
CA THR JA 225 24.33 5.46 77.58
C THR JA 225 24.00 4.58 78.78
N PRO JA 226 24.82 3.58 79.08
CA PRO JA 226 24.44 2.61 80.12
C PRO JA 226 24.53 3.18 81.52
N GLU JA 227 23.46 3.00 82.29
CA GLU JA 227 23.47 3.21 83.72
C GLU JA 227 23.36 1.86 84.40
N VAL JA 228 24.35 1.52 85.22
CA VAL JA 228 24.51 0.19 85.78
C VAL JA 228 23.97 0.19 87.20
N THR JA 229 22.99 -0.68 87.48
CA THR JA 229 22.37 -0.78 88.79
C THR JA 229 22.83 -2.03 89.54
N GLY JA 230 22.55 -2.03 90.84
CA GLY JA 230 22.82 -3.16 91.69
C GLY JA 230 22.74 -2.75 93.15
N THR JA 231 23.02 -3.71 94.03
CA THR JA 231 22.97 -3.45 95.46
C THR JA 231 24.11 -4.17 96.16
N SER JA 232 24.19 -3.98 97.48
CA SER JA 232 25.23 -4.54 98.32
C SER JA 232 24.61 -5.17 99.56
N TYR JA 233 25.33 -6.12 100.16
CA TYR JA 233 24.90 -6.74 101.40
C TYR JA 233 26.11 -7.24 102.15
N ILE JA 234 26.22 -6.84 103.42
CA ILE JA 234 27.28 -7.31 104.31
C ILE JA 234 26.63 -8.24 105.32
N ASP JA 235 27.01 -9.52 105.27
CA ASP JA 235 26.49 -10.50 106.21
C ASP JA 235 27.03 -10.20 107.60
N PRO JA 236 26.19 -9.75 108.54
CA PRO JA 236 26.73 -9.34 109.85
C PRO JA 236 27.27 -10.48 110.67
N GLU JA 237 26.94 -11.73 110.31
CA GLU JA 237 27.46 -12.86 111.08
C GLU JA 237 28.82 -13.30 110.54
N LEU JA 238 28.99 -13.27 109.20
CA LEU JA 238 30.29 -13.57 108.62
C LEU JA 238 31.26 -12.40 108.78
N CYS JA 239 30.74 -11.18 108.85
CA CYS JA 239 31.60 -10.00 108.87
C CYS JA 239 32.43 -9.93 110.14
N VAL JA 240 33.69 -9.50 109.98
CA VAL JA 240 34.70 -9.57 111.03
C VAL JA 240 35.40 -8.23 111.23
N ASN JA 241 35.10 -7.24 110.38
CA ASN JA 241 35.59 -5.87 110.53
C ASN JA 241 37.10 -5.76 110.35
N CYS JA 242 37.65 -6.51 109.39
CA CYS JA 242 39.06 -6.32 109.06
C CYS JA 242 39.29 -5.02 108.32
N GLY JA 243 38.33 -4.57 107.52
CA GLY JA 243 38.46 -3.31 106.82
C GLY JA 243 38.96 -3.42 105.38
N TRP JA 244 39.13 -4.63 104.86
CA TRP JA 244 39.56 -4.80 103.47
C TRP JA 244 38.67 -4.06 102.49
N CYS JA 245 37.34 -4.13 102.69
CA CYS JA 245 36.41 -3.45 101.80
C CYS JA 245 36.63 -1.94 101.84
N GLN JA 246 36.76 -1.37 103.04
CA GLN JA 246 37.02 0.04 103.20
C GLN JA 246 38.25 0.48 102.40
N GLU JA 247 39.33 -0.30 102.46
CA GLU JA 247 40.57 0.13 101.82
C GLU JA 247 40.62 -0.20 100.33
N ILE JA 248 39.97 -1.28 99.89
CA ILE JA 248 40.03 -1.65 98.48
C ILE JA 248 39.09 -0.82 97.62
N CYS JA 249 38.09 -0.19 98.20
CA CYS JA 249 37.04 0.49 97.44
C CYS JA 249 37.57 1.68 96.67
N PRO JA 250 37.44 1.72 95.34
CA PRO JA 250 37.97 2.86 94.57
C PRO JA 250 37.20 4.16 94.77
N VAL JA 251 36.00 4.12 95.35
CA VAL JA 251 35.18 5.31 95.52
C VAL JA 251 34.86 5.59 96.99
N ASP JA 252 35.61 5.00 97.92
CA ASP JA 252 35.44 5.21 99.37
C ASP JA 252 33.96 5.09 99.79
N ALA JA 253 33.28 4.08 99.26
CA ALA JA 253 31.89 3.84 99.62
C ALA JA 253 31.72 2.95 100.84
N ALA JA 254 32.79 2.32 101.32
CA ALA JA 254 32.73 1.38 102.43
C ALA JA 254 33.42 1.96 103.67
N THR JA 255 32.78 1.80 104.82
CA THR JA 255 33.30 2.32 106.09
C THR JA 255 33.21 1.25 107.17
N VAL JA 256 34.31 1.07 107.90
CA VAL JA 256 34.43 0.03 108.92
C VAL JA 256 35.09 0.61 110.16
N THR JA 257 34.56 0.24 111.33
CA THR JA 257 35.17 0.52 112.62
C THR JA 257 35.42 -0.79 113.35
N LYS JA 258 36.51 -0.87 114.11
CA LYS JA 258 36.90 -2.11 114.74
C LYS JA 258 36.70 -2.10 116.25
N PRO JA 259 36.56 -3.27 116.87
CA PRO JA 259 36.33 -3.33 118.33
C PRO JA 259 37.58 -3.14 119.17
N PHE JA 260 38.70 -3.67 118.71
CA PHE JA 260 39.93 -3.68 119.50
C PHE JA 260 40.95 -2.74 118.88
N GLU JA 261 41.75 -2.13 119.75
CA GLU JA 261 42.93 -1.39 119.35
C GLU JA 261 44.17 -2.12 119.88
N GLY JA 262 45.24 -2.12 119.11
CA GLY JA 262 46.39 -2.86 119.55
C GLY JA 262 47.63 -2.71 118.68
N GLU JA 263 48.55 -3.65 118.86
CA GLU JA 263 49.83 -3.68 118.18
C GLU JA 263 50.09 -5.08 117.64
N LEU JA 264 50.80 -5.13 116.52
CA LEU JA 264 51.39 -6.37 116.03
C LEU JA 264 52.91 -6.23 116.05
N ILE JA 265 53.60 -7.23 116.60
CA ILE JA 265 55.06 -7.23 116.64
C ILE JA 265 55.55 -8.59 116.15
N ILE JA 266 56.41 -8.57 115.13
CA ILE JA 266 56.94 -9.76 114.49
C ILE JA 266 58.46 -9.72 114.56
N ASP JA 267 59.07 -10.85 114.94
CA ASP JA 267 60.53 -11.01 114.91
C ASP JA 267 60.89 -11.82 113.69
N GLN JA 268 61.41 -11.13 112.67
CA GLN JA 268 61.73 -11.77 111.39
C GLN JA 268 62.72 -12.91 111.54
N ASP JA 269 63.64 -12.84 112.51
CA ASP JA 269 64.67 -13.87 112.63
C ASP JA 269 64.18 -15.09 113.40
N THR JA 270 63.28 -14.91 114.37
CA THR JA 270 62.69 -16.07 115.02
C THR JA 270 61.77 -16.82 114.06
N CYS JA 271 61.07 -16.08 113.21
CA CYS JA 271 60.18 -16.65 112.21
C CYS JA 271 60.93 -17.61 111.28
N GLN JA 272 60.38 -18.82 111.11
CA GLN JA 272 60.93 -19.83 110.21
C GLN JA 272 59.99 -20.12 109.05
N ALA JA 273 58.95 -19.29 108.86
CA ALA JA 273 58.13 -19.30 107.65
C ALA JA 273 57.41 -20.62 107.43
N CYS JA 274 56.89 -21.21 108.51
CA CYS JA 274 56.10 -22.43 108.36
C CYS JA 274 54.72 -22.15 107.74
N GLU JA 275 54.31 -20.89 107.67
CA GLU JA 275 53.09 -20.35 107.03
C GLU JA 275 51.85 -20.53 107.90
N THR JA 276 51.97 -21.04 109.13
CA THR JA 276 50.78 -21.28 109.95
C THR JA 276 49.97 -20.00 110.19
N CYS JA 277 50.63 -18.95 110.69
CA CYS JA 277 49.91 -17.72 111.00
C CYS JA 277 49.24 -17.15 109.76
N VAL JA 278 49.90 -17.28 108.60
CA VAL JA 278 49.33 -16.79 107.35
C VAL JA 278 48.02 -17.49 107.06
N MET JA 279 47.98 -18.81 107.23
CA MET JA 279 46.75 -19.57 107.02
C MET JA 279 45.74 -19.33 108.15
N VAL JA 280 46.23 -19.06 109.36
CA VAL JA 280 45.35 -18.87 110.51
C VAL JA 280 44.60 -17.55 110.43
N CYS JA 281 45.27 -16.48 110.01
CA CYS JA 281 44.73 -15.13 110.01
C CYS JA 281 43.38 -15.03 109.31
N PRO JA 282 42.29 -14.79 110.04
CA PRO JA 282 40.98 -14.67 109.40
C PRO JA 282 40.77 -13.35 108.70
N CYS JA 283 41.66 -12.38 108.88
CA CYS JA 283 41.55 -11.08 108.25
C CYS JA 283 42.56 -10.87 107.13
N ASN JA 284 43.38 -11.89 106.84
CA ASN JA 284 44.34 -11.86 105.74
C ASN JA 284 45.32 -10.69 105.90
N VAL JA 285 45.83 -10.56 107.12
CA VAL JA 285 46.79 -9.52 107.50
C VAL JA 285 48.20 -9.89 107.04
N LEU JA 286 48.54 -11.17 107.05
CA LEU JA 286 49.91 -11.64 106.94
C LEU JA 286 50.14 -12.28 105.58
N SER JA 287 51.33 -12.09 105.02
CA SER JA 287 51.60 -12.63 103.70
C SER JA 287 53.09 -12.90 103.53
N PHE JA 288 53.41 -13.69 102.51
CA PHE JA 288 54.75 -14.01 102.05
C PHE JA 288 54.96 -13.30 100.72
N PRO JA 289 55.51 -12.08 100.70
CA PRO JA 289 55.75 -11.41 99.43
C PRO JA 289 56.67 -12.23 98.53
N LYS JA 290 56.27 -12.38 97.27
CA LYS JA 290 57.15 -12.98 96.27
C LYS JA 290 58.13 -11.93 95.76
N PRO JA 291 59.41 -12.26 95.63
CA PRO JA 291 60.36 -11.27 95.11
C PRO JA 291 60.01 -10.90 93.67
N GLU JA 292 60.17 -9.63 93.36
CA GLU JA 292 59.73 -9.13 92.05
C GLU JA 292 60.73 -9.44 90.95
N LYS JA 293 62.02 -9.46 91.27
CA LYS JA 293 63.08 -9.75 90.32
C LYS JA 293 64.02 -10.80 90.89
N PRO JA 294 64.72 -11.54 90.03
CA PRO JA 294 65.69 -12.53 90.53
C PRO JA 294 66.81 -11.85 91.30
N GLY JA 295 67.19 -12.46 92.42
CA GLY JA 295 68.22 -11.92 93.28
C GLY JA 295 67.72 -10.96 94.33
N GLU JA 296 66.51 -10.43 94.18
CA GLU JA 296 65.95 -9.52 95.16
C GLU JA 296 65.44 -10.29 96.37
N LYS JA 297 65.49 -9.63 97.53
CA LYS JA 297 64.94 -10.21 98.75
C LYS JA 297 63.77 -9.38 99.27
N THR JA 298 62.95 -10.06 100.06
CA THR JA 298 61.71 -9.54 100.60
C THR JA 298 61.72 -9.79 102.10
N THR JA 299 60.88 -9.05 102.82
CA THR JA 299 60.72 -9.34 104.24
C THR JA 299 60.03 -10.69 104.41
N LYS JA 300 60.55 -11.50 105.33
CA LYS JA 300 60.10 -12.88 105.47
C LYS JA 300 58.61 -12.98 105.75
N LEU JA 301 58.11 -12.20 106.73
CA LEU JA 301 56.69 -12.23 107.07
C LEU JA 301 56.18 -10.78 107.11
N HIS JA 302 55.29 -10.47 106.18
CA HIS JA 302 54.79 -9.11 105.98
C HIS JA 302 53.41 -8.96 106.61
N LYS JA 303 53.20 -7.85 107.30
CA LYS JA 303 51.92 -7.51 107.89
C LYS JA 303 51.43 -6.19 107.32
N ASP JA 304 50.12 -5.98 107.44
CA ASP JA 304 49.50 -4.68 107.18
C ASP JA 304 48.42 -4.53 108.25
N GLU JA 305 48.73 -3.78 109.32
CA GLU JA 305 47.80 -3.72 110.44
C GLU JA 305 46.50 -3.00 110.11
N ARG JA 306 46.38 -2.39 108.93
CA ARG JA 306 45.11 -1.81 108.53
C ARG JA 306 43.99 -2.83 108.58
N PHE JA 307 44.31 -4.09 108.34
CA PHE JA 307 43.32 -5.16 108.28
C PHE JA 307 43.26 -5.99 109.57
N CYS JA 308 44.04 -5.62 110.57
CA CYS JA 308 44.17 -6.39 111.80
C CYS JA 308 43.09 -6.02 112.81
N ILE JA 309 42.58 -7.03 113.51
CA ILE JA 309 41.59 -6.82 114.57
C ILE JA 309 42.08 -7.25 115.93
N TYR JA 310 43.34 -7.73 116.05
CA TYR JA 310 43.96 -8.05 117.32
C TYR JA 310 43.21 -9.15 118.06
N CYS JA 311 42.72 -10.14 117.32
CA CYS JA 311 42.08 -11.28 117.96
C CYS JA 311 43.08 -12.22 118.60
N GLY JA 312 44.34 -12.19 118.17
CA GLY JA 312 45.39 -12.96 118.80
C GLY JA 312 45.59 -14.37 118.29
N ALA JA 313 44.91 -14.76 117.21
CA ALA JA 313 44.98 -16.14 116.74
C ALA JA 313 46.36 -16.48 116.16
N CYS JA 314 47.01 -15.50 115.51
CA CYS JA 314 48.33 -15.77 114.94
C CYS JA 314 49.35 -16.06 116.03
N GLU JA 315 49.43 -15.18 117.03
CA GLU JA 315 50.31 -15.41 118.18
C GLU JA 315 50.06 -16.79 118.77
N ARG JA 316 48.79 -17.15 118.96
CA ARG JA 316 48.44 -18.43 119.55
C ARG JA 316 48.93 -19.60 118.70
N SER JA 317 48.96 -19.43 117.38
CA SER JA 317 49.31 -20.53 116.49
C SER JA 317 50.81 -20.69 116.30
N CYS JA 318 51.60 -19.66 116.58
CA CYS JA 318 53.01 -19.68 116.25
C CYS JA 318 53.80 -20.51 117.26
N PRO JA 319 54.41 -21.63 116.85
CA PRO JA 319 55.10 -22.49 117.80
C PRO JA 319 56.45 -21.97 118.27
N VAL JA 320 56.97 -20.91 117.67
CA VAL JA 320 58.22 -20.30 118.12
C VAL JA 320 57.98 -18.90 118.70
N THR JA 321 56.73 -18.53 118.93
CA THR JA 321 56.32 -17.21 119.40
C THR JA 321 57.14 -16.10 118.73
N ALA JA 322 57.15 -16.13 117.40
CA ALA JA 322 57.82 -15.10 116.63
C ALA JA 322 56.93 -13.90 116.36
N ILE JA 323 55.64 -14.00 116.66
CA ILE JA 323 54.68 -12.92 116.44
C ILE JA 323 53.82 -12.79 117.69
N THR JA 324 53.74 -11.57 118.21
CA THR JA 324 52.98 -11.30 119.42
C THR JA 324 52.02 -10.14 119.20
N VAL JA 325 50.91 -10.19 119.93
CA VAL JA 325 49.79 -9.26 119.78
C VAL JA 325 49.60 -8.53 121.09
N LYS JA 326 49.55 -7.19 121.02
CA LYS JA 326 49.18 -6.35 122.14
C LYS JA 326 47.82 -5.72 121.90
N ARG JA 327 47.15 -5.35 122.99
CA ARG JA 327 45.75 -4.93 122.95
C ARG JA 327 45.54 -3.82 123.96
N ASN JA 328 45.38 -2.59 123.48
CA ASN JA 328 45.28 -1.41 124.37
C ASN JA 328 43.86 -1.13 124.82
N ARG JA 329 42.89 -1.29 123.92
CA ARG JA 329 41.54 -0.81 124.15
C ARG JA 329 40.56 -1.84 123.61
N ILE JA 330 39.48 -2.06 124.34
CA ILE JA 330 38.37 -2.88 123.88
C ILE JA 330 37.14 -2.01 123.98
N ASN JA 331 36.58 -1.64 122.82
CA ASN JA 331 35.44 -0.72 122.78
C ASN JA 331 34.15 -1.50 123.03
N THR JA 332 33.44 -1.11 124.09
CA THR JA 332 32.21 -1.76 124.52
C THR JA 332 31.15 -0.71 124.82
N THR JA 333 29.89 -1.14 124.80
CA THR JA 333 28.81 -0.39 125.40
C THR JA 333 29.06 -0.28 126.91
N PRO JA 334 28.41 0.65 127.60
CA PRO JA 334 28.71 0.83 129.03
C PRO JA 334 28.60 -0.47 129.80
N ILE JA 335 29.59 -0.72 130.65
CA ILE JA 335 29.64 -1.88 131.53
C ILE JA 335 29.40 -1.41 132.95
N ARG JA 336 28.52 -2.10 133.66
CA ARG JA 336 28.22 -1.76 135.04
C ARG JA 336 28.66 -2.82 136.03
N SER JA 337 28.47 -4.09 135.70
CA SER JA 337 29.01 -5.16 136.52
C SER JA 337 30.52 -5.00 136.68
N LYS JA 338 30.98 -5.13 137.92
CA LYS JA 338 32.41 -5.13 138.17
C LYS JA 338 33.06 -6.44 137.75
N ALA JA 339 32.30 -7.54 137.77
CA ALA JA 339 32.82 -8.80 137.24
C ALA JA 339 33.12 -8.68 135.75
N TRP JA 340 32.22 -8.04 135.00
CA TRP JA 340 32.43 -7.86 133.57
C TRP JA 340 33.60 -6.92 133.30
N LYS JA 341 33.73 -5.85 134.10
CA LYS JA 341 34.80 -4.89 133.91
C LYS JA 341 36.17 -5.54 134.10
N ASN JA 342 36.30 -6.41 135.10
CA ASN JA 342 37.58 -7.06 135.35
C ASN JA 342 37.90 -8.10 134.28
N ALA JA 343 36.88 -8.80 133.78
CA ALA JA 343 37.11 -9.81 132.75
C ALA JA 343 37.58 -9.15 131.45
N PHE JA 344 36.91 -8.08 131.04
CA PHE JA 344 37.32 -7.37 129.83
C PHE JA 344 38.70 -6.73 130.00
N ASP JA 345 39.01 -6.23 131.19
CA ASP JA 345 40.32 -5.62 131.42
C ASP JA 345 41.44 -6.66 131.41
N SER JA 346 41.13 -7.92 131.73
CA SER JA 346 42.17 -8.94 131.76
C SER JA 346 42.65 -9.31 130.36
N LEU JA 347 41.89 -8.96 129.33
CA LEU JA 347 42.31 -9.19 127.96
C LEU JA 347 43.18 -8.07 127.40
N LEU JA 348 43.44 -7.03 128.19
CA LEU JA 348 44.31 -5.97 127.74
C LEU JA 348 45.77 -6.31 128.00
N LYS JA 349 46.62 -5.93 127.06
CA LYS JA 349 48.05 -6.14 127.16
C LYS JA 349 48.78 -5.14 126.25
N GLU KA 2 117.20 67.47 45.47
CA GLU KA 2 117.90 67.08 46.70
C GLU KA 2 117.17 67.18 48.01
N TYR KA 3 117.16 66.04 48.70
CA TYR KA 3 116.67 66.00 50.06
C TYR KA 3 117.59 65.14 50.90
N ILE KA 4 117.76 65.56 52.14
CA ILE KA 4 118.48 64.79 53.13
C ILE KA 4 117.60 64.64 54.37
N ILE KA 5 117.37 63.41 54.82
CA ILE KA 5 116.50 63.10 55.95
C ILE KA 5 117.41 62.64 57.09
N LYS KA 6 117.52 63.46 58.14
CA LYS KA 6 118.61 63.28 59.08
C LYS KA 6 118.11 62.78 60.44
N ASN KA 7 118.90 61.87 61.02
CA ASN KA 7 118.80 61.46 62.41
C ASN KA 7 117.48 60.77 62.75
N GLY KA 8 116.83 60.12 61.79
CA GLY KA 8 115.65 59.35 62.08
C GLY KA 8 115.97 57.91 62.45
N PHE KA 9 115.10 57.30 63.28
CA PHE KA 9 115.19 55.88 63.58
C PHE KA 9 114.57 55.14 62.40
N VAL KA 10 115.40 54.58 61.53
CA VAL KA 10 114.93 54.02 60.28
C VAL KA 10 114.57 52.54 60.47
N TYR KA 11 113.40 52.16 60.00
CA TYR KA 11 112.92 50.78 60.01
C TYR KA 11 112.70 50.32 58.57
N CYS KA 12 113.53 49.38 58.11
CA CYS KA 12 113.43 48.84 56.76
C CYS KA 12 113.76 47.36 56.81
N PRO KA 13 112.74 46.50 56.96
CA PRO KA 13 113.00 45.07 57.13
C PRO KA 13 113.70 44.42 55.94
N LEU KA 14 113.47 44.93 54.72
CA LEU KA 14 114.07 44.31 53.53
C LEU KA 14 115.57 44.36 53.58
N ASN KA 15 116.13 45.45 54.10
CA ASN KA 15 117.56 45.61 54.27
C ASN KA 15 118.00 45.35 55.71
N GLY KA 16 117.15 44.70 56.50
CA GLY KA 16 117.52 44.27 57.84
C GLY KA 16 117.88 45.37 58.80
N VAL KA 17 117.38 46.59 58.60
CA VAL KA 17 117.66 47.70 59.51
C VAL KA 17 116.49 47.84 60.47
N ASP KA 18 116.77 47.78 61.77
CA ASP KA 18 115.77 47.66 62.82
C ASP KA 18 115.98 48.79 63.83
N GLY KA 19 115.64 50.00 63.44
CA GLY KA 19 115.64 51.12 64.36
C GLY KA 19 116.95 51.87 64.51
N GLU KA 20 117.95 51.60 63.67
CA GLU KA 20 119.18 52.36 63.76
C GLU KA 20 119.01 53.82 63.32
N LYS KA 21 119.74 54.74 64.00
CA LYS KA 21 119.84 56.10 63.47
C LYS KA 21 120.63 56.11 62.19
N MET KA 22 120.10 56.83 61.23
CA MET KA 22 120.66 56.62 59.94
C MET KA 22 120.01 57.64 59.02
N ASP KA 23 120.81 58.14 58.10
CA ASP KA 23 120.40 59.17 57.16
C ASP KA 23 120.01 58.59 55.82
N ILE KA 24 118.91 59.09 55.24
CA ILE KA 24 118.45 58.65 53.93
C ILE KA 24 118.53 59.85 53.00
N CYS KA 25 119.22 59.66 51.87
CA CYS KA 25 119.47 60.72 50.91
C CYS KA 25 118.65 60.46 49.66
N VAL KA 26 118.13 61.54 49.07
CA VAL KA 26 117.20 61.46 47.96
C VAL KA 26 117.60 62.46 46.89
N LYS KA 27 117.54 62.01 45.64
CA LYS KA 27 117.88 62.83 44.49
C LYS KA 27 117.00 62.45 43.32
N ASP KA 28 116.26 63.43 42.79
CA ASP KA 28 115.42 63.29 41.61
C ASP KA 28 114.56 62.03 41.68
N GLY KA 29 113.77 61.95 42.75
CA GLY KA 29 112.79 60.88 42.92
C GLY KA 29 113.34 59.51 43.25
N LYS KA 30 114.62 59.39 43.55
CA LYS KA 30 115.22 58.12 43.92
C LYS KA 30 116.04 58.29 45.20
N ILE KA 31 116.20 57.18 45.92
CA ILE KA 31 117.08 57.14 47.08
C ILE KA 31 118.48 56.77 46.61
N VAL KA 32 119.47 57.56 47.01
CA VAL KA 32 120.80 57.49 46.41
C VAL KA 32 121.87 57.32 47.49
N GLU KA 33 123.10 57.14 47.01
CA GLU KA 33 124.31 57.01 47.82
C GLU KA 33 124.49 58.19 48.77
N SER KA 34 124.74 59.36 48.20
CA SER KA 34 124.97 60.59 48.94
C SER KA 34 124.55 61.75 48.05
N VAL KA 35 124.37 62.92 48.68
CA VAL KA 35 123.93 64.11 47.96
C VAL KA 35 124.87 65.27 48.27
N SER KA 36 124.82 66.29 47.42
CA SER KA 36 125.61 67.49 47.62
C SER KA 36 125.23 68.15 48.95
N ASP KA 37 126.15 68.93 49.48
CA ASP KA 37 125.95 69.48 50.82
C ASP KA 37 125.01 70.69 50.85
N SER KA 38 124.49 71.14 49.70
CA SER KA 38 123.44 72.16 49.73
C SER KA 38 122.05 71.53 49.66
N ALA KA 39 121.97 70.20 49.72
CA ALA KA 39 120.68 69.51 49.69
C ALA KA 39 119.83 69.95 50.88
N LYS KA 40 118.52 69.96 50.66
CA LYS KA 40 117.60 70.49 51.67
C LYS KA 40 117.41 69.48 52.80
N VAL KA 41 117.35 69.98 54.04
CA VAL KA 41 117.39 69.12 55.22
C VAL KA 41 115.97 68.82 55.69
N ILE KA 42 115.72 67.54 55.98
CA ILE KA 42 114.51 67.09 56.65
C ILE KA 42 114.96 66.56 58.00
N ASP KA 43 114.49 67.19 59.08
CA ASP KA 43 114.93 66.83 60.42
C ASP KA 43 114.00 65.74 60.95
N ALA KA 44 114.53 64.53 61.09
CA ALA KA 44 113.77 63.40 61.61
C ALA KA 44 114.24 62.99 63.00
N SER KA 45 114.89 63.90 63.73
CA SER KA 45 115.33 63.61 65.09
C SER KA 45 114.16 63.20 65.97
N GLY KA 46 114.34 62.10 66.71
CA GLY KA 46 113.28 61.62 67.57
C GLY KA 46 112.07 61.10 66.83
N LYS KA 47 112.24 60.66 65.58
CA LYS KA 47 111.11 60.26 64.76
C LYS KA 47 111.44 58.99 64.01
N ILE KA 48 110.40 58.29 63.61
CA ILE KA 48 110.52 57.04 62.87
C ILE KA 48 110.42 57.35 61.38
N VAL KA 49 111.28 56.73 60.57
CA VAL KA 49 111.21 56.83 59.11
C VAL KA 49 111.13 55.43 58.52
N MET KA 50 110.15 55.22 57.68
CA MET KA 50 109.81 53.95 57.08
C MET KA 50 109.65 54.16 55.59
N PRO KA 51 109.68 53.10 54.80
CA PRO KA 51 109.28 53.23 53.40
C PRO KA 51 107.81 53.58 53.32
N GLY KA 52 107.44 54.26 52.24
CA GLY KA 52 106.04 54.56 52.00
C GLY KA 52 105.21 53.29 52.04
N GLY KA 53 104.05 53.33 52.69
CA GLY KA 53 103.23 52.15 52.81
C GLY KA 53 102.79 51.62 51.45
N VAL KA 54 102.52 50.31 51.42
CA VAL KA 54 102.12 49.63 50.19
C VAL KA 54 100.93 48.72 50.50
N ASP KA 55 99.75 49.16 50.09
CA ASP KA 55 98.51 48.43 50.39
C ASP KA 55 98.26 47.38 49.33
N PRO KA 56 98.28 46.09 49.67
CA PRO KA 56 98.12 45.04 48.65
C PRO KA 56 96.68 44.70 48.30
N HIS KA 57 95.68 45.27 48.99
CA HIS KA 57 94.30 44.85 48.74
C HIS KA 57 93.34 45.93 49.27
N SER KA 58 92.76 46.69 48.36
CA SER KA 58 91.81 47.73 48.71
C SER KA 58 90.84 47.92 47.55
N HIS KA 59 89.66 48.43 47.88
CA HIS KA 59 88.61 48.70 46.90
C HIS KA 59 88.42 50.21 46.85
N ILE KA 60 89.04 50.85 45.85
CA ILE KA 60 89.20 52.30 45.84
C ILE KA 60 88.82 52.89 44.48
N ALA KA 61 88.67 52.04 43.47
CA ALA KA 61 88.49 52.55 42.11
C ALA KA 61 87.75 51.51 41.27
N GLY KA 62 86.57 51.88 40.79
CA GLY KA 62 85.85 51.03 39.87
C GLY KA 62 84.35 51.15 40.04
N ALA KA 63 83.64 50.33 39.26
CA ALA KA 63 82.17 50.38 39.24
C ALA KA 63 81.59 49.94 40.58
N LYS KA 64 82.08 48.81 41.10
CA LYS KA 64 81.59 48.26 42.36
C LYS KA 64 81.74 49.27 43.49
N VAL KA 65 82.85 50.02 43.50
CA VAL KA 65 83.08 51.04 44.52
C VAL KA 65 82.13 52.22 44.32
N ASN KA 66 81.92 52.64 43.06
CA ASN KA 66 81.17 53.85 42.81
C ASN KA 66 79.67 53.65 43.06
N VAL KA 67 79.18 52.42 42.92
CA VAL KA 67 77.82 52.13 43.40
C VAL KA 67 77.73 52.33 44.91
N GLY KA 68 78.74 51.83 45.64
CA GLY KA 68 78.76 52.04 47.07
C GLY KA 68 78.77 53.52 47.45
N ARG KA 69 79.52 54.32 46.71
CA ARG KA 69 79.49 55.77 46.98
C ARG KA 69 78.13 56.35 46.65
N MET KA 70 77.59 56.03 45.47
CA MET KA 70 76.37 56.69 45.02
C MET KA 70 75.17 56.34 45.88
N TYR KA 71 75.04 55.08 46.28
CA TYR KA 71 73.84 54.65 46.97
C TYR KA 71 73.96 54.77 48.48
N ARG KA 72 75.01 55.44 48.97
CA ARG KA 72 75.15 55.79 50.39
C ARG KA 72 75.43 57.28 50.52
N PRO KA 73 74.45 58.13 50.21
CA PRO KA 73 74.64 59.57 50.49
C PRO KA 73 74.75 59.85 51.98
N GLU KA 74 74.10 59.03 52.82
CA GLU KA 74 74.23 59.18 54.27
C GLU KA 74 75.65 58.94 54.73
N ASP KA 75 76.39 58.08 54.03
CA ASP KA 75 77.80 57.85 54.35
C ASP KA 75 78.64 59.09 54.07
N SER KA 76 78.26 59.86 53.04
CA SER KA 76 78.97 61.10 52.74
C SER KA 76 78.60 62.22 53.71
N LYS KA 77 77.33 62.36 54.05
CA LYS KA 77 76.93 63.41 54.98
C LYS KA 77 77.61 63.23 56.33
N ARG KA 78 77.92 61.98 56.67
CA ARG KA 78 78.63 61.66 57.91
C ARG KA 78 80.04 62.25 57.93
N ASP KA 79 80.67 62.40 56.76
CA ASP KA 79 82.08 62.80 56.69
C ASP KA 79 82.30 63.54 55.36
N ALA KA 80 82.12 64.86 55.39
CA ALA KA 80 82.28 65.71 54.21
C ALA KA 80 83.31 66.78 54.51
N GLU KA 81 84.26 66.95 53.59
CA GLU KA 81 85.41 67.82 53.85
C GLU KA 81 85.78 68.61 52.61
N LYS KA 82 86.38 69.78 52.87
CA LYS KA 82 87.00 70.62 51.85
C LYS KA 82 88.14 71.34 52.56
N PHE KA 83 89.36 70.90 52.31
CA PHE KA 83 90.53 71.59 52.84
C PHE KA 83 91.14 72.45 51.77
N LYS KA 84 91.46 73.69 52.15
CA LYS KA 84 91.35 74.83 51.25
C LYS KA 84 92.20 74.65 50.01
N GLY KA 85 93.36 74.01 50.17
CA GLY KA 85 94.26 73.88 49.03
C GLY KA 85 93.72 72.93 47.98
N GLY KA 86 92.87 71.97 48.37
CA GLY KA 86 92.55 70.85 47.51
C GLY KA 86 91.11 70.68 47.03
N ARG KA 87 90.78 69.45 46.64
CA ARG KA 87 89.48 69.13 46.06
C ARG KA 87 88.51 68.68 47.14
N ALA KA 88 87.23 69.04 46.97
CA ALA KA 88 86.20 68.60 47.88
C ALA KA 88 85.99 67.08 47.79
N GLY KA 89 85.41 66.54 48.85
CA GLY KA 89 85.15 65.11 48.90
C GLY KA 89 84.25 64.77 50.06
N SER KA 90 83.82 63.51 50.09
CA SER KA 90 82.94 63.02 51.14
C SER KA 90 82.94 61.50 51.12
N GLY KA 91 82.65 60.92 52.29
CA GLY KA 91 82.50 59.48 52.39
C GLY KA 91 83.35 58.86 53.49
N PHE KA 92 82.72 58.56 54.63
CA PHE KA 92 83.45 57.92 55.73
C PHE KA 92 83.97 56.54 55.31
N SER KA 93 83.08 55.64 54.93
CA SER KA 93 83.49 54.27 54.63
C SER KA 93 83.94 54.11 53.19
N VAL KA 94 83.29 54.79 52.26
CA VAL KA 94 83.69 54.73 50.86
C VAL KA 94 83.97 56.15 50.40
N PRO KA 95 85.18 56.66 50.60
CA PRO KA 95 85.47 58.05 50.23
C PRO KA 95 85.57 58.23 48.72
N SER KA 96 85.27 59.45 48.29
CA SER KA 96 85.49 59.85 46.90
C SER KA 96 86.99 59.79 46.58
N THR KA 97 87.30 59.93 45.28
CA THR KA 97 88.65 59.61 44.80
C THR KA 97 89.69 60.58 45.36
N PHE KA 98 89.42 61.88 45.30
CA PHE KA 98 90.40 62.85 45.80
C PHE KA 98 90.61 62.65 47.29
N MET KA 99 89.52 62.51 48.05
CA MET KA 99 89.64 62.17 49.46
C MET KA 99 90.43 60.89 49.66
N THR KA 100 90.22 59.90 48.80
CA THR KA 100 90.88 58.60 48.98
C THR KA 100 92.39 58.76 48.97
N GLY KA 101 92.93 59.45 47.97
CA GLY KA 101 94.37 59.61 47.87
C GLY KA 101 94.94 60.45 49.00
N TYR KA 102 94.25 61.54 49.35
CA TYR KA 102 94.68 62.35 50.48
C TYR KA 102 94.89 61.50 51.72
N ARG KA 103 93.96 60.59 51.99
CA ARG KA 103 93.96 59.87 53.26
C ARG KA 103 94.95 58.73 53.31
N TYR KA 104 95.19 58.06 52.19
CA TYR KA 104 96.35 57.18 52.14
C TYR KA 104 97.62 57.95 52.44
N ALA KA 105 97.79 59.10 51.77
CA ALA KA 105 99.00 59.91 51.92
C ALA KA 105 99.21 60.36 53.38
N GLN KA 106 98.14 60.85 54.02
CA GLN KA 106 98.26 61.36 55.38
C GLN KA 106 98.79 60.31 56.35
N MET KA 107 98.42 59.05 56.14
CA MET KA 107 98.91 57.98 57.00
C MET KA 107 100.19 57.33 56.48
N GLY KA 108 100.86 57.98 55.52
CA GLY KA 108 102.16 57.54 55.07
C GLY KA 108 102.17 56.40 54.08
N TYR KA 109 101.05 56.17 53.38
CA TYR KA 109 100.99 55.18 52.32
C TYR KA 109 101.21 55.85 50.96
N THR KA 110 101.97 55.19 50.10
CA THR KA 110 102.30 55.73 48.78
C THR KA 110 101.94 54.80 47.64
N THR KA 111 101.52 53.57 47.91
CA THR KA 111 101.12 52.61 46.89
C THR KA 111 99.90 51.84 47.37
N ALA KA 112 98.89 51.73 46.51
CA ALA KA 112 97.67 51.00 46.85
C ALA KA 112 97.11 50.32 45.61
N MET KA 113 96.71 49.07 45.76
CA MET KA 113 96.23 48.23 44.66
C MET KA 113 94.71 48.06 44.74
N GLU KA 114 94.03 48.29 43.62
CA GLU KA 114 92.61 47.98 43.51
C GLU KA 114 92.45 46.49 43.24
N ALA KA 115 91.66 45.81 44.07
CA ALA KA 115 91.73 44.36 44.18
C ALA KA 115 90.75 43.59 43.30
N ALA KA 116 89.82 44.26 42.60
CA ALA KA 116 88.84 43.51 41.79
C ALA KA 116 88.32 44.43 40.68
N MET KA 117 88.82 44.23 39.47
CA MET KA 117 88.38 45.02 38.32
C MET KA 117 87.65 44.15 37.32
N PRO KA 118 86.40 44.43 36.99
CA PRO KA 118 85.73 43.73 35.89
C PRO KA 118 86.30 44.19 34.55
N PRO KA 119 86.81 43.26 33.74
CA PRO KA 119 87.54 43.65 32.51
C PRO KA 119 86.76 44.59 31.60
N LEU KA 120 85.46 44.34 31.43
CA LEU KA 120 84.64 45.17 30.55
C LEU KA 120 84.47 46.58 31.11
N LEU KA 121 84.61 46.76 32.42
CA LEU KA 121 84.46 48.05 33.06
C LEU KA 121 85.80 48.68 33.40
N ALA KA 122 86.87 48.25 32.75
CA ALA KA 122 88.22 48.66 33.14
C ALA KA 122 88.45 50.16 32.92
N ARG KA 123 87.85 50.73 31.86
CA ARG KA 123 87.95 52.17 31.64
C ARG KA 123 87.51 52.95 32.87
N HIS KA 124 86.46 52.46 33.53
CA HIS KA 124 85.96 53.11 34.74
C HIS KA 124 87.03 53.13 35.83
N THR KA 125 87.67 51.98 36.09
CA THR KA 125 88.70 51.92 37.13
C THR KA 125 89.82 52.93 36.88
N HIS KA 126 90.35 52.97 35.66
CA HIS KA 126 91.45 53.88 35.36
C HIS KA 126 91.02 55.34 35.36
N GLU KA 127 89.77 55.64 35.02
CA GLU KA 127 89.29 57.02 35.14
C GLU KA 127 89.27 57.47 36.59
N GLU KA 128 88.85 56.59 37.51
CA GLU KA 128 88.88 56.95 38.93
C GLU KA 128 90.31 57.04 39.45
N PHE KA 129 91.22 56.22 38.92
CA PHE KA 129 92.63 56.33 39.32
C PHE KA 129 93.18 57.71 38.96
N HIS KA 130 92.83 58.21 37.77
CA HIS KA 130 93.32 59.51 37.34
C HIS KA 130 92.90 60.60 38.32
N ASP KA 131 91.73 60.46 38.94
CA ASP KA 131 91.27 61.40 39.95
C ASP KA 131 91.62 60.96 41.37
N THR KA 132 92.60 60.06 41.52
CA THR KA 132 93.08 59.64 42.83
C THR KA 132 94.49 60.17 43.03
N PRO KA 133 94.70 61.16 43.88
CA PRO KA 133 96.01 61.81 43.96
C PRO KA 133 97.08 60.95 44.62
N ILE KA 134 98.33 61.25 44.25
CA ILE KA 134 99.55 60.86 44.97
C ILE KA 134 99.92 59.41 44.78
N ILE KA 135 99.07 58.48 45.21
CA ILE KA 135 99.47 57.08 45.32
C ILE KA 135 99.75 56.49 43.96
N ASP KA 136 100.82 55.68 43.87
CA ASP KA 136 100.96 54.75 42.77
C ASP KA 136 99.98 53.60 42.95
N HIS KA 137 99.56 53.01 41.84
CA HIS KA 137 98.43 52.09 41.91
C HIS KA 137 98.50 51.07 40.79
N ALA KA 138 97.64 50.05 40.92
CA ALA KA 138 97.44 49.01 39.92
C ALA KA 138 96.08 48.37 40.18
N ALA KA 139 95.59 47.64 39.18
CA ALA KA 139 94.27 47.02 39.26
C ALA KA 139 94.38 45.52 38.97
N TYR KA 140 93.58 44.73 39.71
CA TYR KA 140 93.56 43.29 39.54
C TYR KA 140 92.33 42.90 38.72
N PRO KA 141 92.48 42.52 37.46
CA PRO KA 141 91.32 41.98 36.73
C PRO KA 141 90.90 40.63 37.28
N LEU KA 142 89.62 40.31 37.10
CA LEU KA 142 89.04 39.09 37.64
C LEU KA 142 89.07 37.97 36.61
N PHE KA 143 89.37 36.75 37.08
CA PHE KA 143 89.48 35.58 36.22
C PHE KA 143 88.69 34.37 36.68
N GLY KA 144 88.33 34.27 37.95
CA GLY KA 144 87.84 33.01 38.50
C GLY KA 144 86.50 32.57 37.98
N ASN KA 145 85.76 33.46 37.30
CA ASN KA 145 84.44 33.15 36.77
C ASN KA 145 84.34 33.60 35.32
N ASN KA 146 85.47 33.65 34.63
CA ASN KA 146 85.55 34.13 33.25
C ASN KA 146 85.22 33.00 32.28
N TRP KA 147 84.38 33.29 31.28
CA TRP KA 147 83.91 32.24 30.38
C TRP KA 147 85.05 31.64 29.56
N PHE KA 148 85.96 32.48 29.05
CA PHE KA 148 87.09 31.96 28.28
C PHE KA 148 87.98 31.08 29.15
N VAL KA 149 88.26 31.52 30.38
CA VAL KA 149 89.13 30.76 31.27
C VAL KA 149 88.48 29.41 31.60
N MET KA 150 87.18 29.41 31.89
CA MET KA 150 86.48 28.18 32.22
C MET KA 150 86.42 27.22 31.04
N GLU KA 151 86.24 27.74 29.83
CA GLU KA 151 86.22 26.87 28.64
C GLU KA 151 87.60 26.28 28.37
N TYR KA 152 88.64 27.12 28.41
CA TYR KA 152 89.99 26.65 28.10
C TYR KA 152 90.49 25.67 29.16
N LEU KA 153 90.27 25.96 30.44
CA LEU KA 153 90.84 25.11 31.49
C LEU KA 153 90.11 23.79 31.61
N LYS KA 154 88.82 23.74 31.24
CA LYS KA 154 88.14 22.46 31.20
C LYS KA 154 88.75 21.56 30.13
N GLU KA 155 89.17 22.13 29.01
CA GLU KA 155 89.80 21.36 27.95
C GLU KA 155 91.26 21.04 28.25
N GLY KA 156 91.76 21.46 29.41
CA GLY KA 156 93.15 21.26 29.76
C GLY KA 156 94.13 22.09 28.97
N ASP KA 157 93.65 23.09 28.21
CA ASP KA 157 94.50 23.87 27.32
C ASP KA 157 95.05 25.06 28.09
N VAL KA 158 96.09 24.80 28.89
CA VAL KA 158 96.66 25.86 29.72
C VAL KA 158 97.40 26.89 28.87
N ASP KA 159 97.94 26.48 27.71
CA ASP KA 159 98.61 27.44 26.83
C ASP KA 159 97.63 28.48 26.29
N ALA KA 160 96.45 28.04 25.88
CA ALA KA 160 95.48 28.99 25.34
C ALA KA 160 94.98 29.93 26.43
N CYS KA 161 94.72 29.40 27.63
CA CYS KA 161 94.31 30.24 28.75
C CYS KA 161 95.39 31.27 29.08
N ALA KA 162 96.66 30.89 28.95
CA ALA KA 162 97.75 31.84 29.20
C ALA KA 162 97.81 32.92 28.13
N ALA KA 163 97.50 32.58 26.88
CA ALA KA 163 97.43 33.60 25.84
C ALA KA 163 96.25 34.53 26.05
N TYR KA 164 95.10 33.98 26.43
CA TYR KA 164 93.95 34.83 26.76
C TYR KA 164 94.29 35.79 27.90
N ALA KA 165 94.83 35.27 29.01
CA ALA KA 165 95.21 36.12 30.12
C ALA KA 165 96.20 37.19 29.70
N SER KA 166 97.20 36.79 28.89
CA SER KA 166 98.16 37.74 28.35
C SER KA 166 97.45 38.89 27.64
N TRP KA 167 96.53 38.56 26.73
CA TRP KA 167 95.77 39.57 26.03
C TRP KA 167 94.95 40.42 26.99
N LEU KA 168 94.32 39.79 27.98
CA LEU KA 168 93.38 40.49 28.85
C LEU KA 168 94.09 41.49 29.76
N LEU KA 169 95.21 41.10 30.35
CA LEU KA 169 95.95 42.00 31.21
C LEU KA 169 96.45 43.20 30.43
N ARG KA 170 96.84 42.98 29.16
CA ARG KA 170 97.24 44.10 28.31
C ARG KA 170 96.04 44.95 27.94
N ALA KA 171 94.90 44.31 27.67
CA ALA KA 171 93.72 45.03 27.20
C ALA KA 171 93.06 45.83 28.32
N THR KA 172 93.04 45.28 29.53
CA THR KA 172 92.48 45.98 30.68
C THR KA 172 93.53 46.80 31.43
N LYS KA 173 94.78 46.76 31.01
CA LYS KA 173 95.89 47.37 31.74
C LYS KA 173 95.84 46.97 33.22
N GLY KA 174 95.92 45.67 33.45
CA GLY KA 174 95.84 45.09 34.78
C GLY KA 174 97.16 44.49 35.23
N TYR KA 175 97.17 44.00 36.47
CA TYR KA 175 98.45 43.66 37.10
C TYR KA 175 98.53 42.24 37.66
N THR KA 176 97.41 41.67 38.13
CA THR KA 176 97.44 40.32 38.69
C THR KA 176 96.21 39.54 38.28
N ILE KA 177 96.33 38.21 38.36
CA ILE KA 177 95.21 37.31 38.12
C ILE KA 177 94.41 37.15 39.41
N ILE KA 179 91.32 35.98 41.71
CA ILE KA 179 90.32 34.92 41.74
C ILE KA 179 89.37 35.13 42.93
N VAL KA 180 88.08 35.29 42.64
CA VAL KA 180 87.04 35.47 43.67
C VAL KA 180 85.98 34.41 43.48
N ASN KA 181 85.74 33.64 44.54
CA ASN KA 181 84.68 32.63 44.60
C ASN KA 181 84.62 31.88 43.26
N PRO KA 182 85.69 31.19 42.88
CA PRO KA 182 85.77 30.66 41.50
C PRO KA 182 84.64 29.70 41.20
N ALA KA 183 84.00 29.91 40.05
CA ALA KA 183 82.84 29.17 39.55
C ALA KA 183 81.54 29.58 40.24
N GLY KA 184 81.65 30.08 41.48
CA GLY KA 184 80.45 30.38 42.24
C GLY KA 184 79.72 31.61 41.75
N THR KA 185 80.45 32.63 41.32
CA THR KA 185 79.79 33.84 40.84
C THR KA 185 79.10 33.62 39.50
N GLU KA 186 79.67 32.76 38.65
CA GLU KA 186 78.96 32.34 37.44
C GLU KA 186 77.68 31.58 37.79
N ALA KA 187 77.75 30.73 38.82
CA ALA KA 187 76.53 30.08 39.29
C ALA KA 187 75.53 31.10 39.80
N TRP KA 188 76.01 32.22 40.33
CA TRP KA 188 75.13 33.31 40.75
C TRP KA 188 74.48 34.01 39.56
N GLY KA 189 75.05 33.86 38.37
CA GLY KA 189 74.39 34.31 37.16
C GLY KA 189 73.01 33.70 36.99
N TRP KA 190 72.79 32.52 37.57
CA TRP KA 190 71.47 31.89 37.63
C TRP KA 190 70.88 31.95 39.02
N GLY KA 191 71.45 32.73 39.94
CA GLY KA 191 70.92 32.84 41.27
C GLY KA 191 71.39 31.79 42.25
N GLY KA 192 72.40 31.01 41.90
CA GLY KA 192 72.92 29.98 42.75
C GLY KA 192 74.32 30.26 43.24
N ASN KA 193 75.02 29.20 43.64
CA ASN KA 193 76.38 29.31 44.16
C ASN KA 193 77.01 27.93 44.10
N VAL KA 194 78.31 27.88 44.37
CA VAL KA 194 78.99 26.60 44.53
C VAL KA 194 79.38 26.45 46.00
N HIS KA 195 79.46 25.21 46.46
CA HIS KA 195 79.79 24.91 47.84
C HIS KA 195 80.94 23.93 47.88
N GLY KA 196 82.07 24.36 48.44
CA GLY KA 196 83.29 23.58 48.41
C GLY KA 196 83.99 23.69 47.07
N ILE KA 197 85.23 23.20 47.03
CA ILE KA 197 86.08 23.39 45.87
C ILE KA 197 85.87 22.34 44.79
N TYR KA 198 85.04 21.33 45.04
CA TYR KA 198 84.76 20.30 44.06
C TYR KA 198 83.36 20.42 43.47
N ASP KA 199 82.68 21.54 43.70
CA ASP KA 199 81.33 21.73 43.23
C ASP KA 199 81.34 22.53 41.95
N PRO KA 200 80.96 21.94 40.82
CA PRO KA 200 81.08 22.65 39.53
C PRO KA 200 79.96 23.67 39.30
N ALA KA 201 80.25 24.62 38.44
CA ALA KA 201 79.29 25.62 37.98
C ALA KA 201 78.33 25.00 36.97
N PRO KA 202 77.13 25.59 36.82
CA PRO KA 202 76.22 25.12 35.77
C PRO KA 202 76.84 25.24 34.39
N TYR KA 203 76.52 24.27 33.53
CA TYR KA 203 76.98 24.19 32.14
C TYR KA 203 78.48 23.99 31.98
N PHE KA 204 79.29 24.86 32.58
CA PHE KA 204 80.72 24.87 32.25
C PHE KA 204 81.45 23.65 32.84
N ASP KA 205 80.95 23.10 33.94
CA ASP KA 205 81.33 21.76 34.39
C ASP KA 205 82.82 21.67 34.75
N ILE KA 206 83.36 22.73 35.33
CA ILE KA 206 84.73 22.75 35.83
C ILE KA 206 84.68 23.13 37.30
N THR KA 207 85.55 22.49 38.13
CA THR KA 207 85.41 22.78 39.56
C THR KA 207 86.28 23.95 39.97
N PRO KA 208 85.95 24.58 41.10
CA PRO KA 208 86.87 25.59 41.67
C PRO KA 208 88.31 25.11 41.76
N ALA KA 209 88.54 23.90 42.25
CA ALA KA 209 89.90 23.38 42.38
C ALA KA 209 90.64 23.44 41.05
N GLU KA 210 89.99 23.00 39.96
CA GLU KA 210 90.66 23.01 38.66
C GLU KA 210 90.89 24.43 38.16
N ILE KA 211 90.00 25.36 38.49
CA ILE KA 211 90.21 26.75 38.10
C ILE KA 211 91.42 27.32 38.82
N ILE KA 212 91.53 27.06 40.12
CA ILE KA 212 92.66 27.56 40.90
C ILE KA 212 93.97 26.96 40.39
N LYS KA 213 93.99 25.64 40.19
CA LYS KA 213 95.19 24.99 39.64
C LYS KA 213 95.58 25.58 38.30
N GLY KA 214 94.63 25.65 37.37
CA GLY KA 214 94.96 26.06 36.01
C GLY KA 214 95.50 27.48 35.94
N LEU KA 215 94.92 28.39 36.72
CA LEU KA 215 95.37 29.78 36.69
C LEU KA 215 96.68 29.97 37.45
N ALA KA 216 96.95 29.16 38.47
CA ALA KA 216 98.28 29.18 39.07
C ALA KA 216 99.33 28.75 38.05
N GLU KA 217 99.05 27.68 37.31
CA GLU KA 217 99.91 27.26 36.22
C GLU KA 217 100.07 28.38 35.19
N VAL KA 218 98.96 29.01 34.82
CA VAL KA 218 99.03 30.15 33.90
C VAL KA 218 99.86 31.27 34.49
N ASN KA 219 99.65 31.58 35.78
CA ASN KA 219 100.36 32.69 36.42
C ASN KA 219 101.87 32.52 36.29
N GLU KA 220 102.37 31.33 36.57
CA GLU KA 220 103.81 31.12 36.54
C GLU KA 220 104.31 30.89 35.12
N LYS KA 221 103.47 30.38 34.23
CA LYS KA 221 103.91 30.27 32.83
C LYS KA 221 104.00 31.63 32.18
N LEU KA 222 103.22 32.59 32.67
CA LEU KA 222 103.34 33.98 32.26
C LEU KA 222 104.34 34.77 33.11
N GLN KA 223 105.00 34.13 34.09
CA GLN KA 223 106.09 34.71 34.87
C GLN KA 223 105.68 36.05 35.47
N LEU KA 224 104.47 36.10 36.00
CA LEU KA 224 103.93 37.34 36.50
C LEU KA 224 104.67 37.76 37.76
N PRO KA 225 104.80 39.07 38.01
CA PRO KA 225 105.48 39.51 39.24
C PRO KA 225 104.79 39.02 40.50
N HIS KA 226 103.45 39.04 40.50
CA HIS KA 226 102.66 38.61 41.64
C HIS KA 226 102.06 37.24 41.38
N SER KA 227 101.72 36.54 42.47
CA SER KA 227 101.11 35.23 42.36
C SER KA 227 99.62 35.38 42.09
N ILE KA 228 98.93 34.23 41.94
CA ILE KA 228 97.47 34.29 41.97
C ILE KA 228 97.03 34.84 43.31
N HIS KA 229 95.92 35.56 43.30
CA HIS KA 229 95.40 36.31 44.45
C HIS KA 229 94.00 35.78 44.72
N LEU KA 230 93.86 34.89 45.69
CA LEU KA 230 92.67 34.04 45.79
C LEU KA 230 91.76 34.47 46.94
N HIS KA 231 90.51 34.75 46.59
CA HIS KA 231 89.39 34.93 47.50
C HIS KA 231 88.62 33.61 47.46
N CYS KA 232 88.59 32.90 48.58
CA CYS KA 232 88.20 31.50 48.59
C CYS KA 232 86.68 31.33 48.44
N ASN KA 233 86.28 30.10 48.09
CA ASN KA 233 84.87 29.72 48.13
C ASN KA 233 84.38 29.67 49.57
N ASP KA 234 83.05 29.66 49.70
CA ASP KA 234 82.37 29.51 51.00
C ASP KA 234 82.76 30.62 51.97
N LEU KA 235 82.94 31.82 51.46
CA LEU KA 235 83.32 32.94 52.33
C LEU KA 235 82.22 33.25 53.35
N GLY KA 236 82.66 33.53 54.58
CA GLY KA 236 81.79 34.06 55.61
C GLY KA 236 80.77 33.10 56.16
N HIS KA 237 80.95 31.79 55.98
CA HIS KA 237 79.97 30.90 56.56
C HIS KA 237 80.59 29.97 57.59
N PRO KA 238 79.89 29.73 58.70
CA PRO KA 238 80.41 28.80 59.72
C PRO KA 238 80.86 27.48 59.13
N GLY KA 239 82.02 27.01 59.57
CA GLY KA 239 82.55 25.74 59.12
C GLY KA 239 83.41 25.80 57.88
N ASN KA 240 83.64 26.98 57.31
CA ASN KA 240 84.33 27.07 56.04
C ASN KA 240 85.84 26.89 56.15
N TYR KA 241 86.38 26.80 57.36
CA TYR KA 241 87.84 26.67 57.51
C TYR KA 241 88.38 25.46 56.75
N GLU KA 242 87.59 24.38 56.63
CA GLU KA 242 88.05 23.22 55.88
C GLU KA 242 88.14 23.51 54.38
N THR KA 243 87.16 24.22 53.82
CA THR KA 243 87.27 24.65 52.42
C THR KA 243 88.51 25.51 52.21
N THR KA 244 88.85 26.34 53.20
CA THR KA 244 90.01 27.21 53.09
C THR KA 244 91.31 26.41 53.04
N LEU KA 245 91.50 25.48 53.98
CA LEU KA 245 92.73 24.71 54.02
C LEU KA 245 92.87 23.84 52.77
N ALA KA 246 91.77 23.21 52.33
CA ALA KA 246 91.80 22.43 51.10
C ALA KA 246 92.19 23.30 49.91
N SER KA 247 91.63 24.51 49.85
CA SER KA 247 91.99 25.45 48.80
C SER KA 247 93.49 25.77 48.82
N PHE KA 248 94.03 25.98 50.02
CA PHE KA 248 95.44 26.35 50.15
C PHE KA 248 96.38 25.31 49.56
N ASP KA 249 96.01 24.02 49.62
CA ASP KA 249 96.87 22.95 49.13
C ASP KA 249 96.85 22.85 47.61
N VAL KA 250 95.83 23.43 46.99
CA VAL KA 250 95.57 23.18 45.56
C VAL KA 250 96.76 23.55 44.67
N PRO KA 251 97.39 24.73 44.81
CA PRO KA 251 98.54 25.05 43.96
C PRO KA 251 99.91 24.84 44.59
N LYS KA 252 100.01 24.12 45.70
CA LYS KA 252 101.24 24.12 46.50
C LYS KA 252 102.44 23.62 45.69
N ASN KA 253 102.26 22.61 44.83
CA ASN KA 253 103.36 22.01 44.10
C ASN KA 253 103.66 22.73 42.79
N ILE KA 254 103.08 23.89 42.56
CA ILE KA 254 103.43 24.69 41.39
C ILE KA 254 104.51 25.67 41.81
N LYS KA 255 105.56 25.79 41.00
CA LYS KA 255 106.75 26.49 41.46
C LYS KA 255 106.76 27.93 41.00
N PRO KA 256 106.95 28.89 41.91
CA PRO KA 256 106.91 30.30 41.50
C PRO KA 256 108.01 30.64 40.51
N ASN KA 257 107.71 31.56 39.60
CA ASN KA 257 108.64 31.89 38.53
C ASN KA 257 108.50 33.33 38.05
N PRO KA 258 108.56 34.34 38.93
CA PRO KA 258 108.45 35.72 38.47
C PRO KA 258 109.63 36.13 37.59
N ALA KA 259 109.32 36.86 36.52
CA ALA KA 259 110.38 37.44 35.69
C ALA KA 259 110.94 38.72 36.30
N THR KA 260 110.10 39.50 36.98
CA THR KA 260 110.54 40.68 37.70
C THR KA 260 110.25 40.50 39.19
N GLY KA 261 111.15 41.02 40.03
CA GLY KA 261 110.96 40.98 41.47
C GLY KA 261 111.44 39.69 42.12
N SER KA 262 111.17 39.60 43.42
CA SER KA 262 111.77 38.59 44.29
C SER KA 262 110.75 37.63 44.89
N ARG KA 263 109.57 37.55 44.31
CA ARG KA 263 108.51 36.74 44.90
C ARG KA 263 108.93 35.28 45.01
N ASP KA 264 108.68 34.68 46.18
CA ASP KA 264 109.04 33.29 46.43
C ASP KA 264 107.84 32.44 46.79
N THR KA 265 106.62 32.92 46.52
CA THR KA 265 105.41 32.22 46.92
C THR KA 265 104.45 32.11 45.75
N VAL KA 266 103.74 31.00 45.68
CA VAL KA 266 102.83 30.79 44.55
C VAL KA 266 101.39 31.14 44.87
N LEU KA 267 101.04 31.28 46.15
CA LEU KA 267 99.66 31.52 46.54
C LEU KA 267 99.58 32.77 47.39
N TYR KA 268 98.63 33.64 47.07
CA TYR KA 268 98.29 34.79 47.92
C TYR KA 268 96.82 34.65 48.30
N ALA KA 269 96.56 34.45 49.59
CA ALA KA 269 95.20 34.33 50.11
C ALA KA 269 94.81 35.63 50.79
N THR KA 270 93.68 36.20 50.41
CA THR KA 270 93.28 37.53 50.86
C THR KA 270 92.16 37.43 51.90
N HIS KA 271 92.08 38.46 52.75
CA HIS KA 271 91.17 38.57 53.89
C HIS KA 271 90.81 37.22 54.50
N VAL KA 272 91.82 36.50 55.00
CA VAL KA 272 91.64 35.13 55.48
C VAL KA 272 90.81 35.07 56.77
N GLN KA 273 90.63 36.20 57.45
CA GLN KA 273 89.73 36.22 58.61
C GLN KA 273 88.36 35.64 58.26
N PHE KA 274 87.78 36.09 57.15
CA PHE KA 274 86.47 35.61 56.71
C PHE KA 274 86.48 34.16 56.27
N HIS KA 275 87.64 33.52 56.15
CA HIS KA 275 87.73 32.13 55.72
C HIS KA 275 88.19 31.21 56.85
N SER KA 276 88.11 31.66 58.10
CA SER KA 276 88.67 30.94 59.23
C SER KA 276 87.59 30.52 60.23
N TYR KA 277 86.38 30.28 59.75
CA TYR KA 277 85.23 30.09 60.63
C TYR KA 277 85.00 28.62 60.94
N GLY KA 278 84.71 28.35 62.22
CA GLY KA 278 84.28 27.04 62.65
C GLY KA 278 82.80 27.00 62.96
N GLY KA 279 82.39 25.89 63.57
CA GLY KA 279 80.99 25.67 63.84
C GLY KA 279 80.27 25.17 62.59
N THR KA 280 78.94 25.27 62.62
CA THR KA 280 78.12 24.94 61.47
C THR KA 280 76.96 25.89 61.23
N THR KA 281 76.46 26.59 62.26
CA THR KA 281 75.52 27.69 62.14
C THR KA 281 76.07 28.88 62.92
N TRP KA 282 75.38 30.02 62.84
CA TRP KA 282 75.83 31.19 63.60
C TRP KA 282 75.68 31.01 65.11
N ARG KA 283 74.90 30.04 65.56
CA ARG KA 283 74.70 29.88 67.00
C ARG KA 283 75.86 29.16 67.66
N ASP KA 284 76.50 28.23 66.96
CA ASP KA 284 77.67 27.53 67.46
C ASP KA 284 78.94 27.96 66.71
N PHE KA 285 78.94 29.19 66.19
CA PHE KA 285 80.04 29.73 65.41
C PHE KA 285 81.25 29.99 66.29
N VAL KA 286 82.40 29.42 65.94
CA VAL KA 286 83.60 29.50 66.77
C VAL KA 286 84.79 29.81 65.85
N SER KA 287 85.85 30.34 66.47
CA SER KA 287 87.05 30.68 65.74
C SER KA 287 87.90 29.47 65.45
N GLU KA 288 88.41 29.39 64.21
CA GLU KA 288 89.37 28.38 63.79
C GLU KA 288 90.64 29.01 63.25
N ALA KA 289 90.96 30.22 63.69
CA ALA KA 289 92.23 30.84 63.30
C ALA KA 289 93.45 30.05 63.74
N PRO KA 290 93.47 29.35 64.89
CA PRO KA 290 94.68 28.57 65.26
C PRO KA 290 95.14 27.59 64.19
N LYS KA 291 94.23 26.77 63.66
CA LYS KA 291 94.58 25.81 62.61
C LYS KA 291 95.02 26.51 61.35
N ILE KA 292 94.35 27.61 61.02
CA ILE KA 292 94.72 28.39 59.84
C ILE KA 292 96.12 28.95 60.02
N ALA KA 293 96.35 29.64 61.13
CA ALA KA 293 97.68 30.15 61.44
C ALA KA 293 98.70 29.02 61.47
N ASP KA 294 98.30 27.85 61.97
CA ASP KA 294 99.22 26.73 62.07
C ASP KA 294 99.60 26.19 60.69
N TYR KA 295 98.65 26.13 59.76
CA TYR KA 295 98.97 25.79 58.38
C TYR KA 295 99.97 26.78 57.78
N VAL KA 296 99.73 28.08 57.97
CA VAL KA 296 100.59 29.08 57.35
C VAL KA 296 102.00 28.96 57.91
N ASN KA 297 102.13 28.78 59.22
CA ASN KA 297 103.44 28.63 59.85
C ASN KA 297 104.23 27.48 59.23
N LYS KA 298 103.59 26.33 59.04
CA LYS KA 298 104.27 25.14 58.54
C LYS KA 298 104.57 25.21 57.04
N ASN KA 299 103.86 26.06 56.30
CA ASN KA 299 103.94 26.06 54.85
C ASN KA 299 104.72 27.24 54.30
N ASP KA 300 105.38 26.99 53.17
CA ASP KA 300 106.35 27.87 52.54
C ASP KA 300 105.89 28.46 51.22
N HIS KA 301 104.68 28.17 50.78
CA HIS KA 301 104.18 28.62 49.48
C HIS KA 301 103.12 29.70 49.57
N ILE KA 302 102.77 30.17 50.76
CA ILE KA 302 101.57 30.98 50.94
C ILE KA 302 101.91 32.29 51.63
N VAL KA 303 101.35 33.39 51.12
CA VAL KA 303 101.27 34.66 51.82
C VAL KA 303 99.80 35.00 52.00
N ILE KA 304 99.48 35.65 53.11
CA ILE KA 304 98.10 36.02 53.41
C ILE KA 304 98.04 37.49 53.78
N ASP KA 305 96.82 38.03 53.71
CA ASP KA 305 96.44 39.23 54.43
C ASP KA 305 95.20 38.90 55.23
N VAL KA 306 94.94 39.69 56.27
CA VAL KA 306 94.01 39.26 57.31
C VAL KA 306 92.58 39.70 57.00
N GLY KA 307 92.39 40.96 56.63
CA GLY KA 307 91.04 41.51 56.52
C GLY KA 307 90.45 41.74 57.89
N GLN KA 308 91.11 42.60 58.67
CA GLN KA 308 90.81 42.78 60.09
C GLN KA 308 89.55 43.59 60.29
N ILE KA 309 88.67 43.11 61.17
CA ILE KA 309 87.49 43.87 61.55
C ILE KA 309 87.92 45.11 62.32
N THR KA 310 87.34 46.26 61.98
CA THR KA 310 87.63 47.51 62.69
C THR KA 310 86.50 47.96 63.60
N LEU KA 311 85.39 47.22 63.66
CA LEU KA 311 84.26 47.50 64.54
C LEU KA 311 83.57 48.82 64.19
N ASP KA 312 83.34 49.04 62.91
CA ASP KA 312 82.66 50.23 62.42
C ASP KA 312 81.36 49.88 61.71
N GLU KA 313 80.52 50.90 61.51
CA GLU KA 313 79.53 50.84 60.44
C GLU KA 313 80.26 51.09 59.13
N THR KA 314 80.33 50.07 58.28
CA THR KA 314 81.05 50.21 57.02
C THR KA 314 80.21 49.70 55.86
N THR KA 315 80.83 49.55 54.69
CA THR KA 315 80.13 49.08 53.51
C THR KA 315 80.92 47.91 52.93
N THR KA 316 80.22 46.85 52.55
CA THR KA 316 80.85 45.70 51.92
C THR KA 316 80.61 45.72 50.42
N MET KA 317 81.63 45.38 49.65
CA MET KA 317 81.55 45.41 48.19
C MET KA 317 82.53 44.41 47.61
N THR KA 318 82.02 43.42 46.87
CA THR KA 318 82.84 42.31 46.41
C THR KA 318 82.36 41.80 45.06
N ALA KA 319 83.24 41.06 44.40
CA ALA KA 319 82.88 40.24 43.27
C ALA KA 319 82.19 38.95 43.68
N ASP KA 320 81.95 38.74 44.98
CA ASP KA 320 81.24 37.57 45.47
C ASP KA 320 79.75 37.89 45.56
N GLY KA 321 79.14 37.96 44.36
CA GLY KA 321 77.73 38.24 44.21
C GLY KA 321 76.79 37.42 45.10
N PRO KA 322 76.92 36.09 45.10
CA PRO KA 322 75.97 35.28 45.89
C PRO KA 322 76.10 35.52 47.39
N MET KA 323 77.30 35.78 47.89
CA MET KA 323 77.48 36.02 49.32
C MET KA 323 76.84 37.33 49.75
N GLU KA 324 76.95 38.38 48.93
CA GLU KA 324 76.32 39.65 49.30
C GLU KA 324 74.81 39.55 49.31
N TYR KA 325 74.22 38.74 48.44
CA TYR KA 325 72.79 38.49 48.53
C TYR KA 325 72.43 37.78 49.84
N ASP KA 326 73.25 36.81 50.24
CA ASP KA 326 73.04 36.15 51.51
C ASP KA 326 73.18 37.12 52.67
N LEU KA 327 74.16 38.02 52.59
CA LEU KA 327 74.35 39.01 53.65
C LEU KA 327 73.17 39.97 53.72
N HIS KA 328 72.71 40.45 52.55
CA HIS KA 328 71.50 41.27 52.50
C HIS KA 328 70.32 40.52 53.09
N SER KA 329 70.22 39.22 52.82
CA SER KA 329 69.16 38.41 53.41
C SER KA 329 69.24 38.41 54.94
N LEU KA 330 70.45 38.48 55.50
CA LEU KA 330 70.62 38.42 56.95
C LEU KA 330 70.26 39.73 57.64
N ASN KA 331 70.89 40.83 57.23
CA ASN KA 331 70.70 42.09 57.93
C ASN KA 331 69.60 42.95 57.33
N GLY KA 332 69.06 42.57 56.17
CA GLY KA 332 67.95 43.29 55.58
C GLY KA 332 68.27 44.64 55.00
N LEU KA 333 69.55 44.99 54.85
CA LEU KA 333 69.90 46.33 54.42
C LEU KA 333 70.08 46.39 52.89
N LYS KA 334 70.11 47.62 52.38
CA LYS KA 334 70.05 47.86 50.95
C LYS KA 334 71.15 47.10 50.20
N TRP KA 335 70.77 46.54 49.04
CA TRP KA 335 71.61 45.59 48.33
C TRP KA 335 71.75 45.99 46.87
N ALA KA 336 72.99 46.13 46.43
CA ALA KA 336 73.31 46.36 45.03
C ALA KA 336 73.98 45.12 44.45
N ASN KA 337 73.81 44.94 43.14
CA ASN KA 337 74.31 43.77 42.43
C ASN KA 337 74.66 44.19 41.01
N CYS KA 338 75.67 43.56 40.43
CA CYS KA 338 75.96 43.77 39.01
C CYS KA 338 76.64 42.55 38.43
N ASP KA 339 75.91 41.79 37.63
CA ASP KA 339 76.50 40.71 36.85
C ASP KA 339 77.07 41.28 35.55
N VAL KA 340 78.34 41.00 35.28
CA VAL KA 340 79.03 41.50 34.11
C VAL KA 340 79.16 40.35 33.13
N GLU KA 341 78.63 40.55 31.92
CA GLU KA 341 78.55 39.50 30.90
C GLU KA 341 79.87 38.77 30.71
N LEU KA 342 79.81 37.45 30.74
CA LEU KA 342 80.93 36.55 30.45
C LEU KA 342 82.12 36.70 31.39
N GLU KA 343 82.06 37.59 32.37
CA GLU KA 343 83.27 37.96 33.09
C GLU KA 343 83.15 37.76 34.60
N THR KA 344 82.19 38.42 35.26
CA THR KA 344 82.15 38.40 36.71
C THR KA 344 80.79 38.88 37.21
N GLY KA 345 80.68 38.98 38.53
CA GLY KA 345 79.56 39.61 39.20
C GLY KA 345 80.07 40.48 40.34
N SER KA 346 79.12 41.07 41.07
CA SER KA 346 79.48 41.91 42.19
C SER KA 346 78.24 42.23 43.01
N GLY KA 347 78.47 42.60 44.27
CA GLY KA 347 77.39 42.99 45.17
C GLY KA 347 77.89 43.96 46.22
N VAL KA 348 76.96 44.76 46.74
CA VAL KA 348 77.28 45.79 47.75
C VAL KA 348 76.18 45.83 48.79
N VAL KA 349 76.55 45.71 50.07
CA VAL KA 349 75.63 45.77 51.20
C VAL KA 349 76.31 46.46 52.37
N PRO KA 350 75.65 47.39 53.06
CA PRO KA 350 76.20 47.93 54.31
C PRO KA 350 76.20 46.89 55.40
N PHE KA 351 77.15 47.01 56.33
CA PHE KA 351 77.17 46.14 57.49
C PHE KA 351 77.69 46.91 58.71
N ILE KA 352 77.04 46.69 59.84
CA ILE KA 352 77.42 47.30 61.11
C ILE KA 352 78.13 46.23 61.93
N TYR KA 353 79.46 46.33 62.05
CA TYR KA 353 80.26 45.42 62.86
C TYR KA 353 80.23 45.90 64.31
N SER KA 354 79.13 45.61 64.99
CA SER KA 354 78.94 46.10 66.35
C SER KA 354 79.81 45.31 67.32
N ALA KA 355 80.58 46.03 68.13
CA ALA KA 355 81.42 45.38 69.14
C ALA KA 355 80.57 44.62 70.14
N ARG KA 356 79.44 45.20 70.54
CA ARG KA 356 78.53 44.55 71.47
C ARG KA 356 77.83 43.35 70.86
N ALA KA 357 77.94 43.14 69.53
CA ALA KA 357 77.29 41.98 68.95
C ALA KA 357 78.22 40.77 68.97
N PRO KA 358 77.66 39.58 69.18
CA PRO KA 358 78.52 38.40 69.37
C PRO KA 358 79.34 38.01 68.14
N VAL KA 359 78.73 38.00 66.96
CA VAL KA 359 79.45 37.54 65.77
C VAL KA 359 80.55 38.51 65.40
N PRO KA 360 80.30 39.83 65.30
CA PRO KA 360 81.42 40.74 65.02
C PRO KA 360 82.52 40.69 66.06
N ALA KA 361 82.17 40.44 67.32
CA ALA KA 361 83.17 40.28 68.37
C ALA KA 361 84.11 39.13 68.04
N VAL KA 362 83.55 37.98 67.68
CA VAL KA 362 84.37 36.82 67.32
C VAL KA 362 85.17 37.11 66.05
N GLN KA 363 84.56 37.78 65.07
CA GLN KA 363 85.28 38.12 63.84
C GLN KA 363 86.48 39.02 64.12
N TRP KA 364 86.33 39.98 65.03
CA TRP KA 364 87.47 40.79 65.45
C TRP KA 364 88.56 39.90 66.03
N ALA KA 365 88.19 38.94 66.89
CA ALA KA 365 89.17 38.07 67.53
C ALA KA 365 89.91 37.21 66.50
N ILE KA 366 89.18 36.69 65.50
CA ILE KA 366 89.80 35.80 64.52
C ILE KA 366 90.95 36.50 63.81
N GLY KA 367 90.74 37.75 63.40
CA GLY KA 367 91.80 38.47 62.73
C GLY KA 367 93.01 38.72 63.61
N MET KA 368 92.76 39.13 64.86
CA MET KA 368 93.86 39.33 65.80
C MET KA 368 94.64 38.05 66.02
N GLU KA 369 93.92 36.93 66.19
CA GLU KA 369 94.57 35.64 66.31
C GLU KA 369 95.46 35.36 65.11
N LEU KA 370 94.99 35.67 63.90
CA LEU KA 370 95.82 35.40 62.73
C LEU KA 370 97.06 36.29 62.73
N PHE KA 371 96.92 37.58 63.06
CA PHE KA 371 98.10 38.44 63.12
C PHE KA 371 99.14 37.91 64.11
N LEU KA 372 98.71 37.51 65.31
CA LEU KA 372 99.64 37.24 66.39
C LEU KA 372 100.10 35.81 66.48
N LEU KA 373 99.28 34.85 66.02
CA LEU KA 373 99.68 33.44 66.08
C LEU KA 373 100.53 33.01 64.91
N ILE KA 374 100.68 33.85 63.89
CA ILE KA 374 101.59 33.57 62.79
C ILE KA 374 102.97 34.11 63.16
N ASP KA 375 103.95 33.22 63.14
CA ASP KA 375 105.25 33.53 63.71
C ASP KA 375 106.02 34.51 62.82
N ASN KA 376 105.99 34.30 61.50
CA ASN KA 376 106.83 35.07 60.61
C ASN KA 376 106.03 36.19 59.99
N PRO KA 377 106.33 37.46 60.30
CA PRO KA 377 105.59 38.56 59.65
C PRO KA 377 105.78 38.61 58.14
N GLU KA 378 106.83 37.97 57.60
CA GLU KA 378 107.03 37.94 56.16
C GLU KA 378 105.94 37.17 55.42
N LYS KA 379 105.05 36.49 56.14
CA LYS KA 379 103.96 35.74 55.55
C LYS KA 379 102.60 36.44 55.65
N VAL KA 380 102.54 37.67 56.18
CA VAL KA 380 101.26 38.32 56.44
C VAL KA 380 101.34 39.80 56.06
N CYS KA 381 100.20 40.33 55.61
CA CYS KA 381 100.06 41.74 55.26
C CYS KA 381 98.90 42.34 56.05
N LEU KA 382 98.99 43.64 56.32
CA LEU KA 382 97.93 44.35 57.04
C LEU KA 382 96.86 44.82 56.06
N THR KA 383 95.64 44.31 56.22
CA THR KA 383 94.53 44.71 55.38
C THR KA 383 93.25 44.77 56.21
N THR KA 384 92.30 45.57 55.69
CA THR KA 384 90.92 45.59 56.16
C THR KA 384 89.96 45.16 55.06
N ASP KA 385 90.48 44.53 54.01
CA ASP KA 385 89.76 44.36 52.75
C ASP KA 385 88.94 45.61 52.45
N SER KA 386 89.57 46.75 52.62
CA SER KA 386 88.90 48.04 52.69
C SER KA 386 87.93 48.24 51.53
N PRO KA 387 86.67 48.57 51.85
CA PRO KA 387 86.07 48.83 53.16
C PRO KA 387 85.34 47.64 53.81
N ASN KA 388 85.53 46.43 53.28
CA ASN KA 388 84.66 45.31 53.63
C ASN KA 388 84.68 45.01 55.13
N ALA KA 389 85.87 44.96 55.73
CA ALA KA 389 85.96 44.79 57.18
C ALA KA 389 86.12 46.11 57.92
N GLY KA 390 86.38 47.19 57.18
CA GLY KA 390 86.52 48.51 57.74
C GLY KA 390 87.29 49.39 56.77
N PRO KA 391 87.15 50.70 56.91
CA PRO KA 391 87.87 51.61 56.01
C PRO KA 391 89.37 51.58 56.28
N PHE KA 392 90.15 51.83 55.23
CA PHE KA 392 91.59 51.83 55.37
C PHE KA 392 92.08 52.94 56.30
N THR KA 393 91.20 53.90 56.62
CA THR KA 393 91.51 54.92 57.61
C THR KA 393 91.86 54.33 58.96
N ARG KA 394 91.55 53.06 59.19
CA ARG KA 394 91.73 52.41 60.48
C ARG KA 394 92.95 51.50 60.57
N TYR KA 395 93.81 51.48 59.55
CA TYR KA 395 95.08 50.77 59.70
C TYR KA 395 95.86 51.22 60.93
N PRO KA 396 95.94 52.52 61.26
CA PRO KA 396 96.63 52.90 62.51
C PRO KA 396 96.04 52.26 63.75
N ARG KA 397 94.70 52.12 63.83
CA ARG KA 397 94.08 51.47 64.97
C ARG KA 397 94.41 49.97 65.01
N VAL KA 398 94.53 49.33 63.86
CA VAL KA 398 94.92 47.93 63.83
C VAL KA 398 96.36 47.78 64.31
N ILE KA 399 97.24 48.67 63.85
CA ILE KA 399 98.63 48.67 64.34
C ILE KA 399 98.66 48.79 65.86
N ALA KA 400 97.94 49.78 66.40
CA ALA KA 400 97.88 49.97 67.85
C ALA KA 400 97.40 48.70 68.55
N TRP KA 401 96.35 48.06 68.03
CA TRP KA 401 95.88 46.81 68.60
C TRP KA 401 96.98 45.76 68.62
N LEU KA 402 97.77 45.69 67.56
CA LEU KA 402 98.80 44.66 67.48
C LEU KA 402 99.96 44.95 68.41
N MET KA 403 100.29 46.22 68.60
CA MET KA 403 101.43 46.61 69.42
C MET KA 403 101.12 46.72 70.90
N SER KA 404 99.89 46.50 71.33
CA SER KA 404 99.50 46.76 72.71
C SER KA 404 98.48 45.70 73.11
N ASN KA 405 98.92 44.72 73.91
CA ASN KA 405 97.98 43.81 74.53
C ASN KA 405 97.11 44.50 75.58
N LYS KA 406 97.52 45.68 76.04
CA LYS KA 406 96.63 46.46 76.87
C LYS KA 406 95.43 46.95 76.06
N TYR KA 407 95.70 47.72 74.99
CA TYR KA 407 94.66 48.17 74.07
C TYR KA 407 93.66 47.05 73.78
N ARG KA 408 94.17 45.85 73.56
CA ARG KA 408 93.28 44.73 73.25
C ARG KA 408 92.39 44.40 74.44
N MET KA 409 92.98 44.18 75.60
CA MET KA 409 92.23 43.71 76.76
C MET KA 409 91.26 44.76 77.30
N ASN KA 410 91.59 46.06 77.20
CA ASN KA 410 90.61 47.08 77.57
C ASN KA 410 89.37 46.99 76.70
N LEU KA 411 89.56 46.68 75.41
CA LEU KA 411 88.44 46.60 74.51
C LEU KA 411 87.72 45.27 74.69
N ILE KA 412 88.47 44.19 74.91
CA ILE KA 412 87.87 42.85 75.10
C ILE KA 412 87.00 42.83 76.37
N GLU KA 413 87.55 43.28 77.49
CA GLU KA 413 86.83 43.28 78.75
C GLU KA 413 85.88 44.45 78.89
N GLY KA 414 85.71 45.26 77.86
CA GLY KA 414 84.79 46.38 77.93
C GLY KA 414 83.70 46.15 76.90
N GLU KA 415 83.69 46.92 75.81
CA GLU KA 415 82.55 46.88 74.92
C GLU KA 415 82.42 45.55 74.17
N LEU KA 416 83.52 44.82 73.97
CA LEU KA 416 83.45 43.58 73.22
C LEU KA 416 82.54 42.57 73.89
N HIS KA 417 81.65 41.98 73.11
CA HIS KA 417 80.79 40.90 73.57
C HIS KA 417 81.63 39.78 74.16
N LYS KA 418 81.06 39.08 75.14
CA LYS KA 418 81.77 37.99 75.81
C LYS KA 418 82.25 36.92 74.83
N TRP KA 419 81.59 36.79 73.67
CA TRP KA 419 81.93 35.72 72.74
C TRP KA 419 83.37 35.80 72.25
N ALA KA 420 83.96 37.00 72.26
CA ALA KA 420 85.36 37.15 71.87
C ALA KA 420 86.29 36.34 72.76
N GLN KA 421 85.97 36.22 74.04
CA GLN KA 421 86.76 35.38 74.95
C GLN KA 421 86.33 33.92 74.85
N ARG KA 422 85.03 33.68 74.93
CA ARG KA 422 84.53 32.31 75.06
C ARG KA 422 84.70 31.48 73.80
N LYS KA 423 84.80 32.10 72.63
CA LYS KA 423 84.88 31.36 71.37
C LYS KA 423 86.15 31.63 70.59
N SER KA 424 87.19 32.10 71.27
CA SER KA 424 88.48 32.29 70.64
C SER KA 424 89.52 32.28 71.74
N THR KA 425 90.78 32.42 71.34
CA THR KA 425 91.90 32.44 72.28
C THR KA 425 92.54 33.81 72.39
N VAL KA 426 91.91 34.86 71.86
CA VAL KA 426 92.56 36.17 71.79
C VAL KA 426 92.97 36.64 73.18
N ALA KA 427 92.13 36.39 74.20
CA ALA KA 427 92.40 36.92 75.53
C ALA KA 427 93.68 36.34 76.14
N THR KA 428 94.07 35.14 75.74
CA THR KA 428 95.27 34.49 76.28
C THR KA 428 96.52 34.86 75.50
N ILE KA 429 96.43 35.76 74.53
CA ILE KA 429 97.53 36.12 73.63
C ILE KA 429 98.07 37.47 74.09
N ASP KA 430 99.31 37.48 74.59
CA ASP KA 430 99.96 38.71 75.04
C ASP KA 430 101.06 39.20 74.10
N ARG KA 431 101.30 38.53 72.98
CA ARG KA 431 102.29 38.99 72.03
C ARG KA 431 102.03 40.42 71.58
N GLU KA 432 103.10 41.19 71.38
CA GLU KA 432 103.00 42.54 70.85
C GLU KA 432 103.96 42.68 69.68
N TYR KA 433 103.44 43.20 68.57
CA TYR KA 433 104.27 43.47 67.39
C TYR KA 433 105.27 44.58 67.70
N THR KA 434 106.49 44.42 67.23
CA THR KA 434 107.44 45.52 67.30
C THR KA 434 107.27 46.41 66.07
N PHE KA 435 107.87 47.60 66.13
CA PHE KA 435 107.81 48.51 64.98
C PHE KA 435 108.45 47.89 63.74
N SER KA 436 109.38 46.95 63.90
CA SER KA 436 109.98 46.30 62.73
C SER KA 436 108.99 45.38 62.05
N GLU KA 437 108.26 44.57 62.82
CA GLU KA 437 107.26 43.69 62.24
C GLU KA 437 106.08 44.49 61.68
N ILE KA 438 105.79 45.65 62.27
CA ILE KA 438 104.76 46.52 61.68
C ILE KA 438 105.20 46.99 60.31
N ALA KA 439 106.46 47.42 60.19
CA ALA KA 439 106.99 47.81 58.88
C ALA KA 439 106.99 46.64 57.92
N GLN KA 440 107.14 45.41 58.43
CA GLN KA 440 107.15 44.24 57.57
C GLN KA 440 105.77 43.97 56.97
N ILE KA 441 104.73 44.05 57.79
CA ILE KA 441 103.38 43.71 57.32
C ILE KA 441 102.69 44.86 56.60
N THR KA 442 103.24 46.07 56.68
CA THR KA 442 102.65 47.22 56.01
C THR KA 442 103.47 47.72 54.82
N ARG KA 443 104.66 47.16 54.59
CA ARG KA 443 105.55 47.60 53.52
C ARG KA 443 106.18 46.40 52.83
N ALA KA 444 106.90 45.60 53.63
CA ALA KA 444 107.90 44.68 53.09
C ALA KA 444 107.27 43.49 52.37
N THR KA 445 106.45 42.71 53.09
CA THR KA 445 105.83 41.55 52.48
C THR KA 445 104.98 41.93 51.27
N SER KA 446 104.22 43.01 51.40
CA SER KA 446 103.38 43.43 50.27
C SER KA 446 104.22 43.80 49.06
N ALA KA 447 105.24 44.66 49.26
CA ALA KA 447 106.08 45.06 48.13
C ALA KA 447 106.76 43.86 47.50
N LYS KA 448 107.30 42.96 48.32
CA LYS KA 448 107.98 41.79 47.79
C LYS KA 448 107.03 40.85 47.05
N VAL KA 449 105.90 40.52 47.67
CA VAL KA 449 105.03 39.51 47.07
C VAL KA 449 104.37 40.06 45.80
N LEU KA 450 104.22 41.38 45.70
CA LEU KA 450 103.71 41.95 44.46
C LEU KA 450 104.78 42.07 43.38
N GLY KA 451 106.04 41.72 43.68
CA GLY KA 451 107.10 41.84 42.72
C GLY KA 451 107.64 43.23 42.53
N LEU KA 452 107.47 44.12 43.51
CA LEU KA 452 107.94 45.50 43.39
C LEU KA 452 109.08 45.82 44.34
N SER KA 453 109.62 44.83 45.04
CA SER KA 453 110.55 45.11 46.15
C SER KA 453 111.88 45.72 45.71
N ASP KA 454 112.24 45.67 44.43
CA ASP KA 454 113.42 46.39 43.98
C ASP KA 454 113.21 47.90 44.09
N THR KA 455 111.99 48.35 43.83
CA THR KA 455 111.68 49.78 43.77
C THR KA 455 110.80 50.25 44.91
N LYS KA 456 110.14 49.35 45.63
CA LYS KA 456 109.17 49.76 46.63
C LYS KA 456 109.35 48.94 47.90
N GLY KA 457 108.83 49.49 48.99
CA GLY KA 457 108.80 48.83 50.26
C GLY KA 457 110.09 48.84 51.05
N HIS KA 458 111.10 49.59 50.61
CA HIS KA 458 112.37 49.61 51.31
C HIS KA 458 113.02 50.98 51.11
N LEU KA 459 113.97 51.30 51.98
CA LEU KA 459 114.64 52.59 51.94
C LEU KA 459 116.09 52.49 51.47
N GLY KA 460 116.49 51.36 50.89
CA GLY KA 460 117.85 51.20 50.45
C GLY KA 460 118.12 51.93 49.14
N VAL KA 461 119.41 51.98 48.77
CA VAL KA 461 119.79 52.68 47.55
C VAL KA 461 119.23 51.96 46.34
N GLY KA 462 118.67 52.72 45.41
CA GLY KA 462 117.95 52.20 44.27
C GLY KA 462 116.44 52.24 44.39
N ALA KA 463 115.92 52.32 45.61
CA ALA KA 463 114.48 52.38 45.80
C ALA KA 463 113.92 53.72 45.35
N ASP KA 464 112.65 53.73 44.97
CA ASP KA 464 111.96 54.99 44.77
C ASP KA 464 111.87 55.75 46.08
N ALA KA 465 111.87 57.07 45.99
CA ALA KA 465 111.86 57.94 47.17
C ALA KA 465 110.45 58.16 47.71
N ASP KA 466 109.82 57.08 48.12
CA ASP KA 466 108.51 57.13 48.78
C ASP KA 466 108.74 56.80 50.25
N ILE KA 467 108.72 57.82 51.09
CA ILE KA 467 109.25 57.74 52.45
C ILE KA 467 108.21 58.31 53.40
N ALA KA 468 108.07 57.68 54.55
CA ALA KA 468 107.13 58.14 55.57
C ALA KA 468 107.90 58.43 56.85
N VAL KA 469 107.61 59.59 57.45
CA VAL KA 469 108.17 59.96 58.76
C VAL KA 469 107.01 60.07 59.72
N TYR KA 470 107.05 59.28 60.79
CA TYR KA 470 106.00 59.28 61.80
C TYR KA 470 106.54 59.90 63.07
N ASP KA 471 105.77 60.82 63.64
CA ASP KA 471 106.15 61.53 64.86
C ASP KA 471 106.07 60.59 66.07
N ILE KA 472 106.88 59.54 66.07
CA ILE KA 472 107.05 58.64 67.20
C ILE KA 472 108.54 58.46 67.45
N ASN KA 473 108.94 58.57 68.71
CA ASN KA 473 110.31 58.32 69.12
C ASN KA 473 110.36 56.98 69.85
N PRO KA 474 110.88 55.92 69.23
CA PRO KA 474 110.81 54.58 69.87
C PRO KA 474 111.68 54.43 71.09
N GLU KA 475 112.69 55.29 71.28
CA GLU KA 475 113.49 55.23 72.50
C GLU KA 475 112.72 55.73 73.71
N THR KA 476 111.75 56.62 73.52
CA THR KA 476 111.06 57.30 74.62
C THR KA 476 109.64 56.83 74.85
N VAL KA 477 109.01 56.23 73.82
CA VAL KA 477 107.59 55.88 73.80
C VAL KA 477 107.40 54.39 74.00
N ASP KA 478 106.41 54.02 74.81
CA ASP KA 478 106.07 52.64 75.14
C ASP KA 478 104.86 52.24 74.31
N PRO KA 479 105.01 51.37 73.31
CA PRO KA 479 103.87 51.06 72.44
C PRO KA 479 102.70 50.42 73.18
N SER KA 480 102.98 49.62 74.21
CA SER KA 480 101.91 48.93 74.93
C SER KA 480 101.06 49.89 75.74
N ALA KA 481 101.70 50.79 76.48
CA ALA KA 481 100.96 51.67 77.38
C ALA KA 481 100.39 52.88 76.64
N GLU KA 482 101.12 53.42 75.68
CA GLU KA 482 100.70 54.64 74.97
C GLU KA 482 99.98 54.33 73.66
N TYR KA 483 99.07 53.35 73.65
CA TYR KA 483 98.51 52.88 72.38
C TYR KA 483 97.78 53.97 71.60
N MET KA 484 97.15 54.94 72.28
CA MET KA 484 96.48 56.00 71.54
C MET KA 484 97.46 56.99 70.92
N ALA KA 485 98.66 57.11 71.48
CA ALA KA 485 99.68 57.91 70.82
C ALA KA 485 100.20 57.22 69.57
N ILE KA 486 100.25 55.89 69.59
CA ILE KA 486 100.66 55.13 68.42
C ILE KA 486 99.63 55.28 67.30
N GLU KA 487 98.35 55.18 67.66
CA GLU KA 487 97.28 55.29 66.68
C GLU KA 487 97.26 56.66 66.02
N GLU KA 488 97.29 57.72 66.84
CA GLU KA 488 97.26 59.08 66.33
C GLU KA 488 98.47 59.41 65.47
N ALA KA 489 99.64 58.85 65.80
CA ALA KA 489 100.84 59.21 65.06
C ALA KA 489 100.89 58.54 63.68
N PHE KA 490 100.47 57.27 63.59
CA PHE KA 490 100.39 56.61 62.29
C PHE KA 490 99.22 57.12 61.45
N SER KA 491 98.27 57.83 62.04
CA SER KA 491 97.20 58.44 61.29
C SER KA 491 97.66 59.73 60.63
N ARG KA 492 98.64 60.40 61.22
CA ARG KA 492 98.96 61.77 60.90
C ARG KA 492 100.47 61.89 60.74
N ALA KA 493 100.98 61.48 59.58
CA ALA KA 493 102.43 61.47 59.37
C ALA KA 493 102.99 62.88 59.46
N ALA KA 494 104.17 63.01 60.07
CA ALA KA 494 104.85 64.30 60.14
C ALA KA 494 105.31 64.74 58.76
N CYS KA 495 105.85 63.81 57.97
CA CYS KA 495 106.29 64.07 56.62
C CYS KA 495 106.19 62.81 55.78
N VAL KA 496 105.72 62.98 54.53
CA VAL KA 496 105.68 61.96 53.48
C VAL KA 496 106.24 62.51 52.19
N LEU KA 497 107.15 61.75 51.58
CA LEU KA 497 107.72 62.03 50.28
C LEU KA 497 107.18 61.03 49.27
N LYS KA 498 106.84 61.53 48.08
CA LYS KA 498 106.33 60.71 46.99
C LYS KA 498 107.15 61.03 45.75
N ASP KA 499 107.97 60.07 45.33
CA ASP KA 499 108.93 60.28 44.24
C ASP KA 499 109.81 61.50 44.50
N GLY KA 500 110.31 61.60 45.73
CA GLY KA 500 111.23 62.64 46.12
C GLY KA 500 110.62 63.98 46.46
N GLU KA 501 109.32 64.18 46.20
CA GLU KA 501 108.66 65.44 46.49
C GLU KA 501 107.92 65.34 47.81
N ILE KA 502 107.86 66.45 48.55
CA ILE KA 502 107.08 66.49 49.77
C ILE KA 502 105.60 66.56 49.40
N VAL KA 503 104.84 65.57 49.83
CA VAL KA 503 103.41 65.56 49.57
C VAL KA 503 102.59 65.68 50.84
N VAL KA 504 103.17 65.48 52.03
CA VAL KA 504 102.38 65.69 53.22
C VAL KA 504 103.31 66.37 54.24
N LYS KA 505 102.78 67.35 54.96
CA LYS KA 505 103.49 68.04 56.04
C LYS KA 505 102.55 68.18 57.22
N ASP KA 506 103.04 67.83 58.41
CA ASP KA 506 102.28 67.94 59.66
C ASP KA 506 100.88 67.34 59.51
N GLY KA 507 100.79 66.18 58.88
CA GLY KA 507 99.50 65.57 58.68
C GLY KA 507 98.70 66.18 57.55
N GLU KA 508 99.11 67.33 57.01
CA GLU KA 508 98.38 68.04 55.97
C GLU KA 508 98.93 67.72 54.60
N VAL KA 509 98.02 67.52 53.65
CA VAL KA 509 98.39 67.33 52.26
C VAL KA 509 98.86 68.67 51.71
N VAL KA 510 100.04 68.68 51.08
CA VAL KA 510 100.61 69.91 50.54
C VAL KA 510 100.91 69.82 49.05
N ALA KA 511 100.66 68.68 48.41
CA ALA KA 511 100.87 68.55 46.97
C ALA KA 511 100.05 67.39 46.44
N SER KA 512 99.69 67.48 45.16
CA SER KA 512 98.77 66.53 44.52
C SER KA 512 99.30 66.02 43.19
N PRO KA 513 100.45 65.35 43.17
CA PRO KA 513 100.91 64.72 41.93
C PRO KA 513 100.08 63.49 41.59
N HIS KA 514 100.05 63.16 40.32
CA HIS KA 514 99.45 61.91 39.86
C HIS KA 514 100.45 60.77 39.99
N GLY KA 515 99.98 59.62 40.48
CA GLY KA 515 100.83 58.46 40.61
C GLY KA 515 100.85 57.61 39.35
N ARG KA 516 101.71 56.61 39.36
CA ARG KA 516 101.84 55.72 38.21
C ARG KA 516 100.80 54.60 38.25
N THR KA 517 100.54 54.04 37.07
CA THR KA 517 99.68 52.86 36.93
C THR KA 517 100.53 51.70 36.43
N TYR KA 518 100.82 50.76 37.33
CA TYR KA 518 101.57 49.56 37.00
C TYR KA 518 100.67 48.53 36.37
N TRP KA 519 101.08 48.00 35.21
CA TRP KA 519 100.41 46.89 34.56
C TRP KA 519 101.49 45.98 34.01
N VAL KA 520 101.12 44.78 33.60
CA VAL KA 520 102.10 43.72 33.32
C VAL KA 520 102.14 43.46 31.81
N ASP KA 521 103.36 43.42 31.27
CA ASP KA 521 103.63 43.27 29.85
C ASP KA 521 104.11 41.84 29.63
N THR KA 522 103.30 41.06 28.92
CA THR KA 522 103.57 39.65 28.67
C THR KA 522 103.54 39.37 27.18
N GLN KA 523 104.42 38.44 26.74
CA GLN KA 523 104.56 38.11 25.33
C GLN KA 523 104.43 36.60 25.19
N VAL KA 524 103.63 36.16 24.22
CA VAL KA 524 103.30 34.74 24.05
C VAL KA 524 103.50 34.35 22.58
N ASP KA 525 103.77 33.06 22.38
CA ASP KA 525 103.90 32.40 21.09
C ASP KA 525 102.88 32.93 20.09
N GLU KA 526 103.38 33.58 19.03
CA GLU KA 526 102.53 34.26 18.05
C GLU KA 526 101.47 33.34 17.48
N SER KA 527 101.77 32.04 17.36
CA SER KA 527 100.81 31.10 16.79
C SER KA 527 99.63 30.89 17.74
N ILE KA 528 99.91 30.55 19.00
CA ILE KA 528 98.83 30.35 19.98
C ILE KA 528 98.05 31.65 20.15
N TYR KA 529 98.76 32.77 20.19
CA TYR KA 529 98.14 34.08 20.41
C TYR KA 529 97.16 34.42 19.30
N SER KA 530 97.58 34.24 18.05
CA SER KA 530 96.71 34.56 16.91
C SER KA 530 95.41 33.78 16.95
N GLU KA 531 95.49 32.46 17.16
CA GLU KA 531 94.28 31.64 17.15
C GLU KA 531 93.36 32.02 18.30
N VAL KA 532 93.91 32.25 19.50
CA VAL KA 532 93.06 32.65 20.62
C VAL KA 532 92.38 33.97 20.32
N LEU KA 533 93.11 34.94 19.76
CA LEU KA 533 92.48 36.21 19.41
C LEU KA 533 91.45 36.02 18.32
N ALA KA 534 91.62 35.01 17.45
CA ALA KA 534 90.56 34.70 16.49
C ALA KA 534 89.35 34.13 17.21
N ASN KA 535 89.57 33.26 18.20
CA ASN KA 535 88.45 32.72 18.97
C ASN KA 535 87.76 33.82 19.79
N VAL KA 536 88.54 34.69 20.42
CA VAL KA 536 87.96 35.75 21.25
C VAL KA 536 87.10 36.66 20.40
N GLU KA 537 87.60 37.09 19.25
CA GLU KA 537 86.83 37.99 18.40
C GLU KA 537 85.55 37.32 17.89
N SER KA 538 85.55 35.98 17.77
CA SER KA 538 84.32 35.29 17.38
C SER KA 538 83.28 35.37 18.49
N LYS KA 539 83.70 35.17 19.75
CA LYS KA 539 82.76 35.23 20.86
C LYS KA 539 82.20 36.64 21.05
N PHE KA 540 83.01 37.66 20.78
CA PHE KA 540 82.54 39.04 20.88
C PHE KA 540 81.41 39.32 19.88
N LYS KA 541 81.60 38.86 18.63
CA LYS KA 541 80.56 39.08 17.62
C LYS KA 541 79.26 38.39 18.01
N GLN KA 542 79.35 37.18 18.55
CA GLN KA 542 78.16 36.43 18.94
C GLN KA 542 77.59 36.89 20.27
N TYR KA 543 78.41 36.97 21.31
CA TYR KA 543 77.90 36.91 22.68
C TYR KA 543 78.15 38.15 23.54
N TYR KA 544 79.14 38.99 23.20
CA TYR KA 544 79.29 40.25 23.91
C TYR KA 544 78.27 41.28 23.43
N SER KA 545 78.09 42.33 24.23
CA SER KA 545 77.16 43.40 23.89
C SER KA 545 77.87 44.65 23.37
N VAL KA 546 79.19 44.60 23.19
CA VAL KA 546 79.95 45.66 22.55
C VAL KA 546 80.75 45.03 21.41
N ASN KA 547 81.42 45.88 20.64
CA ASN KA 547 82.24 45.42 19.52
C ASN KA 547 83.70 45.29 19.95
N PHE KA 548 84.36 44.23 19.43
CA PHE KA 548 85.73 43.89 19.81
C PHE KA 548 86.67 45.09 19.72
N ALA KA 549 86.53 45.92 18.69
CA ALA KA 549 87.46 47.03 18.49
C ALA KA 549 87.35 48.05 19.62
N ASN KA 550 86.19 48.18 20.25
CA ASN KA 550 85.96 49.19 21.26
C ASN KA 550 86.28 48.73 22.67
N TYR KA 551 86.66 47.47 22.84
CA TYR KA 551 86.80 46.82 24.15
C TYR KA 551 88.08 47.19 24.90
N PRO KA 552 89.28 47.06 24.32
CA PRO KA 552 90.49 47.32 25.10
C PRO KA 552 90.59 48.77 25.56
N VAL KA 553 91.27 48.96 26.69
CA VAL KA 553 91.48 50.30 27.23
C VAL KA 553 92.51 51.02 26.37
N GLN KA 554 92.13 52.19 25.85
CA GLN KA 554 92.99 53.01 25.02
C GLN KA 554 94.03 53.72 25.86
N ASP KA 555 95.10 54.17 25.21
CA ASP KA 555 96.23 54.74 25.95
C ASP KA 555 95.87 56.07 26.63
N ASP KA 556 94.79 56.72 26.21
CA ASP KA 556 94.43 57.98 26.87
C ASP KA 556 94.04 57.80 28.33
N TYR KA 557 93.72 56.57 28.74
CA TYR KA 557 93.34 56.33 30.11
C TYR KA 557 94.53 56.09 31.03
N LEU KA 558 95.74 55.99 30.48
CA LEU KA 558 96.96 55.81 31.26
C LEU KA 558 97.94 56.94 30.93
N PRO KA 559 97.76 58.12 31.51
CA PRO KA 559 98.76 59.19 31.34
C PRO KA 559 100.13 58.80 31.86
N LYS KA 560 100.18 57.95 32.89
CA LYS KA 560 101.44 57.59 33.51
C LYS KA 560 101.63 56.07 33.46
N SER KA 561 101.69 55.51 32.25
CA SER KA 561 101.83 54.07 32.09
C SER KA 561 103.18 53.59 32.62
N ALA KA 562 103.16 52.53 33.42
CA ALA KA 562 104.37 51.95 34.02
C ALA KA 562 104.35 50.44 33.82
N PRO KA 563 104.74 49.96 32.64
CA PRO KA 563 104.73 48.51 32.39
C PRO KA 563 105.77 47.77 33.23
N VAL KA 564 105.42 46.55 33.61
CA VAL KA 564 106.32 45.62 34.27
C VAL KA 564 106.36 44.33 33.45
N LYS KA 565 107.56 43.77 33.30
CA LYS KA 565 107.77 42.69 32.36
C LYS KA 565 107.41 41.34 32.97
N GLY KA 566 106.63 40.55 32.23
CA GLY KA 566 106.44 39.13 32.46
C GLY KA 566 107.32 38.30 31.55
N VAL KA 567 106.74 37.21 31.02
CA VAL KA 567 107.46 36.41 30.03
C VAL KA 567 107.72 37.27 28.80
N MET KA 568 108.90 37.13 28.23
CA MET KA 568 109.24 37.80 26.99
C MET KA 568 109.68 36.77 25.97
N LEU KA 569 109.59 37.13 24.69
CA LEU KA 569 109.89 36.22 23.58
C LEU KA 569 109.07 34.93 23.66
N MET LA 1 84.01 57.98 -1.30
CA MET LA 1 83.39 58.16 0.00
C MET LA 1 84.02 57.19 0.99
N GLU LA 2 84.16 57.61 2.25
CA GLU LA 2 84.85 56.83 3.27
C GLU LA 2 83.85 56.27 4.27
N TYR LA 3 84.07 55.03 4.69
CA TYR LA 3 83.21 54.33 5.65
C TYR LA 3 83.98 54.16 6.96
N VAL LA 4 83.51 54.79 8.02
CA VAL LA 4 84.13 54.69 9.34
C VAL LA 4 83.29 53.74 10.19
N LYS LA 5 83.93 52.69 10.70
CA LYS LA 5 83.21 51.62 11.39
C LYS LA 5 83.36 51.72 12.91
N ASN LA 6 82.57 50.91 13.60
CA ASN LA 6 82.60 50.77 15.07
C ASN LA 6 82.32 52.09 15.78
N VAL LA 7 81.57 53.00 15.15
CA VAL LA 7 81.29 54.29 15.78
C VAL LA 7 80.25 54.10 16.88
N VAL LA 8 80.37 54.93 17.92
CA VAL LA 8 79.46 54.89 19.07
C VAL LA 8 78.43 55.98 18.90
N CYS LA 9 77.15 55.63 19.09
CA CYS LA 9 76.17 56.65 18.71
C CYS LA 9 75.90 57.59 19.87
N PRO LA 10 75.96 58.87 19.64
CA PRO LA 10 75.75 59.87 20.70
C PRO LA 10 74.32 60.37 20.86
N PHE LA 11 73.35 59.45 21.00
CA PHE LA 11 72.00 59.90 21.36
C PHE LA 11 71.50 59.32 22.67
N CYS LA 12 71.01 58.07 22.69
CA CYS LA 12 70.34 57.58 23.89
C CYS LA 12 71.22 56.59 24.63
N GLY LA 13 70.75 56.21 25.83
CA GLY LA 13 71.53 55.36 26.73
C GLY LA 13 71.78 53.96 26.24
N THR LA 14 71.17 53.55 25.13
CA THR LA 14 71.51 52.27 24.52
C THR LA 14 72.97 52.25 24.06
N LEU LA 15 73.49 53.42 23.65
CA LEU LA 15 74.90 53.62 23.32
C LEU LA 15 75.43 52.54 22.36
N CYS LA 16 74.72 52.36 21.24
CA CYS LA 16 75.20 51.45 20.21
C CYS LA 16 76.59 51.85 19.73
N ASP LA 17 77.46 50.86 19.60
CA ASP LA 17 78.85 51.06 19.19
C ASP LA 17 79.18 50.31 17.90
N ASP LA 18 78.18 50.02 17.08
CA ASP LA 18 78.38 49.36 15.80
C ASP LA 18 77.94 50.23 14.63
N ILE LA 19 77.86 51.55 14.83
CA ILE LA 19 77.43 52.45 13.77
C ILE LA 19 78.51 52.55 12.71
N ILE LA 20 78.11 52.49 11.45
CA ILE LA 20 78.98 52.83 10.34
C ILE LA 20 78.66 54.25 9.92
N CYS LA 21 79.67 55.11 9.87
CA CYS LA 21 79.51 56.47 9.38
C CYS LA 21 80.04 56.55 7.96
N LYS LA 22 79.24 57.12 7.06
CA LYS LA 22 79.66 57.44 5.71
C LYS LA 22 80.05 58.90 5.66
N VAL LA 23 81.31 59.17 5.36
CA VAL LA 23 81.86 60.53 5.36
C VAL LA 23 82.36 60.84 3.97
N GLU LA 24 82.01 62.01 3.46
CA GLU LA 24 82.39 62.41 2.11
C GLU LA 24 83.53 63.42 2.15
N GLY LA 25 83.22 64.69 2.36
CA GLY LA 25 84.26 65.70 2.51
C GLY LA 25 84.87 65.55 3.88
N ASN LA 26 84.73 66.59 4.69
CA ASN LA 26 84.91 66.48 6.13
C ASN LA 26 83.54 66.49 6.80
N GLU LA 27 82.60 65.75 6.20
CA GLU LA 27 81.20 65.78 6.57
C GLU LA 27 80.56 64.39 6.56
N ILE LA 28 79.74 64.15 7.58
CA ILE LA 28 79.03 62.88 7.74
C ILE LA 28 77.75 63.00 6.92
N VAL LA 29 77.61 62.21 5.87
CA VAL LA 29 76.48 62.32 4.96
C VAL LA 29 75.50 61.16 5.06
N GLY LA 30 75.82 60.11 5.81
CA GLY LA 30 74.92 58.98 5.96
C GLY LA 30 75.44 58.04 7.02
N THR LA 31 74.60 57.05 7.34
CA THR LA 31 74.93 56.08 8.37
C THR LA 31 74.43 54.70 7.94
N ILE LA 32 74.98 53.68 8.61
CA ILE LA 32 74.48 52.32 8.54
C ILE LA 32 74.29 51.82 9.97
N ASN LA 33 73.22 51.05 10.19
CA ASN LA 33 72.87 50.41 11.46
C ASN LA 33 72.23 51.36 12.46
N ALA LA 34 72.58 52.65 12.41
CA ALA LA 34 71.94 53.61 13.29
C ALA LA 34 70.45 53.71 12.96
N CYS LA 35 69.63 53.88 13.99
CA CYS LA 35 68.18 53.97 13.80
C CYS LA 35 67.85 55.37 13.30
N ARG LA 36 66.55 55.67 13.18
CA ARG LA 36 66.13 56.96 12.64
C ARG LA 36 66.64 58.13 13.47
N ILE LA 37 66.65 57.98 14.80
CA ILE LA 37 67.09 59.09 15.65
C ILE LA 37 68.60 59.28 15.56
N GLY LA 38 69.36 58.22 15.84
CA GLY LA 38 70.80 58.31 15.76
C GLY LA 38 71.28 58.88 14.45
N HIS LA 39 70.68 58.42 13.34
CA HIS LA 39 71.01 58.95 12.03
C HIS LA 39 70.78 60.45 11.97
N SER LA 40 69.64 60.91 12.51
CA SER LA 40 69.31 62.33 12.45
C SER LA 40 70.33 63.18 13.19
N LYS LA 41 70.97 62.65 14.23
CA LYS LA 41 72.02 63.40 14.88
C LYS LA 41 73.28 63.46 14.03
N PHE LA 42 73.66 62.34 13.42
CA PHE LA 42 74.90 62.30 12.64
C PHE LA 42 74.83 63.21 11.42
N VAL LA 43 73.66 63.34 10.79
CA VAL LA 43 73.51 64.04 9.53
C VAL LA 43 72.98 65.44 9.78
N HIS LA 44 73.46 66.40 8.98
CA HIS LA 44 72.93 67.75 9.07
C HIS LA 44 71.62 67.82 8.30
N ALA LA 45 70.61 68.44 8.92
CA ALA LA 45 69.34 68.69 8.26
C ALA LA 45 69.37 70.04 7.57
N GLU LA 46 68.84 70.09 6.35
CA GLU LA 46 68.88 71.30 5.54
C GLU LA 46 68.08 72.41 6.22
N GLY LA 47 68.69 73.60 6.31
CA GLY LA 47 68.02 74.73 6.91
C GLY LA 47 68.16 74.86 8.40
N ALA LA 48 68.96 74.01 9.04
CA ALA LA 48 69.06 73.97 10.50
C ALA LA 48 70.25 74.81 10.97
N MET LA 49 70.02 75.64 11.97
CA MET LA 49 71.01 76.60 12.44
C MET LA 49 72.05 75.88 13.28
N ARG LA 50 73.31 75.93 12.84
CA ARG LA 50 74.45 75.44 13.59
C ARG LA 50 75.38 76.62 13.85
N TYR LA 51 75.27 77.20 15.06
CA TYR LA 51 76.08 78.34 15.42
C TYR LA 51 77.54 78.03 15.17
N LYS LA 52 78.22 78.94 14.48
CA LYS LA 52 79.63 78.75 14.16
C LYS LA 52 80.56 79.58 15.05
N LYS LA 53 80.05 80.61 15.71
CA LYS LA 53 80.88 81.42 16.60
C LYS LA 53 79.99 82.00 17.70
N PRO LA 54 80.58 82.36 18.84
CA PRO LA 54 79.75 82.77 19.99
C PRO LA 54 78.94 84.03 19.72
N LEU LA 55 77.86 84.18 20.48
CA LEU LA 55 76.97 85.34 20.39
C LEU LA 55 76.53 85.78 21.78
N ILE LA 56 76.26 87.08 21.90
CA ILE LA 56 75.81 87.68 23.15
C ILE LA 56 74.62 88.57 22.85
N ARG LA 57 73.66 88.60 23.78
CA ARG LA 57 72.43 89.37 23.62
C ARG LA 57 72.62 90.80 24.11
N LYS LA 58 72.22 91.76 23.26
CA LYS LA 58 72.25 93.19 23.58
C LYS LA 58 70.96 93.56 24.34
N GLU LA 61 68.87 91.56 21.18
CA GLU LA 61 69.41 91.27 19.85
C GLU LA 61 70.82 90.69 19.94
N PHE LA 62 71.03 89.56 19.26
CA PHE LA 62 72.28 88.82 19.39
C PHE LA 62 73.36 89.38 18.48
N VAL LA 63 74.59 89.42 18.98
CA VAL LA 63 75.73 89.94 18.24
C VAL LA 63 76.87 88.92 18.28
N GLU LA 64 77.62 88.79 17.19
CA GLU LA 64 78.75 87.89 17.15
C GLU LA 64 79.92 88.47 17.95
N VAL LA 65 80.50 87.63 18.81
CA VAL LA 65 81.69 87.97 19.55
C VAL LA 65 82.69 86.82 19.41
N SER LA 66 83.86 87.00 20.02
CA SER LA 66 84.90 85.99 20.03
C SER LA 66 84.73 85.05 21.22
N TYR LA 67 85.47 83.94 21.17
CA TYR LA 67 85.47 83.01 22.30
C TYR LA 67 85.95 83.68 23.57
N ASP LA 68 86.98 84.54 23.46
CA ASP LA 68 87.55 85.14 24.66
C ASP LA 68 86.58 86.12 25.30
N GLU LA 69 85.83 86.87 24.49
CA GLU LA 69 84.86 87.80 25.05
C GLU LA 69 83.67 87.06 25.68
N ALA LA 70 83.13 86.06 24.99
CA ALA LA 70 81.98 85.32 25.53
C ALA LA 70 82.34 84.59 26.81
N ILE LA 71 83.43 83.82 26.79
CA ILE LA 71 83.87 83.11 28.00
C ILE LA 71 84.14 84.10 29.12
N ASP LA 72 84.67 85.28 28.77
CA ASP LA 72 85.02 86.26 29.80
C ASP LA 72 83.81 86.75 30.58
N LYS LA 73 82.77 87.22 29.89
CA LYS LA 73 81.60 87.74 30.57
C LYS LA 73 80.79 86.60 31.18
N ALA LA 74 80.87 85.42 30.58
CA ALA LA 74 80.16 84.27 31.16
C ALA LA 74 80.65 83.94 32.57
N ALA LA 75 81.95 83.98 32.82
CA ALA LA 75 82.40 83.59 34.16
C ALA LA 75 82.64 84.79 35.05
N LYS LA 76 82.50 86.00 34.53
CA LYS LA 76 82.18 87.12 35.42
C LYS LA 76 80.81 86.91 36.05
N ILE LA 77 79.82 86.52 35.25
CA ILE LA 77 78.49 86.19 35.76
C ILE LA 77 78.59 85.12 36.85
N LEU LA 78 79.37 84.07 36.59
CA LEU LA 78 79.48 82.99 37.58
C LEU LA 78 80.25 83.45 38.81
N ALA LA 79 81.30 84.25 38.62
CA ALA LA 79 82.08 84.74 39.76
C ALA LA 79 81.23 85.63 40.65
N GLU LA 80 80.40 86.47 40.05
CA GLU LA 80 79.57 87.43 40.77
C GLU LA 80 78.33 86.79 41.39
N SER LA 81 77.98 85.57 41.02
CA SER LA 81 76.70 84.98 41.43
C SER LA 81 76.79 84.40 42.83
N LYS LA 82 75.70 84.53 43.58
CA LYS LA 82 75.60 83.99 44.93
C LYS LA 82 74.84 82.67 45.02
N ARG LA 83 74.21 82.25 43.94
CA ARG LA 83 73.59 80.93 43.90
C ARG LA 83 73.62 80.43 42.46
N PRO LA 84 74.82 80.16 41.90
CA PRO LA 84 74.86 79.75 40.48
C PRO LA 84 74.37 78.32 40.27
N LEU LA 85 73.65 78.11 39.17
CA LEU LA 85 73.17 76.80 38.76
C LEU LA 85 73.89 76.38 37.48
N MET LA 86 74.55 75.22 37.53
CA MET LA 86 75.28 74.67 36.38
C MET LA 86 74.63 73.36 35.96
N TYR LA 87 73.81 73.39 34.92
CA TYR LA 87 72.89 72.30 34.63
C TYR LA 87 73.08 71.77 33.22
N GLY LA 88 72.83 70.46 33.06
CA GLY LA 88 72.84 69.81 31.76
C GLY LA 88 73.70 68.56 31.72
N TRP LA 89 74.82 68.63 31.01
CA TRP LA 89 75.93 67.67 31.09
C TRP LA 89 75.72 66.35 30.37
N SER LA 90 74.47 65.89 30.28
CA SER LA 90 74.23 64.49 29.89
C SER LA 90 74.59 64.22 28.43
N CYS LA 91 74.70 65.25 27.59
CA CYS LA 91 75.03 65.05 26.18
C CYS LA 91 76.43 65.51 25.82
N THR LA 92 77.35 65.53 26.77
CA THR LA 92 78.77 65.68 26.50
C THR LA 92 79.52 64.53 27.16
N GLU LA 93 80.84 64.53 27.04
CA GLU LA 93 81.67 63.43 27.49
C GLU LA 93 82.21 63.66 28.89
N CYS LA 94 82.79 62.60 29.45
CA CYS LA 94 83.10 62.59 30.89
C CYS LA 94 84.21 63.56 31.25
N GLU LA 95 85.17 63.80 30.36
CA GLU LA 95 86.27 64.67 30.74
C GLU LA 95 85.79 66.12 30.87
N ALA LA 96 84.81 66.53 30.05
CA ALA LA 96 84.19 67.83 30.23
C ALA LA 96 83.36 67.88 31.52
N GLN LA 97 82.67 66.78 31.84
CA GLN LA 97 81.88 66.75 33.07
C GLN LA 97 82.77 66.89 34.29
N ALA LA 98 83.97 66.31 34.25
CA ALA LA 98 84.91 66.44 35.36
C ALA LA 98 85.36 67.89 35.54
N VAL LA 99 85.62 68.59 34.43
CA VAL LA 99 85.96 70.01 34.53
C VAL LA 99 84.79 70.79 35.11
N GLY LA 100 83.57 70.45 34.71
CA GLY LA 100 82.41 71.15 35.23
C GLY LA 100 82.27 71.05 36.75
N VAL LA 101 82.55 69.88 37.31
CA VAL LA 101 82.46 69.72 38.76
C VAL LA 101 83.51 70.59 39.45
N GLU LA 102 84.74 70.59 38.94
CA GLU LA 102 85.78 71.46 39.51
C GLU LA 102 85.37 72.93 39.42
N LEU LA 103 84.74 73.32 38.31
CA LEU LA 103 84.29 74.70 38.16
C LEU LA 103 83.14 75.02 39.11
N ALA LA 104 82.22 74.08 39.29
CA ALA LA 104 81.15 74.30 40.27
C ALA LA 104 81.73 74.45 41.66
N GLU LA 105 82.76 73.67 41.98
CA GLU LA 105 83.45 73.82 43.26
C GLU LA 105 84.03 75.22 43.40
N GLU LA 106 84.72 75.69 42.36
CA GLU LA 106 85.36 77.00 42.43
C GLU LA 106 84.33 78.11 42.49
N ALA LA 107 83.18 77.94 41.83
CA ALA LA 107 82.16 78.97 41.79
C ALA LA 107 81.17 78.89 42.95
N GLY LA 108 81.34 77.92 43.85
CA GLY LA 108 80.37 77.73 44.91
C GLY LA 108 78.98 77.44 44.39
N ALA LA 109 78.91 76.70 43.28
CA ALA LA 109 77.67 76.49 42.53
C ALA LA 109 76.99 75.18 42.92
N VAL LA 110 75.74 75.06 42.49
CA VAL LA 110 75.05 73.78 42.45
C VAL LA 110 75.17 73.22 41.04
N ILE LA 111 75.69 72.00 40.94
CA ILE LA 111 75.83 71.30 39.67
C ILE LA 111 74.81 70.17 39.64
N ASP LA 112 74.18 70.01 38.49
CA ASP LA 112 73.06 69.09 38.36
C ASP LA 112 72.93 68.68 36.90
N ASN LA 113 72.56 67.43 36.67
CA ASN LA 113 72.35 66.94 35.30
C ASN LA 113 70.88 66.56 35.12
N THR LA 114 70.56 66.11 33.90
CA THR LA 114 69.18 65.83 33.53
C THR LA 114 68.56 64.71 34.35
N ALA LA 115 69.36 63.98 35.14
CA ALA LA 115 68.79 63.01 36.07
C ALA LA 115 67.69 63.63 36.91
N SER LA 116 67.82 64.93 37.23
CA SER LA 116 66.84 65.61 38.07
C SER LA 116 65.47 65.73 37.42
N VAL LA 117 65.37 65.65 36.10
CA VAL LA 117 64.09 65.59 35.41
C VAL LA 117 63.85 64.20 34.82
N CYS LA 118 64.64 63.21 35.20
CA CYS LA 118 64.63 61.93 34.50
C CYS LA 118 64.62 60.75 35.46
N HIS LA 119 65.75 60.07 35.60
CA HIS LA 119 65.87 58.92 36.49
C HIS LA 119 66.43 59.27 37.86
N GLY LA 120 66.53 60.56 38.19
CA GLY LA 120 66.71 61.02 39.54
C GLY LA 120 65.92 60.26 40.58
N PRO LA 121 64.60 60.14 40.39
CA PRO LA 121 63.80 59.33 41.33
C PRO LA 121 64.30 57.91 41.50
N SER LA 122 64.86 57.30 40.44
CA SER LA 122 65.49 56.00 40.60
C SER LA 122 66.76 56.09 41.45
N VAL LA 123 67.49 57.20 41.35
CA VAL LA 123 68.65 57.41 42.20
C VAL LA 123 68.23 57.46 43.66
N LEU LA 124 67.25 58.30 43.97
CA LEU LA 124 66.72 58.37 45.33
C LEU LA 124 66.28 56.99 45.80
N ALA LA 125 65.58 56.25 44.94
CA ALA LA 125 65.09 54.93 45.30
C ALA LA 125 66.24 53.95 45.56
N LEU LA 126 67.22 53.92 44.65
CA LEU LA 126 68.32 52.98 44.82
C LEU LA 126 69.18 53.32 46.03
N GLN LA 127 69.27 54.61 46.38
CA GLN LA 127 69.95 54.98 47.61
C GLN LA 127 69.23 54.49 48.86
N ASP LA 128 67.91 54.28 48.77
CA ASP LA 128 67.17 53.82 49.94
C ASP LA 128 67.10 52.30 50.03
N VAL LA 129 66.93 51.60 48.92
CA VAL LA 129 66.66 50.17 48.96
C VAL LA 129 67.67 49.32 48.20
N GLY LA 130 68.41 49.86 47.22
CA GLY LA 130 69.41 49.07 46.55
C GLY LA 130 69.29 49.16 45.04
N TYR LA 131 70.10 48.36 44.35
CA TYR LA 131 70.33 48.54 42.92
C TYR LA 131 70.79 47.24 42.26
N PRO LA 132 69.91 46.25 42.08
CA PRO LA 132 70.36 44.95 41.53
C PRO LA 132 70.33 44.92 40.01
N ILE LA 133 71.48 45.12 39.37
CA ILE LA 133 71.49 45.24 37.91
C ILE LA 133 72.39 44.18 37.27
N CYS LA 134 72.44 44.20 35.95
CA CYS LA 134 73.39 43.42 35.17
C CYS LA 134 73.65 44.19 33.90
N THR LA 135 74.58 43.70 33.10
CA THR LA 135 74.89 44.32 31.82
C THR LA 135 74.10 43.67 30.69
N PHE LA 136 74.01 44.39 29.56
CA PHE LA 136 73.20 43.92 28.43
C PHE LA 136 73.53 42.49 28.04
N GLY LA 137 74.81 42.11 28.12
CA GLY LA 137 75.21 40.79 27.64
C GLY LA 137 74.63 39.64 28.45
N GLU LA 138 74.40 39.84 29.74
CA GLU LA 138 73.73 38.82 30.53
C GLU LA 138 72.26 38.69 30.13
N VAL LA 139 71.62 39.81 29.80
CA VAL LA 139 70.25 39.78 29.29
C VAL LA 139 70.20 39.03 27.97
N LYS LA 140 71.03 39.43 27.02
CA LYS LA 140 71.08 38.77 25.72
C LYS LA 140 71.33 37.27 25.85
N ASN LA 141 72.24 36.86 26.73
CA ASN LA 141 72.68 35.47 26.77
C ASN LA 141 71.84 34.59 27.71
N ARG LA 142 71.13 35.18 28.66
CA ARG LA 142 70.41 34.41 29.67
C ARG LA 142 68.94 34.71 29.79
N ALA LA 143 68.50 35.92 29.46
CA ALA LA 143 67.20 36.39 29.93
C ALA LA 143 66.08 35.51 29.38
N ASP LA 144 65.28 35.02 30.31
CA ASP LA 144 64.13 34.14 30.09
C ASP LA 144 62.83 34.93 30.04
N VAL LA 145 62.77 36.00 30.83
CA VAL LA 145 61.61 36.88 30.93
C VAL LA 145 62.13 38.31 30.86
N VAL LA 146 61.52 39.12 29.99
CA VAL LA 146 61.96 40.48 29.75
C VAL LA 146 60.77 41.41 29.97
N VAL LA 147 60.90 42.35 30.91
CA VAL LA 147 59.84 43.28 31.24
C VAL LA 147 60.28 44.67 30.85
N TYR LA 148 59.41 45.38 30.13
CA TYR LA 148 59.53 46.81 29.88
C TYR LA 148 58.41 47.50 30.65
N TRP LA 149 58.77 48.17 31.73
CA TRP LA 149 57.79 48.75 32.65
C TRP LA 149 57.81 50.28 32.48
N GLY LA 150 56.72 50.82 31.94
CA GLY LA 150 56.61 52.26 31.76
C GLY LA 150 57.69 52.87 30.89
N CYS LA 151 58.12 52.15 29.86
CA CYS LA 151 59.06 52.68 28.87
C CYS LA 151 58.64 52.17 27.51
N ASN LA 152 58.98 52.95 26.48
CA ASN LA 152 58.52 52.70 25.11
C ASN LA 152 59.74 52.61 24.20
N PRO LA 153 60.49 51.51 24.27
CA PRO LA 153 61.77 51.45 23.53
C PRO LA 153 61.63 51.62 22.03
N MET LA 154 60.50 51.20 21.45
CA MET LA 154 60.33 51.35 20.01
C MET LA 154 60.42 52.82 19.59
N HIS LA 155 60.05 53.74 20.47
CA HIS LA 155 60.15 55.16 20.17
C HIS LA 155 61.30 55.86 20.89
N ALA LA 156 61.81 55.30 22.00
CA ALA LA 156 62.79 55.98 22.82
C ALA LA 156 64.15 55.30 22.91
N HIS LA 157 64.25 54.01 22.62
CA HIS LA 157 65.52 53.31 22.49
C HIS LA 157 65.38 52.32 21.34
N PRO LA 158 65.24 52.83 20.12
CA PRO LA 158 64.66 52.02 19.02
C PRO LA 158 65.33 50.69 18.81
N ARG LA 159 66.64 50.59 19.01
CA ARG LA 159 67.32 49.33 18.77
C ARG LA 159 67.45 48.48 20.03
N HIS LA 160 66.92 48.95 21.17
CA HIS LA 160 67.11 48.25 22.43
C HIS LA 160 66.52 46.85 22.40
N MET LA 161 65.34 46.69 21.80
CA MET LA 161 64.71 45.38 21.71
C MET LA 161 65.48 44.46 20.76
N SER LA 162 65.91 44.99 19.61
CA SER LA 162 66.60 44.15 18.63
C SER LA 162 67.91 43.60 19.18
N ARG LA 163 68.61 44.36 20.02
CA ARG LA 163 69.88 43.86 20.54
C ARG LA 163 69.74 42.99 21.78
N ASN LA 164 68.68 43.16 22.58
CA ASN LA 164 68.55 42.43 23.83
C ASN LA 164 67.45 41.38 23.82
N VAL LA 165 66.46 41.48 22.95
CA VAL LA 165 65.31 40.58 22.93
C VAL LA 165 65.35 39.66 21.71
N PHE LA 166 65.37 40.24 20.50
CA PHE LA 166 65.43 39.44 19.29
C PHE LA 166 66.79 38.80 19.06
N ALA LA 167 67.82 39.27 19.76
CA ALA LA 167 69.16 38.71 19.60
C ALA LA 167 69.20 37.28 20.11
N ARG LA 168 69.98 36.44 19.42
CA ARG LA 168 70.19 35.07 19.85
C ARG LA 168 71.41 35.01 20.76
N GLY LA 169 71.19 34.59 22.01
CA GLY LA 169 72.23 34.56 23.01
C GLY LA 169 72.73 33.15 23.27
N PHE LA 170 73.75 33.08 24.14
CA PHE LA 170 74.42 31.82 24.42
C PHE LA 170 73.44 30.75 24.90
N PHE LA 171 72.63 31.07 25.91
CA PHE LA 171 71.63 30.16 26.45
C PHE LA 171 70.24 30.40 25.88
N ARG LA 172 70.08 31.39 25.00
CA ARG LA 172 68.79 31.72 24.39
C ARG LA 172 68.97 31.79 22.88
N GLU LA 173 69.46 30.69 22.30
CA GLU LA 173 69.84 30.65 20.89
C GLU LA 173 68.67 30.83 19.93
N ARG LA 174 67.43 30.80 20.43
CA ARG LA 174 66.27 31.03 19.56
C ARG LA 174 65.79 32.48 19.62
N GLY LA 175 66.53 33.37 20.26
CA GLY LA 175 66.16 34.78 20.32
C GLY LA 175 64.76 35.00 20.87
N ARG LA 176 63.95 35.73 20.09
CA ARG LA 176 62.61 36.14 20.55
C ARG LA 176 61.78 34.96 21.02
N SER LA 177 61.94 33.80 20.39
CA SER LA 177 61.16 32.62 20.76
C SER LA 177 61.49 32.10 22.15
N ASP LA 178 62.67 32.42 22.69
CA ASP LA 178 63.09 31.90 23.99
C ASP LA 178 62.71 32.81 25.16
N ARG LA 179 61.95 33.88 24.93
CA ARG LA 179 61.67 34.83 25.99
C ARG LA 179 60.20 35.20 26.06
N THR LA 180 59.71 35.32 27.28
CA THR LA 180 58.39 35.87 27.53
C THR LA 180 58.53 37.39 27.69
N LEU LA 181 57.90 38.13 26.80
CA LEU LA 181 58.00 39.58 26.75
C LEU LA 181 56.79 40.21 27.41
N ILE LA 182 57.03 41.07 28.40
CA ILE LA 182 55.98 41.74 29.15
C ILE LA 182 56.20 43.24 29.06
N VAL LA 183 55.11 43.98 28.84
CA VAL LA 183 55.14 45.43 28.80
C VAL LA 183 54.02 45.96 29.70
N VAL LA 184 54.34 46.92 30.55
CA VAL LA 184 53.39 47.49 31.50
C VAL LA 184 53.27 48.98 31.18
N ASP LA 185 52.12 49.39 30.67
CA ASP LA 185 51.93 50.73 30.14
C ASP LA 185 50.45 51.00 29.94
N PRO LA 186 49.94 52.16 30.35
CA PRO LA 186 48.52 52.46 30.11
C PRO LA 186 48.17 52.65 28.65
N ARG LA 187 49.16 52.83 27.78
CA ARG LA 187 48.91 52.93 26.35
C ARG LA 187 49.28 51.64 25.64
N LYS LA 188 48.54 51.34 24.58
CA LYS LA 188 48.91 50.30 23.64
C LYS LA 188 49.98 50.89 22.72
N THR LA 189 51.20 50.97 23.25
CA THR LA 189 52.32 51.52 22.50
C THR LA 189 52.81 50.49 21.49
N ASP LA 190 53.65 50.96 20.56
CA ASP LA 190 54.25 50.05 19.61
C ASP LA 190 55.16 49.04 20.29
N SER LA 191 55.68 49.37 21.47
CA SER LA 191 56.41 48.38 22.26
C SER LA 191 55.47 47.32 22.80
N ALA LA 192 54.30 47.74 23.33
CA ALA LA 192 53.33 46.79 23.84
C ALA LA 192 52.78 45.89 22.76
N LYS LA 193 52.72 46.38 21.52
CA LYS LA 193 52.21 45.56 20.41
C LYS LA 193 53.04 44.31 20.19
N LEU LA 194 54.32 44.32 20.57
CA LEU LA 194 55.18 43.16 20.41
C LEU LA 194 55.14 42.22 21.62
N ALA LA 195 54.40 42.56 22.67
CA ALA LA 195 54.48 41.83 23.93
C ALA LA 195 53.65 40.55 23.89
N ASP LA 196 54.10 39.55 24.64
CA ASP LA 196 53.28 38.38 24.93
C ASP LA 196 52.22 38.70 25.96
N ILE LA 197 52.57 39.54 26.93
CA ILE LA 197 51.64 40.00 27.95
C ILE LA 197 51.69 41.52 27.98
N HIS LA 198 50.52 42.15 27.91
CA HIS LA 198 50.43 43.60 28.06
C HIS LA 198 49.49 43.92 29.21
N LEU LA 199 50.05 44.32 30.35
CA LEU LA 199 49.26 44.87 31.44
C LEU LA 199 48.96 46.33 31.14
N GLN LA 200 47.76 46.61 30.64
CA GLN LA 200 47.32 47.97 30.36
C GLN LA 200 46.66 48.54 31.61
N LEU LA 201 47.52 48.84 32.60
CA LEU LA 201 47.06 49.24 33.92
C LEU LA 201 46.59 50.69 33.92
N ASP LA 202 45.89 51.05 34.99
CA ASP LA 202 45.46 52.42 35.20
C ASP LA 202 46.67 53.32 35.45
N PHE LA 203 46.67 54.50 34.83
CA PHE LA 203 47.76 55.45 35.04
C PHE LA 203 47.82 55.86 36.51
N ASP LA 204 49.02 56.26 36.94
CA ASP LA 204 49.29 56.70 38.31
C ASP LA 204 49.00 55.64 39.36
N ARG LA 205 48.96 54.35 38.98
CA ARG LA 205 48.61 53.32 39.95
C ARG LA 205 49.63 52.19 40.01
N ASP LA 206 50.84 52.38 39.45
CA ASP LA 206 51.87 51.36 39.50
C ASP LA 206 52.21 50.97 40.93
N TYR LA 207 52.34 51.96 41.82
CA TYR LA 207 52.69 51.65 43.20
C TYR LA 207 51.70 50.68 43.84
N GLU LA 208 50.41 50.87 43.54
CA GLU LA 208 49.39 49.99 44.10
C GLU LA 208 49.50 48.58 43.52
N LEU LA 209 49.74 48.48 42.21
CA LEU LA 209 49.87 47.18 41.58
C LEU LA 209 51.09 46.44 42.11
N LEU LA 210 52.21 47.15 42.26
CA LEU LA 210 53.42 46.53 42.78
C LEU LA 210 53.25 46.11 44.24
N ASP LA 211 52.39 46.81 45.00
CA ASP LA 211 52.14 46.39 46.37
C ASP LA 211 51.40 45.05 46.40
N ALA LA 212 50.39 44.90 45.54
CA ALA LA 212 49.67 43.63 45.45
C ALA LA 212 50.59 42.51 44.98
N MET LA 213 51.40 42.78 43.95
CA MET LA 213 52.30 41.77 43.42
C MET LA 213 53.27 41.26 44.48
N ARG LA 214 53.78 42.16 45.33
CA ARG LA 214 54.75 41.76 46.33
C ARG LA 214 54.10 41.01 47.48
N ALA LA 215 52.90 41.44 47.91
CA ALA LA 215 52.19 40.70 48.93
C ALA LA 215 51.90 39.28 48.46
N CYS LA 216 51.38 39.15 47.24
CA CYS LA 216 51.20 37.84 46.63
C CYS LA 216 52.50 37.05 46.60
N LEU LA 217 53.58 37.70 46.14
CA LEU LA 217 54.89 37.03 46.02
C LEU LA 217 55.32 36.39 47.33
N LEU LA 218 55.12 37.08 48.45
CA LEU LA 218 55.52 36.58 49.76
C LEU LA 218 54.43 35.75 50.44
N GLY LA 219 53.42 35.31 49.69
CA GLY LA 219 52.45 34.36 50.20
C GLY LA 219 51.19 34.94 50.78
N HIS LA 220 50.97 36.25 50.68
CA HIS LA 220 49.81 36.88 51.28
C HIS LA 220 48.71 37.00 50.22
N GLU LA 221 47.47 37.12 50.70
CA GLU LA 221 46.33 37.23 49.79
C GLU LA 221 46.07 38.69 49.45
N ILE LA 222 45.64 38.93 48.22
CA ILE LA 222 45.47 40.31 47.73
C ILE LA 222 44.15 40.85 48.25
N LEU LA 223 44.22 41.96 48.97
CA LEU LA 223 43.07 42.49 49.70
C LEU LA 223 41.88 42.76 48.77
N TYR LA 224 42.08 43.52 47.70
CA TYR LA 224 41.01 43.92 46.80
C TYR LA 224 40.88 43.00 45.57
N ASP LA 225 39.69 43.00 44.98
CA ASP LA 225 39.37 42.18 43.80
C ASP LA 225 39.94 42.73 42.50
N GLU LA 226 40.45 43.95 42.52
CA GLU LA 226 41.05 44.54 41.33
C GLU LA 226 42.02 45.60 41.83
N VAL LA 227 43.19 45.66 41.21
CA VAL LA 227 44.23 46.63 41.61
C VAL LA 227 44.81 47.24 40.35
N ALA LA 228 44.86 48.58 40.31
CA ALA LA 228 45.35 49.32 39.15
C ALA LA 228 44.64 48.90 37.87
N GLY LA 229 43.35 48.55 37.98
CA GLY LA 229 42.60 48.09 36.84
C GLY LA 229 42.88 46.68 36.39
N VAL LA 230 43.66 45.93 37.16
CA VAL LA 230 44.06 44.56 36.81
C VAL LA 230 43.33 43.59 37.74
N PRO LA 231 42.64 42.57 37.21
CA PRO LA 231 41.93 41.62 38.08
C PRO LA 231 42.87 40.82 38.96
N ARG LA 232 42.44 40.60 40.22
CA ARG LA 232 43.20 39.81 41.19
C ARG LA 232 43.84 38.55 40.62
N GLU LA 233 43.08 37.77 39.84
CA GLU LA 233 43.63 36.52 39.33
C GLU LA 233 44.80 36.76 38.40
N GLN LA 234 44.77 37.83 37.60
CA GLN LA 234 45.88 38.07 36.67
C GLN LA 234 47.14 38.59 37.37
N ILE LA 235 46.99 39.38 38.44
CA ILE LA 235 48.14 39.72 39.26
C ILE LA 235 48.85 38.45 39.72
N GLU LA 236 48.08 37.47 40.20
CA GLU LA 236 48.66 36.22 40.71
C GLU LA 236 49.36 35.42 39.60
N GLU LA 237 48.71 35.33 38.43
CA GLU LA 237 49.27 34.65 37.29
C GLU LA 237 50.51 35.38 36.76
N ALA LA 238 50.54 36.71 36.90
CA ALA LA 238 51.70 37.47 36.47
C ALA LA 238 52.88 37.24 37.41
N VAL LA 239 52.62 37.17 38.71
CA VAL LA 239 53.67 36.90 39.68
C VAL LA 239 54.25 35.52 39.47
N GLU LA 240 53.44 34.57 39.01
CA GLU LA 240 53.94 33.23 38.74
C GLU LA 240 54.86 33.22 37.52
N VAL LA 241 54.55 34.04 36.52
CA VAL LA 241 55.42 34.16 35.36
C VAL LA 241 56.81 34.61 35.79
N LEU LA 242 56.88 35.62 36.67
CA LEU LA 242 58.16 36.12 37.14
C LEU LA 242 58.86 35.11 38.03
N LYS LA 243 58.12 34.46 38.94
CA LYS LA 243 58.73 33.47 39.83
C LYS LA 243 59.29 32.28 39.05
N ASN LA 244 58.69 31.94 37.91
CA ASN LA 244 59.13 30.81 37.12
C ASN LA 244 60.22 31.17 36.10
N ALA LA 245 60.71 32.40 36.14
CA ALA LA 245 61.83 32.75 35.28
C ALA LA 245 63.09 31.98 35.67
N GLN LA 246 63.94 31.71 34.68
CA GLN LA 246 65.31 31.32 34.97
C GLN LA 246 66.22 32.51 35.12
N PHE LA 247 65.92 33.58 34.38
CA PHE LA 247 66.67 34.83 34.45
C PHE LA 247 65.73 35.91 33.95
N GLY LA 248 65.38 36.85 34.81
CA GLY LA 248 64.44 37.90 34.48
C GLY LA 248 65.12 39.26 34.53
N ILE LA 249 64.69 40.15 33.64
CA ILE LA 249 65.20 41.50 33.58
C ILE LA 249 64.03 42.47 33.57
N LEU LA 250 64.07 43.46 34.46
CA LEU LA 250 63.06 44.50 34.53
C LEU LA 250 63.65 45.80 34.00
N PHE LA 251 63.27 46.16 32.78
CA PHE LA 251 63.58 47.46 32.21
C PHE LA 251 62.44 48.41 32.57
N PHE LA 252 62.78 49.59 33.11
CA PHE LA 252 61.76 50.54 33.50
C PHE LA 252 62.18 51.94 33.07
N GLY LA 253 61.21 52.82 32.94
CA GLY LA 253 61.44 54.16 32.40
C GLY LA 253 60.52 55.22 32.94
N MET LA 254 60.28 56.24 32.11
CA MET LA 254 59.67 57.48 32.58
C MET LA 254 58.24 57.29 33.06
N GLY LA 255 57.57 56.22 32.65
CA GLY LA 255 56.22 55.97 33.11
C GLY LA 255 56.08 55.84 34.60
N ILE LA 256 57.16 55.53 35.32
CA ILE LA 256 57.08 55.41 36.78
C ILE LA 256 57.96 56.42 37.51
N THR LA 257 58.91 57.07 36.83
CA THR LA 257 59.66 58.14 37.50
C THR LA 257 58.88 59.44 37.50
N HIS LA 258 58.15 59.72 36.42
CA HIS LA 258 57.37 60.94 36.31
C HIS LA 258 55.99 60.80 36.92
N SER LA 259 55.55 59.58 37.21
CA SER LA 259 54.21 59.29 37.66
C SER LA 259 54.03 59.66 39.12
N ARG LA 260 52.77 59.58 39.57
CA ARG LA 260 52.44 59.81 40.96
C ARG LA 260 53.25 58.87 41.85
N GLY LA 261 53.96 59.43 42.83
CA GLY LA 261 54.83 58.68 43.70
C GLY LA 261 56.30 58.78 43.33
N LYS LA 262 56.59 58.94 42.04
CA LYS LA 262 57.95 59.15 41.52
C LYS LA 262 58.96 58.16 42.09
N HIS LA 263 59.86 58.61 42.98
CA HIS LA 263 60.95 57.74 43.41
C HIS LA 263 60.44 56.50 44.13
N ARG LA 264 59.27 56.60 44.75
CA ARG LA 264 58.72 55.45 45.46
C ARG LA 264 58.11 54.41 44.53
N ASN LA 265 57.78 54.78 43.29
CA ASN LA 265 57.45 53.76 42.29
C ASN LA 265 58.67 52.90 41.99
N ILE LA 266 59.84 53.53 41.86
CA ILE LA 266 61.06 52.79 41.61
C ILE LA 266 61.43 51.95 42.82
N ASP LA 267 61.23 52.51 44.01
CA ASP LA 267 61.53 51.85 45.28
C ASP LA 267 60.85 50.49 45.36
N THR LA 268 59.52 50.48 45.22
CA THR LA 268 58.76 49.24 45.35
C THR LA 268 59.11 48.25 44.24
N ALA LA 269 59.38 48.75 43.03
CA ALA LA 269 59.81 47.88 41.94
C ALA LA 269 61.15 47.21 42.26
N ILE LA 270 62.09 47.98 42.80
CA ILE LA 270 63.40 47.42 43.16
C ILE LA 270 63.24 46.30 44.18
N MET LA 271 62.45 46.56 45.22
CA MET LA 271 62.34 45.59 46.30
C MET LA 271 61.64 44.31 45.85
N MET LA 272 60.73 44.40 44.89
CA MET LA 272 60.14 43.19 44.32
C MET LA 272 61.18 42.38 43.56
N VAL LA 273 61.98 43.06 42.73
CA VAL LA 273 63.07 42.39 42.02
C VAL LA 273 64.00 41.70 43.00
N GLN LA 274 64.35 42.39 44.09
CA GLN LA 274 65.19 41.80 45.11
C GLN LA 274 64.55 40.53 45.69
N ASP LA 275 63.31 40.65 46.16
CA ASP LA 275 62.66 39.53 46.82
C ASP LA 275 62.42 38.37 45.86
N LEU LA 276 62.27 38.65 44.55
CA LEU LA 276 62.10 37.57 43.57
C LEU LA 276 63.30 36.64 43.55
N ASN LA 277 64.48 37.08 43.99
CA ASN LA 277 65.67 36.26 43.89
C ASN LA 277 65.63 35.04 44.81
N ASP LA 278 64.67 34.96 45.72
CA ASP LA 278 64.47 33.72 46.47
C ASP LA 278 63.78 32.63 45.66
N TYR LA 279 63.16 32.99 44.55
CA TYR LA 279 62.52 32.03 43.66
C TYR LA 279 63.16 31.95 42.28
N ALA LA 280 63.75 33.04 41.80
CA ALA LA 280 64.30 33.08 40.46
C ALA LA 280 65.28 34.23 40.35
N LYS LA 281 66.31 34.03 39.53
CA LYS LA 281 67.29 35.09 39.33
C LYS LA 281 66.60 36.28 38.68
N TRP LA 282 66.77 37.45 39.28
CA TRP LA 282 66.10 38.64 38.78
C TRP LA 282 66.97 39.87 38.98
N THR LA 283 66.85 40.80 38.05
CA THR LA 283 67.74 41.95 37.99
C THR LA 283 66.98 43.04 37.25
N LEU LA 284 67.46 44.28 37.35
CA LEU LA 284 66.78 45.38 36.69
C LEU LA 284 67.78 46.37 36.12
N ILE LA 285 67.31 47.13 35.12
CA ILE LA 285 68.13 48.16 34.47
C ILE LA 285 67.27 49.38 34.20
N PRO LA 286 67.61 50.55 34.75
CA PRO LA 286 66.89 51.77 34.36
C PRO LA 286 67.24 52.16 32.94
N MET LA 287 66.22 52.51 32.16
CA MET LA 287 66.39 52.86 30.75
C MET LA 287 66.88 54.30 30.65
N ARG LA 288 68.14 54.50 31.00
CA ARG LA 288 68.66 55.87 31.08
C ARG LA 288 68.62 56.52 29.71
N GLY LA 289 68.26 57.80 29.70
CA GLY LA 289 67.90 58.47 28.48
C GLY LA 289 69.03 58.83 27.55
N HIS LA 290 69.77 59.89 27.88
CA HIS LA 290 70.82 60.35 26.99
C HIS LA 290 72.01 59.42 27.05
N TYR LA 291 72.83 59.48 26.00
CA TYR LA 291 73.95 58.56 25.87
C TYR LA 291 74.96 58.70 27.00
N ASN LA 292 74.98 59.82 27.72
CA ASN LA 292 75.96 59.96 28.79
C ASN LA 292 75.37 60.66 30.03
N VAL LA 293 74.07 60.55 30.25
CA VAL LA 293 73.52 60.91 31.56
C VAL LA 293 74.18 60.07 32.63
N THR LA 294 74.36 58.78 32.34
CA THR LA 294 75.00 57.86 33.29
C THR LA 294 76.41 58.33 33.64
N GLY LA 295 77.14 58.82 32.65
CA GLY LA 295 78.53 59.23 32.89
C GLY LA 295 78.66 60.36 33.88
N PHE LA 296 77.75 61.34 33.82
CA PHE LA 296 77.84 62.44 34.79
C PHE LA 296 77.62 61.92 36.20
N ASN LA 297 76.58 61.12 36.40
CA ASN LA 297 76.32 60.59 37.73
C ASN LA 297 77.49 59.76 38.22
N GLN LA 298 78.20 59.10 37.30
CA GLN LA 298 79.43 58.39 37.66
C GLN LA 298 80.52 59.37 38.08
N VAL LA 299 80.85 60.33 37.20
CA VAL LA 299 81.92 61.27 37.46
C VAL LA 299 81.65 62.07 38.73
N CYS LA 300 80.45 62.66 38.82
CA CYS LA 300 80.13 63.49 39.98
C CYS LA 300 80.16 62.68 41.27
N THR LA 301 79.72 61.42 41.21
CA THR LA 301 79.75 60.58 42.40
C THR LA 301 81.19 60.32 42.84
N TRP LA 302 82.07 59.95 41.91
CA TRP LA 302 83.42 59.56 42.33
C TRP LA 302 84.26 60.77 42.71
N GLU LA 303 83.98 61.95 42.15
CA GLU LA 303 84.73 63.14 42.56
C GLU LA 303 84.21 63.74 43.86
N SER LA 304 82.90 63.73 44.08
CA SER LA 304 82.32 64.45 45.21
C SER LA 304 81.65 63.57 46.25
N GLY LA 305 81.21 62.37 45.89
CA GLY LA 305 80.50 61.51 46.81
C GLY LA 305 79.01 61.44 46.55
N TYR LA 306 78.46 62.37 45.77
CA TYR LA 306 77.05 62.47 45.45
C TYR LA 306 76.84 62.49 43.94
N PRO LA 307 75.72 61.97 43.44
CA PRO LA 307 75.57 61.79 41.99
C PRO LA 307 75.00 62.97 41.23
N TYR LA 308 74.11 63.74 41.86
CA TYR LA 308 73.52 64.91 41.23
C TYR LA 308 72.97 65.81 42.34
N CYS LA 309 72.40 66.95 41.94
CA CYS LA 309 71.87 67.93 42.89
C CYS LA 309 72.91 68.31 43.95
N VAL LA 310 74.15 68.51 43.51
CA VAL LA 310 75.28 68.69 44.41
C VAL LA 310 75.51 70.17 44.62
N ASP LA 311 75.54 70.59 45.88
CA ASP LA 311 75.66 71.99 46.26
C ASP LA 311 77.02 72.21 46.90
N PHE LA 312 77.85 73.03 46.26
CA PHE LA 312 79.18 73.37 46.77
C PHE LA 312 79.22 74.74 47.46
N SER LA 313 78.07 75.40 47.61
CA SER LA 313 78.05 76.76 48.18
C SER LA 313 78.86 76.86 49.46
N GLY LA 314 78.79 75.86 50.32
CA GLY LA 314 79.50 75.85 51.57
C GLY LA 314 80.92 75.31 51.51
N GLY LA 315 81.44 75.01 50.32
CA GLY LA 315 82.76 74.41 50.18
C GLY LA 315 82.68 72.91 50.16
N GLU LA 316 82.25 72.34 51.27
CA GLU LA 316 81.95 70.92 51.34
C GLU LA 316 80.79 70.58 50.40
N PRO LA 317 80.76 69.36 49.85
CA PRO LA 317 79.62 68.96 49.01
C PRO LA 317 78.44 68.56 49.87
N ARG LA 318 77.25 69.05 49.49
CA ARG LA 318 76.01 68.69 50.16
C ARG LA 318 74.96 68.30 49.13
N TYR LA 319 73.95 67.56 49.59
CA TYR LA 319 73.09 66.81 48.68
C TYR LA 319 71.69 66.71 49.25
N ASN LA 320 70.73 67.39 48.63
CA ASN LA 320 69.33 67.34 49.04
C ASN LA 320 68.44 67.51 47.82
N PRO LA 321 68.20 66.44 47.06
CA PRO LA 321 67.22 66.52 45.97
C PRO LA 321 65.84 66.91 46.50
N GLY LA 322 65.21 67.85 45.81
CA GLY LA 322 64.04 68.54 46.29
C GLY LA 322 64.32 69.94 46.77
N GLU LA 323 65.57 70.19 47.18
CA GLU LA 323 66.08 71.52 47.47
C GLU LA 323 67.12 71.98 46.45
N THR LA 324 68.11 71.13 46.17
CA THR LA 324 69.27 71.52 45.39
C THR LA 324 69.21 71.02 43.94
N GLY LA 325 68.01 70.73 43.46
CA GLY LA 325 67.81 70.30 42.08
C GLY LA 325 67.45 71.48 41.19
N ALA LA 326 67.81 71.36 39.91
CA ALA LA 326 67.62 72.45 38.94
C ALA LA 326 66.24 73.09 39.05
N ASN LA 327 65.19 72.28 39.03
CA ASN LA 327 63.83 72.83 39.09
C ASN LA 327 63.51 73.41 40.46
N ASP LA 328 64.12 72.90 41.53
CA ASP LA 328 63.91 73.49 42.84
C ASP LA 328 64.50 74.90 42.91
N LEU LA 329 65.73 75.07 42.44
CA LEU LA 329 66.36 76.38 42.51
C LEU LA 329 65.61 77.38 41.63
N LEU LA 330 65.17 76.93 40.44
CA LEU LA 330 64.45 77.82 39.53
C LEU LA 330 63.05 78.14 40.04
N GLN LA 331 62.26 77.12 40.39
CA GLN LA 331 60.89 77.36 40.80
C GLN LA 331 60.80 78.08 42.14
N ASN LA 332 61.76 77.88 43.03
CA ASN LA 332 61.79 78.63 44.27
C ASN LA 332 62.55 79.94 44.13
N ARG LA 333 63.02 80.28 42.92
CA ARG LA 333 63.63 81.58 42.68
C ARG LA 333 64.91 81.78 43.47
N GLU LA 334 65.55 80.65 43.82
CA GLU LA 334 66.81 80.68 44.55
C GLU LA 334 68.00 80.96 43.63
N ALA LA 335 68.02 80.35 42.45
CA ALA LA 335 69.12 80.53 41.52
C ALA LA 335 69.13 81.95 40.98
N ASP LA 336 70.30 82.59 41.00
CA ASP LA 336 70.44 83.94 40.46
C ASP LA 336 71.24 83.98 39.16
N ALA LA 337 71.63 82.83 38.63
CA ALA LA 337 72.24 82.69 37.32
C ALA LA 337 72.25 81.21 36.97
N MET LA 338 72.30 80.92 35.68
CA MET LA 338 72.23 79.54 35.21
C MET LA 338 73.15 79.35 34.01
N MET LA 339 73.96 78.30 34.06
CA MET LA 339 74.80 77.91 32.94
C MET LA 339 74.27 76.59 32.42
N VAL LA 340 73.89 76.56 31.14
CA VAL LA 340 73.37 75.36 30.51
C VAL LA 340 74.46 74.77 29.64
N ILE LA 341 74.66 73.45 29.71
CA ILE LA 341 75.59 72.79 28.79
C ILE LA 341 75.01 71.45 28.36
N ALA LA 342 74.97 71.22 27.05
CA ALA LA 342 74.55 69.95 26.45
C ALA LA 342 73.19 69.50 26.96
N SER LA 343 72.25 70.44 26.99
CA SER LA 343 70.89 70.16 27.42
C SER LA 343 70.02 71.34 27.04
N ASP LA 344 68.70 71.12 27.06
CA ASP LA 344 67.72 72.10 26.58
C ASP LA 344 66.57 72.24 27.57
N PRO LA 345 66.81 72.87 28.73
CA PRO LA 345 65.71 73.09 29.67
C PRO LA 345 64.67 74.08 29.18
N GLY LA 346 65.03 74.95 28.24
CA GLY LA 346 64.02 75.82 27.64
C GLY LA 346 62.90 75.04 26.98
N ALA LA 347 63.25 73.96 26.29
CA ALA LA 347 62.25 73.08 25.69
C ALA LA 347 61.64 72.13 26.70
N HIS LA 348 62.37 71.77 27.75
CA HIS LA 348 62.02 70.57 28.51
C HIS LA 348 61.89 70.79 30.01
N PHE LA 349 61.90 72.03 30.48
CA PHE LA 349 61.44 72.28 31.84
C PHE LA 349 60.01 72.80 31.84
N PRO LA 350 59.28 72.68 32.94
CA PRO LA 350 57.92 73.20 32.98
C PRO LA 350 57.90 74.73 33.02
N GLN LA 351 56.72 75.28 32.69
CA GLN LA 351 56.52 76.73 32.60
C GLN LA 351 57.09 77.46 33.82
N ARG LA 352 56.82 76.96 35.02
CA ARG LA 352 57.17 77.70 36.23
C ARG LA 352 58.68 77.89 36.35
N ALA LA 353 59.46 76.93 35.86
CA ALA LA 353 60.92 77.09 35.90
C ALA LA 353 61.40 78.06 34.83
N LEU LA 354 60.82 78.02 33.63
CA LEU LA 354 61.21 78.94 32.58
C LEU LA 354 60.90 80.38 32.96
N GLU LA 355 59.82 80.59 33.69
CA GLU LA 355 59.49 81.93 34.21
C GLU LA 355 60.68 82.51 34.95
N ARG LA 356 61.44 81.66 35.62
CA ARG LA 356 62.61 82.10 36.36
C ARG LA 356 63.82 82.29 35.44
N MET LA 357 63.95 81.44 34.42
CA MET LA 357 65.01 81.62 33.43
C MET LA 357 64.89 82.96 32.72
N ALA LA 358 63.68 83.50 32.63
CA ALA LA 358 63.46 84.79 31.96
C ALA LA 358 64.07 85.97 32.70
N GLU LA 359 64.31 85.85 34.01
CA GLU LA 359 64.74 86.99 34.83
C GLU LA 359 66.23 86.96 35.16
N ILE LA 360 66.97 85.94 34.72
CA ILE LA 360 68.32 85.72 35.23
C ILE LA 360 69.26 85.53 34.05
N PRO LA 361 70.56 85.74 34.26
CA PRO LA 361 71.54 85.48 33.19
C PRO LA 361 71.61 83.99 32.89
N VAL LA 362 71.47 83.64 31.61
CA VAL LA 362 71.51 82.26 31.17
C VAL LA 362 72.69 82.08 30.22
N ILE LA 363 73.58 81.16 30.55
CA ILE LA 363 74.70 80.78 29.71
C ILE LA 363 74.36 79.47 29.04
N ALA LA 364 74.67 79.34 27.75
CA ALA LA 364 74.26 78.15 27.00
C ALA LA 364 75.44 77.66 26.17
N ILE LA 365 76.03 76.53 26.58
CA ILE LA 365 77.06 75.86 25.79
C ILE LA 365 76.31 74.93 24.85
N GLU LA 366 76.02 75.42 23.64
CA GLU LA 366 75.06 74.76 22.75
C GLU LA 366 75.37 74.94 21.28
N PRO LA 367 75.39 73.86 20.49
CA PRO LA 367 75.75 74.00 19.07
C PRO LA 367 74.60 74.43 18.16
N HIS LA 368 73.36 74.20 18.56
CA HIS LA 368 72.22 74.37 17.67
C HIS LA 368 71.26 75.38 18.26
N ARG LA 369 70.31 75.80 17.44
CA ARG LA 369 69.33 76.77 17.88
C ARG LA 369 68.18 76.05 18.60
N THR LA 370 67.90 76.47 19.83
CA THR LA 370 66.94 75.78 20.68
C THR LA 370 66.08 76.76 21.47
N PRO LA 371 64.99 76.29 22.10
CA PRO LA 371 64.29 77.15 23.06
C PRO LA 371 65.16 77.70 24.18
N THR LA 372 66.26 77.03 24.53
CA THR LA 372 67.14 77.57 25.56
C THR LA 372 67.95 78.75 25.02
N THR LA 373 68.52 78.60 23.81
CA THR LA 373 69.23 79.71 23.20
C THR LA 373 68.32 80.92 22.99
N GLU LA 374 67.02 80.68 22.78
CA GLU LA 374 66.07 81.79 22.69
C GLU LA 374 65.86 82.48 24.04
N MET LA 375 66.19 81.82 25.14
CA MET LA 375 66.14 82.43 26.47
C MET LA 375 67.54 82.69 27.02
N ALA LA 376 68.57 82.62 26.18
CA ALA LA 376 69.95 82.70 26.62
C ALA LA 376 70.50 84.11 26.47
N ASP LA 377 71.49 84.43 27.31
CA ASP LA 377 72.22 85.69 27.21
C ASP LA 377 73.56 85.54 26.50
N ILE LA 378 74.25 84.42 26.70
CA ILE LA 378 75.51 84.13 26.04
C ILE LA 378 75.42 82.74 25.41
N ILE LA 379 75.83 82.64 24.15
CA ILE LA 379 75.81 81.37 23.41
C ILE LA 379 77.24 81.06 23.00
N ILE LA 380 77.72 79.88 23.39
CA ILE LA 380 79.07 79.42 23.06
C ILE LA 380 78.95 78.05 22.40
N PRO LA 381 79.12 77.95 21.08
CA PRO LA 381 78.89 76.66 20.39
C PRO LA 381 80.13 75.80 20.40
N PRO LA 382 79.99 74.49 20.67
CA PRO LA 382 81.17 73.61 20.72
C PRO LA 382 81.23 72.55 19.63
N ALA LA 383 82.36 71.85 19.55
CA ALA LA 383 82.43 70.63 18.78
C ALA LA 383 81.62 69.54 19.46
N ILE LA 384 80.90 68.76 18.66
CA ILE LA 384 79.89 67.83 19.17
C ILE LA 384 80.52 66.48 19.47
N VAL LA 385 80.37 66.02 20.72
CA VAL LA 385 80.95 64.74 21.14
C VAL LA 385 80.31 63.60 20.36
N GLY LA 386 81.13 62.67 19.90
CA GLY LA 386 80.70 61.52 19.14
C GLY LA 386 80.79 61.71 17.64
N MET LA 387 80.91 62.96 17.18
CA MET LA 387 81.09 63.26 15.77
C MET LA 387 82.37 64.04 15.52
N GLU LA 388 82.62 65.10 16.28
CA GLU LA 388 83.78 65.95 16.11
C GLU LA 388 84.72 65.94 17.31
N ALA LA 389 84.37 65.24 18.39
CA ALA LA 389 85.16 65.24 19.61
C ALA LA 389 85.01 63.90 20.30
N GLU LA 390 86.08 63.42 20.93
CA GLU LA 390 86.09 62.10 21.54
C GLU LA 390 86.11 62.20 23.06
N GLY LA 391 85.81 61.07 23.69
CA GLY LA 391 85.73 61.01 25.14
C GLY LA 391 84.87 59.86 25.60
N THR LA 392 84.92 59.62 26.91
CA THR LA 392 84.20 58.50 27.52
C THR LA 392 82.73 58.83 27.72
N ALA LA 393 81.88 57.84 27.41
CA ALA LA 393 80.46 57.87 27.78
C ALA LA 393 80.11 56.56 28.49
N TYR LA 394 79.00 56.58 29.24
CA TYR LA 394 78.56 55.45 30.04
C TYR LA 394 77.18 54.99 29.61
N ARG LA 395 77.08 53.72 29.23
CA ARG LA 395 75.81 53.11 28.82
C ARG LA 395 74.88 52.98 30.03
N MET LA 396 73.60 52.70 29.75
CA MET LA 396 72.56 52.75 30.78
C MET LA 396 72.84 51.81 31.96
N GLU LA 397 73.62 50.74 31.75
CA GLU LA 397 73.96 49.84 32.85
C GLU LA 397 75.41 50.00 33.30
N GLY LA 398 76.01 51.16 33.04
CA GLY LA 398 77.30 51.49 33.61
C GLY LA 398 78.52 51.14 32.79
N VAL LA 399 78.36 50.51 31.63
CA VAL LA 399 79.51 50.09 30.83
C VAL LA 399 80.10 51.28 30.08
N PRO LA 400 81.38 51.59 30.29
CA PRO LA 400 82.02 52.74 29.62
C PRO LA 400 82.55 52.41 28.23
N ILE LA 401 82.22 53.26 27.27
CA ILE LA 401 82.70 53.13 25.90
C ILE LA 401 83.13 54.51 25.42
N ARG LA 402 84.27 54.55 24.71
CA ARG LA 402 84.86 55.82 24.31
C ARG LA 402 84.22 56.33 23.03
N MET LA 403 83.70 57.55 23.08
CA MET LA 403 83.13 58.19 21.91
C MET LA 403 84.22 58.55 20.91
N LYS LA 404 83.90 58.43 19.62
CA LYS LA 404 84.89 58.61 18.58
C LYS LA 404 84.77 59.98 17.91
N LYS LA 405 85.90 60.47 17.44
CA LYS LA 405 85.97 61.66 16.60
C LYS LA 405 86.03 61.21 15.15
N VAL LA 406 85.01 61.56 14.37
CA VAL LA 406 84.90 61.08 13.01
C VAL LA 406 85.33 62.14 12.01
N VAL LA 407 84.94 63.41 12.23
CA VAL LA 407 85.31 64.52 11.37
C VAL LA 407 85.83 65.67 12.22
N ASP LA 408 86.55 66.58 11.57
CA ASP LA 408 87.13 67.74 12.22
C ASP LA 408 86.16 68.93 12.27
N SER LA 409 86.36 69.76 13.28
CA SER LA 409 85.59 70.99 13.47
C SER LA 409 86.52 72.09 13.95
N ASP LA 410 86.28 73.30 13.46
CA ASP LA 410 87.05 74.47 13.90
C ASP LA 410 86.63 74.95 15.28
N LEU LA 411 85.47 74.56 15.75
CA LEU LA 411 85.00 74.98 17.05
C LEU LA 411 85.78 74.26 18.15
N LEU LA 412 85.79 74.86 19.33
CA LEU LA 412 86.42 74.28 20.51
C LEU LA 412 85.51 73.25 21.17
N SER LA 413 86.11 72.27 21.83
CA SER LA 413 85.36 71.23 22.55
C SER LA 413 84.82 71.78 23.87
N ASP LA 414 83.81 71.09 24.41
CA ASP LA 414 83.24 71.43 25.72
C ASP LA 414 84.35 71.51 26.77
N ARG LA 415 85.20 70.50 26.80
CA ARG LA 415 86.29 70.46 27.77
C ARG LA 415 87.15 71.70 27.64
N GLU LA 416 87.51 72.08 26.41
CA GLU LA 416 88.30 73.27 26.18
C GLU LA 416 87.58 74.53 26.65
N ILE LA 417 86.28 74.64 26.33
CA ILE LA 417 85.50 75.79 26.76
C ILE LA 417 85.46 75.86 28.29
N LEU LA 418 85.27 74.71 28.93
CA LEU LA 418 85.10 74.68 30.38
C LEU LA 418 86.42 74.96 31.11
N GLU LA 419 87.55 74.47 30.58
CA GLU LA 419 88.83 74.77 31.19
C GLU LA 419 89.18 76.24 31.08
N ARG LA 420 88.79 76.90 30.00
CA ARG LA 420 88.99 78.34 29.92
C ARG LA 420 88.01 79.07 30.83
N LEU LA 421 86.79 78.56 30.92
CA LEU LA 421 85.79 79.19 31.79
C LEU LA 421 86.23 79.14 33.25
N LEU LA 422 86.87 78.03 33.66
CA LEU LA 422 87.29 77.88 35.06
C LEU LA 422 88.48 78.75 35.40
N GLU LA 423 89.50 78.76 34.54
CA GLU LA 423 90.67 79.59 34.75
C GLU LA 423 90.28 81.04 34.83
N LYS LA 424 89.28 81.44 34.05
CA LYS LA 424 88.93 82.84 34.12
C LYS LA 424 87.93 83.11 35.23
N VAL LA 425 87.31 82.07 35.81
CA VAL LA 425 86.58 82.26 37.06
C VAL LA 425 87.55 82.45 38.21
N ARG LA 426 88.66 81.72 38.22
CA ARG LA 426 89.64 81.87 39.30
C ARG LA 426 90.24 83.26 39.29
N GLU LA 427 90.51 83.79 38.10
CA GLU LA 427 91.07 85.12 37.99
C GLU LA 427 90.19 86.16 38.68
N TYR LA 428 88.88 86.11 38.42
CA TYR LA 428 87.98 87.10 39.02
C TYR LA 428 87.87 86.94 40.53
N LYS LA 429 87.73 85.71 41.01
CA LYS LA 429 87.50 85.48 42.43
C LYS LA 429 88.76 85.48 43.28
N ALA LA 430 89.56 86.55 43.12
CA ALA LA 430 90.75 86.93 43.91
C ALA LA 430 91.66 87.77 43.04
N SER MA 2 66.51 86.49 78.86
CA SER MA 2 65.42 85.56 78.62
C SER MA 2 64.85 85.71 77.21
N GLU MA 3 64.37 86.89 76.87
CA GLU MA 3 63.82 87.15 75.55
C GLU MA 3 64.83 87.89 74.68
N ILE MA 4 65.15 87.29 73.54
CA ILE MA 4 66.01 87.90 72.52
C ILE MA 4 65.20 88.02 71.25
N ILE MA 5 65.05 89.24 70.75
CA ILE MA 5 64.18 89.53 69.61
C ILE MA 5 65.03 89.63 68.35
N LEU MA 6 64.64 88.90 67.32
CA LEU MA 6 65.24 89.03 65.99
C LEU MA 6 64.19 89.63 65.07
N THR MA 7 64.44 90.84 64.58
CA THR MA 7 63.53 91.46 63.63
C THR MA 7 64.11 91.33 62.24
N PRO MA 8 63.51 90.58 61.33
CA PRO MA 8 64.13 90.37 60.02
C PRO MA 8 64.04 91.63 59.16
N LYS MA 9 65.12 91.90 58.43
CA LYS MA 9 65.09 92.85 57.34
C LYS MA 9 64.43 92.19 56.13
N GLU MA 10 64.35 92.90 55.01
CA GLU MA 10 63.71 92.31 53.85
C GLU MA 10 64.58 91.15 53.37
N GLN MA 11 63.96 89.99 53.25
CA GLN MA 11 64.63 88.72 53.03
C GLN MA 11 65.07 88.56 51.57
N PRO MA 12 66.22 87.95 51.33
CA PRO MA 12 66.76 87.87 49.96
C PRO MA 12 66.15 86.73 49.15
N GLU MA 13 66.18 86.91 47.83
CA GLU MA 13 65.72 85.85 46.92
C GLU MA 13 66.61 84.62 47.03
N VAL MA 14 67.92 84.81 47.17
CA VAL MA 14 68.81 83.70 47.46
C VAL MA 14 68.69 83.44 48.95
N PRO MA 15 68.27 82.24 49.35
CA PRO MA 15 67.86 82.01 50.74
C PRO MA 15 69.03 82.05 51.71
N LEU MA 16 68.67 82.18 52.98
CA LEU MA 16 69.61 82.12 54.08
C LEU MA 16 69.60 80.72 54.68
N GLU MA 17 70.76 80.27 55.13
CA GLU MA 17 70.87 79.13 56.01
C GLU MA 17 71.37 79.62 57.36
N ALA MA 18 70.62 79.35 58.41
CA ALA MA 18 70.92 79.87 59.75
C ALA MA 18 70.84 78.75 60.80
N PRO MA 19 71.66 77.70 60.67
CA PRO MA 19 71.73 76.70 61.75
C PRO MA 19 72.04 77.31 63.11
N ASN MA 20 72.83 78.39 63.14
CA ASN MA 20 73.28 78.97 64.38
C ASN MA 20 72.21 79.79 65.09
N ILE MA 21 71.04 79.98 64.49
CA ILE MA 21 69.92 80.56 65.22
C ILE MA 21 69.28 79.47 66.07
N LYS MA 22 69.82 79.28 67.28
CA LYS MA 22 69.24 78.37 68.26
C LYS MA 22 69.72 78.81 69.63
N PRO MA 23 68.94 78.55 70.69
CA PRO MA 23 69.41 78.91 72.04
C PRO MA 23 70.81 78.42 72.38
N ASP MA 24 71.20 77.24 71.90
CA ASP MA 24 72.51 76.68 72.24
C ASP MA 24 73.63 77.63 71.86
N VAL MA 25 73.49 78.31 70.72
CA VAL MA 25 74.53 79.23 70.28
C VAL MA 25 74.35 80.61 70.93
N PHE MA 26 73.10 81.05 71.05
CA PHE MA 26 72.81 82.35 71.66
C PHE MA 26 73.22 82.43 73.12
N ALA MA 27 73.32 81.30 73.82
CA ALA MA 27 73.63 81.33 75.24
C ALA MA 27 75.01 81.89 75.50
N GLY MA 28 75.11 82.72 76.53
CA GLY MA 28 76.39 83.27 76.95
C GLY MA 28 76.96 84.35 76.07
N LYS MA 29 76.16 84.95 75.20
CA LYS MA 29 76.65 85.95 74.26
C LYS MA 29 75.88 87.26 74.40
N SER MA 30 76.62 88.37 74.33
CA SER MA 30 76.00 89.68 74.31
C SER MA 30 75.25 89.89 72.99
N ILE MA 31 74.46 90.97 72.95
CA ILE MA 31 73.69 91.30 71.75
C ILE MA 31 74.63 91.49 70.56
N GLU MA 32 75.78 92.13 70.79
CA GLU MA 32 76.72 92.43 69.71
C GLU MA 32 77.44 91.18 69.20
N GLU MA 33 77.68 90.20 70.08
CA GLU MA 33 78.25 88.94 69.62
C GLU MA 33 77.23 88.15 68.81
N ILE MA 34 75.96 88.25 69.19
CA ILE MA 34 74.89 87.62 68.42
C ILE MA 34 74.78 88.23 67.03
N LYS MA 35 74.92 89.55 66.92
CA LYS MA 35 74.92 90.17 65.59
C LYS MA 35 76.03 89.61 64.72
N ASN MA 36 77.10 89.10 65.32
CA ASN MA 36 78.29 88.65 64.61
C ASN MA 36 78.29 87.13 64.39
N ILE MA 37 77.22 86.44 64.80
CA ILE MA 37 77.08 85.01 64.54
C ILE MA 37 77.08 84.73 63.04
N GLN MA 38 77.71 83.61 62.65
CA GLN MA 38 77.84 83.27 61.24
C GLN MA 38 76.55 82.63 60.71
N ILE MA 39 76.11 83.09 59.54
CA ILE MA 39 75.09 82.44 58.73
C ILE MA 39 75.56 82.46 57.28
N MET MA 40 74.90 81.67 56.44
CA MET MA 40 75.19 81.60 55.01
C MET MA 40 74.15 82.36 54.21
N HIS MA 41 74.58 82.96 53.11
CA HIS MA 41 73.74 83.65 52.16
C HIS MA 41 74.18 83.17 50.79
N GLY MA 42 73.59 82.08 50.31
CA GLY MA 42 74.07 81.46 49.09
C GLY MA 42 75.46 80.88 49.34
N ASN MA 43 76.39 81.21 48.45
CA ASN MA 43 77.77 80.76 48.59
C ASN MA 43 78.65 81.75 49.35
N GLU MA 44 78.06 82.62 50.17
CA GLU MA 44 78.81 83.65 50.86
C GLU MA 44 78.55 83.61 52.36
N VAL MA 45 79.64 83.68 53.12
CA VAL MA 45 79.56 83.74 54.57
C VAL MA 45 79.24 85.17 54.98
N VAL MA 46 78.23 85.34 55.82
CA VAL MA 46 77.79 86.66 56.27
C VAL MA 46 77.49 86.61 57.76
N LYS MA 47 77.04 87.75 58.28
CA LYS MA 47 76.75 87.93 59.69
C LYS MA 47 75.25 88.01 59.91
N LEU MA 48 74.79 87.47 61.03
CA LEU MA 48 73.36 87.50 61.34
C LEU MA 48 72.84 88.93 61.35
N GLY MA 49 73.65 89.87 61.84
CA GLY MA 49 73.25 91.27 61.86
C GLY MA 49 72.95 91.83 60.49
N ASP MA 50 73.58 91.28 59.45
CA ASP MA 50 73.35 91.79 58.10
C ASP MA 50 71.92 91.59 57.63
N PHE MA 51 71.17 90.69 58.27
CA PHE MA 51 69.79 90.42 57.88
C PHE MA 51 68.79 90.47 59.02
N PHE MA 52 69.22 90.78 60.25
CA PHE MA 52 68.30 90.86 61.38
C PHE MA 52 68.73 91.98 62.31
N GLU MA 53 67.76 92.77 62.77
CA GLU MA 53 67.97 93.61 63.94
C GLU MA 53 67.88 92.73 65.17
N VAL MA 54 68.71 93.04 66.18
CA VAL MA 54 68.80 92.18 67.35
C VAL MA 54 68.66 93.06 68.59
N SER MA 55 67.68 92.74 69.44
CA SER MA 55 67.49 93.39 70.72
C SER MA 55 67.22 92.30 71.76
N GLY MA 56 67.12 92.71 73.02
CA GLY MA 56 66.75 91.80 74.08
C GLY MA 56 67.88 91.63 75.09
N GLU MA 57 67.63 90.74 76.03
CA GLU MA 57 68.51 90.55 77.17
C GLU MA 57 69.19 89.19 77.11
N PRO MA 58 70.52 89.14 77.25
CA PRO MA 58 71.25 87.86 77.20
C PRO MA 58 70.95 86.95 78.39
N ALA MA 59 71.50 85.74 78.30
CA ALA MA 59 71.41 84.73 79.33
C ALA MA 59 72.54 83.72 79.12
N ASP MA 60 72.96 83.05 80.20
CA ASP MA 60 74.09 82.13 80.13
C ASP MA 60 73.67 80.69 79.79
N ALA MA 61 72.44 80.31 80.10
CA ALA MA 61 72.07 78.93 79.82
C ALA MA 61 70.99 78.87 78.74
N PRO MA 62 71.08 77.90 77.82
CA PRO MA 62 70.07 77.82 76.75
C PRO MA 62 68.67 77.50 77.25
N GLU MA 63 68.52 76.87 78.42
CA GLU MA 63 67.18 76.61 78.94
C GLU MA 63 66.41 77.90 79.16
N ASP MA 64 67.11 79.00 79.44
CA ASP MA 64 66.48 80.25 79.85
C ASP MA 64 66.28 81.19 78.67
N ILE MA 65 66.62 80.77 77.46
CA ILE MA 65 66.62 81.66 76.32
C ILE MA 65 65.37 81.38 75.50
N LYS MA 66 64.68 82.45 75.12
CA LYS MA 66 63.52 82.41 74.25
C LYS MA 66 63.84 83.30 73.07
N ILE MA 67 64.02 82.69 71.89
CA ILE MA 67 64.27 83.45 70.68
C ILE MA 67 62.94 83.78 70.03
N ILE MA 68 62.73 85.05 69.72
CA ILE MA 68 61.55 85.52 69.02
C ILE MA 68 61.99 86.15 67.71
N ILE MA 69 61.50 85.59 66.60
CA ILE MA 69 61.72 86.15 65.28
C ILE MA 69 60.45 86.91 64.92
N ASP MA 70 60.50 88.22 65.09
CA ASP MA 70 59.31 89.08 64.97
C ASP MA 70 59.15 89.52 63.52
N GLY MA 71 58.81 88.56 62.68
CA GLY MA 71 58.62 88.84 61.27
C GLY MA 71 58.73 87.59 60.44
N ASP MA 72 58.28 87.72 59.19
CA ASP MA 72 58.30 86.62 58.24
C ASP MA 72 59.75 86.29 57.85
N VAL MA 73 60.10 85.01 57.90
CA VAL MA 73 61.42 84.56 57.46
C VAL MA 73 61.26 83.38 56.52
N TYR MA 74 60.44 83.56 55.48
CA TYR MA 74 60.08 82.47 54.59
C TYR MA 74 61.28 81.89 53.86
N ASN MA 75 62.39 82.62 53.74
CA ASN MA 75 63.54 82.20 52.95
C ASN MA 75 64.79 81.92 53.77
N THR MA 76 64.65 81.56 55.05
CA THR MA 76 65.80 81.13 55.85
C THR MA 76 65.61 79.68 56.26
N LYS MA 77 66.64 78.88 56.04
CA LYS MA 77 66.57 77.45 56.27
C LYS MA 77 67.26 77.11 57.58
N ARG MA 78 66.90 75.95 58.13
CA ARG MA 78 67.64 75.31 59.23
C ARG MA 78 67.55 76.06 60.55
N ILE MA 79 66.46 76.81 60.76
CA ILE MA 79 66.26 77.47 62.04
C ILE MA 79 66.06 76.42 63.13
N GLY MA 80 66.79 76.58 64.24
CA GLY MA 80 66.67 75.66 65.35
C GLY MA 80 67.31 74.31 65.15
N GLN MA 81 68.04 74.13 64.05
CA GLN MA 81 68.66 72.85 63.75
C GLN MA 81 69.55 72.38 64.89
N GLU MA 82 69.29 71.17 65.39
CA GLU MA 82 70.11 70.54 66.42
C GLU MA 82 70.10 71.31 67.74
N MET MA 83 69.04 72.06 68.02
CA MET MA 83 68.91 72.71 69.31
C MET MA 83 68.59 71.67 70.38
N THR MA 84 69.17 71.86 71.57
CA THR MA 84 68.99 70.92 72.68
C THR MA 84 68.04 71.41 73.76
N ALA MA 85 67.79 72.71 73.86
CA ALA MA 85 67.01 73.29 74.94
C ALA MA 85 66.61 74.69 74.55
N GLY MA 86 65.68 75.27 75.33
CA GLY MA 86 65.21 76.61 75.06
C GLY MA 86 63.97 76.63 74.20
N GLU MA 87 63.69 77.81 73.65
CA GLU MA 87 62.47 78.02 72.90
C GLU MA 87 62.72 78.99 71.75
N ILE MA 88 62.07 78.73 70.61
CA ILE MA 88 62.07 79.63 69.48
C ILE MA 88 60.62 79.88 69.09
N ILE MA 89 60.28 81.13 68.83
CA ILE MA 89 58.94 81.50 68.36
C ILE MA 89 59.14 82.31 67.09
N VAL MA 90 58.47 81.91 66.02
CA VAL MA 90 58.60 82.58 64.73
C VAL MA 90 57.24 83.17 64.35
N ARG MA 91 57.18 84.50 64.28
CA ARG MA 91 55.94 85.20 63.91
C ARG MA 91 55.86 85.38 62.39
N GLY MA 92 55.66 84.26 61.74
CA GLY MA 92 55.66 84.22 60.30
C GLY MA 92 56.05 82.84 59.81
N ASN MA 93 56.40 82.79 58.53
CA ASN MA 93 56.70 81.56 57.83
C ASN MA 93 58.19 81.23 57.94
N VAL MA 94 58.52 79.97 57.71
CA VAL MA 94 59.90 79.51 57.64
C VAL MA 94 60.10 78.73 56.34
N ASN MA 95 61.37 78.52 56.00
CA ASN MA 95 61.74 77.69 54.86
C ASN MA 95 61.97 76.26 55.34
N MET MA 96 62.95 75.57 54.75
CA MET MA 96 63.13 74.15 54.99
C MET MA 96 63.92 73.88 56.27
N TYR MA 97 63.82 72.64 56.75
CA TYR MA 97 64.64 72.05 57.81
C TYR MA 97 64.43 72.70 59.18
N VAL MA 98 63.27 73.30 59.44
CA VAL MA 98 63.05 73.89 60.77
C VAL MA 98 63.15 72.78 61.82
N GLY MA 99 64.04 72.98 62.79
CA GLY MA 99 64.19 72.00 63.84
C GLY MA 99 64.81 70.68 63.43
N ALA MA 100 65.46 70.62 62.27
CA ALA MA 100 66.09 69.36 61.84
C ALA MA 100 67.15 68.94 62.87
N GLY MA 101 67.12 67.65 63.23
CA GLY MA 101 68.08 67.13 64.18
C GLY MA 101 67.85 67.56 65.62
N MET MA 102 66.68 68.10 65.92
CA MET MA 102 66.39 68.67 67.23
C MET MA 102 66.49 67.63 68.34
N LYS MA 103 67.08 68.05 69.46
CA LYS MA 103 67.32 67.21 70.64
C LYS MA 103 66.37 67.50 71.79
N GLY MA 104 66.00 68.76 71.99
CA GLY MA 104 65.13 69.16 73.07
C GLY MA 104 64.69 70.59 72.85
N GLY MA 105 63.83 71.06 73.73
CA GLY MA 105 63.32 72.42 73.61
C GLY MA 105 62.02 72.46 72.82
N LYS MA 106 61.69 73.66 72.33
CA LYS MA 106 60.47 73.81 71.57
C LYS MA 106 60.63 74.90 70.52
N ILE MA 107 60.06 74.66 69.34
CA ILE MA 107 59.95 75.65 68.28
C ILE MA 107 58.47 75.84 67.97
N THR MA 108 58.04 77.10 67.86
CA THR MA 108 56.69 77.42 67.41
C THR MA 108 56.79 78.26 66.15
N VAL MA 109 56.20 77.77 65.07
CA VAL MA 109 56.10 78.51 63.82
C VAL MA 109 54.66 78.95 63.67
N GLU MA 110 54.45 80.26 63.60
CA GLU MA 110 53.10 80.80 63.57
C GLU MA 110 52.51 80.85 62.16
N GLY MA 111 53.33 80.62 61.14
CA GLY MA 111 52.85 80.47 59.79
C GLY MA 111 53.19 79.11 59.21
N ASN MA 112 53.59 79.09 57.94
CA ASN MA 112 53.87 77.83 57.25
C ASN MA 112 55.32 77.43 57.45
N ALA MA 113 55.57 76.13 57.26
CA ALA MA 113 56.91 75.58 57.23
C ALA MA 113 57.13 74.84 55.92
N GLY MA 114 58.36 74.88 55.44
CA GLY MA 114 58.73 74.17 54.23
C GLY MA 114 58.99 72.72 54.51
N SER MA 115 59.67 72.07 53.56
CA SER MA 115 59.91 70.64 53.64
C SER MA 115 60.97 70.33 54.70
N TRP MA 116 60.95 69.09 55.18
CA TRP MA 116 61.92 68.54 56.12
C TRP MA 116 61.86 69.22 57.48
N ALA MA 117 60.68 69.72 57.85
CA ALA MA 117 60.45 70.17 59.21
C ALA MA 117 60.59 68.99 60.16
N GLY MA 118 61.54 69.09 61.09
CA GLY MA 118 61.76 68.03 62.04
C GLY MA 118 62.45 66.81 61.46
N GLN MA 119 63.16 66.96 60.34
CA GLN MA 119 63.93 65.86 59.80
C GLN MA 119 64.91 65.35 60.86
N ASP MA 120 64.96 64.03 61.04
CA ASP MA 120 65.88 63.38 61.97
C ASP MA 120 65.70 63.91 63.40
N MET MA 121 64.45 64.21 63.78
CA MET MA 121 64.18 64.68 65.12
C MET MA 121 64.48 63.59 66.16
N ARG MA 122 65.04 64.00 67.30
CA ARG MA 122 65.32 63.08 68.41
C ARG MA 122 64.56 63.40 69.67
N GLY MA 123 64.30 64.67 69.95
CA GLY MA 123 63.55 65.04 71.14
C GLY MA 123 63.06 66.47 71.01
N GLY MA 124 62.20 66.84 71.95
CA GLY MA 124 61.61 68.16 71.97
C GLY MA 124 60.27 68.22 71.27
N GLU MA 125 59.84 69.45 70.97
CA GLU MA 125 58.55 69.68 70.33
C GLU MA 125 58.71 70.68 69.20
N ILE MA 126 57.98 70.45 68.12
CA ILE MA 126 57.82 71.41 67.03
C ILE MA 126 56.33 71.63 66.83
N GLU MA 127 55.90 72.89 66.82
CA GLU MA 127 54.49 73.19 66.54
C GLU MA 127 54.40 74.17 65.40
N ILE MA 128 53.68 73.80 64.35
CA ILE MA 128 53.50 74.62 63.16
C ILE MA 128 52.02 74.93 63.03
N LEU MA 129 51.67 76.20 63.19
CA LEU MA 129 50.26 76.58 63.21
C LEU MA 129 49.64 76.62 61.81
N GLY MA 130 50.44 76.78 60.77
CA GLY MA 130 50.00 76.82 59.38
C GLY MA 130 50.22 75.50 58.67
N ASP MA 131 50.55 75.57 57.38
CA ASP MA 131 50.78 74.36 56.60
C ASP MA 131 52.26 73.98 56.62
N ALA MA 132 52.52 72.70 56.35
CA ALA MA 132 53.85 72.16 56.24
C ALA MA 132 54.05 71.57 54.85
N GLY MA 133 55.31 71.33 54.50
CA GLY MA 133 55.66 70.78 53.21
C GLY MA 133 55.77 69.27 53.23
N ASP MA 134 56.61 68.74 52.34
CA ASP MA 134 56.88 67.31 52.32
C ASP MA 134 57.88 66.95 53.42
N TYR MA 135 57.92 65.66 53.74
CA TYR MA 135 58.97 65.09 54.58
C TYR MA 135 58.98 65.67 56.00
N VAL MA 136 57.79 65.92 56.55
CA VAL MA 136 57.70 66.24 57.97
C VAL MA 136 58.19 65.05 58.78
N GLY MA 137 59.15 65.30 59.67
CA GLY MA 137 59.69 64.24 60.51
C GLY MA 137 60.30 63.09 59.72
N SER MA 138 61.00 63.40 58.64
CA SER MA 138 61.54 62.39 57.75
C SER MA 138 62.96 61.97 58.14
N SER MA 139 63.51 61.04 57.38
CA SER MA 139 64.92 60.69 57.45
C SER MA 139 65.67 61.48 56.39
N TYR MA 140 66.97 61.21 56.28
CA TYR MA 140 67.80 61.75 55.21
C TYR MA 140 67.98 60.70 54.11
N ARG MA 141 68.20 61.17 52.89
CA ARG MA 141 68.42 60.33 51.71
C ARG MA 141 69.35 59.17 52.03
N GLY MA 142 68.90 57.95 51.71
CA GLY MA 142 69.73 56.77 51.84
C GLY MA 142 69.76 56.16 53.22
N ASP MA 143 69.49 56.95 54.27
CA ASP MA 143 69.54 56.41 55.62
C ASP MA 143 68.24 55.68 55.91
N TRP MA 144 68.35 54.53 56.56
CA TRP MA 144 67.18 53.75 56.94
C TRP MA 144 66.75 54.00 58.38
N ARG MA 145 67.47 54.85 59.11
CA ARG MA 145 67.13 55.24 60.47
C ARG MA 145 66.81 56.73 60.46
N GLY MA 146 65.54 57.05 60.71
CA GLY MA 146 65.08 58.43 60.67
C GLY MA 146 64.77 59.00 62.04
N MET MA 147 63.68 59.75 62.11
CA MET MA 147 63.22 60.34 63.36
C MET MA 147 63.10 59.27 64.44
N SER MA 148 63.67 59.54 65.61
CA SER MA 148 63.66 58.59 66.71
C SER MA 148 62.90 59.09 67.94
N GLY MA 149 62.60 60.38 68.01
CA GLY MA 149 61.90 60.90 69.17
C GLY MA 149 61.38 62.29 68.92
N GLY MA 150 60.53 62.74 69.85
CA GLY MA 150 59.96 64.08 69.79
C GLY MA 150 58.52 64.07 69.33
N THR MA 151 57.98 65.29 69.23
CA THR MA 151 56.60 65.53 68.80
C THR MA 151 56.57 66.67 67.80
N ILE MA 152 55.92 66.42 66.67
CA ILE MA 152 55.66 67.44 65.66
C ILE MA 152 54.16 67.57 65.53
N THR MA 153 53.66 68.81 65.60
CA THR MA 153 52.24 69.07 65.47
C THR MA 153 52.03 70.12 64.39
N VAL MA 154 51.32 69.73 63.33
CA VAL MA 154 50.99 70.64 62.22
C VAL MA 154 49.50 70.88 62.27
N HIS MA 155 49.12 72.14 62.50
CA HIS MA 155 47.71 72.51 62.61
C HIS MA 155 47.03 72.62 61.25
N GLY MA 156 47.80 72.91 60.20
CA GLY MA 156 47.26 72.98 58.86
C GLY MA 156 47.42 71.67 58.11
N ASN MA 157 47.73 71.77 56.81
CA ASN MA 157 47.93 70.61 55.95
C ASN MA 157 49.40 70.31 55.78
N ALA MA 158 49.70 69.03 55.53
CA ALA MA 158 51.02 68.60 55.12
C ALA MA 158 50.91 67.93 53.76
N ASP MA 159 52.06 67.64 53.16
CA ASP MA 159 52.05 67.08 51.80
C ASP MA 159 52.44 65.60 51.81
N ASN MA 160 53.57 65.27 51.20
CA ASN MA 160 53.96 63.89 50.95
C ASN MA 160 55.00 63.36 51.93
N GLU MA 161 54.94 62.05 52.17
CA GLU MA 161 55.99 61.29 52.85
C GLU MA 161 56.30 61.83 54.24
N ILE MA 162 55.26 62.21 54.99
CA ILE MA 162 55.49 62.59 56.39
C ILE MA 162 55.82 61.33 57.19
N GLY MA 163 56.80 61.46 58.09
CA GLY MA 163 57.22 60.32 58.89
C GLY MA 163 57.94 59.24 58.12
N GLU MA 164 58.49 59.58 56.95
CA GLU MA 164 59.30 58.65 56.16
C GLU MA 164 60.40 58.04 57.01
N TYR MA 165 60.43 56.71 57.06
CA TYR MA 165 61.39 55.95 57.85
C TYR MA 165 61.37 56.35 59.32
N MET MA 166 60.20 56.74 59.83
CA MET MA 166 60.08 57.09 61.23
C MET MA 166 60.46 55.90 62.10
N ASN MA 167 61.09 56.17 63.24
CA ASN MA 167 61.58 55.12 64.10
C ASN MA 167 61.38 55.50 65.56
N GLY MA 168 60.29 56.19 65.85
CA GLY MA 168 60.03 56.72 67.18
C GLY MA 168 59.45 58.12 67.11
N GLY MA 169 58.93 58.61 68.23
CA GLY MA 169 58.37 59.95 68.27
C GLY MA 169 56.92 59.98 67.87
N LYS MA 170 56.43 61.18 67.56
CA LYS MA 170 55.02 61.38 67.23
C LYS MA 170 54.85 62.55 66.28
N ILE MA 171 54.05 62.34 65.24
CA ILE MA 171 53.62 63.40 64.33
C ILE MA 171 52.10 63.48 64.36
N ILE MA 172 51.58 64.70 64.49
CA ILE MA 172 50.14 64.96 64.47
C ILE MA 172 49.86 66.02 63.42
N ILE MA 173 49.06 65.68 62.41
CA ILE MA 173 48.60 66.60 61.39
C ILE MA 173 47.12 66.83 61.61
N LYS MA 174 46.75 68.06 62.02
CA LYS MA 174 45.33 68.35 62.22
C LYS MA 174 44.59 68.52 60.91
N GLY MA 175 45.28 68.83 59.81
CA GLY MA 175 44.67 68.98 58.51
C GLY MA 175 44.75 67.71 57.67
N ASP MA 176 44.84 67.91 56.37
CA ASP MA 176 44.94 66.83 55.40
C ASP MA 176 46.39 66.61 54.99
N VAL MA 177 46.69 65.40 54.53
CA VAL MA 177 47.96 65.09 53.88
C VAL MA 177 47.68 64.59 52.47
N ASN MA 178 48.73 64.53 51.66
CA ASN MA 178 48.59 64.09 50.29
C ASN MA 178 48.82 62.59 50.19
N ILE MA 179 50.00 62.14 49.76
CA ILE MA 179 50.22 60.72 49.56
C ILE MA 179 51.42 60.24 50.36
N MET MA 180 51.42 58.93 50.62
CA MET MA 180 52.48 58.14 51.24
C MET MA 180 52.85 58.59 52.65
N PRO MA 181 51.90 58.92 53.54
CA PRO MA 181 52.28 59.14 54.94
C PRO MA 181 52.74 57.84 55.59
N GLY MA 182 53.82 57.94 56.35
CA GLY MA 182 54.37 56.78 57.02
C GLY MA 182 55.11 55.81 56.12
N ILE MA 183 55.52 56.25 54.92
CA ILE MA 183 56.26 55.39 54.01
C ILE MA 183 57.51 54.86 54.71
N HIS MA 184 57.70 53.54 54.64
CA HIS MA 184 58.83 52.84 55.28
C HIS MA 184 58.89 53.04 56.79
N MET MA 185 57.75 53.34 57.43
CA MET MA 185 57.80 53.53 58.88
C MET MA 185 58.19 52.24 59.58
N ASN MA 186 59.02 52.36 60.60
CA ASN MA 186 59.44 51.24 61.45
C ASN MA 186 58.85 51.30 62.84
N ASN MA 187 58.70 52.51 63.40
CA ASN MA 187 58.13 52.70 64.72
C ASN MA 187 57.70 54.15 64.86
N GLY MA 188 56.93 54.40 65.91
CA GLY MA 188 56.39 55.73 66.19
C GLY MA 188 54.89 55.77 65.99
N LEU MA 189 54.37 57.00 65.99
CA LEU MA 189 52.93 57.24 65.87
C LEU MA 189 52.67 58.42 64.96
N ILE MA 190 51.81 58.22 63.96
CA ILE MA 190 51.29 59.29 63.13
C ILE MA 190 49.79 59.35 63.30
N ILE MA 191 49.27 60.53 63.57
CA ILE MA 191 47.83 60.78 63.66
C ILE MA 191 47.49 61.82 62.61
N ILE MA 192 46.64 61.43 61.65
CA ILE MA 192 46.14 62.35 60.64
C ILE MA 192 44.68 62.63 60.99
N GLU MA 193 44.37 63.85 61.36
CA GLU MA 193 42.99 64.15 61.75
C GLU MA 193 42.09 64.41 60.55
N GLY MA 194 42.66 64.80 59.42
CA GLY MA 194 41.92 65.02 58.18
C GLY MA 194 42.02 63.83 57.25
N ASN MA 195 42.15 64.11 55.96
CA ASN MA 195 42.08 63.09 54.92
C ASN MA 195 43.47 62.71 54.41
N VAL MA 196 43.51 61.59 53.68
CA VAL MA 196 44.72 61.09 53.03
C VAL MA 196 44.34 60.69 51.61
N VAL MA 197 45.12 61.14 50.63
CA VAL MA 197 44.79 60.82 49.24
C VAL MA 197 45.10 59.37 48.93
N ALA MA 198 46.28 58.88 49.31
CA ALA MA 198 46.66 57.52 48.92
C ALA MA 198 47.88 57.05 49.70
N ARG MA 199 47.99 55.72 49.77
CA ARG MA 199 49.21 55.01 50.16
C ARG MA 199 49.65 55.32 51.58
N ALA MA 200 48.70 55.50 52.49
CA ALA MA 200 49.03 55.56 53.90
C ALA MA 200 49.75 54.28 54.31
N GLY MA 201 50.92 54.44 54.92
CA GLY MA 201 51.66 53.29 55.40
C GLY MA 201 52.37 52.46 54.36
N GLY MA 202 52.59 53.01 53.16
CA GLY MA 202 53.32 52.32 52.12
C GLY MA 202 54.64 51.72 52.60
N GLU MA 203 54.74 50.39 52.53
CA GLU MA 203 55.97 49.66 52.84
C GLU MA 203 56.40 49.84 54.30
N MET MA 204 55.45 50.11 55.19
CA MET MA 204 55.80 50.22 56.60
C MET MA 204 56.07 48.83 57.16
N ALA MA 205 57.02 48.76 58.09
CA ALA MA 205 57.34 47.52 58.79
C ALA MA 205 56.80 47.50 60.21
N GLY MA 206 56.63 48.67 60.82
CA GLY MA 206 56.07 48.75 62.14
C GLY MA 206 55.54 50.15 62.39
N GLY MA 207 55.16 50.39 63.64
CA GLY MA 207 54.57 51.66 64.00
C GLY MA 207 53.06 51.65 63.82
N THR MA 208 52.46 52.82 63.98
CA THR MA 208 51.01 52.95 63.97
C THR MA 208 50.62 54.25 63.29
N ILE MA 209 49.67 54.15 62.35
CA ILE MA 209 49.09 55.32 61.67
C ILE MA 209 47.60 55.35 61.96
N VAL MA 210 47.12 56.50 62.41
CA VAL MA 210 45.71 56.72 62.68
C VAL MA 210 45.21 57.78 61.71
N VAL MA 211 44.10 57.49 61.03
CA VAL MA 211 43.45 58.43 60.12
C VAL MA 211 42.02 58.61 60.59
N LYS MA 212 41.69 59.82 61.03
CA LYS MA 212 40.34 60.11 61.50
C LYS MA 212 39.42 60.57 60.38
N GLY MA 213 39.97 61.01 59.25
CA GLY MA 213 39.21 61.36 58.09
C GLY MA 213 39.12 60.22 57.10
N MET MA 214 39.12 60.57 55.83
CA MET MA 214 38.89 59.61 54.75
C MET MA 214 40.18 59.37 53.98
N MET MA 215 40.52 58.10 53.79
CA MET MA 215 41.54 57.71 52.82
C MET MA 215 40.86 57.42 51.50
N GLN MA 216 41.18 58.21 50.46
CA GLN MA 216 40.53 57.98 49.17
C GLN MA 216 40.93 56.64 48.58
N GLU MA 217 42.20 56.27 48.72
CA GLU MA 217 42.70 54.98 48.27
C GLU MA 217 43.56 54.36 49.36
N PHE MA 218 43.74 53.05 49.27
CA PHE MA 218 44.59 52.33 50.22
C PHE MA 218 45.39 51.28 49.43
N LEU MA 219 45.87 50.26 50.14
CA LEU MA 219 46.89 49.36 49.62
C LEU MA 219 46.51 47.91 49.86
N ALA MA 220 46.74 47.07 48.85
CA ALA MA 220 46.31 45.68 48.88
C ALA MA 220 47.20 44.79 49.73
N GLY MA 221 48.38 45.27 50.14
CA GLY MA 221 49.27 44.48 50.96
C GLY MA 221 48.94 44.47 52.43
N PHE MA 222 47.84 45.08 52.83
CA PHE MA 222 47.42 45.11 54.21
C PHE MA 222 46.37 44.03 54.46
N LYS MA 223 46.35 43.51 55.68
CA LYS MA 223 45.35 42.54 56.08
C LYS MA 223 44.31 43.24 56.92
N TYR MA 224 43.04 43.02 56.60
CA TYR MA 224 41.96 43.56 57.40
C TYR MA 224 41.77 42.67 58.62
N LEU MA 225 41.87 43.27 59.81
CA LEU MA 225 41.72 42.54 61.05
C LEU MA 225 40.41 42.82 61.77
N GLY MA 226 39.64 43.80 61.32
CA GLY MA 226 38.36 44.13 61.90
C GLY MA 226 38.31 45.55 62.44
N VAL MA 227 37.53 45.74 63.49
CA VAL MA 227 37.30 47.06 64.07
C VAL MA 227 37.75 47.04 65.54
N GLU MA 228 38.36 48.15 65.96
CA GLU MA 228 38.69 48.41 67.35
C GLU MA 228 38.06 49.70 67.82
N LYS MA 229 37.55 49.70 69.06
CA LYS MA 229 36.93 50.89 69.64
C LYS MA 229 37.81 51.46 70.75
N ASP MA 230 37.80 52.80 70.84
CA ASP MA 230 38.40 53.55 71.94
C ASP MA 230 39.80 53.04 72.23
N ILE MA 231 40.65 53.22 71.24
CA ILE MA 231 42.02 52.76 71.26
C ILE MA 231 42.87 53.76 72.03
N GLU MA 232 43.98 53.28 72.59
CA GLU MA 232 44.96 54.11 73.28
C GLU MA 232 46.32 53.83 72.68
N VAL MA 233 46.95 54.84 72.07
CA VAL MA 233 48.26 54.68 71.43
C VAL MA 233 49.17 55.84 71.85
N ASP MA 234 50.38 55.52 72.32
CA ASP MA 234 51.35 56.58 72.67
C ASP MA 234 50.77 57.62 73.60
N GLY MA 235 50.07 57.20 74.64
CA GLY MA 235 49.60 58.20 75.56
C GLY MA 235 48.52 59.09 74.99
N GLU MA 236 47.95 58.71 73.85
CA GLU MA 236 46.90 59.47 73.19
C GLU MA 236 45.63 58.63 73.21
N GLU MA 237 44.54 59.22 73.67
CA GLU MA 237 43.25 58.56 73.75
C GLU MA 237 42.44 58.94 72.52
N LEU MA 238 41.98 57.93 71.78
CA LEU MA 238 41.19 58.19 70.58
C LEU MA 238 39.79 57.62 70.73
N PRO MA 239 38.76 58.46 70.64
CA PRO MA 239 37.38 57.99 70.71
C PRO MA 239 36.84 57.63 69.33
N GLY MA 240 35.83 56.76 69.34
CA GLY MA 240 35.22 56.28 68.11
C GLY MA 240 35.80 54.95 67.70
N ALA MA 241 35.29 54.45 66.58
CA ALA MA 241 35.69 53.16 66.04
C ALA MA 241 36.60 53.33 64.84
N PHE MA 242 37.52 52.38 64.67
CA PHE MA 242 38.48 52.41 63.58
C PHE MA 242 38.55 51.03 62.93
N TYR MA 243 38.51 51.01 61.59
CA TYR MA 243 38.92 49.83 60.86
C TYR MA 243 40.40 49.58 61.09
N LYS MA 244 40.77 48.31 61.31
CA LYS MA 244 42.13 47.96 61.68
C LYS MA 244 42.78 47.15 60.58
N PHE MA 245 43.95 47.59 60.14
CA PHE MA 245 44.71 46.92 59.10
C PHE MA 245 46.15 46.67 59.56
N GLU MA 246 46.71 45.54 59.16
CA GLU MA 246 48.08 45.19 59.46
C GLU MA 246 48.86 45.02 58.17
N GLY MA 247 50.02 45.66 58.09
CA GLY MA 247 50.90 45.58 56.93
C GLY MA 247 52.18 46.34 57.21
N ASP MA 248 52.92 46.74 56.18
CA ASP MA 248 52.63 46.45 54.77
C ASP MA 248 53.27 45.11 54.39
N HIS MA 249 52.44 44.13 54.05
CA HIS MA 249 52.94 42.77 53.82
C HIS MA 249 53.67 42.61 52.51
N ALA MA 250 53.88 43.70 51.76
CA ALA MA 250 54.93 43.71 50.77
C ALA MA 250 56.31 43.63 51.42
N ILE MA 251 56.38 43.94 52.73
CA ILE MA 251 57.60 43.89 53.53
C ILE MA 251 57.60 42.61 54.36
N LYS MA 252 58.77 41.99 54.48
CA LYS MA 252 58.90 40.77 55.28
C LYS MA 252 58.78 41.10 56.76
N GLY MA 253 58.02 40.28 57.48
CA GLY MA 253 57.86 40.47 58.91
C GLY MA 253 57.14 41.73 59.31
N ALA MA 254 56.28 42.26 58.43
CA ALA MA 254 55.66 43.55 58.66
C ALA MA 254 54.68 43.47 59.83
N LYS MA 255 54.75 44.43 60.75
CA LYS MA 255 53.89 44.50 61.91
C LYS MA 255 53.22 45.88 62.07
N GLY MA 256 53.15 46.66 61.01
CA GLY MA 256 52.53 47.97 61.11
C GLY MA 256 51.02 47.91 61.25
N ILE MA 257 50.46 49.01 61.74
CA ILE MA 257 49.02 49.12 62.00
C ILE MA 257 48.52 50.44 61.44
N VAL MA 258 47.51 50.38 60.57
CA VAL MA 258 46.75 51.54 60.16
C VAL MA 258 45.37 51.45 60.80
N TYR MA 259 44.98 52.49 61.52
CA TYR MA 259 43.61 52.63 61.99
C TYR MA 259 42.93 53.67 61.11
N ALA MA 260 41.76 53.33 60.59
CA ALA MA 260 41.00 54.23 59.75
C ALA MA 260 39.60 54.39 60.32
N ALA MA 261 39.17 55.64 60.48
CA ALA MA 261 37.89 55.92 61.11
C ALA MA 261 36.75 55.29 60.31
N VAL MA 262 35.84 54.63 61.02
CA VAL MA 262 34.80 53.85 60.36
C VAL MA 262 33.86 54.75 59.57
N GLY MA 263 33.52 55.92 60.14
CA GLY MA 263 32.51 56.78 59.54
C GLY MA 263 32.79 57.16 58.11
N CYS MA 264 34.06 57.32 57.74
CA CYS MA 264 34.42 57.80 56.40
C CYS MA 264 35.26 56.80 55.61
N ASN MA 265 35.26 55.53 56.00
CA ASN MA 265 36.17 54.60 55.34
C ASN MA 265 35.51 53.25 55.03
N GLY MA 266 34.18 53.24 54.86
CA GLY MA 266 33.50 52.00 54.53
C GLY MA 266 33.97 51.42 53.21
N HIS MA 267 34.37 52.28 52.26
CA HIS MA 267 34.90 51.84 50.98
C HIS MA 267 36.29 51.24 51.10
N ILE MA 268 36.99 51.44 52.21
CA ILE MA 268 38.32 50.86 52.39
C ILE MA 268 38.22 49.40 52.85
N ALA MA 269 37.19 49.05 53.62
CA ALA MA 269 37.04 47.70 54.12
C ALA MA 269 36.45 46.77 53.06
N MET NA 1 36.12 69.61 27.26
CA MET NA 1 36.24 68.24 27.76
C MET NA 1 37.38 68.06 28.75
N ARG NA 2 37.07 67.40 29.84
CA ARG NA 2 38.06 67.06 30.83
C ARG NA 2 38.78 65.78 30.39
N VAL NA 3 40.11 65.82 30.34
CA VAL NA 3 40.91 64.67 29.92
C VAL NA 3 42.18 64.60 30.78
N ILE NA 4 42.86 63.46 30.69
CA ILE NA 4 44.14 63.19 31.36
C ILE NA 4 45.25 63.36 30.33
N LEU NA 5 46.19 64.26 30.60
CA LEU NA 5 47.28 64.56 29.67
C LEU NA 5 48.51 63.75 30.03
N ASN NA 6 49.00 62.94 29.08
CA ASN NA 6 50.19 62.14 29.21
C ASN NA 6 51.22 62.65 28.20
N THR NA 7 52.50 62.56 28.56
CA THR NA 7 53.57 63.14 27.76
C THR NA 7 54.72 62.17 27.63
N GLY NA 8 55.51 62.36 26.57
CA GLY NA 8 56.71 61.56 26.43
C GLY NA 8 57.20 61.61 24.99
N ARG NA 9 57.84 60.52 24.58
CA ARG NA 9 58.60 60.51 23.35
C ARG NA 9 57.77 60.04 22.16
N THR NA 10 58.35 60.27 20.99
CA THR NA 10 57.83 59.84 19.71
C THR NA 10 59.02 59.74 18.76
N ILE NA 11 59.00 58.73 17.89
CA ILE NA 11 60.13 58.55 16.97
C ILE NA 11 60.28 59.80 16.10
N TRP NA 12 59.15 60.45 15.79
CA TRP NA 12 59.16 61.66 14.96
C TRP NA 12 59.70 62.88 15.69
N GLN NA 13 59.40 63.01 16.98
CA GLN NA 13 59.93 64.12 17.74
C GLN NA 13 61.40 63.92 18.12
N GLY NA 14 61.86 62.68 18.18
CA GLY NA 14 63.29 62.45 18.35
C GLY NA 14 64.06 62.82 17.09
N GLN NA 15 63.58 62.35 15.93
CA GLN NA 15 64.12 62.79 14.65
C GLN NA 15 64.13 64.30 14.54
N ALA NA 16 63.07 64.96 15.02
CA ALA NA 16 62.96 66.40 14.88
C ALA NA 16 63.97 67.14 15.74
N ILE NA 17 64.17 66.73 17.00
CA ILE NA 17 65.07 67.48 17.87
C ILE NA 17 66.51 67.33 17.41
N GLU NA 18 66.88 66.19 16.83
CA GLU NA 18 68.22 65.99 16.31
C GLU NA 18 68.37 66.55 14.90
N SER NA 19 67.26 66.84 14.22
CA SER NA 19 67.32 67.62 12.99
C SER NA 19 67.47 69.10 13.30
N GLY NA 20 66.60 69.63 14.14
CA GLY NA 20 66.69 71.02 14.58
C GLY NA 20 65.39 71.51 15.16
N LYS NA 21 65.44 72.01 16.40
CA LYS NA 21 64.25 72.55 17.04
C LYS NA 21 63.82 73.89 16.45
N ASP NA 22 64.64 74.48 15.58
CA ASP NA 22 64.25 75.66 14.82
C ASP NA 22 63.48 75.32 13.56
N LEU NA 23 63.38 74.04 13.22
CA LEU NA 23 62.75 73.63 11.98
C LEU NA 23 61.23 73.47 12.15
N LYS NA 24 60.53 73.52 11.01
CA LYS NA 24 59.09 73.29 10.99
C LYS NA 24 58.77 71.86 11.40
N MET NA 25 59.64 70.92 11.02
CA MET NA 25 59.60 69.52 11.40
C MET NA 25 59.29 69.33 12.89
N TYR NA 26 59.89 70.18 13.73
CA TYR NA 26 59.71 70.06 15.18
C TYR NA 26 58.32 70.47 15.62
N VAL NA 27 57.79 71.57 15.06
CA VAL NA 27 56.42 71.95 15.35
C VAL NA 27 55.46 70.85 14.92
N ASP NA 28 55.70 70.27 13.75
CA ASP NA 28 54.85 69.19 13.25
C ASP NA 28 54.92 67.96 14.14
N ALA NA 29 56.06 67.71 14.79
CA ALA NA 29 56.22 66.51 15.59
C ALA NA 29 55.88 66.72 17.07
N ALA NA 30 56.05 67.92 17.59
CA ALA NA 30 55.89 68.17 19.02
C ALA NA 30 54.75 69.11 19.39
N ALA NA 31 54.25 69.92 18.46
CA ALA NA 31 53.13 70.82 18.75
C ALA NA 31 51.80 70.20 18.36
N ILE NA 32 51.58 68.97 18.84
CA ILE NA 32 50.42 68.16 18.47
C ILE NA 32 49.81 67.58 19.74
N ILE NA 33 48.56 67.12 19.61
CA ILE NA 33 47.91 66.37 20.67
C ILE NA 33 47.33 65.11 20.04
N GLN NA 34 47.72 63.95 20.56
CA GLN NA 34 47.25 62.67 20.06
C GLN NA 34 45.96 62.28 20.78
N MET NA 35 44.96 61.87 20.00
CA MET NA 35 43.67 61.50 20.54
C MET NA 35 43.18 60.24 19.85
N ASN NA 36 42.42 59.43 20.59
CA ASN NA 36 41.71 58.33 19.97
C ASN NA 36 40.67 58.90 19.01
N PRO NA 37 40.40 58.24 17.87
CA PRO NA 37 39.40 58.77 16.95
C PRO NA 37 38.02 58.95 17.59
N GLU NA 38 37.63 58.06 18.51
CA GLU NA 38 36.36 58.22 19.19
C GLU NA 38 36.27 59.57 19.90
N MET NA 39 37.37 59.98 20.52
CA MET NA 39 37.36 61.26 21.23
C MET NA 39 37.31 62.44 20.28
N MET NA 40 37.98 62.33 19.14
CA MET NA 40 37.93 63.40 18.14
C MET NA 40 36.50 63.61 17.63
N LYS NA 41 35.78 62.52 17.36
CA LYS NA 41 34.38 62.65 16.95
C LYS NA 41 33.55 63.26 18.07
N GLN NA 42 33.78 62.84 19.32
CA GLN NA 42 33.05 63.42 20.44
C GLN NA 42 33.26 64.92 20.55
N LEU NA 43 34.47 65.39 20.22
CA LEU NA 43 34.78 66.81 20.26
C LEU NA 43 34.44 67.53 18.96
N GLY NA 44 34.11 66.78 17.90
CA GLY NA 44 33.71 67.40 16.66
C GLY NA 44 34.85 67.95 15.84
N ILE NA 45 36.03 67.32 15.90
CA ILE NA 45 37.21 67.81 15.21
C ILE NA 45 37.80 66.70 14.36
N ALA NA 46 38.61 67.11 13.39
CA ALA NA 46 39.29 66.23 12.46
C ALA NA 46 40.80 66.43 12.57
N GLU NA 47 41.55 65.50 11.99
CA GLU NA 47 43.00 65.66 11.95
C GLU NA 47 43.36 66.96 11.26
N GLY NA 48 44.30 67.69 11.83
CA GLY NA 48 44.67 69.00 11.36
C GLY NA 48 43.99 70.16 12.07
N ASP NA 49 42.87 69.91 12.73
CA ASP NA 49 42.23 70.96 13.51
C ASP NA 49 43.02 71.24 14.77
N ASN NA 50 42.93 72.46 15.26
CA ASN NA 50 43.70 72.89 16.42
C ASN NA 50 42.87 72.79 17.69
N VAL NA 51 43.57 72.64 18.82
CA VAL NA 51 42.95 72.42 20.11
C VAL NA 51 43.61 73.35 21.12
N LYS NA 52 42.80 73.94 22.01
CA LYS NA 52 43.31 74.74 23.10
C LYS NA 52 43.31 73.86 24.35
N VAL NA 53 44.47 73.68 24.96
CA VAL NA 53 44.64 72.86 26.16
C VAL NA 53 44.81 73.79 27.34
N ILE NA 54 43.97 73.63 28.37
CA ILE NA 54 44.01 74.48 29.55
C ILE NA 54 44.20 73.62 30.78
N SER NA 55 45.09 74.05 31.67
CA SER NA 55 45.35 73.37 32.94
C SER NA 55 45.42 74.40 34.06
N GLU NA 56 45.55 73.88 35.29
CA GLU NA 56 45.83 74.73 36.44
C GLU NA 56 47.09 75.58 36.25
N TYR NA 57 47.96 75.19 35.33
CA TYR NA 57 49.32 75.73 35.27
C TYR NA 57 49.61 76.54 34.01
N GLY NA 58 48.82 76.40 32.96
CA GLY NA 58 49.07 77.17 31.76
C GLY NA 58 48.08 76.82 30.68
N ASP NA 59 48.44 77.19 29.45
CA ASP NA 59 47.60 76.93 28.29
C ASP NA 59 48.46 76.92 27.04
N VAL NA 60 47.99 76.22 26.01
CA VAL NA 60 48.74 76.05 24.78
C VAL NA 60 47.77 75.62 23.68
N VAL NA 61 48.14 75.92 22.44
CA VAL NA 61 47.39 75.49 21.26
C VAL NA 61 48.24 74.49 20.48
N VAL NA 62 47.65 73.34 20.19
CA VAL NA 62 48.32 72.22 19.54
C VAL NA 62 47.41 71.67 18.46
N LYS NA 63 48.02 70.96 17.51
CA LYS NA 63 47.29 70.40 16.37
C LYS NA 63 46.81 69.00 16.70
N ALA NA 64 45.53 68.74 16.45
CA ALA NA 64 44.96 67.44 16.78
C ALA NA 64 45.45 66.39 15.79
N VAL NA 65 45.78 65.21 16.30
CA VAL NA 65 46.36 64.14 15.52
C VAL NA 65 45.75 62.82 15.99
N GLU NA 66 45.50 61.91 15.05
CA GLU NA 66 44.93 60.61 15.39
C GLU NA 66 46.02 59.71 15.97
N ALA NA 67 45.80 59.22 17.19
CA ALA NA 67 46.79 58.36 17.83
C ALA NA 67 46.88 57.01 17.13
N LYS NA 68 48.09 56.67 16.66
CA LYS NA 68 48.31 55.31 16.16
C LYS NA 68 48.69 54.34 17.27
N GLU NA 69 49.08 54.85 18.44
CA GLU NA 69 49.25 54.02 19.63
C GLU NA 69 48.03 54.26 20.51
N PRO NA 70 47.09 53.32 20.57
CA PRO NA 70 45.80 53.62 21.22
C PRO NA 70 45.95 54.03 22.67
N LEU NA 71 45.12 54.98 23.07
CA LEU NA 71 45.14 55.51 24.42
C LEU NA 71 44.01 54.94 25.26
N PRO NA 72 44.18 54.91 26.59
CA PRO NA 72 43.05 54.61 27.46
C PRO NA 72 41.98 55.67 27.28
N GLU NA 73 40.73 55.25 27.50
CA GLU NA 73 39.60 56.17 27.38
C GLU NA 73 39.81 57.36 28.31
N GLY NA 74 39.69 58.57 27.75
CA GLY NA 74 39.85 59.79 28.52
C GLY NA 74 41.24 60.37 28.56
N MET NA 75 42.21 59.76 27.86
CA MET NA 75 43.60 60.21 27.90
C MET NA 75 44.03 60.75 26.56
N VAL NA 76 44.91 61.76 26.59
CA VAL NA 76 45.52 62.33 25.40
C VAL NA 76 47.03 62.39 25.61
N TYR NA 77 47.75 62.53 24.49
CA TYR NA 77 49.21 62.47 24.47
C TYR NA 77 49.75 63.68 23.73
N ILE NA 78 50.54 64.49 24.41
CA ILE NA 78 51.35 65.53 23.77
C ILE NA 78 52.81 65.16 23.95
N PRO NA 79 53.58 65.06 22.86
CA PRO NA 79 55.00 64.71 23.00
C PRO NA 79 55.74 65.74 23.83
N MET NA 80 56.79 65.27 24.51
CA MET NA 80 57.63 66.16 25.30
C MET NA 80 58.11 67.33 24.44
N GLY NA 81 58.14 68.50 25.03
CA GLY NA 81 58.52 69.70 24.33
C GLY NA 81 57.96 70.92 25.03
N PRO NA 82 58.23 72.10 24.48
CA PRO NA 82 57.80 73.32 25.16
C PRO NA 82 56.29 73.53 25.13
N TRP NA 83 55.60 72.96 24.14
CA TRP NA 83 54.15 73.06 24.11
C TRP NA 83 53.52 72.27 25.26
N ALA NA 84 53.88 70.98 25.39
CA ALA NA 84 53.40 70.19 26.52
C ALA NA 84 53.77 70.84 27.85
N ASN NA 85 54.96 71.44 27.92
CA ASN NA 85 55.46 71.99 29.18
C ASN NA 85 54.88 73.37 29.47
N ARG NA 86 53.99 73.88 28.62
CA ARG NA 86 53.18 75.02 29.01
C ARG NA 86 52.13 74.62 30.05
N VAL NA 87 51.72 73.36 30.08
CA VAL NA 87 50.52 72.98 30.80
C VAL NA 87 50.73 71.91 31.86
N ILE NA 88 51.81 71.11 31.82
CA ILE NA 88 51.94 70.03 32.80
C ILE NA 88 52.30 70.58 34.17
N ARG NA 89 52.32 69.71 35.18
CA ARG NA 89 52.44 70.15 36.57
C ARG NA 89 53.89 70.37 36.95
N PRO NA 90 54.26 71.57 37.39
CA PRO NA 90 55.67 71.86 37.65
C PRO NA 90 56.19 71.30 38.97
N TYR NA 91 55.31 71.15 39.97
CA TYR NA 91 55.78 70.81 41.31
C TYR NA 91 56.48 69.46 41.33
N THR NA 92 57.52 69.37 42.15
CA THR NA 92 58.37 68.19 42.20
C THR NA 92 58.13 67.32 43.42
N ASP NA 93 57.24 67.72 44.32
CA ASP NA 93 56.99 67.01 45.57
C ASP NA 93 58.28 66.85 46.37
N SER NA 94 59.13 67.87 46.30
CA SER NA 94 60.43 67.87 46.98
C SER NA 94 61.30 66.70 46.53
N THR NA 95 61.24 66.39 45.24
CA THR NA 95 62.13 65.39 44.64
C THR NA 95 63.06 65.95 43.59
N ALA NA 96 62.85 67.20 43.14
CA ALA NA 96 63.49 67.92 42.04
C ALA NA 96 62.88 67.57 40.68
N THR NA 97 62.05 66.53 40.57
CA THR NA 97 61.50 66.09 39.28
C THR NA 97 60.04 66.52 39.15
N PRO NA 98 59.70 67.33 38.15
CA PRO NA 98 58.29 67.73 37.97
C PRO NA 98 57.40 66.55 37.58
N SER NA 99 56.10 66.81 37.63
CA SER NA 99 55.09 65.81 37.26
C SER NA 99 54.76 65.98 35.77
N PHE NA 100 55.61 65.42 34.93
CA PHE NA 100 55.36 65.59 33.51
C PHE NA 100 54.16 64.80 32.99
N LYS NA 101 53.70 63.78 33.70
CA LYS NA 101 52.78 62.82 33.09
C LYS NA 101 51.49 62.70 33.88
N ASN NA 102 50.38 62.57 33.13
CA ASN NA 102 49.06 62.23 33.63
C ASN NA 102 48.41 63.36 34.38
N ILE NA 103 48.05 64.44 33.67
CA ILE NA 103 47.57 65.65 34.31
C ILE NA 103 46.20 66.08 33.81
N PRO NA 104 45.27 66.39 34.71
CA PRO NA 104 43.94 66.83 34.30
C PRO NA 104 44.04 68.15 33.55
N VAL NA 105 43.52 68.16 32.33
CA VAL NA 105 43.49 69.35 31.50
C VAL NA 105 42.10 69.45 30.89
N GLU NA 106 41.77 70.65 30.43
CA GLU NA 106 40.55 70.91 29.70
C GLU NA 106 40.91 71.17 28.25
N ILE NA 107 40.29 70.44 27.33
CA ILE NA 107 40.56 70.61 25.91
C ILE NA 107 39.28 71.07 25.22
N ILE NA 108 39.46 71.94 24.23
CA ILE NA 108 38.36 72.62 23.54
C ILE NA 108 38.85 72.90 22.13
N PRO NA 109 37.98 72.81 21.11
CA PRO NA 109 38.41 73.21 19.77
C PRO NA 109 38.70 74.70 19.71
N THR NA 110 39.57 75.08 18.78
CA THR NA 110 39.93 76.47 18.64
C THR NA 110 40.36 76.76 17.21
N ASP NA 111 40.07 77.97 16.75
CA ASP NA 111 40.55 78.47 15.48
C ASP NA 111 41.85 79.25 15.63
N GLU NA 112 42.33 79.49 16.85
CA GLU NA 112 43.65 80.09 17.01
C GLU NA 112 44.71 79.22 16.36
N GLU NA 113 45.84 79.84 16.06
CA GLU NA 113 46.92 79.17 15.37
C GLU NA 113 47.96 78.62 16.34
N VAL NA 114 48.64 77.57 15.91
CA VAL NA 114 49.78 77.04 16.63
C VAL NA 114 50.94 78.03 16.58
N LEU NA 115 51.49 78.35 17.74
CA LEU NA 115 52.66 79.20 17.82
C LEU NA 115 53.91 78.40 17.46
N ASP NA 116 54.73 78.95 16.56
CA ASP NA 116 55.99 78.31 16.25
C ASP NA 116 56.96 78.47 17.41
N MET NA 117 58.15 77.88 17.26
CA MET NA 117 59.05 77.72 18.40
C MET NA 117 59.50 79.05 19.00
N PRO NA 118 60.10 79.99 18.23
CA PRO NA 118 60.51 81.25 18.86
C PRO NA 118 59.34 82.08 19.36
N THR NA 119 58.19 82.04 18.69
CA THR NA 119 57.02 82.77 19.17
C THR NA 119 56.50 82.20 20.48
N LEU NA 120 56.54 80.87 20.62
CA LEU NA 120 56.07 80.24 21.86
C LEU NA 120 56.87 80.73 23.07
N MET NA 121 58.20 80.85 22.94
CA MET NA 121 59.02 81.22 24.09
C MET NA 121 58.81 82.66 24.54
N LYS NA 122 58.36 83.55 23.64
CA LYS NA 122 58.19 84.94 24.03
C LYS NA 122 57.12 85.10 25.09
N VAL NA 123 56.23 84.11 25.23
CA VAL NA 123 55.23 84.14 26.29
C VAL NA 123 55.88 84.29 27.66
N TYR NA 124 57.11 83.80 27.82
CA TYR NA 124 57.83 83.88 29.08
C TYR NA 124 58.57 85.21 29.26
N GLY NA 125 58.70 86.00 28.19
CA GLY NA 125 59.16 87.38 28.32
C GLY NA 125 60.60 87.57 28.75
N LYS NA 126 61.55 86.98 28.02
CA LYS NA 126 62.95 87.07 28.40
C LYS NA 126 63.43 88.52 28.37
N VAL NA 127 63.98 88.98 29.50
CA VAL NA 127 64.60 90.29 29.62
C VAL NA 127 66.12 90.10 29.56
N GLY NA 128 66.78 90.90 28.74
CA GLY NA 128 68.21 90.77 28.58
C GLY NA 128 68.99 91.21 29.80
N GLN NA 129 70.20 90.68 29.92
CA GLN NA 129 71.14 91.05 30.98
C GLN NA 129 72.55 90.50 30.71
N ALA OA 2 53.47 38.14 -7.88
CA ALA OA 2 53.77 37.23 -6.78
C ALA OA 2 53.88 37.97 -5.47
N ILE OA 3 53.76 37.25 -4.36
CA ILE OA 3 54.00 37.82 -3.04
C ILE OA 3 55.50 38.03 -2.85
N GLY OA 4 55.87 39.19 -2.33
CA GLY OA 4 57.27 39.50 -2.12
C GLY OA 4 57.46 40.49 -1.00
N LEU OA 5 58.73 40.73 -0.67
CA LEU OA 5 59.07 41.67 0.39
C LEU OA 5 59.01 43.10 -0.13
N LYS OA 6 58.35 43.97 0.63
CA LYS OA 6 58.26 45.38 0.25
C LYS OA 6 58.46 46.23 1.50
N ALA OA 7 59.30 47.25 1.38
CA ALA OA 7 59.63 48.14 2.48
C ALA OA 7 58.85 49.44 2.38
N TYR OA 8 58.42 49.96 3.54
CA TYR OA 8 57.81 51.28 3.66
C TYR OA 8 58.71 52.13 4.54
N PRO OA 9 59.82 52.63 3.99
CA PRO OA 9 60.79 53.36 4.83
C PRO OA 9 60.21 54.58 5.52
N GLU OA 10 59.18 55.22 4.95
CA GLU OA 10 58.64 56.42 5.61
C GLU OA 10 57.96 56.09 6.93
N LEU OA 11 57.58 54.84 7.15
CA LEU OA 11 56.99 54.38 8.39
C LEU OA 11 58.02 53.80 9.35
N CYS OA 12 59.24 53.59 8.86
CA CYS OA 12 60.25 52.83 9.55
C CYS OA 12 60.89 53.63 10.68
N HIS OA 13 61.22 52.91 11.76
CA HIS OA 13 61.95 53.48 12.89
C HIS OA 13 63.45 53.23 12.80
N GLY OA 14 63.87 52.32 11.92
CA GLY OA 14 65.24 51.88 11.93
C GLY OA 14 65.58 50.99 13.10
N CYS OA 15 64.57 50.39 13.75
CA CYS OA 15 64.84 49.72 15.03
C CYS OA 15 65.66 48.45 14.85
N GLY OA 16 65.56 47.80 13.69
CA GLY OA 16 66.40 46.67 13.39
C GLY OA 16 65.86 45.30 13.77
N ASN OA 17 64.65 45.21 14.31
CA ASN OA 17 64.13 43.92 14.74
C ASN OA 17 64.03 42.95 13.57
N CYS OA 18 63.56 43.43 12.42
CA CYS OA 18 63.42 42.57 11.25
C CYS OA 18 64.78 42.06 10.81
N VAL OA 19 65.78 42.94 10.79
CA VAL OA 19 67.12 42.55 10.39
C VAL OA 19 67.63 41.42 11.28
N ILE OA 20 67.39 41.53 12.58
CA ILE OA 20 67.87 40.52 13.52
C ILE OA 20 67.01 39.26 13.47
N ALA OA 21 65.69 39.42 13.34
CA ALA OA 21 64.78 38.28 13.42
C ALA OA 21 64.93 37.36 12.22
N CYS OA 22 65.32 37.92 11.07
CA CYS OA 22 65.38 37.18 9.80
C CYS OA 22 66.34 36.00 9.88
N PRO OA 23 65.89 34.79 9.57
CA PRO OA 23 66.81 33.63 9.64
C PRO OA 23 67.87 33.65 8.56
N VAL OA 24 67.56 34.17 7.36
CA VAL OA 24 68.59 34.28 6.33
C VAL OA 24 69.71 35.20 6.81
N ASN OA 25 69.36 36.38 7.33
CA ASN OA 25 70.37 37.29 7.86
C ASN OA 25 71.14 36.65 9.01
N ALA OA 26 70.44 36.00 9.94
CA ALA OA 26 71.09 35.36 11.07
C ALA OA 26 72.12 34.32 10.60
N LEU OA 27 71.71 33.48 9.66
CA LEU OA 27 72.61 32.45 9.14
C LEU OA 27 73.86 33.07 8.49
N ARG OA 28 73.71 34.24 7.88
CA ARG OA 28 74.79 34.80 7.08
C ARG OA 28 75.76 35.65 7.90
N SER OA 29 75.31 36.21 9.01
CA SER OA 29 76.12 37.10 9.81
C SER OA 29 75.99 36.78 11.30
N PRO OA 30 77.03 36.21 11.92
CA PRO OA 30 76.96 35.98 13.37
C PRO OA 30 76.69 37.25 14.18
N GLU OA 31 77.13 38.42 13.71
CA GLU OA 31 76.80 39.65 14.42
C GLU OA 31 75.30 39.94 14.37
N VAL OA 32 74.66 39.72 13.22
CA VAL OA 32 73.22 39.92 13.11
C VAL OA 32 72.48 38.88 13.94
N ALA OA 33 72.94 37.62 13.91
CA ALA OA 33 72.35 36.59 14.76
C ALA OA 33 72.37 36.99 16.23
N GLY OA 34 73.43 37.69 16.65
CA GLY OA 34 73.55 38.15 18.01
C GLY OA 34 73.00 39.54 18.24
N GLY OA 35 72.19 40.04 17.32
CA GLY OA 35 71.48 41.28 17.55
C GLY OA 35 72.22 42.54 17.16
N LYS OA 36 73.42 42.43 16.60
CA LYS OA 36 74.16 43.60 16.17
C LYS OA 36 73.92 43.88 14.71
N GLY OA 37 74.04 45.15 14.33
CA GLY OA 37 74.16 45.51 12.94
C GLY OA 37 75.46 44.98 12.40
N PRO OA 38 75.50 44.64 11.12
CA PRO OA 38 76.74 44.11 10.54
C PRO OA 38 77.83 45.17 10.48
N THR OA 39 79.03 44.78 10.90
CA THR OA 39 80.24 45.57 10.66
C THR OA 39 81.09 44.94 9.56
N ASP OA 40 81.31 43.63 9.63
CA ASP OA 40 81.88 42.89 8.51
C ASP OA 40 81.02 43.05 7.27
N ASP OA 41 81.68 43.03 6.12
CA ASP OA 41 80.98 43.06 4.84
C ASP OA 41 80.25 41.74 4.63
N VAL OA 42 78.94 41.80 4.39
CA VAL OA 42 78.12 40.59 4.20
C VAL OA 42 77.03 40.88 3.19
N GLU OA 43 76.54 39.80 2.56
CA GLU OA 43 75.38 39.87 1.68
C GLU OA 43 74.18 39.38 2.48
N ILE OA 44 73.25 40.27 2.79
CA ILE OA 44 72.04 39.90 3.51
C ILE OA 44 70.84 40.55 2.82
N ILE OA 45 69.64 40.18 3.27
CA ILE OA 45 68.43 40.60 2.58
C ILE OA 45 68.18 42.10 2.78
N MET OA 46 68.20 42.57 4.03
CA MET OA 46 67.97 43.98 4.28
C MET OA 46 68.80 44.44 5.47
N ILE OA 47 69.06 45.75 5.50
CA ILE OA 47 69.79 46.40 6.58
C ILE OA 47 69.07 47.70 6.92
N VAL OA 48 69.42 48.26 8.06
CA VAL OA 48 69.04 49.63 8.39
C VAL OA 48 70.13 50.53 7.83
N GLU OA 49 69.75 51.42 6.91
CA GLU OA 49 70.70 52.32 6.26
C GLU OA 49 70.05 53.69 6.15
N ASP OA 50 70.82 54.72 6.45
CA ASP OA 50 70.31 56.08 6.61
C ASP OA 50 69.05 56.10 7.45
N GLY OA 51 69.06 55.33 8.53
CA GLY OA 51 68.04 55.38 9.55
C GLY OA 51 66.80 54.55 9.27
N VAL OA 52 66.72 53.87 8.13
CA VAL OA 52 65.51 53.15 7.75
C VAL OA 52 65.88 51.83 7.09
N VAL OA 53 64.91 50.91 7.08
CA VAL OA 53 65.12 49.60 6.51
C VAL OA 53 65.34 49.71 5.01
N ASN OA 54 66.27 48.91 4.50
CA ASN OA 54 66.71 49.05 3.12
C ASN OA 54 67.01 47.66 2.57
N ILE OA 55 66.24 47.23 1.59
CA ILE OA 55 66.33 45.88 1.04
C ILE OA 55 67.46 45.82 0.02
N LYS OA 56 68.43 44.93 0.23
CA LYS OA 56 69.58 44.82 -0.65
C LYS OA 56 69.56 43.61 -1.55
N ASN OA 57 68.99 42.48 -1.11
CA ASN OA 57 69.02 41.24 -1.89
C ASN OA 57 67.68 40.52 -1.73
N PRO OA 58 66.64 41.02 -2.39
CA PRO OA 58 65.32 40.40 -2.23
C PRO OA 58 65.23 38.96 -2.75
N ASP OA 59 66.17 38.53 -3.59
CA ASP OA 59 66.08 37.18 -4.17
C ASP OA 59 66.26 36.07 -3.15
N LEU OA 60 66.97 36.34 -2.06
CA LEU OA 60 67.22 35.32 -1.04
C LEU OA 60 66.08 35.21 -0.03
N CYS OA 61 65.10 36.10 -0.12
CA CYS OA 61 63.96 36.10 0.79
C CYS OA 61 63.04 34.92 0.51
N GLY OA 62 62.78 34.12 1.54
CA GLY OA 62 61.88 33.00 1.41
C GLY OA 62 60.45 33.26 1.82
N LYS OA 63 60.09 34.50 2.12
CA LYS OA 63 58.73 34.89 2.50
C LYS OA 63 58.19 34.00 3.62
N CYS OA 64 59.00 33.85 4.67
CA CYS OA 64 58.55 33.03 5.79
C CYS OA 64 57.61 33.81 6.69
N GLY OA 65 57.81 35.12 6.81
CA GLY OA 65 56.91 35.96 7.59
C GLY OA 65 57.45 36.38 8.94
N THR OA 66 58.67 35.98 9.28
CA THR OA 66 59.20 36.27 10.61
C THR OA 66 59.39 37.76 10.83
N CYS OA 67 60.01 38.45 9.87
CA CYS OA 67 60.22 39.90 9.98
C CYS OA 67 58.92 40.63 10.22
N VAL OA 68 57.87 40.26 9.48
CA VAL OA 68 56.58 40.94 9.59
C VAL OA 68 56.06 40.86 11.02
N GLU OA 69 56.11 39.67 11.62
CA GLU OA 69 55.68 39.53 13.01
C GLU OA 69 56.48 40.43 13.94
N SER OA 70 57.72 40.75 13.60
CA SER OA 70 58.61 41.49 14.48
C SER OA 70 58.49 43.01 14.31
N CYS OA 71 57.89 43.49 13.22
CA CYS OA 71 57.70 44.93 13.02
C CYS OA 71 56.37 45.36 13.59
N PRO OA 72 56.34 46.23 14.61
CA PRO OA 72 55.05 46.67 15.16
C PRO OA 72 54.37 47.77 14.35
N VAL OA 73 55.07 48.43 13.44
CA VAL OA 73 54.53 49.59 12.74
C VAL OA 73 54.29 49.29 11.26
N ASP OA 74 54.23 48.00 10.90
CA ASP OA 74 53.92 47.56 9.54
C ASP OA 74 54.77 48.28 8.49
N ALA OA 75 56.06 48.43 8.80
CA ALA OA 75 56.99 49.07 7.89
C ALA OA 75 57.65 48.09 6.91
N ILE OA 76 57.54 46.80 7.16
CA ILE OA 76 57.99 45.78 6.22
C ILE OA 76 56.91 44.70 6.11
N ARG OA 77 56.62 44.28 4.88
CA ARG OA 77 55.45 43.46 4.61
C ARG OA 77 55.73 42.45 3.52
N LEU OA 78 54.85 41.45 3.44
CA LEU OA 78 54.80 40.51 2.33
C LEU OA 78 53.49 40.76 1.59
N GLU OA 79 53.59 41.25 0.36
CA GLU OA 79 52.41 41.57 -0.44
C GLU OA 79 52.73 41.36 -1.91
N GLU OA 80 51.72 41.61 -2.75
CA GLU OA 80 51.88 41.48 -4.19
C GLU OA 80 52.92 42.46 -4.70
N LEU OA 81 53.85 41.95 -5.50
CA LEU OA 81 54.92 42.74 -6.10
C LEU OA 81 55.82 43.34 -5.03
N GLU PA 2 33.87 24.19 -22.18
CA GLU PA 2 33.91 25.49 -21.52
C GLU PA 2 33.98 25.32 -20.01
N THR PA 3 35.19 25.30 -19.46
CA THR PA 3 35.39 25.12 -18.02
C THR PA 3 35.53 26.48 -17.36
N THR PA 4 34.62 26.78 -16.42
CA THR PA 4 34.50 28.07 -15.77
C THR PA 4 35.02 27.99 -14.34
N GLU PA 5 35.37 29.15 -13.78
CA GLU PA 5 35.94 29.22 -12.44
C GLU PA 5 35.20 30.26 -11.61
N VAL PA 6 34.55 29.80 -10.55
CA VAL PA 6 33.82 30.67 -9.62
C VAL PA 6 34.67 30.87 -8.38
N ILE PA 7 34.81 32.12 -7.94
CA ILE PA 7 35.61 32.45 -6.76
C ILE PA 7 34.66 32.99 -5.70
N GLU PA 8 34.53 32.28 -4.57
CA GLU PA 8 33.65 32.68 -3.48
C GLU PA 8 34.50 32.91 -2.23
N GLY PA 9 34.80 34.18 -1.94
CA GLY PA 9 35.72 34.45 -0.86
C GLY PA 9 37.12 34.05 -1.28
N LYS PA 10 37.75 33.18 -0.50
CA LYS PA 10 39.04 32.60 -0.88
C LYS PA 10 38.91 31.20 -1.45
N ASN PA 11 37.69 30.66 -1.56
CA ASN PA 11 37.52 29.34 -2.14
C ASN PA 11 37.44 29.43 -3.66
N ILE PA 12 37.79 28.33 -4.33
CA ILE PA 12 37.86 28.27 -5.78
C ILE PA 12 37.11 27.03 -6.25
N THR PA 13 36.19 27.21 -7.19
CA THR PA 13 35.50 26.10 -7.84
C THR PA 13 35.75 26.17 -9.35
N VAL PA 14 36.32 25.12 -9.90
CA VAL PA 14 36.48 24.97 -11.35
C VAL PA 14 35.49 23.92 -11.82
N GLU PA 15 34.65 24.29 -12.78
CA GLU PA 15 33.60 23.40 -13.25
C GLU PA 15 33.56 23.37 -14.77
N ARG PA 16 33.30 22.18 -15.30
CA ARG PA 16 33.05 21.97 -16.72
C ARG PA 16 31.74 21.21 -16.87
N THR PA 17 30.91 21.64 -17.81
CA THR PA 17 29.67 20.93 -18.09
C THR PA 17 29.80 20.08 -19.34
N GLY PA 18 28.84 19.19 -19.50
CA GLY PA 18 28.88 18.14 -20.51
C GLY PA 18 28.24 16.88 -19.96
N GLU PA 19 28.14 15.89 -20.83
CA GLU PA 19 27.55 14.59 -20.48
C GLU PA 19 28.07 14.09 -19.15
N GLU PA 20 29.35 14.33 -18.89
CA GLU PA 20 29.96 14.13 -17.59
C GLU PA 20 30.27 15.51 -17.00
N ASN PA 21 29.59 15.84 -15.90
CA ASN PA 21 29.81 17.10 -15.21
C ASN PA 21 30.97 16.97 -14.24
N ARG PA 22 31.96 17.84 -14.36
CA ARG PA 22 33.12 17.82 -13.48
C ARG PA 22 33.21 19.12 -12.70
N ARG PA 23 33.59 19.01 -11.43
CA ARG PA 23 33.70 20.17 -10.54
C ARG PA 23 34.83 19.93 -9.56
N LEU PA 24 35.82 20.81 -9.58
CA LEU PA 24 36.96 20.79 -8.66
C LEU PA 24 36.77 21.93 -7.67
N ILE PA 25 36.60 21.60 -6.39
CA ILE PA 25 36.36 22.61 -5.36
C ILE PA 25 37.56 22.67 -4.43
N PHE PA 26 38.07 23.87 -4.20
CA PHE PA 26 39.16 24.15 -3.28
C PHE PA 26 38.63 24.91 -2.08
N GLN PA 27 38.89 24.39 -0.88
CA GLN PA 27 38.47 25.01 0.36
C GLN PA 27 39.70 25.59 1.06
N ASP PA 28 39.87 26.91 0.94
CA ASP PA 28 41.04 27.58 1.49
C ASP PA 28 41.29 27.24 2.96
N CYS PA 29 40.23 27.21 3.77
CA CYS PA 29 40.38 27.03 5.20
C CYS PA 29 41.02 25.68 5.56
N LEU PA 30 40.92 24.68 4.69
CA LEU PA 30 41.49 23.36 4.95
C LEU PA 30 42.91 23.19 4.41
N CYS PA 31 43.39 24.14 3.61
CA CYS PA 31 44.68 24.05 2.94
C CYS PA 31 45.84 24.37 3.89
N ALA PA 32 46.80 23.44 4.00
CA ALA PA 32 47.99 23.62 4.81
C ALA PA 32 49.18 24.16 4.02
N VAL PA 33 48.97 24.46 2.74
CA VAL PA 33 49.96 25.07 1.85
C VAL PA 33 51.21 24.19 1.76
N CYS PA 34 51.02 22.87 1.68
CA CYS PA 34 52.19 22.00 1.61
C CYS PA 34 52.79 21.96 0.20
N GLY PA 35 52.00 22.24 -0.83
CA GLY PA 35 52.52 22.33 -2.19
C GLY PA 35 52.33 21.10 -3.05
N LEU PA 36 51.86 19.98 -2.48
CA LEU PA 36 51.84 18.72 -3.22
C LEU PA 36 50.96 18.79 -4.46
N CYS PA 37 49.84 19.52 -4.39
CA CYS PA 37 48.97 19.63 -5.55
C CYS PA 37 49.71 20.26 -6.72
N GLY PA 38 50.49 21.30 -6.43
CA GLY PA 38 51.24 21.97 -7.48
C GLY PA 38 52.27 21.07 -8.13
N GLU PA 39 52.92 20.21 -7.34
CA GLU PA 39 53.93 19.33 -7.93
C GLU PA 39 53.29 18.25 -8.79
N ILE PA 40 52.19 17.66 -8.32
CA ILE PA 40 51.61 16.53 -9.02
C ILE PA 40 50.86 16.96 -10.29
N CYS PA 41 50.45 18.21 -10.40
CA CYS PA 41 49.62 18.65 -11.52
C CYS PA 41 50.34 18.41 -12.84
N PRO PA 42 49.81 17.55 -13.71
CA PRO PA 42 50.52 17.24 -14.97
C PRO PA 42 50.64 18.43 -15.93
N VAL PA 43 49.68 19.35 -15.91
CA VAL PA 43 49.67 20.48 -16.84
C VAL PA 43 50.08 21.79 -16.15
N SER PA 44 50.66 21.70 -14.96
CA SER PA 44 51.09 22.87 -14.18
C SER PA 44 49.98 23.92 -14.09
N ALA PA 45 48.79 23.48 -13.72
CA ALA PA 45 47.64 24.37 -13.59
C ALA PA 45 47.56 25.03 -12.22
N ILE PA 46 48.33 24.58 -11.24
CA ILE PA 46 48.27 25.10 -9.88
C ILE PA 46 49.55 25.86 -9.57
N GLU PA 47 49.37 27.04 -8.95
CA GLU PA 47 50.45 27.81 -8.36
C GLU PA 47 50.18 27.96 -6.88
N VAL PA 48 51.12 27.55 -6.03
CA VAL PA 48 50.94 27.56 -4.58
C VAL PA 48 51.79 28.68 -3.99
N ASN PA 49 51.15 29.57 -3.24
CA ASN PA 49 51.80 30.72 -2.62
C ASN PA 49 52.76 30.30 -1.51
N PRO PA 50 53.64 31.22 -1.08
CA PRO PA 50 54.62 30.86 -0.05
C PRO PA 50 53.96 30.37 1.23
N THR PA 51 54.42 29.21 1.71
CA THR PA 51 53.80 28.56 2.85
C THR PA 51 53.88 29.44 4.10
N GLY PA 52 55.08 29.91 4.44
CA GLY PA 52 55.23 30.73 5.63
C GLY PA 52 54.34 31.95 5.62
N ALA PA 53 54.36 32.71 4.51
CA ALA PA 53 53.56 33.93 4.40
C ALA PA 53 52.08 33.64 4.58
N MET PA 54 51.58 32.56 3.98
CA MET PA 54 50.15 32.27 4.06
C MET PA 54 49.72 31.82 5.44
N VAL PA 55 50.65 31.31 6.25
CA VAL PA 55 50.33 30.83 7.59
C VAL PA 55 50.57 31.91 8.65
N ARG PA 56 51.61 32.74 8.47
CA ARG PA 56 52.03 33.68 9.51
C ARG PA 56 51.51 35.10 9.33
N THR PA 57 51.05 35.48 8.14
CA THR PA 57 50.68 36.87 7.87
C THR PA 57 49.29 36.93 7.27
N GLU PA 58 48.66 38.10 7.39
CA GLU PA 58 47.38 38.32 6.74
C GLU PA 58 47.57 38.56 5.26
N GLN PA 59 46.75 37.89 4.45
CA GLN PA 59 46.80 37.97 3.01
C GLN PA 59 45.39 37.94 2.45
N GLU PA 60 45.17 38.70 1.38
CA GLU PA 60 43.90 38.65 0.67
C GLU PA 60 43.82 37.45 -0.25
N LYS PA 61 44.95 37.04 -0.82
CA LYS PA 61 45.01 35.97 -1.80
C LYS PA 61 44.59 34.64 -1.20
N SER PA 62 44.07 33.77 -2.06
CA SER PA 62 43.91 32.37 -1.70
C SER PA 62 45.28 31.71 -1.62
N LYS PA 63 45.33 30.58 -0.92
CA LYS PA 63 46.62 29.89 -0.78
C LYS PA 63 47.12 29.32 -2.09
N ILE PA 64 46.22 28.91 -2.99
CA ILE PA 64 46.64 28.42 -4.29
C ILE PA 64 45.88 29.20 -5.36
N ALA PA 65 46.39 29.11 -6.59
CA ALA PA 65 45.68 29.60 -7.77
C ALA PA 65 45.58 28.46 -8.77
N ILE PA 66 44.41 28.29 -9.37
CA ILE PA 66 44.19 27.27 -10.39
C ILE PA 66 43.83 27.94 -11.70
N ASP PA 67 44.52 27.56 -12.76
CA ASP PA 67 44.30 28.10 -14.10
C ASP PA 67 43.28 27.20 -14.80
N GLU PA 68 42.05 27.70 -14.99
CA GLU PA 68 41.02 26.86 -15.59
C GLU PA 68 41.31 26.56 -17.06
N ASN PA 69 42.06 27.45 -17.74
CA ASN PA 69 42.36 27.21 -19.15
C ASN PA 69 43.32 26.05 -19.34
N LYS PA 70 44.14 25.74 -18.34
CA LYS PA 70 45.08 24.63 -18.42
C LYS PA 70 44.57 23.36 -17.75
N CYS PA 71 43.73 23.52 -16.74
CA CYS PA 71 43.22 22.41 -15.95
C CYS PA 71 42.41 21.45 -16.82
N VAL PA 72 42.79 20.17 -16.81
CA VAL PA 72 42.09 19.15 -17.56
C VAL PA 72 41.17 18.32 -16.67
N LEU PA 73 40.98 18.75 -15.42
CA LEU PA 73 40.09 18.09 -14.45
C LEU PA 73 40.30 16.58 -14.40
N CYS PA 74 41.56 16.18 -14.18
CA CYS PA 74 41.87 14.76 -14.02
C CYS PA 74 41.75 14.31 -12.57
N GLY PA 75 41.98 15.20 -11.60
CA GLY PA 75 41.76 14.88 -10.21
C GLY PA 75 42.94 14.31 -9.45
N MET PA 76 44.16 14.44 -9.97
CA MET PA 76 45.32 13.94 -9.23
C MET PA 76 45.58 14.78 -7.99
N CYS PA 77 45.47 16.11 -8.12
CA CYS PA 77 45.67 16.99 -6.96
C CYS PA 77 44.68 16.66 -5.86
N SER PA 78 43.42 16.40 -6.23
CA SER PA 78 42.41 16.01 -5.26
C SER PA 78 42.77 14.68 -4.59
N SER PA 79 43.34 13.76 -5.35
CA SER PA 79 43.72 12.47 -4.80
C SER PA 79 44.87 12.60 -3.80
N ILE PA 80 45.87 13.41 -4.14
CA ILE PA 80 47.10 13.48 -3.34
C ILE PA 80 46.91 14.29 -2.05
N CYS PA 81 46.02 15.29 -2.05
CA CYS PA 81 45.91 16.24 -0.96
C CYS PA 81 45.70 15.56 0.39
N PRO PA 82 46.67 15.64 1.30
CA PRO PA 82 46.52 15.00 2.61
C PRO PA 82 45.52 15.70 3.52
N PHE PA 83 45.06 16.90 3.17
CA PHE PA 83 44.23 17.72 4.04
C PHE PA 83 42.81 17.88 3.52
N GLN PA 84 42.45 17.14 2.47
CA GLN PA 84 41.09 17.16 1.91
C GLN PA 84 40.68 18.57 1.47
N ALA PA 85 41.63 19.40 1.09
CA ALA PA 85 41.30 20.78 0.70
C ALA PA 85 40.84 20.89 -0.74
N LEU PA 86 41.04 19.85 -1.55
CA LEU PA 86 40.63 19.81 -2.95
C LEU PA 86 39.79 18.57 -3.18
N ASP PA 87 38.60 18.76 -3.74
CA ASP PA 87 37.66 17.68 -3.98
C ASP PA 87 37.20 17.76 -5.43
N LEU PA 88 37.48 16.73 -6.22
CA LEU PA 88 36.94 16.65 -7.57
C LEU PA 88 35.66 15.82 -7.54
N GLN PA 89 34.62 16.34 -8.18
CA GLN PA 89 33.31 15.69 -8.20
C GLN PA 89 32.89 15.42 -9.64
N ILE PA 90 32.29 14.26 -9.86
CA ILE PA 90 31.80 13.82 -11.17
C ILE PA 90 30.36 13.37 -11.08
N ASP PA 91 29.47 14.05 -11.81
CA ASP PA 91 28.02 13.78 -11.88
C ASP PA 91 27.51 13.73 -10.47
N GLY PA 92 27.59 14.93 -9.93
CA GLY PA 92 28.30 15.21 -8.71
C GLY PA 92 28.63 14.34 -7.51
N THR PA 93 29.37 13.25 -7.69
CA THR PA 93 29.79 12.45 -6.55
C THR PA 93 31.32 12.55 -6.46
N SER PA 94 31.82 12.62 -5.24
CA SER PA 94 33.23 12.90 -5.04
C SER PA 94 34.07 11.67 -5.36
N ILE PA 95 35.29 11.91 -5.87
CA ILE PA 95 36.03 10.81 -6.46
C ILE PA 95 36.46 9.80 -5.40
N LYS PA 96 36.48 10.21 -4.13
CA LYS PA 96 36.85 9.27 -3.07
C LYS PA 96 35.87 8.10 -2.98
N GLU PA 97 34.66 8.25 -3.52
CA GLU PA 97 33.72 7.14 -3.62
C GLU PA 97 33.76 6.41 -4.95
N LEU PA 98 34.55 6.86 -5.92
CA LEU PA 98 34.65 6.20 -7.22
C LEU PA 98 35.90 5.34 -7.27
N ALA PA 99 35.72 4.04 -7.50
CA ALA PA 99 36.84 3.09 -7.47
C ALA PA 99 37.79 3.28 -8.64
N GLU PA 100 37.32 3.81 -9.77
CA GLU PA 100 38.23 4.05 -10.90
C GLU PA 100 39.30 5.07 -10.56
N TYR PA 101 39.06 5.96 -9.58
CA TYR PA 101 40.04 6.97 -9.21
C TYR PA 101 40.92 6.45 -8.07
N PRO PA 102 42.25 6.46 -8.25
CA PRO PA 102 43.12 6.05 -7.16
C PRO PA 102 42.93 6.94 -5.94
N LYS PA 103 42.89 6.31 -4.77
CA LYS PA 103 42.72 7.01 -3.52
C LYS PA 103 43.89 6.69 -2.61
N ILE PA 104 44.32 7.67 -1.87
CA ILE PA 104 45.39 7.49 -0.92
C ILE PA 104 44.85 6.77 0.32
N ILE PA 105 45.63 5.85 0.86
CA ILE PA 105 45.15 4.96 1.91
C ILE PA 105 45.60 5.50 3.27
N LYS PA 106 44.62 5.75 4.12
CA LYS PA 106 44.80 6.33 5.43
C LYS PA 106 43.56 6.00 6.25
N SER PA 107 43.71 6.06 7.56
CA SER PA 107 42.56 5.77 8.41
C SER PA 107 42.82 6.28 9.81
N ALA PA 108 41.74 6.53 10.54
CA ALA PA 108 41.77 6.98 11.91
C ALA PA 108 40.51 6.47 12.57
N GLU PA 109 40.65 5.65 13.61
CA GLU PA 109 39.50 5.02 14.23
C GLU PA 109 39.67 4.97 15.74
N ILE PA 110 38.54 5.03 16.44
CA ILE PA 110 38.49 4.90 17.89
C ILE PA 110 37.57 3.74 18.23
N ASP PA 111 38.09 2.78 19.00
CA ASP PA 111 37.28 1.66 19.49
C ASP PA 111 36.47 2.16 20.69
N ASP PA 112 35.18 2.41 20.46
CA ASP PA 112 34.35 3.05 21.48
C ASP PA 112 34.04 2.15 22.66
N GLU PA 113 34.23 0.84 22.53
CA GLU PA 113 34.05 -0.05 23.68
C GLU PA 113 35.26 -0.02 24.60
N THR PA 114 36.45 0.16 24.04
CA THR PA 114 37.66 0.32 24.84
C THR PA 114 37.75 1.73 25.42
N CYS PA 115 37.34 2.72 24.63
CA CYS PA 115 37.38 4.12 25.03
C CYS PA 115 36.69 4.36 26.38
N ILE PA 116 37.36 5.11 27.25
CA ILE PA 116 36.84 5.46 28.56
C ILE PA 116 36.55 6.95 28.69
N GLN PA 117 36.60 7.69 27.57
CA GLN PA 117 36.15 9.08 27.52
C GLN PA 117 37.02 10.02 28.37
N CYS PA 118 38.34 9.80 28.36
CA CYS PA 118 39.22 10.66 29.14
C CYS PA 118 39.45 12.02 28.45
N LYS PA 119 39.21 12.09 27.13
CA LYS PA 119 39.32 13.29 26.30
C LYS PA 119 40.74 13.75 26.01
N ALA PA 120 41.75 12.92 26.26
CA ALA PA 120 43.12 13.33 25.94
C ALA PA 120 43.28 13.59 24.44
N CYS PA 121 42.67 12.75 23.60
CA CYS PA 121 42.86 12.88 22.16
C CYS PA 121 42.16 14.13 21.62
N GLU PA 122 40.98 14.45 22.15
CA GLU PA 122 40.29 15.69 21.79
C GLU PA 122 41.20 16.88 22.02
N THR PA 123 41.87 16.92 23.17
CA THR PA 123 42.83 17.97 23.46
C THR PA 123 44.04 17.89 22.54
N ALA PA 124 44.55 16.68 22.30
CA ALA PA 124 45.81 16.52 21.59
C ALA PA 124 45.69 16.78 20.10
N CYS PA 125 44.51 16.56 19.51
CA CYS PA 125 44.31 16.63 18.07
C CYS PA 125 44.69 18.01 17.52
N PRO PA 126 45.75 18.10 16.71
CA PRO PA 126 46.16 19.41 16.20
C PRO PA 126 45.15 20.05 15.26
N GLN PA 127 44.18 19.28 14.75
CA GLN PA 127 43.19 19.79 13.81
C GLN PA 127 41.79 19.90 14.42
N ASP PA 128 41.64 19.60 15.72
CA ASP PA 128 40.34 19.59 16.38
C ASP PA 128 39.32 18.73 15.63
N ALA PA 129 39.79 17.60 15.10
CA ALA PA 129 38.93 16.70 14.34
C ALA PA 129 38.11 15.76 15.22
N ILE PA 130 38.44 15.64 16.50
CA ILE PA 130 37.82 14.67 17.40
C ILE PA 130 36.78 15.36 18.25
N THR PA 131 35.62 14.73 18.39
CA THR PA 131 34.64 15.07 19.41
C THR PA 131 34.53 13.90 20.37
N ILE PA 132 34.73 14.17 21.66
CA ILE PA 132 34.51 13.18 22.71
C ILE PA 132 33.45 13.75 23.65
N THR PA 133 32.36 13.02 23.81
CA THR PA 133 31.34 13.36 24.77
C THR PA 133 31.42 12.40 25.95
N ARG PA 134 31.01 12.87 27.12
CA ARG PA 134 30.87 11.98 28.27
C ARG PA 134 29.80 12.54 29.21
N GLU PA 135 28.92 11.67 29.68
CA GLU PA 135 27.88 12.05 30.62
C GLU PA 135 28.33 11.62 32.01
N LEU PA 136 28.57 12.60 32.89
CA LEU PA 136 28.98 12.30 34.25
C LEU PA 136 27.77 12.10 35.14
N PRO PA 137 27.92 11.39 36.25
CA PRO PA 137 26.79 11.25 37.18
C PRO PA 137 26.49 12.58 37.84
N GLU PA 138 25.24 12.73 38.27
CA GLU PA 138 24.87 13.93 39.02
C GLU PA 138 25.44 13.85 40.44
N ARG PA 139 25.76 15.03 40.99
CA ARG PA 139 26.42 15.12 42.28
C ARG PA 139 25.62 14.45 43.39
N LYS PA 140 24.31 14.72 43.45
CA LYS PA 140 23.44 14.12 44.45
C LYS PA 140 23.62 12.61 44.55
N ASP PA 141 23.90 11.94 43.43
CA ASP PA 141 23.97 10.48 43.39
C ASP PA 141 25.31 9.93 43.88
N LEU PA 142 26.29 10.77 44.19
CA LEU PA 142 27.58 10.32 44.66
C LEU PA 142 27.74 10.58 46.14
N VAL PA 143 26.66 10.87 46.83
CA VAL PA 143 26.77 11.40 48.18
C VAL PA 143 25.46 10.99 48.89
N THR PA 144 25.50 10.76 50.21
CA THR PA 144 24.24 10.42 50.89
C THR PA 144 24.20 10.97 52.31
N GLY PA 145 23.03 11.49 52.70
CA GLY PA 145 22.86 12.05 54.02
C GLY PA 145 21.47 12.64 54.16
N GLU PA 146 21.19 13.10 55.39
CA GLU PA 146 19.96 13.83 55.69
C GLU PA 146 20.32 15.22 56.18
N ILE PA 147 19.51 16.21 55.84
CA ILE PA 147 19.71 17.56 56.34
C ILE PA 147 18.38 18.29 56.41
N GLU PA 148 18.11 18.93 57.54
CA GLU PA 148 16.89 19.70 57.72
C GLU PA 148 17.23 20.90 58.58
N ILE PA 149 16.63 22.05 58.27
CA ILE PA 149 16.85 23.28 59.03
C ILE PA 149 15.53 23.67 59.70
N ASP PA 150 15.57 23.82 61.02
CA ASP PA 150 14.42 24.27 61.81
C ASP PA 150 14.33 25.78 61.71
N LYS PA 151 13.37 26.27 60.91
CA LYS PA 151 13.28 27.70 60.62
C LYS PA 151 12.74 28.50 61.80
N ASP PA 152 12.03 27.86 62.74
CA ASP PA 152 11.59 28.58 63.93
C ASP PA 152 12.75 28.86 64.88
N THR PA 153 13.65 27.89 65.03
CA THR PA 153 14.85 28.11 65.85
C THR PA 153 15.82 29.07 65.17
N CYS PA 154 15.88 29.02 63.84
CA CYS PA 154 16.80 29.82 63.06
C CYS PA 154 16.63 31.31 63.33
N ILE PA 155 17.75 32.01 63.56
CA ILE PA 155 17.76 33.45 63.78
C ILE PA 155 18.32 34.21 62.59
N TYR PA 156 18.65 33.52 61.49
CA TYR PA 156 19.04 34.14 60.23
C TYR PA 156 20.31 34.97 60.37
N CYS PA 157 21.31 34.42 61.06
CA CYS PA 157 22.58 35.13 61.19
C CYS PA 157 23.44 35.00 59.93
N GLY PA 158 23.09 34.11 59.01
CA GLY PA 158 23.81 33.98 57.77
C GLY PA 158 25.09 33.18 57.81
N MET PA 159 25.52 32.69 58.98
CA MET PA 159 26.83 32.05 59.06
C MET PA 159 26.87 30.74 58.27
N CYS PA 160 25.78 29.96 58.28
CA CYS PA 160 25.80 28.72 57.52
C CYS PA 160 25.80 28.99 56.01
N GLU PA 161 25.01 29.99 55.59
CA GLU PA 161 25.02 30.38 54.19
C GLU PA 161 26.40 30.80 53.75
N GLU PA 162 27.11 31.54 54.61
CA GLU PA 162 28.46 31.99 54.28
C GLU PA 162 29.42 30.81 54.16
N MET PA 163 29.41 29.94 55.16
CA MET PA 163 30.40 28.87 55.28
C MET PA 163 30.18 27.70 54.34
N CYS PA 164 28.94 27.48 53.89
CA CYS PA 164 28.64 26.34 53.03
C CYS PA 164 29.54 26.37 51.81
N PRO PA 165 30.43 25.38 51.64
CA PRO PA 165 31.43 25.47 50.57
C PRO PA 165 30.88 25.23 49.18
N VAL PA 166 29.63 24.76 49.05
CA VAL PA 166 29.02 24.55 47.75
C VAL PA 166 27.79 25.44 47.55
N ASP PA 167 27.58 26.42 48.43
CA ASP PA 167 26.44 27.34 48.37
C ASP PA 167 25.12 26.60 48.20
N ALA PA 168 24.93 25.54 49.00
CA ALA PA 168 23.68 24.80 48.98
C ALA PA 168 22.60 25.48 49.81
N ILE PA 169 22.97 26.35 50.74
CA ILE PA 169 22.02 27.02 51.61
C ILE PA 169 21.68 28.39 51.03
N GLU PA 170 20.38 28.69 50.94
CA GLU PA 170 19.92 30.00 50.50
C GLU PA 170 19.00 30.59 51.55
N ILE PA 171 19.16 31.88 51.78
CA ILE PA 171 18.35 32.62 52.73
C ILE PA 171 17.64 33.73 51.97
N ASP PA 172 16.33 33.87 52.20
CA ASP PA 172 15.55 34.93 51.56
C ASP PA 172 15.67 36.19 52.41
N HIS PA 173 16.81 36.87 52.24
CA HIS PA 173 17.06 38.13 52.93
C HIS PA 173 16.07 39.20 52.51
N GLN PA 174 15.86 40.17 53.40
CA GLN PA 174 15.06 41.33 53.06
C GLN PA 174 15.43 42.48 54.00
N THR PA 175 15.06 43.68 53.59
CA THR PA 175 15.06 44.80 54.53
C THR PA 175 13.77 44.76 55.33
N PRO PA 176 13.83 44.87 56.65
CA PRO PA 176 12.60 44.82 57.43
C PRO PA 176 11.69 46.00 57.15
N SER PA 177 10.40 45.79 57.36
CA SER PA 177 9.39 46.83 57.34
C SER PA 177 8.49 46.64 58.55
N SER PA 178 7.69 47.66 58.86
CA SER PA 178 6.76 47.53 59.98
C SER PA 178 5.75 46.42 59.73
N ALA PA 179 5.44 46.13 58.47
CA ALA PA 179 4.56 45.02 58.15
C ALA PA 179 5.26 43.67 58.32
N SER PA 180 6.54 43.60 57.97
CA SER PA 180 7.32 42.36 58.03
C SER PA 180 8.62 42.63 58.78
N PRO PA 181 8.58 42.68 60.21
CA PRO PA 181 9.76 43.09 61.00
C PRO PA 181 10.77 41.95 61.18
N VAL PA 182 11.30 41.45 60.06
CA VAL PA 182 12.28 40.36 60.06
C VAL PA 182 13.32 40.63 58.98
N VAL PA 183 14.53 40.11 59.20
CA VAL PA 183 15.61 40.28 58.22
C VAL PA 183 15.66 39.15 57.21
N ALA PA 184 14.76 38.16 57.32
CA ALA PA 184 14.68 37.08 56.34
C ALA PA 184 13.35 36.38 56.51
N THR PA 185 12.84 35.82 55.42
CA THR PA 185 11.54 35.16 55.44
C THR PA 185 11.62 33.65 55.28
N ASP PA 186 12.78 33.11 54.92
CA ASP PA 186 12.90 31.68 54.68
C ASP PA 186 14.37 31.29 54.60
N ILE PA 187 14.63 30.00 54.78
CA ILE PA 187 15.95 29.42 54.57
C ILE PA 187 15.77 28.00 54.05
N ARG PA 188 16.62 27.60 53.09
CA ARG PA 188 16.47 26.33 52.40
C ARG PA 188 17.83 25.72 52.12
N VAL PA 189 17.86 24.38 52.06
CA VAL PA 189 19.01 23.63 51.62
C VAL PA 189 18.67 22.95 50.30
N ASP PA 190 19.51 23.16 49.29
CA ASP PA 190 19.35 22.52 48.00
C ASP PA 190 20.12 21.20 48.06
N GLU PA 191 19.40 20.11 48.27
CA GLU PA 191 20.05 18.81 48.43
C GLU PA 191 20.63 18.29 47.11
N ASP PA 192 20.30 18.90 45.97
CA ASP PA 192 21.05 18.62 44.76
C ASP PA 192 22.50 19.09 44.83
N LYS PA 193 22.79 20.05 45.71
CA LYS PA 193 24.13 20.59 45.85
C LYS PA 193 24.85 20.14 47.11
N CYS PA 194 24.12 19.94 48.21
CA CYS PA 194 24.70 19.52 49.48
C CYS PA 194 25.51 18.23 49.32
N VAL PA 195 26.74 18.25 49.86
CA VAL PA 195 27.60 17.06 49.90
C VAL PA 195 27.83 16.57 51.32
N HIS PA 196 27.06 17.08 52.28
CA HIS PA 196 27.04 16.58 53.66
C HIS PA 196 28.42 16.64 54.33
N CYS PA 197 29.07 17.80 54.25
CA CYS PA 197 30.36 17.95 54.91
C CYS PA 197 30.22 18.27 56.39
N GLY PA 198 29.07 18.79 56.82
CA GLY PA 198 28.82 19.03 58.23
C GLY PA 198 29.15 20.43 58.72
N ILE PA 199 29.67 21.30 57.85
CA ILE PA 199 30.15 22.61 58.30
C ILE PA 199 29.03 23.44 58.88
N CYS PA 200 27.89 23.53 58.17
CA CYS PA 200 26.80 24.39 58.62
C CYS PA 200 26.36 24.03 60.02
N LYS PA 201 26.18 22.72 60.27
CA LYS PA 201 25.69 22.29 61.58
C LYS PA 201 26.69 22.61 62.69
N ARG PA 202 27.99 22.56 62.40
CA ARG PA 202 28.97 22.91 63.43
C ARG PA 202 29.03 24.42 63.70
N ILE PA 203 28.77 25.26 62.70
CA ILE PA 203 28.87 26.71 62.90
C ILE PA 203 27.60 27.33 63.46
N CYS PA 204 26.45 26.67 63.32
CA CYS PA 204 25.17 27.21 63.74
C CYS PA 204 25.18 27.59 65.23
N PRO PA 205 24.97 28.87 65.56
CA PRO PA 205 25.04 29.26 66.98
C PRO PA 205 23.86 28.80 67.82
N VAL PA 206 22.76 28.38 67.20
CA VAL PA 206 21.56 28.00 67.95
C VAL PA 206 21.14 26.56 67.68
N ASP PA 207 22.04 25.75 67.10
CA ASP PA 207 21.80 24.33 66.82
C ASP PA 207 20.44 24.10 66.15
N ALA PA 208 20.19 24.82 65.07
CA ALA PA 208 18.95 24.69 64.32
C ALA PA 208 19.04 23.73 63.15
N ILE PA 209 20.21 23.18 62.86
CA ILE PA 209 20.43 22.36 61.68
C ILE PA 209 20.68 20.93 62.13
N MET PA 210 19.88 19.99 61.62
CA MET PA 210 20.12 18.56 61.81
C MET PA 210 20.77 18.03 60.54
N GLN PA 211 21.92 17.40 60.68
CA GLN PA 211 22.63 16.91 59.50
C GLN PA 211 23.35 15.63 59.85
N VAL PA 212 23.16 14.60 59.02
CA VAL PA 212 23.77 13.29 59.22
C VAL PA 212 24.36 12.85 57.90
N CYS PA 213 25.61 12.41 57.94
CA CYS PA 213 26.27 11.91 56.74
C CYS PA 213 26.21 10.38 56.77
N ARG PA 214 25.80 9.78 55.66
CA ARG PA 214 25.63 8.32 55.59
C ARG PA 214 26.66 7.62 54.71
N ILE PA 215 27.57 8.37 54.08
CA ILE PA 215 28.39 7.78 53.00
C ILE PA 215 29.13 6.54 53.48
N CYS PA 216 29.91 6.65 54.56
CA CYS PA 216 30.76 5.51 54.89
C CYS PA 216 29.97 4.28 55.32
N PRO PA 217 28.98 4.37 56.24
CA PRO PA 217 28.24 3.14 56.56
C PRO PA 217 27.34 2.63 55.45
N TYR PA 218 26.64 3.51 54.73
CA TYR PA 218 25.66 3.09 53.73
C TYR PA 218 26.11 3.31 52.30
N GLY PA 219 27.39 3.67 52.09
CA GLY PA 219 27.85 4.05 50.75
C GLY PA 219 27.73 2.96 49.71
N GLU PA 220 27.98 1.71 50.09
CA GLU PA 220 27.95 0.66 49.08
C GLU PA 220 26.55 0.46 48.54
N TYR PA 221 25.54 0.54 49.42
CA TYR PA 221 24.17 0.33 48.97
C TYR PA 221 23.56 1.61 48.41
N GLU PA 222 23.78 2.74 49.06
CA GLU PA 222 23.07 3.97 48.67
C GLU PA 222 23.73 4.68 47.50
N ILE PA 223 25.03 4.55 47.31
CA ILE PA 223 25.72 5.25 46.23
C ILE PA 223 26.07 4.24 45.16
N LYS PA 224 25.46 4.41 43.98
CA LYS PA 224 25.76 3.52 42.86
C LYS PA 224 27.09 3.92 42.25
N THR PA 225 28.00 2.96 42.16
CA THR PA 225 29.28 3.14 41.50
C THR PA 225 29.07 3.81 40.15
N PRO PA 226 29.86 4.83 39.79
CA PRO PA 226 29.61 5.58 38.55
C PRO PA 226 30.05 4.83 37.31
N GLU PA 227 29.12 4.67 36.37
CA GLU PA 227 29.41 4.22 35.00
C GLU PA 227 29.32 5.43 34.08
N VAL PA 228 30.44 5.77 33.46
CA VAL PA 228 30.53 6.97 32.62
C VAL PA 228 30.36 6.57 31.16
N THR PA 229 29.35 7.13 30.52
CA THR PA 229 29.04 6.86 29.12
C THR PA 229 29.46 8.03 28.24
N GLY PA 230 29.49 7.76 26.94
CA GLY PA 230 29.80 8.79 25.96
C GLY PA 230 30.10 8.18 24.62
N THR PA 231 30.48 9.04 23.68
CA THR PA 231 30.77 8.62 22.33
C THR PA 231 32.00 9.38 21.83
N SER PA 232 32.42 9.03 20.61
CA SER PA 232 33.57 9.64 19.96
C SER PA 232 33.17 9.92 18.51
N TYR PA 233 33.86 10.89 17.90
CA TYR PA 233 33.64 11.19 16.50
C TYR PA 233 34.91 11.80 15.92
N ILE PA 234 35.38 11.22 14.82
CA ILE PA 234 36.51 11.74 14.08
C ILE PA 234 35.98 12.31 12.77
N ASP PA 235 36.09 13.61 12.61
CA ASP PA 235 35.70 14.29 11.39
C ASP PA 235 36.66 13.89 10.28
N PRO PA 236 36.22 13.14 9.26
CA PRO PA 236 37.18 12.64 8.27
C PRO PA 236 37.80 13.71 7.42
N GLU PA 237 37.22 14.90 7.33
CA GLU PA 237 37.78 15.95 6.48
C GLU PA 237 38.84 16.78 7.20
N LEU PA 238 38.61 17.11 8.47
CA LEU PA 238 39.64 17.80 9.25
C LEU PA 238 40.76 16.84 9.66
N CYS PA 239 40.45 15.56 9.77
CA CYS PA 239 41.43 14.58 10.22
C CYS PA 239 42.57 14.43 9.20
N VAL PA 240 43.78 14.30 9.74
CA VAL PA 240 45.01 14.37 8.97
C VAL PA 240 45.92 13.16 9.23
N ASN PA 241 45.55 12.31 10.18
CA ASN PA 241 46.24 11.04 10.44
C ASN PA 241 47.67 11.26 10.95
N CYS PA 242 47.86 12.28 11.79
CA CYS PA 242 49.18 12.46 12.40
C CYS PA 242 49.47 11.38 13.42
N GLY PA 243 48.43 10.86 14.07
CA GLY PA 243 48.58 9.79 15.03
C GLY PA 243 48.69 10.21 16.47
N TRP PA 244 48.52 11.51 16.77
CA TRP PA 244 48.56 11.99 18.15
C TRP PA 244 47.58 11.25 19.04
N CYS PA 245 46.34 11.03 18.54
CA CYS PA 245 45.33 10.35 19.34
C CYS PA 245 45.78 8.94 19.70
N GLN PA 246 46.29 8.21 18.71
CA GLN PA 246 46.81 6.85 18.94
C GLN PA 246 47.86 6.84 20.06
N GLU PA 247 48.79 7.80 20.03
CA GLU PA 247 49.92 7.77 20.94
C GLU PA 247 49.56 8.33 22.31
N ILE PA 248 48.62 9.28 22.38
CA ILE PA 248 48.25 9.88 23.65
C ILE PA 248 47.27 9.01 24.42
N CYS PA 249 46.58 8.09 23.75
CA CYS PA 249 45.49 7.36 24.37
C CYS PA 249 45.99 6.44 25.47
N PRO PA 250 45.51 6.59 26.71
CA PRO PA 250 46.02 5.73 27.79
C PRO PA 250 45.57 4.28 27.69
N VAL PA 251 44.55 3.97 26.89
CA VAL PA 251 44.07 2.60 26.76
C VAL PA 251 44.17 2.13 25.31
N ASP PA 252 44.94 2.85 24.49
CA ASP PA 252 45.21 2.47 23.10
C ASP PA 252 43.94 2.13 22.32
N ALA PA 253 42.90 2.93 22.53
CA ALA PA 253 41.64 2.71 21.82
C ALA PA 253 41.61 3.39 20.46
N ALA PA 254 42.63 4.18 20.11
CA ALA PA 254 42.70 4.89 18.86
C ALA PA 254 43.80 4.31 17.99
N THR PA 255 43.49 4.14 16.70
CA THR PA 255 44.40 3.55 15.72
C THR PA 255 44.43 4.39 14.46
N VAL PA 256 45.64 4.66 13.96
CA VAL PA 256 45.87 5.53 12.83
C VAL PA 256 46.85 4.85 11.87
N THR PA 257 46.55 4.91 10.58
CA THR PA 257 47.48 4.53 9.52
C THR PA 257 47.68 5.73 8.59
N LYS PA 258 48.89 5.90 8.11
CA LYS PA 258 49.28 7.09 7.36
C LYS PA 258 49.46 6.81 5.88
N PRO PA 259 49.38 7.85 5.05
CA PRO PA 259 49.51 7.67 3.61
C PRO PA 259 50.94 7.53 3.12
N PHE PA 260 51.85 8.31 3.70
CA PHE PA 260 53.21 8.41 3.23
C PHE PA 260 54.17 7.81 4.24
N GLU PA 261 55.24 7.23 3.73
CA GLU PA 261 56.39 6.84 4.54
C GLU PA 261 57.57 7.70 4.11
N GLY PA 262 58.38 8.11 5.08
CA GLY PA 262 59.46 9.01 4.73
C GLY PA 262 60.38 9.28 5.90
N GLU PA 263 61.18 10.32 5.73
CA GLU PA 263 62.18 10.73 6.71
C GLU PA 263 62.12 12.24 6.89
N LEU PA 264 62.45 12.68 8.11
CA LEU PA 264 62.70 14.08 8.41
C LEU PA 264 64.17 14.24 8.75
N ILE PA 265 64.82 15.24 8.16
CA ILE PA 265 66.23 15.53 8.48
C ILE PA 265 66.37 17.02 8.72
N ILE PA 266 66.95 17.37 9.87
CA ILE PA 266 67.08 18.75 10.32
C ILE PA 266 68.56 19.02 10.50
N ASP PA 267 69.02 20.17 10.01
CA ASP PA 267 70.38 20.63 10.23
C ASP PA 267 70.31 21.70 11.32
N GLN PA 268 70.66 21.31 12.55
CA GLN PA 268 70.50 22.21 13.70
C GLN PA 268 71.29 23.50 13.55
N ASP PA 269 72.42 23.47 12.85
CA ASP PA 269 73.25 24.68 12.76
C ASP PA 269 72.78 25.62 11.67
N THR PA 270 72.21 25.10 10.58
CA THR PA 270 71.60 25.98 9.58
C THR PA 270 70.38 26.67 10.15
N CYS PA 271 69.62 25.94 10.97
CA CYS PA 271 68.44 26.47 11.63
C CYS PA 271 68.76 27.69 12.50
N GLN PA 272 67.98 28.77 12.32
CA GLN PA 272 68.10 29.98 13.12
C GLN PA 272 66.88 30.23 13.99
N ALA PA 273 65.99 29.25 14.11
CA ALA PA 273 64.90 29.27 15.10
C ALA PA 273 63.93 30.43 14.87
N CYS PA 274 63.59 30.69 13.61
CA CYS PA 274 62.60 31.72 13.35
C CYS PA 274 61.18 31.29 13.73
N GLU PA 275 60.98 29.99 13.98
CA GLU PA 275 59.74 29.33 14.44
C GLU PA 275 58.73 29.11 13.31
N THR PA 276 59.07 29.42 12.06
CA THR PA 276 58.11 29.31 10.97
C THR PA 276 57.61 27.87 10.80
N CYS PA 277 58.54 26.92 10.65
CA CYS PA 277 58.13 25.53 10.42
C CYS PA 277 57.30 25.01 11.59
N VAL PA 278 57.63 25.47 12.81
CA VAL PA 278 56.91 25.05 14.00
C VAL PA 278 55.44 25.42 13.90
N MET PA 279 55.15 26.66 13.50
CA MET PA 279 53.76 27.08 13.39
C MET PA 279 53.12 26.53 12.12
N VAL PA 280 53.91 26.28 11.09
CA VAL PA 280 53.36 25.78 9.83
C VAL PA 280 52.89 24.33 10.00
N CYS PA 281 53.64 23.52 10.75
CA CYS PA 281 53.38 22.10 10.89
C CYS PA 281 51.95 21.85 11.32
N PRO PA 282 51.12 21.28 10.44
CA PRO PA 282 49.72 21.01 10.82
C PRO PA 282 49.56 19.81 11.73
N CYS PA 283 50.62 19.03 11.94
CA CYS PA 283 50.57 17.84 12.78
C CYS PA 283 51.27 17.99 14.12
N ASN PA 284 51.80 19.18 14.44
CA ASN PA 284 52.48 19.43 15.72
C ASN PA 284 53.70 18.51 15.89
N VAL PA 285 54.47 18.35 14.83
CA VAL PA 285 55.66 17.51 14.89
C VAL PA 285 56.85 18.26 15.49
N LEU PA 286 56.93 19.57 15.26
CA LEU PA 286 58.12 20.36 15.55
C LEU PA 286 57.89 21.25 16.76
N SER PA 287 58.92 21.40 17.59
CA SER PA 287 58.76 22.17 18.82
C SER PA 287 60.10 22.76 19.24
N PHE PA 288 60.01 23.75 20.14
CA PHE PA 288 61.14 24.39 20.80
C PHE PA 288 61.15 23.97 22.27
N PRO PA 289 61.87 22.91 22.64
CA PRO PA 289 61.90 22.54 24.06
C PRO PA 289 62.46 23.66 24.93
N LYS PA 290 61.75 23.93 26.02
CA LYS PA 290 62.22 24.84 27.06
C LYS PA 290 63.19 24.13 27.98
N PRO PA 291 64.34 24.72 28.31
CA PRO PA 291 65.25 24.06 29.26
C PRO PA 291 64.61 23.93 30.63
N GLU PA 292 64.74 22.75 31.22
CA GLU PA 292 64.12 22.46 32.51
C GLU PA 292 64.88 23.10 33.65
N LYS PA 293 66.19 23.28 33.52
CA LYS PA 293 67.05 23.83 34.54
C LYS PA 293 67.79 25.06 34.02
N PRO PA 294 68.16 26.00 34.90
CA PRO PA 294 69.04 27.09 34.50
C PRO PA 294 70.42 26.57 34.12
N GLY PA 295 70.95 27.11 33.03
CA GLY PA 295 72.25 26.70 32.53
C GLY PA 295 72.21 25.52 31.57
N GLU PA 296 71.12 24.77 31.55
CA GLU PA 296 70.99 23.63 30.66
C GLU PA 296 70.63 24.07 29.26
N LYS PA 297 71.07 23.30 28.27
CA LYS PA 297 70.75 23.57 26.88
C LYS PA 297 69.98 22.41 26.26
N THR PA 298 69.24 22.75 25.21
CA THR PA 298 68.30 21.85 24.56
C THR PA 298 68.60 21.87 23.06
N THR PA 299 68.11 20.84 22.37
CA THR PA 299 68.23 20.85 20.92
C THR PA 299 67.37 21.96 20.33
N LYS PA 300 67.94 22.69 19.38
CA LYS PA 300 67.31 23.90 18.87
C LYS PA 300 65.91 23.64 18.31
N LEU PA 301 65.78 22.63 17.45
CA LEU PA 301 64.49 22.31 16.84
C LEU PA 301 64.25 20.83 17.02
N HIS PA 302 63.23 20.48 17.81
CA HIS PA 302 62.95 19.09 18.16
C HIS PA 302 61.80 18.55 17.31
N LYS PA 303 61.97 17.33 16.83
CA LYS PA 303 60.95 16.64 16.06
C LYS PA 303 60.54 15.34 16.77
N ASP PA 304 59.38 14.83 16.39
CA ASP PA 304 58.95 13.49 16.76
C ASP PA 304 58.23 12.93 15.53
N GLU PA 305 58.92 12.11 14.74
CA GLU PA 305 58.35 11.69 13.47
C GLU PA 305 57.16 10.76 13.64
N ARG PA 306 56.84 10.31 14.87
CA ARG PA 306 55.63 9.52 15.06
C ARG PA 306 54.39 10.27 14.58
N PHE PA 307 54.39 11.59 14.67
CA PHE PA 307 53.25 12.42 14.30
C PHE PA 307 53.38 12.98 12.90
N CYS PA 308 54.44 12.63 12.19
CA CYS PA 308 54.76 13.20 10.88
C CYS PA 308 54.02 12.49 9.75
N ILE PA 309 53.59 13.26 8.75
CA ILE PA 309 52.95 12.70 7.56
C ILE PA 309 53.69 13.00 6.27
N TYR PA 310 54.82 13.72 6.34
CA TYR PA 310 55.69 13.95 5.18
C TYR PA 310 54.97 14.71 4.06
N CYS PA 311 54.13 15.68 4.44
CA CYS PA 311 53.49 16.52 3.45
C CYS PA 311 54.45 17.54 2.84
N GLY PA 312 55.54 17.85 3.54
CA GLY PA 312 56.58 18.73 3.02
C GLY PA 312 56.39 20.20 3.30
N ALA PA 313 55.41 20.58 4.12
CA ALA PA 313 55.10 21.99 4.31
C ALA PA 313 56.19 22.72 5.08
N CYS PA 314 56.86 22.06 6.02
CA CYS PA 314 57.93 22.70 6.77
C CYS PA 314 59.11 23.03 5.87
N GLU PA 315 59.61 22.03 5.15
CA GLU PA 315 60.70 22.24 4.20
C GLU PA 315 60.39 23.41 3.27
N ARG PA 316 59.17 23.44 2.74
CA ARG PA 316 58.76 24.50 1.84
C ARG PA 316 58.77 25.86 2.53
N SER PA 317 58.48 25.90 3.84
CA SER PA 317 58.39 27.16 4.57
C SER PA 317 59.74 27.67 5.03
N CYS PA 318 60.75 26.82 5.11
CA CYS PA 318 62.01 27.20 5.72
C CYS PA 318 62.84 28.03 4.73
N PRO PA 319 63.16 29.28 5.05
CA PRO PA 319 63.90 30.13 4.11
C PRO PA 319 65.39 29.82 4.01
N VAL PA 320 65.95 28.99 4.89
CA VAL PA 320 67.35 28.60 4.80
C VAL PA 320 67.49 27.11 4.50
N THR PA 321 66.41 26.45 4.12
CA THR PA 321 66.34 25.01 3.88
C THR PA 321 67.16 24.22 4.90
N ALA PA 322 66.88 24.47 6.18
CA ALA PA 322 67.49 23.74 7.27
C ALA PA 322 66.76 22.45 7.60
N ILE PA 323 65.60 22.24 6.97
CA ILE PA 323 64.75 21.08 7.20
C ILE PA 323 64.33 20.53 5.85
N THR PA 324 64.58 19.24 5.63
CA THR PA 324 64.23 18.57 4.38
C THR PA 324 63.46 17.29 4.66
N VAL PA 325 62.60 16.94 3.70
CA VAL PA 325 61.67 15.82 3.83
C VAL PA 325 61.94 14.83 2.71
N LYS PA 326 62.08 13.56 3.07
CA LYS PA 326 62.17 12.48 2.10
C LYS PA 326 60.88 11.66 2.16
N ARG PA 327 60.59 10.98 1.04
CA ARG PA 327 59.32 10.28 0.88
C ARG PA 327 59.57 9.03 0.06
N ASN PA 328 59.61 7.87 0.72
CA ASN PA 328 59.92 6.62 0.05
C ASN PA 328 58.68 5.88 -0.46
N ARG PA 329 57.55 5.96 0.25
CA ARG PA 329 56.40 5.16 -0.10
C ARG PA 329 55.15 6.01 -0.02
N ILE PA 330 54.27 5.87 -1.01
CA ILE PA 330 52.95 6.49 -1.01
C ILE PA 330 51.94 5.38 -1.20
N ASN PA 331 51.17 5.09 -0.17
CA ASN PA 331 50.22 3.98 -0.20
C ASN PA 331 48.92 4.43 -0.85
N THR PA 332 48.55 3.76 -1.94
CA THR PA 332 47.34 4.03 -2.68
C THR PA 332 46.61 2.75 -3.01
N THR PA 333 45.32 2.91 -3.35
CA THR PA 333 44.55 1.87 -4.01
C THR PA 333 45.16 1.55 -5.37
N PRO PA 334 44.82 0.40 -5.96
CA PRO PA 334 45.46 0.01 -7.23
C PRO PA 334 45.35 1.11 -8.29
N ILE PA 335 46.46 1.35 -8.97
CA ILE PA 335 46.55 2.33 -10.05
C ILE PA 335 46.65 1.60 -11.37
N ARG PA 336 45.82 1.99 -12.32
CA ARG PA 336 45.84 1.40 -13.66
C ARG PA 336 46.40 2.34 -14.70
N SER PA 337 45.90 3.57 -14.72
CA SER PA 337 46.47 4.62 -15.56
C SER PA 337 47.97 4.68 -15.35
N LYS PA 338 48.71 4.69 -16.46
CA LYS PA 338 50.15 4.88 -16.40
C LYS PA 338 50.51 6.32 -16.09
N ALA PA 339 49.69 7.26 -16.54
CA ALA PA 339 49.88 8.65 -16.16
C ALA PA 339 49.84 8.81 -14.64
N TRP PA 340 48.89 8.15 -13.98
CA TRP PA 340 48.78 8.25 -12.53
C TRP PA 340 49.98 7.61 -11.83
N LYS PA 341 50.43 6.47 -12.33
CA LYS PA 341 51.62 5.83 -11.76
C LYS PA 341 52.82 6.77 -11.82
N ASN PA 342 52.98 7.50 -12.92
CA ASN PA 342 54.12 8.39 -13.06
C ASN PA 342 54.00 9.60 -12.15
N ALA PA 343 52.78 10.11 -11.97
CA ALA PA 343 52.58 11.28 -11.12
C ALA PA 343 52.90 10.99 -9.67
N PHE PA 344 52.37 9.88 -9.14
CA PHE PA 344 52.64 9.52 -7.76
C PHE PA 344 54.10 9.16 -7.56
N ASP PA 345 54.74 8.54 -8.56
CA ASP PA 345 56.16 8.21 -8.44
C ASP PA 345 57.03 9.46 -8.45
N SER PA 346 56.57 10.54 -9.09
CA SER PA 346 57.36 11.76 -9.15
C SER PA 346 57.43 12.47 -7.80
N LEU PA 347 56.53 12.15 -6.88
CA LEU PA 347 56.55 12.71 -5.54
C LEU PA 347 57.43 11.92 -4.58
N LEU PA 348 58.07 10.86 -5.05
CA LEU PA 348 58.97 10.11 -4.20
C LEU PA 348 60.36 10.75 -4.21
N LYS PA 349 61.04 10.66 -3.07
CA LYS PA 349 62.44 11.02 -2.95
C LYS PA 349 63.00 10.49 -1.63
N MET QA 1 -51.30 38.95 5.73
CA MET QA 1 -51.94 38.10 4.71
C MET QA 1 -52.76 37.01 5.40
N GLU QA 2 -53.42 36.19 4.59
CA GLU QA 2 -54.29 35.13 5.05
C GLU QA 2 -53.78 33.79 4.55
N TYR QA 3 -53.71 32.80 5.44
CA TYR QA 3 -53.33 31.45 5.10
C TYR QA 3 -54.23 30.44 5.78
N ILE QA 4 -54.51 29.35 5.08
CA ILE QA 4 -55.18 28.18 5.65
C ILE QA 4 -54.26 26.99 5.44
N ILE QA 5 -54.00 26.25 6.51
CA ILE QA 5 -53.12 25.10 6.48
C ILE QA 5 -54.03 23.88 6.62
N LYS QA 6 -54.18 23.11 5.56
CA LYS QA 6 -55.27 22.15 5.40
C LYS QA 6 -54.83 20.72 5.67
N ASN QA 7 -55.71 19.98 6.34
CA ASN QA 7 -55.68 18.52 6.41
C ASN QA 7 -54.39 17.97 7.03
N GLY QA 8 -53.75 18.73 7.92
CA GLY QA 8 -52.58 18.24 8.62
C GLY QA 8 -52.92 17.50 9.90
N PHE QA 9 -52.05 16.57 10.28
CA PHE QA 9 -52.14 15.91 11.58
C PHE QA 9 -51.54 16.85 12.63
N VAL QA 10 -52.39 17.47 13.43
CA VAL QA 10 -51.98 18.51 14.35
C VAL QA 10 -51.54 17.90 15.67
N TYR QA 11 -50.37 18.31 16.15
CA TYR QA 11 -49.87 17.94 17.48
C TYR QA 11 -49.66 19.22 18.27
N CYS QA 12 -50.48 19.43 19.30
CA CYS QA 12 -50.39 20.62 20.14
C CYS QA 12 -50.67 20.23 21.58
N PRO QA 13 -49.63 19.93 22.35
CA PRO QA 13 -49.87 19.44 23.73
C PRO QA 13 -50.55 20.44 24.63
N LEU QA 14 -50.31 21.75 24.49
CA LEU QA 14 -50.96 22.69 25.40
C LEU QA 14 -52.48 22.70 25.23
N ASN QA 15 -52.99 22.47 24.01
CA ASN QA 15 -54.42 22.38 23.78
C ASN QA 15 -54.91 20.94 23.70
N GLY QA 16 -54.10 19.98 24.17
CA GLY QA 16 -54.52 18.59 24.26
C GLY QA 16 -54.85 17.93 22.94
N VAL QA 17 -54.29 18.40 21.83
CA VAL QA 17 -54.53 17.82 20.51
C VAL QA 17 -53.38 16.88 20.18
N ASP QA 18 -53.71 15.63 19.87
CA ASP QA 18 -52.73 14.55 19.73
C ASP QA 18 -52.94 13.83 18.39
N GLY QA 19 -52.55 14.50 17.30
CA GLY QA 19 -52.59 13.88 15.99
C GLY QA 19 -53.90 14.02 15.26
N GLU QA 20 -54.81 14.87 15.73
CA GLU QA 20 -56.07 15.05 15.03
C GLU QA 20 -55.82 15.73 13.68
N LYS QA 21 -56.52 15.27 12.65
CA LYS QA 21 -56.51 16.02 11.41
C LYS QA 21 -57.40 17.24 11.58
N MET QA 22 -56.91 18.38 11.13
CA MET QA 22 -57.44 19.67 11.56
C MET QA 22 -56.81 20.80 10.76
N ASP QA 23 -57.60 21.81 10.45
CA ASP QA 23 -57.11 22.97 9.70
C ASP QA 23 -56.72 24.07 10.66
N ILE QA 24 -55.65 24.77 10.33
CA ILE QA 24 -55.14 25.90 11.12
C ILE QA 24 -55.28 27.16 10.27
N CYS QA 25 -55.90 28.19 10.82
CA CYS QA 25 -56.16 29.42 10.10
C CYS QA 25 -55.25 30.53 10.60
N VAL QA 26 -54.78 31.36 9.67
CA VAL QA 26 -53.79 32.39 9.94
C VAL QA 26 -54.18 33.68 9.24
N LYS QA 27 -54.06 34.80 9.95
CA LYS QA 27 -54.32 36.12 9.39
C LYS QA 27 -53.44 37.12 10.11
N ASP QA 28 -52.63 37.85 9.34
CA ASP QA 28 -51.78 38.93 9.84
C ASP QA 28 -50.96 38.51 11.06
N GLY QA 29 -50.20 37.44 10.89
CA GLY QA 29 -49.28 37.00 11.92
C GLY QA 29 -49.90 36.39 13.15
N LYS QA 30 -51.21 36.11 13.13
CA LYS QA 30 -51.87 35.49 14.26
C LYS QA 30 -52.66 34.27 13.77
N ILE QA 31 -52.84 33.30 14.65
CA ILE QA 31 -53.71 32.17 14.36
C ILE QA 31 -55.13 32.52 14.81
N VAL QA 32 -56.09 32.36 13.91
CA VAL QA 32 -57.43 32.89 14.11
C VAL QA 32 -58.44 31.76 13.93
N GLU QA 33 -59.68 32.04 14.30
CA GLU QA 33 -60.72 31.02 14.23
C GLU QA 33 -61.16 30.77 12.79
N SER QA 34 -61.31 31.83 12.02
CA SER QA 34 -61.77 31.66 10.65
C SER QA 34 -61.15 32.75 9.79
N VAL QA 35 -61.05 32.45 8.50
CA VAL QA 35 -60.45 33.36 7.53
C VAL QA 35 -61.33 33.40 6.29
N SER QA 36 -61.01 34.35 5.42
CA SER QA 36 -61.66 34.45 4.14
C SER QA 36 -61.46 33.16 3.31
N ASP QA 37 -62.43 32.92 2.41
CA ASP QA 37 -62.20 31.91 1.39
C ASP QA 37 -61.25 32.41 0.32
N SER QA 38 -60.90 33.70 0.32
CA SER QA 38 -59.81 34.15 -0.53
C SER QA 38 -58.43 33.84 0.05
N ALA QA 39 -58.37 33.19 1.21
CA ALA QA 39 -57.09 32.81 1.81
C ALA QA 39 -56.38 31.77 0.96
N LYS QA 40 -55.06 31.92 0.82
CA LYS QA 40 -54.26 30.95 0.09
C LYS QA 40 -53.97 29.72 0.95
N VAL QA 41 -54.01 28.55 0.32
CA VAL QA 41 -54.04 27.27 1.01
C VAL QA 41 -52.65 26.64 1.01
N ILE QA 42 -52.24 26.13 2.18
CA ILE QA 42 -51.05 25.30 2.34
C ILE QA 42 -51.52 23.89 2.61
N ASP QA 43 -51.18 22.96 1.72
CA ASP QA 43 -51.66 21.58 1.79
C ASP QA 43 -50.75 20.78 2.73
N ALA QA 44 -51.29 20.36 3.87
CA ALA QA 44 -50.54 19.57 4.84
C ALA QA 44 -51.03 18.13 4.91
N SER QA 45 -51.69 17.64 3.85
CA SER QA 45 -52.14 16.26 3.80
C SER QA 45 -50.97 15.30 3.95
N GLY QA 46 -51.13 14.30 4.83
CA GLY QA 46 -50.08 13.35 5.08
C GLY QA 46 -48.87 13.92 5.76
N LYS QA 47 -49.04 15.01 6.51
CA LYS QA 47 -47.93 15.73 7.12
C LYS QA 47 -48.27 16.11 8.54
N ILE QA 48 -47.24 16.35 9.34
CA ILE QA 48 -47.37 16.73 10.73
C ILE QA 48 -47.36 18.25 10.82
N VAL QA 49 -48.22 18.80 11.67
CA VAL QA 49 -48.29 20.23 11.92
C VAL QA 49 -48.06 20.45 13.41
N MET QA 50 -47.08 21.28 13.74
CA MET QA 50 -46.71 21.58 15.11
C MET QA 50 -46.53 23.07 15.27
N PRO QA 51 -46.56 23.57 16.51
CA PRO QA 51 -46.13 24.95 16.75
C PRO QA 51 -44.64 25.06 16.48
N GLY QA 52 -44.22 26.27 16.08
CA GLY QA 52 -42.81 26.51 15.89
C GLY QA 52 -42.02 26.14 17.12
N GLY QA 53 -40.87 25.48 16.93
CA GLY QA 53 -40.08 25.06 18.07
C GLY QA 53 -39.63 26.24 18.91
N VAL QA 54 -39.36 25.96 20.18
CA VAL QA 54 -39.01 26.99 21.16
C VAL QA 54 -37.81 26.48 21.95
N ASP QA 55 -36.61 26.97 21.61
CA ASP QA 55 -35.38 26.52 22.24
C ASP QA 55 -35.12 27.36 23.48
N PRO QA 56 -35.16 26.80 24.68
CA PRO QA 56 -34.99 27.60 25.91
C PRO QA 56 -33.56 27.83 26.35
N HIS QA 57 -32.55 27.26 25.67
CA HIS QA 57 -31.18 27.35 26.15
C HIS QA 57 -30.22 27.06 24.99
N SER QA 58 -29.61 28.11 24.47
CA SER QA 58 -28.64 27.97 23.39
C SER QA 58 -27.66 29.14 23.46
N HIS QA 59 -26.46 28.92 22.92
CA HIS QA 59 -25.43 29.97 22.86
C HIS QA 59 -25.20 30.31 21.39
N ILE QA 60 -25.78 31.44 20.98
CA ILE QA 60 -25.89 31.79 19.56
C ILE QA 60 -25.49 33.23 19.31
N ALA QA 61 -25.36 34.03 20.37
CA ALA QA 61 -25.18 35.47 20.18
C ALA QA 61 -24.45 36.06 21.39
N GLY QA 62 -23.27 36.61 21.17
CA GLY QA 62 -22.55 37.29 22.22
C GLY QA 62 -21.04 37.13 22.13
N ALA QA 63 -20.32 37.67 23.12
CA ALA QA 63 -18.87 37.65 23.09
C ALA QA 63 -18.34 36.23 23.15
N LYS QA 64 -18.85 35.46 24.12
CA LYS QA 64 -18.43 34.08 24.34
C LYS QA 64 -18.59 33.24 23.07
N VAL QA 65 -19.67 33.47 22.33
CA VAL QA 65 -19.90 32.75 21.08
C VAL QA 65 -18.93 33.21 20.00
N ASN QA 66 -18.68 34.52 19.91
CA ASN QA 66 -17.90 35.04 18.79
C ASN QA 66 -16.41 34.74 18.90
N VAL QA 67 -15.88 34.64 20.13
CA VAL QA 67 -14.52 34.12 20.29
C VAL QA 67 -14.45 32.68 19.83
N GLY QA 68 -15.47 31.87 20.16
CA GLY QA 68 -15.54 30.52 19.63
C GLY QA 68 -15.56 30.51 18.12
N ARG QA 69 -16.31 31.43 17.51
CA ARG QA 69 -16.25 31.57 16.05
C ARG QA 69 -14.88 32.04 15.60
N MET QA 70 -14.33 33.07 16.27
CA MET QA 70 -13.12 33.72 15.77
C MET QA 70 -11.90 32.81 15.85
N TYR QA 71 -11.77 32.05 16.94
CA TYR QA 71 -10.58 31.23 17.12
C TYR QA 71 -10.74 29.81 16.58
N ARG QA 72 -11.82 29.55 15.84
CA ARG QA 72 -12.01 28.26 15.17
C ARG QA 72 -12.26 28.46 13.68
N PRO QA 73 -11.26 28.94 12.93
CA PRO QA 73 -11.41 28.96 11.47
C PRO QA 73 -11.49 27.58 10.86
N GLU QA 74 -10.84 26.59 11.49
CA GLU QA 74 -10.96 25.22 10.99
C GLU QA 74 -12.38 24.71 11.11
N ASP QA 75 -13.13 25.22 12.09
CA ASP QA 75 -14.54 24.86 12.23
C ASP QA 75 -15.38 25.45 11.10
N SER QA 76 -14.98 26.61 10.57
CA SER QA 76 -15.68 27.21 9.44
C SER QA 76 -15.35 26.53 8.12
N LYS QA 77 -14.08 26.23 7.88
CA LYS QA 77 -13.68 25.55 6.65
C LYS QA 77 -14.39 24.22 6.52
N ARG QA 78 -14.70 23.63 7.66
CA ARG QA 78 -15.39 22.36 7.70
C ARG QA 78 -16.79 22.45 7.13
N ASP QA 79 -17.43 23.62 7.24
CA ASP QA 79 -18.83 23.81 6.84
C ASP QA 79 -19.04 25.28 6.47
N ALA QA 80 -18.85 25.58 5.19
CA ALA QA 80 -19.00 26.93 4.66
C ALA QA 80 -20.06 26.93 3.57
N GLU QA 81 -21.00 27.88 3.64
CA GLU QA 81 -22.17 27.83 2.77
C GLU QA 81 -22.51 29.20 2.21
N LYS QA 82 -23.16 29.16 1.05
CA LYS QA 82 -23.79 30.33 0.45
C LYS QA 82 -24.94 29.85 -0.41
N PHE QA 83 -26.17 30.12 0.01
CA PHE QA 83 -27.32 29.80 -0.81
C PHE QA 83 -27.80 31.03 -1.57
N LYS QA 84 -28.32 30.78 -2.77
CA LYS QA 84 -28.45 31.79 -3.81
C LYS QA 84 -29.10 33.07 -3.30
N GLY QA 85 -30.21 32.96 -2.57
CA GLY QA 85 -30.95 34.15 -2.18
C GLY QA 85 -30.36 34.91 -1.01
N GLY QA 86 -29.60 34.23 -0.15
CA GLY QA 86 -29.29 34.79 1.16
C GLY QA 86 -27.84 35.12 1.45
N ARG QA 87 -27.51 35.21 2.74
CA ARG QA 87 -26.20 35.64 3.19
C ARG QA 87 -25.26 34.47 3.38
N ALA QA 88 -23.97 34.70 3.06
CA ALA QA 88 -22.94 33.70 3.28
C ALA QA 88 -22.74 33.43 4.77
N GLY QA 89 -22.17 32.27 5.06
CA GLY QA 89 -21.91 31.89 6.44
C GLY QA 89 -21.00 30.68 6.49
N SER QA 90 -20.57 30.35 7.70
CA SER QA 90 -19.69 29.22 7.91
C SER QA 90 -19.65 28.85 9.39
N GLY QA 91 -19.36 27.58 9.66
CA GLY QA 91 -19.16 27.13 11.02
C GLY QA 91 -20.01 25.93 11.38
N PHE QA 92 -19.41 24.74 11.37
CA PHE QA 92 -20.16 23.54 11.74
C PHE QA 92 -20.68 23.63 13.17
N SER QA 93 -19.78 23.83 14.12
CA SER QA 93 -20.12 23.78 15.54
C SER QA 93 -20.62 25.11 16.07
N VAL QA 94 -20.01 26.22 15.64
CA VAL QA 94 -20.46 27.55 16.05
C VAL QA 94 -20.74 28.34 14.77
N PRO QA 95 -21.94 28.26 14.23
CA PRO QA 95 -22.22 28.93 12.95
C PRO QA 95 -22.30 30.44 13.10
N SER QA 96 -21.99 31.12 11.99
CA SER QA 96 -22.18 32.57 11.91
C SER QA 96 -23.67 32.90 12.07
N THR QA 97 -23.96 34.20 12.24
CA THR QA 97 -25.29 34.60 12.69
C THR QA 97 -26.36 34.31 11.64
N PHE QA 98 -26.10 34.68 10.38
CA PHE QA 98 -27.10 34.42 9.35
C PHE QA 98 -27.33 32.93 9.18
N MET QA 99 -26.25 32.16 9.15
CA MET QA 99 -26.36 30.71 9.14
C MET QA 99 -27.15 30.20 10.34
N THR QA 100 -26.96 30.81 11.51
CA THR QA 100 -27.62 30.35 12.72
C THR QA 100 -29.14 30.42 12.57
N GLY QA 101 -29.65 31.57 12.12
CA GLY QA 101 -31.09 31.72 11.98
C GLY QA 101 -31.68 30.83 10.89
N TYR QA 102 -31.01 30.77 9.73
CA TYR QA 102 -31.47 29.89 8.66
C TYR QA 102 -31.67 28.47 9.15
N ARG QA 103 -30.71 27.95 9.92
CA ARG QA 103 -30.71 26.54 10.27
C ARG QA 103 -31.73 26.21 11.36
N TYR QA 104 -31.96 27.12 12.31
CA TYR QA 104 -33.12 26.99 13.19
C TYR QA 104 -34.40 26.92 12.38
N ALA QA 105 -34.56 27.83 11.42
CA ALA QA 105 -35.76 27.87 10.59
C ALA QA 105 -35.96 26.57 9.82
N GLN QA 106 -34.87 26.03 9.23
CA GLN QA 106 -35.02 24.83 8.40
C GLN QA 106 -35.58 23.67 9.19
N MET QA 107 -35.22 23.56 10.47
CA MET QA 107 -35.72 22.49 11.33
C MET QA 107 -36.98 22.89 12.09
N GLY QA 108 -37.64 23.98 11.69
CA GLY QA 108 -38.92 24.34 12.26
C GLY QA 108 -38.90 25.03 13.60
N TYR QA 109 -37.77 25.62 13.98
CA TYR QA 109 -37.71 26.42 15.20
C TYR QA 109 -37.92 27.90 14.87
N THR QA 110 -38.70 28.57 15.73
CA THR QA 110 -39.05 29.96 15.52
C THR QA 110 -38.71 30.85 16.71
N THR QA 111 -38.31 30.28 17.85
CA THR QA 111 -37.92 31.05 19.02
C THR QA 111 -36.72 30.36 19.67
N ALA QA 112 -35.68 31.13 19.96
CA ALA QA 112 -34.47 30.60 20.57
C ALA QA 112 -33.88 31.63 21.53
N MET QA 113 -33.48 31.17 22.71
CA MET QA 113 -33.01 32.02 23.80
C MET QA 113 -31.50 31.91 23.95
N GLU QA 114 -30.84 33.07 24.02
CA GLU QA 114 -29.42 33.13 24.35
C GLU QA 114 -29.26 33.01 25.86
N ALA QA 115 -28.48 32.04 26.32
CA ALA QA 115 -28.56 31.58 27.70
C ALA QA 115 -27.55 32.22 28.65
N ALA QA 116 -26.61 33.03 28.17
CA ALA QA 116 -25.61 33.61 29.07
C ALA QA 116 -25.07 34.90 28.46
N MET QA 117 -25.55 36.04 28.95
CA MET QA 117 -25.11 37.34 28.47
C MET QA 117 -24.40 38.08 29.59
N PRO QA 118 -23.12 38.43 29.43
CA PRO QA 118 -22.46 39.32 30.40
C PRO QA 118 -22.99 40.74 30.25
N PRO QA 119 -23.52 41.32 31.33
CA PRO QA 119 -24.20 42.63 31.21
C PRO QA 119 -23.35 43.71 30.53
N LEU QA 120 -22.05 43.77 30.83
CA LEU QA 120 -21.20 44.81 30.23
C LEU QA 120 -21.05 44.60 28.72
N LEU QA 121 -21.22 43.37 28.24
CA LEU QA 121 -21.09 43.07 26.82
C LEU QA 121 -22.45 42.93 26.15
N ALA QA 122 -23.50 43.47 26.76
CA ALA QA 122 -24.86 43.25 26.28
C ALA QA 122 -25.08 43.84 24.89
N ARG QA 123 -24.44 44.97 24.59
CA ARG QA 123 -24.53 45.53 23.25
C ARG QA 123 -24.12 44.52 22.18
N HIS QA 124 -23.07 43.74 22.45
CA HIS QA 124 -22.62 42.73 21.50
C HIS QA 124 -23.71 41.72 21.21
N THR QA 125 -24.33 41.18 22.26
CA THR QA 125 -25.37 40.19 22.08
C THR QA 125 -26.49 40.70 21.17
N HIS QA 126 -26.97 41.92 21.44
CA HIS QA 126 -28.07 42.45 20.65
C HIS QA 126 -27.66 42.76 19.22
N GLU QA 127 -26.41 43.15 19.00
CA GLU QA 127 -25.93 43.37 17.64
C GLU QA 127 -25.88 42.05 16.85
N GLU QA 128 -25.45 40.96 17.50
CA GLU QA 128 -25.47 39.68 16.82
C GLU QA 128 -26.91 39.20 16.59
N PHE QA 129 -27.83 39.54 17.49
CA PHE QA 129 -29.22 39.20 17.27
C PHE QA 129 -29.77 39.88 16.01
N HIS QA 130 -29.43 41.14 15.81
CA HIS QA 130 -29.95 41.87 14.65
C HIS QA 130 -29.55 41.21 13.34
N ASP QA 131 -28.39 40.55 13.30
CA ASP QA 131 -27.97 39.80 12.12
C ASP QA 131 -28.33 38.32 12.20
N THR QA 132 -29.30 37.96 13.04
CA THR QA 132 -29.79 36.58 13.14
C THR QA 132 -31.20 36.51 12.59
N PRO QA 133 -31.41 35.91 11.42
CA PRO QA 133 -32.72 35.99 10.76
C PRO QA 133 -33.80 35.19 11.45
N ILE QA 134 -35.05 35.62 11.22
CA ILE QA 134 -36.27 34.85 11.39
C ILE QA 134 -36.66 34.71 12.86
N ILE QA 135 -35.82 34.05 13.67
CA ILE QA 135 -36.25 33.60 14.99
C ILE QA 135 -36.52 34.79 15.91
N ASP QA 136 -37.57 34.67 16.70
CA ASP QA 136 -37.71 35.52 17.89
C ASP QA 136 -36.73 35.04 18.96
N HIS QA 137 -36.30 35.96 19.81
CA HIS QA 137 -35.18 35.66 20.69
C HIS QA 137 -35.27 36.50 21.96
N ALA QA 138 -34.42 36.13 22.91
CA ALA QA 138 -34.22 36.86 24.16
C ALA QA 138 -32.87 36.45 24.72
N ALA QA 139 -32.36 37.22 25.67
CA ALA QA 139 -31.05 36.97 26.26
C ALA QA 139 -31.16 36.90 27.78
N TYR QA 140 -30.39 36.00 28.38
CA TYR QA 140 -30.38 35.84 29.82
C TYR QA 140 -29.15 36.53 30.40
N PRO QA 141 -29.29 37.66 31.08
CA PRO QA 141 -28.14 38.23 31.79
C PRO QA 141 -27.70 37.34 32.93
N LEU QA 142 -26.42 37.44 33.29
CA LEU QA 142 -25.85 36.59 34.33
C LEU QA 142 -25.85 37.31 35.67
N PHE QA 143 -26.16 36.56 36.74
CA PHE QA 143 -26.26 37.10 38.08
C PHE QA 143 -25.48 36.35 39.14
N GLY QA 144 -25.14 35.08 38.92
CA GLY QA 144 -24.67 34.22 39.99
C GLY QA 144 -23.31 34.59 40.57
N ASN QA 145 -22.56 35.46 39.91
CA ASN QA 145 -21.25 35.90 40.37
C ASN QA 145 -21.15 37.42 40.30
N ASN QA 146 -22.27 38.11 40.38
CA ASN QA 146 -22.32 39.56 40.22
C ASN QA 146 -21.99 40.24 41.55
N TRP QA 147 -21.12 41.25 41.50
CA TRP QA 147 -20.64 41.87 42.73
C TRP QA 147 -21.76 42.53 43.52
N PHE QA 148 -22.65 43.25 42.83
CA PHE QA 148 -23.78 43.87 43.52
C PHE QA 148 -24.67 42.81 44.16
N VAL QA 149 -24.94 41.73 43.44
CA VAL QA 149 -25.81 40.67 43.96
C VAL QA 149 -25.20 40.04 45.21
N MET QA 150 -23.90 39.72 45.15
CA MET QA 150 -23.27 39.10 46.32
C MET QA 150 -23.19 40.06 47.50
N GLU QA 151 -22.98 41.34 47.24
CA GLU QA 151 -22.93 42.31 48.34
C GLU QA 151 -24.30 42.48 48.98
N TYR QA 152 -25.36 42.64 48.18
CA TYR QA 152 -26.69 42.84 48.74
C TYR QA 152 -27.21 41.60 49.44
N LEU QA 153 -27.00 40.42 48.84
CA LEU QA 153 -27.58 39.20 49.41
C LEU QA 153 -26.86 38.75 50.67
N LYS QA 154 -25.57 39.09 50.82
CA LYS QA 154 -24.90 38.83 52.08
C LYS QA 154 -25.47 39.69 53.20
N GLU QA 155 -25.94 40.89 52.86
CA GLU QA 155 -26.59 41.78 53.81
C GLU QA 155 -28.01 41.34 54.12
N GLY QA 156 -28.50 40.29 53.47
CA GLY QA 156 -29.89 39.92 53.60
C GLY QA 156 -30.86 40.91 52.97
N ASP QA 157 -30.36 41.87 52.19
CA ASP QA 157 -31.20 42.94 51.63
C ASP QA 157 -31.75 42.49 50.28
N VAL QA 158 -32.82 41.68 50.35
CA VAL QA 158 -33.40 41.14 49.13
C VAL QA 158 -34.11 42.22 48.33
N ASP QA 159 -34.64 43.23 49.01
CA ASP QA 159 -35.33 44.33 48.31
C ASP QA 159 -34.37 45.11 47.43
N ALA QA 160 -33.16 45.39 47.92
CA ALA QA 160 -32.18 46.12 47.11
C ALA QA 160 -31.69 45.27 45.95
N CYS QA 161 -31.46 43.97 46.18
CA CYS QA 161 -31.06 43.08 45.09
C CYS QA 161 -32.12 43.03 44.01
N ALA QA 162 -33.40 43.07 44.40
CA ALA QA 162 -34.47 43.09 43.41
C ALA QA 162 -34.51 44.40 42.62
N ALA QA 163 -34.18 45.51 43.28
CA ALA QA 163 -34.12 46.78 42.57
C ALA QA 163 -32.95 46.81 41.59
N TYR QA 164 -31.78 46.30 42.01
CA TYR QA 164 -30.66 46.18 41.09
C TYR QA 164 -31.02 45.32 39.89
N ALA QA 165 -31.57 44.13 40.14
CA ALA QA 165 -31.97 43.25 39.05
C ALA QA 165 -32.96 43.91 38.11
N SER QA 166 -33.96 44.60 38.67
CA SER QA 166 -34.92 45.34 37.84
C SER QA 166 -34.20 46.29 36.89
N TRP QA 167 -33.30 47.12 37.44
CA TRP QA 167 -32.51 48.02 36.62
C TRP QA 167 -31.65 47.25 35.61
N LEU QA 168 -31.02 46.16 36.05
CA LEU QA 168 -30.09 45.48 35.17
C LEU QA 168 -30.82 44.81 34.00
N LEU QA 169 -31.98 44.22 34.26
CA LEU QA 169 -32.76 43.63 33.17
C LEU QA 169 -33.21 44.69 32.18
N ARG QA 170 -33.57 45.88 32.66
CA ARG QA 170 -33.96 46.96 31.75
C ARG QA 170 -32.76 47.51 31.01
N ALA QA 171 -31.61 47.61 31.70
CA ALA QA 171 -30.43 48.22 31.10
C ALA QA 171 -29.77 47.31 30.08
N THR QA 172 -29.75 46.00 30.33
CA THR QA 172 -29.19 45.06 29.37
C THR QA 172 -30.23 44.54 28.39
N LYS QA 173 -31.48 44.94 28.53
CA LYS QA 173 -32.59 44.37 27.76
C LYS QA 173 -32.53 42.85 27.80
N GLY QA 174 -32.61 42.33 29.02
CA GLY QA 174 -32.54 40.91 29.28
C GLY QA 174 -33.87 40.35 29.76
N TYR QA 175 -33.88 39.03 29.94
CA TYR QA 175 -35.16 38.35 30.13
C TYR QA 175 -35.23 37.45 31.37
N THR QA 176 -34.12 36.84 31.79
CA THR QA 176 -34.18 35.95 32.95
C THR QA 176 -32.95 36.13 33.83
N ILE QA 177 -33.11 35.73 35.09
CA ILE QA 177 -32.02 35.70 36.05
C ILE QA 177 -31.27 34.38 35.85
N ILE QA 179 -28.06 31.90 36.56
CA ILE QA 179 -27.04 31.57 37.55
C ILE QA 179 -26.11 30.48 37.03
N VAL QA 180 -24.83 30.77 36.90
CA VAL QA 180 -23.83 29.81 36.43
C VAL QA 180 -22.76 29.69 37.49
N ASN QA 181 -22.54 28.47 37.99
CA ASN QA 181 -21.51 28.15 38.96
C ASN QA 181 -21.43 29.26 40.02
N PRO QA 182 -22.50 29.48 40.79
CA PRO QA 182 -22.57 30.67 41.65
C PRO QA 182 -21.44 30.74 42.65
N ALA QA 183 -20.80 31.92 42.72
CA ALA QA 183 -19.66 32.25 43.55
C ALA QA 183 -18.37 31.66 42.99
N GLY QA 184 -18.47 30.56 42.25
CA GLY QA 184 -17.28 29.87 41.78
C GLY QA 184 -16.53 30.63 40.71
N THR QA 185 -17.26 31.30 39.82
CA THR QA 185 -16.60 32.07 38.77
C THR QA 185 -15.90 33.29 39.33
N GLU QA 186 -16.47 33.91 40.37
CA GLU QA 186 -15.75 34.98 41.07
C GLU QA 186 -14.48 34.45 41.71
N ALA QA 187 -14.53 33.24 42.27
CA ALA QA 187 -13.32 32.61 42.76
C ALA QA 187 -12.31 32.36 41.65
N TRP QA 188 -12.79 32.13 40.41
CA TRP QA 188 -11.88 31.95 39.29
C TRP QA 188 -11.19 33.25 38.90
N GLY QA 189 -11.74 34.40 39.31
CA GLY QA 189 -11.03 35.66 39.17
C GLY QA 189 -9.67 35.68 39.85
N TRP QA 190 -9.46 34.83 40.85
CA TRP QA 190 -8.15 34.62 41.44
C TRP QA 190 -7.54 33.27 41.07
N GLY QA 191 -8.13 32.57 40.10
CA GLY QA 191 -7.62 31.29 39.66
C GLY QA 191 -8.12 30.09 40.42
N GLY QA 192 -9.14 30.25 41.27
CA GLY QA 192 -9.69 29.17 42.04
C GLY QA 192 -11.11 28.81 41.65
N ASN QA 193 -11.81 28.19 42.58
CA ASN QA 193 -13.18 27.73 42.37
C ASN QA 193 -13.81 27.47 43.74
N VAL QA 194 -15.11 27.20 43.72
CA VAL QA 194 -15.81 26.73 44.92
C VAL QA 194 -16.17 25.27 44.70
N HIS QA 195 -16.29 24.53 45.80
CA HIS QA 195 -16.62 23.11 45.77
C HIS QA 195 -17.79 22.87 46.72
N GLY QA 196 -18.91 22.42 46.17
CA GLY QA 196 -20.14 22.29 46.93
C GLY QA 196 -20.83 23.63 47.12
N ILE QA 197 -22.09 23.56 47.58
CA ILE QA 197 -22.93 24.75 47.62
C ILE QA 197 -22.74 25.58 48.88
N TYR QA 198 -21.90 25.13 49.82
CA TYR QA 198 -21.65 25.86 51.06
C TYR QA 198 -20.25 26.47 51.10
N ASP QA 199 -19.54 26.50 49.97
CA ASP QA 199 -18.18 26.98 49.92
C ASP QA 199 -18.18 28.43 49.45
N PRO QA 200 -17.83 29.40 50.29
CA PRO QA 200 -17.97 30.80 49.90
C PRO QA 200 -16.85 31.25 48.98
N ALA QA 201 -17.13 32.32 48.24
CA ALA QA 201 -16.13 32.94 47.40
C ALA QA 201 -15.16 33.73 48.27
N PRO QA 202 -13.93 33.97 47.77
CA PRO QA 202 -13.01 34.84 48.50
C PRO QA 202 -13.59 36.22 48.69
N TYR QA 203 -13.28 36.82 49.84
CA TYR QA 203 -13.72 38.16 50.23
C TYR QA 203 -15.23 38.27 50.44
N PHE QA 204 -16.02 37.89 49.44
CA PHE QA 204 -17.45 38.23 49.48
C PHE QA 204 -18.21 37.38 50.51
N ASP QA 205 -17.72 36.18 50.81
CA ASP QA 205 -18.13 35.44 52.00
C ASP QA 205 -19.61 35.10 51.98
N ILE QA 206 -20.14 34.80 50.79
CA ILE QA 206 -21.51 34.32 50.64
C ILE QA 206 -21.45 32.98 49.92
N THR QA 207 -22.33 32.06 50.33
CA THR QA 207 -22.26 30.74 49.75
C THR QA 207 -23.12 30.65 48.51
N PRO QA 208 -22.84 29.68 47.63
CA PRO QA 208 -23.78 29.39 46.54
C PRO QA 208 -25.23 29.23 46.98
N ALA QA 209 -25.48 28.43 48.03
CA ALA QA 209 -26.85 28.22 48.49
C ALA QA 209 -27.57 29.54 48.77
N GLU QA 210 -26.88 30.46 49.45
CA GLU QA 210 -27.47 31.76 49.74
C GLU QA 210 -27.69 32.59 48.48
N ILE QA 211 -26.82 32.43 47.49
CA ILE QA 211 -27.01 33.13 46.22
C ILE QA 211 -28.22 32.56 45.48
N ILE QA 212 -28.36 31.24 45.43
CA ILE QA 212 -29.46 30.62 44.69
C ILE QA 212 -30.80 31.01 45.30
N LYS QA 213 -30.95 30.82 46.60
CA LYS QA 213 -32.22 31.11 47.28
C LYS QA 213 -32.57 32.60 47.15
N GLY QA 214 -31.60 33.47 47.42
CA GLY QA 214 -31.86 34.90 47.33
C GLY QA 214 -32.33 35.34 45.96
N LEU QA 215 -31.72 34.79 44.91
CA LEU QA 215 -32.15 35.16 43.55
C LEU QA 215 -33.49 34.52 43.20
N ALA QA 216 -33.78 33.35 43.74
CA ALA QA 216 -35.13 32.79 43.61
C ALA QA 216 -36.14 33.70 44.28
N GLU QA 217 -35.83 34.15 45.49
CA GLU QA 217 -36.67 35.13 46.17
C GLU QA 217 -36.80 36.42 45.36
N VAL QA 218 -35.69 36.92 44.83
CA VAL QA 218 -35.74 38.11 43.97
C VAL QA 218 -36.59 37.84 42.72
N ASN QA 219 -36.38 36.69 42.08
CA ASN QA 219 -37.08 36.40 40.83
C ASN QA 219 -38.59 36.48 41.02
N GLU QA 220 -39.12 35.92 42.10
CA GLU QA 220 -40.56 35.93 42.27
C GLU QA 220 -41.07 37.25 42.82
N LYS QA 221 -40.23 37.98 43.57
CA LYS QA 221 -40.62 39.32 44.02
C LYS QA 221 -40.71 40.29 42.85
N LEU QA 222 -39.95 40.05 41.78
CA LEU QA 222 -40.10 40.80 40.55
C LEU QA 222 -41.13 40.17 39.61
N GLN QA 223 -41.72 39.04 40.01
CA GLN QA 223 -42.80 38.40 39.25
C GLN QA 223 -42.39 38.17 37.80
N LEU QA 224 -41.16 37.68 37.62
CA LEU QA 224 -40.62 37.48 36.29
C LEU QA 224 -41.34 36.32 35.58
N PRO QA 225 -41.43 36.36 34.25
CA PRO QA 225 -42.15 35.28 33.54
C PRO QA 225 -41.51 33.93 33.76
N HIS QA 226 -40.19 33.87 33.73
CA HIS QA 226 -39.42 32.64 33.84
C HIS QA 226 -38.81 32.54 35.24
N SER QA 227 -38.50 31.31 35.64
CA SER QA 227 -37.90 31.10 36.95
C SER QA 227 -36.41 31.42 36.90
N ILE QA 228 -35.73 31.30 38.04
CA ILE QA 228 -34.28 31.28 38.00
C ILE QA 228 -33.83 30.09 37.15
N HIS QA 229 -32.73 30.29 36.45
CA HIS QA 229 -32.23 29.36 35.43
C HIS QA 229 -30.85 28.94 35.88
N LEU QA 230 -30.74 27.74 36.46
CA LEU QA 230 -29.59 27.38 37.28
C LEU QA 230 -28.66 26.41 36.58
N HIS QA 231 -27.40 26.82 36.47
CA HIS QA 231 -26.26 26.01 36.09
C HIS QA 231 -25.47 25.72 37.37
N CYS QA 232 -25.41 24.46 37.78
CA CYS QA 232 -24.99 24.13 39.14
C CYS QA 232 -23.49 24.27 39.32
N ASN QA 233 -23.08 24.29 40.59
CA ASN QA 233 -21.68 24.15 40.94
C ASN QA 233 -21.21 22.72 40.64
N ASP QA 234 -19.87 22.55 40.62
CA ASP QA 234 -19.24 21.25 40.45
C ASP QA 234 -19.65 20.58 39.14
N LEU QA 235 -19.74 21.38 38.07
CA LEU QA 235 -20.11 20.84 36.76
C LEU QA 235 -19.07 19.83 36.27
N GLY QA 236 -19.57 18.74 35.71
CA GLY QA 236 -18.73 17.83 34.96
C GLY QA 236 -17.71 17.06 35.76
N HIS QA 237 -17.92 16.86 37.06
CA HIS QA 237 -16.93 16.11 37.79
C HIS QA 237 -17.55 14.88 38.43
N PRO QA 238 -16.85 13.75 38.41
CA PRO QA 238 -17.36 12.54 39.04
C PRO QA 238 -17.81 12.79 40.48
N GLY QA 239 -18.98 12.25 40.82
CA GLY QA 239 -19.52 12.38 42.15
C GLY QA 239 -20.39 13.60 42.40
N ASN QA 240 -20.60 14.44 41.39
CA ASN QA 240 -21.28 15.72 41.61
C ASN QA 240 -22.79 15.60 41.76
N TYR QA 241 -23.37 14.42 41.53
CA TYR QA 241 -24.82 14.29 41.59
C TYR QA 241 -25.38 14.74 42.94
N GLU QA 242 -24.62 14.58 44.02
CA GLU QA 242 -25.10 15.04 45.33
C GLU QA 242 -25.15 16.57 45.39
N THR QA 243 -24.14 17.25 44.85
CA THR QA 243 -24.21 18.71 44.77
C THR QA 243 -25.43 19.14 43.99
N THR QA 244 -25.78 18.38 42.94
CA THR QA 244 -26.94 18.69 42.13
C THR QA 244 -28.24 18.55 42.91
N LEU QA 245 -28.43 17.41 43.57
CA LEU QA 245 -29.65 17.19 44.33
C LEU QA 245 -29.79 18.21 45.46
N ALA QA 246 -28.67 18.52 46.13
CA ALA QA 246 -28.69 19.56 47.14
C ALA QA 246 -29.08 20.91 46.57
N SER QA 247 -28.55 21.26 45.38
CA SER QA 247 -28.92 22.51 44.73
C SER QA 247 -30.42 22.56 44.45
N PHE QA 248 -31.00 21.45 43.96
CA PHE QA 248 -32.40 21.44 43.59
C PHE QA 248 -33.31 21.77 44.77
N ASP QA 249 -32.91 21.41 45.99
CA ASP QA 249 -33.74 21.63 47.17
C ASP QA 249 -33.71 23.07 47.67
N VAL QA 250 -32.71 23.85 47.29
CA VAL QA 250 -32.51 25.16 47.92
C VAL QA 250 -33.70 26.08 47.75
N PRO QA 251 -34.32 26.21 46.55
CA PRO QA 251 -35.46 27.13 46.41
C PRO QA 251 -36.83 26.45 46.48
N LYS QA 252 -36.87 25.22 46.99
CA LYS QA 252 -38.06 24.37 46.83
C LYS QA 252 -39.33 25.03 47.37
N ASN QA 253 -39.25 25.67 48.53
CA ASN QA 253 -40.40 26.23 49.22
C ASN QA 253 -40.72 27.68 48.84
N ILE QA 254 -40.09 28.22 47.81
CA ILE QA 254 -40.39 29.56 47.35
C ILE QA 254 -41.46 29.47 46.27
N LYS QA 255 -42.53 30.25 46.41
CA LYS QA 255 -43.71 30.00 45.59
C LYS QA 255 -43.64 30.79 44.29
N PRO QA 256 -43.84 30.14 43.14
CA PRO QA 256 -43.79 30.87 41.87
C PRO QA 256 -44.84 31.96 41.80
N ASN QA 257 -44.50 33.04 41.11
CA ASN QA 257 -45.42 34.18 41.06
C ASN QA 257 -45.26 35.00 39.78
N PRO QA 258 -45.36 34.39 38.59
CA PRO QA 258 -45.26 35.19 37.35
C PRO QA 258 -46.44 36.14 37.17
N ALA QA 259 -46.14 37.35 36.71
CA ALA QA 259 -47.18 38.29 36.33
C ALA QA 259 -47.72 38.02 34.92
N THR QA 260 -46.87 37.51 34.03
CA THR QA 260 -47.29 37.09 32.70
C THR QA 260 -47.03 35.60 32.54
N GLY QA 261 -47.94 34.92 31.85
CA GLY QA 261 -47.79 33.50 31.55
C GLY QA 261 -48.25 32.59 32.66
N SER QA 262 -48.03 31.29 32.45
CA SER QA 262 -48.65 30.25 33.26
C SER QA 262 -47.64 29.39 34.02
N ARG QA 263 -46.39 29.85 34.15
CA ARG QA 263 -45.36 29.06 34.80
C ARG QA 263 -45.74 28.73 36.24
N ASP QA 264 -45.58 27.46 36.60
CA ASP QA 264 -45.92 26.98 37.94
C ASP QA 264 -44.74 26.30 38.63
N THR QA 265 -43.51 26.62 38.21
CA THR QA 265 -42.29 26.08 38.78
C THR QA 265 -41.32 27.20 39.13
N VAL QA 266 -40.59 27.00 40.23
CA VAL QA 266 -39.65 28.00 40.73
C VAL QA 266 -38.22 27.74 40.31
N LEU QA 267 -37.89 26.54 39.86
CA LEU QA 267 -36.53 26.18 39.49
C LEU QA 267 -36.50 25.63 38.08
N TYR QA 268 -35.55 26.14 37.28
CA TYR QA 268 -35.21 25.57 35.98
C TYR QA 268 -33.74 25.20 36.02
N ALA QA 269 -33.45 23.91 35.93
CA ALA QA 269 -32.09 23.39 35.95
C ALA QA 269 -31.68 23.03 34.53
N THR QA 270 -30.55 23.56 34.09
CA THR QA 270 -30.14 23.43 32.70
C THR QA 270 -29.03 22.40 32.57
N HIS QA 271 -28.94 21.82 31.36
CA HIS QA 271 -28.02 20.74 30.99
C HIS QA 271 -27.67 19.84 32.16
N VAL QA 272 -28.67 19.18 32.75
CA VAL QA 272 -28.47 18.41 33.96
C VAL QA 272 -27.68 17.13 33.71
N GLN QA 273 -27.57 16.68 32.45
CA GLN QA 273 -26.70 15.55 32.15
C GLN QA 273 -25.30 15.76 32.73
N PHE QA 274 -24.75 16.96 32.54
CA PHE QA 274 -23.44 17.29 33.09
C PHE QA 274 -23.44 17.36 34.61
N HIS QA 275 -24.60 17.31 35.26
CA HIS QA 275 -24.69 17.40 36.72
C HIS QA 275 -25.17 16.09 37.36
N SER QA 276 -25.10 14.98 36.63
CA SER QA 276 -25.65 13.70 37.09
C SER QA 276 -24.59 12.62 37.21
N TYR QA 277 -23.37 12.99 37.56
CA TYR QA 277 -22.25 12.05 37.50
C TYR QA 277 -22.05 11.36 38.85
N GLY QA 278 -21.79 10.07 38.80
CA GLY QA 278 -21.38 9.31 39.96
C GLY QA 278 -19.90 9.00 39.95
N GLY QA 279 -19.49 8.15 40.89
CA GLY QA 279 -18.08 7.85 41.06
C GLY QA 279 -17.37 8.90 41.88
N THR QA 280 -16.05 8.86 41.79
CA THR QA 280 -15.14 9.83 42.43
C THR QA 280 -13.98 10.25 41.56
N THR QA 281 -13.55 9.42 40.61
CA THR QA 281 -12.57 9.76 39.59
C THR QA 281 -13.16 9.39 38.24
N TRP QA 282 -12.44 9.71 37.17
CA TRP QA 282 -12.90 9.29 35.85
C TRP QA 282 -12.79 7.77 35.66
N ARG QA 283 -12.02 7.08 36.49
CA ARG QA 283 -11.83 5.65 36.29
C ARG QA 283 -12.96 4.83 36.87
N ASP QA 284 -13.54 5.25 38.00
CA ASP QA 284 -14.74 4.61 38.54
C ASP QA 284 -16.00 5.43 38.22
N PHE QA 285 -15.93 6.18 37.11
CA PHE QA 285 -16.99 7.10 36.70
C PHE QA 285 -18.22 6.35 36.21
N VAL QA 286 -19.37 6.74 36.72
CA VAL QA 286 -20.54 5.90 36.60
C VAL QA 286 -21.77 6.84 36.48
N SER QA 287 -22.86 6.37 35.85
CA SER QA 287 -24.06 7.22 35.69
C SER QA 287 -24.91 7.23 36.97
N GLU QA 288 -25.41 8.41 37.33
CA GLU QA 288 -26.37 8.56 38.44
C GLU QA 288 -27.65 9.25 38.00
N ALA QA 289 -27.98 9.14 36.71
CA ALA QA 289 -29.22 9.74 36.21
C ALA QA 289 -30.49 9.17 36.85
N PRO QA 290 -30.58 7.88 37.19
CA PRO QA 290 -31.80 7.41 37.89
C PRO QA 290 -32.14 8.19 39.14
N LYS QA 291 -31.17 8.44 40.03
CA LYS QA 291 -31.48 9.23 41.22
C LYS QA 291 -31.93 10.63 40.85
N ILE QA 292 -31.31 11.21 39.81
CA ILE QA 292 -31.71 12.53 39.36
C ILE QA 292 -33.11 12.49 38.78
N ALA QA 293 -33.35 11.57 37.84
CA ALA QA 293 -34.68 11.41 37.26
C ALA QA 293 -35.72 11.12 38.34
N ASP QA 294 -35.35 10.36 39.35
CA ASP QA 294 -36.30 10.01 40.40
C ASP QA 294 -36.68 11.23 41.24
N TYR QA 295 -35.70 12.11 41.53
CA TYR QA 295 -36.00 13.38 42.19
C TYR QA 295 -36.98 14.21 41.38
N VAL QA 296 -36.73 14.33 40.07
CA VAL QA 296 -37.60 15.15 39.24
C VAL QA 296 -39.01 14.59 39.22
N ASN QA 297 -39.14 13.27 39.09
CA ASN QA 297 -40.46 12.64 39.10
C ASN QA 297 -41.22 12.96 40.39
N LYS QA 298 -40.52 12.91 41.53
CA LYS QA 298 -41.19 13.13 42.82
C LYS QA 298 -41.52 14.59 43.07
N ASN QA 299 -40.88 15.54 42.39
CA ASN QA 299 -40.94 16.94 42.78
C ASN QA 299 -41.70 17.80 41.77
N ASP QA 300 -42.36 18.83 42.28
CA ASP QA 300 -43.34 19.67 41.60
C ASP QA 300 -42.76 21.04 41.26
N HIS QA 301 -41.58 21.37 41.77
CA HIS QA 301 -41.08 22.73 41.61
C HIS QA 301 -40.00 22.87 40.54
N ILE QA 302 -39.66 21.81 39.82
CA ILE QA 302 -38.48 21.81 38.97
C ILE QA 302 -38.84 21.46 37.54
N VAL QA 303 -38.27 22.21 36.59
CA VAL QA 303 -38.20 21.86 35.18
C VAL QA 303 -36.73 21.77 34.82
N ILE QA 304 -36.39 20.83 33.93
CA ILE QA 304 -35.01 20.65 33.52
C ILE QA 304 -34.92 20.64 32.01
N ASP QA 305 -33.71 20.82 31.51
CA ASP QA 305 -33.32 20.41 30.18
C ASP QA 305 -32.09 19.54 30.31
N VAL QA 306 -31.85 18.72 29.29
CA VAL QA 306 -30.95 17.57 29.45
C VAL QA 306 -29.52 17.93 29.09
N GLY QA 307 -29.30 18.61 27.97
CA GLY QA 307 -27.95 18.79 27.46
C GLY QA 307 -27.41 17.50 26.86
N GLN QA 308 -28.07 17.01 25.82
CA GLN QA 308 -27.78 15.69 25.27
C GLN QA 308 -26.50 15.70 24.44
N ILE QA 309 -25.63 14.72 24.72
CA ILE QA 309 -24.43 14.53 23.91
C ILE QA 309 -24.82 14.06 22.52
N THR QA 310 -24.23 14.67 21.49
CA THR QA 310 -24.49 14.26 20.12
C THR QA 310 -23.33 13.50 19.51
N LEU QA 311 -22.24 13.31 20.27
CA LEU QA 311 -21.10 12.50 19.85
C LEU QA 311 -20.41 13.09 18.62
N ASP QA 312 -20.21 14.41 18.64
CA ASP QA 312 -19.55 15.14 17.56
C ASP QA 312 -18.24 15.74 18.07
N GLU QA 313 -17.42 16.19 17.14
CA GLU QA 313 -16.41 17.19 17.48
C GLU QA 313 -17.12 18.53 17.57
N THR QA 314 -17.17 19.11 18.77
CA THR QA 314 -17.87 20.38 18.90
C THR QA 314 -17.02 21.37 19.70
N THR QA 315 -17.62 22.47 20.12
CA THR QA 315 -16.96 23.52 20.87
C THR QA 315 -17.73 23.77 22.17
N THR QA 316 -17.01 23.90 23.28
CA THR QA 316 -17.61 24.24 24.56
C THR QA 316 -17.33 25.70 24.89
N MET QA 317 -18.36 26.39 25.40
CA MET QA 317 -18.27 27.81 25.74
C MET QA 317 -19.22 28.08 26.88
N THR QA 318 -18.69 28.55 28.01
CA THR QA 318 -19.49 28.66 29.22
C THR QA 318 -19.03 29.85 30.04
N ALA QA 319 -19.92 30.35 30.89
CA ALA QA 319 -19.55 31.31 31.93
C ALA QA 319 -18.89 30.64 33.12
N ASP QA 320 -18.68 29.33 33.06
CA ASP QA 320 -18.00 28.58 34.11
C ASP QA 320 -16.52 28.54 33.78
N GLY QA 321 -15.88 29.69 33.94
CA GLY QA 321 -14.47 29.88 33.68
C GLY QA 321 -13.54 28.80 34.25
N PRO QA 322 -13.68 28.50 35.55
CA PRO QA 322 -12.76 27.50 36.13
C PRO QA 322 -12.95 26.11 35.54
N MET QA 323 -14.18 25.75 35.18
CA MET QA 323 -14.42 24.43 34.61
C MET QA 323 -13.75 24.28 33.25
N GLU QA 324 -13.78 25.32 32.42
CA GLU QA 324 -13.17 25.25 31.10
C GLU QA 324 -11.65 25.15 31.19
N TYR QA 325 -11.05 25.81 32.19
CA TYR QA 325 -9.61 25.65 32.38
C TYR QA 325 -9.27 24.21 32.77
N ASP QA 326 -10.10 23.59 33.62
CA ASP QA 326 -9.89 22.18 33.95
C ASP QA 326 -10.03 21.31 32.71
N LEU QA 327 -10.99 21.63 31.84
CA LEU QA 327 -11.19 20.85 30.62
C LEU QA 327 -9.99 20.98 29.70
N HIS QA 328 -9.49 22.21 29.53
CA HIS QA 328 -8.27 22.43 28.76
C HIS QA 328 -7.11 21.65 29.34
N SER QA 329 -7.01 21.59 30.67
CA SER QA 329 -5.97 20.79 31.31
C SER QA 329 -6.09 19.31 30.94
N LEU QA 330 -7.32 18.83 30.72
CA LEU QA 330 -7.51 17.41 30.42
C LEU QA 330 -7.14 17.08 28.98
N ASN QA 331 -7.73 17.78 28.01
CA ASN QA 331 -7.57 17.42 26.60
C ASN QA 331 -6.46 18.19 25.89
N GLY QA 332 -5.87 19.20 26.52
CA GLY QA 332 -4.74 19.90 25.93
C GLY QA 332 -5.07 20.81 24.77
N LEU QA 333 -6.34 21.09 24.52
CA LEU QA 333 -6.75 21.85 23.35
C LEU QA 333 -6.85 23.33 23.67
N LYS QA 334 -6.92 24.14 22.60
CA LYS QA 334 -6.85 25.59 22.73
C LYS QA 334 -7.92 26.13 23.68
N TRP QA 335 -7.55 27.12 24.49
CA TRP QA 335 -8.38 27.57 25.60
C TRP QA 335 -8.51 29.08 25.56
N ALA QA 336 -9.75 29.57 25.55
CA ALA QA 336 -10.05 30.99 25.63
C ALA QA 336 -10.71 31.30 26.98
N ASN QA 337 -10.52 32.54 27.43
CA ASN QA 337 -11.01 32.98 28.72
C ASN QA 337 -11.38 34.46 28.61
N CYS QA 338 -12.40 34.87 29.35
CA CYS QA 338 -12.69 36.30 29.48
C CYS QA 338 -13.39 36.56 30.81
N ASP QA 339 -12.67 37.14 31.75
CA ASP QA 339 -13.25 37.63 32.99
C ASP QA 339 -13.78 39.04 32.79
N VAL QA 340 -15.06 39.24 33.11
CA VAL QA 340 -15.74 40.52 32.93
C VAL QA 340 -15.87 41.19 34.29
N GLU QA 341 -15.34 42.40 34.40
CA GLU QA 341 -15.27 43.13 35.66
C GLU QA 341 -16.60 43.12 36.41
N LEU QA 342 -16.54 42.78 37.70
CA LEU QA 342 -17.66 42.85 38.64
C LEU QA 342 -18.85 41.98 38.25
N GLU QA 343 -18.76 41.23 37.15
CA GLU QA 343 -19.97 40.62 36.62
C GLU QA 343 -19.87 39.11 36.44
N THR QA 344 -18.91 38.63 35.65
CA THR QA 344 -18.88 37.21 35.34
C THR QA 344 -17.52 36.84 34.77
N GLY QA 345 -17.40 35.57 34.37
CA GLY QA 345 -16.25 35.08 33.63
C GLY QA 345 -16.73 34.21 32.49
N SER QA 346 -15.77 33.63 31.76
CA SER QA 346 -16.14 32.76 30.64
C SER QA 346 -14.90 32.01 30.14
N GLY QA 347 -15.18 30.89 29.46
CA GLY QA 347 -14.13 30.09 28.84
C GLY QA 347 -14.66 29.33 27.65
N VAL QA 348 -13.75 29.01 26.73
CA VAL QA 348 -14.09 28.31 25.49
C VAL QA 348 -12.99 27.30 25.18
N VAL QA 349 -13.38 26.04 24.98
CA VAL QA 349 -12.43 24.97 24.64
C VAL QA 349 -13.13 24.00 23.70
N PRO QA 350 -12.47 23.54 22.62
CA PRO QA 350 -13.06 22.46 21.81
C PRO QA 350 -13.08 21.15 22.58
N PHE QA 351 -14.04 20.30 22.23
CA PHE QA 351 -14.08 18.95 22.77
C PHE QA 351 -14.59 17.96 21.74
N ILE QA 352 -13.93 16.81 21.66
CA ILE QA 352 -14.32 15.72 20.78
C ILE QA 352 -15.01 14.64 21.61
N TYR QA 353 -16.34 14.57 21.49
CA TYR QA 353 -17.13 13.53 22.17
C TYR QA 353 -17.16 12.29 21.28
N SER QA 354 -16.05 11.55 21.29
CA SER QA 354 -15.94 10.38 20.42
C SER QA 354 -16.75 9.24 21.01
N ALA QA 355 -17.56 8.60 20.16
CA ALA QA 355 -18.42 7.49 20.62
C ALA QA 355 -17.58 6.35 21.20
N ARG QA 356 -16.42 6.07 20.61
CA ARG QA 356 -15.52 5.06 21.15
C ARG QA 356 -14.94 5.42 22.49
N ALA QA 357 -14.97 6.57 22.82
CA ALA QA 357 -14.29 6.85 24.07
C ALA QA 357 -15.24 6.53 25.22
N PRO QA 358 -14.66 6.03 26.30
CA PRO QA 358 -15.48 5.53 27.39
C PRO QA 358 -16.32 6.59 28.08
N VAL QA 359 -15.73 7.75 28.38
CA VAL QA 359 -16.43 8.80 29.13
C VAL QA 359 -17.54 9.42 28.28
N PRO QA 360 -17.28 9.83 27.03
CA PRO QA 360 -18.40 10.34 26.20
C PRO QA 360 -19.51 9.32 25.99
N ALA QA 361 -19.17 8.03 25.93
CA ALA QA 361 -20.20 6.99 25.84
C ALA QA 361 -21.15 7.05 27.02
N VAL QA 362 -20.60 7.12 28.23
CA VAL QA 362 -21.43 7.23 29.43
C VAL QA 362 -22.19 8.55 29.44
N GLN QA 363 -21.55 9.63 29.01
CA GLN QA 363 -22.23 10.93 28.96
C GLN QA 363 -23.43 10.89 28.03
N TRP QA 364 -23.30 10.23 26.87
CA TRP QA 364 -24.44 10.04 25.98
C TRP QA 364 -25.56 9.27 26.68
N ALA QA 365 -25.21 8.20 27.40
CA ALA QA 365 -26.22 7.39 28.08
C ALA QA 365 -26.95 8.19 29.15
N ILE QA 366 -26.22 9.02 29.90
CA ILE QA 366 -26.82 9.77 31.00
C ILE QA 366 -27.96 10.64 30.51
N GLY QA 367 -27.74 11.33 29.38
CA GLY QA 367 -28.81 12.16 28.84
C GLY QA 367 -30.01 11.35 28.39
N MET QA 368 -29.76 10.23 27.72
CA MET QA 368 -30.85 9.34 27.31
C MET QA 368 -31.64 8.84 28.53
N GLU QA 369 -30.92 8.42 29.57
CA GLU QA 369 -31.58 8.02 30.82
C GLU QA 369 -32.48 9.14 31.37
N LEU QA 370 -32.01 10.39 31.30
CA LEU QA 370 -32.80 11.50 31.84
C LEU QA 370 -34.08 11.72 31.05
N PHE QA 371 -34.00 11.69 29.71
CA PHE QA 371 -35.19 11.84 28.88
C PHE QA 371 -36.23 10.77 29.19
N LEU QA 372 -35.80 9.52 29.26
CA LEU QA 372 -36.70 8.38 29.24
C LEU QA 372 -37.15 7.93 30.63
N LEU QA 373 -36.34 8.14 31.67
CA LEU QA 373 -36.75 7.76 33.01
C LEU QA 373 -37.57 8.81 33.73
N ILE QA 374 -37.68 10.02 33.18
CA ILE QA 374 -38.61 11.01 33.71
C ILE QA 374 -39.96 10.78 33.05
N ASP QA 375 -40.98 10.58 33.87
CA ASP QA 375 -42.28 10.12 33.39
C ASP QA 375 -43.02 11.21 32.64
N ASN QA 376 -43.03 12.43 33.17
CA ASN QA 376 -43.88 13.48 32.64
C ASN QA 376 -43.05 14.37 31.72
N PRO QA 377 -43.31 14.38 30.41
CA PRO QA 377 -42.53 15.27 29.52
C PRO QA 377 -42.67 16.73 29.84
N GLU QA 378 -43.73 17.14 30.56
CA GLU QA 378 -43.92 18.54 30.92
C GLU QA 378 -42.84 19.06 31.86
N LYS QA 379 -41.96 18.19 32.37
CA LYS QA 379 -40.86 18.59 33.24
C LYS QA 379 -39.51 18.65 32.52
N VAL QA 380 -39.47 18.44 31.21
CA VAL QA 380 -38.21 18.33 30.50
C VAL QA 380 -38.27 19.05 29.17
N CYS QA 381 -37.12 19.61 28.77
CA CYS QA 381 -36.94 20.27 27.49
C CYS QA 381 -35.79 19.61 26.74
N LEU QA 382 -35.86 19.63 25.42
CA LEU QA 382 -34.81 19.05 24.58
C LEU QA 382 -33.72 20.09 24.36
N THR QA 383 -32.52 19.80 24.83
CA THR QA 383 -31.38 20.70 24.66
C THR QA 383 -30.12 19.89 24.43
N THR QA 384 -29.15 20.54 23.80
CA THR QA 384 -27.77 20.05 23.74
C THR QA 384 -26.82 21.05 24.38
N ASP QA 385 -27.34 21.96 25.20
CA ASP QA 385 -26.63 23.18 25.62
C ASP QA 385 -25.78 23.71 24.48
N SER QA 386 -26.41 23.78 23.30
CA SER QA 386 -25.71 24.01 22.04
C SER QA 386 -24.79 25.20 22.17
N PRO QA 387 -23.52 25.04 21.76
CA PRO QA 387 -22.89 23.85 21.16
C PRO QA 387 -22.16 22.91 22.12
N ASN QA 388 -22.37 23.10 23.44
CA ASN QA 388 -21.52 22.47 24.44
C ASN QA 388 -21.58 20.95 24.36
N ALA QA 389 -22.77 20.38 24.27
CA ALA QA 389 -22.90 18.93 24.10
C ALA QA 389 -23.05 18.54 22.63
N GLY QA 390 -23.28 19.51 21.76
CA GLY QA 390 -23.41 19.30 20.33
C GLY QA 390 -24.17 20.44 19.70
N PRO QA 391 -24.02 20.63 18.40
CA PRO QA 391 -24.72 21.72 17.72
C PRO QA 391 -26.22 21.49 17.69
N PHE QA 392 -26.98 22.58 17.70
CA PHE QA 392 -28.43 22.48 17.71
C PHE QA 392 -28.97 21.87 16.42
N THR QA 393 -28.18 21.82 15.36
CA THR QA 393 -28.55 21.10 14.16
C THR QA 393 -28.80 19.62 14.43
N ARG QA 394 -28.44 19.15 15.63
CA ARG QA 394 -28.54 17.74 16.01
C ARG QA 394 -29.77 17.44 16.84
N TYR QA 395 -30.68 18.40 17.03
CA TYR QA 395 -31.95 18.07 17.67
C TYR QA 395 -32.71 16.98 16.94
N PRO QA 396 -32.80 16.97 15.61
CA PRO QA 396 -33.52 15.86 14.95
C PRO QA 396 -32.95 14.50 15.30
N ARG QA 397 -31.62 14.38 15.41
CA ARG QA 397 -31.07 13.10 15.79
C ARG QA 397 -31.41 12.72 17.23
N VAL QA 398 -31.47 13.72 18.09
CA VAL QA 398 -31.88 13.44 19.47
C VAL QA 398 -33.32 12.96 19.50
N ILE QA 399 -34.20 13.62 18.73
CA ILE QA 399 -35.57 13.16 18.59
C ILE QA 399 -35.59 11.71 18.10
N ALA QA 400 -34.84 11.43 17.03
CA ALA QA 400 -34.78 10.08 16.48
C ALA QA 400 -34.35 9.07 17.54
N TRP QA 401 -33.31 9.40 18.30
CA TRP QA 401 -32.88 8.51 19.38
C TRP QA 401 -34.00 8.23 20.37
N LEU QA 402 -34.80 9.26 20.68
CA LEU QA 402 -35.86 9.09 21.68
C LEU QA 402 -37.03 8.28 21.15
N MET QA 403 -37.36 8.44 19.87
CA MET QA 403 -38.50 7.73 19.29
C MET QA 403 -38.16 6.32 18.88
N SER QA 404 -36.91 5.87 19.05
CA SER QA 404 -36.49 4.62 18.44
C SER QA 404 -35.48 3.94 19.35
N ASN QA 405 -35.90 2.88 20.05
CA ASN QA 405 -34.93 2.02 20.73
C ASN QA 405 -34.11 1.18 19.77
N LYS QA 406 -34.52 1.05 18.50
CA LYS QA 406 -33.66 0.43 17.50
C LYS QA 406 -32.44 1.29 17.22
N TYR QA 407 -32.66 2.58 16.97
CA TYR QA 407 -31.57 3.52 16.77
C TYR QA 407 -30.60 3.49 17.94
N ARG QA 408 -31.12 3.46 19.17
CA ARG QA 408 -30.24 3.45 20.32
C ARG QA 408 -29.41 2.17 20.37
N MET QA 409 -30.07 1.01 20.27
CA MET QA 409 -29.34 -0.24 20.40
C MET QA 409 -28.36 -0.45 19.25
N ASN QA 410 -28.68 0.04 18.04
CA ASN QA 410 -27.70 -0.03 16.96
C ASN QA 410 -26.41 0.70 17.30
N LEU QA 411 -26.52 1.86 17.95
CA LEU QA 411 -25.30 2.56 18.33
C LEU QA 411 -24.65 1.98 19.57
N ILE QA 412 -25.44 1.56 20.56
CA ILE QA 412 -24.85 1.00 21.77
C ILE QA 412 -24.10 -0.30 21.44
N GLU QA 413 -24.74 -1.20 20.68
CA GLU QA 413 -24.07 -2.45 20.37
C GLU QA 413 -23.09 -2.31 19.22
N GLY QA 414 -23.05 -1.16 18.59
CA GLY QA 414 -22.12 -1.02 17.50
C GLY QA 414 -20.95 -0.32 18.11
N GLU QA 415 -21.00 1.00 18.05
CA GLU QA 415 -19.75 1.69 18.15
C GLU QA 415 -19.56 2.36 19.48
N LEU QA 416 -20.65 2.69 20.15
CA LEU QA 416 -20.56 3.17 21.52
C LEU QA 416 -19.65 2.25 22.31
N HIS QA 417 -18.74 2.84 23.06
CA HIS QA 417 -17.89 2.07 23.94
C HIS QA 417 -18.76 1.18 24.82
N LYS QA 418 -18.26 -0.02 25.15
CA LYS QA 418 -18.97 -0.90 26.09
C LYS QA 418 -19.30 -0.11 27.33
N TRP QA 419 -18.58 1.01 27.51
CA TRP QA 419 -18.69 1.79 28.74
C TRP QA 419 -20.13 2.32 28.88
N ALA QA 420 -20.91 2.54 27.77
CA ALA QA 420 -22.37 2.90 27.83
C ALA QA 420 -23.31 1.85 28.50
N GLN QA 421 -23.04 0.55 28.32
CA GLN QA 421 -23.89 -0.47 28.92
C GLN QA 421 -23.56 -0.74 30.38
N ARG QA 422 -22.31 -0.77 30.72
CA ARG QA 422 -22.05 -1.41 31.98
C ARG QA 422 -21.90 -0.39 33.14
N LYS QA 423 -22.13 0.91 32.92
CA LYS QA 423 -22.41 1.83 34.03
C LYS QA 423 -23.64 2.65 33.91
N SER QA 424 -24.57 2.23 33.12
CA SER QA 424 -25.79 2.95 33.02
C SER QA 424 -26.83 1.90 32.72
N THR QA 425 -28.08 2.33 32.64
CA THR QA 425 -29.18 1.43 32.40
C THR QA 425 -29.83 1.65 31.03
N VAL QA 426 -29.18 2.39 30.13
CA VAL QA 426 -29.81 2.72 28.84
C VAL QA 426 -30.19 1.47 28.08
N ALA QA 427 -29.30 0.46 28.07
CA ALA QA 427 -29.55 -0.72 27.25
C ALA QA 427 -30.81 -1.45 27.68
N THR QA 428 -31.20 -1.30 28.95
CA THR QA 428 -32.39 -1.95 29.49
C THR QA 428 -33.65 -1.12 29.35
N ILE QA 429 -33.60 0.06 28.71
CA ILE QA 429 -34.74 0.95 28.63
C ILE QA 429 -35.33 0.86 27.23
N ASP QA 430 -36.59 0.41 27.14
CA ASP QA 430 -37.26 0.20 25.87
C ASP QA 430 -38.24 1.29 25.52
N ARG QA 431 -38.42 2.27 26.39
CA ARG QA 431 -39.38 3.35 26.14
C ARG QA 431 -39.04 4.12 24.86
N GLU QA 432 -40.08 4.52 24.13
CA GLU QA 432 -39.94 5.36 22.95
C GLU QA 432 -40.92 6.53 23.04
N TYR QA 433 -40.41 7.74 22.80
CA TYR QA 433 -41.24 8.94 22.81
C TYR QA 433 -42.24 8.93 21.66
N THR QA 434 -43.45 9.37 21.93
CA THR QA 434 -44.47 9.60 20.91
C THR QA 434 -44.32 10.99 20.30
N PHE QA 435 -45.03 11.20 19.17
CA PHE QA 435 -45.01 12.51 18.52
C PHE QA 435 -45.59 13.60 19.41
N SER QA 436 -46.48 13.23 20.33
CA SER QA 436 -47.02 14.23 21.26
C SER QA 436 -45.98 14.62 22.31
N GLU QA 437 -45.27 13.63 22.86
CA GLU QA 437 -44.24 13.92 23.85
C GLU QA 437 -43.06 14.66 23.23
N ILE QA 438 -42.77 14.43 21.95
CA ILE QA 438 -41.72 15.20 21.28
C ILE QA 438 -42.12 16.67 21.17
N ALA QA 439 -43.35 16.94 20.73
CA ALA QA 439 -43.82 18.31 20.68
C ALA QA 439 -43.86 18.95 22.06
N GLN QA 440 -44.07 18.13 23.11
CA GLN QA 440 -44.10 18.67 24.46
C GLN QA 440 -42.72 19.15 24.90
N ILE QA 441 -41.67 18.37 24.63
CA ILE QA 441 -40.33 18.74 25.08
C ILE QA 441 -39.61 19.70 24.15
N THR QA 442 -40.12 19.92 22.94
CA THR QA 442 -39.52 20.85 22.00
C THR QA 442 -40.31 22.13 21.82
N ARG QA 443 -41.51 22.23 22.40
CA ARG QA 443 -42.37 23.39 22.24
C ARG QA 443 -43.01 23.80 23.56
N ALA QA 444 -43.82 22.90 24.12
CA ALA QA 444 -44.77 23.30 25.15
C ALA QA 444 -44.08 23.59 26.48
N THR QA 445 -43.28 22.65 26.97
CA THR QA 445 -42.60 22.86 28.25
C THR QA 445 -41.78 24.14 28.23
N SER QA 446 -41.01 24.36 27.16
CA SER QA 446 -40.18 25.56 27.08
C SER QA 446 -41.04 26.82 27.04
N ALA QA 447 -42.06 26.83 26.17
CA ALA QA 447 -42.92 28.01 26.06
C ALA QA 447 -43.61 28.33 27.37
N LYS QA 448 -44.13 27.29 28.05
CA LYS QA 448 -44.82 27.50 29.32
C LYS QA 448 -43.87 28.02 30.41
N VAL QA 449 -42.73 27.36 30.57
CA VAL QA 449 -41.83 27.73 31.68
C VAL QA 449 -41.17 29.07 31.42
N LEU QA 450 -41.04 29.48 30.15
CA LEU QA 450 -40.52 30.80 29.84
C LEU QA 450 -41.58 31.89 29.96
N GLY QA 451 -42.83 31.52 30.25
CA GLY QA 451 -43.89 32.50 30.39
C GLY QA 451 -44.43 33.06 29.10
N LEU QA 452 -44.27 32.35 27.99
CA LEU QA 452 -44.72 32.83 26.69
C LEU QA 452 -45.88 32.01 26.13
N SER QA 453 -46.44 31.09 26.92
CA SER QA 453 -47.46 30.18 26.41
C SER QA 453 -48.76 30.87 26.00
N ASP QA 454 -48.92 32.16 26.30
CA ASP QA 454 -50.05 32.89 25.72
C ASP QA 454 -49.95 32.94 24.21
N THR QA 455 -48.75 33.17 23.69
CA THR QA 455 -48.58 33.44 22.26
C THR QA 455 -47.70 32.42 21.54
N LYS QA 456 -46.97 31.57 22.25
CA LYS QA 456 -46.00 30.68 21.64
C LYS QA 456 -46.16 29.27 22.20
N GLY QA 457 -45.67 28.29 21.42
CA GLY QA 457 -45.68 26.91 21.86
C GLY QA 457 -46.99 26.17 21.68
N HIS QA 458 -47.95 26.77 20.97
CA HIS QA 458 -49.23 26.13 20.74
C HIS QA 458 -49.82 26.65 19.44
N LEU QA 459 -50.80 25.91 18.93
CA LEU QA 459 -51.47 26.23 17.67
C LEU QA 459 -52.87 26.75 17.88
N GLY QA 460 -53.24 27.09 19.12
CA GLY QA 460 -54.58 27.54 19.39
C GLY QA 460 -54.82 28.98 18.98
N VAL QA 461 -56.10 29.36 19.03
CA VAL QA 461 -56.49 30.71 18.63
C VAL QA 461 -55.91 31.71 19.62
N GLY QA 462 -55.33 32.78 19.09
CA GLY QA 462 -54.60 33.75 19.89
C GLY QA 462 -53.10 33.61 19.83
N ALA QA 463 -52.59 32.44 19.47
CA ALA QA 463 -51.16 32.24 19.35
C ALA QA 463 -50.59 33.02 18.17
N ASP QA 464 -49.30 33.35 18.25
CA ASP QA 464 -48.62 33.86 17.09
C ASP QA 464 -48.55 32.76 16.02
N ALA QA 465 -48.58 33.19 14.76
CA ALA QA 465 -48.58 32.27 13.62
C ALA QA 465 -47.16 31.78 13.33
N ASP QA 466 -46.60 31.09 14.31
CA ASP QA 466 -45.28 30.46 14.22
C ASP QA 466 -45.54 28.97 14.06
N ILE QA 467 -45.38 28.42 12.86
CA ILE QA 467 -45.93 27.09 12.67
C ILE QA 467 -44.85 26.28 11.97
N ALA QA 468 -44.81 24.98 12.27
CA ALA QA 468 -43.92 24.07 11.56
C ALA QA 468 -44.73 22.91 10.96
N VAL QA 469 -44.49 22.60 9.68
CA VAL QA 469 -45.06 21.42 9.03
C VAL QA 469 -43.92 20.50 8.58
N TYR QA 470 -43.93 19.27 9.07
CA TYR QA 470 -42.89 18.29 8.78
C TYR QA 470 -43.43 17.18 7.88
N ASP QA 471 -42.64 16.82 6.86
CA ASP QA 471 -43.00 15.79 5.91
C ASP QA 471 -42.93 14.41 6.56
N ILE QA 472 -43.81 14.15 7.53
CA ILE QA 472 -43.95 12.85 8.16
C ILE QA 472 -45.43 12.50 8.23
N ASN QA 473 -45.75 11.24 7.95
CA ASN QA 473 -47.13 10.77 8.02
C ASN QA 473 -47.25 9.79 9.17
N PRO QA 474 -47.83 10.19 10.31
CA PRO QA 474 -47.83 9.31 11.49
C PRO QA 474 -48.71 8.08 11.35
N GLU QA 475 -49.74 8.09 10.50
CA GLU QA 475 -50.50 6.86 10.26
C GLU QA 475 -49.73 5.88 9.39
N THR QA 476 -48.78 6.36 8.58
CA THR QA 476 -48.09 5.55 7.58
C THR QA 476 -46.67 5.17 7.95
N VAL QA 477 -45.98 5.94 8.79
CA VAL QA 477 -44.56 5.74 9.08
C VAL QA 477 -44.40 5.15 10.48
N ASP QA 478 -43.42 4.24 10.63
CA ASP QA 478 -43.11 3.65 11.91
C ASP QA 478 -41.87 4.34 12.47
N PRO QA 479 -42.00 5.20 13.49
CA PRO QA 479 -40.82 5.93 14.01
C PRO QA 479 -39.74 5.02 14.56
N SER QA 480 -40.12 3.88 15.13
CA SER QA 480 -39.12 2.99 15.72
C SER QA 480 -38.23 2.38 14.66
N ALA QA 481 -38.82 1.89 13.57
CA ALA QA 481 -38.05 1.20 12.54
C ALA QA 481 -37.39 2.17 11.56
N GLU QA 482 -38.09 3.23 11.17
CA GLU QA 482 -37.59 4.15 10.15
C GLU QA 482 -36.93 5.39 10.75
N TYR QA 483 -36.06 5.19 11.75
CA TYR QA 483 -35.51 6.31 12.50
C TYR QA 483 -34.75 7.29 11.60
N MET QA 484 -34.19 6.82 10.48
CA MET QA 484 -33.46 7.74 9.62
C MET QA 484 -34.40 8.67 8.85
N ALA QA 485 -35.64 8.26 8.62
CA ALA QA 485 -36.64 9.15 8.03
C ALA QA 485 -37.14 10.17 9.04
N ILE QA 486 -37.22 9.79 10.33
CA ILE QA 486 -37.58 10.74 11.37
C ILE QA 486 -36.53 11.85 11.46
N GLU QA 487 -35.25 11.46 11.42
CA GLU QA 487 -34.16 12.41 11.55
C GLU QA 487 -34.13 13.39 10.37
N GLU QA 488 -34.18 12.86 9.15
CA GLU QA 488 -34.17 13.72 7.96
C GLU QA 488 -35.36 14.66 7.92
N ALA QA 489 -36.53 14.20 8.34
CA ALA QA 489 -37.74 15.00 8.19
C ALA QA 489 -37.77 16.17 9.16
N PHE QA 490 -37.36 15.94 10.41
CA PHE QA 490 -37.26 17.04 11.36
C PHE QA 490 -36.09 17.97 11.05
N SER QA 491 -35.17 17.55 10.18
CA SER QA 491 -34.05 18.41 9.80
C SER QA 491 -34.44 19.45 8.75
N ARG QA 492 -35.39 19.12 7.85
CA ARG QA 492 -35.67 19.92 6.66
C ARG QA 492 -37.20 20.06 6.55
N ALA QA 493 -37.75 21.03 7.28
CA ALA QA 493 -39.20 21.18 7.34
C ALA QA 493 -39.79 21.48 5.96
N ALA QA 494 -40.96 20.89 5.71
CA ALA QA 494 -41.67 21.14 4.45
C ALA QA 494 -42.14 22.57 4.34
N CYS QA 495 -42.68 23.11 5.44
CA CYS QA 495 -43.16 24.49 5.46
C CYS QA 495 -43.02 25.03 6.88
N VAL QA 496 -42.53 26.26 6.99
CA VAL QA 496 -42.44 26.99 8.24
C VAL QA 496 -42.94 28.40 8.00
N LEU QA 497 -43.89 28.85 8.81
CA LEU QA 497 -44.30 30.24 8.82
C LEU QA 497 -43.86 30.91 10.12
N LYS QA 498 -43.43 32.17 9.99
CA LYS QA 498 -42.92 32.99 11.08
C LYS QA 498 -43.71 34.29 11.06
N ASP QA 499 -44.57 34.47 12.05
CA ASP QA 499 -45.50 35.59 12.11
C ASP QA 499 -46.36 35.66 10.85
N GLY QA 500 -46.89 34.50 10.44
CA GLY QA 500 -47.83 34.42 9.34
C GLY QA 500 -47.23 34.47 7.96
N GLU QA 501 -45.93 34.73 7.82
CA GLU QA 501 -45.28 34.74 6.52
C GLU QA 501 -44.46 33.47 6.35
N ILE QA 502 -44.46 32.93 5.13
CA ILE QA 502 -43.68 31.74 4.83
C ILE QA 502 -42.20 32.08 4.81
N VAL QA 503 -41.41 31.41 5.65
CA VAL QA 503 -39.97 31.61 5.66
C VAL QA 503 -39.20 30.38 5.22
N VAL QA 504 -39.82 29.21 5.19
CA VAL QA 504 -39.15 27.98 4.74
C VAL QA 504 -40.10 27.20 3.84
N LYS QA 505 -39.58 26.75 2.70
CA LYS QA 505 -40.31 25.92 1.75
C LYS QA 505 -39.40 24.76 1.34
N ASP QA 506 -39.86 23.53 1.55
CA ASP QA 506 -39.12 22.33 1.14
C ASP QA 506 -37.71 22.34 1.71
N GLY QA 507 -37.60 22.71 2.99
CA GLY QA 507 -36.31 22.73 3.65
C GLY QA 507 -35.46 23.94 3.34
N GLU QA 508 -35.81 24.72 2.32
CA GLU QA 508 -34.99 25.84 1.88
C GLU QA 508 -35.54 27.15 2.44
N VAL QA 509 -34.63 28.03 2.86
CA VAL QA 509 -35.01 29.34 3.36
C VAL QA 509 -35.49 30.20 2.19
N VAL QA 510 -36.67 30.82 2.33
CA VAL QA 510 -37.23 31.65 1.28
C VAL QA 510 -37.51 33.08 1.74
N ALA QA 511 -37.23 33.42 2.99
CA ALA QA 511 -37.42 34.79 3.46
C ALA QA 511 -36.59 35.02 4.71
N SER QA 512 -36.21 36.28 4.93
CA SER QA 512 -35.30 36.66 6.01
C SER QA 512 -35.84 37.81 6.84
N PRO QA 513 -36.99 37.63 7.51
CA PRO QA 513 -37.45 38.67 8.44
C PRO QA 513 -36.60 38.68 9.71
N HIS QA 514 -36.55 39.85 10.35
CA HIS QA 514 -35.94 40.00 11.66
C HIS QA 514 -36.96 39.63 12.74
N GLY QA 515 -36.49 38.90 13.75
CA GLY QA 515 -37.36 38.51 14.84
C GLY QA 515 -37.42 39.55 15.96
N ARG QA 516 -38.30 39.28 16.93
CA ARG QA 516 -38.49 40.17 18.05
C ARG QA 516 -37.43 39.92 19.12
N THR QA 517 -37.22 40.93 19.98
CA THR QA 517 -36.35 40.79 21.13
C THR QA 517 -37.18 40.92 22.40
N TYR QA 518 -37.41 39.79 23.07
CA TYR QA 518 -38.16 39.80 24.33
C TYR QA 518 -37.25 40.18 25.49
N TRP QA 519 -37.69 41.14 26.28
CA TRP QA 519 -37.02 41.54 27.51
C TRP QA 519 -38.10 41.83 28.55
N VAL QA 520 -37.69 41.98 29.81
CA VAL QA 520 -38.64 42.01 30.93
C VAL QA 520 -38.67 43.42 31.51
N ASP QA 521 -39.89 43.94 31.68
CA ASP QA 521 -40.16 45.29 32.17
C ASP QA 521 -40.72 45.19 33.58
N THR QA 522 -39.96 45.64 34.57
CA THR QA 522 -40.35 45.58 35.98
C THR QA 522 -40.27 46.94 36.65
N GLN QA 523 -41.13 47.15 37.64
CA GLN QA 523 -41.23 48.39 38.41
C GLN QA 523 -41.11 48.09 39.89
N VAL QA 524 -40.31 48.88 40.61
CA VAL QA 524 -40.01 48.66 42.02
C VAL QA 524 -40.23 49.98 42.75
N ASP QA 525 -40.52 49.88 44.06
CA ASP QA 525 -40.65 51.04 44.92
C ASP QA 525 -39.55 52.04 44.63
N GLU QA 526 -39.95 53.25 44.28
CA GLU QA 526 -38.99 54.19 43.74
C GLU QA 526 -37.93 54.58 44.75
N SER QA 527 -38.29 54.66 46.03
CA SER QA 527 -37.30 54.95 47.06
C SER QA 527 -36.18 53.90 47.06
N ILE QA 528 -36.57 52.62 47.03
CA ILE QA 528 -35.57 51.55 46.97
C ILE QA 528 -34.73 51.70 45.72
N TYR QA 529 -35.38 52.00 44.60
CA TYR QA 529 -34.72 52.11 43.31
C TYR QA 529 -33.71 53.24 43.28
N SER QA 530 -34.13 54.43 43.72
CA SER QA 530 -33.23 55.59 43.72
C SER QA 530 -31.97 55.31 44.53
N GLU QA 531 -32.14 54.75 45.73
CA GLU QA 531 -30.97 54.51 46.58
C GLU QA 531 -30.03 53.49 45.97
N VAL QA 532 -30.57 52.41 45.39
CA VAL QA 532 -29.71 51.41 44.74
C VAL QA 532 -28.98 52.03 43.56
N LEU QA 533 -29.68 52.81 42.74
CA LEU QA 533 -29.05 53.41 41.57
C LEU QA 533 -28.00 54.46 41.95
N ALA QA 534 -28.15 55.12 43.10
CA ALA QA 534 -27.06 55.99 43.56
C ALA QA 534 -25.86 55.17 43.98
N ASN QA 535 -26.09 54.05 44.67
CA ASN QA 535 -25.00 53.17 45.05
C ASN QA 535 -24.32 52.57 43.82
N VAL QA 536 -25.11 52.16 42.82
CA VAL QA 536 -24.55 51.58 41.61
C VAL QA 536 -23.65 52.59 40.91
N GLU QA 537 -24.13 53.83 40.75
CA GLU QA 537 -23.34 54.85 40.07
C GLU QA 537 -22.05 55.16 40.84
N SER QA 538 -22.06 54.99 42.16
CA SER QA 538 -20.83 55.20 42.92
C SER QA 538 -19.80 54.11 42.64
N LYS QA 539 -20.25 52.86 42.52
CA LYS QA 539 -19.31 51.79 42.22
C LYS QA 539 -18.78 51.90 40.80
N PHE QA 540 -19.57 52.47 39.89
CA PHE QA 540 -19.09 52.70 38.52
C PHE QA 540 -17.96 53.72 38.50
N LYS QA 541 -18.13 54.83 39.23
CA LYS QA 541 -17.09 55.85 39.27
C LYS QA 541 -15.79 55.30 39.85
N GLN QA 542 -15.89 54.48 40.89
CA GLN QA 542 -14.70 53.92 41.52
C GLN QA 542 -14.13 52.75 40.74
N TYR QA 543 -14.97 51.76 40.43
CA TYR QA 543 -14.50 50.41 40.17
C TYR QA 543 -14.76 49.87 38.76
N TYR QA 544 -15.74 50.42 38.05
CA TYR QA 544 -15.90 50.01 36.66
C TYR QA 544 -14.85 50.69 35.79
N SER QA 545 -14.68 50.15 34.58
CA SER QA 545 -13.75 50.72 33.61
C SER QA 545 -14.46 51.56 32.55
N VAL QA 546 -15.78 51.72 32.67
CA VAL QA 546 -16.55 52.60 31.80
C VAL QA 546 -17.34 53.56 32.70
N ASN QA 547 -17.97 54.54 32.06
CA ASN QA 547 -18.76 55.52 32.79
C ASN QA 547 -20.24 55.14 32.76
N PHE QA 548 -20.89 55.32 33.92
CA PHE QA 548 -22.28 54.90 34.12
C PHE QA 548 -23.21 55.35 32.99
N ALA QA 549 -23.01 56.58 32.50
CA ALA QA 549 -23.90 57.11 31.47
C ALA QA 549 -23.83 56.29 30.18
N ASN QA 550 -22.69 55.65 29.93
CA ASN QA 550 -22.49 54.90 28.69
C ASN QA 550 -22.86 53.43 28.81
N TYR QA 551 -23.26 52.97 29.99
CA TYR QA 551 -23.40 51.53 30.25
C TYR QA 551 -24.67 50.91 29.67
N PRO QA 552 -25.88 51.43 29.96
CA PRO QA 552 -27.09 50.73 29.49
C PRO QA 552 -27.19 50.70 27.96
N VAL QA 553 -27.86 49.66 27.47
CA VAL QA 553 -28.04 49.45 26.04
C VAL QA 553 -29.01 50.49 25.50
N GLN QA 554 -28.58 51.24 24.50
CA GLN QA 554 -29.47 52.22 23.90
C GLN QA 554 -30.50 51.53 23.04
N ASP QA 555 -31.61 52.24 22.77
CA ASP QA 555 -32.74 51.62 22.10
C ASP QA 555 -32.49 51.30 20.64
N ASP QA 556 -31.47 51.89 20.00
CA ASP QA 556 -31.22 51.57 18.61
C ASP QA 556 -30.77 50.12 18.44
N TYR QA 557 -30.35 49.46 19.53
CA TYR QA 557 -29.95 48.07 19.46
C TYR QA 557 -31.13 47.12 19.48
N LEU QA 558 -32.34 47.63 19.69
CA LEU QA 558 -33.57 46.84 19.66
C LEU QA 558 -34.53 47.45 18.66
N PRO QA 559 -34.34 47.19 17.36
CA PRO QA 559 -35.33 47.67 16.38
C PRO QA 559 -36.72 47.13 16.64
N LYS QA 560 -36.83 45.92 17.21
CA LYS QA 560 -38.12 45.28 17.41
C LYS QA 560 -38.29 44.91 18.87
N SER QA 561 -38.30 45.93 19.73
CA SER QA 561 -38.44 45.72 21.17
C SER QA 561 -39.77 45.07 21.50
N ALA QA 562 -39.73 44.03 22.33
CA ALA QA 562 -40.93 43.28 22.72
C ALA QA 562 -40.94 43.14 24.24
N PRO QA 563 -41.39 44.17 24.96
CA PRO QA 563 -41.40 44.08 26.41
C PRO QA 563 -42.38 43.03 26.91
N VAL QA 564 -41.99 42.37 27.99
CA VAL QA 564 -42.86 41.48 28.75
C VAL QA 564 -42.87 41.99 30.18
N LYS QA 565 -44.05 42.10 30.76
CA LYS QA 565 -44.22 42.78 32.04
C LYS QA 565 -44.04 41.82 33.20
N GLY QA 566 -43.24 42.22 34.17
CA GLY QA 566 -43.19 41.59 35.48
C GLY QA 566 -44.06 42.32 36.46
N VAL QA 567 -43.56 42.47 37.69
CA VAL QA 567 -44.27 43.25 38.69
C VAL QA 567 -44.42 44.70 38.24
N MET QA 568 -45.60 45.26 38.49
CA MET QA 568 -45.89 46.65 38.15
C MET QA 568 -46.34 47.40 39.40
N LEU QA 569 -46.25 48.72 39.34
CA LEU QA 569 -46.54 49.60 40.47
C LEU QA 569 -45.63 49.31 41.66
N MET RA 1 -20.78 78.88 25.41
CA MET RA 1 -20.17 77.54 25.37
C MET RA 1 -20.75 76.35 26.10
N GLU RA 2 -20.81 75.28 25.31
CA GLU RA 2 -21.42 74.02 25.67
C GLU RA 2 -20.34 73.00 26.02
N TYR RA 3 -20.58 72.24 27.07
CA TYR RA 3 -19.72 71.14 27.50
C TYR RA 3 -20.52 69.86 27.36
N VAL RA 4 -20.09 68.99 26.46
CA VAL RA 4 -20.73 67.69 26.24
C VAL RA 4 -19.87 66.64 26.91
N LYS RA 5 -20.46 65.91 27.85
CA LYS RA 5 -19.73 64.97 28.69
C LYS RA 5 -19.93 63.54 28.23
N ASN RA 6 -19.13 62.64 28.83
CA ASN RA 6 -19.21 61.19 28.60
C ASN RA 6 -18.98 60.82 27.13
N VAL RA 7 -18.24 61.65 26.39
CA VAL RA 7 -17.95 61.38 25.00
C VAL RA 7 -16.91 60.27 24.90
N VAL RA 8 -17.03 59.44 23.85
CA VAL RA 8 -16.12 58.32 23.62
C VAL RA 8 -15.11 58.72 22.56
N CYS RA 9 -13.84 58.47 22.83
CA CYS RA 9 -12.84 59.03 21.93
C CYS RA 9 -12.58 58.09 20.76
N PRO RA 10 -12.58 58.61 19.52
CA PRO RA 10 -12.37 57.77 18.33
C PRO RA 10 -10.93 57.71 17.84
N PHE RA 11 -9.99 57.37 18.74
CA PHE RA 11 -8.65 57.14 18.22
C PHE RA 11 -8.14 55.73 18.50
N CYS RA 12 -7.65 55.47 19.70
CA CYS RA 12 -6.96 54.20 19.91
C CYS RA 12 -7.84 53.23 20.68
N GLY RA 13 -7.36 51.99 20.78
CA GLY RA 13 -8.12 50.91 21.38
C GLY RA 13 -8.37 51.06 22.87
N THR RA 14 -7.78 52.08 23.51
CA THR RA 14 -8.15 52.39 24.89
C THR RA 14 -9.61 52.81 24.98
N LEU RA 15 -10.12 53.47 23.93
CA LEU RA 15 -11.53 53.84 23.79
C LEU RA 15 -12.09 54.48 25.07
N CYS RA 16 -11.38 55.51 25.55
CA CYS RA 16 -11.86 56.26 26.69
C CYS RA 16 -13.24 56.83 26.43
N ASP RA 17 -14.12 56.72 27.43
CA ASP RA 17 -15.50 57.17 27.33
C ASP RA 17 -15.84 58.23 28.36
N ASP RA 18 -14.84 58.96 28.85
CA ASP RA 18 -15.05 60.03 29.82
C ASP RA 18 -14.62 61.39 29.25
N ILE RA 19 -14.56 61.53 27.93
CA ILE RA 19 -14.11 62.76 27.32
C ILE RA 19 -15.16 63.85 27.48
N ILE RA 20 -14.72 65.06 27.81
CA ILE RA 20 -15.55 66.25 27.77
C ILE RA 20 -15.22 67.01 26.48
N CYS RA 21 -16.23 67.30 25.66
CA CYS RA 21 -16.05 68.11 24.47
C CYS RA 21 -16.56 69.52 24.70
N LYS RA 22 -15.73 70.52 24.36
CA LYS RA 22 -16.12 71.92 24.37
C LYS RA 22 -16.52 72.33 22.96
N VAL RA 23 -17.78 72.70 22.78
CA VAL RA 23 -18.29 72.99 21.46
C VAL RA 23 -18.79 74.44 21.40
N GLU RA 24 -18.31 75.19 20.41
CA GLU RA 24 -18.71 76.57 20.16
C GLU RA 24 -19.47 76.54 18.84
N GLY RA 25 -20.66 77.14 18.81
CA GLY RA 25 -21.43 77.10 17.59
C GLY RA 25 -21.84 75.67 17.31
N ASN RA 26 -21.50 75.15 16.13
CA ASN RA 26 -21.55 73.71 15.92
C ASN RA 26 -20.14 73.14 15.66
N GLU RA 27 -19.17 73.55 16.47
CA GLU RA 27 -17.78 73.21 16.23
C GLU RA 27 -17.10 72.80 17.53
N ILE RA 28 -16.30 71.74 17.48
CA ILE RA 28 -15.58 71.26 18.65
C ILE RA 28 -14.26 72.03 18.73
N VAL RA 29 -14.12 72.84 19.77
CA VAL RA 29 -12.98 73.74 19.90
C VAL RA 29 -12.01 73.33 20.99
N GLY RA 30 -12.35 72.35 21.81
CA GLY RA 30 -11.45 71.90 22.86
C GLY RA 30 -11.99 70.66 23.52
N THR RA 31 -11.16 70.10 24.42
CA THR RA 31 -11.49 68.87 25.12
C THR RA 31 -10.99 68.97 26.55
N ILE RA 32 -11.54 68.09 27.40
CA ILE RA 32 -11.01 67.85 28.73
C ILE RA 32 -10.82 66.35 28.89
N ASN RA 33 -9.74 65.95 29.56
CA ASN RA 33 -9.40 64.57 29.91
C ASN RA 33 -8.81 63.77 28.75
N ALA RA 34 -9.18 64.11 27.52
CA ALA RA 34 -8.57 63.46 26.37
C ALA RA 34 -7.08 63.77 26.33
N CYS RA 35 -6.28 62.81 25.89
CA CYS RA 35 -4.85 63.02 25.84
C CYS RA 35 -4.50 63.89 24.65
N ARG RA 36 -3.19 64.08 24.42
CA ARG RA 36 -2.73 64.93 23.33
C ARG RA 36 -3.23 64.41 21.98
N ILE RA 37 -3.27 63.09 21.79
CA ILE RA 37 -3.69 62.55 20.51
C ILE RA 37 -5.19 62.70 20.33
N GLY RA 38 -5.97 62.19 21.29
CA GLY RA 38 -7.42 62.30 21.22
C GLY RA 38 -7.87 63.73 21.00
N HIS RA 39 -7.25 64.67 21.71
CA HIS RA 39 -7.55 66.08 21.50
C HIS RA 39 -7.31 66.49 20.05
N SER RA 40 -6.20 66.02 19.47
CA SER RA 40 -5.86 66.40 18.09
C SER RA 40 -6.92 65.93 17.10
N LYS RA 41 -7.59 64.82 17.38
CA LYS RA 41 -8.66 64.39 16.50
C LYS RA 41 -9.90 65.27 16.63
N PHE RA 42 -10.28 65.59 17.86
CA PHE RA 42 -11.54 66.31 18.09
C PHE RA 42 -11.49 67.72 17.50
N VAL RA 43 -10.35 68.39 17.54
CA VAL RA 43 -10.25 69.79 17.14
C VAL RA 43 -9.63 69.88 15.75
N HIS RA 44 -10.10 70.84 14.97
CA HIS RA 44 -9.53 71.09 13.65
C HIS RA 44 -8.24 71.87 13.75
N ALA RA 45 -7.21 71.43 13.04
CA ALA RA 45 -5.96 72.16 12.93
C ALA RA 45 -6.05 73.11 11.74
N GLU RA 46 -5.64 74.36 11.95
CA GLU RA 46 -5.78 75.37 10.91
C GLU RA 46 -4.80 75.12 9.78
N GLY RA 47 -5.30 75.23 8.54
CA GLY RA 47 -4.53 74.89 7.37
C GLY RA 47 -4.65 73.45 6.92
N ALA RA 48 -5.48 72.65 7.59
CA ALA RA 48 -5.59 71.22 7.33
C ALA RA 48 -6.76 70.95 6.39
N MET RA 49 -6.51 70.10 5.40
CA MET RA 49 -7.49 69.83 4.35
C MET RA 49 -8.59 68.93 4.88
N ARG RA 50 -9.82 69.43 4.87
CA ARG RA 50 -11.04 68.67 5.20
C ARG RA 50 -11.91 68.69 3.95
N TYR RA 51 -11.86 67.64 3.14
CA TYR RA 51 -12.64 67.59 1.91
C TYR RA 51 -14.13 67.85 2.18
N LYS RA 52 -14.72 68.76 1.41
CA LYS RA 52 -16.12 69.11 1.56
C LYS RA 52 -17.04 68.48 0.52
N LYS RA 53 -16.48 67.89 -0.54
CA LYS RA 53 -17.26 67.35 -1.65
C LYS RA 53 -16.46 66.26 -2.32
N PRO RA 54 -17.11 65.25 -2.90
CA PRO RA 54 -16.35 64.17 -3.56
C PRO RA 54 -15.54 64.69 -4.73
N LEU RA 55 -14.45 63.98 -5.04
CA LEU RA 55 -13.59 64.40 -6.14
C LEU RA 55 -13.15 63.20 -6.95
N ILE RA 56 -12.88 63.42 -8.23
CA ILE RA 56 -12.39 62.41 -9.14
C ILE RA 56 -11.22 63.01 -9.91
N ARG RA 57 -10.17 62.21 -10.09
CA ARG RA 57 -8.97 62.63 -10.81
C ARG RA 57 -9.15 62.22 -12.26
N LYS RA 58 -8.84 63.10 -13.19
CA LYS RA 58 -8.90 62.61 -14.58
C LYS RA 58 -7.41 62.66 -15.08
N GLU RA 61 -5.28 65.39 -12.52
CA GLU RA 61 -5.79 66.59 -11.83
C GLU RA 61 -7.22 66.24 -11.24
N PHE RA 62 -7.54 66.71 -10.01
CA PHE RA 62 -8.79 66.36 -9.29
C PHE RA 62 -9.96 67.28 -9.65
N VAL RA 63 -11.15 66.70 -9.72
CA VAL RA 63 -12.37 67.37 -10.13
C VAL RA 63 -13.40 67.21 -9.04
N GLU RA 64 -14.10 68.30 -8.69
CA GLU RA 64 -15.23 68.16 -7.79
C GLU RA 64 -16.44 67.62 -8.54
N VAL RA 65 -17.04 66.56 -8.00
CA VAL RA 65 -18.25 65.96 -8.54
C VAL RA 65 -19.26 65.82 -7.42
N SER RA 66 -20.43 65.28 -7.75
CA SER RA 66 -21.47 65.03 -6.77
C SER RA 66 -21.31 63.65 -6.15
N TYR RA 67 -22.04 63.42 -5.06
CA TYR RA 67 -22.03 62.10 -4.43
C TYR RA 67 -22.51 61.03 -5.39
N ASP RA 68 -23.54 61.32 -6.19
CA ASP RA 68 -24.11 60.28 -7.05
C ASP RA 68 -23.17 59.91 -8.18
N GLU RA 69 -22.45 60.89 -8.74
CA GLU RA 69 -21.47 60.57 -9.77
C GLU RA 69 -20.31 59.79 -9.20
N ALA RA 70 -19.79 60.23 -8.05
CA ALA RA 70 -18.66 59.54 -7.44
C ALA RA 70 -19.02 58.12 -7.03
N ILE RA 71 -20.15 57.95 -6.36
CA ILE RA 71 -20.57 56.61 -5.90
C ILE RA 71 -20.79 55.69 -7.08
N ASP RA 72 -21.37 56.21 -8.16
CA ASP RA 72 -21.66 55.36 -9.31
C ASP RA 72 -20.38 54.86 -9.96
N LYS RA 73 -19.44 55.77 -10.22
CA LYS RA 73 -18.18 55.36 -10.85
C LYS RA 73 -17.43 54.37 -9.97
N ALA RA 74 -17.52 54.55 -8.64
CA ALA RA 74 -16.97 53.57 -7.70
C ALA RA 74 -17.66 52.23 -7.84
N ALA RA 75 -18.99 52.24 -7.95
CA ALA RA 75 -19.75 51.01 -8.08
C ALA RA 75 -19.39 50.28 -9.36
N LYS RA 76 -19.18 51.04 -10.44
CA LYS RA 76 -18.81 50.45 -11.73
C LYS RA 76 -17.47 49.75 -11.65
N ILE RA 77 -16.50 50.37 -10.98
CA ILE RA 77 -15.18 49.76 -10.81
C ILE RA 77 -15.29 48.44 -10.04
N LEU RA 78 -16.04 48.45 -8.93
CA LEU RA 78 -16.15 47.22 -8.14
C LEU RA 78 -16.96 46.16 -8.86
N ALA RA 79 -18.00 46.56 -9.60
CA ALA RA 79 -18.82 45.58 -10.32
C ALA RA 79 -17.99 44.85 -11.38
N GLU RA 80 -17.20 45.58 -12.15
CA GLU RA 80 -16.48 44.99 -13.27
C GLU RA 80 -15.17 44.31 -12.85
N SER RA 81 -14.72 44.52 -11.62
CA SER RA 81 -13.47 43.93 -11.15
C SER RA 81 -13.66 42.44 -10.85
N LYS RA 82 -12.60 41.67 -11.09
CA LYS RA 82 -12.62 40.23 -10.81
C LYS RA 82 -11.93 39.84 -9.51
N ARG RA 83 -11.21 40.77 -8.89
CA ARG RA 83 -10.71 40.45 -7.54
C ARG RA 83 -10.48 41.73 -6.75
N PRO RA 84 -11.53 42.47 -6.42
CA PRO RA 84 -11.37 43.75 -5.72
C PRO RA 84 -11.00 43.57 -4.25
N LEU RA 85 -10.21 44.50 -3.75
CA LEU RA 85 -9.80 44.54 -2.35
C LEU RA 85 -10.50 45.68 -1.64
N MET RA 86 -11.19 45.35 -0.54
CA MET RA 86 -11.92 46.33 0.28
C MET RA 86 -11.27 46.40 1.65
N TYR RA 87 -10.44 47.42 1.88
CA TYR RA 87 -9.53 47.45 3.00
C TYR RA 87 -9.75 48.69 3.88
N GLY RA 88 -9.50 48.50 5.18
CA GLY RA 88 -9.54 49.59 6.14
C GLY RA 88 -10.41 49.32 7.35
N TRP RA 89 -11.53 50.04 7.44
CA TRP RA 89 -12.64 49.73 8.34
C TRP RA 89 -12.42 50.12 9.80
N SER RA 90 -11.16 50.11 10.26
CA SER RA 90 -10.91 50.18 11.70
C SER RA 90 -11.27 51.53 12.31
N CYS RA 91 -11.36 52.59 11.51
CA CYS RA 91 -11.67 53.91 12.04
C CYS RA 91 -13.08 54.37 11.68
N THR RA 92 -14.00 53.43 11.44
CA THR RA 92 -15.43 53.72 11.37
C THR RA 92 -16.17 52.79 12.32
N GLU RA 93 -17.49 52.90 12.33
CA GLU RA 93 -18.34 52.20 13.29
C GLU RA 93 -18.87 50.88 12.71
N CYS RA 94 -19.46 50.08 13.59
CA CYS RA 94 -19.72 48.67 13.26
C CYS RA 94 -20.80 48.50 12.20
N GLU RA 95 -21.83 49.34 12.19
CA GLU RA 95 -22.89 49.13 11.19
C GLU RA 95 -22.41 49.43 9.79
N ALA RA 96 -21.50 50.38 9.62
CA ALA RA 96 -20.89 50.59 8.31
C ALA RA 96 -20.05 49.39 7.91
N GLN RA 97 -19.33 48.80 8.86
CA GLN RA 97 -18.55 47.60 8.59
C GLN RA 97 -19.45 46.44 8.19
N ALA RA 98 -20.63 46.34 8.80
CA ALA RA 98 -21.58 45.29 8.45
C ALA RA 98 -22.05 45.45 7.01
N VAL RA 99 -22.33 46.70 6.59
CA VAL RA 99 -22.67 46.94 5.20
C VAL RA 99 -21.50 46.57 4.29
N GLY RA 100 -20.28 46.91 4.72
CA GLY RA 100 -19.11 46.57 3.93
C GLY RA 100 -18.97 45.07 3.69
N VAL RA 101 -19.29 44.26 4.71
CA VAL RA 101 -19.25 42.81 4.53
C VAL RA 101 -20.26 42.36 3.49
N GLU RA 102 -21.49 42.88 3.59
CA GLU RA 102 -22.51 42.55 2.59
C GLU RA 102 -22.08 43.03 1.21
N LEU RA 103 -21.43 44.19 1.15
CA LEU RA 103 -20.96 44.70 -0.13
C LEU RA 103 -19.82 43.85 -0.69
N ALA RA 104 -18.90 43.40 0.17
CA ALA RA 104 -17.85 42.50 -0.29
C ALA RA 104 -18.43 41.19 -0.82
N GLU RA 105 -19.47 40.68 -0.16
CA GLU RA 105 -20.16 39.49 -0.63
C GLU RA 105 -20.70 39.70 -2.03
N GLU RA 106 -21.36 40.84 -2.24
CA GLU RA 106 -22.01 41.11 -3.53
C GLU RA 106 -21.00 41.27 -4.65
N ALA RA 107 -19.85 41.86 -4.35
CA ALA RA 107 -18.84 42.13 -5.36
C ALA RA 107 -17.86 40.98 -5.54
N GLY RA 108 -18.02 39.89 -4.79
CA GLY RA 108 -17.03 38.82 -4.82
C GLY RA 108 -15.67 39.30 -4.36
N ALA RA 109 -15.65 40.17 -3.36
CA ALA RA 109 -14.43 40.86 -2.95
C ALA RA 109 -13.73 40.12 -1.83
N VAL RA 110 -12.48 40.52 -1.60
CA VAL RA 110 -11.77 40.21 -0.38
C VAL RA 110 -11.93 41.40 0.55
N ILE RA 111 -12.45 41.16 1.75
CA ILE RA 111 -12.59 42.21 2.74
C ILE RA 111 -11.59 41.96 3.85
N ASP RA 112 -10.92 43.02 4.28
CA ASP RA 112 -9.80 42.92 5.21
C ASP RA 112 -9.65 44.25 5.90
N ASN RA 113 -9.28 44.21 7.17
CA ASN RA 113 -9.07 45.42 7.95
C ASN RA 113 -7.61 45.55 8.35
N THR RA 114 -7.30 46.61 9.10
CA THR RA 114 -5.92 46.90 9.48
C THR RA 114 -5.30 45.83 10.37
N ALA RA 115 -6.09 44.87 10.86
CA ALA RA 115 -5.51 43.74 11.57
C ALA RA 115 -4.38 43.09 10.77
N SER RA 116 -4.51 43.05 9.45
CA SER RA 116 -3.51 42.39 8.62
C SER RA 116 -2.15 43.06 8.68
N VAL RA 117 -2.08 44.34 9.05
CA VAL RA 117 -0.81 45.01 9.31
C VAL RA 117 -0.60 45.27 10.79
N CYS RA 118 -1.39 44.63 11.65
CA CYS RA 118 -1.38 45.00 13.07
C CYS RA 118 -1.36 43.79 13.98
N HIS RA 119 -2.50 43.47 14.59
CA HIS RA 119 -2.61 42.32 15.48
C HIS RA 119 -3.19 41.10 14.78
N GLY RA 120 -3.29 41.12 13.46
CA GLY RA 120 -3.48 39.93 12.66
C GLY RA 120 -2.68 38.73 13.13
N PRO RA 121 -1.37 38.90 13.32
CA PRO RA 121 -0.56 37.79 13.86
C PRO RA 121 -1.07 37.26 15.19
N SER RA 122 -1.62 38.14 16.05
CA SER RA 122 -2.24 37.67 17.27
C SER RA 122 -3.50 36.87 16.97
N VAL RA 123 -4.23 37.24 15.92
CA VAL RA 123 -5.39 36.45 15.49
C VAL RA 123 -4.95 35.05 15.09
N LEU RA 124 -3.94 34.96 14.21
CA LEU RA 124 -3.41 33.66 13.82
C LEU RA 124 -2.98 32.86 15.05
N ALA RA 125 -2.29 33.51 16.00
CA ALA RA 125 -1.82 32.82 17.19
C ALA RA 125 -2.96 32.34 18.06
N LEU RA 126 -3.97 33.20 18.30
CA LEU RA 126 -5.06 32.80 19.17
C LEU RA 126 -5.92 31.72 18.55
N GLN RA 127 -6.00 31.67 17.22
CA GLN RA 127 -6.70 30.57 16.55
C GLN RA 127 -6.01 29.23 16.77
N ASP RA 128 -4.69 29.23 16.96
CA ASP RA 128 -3.96 27.98 17.15
C ASP RA 128 -3.88 27.53 18.60
N VAL RA 129 -3.70 28.46 19.54
CA VAL RA 129 -3.42 28.07 20.93
C VAL RA 129 -4.43 28.63 21.94
N GLY RA 130 -5.15 29.71 21.64
CA GLY RA 130 -6.15 30.17 22.59
C GLY RA 130 -6.03 31.65 22.87
N TYR RA 131 -6.83 32.12 23.83
CA TYR RA 131 -7.06 33.55 24.03
C TYR RA 131 -7.51 33.85 25.46
N PRO RA 132 -6.61 33.79 26.46
CA PRO RA 132 -7.03 34.01 27.85
C PRO RA 132 -7.02 35.47 28.27
N ILE RA 133 -8.18 36.12 28.27
CA ILE RA 133 -8.21 37.56 28.51
C ILE RA 133 -9.08 37.97 29.70
N CYS RA 134 -9.13 39.27 29.95
CA CYS RA 134 -10.03 39.87 30.92
C CYS RA 134 -10.35 41.28 30.44
N THR RA 135 -11.26 41.95 31.14
CA THR RA 135 -11.59 43.33 30.81
C THR RA 135 -10.79 44.28 31.69
N PHE RA 136 -10.72 45.54 31.26
CA PHE RA 136 -9.92 46.54 31.97
C PHE RA 136 -10.20 46.56 33.46
N GLY RA 137 -11.47 46.36 33.84
CA GLY RA 137 -11.85 46.46 35.23
C GLY RA 137 -11.24 45.39 36.12
N GLU RA 138 -10.99 44.20 35.57
CA GLU RA 138 -10.33 43.16 36.35
C GLU RA 138 -8.87 43.50 36.59
N VAL RA 139 -8.21 44.12 35.61
CA VAL RA 139 -6.86 44.62 35.81
C VAL RA 139 -6.86 45.71 36.86
N LYS RA 140 -7.70 46.72 36.69
CA LYS RA 140 -7.72 47.82 37.65
C LYS RA 140 -7.98 47.32 39.08
N ASN RA 141 -8.91 46.38 39.24
CA ASN RA 141 -9.33 46.01 40.58
C ASN RA 141 -8.54 44.85 41.18
N ARG RA 142 -7.86 44.04 40.37
CA ARG RA 142 -7.18 42.85 40.88
C ARG RA 142 -5.69 42.79 40.57
N ALA RA 143 -5.24 43.45 39.50
CA ALA RA 143 -3.93 43.14 38.94
C ALA RA 143 -2.81 43.42 39.93
N ASP RA 144 -2.00 42.40 40.16
CA ASP RA 144 -0.86 42.41 41.05
C ASP RA 144 0.44 42.69 40.29
N VAL RA 145 0.51 42.19 39.06
CA VAL RA 145 1.65 42.36 38.17
C VAL RA 145 1.13 42.76 36.80
N VAL RA 146 1.70 43.82 36.24
CA VAL RA 146 1.28 44.38 34.96
C VAL RA 146 2.49 44.40 34.04
N VAL RA 147 2.39 43.73 32.91
CA VAL RA 147 3.48 43.65 31.94
C VAL RA 147 3.05 44.37 30.67
N TYR RA 148 3.92 45.23 30.16
CA TYR RA 148 3.80 45.81 28.83
C TYR RA 148 4.92 45.22 27.99
N TRP RA 149 4.56 44.31 27.08
CA TRP RA 149 5.52 43.53 26.30
C TRP RA 149 5.52 44.04 24.86
N GLY RA 150 6.61 44.68 24.46
CA GLY RA 150 6.73 45.20 23.11
C GLY RA 150 5.66 46.18 22.72
N CYS RA 151 5.23 47.02 23.68
CA CYS RA 151 4.30 48.10 23.40
C CYS RA 151 4.71 49.31 24.23
N ASN RA 152 4.36 50.48 23.73
CA ASN RA 152 4.80 51.76 24.30
C ASN RA 152 3.59 52.65 24.59
N PRO RA 153 2.82 52.32 25.63
CA PRO RA 153 1.55 53.04 25.85
C PRO RA 153 1.70 54.53 26.09
N MET RA 154 2.81 54.99 26.66
CA MET RA 154 2.96 56.42 26.89
C MET RA 154 2.88 57.20 25.58
N HIS RA 155 3.28 56.58 24.46
CA HIS RA 155 3.18 57.19 23.15
C HIS RA 155 2.03 56.67 22.29
N ALA RA 156 1.53 55.47 22.58
CA ALA RA 156 0.54 54.84 21.71
C ALA RA 156 -0.82 54.62 22.34
N HIS RA 157 -0.91 54.59 23.67
CA HIS RA 157 -2.19 54.53 24.37
C HIS RA 157 -2.07 55.41 25.62
N PRO RA 158 -1.95 56.73 25.42
CA PRO RA 158 -1.41 57.59 26.49
C PRO RA 158 -2.10 57.48 27.84
N ARG RA 159 -3.41 57.25 27.87
CA ARG RA 159 -4.12 57.16 29.13
C ARG RA 159 -4.23 55.73 29.64
N HIS RA 160 -3.61 54.76 28.96
CA HIS RA 160 -3.76 53.35 29.33
C HIS RA 160 -3.21 53.08 30.71
N MET RA 161 -2.01 53.60 31.01
CA MET RA 161 -1.40 53.35 32.31
C MET RA 161 -2.17 54.04 33.43
N SER RA 162 -2.60 55.28 33.20
CA SER RA 162 -3.34 56.01 34.24
C SER RA 162 -4.67 55.34 34.56
N ARG RA 163 -5.31 54.72 33.57
CA ARG RA 163 -6.59 54.07 33.80
C ARG RA 163 -6.44 52.67 34.40
N ASN RA 164 -5.35 51.97 34.10
CA ASN RA 164 -5.22 50.57 34.52
C ASN RA 164 -4.15 50.31 35.57
N VAL RA 165 -3.14 51.17 35.70
CA VAL RA 165 -2.02 50.94 36.61
C VAL RA 165 -2.06 51.90 37.79
N PHE RA 166 -2.05 53.21 37.51
CA PHE RA 166 -2.10 54.20 38.57
C PHE RA 166 -3.47 54.27 39.25
N ALA RA 167 -4.50 53.66 38.66
CA ALA RA 167 -5.82 53.70 39.24
C ALA RA 167 -5.87 52.91 40.54
N ARG RA 168 -6.65 53.42 41.50
CA ARG RA 168 -6.88 52.72 42.76
C ARG RA 168 -8.10 51.83 42.60
N GLY RA 169 -7.89 50.52 42.68
CA GLY RA 169 -8.94 49.55 42.47
C GLY RA 169 -9.41 48.91 43.77
N PHE RA 170 -10.45 48.08 43.61
CA PHE RA 170 -11.12 47.48 44.77
C PHE RA 170 -10.14 46.72 45.65
N PHE RA 171 -9.37 45.79 45.07
CA PHE RA 171 -8.37 45.03 45.80
C PHE RA 171 -6.98 45.64 45.69
N ARG RA 172 -6.83 46.74 44.95
CA ARG RA 172 -5.54 47.41 44.76
C ARG RA 172 -5.73 48.90 45.07
N GLU RA 173 -6.19 49.17 46.29
CA GLU RA 173 -6.55 50.53 46.68
C GLU RA 173 -5.38 51.49 46.73
N ARG RA 174 -4.13 51.00 46.67
CA ARG RA 174 -2.99 51.91 46.63
C ARG RA 174 -2.49 52.14 45.21
N GLY RA 175 -3.23 51.67 44.20
CA GLY RA 175 -2.85 51.89 42.82
C GLY RA 175 -1.45 51.40 42.51
N ARG RA 176 -0.65 52.31 41.93
CA ARG RA 176 0.69 51.97 41.45
C ARG RA 176 1.54 51.32 42.52
N SER RA 177 1.38 51.73 43.78
CA SER RA 177 2.16 51.13 44.86
C SER RA 177 1.79 49.66 45.09
N ASP RA 178 0.62 49.23 44.62
CA ASP RA 178 0.18 47.84 44.78
C ASP RA 178 0.56 46.94 43.62
N ARG RA 179 1.30 47.44 42.62
CA ARG RA 179 1.54 46.64 41.43
C ARG RA 179 3.01 46.65 41.04
N THR RA 180 3.50 45.49 40.63
CA THR RA 180 4.82 45.36 40.03
C THR RA 180 4.69 45.56 38.53
N LEU RA 181 5.33 46.60 38.01
CA LEU RA 181 5.23 46.99 36.61
C LEU RA 181 6.45 46.51 35.83
N ILE RA 182 6.22 45.77 34.75
CA ILE RA 182 7.28 45.21 33.92
C ILE RA 182 7.13 45.70 32.49
N VAL RA 183 8.25 46.06 31.88
CA VAL RA 183 8.29 46.48 30.48
C VAL RA 183 9.38 45.69 29.76
N VAL RA 184 9.03 45.16 28.58
CA VAL RA 184 9.95 44.36 27.78
C VAL RA 184 10.04 45.04 26.42
N ASP RA 185 11.20 45.61 26.12
CA ASP RA 185 11.38 46.42 24.93
C ASP RA 185 12.88 46.63 24.74
N PRO RA 186 13.41 46.48 23.52
CA PRO RA 186 14.84 46.77 23.32
C PRO RA 186 15.22 48.23 23.49
N ARG RA 187 14.24 49.14 23.52
CA ARG RA 187 14.49 50.55 23.77
C ARG RA 187 14.11 50.92 25.20
N LYS RA 188 14.79 51.94 25.71
CA LYS RA 188 14.40 52.57 26.98
C LYS RA 188 13.31 53.58 26.66
N THR RA 189 12.10 53.06 26.44
CA THR RA 189 10.97 53.93 26.11
C THR RA 189 10.51 54.68 27.36
N ASP RA 190 9.69 55.71 27.13
CA ASP RA 190 9.13 56.44 28.25
C ASP RA 190 8.20 55.57 29.08
N SER RA 191 7.62 54.53 28.48
CA SER RA 191 6.89 53.54 29.27
C SER RA 191 7.84 52.73 30.13
N ALA RA 192 8.98 52.33 29.57
CA ALA RA 192 9.97 51.57 30.33
C ALA RA 192 10.54 52.38 31.47
N LYS RA 193 10.63 53.70 31.31
CA LYS RA 193 11.18 54.54 32.37
C LYS RA 193 10.34 54.50 33.64
N LEU RA 194 9.07 54.18 33.54
CA LEU RA 194 8.19 54.07 34.70
C LEU RA 194 8.21 52.69 35.33
N ALA RA 195 8.94 51.73 34.76
CA ALA RA 195 8.85 50.34 35.17
C ALA RA 195 9.67 50.04 36.42
N ASP RA 196 9.19 49.05 37.19
CA ASP RA 196 10.00 48.46 38.25
C ASP RA 196 11.03 47.50 37.67
N ILE RA 197 10.67 46.79 36.61
CA ILE RA 197 11.56 45.89 35.89
C ILE RA 197 11.49 46.24 34.42
N HIS RA 198 12.65 46.47 33.81
CA HIS RA 198 12.76 46.70 32.37
C HIS RA 198 13.69 45.64 31.79
N LEU RA 199 13.10 44.64 31.12
CA LEU RA 199 13.90 43.67 30.36
C LEU RA 199 14.23 44.30 29.02
N GLN RA 200 15.45 44.85 28.90
CA GLN RA 200 15.89 45.46 27.64
C GLN RA 200 16.58 44.41 26.79
N LEU RA 201 15.76 43.52 26.24
CA LEU RA 201 16.20 42.33 25.53
C LEU RA 201 16.70 42.69 24.12
N ASP RA 202 17.37 41.71 23.51
CA ASP RA 202 17.80 41.82 22.13
C ASP RA 202 16.59 41.82 21.20
N PHE RA 203 16.61 42.71 20.20
CA PHE RA 203 15.53 42.74 19.23
C PHE RA 203 15.46 41.41 18.48
N ASP RA 204 14.26 41.09 17.98
CA ASP RA 204 13.97 39.87 17.23
C ASP RA 204 14.25 38.59 18.03
N ARG RA 205 14.33 38.66 19.36
CA ARG RA 205 14.67 37.46 20.11
C ARG RA 205 13.65 37.13 21.20
N ASP RA 206 12.45 37.73 21.13
CA ASP RA 206 11.41 37.44 22.12
C ASP RA 206 11.07 35.96 22.15
N TYR RA 207 10.93 35.34 20.98
CA TYR RA 207 10.56 33.93 20.94
C TYR RA 207 11.58 33.07 21.68
N GLU RA 208 12.87 33.41 21.56
CA GLU RA 208 13.89 32.65 22.26
C GLU RA 208 13.80 32.84 23.78
N LEU RA 209 13.57 34.08 24.22
CA LEU RA 209 13.42 34.34 25.65
C LEU RA 209 12.17 33.68 26.21
N LEU RA 210 11.05 33.76 25.49
CA LEU RA 210 9.83 33.13 25.99
C LEU RA 210 9.96 31.61 26.04
N ASP RA 211 10.76 31.01 25.16
CA ASP RA 211 10.99 29.58 25.26
C ASP RA 211 11.78 29.25 26.52
N ALA RA 212 12.80 30.04 26.83
CA ALA RA 212 13.55 29.85 28.07
C ALA RA 212 12.64 30.04 29.28
N MET RA 213 11.84 31.11 29.27
CA MET RA 213 10.93 31.35 30.39
C MET RA 213 9.96 30.20 30.59
N ARG RA 214 9.44 29.62 29.50
CA ARG RA 214 8.46 28.54 29.65
C ARG RA 214 9.11 27.24 30.08
N ALA RA 215 10.30 26.92 29.54
CA ALA RA 215 11.01 25.74 30.00
C ALA RA 215 11.32 25.83 31.49
N CYS RA 216 11.84 26.99 31.92
CA CYS RA 216 12.04 27.24 33.34
C CYS RA 216 10.74 27.07 34.13
N LEU RA 217 9.66 27.68 33.64
CA LEU RA 217 8.38 27.65 34.36
C LEU RA 217 7.94 26.24 34.72
N LEU RA 218 8.11 25.29 33.80
CA LEU RA 218 7.70 23.91 34.04
C LEU RA 218 8.82 23.05 34.64
N GLY RA 219 9.87 23.67 35.18
CA GLY RA 219 10.86 22.95 35.98
C GLY RA 219 12.12 22.48 35.28
N HIS RA 220 12.34 22.87 34.02
CA HIS RA 220 13.49 22.42 33.25
C HIS RA 220 14.63 23.42 33.35
N GLU RA 221 15.84 22.96 32.98
CA GLU RA 221 17.01 23.83 33.01
C GLU RA 221 17.13 24.60 31.72
N ILE RA 222 17.59 25.83 31.82
CA ILE RA 222 17.75 26.70 30.66
C ILE RA 222 19.08 26.36 30.03
N LEU RA 223 19.05 25.93 28.76
CA LEU RA 223 20.23 25.38 28.11
C LEU RA 223 21.41 26.33 28.16
N TYR RA 224 21.22 27.55 27.67
CA TYR RA 224 22.30 28.50 27.55
C TYR RA 224 22.36 29.44 28.74
N ASP RA 225 23.55 30.00 28.98
CA ASP RA 225 23.77 30.89 30.11
C ASP RA 225 23.24 32.31 29.86
N GLU RA 226 22.85 32.63 28.64
CA GLU RA 226 22.18 33.91 28.37
C GLU RA 226 21.36 33.76 27.09
N VAL RA 227 20.13 34.29 27.12
CA VAL RA 227 19.19 34.15 26.02
C VAL RA 227 18.55 35.51 25.77
N ALA RA 228 18.51 35.93 24.50
CA ALA RA 228 17.96 37.23 24.11
C ALA RA 228 18.61 38.39 24.87
N GLY RA 229 19.89 38.24 25.18
CA GLY RA 229 20.64 39.25 25.90
C GLY RA 229 20.37 39.33 27.39
N VAL RA 230 19.59 38.41 27.94
CA VAL RA 230 19.23 38.43 29.35
C VAL RA 230 19.94 37.28 30.04
N PRO RA 231 20.67 37.51 31.14
CA PRO RA 231 21.37 36.40 31.81
C PRO RA 231 20.37 35.41 32.40
N ARG RA 232 20.68 34.11 32.26
CA ARG RA 232 19.80 33.07 32.77
C ARG RA 232 19.29 33.34 34.18
N GLU RA 233 20.19 33.73 35.08
CA GLU RA 233 19.81 33.98 36.46
C GLU RA 233 18.61 34.92 36.55
N GLN RA 234 18.54 35.91 35.66
CA GLN RA 234 17.43 36.85 35.65
C GLN RA 234 16.23 36.35 34.86
N ILE RA 235 16.41 35.38 33.96
CA ILE RA 235 15.26 34.69 33.37
C ILE RA 235 14.44 34.07 34.49
N GLU RA 236 15.12 33.33 35.37
CA GLU RA 236 14.45 32.64 36.46
C GLU RA 236 13.85 33.62 37.47
N GLU RA 237 14.57 34.70 37.77
CA GLU RA 237 14.02 35.69 38.70
C GLU RA 237 12.76 36.33 38.13
N ALA RA 238 12.70 36.50 36.81
CA ALA RA 238 11.49 37.05 36.20
C ALA RA 238 10.34 36.06 36.25
N VAL RA 239 10.63 34.77 36.02
CA VAL RA 239 9.58 33.75 36.10
C VAL RA 239 9.03 33.64 37.52
N GLU RA 240 9.86 33.89 38.54
CA GLU RA 240 9.38 33.85 39.91
C GLU RA 240 8.45 35.01 40.20
N VAL RA 241 8.75 36.20 39.65
CA VAL RA 241 7.84 37.33 39.81
C VAL RA 241 6.46 37.00 39.25
N LEU RA 242 6.42 36.38 38.08
CA LEU RA 242 5.15 36.02 37.47
C LEU RA 242 4.44 34.93 38.26
N LYS RA 243 5.18 33.93 38.71
CA LYS RA 243 4.57 32.85 39.48
C LYS RA 243 3.99 33.35 40.80
N ASN RA 244 4.59 34.38 41.40
CA ASN RA 244 4.14 34.90 42.69
C ASN RA 244 3.07 35.96 42.56
N ALA RA 245 2.59 36.25 41.35
CA ALA RA 245 1.47 37.16 41.21
C ALA RA 245 0.22 36.60 41.86
N GLN RA 246 -0.63 37.49 42.37
CA GLN RA 246 -2.00 37.11 42.68
C GLN RA 246 -2.90 37.25 41.47
N PHE RA 247 -2.59 38.22 40.61
CA PHE RA 247 -3.32 38.44 39.36
C PHE RA 247 -2.39 39.18 38.43
N GLY RA 248 -2.03 38.56 37.32
CA GLY RA 248 -1.11 39.15 36.37
C GLY RA 248 -1.77 39.38 35.02
N ILE RA 249 -1.37 40.47 34.37
CA ILE RA 249 -1.90 40.83 33.06
C ILE RA 249 -0.73 41.08 32.12
N LEU RA 250 -0.77 40.46 30.95
CA LEU RA 250 0.24 40.67 29.92
C LEU RA 250 -0.36 41.48 28.76
N PHE RA 251 0.00 42.76 28.71
CA PHE RA 251 -0.31 43.62 27.58
C PHE RA 251 0.84 43.55 26.58
N PHE RA 252 0.52 43.31 25.32
CA PHE RA 252 1.54 43.18 24.30
C PHE RA 252 1.12 43.95 23.04
N GLY RA 253 2.10 44.30 22.23
CA GLY RA 253 1.87 45.15 21.08
C GLY RA 253 2.79 44.84 19.92
N MET RA 254 3.05 45.86 19.10
CA MET RA 254 3.64 45.65 17.78
C MET RA 254 5.07 45.12 17.84
N GLY RA 255 5.75 45.30 18.97
CA GLY RA 255 7.10 44.79 19.12
C GLY RA 255 7.23 43.28 18.94
N ILE RA 256 6.13 42.55 19.06
CA ILE RA 256 6.17 41.10 18.84
C ILE RA 256 5.27 40.64 17.70
N THR RA 257 4.33 41.47 17.23
CA THR RA 257 3.58 41.10 16.02
C THR RA 257 4.36 41.41 14.75
N HIS RA 258 5.12 42.51 14.74
CA HIS RA 258 5.90 42.90 13.58
C HIS RA 258 7.29 42.26 13.56
N SER RA 259 7.73 41.70 14.68
CA SER RA 259 9.08 41.18 14.81
C SER RA 259 9.23 39.82 14.13
N ARG RA 260 10.49 39.36 14.08
CA ARG RA 260 10.78 38.05 13.53
C ARG RA 260 9.98 36.97 14.27
N GLY RA 261 9.24 36.17 13.51
CA GLY RA 261 8.35 35.16 14.04
C GLY RA 261 6.89 35.58 14.00
N LYS RA 262 6.63 36.88 14.16
CA LYS RA 262 5.28 37.46 14.06
C LYS RA 262 4.25 36.70 14.88
N HIS RA 263 3.36 35.94 14.23
CA HIS RA 263 2.27 35.30 14.97
C HIS RA 263 2.80 34.28 15.97
N ARG RA 264 3.98 33.70 15.70
CA ARG RA 264 4.51 32.72 16.64
C ARG RA 264 5.16 33.36 17.87
N ASN RA 265 5.50 34.65 17.80
CA ASN RA 265 5.86 35.36 19.03
C ASN RA 265 4.66 35.47 19.95
N ILE RA 266 3.48 35.73 19.39
CA ILE RA 266 2.26 35.78 20.19
C ILE RA 266 1.92 34.40 20.71
N ASP RA 267 2.08 33.39 19.85
CA ASP RA 267 1.75 32.01 20.19
C ASP RA 267 2.41 31.59 21.50
N THR RA 268 3.74 31.70 21.56
CA THR RA 268 4.47 31.26 22.75
C THR RA 268 4.12 32.12 23.96
N ALA RA 269 3.87 33.42 23.76
CA ALA RA 269 3.44 34.28 24.85
C ALA RA 269 2.12 33.80 25.43
N ILE RA 270 1.16 33.47 24.55
CA ILE RA 270 -0.14 32.99 25.02
C ILE RA 270 0.03 31.71 25.84
N MET RA 271 0.82 30.78 25.34
CA MET RA 271 0.95 29.49 26.02
C MET RA 271 1.66 29.63 27.37
N MET RA 272 2.55 30.62 27.52
CA MET RA 272 3.13 30.86 28.83
C MET RA 272 2.08 31.37 29.80
N VAL RA 273 1.28 32.35 29.37
CA VAL RA 273 0.19 32.86 30.20
C VAL RA 273 -0.74 31.74 30.62
N GLN RA 274 -1.06 30.84 29.69
CA GLN RA 274 -1.90 29.68 30.00
C GLN RA 274 -1.29 28.83 31.10
N ASP RA 275 -0.04 28.40 30.92
CA ASP RA 275 0.59 27.51 31.88
C ASP RA 275 0.81 28.18 33.23
N LEU RA 276 1.00 29.50 33.24
CA LEU RA 276 1.17 30.22 34.50
C LEU RA 276 -0.04 30.06 35.42
N ASN RA 277 -1.21 29.73 34.87
CA ASN RA 277 -2.42 29.62 35.66
C ASN RA 277 -2.39 28.43 36.62
N ASP RA 278 -1.40 27.54 36.51
CA ASP RA 278 -1.21 26.50 37.52
C ASP RA 278 -0.54 27.04 38.78
N TYR RA 279 0.09 28.20 38.71
CA TYR RA 279 0.73 28.83 39.86
C TYR RA 279 0.08 30.13 40.28
N ALA RA 280 -0.52 30.87 39.34
CA ALA RA 280 -1.06 32.19 39.62
C ALA RA 280 -2.02 32.57 38.53
N LYS RA 281 -3.06 33.33 38.90
CA LYS RA 281 -4.00 33.81 37.91
C LYS RA 281 -3.29 34.70 36.90
N TRP RA 282 -3.45 34.39 35.63
CA TRP RA 282 -2.77 35.14 34.58
C TRP RA 282 -3.65 35.25 33.36
N THR RA 283 -3.53 36.39 32.69
CA THR RA 283 -4.42 36.72 31.60
C THR RA 283 -3.67 37.71 30.71
N LEU RA 284 -4.17 37.91 29.49
CA LEU RA 284 -3.49 38.80 28.56
C LEU RA 284 -4.49 39.61 27.77
N ILE RA 285 -4.03 40.76 27.26
CA ILE RA 285 -4.85 41.63 26.43
C ILE RA 285 -4.01 42.20 25.29
N PRO RA 286 -4.36 41.92 24.04
CA PRO RA 286 -3.65 42.58 22.94
C PRO RA 286 -3.99 44.07 22.88
N MET RA 287 -2.96 44.90 22.73
CA MET RA 287 -3.10 46.35 22.72
C MET RA 287 -3.55 46.82 21.33
N ARG RA 288 -4.80 46.52 21.01
CA ARG RA 288 -5.31 46.79 19.67
C ARG RA 288 -5.30 48.29 19.39
N GLY RA 289 -4.94 48.64 18.17
CA GLY RA 289 -4.59 50.00 17.84
C GLY RA 289 -5.71 51.00 17.71
N HIS RA 290 -6.47 50.92 16.62
CA HIS RA 290 -7.51 51.90 16.38
C HIS RA 290 -8.70 51.64 17.30
N TYR RA 291 -9.51 52.68 17.49
CA TYR RA 291 -10.63 52.59 18.42
C TYR RA 291 -11.65 51.53 18.00
N ASN RA 292 -11.65 51.11 16.73
CA ASN RA 292 -12.62 50.10 16.34
C ASN RA 292 -12.04 49.08 15.35
N VAL RA 293 -10.73 48.84 15.38
CA VAL RA 293 -10.20 47.67 14.69
C VAL RA 293 -10.84 46.40 15.25
N THR RA 294 -10.97 46.32 16.58
CA THR RA 294 -11.58 45.16 17.20
C THR RA 294 -13.00 44.95 16.71
N GLY RA 295 -13.74 46.04 16.49
CA GLY RA 295 -15.12 45.93 16.06
C GLY RA 295 -15.30 45.26 14.70
N PHE RA 296 -14.41 45.56 13.75
CA PHE RA 296 -14.52 44.90 12.45
C PHE RA 296 -14.33 43.39 12.58
N ASN RA 297 -13.28 42.98 13.29
CA ASN RA 297 -13.03 41.56 13.46
C ASN RA 297 -14.20 40.89 14.18
N GLN RA 298 -14.87 41.62 15.08
CA GLN RA 298 -16.09 41.10 15.69
C GLN RA 298 -17.20 40.97 14.66
N VAL RA 299 -17.50 42.06 13.95
CA VAL RA 299 -18.59 42.06 12.96
C VAL RA 299 -18.32 41.03 11.88
N CYS RA 300 -17.13 41.07 11.29
CA CYS RA 300 -16.79 40.16 10.20
C CYS RA 300 -16.84 38.72 10.65
N THR RA 301 -16.44 38.44 11.89
CA THR RA 301 -16.48 37.07 12.39
C THR RA 301 -17.92 36.57 12.51
N TRP RA 302 -18.81 37.37 13.11
CA TRP RA 302 -20.14 36.83 13.39
C TRP RA 302 -20.99 36.74 12.13
N GLU RA 303 -20.73 37.58 11.13
CA GLU RA 303 -21.50 37.49 9.90
C GLU RA 303 -21.00 36.35 9.00
N SER RA 304 -19.69 36.12 8.95
CA SER RA 304 -19.10 35.18 8.02
C SER RA 304 -18.40 33.98 8.66
N GLY RA 305 -17.97 34.08 9.91
CA GLY RA 305 -17.25 33.00 10.56
C GLY RA 305 -15.76 33.24 10.68
N TYR RA 306 -15.23 34.22 9.95
CA TYR RA 306 -13.82 34.57 9.86
C TYR RA 306 -13.61 36.04 10.22
N PRO RA 307 -12.45 36.39 10.79
CA PRO RA 307 -12.29 37.75 11.34
C PRO RA 307 -11.72 38.76 10.36
N TYR RA 308 -10.84 38.33 9.45
CA TYR RA 308 -10.22 39.23 8.48
C TYR RA 308 -9.69 38.38 7.33
N CYS RA 309 -9.13 39.04 6.32
CA CYS RA 309 -8.60 38.36 5.14
C CYS RA 309 -9.65 37.42 4.54
N VAL RA 310 -10.89 37.88 4.47
CA VAL RA 310 -12.02 37.03 4.09
C VAL RA 310 -12.30 37.22 2.59
N ASP RA 311 -12.30 36.12 1.86
CA ASP RA 311 -12.44 36.11 0.40
C ASP RA 311 -13.78 35.52 0.03
N PHE RA 312 -14.63 36.35 -0.60
CA PHE RA 312 -15.95 35.92 -1.05
C PHE RA 312 -16.00 35.57 -2.52
N SER RA 313 -14.86 35.58 -3.22
CA SER RA 313 -14.82 35.35 -4.66
C SER RA 313 -15.64 34.12 -5.08
N GLY RA 314 -15.56 33.05 -4.31
CA GLY RA 314 -16.26 31.83 -4.62
C GLY RA 314 -17.68 31.74 -4.09
N GLY RA 315 -18.21 32.81 -3.51
CA GLY RA 315 -19.52 32.78 -2.90
C GLY RA 315 -19.47 32.47 -1.41
N GLU RA 316 -19.05 31.26 -1.08
CA GLU RA 316 -18.78 30.89 0.30
C GLU RA 316 -17.60 31.72 0.84
N PRO RA 317 -17.56 31.96 2.14
CA PRO RA 317 -16.39 32.65 2.71
C PRO RA 317 -15.22 31.70 2.87
N ARG RA 318 -14.03 32.17 2.47
CA ARG RA 318 -12.79 31.43 2.65
C ARG RA 318 -11.73 32.33 3.26
N TYR RA 319 -10.74 31.71 3.90
CA TYR RA 319 -9.88 32.42 4.84
C TYR RA 319 -8.49 31.80 4.79
N ASN RA 320 -7.52 32.57 4.28
CA ASN RA 320 -6.12 32.15 4.27
C ASN RA 320 -5.24 33.39 4.35
N PRO RA 321 -4.98 33.88 5.57
CA PRO RA 321 -4.00 34.97 5.71
C PRO RA 321 -2.64 34.52 5.19
N GLY RA 322 -2.00 35.41 4.42
CA GLY RA 322 -0.84 35.07 3.63
C GLY RA 322 -1.14 34.94 2.16
N GLU RA 323 -2.40 34.61 1.83
CA GLU RA 323 -2.92 34.64 0.47
C GLU RA 323 -3.92 35.77 0.27
N THR RA 324 -4.89 35.87 1.17
CA THR RA 324 -6.06 36.74 1.03
C THR RA 324 -5.95 38.00 1.89
N GLY RA 325 -4.74 38.37 2.29
CA GLY RA 325 -4.52 39.58 3.05
C GLY RA 325 -4.19 40.74 2.14
N ALA RA 326 -4.54 41.95 2.60
CA ALA RA 326 -4.36 43.16 1.79
C ALA RA 326 -2.98 43.21 1.14
N ASN RA 327 -1.93 43.05 1.93
CA ASN RA 327 -0.57 43.15 1.40
C ASN RA 327 -0.24 41.98 0.47
N ASP RA 328 -0.84 40.82 0.70
CA ASP RA 328 -0.63 39.68 -0.19
C ASP RA 328 -1.21 39.96 -1.57
N LEU RA 329 -2.45 40.46 -1.63
CA LEU RA 329 -3.08 40.72 -2.92
C LEU RA 329 -2.33 41.80 -3.69
N LEU RA 330 -1.89 42.85 -2.99
CA LEU RA 330 -1.19 43.93 -3.67
C LEU RA 330 0.22 43.50 -4.08
N GLN RA 331 0.98 42.92 -3.17
CA GLN RA 331 2.38 42.58 -3.49
C GLN RA 331 2.48 41.43 -4.49
N ASN RA 332 1.54 40.49 -4.46
CA ASN RA 332 1.54 39.41 -5.44
C ASN RA 332 0.80 39.79 -6.70
N ARG RA 333 0.29 41.00 -6.73
CA ARG RA 333 -0.32 41.66 -7.86
C ARG RA 333 -1.59 40.97 -8.34
N GLU RA 334 -2.31 40.37 -7.41
CA GLU RA 334 -3.60 39.72 -7.64
C GLU RA 334 -4.75 40.71 -7.69
N ALA RA 335 -4.77 41.69 -6.79
CA ALA RA 335 -5.86 42.65 -6.74
C ALA RA 335 -5.86 43.54 -7.98
N ASP RA 336 -7.02 43.69 -8.61
CA ASP RA 336 -7.15 44.54 -9.79
C ASP RA 336 -7.92 45.83 -9.54
N ALA RA 337 -8.33 46.07 -8.30
CA ALA RA 337 -8.95 47.32 -7.86
C ALA RA 337 -8.98 47.31 -6.35
N MET RA 338 -9.05 48.51 -5.78
CA MET RA 338 -9.00 48.65 -4.33
C MET RA 338 -9.89 49.79 -3.86
N MET RA 339 -10.73 49.50 -2.85
CA MET RA 339 -11.49 50.52 -2.16
C MET RA 339 -10.99 50.59 -0.73
N VAL RA 340 -10.55 51.76 -0.32
CA VAL RA 340 -10.03 51.99 1.01
C VAL RA 340 -11.09 52.70 1.82
N ILE RA 341 -11.24 52.30 3.07
CA ILE RA 341 -12.21 52.91 4.00
C ILE RA 341 -11.55 53.14 5.35
N ALA RA 342 -11.61 54.39 5.82
CA ALA RA 342 -11.18 54.74 7.17
C ALA RA 342 -9.79 54.20 7.49
N SER RA 343 -8.87 54.38 6.56
CA SER RA 343 -7.50 53.88 6.71
C SER RA 343 -6.62 54.52 5.66
N ASP RA 344 -5.31 54.44 5.90
CA ASP RA 344 -4.32 55.14 5.08
C ASP RA 344 -3.17 54.19 4.70
N PRO RA 345 -3.43 53.22 3.83
CA PRO RA 345 -2.34 52.32 3.40
C PRO RA 345 -1.29 53.02 2.54
N GLY RA 346 -1.64 54.12 1.88
CA GLY RA 346 -0.61 54.90 1.20
C GLY RA 346 0.47 55.38 2.15
N ALA RA 347 0.07 55.80 3.35
CA ALA RA 347 1.04 56.19 4.36
C ALA RA 347 1.68 55.00 5.05
N HIS RA 348 0.96 53.87 5.14
CA HIS RA 348 1.30 52.84 6.11
C HIS RA 348 1.43 51.44 5.53
N PHE RA 349 1.45 51.29 4.20
CA PHE RA 349 1.89 50.05 3.60
C PHE RA 349 3.35 50.14 3.14
N PRO RA 350 4.04 49.01 3.02
CA PRO RA 350 5.43 49.03 2.55
C PRO RA 350 5.52 49.29 1.06
N GLN RA 351 6.70 49.74 0.63
CA GLN RA 351 6.99 50.14 -0.74
C GLN RA 351 6.42 49.19 -1.79
N ARG RA 352 6.52 47.88 -1.55
CA ARG RA 352 6.15 46.91 -2.57
C ARG RA 352 4.64 46.89 -2.82
N ALA RA 353 3.81 47.14 -1.81
CA ALA RA 353 2.38 47.12 -2.01
C ALA RA 353 1.89 48.35 -2.75
N LEU RA 354 2.40 49.52 -2.40
CA LEU RA 354 1.96 50.72 -3.10
C LEU RA 354 2.42 50.81 -4.55
N GLU RA 355 3.49 50.10 -4.93
CA GLU RA 355 3.87 50.06 -6.35
C GLU RA 355 2.70 49.57 -7.21
N ARG RA 356 1.91 48.63 -6.67
CA ARG RA 356 0.70 48.18 -7.32
C ARG RA 356 -0.48 49.13 -7.12
N MET RA 357 -0.56 49.81 -5.98
CA MET RA 357 -1.59 50.83 -5.81
C MET RA 357 -1.50 51.89 -6.89
N ALA RA 358 -0.28 52.11 -7.43
CA ALA RA 358 -0.09 53.05 -8.52
C ALA RA 358 -0.73 52.58 -9.82
N GLU RA 359 -0.95 51.27 -9.98
CA GLU RA 359 -1.38 50.69 -11.24
C GLU RA 359 -2.87 50.37 -11.32
N ILE RA 360 -3.63 50.59 -10.24
CA ILE RA 360 -5.00 50.07 -10.19
C ILE RA 360 -5.93 51.18 -9.73
N PRO RA 361 -7.23 51.04 -10.00
CA PRO RA 361 -8.19 52.03 -9.50
C PRO RA 361 -8.27 52.00 -7.99
N VAL RA 362 -8.12 53.17 -7.37
CA VAL RA 362 -8.16 53.31 -5.92
C VAL RA 362 -9.32 54.23 -5.56
N ILE RA 363 -10.24 53.70 -4.76
CA ILE RA 363 -11.33 54.47 -4.14
C ILE RA 363 -11.01 54.71 -2.69
N ALA RA 364 -11.28 55.92 -2.21
CA ALA RA 364 -10.91 56.32 -0.87
C ALA RA 364 -12.10 56.99 -0.21
N ILE RA 365 -12.70 56.32 0.78
CA ILE RA 365 -13.73 56.91 1.61
C ILE RA 365 -12.96 57.59 2.74
N GLU RA 366 -12.70 58.90 2.57
CA GLU RA 366 -11.71 59.60 3.38
C GLU RA 366 -12.07 61.06 3.62
N PRO RA 367 -12.03 61.53 4.87
CA PRO RA 367 -12.38 62.94 5.13
C PRO RA 367 -11.23 63.93 4.94
N HIS RA 368 -9.98 63.49 5.02
CA HIS RA 368 -8.82 64.37 5.10
C HIS RA 368 -7.86 64.07 3.95
N ARG RA 369 -6.87 64.95 3.78
CA ARG RA 369 -5.86 64.76 2.74
C ARG RA 369 -4.76 63.86 3.28
N THR RA 370 -4.50 62.75 2.58
CA THR RA 370 -3.59 61.71 3.04
C THR RA 370 -2.75 61.17 1.89
N PRO RA 371 -1.69 60.40 2.19
CA PRO RA 371 -0.98 59.66 1.12
C PRO RA 371 -1.88 58.76 0.30
N THR RA 372 -2.99 58.28 0.88
CA THR RA 372 -3.92 57.45 0.12
C THR RA 372 -4.69 58.26 -0.91
N THR RA 373 -5.19 59.44 -0.52
CA THR RA 373 -5.87 60.31 -1.47
C THR RA 373 -4.95 60.74 -2.60
N GLU RA 374 -3.64 60.90 -2.31
CA GLU RA 374 -2.67 61.22 -3.34
C GLU RA 374 -2.48 60.08 -4.31
N MET RA 375 -2.84 58.86 -3.90
CA MET RA 375 -2.83 57.69 -4.76
C MET RA 375 -4.23 57.27 -5.17
N ALA RA 376 -5.24 58.10 -4.93
CA ALA RA 376 -6.62 57.72 -5.15
C ALA RA 376 -7.11 58.26 -6.48
N ASP RA 377 -8.07 57.55 -7.06
CA ASP RA 377 -8.77 58.00 -8.25
C ASP RA 377 -10.10 58.65 -7.93
N ILE RA 378 -10.80 58.14 -6.91
CA ILE RA 378 -12.05 58.75 -6.46
C ILE RA 378 -11.96 58.95 -4.94
N ILE RA 379 -12.35 60.12 -4.47
CA ILE RA 379 -12.34 60.48 -3.05
C ILE RA 379 -13.76 60.78 -2.63
N ILE RA 380 -14.23 60.12 -1.57
CA ILE RA 380 -15.60 60.32 -1.09
C ILE RA 380 -15.57 60.70 0.39
N PRO RA 381 -15.88 61.95 0.73
CA PRO RA 381 -15.72 62.41 2.13
C PRO RA 381 -16.90 62.01 2.97
N PRO RA 382 -16.66 61.54 4.22
CA PRO RA 382 -17.77 61.17 5.10
C PRO RA 382 -17.82 61.99 6.39
N ALA RA 383 -18.94 61.92 7.09
CA ALA RA 383 -18.98 62.42 8.47
C ALA RA 383 -18.17 61.49 9.38
N ILE RA 384 -17.47 62.08 10.32
CA ILE RA 384 -16.48 61.35 11.13
C ILE RA 384 -17.15 60.74 12.34
N VAL RA 385 -17.00 59.42 12.50
CA VAL RA 385 -17.61 58.69 13.60
C VAL RA 385 -16.99 59.16 14.91
N GLY RA 386 -17.83 59.40 15.92
CA GLY RA 386 -17.39 59.84 17.21
C GLY RA 386 -17.44 61.35 17.41
N MET RA 387 -17.53 62.10 16.31
CA MET RA 387 -17.67 63.55 16.35
C MET RA 387 -18.96 64.00 15.67
N GLU RA 388 -19.21 63.52 14.46
CA GLU RA 388 -20.37 63.92 13.66
C GLU RA 388 -21.34 62.76 13.40
N ALA RA 389 -21.01 61.54 13.80
CA ALA RA 389 -21.83 60.38 13.51
C ALA RA 389 -21.66 59.36 14.62
N GLU RA 390 -22.74 58.62 14.91
CA GLU RA 390 -22.74 57.69 16.03
C GLU RA 390 -22.76 56.24 15.54
N GLY RA 391 -22.47 55.33 16.46
CA GLY RA 391 -22.39 53.92 16.17
C GLY RA 391 -21.53 53.20 17.19
N THR RA 392 -21.59 51.87 17.12
CA THR RA 392 -20.86 51.03 18.07
C THR RA 392 -19.38 50.91 17.73
N ALA RA 393 -18.53 50.95 18.75
CA ALA RA 393 -17.14 50.58 18.63
C ALA RA 393 -16.80 49.57 19.72
N TYR RA 394 -15.71 48.83 19.52
CA TYR RA 394 -15.29 47.78 20.43
C TYR RA 394 -13.90 48.09 20.96
N ARG RA 395 -13.78 48.17 22.28
CA ARG RA 395 -12.52 48.41 22.94
C ARG RA 395 -11.60 47.20 22.75
N MET RA 396 -10.31 47.39 23.07
CA MET RA 396 -9.30 46.38 22.76
C MET RA 396 -9.56 45.02 23.39
N GLU RA 397 -10.31 44.96 24.49
CA GLU RA 397 -10.65 43.69 25.13
C GLU RA 397 -12.12 43.32 24.90
N GLY RA 398 -12.73 43.84 23.84
CA GLY RA 398 -14.05 43.39 23.43
C GLY RA 398 -15.23 44.14 23.98
N VAL RA 399 -15.01 45.15 24.82
CA VAL RA 399 -16.11 45.85 25.48
C VAL RA 399 -16.79 46.79 24.48
N PRO RA 400 -18.10 46.63 24.26
CA PRO RA 400 -18.80 47.49 23.30
C PRO RA 400 -19.23 48.80 23.95
N ILE RA 401 -18.89 49.92 23.31
CA ILE RA 401 -19.33 51.24 23.74
C ILE RA 401 -19.76 52.04 22.53
N ARG RA 402 -20.85 52.77 22.67
CA ARG RA 402 -21.44 53.46 21.54
C ARG RA 402 -20.77 54.83 21.32
N MET RA 403 -20.25 55.05 20.11
CA MET RA 403 -19.70 56.35 19.76
C MET RA 403 -20.82 57.37 19.62
N LYS RA 404 -20.54 58.60 20.03
CA LYS RA 404 -21.54 59.65 20.13
C LYS RA 404 -21.45 60.63 18.97
N LYS RA 405 -22.58 61.24 18.63
CA LYS RA 405 -22.61 62.36 17.70
C LYS RA 405 -22.64 63.65 18.51
N VAL RA 406 -21.60 64.46 18.36
CA VAL RA 406 -21.44 65.68 19.14
C VAL RA 406 -21.88 66.92 18.37
N VAL RA 407 -21.50 67.01 17.10
CA VAL RA 407 -21.86 68.14 16.26
C VAL RA 407 -22.39 67.61 14.93
N ASP RA 408 -23.10 68.49 14.22
CA ASP RA 408 -23.73 68.14 12.95
C ASP RA 408 -22.78 68.34 11.79
N SER RA 409 -22.99 67.57 10.73
CA SER RA 409 -22.24 67.69 9.49
C SER RA 409 -23.17 67.48 8.30
N ASP RA 410 -22.94 68.24 7.23
CA ASP RA 410 -23.73 68.11 6.01
C ASP RA 410 -23.34 66.90 5.16
N LEU RA 411 -22.15 66.36 5.39
CA LEU RA 411 -21.65 65.21 4.65
C LEU RA 411 -22.36 63.94 5.07
N LEU RA 412 -22.34 62.94 4.19
CA LEU RA 412 -22.97 61.65 4.47
C LEU RA 412 -22.09 60.82 5.39
N SER RA 413 -22.72 59.91 6.12
CA SER RA 413 -21.97 58.97 6.94
C SER RA 413 -21.44 57.83 6.07
N ASP RA 414 -20.43 57.13 6.58
CA ASP RA 414 -19.88 55.95 5.90
C ASP RA 414 -20.98 54.95 5.59
N ARG RA 415 -21.83 54.66 6.58
CA ARG RA 415 -22.92 53.72 6.40
C ARG RA 415 -23.81 54.12 5.23
N GLU RA 416 -24.18 55.41 5.19
CA GLU RA 416 -24.99 55.91 4.09
C GLU RA 416 -24.26 55.80 2.76
N ILE RA 417 -22.96 56.13 2.74
CA ILE RA 417 -22.18 56.03 1.51
C ILE RA 417 -22.12 54.59 1.01
N LEU RA 418 -21.86 53.63 1.91
CA LEU RA 418 -21.76 52.24 1.47
C LEU RA 418 -23.13 51.65 1.13
N GLU RA 419 -24.18 52.07 1.83
CA GLU RA 419 -25.51 51.61 1.44
C GLU RA 419 -25.87 52.04 0.04
N ARG RA 420 -25.42 53.23 -0.38
CA ARG RA 420 -25.60 53.64 -1.78
C ARG RA 420 -24.63 52.90 -2.69
N LEU RA 421 -23.40 52.65 -2.21
CA LEU RA 421 -22.46 51.90 -3.01
C LEU RA 421 -22.92 50.47 -3.25
N LEU RA 422 -23.60 49.87 -2.28
CA LEU RA 422 -24.08 48.52 -2.48
C LEU RA 422 -25.28 48.48 -3.41
N GLU RA 423 -26.22 49.43 -3.27
CA GLU RA 423 -27.38 49.47 -4.17
C GLU RA 423 -26.96 49.60 -5.63
N LYS RA 424 -25.99 50.48 -5.91
CA LYS RA 424 -25.55 50.69 -7.29
C LYS RA 424 -24.75 49.50 -7.83
N VAL RA 425 -24.02 48.79 -6.96
CA VAL RA 425 -23.30 47.60 -7.42
C VAL RA 425 -24.29 46.52 -7.82
N ARG RA 426 -25.41 46.40 -7.10
CA ARG RA 426 -26.46 45.47 -7.51
C ARG RA 426 -27.05 45.85 -8.87
N GLU RA 427 -27.24 47.15 -9.10
CA GLU RA 427 -27.72 47.62 -10.39
C GLU RA 427 -26.92 47.08 -11.57
N TYR RA 428 -25.59 47.21 -11.53
CA TYR RA 428 -24.79 46.86 -12.69
C TYR RA 428 -24.70 45.34 -12.87
N LYS RA 429 -24.61 44.61 -11.77
CA LYS RA 429 -24.53 43.14 -11.84
C LYS RA 429 -25.78 42.51 -12.45
N ALA RA 430 -26.97 43.04 -12.18
CA ALA RA 430 -28.19 42.46 -12.73
C ALA RA 430 -29.37 43.44 -12.70
N SER SA 2 -1.97 6.95 -19.62
CA SER SA 2 -2.31 7.81 -20.75
C SER SA 2 -1.86 9.24 -20.49
N GLU SA 3 -1.29 9.88 -21.50
CA GLU SA 3 -0.73 11.22 -21.36
C GLU SA 3 -1.73 12.25 -21.84
N ILE SA 4 -2.07 13.20 -20.98
CA ILE SA 4 -2.93 14.33 -21.30
C ILE SA 4 -2.10 15.59 -21.09
N ILE SA 5 -1.94 16.36 -22.16
CA ILE SA 5 -1.07 17.54 -22.14
C ILE SA 5 -1.93 18.79 -21.99
N LEU SA 6 -1.59 19.64 -21.03
CA LEU SA 6 -2.18 20.97 -20.92
C LEU SA 6 -1.10 22.00 -21.21
N THR SA 7 -1.28 22.74 -22.30
CA THR SA 7 -0.36 23.79 -22.65
C THR SA 7 -0.96 25.12 -22.23
N PRO SA 8 -0.38 25.81 -21.25
CA PRO SA 8 -1.00 27.05 -20.76
C PRO SA 8 -0.85 28.17 -21.76
N LYS SA 9 -1.91 28.97 -21.90
CA LYS SA 9 -1.82 30.23 -22.62
C LYS SA 9 -1.37 31.31 -21.63
N GLU SA 10 -1.43 32.57 -22.05
CA GLU SA 10 -0.91 33.65 -21.24
C GLU SA 10 -1.63 33.70 -19.90
N GLN SA 11 -0.85 33.63 -18.82
CA GLN SA 11 -1.39 33.51 -17.48
C GLN SA 11 -1.93 34.86 -17.02
N PRO SA 12 -3.08 34.90 -16.35
CA PRO SA 12 -3.69 36.17 -15.99
C PRO SA 12 -3.09 36.75 -14.72
N GLU SA 13 -3.18 38.08 -14.60
CA GLU SA 13 -2.69 38.75 -13.41
C GLU SA 13 -3.54 38.37 -12.19
N VAL SA 14 -4.85 38.24 -12.37
CA VAL SA 14 -5.72 37.69 -11.33
C VAL SA 14 -5.60 36.16 -11.38
N PRO SA 15 -5.19 35.51 -10.30
CA PRO SA 15 -4.81 34.10 -10.39
C PRO SA 15 -5.98 33.18 -10.65
N LEU SA 16 -5.64 31.98 -11.09
CA LEU SA 16 -6.58 30.89 -11.28
C LEU SA 16 -6.56 29.95 -10.09
N GLU SA 17 -7.72 29.41 -9.75
CA GLU SA 17 -7.81 28.26 -8.85
C GLU SA 17 -8.30 27.07 -9.67
N ALA SA 18 -7.55 25.98 -9.63
CA ALA SA 18 -7.84 24.80 -10.45
C ALA SA 18 -7.76 23.51 -9.63
N PRO SA 19 -8.59 23.38 -8.57
CA PRO SA 19 -8.67 22.08 -7.89
C PRO SA 19 -8.99 20.93 -8.83
N ASN SA 20 -9.76 21.20 -9.87
CA ASN SA 20 -10.21 20.19 -10.81
C ASN SA 20 -9.11 19.76 -11.79
N ILE SA 21 -7.93 20.35 -11.73
CA ILE SA 21 -6.84 19.76 -12.49
C ILE SA 21 -6.25 18.63 -11.65
N LYS SA 22 -6.82 17.44 -11.77
CA LYS SA 22 -6.25 16.27 -11.10
C LYS SA 22 -6.72 15.02 -11.81
N PRO SA 23 -5.96 13.93 -11.70
CA PRO SA 23 -6.38 12.66 -12.30
C PRO SA 23 -7.80 12.22 -11.98
N ASP SA 24 -8.27 12.47 -10.76
CA ASP SA 24 -9.58 11.98 -10.33
C ASP SA 24 -10.71 12.47 -11.22
N VAL SA 25 -10.66 13.73 -11.63
CA VAL SA 25 -11.72 14.29 -12.44
C VAL SA 25 -11.47 14.06 -13.93
N PHE SA 26 -10.21 14.15 -14.38
CA PHE SA 26 -9.91 13.93 -15.79
C PHE SA 26 -10.28 12.51 -16.22
N ALA SA 27 -10.37 11.57 -15.28
CA ALA SA 27 -10.67 10.19 -15.61
C ALA SA 27 -12.05 10.06 -16.22
N GLY SA 28 -12.15 9.22 -17.25
CA GLY SA 28 -13.42 8.93 -17.88
C GLY SA 28 -13.97 10.03 -18.74
N LYS SA 29 -13.14 10.97 -19.20
CA LYS SA 29 -13.61 12.12 -19.93
C LYS SA 29 -12.84 12.29 -21.23
N SER SA 30 -13.58 12.60 -22.30
CA SER SA 30 -12.94 12.98 -23.54
C SER SA 30 -12.23 14.32 -23.39
N ILE SA 31 -11.39 14.64 -24.38
CA ILE SA 31 -10.63 15.89 -24.34
C ILE SA 31 -11.54 17.09 -24.33
N GLU SA 32 -12.67 17.04 -25.05
CA GLU SA 32 -13.48 18.26 -25.04
C GLU SA 32 -14.21 18.41 -23.71
N GLU SA 33 -14.68 17.34 -23.07
CA GLU SA 33 -15.30 17.62 -21.77
C GLU SA 33 -14.28 18.13 -20.76
N ILE SA 34 -13.03 17.68 -20.83
CA ILE SA 34 -12.02 18.27 -19.93
C ILE SA 34 -11.81 19.75 -20.26
N LYS SA 35 -11.91 20.13 -21.54
CA LYS SA 35 -11.86 21.54 -21.90
C LYS SA 35 -12.92 22.33 -21.16
N ASN SA 36 -14.02 21.65 -20.82
CA ASN SA 36 -15.20 22.26 -20.22
C ASN SA 36 -15.21 22.12 -18.70
N ILE SA 37 -14.18 21.50 -18.13
CA ILE SA 37 -14.05 21.45 -16.67
C ILE SA 37 -13.96 22.88 -16.17
N GLN SA 38 -14.68 23.17 -15.08
CA GLN SA 38 -14.70 24.53 -14.53
C GLN SA 38 -13.51 24.77 -13.60
N ILE SA 39 -12.94 25.97 -13.72
CA ILE SA 39 -11.94 26.49 -12.80
C ILE SA 39 -12.33 27.91 -12.44
N MET SA 40 -11.64 28.48 -11.46
CA MET SA 40 -11.93 29.83 -11.01
C MET SA 40 -10.93 30.82 -11.61
N HIS SA 41 -11.42 32.02 -11.91
CA HIS SA 41 -10.58 33.12 -12.37
C HIS SA 41 -11.05 34.35 -11.60
N GLY SA 42 -10.48 34.56 -10.41
CA GLY SA 42 -11.00 35.60 -9.54
C GLY SA 42 -12.38 35.22 -9.04
N ASN SA 43 -13.32 36.16 -9.12
CA ASN SA 43 -14.70 35.89 -8.71
C ASN SA 43 -15.58 35.41 -9.87
N GLU SA 44 -14.98 34.93 -10.94
CA GLU SA 44 -15.71 34.42 -12.10
C GLU SA 44 -15.37 32.96 -12.31
N VAL SA 45 -16.38 32.15 -12.57
CA VAL SA 45 -16.18 30.75 -12.95
C VAL SA 45 -16.01 30.69 -14.47
N VAL SA 46 -14.98 29.98 -14.92
CA VAL SA 46 -14.64 29.86 -16.32
C VAL SA 46 -14.32 28.40 -16.61
N LYS SA 47 -13.90 28.14 -17.84
CA LYS SA 47 -13.59 26.78 -18.26
C LYS SA 47 -12.08 26.63 -18.42
N LEU SA 48 -11.60 25.42 -18.14
CA LEU SA 48 -10.18 25.14 -18.26
C LEU SA 48 -9.68 25.49 -19.66
N GLY SA 49 -10.53 25.26 -20.67
CA GLY SA 49 -10.15 25.57 -22.04
C GLY SA 49 -9.84 27.04 -22.29
N ASP SA 50 -10.46 27.95 -21.53
CA ASP SA 50 -10.17 29.37 -21.72
C ASP SA 50 -8.73 29.72 -21.38
N PHE SA 51 -8.02 28.87 -20.64
CA PHE SA 51 -6.64 29.17 -20.30
C PHE SA 51 -5.65 28.08 -20.63
N PHE SA 52 -6.09 26.97 -21.23
CA PHE SA 52 -5.20 25.89 -21.59
C PHE SA 52 -5.64 25.26 -22.90
N GLU SA 53 -4.68 25.03 -23.79
CA GLU SA 53 -4.86 24.04 -24.85
C GLU SA 53 -4.73 22.66 -24.24
N VAL SA 54 -5.51 21.72 -24.74
CA VAL SA 54 -5.47 20.35 -24.22
C VAL SA 54 -5.36 19.37 -25.38
N SER SA 55 -4.41 18.44 -25.26
CA SER SA 55 -4.19 17.36 -26.20
C SER SA 55 -4.14 16.07 -25.40
N GLY SA 56 -3.97 14.95 -26.10
CA GLY SA 56 -3.73 13.68 -25.45
C GLY SA 56 -4.82 12.66 -25.65
N GLU SA 57 -4.66 11.53 -24.94
CA GLU SA 57 -5.40 10.29 -24.96
C GLU SA 57 -6.22 10.13 -23.69
N PRO SA 58 -7.50 9.79 -23.80
CA PRO SA 58 -8.33 9.58 -22.61
C PRO SA 58 -7.90 8.36 -21.82
N ALA SA 59 -8.52 8.21 -20.65
CA ALA SA 59 -8.35 7.04 -19.82
C ALA SA 59 -9.53 6.96 -18.86
N ASP SA 60 -9.86 5.75 -18.43
CA ASP SA 60 -11.04 5.56 -17.59
C ASP SA 60 -10.72 5.63 -16.11
N ALA SA 61 -9.49 5.26 -15.72
CA ALA SA 61 -9.08 5.18 -14.32
C ALA SA 61 -7.99 6.20 -14.00
N PRO SA 62 -8.07 6.83 -12.83
CA PRO SA 62 -7.02 7.80 -12.44
C PRO SA 62 -5.65 7.16 -12.22
N GLU SA 63 -5.54 5.84 -12.16
CA GLU SA 63 -4.24 5.21 -12.04
C GLU SA 63 -3.42 5.35 -13.31
N ASP SA 64 -4.10 5.38 -14.45
CA ASP SA 64 -3.48 5.31 -15.77
C ASP SA 64 -3.29 6.69 -16.38
N ILE SA 65 -3.56 7.74 -15.64
CA ILE SA 65 -3.55 9.10 -16.17
C ILE SA 65 -2.26 9.79 -15.75
N LYS SA 66 -1.65 10.48 -16.71
CA LYS SA 66 -0.48 11.32 -16.47
C LYS SA 66 -0.80 12.69 -17.05
N ILE SA 67 -0.97 13.68 -16.18
CA ILE SA 67 -1.22 15.04 -16.64
C ILE SA 67 0.12 15.75 -16.77
N ILE SA 68 0.34 16.37 -17.93
CA ILE SA 68 1.53 17.17 -18.19
C ILE SA 68 1.09 18.59 -18.49
N ILE SA 69 1.58 19.53 -17.69
CA ILE SA 69 1.36 20.94 -17.93
C ILE SA 69 2.63 21.48 -18.58
N ASP SA 70 2.58 21.63 -19.90
CA ASP SA 70 3.77 21.92 -20.71
C ASP SA 70 3.97 23.43 -20.81
N GLY SA 71 4.31 24.01 -19.67
CA GLY SA 71 4.52 25.44 -19.59
C GLY SA 71 4.35 25.93 -18.17
N ASP SA 72 4.85 27.14 -17.92
CA ASP SA 72 4.79 27.69 -16.57
C ASP SA 72 3.36 28.05 -16.17
N VAL SA 73 3.01 27.70 -14.93
CA VAL SA 73 1.70 27.98 -14.35
C VAL SA 73 1.88 28.74 -13.04
N TYR SA 74 2.65 29.84 -13.09
CA TYR SA 74 3.01 30.50 -11.84
C TYR SA 74 1.80 31.09 -11.11
N ASN SA 75 0.71 31.39 -11.81
CA ASN SA 75 -0.44 32.05 -11.20
C ASN SA 75 -1.69 31.17 -11.14
N THR SA 76 -1.53 29.85 -11.13
CA THR SA 76 -2.65 28.96 -10.91
C THR SA 76 -2.42 28.22 -9.60
N LYS SA 77 -3.42 28.23 -8.75
CA LYS SA 77 -3.31 27.66 -7.42
C LYS SA 77 -4.01 26.31 -7.42
N ARG SA 78 -3.70 25.53 -6.40
CA ARG SA 78 -4.53 24.39 -6.02
C ARG SA 78 -4.45 23.25 -7.05
N ILE SA 79 -3.35 23.16 -7.80
CA ILE SA 79 -3.14 22.06 -8.75
C ILE SA 79 -2.98 20.73 -8.01
N GLY SA 80 -3.67 19.70 -8.48
CA GLY SA 80 -3.55 18.39 -7.87
C GLY SA 80 -4.25 18.24 -6.54
N GLN SA 81 -5.06 19.21 -6.14
CA GLN SA 81 -5.72 19.18 -4.84
C GLN SA 81 -6.51 17.91 -4.60
N GLU SA 82 -6.18 17.24 -3.50
CA GLU SA 82 -6.92 16.07 -3.00
C GLU SA 82 -6.95 14.93 -4.02
N MET SA 83 -5.94 14.85 -4.89
CA MET SA 83 -5.86 13.74 -5.83
C MET SA 83 -5.52 12.44 -5.11
N THR SA 84 -6.12 11.34 -5.60
CA THR SA 84 -5.97 10.02 -4.99
C THR SA 84 -4.99 9.10 -5.70
N ALA SA 85 -4.71 9.36 -6.98
CA ALA SA 85 -3.93 8.43 -7.79
C ALA SA 85 -3.52 9.15 -9.06
N GLY SA 86 -2.60 8.54 -9.78
CA GLY SA 86 -2.14 9.13 -11.02
C GLY SA 86 -0.93 10.01 -10.79
N GLU SA 87 -0.64 10.81 -11.81
CA GLU SA 87 0.56 11.62 -11.80
C GLU SA 87 0.32 12.95 -12.51
N ILE SA 88 0.96 14.00 -11.99
CA ILE SA 88 0.96 15.33 -12.60
C ILE SA 88 2.40 15.79 -12.74
N ILE SA 89 2.74 16.33 -13.90
CA ILE SA 89 4.05 16.93 -14.16
C ILE SA 89 3.85 18.35 -14.64
N VAL SA 90 4.53 19.29 -14.01
CA VAL SA 90 4.43 20.70 -14.32
C VAL SA 90 5.81 21.16 -14.80
N ARG SA 91 5.91 21.54 -16.06
CA ARG SA 91 7.17 22.01 -16.61
C ARG SA 91 7.26 23.52 -16.46
N GLY SA 92 7.42 23.94 -15.21
CA GLY SA 92 7.44 25.34 -14.84
C GLY SA 92 7.03 25.49 -13.39
N ASN SA 93 6.75 26.74 -13.00
CA ASN SA 93 6.45 27.06 -11.61
C ASN SA 93 4.95 26.92 -11.37
N VAL SA 94 4.59 26.76 -10.10
CA VAL SA 94 3.18 26.75 -9.69
C VAL SA 94 2.98 27.78 -8.59
N ASN SA 95 1.70 28.07 -8.31
CA ASN SA 95 1.34 28.97 -7.23
C ASN SA 95 1.10 28.17 -5.95
N MET SA 96 0.13 28.60 -5.14
CA MET SA 96 -0.06 28.02 -3.81
C MET SA 96 -0.85 26.72 -3.86
N TYR SA 97 -0.77 25.97 -2.77
CA TYR SA 97 -1.60 24.79 -2.48
C TYR SA 97 -1.38 23.64 -3.43
N VAL SA 98 -0.21 23.53 -4.07
CA VAL SA 98 0.01 22.38 -4.94
C VAL SA 98 -0.05 21.11 -4.09
N GLY SA 99 -0.94 20.19 -4.49
CA GLY SA 99 -1.07 18.95 -3.78
C GLY SA 99 -1.69 19.03 -2.40
N ALA SA 100 -2.35 20.15 -2.07
CA ALA SA 100 -2.99 20.27 -0.76
C ALA SA 100 -4.02 19.18 -0.56
N GLY SA 101 -4.00 18.53 0.61
CA GLY SA 101 -4.94 17.48 0.91
C GLY SA 101 -4.71 16.19 0.16
N MET SA 102 -3.54 16.04 -0.47
CA MET SA 102 -3.25 14.91 -1.34
C MET SA 102 -3.34 13.59 -0.57
N LYS SA 103 -3.89 12.58 -1.24
CA LYS SA 103 -4.04 11.25 -0.65
C LYS SA 103 -3.18 10.18 -1.31
N GLY SA 104 -2.94 10.29 -2.61
CA GLY SA 104 -2.11 9.34 -3.32
C GLY SA 104 -1.69 9.91 -4.66
N GLY SA 105 -0.84 9.17 -5.35
CA GLY SA 105 -0.32 9.61 -6.63
C GLY SA 105 1.00 10.37 -6.47
N LYS SA 106 1.34 11.11 -7.51
CA LYS SA 106 2.59 11.87 -7.49
C LYS SA 106 2.44 13.15 -8.31
N ILE SA 107 3.02 14.22 -7.79
CA ILE SA 107 3.12 15.49 -8.50
C ILE SA 107 4.61 15.85 -8.58
N THR SA 108 5.06 16.22 -9.78
CA THR SA 108 6.41 16.73 -9.98
C THR SA 108 6.30 18.13 -10.56
N VAL SA 109 6.86 19.10 -9.86
CA VAL SA 109 6.90 20.48 -10.34
C VAL SA 109 8.36 20.77 -10.68
N GLU SA 110 8.61 21.13 -11.94
CA GLU SA 110 10.00 21.26 -12.39
C GLU SA 110 10.61 22.60 -12.02
N GLY SA 111 9.80 23.56 -11.56
CA GLY SA 111 10.31 24.82 -11.05
C GLY SA 111 9.93 25.08 -9.61
N ASN SA 112 9.56 26.32 -9.31
CA ASN SA 112 9.24 26.74 -7.94
C ASN SA 112 7.77 26.47 -7.62
N ALA SA 113 7.49 26.35 -6.32
CA ALA SA 113 6.14 26.25 -5.82
C ALA SA 113 5.92 27.31 -4.75
N GLY SA 114 4.68 27.79 -4.66
CA GLY SA 114 4.31 28.78 -3.68
C GLY SA 114 4.04 28.16 -2.32
N SER SA 115 3.39 28.94 -1.46
CA SER SA 115 3.18 28.51 -0.09
C SER SA 115 2.12 27.41 -0.01
N TRP SA 116 2.19 26.64 1.08
CA TRP SA 116 1.22 25.59 1.38
C TRP SA 116 1.27 24.43 0.39
N ALA SA 117 2.45 24.17 -0.17
CA ALA SA 117 2.67 22.96 -0.95
C ALA SA 117 2.51 21.74 -0.06
N GLY SA 118 1.55 20.88 -0.40
CA GLY SA 118 1.32 19.69 0.39
C GLY SA 118 0.66 19.93 1.72
N GLN SA 119 -0.01 21.06 1.89
CA GLN SA 119 -0.77 21.33 3.09
C GLN SA 119 -1.77 20.23 3.34
N ASP SA 120 -1.82 19.75 4.59
CA ASP SA 120 -2.75 18.69 5.01
C ASP SA 120 -2.57 17.43 4.17
N MET SA 121 -1.33 17.11 3.81
CA MET SA 121 -1.08 15.90 3.04
C MET SA 121 -1.40 14.65 3.86
N ARG SA 122 -1.93 13.64 3.18
CA ARG SA 122 -2.27 12.36 3.76
C ARG SA 122 -1.51 11.19 3.16
N GLY SA 123 -1.09 11.30 1.91
CA GLY SA 123 -0.39 10.23 1.24
C GLY SA 123 0.07 10.68 -0.12
N GLY SA 124 0.89 9.85 -0.74
CA GLY SA 124 1.43 10.17 -2.05
C GLY SA 124 2.77 10.85 -1.94
N GLU SA 125 3.20 11.43 -3.05
CA GLU SA 125 4.50 12.09 -3.12
C GLU SA 125 4.41 13.41 -3.87
N ILE SA 126 5.13 14.42 -3.39
CA ILE SA 126 5.30 15.69 -4.08
C ILE SA 126 6.79 15.93 -4.27
N GLU SA 127 7.19 16.26 -5.49
CA GLU SA 127 8.57 16.60 -5.82
C GLU SA 127 8.64 17.99 -6.44
N ILE SA 128 9.42 18.86 -5.83
CA ILE SA 128 9.62 20.22 -6.29
C ILE SA 128 11.11 20.39 -6.56
N LEU SA 129 11.48 20.55 -7.82
CA LEU SA 129 12.90 20.65 -8.19
C LEU SA 129 13.50 22.02 -7.89
N GLY SA 130 12.67 23.06 -7.80
CA GLY SA 130 13.12 24.38 -7.47
C GLY SA 130 12.90 24.70 -6.01
N ASP SA 131 12.63 25.96 -5.73
CA ASP SA 131 12.42 26.40 -4.36
C ASP SA 131 10.93 26.38 -4.00
N ALA SA 132 10.65 26.29 -2.70
CA ALA SA 132 9.29 26.29 -2.19
C ALA SA 132 9.11 27.50 -1.28
N GLY SA 133 7.85 27.81 -0.98
CA GLY SA 133 7.51 28.94 -0.13
C GLY SA 133 7.39 28.55 1.33
N ASP SA 134 6.55 29.27 2.05
CA ASP SA 134 6.28 28.96 3.45
C ASP SA 134 5.29 27.80 3.56
N TYR SA 135 5.27 27.18 4.74
CA TYR SA 135 4.23 26.22 5.13
C TYR SA 135 4.19 25.00 4.23
N VAL SA 136 5.37 24.50 3.82
CA VAL SA 136 5.41 23.23 3.12
C VAL SA 136 4.89 22.16 4.06
N GLY SA 137 3.89 21.40 3.61
CA GLY SA 137 3.33 20.35 4.43
C GLY SA 137 2.79 20.83 5.75
N SER SA 138 2.11 21.98 5.76
CA SER SA 138 1.62 22.58 6.98
C SER SA 138 0.21 22.10 7.29
N SER SA 139 -0.34 22.62 8.38
CA SER SA 139 -1.75 22.44 8.71
C SER SA 139 -2.55 23.63 8.20
N TYR SA 140 -3.84 23.64 8.50
CA TYR SA 140 -4.68 24.80 8.21
C TYR SA 140 -4.83 25.64 9.48
N ARG SA 141 -5.05 26.94 9.27
CA ARG SA 141 -5.24 27.90 10.35
C ARG SA 141 -6.15 27.34 11.44
N GLY SA 142 -5.68 27.38 12.67
CA GLY SA 142 -6.47 27.00 13.82
C GLY SA 142 -6.50 25.51 14.10
N ASP SA 143 -6.25 24.68 13.10
CA ASP SA 143 -6.31 23.24 13.28
C ASP SA 143 -5.02 22.74 13.93
N TRP SA 144 -5.17 21.84 14.88
CA TRP SA 144 -4.02 21.24 15.56
C TRP SA 144 -3.61 19.90 14.96
N ARG SA 145 -4.35 19.44 13.95
CA ARG SA 145 -4.05 18.21 13.21
C ARG SA 145 -3.66 18.60 11.79
N GLY SA 146 -2.41 18.35 11.43
CA GLY SA 146 -1.94 18.71 10.11
C GLY SA 146 -1.66 17.53 9.21
N MET SA 147 -0.58 17.63 8.43
CA MET SA 147 -0.13 16.55 7.56
C MET SA 147 0.06 15.27 8.35
N SER SA 148 -0.50 14.17 7.85
CA SER SA 148 -0.41 12.88 8.53
C SER SA 148 0.32 11.81 7.75
N GLY SA 149 0.56 11.99 6.45
CA GLY SA 149 1.25 10.99 5.66
C GLY SA 149 1.72 11.57 4.34
N GLY SA 150 2.58 10.80 3.67
CA GLY SA 150 3.15 11.19 2.39
C GLY SA 150 4.58 11.70 2.56
N THR SA 151 5.18 12.08 1.44
CA THR SA 151 6.55 12.59 1.44
C THR SA 151 6.65 13.79 0.49
N ILE SA 152 7.28 14.87 0.98
CA ILE SA 152 7.54 16.07 0.18
C ILE SA 152 9.04 16.24 0.03
N THR SA 153 9.50 16.46 -1.20
CA THR SA 153 10.91 16.68 -1.47
C THR SA 153 11.07 18.00 -2.22
N VAL SA 154 11.79 18.93 -1.61
CA VAL SA 154 12.10 20.22 -2.21
C VAL SA 154 13.61 20.23 -2.48
N HIS SA 155 13.99 20.27 -3.75
CA HIS SA 155 15.41 20.23 -4.10
C HIS SA 155 16.09 21.58 -3.88
N GLY SA 156 15.33 22.67 -3.93
CA GLY SA 156 15.87 23.98 -3.67
C GLY SA 156 15.69 24.43 -2.23
N ASN SA 157 15.41 25.70 -2.02
CA ASN SA 157 15.21 26.24 -0.67
C ASN SA 157 13.73 26.38 -0.35
N ALA SA 158 13.42 26.32 0.93
CA ALA SA 158 12.10 26.63 1.45
C ALA SA 158 12.20 27.79 2.42
N ASP SA 159 11.05 28.29 2.86
CA ASP SA 159 11.03 29.46 3.74
C ASP SA 159 10.66 29.10 5.18
N ASN SA 160 9.53 29.60 5.67
CA ASN SA 160 9.20 29.51 7.08
C ASN SA 160 8.17 28.41 7.37
N GLU SA 161 8.25 27.87 8.58
CA GLU SA 161 7.21 27.02 9.17
C GLU SA 161 6.91 25.79 8.32
N ILE SA 162 7.95 25.15 7.78
CA ILE SA 162 7.73 23.90 7.07
C ILE SA 162 7.37 22.83 8.09
N GLY SA 163 6.39 21.99 7.74
CA GLY SA 163 5.95 20.97 8.68
C GLY SA 163 5.20 21.49 9.88
N GLU SA 164 4.63 22.70 9.78
CA GLU SA 164 3.80 23.24 10.86
C GLU SA 164 2.74 22.25 11.29
N TYR SA 165 2.74 21.90 12.58
CA TYR SA 165 1.80 20.94 13.15
C TYR SA 165 1.84 19.59 12.44
N MET SA 166 3.02 19.18 11.97
CA MET SA 166 3.13 17.89 11.30
C MET SA 166 2.73 16.76 12.24
N ASN SA 167 2.09 15.74 11.68
CA ASN SA 167 1.55 14.62 12.45
C ASN SA 167 1.76 13.31 11.71
N GLY SA 168 2.87 13.19 10.98
CA GLY SA 168 3.12 12.02 10.15
C GLY SA 168 3.69 12.40 8.80
N GLY SA 169 4.23 11.42 8.07
CA GLY SA 169 4.80 11.71 6.78
C GLY SA 169 6.25 12.14 6.89
N LYS SA 170 6.75 12.77 5.83
CA LYS SA 170 8.14 13.20 5.81
C LYS SA 170 8.34 14.31 4.80
N ILE SA 171 9.06 15.36 5.22
CA ILE SA 171 9.46 16.47 4.36
C ILE SA 171 10.97 16.45 4.26
N ILE SA 172 11.52 16.60 3.06
CA ILE SA 172 12.96 16.69 2.87
C ILE SA 172 13.25 17.95 2.06
N ILE SA 173 14.03 18.85 2.63
CA ILE SA 173 14.50 20.06 1.95
C ILE SA 173 15.99 19.85 1.66
N LYS SA 174 16.34 19.73 0.38
CA LYS SA 174 17.76 19.57 0.05
C LYS SA 174 18.53 20.86 0.21
N GLY SA 175 17.88 22.00 0.16
CA GLY SA 175 18.50 23.29 0.35
C GLY SA 175 18.39 23.81 1.76
N ASP SA 176 18.31 25.13 1.90
CA ASP SA 176 18.20 25.81 3.17
C ASP SA 176 16.74 26.14 3.48
N VAL SA 177 16.46 26.30 4.77
CA VAL SA 177 15.19 26.84 5.23
C VAL SA 177 15.48 28.10 6.04
N ASN SA 178 14.42 28.87 6.30
CA ASN SA 178 14.57 30.11 7.05
C ASN SA 178 14.35 29.84 8.54
N ILE SA 179 13.17 30.17 9.08
CA ILE SA 179 12.96 30.01 10.52
C ILE SA 179 11.75 29.13 10.79
N MET SA 180 11.76 28.55 12.00
CA MET SA 180 10.70 27.77 12.61
C MET SA 180 10.32 26.51 11.81
N PRO SA 181 11.26 25.76 11.25
CA PRO SA 181 10.88 24.47 10.67
C PRO SA 181 10.43 23.51 11.76
N GLY SA 182 9.32 22.82 11.49
CA GLY SA 182 8.80 21.89 12.46
C GLY SA 182 8.09 22.52 13.63
N ILE SA 183 7.68 23.79 13.51
CA ILE SA 183 6.95 24.45 14.59
C ILE SA 183 5.71 23.65 14.94
N HIS SA 184 5.52 23.38 16.23
CA HIS SA 184 4.39 22.60 16.74
C HIS SA 184 4.33 21.18 16.18
N MET SA 185 5.47 20.61 15.80
CA MET SA 185 5.46 19.24 15.29
C MET SA 185 4.99 18.26 16.35
N ASN SA 186 4.17 17.29 15.93
CA ASN SA 186 3.71 16.21 16.78
C ASN SA 186 4.32 14.87 16.41
N ASN SA 187 4.52 14.63 15.12
CA ASN SA 187 5.06 13.37 14.64
C ASN SA 187 5.54 13.58 13.21
N GLY SA 188 6.28 12.61 12.71
CA GLY SA 188 6.80 12.68 11.36
C GLY SA 188 8.30 12.84 11.33
N LEU SA 189 8.79 13.18 10.15
CA LEU SA 189 10.21 13.34 9.92
C LEU SA 189 10.46 14.55 9.02
N ILE SA 190 11.31 15.46 9.46
CA ILE SA 190 11.81 16.55 8.63
C ILE SA 190 13.32 16.43 8.53
N ILE SA 191 13.84 16.44 7.31
CA ILE SA 191 15.28 16.48 7.07
C ILE SA 191 15.61 17.71 6.24
N ILE SA 192 16.42 18.60 6.81
CA ILE SA 192 16.94 19.76 6.14
C ILE SA 192 18.41 19.50 5.87
N GLU SA 193 18.77 19.37 4.60
CA GLU SA 193 20.15 19.05 4.24
C GLU SA 193 21.04 20.28 4.26
N GLY SA 194 20.47 21.47 4.14
CA GLY SA 194 21.21 22.70 4.23
C GLY SA 194 21.12 23.30 5.62
N ASN SA 195 21.00 24.62 5.66
CA ASN SA 195 21.10 25.40 6.88
C ASN SA 195 19.73 25.77 7.42
N VAL SA 196 19.71 26.23 8.67
CA VAL SA 196 18.51 26.73 9.34
C VAL SA 196 18.87 28.02 10.03
N VAL SA 197 18.06 29.07 9.82
CA VAL SA 197 18.37 30.35 10.45
C VAL SA 197 18.03 30.32 11.94
N ALA SA 198 16.84 29.82 12.31
CA ALA SA 198 16.48 29.89 13.73
C ALA SA 198 15.29 29.00 14.05
N ARG SA 199 15.22 28.62 15.33
CA ARG SA 199 14.02 28.02 15.97
C ARG SA 199 13.59 26.72 15.30
N ALA SA 200 14.54 25.91 14.88
CA ALA SA 200 14.21 24.55 14.48
C ALA SA 200 13.48 23.85 15.62
N GLY SA 201 12.29 23.34 15.32
CA GLY SA 201 11.54 22.60 16.31
C GLY SA 201 10.84 23.41 17.37
N GLY SA 202 10.63 24.70 17.15
CA GLY SA 202 9.91 25.53 18.10
C GLY SA 202 8.61 24.93 18.58
N GLU SA 203 8.51 24.65 19.88
CA GLU SA 203 7.30 24.16 20.52
C GLU SA 203 6.86 22.80 19.97
N MET SA 204 7.80 21.99 19.51
CA MET SA 204 7.47 20.64 19.08
C MET SA 204 7.17 19.74 20.28
N ALA SA 205 6.22 18.84 20.11
CA ALA SA 205 5.88 17.84 21.11
C ALA SA 205 6.39 16.44 20.78
N GLY SA 206 6.57 16.14 19.49
CA GLY SA 206 7.10 14.88 19.07
C GLY SA 206 7.66 15.00 17.67
N GLY SA 207 8.03 13.87 17.09
CA GLY SA 207 8.64 13.86 15.79
C GLY SA 207 10.15 14.01 15.84
N THR SA 208 10.74 14.14 14.65
CA THR SA 208 12.18 14.16 14.51
C THR SA 208 12.58 15.15 13.41
N ILE SA 209 13.54 16.01 13.73
CA ILE SA 209 14.10 16.96 12.76
C ILE SA 209 15.60 16.70 12.64
N VAL SA 210 16.07 16.58 11.41
CA VAL SA 210 17.48 16.38 11.10
C VAL SA 210 17.98 17.60 10.34
N VAL SA 211 19.09 18.17 10.80
CA VAL SA 211 19.74 19.30 10.12
C VAL SA 211 21.16 18.88 9.80
N LYS SA 212 21.48 18.76 8.51
CA LYS SA 212 22.82 18.38 8.09
C LYS SA 212 23.75 19.57 7.92
N GLY SA 213 23.20 20.77 7.76
CA GLY SA 213 23.98 21.97 7.70
C GLY SA 213 24.07 22.64 9.05
N MET SA 214 24.09 23.98 9.02
CA MET SA 214 24.30 24.82 10.18
C MET SA 214 23.02 25.50 10.61
N MET SA 215 22.69 25.35 11.90
CA MET SA 215 21.68 26.18 12.55
C MET SA 215 22.36 27.38 13.18
N GLN SA 216 22.05 28.59 12.69
CA GLN SA 216 22.71 29.77 13.25
C GLN SA 216 22.32 29.97 14.70
N GLU SA 217 21.05 29.73 15.04
CA GLU SA 217 20.56 29.85 16.39
C GLU SA 217 19.69 28.65 16.74
N PHE SA 218 19.52 28.40 18.03
CA PHE SA 218 18.67 27.32 18.50
C PHE SA 218 17.89 27.83 19.72
N LEU SA 219 17.36 26.91 20.52
CA LEU SA 219 16.33 27.23 21.50
C LEU SA 219 16.69 26.65 22.86
N ALA SA 220 16.52 27.45 23.91
CA ALA SA 220 16.95 27.09 25.25
C ALA SA 220 16.03 26.07 25.91
N GLY SA 221 14.88 25.77 25.33
CA GLY SA 221 14.00 24.78 25.88
C GLY SA 221 14.35 23.35 25.53
N PHE SA 222 15.45 23.15 24.82
CA PHE SA 222 15.90 21.81 24.45
C PHE SA 222 17.00 21.34 25.40
N LYS SA 223 16.92 20.07 25.77
CA LYS SA 223 17.94 19.43 26.61
C LYS SA 223 18.93 18.69 25.73
N TYR SA 224 20.22 18.95 25.96
CA TYR SA 224 21.28 18.27 25.22
C TYR SA 224 21.52 16.88 25.80
N LEU SA 225 21.45 15.87 24.94
CA LEU SA 225 21.61 14.48 25.35
C LEU SA 225 22.93 13.87 24.92
N GLY SA 226 23.70 14.53 24.06
CA GLY SA 226 24.98 14.03 23.60
C GLY SA 226 25.02 13.86 22.09
N VAL SA 227 25.79 12.87 21.65
CA VAL SA 227 26.02 12.61 20.23
C VAL SA 227 25.59 11.19 19.89
N GLU SA 228 24.92 11.07 18.74
CA GLU SA 228 24.58 9.79 18.13
C GLU SA 228 25.13 9.75 16.71
N LYS SA 229 25.74 8.63 16.35
CA LYS SA 229 26.26 8.42 15.01
C LYS SA 229 25.42 7.37 14.29
N ASP SA 230 25.37 7.47 12.97
CA ASP SA 230 24.79 6.43 12.10
C ASP SA 230 23.40 6.02 12.57
N ILE SA 231 22.52 7.01 12.69
CA ILE SA 231 21.15 6.75 13.12
C ILE SA 231 20.30 6.45 11.89
N GLU SA 232 19.16 5.80 12.12
CA GLU SA 232 18.22 5.42 11.07
C GLU SA 232 16.87 6.00 11.44
N VAL SA 233 16.22 6.74 10.53
CA VAL SA 233 15.01 7.43 10.91
C VAL SA 233 14.03 7.23 9.75
N ASP SA 234 12.83 6.69 10.04
CA ASP SA 234 11.78 6.48 9.03
C ASP SA 234 12.32 5.83 7.77
N GLY SA 235 13.14 4.79 7.91
CA GLY SA 235 13.64 4.14 6.72
C GLY SA 235 14.77 4.87 6.02
N GLU SA 236 15.37 5.88 6.66
CA GLU SA 236 16.47 6.65 6.10
C GLU SA 236 17.70 6.48 6.99
N GLU SA 237 18.85 6.18 6.38
CA GLU SA 237 20.11 6.00 7.09
C GLU SA 237 20.93 7.28 6.98
N LEU SA 238 21.33 7.82 8.12
CA LEU SA 238 22.07 9.08 8.15
C LEU SA 238 23.51 8.80 8.50
N PRO SA 239 24.44 9.22 7.65
CA PRO SA 239 25.85 9.00 7.95
C PRO SA 239 26.40 10.16 8.76
N GLY SA 240 27.45 9.87 9.53
CA GLY SA 240 28.05 10.92 10.32
C GLY SA 240 27.50 10.99 11.73
N ALA SA 241 27.99 11.97 12.45
CA ALA SA 241 27.62 12.21 13.83
C ALA SA 241 26.67 13.39 13.94
N PHE SA 242 25.76 13.32 14.90
CA PHE SA 242 24.80 14.37 15.13
C PHE SA 242 24.71 14.68 16.62
N TYR SA 243 24.74 15.97 16.95
CA TYR SA 243 24.32 16.39 18.28
C TYR SA 243 22.84 16.11 18.45
N LYS SA 244 22.47 15.57 19.61
CA LYS SA 244 21.10 15.13 19.86
C LYS SA 244 20.46 15.99 20.93
N PHE SA 245 19.29 16.54 20.61
CA PHE SA 245 18.52 17.39 21.52
C PHE SA 245 17.10 16.87 21.64
N GLU SA 246 16.55 16.98 22.84
CA GLU SA 246 15.16 16.61 23.12
C GLU SA 246 14.40 17.83 23.60
N GLY SA 247 13.22 18.05 23.02
CA GLY SA 247 12.35 19.16 23.38
C GLY SA 247 11.04 19.07 22.62
N ASP SA 248 10.30 20.18 22.50
CA ASP SA 248 10.62 21.46 23.13
C ASP SA 248 10.00 21.50 24.52
N HIS SA 249 10.84 21.59 25.56
CA HIS SA 249 10.34 21.46 26.93
C HIS SA 249 9.59 22.70 27.43
N ALA SA 250 9.39 23.71 26.59
CA ALA SA 250 8.33 24.67 26.87
C ALA SA 250 6.95 24.03 26.79
N ILE SA 251 6.87 22.87 26.16
CA ILE SA 251 5.64 22.10 25.98
C ILE SA 251 5.64 20.99 27.02
N LYS SA 252 4.47 20.70 27.59
CA LYS SA 252 4.37 19.62 28.56
C LYS SA 252 4.51 18.27 27.86
N GLY SA 253 5.29 17.37 28.47
CA GLY SA 253 5.45 16.04 27.95
C GLY SA 253 6.14 15.93 26.60
N ALA SA 254 6.96 16.91 26.24
CA ALA SA 254 7.54 16.95 24.91
C ALA SA 254 8.54 15.82 24.71
N LYS SA 255 8.44 15.13 23.58
CA LYS SA 255 9.35 14.04 23.23
C LYS SA 255 9.98 14.23 21.85
N GLY SA 256 9.99 15.45 21.32
CA GLY SA 256 10.59 15.67 20.02
C GLY SA 256 12.10 15.59 20.05
N ILE SA 257 12.69 15.39 18.88
CA ILE SA 257 14.14 15.21 18.72
C ILE SA 257 14.65 16.10 17.60
N VAL SA 258 15.67 16.90 17.89
CA VAL SA 258 16.47 17.59 16.88
C VAL SA 258 17.83 16.92 16.81
N TYR SA 259 18.21 16.48 15.62
CA TYR SA 259 19.59 16.06 15.34
C TYR SA 259 20.27 17.16 14.53
N ALA SA 260 21.45 17.59 14.98
CA ALA SA 260 22.21 18.62 14.30
C ALA SA 260 23.62 18.12 14.04
N ALA SA 261 24.08 18.25 12.78
CA ALA SA 261 25.36 17.69 12.38
C ALA SA 261 26.50 18.34 13.17
N VAL SA 262 27.41 17.50 13.65
CA VAL SA 262 28.47 17.96 14.56
C VAL SA 262 29.41 18.92 13.84
N GLY SA 263 29.72 18.65 12.57
CA GLY SA 263 30.72 19.43 11.86
C GLY SA 263 30.43 20.92 11.83
N CYS SA 264 29.15 21.30 11.77
CA CYS SA 264 28.79 22.71 11.60
C CYS SA 264 27.93 23.25 12.75
N ASN SA 265 27.90 22.58 13.91
CA ASN SA 265 26.99 23.02 14.96
C ASN SA 265 27.65 23.02 16.34
N GLY SA 266 28.97 23.19 16.40
CA GLY SA 266 29.64 23.23 17.69
C GLY SA 266 29.17 24.36 18.59
N HIS SA 267 28.80 25.50 18.00
CA HIS SA 267 28.27 26.62 18.74
C HIS SA 267 26.86 26.37 19.27
N ILE SA 268 26.16 25.37 18.74
CA ILE SA 268 24.83 25.06 19.26
C ILE SA 268 24.95 24.26 20.53
N ALA SA 269 25.97 23.41 20.60
CA ALA SA 269 26.19 22.58 21.76
C ALA SA 269 26.60 23.42 22.97
N PRO SA 270 26.22 23.01 24.18
CA PRO SA 270 26.53 23.75 25.41
C PRO SA 270 27.98 23.55 25.84
N MET TA 1 27.37 53.59 7.32
CA MET TA 1 27.05 52.97 8.61
C MET TA 1 25.87 52.05 8.54
N ARG TA 2 26.17 50.81 8.88
CA ARG TA 2 25.16 49.77 8.95
C ARG TA 2 24.49 49.80 10.31
N VAL TA 3 23.16 49.91 10.33
CA VAL TA 3 22.40 49.97 11.57
C VAL TA 3 21.14 49.13 11.40
N ILE TA 4 20.45 48.94 12.53
CA ILE TA 4 19.16 48.24 12.57
C ILE TA 4 18.07 49.29 12.66
N LEU TA 5 17.13 49.26 11.71
CA LEU TA 5 16.05 50.24 11.65
C LEU TA 5 14.83 49.70 12.37
N ASN TA 6 14.37 50.42 13.38
CA ASN TA 6 13.14 50.09 14.09
C ASN TA 6 12.16 51.23 13.88
N THR TA 7 10.87 50.90 13.78
CA THR TA 7 9.84 51.88 13.47
C THR TA 7 8.61 51.68 14.35
N GLY TA 8 7.85 52.75 14.50
CA GLY TA 8 6.63 52.70 15.30
C GLY TA 8 6.15 54.10 15.68
N ARG TA 9 5.57 54.19 16.86
CA ARG TA 9 4.80 55.36 17.27
C ARG TA 9 5.61 56.41 18.02
N THR TA 10 5.01 57.60 18.11
CA THR TA 10 5.43 58.75 18.89
C THR TA 10 4.20 59.62 19.03
N ILE TA 11 3.99 60.21 20.21
CA ILE TA 11 2.82 61.06 20.39
C ILE TA 11 2.85 62.24 19.41
N TRP TA 12 4.04 62.72 19.05
CA TRP TA 12 4.11 63.85 18.12
C TRP TA 12 3.62 63.46 16.74
N GLN TA 13 3.93 62.25 16.29
CA GLN TA 13 3.40 61.79 15.02
C GLN TA 13 1.94 61.38 15.12
N GLY TA 14 1.49 60.99 16.32
CA GLY TA 14 0.07 60.77 16.53
C GLY TA 14 -0.72 62.07 16.53
N GLN TA 15 -0.21 63.07 17.24
CA GLN TA 15 -0.76 64.42 17.13
C GLN TA 15 -0.79 64.87 15.69
N ALA TA 16 0.27 64.57 14.94
CA ALA TA 16 0.38 65.05 13.57
C ALA TA 16 -0.65 64.41 12.65
N ILE TA 17 -0.85 63.09 12.76
CA ILE TA 17 -1.77 62.44 11.83
C ILE TA 17 -3.20 62.88 12.10
N GLU TA 18 -3.53 63.18 13.35
CA GLU TA 18 -4.87 63.66 13.65
C GLU TA 18 -5.01 65.16 13.46
N SER TA 19 -3.90 65.88 13.37
CA SER TA 19 -3.95 67.27 12.94
C SER TA 19 -4.07 67.35 11.43
N GLY TA 20 -3.20 66.65 10.72
CA GLY TA 20 -3.28 66.55 9.27
C GLY TA 20 -1.97 66.10 8.65
N LYS TA 21 -2.04 65.01 7.89
CA LYS TA 21 -0.84 64.52 7.20
C LYS TA 21 -0.46 65.40 6.02
N ASP TA 22 -1.31 66.36 5.64
CA ASP TA 22 -0.94 67.32 4.62
C ASP TA 22 -0.13 68.49 5.18
N LEU TA 23 -0.06 68.67 6.49
CA LEU TA 23 0.65 69.81 7.03
C LEU TA 23 2.12 69.50 7.31
N LYS TA 24 2.88 70.58 7.49
CA LYS TA 24 4.30 70.48 7.78
C LYS TA 24 4.58 69.72 9.06
N MET TA 25 3.72 69.91 10.07
CA MET TA 25 3.80 69.19 11.35
C MET TA 25 4.07 67.71 11.16
N TYR TA 26 3.45 67.11 10.14
CA TYR TA 26 3.62 65.68 9.89
C TYR TA 26 5.02 65.37 9.39
N VAL TA 27 5.57 66.19 8.50
CA VAL TA 27 6.95 66.03 8.06
C VAL TA 27 7.90 66.14 9.25
N ASP TA 28 7.67 67.13 10.11
CA ASP TA 28 8.53 67.30 11.28
C ASP TA 28 8.43 66.12 12.23
N ALA TA 29 7.29 65.44 12.28
CA ALA TA 29 7.11 64.37 13.25
C ALA TA 29 7.44 62.99 12.69
N ALA TA 30 7.27 62.77 11.39
CA ALA TA 30 7.44 61.43 10.81
C ALA TA 30 8.58 61.31 9.81
N ALA TA 31 9.08 62.42 9.26
CA ALA TA 31 10.19 62.36 8.31
C ALA TA 31 11.52 62.57 9.02
N ILE TA 32 11.73 61.80 10.09
CA ILE TA 32 12.89 61.96 10.97
C ILE TA 32 13.49 60.59 11.26
N ILE TA 33 14.73 60.60 11.74
CA ILE TA 33 15.40 59.40 12.22
C ILE TA 33 15.99 59.70 13.59
N GLN TA 34 15.58 58.92 14.60
CA GLN TA 34 16.08 59.07 15.96
C GLN TA 34 17.33 58.23 16.15
N MET TA 35 18.37 58.85 16.73
CA MET TA 35 19.65 58.21 16.95
C MET TA 35 20.18 58.62 18.33
N ASN TA 36 20.95 57.73 18.94
CA ASN TA 36 21.68 58.09 20.13
C ASN TA 36 22.71 59.17 19.81
N PRO TA 37 22.96 60.10 20.74
CA PRO TA 37 23.96 61.14 20.48
C PRO TA 37 25.33 60.57 20.17
N GLU TA 38 25.66 59.43 20.78
CA GLU TA 38 26.91 58.74 20.50
C GLU TA 38 27.05 58.40 19.02
N MET TA 39 25.96 57.98 18.38
CA MET TA 39 26.00 57.59 16.97
C MET TA 39 26.04 58.80 16.05
N MET TA 40 25.32 59.87 16.42
CA MET TA 40 25.34 61.08 15.61
C MET TA 40 26.76 61.65 15.49
N LYS TA 41 27.50 61.69 16.61
CA LYS TA 41 28.86 62.19 16.55
C LYS TA 41 29.78 61.27 15.77
N GLN TA 42 29.56 59.94 15.83
CA GLN TA 42 30.41 59.03 15.08
C GLN TA 42 30.21 59.20 13.59
N LEU TA 43 28.98 59.51 13.17
CA LEU TA 43 28.67 59.87 11.81
C LEU TA 43 28.97 61.32 11.46
N GLY TA 44 29.25 62.15 12.47
CA GLY TA 44 29.62 63.52 12.21
C GLY TA 44 28.47 64.44 11.88
N ILE TA 45 27.30 64.23 12.48
CA ILE TA 45 26.14 65.01 12.12
C ILE TA 45 25.59 65.68 13.38
N ALA TA 46 24.81 66.71 13.17
CA ALA TA 46 24.13 67.40 14.26
C ALA TA 46 22.64 67.27 14.01
N GLU TA 47 21.85 67.47 15.07
CA GLU TA 47 20.40 67.42 14.92
C GLU TA 47 19.94 68.51 13.97
N GLY TA 48 19.04 68.16 13.06
CA GLY TA 48 18.63 69.02 11.97
C GLY TA 48 19.30 68.68 10.66
N ASP TA 49 20.43 67.99 10.69
CA ASP TA 49 21.07 67.51 9.48
C ASP TA 49 20.29 66.34 8.90
N ASN TA 50 20.39 66.16 7.59
CA ASN TA 50 19.65 65.13 6.89
C ASN TA 50 20.49 63.87 6.72
N VAL TA 51 19.79 62.75 6.59
CA VAL TA 51 20.38 61.42 6.48
C VAL TA 51 19.69 60.70 5.33
N LYS TA 52 20.48 60.01 4.51
CA LYS TA 52 19.93 59.13 3.48
C LYS TA 52 20.01 57.69 3.98
N VAL TA 53 18.85 57.05 4.06
CA VAL TA 53 18.71 55.68 4.55
C VAL TA 53 18.49 54.78 3.35
N ILE TA 54 19.31 53.74 3.22
CA ILE TA 54 19.18 52.82 2.10
C ILE TA 54 19.07 51.39 2.64
N SER TA 55 18.14 50.62 2.07
CA SER TA 55 17.93 49.22 2.43
C SER TA 55 17.83 48.39 1.16
N GLU TA 56 17.72 47.08 1.33
CA GLU TA 56 17.44 46.17 0.22
C GLU TA 56 16.21 46.56 -0.57
N TYR TA 57 15.31 47.35 0.03
CA TYR TA 57 13.97 47.54 -0.52
C TYR TA 57 13.67 48.96 -0.96
N GLY TA 58 14.46 49.94 -0.54
CA GLY TA 58 14.23 51.31 -0.99
C GLY TA 58 15.21 52.27 -0.39
N ASP TA 59 14.87 53.56 -0.47
CA ASP TA 59 15.72 54.61 0.06
C ASP TA 59 14.84 55.81 0.38
N VAL TA 60 15.33 56.66 1.28
CA VAL TA 60 14.57 57.79 1.78
C VAL TA 60 15.54 58.77 2.42
N VAL TA 61 15.16 60.05 2.46
CA VAL TA 61 15.92 61.09 3.12
C VAL TA 61 15.09 61.60 4.29
N VAL TA 62 15.68 61.61 5.48
CA VAL TA 62 15.00 61.99 6.72
C VAL TA 62 15.91 62.88 7.54
N LYS TA 63 15.30 63.65 8.43
CA LYS TA 63 16.03 64.60 9.26
C LYS TA 63 16.44 63.93 10.57
N ALA TA 64 17.73 64.04 10.91
CA ALA TA 64 18.25 63.39 12.09
C ALA TA 64 17.83 64.11 13.36
N VAL TA 65 17.47 63.32 14.38
CA VAL TA 65 16.97 63.84 15.65
C VAL TA 65 17.55 63.02 16.78
N GLU TA 66 17.80 63.67 17.91
CA GLU TA 66 18.34 63.00 19.09
C GLU TA 66 17.23 62.21 19.78
N ALA TA 67 17.48 60.92 19.96
CA ALA TA 67 16.51 60.06 20.64
C ALA TA 67 16.43 60.46 22.11
N LYS TA 68 15.22 60.80 22.51
CA LYS TA 68 14.81 61.07 23.86
C LYS TA 68 14.43 59.79 24.61
N GLU TA 69 14.19 58.70 23.90
CA GLU TA 69 14.08 57.33 24.38
C GLU TA 69 15.32 56.55 23.95
N PRO TA 70 16.27 56.28 24.85
CA PRO TA 70 17.55 55.73 24.41
C PRO TA 70 17.39 54.43 23.65
N LEU TA 71 18.18 54.26 22.64
CA LEU TA 71 18.16 53.08 21.81
C LEU TA 71 19.34 52.16 22.12
N PRO TA 72 19.19 50.87 21.86
CA PRO TA 72 20.35 49.97 21.91
C PRO TA 72 21.38 50.42 20.89
N GLU TA 73 22.64 50.13 21.20
CA GLU TA 73 23.72 50.52 20.30
C GLU TA 73 23.57 49.79 18.98
N GLY TA 74 23.57 50.55 17.89
CA GLY TA 74 23.37 50.02 16.56
C GLY TA 74 21.96 50.14 16.03
N MET TA 75 21.03 50.73 16.77
CA MET TA 75 19.64 50.83 16.35
C MET TA 75 19.26 52.29 16.14
N VAL TA 76 18.38 52.52 15.16
CA VAL TA 76 17.79 53.82 14.91
C VAL TA 76 16.28 53.66 14.78
N TYR TA 77 15.58 54.78 14.96
CA TYR TA 77 14.11 54.78 15.01
C TYR TA 77 13.56 55.82 14.05
N ILE TA 78 12.75 55.38 13.11
CA ILE TA 78 11.95 56.24 12.24
C ILE TA 78 10.48 56.00 12.55
N PRO TA 79 9.71 57.03 12.90
CA PRO TA 79 8.29 56.82 13.18
C PRO TA 79 7.56 56.25 11.97
N MET TA 80 6.51 55.47 12.26
CA MET TA 80 5.66 54.92 11.21
C MET TA 80 5.16 56.03 10.29
N GLY TA 81 5.13 55.73 8.99
CA GLY TA 81 4.75 56.70 8.00
C GLY TA 81 5.31 56.33 6.63
N PRO TA 82 5.04 57.18 5.63
CA PRO TA 82 5.48 56.83 4.26
C PRO TA 82 6.99 56.90 4.08
N TRP TA 83 7.70 57.72 4.88
CA TRP TA 83 9.16 57.74 4.80
C TRP TA 83 9.75 56.42 5.29
N ALA TA 84 9.39 56.00 6.51
CA ALA TA 84 9.84 54.70 7.01
C ALA TA 84 9.47 53.58 6.07
N ASN TA 85 8.29 53.65 5.44
CA ASN TA 85 7.79 52.55 4.62
C ASN TA 85 8.34 52.54 3.21
N ARG TA 86 9.21 53.49 2.87
CA ARG TA 86 10.00 53.37 1.65
C ARG TA 86 11.06 52.28 1.77
N VAL TA 87 11.52 52.00 2.99
CA VAL TA 87 12.74 51.20 3.15
C VAL TA 87 12.55 49.93 3.97
N ILE TA 88 11.48 49.78 4.77
CA ILE TA 88 11.35 48.58 5.60
C ILE TA 88 10.99 47.39 4.73
N ARG TA 89 10.99 46.21 5.32
CA ARG TA 89 10.87 44.96 4.57
C ARG TA 89 9.42 44.64 4.26
N PRO TA 90 9.05 44.50 2.98
CA PRO TA 90 7.63 44.33 2.62
C PRO TA 90 7.08 42.93 2.82
N TYR TA 91 7.94 41.92 2.69
CA TYR TA 91 7.46 40.54 2.69
C TYR TA 91 6.79 40.19 4.01
N THR TA 92 5.72 39.40 3.92
CA THR TA 92 4.90 39.06 5.07
C THR TA 92 5.13 37.65 5.59
N ASP TA 93 5.99 36.88 4.92
CA ASP TA 93 6.25 35.49 5.29
C ASP TA 93 4.96 34.67 5.34
N SER TA 94 4.05 34.96 4.40
CA SER TA 94 2.75 34.29 4.30
C SER TA 94 1.92 34.47 5.57
N THR TA 95 1.99 35.66 6.17
CA THR TA 95 1.11 36.01 7.28
C THR TA 95 0.19 37.19 7.00
N ALA TA 96 0.41 37.92 5.90
CA ALA TA 96 -0.22 39.17 5.46
C ALA TA 96 0.41 40.39 6.13
N THR TA 97 1.22 40.23 7.18
CA THR TA 97 1.78 41.36 7.91
C THR TA 97 3.22 41.60 7.51
N PRO TA 98 3.55 42.77 6.97
CA PRO TA 98 4.95 43.06 6.60
C PRO TA 98 5.85 43.17 7.83
N SER TA 99 7.15 43.20 7.55
CA SER TA 99 8.19 43.31 8.58
C SER TA 99 8.56 44.77 8.76
N PHE TA 100 7.73 45.48 9.51
CA PHE TA 100 7.90 46.90 9.75
C PHE TA 100 9.04 47.23 10.71
N LYS TA 101 9.56 46.26 11.45
CA LYS TA 101 10.48 46.52 12.54
C LYS TA 101 11.77 45.71 12.43
N ASN TA 102 12.90 46.37 12.72
CA ASN TA 102 14.21 45.76 12.91
C ASN TA 102 14.79 45.27 11.59
N ILE TA 103 15.13 46.21 10.70
CA ILE TA 103 15.54 45.92 9.34
C ILE TA 103 16.94 46.48 9.14
N PRO TA 104 17.87 45.70 8.58
CA PRO TA 104 19.21 46.25 8.29
C PRO TA 104 19.14 47.35 7.24
N VAL TA 105 19.70 48.51 7.59
CA VAL TA 105 19.76 49.66 6.70
C VAL TA 105 21.17 50.24 6.72
N GLU TA 106 21.48 51.01 5.67
CA GLU TA 106 22.71 51.78 5.57
C GLU TA 106 22.36 53.26 5.65
N ILE TA 107 22.99 53.97 6.58
CA ILE TA 107 22.76 55.40 6.75
C ILE TA 107 24.07 56.14 6.56
N ILE TA 108 23.99 57.31 5.93
CA ILE TA 108 25.14 58.17 5.61
C ILE TA 108 24.63 59.60 5.52
N PRO TA 109 25.43 60.60 5.90
CA PRO TA 109 24.99 61.99 5.80
C PRO TA 109 24.72 62.42 4.37
N THR TA 110 23.83 63.40 4.24
CA THR TA 110 23.48 63.91 2.93
C THR TA 110 22.95 65.32 3.07
N ASP TA 111 23.22 66.15 2.07
CA ASP TA 111 22.63 67.48 1.95
C ASP TA 111 21.38 67.53 1.09
N GLU TA 112 20.94 66.39 0.57
CA GLU TA 112 19.66 66.32 -0.14
C GLU TA 112 18.53 66.80 0.78
N GLU TA 113 17.44 67.20 0.17
CA GLU TA 113 16.31 67.73 0.93
C GLU TA 113 15.33 66.60 1.25
N VAL TA 114 14.71 66.69 2.42
CA VAL TA 114 13.65 65.75 2.75
C VAL TA 114 12.41 66.08 1.94
N LEU TA 115 11.84 65.06 1.32
CA LEU TA 115 10.66 65.24 0.50
C LEU TA 115 9.43 65.47 1.36
N ASP TA 116 8.65 66.50 1.04
CA ASP TA 116 7.40 66.65 1.75
C ASP TA 116 6.45 65.55 1.28
N MET TA 117 5.28 65.50 1.90
CA MET TA 117 4.40 64.34 1.75
C MET TA 117 3.91 64.14 0.32
N PRO TA 118 3.28 65.12 -0.36
CA PRO TA 118 2.82 64.84 -1.74
C PRO TA 118 3.95 64.57 -2.72
N THR TA 119 5.10 65.22 -2.55
CA THR TA 119 6.24 64.95 -3.43
C THR TA 119 6.79 63.55 -3.20
N LEU TA 120 6.82 63.10 -1.94
CA LEU TA 120 7.32 61.77 -1.63
C LEU TA 120 6.51 60.70 -2.36
N MET TA 121 5.19 60.86 -2.43
CA MET TA 121 4.36 59.84 -3.06
C MET TA 121 4.55 59.79 -4.57
N LYS TA 122 5.05 60.87 -5.19
CA LYS TA 122 5.28 60.87 -6.62
C LYS TA 122 6.28 59.81 -7.03
N VAL TA 123 7.07 59.31 -6.08
CA VAL TA 123 8.02 58.21 -6.29
C VAL TA 123 7.33 57.02 -6.93
N TYR TA 124 6.09 56.80 -6.59
CA TYR TA 124 5.40 55.61 -7.00
C TYR TA 124 4.70 55.76 -8.35
N GLY TA 125 4.61 56.98 -8.87
CA GLY TA 125 4.18 57.20 -10.22
C GLY TA 125 2.72 56.87 -10.47
N LYS TA 126 1.84 57.50 -9.70
CA LYS TA 126 0.42 57.24 -9.84
C LYS TA 126 -0.06 57.61 -11.23
N VAL TA 127 -0.63 56.64 -11.94
CA VAL TA 127 -1.26 56.87 -13.24
C VAL TA 127 -2.77 56.87 -13.05
N GLY TA 128 -3.42 57.88 -13.63
CA GLY TA 128 -4.85 58.05 -13.46
C GLY TA 128 -5.66 56.98 -14.15
N GLN TA 129 -6.86 56.75 -13.60
CA GLN TA 129 -7.82 55.77 -14.11
C GLN TA 129 -9.25 56.14 -13.69
N ALA UA 2 9.88 80.18 46.66
CA ALA UA 2 9.63 78.89 47.28
C ALA UA 2 9.45 77.80 46.24
N ILE UA 3 9.58 76.54 46.68
CA ILE UA 3 9.37 75.41 45.81
C ILE UA 3 7.87 75.28 45.53
N GLY UA 4 7.53 75.06 44.25
CA GLY UA 4 6.13 74.98 43.86
C GLY UA 4 5.91 74.13 42.63
N LEU UA 5 4.63 73.95 42.30
CA LEU UA 5 4.23 73.16 41.14
C LEU UA 5 4.42 73.98 39.87
N LYS UA 6 5.04 73.36 38.87
CA LYS UA 6 5.26 74.00 37.58
C LYS UA 6 5.00 73.00 36.46
N ALA UA 7 4.19 73.40 35.49
CA ALA UA 7 3.84 72.54 34.37
C ALA UA 7 4.61 72.96 33.12
N TYR UA 8 5.01 71.96 32.33
CA TYR UA 8 5.60 72.19 31.02
C TYR UA 8 4.69 71.55 29.98
N PRO UA 9 3.57 72.20 29.63
CA PRO UA 9 2.64 71.59 28.67
C PRO UA 9 3.30 71.26 27.36
N GLU UA 10 4.35 71.97 27.00
CA GLU UA 10 5.06 71.73 25.75
C GLU UA 10 5.69 70.35 25.68
N LEU UA 11 5.93 69.72 26.83
CA LEU UA 11 6.47 68.36 26.92
C LEU UA 11 5.40 67.32 27.18
N CYS UA 12 4.19 67.75 27.52
CA CYS UA 12 3.17 66.89 28.08
C CYS UA 12 2.49 66.03 27.03
N HIS UA 13 2.13 64.80 27.43
CA HIS UA 13 1.41 63.85 26.60
C HIS UA 13 -0.09 63.86 26.85
N GLY UA 14 -0.54 64.49 27.93
CA GLY UA 14 -1.93 64.35 28.32
C GLY UA 14 -2.24 62.99 28.90
N CYS UA 15 -1.22 62.23 29.32
CA CYS UA 15 -1.46 60.82 29.63
C CYS UA 15 -2.27 60.67 30.91
N GLY UA 16 -2.17 61.65 31.81
CA GLY UA 16 -3.00 61.68 33.01
C GLY UA 16 -2.46 60.98 34.24
N ASN UA 17 -1.24 60.42 34.19
CA ASN UA 17 -0.74 59.68 35.34
C ASN UA 17 -0.62 60.58 36.56
N CYS UA 18 -0.13 61.80 36.38
CA CYS UA 18 0.03 62.70 37.51
C CYS UA 18 -1.32 63.02 38.14
N VAL UA 19 -2.32 63.29 37.29
CA VAL UA 19 -3.66 63.57 37.78
C VAL UA 19 -4.18 62.44 38.64
N ILE UA 20 -3.96 61.19 38.20
CA ILE UA 20 -4.46 60.05 38.94
C ILE UA 20 -3.62 59.83 40.20
N ALA UA 21 -2.30 60.02 40.09
CA ALA UA 21 -1.38 59.70 41.18
C ALA UA 21 -1.54 60.65 42.36
N CYS UA 22 -1.91 61.90 42.10
CA CYS UA 22 -1.97 62.92 43.14
C CYS UA 22 -2.95 62.52 44.25
N PRO UA 23 -2.50 62.45 45.50
CA PRO UA 23 -3.45 62.07 46.58
C PRO UA 23 -4.49 63.13 46.85
N VAL UA 24 -4.17 64.42 46.67
CA VAL UA 24 -5.18 65.46 46.85
C VAL UA 24 -6.32 65.25 45.87
N ASN UA 25 -5.99 65.04 44.59
CA ASN UA 25 -7.01 64.75 43.59
C ASN UA 25 -7.78 63.48 43.93
N ALA UA 26 -7.07 62.42 44.30
CA ALA UA 26 -7.72 61.15 44.63
C ALA UA 26 -8.74 61.34 45.74
N LEU UA 27 -8.35 62.05 46.81
CA LEU UA 27 -9.24 62.28 47.94
C LEU UA 27 -10.50 63.02 47.53
N ARG UA 28 -10.38 63.96 46.59
CA ARG UA 28 -11.47 64.86 46.23
C ARG UA 28 -12.38 64.29 45.13
N SER UA 29 -11.89 63.37 44.31
CA SER UA 29 -12.66 62.84 43.17
C SER UA 29 -12.56 61.32 43.13
N PRO UA 30 -13.61 60.59 43.50
CA PRO UA 30 -13.54 59.12 43.40
C PRO UA 30 -13.23 58.62 42.00
N GLU UA 31 -13.69 59.34 40.97
CA GLU UA 31 -13.37 58.96 39.60
C GLU UA 31 -11.87 59.08 39.32
N VAL UA 32 -11.24 60.15 39.82
CA VAL UA 32 -9.80 60.30 39.67
C VAL UA 32 -9.06 59.25 40.50
N ALA UA 33 -9.53 58.99 41.72
CA ALA UA 33 -8.93 57.95 42.53
C ALA UA 33 -8.92 56.62 41.79
N GLY UA 34 -9.97 56.34 41.03
CA GLY UA 34 -10.10 55.12 40.26
C GLY UA 34 -9.59 55.19 38.83
N GLY UA 35 -8.80 56.21 38.50
CA GLY UA 35 -8.13 56.27 37.22
C GLY UA 35 -8.87 56.98 36.10
N LYS UA 36 -10.04 57.56 36.36
CA LYS UA 36 -10.77 58.29 35.33
C LYS UA 36 -10.50 59.78 35.42
N GLY UA 37 -10.66 60.46 34.28
CA GLY UA 37 -10.76 61.90 34.29
C GLY UA 37 -12.05 62.29 34.96
N PRO UA 38 -12.08 63.45 35.64
CA PRO UA 38 -13.31 63.87 36.32
C PRO UA 38 -14.39 64.19 35.31
N THR UA 39 -15.60 63.70 35.57
CA THR UA 39 -16.77 64.11 34.81
C THR UA 39 -17.65 65.07 35.60
N ASP UA 40 -18.00 64.70 36.83
CA ASP UA 40 -18.62 65.63 37.77
C ASP UA 40 -17.72 66.82 38.07
N ASP UA 41 -18.37 67.91 38.44
CA ASP UA 41 -17.71 69.15 38.85
C ASP UA 41 -16.87 68.91 40.10
N VAL UA 42 -15.59 69.26 40.02
CA VAL UA 42 -14.70 69.14 41.15
C VAL UA 42 -13.63 70.23 41.08
N GLU UA 43 -13.13 70.63 42.26
CA GLU UA 43 -11.97 71.49 42.40
C GLU UA 43 -10.78 70.60 42.76
N ILE UA 44 -9.85 70.44 41.82
CA ILE UA 44 -8.65 69.67 42.06
C ILE UA 44 -7.46 70.46 41.56
N ILE UA 45 -6.27 69.96 41.87
CA ILE UA 45 -5.06 70.74 41.62
C ILE UA 45 -4.78 70.86 40.13
N MET UA 46 -4.86 69.73 39.41
CA MET UA 46 -4.57 69.72 37.98
C MET UA 46 -5.49 68.77 37.25
N ILE UA 47 -5.66 69.03 35.96
CA ILE UA 47 -6.37 68.15 35.02
C ILE UA 47 -5.62 68.18 33.70
N VAL UA 48 -5.97 67.24 32.83
CA VAL UA 48 -5.58 67.33 31.43
C VAL UA 48 -6.66 68.09 30.68
N GLU UA 49 -6.28 69.18 30.02
CA GLU UA 49 -7.22 70.02 29.29
C GLU UA 49 -6.60 70.44 27.97
N ASP UA 50 -7.39 70.37 26.91
CA ASP UA 50 -6.90 70.54 25.54
C ASP UA 50 -5.63 69.74 25.30
N GLY UA 51 -5.61 68.51 25.82
CA GLY UA 51 -4.56 67.57 25.53
C GLY UA 51 -3.33 67.64 26.42
N VAL UA 52 -3.29 68.56 27.39
CA VAL UA 52 -2.10 68.79 28.19
C VAL UA 52 -2.48 69.05 29.64
N VAL UA 53 -1.50 68.88 30.53
CA VAL UA 53 -1.70 69.11 31.96
C VAL UA 53 -1.93 70.60 32.22
N ASN UA 54 -2.83 70.91 33.15
CA ASN UA 54 -3.27 72.29 33.35
C ASN UA 54 -3.52 72.51 34.85
N ILE UA 55 -2.73 73.40 35.46
CA ILE UA 55 -2.79 73.65 36.90
C ILE UA 55 -3.92 74.62 37.22
N LYS UA 56 -4.87 74.19 38.05
CA LYS UA 56 -6.08 74.97 38.37
C LYS UA 56 -6.14 75.48 39.80
N ASN UA 57 -5.58 74.73 40.76
CA ASN UA 57 -5.63 75.09 42.18
C ASN UA 57 -4.27 74.79 42.79
N PRO UA 58 -3.27 75.59 42.46
CA PRO UA 58 -1.91 75.32 42.97
C PRO UA 58 -1.79 75.46 44.47
N ASP UA 59 -2.71 76.18 45.11
CA ASP UA 59 -2.68 76.36 46.55
C ASP UA 59 -2.94 75.08 47.32
N LEU UA 60 -3.61 74.10 46.71
CA LEU UA 60 -3.90 72.85 47.40
C LEU UA 60 -2.73 71.88 47.35
N CYS UA 61 -1.70 72.20 46.57
CA CYS UA 61 -0.54 71.34 46.40
C CYS UA 61 0.36 71.36 47.63
N GLY UA 62 0.62 70.18 48.19
CA GLY UA 62 1.50 70.04 49.33
C GLY UA 62 2.93 69.68 49.00
N LYS UA 63 3.31 69.72 47.72
CA LYS UA 63 4.67 69.45 47.26
C LYS UA 63 5.19 68.12 47.82
N CYS UA 64 4.40 67.07 47.67
CA CYS UA 64 4.85 65.77 48.16
C CYS UA 64 5.77 65.08 47.16
N GLY UA 65 5.57 65.29 45.86
CA GLY UA 65 6.45 64.77 44.85
C GLY UA 65 5.94 63.55 44.09
N THR UA 66 4.72 63.10 44.37
CA THR UA 66 4.23 61.88 43.74
C THR UA 66 4.03 62.05 42.24
N CYS UA 67 3.37 63.14 41.82
CA CYS UA 67 3.16 63.38 40.40
C CYS UA 67 4.48 63.39 39.64
N VAL UA 68 5.51 64.00 40.23
CA VAL UA 68 6.82 64.08 39.58
C VAL UA 68 7.35 62.68 39.31
N GLU UA 69 7.21 61.79 40.29
CA GLU UA 69 7.66 60.40 40.12
C GLU UA 69 6.90 59.74 38.98
N SER UA 70 5.64 60.11 38.78
CA SER UA 70 4.78 59.39 37.85
C SER UA 70 4.97 59.85 36.41
N CYS UA 71 5.57 61.00 36.20
CA CYS UA 71 5.75 61.53 34.86
C CYS UA 71 7.07 61.07 34.26
N PRO UA 72 7.06 60.35 33.14
CA PRO UA 72 8.33 59.91 32.55
C PRO UA 72 9.03 60.98 31.71
N VAL UA 73 8.36 62.04 31.28
CA VAL UA 73 8.98 63.00 30.36
C VAL UA 73 9.19 64.36 31.02
N ASP UA 74 9.17 64.42 32.35
CA ASP UA 74 9.45 65.65 33.11
C ASP UA 74 8.60 66.81 32.63
N ALA UA 75 7.30 66.56 32.43
CA ALA UA 75 6.37 67.61 32.04
C ALA UA 75 5.72 68.31 33.22
N ILE UA 76 5.84 67.75 34.42
CA ILE UA 76 5.37 68.39 35.65
C ILE UA 76 6.47 68.25 36.70
N ARG UA 77 6.73 69.33 37.44
CA ARG UA 77 7.93 69.40 38.27
C ARG UA 77 7.65 70.17 39.54
N LEU UA 78 8.58 70.01 40.50
CA LEU UA 78 8.65 70.85 41.69
C LEU UA 78 9.93 71.68 41.57
N GLU UA 79 9.76 73.00 41.47
CA GLU UA 79 10.85 73.92 41.20
C GLU UA 79 10.66 75.22 41.97
N GLU UA 80 11.68 76.06 41.89
CA GLU UA 80 11.58 77.43 42.37
C GLU UA 80 10.61 78.18 41.47
N LEU UA 81 9.57 78.79 42.04
CA LEU UA 81 8.61 79.50 41.20
C LEU UA 81 8.97 80.95 40.98
N GLU UA 82 9.75 81.57 41.86
CA GLU UA 82 10.22 82.93 41.64
C GLU UA 82 11.53 82.93 40.87
N GLU VA 2 29.27 90.84 63.76
CA GLU VA 2 29.30 90.46 62.36
C GLU VA 2 29.06 88.97 62.16
N THR VA 3 27.89 88.62 61.62
CA THR VA 3 27.54 87.23 61.34
C THR VA 3 27.58 87.01 59.83
N THR VA 4 28.44 86.09 59.41
CA THR VA 4 28.58 85.71 58.02
C THR VA 4 28.11 84.28 57.82
N GLU VA 5 27.75 83.95 56.59
CA GLU VA 5 27.34 82.59 56.23
C GLU VA 5 28.00 82.17 54.93
N VAL VA 6 28.67 81.04 54.96
CA VAL VA 6 29.28 80.46 53.76
C VAL VA 6 28.55 79.18 53.40
N ILE VA 7 28.20 79.05 52.13
CA ILE VA 7 27.55 77.87 51.58
C ILE VA 7 28.57 77.12 50.75
N GLU VA 8 28.91 75.92 51.19
CA GLU VA 8 29.67 74.98 50.39
C GLU VA 8 28.74 73.82 50.04
N GLY VA 9 28.61 73.54 48.75
CA GLY VA 9 27.64 72.56 48.31
C GLY VA 9 26.26 72.89 48.82
N LYS VA 10 25.64 71.91 49.48
CA LYS VA 10 24.32 72.09 50.08
C LYS VA 10 24.42 72.32 51.59
N ASN VA 11 25.63 72.34 52.13
CA ASN VA 11 25.84 72.61 53.55
C ASN VA 11 25.89 74.13 53.79
N ILE VA 12 25.55 74.52 55.00
CA ILE VA 12 25.47 75.94 55.38
C ILE VA 12 26.22 76.11 56.70
N THR VA 13 27.10 77.12 56.74
CA THR VA 13 27.79 77.47 57.98
C THR VA 13 27.51 78.94 58.30
N VAL VA 14 26.96 79.19 59.48
CA VAL VA 14 26.72 80.54 59.99
C VAL VA 14 27.73 80.80 61.09
N GLU VA 15 28.52 81.87 60.94
CA GLU VA 15 29.61 82.16 61.87
C GLU VA 15 29.59 83.61 62.32
N ARG VA 16 30.03 83.83 63.57
CA ARG VA 16 30.09 85.16 64.16
C ARG VA 16 31.45 85.35 64.83
N THR VA 17 32.17 86.37 64.37
CA THR VA 17 33.36 86.95 65.02
C THR VA 17 34.13 87.80 64.00
N GLU VA 20 33.85 86.46 71.36
CA GLU VA 20 33.49 85.05 71.35
C GLU VA 20 33.21 84.56 69.94
N ASN VA 21 33.66 83.36 69.62
CA ASN VA 21 33.47 82.79 68.28
C ASN VA 21 32.38 81.73 68.34
N ARG VA 22 31.31 81.95 67.58
CA ARG VA 22 30.18 81.03 67.44
C ARG VA 22 29.98 80.64 65.99
N ARG VA 23 29.56 79.39 65.76
CA ARG VA 23 29.48 78.85 64.40
C ARG VA 23 28.49 77.70 64.37
N LEU VA 24 27.51 77.83 63.49
CA LEU VA 24 26.43 76.88 63.35
C LEU VA 24 26.57 76.22 61.99
N ILE VA 25 26.79 74.91 61.99
CA ILE VA 25 27.03 74.14 60.77
C ILE VA 25 25.85 73.21 60.53
N PHE VA 26 25.31 73.26 59.32
CA PHE VA 26 24.23 72.40 58.87
C PHE VA 26 24.77 71.44 57.82
N GLN VA 27 24.52 70.15 58.01
CA GLN VA 27 24.95 69.09 57.10
C GLN VA 27 23.71 68.56 56.37
N ASP VA 28 23.58 68.97 55.10
CA ASP VA 28 22.39 68.63 54.32
C ASP VA 28 22.12 67.13 54.33
N CYS VA 29 23.15 66.30 54.16
CA CYS VA 29 22.95 64.86 54.01
C CYS VA 29 22.36 64.21 55.26
N LEU VA 30 22.52 64.81 56.44
CA LEU VA 30 21.97 64.25 57.67
C LEU VA 30 20.58 64.76 57.99
N CYS VA 31 20.09 65.75 57.26
CA CYS VA 31 18.80 66.37 57.54
C CYS VA 31 17.65 65.51 57.01
N ALA VA 32 16.70 65.17 57.88
CA ALA VA 32 15.51 64.40 57.52
C ALA VA 32 14.31 65.27 57.17
N VAL VA 33 14.47 66.60 57.18
CA VAL VA 33 13.45 67.57 56.79
C VAL VA 33 12.21 67.38 57.66
N CYS VA 34 12.41 67.16 58.97
CA CYS VA 34 11.26 67.01 59.85
C CYS VA 34 10.65 68.35 60.23
N GLY VA 35 11.42 69.44 60.17
CA GLY VA 35 10.92 70.78 60.39
C GLY VA 35 11.12 71.34 61.78
N LEU VA 36 11.58 70.53 62.74
CA LEU VA 36 11.59 70.93 64.14
C LEU VA 36 12.47 72.15 64.38
N CYS VA 37 13.58 72.28 63.66
CA CYS VA 37 14.47 73.43 63.86
C CYS VA 37 13.77 74.74 63.57
N GLY VA 38 13.01 74.80 62.47
CA GLY VA 38 12.36 76.04 62.08
C GLY VA 38 11.34 76.52 63.09
N GLU VA 39 10.59 75.58 63.68
CA GLU VA 39 9.54 75.96 64.62
C GLU VA 39 10.16 76.43 65.93
N ILE VA 40 11.20 75.74 66.40
CA ILE VA 40 11.77 76.07 67.71
C ILE VA 40 12.52 77.40 67.67
N CYS VA 41 12.97 77.83 66.49
CA CYS VA 41 13.78 79.02 66.37
C CYS VA 41 13.03 80.23 66.91
N PRO VA 42 13.54 80.88 67.97
CA PRO VA 42 12.78 81.99 68.56
C PRO VA 42 12.64 83.18 67.62
N VAL VA 43 13.58 83.40 66.72
CA VAL VA 43 13.60 84.56 65.83
C VAL VA 43 13.19 84.21 64.41
N SER VA 44 12.60 83.02 64.19
CA SER VA 44 12.14 82.56 62.88
C SER VA 44 13.20 82.74 61.80
N ALA VA 45 14.44 82.34 62.11
CA ALA VA 45 15.55 82.46 61.17
C ALA VA 45 15.65 81.29 60.20
N ILE VA 46 14.91 80.20 60.43
CA ILE VA 46 15.01 79.01 59.61
C ILE VA 46 13.72 78.85 58.81
N GLU VA 47 13.87 78.56 57.53
CA GLU VA 47 12.76 78.15 56.67
C GLU VA 47 13.11 76.77 56.11
N VAL VA 48 12.23 75.80 56.30
CA VAL VA 48 12.47 74.42 55.89
C VAL VA 48 11.62 74.12 54.66
N ASN VA 49 12.26 73.61 53.61
CA ASN VA 49 11.59 73.28 52.37
C ASN VA 49 10.64 72.08 52.55
N PRO VA 50 9.71 71.88 51.62
CA PRO VA 50 8.74 70.78 51.75
C PRO VA 50 9.41 69.42 51.87
N THR VA 51 8.95 68.65 52.87
CA THR VA 51 9.57 67.37 53.19
C THR VA 51 9.54 66.41 52.01
N GLY VA 52 8.35 66.16 51.47
CA GLY VA 52 8.22 65.22 50.36
C GLY VA 52 9.10 65.57 49.18
N ALA VA 53 9.04 66.84 48.74
CA ALA VA 53 9.82 67.27 47.59
C ALA VA 53 11.31 67.03 47.79
N MET VA 54 11.84 67.33 48.98
CA MET VA 54 13.27 67.20 49.21
C MET VA 54 13.71 65.74 49.31
N VAL VA 55 12.80 64.83 49.66
CA VAL VA 55 13.16 63.43 49.79
C VAL VA 55 12.88 62.65 48.51
N ARG VA 56 11.81 63.00 47.78
CA ARG VA 56 11.38 62.25 46.61
C ARG VA 56 11.87 62.80 45.28
N THR VA 57 12.32 64.05 45.21
CA THR VA 57 12.70 64.64 43.94
C THR VA 57 14.09 65.25 44.07
N GLU VA 58 14.78 65.37 42.94
CA GLU VA 58 16.07 66.05 42.90
C GLU VA 58 15.88 67.55 42.98
N GLN VA 59 16.68 68.20 43.84
CA GLN VA 59 16.59 69.62 44.08
C GLN VA 59 17.99 70.21 44.21
N GLU VA 60 18.16 71.40 43.66
CA GLU VA 60 19.38 72.19 43.82
C GLU VA 60 19.53 72.71 45.24
N LYS VA 61 18.41 73.07 45.84
CA LYS VA 61 18.34 73.80 47.09
C LYS VA 61 18.77 72.92 48.26
N SER VA 62 19.28 73.56 49.30
CA SER VA 62 19.42 72.85 50.56
C SER VA 62 18.05 72.58 51.14
N LYS VA 63 17.98 71.62 52.06
CA LYS VA 63 16.70 71.29 52.67
C LYS VA 63 16.17 72.43 53.53
N ILE VA 64 17.06 73.22 54.15
CA ILE VA 64 16.65 74.36 54.94
C ILE VA 64 17.42 75.58 54.46
N ALA VA 65 16.92 76.75 54.85
CA ALA VA 65 17.62 78.03 54.68
C ALA VA 65 17.72 78.72 56.02
N ILE VA 66 18.89 79.29 56.31
CA ILE VA 66 19.11 80.03 57.55
C ILE VA 66 19.44 81.47 57.20
N ASP VA 67 18.73 82.39 57.84
CA ASP VA 67 18.92 83.82 57.63
C ASP VA 67 20.00 84.31 58.60
N GLU VA 68 21.13 84.77 58.05
CA GLU VA 68 22.22 85.26 58.90
C GLU VA 68 21.78 86.45 59.71
N ASN VA 69 21.02 87.36 59.10
CA ASN VA 69 20.73 88.64 59.72
C ASN VA 69 19.77 88.49 60.89
N LYS VA 70 18.99 87.41 60.93
CA LYS VA 70 18.07 87.14 62.04
C LYS VA 70 18.64 86.18 63.07
N CYS VA 71 19.54 85.28 62.66
CA CYS VA 71 20.09 84.25 63.52
C CYS VA 71 20.91 84.86 64.67
N VAL VA 72 20.55 84.50 65.91
CA VAL VA 72 21.26 84.96 67.10
C VAL VA 72 22.19 83.89 67.65
N LEU VA 73 22.36 82.78 66.92
CA LEU VA 73 23.25 81.68 67.30
C LEU VA 73 23.05 81.27 68.76
N CYS VA 74 21.81 81.01 69.13
CA CYS VA 74 21.56 80.54 70.50
C CYS VA 74 21.71 79.04 70.62
N GLY VA 75 21.49 78.30 69.54
CA GLY VA 75 21.74 76.88 69.53
C GLY VA 75 20.58 76.00 69.95
N MET VA 76 19.36 76.53 69.97
CA MET VA 76 18.22 75.67 70.28
C MET VA 76 17.95 74.68 69.15
N CYS VA 77 18.07 75.14 67.90
CA CYS VA 77 17.87 74.26 66.76
C CYS VA 77 18.86 73.11 66.78
N SER VA 78 20.12 73.41 67.12
CA SER VA 78 21.11 72.36 67.25
C SER VA 78 20.75 71.39 68.37
N SER VA 79 20.19 71.92 69.46
CA SER VA 79 19.81 71.09 70.60
C SER VA 79 18.67 70.16 70.25
N ILE VA 80 17.65 70.65 69.55
CA ILE VA 80 16.44 69.87 69.32
C ILE VA 80 16.63 68.80 68.23
N CYS VA 81 17.49 69.05 67.23
CA CYS VA 81 17.62 68.25 66.03
C CYS VA 81 17.84 66.77 66.33
N PRO VA 82 16.86 65.91 66.02
CA PRO VA 82 17.03 64.48 66.30
C PRO VA 82 18.02 63.78 65.38
N PHE VA 83 18.46 64.43 64.30
CA PHE VA 83 19.27 63.77 63.28
C PHE VA 83 20.70 64.30 63.25
N GLN VA 84 21.09 65.10 64.24
CA GLN VA 84 22.45 65.62 64.39
C GLN VA 84 22.90 66.37 63.14
N ALA VA 85 21.96 66.97 62.42
CA ALA VA 85 22.27 67.71 61.19
C ALA VA 85 22.67 69.16 61.47
N LEU VA 86 22.47 69.64 62.69
CA LEU VA 86 22.81 71.00 63.09
C LEU VA 86 23.72 70.95 64.30
N ASP VA 87 24.87 71.61 64.21
CA ASP VA 87 25.84 71.63 65.29
C ASP VA 87 26.26 73.06 65.55
N LEU VA 88 26.03 73.55 66.77
CA LEU VA 88 26.54 74.85 67.17
C LEU VA 88 27.84 74.66 67.94
N GLN VA 89 28.85 75.44 67.61
CA GLN VA 89 30.17 75.35 68.24
C GLN VA 89 30.54 76.70 68.85
N ILE VA 90 31.19 76.68 70.00
CA ILE VA 90 31.63 77.90 70.69
C ILE VA 90 33.10 77.81 71.08
N ASP VA 91 33.96 78.67 70.49
CA ASP VA 91 35.40 78.83 70.80
C ASP VA 91 36.14 77.50 70.78
N GLY VA 92 36.24 76.96 69.58
CA GLY VA 92 35.55 75.76 69.08
C GLY VA 92 35.11 74.38 69.52
N THR VA 93 34.24 74.34 70.51
CA THR VA 93 33.68 73.10 71.04
C THR VA 93 32.17 73.05 70.75
N SER VA 94 31.68 71.85 70.43
CA SER VA 94 30.28 71.65 70.11
C SER VA 94 29.48 71.66 71.39
N ILE VA 95 28.24 72.17 71.33
CA ILE VA 95 27.51 72.46 72.56
C ILE VA 95 27.13 71.18 73.29
N LYS VA 96 27.11 70.04 72.59
CA LYS VA 96 26.68 68.80 73.23
C LYS VA 96 27.63 68.39 74.35
N GLU VA 97 28.82 68.97 74.37
CA GLU VA 97 29.83 68.72 75.37
C GLU VA 97 29.87 69.78 76.44
N LEU VA 98 29.12 70.86 76.25
CA LEU VA 98 29.04 71.96 77.20
C LEU VA 98 27.79 71.74 78.04
N ALA VA 99 27.97 71.60 79.36
CA ALA VA 99 26.86 71.32 80.25
C ALA VA 99 25.92 72.50 80.42
N GLU VA 100 26.36 73.72 80.17
CA GLU VA 100 25.44 74.85 80.26
C GLU VA 100 24.33 74.75 79.23
N TYR VA 101 24.57 74.06 78.12
CA TYR VA 101 23.58 73.96 77.05
C TYR VA 101 22.70 72.73 77.24
N PRO VA 102 21.38 72.88 77.31
CA PRO VA 102 20.50 71.71 77.41
C PRO VA 102 20.65 70.77 76.22
N LYS VA 103 20.57 69.48 76.49
CA LYS VA 103 20.77 68.41 75.53
C LYS VA 103 19.59 67.46 75.61
N ILE VA 104 19.09 66.99 74.46
CA ILE VA 104 18.05 65.96 74.49
C ILE VA 104 18.68 64.66 74.97
N ILE VA 105 17.93 63.90 75.75
CA ILE VA 105 18.42 62.68 76.37
C ILE VA 105 17.98 61.50 75.52
N LYS VA 106 18.97 60.73 75.05
CA LYS VA 106 18.76 59.60 74.15
C LYS VA 106 19.98 58.71 74.26
N SER VA 107 19.82 57.45 73.87
CA SER VA 107 20.96 56.54 73.90
C SER VA 107 20.66 55.31 73.05
N ALA VA 108 21.73 54.65 72.61
CA ALA VA 108 21.66 53.41 71.85
C ALA VA 108 22.95 52.66 72.14
N GLU VA 109 22.84 51.45 72.68
CA GLU VA 109 24.03 50.73 73.10
C GLU VA 109 23.87 49.24 72.87
N ILE VA 110 25.01 48.60 72.63
CA ILE VA 110 25.08 47.17 72.41
C ILE VA 110 26.05 46.59 73.44
N ASP VA 111 25.57 45.60 74.20
CA ASP VA 111 26.41 44.85 75.13
C ASP VA 111 27.24 43.85 74.32
N ASP VA 112 28.54 44.12 74.18
CA ASP VA 112 29.35 43.31 73.27
C ASP VA 112 29.52 41.88 73.77
N GLU VA 113 29.38 41.63 75.07
CA GLU VA 113 29.55 40.28 75.57
C GLU VA 113 28.32 39.42 75.36
N THR VA 114 27.13 40.02 75.39
CA THR VA 114 25.92 39.28 75.06
C THR VA 114 25.81 39.05 73.56
N CYS VA 115 26.22 40.05 72.78
CA CYS VA 115 26.17 40.00 71.33
C CYS VA 115 26.83 38.74 70.77
N ILE VA 116 26.16 38.10 69.82
CA ILE VA 116 26.65 36.89 69.17
C ILE VA 116 26.96 37.12 67.70
N GLN VA 117 26.95 38.39 67.25
CA GLN VA 117 27.41 38.77 65.91
C GLN VA 117 26.51 38.22 64.80
N CYS VA 118 25.20 38.18 65.03
CA CYS VA 118 24.30 37.69 63.99
C CYS VA 118 24.06 38.72 62.89
N LYS VA 119 24.32 40.01 63.19
CA LYS VA 119 24.23 41.18 62.29
C LYS VA 119 22.81 41.51 61.84
N ALA VA 120 21.78 40.99 62.52
CA ALA VA 120 20.41 41.36 62.17
C ALA VA 120 20.21 42.86 62.32
N CYS VA 121 20.77 43.46 63.38
CA CYS VA 121 20.58 44.89 63.62
C CYS VA 121 21.29 45.72 62.56
N GLU VA 122 22.47 45.27 62.11
CA GLU VA 122 23.16 45.93 61.01
C GLU VA 122 22.25 46.03 59.80
N THR VA 123 21.59 44.92 59.46
CA THR VA 123 20.64 44.92 58.35
C THR VA 123 19.41 45.77 58.65
N ALA VA 124 18.93 45.72 59.90
CA ALA VA 124 17.66 46.37 60.25
C ALA VA 124 17.78 47.89 60.40
N CYS VA 125 18.97 48.38 60.75
CA CYS VA 125 19.16 49.80 61.04
C CYS VA 125 18.77 50.68 59.86
N PRO VA 126 17.70 51.48 59.99
CA PRO VA 126 17.28 52.32 58.85
C PRO VA 126 18.28 53.40 58.48
N GLN VA 127 19.26 53.69 59.33
CA GLN VA 127 20.24 54.73 59.09
C GLN VA 127 21.63 54.22 58.77
N ASP VA 128 21.82 52.90 58.66
CA ASP VA 128 23.13 52.29 58.48
C ASP VA 128 24.14 52.82 59.49
N ALA VA 129 23.69 52.99 60.73
CA ALA VA 129 24.54 53.49 61.79
C ALA VA 129 25.38 52.40 62.44
N ILE VA 130 25.04 51.13 62.24
CA ILE VA 130 25.67 50.02 62.96
C ILE VA 130 26.69 49.34 62.05
N THR VA 131 27.87 49.06 62.63
CA THR VA 131 28.84 48.13 62.04
C THR VA 131 28.98 46.92 62.94
N ILE VA 132 28.79 45.74 62.37
CA ILE VA 132 29.02 44.47 63.05
C ILE VA 132 30.08 43.70 62.27
N THR VA 133 31.19 43.39 62.93
CA THR VA 133 32.20 42.51 62.35
C THR VA 133 32.14 41.15 63.00
N ARG VA 134 32.53 40.13 62.25
CA ARG VA 134 32.67 38.80 62.84
C ARG VA 134 33.73 38.02 62.06
N GLU VA 135 34.55 37.29 62.80
CA GLU VA 135 35.57 36.42 62.22
C GLU VA 135 35.09 34.98 62.36
N LEU VA 136 34.88 34.33 61.23
CA LEU VA 136 34.49 32.94 61.22
C LEU VA 136 35.73 32.05 61.22
N PRO VA 137 35.61 30.80 61.64
CA PRO VA 137 36.75 29.89 61.54
C PRO VA 137 37.06 29.57 60.09
N GLU VA 138 38.29 29.17 59.86
CA GLU VA 138 38.70 28.73 58.53
C GLU VA 138 38.10 27.36 58.23
N ARG VA 139 37.82 27.13 56.94
CA ARG VA 139 37.16 25.89 56.52
C ARG VA 139 37.97 24.67 56.91
N LYS VA 140 39.28 24.71 56.67
CA LYS VA 140 40.17 23.60 57.01
C LYS VA 140 40.00 23.14 58.45
N ASP VA 141 39.70 24.06 59.37
CA ASP VA 141 39.60 23.74 60.80
C ASP VA 141 38.24 23.15 61.19
N LEU VA 142 37.28 23.05 60.28
CA LEU VA 142 36.00 22.45 60.58
C LEU VA 142 35.86 21.11 59.92
N VAL VA 143 36.97 20.53 59.46
CA VAL VA 143 36.87 19.37 58.60
C VAL VA 143 38.19 18.59 58.80
N THR VA 144 38.17 17.25 58.64
CA THR VA 144 39.43 16.50 58.79
C THR VA 144 39.46 15.29 57.86
N GLY VA 145 40.62 15.04 57.26
CA GLY VA 145 40.77 13.91 56.35
C GLY VA 145 42.15 13.89 55.73
N GLU VA 146 42.40 12.82 54.97
CA GLU VA 146 43.61 12.68 54.17
C GLU VA 146 43.23 12.57 52.70
N ILE VA 147 44.06 13.15 51.84
CA ILE VA 147 43.84 13.03 50.40
C ILE VA 147 45.19 13.12 49.69
N GLU VA 148 45.42 12.17 48.78
CA GLU VA 148 46.63 12.11 47.98
C GLU VA 148 46.27 11.65 46.57
N ILE VA 149 46.93 12.24 45.59
CA ILE VA 149 46.75 11.87 44.19
C ILE VA 149 48.06 11.30 43.67
N ASP VA 150 48.00 10.06 43.18
CA ASP VA 150 49.16 9.43 42.54
C ASP VA 150 49.24 9.91 41.11
N LYS VA 151 50.18 10.82 40.85
CA LYS VA 151 50.25 11.46 39.54
C LYS VA 151 50.78 10.53 38.44
N ASP VA 152 51.49 9.46 38.80
CA ASP VA 152 51.91 8.49 37.79
C ASP VA 152 50.74 7.67 37.28
N THR VA 153 49.84 7.26 38.19
CA THR VA 153 48.63 6.55 37.77
C THR VA 153 47.67 7.48 37.04
N CYS VA 154 47.63 8.74 37.45
CA CYS VA 154 46.73 9.73 36.89
C CYS VA 154 46.89 9.87 35.38
N ILE VA 155 45.77 9.86 34.66
CA ILE VA 155 45.75 10.01 33.20
C ILE VA 155 45.21 11.36 32.77
N TYR VA 156 44.92 12.25 33.72
CA TYR VA 156 44.53 13.63 33.45
C TYR VA 156 43.24 13.70 32.63
N CYS VA 157 42.26 12.88 32.98
CA CYS VA 157 40.98 12.93 32.28
C CYS VA 157 40.15 14.12 32.71
N GLY VA 158 40.52 14.81 33.79
CA GLY VA 158 39.83 16.00 34.22
C GLY VA 158 38.54 15.77 34.99
N MET VA 159 38.08 14.53 35.12
CA MET VA 159 36.76 14.30 35.70
C MET VA 159 36.69 14.72 37.16
N CYS VA 160 37.77 14.52 37.92
CA CYS VA 160 37.76 14.95 39.32
C CYS VA 160 37.76 16.46 39.42
N GLU VA 161 38.53 17.14 38.56
CA GLU VA 161 38.53 18.59 38.56
C GLU VA 161 37.13 19.14 38.28
N GLU VA 162 36.42 18.51 37.32
CA GLU VA 162 35.06 18.93 37.02
C GLU VA 162 34.11 18.67 38.19
N MET VA 163 34.16 17.45 38.75
CA MET VA 163 33.17 17.06 39.75
C MET VA 163 33.39 17.69 41.11
N CYS VA 164 34.62 18.09 41.43
CA CYS VA 164 34.95 18.65 42.74
C CYS VA 164 34.05 19.85 43.04
N PRO VA 165 33.18 19.74 44.05
CA PRO VA 165 32.17 20.80 44.28
C PRO VA 165 32.75 22.06 44.90
N VAL VA 166 34.00 22.03 45.36
CA VAL VA 166 34.65 23.20 45.95
C VAL VA 166 35.84 23.66 45.14
N ASP VA 167 36.02 23.16 43.91
CA ASP VA 167 37.16 23.50 43.06
C ASP VA 167 38.47 23.37 43.83
N ALA VA 168 38.60 22.28 44.60
CA ALA VA 168 39.83 22.03 45.34
C ALA VA 168 40.93 21.42 44.49
N ILE VA 169 40.59 20.77 43.38
CA ILE VA 169 41.56 20.11 42.52
C ILE VA 169 41.90 21.03 41.36
N GLU VA 170 43.18 21.10 41.02
CA GLU VA 170 43.69 21.95 39.94
C GLU VA 170 44.59 21.13 39.04
N ILE VA 171 44.41 21.29 37.73
CA ILE VA 171 45.20 20.59 36.73
C ILE VA 171 45.90 21.61 35.84
N ASP VA 172 47.20 21.41 35.62
CA ASP VA 172 47.98 22.29 34.75
C ASP VA 172 47.84 21.78 33.32
N HIS VA 173 46.70 22.12 32.70
CA HIS VA 173 46.44 21.75 31.32
C HIS VA 173 47.46 22.39 30.38
N GLN VA 174 47.67 21.73 29.24
CA GLN VA 174 48.49 22.31 28.19
C GLN VA 174 48.12 21.65 26.86
N THR VA 175 48.48 22.32 25.78
CA THR VA 175 48.47 21.68 24.47
C THR VA 175 49.75 20.89 24.30
N PRO VA 176 49.69 19.64 23.84
CA PRO VA 176 50.92 18.87 23.69
C PRO VA 176 51.83 19.46 22.62
N SER VA 177 53.13 19.18 22.80
CA SER VA 177 54.15 19.45 21.80
C SER VA 177 54.98 18.19 21.67
N SER VA 178 55.78 18.13 20.60
CA SER VA 178 56.65 16.97 20.44
C SER VA 178 57.65 16.88 21.58
N ALA VA 179 58.03 18.02 22.16
CA ALA VA 179 58.92 18.01 23.32
C ALA VA 179 58.19 17.57 24.58
N SER VA 180 56.92 17.94 24.74
CA SER VA 180 56.12 17.62 25.92
C SER VA 180 54.81 17.00 25.47
N PRO VA 181 54.82 15.68 25.10
CA PRO VA 181 53.64 15.02 24.54
C PRO VA 181 52.63 14.56 25.59
N VAL VA 182 52.10 15.53 26.34
CA VAL VA 182 51.13 15.28 27.40
C VAL VA 182 50.09 16.39 27.37
N VAL VA 183 48.87 16.07 27.84
CA VAL VA 183 47.79 17.06 27.90
C VAL VA 183 47.77 17.80 29.22
N ALA VA 184 48.65 17.46 30.17
CA ALA VA 184 48.77 18.15 31.44
C ALA VA 184 50.10 17.77 32.07
N THR VA 185 50.63 18.68 32.89
CA THR VA 185 51.94 18.48 33.51
C THR VA 185 51.88 18.28 35.02
N ASP VA 186 50.74 18.50 35.66
CA ASP VA 186 50.65 18.38 37.11
C ASP VA 186 49.17 18.37 37.52
N ILE VA 187 48.93 17.87 38.73
CA ILE VA 187 47.59 17.90 39.34
C ILE VA 187 47.77 18.08 40.84
N ARG VA 188 46.88 18.89 41.44
CA ARG VA 188 47.03 19.26 42.84
C ARG VA 188 45.68 19.31 43.54
N VAL VA 189 45.68 19.02 44.84
CA VAL VA 189 44.55 19.21 45.73
C VAL VA 189 44.89 20.30 46.75
N ASP VA 190 44.02 21.30 46.86
CA ASP VA 190 44.17 22.36 47.85
C ASP VA 190 43.41 21.92 49.10
N GLU VA 191 44.15 21.43 50.10
CA GLU VA 191 43.52 20.87 51.28
C GLU VA 191 42.88 21.93 52.17
N ASP VA 192 43.20 23.20 51.97
CA ASP VA 192 42.47 24.27 52.64
C ASP VA 192 41.04 24.38 52.13
N LYS VA 193 40.76 23.85 50.94
CA LYS VA 193 39.43 23.89 50.34
C LYS VA 193 38.70 22.55 50.43
N CYS VA 194 39.42 21.44 50.33
CA CYS VA 194 38.83 20.12 50.37
C CYS VA 194 38.01 19.90 51.64
N VAL VA 195 36.77 19.43 51.48
CA VAL VA 195 35.91 19.08 52.61
C VAL VA 195 35.65 17.58 52.68
N HIS VA 196 36.41 16.79 51.92
CA HIS VA 196 36.43 15.33 52.02
C HIS VA 196 35.05 14.70 51.81
N CYS VA 197 34.38 15.10 50.72
CA CYS VA 197 33.10 14.47 50.39
C CYS VA 197 33.28 13.15 49.67
N GLY VA 198 34.45 12.92 49.06
CA GLY VA 198 34.76 11.64 48.43
C GLY VA 198 34.43 11.53 46.96
N ILE VA 199 33.88 12.57 46.35
CA ILE VA 199 33.38 12.46 44.98
C ILE VA 199 34.52 12.14 44.01
N CYS VA 200 35.65 12.86 44.12
CA CYS VA 200 36.75 12.66 43.18
C CYS VA 200 37.19 11.20 43.17
N LYS VA 201 37.38 10.62 44.36
CA LYS VA 201 37.86 9.25 44.44
C LYS VA 201 36.87 8.27 43.81
N ARG VA 202 35.57 8.56 43.89
CA ARG VA 202 34.59 7.68 43.24
C ARG VA 202 34.55 7.86 41.72
N ILE VA 203 34.80 9.05 41.20
CA ILE VA 203 34.69 9.26 39.75
C ILE VA 203 35.97 8.89 39.00
N CYS VA 204 37.11 8.84 39.68
CA CYS VA 204 38.39 8.54 39.05
C CYS VA 204 38.35 7.20 38.34
N PRO VA 205 38.58 7.15 37.02
CA PRO VA 205 38.50 5.87 36.31
C PRO VA 205 39.66 4.93 36.58
N VAL VA 206 40.77 5.41 37.14
CA VAL VA 206 41.94 4.57 37.33
C VAL VA 206 42.34 4.47 38.81
N ASP VA 207 41.44 4.84 39.72
CA ASP VA 207 41.68 4.77 41.17
C ASP VA 207 43.05 5.36 41.54
N ALA VA 208 43.30 6.57 41.10
CA ALA VA 208 44.56 7.25 41.38
C ALA VA 208 44.49 8.14 42.62
N ILE VA 209 43.31 8.28 43.23
CA ILE VA 209 43.08 9.18 44.34
C ILE VA 209 42.79 8.36 45.59
N MET VA 210 43.57 8.58 46.64
CA MET VA 210 43.27 8.03 47.95
C MET VA 210 42.68 9.15 48.81
N GLN VA 211 41.50 8.91 49.37
CA GLN VA 211 40.81 9.94 50.13
C GLN VA 211 40.02 9.28 51.25
N VAL VA 212 40.16 9.82 52.46
CA VAL VA 212 39.50 9.28 53.64
C VAL VA 212 39.04 10.46 54.47
N CYS VA 213 37.76 10.52 54.81
CA CYS VA 213 37.31 11.49 55.80
C CYS VA 213 37.46 10.91 57.20
N ARG VA 214 37.92 11.75 58.13
CA ARG VA 214 38.16 11.33 59.49
C ARG VA 214 37.15 11.88 60.49
N ILE VA 215 36.12 12.61 60.03
CA ILE VA 215 35.23 13.30 60.97
C ILE VA 215 34.66 12.33 62.00
N CYS VA 216 34.08 11.23 61.56
CA CYS VA 216 33.43 10.34 62.53
C CYS VA 216 34.43 9.70 63.48
N PRO VA 217 35.54 9.10 63.03
CA PRO VA 217 36.45 8.50 64.03
C PRO VA 217 37.23 9.50 64.86
N TYR VA 218 37.73 10.60 64.26
CA TYR VA 218 38.64 11.50 64.96
C TYR VA 218 38.09 12.91 65.16
N GLY VA 219 36.81 13.17 64.85
CA GLY VA 219 36.29 14.52 64.93
C GLY VA 219 36.38 15.15 66.31
N GLU VA 220 36.05 14.38 67.35
CA GLU VA 220 36.23 14.87 68.72
C GLU VA 220 37.61 15.50 68.89
N TYR VA 221 38.65 14.82 68.40
CA TYR VA 221 40.01 15.21 68.73
C TYR VA 221 40.55 16.23 67.73
N GLU VA 222 40.27 16.03 66.45
CA GLU VA 222 40.83 16.84 65.37
C GLU VA 222 40.08 18.14 65.04
N ILE VA 223 38.79 18.29 65.35
CA ILE VA 223 38.06 19.52 65.01
C ILE VA 223 37.78 20.33 66.28
N LYS VA 224 38.26 21.56 66.31
CA LYS VA 224 38.02 22.45 67.43
C LYS VA 224 36.64 23.10 67.29
N THR VA 225 35.87 23.07 68.37
CA THR VA 225 34.57 23.72 68.40
C THR VA 225 34.72 25.20 68.04
N PRO VA 226 33.90 25.73 67.13
CA PRO VA 226 34.10 27.11 66.67
C PRO VA 226 33.69 28.13 67.72
N GLU VA 227 34.61 29.02 68.05
CA GLU VA 227 34.31 30.25 68.79
C GLU VA 227 34.34 31.40 67.80
N VAL VA 228 33.23 32.11 67.67
CA VAL VA 228 33.11 33.19 66.68
C VAL VA 228 33.18 34.53 67.39
N THR VA 229 34.15 35.33 67.01
CA THR VA 229 34.43 36.64 67.59
C THR VA 229 33.99 37.77 66.67
N GLY VA 230 33.94 38.96 67.25
CA GLY VA 230 33.66 40.18 66.54
C GLY VA 230 33.28 41.27 67.52
N THR VA 231 32.98 42.45 66.98
CA THR VA 231 32.57 43.59 67.80
C THR VA 231 31.51 44.40 67.06
N SER VA 232 31.02 45.43 67.74
CA SER VA 232 29.92 46.25 67.26
C SER VA 232 30.25 47.73 67.40
N TYR VA 233 29.58 48.54 66.59
CA TYR VA 233 29.76 49.99 66.64
C TYR VA 233 28.49 50.69 66.18
N ILE VA 234 28.00 51.62 67.00
CA ILE VA 234 26.86 52.46 66.66
C ILE VA 234 27.38 53.87 66.42
N ASP VA 235 27.25 54.35 65.20
CA ASP VA 235 27.66 55.69 64.82
C ASP VA 235 26.76 56.72 65.48
N PRO VA 236 27.26 57.51 66.44
CA PRO VA 236 26.36 58.44 67.16
C PRO VA 236 25.80 59.54 66.28
N GLU VA 237 26.38 59.78 65.10
CA GLU VA 237 25.84 60.82 64.23
C GLU VA 237 24.73 60.28 63.35
N LEU VA 238 24.90 59.08 62.81
CA LEU VA 238 23.86 58.45 62.00
C LEU VA 238 22.72 57.90 62.83
N CYS VA 239 23.01 57.52 64.08
CA CYS VA 239 22.02 56.87 64.92
C CYS VA 239 20.86 57.81 65.24
N VAL VA 240 19.66 57.25 65.26
CA VAL VA 240 18.42 58.01 65.33
C VAL VA 240 17.52 57.54 66.46
N ASN VA 241 17.88 56.44 67.11
CA ASN VA 241 17.19 55.92 68.31
C ASN VA 241 15.79 55.44 67.95
N CYS VA 242 15.62 54.86 66.78
CA CYS VA 242 14.31 54.30 66.46
C CYS VA 242 14.05 53.04 67.27
N GLY VA 243 15.09 52.27 67.58
CA GLY VA 243 14.92 51.08 68.38
C GLY VA 243 14.79 49.80 67.60
N TRP VA 244 14.95 49.83 66.28
CA TRP VA 244 14.89 48.61 65.48
C TRP VA 244 15.89 47.57 65.97
N CYS VA 245 17.10 47.99 66.31
CA CYS VA 245 18.12 47.05 66.77
C CYS VA 245 17.70 46.37 68.06
N GLN VA 246 17.22 47.15 69.03
CA GLN VA 246 16.73 46.60 70.29
C GLN VA 246 15.71 45.50 70.09
N GLU VA 247 14.71 45.73 69.24
CA GLU VA 247 13.63 44.77 69.07
C GLU VA 247 13.98 43.62 68.14
N ILE VA 248 14.86 43.86 67.16
CA ILE VA 248 15.20 42.78 66.24
C ILE VA 248 16.21 41.81 66.84
N CYS VA 249 16.92 42.22 67.88
CA CYS VA 249 18.03 41.46 68.43
C CYS VA 249 17.56 40.16 69.06
N PRO VA 250 18.04 38.99 68.60
CA PRO VA 250 17.57 37.73 69.17
C PRO VA 250 18.05 37.45 70.59
N VAL VA 251 19.07 38.16 71.09
CA VAL VA 251 19.58 37.90 72.44
C VAL VA 251 19.47 39.14 73.33
N ASP VA 252 18.61 40.09 72.96
CA ASP VA 252 18.35 41.32 73.72
C ASP VA 252 19.65 42.02 74.13
N ALA VA 253 20.60 42.08 73.20
CA ALA VA 253 21.87 42.73 73.51
C ALA VA 253 21.87 44.22 73.22
N ALA VA 254 20.84 44.74 72.56
CA ALA VA 254 20.78 46.15 72.19
C ALA VA 254 19.69 46.85 73.00
N THR VA 255 20.01 48.05 73.48
CA THR VA 255 19.14 48.85 74.33
C THR VA 255 19.09 50.28 73.80
N VAL VA 256 17.88 50.83 73.66
CA VAL VA 256 17.69 52.15 73.09
C VAL VA 256 16.68 52.91 73.93
N THR VA 257 16.99 54.18 74.20
CA THR VA 257 16.04 55.13 74.78
C THR VA 257 15.91 56.33 73.85
N LYS VA 258 14.71 56.88 73.78
CA LYS VA 258 14.37 57.93 72.82
C LYS VA 258 14.18 59.28 73.49
N PRO VA 259 14.31 60.38 72.72
CA PRO VA 259 14.13 61.71 73.33
C PRO VA 259 12.68 62.12 73.52
N PHE VA 260 11.78 61.76 72.60
CA PHE VA 260 10.41 62.24 72.60
C PHE VA 260 9.43 61.13 72.93
N GLU VA 261 8.35 61.50 73.60
CA GLU VA 261 7.18 60.65 73.81
C GLU VA 261 5.97 61.27 73.12
N GLY VA 262 5.13 60.46 72.51
CA GLY VA 262 4.01 61.01 71.76
C GLY VA 262 3.07 59.97 71.20
N GLU VA 263 2.30 60.38 70.19
CA GLU VA 263 1.31 59.56 69.52
C GLU VA 263 1.44 59.67 68.01
N LEU VA 264 1.07 58.58 67.31
CA LEU VA 264 0.83 58.59 65.88
C LEU VA 264 -0.65 58.30 65.63
N ILE VA 265 -1.28 59.09 64.78
CA ILE VA 265 -2.68 58.89 64.42
C ILE VA 265 -2.84 58.96 62.91
N ILE VA 266 -3.46 57.93 62.33
CA ILE VA 266 -3.61 57.78 60.89
C ILE VA 266 -5.11 57.69 60.60
N ASP VA 267 -5.56 58.44 59.59
CA ASP VA 267 -6.93 58.31 59.09
C ASP VA 267 -6.84 57.53 57.78
N GLN VA 268 -7.17 56.23 57.87
CA GLN VA 268 -7.02 55.32 56.73
C GLN VA 268 -7.84 55.76 55.52
N ASP VA 269 -8.97 56.43 55.72
CA ASP VA 269 -9.80 56.81 54.58
C ASP VA 269 -9.33 58.10 53.91
N THR VA 270 -8.76 59.03 54.66
CA THR VA 270 -8.17 60.20 54.04
C THR VA 270 -6.93 59.83 53.24
N CYS VA 271 -6.17 58.86 53.74
CA CYS VA 271 -4.98 58.35 53.07
C CYS VA 271 -5.30 57.80 51.68
N GLN VA 272 -4.55 58.25 50.68
CA GLN VA 272 -4.69 57.76 49.31
C GLN VA 272 -3.46 56.99 48.85
N ALA VA 273 -2.55 56.67 49.77
CA ALA VA 273 -1.44 55.74 49.52
C ALA VA 273 -0.49 56.23 48.42
N CYS VA 274 -0.18 57.53 48.43
CA CYS VA 274 0.80 58.03 47.47
C CYS VA 274 2.22 57.59 47.80
N GLU VA 275 2.43 57.05 49.00
CA GLU VA 275 3.67 56.47 49.56
C GLU VA 275 4.67 57.52 50.06
N THR VA 276 4.33 58.81 50.07
CA THR VA 276 5.31 59.82 50.48
C THR VA 276 5.79 59.58 51.91
N CYS VA 277 4.86 59.49 52.86
CA CYS VA 277 5.26 59.34 54.26
C CYS VA 277 6.10 58.10 54.47
N VAL VA 278 5.77 57.03 53.74
CA VAL VA 278 6.53 55.79 53.84
C VAL VA 278 7.98 56.04 53.46
N MET VA 279 8.21 56.79 52.39
CA MET VA 279 9.57 57.11 51.96
C MET VA 279 10.22 58.13 52.87
N VAL VA 280 9.44 59.05 53.45
CA VAL VA 280 10.01 60.11 54.26
C VAL VA 280 10.53 59.57 55.58
N CYS VA 281 9.79 58.63 56.20
CA CYS VA 281 10.08 58.12 57.53
C CYS VA 281 11.52 57.62 57.65
N PRO VA 282 12.36 58.32 58.42
CA PRO VA 282 13.76 57.89 58.60
C PRO VA 282 13.90 56.71 59.54
N CYS VA 283 12.84 56.32 60.24
CA CYS VA 283 12.88 55.22 61.19
C CYS VA 283 12.17 53.98 60.68
N ASN VA 284 11.65 53.99 59.45
CA ASN VA 284 10.98 52.84 58.85
C ASN VA 284 9.79 52.41 59.70
N VAL VA 285 8.99 53.40 60.13
CA VAL VA 285 7.82 53.13 60.96
C VAL VA 285 6.65 52.68 60.10
N LEU VA 286 6.55 53.19 58.87
CA LEU VA 286 5.37 53.07 58.03
C LEU VA 286 5.63 52.12 56.86
N SER VA 287 4.62 51.33 56.51
CA SER VA 287 4.77 50.36 55.43
C SER VA 287 3.42 50.08 54.79
N PHE VA 288 3.48 49.47 53.60
CA PHE VA 288 2.33 48.98 52.84
C PHE VA 288 2.34 47.46 52.88
N PRO VA 289 1.65 46.82 53.84
CA PRO VA 289 1.62 45.35 53.86
C PRO VA 289 1.04 44.78 52.57
N LYS VA 290 1.72 43.77 52.04
CA LYS VA 290 1.22 43.00 50.90
C LYS VA 290 0.24 41.94 51.42
N PRO VA 291 -0.91 41.76 50.78
CA PRO VA 291 -1.88 40.76 51.28
C PRO VA 291 -1.38 39.32 51.28
N GLU VA 292 -1.82 38.55 52.29
CA GLU VA 292 -1.37 37.16 52.44
C GLU VA 292 -1.77 36.30 51.25
N LYS VA 293 -3.02 36.42 50.83
CA LYS VA 293 -3.67 35.54 49.88
C LYS VA 293 -4.51 36.37 48.93
N PRO VA 294 -4.84 35.85 47.76
CA PRO VA 294 -5.70 36.60 46.84
C PRO VA 294 -7.07 36.84 47.45
N GLY VA 295 -7.58 38.06 47.26
CA GLY VA 295 -8.85 38.46 47.80
C GLY VA 295 -8.78 39.02 49.20
N GLU VA 296 -7.68 38.78 49.89
CA GLU VA 296 -7.53 39.29 51.24
C GLU VA 296 -7.14 40.76 51.18
N LYS VA 297 -7.60 41.52 52.16
CA LYS VA 297 -7.22 42.92 52.19
C LYS VA 297 -6.50 43.28 53.48
N THR VA 298 -5.73 44.37 53.39
CA THR VA 298 -4.79 44.76 54.43
C THR VA 298 -5.04 46.20 54.82
N THR VA 299 -4.47 46.60 55.96
CA THR VA 299 -4.51 47.99 56.36
C THR VA 299 -3.78 48.84 55.33
N LYS VA 300 -4.42 49.94 54.91
CA LYS VA 300 -3.85 50.74 53.82
C LYS VA 300 -2.46 51.25 54.20
N LEU VA 301 -2.32 51.84 55.37
CA LEU VA 301 -1.05 52.39 55.85
C LEU VA 301 -0.81 51.84 57.25
N HIS VA 302 0.23 51.02 57.38
CA HIS VA 302 0.53 50.33 58.63
C HIS VA 302 1.67 51.01 59.37
N LYS VA 303 1.51 51.18 60.67
CA LYS VA 303 2.54 51.74 61.53
C LYS VA 303 2.93 50.73 62.60
N ASP VA 304 4.12 50.93 63.15
CA ASP VA 304 4.55 50.25 64.38
C ASP VA 304 5.30 51.30 65.18
N GLU VA 305 4.63 51.88 66.17
CA GLU VA 305 5.16 53.02 66.89
C GLU VA 305 6.36 52.67 67.76
N ARG VA 306 6.70 51.38 67.91
CA ARG VA 306 7.92 51.03 68.63
C ARG VA 306 9.15 51.68 68.03
N PHE VA 307 9.15 51.90 66.72
CA PHE VA 307 10.30 52.45 66.01
C PHE VA 307 10.18 53.95 65.78
N CYS VA 308 9.11 54.56 66.29
CA CYS VA 308 8.79 55.95 66.07
C CYS VA 308 9.50 56.87 67.06
N ILE VA 309 9.94 58.03 66.58
CA ILE VA 309 10.56 59.04 67.43
C ILE VA 309 9.80 60.36 67.44
N TYR VA 310 8.67 60.45 66.73
CA TYR VA 310 7.79 61.62 66.76
C TYR VA 310 8.51 62.88 66.28
N CYS VA 311 9.36 62.73 65.26
CA CYS VA 311 10.00 63.90 64.67
C CYS VA 311 9.01 64.71 63.84
N GLY VA 312 7.94 64.09 63.35
CA GLY VA 312 6.88 64.79 62.65
C GLY VA 312 7.05 64.92 61.15
N ALA VA 313 8.06 64.29 60.55
CA ALA VA 313 8.31 64.49 59.13
C ALA VA 313 7.22 63.88 58.26
N CYS VA 314 6.60 62.79 58.72
CA CYS VA 314 5.53 62.16 57.95
C CYS VA 314 4.32 63.09 57.84
N GLU VA 315 3.82 63.56 58.99
CA GLU VA 315 2.74 64.54 59.01
C GLU VA 315 3.08 65.72 58.12
N ARG VA 316 4.30 66.22 58.24
CA ARG VA 316 4.71 67.39 57.46
C ARG VA 316 4.67 67.10 55.96
N SER VA 317 4.94 65.85 55.55
CA SER VA 317 5.01 65.52 54.14
C SER VA 317 3.66 65.20 53.52
N CYS VA 318 2.67 64.85 54.32
CA CYS VA 318 1.41 64.34 53.76
C CYS VA 318 0.56 65.48 53.22
N PRO VA 319 0.23 65.49 51.93
CA PRO VA 319 -0.52 66.61 51.36
C PRO VA 319 -2.00 66.61 51.71
N VAL VA 320 -2.54 65.55 52.30
CA VAL VA 320 -3.93 65.54 52.73
C VAL VA 320 -4.04 65.47 54.25
N THR VA 321 -2.94 65.68 54.96
CA THR VA 321 -2.84 65.56 56.41
C THR VA 321 -3.67 64.37 56.91
N ALA VA 322 -3.36 63.21 56.35
CA ALA VA 322 -4.00 61.96 56.77
C ALA VA 322 -3.30 61.32 57.96
N ILE VA 323 -2.15 61.85 58.35
CA ILE VA 323 -1.38 61.33 59.48
C ILE VA 323 -0.93 62.52 60.32
N THR VA 324 -1.19 62.47 61.62
CA THR VA 324 -0.81 63.55 62.53
C THR VA 324 -0.03 62.99 63.72
N VAL VA 325 0.84 63.83 64.25
CA VAL VA 325 1.81 63.46 65.27
C VAL VA 325 1.55 64.28 66.53
N LYS VA 326 1.43 63.60 67.66
CA LYS VA 326 1.35 64.26 68.95
C LYS VA 326 2.64 64.04 69.72
N ARG VA 327 2.92 64.95 70.64
CA ARG VA 327 4.20 64.95 71.34
C ARG VA 327 3.96 65.49 72.75
N ASN VA 328 3.94 64.59 73.74
CA ASN VA 328 3.62 64.98 75.11
C ASN VA 328 4.86 65.37 75.90
N ARG VA 329 5.99 64.71 75.65
CA ARG VA 329 7.17 64.89 76.48
C ARG VA 329 8.41 64.93 75.62
N ILE VA 330 9.30 65.86 75.95
CA ILE VA 330 10.62 65.96 75.33
C ILE VA 330 11.64 65.89 76.47
N ASN VA 331 12.40 64.80 76.51
CA ASN VA 331 13.33 64.58 77.60
C ASN VA 331 14.65 65.32 77.33
N THR VA 332 14.99 66.22 78.25
CA THR VA 332 16.21 67.00 78.16
C THR VA 332 16.92 66.97 79.51
N THR VA 333 18.20 67.31 79.47
CA THR VA 333 18.93 67.68 80.66
C THR VA 333 18.30 68.95 81.24
N PRO VA 334 18.55 69.25 82.52
CA PRO VA 334 17.86 70.38 83.16
C PRO VA 334 17.98 71.68 82.37
N ILE VA 335 16.86 72.39 82.26
CA ILE VA 335 16.78 73.67 81.58
C ILE VA 335 16.60 74.75 82.62
N ARG VA 336 17.45 75.78 82.58
CA ARG VA 336 17.39 76.90 83.49
C ARG VA 336 16.90 78.18 82.84
N SER VA 337 17.33 78.44 81.60
CA SER VA 337 16.85 79.60 80.86
C SER VA 337 15.35 79.51 80.63
N LYS VA 338 14.66 80.63 80.83
CA LYS VA 338 13.24 80.68 80.60
C LYS VA 338 12.92 80.71 79.11
N ALA VA 339 13.80 81.32 78.31
CA ALA VA 339 13.62 81.31 76.86
C ALA VA 339 13.68 79.88 76.31
N TRP VA 340 14.61 79.07 76.83
CA TRP VA 340 14.75 77.70 76.34
C TRP VA 340 13.53 76.86 76.65
N LYS VA 341 13.00 76.95 77.87
CA LYS VA 341 11.88 76.10 78.25
C LYS VA 341 10.62 76.44 77.46
N ASN VA 342 10.37 77.73 77.20
CA ASN VA 342 9.21 78.09 76.41
C ASN VA 342 9.32 77.59 74.98
N ALA VA 343 10.53 77.61 74.41
CA ALA VA 343 10.72 77.09 73.06
C ALA VA 343 10.49 75.58 73.02
N PHE VA 344 11.06 74.85 73.98
CA PHE VA 344 10.84 73.40 74.03
C PHE VA 344 9.39 73.08 74.34
N ASP VA 345 8.73 73.88 75.19
CA ASP VA 345 7.33 73.64 75.50
C ASP VA 345 6.45 73.91 74.28
N SER VA 346 6.90 74.79 73.38
CA SER VA 346 6.12 75.09 72.20
C SER VA 346 6.11 73.92 71.21
N LEU VA 347 7.01 72.95 71.38
CA LEU VA 347 7.01 71.75 70.54
C LEU VA 347 6.15 70.61 71.08
N LEU VA 348 5.48 70.82 72.22
CA LEU VA 348 4.57 69.83 72.82
C LEU VA 348 3.14 69.97 72.34
N LYS VA 349 2.60 68.93 71.69
CA LYS VA 349 1.15 68.84 71.43
C LYS VA 349 0.61 67.47 71.84
#